data_8DGC
#
_entry.id   8DGC
#
_cell.length_a   1.00
_cell.length_b   1.00
_cell.length_c   1.00
_cell.angle_alpha   90.00
_cell.angle_beta   90.00
_cell.angle_gamma   90.00
#
_symmetry.space_group_name_H-M   'P 1'
#
loop_
_entity.id
_entity.type
_entity.pdbx_description
1 polymer SeAvs3
2 polymer 'Terminase, large subunit'
3 non-polymer "ADENOSINE-5'-TRIPHOSPHATE"
4 non-polymer 'MAGNESIUM ION'
#
loop_
_entity_poly.entity_id
_entity_poly.type
_entity_poly.pdbx_seq_one_letter_code
_entity_poly.pdbx_strand_id
1 'polypeptide(L)'
;MSDSLLVRTSRDGDQFHYLWAARRALRLLEPQSTLVALTIEGASTTEMGSQPVVEDGEELIDIAEYYGSNELATATTVRY
MQLKHSTMHSDTPFPPSGLQKTIEGFATRYKALIQKIPVETLRTKLEFWFVTNRPVSSSFSEAINDAANQHVTRHPHDLA
KLEKFTGLQGAELSIFCQLLHIEGQQDDLWSQRNILLRESAGYLPDLDTEAPLKLKELVNRKALTESAANPSITRMDVLR
ALGVDETDLFPAPCRIERIENSVSRTQEATLVQRVVEAFGAPVIIHADAGVGKSIFSTHIEEHLPTGSVSILYDCFGLGQ
YRNASSYRHHHRTALVQMANEMASRGLCHPLIPNAGTGISQYMRAFLHRLSQSISILRASEPLAVLCIIIDAADNAQMAA
EEIGETRSFIKDLIREKLPDGVCLVALCRPYRRELLDPPPEALTLSLQTFNRDETAAHLHQKFPDASESDVDEFHRLSSC
NPRVQALSLSQNLPLNDTLRLLGPNPKTVEDTIGEVLEKSIARLRDTAGISERAQIDTICSALAILRPLIPLSVLSAISG
VAGSAIKSFALDLGRPLIVSGETIQFFDEPAETWFQRRFRPSAADLHQFITKLRPLTKDSSYAASVLPALMLEGNQLSEL
IELAISSQALPETSAVERRDIELQRLQFALKAALRTGRYQDAAKLALKAGGECAGDNRQRVLLRDNIDLAAKFVGSNGVQ
ELVSRNAFPDTGWPGSRNAYYAAILSEYPELSGEARSRLRLTMEWLTNWSQLPDDERSRQNVTDQDRAVMLIACLNIHGA
EAAARELRRWRPRKLSFDAGKIVAMQLLAHARYDELDQLAIAAGNDISLVMGIVLEARKLHRPVAEQAIRRTWRLLKSQR
VSIKDRNHANNQTIAAITGMVEMALIQSVCTESESIQLLDRYLPKVPPYALTSEYSKERVAYVRAYALQANLMGSQLALS
DLASTEVKKELMAEKRHGESDDLRQLKQYSGVLIPWYNLWAKVILGKTRKADLESELSDTQKESTAIKGHSYSEHSLSSN
EIANVWFDILIEAGNVSKDDVENIIKWSQHKGNRVFTPTLHRFSSVCAEISGLGELSYHFAELALSLWRDEHSDAQIKAD
GYIDLSRSLISLDEPEAKEYFNQAIEVTNKLGDENLSRWEAILDLAEYVAGKTQVPPEISYKLARCAELTREYVDRDKHF
AWSDTVEILAELCPSSALAIISRWRDRTFGNHRSILAWTIEHLVKKNKINALDALPLITFENDWHKCDLLDSVLSSCTDD
KDKIMAFEVVYHYTKFNVQNIQNLKKLDAISTSLGIEHTELKERISGLQHTETVSKKSSLSSNDNEQGHDQEWESIFKDC
DLSSIDGISAAYEKFRNVPEFYSKETFIKKAISRVKTGKECSFITAIGAIFHWGLYDFKYILESIPDEWTSRLSIKTTLA
GLIKEYCQRFCMRIRKSRVYEIFPFSLASRLSGISEKEIFGITLEAIAESPEPANSDRLFSLPGLLVSKLESNEALDVLS
YALDLFDEVLKDEDGDGPWNEKLSPPTHVEDSLAGYIWARLGSPEAEMRWQAAHAVLALCRMSRTCVIQGIFQHAINATT
LPFCDRNLPFYTLHAQLWLMIAAARVALDDGKSLIPNIGYFYHYATTDQPHVLIRHFAARTLLALHDSDLISIPAQEENK
LRNINQSTTLPVLDKVEDHRGEDSYTFGIDFGPYWLKPLGRCFGVSQKQLEPEMLRIIRDVLGFKGSRNWDEDERNKRRY
YQDRDNHHSHGSYPRVDDYHFYLSYHAMFMTAGQLLATKPLVGSDYDDVEDVFQDWLRRHDISRNDHRWLADRRDIPPKE
RSSWLNSSSDNRDEWLASISENVFNETLCPSPGLLTLWGRWSDVCSDRKESIIVHSALVSPERSLSLLRALQTTKNVYDY
KIPDAGDNLEIDHAHYQLKGWIKDIAEYCGIDEFDPWAGNVRFPIPEPASFIIDAMKLTTDKDHRVWYSPSDVEPAMISS
IWGHLSGKNDEEKSHGYRLCASIHFIKSALETFNMDLILEVDVDRYSRNSRYERNNENELDNIPSSTRLFLFRHDGTIHT
LYGNYRNGEKTS
;
A,B,C,D
2 'polypeptide(L)'
;MSQSQEAKNALIIAQLKGDFVAFLFVLWKALNLPKPTKCQIDMARTLANGDHKKFILQAFRGIGKSFITCAFVVWVLWRD
PQLKVLIVSASKERADANSIFIKNIIDLLPFLSELKPRPGQRDSVISFDVGLAKPDHSPSVKSVGITGQLTGSRADIIIA
DDVEVPGNSSTSSAREKLWTLVTEFAALLKPLPTSRVIYLGTPQTEMTLYKELEDNKGYSTVIWPAQYPRNDAEALYYGD
RLAPMLKAEYDEGFELLRGQPTDPVRFDMDDLRERELEYGKAGYTLQFMLNPNLSDAEKYPLRLRDAIVCAVDPERAPLS
YQWLPNRQNRNEELPNVGLKGDDIHAFHTCSSRTAEYQSKILVIDPSGRGKDETGYAVLYSLNGYIYLMEVGGFRGGYDD
ATLEKLAKKAKQWKVQTVVHESNFGDGMFGKIFSPILLKHHKCALEEIRAKGMKEMRICDTIEPLMGAHKLVIRDEVIRE
DYQTARDLDGKHDVRYSAFYQMTRMTRERGAVAHDDRIDAIALGIEYLREGMLVDSRVGEEEMTLEFLEHHMEKQTIGGD
QIHSFDVGGVDIYYEDEDGGSSFIEW
;
E,F,G,H
#
# COMPACT_ATOMS: atom_id res chain seq x y z
N SER A 2 -33.44 116.31 13.53
CA SER A 2 -33.41 115.76 14.88
C SER A 2 -32.04 115.96 15.52
N ASP A 3 -31.97 115.73 16.83
CA ASP A 3 -30.73 115.86 17.56
C ASP A 3 -29.92 114.57 17.56
N SER A 4 -30.61 113.42 17.64
CA SER A 4 -29.94 112.13 17.74
C SER A 4 -29.14 111.79 16.49
N LEU A 5 -29.53 112.35 15.34
CA LEU A 5 -28.77 112.18 14.11
C LEU A 5 -27.34 112.70 14.27
N LEU A 6 -27.18 113.84 14.92
CA LEU A 6 -25.87 114.44 15.12
C LEU A 6 -25.04 113.71 16.15
N VAL A 7 -25.67 112.89 17.00
CA VAL A 7 -24.91 112.05 17.91
C VAL A 7 -24.49 110.76 17.22
N ARG A 8 -25.40 110.17 16.43
CA ARG A 8 -25.08 108.95 15.69
C ARG A 8 -23.97 109.18 14.68
N THR A 9 -23.98 110.34 14.01
CA THR A 9 -22.95 110.62 13.01
C THR A 9 -21.56 110.80 13.60
N SER A 10 -21.45 110.92 14.93
CA SER A 10 -20.14 110.99 15.56
C SER A 10 -19.46 109.62 15.62
N ARG A 11 -20.23 108.53 15.67
CA ARG A 11 -19.65 107.20 15.80
C ARG A 11 -19.05 106.70 14.49
N ASP A 12 -19.67 107.05 13.37
CA ASP A 12 -19.20 106.63 12.05
C ASP A 12 -17.79 107.13 11.78
N GLY A 13 -17.44 108.31 12.29
CA GLY A 13 -16.09 108.81 12.14
C GLY A 13 -15.06 107.96 12.85
N ASP A 14 -15.36 107.49 14.05
CA ASP A 14 -14.44 106.58 14.75
C ASP A 14 -14.34 105.24 14.05
N GLN A 15 -15.47 104.75 13.52
CA GLN A 15 -15.42 103.48 12.77
C GLN A 15 -14.54 103.59 11.54
N PHE A 16 -14.68 104.70 10.80
CA PHE A 16 -13.81 104.97 9.65
C PHE A 16 -12.35 105.05 10.07
N HIS A 17 -12.08 105.74 11.19
CA HIS A 17 -10.71 105.91 11.67
C HIS A 17 -10.06 104.56 12.00
N TYR A 18 -10.78 103.71 12.73
CA TYR A 18 -10.22 102.42 13.14
C TYR A 18 -10.02 101.50 11.95
N LEU A 19 -10.98 101.44 11.02
CA LEU A 19 -10.78 100.60 9.83
C LEU A 19 -9.60 101.07 8.99
N TRP A 20 -9.48 102.39 8.81
CA TRP A 20 -8.41 102.92 7.97
C TRP A 20 -7.04 102.73 8.62
N ALA A 21 -6.97 102.83 9.95
CA ALA A 21 -5.71 102.55 10.64
C ALA A 21 -5.38 101.06 10.61
N ALA A 22 -6.40 100.20 10.72
CA ALA A 22 -6.16 98.76 10.70
C ALA A 22 -5.62 98.30 9.36
N ARG A 23 -6.07 98.93 8.26
CA ARG A 23 -5.47 98.64 6.96
C ARG A 23 -4.00 99.04 6.90
N ARG A 24 -3.61 100.09 7.63
CA ARG A 24 -2.21 100.51 7.65
C ARG A 24 -1.35 99.58 8.50
N ALA A 25 -1.92 99.01 9.55
CA ALA A 25 -1.14 98.23 10.52
C ALA A 25 -0.55 96.96 9.93
N LEU A 26 -1.08 96.46 8.80
CA LEU A 26 -0.60 95.20 8.21
C LEU A 26 0.85 95.29 7.74
N ARG A 27 1.32 96.48 7.36
CA ARG A 27 2.64 96.64 6.75
C ARG A 27 3.78 96.27 7.69
N LEU A 28 3.51 96.14 8.98
CA LEU A 28 4.53 95.74 9.94
C LEU A 28 4.99 94.30 9.73
N LEU A 29 4.21 93.48 9.02
CA LEU A 29 4.52 92.08 8.79
C LEU A 29 5.48 91.86 7.64
N GLU A 30 5.78 92.88 6.85
CA GLU A 30 6.65 92.71 5.69
C GLU A 30 8.08 92.43 6.14
N PRO A 31 8.72 91.39 5.62
CA PRO A 31 10.04 91.01 6.13
C PRO A 31 11.19 91.86 5.60
N GLN A 32 10.96 92.66 4.56
CA GLN A 32 12.00 93.44 3.92
C GLN A 32 11.51 94.87 3.70
N SER A 33 10.92 95.45 4.74
CA SER A 33 10.41 96.81 4.69
C SER A 33 10.83 97.52 5.97
N THR A 34 10.91 98.85 5.88
CA THR A 34 11.62 99.65 6.88
C THR A 34 10.71 100.28 7.92
N LEU A 35 9.39 100.09 7.84
CA LEU A 35 8.48 100.70 8.81
C LEU A 35 8.68 100.05 10.17
N VAL A 36 8.67 100.88 11.22
CA VAL A 36 8.91 100.37 12.57
C VAL A 36 7.80 100.69 13.56
N ALA A 37 7.04 101.78 13.41
CA ALA A 37 6.06 102.02 14.47
C ALA A 37 4.86 102.78 13.97
N LEU A 38 3.71 102.48 14.59
CA LEU A 38 2.49 103.26 14.53
C LEU A 38 2.10 103.69 15.93
N THR A 39 1.69 104.95 16.07
CA THR A 39 1.14 105.45 17.33
C THR A 39 -0.22 106.07 17.06
N ILE A 40 -1.21 105.71 17.88
CA ILE A 40 -2.60 106.07 17.67
C ILE A 40 -2.99 107.12 18.70
N GLU A 41 -3.50 108.27 18.21
CA GLU A 41 -3.91 109.42 19.02
C GLU A 41 -2.83 109.89 19.99
N GLY A 42 -1.69 110.25 19.44
CA GLY A 42 -0.59 110.82 20.21
C GLY A 42 0.72 110.41 19.58
N ALA A 43 1.69 111.32 19.64
CA ALA A 43 3.01 111.01 19.12
C ALA A 43 3.74 110.08 20.08
N SER A 44 4.86 109.54 19.61
CA SER A 44 5.66 108.61 20.40
C SER A 44 6.25 109.30 21.62
N THR A 45 6.18 108.62 22.77
CA THR A 45 6.79 109.14 23.98
C THR A 45 8.31 109.12 23.92
N THR A 46 8.89 108.37 22.98
CA THR A 46 10.34 108.33 22.77
C THR A 46 10.78 109.20 21.62
N GLU A 47 9.96 110.17 21.22
CA GLU A 47 10.22 110.97 20.02
C GLU A 47 11.51 111.78 20.14
N MET A 48 11.76 112.38 21.30
CA MET A 48 13.00 113.09 21.56
C MET A 48 13.95 112.28 22.43
N GLY A 49 13.88 110.96 22.36
CA GLY A 49 14.71 110.09 23.17
C GLY A 49 14.36 110.19 24.64
N SER A 50 15.35 110.56 25.46
CA SER A 50 15.14 110.75 26.88
C SER A 50 14.59 112.14 27.22
N GLN A 51 14.74 113.10 26.30
CA GLN A 51 14.32 114.47 26.52
C GLN A 51 12.81 114.60 26.45
N PRO A 52 12.22 115.56 27.18
CA PRO A 52 10.76 115.65 27.24
C PRO A 52 10.12 116.04 25.92
N VAL A 53 8.85 115.64 25.77
CA VAL A 53 8.15 115.64 24.49
C VAL A 53 7.61 117.03 24.19
N VAL A 54 7.58 117.38 22.90
CA VAL A 54 6.99 118.62 22.41
C VAL A 54 5.47 118.46 22.35
N GLU A 55 4.76 119.34 23.05
CA GLU A 55 3.31 119.25 23.17
C GLU A 55 2.55 120.13 22.18
N ASP A 56 3.23 120.99 21.43
CA ASP A 56 2.55 121.91 20.53
C ASP A 56 1.94 121.17 19.35
N GLY A 57 0.69 121.50 19.02
CA GLY A 57 0.01 120.94 17.87
C GLY A 57 -0.26 119.45 17.96
N GLU A 58 -0.22 118.91 19.19
CA GLU A 58 -0.26 117.46 19.40
C GLU A 58 -1.65 116.89 19.09
N GLU A 59 -2.70 117.65 19.33
CA GLU A 59 -4.05 117.07 19.30
C GLU A 59 -4.65 116.94 17.91
N LEU A 60 -3.94 117.38 16.85
CA LEU A 60 -4.37 117.03 15.51
C LEU A 60 -3.91 115.65 15.08
N ILE A 61 -3.13 114.97 15.91
CA ILE A 61 -2.46 113.72 15.55
C ILE A 61 -3.48 112.59 15.68
N ASP A 62 -4.04 112.14 14.57
CA ASP A 62 -4.79 110.89 14.62
C ASP A 62 -3.85 109.69 14.62
N ILE A 63 -2.97 109.61 13.63
CA ILE A 63 -2.04 108.51 13.46
C ILE A 63 -0.65 109.10 13.21
N ALA A 64 0.37 108.47 13.79
CA ALA A 64 1.75 108.80 13.51
C ALA A 64 2.50 107.55 13.08
N GLU A 65 3.35 107.71 12.08
CA GLU A 65 4.14 106.58 11.54
C GLU A 65 5.61 106.92 11.58
N TYR A 66 6.41 105.97 12.08
CA TYR A 66 7.85 106.13 12.23
C TYR A 66 8.58 105.04 11.46
N TYR A 67 9.62 105.43 10.72
CA TYR A 67 10.45 104.53 9.94
C TYR A 67 11.86 104.49 10.49
N GLY A 68 12.46 103.32 10.51
CA GLY A 68 13.84 103.18 10.97
C GLY A 68 14.05 103.20 12.48
N SER A 69 13.61 104.26 13.15
CA SER A 69 13.76 104.39 14.59
C SER A 69 12.54 105.09 15.16
N ASN A 70 12.18 104.72 16.38
CA ASN A 70 11.07 105.36 17.09
C ASN A 70 11.48 106.67 17.77
N GLU A 71 12.13 107.56 17.01
CA GLU A 71 12.81 108.71 17.58
C GLU A 71 13.13 109.68 16.45
N LEU A 72 12.63 110.92 16.55
CA LEU A 72 12.76 111.89 15.47
C LEU A 72 14.21 112.26 15.17
N ALA A 73 15.07 112.21 16.18
CA ALA A 73 16.46 112.63 15.99
C ALA A 73 17.24 111.69 15.07
N THR A 74 16.86 110.41 14.98
CA THR A 74 17.55 109.47 14.10
C THR A 74 16.65 108.69 13.15
N ALA A 75 15.33 108.88 13.18
CA ALA A 75 14.45 108.18 12.24
C ALA A 75 14.72 108.63 10.82
N THR A 76 14.47 107.73 9.87
CA THR A 76 14.60 108.09 8.47
C THR A 76 13.45 108.99 8.02
N THR A 77 12.21 108.59 8.29
CA THR A 77 11.03 109.39 7.93
C THR A 77 9.97 109.26 9.02
N VAL A 78 9.20 110.33 9.18
CA VAL A 78 8.11 110.43 10.15
C VAL A 78 6.91 111.07 9.47
N ARG A 79 5.72 110.50 9.67
CA ARG A 79 4.48 111.11 9.21
C ARG A 79 3.54 111.38 10.38
N TYR A 80 2.84 112.51 10.30
CA TYR A 80 1.72 112.83 11.18
C TYR A 80 0.48 113.03 10.31
N MET A 81 -0.65 112.45 10.70
CA MET A 81 -1.83 112.41 9.83
C MET A 81 -3.10 112.82 10.56
N GLN A 82 -4.01 113.49 9.82
CA GLN A 82 -5.29 113.96 10.34
C GLN A 82 -6.40 113.56 9.38
N LEU A 83 -7.50 113.00 9.92
CA LEU A 83 -8.57 112.41 9.13
C LEU A 83 -9.89 113.15 9.36
N LYS A 84 -10.75 113.13 8.33
CA LYS A 84 -12.10 113.69 8.39
C LYS A 84 -13.08 112.78 7.65
N HIS A 85 -14.20 112.45 8.29
CA HIS A 85 -15.27 111.67 7.66
C HIS A 85 -16.60 112.42 7.74
N SER A 86 -16.89 113.21 6.70
CA SER A 86 -18.23 113.77 6.55
C SER A 86 -19.14 112.72 5.92
N THR A 87 -20.31 112.52 6.51
CA THR A 87 -21.17 111.39 6.15
C THR A 87 -22.04 111.69 4.93
N MET A 88 -22.84 112.75 4.99
CA MET A 88 -23.94 112.95 4.06
C MET A 88 -23.62 113.87 2.89
N HIS A 89 -22.37 114.32 2.74
CA HIS A 89 -21.98 115.21 1.66
C HIS A 89 -20.78 114.70 0.88
N SER A 90 -20.73 113.39 0.62
CA SER A 90 -19.51 112.73 0.14
C SER A 90 -19.00 113.25 -1.19
N ASP A 91 -19.86 113.86 -2.00
CA ASP A 91 -19.47 114.35 -3.33
C ASP A 91 -19.15 115.84 -3.37
N THR A 92 -19.26 116.55 -2.24
CA THR A 92 -19.22 118.01 -2.25
C THR A 92 -17.84 118.48 -1.82
N PRO A 93 -17.15 119.28 -2.63
CA PRO A 93 -15.79 119.72 -2.26
C PRO A 93 -15.75 120.63 -1.04
N PHE A 94 -14.66 120.52 -0.27
CA PHE A 94 -14.41 121.37 0.90
C PHE A 94 -13.90 122.75 0.48
N PRO A 95 -14.20 123.79 1.26
CA PRO A 95 -13.58 125.10 1.04
C PRO A 95 -12.31 125.24 1.86
N PRO A 96 -11.43 126.20 1.51
CA PRO A 96 -10.20 126.40 2.31
C PRO A 96 -10.44 126.83 3.74
N SER A 97 -11.63 127.37 4.05
CA SER A 97 -11.98 127.75 5.40
C SER A 97 -12.08 126.55 6.33
N GLY A 98 -12.25 125.35 5.78
CA GLY A 98 -12.17 124.13 6.56
C GLY A 98 -10.75 123.71 6.86
N LEU A 99 -9.91 123.68 5.81
CA LEU A 99 -8.51 123.27 5.98
C LEU A 99 -7.70 124.25 6.81
N GLN A 100 -8.19 125.49 6.97
CA GLN A 100 -7.61 126.47 7.89
C GLN A 100 -7.30 125.92 9.28
N LYS A 101 -8.30 125.28 9.88
CA LYS A 101 -8.22 124.82 11.27
C LYS A 101 -7.21 123.68 11.45
N THR A 102 -6.85 122.99 10.36
CA THR A 102 -5.83 121.95 10.42
C THR A 102 -4.44 122.54 10.13
N ILE A 103 -4.38 123.43 9.13
CA ILE A 103 -3.13 124.07 8.73
C ILE A 103 -2.53 124.88 9.87
N GLU A 104 -3.39 125.51 10.68
CA GLU A 104 -2.92 126.28 11.84
C GLU A 104 -2.12 125.40 12.80
N GLY A 105 -2.65 124.25 13.16
CA GLY A 105 -1.98 123.35 14.08
C GLY A 105 -0.75 122.70 13.49
N PHE A 106 -0.79 122.41 12.18
CA PHE A 106 0.41 121.90 11.51
C PHE A 106 1.56 122.91 11.58
N ALA A 107 1.27 124.19 11.35
CA ALA A 107 2.30 125.21 11.47
C ALA A 107 2.77 125.35 12.92
N THR A 108 1.85 125.19 13.88
CA THR A 108 2.22 125.28 15.29
C THR A 108 3.21 124.18 15.68
N ARG A 109 2.98 122.95 15.20
CA ARG A 109 3.94 121.88 15.46
C ARG A 109 5.25 122.12 14.71
N TYR A 110 5.15 122.61 13.47
CA TYR A 110 6.32 122.87 12.63
C TYR A 110 7.29 123.84 13.30
N LYS A 111 6.76 124.90 13.92
CA LYS A 111 7.61 125.92 14.54
C LYS A 111 8.45 125.32 15.68
N ALA A 112 7.81 124.57 16.57
CA ALA A 112 8.50 123.98 17.70
C ALA A 112 9.49 122.90 17.26
N LEU A 113 9.19 122.18 16.19
CA LEU A 113 10.18 121.22 15.67
C LEU A 113 11.37 121.93 15.04
N ILE A 114 11.12 123.02 14.30
CA ILE A 114 12.21 123.76 13.64
C ILE A 114 13.12 124.42 14.67
N GLN A 115 12.56 124.81 15.82
CA GLN A 115 13.40 125.44 16.85
C GLN A 115 14.46 124.49 17.41
N LYS A 116 14.13 123.20 17.55
CA LYS A 116 15.06 122.28 18.20
C LYS A 116 16.03 121.61 17.23
N ILE A 117 15.58 121.30 16.01
CA ILE A 117 16.41 120.60 15.02
C ILE A 117 16.43 121.48 13.77
N PRO A 118 17.56 121.67 13.09
CA PRO A 118 17.61 122.59 11.96
C PRO A 118 16.78 122.12 10.75
N VAL A 119 16.40 123.11 9.94
CA VAL A 119 15.50 122.91 8.80
C VAL A 119 16.07 121.92 7.80
N GLU A 120 17.37 122.00 7.53
CA GLU A 120 17.99 121.17 6.50
C GLU A 120 17.97 119.69 6.83
N THR A 121 17.78 119.35 8.11
CA THR A 121 17.52 117.97 8.49
C THR A 121 16.05 117.62 8.35
N LEU A 122 15.18 118.43 8.96
CA LEU A 122 13.77 118.09 9.08
C LEU A 122 13.06 118.09 7.73
N ARG A 123 13.55 118.88 6.77
CA ARG A 123 12.92 118.97 5.46
C ARG A 123 13.02 117.65 4.68
N THR A 124 13.97 116.79 5.04
CA THR A 124 14.10 115.47 4.43
C THR A 124 13.22 114.40 5.07
N LYS A 125 12.70 114.64 6.27
CA LYS A 125 12.04 113.61 7.07
C LYS A 125 10.53 113.74 7.13
N LEU A 126 10.02 114.97 7.16
CA LEU A 126 8.74 115.25 7.78
C LEU A 126 7.64 115.53 6.75
N GLU A 127 6.46 114.95 6.99
CA GLU A 127 5.29 115.14 6.15
C GLU A 127 4.06 115.36 7.02
N PHE A 128 3.15 116.22 6.57
CA PHE A 128 1.82 116.35 7.14
C PHE A 128 0.80 115.93 6.10
N TRP A 129 -0.11 115.03 6.48
CA TRP A 129 -1.16 114.54 5.60
C TRP A 129 -2.54 114.99 6.04
N PHE A 130 -3.41 115.23 5.08
CA PHE A 130 -4.84 115.46 5.32
C PHE A 130 -5.63 114.45 4.49
N VAL A 131 -6.39 113.60 5.15
CA VAL A 131 -7.09 112.48 4.51
C VAL A 131 -8.58 112.64 4.77
N THR A 132 -9.39 112.58 3.71
CA THR A 132 -10.81 112.81 3.85
C THR A 132 -11.60 112.08 2.78
N ASN A 133 -12.89 111.89 3.08
CA ASN A 133 -13.81 111.21 2.16
C ASN A 133 -14.10 112.05 0.93
N ARG A 134 -14.14 113.37 1.07
CA ARG A 134 -14.66 114.30 0.09
C ARG A 134 -13.54 114.86 -0.79
N PRO A 135 -13.86 115.31 -2.00
CA PRO A 135 -12.84 116.02 -2.79
C PRO A 135 -12.54 117.39 -2.20
N VAL A 136 -11.41 117.95 -2.65
CA VAL A 136 -10.86 119.16 -2.06
C VAL A 136 -10.67 120.17 -3.20
N SER A 137 -10.77 121.46 -2.86
CA SER A 137 -10.66 122.57 -3.80
C SER A 137 -9.36 122.53 -4.60
N SER A 138 -9.50 122.50 -5.93
CA SER A 138 -8.35 122.34 -6.81
C SER A 138 -7.47 123.59 -6.84
N SER A 139 -8.09 124.78 -6.88
CA SER A 139 -7.34 126.02 -6.98
C SER A 139 -6.50 126.26 -5.72
N PHE A 140 -7.02 125.88 -4.56
CA PHE A 140 -6.26 125.97 -3.33
C PHE A 140 -5.05 125.06 -3.36
N SER A 141 -5.21 123.85 -3.93
CA SER A 141 -4.09 122.94 -4.10
C SER A 141 -3.06 123.51 -5.07
N GLU A 142 -3.52 124.17 -6.13
CA GLU A 142 -2.61 124.82 -7.08
C GLU A 142 -1.83 125.95 -6.41
N ALA A 143 -2.48 126.71 -5.53
CA ALA A 143 -1.79 127.72 -4.75
C ALA A 143 -0.74 127.11 -3.83
N ILE A 144 -1.09 125.98 -3.19
CA ILE A 144 -0.14 125.27 -2.34
C ILE A 144 1.08 124.82 -3.15
N ASN A 145 0.82 124.27 -4.33
CA ASN A 145 1.88 123.80 -5.21
C ASN A 145 2.79 124.94 -5.65
N ASP A 146 2.21 126.05 -6.09
CA ASP A 146 3.01 127.17 -6.58
C ASP A 146 3.79 127.84 -5.45
N ALA A 147 3.21 127.88 -4.24
CA ALA A 147 3.97 128.34 -3.08
C ALA A 147 5.16 127.42 -2.83
N ALA A 148 4.93 126.10 -2.86
CA ALA A 148 6.01 125.14 -2.61
C ALA A 148 7.05 125.13 -3.71
N ASN A 149 6.72 125.60 -4.91
CA ASN A 149 7.64 125.59 -6.04
C ASN A 149 8.14 126.98 -6.45
N GLN A 150 7.70 128.04 -5.77
CA GLN A 150 8.08 129.43 -6.04
C GLN A 150 7.74 129.85 -7.48
N HIS A 151 6.44 129.87 -7.74
CA HIS A 151 5.89 130.42 -8.97
C HIS A 151 4.71 131.32 -8.65
N VAL A 152 4.45 132.27 -9.55
CA VAL A 152 3.34 133.20 -9.39
C VAL A 152 2.05 132.45 -9.68
N THR A 153 1.23 132.25 -8.65
CA THR A 153 0.01 131.48 -8.82
C THR A 153 -1.03 132.27 -9.60
N ARG A 154 -1.94 131.53 -10.23
CA ARG A 154 -3.04 132.09 -10.99
C ARG A 154 -4.20 132.54 -10.11
N HIS A 155 -4.20 132.19 -8.83
CA HIS A 155 -5.32 132.45 -7.93
C HIS A 155 -4.81 133.16 -6.69
N PRO A 156 -4.61 134.48 -6.77
CA PRO A 156 -4.02 135.22 -5.64
C PRO A 156 -4.88 135.21 -4.39
N HIS A 157 -6.20 135.10 -4.52
CA HIS A 157 -7.05 135.09 -3.33
C HIS A 157 -6.82 133.83 -2.49
N ASP A 158 -6.65 132.68 -3.16
CA ASP A 158 -6.37 131.45 -2.42
C ASP A 158 -4.99 131.48 -1.79
N LEU A 159 -4.01 132.09 -2.46
CA LEU A 159 -2.69 132.25 -1.86
C LEU A 159 -2.73 133.19 -0.66
N ALA A 160 -3.54 134.26 -0.75
CA ALA A 160 -3.71 135.16 0.39
C ALA A 160 -4.36 134.45 1.57
N LYS A 161 -5.36 133.60 1.28
CA LYS A 161 -5.97 132.79 2.33
C LYS A 161 -4.96 131.82 2.94
N LEU A 162 -4.14 131.20 2.11
CA LEU A 162 -3.10 130.29 2.60
C LEU A 162 -2.10 131.03 3.48
N GLU A 163 -1.73 132.25 3.10
CA GLU A 163 -0.85 133.08 3.93
C GLU A 163 -1.50 133.42 5.27
N LYS A 164 -2.81 133.74 5.25
CA LYS A 164 -3.53 134.02 6.47
C LYS A 164 -3.61 132.80 7.38
N PHE A 165 -3.79 131.61 6.80
CA PHE A 165 -3.87 130.38 7.60
C PHE A 165 -2.51 130.03 8.19
N THR A 166 -1.45 130.07 7.38
CA THR A 166 -0.13 129.69 7.85
C THR A 166 0.50 130.76 8.72
N GLY A 167 0.29 132.03 8.39
CA GLY A 167 1.10 133.08 8.96
C GLY A 167 2.54 133.06 8.51
N LEU A 168 2.78 132.72 7.25
CA LEU A 168 4.12 132.66 6.68
C LEU A 168 4.09 133.23 5.27
N GLN A 169 5.23 133.75 4.84
CA GLN A 169 5.40 134.26 3.48
C GLN A 169 6.83 134.00 3.01
N GLY A 170 6.99 133.96 1.69
CA GLY A 170 8.29 133.71 1.11
C GLY A 170 8.67 132.23 1.20
N ALA A 171 9.98 131.98 1.18
CA ALA A 171 10.51 130.62 1.14
C ALA A 171 10.17 129.84 2.41
N GLU A 172 10.00 130.54 3.54
CA GLU A 172 9.55 129.87 4.76
C GLU A 172 8.15 129.31 4.60
N LEU A 173 7.29 130.02 3.84
CA LEU A 173 6.04 129.40 3.43
C LEU A 173 6.30 128.22 2.51
N SER A 174 7.22 128.38 1.57
CA SER A 174 7.47 127.37 0.53
C SER A 174 7.88 126.04 1.14
N ILE A 175 8.85 126.09 2.06
CA ILE A 175 9.31 124.91 2.78
C ILE A 175 8.14 124.23 3.48
N PHE A 176 7.29 125.01 4.15
CA PHE A 176 6.14 124.44 4.83
C PHE A 176 5.19 123.79 3.83
N CYS A 177 4.97 124.44 2.69
CA CYS A 177 4.10 123.85 1.68
C CYS A 177 4.76 122.65 1.00
N GLN A 178 6.08 122.53 1.13
CA GLN A 178 6.75 121.31 0.67
C GLN A 178 6.50 120.12 1.58
N LEU A 179 5.93 120.34 2.76
CA LEU A 179 5.62 119.24 3.67
C LEU A 179 4.14 118.92 3.78
N LEU A 180 3.29 119.48 2.91
CA LEU A 180 1.85 119.37 3.04
C LEU A 180 1.28 118.50 1.92
N HIS A 181 0.58 117.43 2.30
CA HIS A 181 0.04 116.45 1.36
C HIS A 181 -1.47 116.34 1.53
N ILE A 182 -2.20 116.38 0.41
CA ILE A 182 -3.66 116.30 0.42
C ILE A 182 -4.08 115.03 -0.28
N GLU A 183 -4.97 114.25 0.37
CA GLU A 183 -5.44 112.95 -0.13
C GLU A 183 -6.97 112.84 0.06
N GLY A 184 -7.72 113.23 -0.97
CA GLY A 184 -9.17 113.14 -0.94
C GLY A 184 -9.72 111.90 -1.61
N GLN A 185 -11.04 111.88 -1.76
CA GLN A 185 -11.81 110.91 -2.54
C GLN A 185 -11.65 109.47 -2.04
N GLN A 186 -11.45 109.28 -0.74
CA GLN A 186 -11.30 107.94 -0.18
C GLN A 186 -12.57 107.12 -0.33
N ASP A 187 -12.42 105.80 -0.31
CA ASP A 187 -13.57 104.90 -0.30
C ASP A 187 -14.34 105.08 1.00
N ASP A 188 -15.66 105.01 0.90
CA ASP A 188 -16.48 105.25 2.07
C ASP A 188 -16.55 104.01 2.96
N LEU A 189 -17.26 104.16 4.09
CA LEU A 189 -17.23 103.18 5.17
C LEU A 189 -17.72 101.81 4.72
N TRP A 190 -18.79 101.78 3.92
CA TRP A 190 -19.35 100.54 3.40
C TRP A 190 -18.35 99.76 2.55
N SER A 191 -17.42 100.45 1.87
CA SER A 191 -16.37 99.78 1.11
C SER A 191 -15.18 99.43 1.99
N GLN A 192 -14.82 100.34 2.90
CA GLN A 192 -13.68 100.13 3.81
C GLN A 192 -13.87 98.89 4.66
N ARG A 193 -15.13 98.56 4.96
CA ARG A 193 -15.41 97.44 5.84
C ARG A 193 -15.05 96.09 5.22
N ASN A 194 -14.97 96.01 3.88
CA ASN A 194 -14.66 94.76 3.19
C ASN A 194 -13.31 94.77 2.45
N ILE A 195 -12.77 95.96 2.15
CA ILE A 195 -11.43 96.03 1.57
C ILE A 195 -10.42 95.43 2.54
N LEU A 196 -10.62 95.63 3.84
CA LEU A 196 -9.74 95.08 4.86
C LEU A 196 -9.72 93.55 4.81
N LEU A 197 -10.88 92.92 4.60
CA LEU A 197 -10.94 91.48 4.45
C LEU A 197 -10.15 91.02 3.24
N ARG A 198 -10.32 91.70 2.10
CA ARG A 198 -9.58 91.33 0.90
C ARG A 198 -8.07 91.48 1.05
N GLU A 199 -7.60 92.54 1.71
CA GLU A 199 -6.15 92.67 1.86
C GLU A 199 -5.60 91.70 2.90
N SER A 200 -6.35 91.43 3.98
CA SER A 200 -5.86 90.51 5.00
C SER A 200 -5.85 89.07 4.50
N ALA A 201 -6.65 88.75 3.48
CA ALA A 201 -6.68 87.39 2.96
C ALA A 201 -5.41 86.97 2.24
N GLY A 202 -4.48 87.89 1.97
CA GLY A 202 -3.27 87.53 1.24
C GLY A 202 -2.19 86.90 2.08
N TYR A 203 -2.12 87.26 3.36
CA TYR A 203 -1.11 86.68 4.25
C TYR A 203 -1.54 85.32 4.79
N LEU A 204 -2.83 85.05 4.84
CA LEU A 204 -3.37 83.78 5.31
C LEU A 204 -3.53 82.80 4.16
N PRO A 205 -3.51 81.48 4.43
CA PRO A 205 -3.72 80.50 3.36
C PRO A 205 -5.15 80.38 2.88
N ASP A 206 -6.10 81.07 3.51
CA ASP A 206 -7.51 80.92 3.16
C ASP A 206 -8.25 82.19 3.55
N LEU A 207 -9.48 82.31 3.04
CA LEU A 207 -10.34 83.41 3.42
C LEU A 207 -10.73 83.31 4.90
N ASP A 208 -10.80 84.45 5.56
CA ASP A 208 -11.08 84.49 6.99
C ASP A 208 -12.02 85.65 7.29
N THR A 209 -12.84 85.47 8.33
CA THR A 209 -13.83 86.47 8.72
C THR A 209 -13.73 86.90 10.17
N GLU A 210 -12.68 86.50 10.90
CA GLU A 210 -12.46 87.00 12.26
C GLU A 210 -11.30 87.97 12.37
N ALA A 211 -10.32 87.89 11.47
CA ALA A 211 -9.19 88.83 11.48
C ALA A 211 -9.56 90.31 11.31
N PRO A 212 -10.49 90.70 10.41
CA PRO A 212 -10.89 92.11 10.38
C PRO A 212 -11.52 92.61 11.66
N LEU A 213 -12.11 91.72 12.46
CA LEU A 213 -12.59 92.13 13.77
C LEU A 213 -11.43 92.32 14.75
N LYS A 214 -10.46 91.42 14.74
CA LYS A 214 -9.42 91.42 15.76
C LYS A 214 -8.46 92.59 15.58
N LEU A 215 -8.10 92.92 14.35
CA LEU A 215 -7.24 94.08 14.13
C LEU A 215 -7.93 95.37 14.54
N LYS A 216 -9.23 95.49 14.23
CA LYS A 216 -9.99 96.67 14.63
C LYS A 216 -10.11 96.76 16.15
N GLU A 217 -10.28 95.63 16.83
CA GLU A 217 -10.34 95.64 18.28
C GLU A 217 -9.01 96.05 18.90
N LEU A 218 -7.90 95.62 18.31
CA LEU A 218 -6.59 96.06 18.77
C LEU A 218 -6.44 97.57 18.66
N VAL A 219 -6.81 98.12 17.51
CA VAL A 219 -6.69 99.57 17.28
C VAL A 219 -7.60 100.33 18.23
N ASN A 220 -8.83 99.83 18.43
CA ASN A 220 -9.77 100.47 19.35
C ASN A 220 -9.26 100.46 20.79
N ARG A 221 -8.70 99.34 21.24
CA ARG A 221 -8.20 99.29 22.61
C ARG A 221 -6.90 100.05 22.80
N LYS A 222 -6.22 100.45 21.73
CA LYS A 222 -5.16 101.45 21.93
C LYS A 222 -5.69 102.85 22.16
N ALA A 223 -6.97 103.12 21.90
CA ALA A 223 -7.51 104.46 21.97
C ALA A 223 -8.27 104.75 23.27
N LEU A 224 -8.17 103.90 24.26
CA LEU A 224 -8.78 104.15 25.56
C LEU A 224 -7.79 104.82 26.52
N THR A 225 -8.28 105.16 27.71
CA THR A 225 -7.42 105.76 28.75
C THR A 225 -6.46 104.75 29.34
N GLU A 226 -6.83 103.46 29.35
CA GLU A 226 -6.03 102.46 30.04
C GLU A 226 -4.69 102.23 29.36
N SER A 227 -4.60 102.53 28.06
CA SER A 227 -3.38 102.37 27.31
C SER A 227 -2.65 103.68 27.08
N ALA A 228 -3.00 104.74 27.81
CA ALA A 228 -2.39 106.05 27.62
C ALA A 228 -0.91 106.07 27.94
N ALA A 229 -0.43 105.14 28.76
CA ALA A 229 0.99 105.06 29.05
C ALA A 229 1.81 104.64 27.83
N ASN A 230 1.20 103.93 26.88
CA ASN A 230 1.92 103.46 25.69
C ASN A 230 0.91 103.28 24.57
N PRO A 231 0.85 104.21 23.62
CA PRO A 231 -0.05 104.06 22.47
C PRO A 231 0.54 103.33 21.27
N SER A 232 1.65 102.60 21.40
CA SER A 232 2.34 102.07 20.24
C SER A 232 1.79 100.74 19.78
N ILE A 233 2.00 100.44 18.50
CA ILE A 233 1.71 99.15 17.88
C ILE A 233 2.97 98.66 17.20
N THR A 234 3.37 97.42 17.50
CA THR A 234 4.56 96.80 16.92
C THR A 234 4.18 95.45 16.32
N ARG A 235 5.17 94.79 15.71
CA ARG A 235 4.93 93.52 15.02
C ARG A 235 4.45 92.42 15.96
N MET A 236 5.03 92.36 17.16
CA MET A 236 4.62 91.35 18.13
C MET A 236 3.17 91.54 18.56
N ASP A 237 2.71 92.79 18.63
CA ASP A 237 1.31 93.06 18.96
C ASP A 237 0.38 92.53 17.87
N VAL A 238 0.72 92.73 16.61
CA VAL A 238 -0.09 92.22 15.50
C VAL A 238 -0.10 90.70 15.48
N LEU A 239 1.06 90.08 15.73
CA LEU A 239 1.11 88.62 15.70
C LEU A 239 0.33 88.00 16.86
N ARG A 240 0.42 88.58 18.06
CA ARG A 240 -0.39 88.05 19.15
C ARG A 240 -1.85 88.46 19.05
N ALA A 241 -2.17 89.45 18.21
CA ALA A 241 -3.57 89.68 17.88
C ALA A 241 -4.10 88.57 16.99
N LEU A 242 -3.31 88.15 15.99
CA LEU A 242 -3.71 87.02 15.17
C LEU A 242 -3.58 85.68 15.91
N GLY A 243 -2.69 85.60 16.89
CA GLY A 243 -2.59 84.44 17.74
C GLY A 243 -1.45 83.49 17.45
N VAL A 244 -0.37 83.94 16.82
CA VAL A 244 0.80 83.12 16.54
C VAL A 244 2.03 83.85 17.07
N ASP A 245 3.15 83.14 17.08
CA ASP A 245 4.43 83.72 17.44
C ASP A 245 5.44 83.31 16.39
N GLU A 246 6.69 83.75 16.58
CA GLU A 246 7.69 83.66 15.52
C GLU A 246 8.04 82.19 15.22
N THR A 247 7.87 81.30 16.20
CA THR A 247 8.14 79.88 15.99
C THR A 247 7.18 79.28 14.96
N ASP A 248 5.95 79.78 14.90
CA ASP A 248 5.02 79.27 13.90
C ASP A 248 5.39 79.67 12.48
N LEU A 249 6.19 80.72 12.31
CA LEU A 249 6.66 81.09 10.98
C LEU A 249 7.91 80.31 10.58
N PHE A 250 8.70 79.84 11.55
CA PHE A 250 9.86 79.00 11.29
C PHE A 250 9.81 77.76 12.19
N PRO A 251 8.95 76.79 11.87
CA PRO A 251 8.77 75.64 12.77
C PRO A 251 9.87 74.60 12.71
N ALA A 252 10.74 74.60 11.70
CA ALA A 252 11.71 73.52 11.51
C ALA A 252 12.94 74.04 10.79
N PRO A 253 13.90 74.61 11.52
CA PRO A 253 15.12 75.14 10.89
C PRO A 253 16.05 74.05 10.39
N CYS A 254 16.94 74.44 9.49
CA CYS A 254 17.91 73.52 8.92
C CYS A 254 18.99 73.16 9.94
N ARG A 255 19.58 71.98 9.76
CA ARG A 255 20.55 71.46 10.72
C ARG A 255 21.72 70.73 10.07
N ILE A 256 21.81 70.71 8.74
CA ILE A 256 22.80 69.88 8.06
C ILE A 256 24.20 70.45 8.28
N GLU A 257 25.11 69.57 8.66
CA GLU A 257 26.49 69.95 8.99
C GLU A 257 27.30 70.30 7.75
N ARG A 258 27.89 71.49 7.74
CA ARG A 258 28.87 71.86 6.74
C ARG A 258 30.27 71.39 7.17
N ILE A 259 31.12 71.10 6.18
CA ILE A 259 32.48 70.64 6.44
C ILE A 259 33.46 71.46 5.61
N GLU A 260 34.67 71.60 6.14
CA GLU A 260 35.74 72.37 5.52
C GLU A 260 36.56 71.54 4.52
N ASN A 261 37.00 70.36 4.94
CA ASN A 261 37.65 69.44 4.01
C ASN A 261 36.66 68.97 2.97
N SER A 262 37.08 68.94 1.71
CA SER A 262 36.22 68.40 0.66
C SER A 262 37.13 67.83 -0.42
N VAL A 263 37.24 66.51 -0.46
CA VAL A 263 38.12 65.86 -1.40
C VAL A 263 37.60 66.06 -2.83
N SER A 264 38.52 66.21 -3.78
CA SER A 264 38.13 66.46 -5.16
C SER A 264 37.38 65.26 -5.72
N ARG A 265 36.21 65.52 -6.27
CA ARG A 265 35.23 64.45 -6.53
C ARG A 265 34.46 64.87 -7.77
N THR A 266 34.80 64.27 -8.91
CA THR A 266 34.54 64.88 -10.21
C THR A 266 33.10 64.75 -10.67
N GLN A 267 32.34 63.79 -10.13
CA GLN A 267 31.04 63.47 -10.72
C GLN A 267 30.01 64.58 -10.50
N GLU A 268 30.14 65.32 -9.38
CA GLU A 268 29.06 66.21 -8.94
C GLU A 268 28.80 67.34 -9.93
N ALA A 269 29.85 67.85 -10.58
CA ALA A 269 29.66 68.92 -11.55
C ALA A 269 28.92 68.45 -12.81
N THR A 270 29.06 67.18 -13.16
CA THR A 270 28.26 66.63 -14.27
C THR A 270 26.84 66.34 -13.80
N LEU A 271 26.71 65.85 -12.57
CA LEU A 271 25.41 65.43 -12.07
C LEU A 271 24.48 66.63 -11.83
N VAL A 272 25.05 67.80 -11.56
CA VAL A 272 24.22 68.99 -11.38
C VAL A 272 23.74 69.55 -12.72
N GLN A 273 24.59 69.53 -13.77
CA GLN A 273 24.12 70.02 -15.06
C GLN A 273 23.16 69.04 -15.72
N ARG A 274 23.28 67.75 -15.37
CA ARG A 274 22.30 66.75 -15.80
C ARG A 274 20.90 67.07 -15.29
N VAL A 275 20.79 67.79 -14.17
CA VAL A 275 19.49 68.21 -13.66
C VAL A 275 18.90 69.31 -14.53
N VAL A 276 19.64 70.40 -14.69
CA VAL A 276 19.11 71.59 -15.37
C VAL A 276 18.83 71.30 -16.84
N GLU A 277 19.66 70.48 -17.48
CA GLU A 277 19.40 70.19 -18.88
C GLU A 277 18.34 69.13 -19.10
N ALA A 278 17.70 68.64 -18.05
CA ALA A 278 16.63 67.66 -18.15
C ALA A 278 15.42 68.14 -17.37
N PHE A 279 14.98 69.36 -17.66
CA PHE A 279 13.86 69.99 -16.98
C PHE A 279 12.53 69.31 -17.31
N GLY A 280 11.49 69.70 -16.57
CA GLY A 280 10.15 69.21 -16.79
C GLY A 280 9.82 67.90 -16.11
N ALA A 281 10.67 67.42 -15.21
CA ALA A 281 10.44 66.13 -14.57
C ALA A 281 11.13 66.15 -13.21
N PRO A 282 10.63 65.39 -12.23
CA PRO A 282 11.34 65.28 -10.96
C PRO A 282 12.56 64.37 -11.07
N VAL A 283 13.63 64.75 -10.38
CA VAL A 283 14.91 64.05 -10.41
C VAL A 283 15.19 63.47 -9.03
N ILE A 284 15.62 62.21 -9.00
CA ILE A 284 15.92 61.49 -7.77
C ILE A 284 17.35 60.96 -7.84
N ILE A 285 18.15 61.27 -6.82
CA ILE A 285 19.50 60.76 -6.66
C ILE A 285 19.49 59.72 -5.55
N HIS A 286 20.15 58.59 -5.78
CA HIS A 286 20.24 57.57 -4.73
C HIS A 286 21.64 56.99 -4.60
N ALA A 287 22.02 56.69 -3.35
CA ALA A 287 23.29 56.07 -2.96
C ALA A 287 23.15 55.58 -1.53
N ASP A 288 23.87 54.51 -1.20
CA ASP A 288 23.66 53.85 0.09
C ASP A 288 24.43 54.57 1.21
N ALA A 289 24.57 53.90 2.36
CA ALA A 289 24.91 54.56 3.61
C ALA A 289 26.32 55.12 3.62
N GLY A 290 26.44 56.38 4.04
CA GLY A 290 27.73 57.00 4.25
C GLY A 290 28.54 57.27 3.00
N VAL A 291 27.89 57.67 1.90
CA VAL A 291 28.58 57.89 0.64
C VAL A 291 28.68 59.38 0.31
N GLY A 292 27.89 60.22 0.97
CA GLY A 292 28.04 61.66 0.83
C GLY A 292 26.87 62.42 0.24
N LYS A 293 25.64 61.92 0.40
CA LYS A 293 24.48 62.63 -0.12
C LYS A 293 24.29 63.98 0.57
N SER A 294 24.37 63.99 1.91
CA SER A 294 24.07 65.19 2.68
C SER A 294 25.14 66.26 2.49
N ILE A 295 26.39 65.87 2.29
CA ILE A 295 27.44 66.83 1.97
C ILE A 295 27.22 67.42 0.58
N PHE A 296 26.86 66.56 -0.39
CA PHE A 296 26.64 66.99 -1.77
C PHE A 296 25.47 67.98 -1.85
N SER A 297 24.45 67.78 -1.02
CA SER A 297 23.32 68.70 -0.98
C SER A 297 23.73 70.11 -0.57
N THR A 298 24.83 70.25 0.17
CA THR A 298 25.33 71.58 0.50
C THR A 298 26.21 72.16 -0.61
N HIS A 299 26.82 71.30 -1.43
CA HIS A 299 27.71 71.75 -2.50
C HIS A 299 27.00 72.11 -3.79
N ILE A 300 25.81 71.54 -4.05
CA ILE A 300 25.17 71.63 -5.36
C ILE A 300 24.90 73.07 -5.79
N GLU A 301 24.67 73.97 -4.82
CA GLU A 301 24.21 75.33 -5.13
C GLU A 301 25.24 76.16 -5.90
N GLU A 302 26.52 75.80 -5.84
CA GLU A 302 27.55 76.65 -6.44
C GLU A 302 27.67 76.51 -7.95
N HIS A 303 27.06 75.50 -8.55
CA HIS A 303 27.25 75.22 -9.97
C HIS A 303 26.11 75.70 -10.86
N LEU A 304 25.06 76.29 -10.27
CA LEU A 304 23.92 76.76 -11.04
C LEU A 304 24.32 77.98 -11.89
N PRO A 305 23.55 78.29 -12.94
CA PRO A 305 23.78 79.54 -13.68
C PRO A 305 23.58 80.75 -12.78
N THR A 306 24.26 81.84 -13.14
CA THR A 306 24.24 83.05 -12.31
C THR A 306 22.83 83.62 -12.19
N GLY A 307 22.53 84.17 -11.02
CA GLY A 307 21.20 84.63 -10.69
C GLY A 307 20.32 83.61 -9.99
N SER A 308 20.75 82.36 -9.90
CA SER A 308 19.89 81.30 -9.38
C SER A 308 19.82 81.34 -7.86
N VAL A 309 18.76 80.73 -7.33
CA VAL A 309 18.48 80.63 -5.90
C VAL A 309 18.10 79.18 -5.60
N SER A 310 18.57 78.66 -4.46
CA SER A 310 18.25 77.30 -4.05
C SER A 310 17.73 77.28 -2.61
N ILE A 311 16.70 76.47 -2.38
CA ILE A 311 16.10 76.26 -1.06
C ILE A 311 16.39 74.82 -0.64
N LEU A 312 16.93 74.66 0.58
CA LEU A 312 17.35 73.36 1.09
C LEU A 312 16.53 73.03 2.33
N TYR A 313 15.93 71.84 2.34
CA TYR A 313 15.11 71.38 3.46
C TYR A 313 15.69 70.09 4.02
N ASP A 314 15.52 69.89 5.32
CA ASP A 314 16.10 68.76 6.05
C ASP A 314 14.94 68.01 6.70
N CYS A 315 14.76 66.74 6.32
CA CYS A 315 13.74 65.89 6.90
C CYS A 315 14.23 65.01 8.04
N PHE A 316 15.51 65.08 8.40
CA PHE A 316 16.09 64.20 9.40
C PHE A 316 16.41 64.88 10.72
N GLY A 317 16.78 66.15 10.69
CA GLY A 317 17.25 66.80 11.91
C GLY A 317 18.55 66.18 12.36
N LEU A 318 18.60 65.78 13.63
CA LEU A 318 19.71 64.97 14.13
C LEU A 318 19.17 63.73 14.83
N GLY A 319 18.23 63.05 14.19
CA GLY A 319 17.56 61.93 14.81
C GLY A 319 16.46 62.30 15.77
N GLN A 320 15.99 63.53 15.74
CA GLN A 320 14.88 63.96 16.57
C GLN A 320 13.54 63.94 15.85
N TYR A 321 13.51 63.52 14.58
CA TYR A 321 12.31 63.60 13.76
C TYR A 321 11.22 62.63 14.20
N ARG A 322 11.51 61.70 15.11
CA ARG A 322 10.53 60.71 15.54
C ARG A 322 9.84 61.08 16.85
N ASN A 323 10.07 62.29 17.35
CA ASN A 323 9.54 62.74 18.63
C ASN A 323 8.41 63.72 18.40
N ALA A 324 7.41 63.69 19.30
CA ALA A 324 6.17 64.43 19.08
C ALA A 324 6.40 65.92 19.01
N SER A 325 7.33 66.45 19.80
CA SER A 325 7.63 67.87 19.76
C SER A 325 8.52 68.26 18.59
N SER A 326 8.90 67.31 17.73
CA SER A 326 9.86 67.59 16.66
C SER A 326 9.52 66.92 15.34
N TYR A 327 8.25 66.66 15.03
CA TYR A 327 7.88 66.14 13.72
C TYR A 327 8.22 67.15 12.62
N ARG A 328 8.55 66.61 11.44
CA ARG A 328 8.98 67.42 10.31
C ARG A 328 8.27 67.05 9.00
N HIS A 329 7.23 66.22 9.03
CA HIS A 329 6.70 65.61 7.82
C HIS A 329 5.35 66.15 7.37
N HIS A 330 4.69 67.01 8.14
CA HIS A 330 3.40 67.54 7.72
C HIS A 330 3.55 68.62 6.66
N HIS A 331 2.48 68.84 5.90
CA HIS A 331 2.43 69.95 4.95
C HIS A 331 2.60 71.29 5.67
N ARG A 332 1.86 71.47 6.77
CA ARG A 332 1.78 72.73 7.51
C ARG A 332 3.07 73.11 8.21
N THR A 333 4.12 72.31 8.12
CA THR A 333 5.44 72.67 8.61
C THR A 333 6.40 72.98 7.47
N ALA A 334 6.57 72.05 6.54
CA ALA A 334 7.54 72.21 5.46
C ALA A 334 7.17 73.33 4.51
N LEU A 335 5.89 73.42 4.13
CA LEU A 335 5.50 74.45 3.17
C LEU A 335 5.62 75.84 3.76
N VAL A 336 5.24 75.99 5.04
CA VAL A 336 5.40 77.26 5.74
C VAL A 336 6.87 77.63 5.86
N GLN A 337 7.72 76.65 6.19
CA GLN A 337 9.18 76.87 6.24
C GLN A 337 9.70 77.43 4.94
N MET A 338 9.38 76.78 3.82
CA MET A 338 9.97 77.16 2.55
C MET A 338 9.42 78.50 2.06
N ALA A 339 8.12 78.74 2.27
CA ALA A 339 7.52 80.01 1.89
C ALA A 339 8.15 81.16 2.64
N ASN A 340 8.32 81.02 3.96
CA ASN A 340 8.91 82.11 4.73
C ASN A 340 10.41 82.25 4.51
N GLU A 341 11.11 81.18 4.10
CA GLU A 341 12.51 81.35 3.71
C GLU A 341 12.63 82.11 2.41
N MET A 342 11.74 81.87 1.43
CA MET A 342 11.78 82.69 0.22
C MET A 342 11.38 84.13 0.51
N ALA A 343 10.38 84.33 1.38
CA ALA A 343 9.95 85.68 1.72
C ALA A 343 11.02 86.44 2.48
N SER A 344 11.79 85.75 3.34
CA SER A 344 12.87 86.39 4.06
C SER A 344 13.95 86.92 3.11
N ARG A 345 14.21 86.19 2.04
CA ARG A 345 15.15 86.65 1.02
C ARG A 345 14.56 87.76 0.15
N GLY A 346 13.27 88.06 0.29
CA GLY A 346 12.66 89.20 -0.38
C GLY A 346 11.99 88.91 -1.70
N LEU A 347 11.56 87.67 -1.93
CA LEU A 347 10.97 87.30 -3.22
C LEU A 347 9.44 87.34 -3.23
N CYS A 348 8.78 87.09 -2.09
CA CYS A 348 7.34 86.94 -2.08
C CYS A 348 6.79 87.30 -0.70
N HIS A 349 5.46 87.22 -0.58
CA HIS A 349 4.77 87.53 0.66
C HIS A 349 4.99 86.43 1.70
N PRO A 350 4.91 86.77 2.99
CA PRO A 350 4.88 85.74 4.04
C PRO A 350 3.63 84.88 3.96
N LEU A 351 3.73 83.68 4.50
CA LEU A 351 2.60 82.77 4.67
C LEU A 351 2.56 82.33 6.12
N ILE A 352 1.49 82.71 6.82
CA ILE A 352 1.43 82.46 8.27
C ILE A 352 0.23 81.57 8.59
N PRO A 353 0.37 80.63 9.52
CA PRO A 353 -0.59 79.53 9.62
C PRO A 353 -1.92 79.91 10.26
N ASN A 354 -2.95 79.18 9.86
CA ASN A 354 -4.29 79.32 10.39
C ASN A 354 -4.84 77.93 10.70
N ALA A 355 -5.40 77.77 11.89
CA ALA A 355 -5.86 76.46 12.35
C ALA A 355 -7.01 75.94 11.50
N GLY A 356 -7.05 74.61 11.33
CA GLY A 356 -8.08 73.94 10.58
C GLY A 356 -7.91 73.94 9.07
N THR A 357 -6.81 74.49 8.56
CA THR A 357 -6.61 74.57 7.13
C THR A 357 -6.14 73.23 6.58
N GLY A 358 -6.72 72.79 5.44
CA GLY A 358 -6.42 71.49 4.87
C GLY A 358 -5.25 71.52 3.90
N ILE A 359 -4.93 70.33 3.37
CA ILE A 359 -3.71 70.15 2.59
C ILE A 359 -3.79 70.87 1.24
N SER A 360 -4.98 70.94 0.64
CA SER A 360 -5.09 71.54 -0.68
C SER A 360 -4.88 73.04 -0.66
N GLN A 361 -5.30 73.69 0.43
CA GLN A 361 -5.11 75.13 0.56
C GLN A 361 -3.63 75.47 0.70
N TYR A 362 -2.90 74.70 1.49
CA TYR A 362 -1.45 74.93 1.61
C TYR A 362 -0.73 74.66 0.30
N MET A 363 -1.14 73.61 -0.43
CA MET A 363 -0.54 73.34 -1.73
C MET A 363 -0.76 74.50 -2.71
N ARG A 364 -1.98 75.02 -2.76
CA ARG A 364 -2.27 76.14 -3.66
C ARG A 364 -1.55 77.41 -3.25
N ALA A 365 -1.48 77.69 -1.95
CA ALA A 365 -0.78 78.88 -1.47
C ALA A 365 0.72 78.81 -1.76
N PHE A 366 1.31 77.61 -1.72
CA PHE A 366 2.72 77.46 -2.02
C PHE A 366 3.00 77.61 -3.51
N LEU A 367 2.18 76.95 -4.33
CA LEU A 367 2.36 76.99 -5.78
C LEU A 367 2.10 78.38 -6.33
N HIS A 368 1.25 79.16 -5.66
CA HIS A 368 1.03 80.54 -6.10
C HIS A 368 2.28 81.40 -5.92
N ARG A 369 3.04 81.20 -4.84
CA ARG A 369 4.18 82.06 -4.55
C ARG A 369 5.43 81.66 -5.32
N LEU A 370 5.49 80.40 -5.78
CA LEU A 370 6.59 80.00 -6.67
C LEU A 370 6.67 80.87 -7.92
N SER A 371 5.51 81.20 -8.50
CA SER A 371 5.48 82.00 -9.72
C SER A 371 6.00 83.41 -9.49
N GLN A 372 5.64 84.02 -8.36
CA GLN A 372 6.12 85.36 -8.04
C GLN A 372 7.63 85.37 -7.89
N SER A 373 8.17 84.37 -7.18
CA SER A 373 9.61 84.29 -7.00
C SER A 373 10.34 84.10 -8.33
N ILE A 374 9.82 83.25 -9.21
CA ILE A 374 10.52 83.01 -10.47
C ILE A 374 10.42 84.22 -11.40
N SER A 375 9.32 84.98 -11.33
CA SER A 375 9.25 86.23 -12.10
C SER A 375 10.30 87.22 -11.62
N ILE A 376 10.48 87.32 -10.30
CA ILE A 376 11.49 88.23 -9.76
C ILE A 376 12.89 87.82 -10.19
N LEU A 377 13.20 86.52 -10.13
CA LEU A 377 14.51 86.05 -10.57
C LEU A 377 14.75 86.29 -12.07
N ARG A 378 13.77 85.98 -12.91
CA ARG A 378 14.00 86.14 -14.35
C ARG A 378 13.67 87.52 -14.86
N ALA A 379 13.47 88.50 -13.98
CA ALA A 379 13.57 89.87 -14.47
C ALA A 379 15.01 90.31 -14.67
N SER A 380 15.86 90.15 -13.65
CA SER A 380 17.23 90.67 -13.71
C SER A 380 18.18 89.84 -14.56
N GLU A 381 17.95 88.55 -14.71
CA GLU A 381 18.78 87.71 -15.58
C GLU A 381 17.88 86.81 -16.39
N PRO A 382 18.29 86.44 -17.61
CA PRO A 382 17.41 85.65 -18.48
C PRO A 382 17.33 84.17 -18.15
N LEU A 383 18.31 83.59 -17.45
CA LEU A 383 18.39 82.14 -17.33
C LEU A 383 18.52 81.65 -15.89
N ALA A 384 18.11 82.45 -14.91
CA ALA A 384 18.13 82.00 -13.53
C ALA A 384 17.11 80.88 -13.30
N VAL A 385 17.41 80.02 -12.32
CA VAL A 385 16.52 78.94 -11.93
C VAL A 385 16.28 79.02 -10.43
N LEU A 386 15.15 78.48 -10.00
CA LEU A 386 14.81 78.33 -8.59
C LEU A 386 14.78 76.85 -8.27
N CYS A 387 15.60 76.41 -7.32
CA CYS A 387 15.84 74.99 -7.09
C CYS A 387 15.43 74.59 -5.68
N ILE A 388 14.66 73.51 -5.58
CA ILE A 388 14.19 72.98 -4.31
C ILE A 388 14.88 71.65 -4.04
N ILE A 389 15.57 71.55 -2.90
CA ILE A 389 16.28 70.33 -2.51
C ILE A 389 15.64 69.75 -1.27
N ILE A 390 15.16 68.51 -1.36
CA ILE A 390 14.57 67.80 -0.24
C ILE A 390 15.56 66.71 0.16
N ASP A 391 16.35 66.96 1.19
CA ASP A 391 17.23 65.92 1.70
C ASP A 391 16.45 64.94 2.57
N ALA A 392 16.91 63.69 2.57
CA ALA A 392 16.39 62.61 3.41
C ALA A 392 14.90 62.37 3.18
N ALA A 393 14.50 62.28 1.90
CA ALA A 393 13.08 62.17 1.56
C ALA A 393 12.45 60.87 2.05
N ASP A 394 13.24 59.83 2.30
CA ASP A 394 12.65 58.56 2.72
C ASP A 394 12.35 58.50 4.22
N ASN A 395 12.90 59.40 5.03
CA ASN A 395 12.59 59.37 6.46
C ASN A 395 11.18 59.87 6.75
N ALA A 396 10.70 60.82 5.95
CA ALA A 396 9.39 61.43 6.18
C ALA A 396 8.27 60.41 6.04
N GLN A 397 8.36 59.52 5.05
CA GLN A 397 7.31 58.54 4.86
C GLN A 397 7.35 57.45 5.95
N MET A 398 8.54 57.12 6.44
CA MET A 398 8.64 56.21 7.57
C MET A 398 8.01 56.81 8.83
N ALA A 399 8.25 58.10 9.06
CA ALA A 399 7.65 58.75 10.23
C ALA A 399 6.13 58.89 10.07
N ALA A 400 5.66 59.10 8.84
CA ALA A 400 4.23 59.14 8.60
C ALA A 400 3.58 57.79 8.87
N GLU A 401 4.17 56.72 8.34
CA GLU A 401 3.59 55.39 8.48
C GLU A 401 3.71 54.86 9.91
N GLU A 402 4.69 55.33 10.67
CA GLU A 402 4.83 54.87 12.06
C GLU A 402 3.65 55.32 12.92
N ILE A 403 3.16 56.54 12.71
CA ILE A 403 2.05 57.06 13.49
C ILE A 403 0.70 56.80 12.84
N GLY A 404 0.66 56.06 11.75
CA GLY A 404 -0.60 55.63 11.14
C GLY A 404 -1.05 56.40 9.92
N GLU A 405 -0.36 57.47 9.56
CA GLU A 405 -0.70 58.22 8.35
C GLU A 405 -0.16 57.50 7.12
N THR A 406 -0.52 57.99 5.93
CA THR A 406 -0.05 57.39 4.68
C THR A 406 0.53 58.35 3.66
N ARG A 407 0.33 59.66 3.80
CA ARG A 407 0.72 60.62 2.76
C ARG A 407 1.55 61.75 3.38
N SER A 408 2.86 61.55 3.46
CA SER A 408 3.77 62.65 3.77
C SER A 408 3.82 63.62 2.60
N PHE A 409 4.29 64.84 2.88
CA PHE A 409 4.19 65.95 1.92
C PHE A 409 4.96 65.68 0.62
N ILE A 410 6.09 65.00 0.69
CA ILE A 410 6.89 64.73 -0.51
C ILE A 410 6.20 63.69 -1.38
N LYS A 411 5.35 62.84 -0.79
CA LYS A 411 4.62 61.84 -1.57
C LYS A 411 3.54 62.47 -2.43
N ASP A 412 3.10 63.69 -2.10
CA ASP A 412 2.20 64.47 -2.94
C ASP A 412 2.96 65.43 -3.85
N LEU A 413 4.01 66.06 -3.33
CA LEU A 413 4.72 67.10 -4.06
C LEU A 413 5.42 66.56 -5.31
N ILE A 414 5.80 65.28 -5.30
CA ILE A 414 6.58 64.73 -6.41
C ILE A 414 5.73 64.57 -7.67
N ARG A 415 4.42 64.37 -7.52
CA ARG A 415 3.54 64.22 -8.67
C ARG A 415 2.85 65.52 -9.07
N GLU A 416 2.93 66.54 -8.23
CA GLU A 416 2.38 67.84 -8.55
C GLU A 416 3.22 68.49 -9.65
N LYS A 417 2.63 69.42 -10.40
CA LYS A 417 3.32 70.07 -11.50
C LYS A 417 3.64 71.51 -11.16
N LEU A 418 4.94 71.83 -11.17
CA LEU A 418 5.50 73.11 -10.76
C LEU A 418 5.59 74.09 -11.91
N PRO A 419 5.59 75.39 -11.64
CA PRO A 419 5.70 76.39 -12.71
C PRO A 419 7.04 76.33 -13.43
N ASP A 420 7.07 76.96 -14.59
CA ASP A 420 8.20 76.85 -15.52
C ASP A 420 9.41 77.60 -14.99
N GLY A 421 10.54 76.90 -14.88
CA GLY A 421 11.75 77.46 -14.31
C GLY A 421 12.09 76.97 -12.92
N VAL A 422 11.37 75.98 -12.40
CA VAL A 422 11.57 75.49 -11.04
C VAL A 422 12.09 74.06 -11.12
N CYS A 423 13.10 73.75 -10.30
CA CYS A 423 13.70 72.42 -10.24
C CYS A 423 13.40 71.76 -8.90
N LEU A 424 13.17 70.45 -8.92
CA LEU A 424 12.95 69.66 -7.72
C LEU A 424 13.84 68.42 -7.73
N VAL A 425 14.61 68.22 -6.66
CA VAL A 425 15.52 67.08 -6.53
C VAL A 425 15.28 66.41 -5.19
N ALA A 426 15.19 65.08 -5.20
CA ALA A 426 15.03 64.28 -3.98
C ALA A 426 16.13 63.25 -3.87
N LEU A 427 16.60 62.98 -2.66
CA LEU A 427 17.71 62.07 -2.41
C LEU A 427 17.30 60.97 -1.43
N CYS A 428 17.60 59.71 -1.77
CA CYS A 428 17.21 58.60 -0.91
C CYS A 428 18.23 57.47 -0.99
N ARG A 429 18.08 56.48 -0.09
CA ARG A 429 18.83 55.24 -0.22
C ARG A 429 18.17 54.32 -1.25
N PRO A 430 18.95 53.47 -1.92
CA PRO A 430 18.43 52.77 -3.11
C PRO A 430 17.32 51.78 -2.85
N TYR A 431 17.23 51.17 -1.67
CA TYR A 431 16.22 50.14 -1.45
C TYR A 431 14.95 50.67 -0.80
N ARG A 432 14.99 51.86 -0.22
CA ARG A 432 13.82 52.54 0.30
C ARG A 432 13.13 53.41 -0.76
N ARG A 433 13.60 53.37 -2.01
CA ARG A 433 13.12 54.27 -3.05
C ARG A 433 11.64 54.07 -3.36
N GLU A 434 11.12 52.87 -3.18
CA GLU A 434 9.74 52.59 -3.56
C GLU A 434 8.73 53.16 -2.59
N LEU A 435 9.16 53.62 -1.41
CA LEU A 435 8.22 54.26 -0.48
C LEU A 435 7.70 55.57 -1.06
N LEU A 436 8.56 56.34 -1.72
CA LEU A 436 8.14 57.61 -2.27
C LEU A 436 7.58 57.50 -3.68
N ASP A 437 7.52 56.29 -4.25
CA ASP A 437 6.76 55.84 -5.41
C ASP A 437 6.77 56.83 -6.59
N PRO A 438 7.87 56.92 -7.34
CA PRO A 438 7.96 57.90 -8.41
C PRO A 438 6.99 57.58 -9.54
N PRO A 439 6.54 58.59 -10.29
CA PRO A 439 5.80 58.32 -11.52
C PRO A 439 6.73 57.79 -12.60
N PRO A 440 6.17 57.17 -13.64
CA PRO A 440 7.03 56.68 -14.76
C PRO A 440 7.89 57.75 -15.42
N GLU A 441 7.44 59.00 -15.45
CA GLU A 441 8.19 60.07 -16.12
C GLU A 441 9.41 60.53 -15.34
N ALA A 442 9.62 60.04 -14.11
CA ALA A 442 10.71 60.51 -13.27
C ALA A 442 12.07 60.12 -13.83
N LEU A 443 13.10 60.83 -13.37
CA LEU A 443 14.49 60.59 -13.77
C LEU A 443 15.27 60.13 -12.55
N THR A 444 16.04 59.05 -12.71
CA THR A 444 16.78 58.43 -11.62
C THR A 444 18.28 58.41 -11.90
N LEU A 445 19.07 58.87 -10.93
CA LEU A 445 20.52 58.93 -11.02
C LEU A 445 21.16 58.37 -9.76
N SER A 446 22.45 58.07 -9.84
CA SER A 446 23.17 57.42 -8.76
C SER A 446 24.51 58.13 -8.55
N LEU A 447 25.03 57.97 -7.34
CA LEU A 447 26.30 58.58 -6.93
C LEU A 447 27.17 57.48 -6.34
N GLN A 448 28.48 57.53 -6.61
CA GLN A 448 29.34 56.37 -6.42
C GLN A 448 30.50 56.64 -5.45
N THR A 449 30.95 55.56 -4.81
CA THR A 449 31.95 55.60 -3.76
C THR A 449 33.32 56.04 -4.25
N PHE A 450 34.22 56.24 -3.29
CA PHE A 450 35.61 56.61 -3.58
C PHE A 450 36.34 55.53 -4.34
N ASN A 451 37.20 55.96 -5.28
CA ASN A 451 38.14 55.07 -5.94
C ASN A 451 39.48 55.12 -5.20
N ARG A 452 40.55 54.64 -5.84
CA ARG A 452 41.87 54.67 -5.21
C ARG A 452 42.39 56.10 -5.05
N ASP A 453 42.16 56.95 -6.05
CA ASP A 453 42.66 58.32 -6.00
C ASP A 453 42.01 59.11 -4.88
N GLU A 454 40.69 58.96 -4.71
CA GLU A 454 39.98 59.64 -3.63
C GLU A 454 40.46 59.16 -2.27
N THR A 455 40.67 57.85 -2.13
CA THR A 455 41.18 57.30 -0.88
C THR A 455 42.57 57.86 -0.56
N ALA A 456 43.45 57.91 -1.57
CA ALA A 456 44.80 58.43 -1.34
C ALA A 456 44.79 59.91 -0.99
N ALA A 457 43.95 60.70 -1.68
CA ALA A 457 43.88 62.14 -1.37
C ALA A 457 43.25 62.39 -0.01
N HIS A 458 42.33 61.52 0.41
CA HIS A 458 41.75 61.63 1.75
C HIS A 458 42.79 61.26 2.81
N LEU A 459 43.59 60.24 2.54
CA LEU A 459 44.61 59.80 3.48
C LEU A 459 45.72 60.84 3.64
N HIS A 460 46.13 61.48 2.54
CA HIS A 460 47.22 62.45 2.59
C HIS A 460 46.84 63.78 3.24
N GLN A 461 45.65 63.91 3.81
CA GLN A 461 45.35 65.04 4.69
C GLN A 461 45.85 64.80 6.11
N LYS A 462 46.21 63.56 6.45
CA LYS A 462 46.65 63.20 7.79
C LYS A 462 48.04 62.59 7.80
N PHE A 463 48.37 61.76 6.81
CA PHE A 463 49.69 61.18 6.63
C PHE A 463 50.12 61.48 5.20
N PRO A 464 50.72 62.64 4.95
CA PRO A 464 51.13 62.99 3.58
C PRO A 464 52.18 62.07 2.95
N ASP A 465 52.93 61.31 3.75
CA ASP A 465 54.07 60.55 3.25
C ASP A 465 53.89 59.05 3.34
N ALA A 466 52.66 58.55 3.26
CA ALA A 466 52.44 57.11 3.23
C ALA A 466 52.83 56.53 1.87
N SER A 467 53.14 55.24 1.88
CA SER A 467 53.52 54.52 0.67
C SER A 467 52.29 53.96 -0.04
N GLU A 468 52.53 53.41 -1.24
CA GLU A 468 51.43 52.89 -2.04
C GLU A 468 50.86 51.59 -1.48
N SER A 469 51.68 50.79 -0.80
CA SER A 469 51.15 49.57 -0.19
C SER A 469 50.23 49.89 0.97
N ASP A 470 50.47 51.02 1.64
CA ASP A 470 49.55 51.48 2.67
C ASP A 470 48.19 51.83 2.06
N VAL A 471 48.19 52.49 0.91
CA VAL A 471 46.95 52.83 0.23
C VAL A 471 46.25 51.57 -0.26
N ASP A 472 47.01 50.58 -0.73
CA ASP A 472 46.42 49.29 -1.12
C ASP A 472 45.72 48.61 0.05
N GLU A 473 46.42 48.47 1.18
CA GLU A 473 45.84 47.81 2.36
C GLU A 473 44.66 48.60 2.90
N PHE A 474 44.78 49.93 2.95
CA PHE A 474 43.75 50.80 3.50
C PHE A 474 42.50 50.80 2.63
N HIS A 475 42.69 50.78 1.31
CA HIS A 475 41.56 50.77 0.39
C HIS A 475 40.85 49.42 0.41
N ARG A 476 41.60 48.33 0.58
CA ARG A 476 40.97 47.01 0.65
C ARG A 476 40.19 46.82 1.95
N LEU A 477 40.81 47.17 3.08
CA LEU A 477 40.18 46.85 4.37
C LEU A 477 39.08 47.81 4.77
N SER A 478 38.89 48.94 4.08
CA SER A 478 37.90 49.92 4.48
C SER A 478 36.61 49.88 3.66
N SER A 479 36.51 48.95 2.70
CA SER A 479 35.34 48.81 1.81
C SER A 479 35.01 50.10 1.05
N CYS A 480 36.02 50.95 0.84
CA CYS A 480 35.98 52.19 0.05
C CYS A 480 34.99 53.23 0.56
N ASN A 481 34.45 53.08 1.77
CA ASN A 481 33.37 53.93 2.25
C ASN A 481 33.90 55.16 2.96
N PRO A 482 33.44 56.38 2.58
CA PRO A 482 33.98 57.61 3.17
C PRO A 482 33.80 57.75 4.68
N ARG A 483 32.61 57.43 5.19
CA ARG A 483 32.32 57.62 6.62
C ARG A 483 33.22 56.74 7.48
N VAL A 484 33.46 55.50 7.05
CA VAL A 484 34.34 54.60 7.78
C VAL A 484 35.75 55.14 7.84
N GLN A 485 36.24 55.68 6.72
CA GLN A 485 37.59 56.24 6.66
C GLN A 485 37.75 57.42 7.61
N ALA A 486 36.81 58.37 7.56
CA ALA A 486 36.89 59.54 8.45
C ALA A 486 36.72 59.14 9.92
N LEU A 487 35.83 58.17 10.18
CA LEU A 487 35.62 57.69 11.55
C LEU A 487 36.88 57.03 12.09
N SER A 488 37.59 56.27 11.27
CA SER A 488 38.83 55.65 11.72
C SER A 488 39.93 56.69 11.91
N LEU A 489 39.97 57.71 11.06
CA LEU A 489 41.02 58.72 11.20
C LEU A 489 40.78 59.66 12.37
N SER A 490 39.53 59.77 12.85
CA SER A 490 39.23 60.71 13.93
C SER A 490 39.90 60.36 15.25
N GLN A 491 40.43 59.13 15.42
CA GLN A 491 41.02 58.74 16.70
C GLN A 491 42.40 59.34 16.93
N ASN A 492 43.12 59.68 15.86
CA ASN A 492 44.53 60.13 15.91
C ASN A 492 45.45 59.13 16.59
N LEU A 493 45.36 57.88 16.16
CA LEU A 493 46.34 56.85 16.50
C LEU A 493 47.52 56.94 15.52
N PRO A 494 48.64 56.26 15.81
CA PRO A 494 49.70 56.14 14.79
C PRO A 494 49.22 55.34 13.59
N LEU A 495 50.00 55.44 12.50
CA LEU A 495 49.61 54.83 11.23
C LEU A 495 49.51 53.30 11.35
N ASN A 496 50.57 52.67 11.86
CA ASN A 496 50.62 51.21 11.92
C ASN A 496 49.54 50.64 12.84
N ASP A 497 49.27 51.33 13.96
CA ASP A 497 48.22 50.89 14.87
C ASP A 497 46.85 50.99 14.19
N THR A 498 46.63 52.06 13.42
CA THR A 498 45.38 52.22 12.69
C THR A 498 45.18 51.10 11.69
N LEU A 499 46.24 50.71 10.97
CA LEU A 499 46.11 49.58 10.05
C LEU A 499 45.95 48.25 10.78
N ARG A 500 46.59 48.09 11.94
CA ARG A 500 46.47 46.82 12.66
C ARG A 500 45.08 46.61 13.23
N LEU A 501 44.39 47.69 13.64
CA LEU A 501 43.02 47.53 14.15
C LEU A 501 42.07 47.04 13.07
N LEU A 502 42.24 47.51 11.84
CA LEU A 502 41.38 47.09 10.73
C LEU A 502 41.68 45.69 10.23
N GLY A 503 42.77 45.06 10.67
CA GLY A 503 43.18 43.78 10.15
C GLY A 503 42.48 42.62 10.83
N PRO A 504 42.85 41.40 10.41
CA PRO A 504 42.25 40.20 11.01
C PRO A 504 42.65 40.05 12.47
N ASN A 505 41.70 39.53 13.26
CA ASN A 505 41.81 39.25 14.69
C ASN A 505 42.52 40.33 15.48
N PRO A 506 41.91 41.49 15.69
CA PRO A 506 42.54 42.50 16.55
C PRO A 506 42.51 42.10 18.01
N LYS A 507 43.12 42.95 18.83
CA LYS A 507 43.27 42.67 20.25
C LYS A 507 41.92 42.59 20.96
N THR A 508 41.73 41.51 21.71
CA THR A 508 40.47 41.26 22.41
C THR A 508 40.49 42.08 23.70
N VAL A 509 40.08 43.34 23.58
CA VAL A 509 40.04 44.23 24.74
C VAL A 509 38.84 43.95 25.62
N GLU A 510 37.82 43.27 25.11
CA GLU A 510 36.61 42.99 25.87
C GLU A 510 36.83 41.77 26.76
N ASP A 511 36.70 41.96 28.08
CA ASP A 511 36.90 40.86 29.01
C ASP A 511 35.72 39.89 29.04
N THR A 512 34.55 40.31 28.54
CA THR A 512 33.34 39.50 28.52
C THR A 512 32.72 39.68 27.13
N ILE A 513 33.07 38.76 26.24
CA ILE A 513 32.84 38.91 24.81
C ILE A 513 31.36 39.00 24.48
N GLY A 514 31.04 39.88 23.52
CA GLY A 514 29.71 39.94 22.94
C GLY A 514 28.75 40.91 23.59
N GLU A 515 29.13 41.60 24.66
CA GLU A 515 28.20 42.52 25.32
C GLU A 515 27.89 43.72 24.44
N VAL A 516 28.93 44.38 23.92
CA VAL A 516 28.76 45.59 23.14
C VAL A 516 28.07 45.29 21.81
N LEU A 517 28.24 44.08 21.28
CA LEU A 517 27.60 43.72 20.02
C LEU A 517 26.11 43.53 20.21
N GLU A 518 25.73 42.89 21.33
CA GLU A 518 24.32 42.79 21.72
C GLU A 518 23.69 44.17 21.85
N LYS A 519 24.36 45.07 22.57
CA LYS A 519 23.87 46.43 22.74
C LYS A 519 23.74 47.16 21.40
N SER A 520 24.66 46.90 20.47
CA SER A 520 24.63 47.58 19.18
C SER A 520 23.47 47.08 18.32
N ILE A 521 23.28 45.76 18.25
CA ILE A 521 22.25 45.21 17.38
C ILE A 521 20.85 45.57 17.90
N ALA A 522 20.66 45.62 19.22
CA ALA A 522 19.37 46.02 19.75
C ALA A 522 19.01 47.45 19.35
N ARG A 523 19.97 48.37 19.49
CA ARG A 523 19.75 49.75 19.10
C ARG A 523 19.52 49.86 17.59
N LEU A 524 20.23 49.04 16.81
CA LEU A 524 20.06 49.09 15.36
C LEU A 524 18.70 48.53 14.93
N ARG A 525 18.11 47.63 15.73
CA ARG A 525 16.74 47.22 15.48
C ARG A 525 15.75 48.31 15.82
N ASP A 526 15.93 48.96 16.98
CA ASP A 526 14.91 49.86 17.51
C ASP A 526 14.64 51.06 16.60
N THR A 527 15.63 51.50 15.82
CA THR A 527 15.51 52.70 15.01
C THR A 527 15.08 52.42 13.58
N ALA A 528 14.86 51.18 13.20
CA ALA A 528 14.52 50.88 11.81
C ALA A 528 13.02 50.99 11.58
N GLY A 529 12.63 50.92 10.31
CA GLY A 529 11.22 50.88 9.97
C GLY A 529 10.56 49.61 10.47
N ILE A 530 9.23 49.69 10.63
CA ILE A 530 8.49 48.57 11.23
C ILE A 530 8.39 47.37 10.28
N SER A 531 8.62 47.56 8.98
CA SER A 531 8.69 46.44 8.05
C SER A 531 10.04 45.71 8.14
N GLU A 532 11.08 46.39 8.61
CA GLU A 532 12.43 45.86 8.54
C GLU A 532 12.72 44.82 9.62
N ARG A 533 11.95 44.83 10.70
CA ARG A 533 12.35 44.15 11.93
C ARG A 533 12.20 42.64 11.83
N ALA A 534 11.49 42.13 10.82
CA ALA A 534 11.55 40.71 10.55
C ALA A 534 12.78 40.36 9.71
N GLN A 535 13.12 41.23 8.77
CA GLN A 535 14.22 40.97 7.86
C GLN A 535 15.57 41.00 8.58
N ILE A 536 15.71 41.85 9.60
CA ILE A 536 16.95 41.88 10.37
C ILE A 536 17.19 40.54 11.08
N ASP A 537 16.13 40.01 11.71
CA ASP A 537 16.25 38.71 12.36
C ASP A 537 16.46 37.59 11.35
N THR A 538 15.89 37.73 10.15
CA THR A 538 16.13 36.75 9.09
C THR A 538 17.61 36.73 8.70
N ILE A 539 18.22 37.91 8.54
CA ILE A 539 19.63 37.98 8.20
C ILE A 539 20.49 37.38 9.30
N CYS A 540 20.15 37.65 10.57
CA CYS A 540 20.94 37.10 11.66
C CYS A 540 20.84 35.57 11.71
N SER A 541 19.64 35.03 11.52
CA SER A 541 19.48 33.58 11.50
C SER A 541 20.18 32.94 10.32
N ALA A 542 20.18 33.61 9.16
CA ALA A 542 20.90 33.09 8.00
C ALA A 542 22.40 33.09 8.24
N LEU A 543 22.94 34.16 8.82
CA LEU A 543 24.37 34.20 9.10
C LEU A 543 24.78 33.26 10.22
N ALA A 544 23.85 32.77 11.03
CA ALA A 544 24.24 31.89 12.12
C ALA A 544 24.38 30.42 11.73
N ILE A 545 24.10 30.05 10.49
CA ILE A 545 24.00 28.64 10.13
C ILE A 545 24.86 28.25 8.93
N LEU A 546 25.24 29.15 8.03
CA LEU A 546 25.95 28.77 6.82
C LEU A 546 27.44 28.56 7.10
N ARG A 547 28.19 27.94 6.02
CA ARG A 547 29.62 27.67 6.00
C ARG A 547 30.41 28.91 5.56
N PRO A 548 31.68 29.09 6.02
CA PRO A 548 32.31 30.40 6.03
C PRO A 548 33.02 30.85 4.74
N LEU A 549 32.32 30.74 3.61
CA LEU A 549 32.49 31.79 2.60
C LEU A 549 31.15 31.99 1.90
N ILE A 550 30.33 32.88 2.45
CA ILE A 550 28.96 33.07 2.00
C ILE A 550 28.92 34.05 0.83
N PRO A 551 28.47 33.64 -0.35
CA PRO A 551 28.20 34.62 -1.40
C PRO A 551 26.85 35.29 -1.19
N LEU A 552 26.75 36.54 -1.66
CA LEU A 552 25.55 37.32 -1.42
C LEU A 552 24.32 36.77 -2.16
N SER A 553 24.54 36.07 -3.29
CA SER A 553 23.42 35.59 -4.08
C SER A 553 22.63 34.52 -3.36
N VAL A 554 23.32 33.53 -2.78
CA VAL A 554 22.64 32.46 -2.05
C VAL A 554 21.99 32.99 -0.79
N LEU A 555 22.65 33.92 -0.10
CA LEU A 555 22.08 34.55 1.08
C LEU A 555 20.78 35.27 0.75
N SER A 556 20.78 36.07 -0.32
CA SER A 556 19.58 36.77 -0.76
C SER A 556 18.49 35.80 -1.19
N ALA A 557 18.86 34.74 -1.91
CA ALA A 557 17.86 33.81 -2.43
C ALA A 557 17.19 33.02 -1.32
N ILE A 558 17.94 32.61 -0.30
CA ILE A 558 17.32 31.87 0.79
C ILE A 558 16.76 32.77 1.88
N SER A 559 17.00 34.08 1.82
CA SER A 559 16.41 34.98 2.80
C SER A 559 15.28 35.84 2.25
N GLY A 560 15.26 36.11 0.95
CA GLY A 560 14.30 37.03 0.38
C GLY A 560 14.64 38.49 0.51
N VAL A 561 15.75 38.83 1.15
CA VAL A 561 16.16 40.21 1.35
C VAL A 561 17.02 40.66 0.17
N ALA A 562 16.92 41.93 -0.20
CA ALA A 562 17.73 42.48 -1.27
C ALA A 562 19.18 42.66 -0.82
N GLY A 563 20.08 42.70 -1.80
CA GLY A 563 21.50 42.80 -1.50
C GLY A 563 21.89 44.11 -0.84
N SER A 564 21.29 45.22 -1.29
CA SER A 564 21.65 46.53 -0.76
C SER A 564 21.25 46.67 0.70
N ALA A 565 20.16 46.04 1.11
CA ALA A 565 19.76 46.07 2.52
C ALA A 565 20.79 45.37 3.39
N ILE A 566 21.27 44.21 2.95
CA ILE A 566 22.30 43.47 3.69
C ILE A 566 23.59 44.30 3.77
N LYS A 567 23.95 44.93 2.66
CA LYS A 567 25.19 45.72 2.60
C LYS A 567 25.11 46.93 3.53
N SER A 568 23.98 47.64 3.54
CA SER A 568 23.83 48.79 4.42
C SER A 568 23.76 48.38 5.88
N PHE A 569 23.13 47.23 6.18
CA PHE A 569 23.14 46.70 7.54
C PHE A 569 24.55 46.41 8.01
N ALA A 570 25.37 45.82 7.15
CA ALA A 570 26.74 45.49 7.56
C ALA A 570 27.60 46.75 7.69
N LEU A 571 27.37 47.75 6.85
CA LEU A 571 28.07 49.03 7.04
C LEU A 571 27.64 49.73 8.32
N ASP A 572 26.38 49.56 8.73
CA ASP A 572 25.94 50.15 9.99
C ASP A 572 26.55 49.42 11.18
N LEU A 573 26.56 48.09 11.16
CA LEU A 573 26.95 47.33 12.36
C LEU A 573 28.45 47.40 12.61
N GLY A 574 29.27 47.39 11.57
CA GLY A 574 30.70 47.40 11.77
C GLY A 574 31.28 46.02 12.04
N ARG A 575 32.48 46.02 12.62
CA ARG A 575 33.16 44.76 12.92
C ARG A 575 32.40 43.99 13.99
N PRO A 576 32.41 42.64 13.96
CA PRO A 576 33.26 41.73 13.17
C PRO A 576 32.84 41.44 11.72
N LEU A 577 31.72 41.95 11.21
CA LEU A 577 31.35 41.67 9.82
C LEU A 577 32.18 42.50 8.85
N ILE A 578 32.56 41.89 7.73
CA ILE A 578 33.11 42.65 6.62
C ILE A 578 32.52 42.12 5.32
N VAL A 579 32.21 43.03 4.40
CA VAL A 579 31.73 42.69 3.06
C VAL A 579 32.82 43.06 2.08
N SER A 580 33.21 42.10 1.25
CA SER A 580 34.21 42.39 0.23
C SER A 580 33.90 41.56 -1.01
N GLY A 581 34.08 42.19 -2.18
CA GLY A 581 33.57 41.60 -3.40
C GLY A 581 32.08 41.45 -3.31
N GLU A 582 31.61 40.20 -3.43
CA GLU A 582 30.23 39.87 -3.11
C GLU A 582 30.19 38.78 -2.04
N THR A 583 31.03 38.89 -1.00
CA THR A 583 31.08 37.89 0.05
C THR A 583 31.07 38.56 1.43
N ILE A 584 30.60 37.78 2.41
CA ILE A 584 30.48 38.19 3.81
C ILE A 584 31.46 37.36 4.64
N GLN A 585 32.19 38.01 5.54
CA GLN A 585 33.10 37.27 6.41
C GLN A 585 33.05 37.79 7.85
N PHE A 586 33.41 36.90 8.77
CA PHE A 586 33.73 37.23 10.16
C PHE A 586 35.24 37.36 10.31
N PHE A 587 35.69 38.47 10.88
CA PHE A 587 37.10 38.74 11.16
C PHE A 587 37.51 38.52 12.61
N ASP A 588 36.71 37.85 13.42
CA ASP A 588 37.19 37.47 14.74
C ASP A 588 36.49 36.19 15.20
N GLU A 589 37.23 35.38 15.96
CA GLU A 589 36.74 34.06 16.37
C GLU A 589 35.79 34.07 17.57
N PRO A 590 36.08 34.75 18.70
CA PRO A 590 35.08 34.75 19.79
C PRO A 590 33.78 35.44 19.42
N ALA A 591 33.85 36.50 18.61
CA ALA A 591 32.64 37.15 18.14
C ALA A 591 31.78 36.21 17.31
N GLU A 592 32.42 35.42 16.44
CA GLU A 592 31.69 34.46 15.62
C GLU A 592 31.08 33.35 16.48
N THR A 593 31.84 32.84 17.46
CA THR A 593 31.30 31.77 18.31
C THR A 593 30.13 32.26 19.14
N TRP A 594 30.24 33.46 19.72
CA TRP A 594 29.13 34.02 20.49
C TRP A 594 27.92 34.26 19.61
N PHE A 595 28.15 34.80 18.41
CA PHE A 595 27.07 35.07 17.48
C PHE A 595 26.35 33.78 17.11
N GLN A 596 27.10 32.70 16.89
CA GLN A 596 26.49 31.43 16.54
C GLN A 596 25.71 30.82 17.70
N ARG A 597 26.17 31.01 18.93
CA ARG A 597 25.37 30.48 20.05
C ARG A 597 24.11 31.31 20.28
N ARG A 598 24.21 32.64 20.10
CA ARG A 598 23.10 33.54 20.38
C ARG A 598 21.93 33.34 19.42
N PHE A 599 22.17 33.45 18.13
CA PHE A 599 21.11 33.62 17.14
C PHE A 599 20.82 32.35 16.34
N ARG A 600 20.80 31.18 16.99
CA ARG A 600 20.49 29.96 16.25
C ARG A 600 19.06 30.02 15.71
N PRO A 601 18.81 29.55 14.50
CA PRO A 601 17.47 29.60 13.94
C PRO A 601 16.53 28.62 14.62
N SER A 602 15.24 28.83 14.42
CA SER A 602 14.20 28.00 14.99
C SER A 602 13.79 26.89 14.02
N ALA A 603 12.94 25.99 14.52
CA ALA A 603 12.43 24.90 13.69
C ALA A 603 11.53 25.38 12.56
N ALA A 604 10.96 26.59 12.69
CA ALA A 604 10.17 27.14 11.59
C ALA A 604 11.07 27.71 10.49
N ASP A 605 12.22 28.28 10.87
CA ASP A 605 13.11 28.88 9.89
C ASP A 605 13.83 27.83 9.06
N LEU A 606 14.25 26.73 9.71
CA LEU A 606 15.04 25.70 9.03
C LEU A 606 14.29 25.05 7.89
N HIS A 607 12.99 24.82 8.08
CA HIS A 607 12.17 24.23 7.03
C HIS A 607 12.15 25.10 5.78
N GLN A 608 12.00 26.40 5.96
CA GLN A 608 11.97 27.31 4.82
C GLN A 608 13.34 27.45 4.18
N PHE A 609 14.42 27.46 4.97
CA PHE A 609 15.76 27.48 4.40
C PHE A 609 16.03 26.24 3.55
N ILE A 610 15.64 25.06 4.05
CA ILE A 610 15.83 23.82 3.30
C ILE A 610 15.04 23.86 2.00
N THR A 611 13.77 24.28 2.07
CA THR A 611 12.92 24.31 0.88
C THR A 611 13.43 25.30 -0.16
N LYS A 612 13.89 26.47 0.28
CA LYS A 612 14.45 27.44 -0.66
C LYS A 612 15.80 26.99 -1.22
N LEU A 613 16.58 26.23 -0.44
CA LEU A 613 17.93 25.91 -0.86
C LEU A 613 17.99 24.73 -1.81
N ARG A 614 17.16 23.72 -1.57
CA ARG A 614 17.25 22.45 -2.31
C ARG A 614 17.18 22.55 -3.84
N PRO A 615 16.32 23.36 -4.47
CA PRO A 615 16.40 23.46 -5.94
C PRO A 615 17.71 23.99 -6.48
N LEU A 616 18.44 24.81 -5.71
CA LEU A 616 19.68 25.40 -6.21
C LEU A 616 20.80 24.39 -6.35
N THR A 617 20.68 23.21 -5.75
CA THR A 617 21.78 22.26 -5.67
C THR A 617 22.13 21.60 -7.00
N LYS A 618 21.34 21.82 -8.06
CA LYS A 618 21.72 21.30 -9.37
C LYS A 618 22.82 22.12 -10.03
N ASP A 619 23.08 23.33 -9.55
CA ASP A 619 24.01 24.25 -10.21
C ASP A 619 25.16 24.70 -9.32
N SER A 620 24.94 24.87 -8.03
CA SER A 620 25.89 25.54 -7.15
C SER A 620 26.74 24.49 -6.43
N SER A 621 28.06 24.70 -6.45
CA SER A 621 28.94 23.92 -5.59
C SER A 621 28.64 24.16 -4.12
N TYR A 622 28.41 25.42 -3.78
CA TYR A 622 28.24 25.81 -2.39
C TYR A 622 26.97 25.19 -1.80
N ALA A 623 25.86 25.25 -2.54
CA ALA A 623 24.60 24.74 -2.02
C ALA A 623 24.64 23.24 -1.79
N ALA A 624 25.25 22.49 -2.72
CA ALA A 624 25.42 21.06 -2.54
C ALA A 624 26.35 20.76 -1.37
N SER A 625 27.34 21.62 -1.14
CA SER A 625 28.20 21.42 0.01
C SER A 625 27.48 21.67 1.32
N VAL A 626 26.58 22.66 1.33
CA VAL A 626 26.01 23.15 2.59
C VAL A 626 24.78 22.34 3.03
N LEU A 627 23.97 21.85 2.08
CA LEU A 627 22.69 21.21 2.41
C LEU A 627 22.70 20.04 3.40
N PRO A 628 23.64 19.07 3.36
CA PRO A 628 23.61 17.98 4.35
C PRO A 628 23.72 18.45 5.79
N ALA A 629 24.42 19.55 6.05
CA ALA A 629 24.51 20.07 7.41
C ALA A 629 23.17 20.61 7.89
N LEU A 630 22.36 21.18 6.99
CA LEU A 630 21.05 21.67 7.40
C LEU A 630 20.05 20.55 7.58
N MET A 631 20.16 19.46 6.81
CA MET A 631 19.18 18.38 6.99
C MET A 631 19.25 17.73 8.37
N LEU A 632 20.44 17.67 8.99
CA LEU A 632 20.52 17.05 10.31
C LEU A 632 19.86 17.91 11.38
N GLU A 633 19.92 19.23 11.25
CA GLU A 633 19.21 20.12 12.16
C GLU A 633 17.70 19.98 11.99
N GLY A 634 17.24 19.85 10.74
CA GLY A 634 15.83 19.75 10.45
C GLY A 634 15.21 18.40 10.68
N ASN A 635 16.00 17.43 11.14
CA ASN A 635 15.55 16.07 11.46
C ASN A 635 14.93 15.36 10.26
N GLN A 636 15.42 15.66 9.06
CA GLN A 636 15.10 14.91 7.85
C GLN A 636 16.13 13.79 7.64
N LEU A 637 16.12 12.85 8.59
CA LEU A 637 17.20 11.87 8.71
C LEU A 637 17.19 10.86 7.57
N SER A 638 16.02 10.32 7.25
CA SER A 638 15.94 9.24 6.26
C SER A 638 16.34 9.72 4.87
N GLU A 639 15.97 10.97 4.52
CA GLU A 639 16.42 11.55 3.26
C GLU A 639 17.92 11.70 3.23
N LEU A 640 18.54 11.99 4.38
CA LEU A 640 19.99 12.13 4.42
C LEU A 640 20.68 10.78 4.24
N ILE A 641 20.12 9.72 4.84
CA ILE A 641 20.63 8.36 4.65
C ILE A 641 20.56 7.98 3.17
N GLU A 642 19.40 8.21 2.55
CA GLU A 642 19.23 7.86 1.15
C GLU A 642 20.10 8.74 0.24
N LEU A 643 20.36 9.99 0.65
CA LEU A 643 21.22 10.85 -0.15
C LEU A 643 22.66 10.37 -0.14
N ALA A 644 23.12 9.82 0.98
CA ALA A 644 24.50 9.34 1.01
C ALA A 644 24.66 7.96 0.40
N ILE A 645 23.70 7.05 0.63
CA ILE A 645 23.84 5.68 0.15
C ILE A 645 23.73 5.62 -1.37
N SER A 646 22.76 6.31 -1.95
CA SER A 646 22.47 6.19 -3.37
C SER A 646 23.47 6.97 -4.21
N SER A 647 23.51 6.62 -5.50
CA SER A 647 24.41 7.22 -6.48
C SER A 647 23.83 8.53 -7.05
N GLN A 648 23.77 9.54 -6.19
CA GLN A 648 23.14 10.80 -6.56
C GLN A 648 24.06 11.65 -7.45
N ALA A 649 23.45 12.66 -8.06
CA ALA A 649 24.12 13.52 -9.04
C ALA A 649 24.97 14.59 -8.35
N LEU A 650 25.79 15.28 -9.14
CA LEU A 650 26.69 16.33 -8.68
C LEU A 650 26.85 17.40 -9.75
N PRO A 651 27.07 18.66 -9.37
CA PRO A 651 27.39 19.69 -10.36
C PRO A 651 28.78 19.49 -10.93
N GLU A 652 28.98 20.00 -12.15
CA GLU A 652 30.25 19.83 -12.85
C GLU A 652 31.33 20.71 -12.22
N THR A 653 32.36 20.07 -11.66
CA THR A 653 33.39 20.73 -10.87
C THR A 653 34.69 19.97 -11.01
N SER A 654 35.77 20.59 -10.52
CA SER A 654 37.06 19.94 -10.41
C SER A 654 37.07 18.94 -9.24
N ALA A 655 38.17 18.20 -9.16
CA ALA A 655 38.31 17.14 -8.16
C ALA A 655 38.29 17.67 -6.74
N VAL A 656 38.86 18.86 -6.52
CA VAL A 656 39.03 19.40 -5.17
C VAL A 656 37.69 19.65 -4.49
N GLU A 657 36.65 19.98 -5.28
CA GLU A 657 35.33 20.25 -4.75
C GLU A 657 34.50 18.96 -4.62
N ARG A 658 34.66 18.07 -5.60
CA ARG A 658 33.96 16.79 -5.61
C ARG A 658 34.43 15.91 -4.47
N ARG A 659 35.66 16.08 -4.01
CA ARG A 659 36.11 15.41 -2.80
C ARG A 659 35.51 16.01 -1.54
N ASP A 660 35.12 17.28 -1.56
CA ASP A 660 34.51 17.89 -0.38
C ASP A 660 33.11 17.37 -0.15
N ILE A 661 32.32 17.33 -1.24
CA ILE A 661 30.88 17.07 -1.13
C ILE A 661 30.61 15.66 -0.59
N GLU A 662 31.32 14.67 -1.12
CA GLU A 662 31.09 13.27 -0.77
C GLU A 662 31.44 13.00 0.69
N LEU A 663 32.56 13.56 1.16
CA LEU A 663 32.94 13.43 2.56
C LEU A 663 31.92 14.06 3.48
N GLN A 664 31.38 15.23 3.12
CA GLN A 664 30.37 15.87 3.96
C GLN A 664 29.11 15.01 4.08
N ARG A 665 28.67 14.44 2.95
CA ARG A 665 27.49 13.58 2.95
C ARG A 665 27.69 12.37 3.85
N LEU A 666 28.84 11.69 3.72
CA LEU A 666 29.08 10.49 4.52
C LEU A 666 29.16 10.82 6.01
N GLN A 667 29.84 11.93 6.35
CA GLN A 667 30.02 12.30 7.75
C GLN A 667 28.70 12.59 8.44
N PHE A 668 27.76 13.25 7.76
CA PHE A 668 26.50 13.51 8.46
C PHE A 668 25.52 12.34 8.41
N ALA A 669 25.57 11.52 7.35
CA ALA A 669 24.70 10.35 7.33
C ALA A 669 25.09 9.31 8.36
N LEU A 670 26.36 9.29 8.80
CA LEU A 670 26.71 8.37 9.89
C LEU A 670 25.97 8.73 11.18
N LYS A 671 25.88 10.03 11.49
CA LYS A 671 25.12 10.48 12.66
C LYS A 671 23.64 10.16 12.51
N ALA A 672 23.08 10.39 11.31
CA ALA A 672 21.66 10.07 11.11
C ALA A 672 21.39 8.57 11.26
N ALA A 673 22.32 7.74 10.78
CA ALA A 673 22.17 6.29 10.90
C ALA A 673 22.23 5.84 12.35
N LEU A 674 23.13 6.41 13.15
CA LEU A 674 23.15 6.03 14.56
C LEU A 674 21.92 6.54 15.31
N ARG A 675 21.36 7.68 14.93
CA ARG A 675 20.16 8.16 15.62
C ARG A 675 18.92 7.35 15.24
N THR A 676 18.85 6.85 14.01
CA THR A 676 17.67 6.09 13.61
C THR A 676 17.70 4.62 14.02
N GLY A 677 18.81 4.13 14.57
CA GLY A 677 18.90 2.72 14.94
C GLY A 677 19.20 1.77 13.82
N ARG A 678 19.79 2.27 12.72
CA ARG A 678 20.08 1.51 11.51
C ARG A 678 21.52 0.99 11.51
N TYR A 679 21.84 0.06 12.42
CA TYR A 679 23.24 -0.22 12.77
C TYR A 679 24.06 -0.81 11.61
N GLN A 680 23.45 -1.68 10.81
CA GLN A 680 24.18 -2.31 9.71
C GLN A 680 24.66 -1.29 8.68
N ASP A 681 23.79 -0.34 8.34
CA ASP A 681 24.15 0.73 7.43
C ASP A 681 25.20 1.64 8.07
N ALA A 682 25.14 1.82 9.39
CA ALA A 682 26.12 2.64 10.09
C ALA A 682 27.51 2.03 9.99
N ALA A 683 27.63 0.72 10.19
CA ALA A 683 28.93 0.06 10.09
C ALA A 683 29.49 0.15 8.67
N LYS A 684 28.63 -0.06 7.67
CA LYS A 684 29.10 0.04 6.29
C LYS A 684 29.55 1.48 5.96
N LEU A 685 28.81 2.48 6.44
CA LEU A 685 29.19 3.86 6.21
C LEU A 685 30.51 4.22 6.89
N ALA A 686 30.75 3.71 8.10
CA ALA A 686 32.00 3.99 8.79
C ALA A 686 33.20 3.42 8.03
N LEU A 687 33.08 2.17 7.58
CA LEU A 687 34.15 1.57 6.77
C LEU A 687 34.38 2.35 5.49
N LYS A 688 33.31 2.84 4.87
CA LYS A 688 33.48 3.63 3.65
C LYS A 688 34.12 4.98 3.92
N ALA A 689 33.84 5.58 5.10
CA ALA A 689 34.24 6.97 5.33
C ALA A 689 35.68 7.11 5.80
N GLY A 690 36.23 6.08 6.45
CA GLY A 690 37.61 6.19 6.98
C GLY A 690 38.64 6.53 5.91
N GLY A 691 38.54 5.88 4.76
CA GLY A 691 39.50 6.14 3.68
C GLY A 691 39.40 7.54 3.11
N GLU A 692 38.17 8.05 2.97
CA GLU A 692 37.99 9.42 2.49
C GLU A 692 38.56 10.44 3.46
N CYS A 693 38.38 10.22 4.76
CA CYS A 693 38.95 11.14 5.74
C CYS A 693 40.47 11.15 5.68
N ALA A 694 41.09 9.96 5.58
CA ALA A 694 42.54 9.88 5.47
C ALA A 694 43.04 10.55 4.19
N GLY A 695 42.33 10.34 3.08
CA GLY A 695 42.71 10.99 1.84
C GLY A 695 42.62 12.50 1.88
N ASP A 696 41.62 13.04 2.57
CA ASP A 696 41.52 14.49 2.73
C ASP A 696 42.68 15.05 3.54
N ASN A 697 43.01 14.38 4.65
CA ASN A 697 44.13 14.83 5.46
C ASN A 697 45.45 14.75 4.70
N ARG A 698 45.59 13.74 3.85
CA ARG A 698 46.78 13.61 3.02
C ARG A 698 46.81 14.61 1.87
N GLN A 699 45.65 15.09 1.43
CA GLN A 699 45.57 16.08 0.34
C GLN A 699 45.98 17.47 0.80
N ARG A 700 45.56 17.86 2.00
CA ARG A 700 45.78 19.24 2.44
C ARG A 700 47.27 19.56 2.63
N VAL A 701 48.05 18.60 3.13
CA VAL A 701 49.50 18.77 3.25
C VAL A 701 50.15 18.93 1.87
N LEU A 702 49.65 18.18 0.88
CA LEU A 702 50.19 18.27 -0.48
C LEU A 702 49.94 19.63 -1.08
N LEU A 703 48.75 20.21 -0.83
CA LEU A 703 48.53 21.59 -1.28
C LEU A 703 49.39 22.58 -0.50
N ARG A 704 49.60 22.35 0.79
CA ARG A 704 50.39 23.27 1.60
C ARG A 704 51.84 23.34 1.13
N ASP A 705 52.42 22.21 0.78
CA ASP A 705 53.84 22.17 0.48
C ASP A 705 54.18 22.58 -0.95
N ASN A 706 53.20 22.91 -1.77
CA ASN A 706 53.41 23.20 -3.20
C ASN A 706 52.64 24.43 -3.62
N ILE A 707 52.85 25.53 -2.89
CA ILE A 707 52.18 26.81 -3.09
C ILE A 707 52.30 27.32 -4.51
N ASP A 708 53.46 27.13 -5.14
CA ASP A 708 53.71 27.65 -6.48
C ASP A 708 52.76 27.06 -7.52
N LEU A 709 52.49 25.76 -7.43
CA LEU A 709 51.54 25.13 -8.35
C LEU A 709 50.11 25.31 -7.88
N ALA A 710 49.88 25.26 -6.56
CA ALA A 710 48.53 25.35 -6.03
C ALA A 710 47.90 26.69 -6.34
N ALA A 711 48.66 27.78 -6.23
CA ALA A 711 48.13 29.10 -6.56
C ALA A 711 47.83 29.26 -8.03
N LYS A 712 48.45 28.44 -8.89
CA LYS A 712 48.28 28.59 -10.32
C LYS A 712 47.12 27.74 -10.85
N PHE A 713 46.97 26.52 -10.38
CA PHE A 713 45.90 25.66 -10.89
C PHE A 713 44.59 25.79 -10.14
N VAL A 714 44.59 26.36 -8.93
CA VAL A 714 43.36 26.68 -8.21
C VAL A 714 43.11 28.18 -8.34
N GLY A 715 41.90 28.56 -8.75
CA GLY A 715 41.58 29.95 -9.00
C GLY A 715 41.49 30.78 -7.73
N SER A 716 41.22 32.07 -7.93
CA SER A 716 41.21 33.02 -6.82
C SER A 716 40.09 32.74 -5.83
N ASN A 717 38.94 32.29 -6.32
CA ASN A 717 37.85 31.91 -5.44
C ASN A 717 38.24 30.74 -4.54
N GLY A 718 38.93 29.74 -5.11
CA GLY A 718 39.40 28.63 -4.32
C GLY A 718 40.46 29.03 -3.31
N VAL A 719 41.32 29.98 -3.68
CA VAL A 719 42.35 30.45 -2.76
C VAL A 719 41.71 31.16 -1.57
N GLN A 720 40.74 32.04 -1.84
CA GLN A 720 40.08 32.77 -0.76
C GLN A 720 39.27 31.83 0.12
N GLU A 721 38.67 30.79 -0.46
CA GLU A 721 37.93 29.83 0.35
C GLU A 721 38.84 28.91 1.15
N LEU A 722 40.02 28.57 0.61
CA LEU A 722 41.00 27.82 1.38
C LEU A 722 41.48 28.62 2.59
N VAL A 723 41.73 29.92 2.40
CA VAL A 723 42.12 30.77 3.51
C VAL A 723 40.98 30.89 4.52
N SER A 724 39.76 31.09 4.04
CA SER A 724 38.64 31.39 4.94
C SER A 724 38.21 30.17 5.76
N ARG A 725 38.26 28.97 5.17
CA ARG A 725 37.92 27.77 5.92
C ARG A 725 39.04 27.27 6.82
N ASN A 726 40.22 27.89 6.74
CA ASN A 726 41.38 27.57 7.59
C ASN A 726 41.83 26.12 7.41
N ALA A 727 42.36 25.83 6.22
CA ALA A 727 42.67 24.45 5.83
C ALA A 727 44.10 24.02 6.14
N PHE A 728 45.05 24.94 6.26
CA PHE A 728 46.39 24.40 6.46
C PHE A 728 46.65 24.12 7.94
N PRO A 729 47.41 23.08 8.26
CA PRO A 729 47.86 22.89 9.64
C PRO A 729 49.24 23.50 9.90
N ASP A 730 49.54 23.65 11.20
CA ASP A 730 50.77 24.31 11.64
C ASP A 730 52.01 23.43 11.49
N THR A 731 53.14 24.07 11.20
CA THR A 731 54.44 23.40 11.10
C THR A 731 55.31 23.58 12.34
N GLY A 732 54.82 23.22 13.52
CA GLY A 732 55.67 23.10 14.68
C GLY A 732 55.94 24.35 15.50
N TRP A 733 55.33 25.48 15.16
CA TRP A 733 55.34 26.64 16.03
C TRP A 733 54.03 27.39 15.83
N PRO A 734 53.47 27.99 16.90
CA PRO A 734 52.01 28.17 16.98
C PRO A 734 51.35 29.03 15.91
N GLY A 735 52.05 30.00 15.34
CA GLY A 735 51.48 30.88 14.34
C GLY A 735 51.80 30.56 12.90
N SER A 736 52.24 29.33 12.62
CA SER A 736 52.89 29.00 11.35
C SER A 736 51.99 29.19 10.15
N ARG A 737 50.69 28.85 10.27
CA ARG A 737 49.76 28.84 9.14
C ARG A 737 49.78 30.14 8.36
N ASN A 738 49.83 31.26 9.09
CA ASN A 738 49.73 32.58 8.50
C ASN A 738 50.91 32.91 7.59
N ALA A 739 52.01 32.18 7.67
CA ALA A 739 53.05 32.34 6.65
C ALA A 739 52.54 31.88 5.29
N TYR A 740 52.00 30.67 5.22
CA TYR A 740 51.60 30.11 3.93
C TYR A 740 50.42 30.85 3.34
N TYR A 741 49.46 31.26 4.18
CA TYR A 741 48.39 32.15 3.74
C TYR A 741 48.93 33.45 3.16
N ALA A 742 50.01 33.97 3.75
CA ALA A 742 50.65 35.16 3.21
C ALA A 742 51.25 34.90 1.84
N ALA A 743 51.76 33.69 1.62
CA ALA A 743 52.44 33.39 0.37
C ALA A 743 51.46 33.31 -0.80
N ILE A 744 50.48 32.42 -0.69
CA ILE A 744 49.60 32.08 -1.80
C ILE A 744 48.79 33.30 -2.27
N LEU A 745 48.28 34.10 -1.33
CA LEU A 745 47.51 35.29 -1.68
C LEU A 745 48.36 36.30 -2.43
N SER A 746 49.67 36.30 -2.20
CA SER A 746 50.54 37.24 -2.89
C SER A 746 50.71 36.91 -4.37
N GLU A 747 50.27 35.74 -4.83
CA GLU A 747 50.39 35.42 -6.24
C GLU A 747 49.38 36.15 -7.11
N TYR A 748 48.38 36.78 -6.49
CA TYR A 748 47.33 37.47 -7.22
C TYR A 748 47.43 38.96 -6.91
N PRO A 749 47.45 39.85 -7.91
CA PRO A 749 47.51 41.29 -7.59
C PRO A 749 46.30 41.81 -6.81
N GLU A 750 45.09 41.46 -7.24
CA GLU A 750 43.89 42.06 -6.67
C GLU A 750 43.62 41.63 -5.23
N LEU A 751 44.29 40.61 -4.74
CA LEU A 751 44.17 40.20 -3.34
C LEU A 751 45.27 40.78 -2.46
N SER A 752 46.15 41.62 -3.03
CA SER A 752 47.39 42.02 -2.36
C SER A 752 47.13 42.70 -1.02
N GLY A 753 46.09 43.52 -0.94
CA GLY A 753 45.78 44.22 0.30
C GLY A 753 45.49 43.27 1.46
N GLU A 754 44.85 42.14 1.18
CA GLU A 754 44.67 41.15 2.24
C GLU A 754 45.99 40.48 2.59
N ALA A 755 46.82 40.19 1.58
CA ALA A 755 48.04 39.43 1.78
C ALA A 755 48.98 40.13 2.75
N ARG A 756 49.15 41.44 2.55
CA ARG A 756 49.96 42.25 3.47
C ARG A 756 49.43 42.16 4.89
N SER A 757 48.12 42.25 5.06
CA SER A 757 47.56 42.18 6.41
C SER A 757 47.75 40.80 7.01
N ARG A 758 47.83 39.78 6.17
CA ARG A 758 48.10 38.45 6.72
C ARG A 758 49.57 38.28 7.04
N LEU A 759 50.45 39.01 6.34
CA LEU A 759 51.87 38.96 6.65
C LEU A 759 52.17 39.71 7.95
N ARG A 760 51.55 40.89 8.11
CA ARG A 760 51.72 41.71 9.31
C ARG A 760 51.35 40.94 10.57
N LEU A 761 50.35 40.07 10.49
CA LEU A 761 49.92 39.28 11.64
C LEU A 761 50.92 38.17 11.98
N THR A 762 51.75 37.74 11.02
CA THR A 762 52.67 36.65 11.31
C THR A 762 53.79 37.08 12.24
N MET A 763 54.30 38.31 12.08
CA MET A 763 55.46 38.78 12.82
C MET A 763 55.23 38.87 14.32
N GLU A 764 53.97 38.88 14.75
CA GLU A 764 53.69 38.78 16.18
C GLU A 764 54.17 37.43 16.72
N TRP A 765 53.72 36.33 16.11
CA TRP A 765 53.97 35.01 16.67
C TRP A 765 55.45 34.69 16.69
N LEU A 766 56.14 35.01 15.61
CA LEU A 766 57.59 34.82 15.54
C LEU A 766 58.28 35.60 16.64
N THR A 767 57.82 36.83 16.91
CA THR A 767 58.39 37.64 17.98
C THR A 767 58.26 36.94 19.32
N ASN A 768 57.08 36.35 19.57
CA ASN A 768 56.86 35.61 20.81
C ASN A 768 57.82 34.44 20.91
N TRP A 769 58.05 33.74 19.79
CA TRP A 769 58.96 32.61 19.81
C TRP A 769 60.38 33.05 20.12
N SER A 770 60.75 34.27 19.71
CA SER A 770 62.09 34.74 20.01
C SER A 770 62.28 35.08 21.48
N GLN A 771 61.19 35.23 22.24
CA GLN A 771 61.29 35.68 23.62
C GLN A 771 61.13 34.55 24.64
N LEU A 772 60.94 33.32 24.20
CA LEU A 772 60.83 32.20 25.12
C LEU A 772 62.20 31.88 25.72
N PRO A 773 62.23 31.19 26.87
CA PRO A 773 63.50 30.67 27.39
C PRO A 773 64.08 29.60 26.49
N ASP A 774 65.40 29.40 26.61
CA ASP A 774 66.16 28.64 25.62
C ASP A 774 65.79 27.16 25.61
N ASP A 775 65.48 26.58 26.77
CA ASP A 775 65.10 25.17 26.81
C ASP A 775 63.71 24.95 26.21
N GLU A 776 62.79 25.88 26.45
CA GLU A 776 61.49 25.83 25.78
C GLU A 776 61.63 26.10 24.29
N ARG A 777 62.48 27.06 23.92
CA ARG A 777 62.69 27.38 22.51
C ARG A 777 63.30 26.22 21.75
N SER A 778 64.09 25.38 22.43
CA SER A 778 64.70 24.21 21.80
C SER A 778 63.69 23.15 21.41
N ARG A 779 62.45 23.23 21.90
CA ARG A 779 61.42 22.24 21.60
C ARG A 779 60.45 22.69 20.52
N GLN A 780 60.61 23.89 19.96
CA GLN A 780 59.74 24.41 18.92
C GLN A 780 60.60 24.73 17.70
N ASN A 781 60.80 23.73 16.86
CA ASN A 781 61.77 23.84 15.77
C ASN A 781 61.22 24.68 14.62
N VAL A 782 62.08 25.53 14.06
CA VAL A 782 61.76 26.32 12.88
C VAL A 782 62.71 25.88 11.76
N THR A 783 62.13 25.49 10.62
CA THR A 783 62.92 24.95 9.51
C THR A 783 63.21 26.02 8.46
N ASP A 784 64.09 25.65 7.53
CA ASP A 784 64.48 26.55 6.45
C ASP A 784 63.37 26.74 5.42
N GLN A 785 62.45 25.78 5.33
CA GLN A 785 61.32 25.89 4.41
C GLN A 785 60.44 27.08 4.78
N ASP A 786 60.24 27.28 6.09
CA ASP A 786 59.47 28.43 6.58
C ASP A 786 60.15 29.74 6.22
N ARG A 787 61.49 29.76 6.33
CA ARG A 787 62.24 30.95 5.95
C ARG A 787 62.08 31.23 4.46
N ALA A 788 62.07 30.18 3.65
CA ALA A 788 61.89 30.35 2.21
C ALA A 788 60.52 30.92 1.87
N VAL A 789 59.45 30.42 2.50
CA VAL A 789 58.12 30.94 2.14
C VAL A 789 57.95 32.37 2.62
N MET A 790 58.52 32.71 3.79
CA MET A 790 58.46 34.09 4.25
C MET A 790 59.26 35.02 3.32
N LEU A 791 60.40 34.54 2.83
CA LEU A 791 61.21 35.31 1.90
C LEU A 791 60.45 35.58 0.60
N ILE A 792 59.77 34.55 0.09
CA ILE A 792 59.01 34.69 -1.15
C ILE A 792 57.87 35.69 -0.98
N ALA A 793 57.15 35.60 0.14
CA ALA A 793 56.04 36.52 0.41
C ALA A 793 56.51 37.96 0.52
N CYS A 794 57.58 38.18 1.28
CA CYS A 794 58.09 39.54 1.46
C CYS A 794 58.64 40.11 0.17
N LEU A 795 59.25 39.27 -0.67
CA LEU A 795 59.71 39.70 -1.99
C LEU A 795 58.54 40.13 -2.86
N ASN A 796 57.49 39.31 -2.92
CA ASN A 796 56.35 39.64 -3.79
C ASN A 796 55.61 40.88 -3.31
N ILE A 797 55.59 41.16 -2.02
CA ILE A 797 54.87 42.34 -1.54
C ILE A 797 55.74 43.60 -1.59
N HIS A 798 56.96 43.56 -1.03
CA HIS A 798 57.75 44.77 -0.86
C HIS A 798 58.88 44.96 -1.86
N GLY A 799 59.29 43.93 -2.56
CA GLY A 799 60.45 44.02 -3.43
C GLY A 799 61.67 43.34 -2.85
N ALA A 800 62.74 43.32 -3.65
CA ALA A 800 63.90 42.50 -3.37
C ALA A 800 64.69 42.97 -2.16
N GLU A 801 64.78 44.29 -1.96
CA GLU A 801 65.63 44.83 -0.90
C GLU A 801 65.10 44.46 0.49
N ALA A 802 63.79 44.66 0.70
CA ALA A 802 63.19 44.32 1.97
C ALA A 802 63.18 42.82 2.20
N ALA A 803 63.10 42.04 1.12
CA ALA A 803 63.27 40.60 1.25
C ALA A 803 64.67 40.25 1.74
N ALA A 804 65.69 40.93 1.19
CA ALA A 804 67.07 40.60 1.50
C ALA A 804 67.44 41.00 2.92
N ARG A 805 66.89 42.10 3.42
CA ARG A 805 67.31 42.59 4.74
C ARG A 805 66.92 41.64 5.87
N GLU A 806 65.71 41.09 5.83
CA GLU A 806 65.24 40.25 6.94
C GLU A 806 65.93 38.89 6.99
N LEU A 807 66.54 38.46 5.89
CA LEU A 807 67.29 37.21 5.95
C LEU A 807 68.58 37.35 6.75
N ARG A 808 69.07 38.58 6.94
CA ARG A 808 70.28 38.81 7.71
C ARG A 808 70.05 38.80 9.21
N ARG A 809 68.81 38.68 9.67
CA ARG A 809 68.53 38.72 11.09
C ARG A 809 68.72 37.36 11.77
N TRP A 810 68.85 36.29 11.01
CA TRP A 810 69.14 34.98 11.55
C TRP A 810 70.65 34.83 11.71
N ARG A 811 71.10 34.32 12.87
CA ARG A 811 72.48 34.58 13.27
C ARG A 811 73.52 33.70 12.58
N PRO A 812 73.42 32.36 12.55
CA PRO A 812 74.44 31.61 11.81
C PRO A 812 74.24 31.79 10.31
N ARG A 813 75.24 32.35 9.64
CA ARG A 813 75.09 32.70 8.23
C ARG A 813 75.07 31.48 7.31
N LYS A 814 75.20 30.28 7.88
CA LYS A 814 74.90 29.03 7.19
C LYS A 814 73.48 29.01 6.62
N LEU A 815 72.53 29.65 7.32
CA LEU A 815 71.11 29.50 7.00
C LEU A 815 70.73 30.16 5.68
N SER A 816 71.42 31.26 5.34
CA SER A 816 71.15 31.96 4.10
C SER A 816 71.44 31.09 2.88
N PHE A 817 72.40 30.17 3.00
CA PHE A 817 72.73 29.25 1.91
C PHE A 817 71.56 28.33 1.59
N ASP A 818 70.92 27.79 2.64
CA ASP A 818 69.75 26.93 2.48
C ASP A 818 68.59 27.68 1.85
N ALA A 819 68.26 28.84 2.43
CA ALA A 819 67.15 29.63 1.90
C ALA A 819 67.41 30.04 0.46
N GLY A 820 68.67 30.39 0.14
CA GLY A 820 69.01 30.78 -1.21
C GLY A 820 68.84 29.67 -2.23
N LYS A 821 69.24 28.44 -1.87
CA LYS A 821 69.03 27.33 -2.79
C LYS A 821 67.55 27.07 -3.04
N ILE A 822 66.72 27.12 -1.99
CA ILE A 822 65.30 26.86 -2.20
C ILE A 822 64.65 27.95 -3.06
N VAL A 823 64.98 29.22 -2.79
CA VAL A 823 64.41 30.33 -3.55
C VAL A 823 64.86 30.29 -5.00
N ALA A 824 66.13 29.97 -5.24
CA ALA A 824 66.62 29.86 -6.61
C ALA A 824 65.92 28.71 -7.35
N MET A 825 65.74 27.56 -6.68
CA MET A 825 65.05 26.45 -7.32
C MET A 825 63.61 26.79 -7.67
N GLN A 826 62.93 27.59 -6.85
CA GLN A 826 61.57 27.96 -7.21
C GLN A 826 61.55 28.96 -8.36
N LEU A 827 62.44 29.97 -8.33
CA LEU A 827 62.37 31.03 -9.32
C LEU A 827 62.86 30.58 -10.69
N LEU A 828 63.86 29.70 -10.77
CA LEU A 828 64.37 29.30 -12.08
C LEU A 828 63.37 28.44 -12.85
N ALA A 829 62.45 27.77 -12.17
CA ALA A 829 61.49 26.90 -12.86
C ALA A 829 60.48 27.72 -13.66
N HIS A 830 60.00 28.82 -13.10
CA HIS A 830 59.00 29.66 -13.74
C HIS A 830 59.61 30.76 -14.58
N ALA A 831 60.92 30.71 -14.84
CA ALA A 831 61.64 31.62 -15.74
C ALA A 831 61.53 33.09 -15.30
N ARG A 832 61.63 33.31 -13.99
CA ARG A 832 61.63 34.65 -13.41
C ARG A 832 63.06 35.18 -13.23
N TYR A 833 63.76 35.39 -14.35
CA TYR A 833 65.19 35.64 -14.33
C TYR A 833 65.54 37.01 -13.71
N ASP A 834 64.81 38.05 -14.10
CA ASP A 834 65.17 39.40 -13.64
C ASP A 834 64.92 39.59 -12.15
N GLU A 835 63.91 38.93 -11.59
CA GLU A 835 63.69 38.98 -10.16
C GLU A 835 64.83 38.31 -9.39
N LEU A 836 65.33 37.19 -9.92
CA LEU A 836 66.46 36.52 -9.32
C LEU A 836 67.73 37.36 -9.43
N ASP A 837 67.88 38.08 -10.56
CA ASP A 837 69.01 38.99 -10.71
C ASP A 837 68.96 40.12 -9.68
N GLN A 838 67.77 40.69 -9.48
CA GLN A 838 67.61 41.75 -8.48
C GLN A 838 67.90 41.25 -7.07
N LEU A 839 67.43 40.04 -6.75
CA LEU A 839 67.73 39.46 -5.45
C LEU A 839 69.22 39.18 -5.28
N ALA A 840 69.89 38.78 -6.38
CA ALA A 840 71.33 38.54 -6.32
C ALA A 840 72.10 39.82 -6.06
N ILE A 841 71.70 40.93 -6.71
CA ILE A 841 72.39 42.19 -6.48
C ILE A 841 72.11 42.73 -5.08
N ALA A 842 70.85 42.64 -4.63
CA ALA A 842 70.45 43.23 -3.36
C ALA A 842 71.06 42.55 -2.15
N ALA A 843 71.69 41.38 -2.31
CA ALA A 843 72.26 40.65 -1.18
C ALA A 843 73.42 41.38 -0.52
N GLY A 844 74.13 42.21 -1.26
CA GLY A 844 75.26 42.95 -0.69
C GLY A 844 76.40 42.04 -0.30
N ASN A 845 76.82 42.12 0.96
CA ASN A 845 77.97 41.36 1.46
C ASN A 845 77.58 40.01 2.06
N ASP A 846 76.31 39.64 2.01
CA ASP A 846 75.85 38.34 2.49
C ASP A 846 76.13 37.30 1.40
N ILE A 847 77.40 36.90 1.32
CA ILE A 847 77.89 36.09 0.20
C ILE A 847 77.28 34.68 0.20
N SER A 848 76.78 34.22 1.35
CA SER A 848 76.17 32.90 1.41
C SER A 848 74.97 32.79 0.48
N LEU A 849 74.18 33.86 0.38
CA LEU A 849 73.04 33.88 -0.51
C LEU A 849 73.46 33.81 -1.98
N VAL A 850 74.51 34.56 -2.35
CA VAL A 850 74.99 34.56 -3.73
C VAL A 850 75.57 33.19 -4.10
N MET A 851 76.32 32.59 -3.17
CA MET A 851 76.91 31.29 -3.41
C MET A 851 75.86 30.19 -3.43
N GLY A 852 74.73 30.39 -2.73
CA GLY A 852 73.60 29.50 -2.90
C GLY A 852 72.95 29.64 -4.26
N ILE A 853 72.79 30.88 -4.73
CA ILE A 853 72.12 31.13 -6.00
C ILE A 853 72.92 30.54 -7.16
N VAL A 854 74.24 30.75 -7.17
CA VAL A 854 75.03 30.35 -8.34
C VAL A 854 75.12 28.83 -8.46
N LEU A 855 75.08 28.11 -7.35
CA LEU A 855 75.14 26.65 -7.38
C LEU A 855 73.91 26.07 -8.08
N GLU A 856 72.73 26.59 -7.78
CA GLU A 856 71.52 26.14 -8.46
C GLU A 856 71.43 26.69 -9.87
N ALA A 857 72.06 27.84 -10.13
CA ALA A 857 72.07 28.37 -11.49
C ALA A 857 72.92 27.52 -12.42
N ARG A 858 73.98 26.89 -11.90
CA ARG A 858 74.82 26.03 -12.74
C ARG A 858 74.07 24.80 -13.25
N LYS A 859 73.25 24.17 -12.40
CA LYS A 859 72.63 22.89 -12.77
C LYS A 859 71.69 23.03 -13.96
N LEU A 860 71.09 24.19 -14.15
CA LEU A 860 70.17 24.43 -15.25
C LEU A 860 70.80 25.24 -16.39
N HIS A 861 72.11 25.51 -16.30
CA HIS A 861 72.88 26.19 -17.34
C HIS A 861 72.32 27.59 -17.66
N ARG A 862 72.09 28.37 -16.61
CA ARG A 862 71.62 29.75 -16.70
C ARG A 862 72.73 30.72 -16.27
N PRO A 863 72.85 31.87 -16.91
CA PRO A 863 73.80 32.88 -16.45
C PRO A 863 73.27 33.66 -15.24
N VAL A 864 74.17 34.40 -14.62
CA VAL A 864 73.90 35.20 -13.43
C VAL A 864 74.46 36.60 -13.69
N ALA A 865 73.81 37.60 -13.09
CA ALA A 865 74.23 39.00 -13.22
C ALA A 865 75.68 39.21 -12.79
N GLU A 866 76.48 39.78 -13.69
CA GLU A 866 77.92 39.87 -13.52
C GLU A 866 78.33 40.82 -12.40
N GLN A 867 77.49 41.78 -12.06
CA GLN A 867 77.83 42.75 -11.02
C GLN A 867 78.03 42.07 -9.66
N ALA A 868 77.08 41.22 -9.27
CA ALA A 868 77.19 40.52 -8.00
C ALA A 868 78.32 39.51 -8.01
N ILE A 869 78.55 38.88 -9.17
CA ILE A 869 79.67 37.94 -9.30
C ILE A 869 80.99 38.66 -9.09
N ARG A 870 81.16 39.83 -9.71
CA ARG A 870 82.39 40.60 -9.55
C ARG A 870 82.59 41.01 -8.09
N ARG A 871 81.52 41.49 -7.44
CA ARG A 871 81.65 41.93 -6.06
C ARG A 871 81.98 40.77 -5.11
N THR A 872 81.31 39.62 -5.29
CA THR A 872 81.58 38.51 -4.39
C THR A 872 82.91 37.83 -4.70
N TRP A 873 83.39 37.92 -5.95
CA TRP A 873 84.76 37.49 -6.25
C TRP A 873 85.77 38.38 -5.54
N ARG A 874 85.50 39.69 -5.53
CA ARG A 874 86.37 40.61 -4.80
C ARG A 874 86.38 40.32 -3.31
N LEU A 875 85.23 39.94 -2.74
CA LEU A 875 85.22 39.60 -1.32
C LEU A 875 85.85 38.24 -1.05
N LEU A 876 85.65 37.26 -1.94
CA LEU A 876 86.14 35.90 -1.70
C LEU A 876 87.66 35.84 -1.68
N LYS A 877 88.31 36.75 -2.40
CA LYS A 877 89.72 36.60 -2.72
C LYS A 877 90.63 36.76 -1.51
N SER A 878 90.12 37.32 -0.41
CA SER A 878 90.96 37.61 0.73
C SER A 878 90.38 37.25 2.09
N GLN A 879 89.09 36.93 2.22
CA GLN A 879 88.58 36.51 3.50
C GLN A 879 88.09 35.07 3.43
N ARG A 880 87.96 34.50 4.63
CA ARG A 880 87.63 33.10 4.82
C ARG A 880 86.14 32.84 4.59
N VAL A 881 85.85 31.67 4.02
CA VAL A 881 84.49 31.13 3.98
C VAL A 881 84.54 29.64 4.30
N SER A 882 83.54 29.16 5.01
CA SER A 882 83.36 27.72 5.24
C SER A 882 81.89 27.46 5.57
N ILE A 883 81.22 26.70 4.71
CA ILE A 883 79.80 26.40 4.92
C ILE A 883 79.74 25.21 5.85
N LYS A 884 79.68 25.49 7.15
CA LYS A 884 79.81 24.45 8.16
C LYS A 884 78.56 23.61 8.28
N ASP A 885 78.75 22.29 8.33
CA ASP A 885 77.74 21.37 8.82
C ASP A 885 78.21 20.82 10.16
N ARG A 886 77.29 20.80 11.14
CA ARG A 886 77.62 20.24 12.45
C ARG A 886 77.95 18.75 12.35
N ASN A 887 77.18 18.02 11.54
CA ASN A 887 77.59 16.69 11.12
C ASN A 887 78.81 16.83 10.20
N HIS A 888 79.91 16.17 10.56
CA HIS A 888 81.12 16.19 9.72
C HIS A 888 80.98 15.24 8.53
N ALA A 889 80.04 15.59 7.65
CA ALA A 889 79.95 15.03 6.32
C ALA A 889 79.25 16.06 5.44
N ASN A 890 79.54 15.98 4.13
CA ASN A 890 78.88 16.78 3.09
C ASN A 890 79.06 18.28 3.31
N ASN A 891 80.25 18.70 3.76
CA ASN A 891 80.58 20.11 3.80
C ASN A 891 80.61 20.69 2.40
N GLN A 892 79.71 21.64 2.13
CA GLN A 892 79.38 22.11 0.80
C GLN A 892 80.42 23.04 0.20
N THR A 893 81.54 23.30 0.88
CA THR A 893 82.44 24.38 0.49
C THR A 893 83.06 24.14 -0.88
N ILE A 894 83.42 22.88 -1.17
CA ILE A 894 84.11 22.57 -2.42
C ILE A 894 83.20 22.85 -3.61
N ALA A 895 81.94 22.43 -3.53
CA ALA A 895 81.00 22.61 -4.65
C ALA A 895 80.70 24.08 -4.90
N ALA A 896 80.49 24.85 -3.83
CA ALA A 896 80.21 26.28 -3.96
C ALA A 896 81.39 27.01 -4.57
N ILE A 897 82.60 26.72 -4.07
CA ILE A 897 83.80 27.37 -4.60
C ILE A 897 84.02 27.01 -6.05
N THR A 898 83.81 25.74 -6.40
CA THR A 898 84.00 25.30 -7.78
C THR A 898 83.00 25.97 -8.72
N GLY A 899 81.74 26.10 -8.28
CA GLY A 899 80.74 26.80 -9.08
C GLY A 899 81.05 28.27 -9.24
N MET A 900 81.56 28.91 -8.19
CA MET A 900 81.98 30.31 -8.29
C MET A 900 83.12 30.46 -9.29
N VAL A 901 84.08 29.53 -9.26
CA VAL A 901 85.18 29.54 -10.22
C VAL A 901 84.65 29.41 -11.64
N GLU A 902 83.72 28.48 -11.87
CA GLU A 902 83.15 28.31 -13.21
C GLU A 902 82.44 29.58 -13.68
N MET A 903 81.65 30.21 -12.79
CA MET A 903 80.97 31.45 -13.14
C MET A 903 81.95 32.57 -13.46
N ALA A 904 83.06 32.67 -12.71
CA ALA A 904 84.05 33.68 -13.01
C ALA A 904 84.71 33.40 -14.36
N LEU A 905 84.93 32.13 -14.69
CA LEU A 905 85.58 31.77 -15.95
C LEU A 905 84.70 32.05 -17.16
N ILE A 906 83.42 31.65 -17.11
CA ILE A 906 82.58 31.70 -18.32
C ILE A 906 82.32 33.15 -18.71
N GLN A 907 82.24 34.04 -17.73
CA GLN A 907 81.97 35.45 -17.98
C GLN A 907 83.24 36.27 -18.15
N SER A 908 84.40 35.63 -18.07
CA SER A 908 85.71 36.28 -18.19
C SER A 908 85.89 37.42 -17.18
N VAL A 909 85.51 37.15 -15.94
CA VAL A 909 85.65 38.14 -14.88
C VAL A 909 87.05 38.10 -14.25
N CYS A 910 87.69 36.94 -14.21
CA CYS A 910 88.92 36.78 -13.43
C CYS A 910 90.04 36.26 -14.32
N THR A 911 91.25 36.30 -13.78
CA THR A 911 92.43 35.70 -14.40
C THR A 911 92.63 34.28 -13.89
N GLU A 912 93.43 33.51 -14.63
CA GLU A 912 93.69 32.13 -14.25
C GLU A 912 94.57 32.03 -13.00
N SER A 913 95.41 33.05 -12.76
CA SER A 913 96.24 33.06 -11.57
C SER A 913 95.41 33.07 -10.30
N GLU A 914 94.39 33.94 -10.25
CA GLU A 914 93.51 34.04 -9.10
C GLU A 914 92.76 32.73 -8.87
N SER A 915 92.30 32.11 -9.96
CA SER A 915 91.58 30.84 -9.87
C SER A 915 92.47 29.75 -9.28
N ILE A 916 93.72 29.71 -9.74
CA ILE A 916 94.65 28.71 -9.23
C ILE A 916 94.94 28.95 -7.74
N GLN A 917 95.13 30.21 -7.34
CA GLN A 917 95.33 30.50 -5.91
C GLN A 917 94.15 30.08 -5.06
N LEU A 918 92.93 30.32 -5.54
CA LEU A 918 91.75 29.96 -4.75
C LEU A 918 91.60 28.44 -4.63
N LEU A 919 91.70 27.75 -5.77
CA LEU A 919 91.59 26.29 -5.76
C LEU A 919 92.71 25.65 -4.95
N ASP A 920 93.91 26.24 -5.00
CA ASP A 920 95.00 25.77 -4.14
C ASP A 920 94.71 26.00 -2.67
N ARG A 921 94.04 27.11 -2.34
CA ARG A 921 93.66 27.35 -0.95
C ARG A 921 92.65 26.33 -0.46
N TYR A 922 91.82 25.78 -1.35
CA TYR A 922 90.75 24.93 -0.85
C TYR A 922 90.89 23.43 -1.12
N LEU A 923 91.75 23.00 -2.03
CA LEU A 923 91.88 21.55 -2.24
C LEU A 923 92.84 20.95 -1.21
N PRO A 924 92.47 19.81 -0.59
CA PRO A 924 93.39 19.13 0.31
C PRO A 924 94.58 18.53 -0.44
N LYS A 925 95.69 18.39 0.28
CA LYS A 925 96.93 17.91 -0.33
C LYS A 925 97.00 16.39 -0.35
N VAL A 926 96.58 15.74 0.75
CA VAL A 926 96.39 14.30 0.81
C VAL A 926 94.99 14.04 0.25
N PRO A 927 94.77 12.98 -0.54
CA PRO A 927 93.43 12.72 -1.08
C PRO A 927 92.42 12.43 0.01
N PRO A 928 91.26 13.09 -0.03
CA PRO A 928 90.25 12.91 1.02
C PRO A 928 89.62 11.53 0.98
N TYR A 929 88.88 11.23 2.05
CA TYR A 929 88.37 9.89 2.28
C TYR A 929 87.28 9.50 1.29
N ALA A 930 86.50 10.45 0.78
CA ALA A 930 85.28 10.14 0.04
C ALA A 930 85.53 9.47 -1.30
N LEU A 931 86.78 9.45 -1.78
CA LEU A 931 87.09 8.96 -3.12
C LEU A 931 86.92 7.45 -3.28
N THR A 932 86.75 6.70 -2.19
CA THR A 932 86.59 5.25 -2.28
C THR A 932 85.29 4.75 -1.64
N SER A 933 84.31 5.62 -1.42
CA SER A 933 82.99 5.22 -0.94
C SER A 933 81.94 5.64 -1.96
N GLU A 934 81.19 4.67 -2.48
CA GLU A 934 80.28 4.95 -3.58
C GLU A 934 79.01 5.67 -3.15
N TYR A 935 78.71 5.72 -1.85
CA TYR A 935 77.55 6.46 -1.37
C TYR A 935 77.91 7.71 -0.58
N SER A 936 79.19 8.12 -0.58
CA SER A 936 79.55 9.40 0.02
C SER A 936 79.13 10.53 -0.92
N LYS A 937 78.48 11.56 -0.35
CA LYS A 937 77.88 12.62 -1.14
C LYS A 937 78.91 13.46 -1.89
N GLU A 938 80.15 13.50 -1.41
CA GLU A 938 81.11 14.51 -1.83
C GLU A 938 81.97 14.10 -3.02
N ARG A 939 81.86 12.85 -3.49
CA ARG A 939 82.87 12.27 -4.38
C ARG A 939 82.98 13.02 -5.71
N VAL A 940 81.84 13.30 -6.35
CA VAL A 940 81.83 13.89 -7.68
C VAL A 940 82.38 15.31 -7.64
N ALA A 941 82.13 16.04 -6.55
CA ALA A 941 82.68 17.39 -6.41
C ALA A 941 84.20 17.38 -6.37
N TYR A 942 84.79 16.44 -5.61
CA TYR A 942 86.24 16.33 -5.58
C TYR A 942 86.82 15.92 -6.92
N VAL A 943 86.16 14.98 -7.63
CA VAL A 943 86.68 14.57 -8.93
C VAL A 943 86.66 15.75 -9.91
N ARG A 944 85.57 16.52 -9.93
CA ARG A 944 85.49 17.70 -10.78
C ARG A 944 86.56 18.73 -10.41
N ALA A 945 86.73 18.97 -9.11
CA ALA A 945 87.68 19.99 -8.65
C ALA A 945 89.11 19.62 -9.02
N TYR A 946 89.52 18.37 -8.76
CA TYR A 946 90.86 17.95 -9.12
C TYR A 946 91.09 17.96 -10.63
N ALA A 947 90.08 17.57 -11.42
CA ALA A 947 90.24 17.61 -12.87
C ALA A 947 90.42 19.04 -13.36
N LEU A 948 89.67 19.98 -12.79
CA LEU A 948 89.78 21.37 -13.21
C LEU A 948 91.12 21.96 -12.80
N GLN A 949 91.60 21.63 -11.59
CA GLN A 949 92.90 22.12 -11.15
C GLN A 949 94.02 21.56 -12.03
N ALA A 950 93.94 20.27 -12.38
CA ALA A 950 94.95 19.67 -13.23
C ALA A 950 94.96 20.29 -14.62
N ASN A 951 93.79 20.52 -15.21
CA ASN A 951 93.77 21.10 -16.55
C ASN A 951 94.10 22.58 -16.54
N LEU A 952 93.94 23.26 -15.40
CA LEU A 952 94.38 24.65 -15.32
C LEU A 952 95.90 24.76 -15.41
N MET A 953 96.62 23.79 -14.87
CA MET A 953 98.07 23.79 -14.90
C MET A 953 98.65 23.13 -16.15
N GLY A 954 97.82 22.87 -17.17
CA GLY A 954 98.30 22.31 -18.41
C GLY A 954 98.62 20.83 -18.37
N SER A 955 98.17 20.12 -17.34
CA SER A 955 98.32 18.67 -17.25
C SER A 955 97.07 17.97 -17.78
N GLN A 956 97.00 16.67 -17.56
CA GLN A 956 95.75 15.92 -17.57
C GLN A 956 95.74 15.02 -16.35
N LEU A 957 94.58 14.91 -15.71
CA LEU A 957 94.48 14.16 -14.47
C LEU A 957 94.70 12.68 -14.71
N ALA A 958 95.42 12.04 -13.78
CA ALA A 958 95.70 10.62 -13.86
C ALA A 958 95.38 9.99 -12.51
N LEU A 959 95.30 8.65 -12.53
CA LEU A 959 94.89 7.89 -11.34
C LEU A 959 95.89 8.09 -10.20
N SER A 960 97.17 8.21 -10.54
CA SER A 960 98.21 8.36 -9.52
C SER A 960 98.14 9.69 -8.77
N ASP A 961 97.38 10.66 -9.28
CA ASP A 961 97.18 11.90 -8.53
C ASP A 961 96.24 11.69 -7.35
N LEU A 962 95.20 10.88 -7.54
CA LEU A 962 94.18 10.65 -6.53
C LEU A 962 94.55 9.56 -5.54
N ALA A 963 95.61 8.81 -5.80
CA ALA A 963 95.93 7.66 -4.98
C ALA A 963 96.65 8.06 -3.70
N SER A 964 96.40 7.31 -2.63
CA SER A 964 97.13 7.48 -1.38
C SER A 964 98.47 6.75 -1.46
N THR A 965 99.24 6.82 -0.35
CA THR A 965 100.63 6.35 -0.34
C THR A 965 100.76 4.87 -0.68
N GLU A 966 99.91 4.02 -0.09
CA GLU A 966 100.02 2.58 -0.26
C GLU A 966 99.78 2.18 -1.71
N VAL A 967 98.72 2.73 -2.31
CA VAL A 967 98.40 2.36 -3.68
C VAL A 967 99.36 3.01 -4.67
N LYS A 968 99.96 4.16 -4.33
CA LYS A 968 101.02 4.72 -5.15
C LYS A 968 102.24 3.81 -5.18
N LYS A 969 102.66 3.32 -4.01
CA LYS A 969 103.76 2.36 -3.96
C LYS A 969 103.42 1.07 -4.68
N GLU A 970 102.15 0.64 -4.59
CA GLU A 970 101.71 -0.54 -5.34
C GLU A 970 101.78 -0.30 -6.84
N LEU A 971 101.37 0.87 -7.31
CA LEU A 971 101.47 1.24 -8.72
C LEU A 971 102.91 1.51 -9.15
N MET A 972 103.87 1.52 -8.23
CA MET A 972 105.27 1.55 -8.64
C MET A 972 105.93 0.17 -8.67
N ALA A 973 105.19 -0.90 -8.37
CA ALA A 973 105.75 -2.24 -8.45
C ALA A 973 105.58 -2.82 -9.86
N GLU A 974 106.27 -3.92 -10.14
CA GLU A 974 106.21 -4.55 -11.46
C GLU A 974 105.84 -6.03 -11.42
N LYS A 975 106.41 -6.79 -10.47
CA LYS A 975 106.23 -8.24 -10.43
C LYS A 975 105.03 -8.63 -9.56
N ARG A 976 103.86 -8.13 -9.94
CA ARG A 976 102.64 -8.35 -9.17
C ARG A 976 101.63 -9.15 -9.97
N HIS A 977 101.19 -10.27 -9.40
CA HIS A 977 99.95 -10.91 -9.84
C HIS A 977 98.76 -10.37 -9.08
N GLY A 978 98.97 -9.87 -7.86
CA GLY A 978 97.88 -9.46 -7.02
C GLY A 978 97.40 -8.04 -7.32
N GLU A 979 96.27 -7.70 -6.72
CA GLU A 979 95.69 -6.37 -6.82
C GLU A 979 94.81 -6.15 -5.60
N SER A 980 95.17 -5.14 -4.80
CA SER A 980 94.49 -4.91 -3.53
C SER A 980 93.06 -4.44 -3.73
N ASP A 981 92.21 -4.79 -2.77
CA ASP A 981 90.77 -4.51 -2.87
C ASP A 981 90.47 -3.02 -2.82
N ASP A 982 91.22 -2.25 -2.03
CA ASP A 982 90.99 -0.81 -2.00
C ASP A 982 91.42 -0.15 -3.30
N LEU A 983 92.43 -0.71 -3.96
CA LEU A 983 92.77 -0.27 -5.30
C LEU A 983 91.65 -0.58 -6.27
N ARG A 984 91.01 -1.74 -6.11
CA ARG A 984 89.88 -2.10 -6.96
C ARG A 984 88.74 -1.14 -6.74
N GLN A 985 88.51 -0.75 -5.48
CA GLN A 985 87.47 0.22 -5.14
C GLN A 985 87.75 1.58 -5.78
N LEU A 986 89.01 2.02 -5.70
CA LEU A 986 89.38 3.30 -6.29
C LEU A 986 89.20 3.28 -7.80
N LYS A 987 89.52 2.16 -8.44
CA LYS A 987 89.26 2.03 -9.88
C LYS A 987 87.77 2.01 -10.19
N GLN A 988 86.99 1.29 -9.38
CA GLN A 988 85.59 1.06 -9.71
C GLN A 988 84.74 2.30 -9.46
N TYR A 989 85.00 3.03 -8.38
CA TYR A 989 84.14 4.13 -7.97
C TYR A 989 84.62 5.50 -8.41
N SER A 990 85.90 5.63 -8.77
CA SER A 990 86.44 6.94 -9.13
C SER A 990 87.15 6.89 -10.49
N GLY A 991 87.77 5.75 -10.80
CA GLY A 991 88.64 5.68 -11.96
C GLY A 991 87.91 5.90 -13.28
N VAL A 992 86.74 5.25 -13.43
CA VAL A 992 86.01 5.26 -14.69
C VAL A 992 85.55 6.66 -15.09
N LEU A 993 85.53 7.60 -14.16
CA LEU A 993 85.14 8.97 -14.45
C LEU A 993 86.29 9.85 -14.93
N ILE A 994 87.54 9.44 -14.71
CA ILE A 994 88.71 10.22 -15.07
C ILE A 994 88.82 10.52 -16.57
N PRO A 995 88.53 9.60 -17.51
CA PRO A 995 88.51 10.02 -18.92
C PRO A 995 87.46 11.07 -19.26
N TRP A 996 86.33 11.09 -18.56
CA TRP A 996 85.27 12.03 -18.90
C TRP A 996 85.56 13.44 -18.42
N TYR A 997 85.88 13.61 -17.14
CA TYR A 997 85.99 14.95 -16.58
C TYR A 997 87.20 15.71 -17.11
N ASN A 998 88.17 15.01 -17.71
CA ASN A 998 89.20 15.72 -18.46
C ASN A 998 88.58 16.41 -19.68
N LEU A 999 87.81 15.66 -20.48
CA LEU A 999 87.23 16.22 -21.70
C LEU A 999 86.31 17.39 -21.42
N TRP A 1000 85.44 17.25 -20.40
CA TRP A 1000 84.61 18.35 -19.93
C TRP A 1000 85.45 19.59 -19.64
N ALA A 1001 86.54 19.41 -18.90
CA ALA A 1001 87.41 20.53 -18.58
C ALA A 1001 87.99 21.14 -19.83
N LYS A 1002 88.38 20.30 -20.80
CA LYS A 1002 88.97 20.80 -22.04
C LYS A 1002 87.96 21.62 -22.83
N VAL A 1003 86.67 21.36 -22.64
CA VAL A 1003 85.69 22.22 -23.31
C VAL A 1003 85.51 23.52 -22.55
N ILE A 1004 85.56 23.46 -21.20
CA ILE A 1004 85.32 24.64 -20.38
C ILE A 1004 86.39 25.70 -20.63
N LEU A 1005 87.64 25.27 -20.68
CA LEU A 1005 88.74 26.20 -20.92
C LEU A 1005 88.89 26.59 -22.38
N GLY A 1006 88.09 26.03 -23.29
CA GLY A 1006 88.21 26.39 -24.69
C GLY A 1006 89.36 25.73 -25.42
N LYS A 1007 89.93 24.67 -24.87
CA LYS A 1007 91.04 23.95 -25.47
C LYS A 1007 90.58 22.86 -26.42
N THR A 1008 89.27 22.71 -26.61
CA THR A 1008 88.69 21.71 -27.48
C THR A 1008 87.37 22.28 -27.95
N ARG A 1009 87.01 22.03 -29.21
CA ARG A 1009 85.84 22.67 -29.79
C ARG A 1009 84.98 21.65 -30.52
N LYS A 1010 83.86 22.14 -31.04
CA LYS A 1010 82.82 21.32 -31.64
C LYS A 1010 83.32 20.47 -32.80
N ALA A 1011 84.18 21.05 -33.65
CA ALA A 1011 84.53 20.48 -34.95
C ALA A 1011 85.31 19.17 -34.85
N ASP A 1012 85.76 18.76 -33.66
CA ASP A 1012 86.42 17.47 -33.54
C ASP A 1012 85.82 16.66 -32.38
N LEU A 1013 84.68 17.09 -31.86
CA LEU A 1013 84.16 16.55 -30.61
C LEU A 1013 83.81 15.06 -30.73
N GLU A 1014 83.32 14.64 -31.91
CA GLU A 1014 82.97 13.23 -32.13
C GLU A 1014 84.18 12.32 -31.96
N SER A 1015 85.38 12.82 -32.30
CA SER A 1015 86.58 12.01 -32.10
C SER A 1015 86.84 11.81 -30.61
N GLU A 1016 86.67 12.87 -29.82
CA GLU A 1016 86.97 12.77 -28.40
C GLU A 1016 85.97 11.89 -27.68
N LEU A 1017 84.69 12.00 -28.04
CA LEU A 1017 83.67 11.20 -27.36
C LEU A 1017 83.87 9.72 -27.61
N SER A 1018 83.98 9.33 -28.89
CA SER A 1018 84.00 7.92 -29.25
C SER A 1018 85.22 7.21 -28.67
N ASP A 1019 86.35 7.92 -28.59
CA ASP A 1019 87.52 7.37 -27.91
C ASP A 1019 87.27 7.24 -26.42
N THR A 1020 86.72 8.29 -25.80
CA THR A 1020 86.56 8.30 -24.34
C THR A 1020 85.63 7.19 -23.88
N GLN A 1021 84.55 6.95 -24.64
CA GLN A 1021 83.63 5.86 -24.32
C GLN A 1021 84.34 4.51 -24.34
N LYS A 1022 85.33 4.34 -25.23
CA LYS A 1022 86.16 3.15 -25.16
C LYS A 1022 87.06 3.19 -23.94
N GLU A 1023 87.72 4.33 -23.70
CA GLU A 1023 88.75 4.42 -22.66
C GLU A 1023 88.18 4.18 -21.26
N SER A 1024 86.95 4.63 -21.02
CA SER A 1024 86.28 4.33 -19.77
C SER A 1024 85.99 2.84 -19.64
N THR A 1025 85.52 2.22 -20.73
CA THR A 1025 85.02 0.85 -20.66
C THR A 1025 86.17 -0.14 -20.43
N ALA A 1026 87.36 0.16 -20.94
CA ALA A 1026 88.53 -0.64 -20.65
C ALA A 1026 88.88 -0.63 -19.16
N ILE A 1027 88.53 0.43 -18.45
CA ILE A 1027 88.75 0.46 -17.02
C ILE A 1027 87.59 -0.24 -16.30
N LYS A 1028 86.43 -0.33 -16.97
CA LYS A 1028 85.19 -0.71 -16.29
C LYS A 1028 85.22 -2.16 -15.81
N GLY A 1029 85.57 -3.09 -16.70
CA GLY A 1029 85.56 -4.50 -16.35
C GLY A 1029 84.15 -5.01 -16.07
N HIS A 1030 84.04 -5.88 -15.05
CA HIS A 1030 82.77 -6.50 -14.67
C HIS A 1030 81.94 -5.56 -13.82
N SER A 1031 80.84 -5.05 -14.41
CA SER A 1031 79.75 -4.46 -13.61
C SER A 1031 78.72 -5.56 -13.33
N TYR A 1032 79.11 -6.49 -12.46
CA TYR A 1032 78.26 -7.64 -12.16
C TYR A 1032 77.03 -7.26 -11.35
N SER A 1033 77.08 -6.15 -10.62
CA SER A 1033 75.90 -5.66 -9.92
C SER A 1033 75.05 -4.81 -10.87
N GLU A 1034 73.73 -4.97 -10.76
CA GLU A 1034 72.81 -4.11 -11.50
C GLU A 1034 72.50 -2.82 -10.75
N HIS A 1035 72.98 -2.67 -9.51
CA HIS A 1035 72.77 -1.47 -8.71
C HIS A 1035 73.90 -0.45 -8.85
N SER A 1036 74.66 -0.50 -9.95
CA SER A 1036 75.73 0.46 -10.18
C SER A 1036 75.17 1.87 -10.38
N LEU A 1037 75.81 2.84 -9.73
CA LEU A 1037 75.44 4.24 -9.87
C LEU A 1037 76.10 4.92 -11.07
N SER A 1038 77.09 4.27 -11.69
CA SER A 1038 77.99 4.96 -12.60
C SER A 1038 77.32 5.37 -13.91
N SER A 1039 76.33 4.61 -14.38
CA SER A 1039 75.63 4.97 -15.61
C SER A 1039 74.91 6.31 -15.45
N ASN A 1040 74.31 6.51 -14.27
CA ASN A 1040 73.57 7.73 -13.99
C ASN A 1040 74.50 8.95 -13.98
N GLU A 1041 75.73 8.77 -13.51
CA GLU A 1041 76.70 9.86 -13.49
C GLU A 1041 77.24 10.14 -14.90
N ILE A 1042 77.50 9.08 -15.66
CA ILE A 1042 78.06 9.22 -17.01
C ILE A 1042 77.08 9.94 -17.92
N ALA A 1043 75.78 9.63 -17.79
CA ALA A 1043 74.77 10.32 -18.59
C ALA A 1043 74.77 11.82 -18.31
N ASN A 1044 74.91 12.21 -17.04
CA ASN A 1044 74.92 13.62 -16.68
C ASN A 1044 76.14 14.35 -17.26
N VAL A 1045 77.32 13.76 -17.09
CA VAL A 1045 78.51 14.45 -17.60
C VAL A 1045 78.51 14.52 -19.13
N TRP A 1046 77.95 13.49 -19.79
CA TRP A 1046 77.84 13.50 -21.25
C TRP A 1046 76.91 14.62 -21.73
N PHE A 1047 75.74 14.74 -21.08
CA PHE A 1047 74.79 15.78 -21.46
C PHE A 1047 75.36 17.17 -21.20
N ASP A 1048 76.09 17.34 -20.10
CA ASP A 1048 76.71 18.63 -19.81
C ASP A 1048 77.78 18.99 -20.85
N ILE A 1049 78.54 18.01 -21.31
CA ILE A 1049 79.55 18.26 -22.35
C ILE A 1049 78.87 18.73 -23.64
N LEU A 1050 77.77 18.06 -24.02
CA LEU A 1050 77.04 18.49 -25.21
C LEU A 1050 76.52 19.92 -25.07
N ILE A 1051 75.89 20.24 -23.94
CA ILE A 1051 75.29 21.57 -23.76
C ILE A 1051 76.35 22.65 -23.74
N GLU A 1052 77.51 22.38 -23.13
CA GLU A 1052 78.56 23.38 -23.12
C GLU A 1052 79.23 23.54 -24.47
N ALA A 1053 79.22 22.50 -25.32
CA ALA A 1053 79.87 22.61 -26.62
C ALA A 1053 79.16 23.63 -27.53
N GLY A 1054 77.83 23.65 -27.52
CA GLY A 1054 77.07 24.61 -28.30
C GLY A 1054 76.57 24.02 -29.61
N ASN A 1055 75.47 24.64 -30.10
CA ASN A 1055 74.79 24.25 -31.34
C ASN A 1055 74.39 22.78 -31.36
N VAL A 1056 73.72 22.34 -30.30
CA VAL A 1056 73.28 20.95 -30.20
C VAL A 1056 72.14 20.68 -31.18
N SER A 1057 71.91 19.38 -31.42
CA SER A 1057 70.84 18.93 -32.30
C SER A 1057 70.12 17.75 -31.64
N LYS A 1058 68.95 17.43 -32.20
CA LYS A 1058 68.08 16.40 -31.63
C LYS A 1058 68.72 15.01 -31.65
N ASP A 1059 69.42 14.68 -32.75
CA ASP A 1059 70.03 13.36 -32.88
C ASP A 1059 71.10 13.12 -31.82
N ASP A 1060 71.76 14.19 -31.35
CA ASP A 1060 72.79 14.06 -30.34
C ASP A 1060 72.21 13.55 -29.02
N VAL A 1061 71.10 14.14 -28.59
CA VAL A 1061 70.43 13.69 -27.38
C VAL A 1061 69.80 12.32 -27.58
N GLU A 1062 69.30 12.06 -28.80
CA GLU A 1062 68.77 10.74 -29.11
C GLU A 1062 69.84 9.66 -29.02
N ASN A 1063 71.11 10.01 -29.23
CA ASN A 1063 72.19 9.06 -28.99
C ASN A 1063 72.27 8.66 -27.52
N ILE A 1064 72.09 9.61 -26.61
CA ILE A 1064 72.09 9.29 -25.18
C ILE A 1064 70.89 8.42 -24.83
N ILE A 1065 69.73 8.74 -25.42
CA ILE A 1065 68.52 7.95 -25.19
C ILE A 1065 68.73 6.51 -25.66
N LYS A 1066 69.33 6.34 -26.84
CA LYS A 1066 69.58 5.00 -27.36
C LYS A 1066 70.61 4.25 -26.53
N TRP A 1067 71.64 4.95 -26.04
CA TRP A 1067 72.62 4.30 -25.17
C TRP A 1067 71.99 3.83 -23.87
N SER A 1068 70.94 4.52 -23.41
CA SER A 1068 70.28 4.10 -22.18
C SER A 1068 69.52 2.78 -22.31
N GLN A 1069 69.23 2.33 -23.54
CA GLN A 1069 68.41 1.12 -23.71
C GLN A 1069 69.18 -0.18 -23.48
N HIS A 1070 70.50 -0.17 -23.59
CA HIS A 1070 71.26 -1.40 -23.37
C HIS A 1070 71.23 -1.78 -21.90
N LYS A 1071 71.50 -3.07 -21.65
CA LYS A 1071 71.39 -3.62 -20.30
C LYS A 1071 72.42 -3.01 -19.36
N GLY A 1072 71.98 -2.64 -18.16
CA GLY A 1072 72.83 -2.05 -17.17
C GLY A 1072 73.02 -0.55 -17.29
N ASN A 1073 72.55 0.07 -18.37
CA ASN A 1073 72.68 1.51 -18.55
C ASN A 1073 71.51 2.24 -17.88
N ARG A 1074 71.36 2.02 -16.58
CA ARG A 1074 70.21 2.56 -15.84
C ARG A 1074 70.36 4.06 -15.61
N VAL A 1075 69.29 4.80 -15.88
CA VAL A 1075 69.23 6.23 -15.59
C VAL A 1075 68.01 6.48 -14.71
N PHE A 1076 68.21 7.19 -13.61
CA PHE A 1076 67.17 7.42 -12.62
C PHE A 1076 66.32 8.63 -12.99
N THR A 1077 65.11 8.68 -12.42
CA THR A 1077 64.12 9.69 -12.81
C THR A 1077 64.47 11.15 -12.53
N PRO A 1078 65.20 11.54 -11.47
CA PRO A 1078 65.57 12.97 -11.36
C PRO A 1078 66.44 13.48 -12.50
N THR A 1079 67.32 12.63 -13.02
CA THR A 1079 68.11 12.99 -14.19
C THR A 1079 67.21 13.25 -15.40
N LEU A 1080 66.19 12.41 -15.57
CA LEU A 1080 65.23 12.61 -16.65
C LEU A 1080 64.44 13.90 -16.48
N HIS A 1081 64.06 14.23 -15.23
CA HIS A 1081 63.38 15.50 -15.00
C HIS A 1081 64.28 16.68 -15.34
N ARG A 1082 65.56 16.59 -14.99
CA ARG A 1082 66.50 17.66 -15.33
C ARG A 1082 66.63 17.83 -16.83
N PHE A 1083 66.71 16.72 -17.57
CA PHE A 1083 66.75 16.81 -19.03
C PHE A 1083 65.46 17.43 -19.60
N SER A 1084 64.31 17.04 -19.04
CA SER A 1084 63.04 17.61 -19.48
C SER A 1084 62.99 19.10 -19.26
N SER A 1085 63.56 19.56 -18.13
CA SER A 1085 63.54 20.98 -17.81
C SER A 1085 64.47 21.76 -18.73
N VAL A 1086 65.69 21.25 -18.93
CA VAL A 1086 66.69 21.98 -19.72
C VAL A 1086 66.29 22.05 -21.19
N CYS A 1087 65.76 20.95 -21.76
CA CYS A 1087 65.40 20.97 -23.17
C CYS A 1087 64.21 21.87 -23.48
N ALA A 1088 63.46 22.33 -22.47
CA ALA A 1088 62.34 23.22 -22.73
C ALA A 1088 62.80 24.63 -23.08
N GLU A 1089 63.94 25.07 -22.53
CA GLU A 1089 64.43 26.42 -22.79
C GLU A 1089 65.24 26.51 -24.06
N ILE A 1090 65.90 25.43 -24.47
CA ILE A 1090 66.66 25.43 -25.72
C ILE A 1090 65.69 25.40 -26.89
N SER A 1091 65.86 26.33 -27.81
CA SER A 1091 64.95 26.44 -28.96
C SER A 1091 65.16 25.29 -29.94
N GLY A 1092 64.07 24.62 -30.31
CA GLY A 1092 64.10 23.55 -31.29
C GLY A 1092 64.20 22.14 -30.73
N LEU A 1093 64.33 21.97 -29.42
CA LEU A 1093 64.41 20.65 -28.80
C LEU A 1093 63.15 20.25 -28.06
N GLY A 1094 62.04 20.96 -28.26
CA GLY A 1094 60.92 20.88 -27.35
C GLY A 1094 60.25 19.52 -27.24
N GLU A 1095 60.21 18.76 -28.34
CA GLU A 1095 59.47 17.50 -28.35
C GLU A 1095 60.05 16.49 -27.37
N LEU A 1096 61.37 16.52 -27.18
CA LEU A 1096 62.02 15.64 -26.22
C LEU A 1096 61.52 15.87 -24.80
N SER A 1097 61.05 17.09 -24.52
CA SER A 1097 60.47 17.40 -23.21
C SER A 1097 59.26 16.53 -22.91
N TYR A 1098 58.50 16.15 -23.93
CA TYR A 1098 57.46 15.15 -23.69
C TYR A 1098 58.06 13.76 -23.52
N HIS A 1099 59.04 13.43 -24.39
CA HIS A 1099 59.59 12.08 -24.44
C HIS A 1099 60.18 11.67 -23.10
N PHE A 1100 61.09 12.50 -22.58
CA PHE A 1100 61.74 12.24 -21.30
C PHE A 1100 60.73 12.16 -20.16
N ALA A 1101 59.59 12.84 -20.29
CA ALA A 1101 58.56 12.73 -19.26
C ALA A 1101 57.94 11.33 -19.27
N GLU A 1102 57.50 10.87 -20.45
CA GLU A 1102 56.73 9.62 -20.50
C GLU A 1102 57.57 8.42 -20.11
N LEU A 1103 58.84 8.42 -20.54
CA LEU A 1103 59.78 7.39 -20.10
C LEU A 1103 59.93 7.41 -18.58
N ALA A 1104 60.03 8.60 -18.00
CA ALA A 1104 60.15 8.72 -16.55
C ALA A 1104 58.89 8.25 -15.85
N LEU A 1105 57.76 8.26 -16.54
CA LEU A 1105 56.56 7.71 -15.93
C LEU A 1105 56.59 6.19 -15.92
N SER A 1106 57.20 5.59 -16.94
CA SER A 1106 57.09 4.14 -17.13
C SER A 1106 57.81 3.33 -16.06
N LEU A 1107 58.76 3.93 -15.34
CA LEU A 1107 59.59 3.15 -14.43
C LEU A 1107 58.89 2.77 -13.14
N TRP A 1108 57.84 3.49 -12.75
CA TRP A 1108 57.17 3.26 -11.47
C TRP A 1108 55.65 3.22 -11.53
N ARG A 1109 55.04 3.48 -12.69
CA ARG A 1109 53.59 3.59 -12.77
C ARG A 1109 52.90 2.24 -12.58
N ASP A 1110 53.57 1.13 -12.87
CA ASP A 1110 52.94 -0.18 -12.88
C ASP A 1110 52.94 -0.90 -11.54
N GLU A 1111 53.84 -0.55 -10.62
CA GLU A 1111 54.15 -1.39 -9.47
C GLU A 1111 53.58 -0.82 -8.18
N HIS A 1112 53.60 -1.65 -7.13
CA HIS A 1112 53.03 -1.29 -5.83
C HIS A 1112 53.91 -0.29 -5.10
N SER A 1113 53.28 0.77 -4.58
CA SER A 1113 53.86 1.67 -3.59
C SER A 1113 52.71 2.43 -2.93
N ASP A 1114 53.01 3.08 -1.82
CA ASP A 1114 51.97 3.82 -1.11
C ASP A 1114 51.61 5.10 -1.86
N ALA A 1115 50.48 5.69 -1.46
CA ALA A 1115 49.86 6.77 -2.22
C ALA A 1115 50.69 8.05 -2.21
N GLN A 1116 51.39 8.33 -1.11
CA GLN A 1116 52.07 9.61 -0.97
C GLN A 1116 53.28 9.72 -1.90
N ILE A 1117 54.04 8.62 -2.03
CA ILE A 1117 55.16 8.56 -2.96
C ILE A 1117 54.68 8.74 -4.39
N LYS A 1118 53.58 8.06 -4.74
CA LYS A 1118 53.04 8.12 -6.08
C LYS A 1118 52.52 9.51 -6.42
N ALA A 1119 51.97 10.21 -5.42
CA ALA A 1119 51.54 11.59 -5.61
C ALA A 1119 52.73 12.52 -5.84
N ASP A 1120 53.80 12.32 -5.06
CA ASP A 1120 55.00 13.15 -5.24
C ASP A 1120 55.63 12.97 -6.61
N GLY A 1121 55.52 11.77 -7.18
CA GLY A 1121 56.00 11.56 -8.54
C GLY A 1121 55.26 12.39 -9.58
N TYR A 1122 53.93 12.47 -9.46
CA TYR A 1122 53.18 13.30 -10.38
C TYR A 1122 53.40 14.79 -10.14
N ILE A 1123 53.64 15.20 -8.89
CA ILE A 1123 53.99 16.60 -8.64
C ILE A 1123 55.30 16.96 -9.34
N ASP A 1124 56.30 16.07 -9.30
CA ASP A 1124 57.55 16.33 -10.01
C ASP A 1124 57.36 16.37 -11.52
N LEU A 1125 56.55 15.45 -12.07
CA LEU A 1125 56.25 15.49 -13.50
C LEU A 1125 55.57 16.79 -13.89
N SER A 1126 54.63 17.26 -13.08
CA SER A 1126 53.94 18.51 -13.35
C SER A 1126 54.89 19.71 -13.31
N ARG A 1127 55.78 19.75 -12.32
CA ARG A 1127 56.71 20.88 -12.19
C ARG A 1127 57.72 20.91 -13.33
N SER A 1128 58.02 19.75 -13.94
CA SER A 1128 59.04 19.75 -14.98
C SER A 1128 58.62 20.48 -16.26
N LEU A 1129 57.33 20.70 -16.50
CA LEU A 1129 56.82 21.15 -17.79
C LEU A 1129 56.15 22.52 -17.76
N ILE A 1130 56.28 23.31 -16.69
CA ILE A 1130 55.52 24.55 -16.56
C ILE A 1130 55.87 25.57 -17.63
N SER A 1131 57.17 25.70 -17.95
CA SER A 1131 57.59 26.75 -18.87
C SER A 1131 57.17 26.48 -20.31
N LEU A 1132 56.86 25.23 -20.65
CA LEU A 1132 56.62 24.83 -22.03
C LEU A 1132 55.15 24.77 -22.41
N ASP A 1133 54.36 23.94 -21.72
CA ASP A 1133 53.00 23.61 -22.14
C ASP A 1133 52.16 23.46 -20.87
N GLU A 1134 51.55 24.58 -20.47
CA GLU A 1134 50.78 24.62 -19.22
C GLU A 1134 49.49 23.77 -19.22
N PRO A 1135 48.69 23.70 -20.29
CA PRO A 1135 47.56 22.75 -20.26
C PRO A 1135 47.96 21.30 -20.15
N GLU A 1136 49.17 20.95 -20.56
CA GLU A 1136 49.63 19.60 -20.27
C GLU A 1136 50.09 19.46 -18.82
N ALA A 1137 50.70 20.50 -18.28
CA ALA A 1137 51.16 20.47 -16.89
C ALA A 1137 50.01 20.36 -15.91
N LYS A 1138 48.82 20.86 -16.28
CA LYS A 1138 47.68 20.80 -15.37
C LYS A 1138 47.21 19.37 -15.15
N GLU A 1139 47.30 18.53 -16.20
CA GLU A 1139 46.72 17.19 -16.15
C GLU A 1139 47.43 16.29 -15.15
N TYR A 1140 48.76 16.38 -15.07
CA TYR A 1140 49.49 15.59 -14.09
C TYR A 1140 49.20 16.06 -12.67
N PHE A 1141 48.93 17.35 -12.49
CA PHE A 1141 48.47 17.83 -11.19
C PHE A 1141 47.14 17.23 -10.81
N ASN A 1142 46.23 17.08 -11.78
CA ASN A 1142 44.96 16.42 -11.48
C ASN A 1142 45.15 14.95 -11.13
N GLN A 1143 46.09 14.28 -11.79
CA GLN A 1143 46.43 12.91 -11.40
C GLN A 1143 46.99 12.86 -9.98
N ALA A 1144 47.84 13.83 -9.62
CA ALA A 1144 48.42 13.89 -8.28
C ALA A 1144 47.33 14.08 -7.23
N ILE A 1145 46.32 14.89 -7.52
CA ILE A 1145 45.21 15.06 -6.59
C ILE A 1145 44.37 13.78 -6.52
N GLU A 1146 44.15 13.14 -7.67
CA GLU A 1146 43.28 11.97 -7.72
C GLU A 1146 43.85 10.78 -6.94
N VAL A 1147 45.17 10.56 -7.02
CA VAL A 1147 45.76 9.33 -6.50
C VAL A 1147 45.72 9.20 -4.98
N THR A 1148 45.41 10.27 -4.25
CA THR A 1148 45.59 10.30 -2.80
C THR A 1148 44.61 9.42 -2.01
N ASN A 1149 43.58 8.86 -2.64
CA ASN A 1149 42.61 8.02 -1.93
C ASN A 1149 43.13 6.63 -1.58
N LYS A 1150 44.14 6.13 -2.28
CA LYS A 1150 44.47 4.71 -2.25
C LYS A 1150 45.19 4.34 -0.95
N LEU A 1151 45.75 3.13 -0.93
CA LEU A 1151 46.31 2.55 0.30
C LEU A 1151 47.52 3.33 0.79
N GLY A 1152 47.73 3.28 2.10
CA GLY A 1152 48.79 4.03 2.75
C GLY A 1152 48.96 3.63 4.20
N ASP A 1153 49.22 4.61 5.08
CA ASP A 1153 49.42 4.31 6.48
C ASP A 1153 48.14 3.93 7.21
N GLU A 1154 46.96 4.15 6.62
CA GLU A 1154 45.72 3.78 7.28
C GLU A 1154 45.49 2.28 7.34
N ASN A 1155 46.27 1.50 6.60
CA ASN A 1155 46.24 0.06 6.80
C ASN A 1155 46.87 -0.27 8.16
N LEU A 1156 46.58 -1.48 8.62
CA LEU A 1156 46.76 -2.02 9.98
C LEU A 1156 45.75 -1.42 10.95
N SER A 1157 45.02 -0.38 10.52
CA SER A 1157 43.83 0.04 11.24
C SER A 1157 42.58 -0.57 10.64
N ARG A 1158 42.55 -0.67 9.31
CA ARG A 1158 41.46 -1.34 8.61
C ARG A 1158 41.47 -2.85 8.89
N TRP A 1159 42.67 -3.43 8.96
CA TRP A 1159 42.81 -4.87 9.15
C TRP A 1159 42.32 -5.30 10.52
N GLU A 1160 42.48 -4.44 11.53
CA GLU A 1160 41.92 -4.73 12.84
C GLU A 1160 40.40 -4.76 12.84
N ALA A 1161 39.76 -3.88 12.07
CA ALA A 1161 38.30 -3.93 11.95
C ALA A 1161 37.86 -5.20 11.25
N ILE A 1162 38.59 -5.61 10.21
CA ILE A 1162 38.28 -6.86 9.51
C ILE A 1162 38.40 -8.06 10.45
N LEU A 1163 39.45 -8.11 11.26
CA LEU A 1163 39.61 -9.19 12.23
C LEU A 1163 38.52 -9.16 13.30
N ASP A 1164 38.12 -7.96 13.73
CA ASP A 1164 37.07 -7.85 14.75
C ASP A 1164 35.73 -8.35 14.23
N LEU A 1165 35.44 -8.14 12.94
CA LEU A 1165 34.25 -8.72 12.36
C LEU A 1165 34.38 -10.25 12.25
N ALA A 1166 35.51 -10.71 11.73
CA ALA A 1166 35.69 -12.12 11.40
C ALA A 1166 35.65 -13.00 12.65
N GLU A 1167 36.31 -12.57 13.72
CA GLU A 1167 36.29 -13.43 14.90
C GLU A 1167 34.98 -13.34 15.67
N TYR A 1168 34.13 -12.36 15.38
CA TYR A 1168 32.75 -12.43 15.87
C TYR A 1168 31.95 -13.47 15.12
N VAL A 1169 32.07 -13.47 13.78
CA VAL A 1169 31.18 -14.34 13.00
C VAL A 1169 31.66 -15.80 13.01
N ALA A 1170 32.94 -16.04 13.34
CA ALA A 1170 33.63 -17.29 13.00
C ALA A 1170 32.96 -18.54 13.56
N GLY A 1171 32.74 -18.58 14.87
CA GLY A 1171 32.29 -19.82 15.48
C GLY A 1171 30.80 -20.11 15.36
N LYS A 1172 30.02 -19.19 14.81
CA LYS A 1172 28.57 -19.28 14.89
C LYS A 1172 27.93 -19.99 13.71
N THR A 1173 28.50 -19.91 12.51
CA THR A 1173 27.81 -20.44 11.33
C THR A 1173 28.81 -21.02 10.33
N GLN A 1174 28.27 -21.80 9.40
CA GLN A 1174 29.00 -22.23 8.23
C GLN A 1174 29.29 -21.06 7.31
N VAL A 1175 30.46 -21.07 6.69
CA VAL A 1175 30.93 -19.96 5.85
C VAL A 1175 31.24 -20.51 4.46
N PRO A 1176 30.85 -19.85 3.38
CA PRO A 1176 31.23 -20.28 2.04
C PRO A 1176 32.73 -20.25 1.83
N PRO A 1177 33.27 -21.15 1.02
CA PRO A 1177 34.73 -21.22 0.81
C PRO A 1177 35.36 -19.98 0.22
N GLU A 1178 34.65 -19.26 -0.64
CA GLU A 1178 35.24 -18.11 -1.34
C GLU A 1178 35.53 -16.97 -0.37
N ILE A 1179 34.66 -16.79 0.63
CA ILE A 1179 34.87 -15.81 1.68
C ILE A 1179 36.12 -16.14 2.47
N SER A 1180 36.34 -17.44 2.72
CA SER A 1180 37.56 -17.87 3.41
C SER A 1180 38.81 -17.63 2.57
N TYR A 1181 38.71 -17.82 1.26
CA TYR A 1181 39.89 -17.65 0.39
C TYR A 1181 40.30 -16.18 0.29
N LYS A 1182 39.33 -15.27 0.12
CA LYS A 1182 39.67 -13.88 -0.15
C LYS A 1182 40.34 -13.21 1.04
N LEU A 1183 40.03 -13.64 2.27
CA LEU A 1183 40.69 -13.11 3.45
C LEU A 1183 42.18 -13.40 3.44
N ALA A 1184 42.57 -14.64 3.08
CA ALA A 1184 43.98 -14.98 2.99
C ALA A 1184 44.67 -14.25 1.84
N ARG A 1185 43.96 -14.06 0.73
CA ARG A 1185 44.53 -13.28 -0.38
C ARG A 1185 44.82 -11.84 0.06
N CYS A 1186 43.89 -11.23 0.78
CA CYS A 1186 44.10 -9.86 1.24
C CYS A 1186 45.16 -9.78 2.34
N ALA A 1187 45.34 -10.85 3.12
CA ALA A 1187 46.46 -10.87 4.06
C ALA A 1187 47.80 -10.88 3.35
N GLU A 1188 47.91 -11.67 2.29
CA GLU A 1188 49.14 -11.64 1.48
C GLU A 1188 49.36 -10.28 0.85
N LEU A 1189 48.28 -9.60 0.45
CA LEU A 1189 48.42 -8.26 -0.10
C LEU A 1189 48.92 -7.27 0.95
N THR A 1190 48.28 -7.25 2.12
CA THR A 1190 48.60 -6.28 3.16
C THR A 1190 49.92 -6.54 3.86
N ARG A 1191 50.52 -7.72 3.71
CA ARG A 1191 51.88 -7.91 4.20
C ARG A 1191 52.91 -7.18 3.33
N GLU A 1192 52.56 -6.88 2.08
CA GLU A 1192 53.54 -6.27 1.17
C GLU A 1192 53.80 -4.81 1.48
N TYR A 1193 52.83 -4.07 2.02
CA TYR A 1193 52.98 -2.64 2.21
C TYR A 1193 53.73 -2.26 3.49
N VAL A 1194 53.77 -3.13 4.50
CA VAL A 1194 54.47 -2.78 5.73
C VAL A 1194 55.97 -2.84 5.49
N ASP A 1195 56.71 -2.14 6.35
CA ASP A 1195 58.17 -2.05 6.23
C ASP A 1195 58.89 -3.04 7.13
N ARG A 1196 58.54 -3.09 8.41
CA ARG A 1196 59.18 -3.99 9.36
C ARG A 1196 58.24 -5.14 9.67
N ASP A 1197 58.78 -6.36 9.71
CA ASP A 1197 57.95 -7.55 9.87
C ASP A 1197 57.27 -7.60 11.23
N LYS A 1198 57.86 -6.96 12.24
CA LYS A 1198 57.31 -6.98 13.59
C LYS A 1198 56.01 -6.18 13.72
N HIS A 1199 55.62 -5.41 12.72
CA HIS A 1199 54.39 -4.64 12.77
C HIS A 1199 53.17 -5.40 12.27
N PHE A 1200 53.34 -6.59 11.70
CA PHE A 1200 52.25 -7.34 11.12
C PHE A 1200 51.78 -8.42 12.09
N ALA A 1201 50.46 -8.60 12.19
CA ALA A 1201 49.85 -9.52 13.15
C ALA A 1201 49.75 -10.92 12.56
N TRP A 1202 50.79 -11.71 12.79
CA TRP A 1202 50.85 -13.07 12.27
C TRP A 1202 49.90 -14.01 13.01
N SER A 1203 50.09 -14.12 14.32
CA SER A 1203 49.42 -15.16 15.10
C SER A 1203 47.91 -14.96 15.14
N ASP A 1204 47.46 -13.71 15.28
CA ASP A 1204 46.02 -13.43 15.29
C ASP A 1204 45.37 -13.81 13.97
N THR A 1205 46.02 -13.47 12.85
CA THR A 1205 45.50 -13.82 11.54
C THR A 1205 45.41 -15.33 11.36
N VAL A 1206 46.47 -16.05 11.75
CA VAL A 1206 46.50 -17.50 11.58
C VAL A 1206 45.43 -18.16 12.43
N GLU A 1207 45.30 -17.73 13.69
CA GLU A 1207 44.32 -18.36 14.58
C GLU A 1207 42.89 -18.08 14.15
N ILE A 1208 42.58 -16.85 13.73
CA ILE A 1208 41.22 -16.53 13.32
C ILE A 1208 40.86 -17.26 12.02
N LEU A 1209 41.80 -17.33 11.07
CA LEU A 1209 41.55 -18.06 9.84
C LEU A 1209 41.33 -19.54 10.10
N ALA A 1210 42.15 -20.14 10.97
CA ALA A 1210 41.96 -21.54 11.33
C ALA A 1210 40.63 -21.77 12.02
N GLU A 1211 40.23 -20.86 12.90
CA GLU A 1211 38.99 -21.01 13.64
C GLU A 1211 37.76 -20.85 12.75
N LEU A 1212 37.85 -20.05 11.69
CA LEU A 1212 36.66 -19.77 10.88
C LEU A 1212 36.24 -20.98 10.04
N CYS A 1213 37.19 -21.66 9.42
CA CYS A 1213 36.89 -22.85 8.60
C CYS A 1213 38.11 -23.75 8.55
N PRO A 1214 38.11 -24.88 9.27
CA PRO A 1214 39.34 -25.70 9.37
C PRO A 1214 39.85 -26.29 8.06
N SER A 1215 38.95 -26.89 7.28
CA SER A 1215 39.34 -27.58 6.05
C SER A 1215 39.93 -26.64 5.03
N SER A 1216 39.48 -25.39 5.01
CA SER A 1216 40.04 -24.40 4.10
C SER A 1216 41.42 -23.93 4.57
N ALA A 1217 41.58 -23.82 5.89
CA ALA A 1217 42.86 -23.36 6.45
C ALA A 1217 43.98 -24.34 6.17
N LEU A 1218 43.70 -25.64 6.34
CA LEU A 1218 44.73 -26.64 6.07
C LEU A 1218 45.10 -26.68 4.59
N ALA A 1219 44.18 -26.33 3.71
CA ALA A 1219 44.51 -26.25 2.29
C ALA A 1219 45.35 -25.02 1.98
N ILE A 1220 45.01 -23.87 2.59
CA ILE A 1220 45.67 -22.61 2.26
C ILE A 1220 47.12 -22.60 2.76
N ILE A 1221 47.35 -23.04 4.00
CA ILE A 1221 48.71 -22.99 4.53
C ILE A 1221 49.64 -23.97 3.82
N SER A 1222 49.11 -24.95 3.10
CA SER A 1222 49.95 -25.83 2.31
C SER A 1222 50.46 -25.15 1.04
N ARG A 1223 49.65 -24.26 0.45
CA ARG A 1223 50.12 -23.51 -0.72
C ARG A 1223 51.07 -22.40 -0.34
N TRP A 1224 50.88 -21.81 0.85
CA TRP A 1224 51.85 -20.84 1.34
C TRP A 1224 53.26 -21.41 1.42
N ARG A 1225 53.40 -22.67 1.80
CA ARG A 1225 54.73 -23.25 1.91
C ARG A 1225 55.37 -23.51 0.54
N ASP A 1226 54.57 -23.72 -0.51
CA ASP A 1226 55.15 -23.72 -1.85
C ASP A 1226 55.63 -22.33 -2.24
N ARG A 1227 54.84 -21.30 -1.94
CA ARG A 1227 55.28 -19.94 -2.25
C ARG A 1227 56.38 -19.42 -1.34
N THR A 1228 56.72 -20.15 -0.27
CA THR A 1228 57.65 -19.74 0.77
C THR A 1228 57.21 -18.48 1.51
N PHE A 1229 55.90 -18.23 1.55
CA PHE A 1229 55.35 -17.11 2.31
C PHE A 1229 55.27 -17.50 3.78
N GLY A 1230 56.08 -16.88 4.61
CA GLY A 1230 56.01 -17.16 6.04
C GLY A 1230 56.77 -18.36 6.52
N ASN A 1231 57.80 -18.80 5.80
CA ASN A 1231 58.57 -19.96 6.22
C ASN A 1231 59.48 -19.70 7.41
N HIS A 1232 59.60 -18.47 7.87
CA HIS A 1232 60.37 -18.18 9.07
C HIS A 1232 59.54 -18.24 10.36
N ARG A 1233 58.24 -18.50 10.26
CA ARG A 1233 57.36 -18.63 11.41
C ARG A 1233 56.90 -20.07 11.59
N SER A 1234 56.32 -20.33 12.76
CA SER A 1234 55.79 -21.65 13.12
C SER A 1234 54.28 -21.75 12.91
N ILE A 1235 53.83 -21.64 11.65
CA ILE A 1235 52.39 -21.54 11.36
C ILE A 1235 51.65 -22.82 11.73
N LEU A 1236 52.26 -23.97 11.45
CA LEU A 1236 51.57 -25.26 11.64
C LEU A 1236 51.25 -25.54 13.09
N ALA A 1237 52.18 -25.21 14.00
CA ALA A 1237 51.94 -25.41 15.42
C ALA A 1237 50.78 -24.56 15.92
N TRP A 1238 50.74 -23.29 15.50
CA TRP A 1238 49.66 -22.40 15.89
C TRP A 1238 48.31 -22.94 15.42
N THR A 1239 48.24 -23.36 14.15
CA THR A 1239 46.99 -23.83 13.58
C THR A 1239 46.51 -25.09 14.28
N ILE A 1240 47.40 -26.07 14.45
CA ILE A 1240 47.02 -27.35 15.02
C ILE A 1240 46.61 -27.20 16.48
N GLU A 1241 47.38 -26.43 17.26
CA GLU A 1241 47.02 -26.26 18.67
C GLU A 1241 45.73 -25.49 18.85
N HIS A 1242 45.47 -24.47 18.02
CA HIS A 1242 44.21 -23.75 18.15
C HIS A 1242 43.02 -24.63 17.75
N LEU A 1243 43.18 -25.47 16.73
CA LEU A 1243 42.10 -26.40 16.39
C LEU A 1243 41.88 -27.44 17.48
N VAL A 1244 42.94 -27.86 18.17
CA VAL A 1244 42.78 -28.81 19.27
C VAL A 1244 42.03 -28.16 20.43
N LYS A 1245 42.38 -26.92 20.77
CA LYS A 1245 41.78 -26.26 21.92
C LYS A 1245 40.28 -26.03 21.73
N LYS A 1246 39.86 -25.68 20.53
CA LYS A 1246 38.45 -25.44 20.24
C LYS A 1246 37.67 -26.71 19.89
N ASN A 1247 38.23 -27.89 20.16
CA ASN A 1247 37.54 -29.18 20.03
C ASN A 1247 37.05 -29.47 18.62
N LYS A 1248 37.77 -28.99 17.60
CA LYS A 1248 37.41 -29.28 16.22
C LYS A 1248 38.27 -30.38 15.59
N ILE A 1249 39.34 -30.83 16.26
CA ILE A 1249 40.15 -31.94 15.78
C ILE A 1249 40.57 -32.77 16.97
N ASN A 1250 40.67 -34.09 16.77
CA ASN A 1250 40.99 -35.00 17.84
C ASN A 1250 42.49 -34.93 18.14
N ALA A 1251 42.84 -35.05 19.43
CA ALA A 1251 44.23 -34.92 19.84
C ALA A 1251 45.09 -36.06 19.33
N LEU A 1252 44.53 -37.27 19.24
CA LEU A 1252 45.29 -38.41 18.75
C LEU A 1252 45.60 -38.30 17.27
N ASP A 1253 44.84 -37.51 16.52
CA ASP A 1253 45.22 -37.21 15.14
C ASP A 1253 46.35 -36.19 15.09
N ALA A 1254 46.39 -35.27 16.05
CA ALA A 1254 47.33 -34.16 16.01
C ALA A 1254 48.69 -34.55 16.57
N LEU A 1255 48.73 -35.54 17.47
CA LEU A 1255 49.97 -35.91 18.13
C LEU A 1255 51.10 -36.41 17.21
N PRO A 1256 50.86 -37.25 16.18
CA PRO A 1256 51.99 -37.68 15.33
C PRO A 1256 52.65 -36.59 14.52
N LEU A 1257 52.07 -35.40 14.42
CA LEU A 1257 52.66 -34.34 13.62
C LEU A 1257 53.91 -33.72 14.23
N ILE A 1258 54.29 -34.09 15.46
CA ILE A 1258 55.48 -33.52 16.08
C ILE A 1258 56.78 -33.94 15.42
N THR A 1259 56.73 -34.83 14.42
CA THR A 1259 57.92 -35.16 13.66
C THR A 1259 58.32 -34.03 12.71
N PHE A 1260 57.42 -33.11 12.42
CA PHE A 1260 57.74 -31.87 11.72
C PHE A 1260 58.31 -30.88 12.73
N GLU A 1261 59.49 -30.34 12.46
CA GLU A 1261 60.23 -29.57 13.44
C GLU A 1261 59.66 -28.16 13.57
N ASN A 1262 59.02 -27.87 14.71
CA ASN A 1262 58.45 -26.56 15.01
C ASN A 1262 58.53 -26.33 16.52
N ASP A 1263 58.07 -25.16 16.96
CA ASP A 1263 58.00 -24.82 18.37
C ASP A 1263 56.72 -25.35 18.99
N TRP A 1264 56.66 -26.67 19.13
CA TRP A 1264 55.54 -27.34 19.75
C TRP A 1264 55.53 -27.16 21.26
N HIS A 1265 54.33 -27.17 21.84
CA HIS A 1265 54.14 -27.37 23.28
C HIS A 1265 53.68 -28.80 23.50
N LYS A 1266 54.66 -29.71 23.53
CA LYS A 1266 54.39 -31.14 23.50
C LYS A 1266 53.66 -31.64 24.74
N CYS A 1267 53.99 -31.06 25.91
CA CYS A 1267 53.35 -31.51 27.14
C CYS A 1267 51.87 -31.15 27.18
N ASP A 1268 51.49 -30.04 26.54
CA ASP A 1268 50.07 -29.68 26.47
C ASP A 1268 49.30 -30.67 25.60
N LEU A 1269 49.89 -31.10 24.48
CA LEU A 1269 49.26 -32.11 23.64
C LEU A 1269 49.12 -33.43 24.39
N LEU A 1270 50.17 -33.83 25.11
CA LEU A 1270 50.10 -35.07 25.87
C LEU A 1270 49.05 -34.98 26.98
N ASP A 1271 48.94 -33.83 27.64
CA ASP A 1271 47.93 -33.63 28.67
C ASP A 1271 46.53 -33.68 28.07
N SER A 1272 46.34 -33.13 26.86
CA SER A 1272 45.05 -33.23 26.20
C SER A 1272 44.72 -34.67 25.82
N VAL A 1273 45.74 -35.47 25.52
CA VAL A 1273 45.51 -36.89 25.23
C VAL A 1273 45.13 -37.63 26.51
N LEU A 1274 45.85 -37.39 27.60
CA LEU A 1274 45.58 -38.09 28.86
C LEU A 1274 44.21 -37.76 29.42
N SER A 1275 43.73 -36.54 29.18
CA SER A 1275 42.46 -36.11 29.73
C SER A 1275 41.27 -36.39 28.82
N SER A 1276 41.47 -37.12 27.72
CA SER A 1276 40.36 -37.36 26.81
C SER A 1276 40.04 -38.85 26.64
N CYS A 1277 41.05 -39.66 26.35
CA CYS A 1277 40.82 -41.02 25.92
C CYS A 1277 40.73 -41.98 27.10
N THR A 1278 39.83 -42.95 26.99
CA THR A 1278 39.59 -43.89 28.09
C THR A 1278 40.48 -45.12 28.02
N ASP A 1279 40.94 -45.50 26.81
CA ASP A 1279 41.69 -46.74 26.64
C ASP A 1279 43.10 -46.58 27.19
N ASP A 1280 43.55 -47.57 27.96
CA ASP A 1280 44.89 -47.52 28.57
C ASP A 1280 46.00 -47.67 27.54
N LYS A 1281 45.76 -48.49 26.50
CA LYS A 1281 46.72 -48.72 25.44
C LYS A 1281 47.11 -47.43 24.74
N ASP A 1282 46.12 -46.57 24.48
CA ASP A 1282 46.33 -45.34 23.73
C ASP A 1282 47.26 -44.40 24.48
N LYS A 1283 47.06 -44.26 25.79
CA LYS A 1283 47.91 -43.36 26.57
C LYS A 1283 49.32 -43.92 26.73
N ILE A 1284 49.45 -45.25 26.85
CA ILE A 1284 50.78 -45.86 26.87
C ILE A 1284 51.53 -45.56 25.58
N MET A 1285 50.86 -45.74 24.44
CA MET A 1285 51.46 -45.50 23.13
C MET A 1285 51.82 -44.03 22.96
N ALA A 1286 50.94 -43.13 23.40
CA ALA A 1286 51.19 -41.70 23.29
C ALA A 1286 52.42 -41.28 24.08
N PHE A 1287 52.58 -41.84 25.29
CA PHE A 1287 53.79 -41.56 26.06
C PHE A 1287 55.03 -42.05 25.34
N GLU A 1288 54.96 -43.23 24.73
CA GLU A 1288 56.10 -43.76 23.99
C GLU A 1288 56.50 -42.84 22.85
N VAL A 1289 55.52 -42.37 22.07
CA VAL A 1289 55.79 -41.55 20.90
C VAL A 1289 56.41 -40.21 21.31
N VAL A 1290 55.82 -39.56 22.32
CA VAL A 1290 56.33 -38.26 22.76
C VAL A 1290 57.74 -38.40 23.34
N TYR A 1291 57.97 -39.44 24.16
CA TYR A 1291 59.29 -39.64 24.75
C TYR A 1291 60.35 -39.91 23.70
N HIS A 1292 60.04 -40.71 22.68
CA HIS A 1292 61.03 -40.98 21.65
C HIS A 1292 61.36 -39.72 20.85
N TYR A 1293 60.33 -38.99 20.40
CA TYR A 1293 60.73 -37.82 19.62
C TYR A 1293 61.08 -36.59 20.46
N THR A 1294 61.21 -36.70 21.79
CA THR A 1294 61.79 -35.62 22.59
C THR A 1294 63.24 -35.92 22.99
N LYS A 1295 63.67 -37.18 22.87
CA LYS A 1295 64.83 -37.72 23.59
C LYS A 1295 66.14 -37.00 23.26
N PHE A 1296 66.35 -36.67 21.98
CA PHE A 1296 67.71 -36.42 21.50
C PHE A 1296 68.18 -34.97 21.64
N ASN A 1297 67.29 -34.01 21.90
CA ASN A 1297 67.69 -32.61 22.03
C ASN A 1297 67.38 -32.11 23.43
N VAL A 1298 68.14 -31.10 23.86
CA VAL A 1298 68.19 -30.70 25.26
C VAL A 1298 66.84 -30.18 25.76
N GLN A 1299 66.59 -30.40 27.05
CA GLN A 1299 65.41 -29.91 27.73
C GLN A 1299 65.78 -29.46 29.13
N ASN A 1300 64.99 -28.53 29.64
CA ASN A 1300 65.06 -28.15 31.05
C ASN A 1300 64.38 -29.20 31.92
N ILE A 1301 64.74 -29.22 33.21
CA ILE A 1301 64.31 -30.28 34.11
C ILE A 1301 62.82 -30.25 34.41
N GLN A 1302 62.16 -29.09 34.25
CA GLN A 1302 60.72 -29.00 34.51
C GLN A 1302 59.91 -29.87 33.56
N ASN A 1303 60.40 -30.06 32.34
CA ASN A 1303 59.76 -31.00 31.43
C ASN A 1303 59.99 -32.44 31.86
N LEU A 1304 61.22 -32.73 32.30
CA LEU A 1304 61.59 -34.10 32.64
C LEU A 1304 60.82 -34.62 33.84
N LYS A 1305 60.62 -33.77 34.86
CA LYS A 1305 59.87 -34.26 36.01
C LYS A 1305 58.39 -34.47 35.69
N LYS A 1306 57.82 -33.66 34.80
CA LYS A 1306 56.45 -33.89 34.34
C LYS A 1306 56.34 -35.23 33.62
N LEU A 1307 57.28 -35.51 32.72
CA LEU A 1307 57.28 -36.79 32.01
C LEU A 1307 57.46 -37.95 32.99
N ASP A 1308 58.32 -37.76 34.01
CA ASP A 1308 58.51 -38.78 35.02
C ASP A 1308 57.22 -39.05 35.79
N ALA A 1309 56.51 -37.99 36.17
CA ALA A 1309 55.26 -38.16 36.91
C ALA A 1309 54.21 -38.90 36.08
N ILE A 1310 54.10 -38.54 34.79
CA ILE A 1310 53.18 -39.25 33.91
C ILE A 1310 53.59 -40.73 33.77
N SER A 1311 54.90 -40.99 33.73
CA SER A 1311 55.38 -42.37 33.68
C SER A 1311 55.02 -43.14 34.95
N THR A 1312 55.11 -42.49 36.12
CA THR A 1312 54.67 -43.14 37.36
C THR A 1312 53.17 -43.41 37.34
N SER A 1313 52.39 -42.52 36.74
CA SER A 1313 50.95 -42.76 36.68
C SER A 1313 50.63 -43.91 35.73
N LEU A 1314 51.35 -44.03 34.62
CA LEU A 1314 51.08 -45.11 33.67
C LEU A 1314 51.56 -46.46 34.19
N GLY A 1315 52.62 -46.47 34.99
CA GLY A 1315 53.17 -47.73 35.46
C GLY A 1315 54.33 -48.22 34.63
N ILE A 1316 55.32 -47.34 34.44
CA ILE A 1316 56.60 -47.69 33.85
C ILE A 1316 57.66 -46.83 34.52
N GLU A 1317 58.86 -47.38 34.69
CA GLU A 1317 59.91 -46.77 35.51
C GLU A 1317 61.18 -46.67 34.68
N HIS A 1318 61.30 -45.58 33.92
CA HIS A 1318 62.49 -45.34 33.10
C HIS A 1318 63.66 -44.90 33.95
N THR A 1319 64.53 -45.85 34.33
CA THR A 1319 65.80 -45.51 34.97
C THR A 1319 66.64 -44.57 34.11
N GLU A 1320 66.50 -44.67 32.78
CA GLU A 1320 67.15 -43.74 31.87
C GLU A 1320 66.75 -42.30 32.16
N LEU A 1321 65.44 -42.08 32.33
CA LEU A 1321 64.94 -40.74 32.62
C LEU A 1321 65.36 -40.29 34.02
N LYS A 1322 65.39 -41.22 34.98
CA LYS A 1322 65.87 -40.93 36.33
C LYS A 1322 67.30 -40.41 36.30
N GLU A 1323 68.19 -41.15 35.62
CA GLU A 1323 69.60 -40.75 35.57
C GLU A 1323 69.78 -39.45 34.79
N ARG A 1324 69.03 -39.29 33.70
CA ARG A 1324 69.20 -38.11 32.87
C ARG A 1324 68.67 -36.85 33.55
N ILE A 1325 67.67 -36.97 34.43
CA ILE A 1325 67.26 -35.80 35.21
C ILE A 1325 68.20 -35.60 36.40
N SER A 1326 68.72 -36.69 36.98
CA SER A 1326 69.62 -36.57 38.12
C SER A 1326 70.93 -35.91 37.73
N GLY A 1327 71.36 -36.12 36.49
CA GLY A 1327 72.56 -35.46 35.99
C GLY A 1327 72.42 -33.97 35.73
N LEU A 1328 71.23 -33.41 35.88
CA LEU A 1328 71.00 -31.99 35.65
C LEU A 1328 70.42 -31.28 36.88
N GLN A 1329 70.42 -31.94 38.04
CA GLN A 1329 69.76 -31.46 39.26
C GLN A 1329 70.42 -30.24 39.89
N HIS A 1330 71.51 -29.73 39.31
CA HIS A 1330 72.39 -28.77 39.96
C HIS A 1330 71.74 -27.43 40.30
N GLY A 1348 58.89 0.58 55.77
CA GLY A 1348 59.15 1.73 56.62
C GLY A 1348 58.41 2.97 56.17
N HIS A 1349 59.03 4.14 56.41
CA HIS A 1349 58.54 5.46 56.02
C HIS A 1349 57.17 5.78 56.62
N ASP A 1350 56.81 5.16 57.75
CA ASP A 1350 55.45 5.24 58.27
C ASP A 1350 55.09 6.64 58.73
N GLN A 1351 56.05 7.36 59.31
CA GLN A 1351 55.76 8.69 59.84
C GLN A 1351 55.44 9.68 58.73
N GLU A 1352 55.86 9.41 57.49
CA GLU A 1352 55.40 10.20 56.36
C GLU A 1352 53.89 10.08 56.20
N TRP A 1353 53.36 8.85 56.31
CA TRP A 1353 51.91 8.66 56.26
C TRP A 1353 51.23 9.29 57.48
N GLU A 1354 51.85 9.20 58.65
CA GLU A 1354 51.30 9.84 59.84
C GLU A 1354 51.26 11.36 59.70
N SER A 1355 52.18 11.95 58.93
CA SER A 1355 52.16 13.39 58.72
C SER A 1355 51.20 13.79 57.59
N ILE A 1356 51.07 12.95 56.56
CA ILE A 1356 50.23 13.29 55.42
C ILE A 1356 48.75 13.27 55.80
N PHE A 1357 48.33 12.28 56.58
CA PHE A 1357 46.94 12.15 57.02
C PHE A 1357 46.66 12.84 58.35
N LYS A 1358 47.57 13.72 58.80
CA LYS A 1358 47.38 14.46 60.04
C LYS A 1358 46.23 15.45 59.90
N ASP A 1359 45.14 15.18 60.64
CA ASP A 1359 43.92 16.00 60.69
C ASP A 1359 43.27 16.14 59.32
N CYS A 1360 43.45 15.16 58.43
CA CYS A 1360 42.82 15.15 57.12
C CYS A 1360 41.56 14.29 57.18
N ASP A 1361 40.40 14.94 57.07
CA ASP A 1361 39.11 14.25 57.09
C ASP A 1361 38.88 13.64 55.71
N LEU A 1362 39.15 12.35 55.58
CA LEU A 1362 38.96 11.66 54.30
C LEU A 1362 37.50 11.36 54.00
N SER A 1363 36.58 11.62 54.94
CA SER A 1363 35.16 11.55 54.62
C SER A 1363 34.64 12.83 54.00
N SER A 1364 35.40 13.92 54.10
CA SER A 1364 35.05 15.20 53.50
C SER A 1364 35.71 15.36 52.14
N ILE A 1365 35.26 16.36 51.39
CA ILE A 1365 35.87 16.70 50.11
C ILE A 1365 37.24 17.34 50.33
N ASP A 1366 37.32 18.27 51.28
CA ASP A 1366 38.53 19.08 51.45
C ASP A 1366 39.69 18.28 52.02
N GLY A 1367 39.41 17.36 52.94
CA GLY A 1367 40.48 16.64 53.62
C GLY A 1367 41.28 15.74 52.71
N ILE A 1368 40.63 15.16 51.69
CA ILE A 1368 41.34 14.34 50.71
C ILE A 1368 42.33 15.20 49.92
N SER A 1369 41.91 16.40 49.52
CA SER A 1369 42.79 17.32 48.81
C SER A 1369 43.94 17.79 49.69
N ALA A 1370 43.66 18.05 50.98
CA ALA A 1370 44.72 18.43 51.92
C ALA A 1370 45.75 17.31 52.05
N ALA A 1371 45.27 16.07 52.18
CA ALA A 1371 46.17 14.91 52.24
C ALA A 1371 46.98 14.76 50.95
N TYR A 1372 46.35 15.02 49.80
CA TYR A 1372 47.07 14.91 48.54
C TYR A 1372 48.17 15.96 48.42
N GLU A 1373 47.89 17.19 48.86
CA GLU A 1373 48.93 18.22 48.86
C GLU A 1373 50.07 17.86 49.81
N LYS A 1374 49.74 17.33 50.99
CA LYS A 1374 50.78 16.91 51.93
C LYS A 1374 51.59 15.74 51.38
N PHE A 1375 50.95 14.88 50.57
CA PHE A 1375 51.66 13.82 49.88
C PHE A 1375 52.60 14.39 48.83
N ARG A 1376 52.14 15.44 48.13
CA ARG A 1376 52.95 16.06 47.09
C ARG A 1376 54.17 16.76 47.65
N ASN A 1377 54.09 17.25 48.89
CA ASN A 1377 55.09 18.17 49.44
C ASN A 1377 56.48 17.55 49.57
N VAL A 1378 56.59 16.23 49.56
CA VAL A 1378 57.88 15.54 49.63
C VAL A 1378 58.24 15.05 48.24
N PRO A 1379 59.37 15.47 47.67
CA PRO A 1379 59.75 14.99 46.34
C PRO A 1379 60.28 13.56 46.33
N GLU A 1380 59.52 12.62 46.89
CA GLU A 1380 59.89 11.22 46.95
C GLU A 1380 58.65 10.36 46.71
N PHE A 1381 58.89 9.11 46.28
CA PHE A 1381 57.93 7.99 46.28
C PHE A 1381 56.57 8.33 45.63
N TYR A 1382 56.58 9.13 44.56
CA TYR A 1382 55.35 9.44 43.84
C TYR A 1382 54.72 8.20 43.21
N SER A 1383 53.55 7.81 43.74
CA SER A 1383 52.74 6.72 43.20
C SER A 1383 51.30 6.90 43.66
N LYS A 1384 50.39 7.21 42.73
CA LYS A 1384 49.01 7.53 43.08
C LYS A 1384 48.29 6.37 43.76
N GLU A 1385 48.56 5.14 43.29
CA GLU A 1385 47.86 3.96 43.81
C GLU A 1385 48.16 3.74 45.29
N THR A 1386 49.39 4.05 45.72
CA THR A 1386 49.74 3.93 47.13
C THR A 1386 48.92 4.87 47.99
N PHE A 1387 48.76 6.13 47.55
CA PHE A 1387 47.91 7.07 48.26
C PHE A 1387 46.47 6.57 48.32
N ILE A 1388 45.96 6.08 47.19
CA ILE A 1388 44.58 5.57 47.16
C ILE A 1388 44.41 4.41 48.13
N LYS A 1389 45.38 3.49 48.15
CA LYS A 1389 45.32 2.33 49.03
C LYS A 1389 45.31 2.74 50.49
N LYS A 1390 46.18 3.68 50.87
CA LYS A 1390 46.24 4.14 52.25
C LYS A 1390 44.94 4.83 52.65
N ALA A 1391 44.42 5.69 51.76
CA ALA A 1391 43.17 6.40 52.04
C ALA A 1391 42.01 5.44 52.25
N ILE A 1392 41.89 4.44 51.37
CA ILE A 1392 40.88 3.40 51.54
C ILE A 1392 41.06 2.67 52.87
N SER A 1393 42.32 2.36 53.22
CA SER A 1393 42.60 1.69 54.47
C SER A 1393 42.27 2.52 55.71
N ARG A 1394 42.06 3.84 55.55
CA ARG A 1394 41.78 4.70 56.68
C ARG A 1394 40.31 5.11 56.81
N VAL A 1395 39.43 4.69 55.89
CA VAL A 1395 38.03 5.07 55.96
C VAL A 1395 37.34 4.39 57.14
N LYS A 1396 36.49 5.15 57.85
CA LYS A 1396 35.66 4.67 58.94
C LYS A 1396 34.42 3.96 58.40
N THR A 1397 33.84 3.09 59.23
CA THR A 1397 32.63 2.36 58.88
C THR A 1397 31.44 3.30 58.67
N GLY A 1398 30.70 3.09 57.58
CA GLY A 1398 29.44 3.77 57.33
C GLY A 1398 29.56 5.08 56.60
N LYS A 1399 30.75 5.42 56.11
CA LYS A 1399 30.97 6.64 55.35
C LYS A 1399 31.77 6.40 54.07
N GLU A 1400 31.77 5.16 53.58
CA GLU A 1400 32.57 4.77 52.42
C GLU A 1400 32.08 5.45 51.15
N CYS A 1401 30.76 5.55 50.95
CA CYS A 1401 30.23 6.10 49.71
C CYS A 1401 30.58 7.56 49.56
N SER A 1402 30.68 8.26 50.69
CA SER A 1402 31.14 9.64 50.69
C SER A 1402 32.56 9.72 50.17
N PHE A 1403 33.41 8.78 50.59
CA PHE A 1403 34.79 8.72 50.10
C PHE A 1403 34.85 8.46 48.61
N ILE A 1404 34.04 7.50 48.12
CA ILE A 1404 34.05 7.17 46.69
C ILE A 1404 33.63 8.36 45.86
N THR A 1405 32.53 9.02 46.25
CA THR A 1405 32.04 10.18 45.50
C THR A 1405 33.03 11.31 45.55
N ALA A 1406 33.64 11.56 46.72
CA ALA A 1406 34.62 12.63 46.85
C ALA A 1406 35.85 12.38 45.97
N ILE A 1407 36.43 11.18 46.05
CA ILE A 1407 37.65 10.89 45.31
C ILE A 1407 37.37 10.86 43.80
N GLY A 1408 36.15 10.48 43.40
CA GLY A 1408 35.78 10.66 42.01
C GLY A 1408 35.65 12.11 41.60
N ALA A 1409 35.18 12.97 42.51
CA ALA A 1409 34.85 14.34 42.12
C ALA A 1409 36.05 15.27 42.12
N ILE A 1410 36.97 15.11 43.09
CA ILE A 1410 37.97 16.14 43.38
C ILE A 1410 38.91 16.36 42.21
N PHE A 1411 39.50 15.30 41.70
CA PHE A 1411 40.66 15.41 40.84
C PHE A 1411 40.34 15.45 39.35
N HIS A 1412 39.06 15.26 38.99
CA HIS A 1412 38.56 15.41 37.62
C HIS A 1412 39.38 14.55 36.65
N TRP A 1413 39.37 13.25 36.90
CA TRP A 1413 40.38 12.33 36.41
C TRP A 1413 40.45 12.25 34.89
N GLY A 1414 41.66 12.05 34.38
CA GLY A 1414 41.88 11.85 32.97
C GLY A 1414 41.47 10.45 32.52
N LEU A 1415 41.87 10.14 31.29
CA LEU A 1415 41.48 8.86 30.69
C LEU A 1415 42.14 7.68 31.39
N TYR A 1416 43.46 7.73 31.58
CA TYR A 1416 44.20 6.56 32.03
C TYR A 1416 44.01 6.30 33.52
N ASP A 1417 43.91 7.36 34.32
CA ASP A 1417 44.03 7.23 35.77
C ASP A 1417 42.81 6.55 36.40
N PHE A 1418 41.65 6.62 35.75
CA PHE A 1418 40.42 6.08 36.32
C PHE A 1418 40.55 4.59 36.65
N LYS A 1419 41.36 3.88 35.86
CA LYS A 1419 41.65 2.46 36.03
C LYS A 1419 42.06 2.12 37.44
N TYR A 1420 42.83 2.99 38.12
CA TYR A 1420 43.33 2.58 39.42
C TYR A 1420 42.23 2.52 40.47
N ILE A 1421 41.21 3.37 40.39
CA ILE A 1421 40.21 3.43 41.45
C ILE A 1421 39.46 2.12 41.56
N LEU A 1422 38.96 1.62 40.43
CA LEU A 1422 38.32 0.31 40.37
C LEU A 1422 39.27 -0.78 40.83
N GLU A 1423 40.56 -0.62 40.55
CA GLU A 1423 41.51 -1.66 40.92
C GLU A 1423 41.78 -1.68 42.42
N SER A 1424 41.53 -0.57 43.11
CA SER A 1424 41.95 -0.47 44.52
C SER A 1424 40.87 -0.88 45.51
N ILE A 1425 39.61 -0.99 45.09
CA ILE A 1425 38.51 -1.19 46.05
C ILE A 1425 38.58 -2.59 46.64
N PRO A 1426 38.52 -2.75 47.96
CA PRO A 1426 38.55 -4.09 48.57
C PRO A 1426 37.28 -4.87 48.31
N ASP A 1427 37.38 -6.20 48.47
CA ASP A 1427 36.28 -7.10 48.15
C ASP A 1427 35.10 -6.96 49.12
N GLU A 1428 35.37 -6.69 50.40
CA GLU A 1428 34.31 -6.54 51.40
C GLU A 1428 33.32 -5.44 51.01
N TRP A 1429 33.84 -4.35 50.44
CA TRP A 1429 33.07 -3.24 49.89
C TRP A 1429 32.01 -3.67 48.88
N THR A 1430 32.15 -4.85 48.28
CA THR A 1430 31.15 -5.30 47.32
C THR A 1430 29.87 -5.82 47.96
N SER A 1431 29.87 -6.10 49.26
CA SER A 1431 28.69 -6.72 49.85
C SER A 1431 27.53 -5.76 50.08
N ARG A 1432 27.74 -4.46 49.92
CA ARG A 1432 26.78 -3.44 50.32
C ARG A 1432 26.23 -2.74 49.09
N LEU A 1433 24.90 -2.63 49.01
CA LEU A 1433 24.25 -2.29 47.73
C LEU A 1433 24.42 -0.82 47.37
N SER A 1434 24.57 0.06 48.36
CA SER A 1434 24.81 1.47 48.09
C SER A 1434 26.12 1.67 47.35
N ILE A 1435 27.14 0.88 47.67
CA ILE A 1435 28.43 0.99 46.99
C ILE A 1435 28.29 0.56 45.53
N LYS A 1436 27.53 -0.51 45.27
CA LYS A 1436 27.29 -0.92 43.89
C LYS A 1436 26.56 0.14 43.08
N THR A 1437 25.51 0.75 43.65
CA THR A 1437 24.81 1.77 42.87
C THR A 1437 25.66 3.02 42.69
N THR A 1438 26.54 3.34 43.64
CA THR A 1438 27.45 4.47 43.46
C THR A 1438 28.44 4.22 42.34
N LEU A 1439 29.01 3.01 42.29
CA LEU A 1439 29.95 2.70 41.21
C LEU A 1439 29.25 2.66 39.86
N ALA A 1440 28.02 2.13 39.83
CA ALA A 1440 27.23 2.14 38.60
C ALA A 1440 26.91 3.56 38.15
N GLY A 1441 26.76 4.49 39.09
CA GLY A 1441 26.61 5.88 38.70
C GLY A 1441 27.91 6.49 38.21
N LEU A 1442 29.04 6.06 38.75
CA LEU A 1442 30.31 6.69 38.39
C LEU A 1442 30.82 6.22 37.02
N ILE A 1443 30.53 4.98 36.63
CA ILE A 1443 31.01 4.47 35.34
C ILE A 1443 30.40 5.25 34.17
N LYS A 1444 29.12 5.60 34.27
CA LYS A 1444 28.39 6.24 33.18
C LYS A 1444 29.01 7.58 32.79
N GLU A 1445 29.42 8.37 33.79
CA GLU A 1445 30.02 9.67 33.54
C GLU A 1445 31.32 9.54 32.76
N TYR A 1446 32.14 8.55 33.09
CA TYR A 1446 33.35 8.29 32.33
C TYR A 1446 33.03 7.88 30.90
N CYS A 1447 32.04 6.99 30.72
CA CYS A 1447 31.70 6.53 29.38
C CYS A 1447 31.15 7.67 28.52
N GLN A 1448 30.48 8.65 29.14
CA GLN A 1448 29.96 9.76 28.36
C GLN A 1448 31.01 10.85 28.11
N ARG A 1449 31.96 11.04 29.02
CA ARG A 1449 32.92 12.13 28.87
C ARG A 1449 33.97 11.83 27.80
N PHE A 1450 34.28 10.55 27.57
CA PHE A 1450 35.37 10.15 26.68
C PHE A 1450 34.87 9.28 25.52
N CYS A 1451 33.70 9.60 24.97
CA CYS A 1451 33.11 8.77 23.93
C CYS A 1451 33.90 8.75 22.63
N MET A 1452 34.75 9.76 22.38
CA MET A 1452 35.55 9.79 21.17
C MET A 1452 36.89 9.08 21.30
N ARG A 1453 37.17 8.44 22.44
CA ARG A 1453 38.48 7.86 22.68
C ARG A 1453 38.42 6.44 23.22
N ILE A 1454 37.27 5.97 23.71
CA ILE A 1454 37.12 4.61 24.20
C ILE A 1454 37.08 3.63 23.03
N ARG A 1455 37.84 2.55 23.13
CA ARG A 1455 37.87 1.51 22.12
C ARG A 1455 38.24 0.19 22.77
N LYS A 1456 38.05 -0.89 22.02
CA LYS A 1456 38.42 -2.23 22.46
C LYS A 1456 39.63 -2.70 21.66
N SER A 1457 40.64 -3.21 22.36
CA SER A 1457 41.95 -3.43 21.74
C SER A 1457 42.55 -4.75 22.21
N ARG A 1458 43.44 -5.29 21.36
CA ARG A 1458 44.18 -6.50 21.70
C ARG A 1458 45.53 -6.19 22.35
N VAL A 1459 46.08 -5.00 22.10
CA VAL A 1459 47.44 -4.71 22.56
C VAL A 1459 47.43 -4.36 24.04
N TYR A 1460 46.60 -3.41 24.44
CA TYR A 1460 46.62 -2.92 25.80
C TYR A 1460 45.21 -2.48 26.19
N GLU A 1461 44.86 -2.71 27.45
CA GLU A 1461 43.51 -2.47 27.95
C GLU A 1461 43.53 -1.19 28.77
N ILE A 1462 43.11 -0.08 28.15
CA ILE A 1462 43.07 1.20 28.86
C ILE A 1462 41.97 1.18 29.91
N PHE A 1463 40.83 0.55 29.61
CA PHE A 1463 39.70 0.55 30.52
C PHE A 1463 39.15 -0.87 30.67
N PRO A 1464 39.26 -1.46 31.86
CA PRO A 1464 38.89 -2.87 32.04
C PRO A 1464 37.40 -3.13 32.12
N PHE A 1465 36.78 -3.40 30.95
CA PHE A 1465 35.33 -3.58 30.86
C PHE A 1465 34.80 -4.65 31.80
N SER A 1466 35.55 -5.75 31.97
CA SER A 1466 35.07 -6.87 32.79
C SER A 1466 34.99 -6.49 34.27
N LEU A 1467 36.03 -5.82 34.77
CA LEU A 1467 36.05 -5.44 36.18
C LEU A 1467 34.96 -4.41 36.50
N ALA A 1468 34.82 -3.39 35.66
CA ALA A 1468 33.76 -2.41 35.84
C ALA A 1468 32.39 -3.05 35.73
N SER A 1469 32.24 -4.00 34.79
CA SER A 1469 30.98 -4.73 34.64
C SER A 1469 30.63 -5.51 35.89
N ARG A 1470 31.63 -6.16 36.50
CA ARG A 1470 31.36 -6.96 37.69
C ARG A 1470 31.05 -6.06 38.89
N LEU A 1471 31.80 -4.98 39.06
CA LEU A 1471 31.60 -4.13 40.23
C LEU A 1471 30.29 -3.35 40.14
N SER A 1472 29.97 -2.80 38.97
CA SER A 1472 28.78 -1.97 38.85
C SER A 1472 27.50 -2.78 38.80
N GLY A 1473 27.55 -3.99 38.26
CA GLY A 1473 26.33 -4.72 37.97
C GLY A 1473 25.71 -4.37 36.63
N ILE A 1474 26.49 -3.82 35.70
CA ILE A 1474 26.04 -3.48 34.36
C ILE A 1474 26.73 -4.42 33.39
N SER A 1475 25.95 -5.04 32.50
CA SER A 1475 26.54 -5.88 31.46
C SER A 1475 27.29 -5.03 30.45
N GLU A 1476 28.24 -5.67 29.74
CA GLU A 1476 29.07 -4.98 28.77
C GLU A 1476 28.25 -4.48 27.58
N LYS A 1477 27.22 -5.24 27.21
CA LYS A 1477 26.34 -4.90 26.11
C LYS A 1477 25.60 -3.59 26.34
N GLU A 1478 25.41 -3.18 27.59
CA GLU A 1478 24.82 -1.90 27.91
C GLU A 1478 25.85 -0.78 27.98
N ILE A 1479 27.09 -1.09 28.35
CA ILE A 1479 28.16 -0.08 28.33
C ILE A 1479 28.43 0.37 26.90
N PHE A 1480 28.41 -0.57 25.96
CA PHE A 1480 28.56 -0.16 24.56
C PHE A 1480 27.39 0.69 24.09
N GLY A 1481 26.18 0.44 24.60
CA GLY A 1481 25.05 1.31 24.27
C GLY A 1481 25.20 2.71 24.84
N ILE A 1482 25.70 2.81 26.07
CA ILE A 1482 25.98 4.10 26.69
C ILE A 1482 27.02 4.88 25.89
N THR A 1483 28.00 4.18 25.31
CA THR A 1483 28.97 4.87 24.46
C THR A 1483 28.35 5.31 23.13
N LEU A 1484 27.55 4.44 22.50
CA LEU A 1484 27.00 4.77 21.19
C LEU A 1484 25.99 5.90 21.25
N GLU A 1485 25.19 5.97 22.32
CA GLU A 1485 24.24 7.07 22.43
C GLU A 1485 24.96 8.41 22.59
N ALA A 1486 26.08 8.42 23.30
CA ALA A 1486 26.87 9.65 23.43
C ALA A 1486 27.57 10.01 22.13
N ILE A 1487 27.95 9.02 21.33
CA ILE A 1487 28.52 9.33 20.01
C ILE A 1487 27.46 9.96 19.11
N ALA A 1488 26.22 9.47 19.17
CA ALA A 1488 25.19 9.97 18.27
C ALA A 1488 24.78 11.41 18.57
N GLU A 1489 25.00 11.89 19.78
CA GLU A 1489 24.60 13.24 20.18
C GLU A 1489 25.70 14.28 20.08
N SER A 1490 26.93 13.87 19.76
CA SER A 1490 28.06 14.78 19.90
C SER A 1490 28.20 15.66 18.65
N PRO A 1491 28.51 16.94 18.82
CA PRO A 1491 28.61 17.86 17.67
C PRO A 1491 29.92 17.80 16.89
N GLU A 1492 30.99 17.22 17.44
CA GLU A 1492 32.27 17.21 16.75
C GLU A 1492 32.27 16.20 15.61
N PRO A 1493 33.02 16.48 14.53
CA PRO A 1493 33.26 15.44 13.53
C PRO A 1493 34.20 14.37 14.07
N ALA A 1494 34.08 13.18 13.50
CA ALA A 1494 34.93 12.07 13.88
C ALA A 1494 36.20 12.05 13.04
N ASN A 1495 37.27 11.50 13.62
CA ASN A 1495 38.53 11.30 12.92
C ASN A 1495 38.70 9.83 12.57
N SER A 1496 39.75 9.53 11.80
CA SER A 1496 39.92 8.23 11.16
C SER A 1496 40.07 7.10 12.18
N ASP A 1497 40.77 7.36 13.28
CA ASP A 1497 40.95 6.32 14.29
C ASP A 1497 39.65 6.01 15.00
N ARG A 1498 38.76 6.98 15.14
CA ARG A 1498 37.43 6.71 15.66
C ARG A 1498 36.59 5.93 14.65
N LEU A 1499 36.72 6.26 13.37
CA LEU A 1499 35.89 5.62 12.34
C LEU A 1499 36.27 4.16 12.14
N PHE A 1500 37.57 3.86 12.09
CA PHE A 1500 37.95 2.44 11.98
C PHE A 1500 37.81 1.67 13.28
N SER A 1501 37.25 2.15 14.39
CA SER A 1501 37.03 1.33 15.56
C SER A 1501 35.58 1.20 15.95
N LEU A 1502 34.67 1.83 15.21
CA LEU A 1502 33.23 1.69 15.40
C LEU A 1502 32.64 0.31 15.12
N PRO A 1503 33.07 -0.45 14.08
CA PRO A 1503 32.48 -1.78 13.89
C PRO A 1503 32.68 -2.72 15.08
N GLY A 1504 33.79 -2.60 15.79
CA GLY A 1504 34.03 -3.42 16.97
C GLY A 1504 33.06 -3.15 18.11
N LEU A 1505 32.40 -1.99 18.11
CA LEU A 1505 31.35 -1.70 19.08
C LEU A 1505 29.96 -2.04 18.54
N LEU A 1506 29.72 -1.76 17.26
CA LEU A 1506 28.42 -2.05 16.66
C LEU A 1506 28.17 -3.55 16.53
N VAL A 1507 29.22 -4.36 16.56
CA VAL A 1507 29.11 -5.79 16.31
C VAL A 1507 28.32 -6.51 17.42
N SER A 1508 28.14 -5.87 18.58
CA SER A 1508 27.32 -6.46 19.63
C SER A 1508 25.83 -6.43 19.32
N LYS A 1509 25.41 -5.60 18.37
CA LYS A 1509 24.00 -5.47 18.02
C LYS A 1509 23.57 -6.45 16.94
N LEU A 1510 24.47 -6.83 16.05
CA LEU A 1510 24.11 -7.53 14.83
C LEU A 1510 23.87 -9.01 15.06
N GLU A 1511 22.93 -9.56 14.30
CA GLU A 1511 22.82 -11.00 14.13
C GLU A 1511 23.94 -11.47 13.19
N SER A 1512 24.33 -12.74 13.33
CA SER A 1512 25.48 -13.27 12.59
C SER A 1512 25.26 -13.24 11.08
N ASN A 1513 24.02 -13.44 10.63
CA ASN A 1513 23.72 -13.38 9.20
C ASN A 1513 23.86 -11.97 8.65
N GLU A 1514 23.78 -10.95 9.50
CA GLU A 1514 24.05 -9.57 9.09
C GLU A 1514 25.54 -9.27 9.12
N ALA A 1515 26.24 -9.78 10.14
CA ALA A 1515 27.68 -9.55 10.25
C ALA A 1515 28.44 -10.20 9.11
N LEU A 1516 27.94 -11.33 8.59
CA LEU A 1516 28.56 -11.92 7.42
C LEU A 1516 28.42 -11.01 6.20
N ASP A 1517 27.28 -10.32 6.06
CA ASP A 1517 27.12 -9.36 4.98
C ASP A 1517 28.07 -8.18 5.14
N VAL A 1518 28.25 -7.71 6.38
CA VAL A 1518 29.19 -6.62 6.64
C VAL A 1518 30.61 -7.04 6.28
N LEU A 1519 30.98 -8.28 6.61
CA LEU A 1519 32.32 -8.78 6.29
C LEU A 1519 32.53 -8.89 4.78
N SER A 1520 31.53 -9.43 4.07
CA SER A 1520 31.63 -9.53 2.62
C SER A 1520 31.70 -8.16 1.96
N TYR A 1521 31.04 -7.16 2.56
CA TYR A 1521 31.16 -5.79 2.06
C TYR A 1521 32.57 -5.25 2.31
N ALA A 1522 33.11 -5.50 3.50
CA ALA A 1522 34.41 -4.94 3.86
C ALA A 1522 35.53 -5.51 3.01
N LEU A 1523 35.46 -6.79 2.67
CA LEU A 1523 36.52 -7.39 1.86
C LEU A 1523 36.57 -6.87 0.43
N ASP A 1524 35.52 -6.22 -0.07
CA ASP A 1524 35.54 -5.71 -1.43
C ASP A 1524 36.21 -4.35 -1.55
N LEU A 1525 36.66 -3.74 -0.45
CA LEU A 1525 37.39 -2.49 -0.53
C LEU A 1525 38.74 -2.63 -1.24
N PHE A 1526 39.23 -3.86 -1.38
CA PHE A 1526 40.54 -4.13 -1.98
C PHE A 1526 40.48 -4.39 -3.48
N ASP A 1527 39.30 -4.38 -4.09
CA ASP A 1527 39.17 -4.79 -5.49
C ASP A 1527 39.85 -3.84 -6.47
N GLU A 1528 40.14 -2.60 -6.08
CA GLU A 1528 40.79 -1.68 -6.99
C GLU A 1528 42.31 -1.76 -6.95
N VAL A 1529 42.89 -2.53 -6.02
CA VAL A 1529 44.32 -2.70 -5.96
C VAL A 1529 44.76 -4.15 -6.11
N LEU A 1530 43.86 -5.11 -5.94
CA LEU A 1530 44.20 -6.51 -6.19
C LEU A 1530 44.44 -6.73 -7.67
N LYS A 1531 45.62 -7.26 -7.99
CA LYS A 1531 45.98 -7.63 -9.34
C LYS A 1531 45.85 -9.14 -9.50
N ASP A 1532 46.07 -9.60 -10.72
CA ASP A 1532 46.48 -10.99 -10.89
C ASP A 1532 47.92 -11.13 -10.39
N GLU A 1533 48.33 -12.38 -10.19
CA GLU A 1533 49.57 -12.77 -9.51
C GLU A 1533 49.73 -12.15 -8.11
N ASP A 1534 48.61 -11.78 -7.48
CA ASP A 1534 48.54 -11.65 -6.03
C ASP A 1534 47.83 -12.89 -5.50
N GLY A 1535 48.53 -13.66 -4.67
CA GLY A 1535 47.97 -14.93 -4.23
C GLY A 1535 47.90 -15.93 -5.37
N ASP A 1536 46.93 -16.82 -5.28
CA ASP A 1536 46.73 -17.82 -6.33
C ASP A 1536 46.01 -17.27 -7.55
N GLY A 1537 45.53 -16.04 -7.50
CA GLY A 1537 44.74 -15.48 -8.57
C GLY A 1537 43.27 -15.43 -8.23
N PRO A 1538 42.43 -15.18 -9.24
CA PRO A 1538 40.99 -15.12 -8.99
C PRO A 1538 40.42 -16.47 -8.57
N TRP A 1539 39.28 -16.42 -7.90
CA TRP A 1539 38.61 -17.63 -7.46
C TRP A 1539 38.19 -18.49 -8.64
N ASN A 1540 38.36 -19.80 -8.47
CA ASN A 1540 38.09 -20.79 -9.48
C ASN A 1540 37.59 -22.04 -8.76
N GLU A 1541 36.85 -22.88 -9.49
CA GLU A 1541 36.20 -24.03 -8.88
C GLU A 1541 37.21 -25.03 -8.30
N LYS A 1542 38.37 -25.17 -8.94
CA LYS A 1542 39.32 -26.20 -8.59
C LYS A 1542 40.02 -25.98 -7.25
N LEU A 1543 39.86 -24.81 -6.63
CA LEU A 1543 40.47 -24.52 -5.34
C LEU A 1543 39.61 -24.97 -4.15
N SER A 1544 38.49 -25.63 -4.39
CA SER A 1544 37.59 -26.01 -3.31
C SER A 1544 38.22 -27.08 -2.42
N PRO A 1545 38.22 -26.89 -1.10
CA PRO A 1545 38.80 -27.89 -0.20
C PRO A 1545 37.89 -29.10 -0.03
N PRO A 1546 38.42 -30.21 0.48
CA PRO A 1546 37.56 -31.34 0.82
C PRO A 1546 36.67 -31.03 2.01
N THR A 1547 35.66 -31.86 2.20
CA THR A 1547 34.66 -31.65 3.25
C THR A 1547 35.20 -31.96 4.64
N HIS A 1548 35.63 -33.20 4.88
CA HIS A 1548 36.09 -33.58 6.20
C HIS A 1548 37.51 -33.07 6.46
N VAL A 1549 37.80 -32.82 7.74
CA VAL A 1549 39.09 -32.23 8.13
C VAL A 1549 40.23 -33.22 7.90
N GLU A 1550 39.98 -34.51 8.16
CA GLU A 1550 41.03 -35.52 8.07
C GLU A 1550 41.55 -35.68 6.65
N ASP A 1551 40.68 -35.47 5.66
CA ASP A 1551 41.14 -35.46 4.27
C ASP A 1551 42.12 -34.32 4.03
N SER A 1552 41.88 -33.15 4.62
CA SER A 1552 42.79 -32.03 4.46
C SER A 1552 44.11 -32.28 5.16
N LEU A 1553 44.09 -32.91 6.32
CA LEU A 1553 45.34 -33.25 7.00
C LEU A 1553 46.15 -34.27 6.19
N ALA A 1554 45.47 -35.27 5.65
CA ALA A 1554 46.12 -36.24 4.76
C ALA A 1554 46.68 -35.55 3.52
N GLY A 1555 45.96 -34.57 2.99
CA GLY A 1555 46.46 -33.84 1.84
C GLY A 1555 47.69 -33.01 2.14
N TYR A 1556 47.77 -32.43 3.34
CA TYR A 1556 48.97 -31.71 3.75
C TYR A 1556 50.17 -32.65 3.78
N ILE A 1557 50.01 -33.83 4.41
CA ILE A 1557 51.12 -34.79 4.47
C ILE A 1557 51.50 -35.27 3.07
N TRP A 1558 50.50 -35.54 2.22
CA TRP A 1558 50.74 -35.94 0.84
C TRP A 1558 51.52 -34.88 0.06
N ALA A 1559 51.20 -33.61 0.27
CA ALA A 1559 51.95 -32.56 -0.42
C ALA A 1559 53.35 -32.42 0.12
N ARG A 1560 53.58 -32.74 1.41
CA ARG A 1560 54.94 -32.68 1.92
C ARG A 1560 55.80 -33.86 1.50
N LEU A 1561 55.22 -35.01 1.16
CA LEU A 1561 56.04 -36.10 0.62
C LEU A 1561 56.71 -35.73 -0.71
N GLY A 1562 56.09 -34.88 -1.51
CA GLY A 1562 56.61 -34.47 -2.79
C GLY A 1562 57.54 -33.29 -2.79
N SER A 1563 58.03 -32.86 -1.63
CA SER A 1563 58.84 -31.66 -1.52
C SER A 1563 60.20 -31.86 -2.20
N PRO A 1564 60.75 -30.82 -2.82
CA PRO A 1564 62.07 -30.94 -3.45
C PRO A 1564 63.24 -31.03 -2.49
N GLU A 1565 63.02 -30.89 -1.18
CA GLU A 1565 64.09 -30.98 -0.19
C GLU A 1565 63.97 -32.27 0.59
N ALA A 1566 65.09 -32.98 0.74
CA ALA A 1566 65.08 -34.37 1.22
C ALA A 1566 64.64 -34.49 2.67
N GLU A 1567 65.06 -33.56 3.51
CA GLU A 1567 64.76 -33.62 4.94
C GLU A 1567 63.26 -33.57 5.20
N MET A 1568 62.52 -32.80 4.40
CA MET A 1568 61.08 -32.73 4.56
C MET A 1568 60.44 -34.08 4.22
N ARG A 1569 60.94 -34.74 3.18
CA ARG A 1569 60.42 -36.05 2.80
C ARG A 1569 60.65 -37.07 3.89
N TRP A 1570 61.82 -37.06 4.52
CA TRP A 1570 62.05 -37.98 5.64
C TRP A 1570 61.18 -37.65 6.86
N GLN A 1571 60.93 -36.37 7.12
CA GLN A 1571 60.03 -36.02 8.22
C GLN A 1571 58.61 -36.51 7.96
N ALA A 1572 58.15 -36.40 6.71
CA ALA A 1572 56.80 -36.89 6.39
C ALA A 1572 56.73 -38.41 6.44
N ALA A 1573 57.80 -39.10 6.05
CA ALA A 1573 57.84 -40.56 6.19
C ALA A 1573 57.74 -40.98 7.65
N HIS A 1574 58.47 -40.29 8.54
CA HIS A 1574 58.32 -40.57 9.98
C HIS A 1574 56.91 -40.28 10.47
N ALA A 1575 56.25 -39.24 9.94
CA ALA A 1575 54.88 -38.97 10.34
C ALA A 1575 53.93 -40.10 9.93
N VAL A 1576 54.10 -40.64 8.72
CA VAL A 1576 53.26 -41.76 8.28
C VAL A 1576 53.50 -42.98 9.14
N LEU A 1577 54.77 -43.25 9.49
CA LEU A 1577 55.08 -44.38 10.36
C LEU A 1577 54.45 -44.22 11.74
N ALA A 1578 54.48 -43.00 12.29
CA ALA A 1578 53.89 -42.75 13.60
C ALA A 1578 52.37 -42.88 13.57
N LEU A 1579 51.73 -42.47 12.48
CA LEU A 1579 50.30 -42.72 12.33
C LEU A 1579 50.01 -44.22 12.31
N CYS A 1580 50.77 -44.98 11.52
CA CYS A 1580 50.49 -46.40 11.40
C CYS A 1580 50.77 -47.19 12.68
N ARG A 1581 51.64 -46.70 13.56
CA ARG A 1581 51.77 -47.39 14.84
C ARG A 1581 50.59 -47.16 15.78
N MET A 1582 49.67 -46.26 15.44
CA MET A 1582 48.39 -46.15 16.11
C MET A 1582 47.30 -46.66 15.18
N SER A 1583 46.08 -46.67 15.70
CA SER A 1583 44.95 -47.25 14.98
C SER A 1583 44.25 -46.23 14.09
N ARG A 1584 44.97 -45.20 13.66
CA ARG A 1584 44.39 -44.00 13.06
C ARG A 1584 43.90 -44.27 11.64
N THR A 1585 42.78 -44.99 11.53
CA THR A 1585 42.33 -45.55 10.25
C THR A 1585 42.01 -44.48 9.22
N CYS A 1586 41.30 -43.42 9.63
CA CYS A 1586 40.70 -42.49 8.66
C CYS A 1586 41.76 -41.69 7.89
N VAL A 1587 42.79 -41.22 8.60
CA VAL A 1587 43.83 -40.43 7.96
C VAL A 1587 44.63 -41.28 6.98
N ILE A 1588 44.93 -42.52 7.39
CA ILE A 1588 45.69 -43.43 6.53
C ILE A 1588 44.91 -43.75 5.25
N GLN A 1589 43.61 -43.99 5.39
CA GLN A 1589 42.80 -44.27 4.21
C GLN A 1589 42.70 -43.05 3.31
N GLY A 1590 42.68 -41.85 3.90
CA GLY A 1590 42.74 -40.64 3.10
C GLY A 1590 44.02 -40.50 2.31
N ILE A 1591 45.16 -40.85 2.94
CA ILE A 1591 46.45 -40.77 2.26
C ILE A 1591 46.50 -41.72 1.07
N PHE A 1592 46.03 -42.96 1.26
CA PHE A 1592 46.03 -43.90 0.13
C PHE A 1592 45.05 -43.48 -0.95
N GLN A 1593 43.94 -42.84 -0.59
CA GLN A 1593 43.03 -42.35 -1.62
C GLN A 1593 43.64 -41.23 -2.44
N HIS A 1594 44.38 -40.31 -1.79
CA HIS A 1594 45.12 -39.28 -2.52
C HIS A 1594 46.19 -39.90 -3.40
N ALA A 1595 46.87 -40.94 -2.91
CA ALA A 1595 47.92 -41.59 -3.69
C ALA A 1595 47.35 -42.27 -4.93
N ILE A 1596 46.18 -42.88 -4.81
CA ILE A 1596 45.55 -43.51 -5.96
C ILE A 1596 45.14 -42.44 -6.98
N ASN A 1597 44.46 -41.39 -6.53
CA ASN A 1597 43.96 -40.41 -7.49
C ASN A 1597 45.03 -39.47 -8.04
N ALA A 1598 46.20 -39.40 -7.41
CA ALA A 1598 47.30 -38.51 -7.80
C ALA A 1598 46.87 -37.05 -7.82
N THR A 1599 46.23 -36.62 -6.74
CA THR A 1599 45.74 -35.25 -6.65
C THR A 1599 46.87 -34.27 -6.42
N THR A 1600 46.82 -33.13 -7.13
CA THR A 1600 47.81 -32.08 -6.96
C THR A 1600 47.23 -30.75 -6.50
N LEU A 1601 46.22 -30.26 -7.23
CA LEU A 1601 45.99 -28.82 -7.28
C LEU A 1601 45.49 -28.14 -6.00
N PRO A 1602 44.53 -28.67 -5.22
CA PRO A 1602 44.09 -27.90 -4.03
C PRO A 1602 45.18 -27.73 -2.98
N PHE A 1603 46.21 -28.57 -2.98
CA PHE A 1603 47.27 -28.52 -1.99
C PHE A 1603 48.61 -28.09 -2.58
N CYS A 1604 48.63 -27.61 -3.82
CA CYS A 1604 49.86 -27.21 -4.48
C CYS A 1604 49.66 -25.91 -5.23
N ASP A 1605 50.75 -25.18 -5.44
CA ASP A 1605 50.69 -23.93 -6.19
C ASP A 1605 50.45 -24.21 -7.67
N ARG A 1606 49.59 -23.39 -8.27
CA ARG A 1606 49.19 -23.54 -9.66
C ARG A 1606 50.33 -23.33 -10.64
N ASN A 1607 51.38 -22.61 -10.26
CA ASN A 1607 52.42 -22.19 -11.19
C ASN A 1607 53.69 -23.03 -11.13
N LEU A 1608 53.87 -23.83 -10.10
CA LEU A 1608 55.10 -24.58 -9.92
C LEU A 1608 54.87 -26.07 -10.18
N PRO A 1609 55.82 -26.77 -10.78
CA PRO A 1609 55.63 -28.21 -11.04
C PRO A 1609 55.67 -29.03 -9.76
N PHE A 1610 54.94 -30.15 -9.76
CA PHE A 1610 54.82 -31.01 -8.60
C PHE A 1610 55.49 -32.36 -8.87
N TYR A 1611 56.16 -32.90 -7.86
CA TYR A 1611 56.97 -34.11 -8.00
C TYR A 1611 56.19 -35.34 -7.50
N THR A 1612 55.35 -35.87 -8.39
CA THR A 1612 54.47 -36.99 -8.01
C THR A 1612 55.25 -38.27 -7.70
N LEU A 1613 56.22 -38.61 -8.54
CA LEU A 1613 56.90 -39.90 -8.40
C LEU A 1613 57.76 -39.94 -7.15
N HIS A 1614 58.29 -38.79 -6.72
CA HIS A 1614 58.98 -38.73 -5.43
C HIS A 1614 58.04 -39.06 -4.28
N ALA A 1615 56.81 -38.54 -4.33
CA ALA A 1615 55.83 -38.82 -3.29
C ALA A 1615 55.47 -40.30 -3.26
N GLN A 1616 55.28 -40.91 -4.43
CA GLN A 1616 54.96 -42.34 -4.45
C GLN A 1616 56.12 -43.19 -3.96
N LEU A 1617 57.36 -42.83 -4.34
CA LEU A 1617 58.51 -43.61 -3.89
C LEU A 1617 58.71 -43.52 -2.39
N TRP A 1618 58.58 -42.33 -1.81
CA TRP A 1618 58.70 -42.24 -0.35
C TRP A 1618 57.50 -42.85 0.39
N LEU A 1619 56.32 -42.91 -0.23
CA LEU A 1619 55.23 -43.64 0.39
C LEU A 1619 55.52 -45.15 0.42
N MET A 1620 56.10 -45.69 -0.65
CA MET A 1620 56.53 -47.09 -0.62
C MET A 1620 57.61 -47.33 0.42
N ILE A 1621 58.56 -46.40 0.55
CA ILE A 1621 59.62 -46.52 1.54
C ILE A 1621 59.04 -46.57 2.95
N ALA A 1622 58.03 -45.75 3.22
CA ALA A 1622 57.40 -45.79 4.55
C ALA A 1622 56.64 -47.09 4.79
N ALA A 1623 55.90 -47.55 3.77
CA ALA A 1623 55.10 -48.77 3.93
C ALA A 1623 55.98 -50.00 4.15
N ALA A 1624 57.12 -50.07 3.47
CA ALA A 1624 58.02 -51.22 3.61
C ALA A 1624 58.57 -51.35 5.03
N ARG A 1625 58.71 -50.23 5.75
CA ARG A 1625 59.12 -50.28 7.14
C ARG A 1625 57.95 -50.55 8.07
N VAL A 1626 56.76 -50.02 7.75
CA VAL A 1626 55.57 -50.31 8.55
C VAL A 1626 55.28 -51.81 8.56
N ALA A 1627 55.51 -52.49 7.43
CA ALA A 1627 55.16 -53.91 7.34
C ALA A 1627 56.03 -54.83 8.20
N LEU A 1628 57.16 -54.36 8.74
CA LEU A 1628 58.03 -55.26 9.49
C LEU A 1628 57.57 -55.49 10.93
N ASP A 1629 57.14 -54.45 11.64
CA ASP A 1629 56.84 -54.60 13.06
C ASP A 1629 55.42 -55.12 13.30
N ASP A 1630 54.41 -54.37 12.85
CA ASP A 1630 53.02 -54.82 12.95
C ASP A 1630 52.26 -54.18 11.79
N GLY A 1631 52.06 -54.96 10.73
CA GLY A 1631 51.56 -54.48 9.46
C GLY A 1631 50.07 -54.47 9.24
N LYS A 1632 49.26 -54.80 10.25
CA LYS A 1632 47.82 -55.02 10.05
C LYS A 1632 47.11 -53.80 9.47
N SER A 1633 47.58 -52.59 9.81
CA SER A 1633 46.97 -51.36 9.31
C SER A 1633 47.04 -51.23 7.79
N LEU A 1634 47.93 -51.99 7.14
CA LEU A 1634 48.05 -51.91 5.69
C LEU A 1634 47.08 -52.84 4.97
N ILE A 1635 46.36 -53.71 5.70
CA ILE A 1635 45.52 -54.71 5.02
C ILE A 1635 44.38 -54.13 4.19
N PRO A 1636 43.58 -53.15 4.65
CA PRO A 1636 42.45 -52.70 3.80
C PRO A 1636 42.85 -52.01 2.49
N ASN A 1637 44.12 -51.67 2.29
CA ASN A 1637 44.56 -51.01 1.07
C ASN A 1637 45.49 -51.87 0.24
N ILE A 1638 45.45 -53.20 0.44
CA ILE A 1638 46.40 -54.14 -0.14
C ILE A 1638 46.42 -54.08 -1.66
N GLY A 1639 45.27 -53.75 -2.27
CA GLY A 1639 45.18 -53.68 -3.71
C GLY A 1639 46.02 -52.60 -4.34
N TYR A 1640 46.50 -51.65 -3.53
CA TYR A 1640 47.47 -50.69 -4.04
C TYR A 1640 48.78 -51.37 -4.43
N PHE A 1641 49.32 -52.19 -3.54
CA PHE A 1641 50.66 -52.73 -3.77
C PHE A 1641 50.68 -53.74 -4.91
N TYR A 1642 49.59 -54.51 -5.05
CA TYR A 1642 49.46 -55.44 -6.16
C TYR A 1642 49.50 -54.74 -7.52
N HIS A 1643 49.18 -53.44 -7.55
CA HIS A 1643 49.23 -52.75 -8.83
C HIS A 1643 50.67 -52.52 -9.29
N TYR A 1644 51.62 -52.43 -8.37
CA TYR A 1644 52.99 -52.07 -8.74
C TYR A 1644 53.96 -53.24 -8.74
N ALA A 1645 53.69 -54.32 -8.00
CA ALA A 1645 54.60 -55.43 -7.96
C ALA A 1645 54.42 -56.40 -9.12
N THR A 1646 54.47 -55.89 -10.36
CA THR A 1646 54.41 -56.72 -11.55
C THR A 1646 55.43 -56.21 -12.55
N THR A 1647 55.91 -57.12 -13.41
CA THR A 1647 56.99 -56.80 -14.32
C THR A 1647 56.55 -55.99 -15.54
N ASP A 1648 55.27 -55.71 -15.72
CA ASP A 1648 54.85 -54.81 -16.78
C ASP A 1648 54.85 -53.36 -16.32
N GLN A 1649 55.26 -53.09 -15.09
CA GLN A 1649 55.55 -51.75 -14.61
C GLN A 1649 57.05 -51.51 -14.71
N PRO A 1650 57.52 -50.58 -15.56
CA PRO A 1650 58.96 -50.53 -15.86
C PRO A 1650 59.84 -49.88 -14.80
N HIS A 1651 59.29 -49.21 -13.80
CA HIS A 1651 60.10 -48.48 -12.83
C HIS A 1651 60.65 -49.45 -11.80
N VAL A 1652 61.98 -49.55 -11.71
CA VAL A 1652 62.64 -50.63 -10.97
C VAL A 1652 62.40 -50.51 -9.46
N LEU A 1653 62.68 -49.33 -8.89
CA LEU A 1653 62.70 -49.20 -7.44
C LEU A 1653 61.31 -49.34 -6.83
N ILE A 1654 60.29 -48.85 -7.53
CA ILE A 1654 58.93 -48.95 -7.00
C ILE A 1654 58.47 -50.41 -6.97
N ARG A 1655 58.82 -51.17 -8.01
CA ARG A 1655 58.63 -52.63 -8.01
C ARG A 1655 59.34 -53.25 -6.82
N HIS A 1656 60.58 -52.86 -6.60
CA HIS A 1656 61.42 -53.42 -5.54
C HIS A 1656 60.78 -53.24 -4.16
N PHE A 1657 60.36 -52.02 -3.85
CA PHE A 1657 59.80 -51.77 -2.53
C PHE A 1657 58.40 -52.34 -2.37
N ALA A 1658 57.59 -52.36 -3.43
CA ALA A 1658 56.28 -52.99 -3.36
C ALA A 1658 56.39 -54.49 -3.11
N ALA A 1659 57.31 -55.15 -3.80
CA ALA A 1659 57.56 -56.56 -3.58
C ALA A 1659 58.05 -56.83 -2.16
N ARG A 1660 58.95 -55.97 -1.66
CA ARG A 1660 59.41 -56.13 -0.29
C ARG A 1660 58.28 -56.00 0.72
N THR A 1661 57.34 -55.08 0.47
CA THR A 1661 56.20 -54.92 1.37
C THR A 1661 55.31 -56.16 1.38
N LEU A 1662 55.00 -56.69 0.19
CA LEU A 1662 54.14 -57.88 0.13
C LEU A 1662 54.80 -59.09 0.77
N LEU A 1663 56.11 -59.29 0.52
CA LEU A 1663 56.79 -60.42 1.16
C LEU A 1663 56.90 -60.23 2.66
N ALA A 1664 57.05 -58.99 3.13
CA ALA A 1664 57.08 -58.74 4.57
C ALA A 1664 55.75 -59.04 5.23
N LEU A 1665 54.63 -58.76 4.56
CA LEU A 1665 53.34 -59.17 5.11
C LEU A 1665 53.15 -60.68 5.02
N HIS A 1666 53.69 -61.33 3.98
CA HIS A 1666 53.53 -62.77 3.87
C HIS A 1666 54.28 -63.51 4.96
N ASP A 1667 55.49 -63.03 5.31
CA ASP A 1667 56.28 -63.69 6.35
C ASP A 1667 55.66 -63.59 7.74
N SER A 1668 54.77 -62.63 7.96
CA SER A 1668 54.15 -62.43 9.27
C SER A 1668 52.85 -63.18 9.46
N ASP A 1669 52.43 -63.98 8.47
CA ASP A 1669 51.17 -64.73 8.47
C ASP A 1669 49.95 -63.83 8.59
N LEU A 1670 50.03 -62.63 8.01
CA LEU A 1670 48.85 -61.78 7.89
C LEU A 1670 48.07 -62.05 6.61
N ILE A 1671 48.73 -62.57 5.57
CA ILE A 1671 48.09 -62.92 4.31
C ILE A 1671 48.64 -64.26 3.85
N SER A 1672 48.05 -64.78 2.78
CA SER A 1672 48.50 -66.03 2.16
C SER A 1672 48.72 -65.79 0.67
N ILE A 1673 49.90 -66.14 0.18
CA ILE A 1673 50.28 -65.98 -1.21
C ILE A 1673 50.46 -67.37 -1.82
N PRO A 1674 49.90 -67.63 -3.01
CA PRO A 1674 50.13 -68.90 -3.69
C PRO A 1674 51.59 -69.11 -4.06
N ALA A 1675 51.96 -70.39 -4.20
CA ALA A 1675 53.37 -70.78 -4.22
C ALA A 1675 54.10 -70.30 -5.47
N GLN A 1676 53.39 -70.07 -6.58
CA GLN A 1676 54.08 -69.54 -7.75
C GLN A 1676 54.12 -68.02 -7.74
N GLU A 1677 53.14 -67.37 -7.12
CA GLU A 1677 53.16 -65.91 -7.00
C GLU A 1677 54.32 -65.46 -6.12
N GLU A 1678 54.59 -66.21 -5.05
CA GLU A 1678 55.76 -65.93 -4.21
C GLU A 1678 57.05 -66.08 -5.01
N ASN A 1679 57.12 -67.10 -5.86
CA ASN A 1679 58.31 -67.32 -6.66
C ASN A 1679 58.50 -66.23 -7.70
N LYS A 1680 57.41 -65.67 -8.22
CA LYS A 1680 57.52 -64.53 -9.12
C LYS A 1680 57.98 -63.29 -8.37
N LEU A 1681 57.41 -63.02 -7.19
CA LEU A 1681 57.77 -61.83 -6.42
C LEU A 1681 59.23 -61.86 -5.99
N ARG A 1682 59.73 -63.02 -5.55
CA ARG A 1682 61.11 -63.11 -5.06
C ARG A 1682 62.15 -62.98 -6.17
N ASN A 1683 61.76 -62.98 -7.44
CA ASN A 1683 62.70 -62.92 -8.55
C ASN A 1683 62.39 -61.76 -9.50
N ILE A 1684 61.83 -60.66 -8.97
CA ILE A 1684 61.15 -59.66 -9.80
C ILE A 1684 62.11 -58.93 -10.73
N ASN A 1685 63.38 -58.82 -10.37
CA ASN A 1685 64.36 -58.14 -11.21
C ASN A 1685 65.42 -59.08 -11.77
N GLN A 1686 65.07 -60.34 -11.98
CA GLN A 1686 65.99 -61.28 -12.62
C GLN A 1686 66.05 -61.02 -14.12
N SER A 1687 67.26 -61.09 -14.67
CA SER A 1687 67.51 -60.86 -16.10
C SER A 1687 67.12 -62.10 -16.88
N THR A 1688 65.83 -62.20 -17.19
CA THR A 1688 65.25 -63.41 -17.77
C THR A 1688 65.57 -63.56 -19.25
N THR A 1689 65.83 -62.47 -19.96
CA THR A 1689 65.92 -62.49 -21.42
C THR A 1689 67.31 -62.83 -21.94
N LEU A 1690 68.06 -63.61 -21.15
CA LEU A 1690 69.38 -64.17 -21.46
C LEU A 1690 69.54 -64.80 -22.86
N PRO A 1691 68.57 -65.55 -23.41
CA PRO A 1691 68.80 -66.10 -24.76
C PRO A 1691 68.80 -65.07 -25.89
N VAL A 1692 68.22 -63.90 -25.69
CA VAL A 1692 68.02 -62.95 -26.79
C VAL A 1692 69.32 -62.38 -27.35
N GLU A 1702 67.23 -32.99 -34.80
CA GLU A 1702 66.99 -33.93 -33.71
C GLU A 1702 67.14 -33.15 -32.39
N ASP A 1703 66.77 -33.77 -31.27
CA ASP A 1703 66.61 -33.03 -30.01
C ASP A 1703 67.92 -32.49 -29.48
N SER A 1704 67.84 -31.31 -28.86
CA SER A 1704 69.01 -30.63 -28.29
C SER A 1704 69.28 -31.01 -26.85
N TYR A 1705 68.43 -31.81 -26.22
CA TYR A 1705 68.57 -32.13 -24.81
C TYR A 1705 69.84 -32.95 -24.57
N THR A 1706 70.61 -32.55 -23.56
CA THR A 1706 71.88 -33.21 -23.28
C THR A 1706 72.02 -33.42 -21.78
N PHE A 1707 72.79 -34.42 -21.41
CA PHE A 1707 72.89 -34.88 -20.03
C PHE A 1707 74.16 -34.39 -19.33
N GLY A 1708 74.71 -33.28 -19.76
CA GLY A 1708 75.63 -32.51 -18.96
C GLY A 1708 77.00 -33.12 -18.74
N ILE A 1709 77.73 -32.48 -17.83
CA ILE A 1709 79.12 -32.83 -17.55
C ILE A 1709 79.27 -33.77 -16.36
N ASP A 1710 78.22 -33.95 -15.56
CA ASP A 1710 78.29 -34.79 -14.37
C ASP A 1710 77.30 -35.95 -14.36
N PHE A 1711 76.08 -35.73 -14.83
CA PHE A 1711 75.09 -36.81 -14.79
C PHE A 1711 75.44 -37.93 -15.75
N GLY A 1712 75.84 -37.59 -16.98
CA GLY A 1712 76.22 -38.55 -17.98
C GLY A 1712 77.32 -39.50 -17.53
N PRO A 1713 78.55 -38.98 -17.41
CA PRO A 1713 79.70 -39.85 -17.13
C PRO A 1713 79.64 -40.60 -15.81
N TYR A 1714 78.97 -40.08 -14.79
CA TYR A 1714 78.97 -40.72 -13.48
C TYR A 1714 77.68 -41.43 -13.12
N TRP A 1715 76.60 -41.23 -13.87
CA TRP A 1715 75.35 -41.93 -13.62
C TRP A 1715 74.93 -42.87 -14.73
N LEU A 1716 75.04 -42.47 -16.00
CA LEU A 1716 74.55 -43.34 -17.06
C LEU A 1716 75.56 -44.41 -17.44
N LYS A 1717 76.85 -44.06 -17.40
CA LYS A 1717 77.89 -45.02 -17.80
C LYS A 1717 77.97 -46.28 -16.94
N PRO A 1718 77.92 -46.24 -15.60
CA PRO A 1718 77.92 -47.51 -14.85
C PRO A 1718 76.72 -48.40 -15.11
N LEU A 1719 75.56 -47.84 -15.44
CA LEU A 1719 74.44 -48.67 -15.85
C LEU A 1719 74.75 -49.38 -17.16
N GLY A 1720 75.23 -48.64 -18.15
CA GLY A 1720 75.52 -49.24 -19.45
C GLY A 1720 76.65 -50.25 -19.41
N ARG A 1721 77.57 -50.12 -18.45
CA ARG A 1721 78.63 -51.11 -18.31
C ARG A 1721 78.11 -52.50 -17.97
N CYS A 1722 76.93 -52.59 -17.34
CA CYS A 1722 76.34 -53.89 -17.04
C CYS A 1722 75.92 -54.66 -18.29
N PHE A 1723 75.78 -53.98 -19.43
CA PHE A 1723 75.36 -54.63 -20.66
C PHE A 1723 76.34 -54.40 -21.81
N GLY A 1724 77.49 -53.78 -21.56
CA GLY A 1724 78.43 -53.48 -22.62
C GLY A 1724 77.99 -52.37 -23.55
N VAL A 1725 77.19 -51.44 -23.06
CA VAL A 1725 76.59 -50.38 -23.87
C VAL A 1725 77.11 -49.04 -23.39
N SER A 1726 77.56 -48.20 -24.32
CA SER A 1726 77.94 -46.84 -24.00
C SER A 1726 76.72 -45.94 -23.94
N GLN A 1727 76.83 -44.83 -23.20
CA GLN A 1727 75.67 -43.98 -22.93
C GLN A 1727 75.12 -43.31 -24.18
N LYS A 1728 75.98 -43.10 -25.19
CA LYS A 1728 75.50 -42.57 -26.47
C LYS A 1728 74.51 -43.52 -27.12
N GLN A 1729 74.66 -44.83 -26.91
CA GLN A 1729 73.72 -45.78 -27.45
C GLN A 1729 72.40 -45.82 -26.69
N LEU A 1730 72.36 -45.35 -25.44
CA LEU A 1730 71.14 -45.41 -24.65
C LEU A 1730 70.45 -44.07 -24.46
N GLU A 1731 71.02 -42.96 -24.93
CA GLU A 1731 70.30 -41.69 -24.97
C GLU A 1731 68.97 -41.69 -25.74
N PRO A 1732 68.83 -42.35 -26.92
CA PRO A 1732 67.54 -42.27 -27.64
C PRO A 1732 66.33 -42.81 -26.88
N GLU A 1733 66.51 -43.76 -25.96
CA GLU A 1733 65.38 -44.20 -25.17
C GLU A 1733 65.03 -43.19 -24.08
N MET A 1734 66.06 -42.58 -23.49
CA MET A 1734 65.86 -41.58 -22.46
C MET A 1734 65.11 -40.37 -23.00
N LEU A 1735 65.44 -39.94 -24.22
CA LEU A 1735 64.72 -38.81 -24.81
C LEU A 1735 63.26 -39.15 -25.08
N ARG A 1736 62.99 -40.39 -25.52
CA ARG A 1736 61.61 -40.82 -25.70
C ARG A 1736 60.84 -40.79 -24.40
N ILE A 1737 61.44 -41.31 -23.33
CA ILE A 1737 60.78 -41.36 -22.03
C ILE A 1737 60.48 -39.96 -21.52
N ILE A 1738 61.44 -39.04 -21.67
CA ILE A 1738 61.24 -37.67 -21.20
C ILE A 1738 60.14 -36.98 -22.01
N ARG A 1739 60.18 -37.10 -23.33
CA ARG A 1739 59.25 -36.34 -24.16
C ARG A 1739 57.83 -36.91 -24.13
N ASP A 1740 57.68 -38.22 -23.93
CA ASP A 1740 56.37 -38.85 -24.13
C ASP A 1740 55.68 -39.27 -22.84
N VAL A 1741 56.40 -39.76 -21.84
CA VAL A 1741 55.77 -40.23 -20.61
C VAL A 1741 55.77 -39.14 -19.54
N LEU A 1742 56.92 -38.56 -19.24
CA LEU A 1742 56.98 -37.52 -18.23
C LEU A 1742 56.41 -36.20 -18.76
N GLY A 1743 56.43 -36.00 -20.07
CA GLY A 1743 55.68 -34.94 -20.70
C GLY A 1743 56.37 -33.60 -20.84
N PHE A 1744 57.67 -33.50 -20.58
CA PHE A 1744 58.37 -32.24 -20.76
C PHE A 1744 58.78 -32.09 -22.21
N LYS A 1745 58.58 -30.87 -22.75
CA LYS A 1745 58.87 -30.63 -24.17
C LYS A 1745 59.66 -29.35 -24.42
N GLY A 1746 60.40 -28.84 -23.44
CA GLY A 1746 61.19 -27.64 -23.59
C GLY A 1746 62.64 -27.91 -23.93
N SER A 1747 63.52 -27.02 -23.47
CA SER A 1747 64.95 -27.11 -23.69
C SER A 1747 65.68 -27.35 -22.37
N ARG A 1748 67.01 -27.40 -22.45
CA ARG A 1748 67.87 -27.77 -21.34
C ARG A 1748 68.27 -26.56 -20.49
N ASN A 1749 67.84 -25.35 -20.87
CA ASN A 1749 68.34 -24.11 -20.27
C ASN A 1749 67.99 -24.01 -18.78
N TRP A 1750 68.89 -23.36 -18.04
CA TRP A 1750 68.80 -23.28 -16.58
C TRP A 1750 67.58 -22.52 -16.11
N ASP A 1751 66.97 -21.68 -16.95
CA ASP A 1751 65.81 -20.91 -16.57
C ASP A 1751 64.50 -21.51 -17.09
N GLU A 1752 64.45 -22.81 -17.30
CA GLU A 1752 63.19 -23.51 -17.51
C GLU A 1752 62.51 -23.93 -16.22
N ASP A 1753 63.18 -23.75 -15.08
CA ASP A 1753 62.65 -24.13 -13.78
C ASP A 1753 62.19 -22.85 -13.09
N GLU A 1754 60.89 -22.80 -12.74
CA GLU A 1754 60.33 -21.60 -12.12
C GLU A 1754 60.95 -21.31 -10.76
N ARG A 1755 61.19 -22.34 -9.95
CA ARG A 1755 61.81 -22.13 -8.64
C ARG A 1755 63.22 -21.58 -8.77
N ASN A 1756 63.90 -21.88 -9.88
CA ASN A 1756 65.23 -21.32 -10.13
C ASN A 1756 65.13 -19.89 -10.64
N LYS A 1757 64.12 -19.61 -11.46
CA LYS A 1757 63.91 -18.25 -11.97
C LYS A 1757 63.56 -17.29 -10.85
N ARG A 1758 62.71 -17.72 -9.91
CA ARG A 1758 62.30 -16.91 -8.77
C ARG A 1758 63.29 -16.94 -7.62
N ARG A 1759 64.46 -17.57 -7.82
CA ARG A 1759 65.58 -17.59 -6.85
C ARG A 1759 65.19 -18.17 -5.49
N TYR A 1760 64.46 -19.28 -5.48
CA TYR A 1760 64.21 -19.98 -4.21
C TYR A 1760 65.40 -20.79 -3.74
N TYR A 1761 66.12 -21.45 -4.65
CA TYR A 1761 67.34 -22.15 -4.25
C TYR A 1761 68.42 -21.14 -3.86
N GLN A 1762 69.25 -21.51 -2.89
CA GLN A 1762 70.23 -20.58 -2.37
C GLN A 1762 71.49 -21.32 -1.94
N ASP A 1763 72.62 -20.66 -2.17
CA ASP A 1763 73.96 -21.14 -1.79
C ASP A 1763 74.28 -22.53 -2.36
N ARG A 1764 73.92 -22.75 -3.63
CA ARG A 1764 74.27 -23.96 -4.39
C ARG A 1764 73.81 -25.24 -3.71
N ASP A 1765 72.61 -25.23 -3.12
CA ASP A 1765 72.04 -26.46 -2.59
C ASP A 1765 71.78 -27.49 -3.67
N ASN A 1766 71.55 -27.05 -4.89
CA ASN A 1766 71.19 -27.93 -5.98
C ASN A 1766 72.37 -28.36 -6.85
N HIS A 1767 73.60 -28.14 -6.41
CA HIS A 1767 74.78 -28.57 -7.17
C HIS A 1767 75.24 -29.95 -6.72
N HIS A 1768 75.84 -30.68 -7.66
CA HIS A 1768 76.33 -32.02 -7.39
C HIS A 1768 77.42 -32.37 -8.41
N SER A 1769 78.26 -33.33 -8.05
CA SER A 1769 79.31 -33.82 -8.94
C SER A 1769 79.82 -35.16 -8.44
N HIS A 1770 80.44 -35.91 -9.35
CA HIS A 1770 81.12 -37.18 -9.07
C HIS A 1770 80.21 -38.22 -8.43
N GLY A 1771 78.93 -38.22 -8.79
CA GLY A 1771 78.01 -39.22 -8.28
C GLY A 1771 77.40 -38.92 -6.92
N SER A 1772 77.66 -37.74 -6.37
CA SER A 1772 77.02 -37.36 -5.12
C SER A 1772 75.58 -36.93 -5.34
N TYR A 1773 74.74 -37.17 -4.34
CA TYR A 1773 73.37 -36.67 -4.39
C TYR A 1773 73.34 -35.17 -4.06
N PRO A 1774 72.37 -34.44 -4.60
CA PRO A 1774 72.16 -33.06 -4.17
C PRO A 1774 71.41 -33.00 -2.86
N ARG A 1775 71.41 -31.80 -2.27
CA ARG A 1775 70.54 -31.56 -1.12
C ARG A 1775 69.15 -31.14 -1.55
N VAL A 1776 69.04 -30.43 -2.66
CA VAL A 1776 67.75 -29.98 -3.20
C VAL A 1776 67.67 -30.42 -4.67
N ASP A 1777 66.55 -31.03 -5.04
CA ASP A 1777 66.37 -31.61 -6.37
C ASP A 1777 65.73 -30.58 -7.29
N ASP A 1778 66.50 -30.07 -8.24
CA ASP A 1778 65.92 -29.24 -9.29
C ASP A 1778 65.32 -30.09 -10.40
N TYR A 1779 64.61 -29.44 -11.32
CA TYR A 1779 63.65 -30.10 -12.19
C TYR A 1779 64.33 -31.07 -13.17
N HIS A 1780 65.45 -30.65 -13.75
CA HIS A 1780 66.15 -31.50 -14.70
C HIS A 1780 66.67 -32.77 -14.03
N PHE A 1781 67.09 -32.66 -12.76
CA PHE A 1781 67.55 -33.82 -12.01
C PHE A 1781 66.42 -34.79 -11.73
N TYR A 1782 65.23 -34.27 -11.40
CA TYR A 1782 64.05 -35.10 -11.22
C TYR A 1782 63.74 -35.89 -12.48
N LEU A 1783 63.75 -35.21 -13.64
CA LEU A 1783 63.43 -35.87 -14.90
C LEU A 1783 64.45 -36.95 -15.24
N SER A 1784 65.74 -36.64 -15.14
CA SER A 1784 66.77 -37.62 -15.47
C SER A 1784 66.79 -38.78 -14.48
N TYR A 1785 66.53 -38.49 -13.20
CA TYR A 1785 66.51 -39.51 -12.16
C TYR A 1785 65.45 -40.56 -12.43
N HIS A 1786 64.23 -40.12 -12.76
CA HIS A 1786 63.21 -41.15 -13.01
C HIS A 1786 63.37 -41.79 -14.39
N ALA A 1787 63.93 -41.05 -15.36
CA ALA A 1787 64.12 -41.63 -16.69
C ALA A 1787 65.13 -42.76 -16.67
N MET A 1788 66.17 -42.67 -15.83
CA MET A 1788 67.16 -43.74 -15.77
C MET A 1788 66.56 -45.06 -15.25
N PHE A 1789 65.76 -44.99 -14.18
CA PHE A 1789 65.15 -46.19 -13.65
C PHE A 1789 64.06 -46.73 -14.57
N MET A 1790 63.42 -45.88 -15.37
CA MET A 1790 62.52 -46.44 -16.38
C MET A 1790 63.27 -47.00 -17.59
N THR A 1791 64.50 -46.54 -17.84
CA THR A 1791 65.30 -47.09 -18.92
C THR A 1791 65.78 -48.50 -18.61
N ALA A 1792 66.26 -48.72 -17.38
CA ALA A 1792 66.88 -50.01 -17.03
C ALA A 1792 65.90 -51.18 -17.16
N GLY A 1793 64.62 -50.93 -16.83
CA GLY A 1793 63.62 -51.99 -16.87
C GLY A 1793 63.39 -52.57 -18.25
N GLN A 1794 63.62 -51.78 -19.30
CA GLN A 1794 63.58 -52.33 -20.64
C GLN A 1794 64.78 -53.21 -20.93
N LEU A 1795 65.97 -52.82 -20.45
CA LEU A 1795 67.17 -53.58 -20.75
C LEU A 1795 67.14 -54.95 -20.08
N LEU A 1796 66.51 -55.06 -18.91
CA LEU A 1796 66.26 -56.40 -18.39
C LEU A 1796 65.32 -57.19 -19.30
N ALA A 1797 64.41 -56.51 -19.99
CA ALA A 1797 63.43 -57.21 -20.83
C ALA A 1797 63.90 -57.46 -22.25
N THR A 1798 65.11 -57.02 -22.63
CA THR A 1798 65.55 -57.20 -24.02
C THR A 1798 66.96 -57.76 -24.18
N LYS A 1799 67.83 -57.61 -23.19
CA LYS A 1799 69.25 -57.83 -23.47
C LYS A 1799 69.98 -58.55 -22.34
N PRO A 1800 70.79 -59.55 -22.68
CA PRO A 1800 71.56 -60.26 -21.64
C PRO A 1800 72.68 -59.41 -21.08
N LEU A 1801 73.00 -59.65 -19.82
CA LEU A 1801 74.02 -58.88 -19.12
C LEU A 1801 75.38 -59.56 -19.20
N VAL A 1802 76.41 -58.78 -18.88
CA VAL A 1802 77.80 -59.21 -18.97
C VAL A 1802 78.40 -59.24 -17.59
N GLY A 1803 78.90 -60.39 -17.17
CA GLY A 1803 79.56 -60.52 -15.89
C GLY A 1803 80.94 -59.89 -15.85
N GLU A 1810 77.84 -63.67 -8.76
CA GLU A 1810 77.60 -64.06 -10.14
C GLU A 1810 76.54 -63.19 -10.80
N ASP A 1811 76.02 -62.23 -10.04
CA ASP A 1811 75.00 -61.31 -10.52
C ASP A 1811 75.53 -59.90 -10.31
N VAL A 1812 75.61 -59.13 -11.41
CA VAL A 1812 76.16 -57.78 -11.35
C VAL A 1812 75.07 -56.74 -11.11
N PHE A 1813 73.80 -57.06 -11.38
CA PHE A 1813 72.77 -56.03 -11.37
C PHE A 1813 72.43 -55.59 -9.95
N GLN A 1814 72.44 -56.52 -9.00
CA GLN A 1814 72.16 -56.16 -7.61
C GLN A 1814 73.25 -55.26 -7.05
N ASP A 1815 74.49 -55.50 -7.43
CA ASP A 1815 75.60 -54.67 -6.95
C ASP A 1815 75.56 -53.28 -7.56
N TRP A 1816 74.85 -53.10 -8.68
CA TRP A 1816 74.58 -51.75 -9.16
C TRP A 1816 73.40 -51.13 -8.43
N LEU A 1817 72.33 -51.90 -8.25
CA LEU A 1817 71.09 -51.37 -7.72
C LEU A 1817 71.23 -50.94 -6.27
N ARG A 1818 72.04 -51.66 -5.48
CA ARG A 1818 72.13 -51.31 -4.07
C ARG A 1818 72.88 -50.02 -3.81
N ARG A 1819 73.49 -49.42 -4.84
CA ARG A 1819 74.03 -48.07 -4.73
C ARG A 1819 72.92 -47.05 -4.47
N HIS A 1820 71.69 -47.37 -4.85
CA HIS A 1820 70.57 -46.43 -4.77
C HIS A 1820 69.52 -46.91 -3.78
N ASP A 1821 69.95 -47.41 -2.62
CA ASP A 1821 69.06 -48.07 -1.68
C ASP A 1821 69.39 -47.58 -0.27
N ILE A 1822 68.52 -47.92 0.69
CA ILE A 1822 68.78 -47.61 2.08
C ILE A 1822 69.97 -48.42 2.59
N SER A 1823 70.52 -48.00 3.73
CA SER A 1823 71.86 -48.40 4.10
C SER A 1823 71.97 -49.80 4.70
N ARG A 1824 70.90 -50.36 5.27
CA ARG A 1824 71.00 -51.56 6.09
C ARG A 1824 70.47 -52.78 5.36
N ASN A 1825 71.18 -53.90 5.52
CA ASN A 1825 70.79 -55.15 4.87
C ASN A 1825 69.63 -55.86 5.57
N ASP A 1826 69.36 -55.53 6.82
CA ASP A 1826 68.24 -56.13 7.55
C ASP A 1826 66.97 -55.28 7.49
N HIS A 1827 66.92 -54.33 6.56
CA HIS A 1827 65.75 -53.51 6.23
C HIS A 1827 65.31 -52.56 7.33
N ARG A 1828 66.10 -52.41 8.40
CA ARG A 1828 65.82 -51.38 9.39
C ARG A 1828 66.47 -50.06 8.96
N TRP A 1829 66.16 -48.99 9.68
CA TRP A 1829 66.69 -47.67 9.35
C TRP A 1829 67.85 -47.30 10.28
N LEU A 1830 68.64 -46.32 9.83
CA LEU A 1830 69.74 -45.82 10.65
C LEU A 1830 69.25 -45.10 11.89
N ALA A 1831 68.01 -44.61 11.88
CA ALA A 1831 67.45 -43.91 13.02
C ALA A 1831 67.27 -44.80 14.23
N ASP A 1832 67.25 -46.12 14.04
CA ASP A 1832 67.13 -47.05 15.14
C ASP A 1832 68.43 -47.24 15.90
N ARG A 1833 69.56 -46.87 15.30
CA ARG A 1833 70.87 -47.09 15.89
C ARG A 1833 71.31 -45.96 16.81
N ARG A 1834 70.71 -44.78 16.73
CA ARG A 1834 71.24 -43.63 17.46
C ARG A 1834 70.94 -43.74 18.94
N ASP A 1835 71.93 -43.37 19.77
CA ASP A 1835 71.81 -43.32 21.22
C ASP A 1835 72.06 -41.90 21.72
N ILE A 1836 71.56 -41.61 22.92
CA ILE A 1836 71.79 -40.33 23.59
C ILE A 1836 73.24 -40.26 24.05
N PRO A 1837 73.81 -39.06 24.22
CA PRO A 1837 75.23 -38.94 24.61
C PRO A 1837 75.49 -39.52 25.99
N PRO A 1838 76.68 -40.09 26.20
CA PRO A 1838 77.04 -40.62 27.52
C PRO A 1838 77.33 -39.51 28.52
N LYS A 1839 77.36 -39.93 29.79
CA LYS A 1839 77.59 -39.01 30.90
C LYS A 1839 79.01 -38.45 30.87
N GLU A 1840 79.15 -37.18 31.23
CA GLU A 1840 80.38 -36.44 30.99
C GLU A 1840 81.51 -36.83 31.95
N ARG A 1841 82.74 -36.67 31.48
CA ARG A 1841 83.93 -36.89 32.28
C ARG A 1841 84.14 -35.74 33.27
N SER A 1842 84.46 -36.08 34.52
CA SER A 1842 84.53 -35.09 35.60
C SER A 1842 85.62 -34.04 35.36
N SER A 1843 86.75 -34.47 34.80
CA SER A 1843 87.85 -33.53 34.51
C SER A 1843 87.40 -32.45 33.54
N TRP A 1844 86.51 -32.80 32.60
CA TRP A 1844 85.98 -31.82 31.66
C TRP A 1844 85.16 -30.75 32.37
N LEU A 1845 84.20 -31.16 33.22
CA LEU A 1845 83.37 -30.21 33.94
C LEU A 1845 84.19 -29.29 34.83
N ASN A 1846 85.12 -29.86 35.59
CA ASN A 1846 85.86 -29.01 36.52
C ASN A 1846 86.92 -28.17 35.81
N SER A 1847 87.60 -28.73 34.81
CA SER A 1847 88.66 -28.01 34.12
C SER A 1847 88.15 -27.02 33.09
N SER A 1848 86.84 -26.99 32.84
CA SER A 1848 86.26 -25.97 31.96
C SER A 1848 86.53 -24.55 32.45
N SER A 1849 86.74 -24.37 33.76
CA SER A 1849 86.91 -23.04 34.33
C SER A 1849 88.31 -22.46 34.15
N ASP A 1850 89.30 -23.27 33.78
CA ASP A 1850 90.68 -22.84 33.78
C ASP A 1850 91.00 -21.94 32.57
N ASN A 1851 92.14 -21.26 32.66
CA ASN A 1851 92.59 -20.36 31.61
C ASN A 1851 93.07 -21.13 30.39
N ARG A 1852 92.78 -20.60 29.20
CA ARG A 1852 92.82 -21.42 27.99
C ARG A 1852 94.25 -21.70 27.51
N ASP A 1853 95.12 -20.69 27.50
CA ASP A 1853 96.48 -20.88 26.99
C ASP A 1853 97.27 -21.86 27.84
N GLU A 1854 97.04 -21.83 29.15
CA GLU A 1854 97.62 -22.85 30.03
C GLU A 1854 97.01 -24.21 29.76
N TRP A 1855 95.68 -24.26 29.59
CA TRP A 1855 94.97 -25.53 29.48
C TRP A 1855 95.33 -26.27 28.19
N LEU A 1856 95.68 -25.53 27.13
CA LEU A 1856 96.07 -26.17 25.88
C LEU A 1856 97.39 -26.95 25.99
N ALA A 1857 98.17 -26.75 27.05
CA ALA A 1857 99.49 -27.34 27.16
C ALA A 1857 99.71 -28.19 28.40
N SER A 1858 98.70 -28.36 29.24
CA SER A 1858 98.89 -28.90 30.59
C SER A 1858 97.99 -30.10 30.84
N ILE A 1859 98.08 -31.12 29.99
CA ILE A 1859 97.27 -32.33 30.15
C ILE A 1859 97.74 -33.11 31.37
N SER A 1860 96.82 -33.36 32.29
CA SER A 1860 97.12 -34.12 33.49
C SER A 1860 96.97 -35.63 33.25
N GLU A 1861 97.51 -36.42 34.18
CA GLU A 1861 97.43 -37.86 34.09
C GLU A 1861 96.03 -38.39 34.38
N ASN A 1862 95.17 -37.57 34.99
CA ASN A 1862 93.84 -38.01 35.43
C ASN A 1862 92.98 -38.49 34.26
N VAL A 1863 93.03 -37.75 33.14
CA VAL A 1863 92.10 -37.99 32.03
C VAL A 1863 92.30 -39.36 31.40
N PHE A 1864 93.51 -39.93 31.49
CA PHE A 1864 93.72 -41.29 31.01
C PHE A 1864 93.02 -42.32 31.89
N ASN A 1865 93.02 -42.09 33.21
CA ASN A 1865 92.28 -42.97 34.11
C ASN A 1865 90.78 -42.87 33.87
N GLU A 1866 90.29 -41.65 33.58
CA GLU A 1866 88.88 -41.53 33.19
C GLU A 1866 88.60 -42.19 31.85
N THR A 1867 89.52 -42.09 30.90
CA THR A 1867 89.28 -42.62 29.55
C THR A 1867 89.22 -44.14 29.55
N LEU A 1868 90.17 -44.80 30.23
CA LEU A 1868 90.19 -46.26 30.16
C LEU A 1868 89.02 -46.89 30.93
N CYS A 1869 88.49 -46.20 31.93
CA CYS A 1869 87.41 -46.73 32.77
C CYS A 1869 86.24 -45.76 32.81
N PRO A 1870 85.18 -46.01 32.03
CA PRO A 1870 84.01 -45.13 32.09
C PRO A 1870 83.26 -45.19 33.41
N SER A 1871 83.23 -46.36 34.03
CA SER A 1871 82.36 -46.63 35.17
C SER A 1871 82.92 -47.85 35.89
N PRO A 1872 82.63 -48.00 37.20
CA PRO A 1872 83.24 -49.10 37.96
C PRO A 1872 82.78 -50.48 37.46
N GLY A 1873 83.75 -51.35 37.24
CA GLY A 1873 83.51 -52.63 36.64
C GLY A 1873 83.53 -52.67 35.13
N LEU A 1874 83.79 -51.54 34.47
CA LEU A 1874 83.73 -51.46 33.01
C LEU A 1874 85.01 -50.84 32.45
N LEU A 1875 85.41 -51.30 31.27
CA LEU A 1875 86.61 -50.82 30.58
C LEU A 1875 86.30 -50.58 29.10
N THR A 1876 86.95 -49.55 28.55
CA THR A 1876 86.79 -49.21 27.13
C THR A 1876 87.79 -50.01 26.30
N LEU A 1877 87.29 -50.74 25.30
CA LEU A 1877 88.21 -51.45 24.41
C LEU A 1877 88.50 -50.68 23.14
N TRP A 1878 87.53 -49.91 22.63
CA TRP A 1878 87.70 -49.21 21.38
C TRP A 1878 86.84 -47.95 21.42
N GLY A 1879 87.28 -46.93 20.72
CA GLY A 1879 86.50 -45.71 20.68
C GLY A 1879 87.29 -44.54 20.14
N ARG A 1880 86.54 -43.54 19.70
CA ARG A 1880 87.10 -42.29 19.18
C ARG A 1880 86.01 -41.24 19.24
N TRP A 1881 86.25 -40.15 19.98
CA TRP A 1881 85.23 -39.12 20.07
C TRP A 1881 85.82 -37.77 20.41
N SER A 1882 84.98 -36.74 20.32
CA SER A 1882 85.34 -35.36 20.57
C SER A 1882 84.28 -34.71 21.46
N ASP A 1883 84.74 -33.90 22.40
CA ASP A 1883 83.84 -33.19 23.32
C ASP A 1883 84.08 -31.69 23.19
N VAL A 1884 82.98 -30.93 23.15
CA VAL A 1884 82.98 -29.58 22.58
C VAL A 1884 82.37 -28.60 23.57
N CYS A 1885 82.93 -27.40 23.65
CA CYS A 1885 82.28 -26.27 24.31
C CYS A 1885 82.48 -25.03 23.44
N SER A 1886 82.12 -23.87 23.98
CA SER A 1886 82.16 -22.62 23.23
C SER A 1886 83.57 -22.16 22.88
N ASP A 1887 84.59 -22.63 23.61
CA ASP A 1887 85.95 -22.15 23.41
C ASP A 1887 86.97 -23.26 23.21
N ARG A 1888 86.63 -24.52 23.47
CA ARG A 1888 87.63 -25.57 23.57
C ARG A 1888 87.03 -26.86 23.00
N LYS A 1889 87.92 -27.77 22.60
CA LYS A 1889 87.48 -29.12 22.24
C LYS A 1889 88.57 -30.11 22.56
N GLU A 1890 88.15 -31.32 22.93
CA GLU A 1890 89.06 -32.42 23.23
C GLU A 1890 88.77 -33.59 22.30
N SER A 1891 89.82 -34.30 21.91
CA SER A 1891 89.72 -35.50 21.09
C SER A 1891 90.39 -36.67 21.79
N ILE A 1892 89.74 -37.85 21.73
CA ILE A 1892 90.16 -39.04 22.44
C ILE A 1892 90.10 -40.23 21.51
N ILE A 1893 91.17 -41.04 21.48
CA ILE A 1893 91.25 -42.26 20.67
C ILE A 1893 91.74 -43.41 21.54
N VAL A 1894 91.17 -44.61 21.36
CA VAL A 1894 91.52 -45.80 22.14
C VAL A 1894 91.71 -46.98 21.18
N HIS A 1895 92.74 -47.78 21.42
CA HIS A 1895 92.97 -49.03 20.66
C HIS A 1895 93.36 -50.16 21.60
N SER A 1896 93.08 -51.41 21.18
CA SER A 1896 93.43 -52.58 21.97
C SER A 1896 93.77 -53.77 21.07
N ALA A 1897 94.72 -54.60 21.53
CA ALA A 1897 95.06 -55.83 20.82
C ALA A 1897 95.75 -56.84 21.75
N LEU A 1898 95.74 -58.09 21.32
CA LEU A 1898 96.30 -59.22 22.07
C LEU A 1898 97.75 -59.48 21.67
N VAL A 1899 98.58 -59.82 22.66
CA VAL A 1899 100.00 -60.10 22.49
C VAL A 1899 100.36 -61.32 23.34
N SER A 1900 101.32 -62.12 22.84
CA SER A 1900 101.79 -63.31 23.52
C SER A 1900 102.29 -62.98 24.93
N PRO A 1901 101.99 -63.83 25.93
CA PRO A 1901 102.21 -63.44 27.34
C PRO A 1901 103.65 -63.09 27.70
N GLU A 1902 104.63 -63.84 27.22
CA GLU A 1902 106.03 -63.51 27.51
C GLU A 1902 106.48 -62.31 26.68
N ARG A 1903 106.11 -62.27 25.39
CA ARG A 1903 106.56 -61.22 24.49
C ARG A 1903 105.97 -59.85 24.87
N SER A 1904 104.86 -59.84 25.64
CA SER A 1904 104.22 -58.60 26.05
C SER A 1904 105.14 -57.72 26.87
N LEU A 1905 105.96 -58.35 27.72
CA LEU A 1905 106.89 -57.61 28.56
C LEU A 1905 107.94 -56.87 27.73
N SER A 1906 108.27 -57.41 26.55
CA SER A 1906 109.15 -56.71 25.63
C SER A 1906 108.40 -55.64 24.83
N LEU A 1907 107.17 -55.94 24.41
CA LEU A 1907 106.44 -55.03 23.54
C LEU A 1907 106.05 -53.75 24.27
N LEU A 1908 105.79 -53.85 25.58
CA LEU A 1908 105.44 -52.68 26.37
C LEU A 1908 106.55 -51.63 26.36
N ARG A 1909 107.80 -52.09 26.45
CA ARG A 1909 108.93 -51.18 26.30
C ARG A 1909 109.14 -50.81 24.84
N ALA A 1910 108.89 -51.74 23.93
CA ALA A 1910 109.20 -51.54 22.51
C ALA A 1910 108.39 -50.41 21.90
N LEU A 1911 107.09 -50.36 22.18
CA LEU A 1911 106.25 -49.35 21.55
C LEU A 1911 106.51 -47.95 22.09
N GLN A 1912 106.79 -47.83 23.39
CA GLN A 1912 106.95 -46.50 23.97
C GLN A 1912 108.29 -45.87 23.62
N THR A 1913 109.32 -46.68 23.35
CA THR A 1913 110.63 -46.16 22.95
C THR A 1913 110.62 -45.93 21.44
N THR A 1914 110.16 -44.74 21.05
CA THR A 1914 109.94 -44.45 19.64
C THR A 1914 110.17 -42.96 19.35
N LYS A 1915 110.44 -42.67 18.08
CA LYS A 1915 110.48 -41.28 17.60
C LYS A 1915 109.09 -40.75 17.25
N ASN A 1916 108.15 -41.62 16.90
CA ASN A 1916 106.86 -41.21 16.37
C ASN A 1916 105.83 -42.27 16.71
N VAL A 1917 104.55 -41.86 16.75
CA VAL A 1917 103.47 -42.76 17.10
C VAL A 1917 102.43 -42.82 15.99
N TYR A 1918 102.51 -41.91 15.02
CA TYR A 1918 101.58 -41.92 13.91
C TYR A 1918 101.96 -42.89 12.80
N ASP A 1919 103.18 -43.42 12.81
CA ASP A 1919 103.63 -44.27 11.71
C ASP A 1919 103.38 -45.76 11.92
N TYR A 1920 102.89 -46.18 13.09
CA TYR A 1920 102.63 -47.58 13.36
C TYR A 1920 101.24 -47.75 13.98
N LYS A 1921 100.72 -48.97 13.86
CA LYS A 1921 99.31 -49.25 14.11
C LYS A 1921 99.16 -50.44 15.06
N ILE A 1922 98.31 -50.29 16.06
CA ILE A 1922 97.78 -51.41 16.83
C ILE A 1922 96.74 -52.10 15.97
N PRO A 1923 96.89 -53.39 15.67
CA PRO A 1923 96.13 -54.00 14.57
C PRO A 1923 94.66 -54.21 14.89
N ASP A 1924 93.89 -54.39 13.82
CA ASP A 1924 92.49 -54.76 13.89
C ASP A 1924 92.25 -55.88 12.88
N ALA A 1925 91.17 -56.63 13.09
CA ALA A 1925 90.84 -57.74 12.21
C ALA A 1925 90.39 -57.25 10.84
N GLN A 1937 103.81 -62.75 18.95
CA GLN A 1937 102.69 -62.43 18.08
C GLN A 1937 101.84 -61.30 18.65
N LEU A 1938 101.60 -60.29 17.82
CA LEU A 1938 100.62 -59.25 18.10
C LEU A 1938 99.47 -59.40 17.10
N LYS A 1939 98.25 -59.50 17.61
CA LYS A 1939 97.14 -60.00 16.81
C LYS A 1939 95.90 -59.13 16.99
N GLY A 1940 95.15 -58.95 15.88
CA GLY A 1940 93.98 -58.12 15.92
C GLY A 1940 92.80 -58.76 16.64
N TRP A 1941 91.96 -57.91 17.21
CA TRP A 1941 90.91 -58.39 18.11
C TRP A 1941 89.52 -57.85 17.77
N ILE A 1942 89.42 -56.58 17.37
CA ILE A 1942 88.16 -55.91 17.05
C ILE A 1942 88.17 -55.54 15.57
N LYS A 1943 86.98 -55.52 14.93
CA LYS A 1943 86.83 -55.04 13.56
C LYS A 1943 86.20 -53.64 13.54
N ASP A 1944 86.60 -52.86 12.54
CA ASP A 1944 86.42 -51.41 12.54
C ASP A 1944 85.04 -51.01 11.98
N ILE A 1945 84.73 -49.71 12.10
CA ILE A 1945 83.48 -49.16 11.61
C ILE A 1945 83.47 -49.13 10.09
N ALA A 1946 82.27 -49.32 9.50
CA ALA A 1946 82.12 -49.25 8.06
C ALA A 1946 82.09 -47.81 7.56
N GLU A 1947 82.30 -47.65 6.25
CA GLU A 1947 82.44 -46.34 5.64
C GLU A 1947 81.27 -45.97 4.73
N TYR A 1948 80.59 -46.94 4.15
CA TYR A 1948 79.51 -46.70 3.20
C TYR A 1948 78.26 -46.18 3.93
N CYS A 1949 77.54 -45.26 3.29
CA CYS A 1949 76.24 -44.82 3.79
C CYS A 1949 75.24 -44.76 2.65
N GLY A 1950 73.98 -45.10 2.94
CA GLY A 1950 72.94 -45.15 1.94
C GLY A 1950 72.17 -43.85 1.84
N ILE A 1951 71.03 -43.92 1.16
CA ILE A 1951 70.22 -42.72 0.91
C ILE A 1951 69.53 -42.18 2.15
N ASP A 1952 69.45 -42.95 3.23
CA ASP A 1952 68.90 -42.38 4.46
C ASP A 1952 69.93 -41.59 5.26
N GLU A 1953 71.06 -41.23 4.65
CA GLU A 1953 72.04 -40.34 5.27
C GLU A 1953 71.51 -38.92 5.48
N PHE A 1954 70.44 -38.54 4.78
CA PHE A 1954 69.86 -37.21 4.90
C PHE A 1954 68.68 -37.15 5.87
N ASP A 1955 68.35 -38.24 6.54
CA ASP A 1955 67.25 -38.23 7.51
C ASP A 1955 67.68 -37.36 8.69
N PRO A 1956 66.92 -36.33 9.06
CA PRO A 1956 67.30 -35.51 10.21
C PRO A 1956 67.33 -36.27 11.53
N TRP A 1957 66.48 -37.27 11.69
CA TRP A 1957 66.39 -37.95 12.97
C TRP A 1957 67.48 -38.97 13.17
N ALA A 1958 68.17 -39.38 12.10
CA ALA A 1958 69.38 -40.18 12.21
C ALA A 1958 70.57 -39.23 12.19
N GLY A 1959 71.25 -39.10 13.32
CA GLY A 1959 72.28 -38.09 13.47
C GLY A 1959 73.59 -38.38 12.75
N ASN A 1960 73.51 -38.63 11.45
CA ASN A 1960 74.66 -38.89 10.58
C ASN A 1960 75.48 -40.08 11.10
N VAL A 1961 74.79 -41.10 11.58
CA VAL A 1961 75.42 -42.31 12.09
C VAL A 1961 75.69 -43.30 10.95
N ARG A 1962 76.47 -44.33 11.26
CA ARG A 1962 76.77 -45.45 10.37
C ARG A 1962 76.46 -46.73 11.13
N PHE A 1963 75.93 -47.75 10.44
CA PHE A 1963 75.38 -48.89 11.19
C PHE A 1963 76.44 -49.84 11.74
N PRO A 1964 77.36 -50.44 10.94
CA PRO A 1964 78.29 -51.39 11.55
C PRO A 1964 79.35 -50.71 12.41
N ILE A 1965 78.98 -50.35 13.63
CA ILE A 1965 79.89 -49.75 14.60
C ILE A 1965 80.75 -50.86 15.19
N PRO A 1966 81.91 -50.59 15.79
CA PRO A 1966 82.86 -51.67 16.10
C PRO A 1966 82.34 -52.74 17.04
N GLU A 1967 82.88 -53.95 16.85
CA GLU A 1967 82.41 -55.17 17.45
C GLU A 1967 83.56 -56.17 17.41
N PRO A 1968 83.51 -57.25 18.21
CA PRO A 1968 84.57 -58.26 18.13
C PRO A 1968 84.55 -58.99 16.79
N ALA A 1969 85.73 -59.48 16.41
CA ALA A 1969 85.85 -60.32 15.23
C ALA A 1969 85.11 -61.63 15.44
N SER A 1970 84.88 -62.34 14.34
CA SER A 1970 83.99 -63.50 14.32
C SER A 1970 84.44 -64.61 15.27
N PHE A 1971 85.76 -64.80 15.40
CA PHE A 1971 86.25 -65.92 16.20
C PHE A 1971 86.02 -65.69 17.69
N ILE A 1972 85.96 -64.44 18.14
CA ILE A 1972 85.62 -64.18 19.54
C ILE A 1972 84.14 -64.48 19.80
N ILE A 1973 83.26 -64.06 18.88
CA ILE A 1973 81.83 -64.32 19.04
C ILE A 1973 81.55 -65.81 19.00
N ASP A 1974 82.25 -66.53 18.13
CA ASP A 1974 82.09 -67.98 18.08
C ASP A 1974 82.66 -68.65 19.33
N ALA A 1975 83.90 -68.30 19.69
CA ALA A 1975 84.58 -68.94 20.82
C ALA A 1975 83.94 -68.62 22.16
N MET A 1976 83.21 -67.52 22.26
CA MET A 1976 82.56 -67.18 23.52
C MET A 1976 81.07 -67.42 23.52
N LYS A 1977 80.49 -67.83 22.38
CA LYS A 1977 79.05 -68.11 22.23
C LYS A 1977 78.18 -66.91 22.61
N LEU A 1978 78.49 -65.74 22.05
CA LEU A 1978 77.73 -64.55 22.38
C LEU A 1978 76.42 -64.48 21.60
N THR A 1979 75.47 -63.73 22.16
CA THR A 1979 74.18 -63.47 21.53
C THR A 1979 73.86 -61.99 21.70
N THR A 1980 73.00 -61.48 20.82
CA THR A 1980 72.77 -60.03 20.79
C THR A 1980 71.40 -59.73 20.23
N ASP A 1981 71.04 -58.45 20.33
CA ASP A 1981 69.75 -57.91 19.88
C ASP A 1981 69.78 -57.58 18.40
N LYS A 1982 68.68 -56.99 17.91
CA LYS A 1982 68.53 -56.69 16.50
C LYS A 1982 69.37 -55.52 16.01
N ASP A 1983 69.89 -54.68 16.91
CA ASP A 1983 70.73 -53.55 16.51
C ASP A 1983 72.15 -53.67 17.06
N HIS A 1984 72.53 -54.85 17.57
CA HIS A 1984 73.85 -55.12 18.14
C HIS A 1984 74.20 -54.16 19.27
N ARG A 1985 73.20 -53.77 20.07
CA ARG A 1985 73.47 -52.82 21.14
C ARG A 1985 74.13 -53.49 22.34
N VAL A 1986 73.62 -54.64 22.76
CA VAL A 1986 74.08 -55.32 23.98
C VAL A 1986 74.40 -56.76 23.62
N TRP A 1987 75.50 -57.28 24.18
CA TRP A 1987 75.91 -58.67 23.99
C TRP A 1987 75.88 -59.42 25.32
N TYR A 1988 75.41 -60.66 25.29
CA TYR A 1988 75.36 -61.52 26.45
C TYR A 1988 76.21 -62.77 26.28
N SER A 1989 76.75 -63.24 27.41
CA SER A 1989 77.42 -64.52 27.50
C SER A 1989 76.38 -65.64 27.58
N PRO A 1990 76.78 -66.89 27.34
CA PRO A 1990 75.91 -68.02 27.66
C PRO A 1990 75.92 -68.43 29.13
N SER A 1991 76.63 -67.71 30.01
CA SER A 1991 76.80 -68.17 31.38
C SER A 1991 76.53 -67.14 32.47
N ASP A 1992 76.33 -65.86 32.13
CA ASP A 1992 76.22 -64.82 33.15
C ASP A 1992 75.04 -63.92 32.86
N VAL A 1993 74.58 -63.23 33.90
CA VAL A 1993 73.38 -62.40 33.80
C VAL A 1993 73.72 -61.01 33.28
N GLU A 1994 74.76 -60.39 33.81
CA GLU A 1994 75.13 -59.05 33.41
C GLU A 1994 75.77 -59.04 32.02
N PRO A 1995 75.62 -57.94 31.28
CA PRO A 1995 76.08 -57.93 29.88
C PRO A 1995 77.58 -58.07 29.75
N ALA A 1996 78.00 -58.70 28.66
CA ALA A 1996 79.42 -58.77 28.34
C ALA A 1996 79.94 -57.42 27.86
N MET A 1997 79.27 -56.84 26.85
CA MET A 1997 79.77 -55.66 26.16
C MET A 1997 78.59 -54.75 25.80
N ILE A 1998 78.89 -53.45 25.68
CA ILE A 1998 77.92 -52.44 25.28
C ILE A 1998 78.58 -51.50 24.27
N SER A 1999 77.86 -51.19 23.20
CA SER A 1999 78.34 -50.26 22.17
C SER A 1999 77.33 -49.13 21.97
N SER A 2000 77.82 -47.94 21.65
CA SER A 2000 76.93 -46.80 21.44
C SER A 2000 77.55 -45.78 20.50
N ILE A 2001 76.68 -44.95 19.90
CA ILE A 2001 77.09 -43.92 18.94
C ILE A 2001 76.13 -42.72 19.06
N TRP A 2002 76.65 -41.51 18.90
CA TRP A 2002 75.84 -40.31 19.06
C TRP A 2002 76.38 -39.15 18.21
N GLY A 2003 75.48 -38.22 17.89
CA GLY A 2003 75.83 -37.06 17.10
C GLY A 2003 74.59 -36.33 16.59
N HIS A 2004 74.85 -35.29 15.77
CA HIS A 2004 73.81 -34.48 15.11
C HIS A 2004 74.14 -34.28 13.64
N LEU A 2005 73.09 -34.03 12.84
CA LEU A 2005 73.24 -33.62 11.45
C LEU A 2005 73.32 -32.10 11.38
N SER A 2006 74.42 -31.58 10.83
CA SER A 2006 74.67 -30.14 10.85
C SER A 2006 73.92 -29.42 9.74
N GLY A 2007 73.29 -28.30 10.10
CA GLY A 2007 72.76 -27.38 9.11
C GLY A 2007 73.82 -26.39 8.66
N LYS A 2008 73.38 -25.44 7.82
CA LYS A 2008 74.30 -24.42 7.32
C LYS A 2008 74.53 -23.34 8.38
N ASN A 2009 75.75 -22.78 8.36
CA ASN A 2009 76.14 -21.65 9.21
C ASN A 2009 75.90 -21.94 10.70
N ASP A 2010 76.35 -23.11 11.13
CA ASP A 2010 75.95 -23.70 12.40
C ASP A 2010 77.18 -24.32 13.06
N GLU A 2011 77.22 -24.33 14.39
CA GLU A 2011 78.44 -24.80 15.04
C GLU A 2011 78.44 -26.31 15.19
N GLU A 2012 79.65 -26.86 15.22
CA GLU A 2012 79.89 -28.26 15.54
C GLU A 2012 79.60 -28.54 17.01
N LYS A 2013 79.19 -29.78 17.30
CA LYS A 2013 78.93 -30.20 18.67
C LYS A 2013 79.27 -31.67 18.84
N SER A 2014 79.18 -32.14 20.09
CA SER A 2014 79.80 -33.39 20.52
C SER A 2014 79.20 -34.61 19.81
N HIS A 2015 80.07 -35.55 19.45
CA HIS A 2015 79.70 -36.74 18.70
C HIS A 2015 80.78 -37.80 18.85
N GLY A 2016 80.43 -39.04 18.52
CA GLY A 2016 81.40 -40.12 18.51
C GLY A 2016 80.75 -41.47 18.71
N TYR A 2017 81.59 -42.46 19.03
CA TYR A 2017 81.15 -43.84 19.25
C TYR A 2017 82.12 -44.56 20.18
N ARG A 2018 81.64 -45.62 20.83
CA ARG A 2018 82.41 -46.29 21.87
C ARG A 2018 81.96 -47.74 22.06
N LEU A 2019 82.92 -48.59 22.46
CA LEU A 2019 82.68 -49.99 22.80
C LEU A 2019 83.34 -50.32 24.13
N CYS A 2020 82.58 -50.93 25.04
CA CYS A 2020 83.02 -51.17 26.41
C CYS A 2020 82.61 -52.56 26.87
N ALA A 2021 83.31 -53.10 27.87
CA ALA A 2021 83.01 -54.41 28.42
C ALA A 2021 83.25 -54.48 29.93
N SER A 2022 82.62 -55.50 30.55
CA SER A 2022 82.84 -55.78 31.96
C SER A 2022 84.16 -56.51 32.18
N ILE A 2023 84.71 -56.35 33.40
CA ILE A 2023 86.04 -56.88 33.72
C ILE A 2023 86.01 -58.41 33.81
N HIS A 2024 84.90 -58.98 34.29
CA HIS A 2024 84.81 -60.43 34.41
C HIS A 2024 84.92 -61.11 33.05
N PHE A 2025 84.24 -60.56 32.03
CA PHE A 2025 84.31 -61.10 30.68
C PHE A 2025 85.72 -61.10 30.13
N ILE A 2026 86.41 -59.96 30.25
CA ILE A 2026 87.73 -59.85 29.62
C ILE A 2026 88.74 -60.73 30.35
N LYS A 2027 88.59 -60.89 31.67
CA LYS A 2027 89.40 -61.88 32.39
C LYS A 2027 89.15 -63.30 31.89
N SER A 2028 87.88 -63.67 31.70
CA SER A 2028 87.57 -65.02 31.20
C SER A 2028 88.12 -65.23 29.79
N ALA A 2029 88.04 -64.20 28.96
CA ALA A 2029 88.57 -64.28 27.60
C ALA A 2029 90.08 -64.45 27.62
N LEU A 2030 90.78 -63.72 28.48
CA LEU A 2030 92.23 -63.90 28.58
C LEU A 2030 92.58 -65.28 29.15
N GLU A 2031 91.75 -65.81 30.06
CA GLU A 2031 92.01 -67.14 30.60
C GLU A 2031 91.74 -68.25 29.60
N THR A 2032 90.89 -68.02 28.60
CA THR A 2032 90.63 -69.05 27.60
C THR A 2032 91.48 -68.90 26.34
N PHE A 2033 91.64 -67.69 25.81
CA PHE A 2033 92.52 -67.50 24.67
C PHE A 2033 94.00 -67.54 25.04
N ASN A 2034 94.31 -67.43 26.34
CA ASN A 2034 95.67 -67.50 26.87
C ASN A 2034 96.57 -66.42 26.26
N MET A 2035 96.25 -65.17 26.60
CA MET A 2035 96.88 -64.04 25.93
C MET A 2035 97.01 -62.91 26.94
N ASP A 2036 97.88 -61.94 26.65
CA ASP A 2036 97.95 -60.70 27.44
C ASP A 2036 97.52 -59.52 26.59
N LEU A 2037 96.95 -58.47 27.22
CA LEU A 2037 96.28 -57.42 26.48
C LEU A 2037 97.05 -56.11 26.54
N ILE A 2038 97.25 -55.47 25.38
CA ILE A 2038 97.92 -54.18 25.33
C ILE A 2038 97.00 -53.16 24.64
N LEU A 2039 96.85 -51.99 25.25
CA LEU A 2039 95.91 -50.99 24.77
C LEU A 2039 96.55 -49.62 24.86
N GLU A 2040 96.08 -48.69 24.03
CA GLU A 2040 96.69 -47.37 23.91
C GLU A 2040 95.61 -46.30 23.95
N VAL A 2041 95.94 -45.17 24.58
CA VAL A 2041 95.04 -44.05 24.79
C VAL A 2041 95.72 -42.78 24.28
N ASP A 2042 95.02 -42.01 23.47
CA ASP A 2042 95.51 -40.76 22.89
C ASP A 2042 94.52 -39.65 23.26
N VAL A 2043 95.08 -38.50 23.69
CA VAL A 2043 94.30 -37.31 24.04
C VAL A 2043 94.91 -36.11 23.32
N ASP A 2044 94.05 -35.23 22.80
CA ASP A 2044 94.49 -34.04 22.08
C ASP A 2044 93.50 -32.91 22.36
N ARG A 2045 93.97 -31.66 22.20
CA ARG A 2045 93.21 -30.48 22.60
C ARG A 2045 93.31 -29.40 21.54
N TYR A 2046 92.21 -28.65 21.34
CA TYR A 2046 92.20 -27.54 20.39
C TYR A 2046 91.34 -26.38 20.89
N SER A 2047 91.64 -25.20 20.36
CA SER A 2047 90.90 -23.97 20.67
C SER A 2047 89.82 -23.69 19.63
N ARG A 2048 88.80 -22.96 20.05
CA ARG A 2048 87.70 -22.53 19.19
C ARG A 2048 87.41 -21.05 19.38
N ASN A 2049 87.23 -20.34 18.28
CA ASN A 2049 86.88 -18.92 18.33
C ASN A 2049 85.67 -18.61 17.45
N SER A 2065 99.87 -34.22 20.45
CA SER A 2065 98.98 -34.99 21.30
C SER A 2065 99.76 -35.72 22.39
N SER A 2066 99.05 -36.14 23.44
CA SER A 2066 99.66 -36.93 24.51
C SER A 2066 99.11 -38.35 24.48
N THR A 2067 100.01 -39.33 24.45
CA THR A 2067 99.65 -40.73 24.26
C THR A 2067 100.31 -41.59 25.33
N ARG A 2068 99.56 -42.55 25.86
CA ARG A 2068 100.09 -43.52 26.82
C ARG A 2068 99.51 -44.90 26.53
N LEU A 2069 100.26 -45.95 26.87
CA LEU A 2069 99.82 -47.31 26.66
C LEU A 2069 99.84 -48.09 27.97
N PHE A 2070 98.94 -49.05 28.08
CA PHE A 2070 98.69 -49.81 29.29
C PHE A 2070 98.58 -51.28 28.94
N LEU A 2071 99.12 -52.16 29.79
CA LEU A 2071 99.10 -53.59 29.54
C LEU A 2071 98.33 -54.27 30.68
N PHE A 2072 97.30 -55.04 30.34
CA PHE A 2072 96.40 -55.66 31.30
C PHE A 2072 96.67 -57.15 31.32
N ARG A 2073 96.80 -57.70 32.53
CA ARG A 2073 97.05 -59.12 32.76
C ARG A 2073 96.00 -59.73 33.69
N HIS A 2074 95.76 -61.02 33.43
CA HIS A 2074 94.58 -61.75 33.89
C HIS A 2074 94.51 -61.92 35.40
N ASP A 2075 95.59 -61.68 36.12
CA ASP A 2075 95.48 -61.58 37.58
C ASP A 2075 94.95 -60.23 38.03
N GLY A 2076 94.45 -59.42 37.10
CA GLY A 2076 93.73 -58.20 37.39
C GLY A 2076 94.63 -57.00 37.57
N THR A 2077 95.73 -56.95 36.82
CA THR A 2077 96.71 -55.89 37.02
C THR A 2077 96.97 -55.12 35.74
N ILE A 2078 97.31 -53.84 35.90
CA ILE A 2078 97.63 -52.94 34.80
C ILE A 2078 99.08 -52.50 34.97
N HIS A 2079 99.84 -52.55 33.89
CA HIS A 2079 101.26 -52.18 33.92
C HIS A 2079 101.54 -51.12 32.87
N THR A 2080 102.45 -50.21 33.21
CA THR A 2080 102.98 -49.22 32.27
C THR A 2080 104.49 -49.25 32.36
N LEU A 2081 105.13 -48.49 31.47
CA LEU A 2081 106.58 -48.30 31.56
C LEU A 2081 107.00 -47.63 32.85
N TYR A 2082 106.14 -46.77 33.40
CA TYR A 2082 106.51 -45.92 34.53
C TYR A 2082 105.94 -46.40 35.86
N GLY A 2083 104.85 -47.17 35.85
CA GLY A 2083 104.28 -47.65 37.09
C GLY A 2083 103.16 -48.63 36.81
N ASN A 2084 102.81 -49.38 37.86
CA ASN A 2084 101.77 -50.40 37.79
C ASN A 2084 100.62 -50.03 38.71
N TYR A 2085 99.41 -50.33 38.26
CA TYR A 2085 98.18 -49.90 38.91
C TYR A 2085 97.22 -51.07 39.01
N ARG A 2086 96.31 -50.98 39.98
CA ARG A 2086 95.35 -52.03 40.28
C ARG A 2086 94.01 -51.41 40.61
N ASN A 2087 92.97 -52.23 40.63
CA ASN A 2087 91.62 -51.81 40.98
C ASN A 2087 91.56 -51.31 42.43
N GLN B 15 8.16 98.30 39.80
CA GLN B 15 7.90 97.23 38.83
C GLN B 15 7.98 95.85 39.49
N PHE B 16 9.18 95.49 39.95
CA PHE B 16 9.40 94.17 40.53
C PHE B 16 8.66 93.98 41.85
N HIS B 17 8.32 95.06 42.55
CA HIS B 17 7.65 94.92 43.84
C HIS B 17 6.21 94.44 43.70
N TYR B 18 5.59 94.65 42.53
CA TYR B 18 4.32 93.97 42.27
C TYR B 18 4.50 92.52 41.87
N LEU B 19 5.57 92.18 41.14
CA LEU B 19 5.78 90.78 40.74
C LEU B 19 6.08 89.89 41.93
N TRP B 20 6.87 90.40 42.88
CA TRP B 20 7.20 89.63 44.08
C TRP B 20 5.94 89.30 44.88
N ALA B 21 5.03 90.26 45.00
CA ALA B 21 3.76 90.00 45.67
C ALA B 21 2.85 89.10 44.83
N ALA B 22 2.93 89.23 43.50
CA ALA B 22 2.07 88.44 42.62
C ALA B 22 2.40 86.96 42.67
N ARG B 23 3.68 86.62 42.82
CA ARG B 23 4.05 85.21 42.95
C ARG B 23 3.44 84.59 44.21
N ARG B 24 3.32 85.37 45.28
CA ARG B 24 2.74 84.89 46.54
C ARG B 24 1.29 84.46 46.38
N ALA B 25 0.56 85.05 45.43
CA ALA B 25 -0.88 84.83 45.35
C ALA B 25 -1.24 83.48 44.74
N LEU B 26 -0.32 82.88 43.96
CA LEU B 26 -0.61 81.59 43.33
C LEU B 26 -0.86 80.48 44.34
N ARG B 27 -0.29 80.62 45.54
CA ARG B 27 -0.47 79.65 46.61
C ARG B 27 -1.91 79.55 47.08
N LEU B 28 -2.76 80.52 46.77
CA LEU B 28 -4.18 80.44 47.10
C LEU B 28 -4.90 79.36 46.31
N LEU B 29 -4.35 78.95 45.16
CA LEU B 29 -4.98 77.97 44.29
C LEU B 29 -4.80 76.54 44.76
N GLU B 30 -4.01 76.31 45.80
CA GLU B 30 -3.75 74.98 46.31
C GLU B 30 -5.05 74.29 46.73
N PRO B 31 -5.27 73.03 46.33
CA PRO B 31 -6.57 72.38 46.61
C PRO B 31 -6.89 72.22 48.08
N GLN B 32 -5.90 72.01 48.95
CA GLN B 32 -6.16 71.68 50.34
C GLN B 32 -5.41 72.53 51.35
N SER B 33 -4.75 73.61 50.91
CA SER B 33 -3.92 74.39 51.83
C SER B 33 -4.77 75.20 52.80
N THR B 34 -4.15 75.59 53.91
CA THR B 34 -4.79 76.43 54.92
C THR B 34 -4.66 77.92 54.66
N LEU B 35 -3.96 78.32 53.59
CA LEU B 35 -3.82 79.75 53.28
C LEU B 35 -5.12 80.27 52.70
N VAL B 36 -5.70 81.29 53.32
CA VAL B 36 -7.03 81.77 52.94
C VAL B 36 -7.04 83.22 52.47
N ALA B 37 -6.12 84.06 52.92
CA ALA B 37 -6.16 85.46 52.52
C ALA B 37 -4.79 86.10 52.72
N LEU B 38 -4.54 87.13 51.92
CA LEU B 38 -3.41 88.01 52.08
C LEU B 38 -3.85 89.44 51.78
N THR B 39 -3.24 90.39 52.49
CA THR B 39 -3.62 91.79 52.47
C THR B 39 -2.42 92.63 52.06
N ILE B 40 -2.67 93.64 51.23
CA ILE B 40 -1.65 94.59 50.83
C ILE B 40 -1.83 95.85 51.67
N GLU B 41 -0.76 96.26 52.35
CA GLU B 41 -0.86 97.35 53.31
C GLU B 41 -0.26 98.66 52.81
N GLY B 42 0.58 98.63 51.79
CA GLY B 42 1.17 99.86 51.29
C GLY B 42 2.03 99.58 50.09
N ALA B 43 2.13 100.58 49.22
CA ALA B 43 2.87 100.41 47.97
C ALA B 43 3.71 101.64 47.60
N SER B 44 4.00 102.51 48.55
CA SER B 44 4.79 103.71 48.25
C SER B 44 6.25 103.36 47.97
N ASP B 56 15.17 106.38 40.30
CA ASP B 56 15.90 107.29 41.17
C ASP B 56 15.67 107.02 42.66
N GLY B 57 15.29 105.80 43.00
CA GLY B 57 15.10 105.45 44.40
C GLY B 57 14.59 104.04 44.54
N GLU B 58 14.32 103.68 45.80
CA GLU B 58 13.85 102.34 46.13
C GLU B 58 12.35 102.20 45.87
N GLU B 59 11.88 100.96 45.93
CA GLU B 59 10.48 100.59 45.78
C GLU B 59 10.09 99.76 46.99
N LEU B 60 8.83 99.85 47.41
CA LEU B 60 8.45 99.31 48.72
C LEU B 60 7.04 98.74 48.71
N ILE B 61 6.84 97.61 49.40
CA ILE B 61 5.51 97.03 49.57
C ILE B 61 5.43 96.25 50.89
N ASP B 62 4.29 96.39 51.58
CA ASP B 62 4.00 95.68 52.83
C ASP B 62 2.82 94.75 52.63
N ILE B 63 2.94 93.49 53.07
CA ILE B 63 1.81 92.55 53.00
C ILE B 63 1.70 91.74 54.27
N ALA B 64 0.52 91.14 54.45
CA ALA B 64 0.24 90.21 55.55
C ALA B 64 -0.52 89.00 55.02
N GLU B 65 -0.26 87.84 55.62
CA GLU B 65 -0.90 86.58 55.22
C GLU B 65 -1.55 85.91 56.43
N TYR B 66 -2.67 85.22 56.18
CA TYR B 66 -3.45 84.63 57.26
C TYR B 66 -3.72 83.15 56.94
N TYR B 67 -3.59 82.29 57.95
CA TYR B 67 -3.70 80.84 57.77
C TYR B 67 -4.90 80.29 58.55
N GLY B 68 -5.71 79.47 57.87
CA GLY B 68 -6.84 78.78 58.49
C GLY B 68 -8.07 79.63 58.69
N SER B 69 -7.87 80.92 58.87
CA SER B 69 -8.93 81.92 58.93
C SER B 69 -8.29 83.27 58.68
N ASN B 70 -9.12 84.25 58.32
CA ASN B 70 -8.60 85.60 58.12
C ASN B 70 -8.54 86.40 59.42
N GLU B 71 -9.24 85.96 60.47
CA GLU B 71 -9.26 86.67 61.75
C GLU B 71 -8.05 86.30 62.58
N LEU B 72 -7.38 87.31 63.16
CA LEU B 72 -6.31 87.02 64.13
C LEU B 72 -6.85 86.26 65.34
N ALA B 73 -8.12 86.47 65.70
CA ALA B 73 -8.71 85.81 66.85
C ALA B 73 -8.83 84.30 66.67
N THR B 74 -8.91 83.82 65.42
CA THR B 74 -9.10 82.40 65.17
C THR B 74 -8.08 81.76 64.23
N ALA B 75 -7.25 82.54 63.53
CA ALA B 75 -6.27 81.96 62.62
C ALA B 75 -5.20 81.19 63.38
N THR B 76 -4.59 80.23 62.70
CA THR B 76 -3.47 79.51 63.30
C THR B 76 -2.15 80.25 63.15
N THR B 77 -2.01 81.12 62.14
CA THR B 77 -0.78 81.86 61.97
C THR B 77 -1.06 83.11 61.13
N VAL B 78 -0.49 84.24 61.56
CA VAL B 78 -0.51 85.49 60.80
C VAL B 78 0.93 85.92 60.58
N ARG B 79 1.29 86.23 59.34
CA ARG B 79 2.66 86.56 58.98
C ARG B 79 2.72 87.92 58.29
N TYR B 80 3.62 88.78 58.75
CA TYR B 80 3.81 90.12 58.18
C TYR B 80 5.14 90.19 57.45
N MET B 81 5.15 90.77 56.25
CA MET B 81 6.37 90.95 55.47
C MET B 81 6.43 92.35 54.87
N GLN B 82 7.65 92.86 54.76
CA GLN B 82 7.92 94.13 54.08
C GLN B 82 9.12 93.98 53.17
N LEU B 83 8.93 94.32 51.89
CA LEU B 83 10.02 94.30 50.91
C LEU B 83 10.35 95.72 50.47
N LYS B 84 11.65 96.02 50.41
CA LYS B 84 12.13 97.18 49.67
C LYS B 84 13.26 96.77 48.75
N HIS B 85 13.21 97.31 47.53
CA HIS B 85 13.97 96.85 46.37
C HIS B 85 14.67 98.05 45.75
N SER B 86 15.87 97.84 45.22
CA SER B 86 16.65 98.95 44.65
C SER B 86 17.27 98.50 43.33
N THR B 87 16.77 99.06 42.23
CA THR B 87 17.26 98.71 40.90
C THR B 87 18.57 99.41 40.54
N MET B 88 19.05 100.33 41.36
CA MET B 88 20.35 100.93 41.18
C MET B 88 21.02 101.08 42.54
N HIS B 89 22.36 101.16 42.49
CA HIS B 89 23.24 101.38 43.65
C HIS B 89 23.16 100.28 44.71
N SER B 90 22.54 99.15 44.40
CA SER B 90 22.66 97.96 45.23
C SER B 90 23.99 97.31 44.91
N ASP B 91 25.06 97.88 45.45
CA ASP B 91 26.39 97.28 45.32
C ASP B 91 27.01 97.02 46.69
N THR B 92 26.93 98.01 47.59
CA THR B 92 27.22 97.92 49.02
C THR B 92 26.24 98.80 49.80
N PRO B 93 24.92 98.63 49.63
CA PRO B 93 24.01 99.77 49.83
C PRO B 93 23.62 100.06 51.27
N PHE B 94 23.73 99.10 52.20
CA PHE B 94 22.85 99.08 53.37
C PHE B 94 23.54 99.32 54.71
N PRO B 95 23.43 100.53 55.27
CA PRO B 95 23.66 100.68 56.70
C PRO B 95 22.42 100.26 57.48
N PRO B 96 22.54 99.99 58.78
CA PRO B 96 21.37 99.55 59.56
C PRO B 96 20.26 100.59 59.70
N SER B 97 20.49 101.86 59.30
CA SER B 97 19.46 102.89 59.42
C SER B 97 18.24 102.61 58.56
N GLY B 98 18.39 101.86 57.47
CA GLY B 98 17.24 101.39 56.72
C GLY B 98 16.46 100.32 57.45
N LEU B 99 17.13 99.52 58.26
CA LEU B 99 16.45 98.53 59.10
C LEU B 99 15.73 99.19 60.26
N GLN B 100 16.25 100.34 60.72
CA GLN B 100 15.82 101.00 61.95
C GLN B 100 14.32 101.23 62.01
N LYS B 101 13.79 101.99 61.05
CA LYS B 101 12.36 102.29 61.02
C LYS B 101 11.52 101.04 60.82
N THR B 102 12.10 99.97 60.27
CA THR B 102 11.40 98.70 60.21
C THR B 102 11.28 98.07 61.60
N ILE B 103 12.38 98.08 62.38
CA ILE B 103 12.36 97.55 63.74
C ILE B 103 11.39 98.34 64.61
N GLU B 104 11.34 99.66 64.39
CA GLU B 104 10.32 100.49 65.01
C GLU B 104 8.92 100.04 64.60
N GLY B 105 8.74 99.73 63.32
CA GLY B 105 7.40 99.46 62.81
C GLY B 105 6.77 98.20 63.41
N PHE B 106 7.55 97.14 63.52
CA PHE B 106 7.03 95.89 64.06
C PHE B 106 6.71 96.00 65.54
N ALA B 107 7.69 96.46 66.34
CA ALA B 107 7.56 96.43 67.80
C ALA B 107 6.43 97.32 68.27
N THR B 108 6.28 98.49 67.65
CA THR B 108 5.19 99.40 68.00
C THR B 108 3.83 98.78 67.71
N ARG B 109 3.75 97.95 66.66
CA ARG B 109 2.54 97.15 66.48
C ARG B 109 2.44 96.08 67.56
N TYR B 110 3.55 95.39 67.81
CA TYR B 110 3.60 94.29 68.77
C TYR B 110 3.15 94.75 70.15
N LYS B 111 3.71 95.87 70.60
CA LYS B 111 3.39 96.43 71.92
C LYS B 111 1.93 96.85 72.04
N ALA B 112 1.21 97.00 70.94
CA ALA B 112 -0.23 97.17 71.03
C ALA B 112 -0.93 95.83 71.16
N LEU B 113 -0.52 94.86 70.34
CA LEU B 113 -1.17 93.54 70.30
C LEU B 113 -1.07 92.83 71.64
N ILE B 114 0.07 92.96 72.31
CA ILE B 114 0.25 92.35 73.63
C ILE B 114 -0.66 92.96 74.68
N GLN B 115 -1.17 94.17 74.46
CA GLN B 115 -2.18 94.69 75.38
C GLN B 115 -3.57 94.20 74.98
N LYS B 116 -3.77 93.96 73.68
CA LYS B 116 -5.05 93.46 73.19
C LYS B 116 -5.21 91.97 73.47
N ILE B 117 -4.11 91.22 73.38
CA ILE B 117 -4.09 89.76 73.50
C ILE B 117 -2.93 89.35 74.40
N PRO B 118 -3.14 88.34 75.24
CA PRO B 118 -2.03 87.82 76.04
C PRO B 118 -0.91 87.23 75.17
N VAL B 119 0.32 87.44 75.64
CA VAL B 119 1.52 87.10 74.89
C VAL B 119 1.62 85.59 74.66
N GLU B 120 1.09 84.79 75.60
CA GLU B 120 1.13 83.34 75.47
C GLU B 120 0.42 82.85 74.21
N THR B 121 -0.62 83.56 73.77
CA THR B 121 -1.30 83.23 72.52
C THR B 121 -0.52 83.74 71.31
N LEU B 122 -0.07 85.00 71.37
CA LEU B 122 0.63 85.62 70.24
C LEU B 122 1.93 84.90 69.90
N ARG B 123 2.56 84.27 70.90
CA ARG B 123 3.83 83.59 70.68
C ARG B 123 3.68 82.34 69.80
N THR B 124 2.46 81.86 69.60
CA THR B 124 2.18 80.74 68.72
C THR B 124 1.68 81.13 67.35
N LYS B 125 1.49 82.43 67.09
CA LYS B 125 0.83 82.90 65.87
C LYS B 125 1.66 83.88 65.05
N LEU B 126 2.49 84.68 65.67
CA LEU B 126 2.94 85.95 65.10
C LEU B 126 4.37 85.87 64.60
N GLU B 127 4.61 86.37 63.39
CA GLU B 127 5.95 86.47 62.84
C GLU B 127 6.14 87.78 62.09
N PHE B 128 7.35 88.33 62.17
CA PHE B 128 7.75 89.53 61.45
C PHE B 128 8.98 89.23 60.60
N TRP B 129 8.96 89.71 59.35
CA TRP B 129 10.00 89.41 58.37
C TRP B 129 10.46 90.70 57.68
N PHE B 130 11.76 90.85 57.50
CA PHE B 130 12.32 91.88 56.66
C PHE B 130 13.08 91.24 55.51
N VAL B 131 12.80 91.68 54.28
CA VAL B 131 13.43 91.14 53.07
C VAL B 131 13.99 92.31 52.27
N THR B 132 15.21 92.14 51.75
CA THR B 132 15.79 93.14 50.85
C THR B 132 16.78 92.47 49.91
N ASN B 133 17.17 93.23 48.88
CA ASN B 133 17.95 92.69 47.78
C ASN B 133 19.40 92.42 48.20
N ARG B 134 20.04 93.35 48.92
CA ARG B 134 21.44 93.15 49.25
C ARG B 134 21.68 93.12 50.75
N PRO B 135 22.70 92.39 51.24
CA PRO B 135 22.63 91.81 52.58
C PRO B 135 22.72 92.80 53.73
N VAL B 136 22.19 92.36 54.87
CA VAL B 136 22.24 93.08 56.13
C VAL B 136 23.48 92.57 56.90
N SER B 137 23.97 93.39 57.83
CA SER B 137 25.17 93.07 58.60
C SER B 137 24.96 91.85 59.50
N SER B 138 25.97 90.98 59.55
CA SER B 138 25.89 89.78 60.38
C SER B 138 26.08 90.07 61.86
N SER B 139 26.77 91.15 62.22
CA SER B 139 27.00 91.47 63.63
C SER B 139 25.70 91.86 64.33
N PHE B 140 24.90 92.70 63.68
CA PHE B 140 23.58 93.06 64.21
C PHE B 140 22.66 91.84 64.22
N SER B 141 22.83 90.94 63.24
CA SER B 141 22.10 89.68 63.22
C SER B 141 22.41 88.84 64.45
N GLU B 142 23.69 88.72 64.80
CA GLU B 142 24.06 87.97 65.98
C GLU B 142 23.66 88.68 67.26
N ALA B 143 23.57 90.01 67.24
CA ALA B 143 23.02 90.74 68.38
C ALA B 143 21.55 90.36 68.59
N ILE B 144 20.78 90.32 67.50
CA ILE B 144 19.38 89.88 67.57
C ILE B 144 19.30 88.42 68.02
N ASN B 145 20.23 87.59 67.55
CA ASN B 145 20.28 86.19 67.97
C ASN B 145 20.56 86.08 69.47
N ASP B 146 21.50 86.88 69.98
CA ASP B 146 21.82 86.88 71.40
C ASP B 146 20.62 87.30 72.22
N ALA B 147 19.90 88.33 71.75
CA ALA B 147 18.67 88.73 72.42
C ALA B 147 17.64 87.60 72.39
N ALA B 148 17.54 86.90 71.26
CA ALA B 148 16.53 85.85 71.11
C ALA B 148 16.83 84.64 71.98
N ASN B 149 18.10 84.29 72.13
CA ASN B 149 18.49 83.09 72.87
C ASN B 149 18.93 83.35 74.31
N GLN B 150 18.99 84.62 74.73
CA GLN B 150 19.33 85.05 76.09
C GLN B 150 20.72 84.61 76.55
N HIS B 151 21.61 84.24 75.62
CA HIS B 151 23.00 84.07 75.97
C HIS B 151 23.64 85.43 76.27
N VAL B 152 24.71 85.40 77.07
CA VAL B 152 25.50 86.62 77.29
C VAL B 152 26.08 87.08 75.96
N THR B 153 26.00 88.38 75.70
CA THR B 153 26.20 88.88 74.35
C THR B 153 27.63 88.68 73.86
N ARG B 154 27.74 88.29 72.59
CA ARG B 154 28.99 88.13 71.87
C ARG B 154 29.29 89.30 70.95
N HIS B 155 28.33 90.22 70.76
CA HIS B 155 28.46 91.35 69.84
C HIS B 155 27.72 92.53 70.42
N PRO B 156 28.28 93.18 71.45
CA PRO B 156 27.46 94.02 72.33
C PRO B 156 26.87 95.28 71.69
N HIS B 157 27.66 95.97 70.86
CA HIS B 157 27.36 97.37 70.49
C HIS B 157 26.04 97.52 69.76
N ASP B 158 25.59 96.49 69.05
CA ASP B 158 24.36 96.58 68.29
C ASP B 158 23.11 96.41 69.16
N LEU B 159 23.21 95.78 70.34
CA LEU B 159 22.00 95.49 71.11
C LEU B 159 21.31 96.75 71.63
N ALA B 160 22.06 97.83 71.82
CA ALA B 160 21.46 99.11 72.18
C ALA B 160 20.43 99.55 71.15
N LYS B 161 20.68 99.25 69.87
CA LYS B 161 19.73 99.60 68.83
C LYS B 161 18.47 98.76 68.90
N LEU B 162 18.52 97.58 69.51
CA LEU B 162 17.28 96.98 69.95
C LEU B 162 16.67 97.80 71.09
N GLU B 163 17.46 98.05 72.13
CA GLU B 163 16.98 98.64 73.38
C GLU B 163 16.43 100.04 73.18
N LYS B 164 16.86 100.72 72.12
CA LYS B 164 16.23 101.98 71.74
C LYS B 164 14.99 101.74 70.90
N PHE B 165 15.15 101.03 69.78
CA PHE B 165 14.09 101.04 68.76
C PHE B 165 13.02 99.99 69.00
N THR B 166 13.23 99.07 69.94
CA THR B 166 12.15 98.29 70.52
C THR B 166 11.73 98.81 71.89
N GLY B 167 12.66 99.41 72.65
CA GLY B 167 12.43 99.81 74.02
C GLY B 167 12.55 98.69 75.03
N LEU B 168 12.34 97.44 74.62
CA LEU B 168 12.35 96.31 75.52
C LEU B 168 13.79 95.92 75.90
N GLN B 169 13.93 95.30 77.07
CA GLN B 169 15.22 94.86 77.58
C GLN B 169 15.09 93.48 78.19
N GLY B 170 16.20 92.73 78.16
CA GLY B 170 16.28 91.43 78.82
C GLY B 170 15.41 90.36 78.19
N ALA B 171 14.85 89.48 79.03
CA ALA B 171 13.96 88.42 78.55
C ALA B 171 12.67 88.99 77.99
N GLU B 172 12.24 90.14 78.50
CA GLU B 172 11.11 90.86 77.93
C GLU B 172 11.39 91.23 76.48
N LEU B 173 12.65 91.60 76.19
CA LEU B 173 13.07 91.79 74.81
C LEU B 173 13.15 90.46 74.07
N SER B 174 13.57 89.40 74.77
CA SER B 174 13.79 88.09 74.14
C SER B 174 12.51 87.50 73.57
N ILE B 175 11.41 87.64 74.31
CA ILE B 175 10.14 87.07 73.87
C ILE B 175 9.67 87.76 72.59
N PHE B 176 10.00 89.04 72.41
CA PHE B 176 9.78 89.68 71.12
C PHE B 176 10.75 89.16 70.06
N CYS B 177 12.05 89.11 70.39
CA CYS B 177 13.08 88.83 69.39
C CYS B 177 13.00 87.41 68.84
N GLN B 178 12.35 86.49 69.56
CA GLN B 178 12.13 85.16 68.99
C GLN B 178 11.13 85.18 67.83
N LEU B 179 10.40 86.28 67.65
CA LEU B 179 9.47 86.43 66.54
C LEU B 179 10.08 87.12 65.33
N LEU B 180 11.34 87.56 65.39
CA LEU B 180 11.91 88.44 64.39
C LEU B 180 12.89 87.68 63.50
N HIS B 181 12.72 87.81 62.18
CA HIS B 181 13.55 87.13 61.19
C HIS B 181 13.99 88.10 60.12
N ILE B 182 15.27 88.06 59.75
CA ILE B 182 15.85 88.93 58.73
C ILE B 182 16.62 88.06 57.75
N GLU B 183 16.37 88.24 56.45
CA GLU B 183 16.86 87.27 55.47
C GLU B 183 17.44 87.87 54.19
N GLY B 184 17.94 89.11 54.24
CA GLY B 184 18.53 89.72 53.05
C GLY B 184 19.81 89.06 52.58
N GLN B 185 19.78 88.47 51.39
CA GLN B 185 20.97 87.87 50.80
C GLN B 185 20.79 87.82 49.29
N GLN B 186 21.78 88.33 48.55
CA GLN B 186 21.68 88.40 47.11
C GLN B 186 22.17 87.13 46.40
N ASP B 187 23.31 86.59 46.83
CA ASP B 187 24.20 85.74 46.02
C ASP B 187 24.39 86.46 44.69
N ASP B 188 24.26 85.78 43.56
CA ASP B 188 23.93 86.42 42.29
C ASP B 188 22.49 86.06 41.89
N LEU B 189 21.77 85.40 42.80
CA LEU B 189 20.62 84.57 42.46
C LEU B 189 19.33 85.00 43.12
N TRP B 190 19.28 86.18 43.75
CA TRP B 190 18.07 86.62 44.44
C TRP B 190 16.89 86.75 43.47
N SER B 191 17.16 87.21 42.24
CA SER B 191 16.10 87.34 41.25
C SER B 191 15.58 85.98 40.81
N GLN B 192 16.47 85.02 40.60
CA GLN B 192 16.07 83.67 40.21
C GLN B 192 15.20 83.02 41.28
N ARG B 193 15.54 83.26 42.54
CA ARG B 193 14.83 82.65 43.66
C ARG B 193 13.43 83.24 43.85
N ASN B 194 13.15 84.42 43.29
CA ASN B 194 11.94 85.16 43.65
C ASN B 194 11.11 85.67 42.47
N ILE B 195 11.69 86.01 41.33
CA ILE B 195 11.00 86.75 40.27
C ILE B 195 10.80 85.84 39.06
N LEU B 196 9.58 85.84 38.51
CA LEU B 196 9.25 85.15 37.27
C LEU B 196 9.05 86.19 36.16
N LEU B 197 9.58 85.89 34.97
CA LEU B 197 9.46 86.78 33.82
C LEU B 197 9.04 86.02 32.58
N ARG B 198 8.27 86.69 31.72
CA ARG B 198 7.84 86.11 30.45
C ARG B 198 8.99 86.06 29.45
N GLU B 199 9.16 84.91 28.80
CA GLU B 199 9.85 84.86 27.53
C GLU B 199 8.90 85.26 26.40
N SER B 200 9.45 85.38 25.20
CA SER B 200 8.64 85.64 24.02
C SER B 200 8.14 84.37 23.35
N ALA B 201 8.29 83.21 23.98
CA ALA B 201 7.94 81.95 23.35
C ALA B 201 7.42 80.97 24.39
N GLY B 202 6.73 79.94 23.90
CA GLY B 202 6.34 78.80 24.72
C GLY B 202 4.91 78.84 25.23
N TYR B 203 4.27 80.00 25.25
CA TYR B 203 2.91 80.10 25.78
C TYR B 203 1.88 79.68 24.74
N LEU B 204 0.81 79.05 25.22
CA LEU B 204 -0.32 78.73 24.34
C LEU B 204 -1.03 80.00 23.93
N PRO B 205 -1.65 80.02 22.74
CA PRO B 205 -2.28 81.25 22.26
C PRO B 205 -3.53 81.61 23.04
N ASP B 206 -3.99 82.83 22.79
CA ASP B 206 -5.20 83.43 23.37
C ASP B 206 -5.07 83.47 24.90
N LEU B 207 -5.94 82.80 25.65
CA LEU B 207 -6.18 83.12 27.05
C LEU B 207 -4.98 82.84 27.94
N ASP B 208 -4.10 81.94 27.52
CA ASP B 208 -2.91 81.60 28.29
C ASP B 208 -1.87 82.71 28.27
N THR B 209 -1.90 83.59 27.27
CA THR B 209 -0.80 84.54 27.11
C THR B 209 -0.77 85.62 28.18
N GLU B 210 -1.92 86.01 28.73
CA GLU B 210 -1.99 87.23 29.53
C GLU B 210 -2.24 87.03 31.03
N ALA B 211 -2.29 85.80 31.51
CA ALA B 211 -2.32 85.57 32.96
C ALA B 211 -1.18 86.23 33.74
N PRO B 212 0.10 86.21 33.28
CA PRO B 212 1.14 86.97 34.01
C PRO B 212 0.85 88.45 34.14
N LEU B 213 0.27 89.06 33.10
CA LEU B 213 -0.06 90.48 33.18
C LEU B 213 -1.24 90.72 34.11
N LYS B 214 -2.24 89.84 34.08
CA LYS B 214 -3.45 90.10 34.85
C LYS B 214 -3.26 89.86 36.35
N LEU B 215 -2.33 88.99 36.76
CA LEU B 215 -2.03 88.90 38.19
C LEU B 215 -1.44 90.20 38.72
N LYS B 216 -0.46 90.74 37.99
CA LYS B 216 0.14 92.03 38.34
C LYS B 216 -0.89 93.16 38.34
N GLU B 217 -1.76 93.17 37.32
CA GLU B 217 -2.85 94.14 37.26
C GLU B 217 -3.77 94.04 38.47
N LEU B 218 -4.12 92.82 38.86
CA LEU B 218 -4.99 92.63 40.02
C LEU B 218 -4.35 93.17 41.29
N VAL B 219 -3.06 92.88 41.50
CA VAL B 219 -2.39 93.34 42.71
C VAL B 219 -2.29 94.87 42.73
N ASN B 220 -1.90 95.46 41.59
CA ASN B 220 -1.78 96.92 41.50
C ASN B 220 -3.13 97.59 41.70
N ARG B 221 -4.18 97.01 41.12
CA ARG B 221 -5.54 97.53 41.29
C ARG B 221 -5.99 97.46 42.74
N LYS B 222 -5.69 96.35 43.43
CA LYS B 222 -6.12 96.20 44.81
C LYS B 222 -5.40 97.17 45.74
N ALA B 223 -4.11 97.39 45.51
CA ALA B 223 -3.34 98.25 46.41
C ALA B 223 -3.84 99.69 46.40
N LEU B 224 -4.25 100.18 45.24
CA LEU B 224 -4.69 101.56 45.09
C LEU B 224 -6.21 101.70 45.04
N THR B 225 -6.95 100.66 45.40
CA THR B 225 -8.39 100.73 45.63
C THR B 225 -8.68 100.39 47.08
N GLU B 226 -7.93 101.03 47.98
CA GLU B 226 -8.11 100.89 49.42
C GLU B 226 -9.43 101.45 49.91
N SER B 227 -10.11 102.26 49.09
CA SER B 227 -11.37 102.88 49.47
C SER B 227 -12.55 101.91 49.45
N ALA B 228 -12.36 100.71 48.89
CA ALA B 228 -13.38 99.68 48.92
C ALA B 228 -13.57 99.14 50.35
N ALA B 229 -14.52 98.23 50.50
CA ALA B 229 -14.83 97.64 51.80
C ALA B 229 -13.65 96.88 52.37
N ASN B 230 -12.81 96.28 51.51
CA ASN B 230 -11.63 95.56 51.97
C ASN B 230 -10.67 95.43 50.80
N PRO B 231 -9.36 95.52 51.04
CA PRO B 231 -8.38 95.41 49.95
C PRO B 231 -7.73 94.05 49.76
N SER B 232 -8.10 93.03 50.54
CA SER B 232 -7.44 91.72 50.47
C SER B 232 -7.72 91.01 49.14
N ILE B 233 -6.93 89.97 48.89
CA ILE B 233 -7.12 89.07 47.76
C ILE B 233 -7.43 87.69 48.31
N THR B 234 -8.45 87.05 47.76
CA THR B 234 -8.76 85.66 48.08
C THR B 234 -8.90 84.89 46.77
N ARG B 235 -9.09 83.57 46.90
CA ARG B 235 -9.03 82.64 45.76
C ARG B 235 -10.07 82.96 44.69
N MET B 236 -11.25 83.40 45.10
CA MET B 236 -12.33 83.66 44.16
C MET B 236 -11.97 84.80 43.21
N ASP B 237 -11.32 85.84 43.73
CA ASP B 237 -10.88 86.94 42.88
C ASP B 237 -9.77 86.54 41.93
N VAL B 238 -8.88 85.63 42.36
CA VAL B 238 -7.83 85.15 41.47
C VAL B 238 -8.44 84.36 40.30
N LEU B 239 -9.39 83.47 40.61
CA LEU B 239 -10.02 82.70 39.54
C LEU B 239 -10.81 83.59 38.59
N ARG B 240 -11.54 84.58 39.11
CA ARG B 240 -12.25 85.49 38.22
C ARG B 240 -11.31 86.38 37.42
N ALA B 241 -10.14 86.71 37.99
CA ALA B 241 -9.15 87.46 37.22
C ALA B 241 -8.62 86.63 36.06
N LEU B 242 -8.39 85.34 36.28
CA LEU B 242 -7.86 84.51 35.20
C LEU B 242 -8.90 84.14 34.15
N GLY B 243 -10.19 84.22 34.48
CA GLY B 243 -11.24 83.87 33.54
C GLY B 243 -11.59 82.41 33.49
N VAL B 244 -10.85 81.55 34.18
CA VAL B 244 -11.08 80.11 34.20
C VAL B 244 -11.95 79.71 35.38
N ASP B 245 -12.41 78.46 35.37
CA ASP B 245 -13.03 77.80 36.50
C ASP B 245 -11.99 76.82 37.05
N GLU B 246 -12.19 76.37 38.29
CA GLU B 246 -11.28 75.43 38.94
C GLU B 246 -11.16 74.14 38.14
N THR B 247 -12.26 73.66 37.56
CA THR B 247 -12.23 72.44 36.76
C THR B 247 -11.52 72.63 35.43
N ASP B 248 -11.30 73.89 34.99
CA ASP B 248 -10.43 74.11 33.84
C ASP B 248 -8.96 73.99 34.21
N LEU B 249 -8.61 74.33 35.45
CA LEU B 249 -7.23 74.13 35.89
C LEU B 249 -6.96 72.68 36.28
N PHE B 250 -7.93 72.01 36.92
CA PHE B 250 -7.75 70.69 37.49
C PHE B 250 -8.77 69.70 36.94
N PRO B 251 -8.64 69.25 35.69
CA PRO B 251 -9.67 68.41 35.09
C PRO B 251 -9.68 66.97 35.59
N ALA B 252 -8.69 66.54 36.37
CA ALA B 252 -8.60 65.14 36.74
C ALA B 252 -7.86 64.95 38.05
N PRO B 253 -8.53 65.10 39.19
CA PRO B 253 -7.84 65.02 40.49
C PRO B 253 -7.37 63.62 40.84
N CYS B 254 -6.35 63.57 41.70
CA CYS B 254 -5.73 62.31 42.11
C CYS B 254 -6.48 61.68 43.27
N ARG B 255 -6.77 60.39 43.16
CA ARG B 255 -7.62 59.68 44.12
C ARG B 255 -6.95 58.44 44.70
N ILE B 256 -5.62 58.44 44.81
CA ILE B 256 -4.91 57.31 45.40
C ILE B 256 -5.15 57.25 46.91
N GLU B 257 -5.40 56.04 47.41
CA GLU B 257 -5.61 55.81 48.84
C GLU B 257 -4.39 56.17 49.67
N ARG B 258 -4.61 56.90 50.75
CA ARG B 258 -3.60 57.11 51.79
C ARG B 258 -3.93 56.22 52.98
N ILE B 259 -2.91 55.56 53.53
CA ILE B 259 -3.08 54.72 54.71
C ILE B 259 -2.18 55.25 55.82
N GLU B 260 -2.62 55.05 57.06
CA GLU B 260 -1.96 55.58 58.25
C GLU B 260 -1.01 54.58 58.89
N ASN B 261 -1.37 53.29 58.85
CA ASN B 261 -0.75 52.24 59.63
C ASN B 261 0.38 51.51 58.91
N SER B 262 1.04 52.18 57.95
CA SER B 262 1.96 51.54 57.01
C SER B 262 3.08 50.76 57.69
N VAL B 263 3.29 49.54 57.23
CA VAL B 263 4.35 48.68 57.73
C VAL B 263 5.69 49.19 57.21
N SER B 264 6.69 49.26 58.09
CA SER B 264 8.03 49.67 57.68
C SER B 264 8.62 48.66 56.71
N ARG B 265 9.15 49.16 55.60
CA ARG B 265 9.48 48.34 54.44
C ARG B 265 10.83 48.78 53.91
N THR B 266 11.69 47.82 53.56
CA THR B 266 13.12 48.11 53.50
C THR B 266 13.67 48.31 52.08
N GLN B 267 13.06 47.74 51.05
CA GLN B 267 13.64 47.79 49.71
C GLN B 267 13.56 49.18 49.10
N GLU B 268 12.45 49.88 49.37
CA GLU B 268 12.11 51.12 48.66
C GLU B 268 13.14 52.22 48.92
N ALA B 269 13.72 52.25 50.11
CA ALA B 269 14.69 53.29 50.47
C ALA B 269 15.96 53.21 49.64
N THR B 270 16.32 52.04 49.13
CA THR B 270 17.43 51.90 48.20
C THR B 270 16.97 51.97 46.75
N LEU B 271 15.74 51.53 46.50
CA LEU B 271 15.19 51.55 45.15
C LEU B 271 15.08 52.96 44.61
N VAL B 272 14.74 53.93 45.47
CA VAL B 272 14.70 55.33 45.04
C VAL B 272 16.10 55.92 44.85
N GLN B 273 17.09 55.47 45.62
CA GLN B 273 18.47 55.91 45.38
C GLN B 273 18.98 55.45 44.03
N ARG B 274 18.53 54.26 43.58
CA ARG B 274 18.82 53.83 42.22
C ARG B 274 18.28 54.81 41.18
N VAL B 275 17.09 55.36 41.43
CA VAL B 275 16.46 56.29 40.49
C VAL B 275 17.21 57.61 40.44
N VAL B 276 17.53 58.17 41.61
CA VAL B 276 18.22 59.46 41.62
C VAL B 276 19.64 59.32 41.08
N GLU B 277 20.28 58.15 41.29
CA GLU B 277 21.60 57.93 40.71
C GLU B 277 21.54 57.58 39.22
N ALA B 278 20.34 57.33 38.67
CA ALA B 278 20.23 56.95 37.28
C ALA B 278 19.69 58.08 36.41
N PHE B 279 20.22 59.29 36.59
CA PHE B 279 19.69 60.49 35.93
C PHE B 279 19.78 60.40 34.41
N GLY B 280 18.82 61.04 33.75
CA GLY B 280 18.79 61.14 32.31
C GLY B 280 18.03 60.06 31.57
N ALA B 281 17.58 59.02 32.27
CA ALA B 281 16.90 57.91 31.62
C ALA B 281 15.62 57.56 32.37
N PRO B 282 14.58 57.14 31.66
CA PRO B 282 13.34 56.75 32.35
C PRO B 282 13.49 55.43 33.10
N VAL B 283 12.76 55.31 34.21
CA VAL B 283 12.81 54.15 35.09
C VAL B 283 11.43 53.50 35.12
N ILE B 284 11.38 52.17 35.00
CA ILE B 284 10.14 51.42 35.04
C ILE B 284 10.21 50.39 36.17
N ILE B 285 9.20 50.39 37.03
CA ILE B 285 9.08 49.45 38.15
C ILE B 285 7.91 48.53 37.87
N HIS B 286 8.09 47.22 38.11
CA HIS B 286 6.99 46.29 37.92
C HIS B 286 6.87 45.25 39.03
N ALA B 287 5.62 45.03 39.45
CA ALA B 287 5.20 43.96 40.36
C ALA B 287 3.72 43.73 40.13
N ASP B 288 3.23 42.54 40.50
CA ASP B 288 1.93 42.08 40.04
C ASP B 288 0.90 41.99 41.16
N ALA B 289 -0.29 42.53 40.90
CA ALA B 289 -1.54 42.25 41.60
C ALA B 289 -1.50 42.35 43.12
N GLY B 290 -1.25 43.54 43.66
CA GLY B 290 -1.42 43.75 45.07
C GLY B 290 -0.15 43.79 45.90
N VAL B 291 1.01 43.90 45.27
CA VAL B 291 2.26 43.98 46.02
C VAL B 291 2.35 45.31 46.77
N GLY B 292 1.90 46.39 46.16
CA GLY B 292 1.91 47.68 46.84
C GLY B 292 2.56 48.81 46.06
N LYS B 293 2.33 48.85 44.76
CA LYS B 293 2.91 49.90 43.93
C LYS B 293 2.37 51.29 44.30
N SER B 294 1.06 51.40 44.52
CA SER B 294 0.46 52.71 44.78
C SER B 294 0.89 53.30 46.12
N ILE B 295 0.99 52.47 47.16
CA ILE B 295 1.47 52.95 48.47
C ILE B 295 2.93 53.40 48.37
N PHE B 296 3.74 52.66 47.61
CA PHE B 296 5.13 53.02 47.39
C PHE B 296 5.26 54.36 46.68
N SER B 297 4.36 54.62 45.73
CA SER B 297 4.33 55.90 45.03
C SER B 297 4.10 57.08 45.96
N THR B 298 3.42 56.86 47.08
CA THR B 298 3.23 57.92 48.07
C THR B 298 4.35 57.98 49.09
N HIS B 299 5.01 56.85 49.38
CA HIS B 299 6.15 56.88 50.28
C HIS B 299 7.43 57.38 49.63
N ILE B 300 7.47 57.49 48.31
CA ILE B 300 8.71 57.83 47.62
C ILE B 300 9.19 59.24 47.94
N GLU B 301 8.31 60.13 48.39
CA GLU B 301 8.66 61.54 48.55
C GLU B 301 9.56 61.81 49.75
N GLU B 302 9.67 60.87 50.67
CA GLU B 302 10.39 61.07 51.92
C GLU B 302 11.87 60.73 51.85
N HIS B 303 12.40 60.39 50.68
CA HIS B 303 13.79 59.93 50.56
C HIS B 303 14.65 60.74 49.60
N LEU B 304 14.11 61.71 48.89
CA LEU B 304 14.89 62.50 47.95
C LEU B 304 15.85 63.42 48.70
N PRO B 305 16.90 63.92 48.03
CA PRO B 305 17.75 64.94 48.64
C PRO B 305 16.98 66.21 48.95
N THR B 306 17.53 67.01 49.88
CA THR B 306 16.79 68.13 50.43
C THR B 306 16.50 69.19 49.38
N GLY B 307 15.37 69.88 49.55
CA GLY B 307 14.88 70.83 48.59
C GLY B 307 14.12 70.26 47.41
N SER B 308 13.84 68.96 47.40
CA SER B 308 13.22 68.32 46.25
C SER B 308 11.70 68.36 46.33
N VAL B 309 11.07 68.19 45.17
CA VAL B 309 9.60 68.26 45.00
C VAL B 309 9.20 67.11 44.08
N SER B 310 8.07 66.46 44.38
CA SER B 310 7.57 65.35 43.57
C SER B 310 6.12 65.58 43.16
N ILE B 311 5.82 65.29 41.88
CA ILE B 311 4.48 65.43 41.31
C ILE B 311 3.96 64.04 40.96
N LEU B 312 2.74 63.74 41.39
CA LEU B 312 2.13 62.42 41.25
C LEU B 312 0.84 62.49 40.45
N TYR B 313 0.70 61.63 39.45
CA TYR B 313 -0.48 61.54 38.60
C TYR B 313 -1.07 60.14 38.64
N ASP B 314 -2.39 60.04 38.54
CA ASP B 314 -3.12 58.79 38.74
C ASP B 314 -3.91 58.53 37.46
N CYS B 315 -3.55 57.48 36.73
CA CYS B 315 -4.25 57.11 35.51
C CYS B 315 -5.46 56.21 35.73
N PHE B 316 -5.66 55.69 36.94
CA PHE B 316 -6.71 54.69 37.17
C PHE B 316 -8.04 55.32 37.59
N GLY B 317 -8.01 56.42 38.32
CA GLY B 317 -9.22 56.90 38.94
C GLY B 317 -9.68 55.90 39.98
N LEU B 318 -10.96 55.51 39.89
CA LEU B 318 -11.49 54.39 40.65
C LEU B 318 -12.30 53.50 39.72
N GLY B 319 -11.71 53.19 38.57
CA GLY B 319 -12.41 52.43 37.55
C GLY B 319 -13.29 53.25 36.64
N GLN B 320 -13.14 54.57 36.64
CA GLN B 320 -13.94 55.45 35.79
C GLN B 320 -13.30 55.72 34.45
N TYR B 321 -12.05 55.31 34.24
CA TYR B 321 -11.26 55.76 33.10
C TYR B 321 -11.71 55.18 31.77
N ARG B 322 -12.78 54.39 31.73
CA ARG B 322 -13.34 53.87 30.48
C ARG B 322 -14.72 54.44 30.18
N ASN B 323 -15.16 55.45 30.92
CA ASN B 323 -16.41 56.14 30.67
C ASN B 323 -16.11 57.47 29.98
N ALA B 324 -16.99 57.85 29.04
CA ALA B 324 -16.66 58.94 28.11
C ALA B 324 -16.45 60.27 28.79
N SER B 325 -17.14 60.52 29.90
CA SER B 325 -16.98 61.79 30.60
C SER B 325 -15.81 61.80 31.57
N SER B 326 -15.03 60.72 31.64
CA SER B 326 -14.00 60.57 32.66
C SER B 326 -12.68 60.04 32.13
N TYR B 327 -12.37 60.25 30.85
CA TYR B 327 -11.09 59.82 30.30
C TYR B 327 -9.92 60.54 30.95
N ARG B 328 -8.76 59.89 30.94
CA ARG B 328 -7.55 60.41 31.59
C ARG B 328 -6.30 60.21 30.75
N HIS B 329 -6.42 59.81 29.49
CA HIS B 329 -5.28 59.38 28.69
C HIS B 329 -4.89 60.34 27.57
N HIS B 330 -5.56 61.48 27.41
CA HIS B 330 -5.17 62.48 26.43
C HIS B 330 -4.13 63.44 27.00
N HIS B 331 -3.35 64.06 26.09
CA HIS B 331 -2.31 65.00 26.50
C HIS B 331 -2.90 66.20 27.22
N ARG B 332 -3.99 66.75 26.68
CA ARG B 332 -4.63 67.97 27.18
C ARG B 332 -5.34 67.77 28.51
N THR B 333 -5.30 66.58 29.10
CA THR B 333 -5.73 66.36 30.47
C THR B 333 -4.53 66.21 31.41
N ALA B 334 -3.64 65.27 31.08
CA ALA B 334 -2.52 64.94 31.94
C ALA B 334 -1.53 66.09 32.07
N LEU B 335 -1.11 66.67 30.94
CA LEU B 335 -0.11 67.74 31.00
C LEU B 335 -0.67 68.99 31.66
N VAL B 336 -1.96 69.27 31.46
CA VAL B 336 -2.58 70.41 32.13
C VAL B 336 -2.65 70.18 33.65
N GLN B 337 -2.97 68.95 34.06
CA GLN B 337 -2.95 68.59 35.49
C GLN B 337 -1.58 68.81 36.12
N MET B 338 -0.55 68.24 35.51
CA MET B 338 0.79 68.30 36.08
C MET B 338 1.35 69.72 36.06
N ALA B 339 1.09 70.47 34.99
CA ALA B 339 1.56 71.85 34.92
C ALA B 339 0.91 72.71 35.99
N ASN B 340 -0.41 72.60 36.16
CA ASN B 340 -1.08 73.40 37.17
C ASN B 340 -0.76 72.93 38.58
N GLU B 341 -0.39 71.65 38.77
CA GLU B 341 0.05 71.22 40.09
C GLU B 341 1.42 71.78 40.44
N MET B 342 2.31 71.97 39.46
CA MET B 342 3.53 72.70 39.79
C MET B 342 3.29 74.19 39.94
N ALA B 343 2.38 74.75 39.13
CA ALA B 343 2.13 76.18 39.12
C ALA B 343 1.45 76.67 40.39
N SER B 344 0.55 75.86 40.95
CA SER B 344 -0.12 76.22 42.19
C SER B 344 0.84 76.34 43.35
N ARG B 345 1.95 75.61 43.31
CA ARG B 345 2.97 75.65 44.34
C ARG B 345 3.92 76.83 44.17
N GLY B 346 3.78 77.60 43.09
CA GLY B 346 4.57 78.80 42.88
C GLY B 346 5.78 78.64 41.98
N LEU B 347 5.93 77.51 41.31
CA LEU B 347 7.14 77.23 40.57
C LEU B 347 7.06 77.59 39.09
N CYS B 348 5.86 77.78 38.54
CA CYS B 348 5.73 78.14 37.14
C CYS B 348 4.39 78.87 36.93
N HIS B 349 4.25 79.46 35.75
CA HIS B 349 2.99 80.09 35.37
C HIS B 349 1.93 79.03 35.08
N PRO B 350 0.65 79.34 35.33
CA PRO B 350 -0.41 78.35 35.08
C PRO B 350 -0.63 78.12 33.59
N LEU B 351 -0.99 76.88 33.24
CA LEU B 351 -1.23 76.47 31.87
C LEU B 351 -2.72 76.16 31.71
N ILE B 352 -3.39 76.88 30.81
CA ILE B 352 -4.83 76.78 30.62
C ILE B 352 -5.10 76.40 29.16
N PRO B 353 -6.06 75.51 28.91
CA PRO B 353 -6.17 74.91 27.57
C PRO B 353 -6.89 75.78 26.55
N ASN B 354 -6.83 75.33 25.31
CA ASN B 354 -7.44 75.99 24.16
C ASN B 354 -8.01 74.95 23.21
N ALA B 355 -9.17 75.23 22.63
CA ALA B 355 -9.80 74.32 21.68
C ALA B 355 -9.21 74.51 20.29
N GLY B 356 -8.76 73.41 19.68
CA GLY B 356 -8.13 73.45 18.37
C GLY B 356 -6.61 73.36 18.39
N THR B 357 -6.00 73.33 19.56
CA THR B 357 -4.55 73.23 19.66
C THR B 357 -4.11 71.76 19.49
N GLY B 358 -3.02 71.57 18.73
CA GLY B 358 -2.48 70.24 18.51
C GLY B 358 -1.54 69.79 19.64
N ILE B 359 -1.14 68.51 19.57
CA ILE B 359 -0.41 67.88 20.66
C ILE B 359 1.03 68.39 20.79
N SER B 360 1.65 68.79 19.66
CA SER B 360 3.04 69.24 19.72
C SER B 360 3.18 70.55 20.47
N GLN B 361 2.17 71.42 20.35
CA GLN B 361 2.14 72.66 21.11
C GLN B 361 2.06 72.40 22.60
N TYR B 362 1.24 71.42 23.00
CA TYR B 362 1.16 71.03 24.41
C TYR B 362 2.48 70.49 24.91
N MET B 363 3.19 69.70 24.10
CA MET B 363 4.48 69.16 24.51
C MET B 363 5.50 70.26 24.76
N ARG B 364 5.60 71.21 23.82
CA ARG B 364 6.56 72.30 23.97
C ARG B 364 6.21 73.18 25.17
N ALA B 365 4.92 73.48 25.37
CA ALA B 365 4.50 74.29 26.50
C ALA B 365 4.72 73.59 27.83
N PHE B 366 4.71 72.25 27.84
CA PHE B 366 5.01 71.52 29.06
C PHE B 366 6.50 71.56 29.40
N LEU B 367 7.34 71.35 28.39
CA LEU B 367 8.80 71.36 28.61
C LEU B 367 9.29 72.72 29.09
N HIS B 368 8.67 73.80 28.59
CA HIS B 368 9.02 75.14 29.04
C HIS B 368 8.83 75.30 30.55
N ARG B 369 7.75 74.77 31.09
CA ARG B 369 7.46 74.98 32.49
C ARG B 369 8.22 74.02 33.39
N LEU B 370 8.63 72.86 32.86
CA LEU B 370 9.64 72.07 33.56
C LEU B 370 10.95 72.87 33.72
N SER B 371 11.35 73.55 32.64
CA SER B 371 12.56 74.38 32.68
C SER B 371 12.42 75.54 33.66
N GLN B 372 11.22 76.09 33.80
CA GLN B 372 11.00 77.12 34.84
C GLN B 372 11.13 76.55 36.25
N SER B 373 10.44 75.44 36.52
CA SER B 373 10.36 74.92 37.87
C SER B 373 11.72 74.50 38.42
N ILE B 374 12.51 73.80 37.61
CA ILE B 374 13.80 73.33 38.15
C ILE B 374 14.76 74.49 38.36
N SER B 375 14.64 75.56 37.55
CA SER B 375 15.46 76.75 37.77
C SER B 375 15.03 77.49 39.02
N ILE B 376 13.75 77.45 39.38
CA ILE B 376 13.36 77.98 40.69
C ILE B 376 13.99 77.16 41.82
N LEU B 377 13.97 75.83 41.69
CA LEU B 377 14.41 75.00 42.82
C LEU B 377 15.92 75.01 43.03
N ARG B 378 16.71 74.88 41.96
CA ARG B 378 18.16 74.74 42.18
C ARG B 378 18.86 76.05 42.50
N ALA B 379 18.18 77.19 42.46
CA ALA B 379 18.81 78.42 42.93
C ALA B 379 18.92 78.49 44.45
N SER B 380 18.30 77.56 45.17
CA SER B 380 18.33 77.55 46.62
C SER B 380 18.94 76.28 47.19
N GLU B 381 18.86 75.16 46.49
CA GLU B 381 19.52 73.91 46.90
C GLU B 381 20.16 73.28 45.67
N PRO B 382 21.49 73.27 45.58
CA PRO B 382 22.15 72.92 44.30
C PRO B 382 22.08 71.45 43.91
N LEU B 383 21.62 70.55 44.78
CA LEU B 383 21.49 69.15 44.43
C LEU B 383 20.04 68.65 44.54
N ALA B 384 19.07 69.55 44.48
CA ALA B 384 17.67 69.16 44.49
C ALA B 384 17.26 68.56 43.14
N VAL B 385 16.19 67.77 43.16
CA VAL B 385 15.63 67.14 41.97
C VAL B 385 14.12 67.34 41.93
N LEU B 386 13.56 67.22 40.74
CA LEU B 386 12.11 67.20 40.55
C LEU B 386 11.71 65.80 40.08
N CYS B 387 10.74 65.21 40.76
CA CYS B 387 10.28 63.85 40.43
C CYS B 387 8.86 63.89 39.86
N ILE B 388 8.66 63.22 38.73
CA ILE B 388 7.35 63.06 38.13
C ILE B 388 7.00 61.57 38.08
N ILE B 389 5.83 61.21 38.59
CA ILE B 389 5.42 59.82 38.77
C ILE B 389 4.13 59.58 38.00
N ILE B 390 4.09 58.51 37.22
CA ILE B 390 2.90 58.06 36.52
C ILE B 390 2.51 56.69 37.08
N ASP B 391 1.45 56.66 37.89
CA ASP B 391 0.91 55.41 38.38
C ASP B 391 -0.06 54.82 37.36
N ALA B 392 -0.10 53.48 37.31
CA ALA B 392 -0.99 52.71 36.42
C ALA B 392 -0.81 53.08 34.95
N ALA B 393 0.44 53.05 34.48
CA ALA B 393 0.76 53.55 33.14
C ALA B 393 0.15 52.71 32.04
N ASP B 394 -0.05 51.40 32.27
CA ASP B 394 -0.55 50.52 31.22
C ASP B 394 -2.04 50.76 30.94
N ASN B 395 -2.79 51.19 31.96
CA ASN B 395 -4.23 51.41 31.79
C ASN B 395 -4.52 52.53 30.80
N ALA B 396 -3.65 53.55 30.77
CA ALA B 396 -3.82 54.65 29.82
C ALA B 396 -3.68 54.18 28.38
N GLN B 397 -2.81 53.20 28.14
CA GLN B 397 -2.65 52.68 26.79
C GLN B 397 -3.77 51.70 26.44
N MET B 398 -4.22 50.90 27.42
CA MET B 398 -5.34 50.00 27.20
C MET B 398 -6.60 50.78 26.83
N ALA B 399 -6.87 51.88 27.54
CA ALA B 399 -8.05 52.69 27.25
C ALA B 399 -7.95 53.34 25.87
N ALA B 400 -6.74 53.73 25.46
CA ALA B 400 -6.57 54.34 24.15
C ALA B 400 -6.82 53.33 23.04
N GLU B 401 -6.23 52.14 23.14
CA GLU B 401 -6.44 51.15 22.09
C GLU B 401 -7.85 50.58 22.09
N GLU B 402 -8.56 50.64 23.22
CA GLU B 402 -9.92 50.09 23.24
C GLU B 402 -10.92 50.94 22.45
N ILE B 403 -10.57 52.18 22.10
CA ILE B 403 -11.46 53.04 21.33
C ILE B 403 -10.87 53.46 19.99
N GLY B 404 -9.75 52.86 19.59
CA GLY B 404 -9.21 53.06 18.25
C GLY B 404 -8.08 54.05 18.09
N GLU B 405 -7.56 54.61 19.18
CA GLU B 405 -6.34 55.41 19.10
C GLU B 405 -5.13 54.50 19.27
N THR B 406 -3.93 55.06 19.11
CA THR B 406 -2.71 54.29 19.34
C THR B 406 -1.69 54.98 20.24
N ARG B 407 -1.78 56.29 20.47
CA ARG B 407 -0.73 57.03 21.17
C ARG B 407 -1.34 57.74 22.37
N SER B 408 -1.33 57.07 23.51
CA SER B 408 -1.56 57.77 24.77
C SER B 408 -0.34 58.59 25.14
N PHE B 409 -0.53 59.53 26.07
CA PHE B 409 0.46 60.55 26.36
C PHE B 409 1.80 59.97 26.85
N ILE B 410 1.74 58.90 27.65
CA ILE B 410 2.96 58.34 28.22
C ILE B 410 3.82 57.68 27.15
N LYS B 411 3.20 57.12 26.12
CA LYS B 411 3.93 56.42 25.07
C LYS B 411 4.77 57.39 24.25
N ASP B 412 4.41 58.66 24.21
CA ASP B 412 5.23 59.73 23.64
C ASP B 412 6.19 60.32 24.67
N LEU B 413 5.69 60.54 25.90
CA LEU B 413 6.48 61.21 26.93
C LEU B 413 7.70 60.40 27.35
N ILE B 414 7.63 59.07 27.24
CA ILE B 414 8.74 58.24 27.67
C ILE B 414 9.94 58.36 26.73
N ARG B 415 9.74 58.78 25.48
CA ARG B 415 10.82 58.93 24.53
C ARG B 415 11.25 60.37 24.34
N GLU B 416 10.69 61.30 25.10
CA GLU B 416 11.06 62.71 25.00
C GLU B 416 12.24 62.98 25.92
N LYS B 417 13.03 64.01 25.58
CA LYS B 417 14.22 64.36 26.35
C LYS B 417 13.92 65.54 27.27
N LEU B 418 14.08 65.31 28.57
CA LEU B 418 13.74 66.27 29.61
C LEU B 418 14.96 67.09 30.00
N PRO B 419 14.77 68.22 30.69
CA PRO B 419 15.92 68.98 31.21
C PRO B 419 16.69 68.22 32.27
N ASP B 420 17.82 68.80 32.67
CA ASP B 420 18.65 68.19 33.70
C ASP B 420 18.07 68.44 35.08
N GLY B 421 18.28 67.48 35.98
CA GLY B 421 17.73 67.57 37.31
C GLY B 421 16.30 67.10 37.49
N VAL B 422 15.71 66.43 36.50
CA VAL B 422 14.40 65.82 36.64
C VAL B 422 14.50 64.33 36.34
N CYS B 423 13.66 63.53 36.99
CA CYS B 423 13.63 62.08 36.86
C CYS B 423 12.21 61.61 36.58
N LEU B 424 12.08 60.51 35.84
CA LEU B 424 10.79 60.02 35.39
C LEU B 424 10.65 58.54 35.74
N VAL B 425 9.57 58.20 36.45
CA VAL B 425 9.32 56.85 36.95
C VAL B 425 7.92 56.42 36.52
N ALA B 426 7.80 55.19 36.05
CA ALA B 426 6.52 54.58 35.73
C ALA B 426 6.38 53.24 36.45
N LEU B 427 5.15 52.82 36.67
CA LEU B 427 4.85 51.56 37.36
C LEU B 427 3.83 50.77 36.55
N CYS B 428 4.03 49.45 36.44
CA CYS B 428 3.09 48.63 35.68
C CYS B 428 3.19 47.18 36.12
N ARG B 429 2.26 46.37 35.63
CA ARG B 429 2.30 44.93 35.86
C ARG B 429 3.27 44.25 34.89
N PRO B 430 3.90 43.13 35.32
CA PRO B 430 4.96 42.51 34.50
C PRO B 430 4.51 42.03 33.13
N TYR B 431 3.29 41.52 33.00
CA TYR B 431 2.83 40.96 31.74
C TYR B 431 2.26 42.02 30.80
N ARG B 432 2.18 43.27 31.25
CA ARG B 432 1.67 44.38 30.44
C ARG B 432 2.75 45.38 30.04
N ARG B 433 4.00 45.11 30.39
CA ARG B 433 5.07 46.11 30.28
C ARG B 433 5.30 46.56 28.84
N GLU B 434 5.16 45.64 27.88
CA GLU B 434 5.48 45.94 26.50
C GLU B 434 4.43 46.76 25.78
N LEU B 435 3.31 47.06 26.43
CA LEU B 435 2.34 48.00 25.83
C LEU B 435 2.94 49.38 25.65
N LEU B 436 3.79 49.81 26.59
CA LEU B 436 4.35 51.16 26.57
C LEU B 436 5.72 51.25 25.91
N ASP B 437 6.31 50.11 25.51
CA ASP B 437 7.43 49.95 24.58
C ASP B 437 8.64 50.82 24.92
N PRO B 438 9.47 50.43 25.89
CA PRO B 438 10.58 51.29 26.30
C PRO B 438 11.67 51.33 25.26
N PRO B 439 12.44 52.42 25.22
CA PRO B 439 13.63 52.48 24.36
C PRO B 439 14.80 51.75 25.02
N PRO B 440 15.88 51.47 24.27
CA PRO B 440 17.03 50.74 24.85
C PRO B 440 17.73 51.42 26.02
N GLU B 441 17.61 52.74 26.19
CA GLU B 441 18.27 53.39 27.33
C GLU B 441 17.55 53.14 28.66
N ALA B 442 16.33 52.61 28.64
CA ALA B 442 15.51 52.54 29.84
C ALA B 442 16.07 51.57 30.87
N LEU B 443 15.78 51.84 32.14
CA LEU B 443 16.20 51.03 33.28
C LEU B 443 14.97 50.39 33.91
N THR B 444 15.10 49.11 34.28
CA THR B 444 13.98 48.29 34.72
C THR B 444 14.26 47.70 36.10
N LEU B 445 13.28 47.79 37.00
CA LEU B 445 13.40 47.27 38.37
C LEU B 445 12.12 46.57 38.76
N SER B 446 12.23 45.72 39.79
CA SER B 446 11.11 44.94 40.29
C SER B 446 10.98 45.14 41.79
N LEU B 447 9.75 45.11 42.28
CA LEU B 447 9.42 45.29 43.69
C LEU B 447 8.95 43.96 44.27
N GLN B 448 9.37 43.66 45.49
CA GLN B 448 9.30 42.32 46.04
C GLN B 448 8.26 42.22 47.16
N THR B 449 7.61 41.05 47.25
CA THR B 449 6.58 40.79 48.24
C THR B 449 7.15 40.72 49.66
N PHE B 450 6.23 40.62 50.63
CA PHE B 450 6.60 40.51 52.04
C PHE B 450 7.46 39.29 52.34
N ASN B 451 8.43 39.49 53.22
CA ASN B 451 9.11 38.40 53.90
C ASN B 451 8.36 38.02 55.18
N ARG B 452 8.95 37.13 55.98
CA ARG B 452 8.31 36.67 57.21
C ARG B 452 8.15 37.79 58.23
N ASP B 453 9.17 38.64 58.38
CA ASP B 453 9.13 39.69 59.38
C ASP B 453 8.08 40.74 59.06
N GLU B 454 7.91 41.05 57.77
CA GLU B 454 6.88 42.00 57.36
C GLU B 454 5.48 41.46 57.66
N THR B 455 5.27 40.17 57.39
CA THR B 455 3.98 39.54 57.71
C THR B 455 3.73 39.52 59.21
N ALA B 456 4.78 39.26 60.00
CA ALA B 456 4.64 39.26 61.45
C ALA B 456 4.28 40.65 61.97
N ALA B 457 4.96 41.68 61.48
CA ALA B 457 4.65 43.05 61.87
C ALA B 457 3.26 43.48 61.41
N HIS B 458 2.78 42.92 60.30
CA HIS B 458 1.42 43.16 59.86
C HIS B 458 0.42 42.50 60.79
N LEU B 459 0.65 41.22 61.12
CA LEU B 459 -0.32 40.46 61.90
C LEU B 459 -0.43 40.96 63.33
N HIS B 460 0.69 41.36 63.95
CA HIS B 460 0.64 41.82 65.33
C HIS B 460 -0.08 43.15 65.52
N GLN B 461 -0.45 43.86 64.45
CA GLN B 461 -1.24 45.07 64.61
C GLN B 461 -2.65 44.77 65.13
N LYS B 462 -3.26 43.69 64.64
CA LYS B 462 -4.61 43.33 65.08
C LYS B 462 -4.60 42.44 66.32
N PHE B 463 -3.68 41.48 66.37
CA PHE B 463 -3.60 40.49 67.44
C PHE B 463 -2.19 40.53 68.00
N PRO B 464 -1.90 41.47 68.92
CA PRO B 464 -0.52 41.69 69.37
C PRO B 464 0.08 40.57 70.21
N ASP B 465 -0.60 39.44 70.40
CA ASP B 465 -0.06 38.34 71.18
C ASP B 465 -0.10 37.00 70.45
N ALA B 466 -0.19 37.03 69.11
CA ALA B 466 -0.13 35.81 68.34
C ALA B 466 1.26 35.18 68.40
N SER B 467 1.29 33.85 68.40
CA SER B 467 2.54 33.10 68.51
C SER B 467 3.23 33.02 67.15
N GLU B 468 4.41 32.37 67.15
CA GLU B 468 5.17 32.18 65.92
C GLU B 468 4.44 31.29 64.93
N SER B 469 3.76 30.25 65.41
CA SER B 469 3.11 29.33 64.50
C SER B 469 1.89 29.95 63.85
N ASP B 470 1.24 30.92 64.52
CA ASP B 470 0.19 31.68 63.87
C ASP B 470 0.74 32.53 62.74
N VAL B 471 1.90 33.15 62.95
CA VAL B 471 2.57 33.90 61.89
C VAL B 471 2.93 32.98 60.74
N ASP B 472 3.38 31.75 61.04
CA ASP B 472 3.70 30.78 60.01
C ASP B 472 2.48 30.41 59.19
N GLU B 473 1.36 30.11 59.85
CA GLU B 473 0.15 29.70 59.16
C GLU B 473 -0.44 30.84 58.34
N PHE B 474 -0.37 32.07 58.86
CA PHE B 474 -0.91 33.21 58.14
C PHE B 474 -0.03 33.60 56.96
N HIS B 475 1.29 33.41 57.10
CA HIS B 475 2.21 33.71 56.00
C HIS B 475 2.11 32.69 54.89
N ARG B 476 1.91 31.41 55.22
CA ARG B 476 1.79 30.39 54.18
C ARG B 476 0.48 30.50 53.41
N LEU B 477 -0.65 30.60 54.12
CA LEU B 477 -1.95 30.50 53.49
C LEU B 477 -2.40 31.77 52.79
N SER B 478 -1.56 32.80 52.72
CA SER B 478 -1.94 34.05 52.06
C SER B 478 -1.03 34.39 50.89
N SER B 479 -0.13 33.49 50.51
CA SER B 479 0.78 33.65 49.36
C SER B 479 1.64 34.91 49.46
N CYS B 480 1.89 35.38 50.67
CA CYS B 480 2.70 36.57 50.97
C CYS B 480 2.17 37.83 50.30
N ASN B 481 0.86 37.89 50.01
CA ASN B 481 0.28 38.99 49.24
C ASN B 481 -0.42 39.95 50.18
N PRO B 482 0.03 41.22 50.26
CA PRO B 482 -0.54 42.15 51.24
C PRO B 482 -2.04 42.43 51.09
N ARG B 483 -2.54 42.51 49.86
CA ARG B 483 -3.96 42.78 49.65
C ARG B 483 -4.82 41.66 50.20
N VAL B 484 -4.40 40.40 50.00
CA VAL B 484 -5.16 39.26 50.50
C VAL B 484 -5.20 39.27 52.03
N GLN B 485 -4.06 39.56 52.67
CA GLN B 485 -3.98 39.61 54.12
C GLN B 485 -4.89 40.70 54.67
N ALA B 486 -4.86 41.90 54.07
CA ALA B 486 -5.70 43.00 54.50
C ALA B 486 -7.18 42.67 54.31
N LEU B 487 -7.53 42.08 53.17
CA LEU B 487 -8.91 41.73 52.88
C LEU B 487 -9.44 40.71 53.89
N SER B 488 -8.60 39.74 54.27
CA SER B 488 -9.03 38.76 55.25
C SER B 488 -9.14 39.35 56.65
N LEU B 489 -8.18 40.20 57.05
CA LEU B 489 -8.22 40.75 58.40
C LEU B 489 -9.29 41.81 58.58
N SER B 490 -9.82 42.38 57.50
CA SER B 490 -10.80 43.46 57.61
C SER B 490 -12.14 43.03 58.20
N GLN B 491 -12.41 41.73 58.35
CA GLN B 491 -13.71 41.26 58.80
C GLN B 491 -13.92 41.35 60.32
N ASN B 492 -12.86 41.56 61.09
CA ASN B 492 -12.88 41.57 62.57
C ASN B 492 -13.47 40.28 63.15
N LEU B 493 -13.20 39.15 62.50
CA LEU B 493 -13.52 37.85 63.07
C LEU B 493 -12.54 37.51 64.18
N PRO B 494 -12.88 36.54 65.04
CA PRO B 494 -11.88 35.99 65.95
C PRO B 494 -10.72 35.34 65.20
N LEU B 495 -9.59 35.21 65.91
CA LEU B 495 -8.34 34.78 65.28
C LEU B 495 -8.47 33.38 64.67
N ASN B 496 -9.02 32.44 65.43
CA ASN B 496 -9.13 31.06 64.98
C ASN B 496 -10.04 30.93 63.76
N ASP B 497 -11.14 31.69 63.73
CA ASP B 497 -12.00 31.68 62.55
C ASP B 497 -11.30 32.30 61.35
N THR B 498 -10.48 33.34 61.59
CA THR B 498 -9.74 33.98 60.50
C THR B 498 -8.76 33.01 59.87
N LEU B 499 -8.09 32.18 60.68
CA LEU B 499 -7.25 31.14 60.09
C LEU B 499 -8.07 30.02 59.46
N ARG B 500 -9.21 29.66 60.07
CA ARG B 500 -9.98 28.52 59.59
C ARG B 500 -10.57 28.76 58.21
N LEU B 501 -10.97 30.01 57.92
CA LEU B 501 -11.55 30.28 56.61
C LEU B 501 -10.52 30.26 55.49
N LEU B 502 -9.23 30.29 55.82
CA LEU B 502 -8.18 30.14 54.83
C LEU B 502 -7.73 28.71 54.64
N GLY B 503 -8.27 27.77 55.43
CA GLY B 503 -7.82 26.40 55.39
C GLY B 503 -8.55 25.55 54.36
N PRO B 504 -8.17 24.26 54.28
CA PRO B 504 -8.83 23.36 53.33
C PRO B 504 -10.28 23.14 53.68
N ASN B 505 -11.11 23.03 52.63
CA ASN B 505 -12.55 22.77 52.70
C ASN B 505 -13.28 23.60 53.76
N PRO B 506 -13.37 24.93 53.57
CA PRO B 506 -14.02 25.76 54.58
C PRO B 506 -15.53 25.58 54.57
N LYS B 507 -16.17 26.28 55.50
CA LYS B 507 -17.61 26.16 55.74
C LYS B 507 -18.37 26.55 54.47
N THR B 508 -19.13 25.59 53.95
CA THR B 508 -19.87 25.77 52.69
C THR B 508 -21.15 26.54 53.00
N VAL B 509 -21.01 27.86 53.09
CA VAL B 509 -22.14 28.73 53.36
C VAL B 509 -23.05 28.87 52.14
N GLU B 510 -22.55 28.55 50.95
CA GLU B 510 -23.29 28.72 49.72
C GLU B 510 -24.34 27.62 49.59
N ASP B 511 -25.62 27.99 49.60
CA ASP B 511 -26.69 27.01 49.51
C ASP B 511 -26.82 26.38 48.12
N THR B 512 -26.43 27.10 47.07
CA THR B 512 -26.51 26.61 45.69
C THR B 512 -25.16 26.91 45.05
N ILE B 513 -24.38 25.84 44.83
CA ILE B 513 -22.95 25.93 44.57
C ILE B 513 -22.66 26.64 43.25
N GLY B 514 -21.58 27.40 43.24
CA GLY B 514 -21.08 28.04 42.03
C GLY B 514 -21.74 29.36 41.66
N GLU B 515 -22.60 29.90 42.51
CA GLU B 515 -23.39 31.07 42.11
C GLU B 515 -22.54 32.34 42.05
N VAL B 516 -21.72 32.58 43.07
CA VAL B 516 -20.94 33.81 43.11
C VAL B 516 -19.73 33.73 42.18
N LEU B 517 -19.24 32.51 41.92
CA LEU B 517 -18.05 32.32 41.11
C LEU B 517 -18.32 32.68 39.66
N GLU B 518 -19.53 32.38 39.19
CA GLU B 518 -19.95 32.74 37.84
C GLU B 518 -19.91 34.25 37.63
N LYS B 519 -20.46 34.98 38.60
CA LYS B 519 -20.45 36.45 38.56
C LYS B 519 -19.03 36.99 38.56
N SER B 520 -18.17 36.43 39.42
CA SER B 520 -16.80 36.92 39.54
C SER B 520 -16.03 36.72 38.24
N ILE B 521 -16.17 35.56 37.60
CA ILE B 521 -15.46 35.30 36.35
C ILE B 521 -16.01 36.19 35.23
N ALA B 522 -17.33 36.43 35.21
CA ALA B 522 -17.91 37.31 34.20
C ALA B 522 -17.37 38.73 34.33
N ARG B 523 -17.31 39.25 35.56
CA ARG B 523 -16.81 40.60 35.78
C ARG B 523 -15.33 40.69 35.42
N LEU B 524 -14.55 39.65 35.76
CA LEU B 524 -13.13 39.62 35.38
C LEU B 524 -12.93 39.62 33.87
N ARG B 525 -13.80 38.94 33.14
CA ARG B 525 -13.74 39.04 31.67
C ARG B 525 -14.08 40.45 31.20
N ASP B 526 -15.12 41.05 31.77
CA ASP B 526 -15.59 42.34 31.26
C ASP B 526 -14.58 43.45 31.49
N THR B 527 -13.84 43.42 32.59
CA THR B 527 -12.94 44.53 32.87
C THR B 527 -11.57 44.39 32.21
N ALA B 528 -11.31 43.27 31.54
CA ALA B 528 -9.99 43.03 30.97
C ALA B 528 -9.85 43.61 29.56
N GLY B 529 -8.61 43.77 29.12
CA GLY B 529 -8.34 44.28 27.79
C GLY B 529 -8.75 43.30 26.70
N ILE B 530 -8.84 43.83 25.47
CA ILE B 530 -9.36 43.05 24.34
C ILE B 530 -8.45 41.90 23.95
N SER B 531 -7.16 41.99 24.32
CA SER B 531 -6.24 40.88 24.06
C SER B 531 -6.31 39.78 25.11
N GLU B 532 -6.81 40.12 26.30
CA GLU B 532 -6.70 39.21 27.44
C GLU B 532 -7.79 38.15 27.46
N ARG B 533 -8.94 38.42 26.82
CA ARG B 533 -10.14 37.63 27.07
C ARG B 533 -10.03 36.21 26.51
N ALA B 534 -9.35 36.05 25.38
CA ALA B 534 -9.07 34.71 24.86
C ALA B 534 -8.14 33.95 25.81
N GLN B 535 -7.18 34.65 26.41
CA GLN B 535 -6.28 34.00 27.36
C GLN B 535 -7.02 33.59 28.63
N ILE B 536 -7.97 34.40 29.08
CA ILE B 536 -8.78 34.02 30.24
C ILE B 536 -9.61 32.78 29.93
N ASP B 537 -10.23 32.73 28.75
CA ASP B 537 -11.00 31.55 28.37
C ASP B 537 -10.10 30.31 28.23
N THR B 538 -8.88 30.49 27.72
CA THR B 538 -7.96 29.37 27.57
C THR B 538 -7.50 28.83 28.93
N ILE B 539 -7.24 29.73 29.89
CA ILE B 539 -6.88 29.27 31.24
C ILE B 539 -8.03 28.53 31.90
N CYS B 540 -9.26 29.03 31.71
CA CYS B 540 -10.43 28.32 32.23
C CYS B 540 -10.56 26.93 31.62
N SER B 541 -10.32 26.80 30.31
CA SER B 541 -10.37 25.48 29.68
C SER B 541 -9.25 24.58 30.18
N ALA B 542 -8.06 25.13 30.40
CA ALA B 542 -6.92 24.29 30.78
C ALA B 542 -7.03 23.79 32.21
N LEU B 543 -7.56 24.59 33.13
CA LEU B 543 -7.71 24.12 34.50
C LEU B 543 -8.74 23.02 34.66
N ALA B 544 -9.63 22.83 33.69
CA ALA B 544 -10.71 21.87 33.83
C ALA B 544 -10.30 20.43 33.50
N ILE B 545 -9.10 20.21 32.98
CA ILE B 545 -8.77 18.92 32.40
C ILE B 545 -7.53 18.26 33.01
N LEU B 546 -6.66 19.00 33.69
CA LEU B 546 -5.41 18.43 34.17
C LEU B 546 -5.58 17.76 35.54
N ARG B 547 -4.57 16.93 35.90
CA ARG B 547 -4.51 16.18 37.16
C ARG B 547 -3.99 17.06 38.29
N PRO B 548 -4.41 16.78 39.54
CA PRO B 548 -4.30 17.80 40.60
C PRO B 548 -2.97 17.84 41.33
N LEU B 549 -1.88 18.09 40.61
CA LEU B 549 -0.88 19.04 41.10
C LEU B 549 -0.17 19.67 39.92
N ILE B 550 -0.67 20.81 39.46
CA ILE B 550 -0.22 21.37 38.20
C ILE B 550 0.97 22.28 38.42
N PRO B 551 2.12 22.01 37.82
CA PRO B 551 3.20 22.99 37.81
C PRO B 551 2.94 24.06 36.76
N LEU B 552 3.37 25.29 37.07
CA LEU B 552 3.04 26.42 36.20
C LEU B 552 3.74 26.36 34.85
N SER B 553 4.87 25.67 34.77
CA SER B 553 5.62 25.61 33.52
C SER B 553 4.85 24.82 32.46
N VAL B 554 4.27 23.68 32.84
CA VAL B 554 3.54 22.84 31.88
C VAL B 554 2.26 23.53 31.44
N LEU B 555 1.56 24.17 32.38
CA LEU B 555 0.37 24.94 32.05
C LEU B 555 0.69 26.08 31.08
N SER B 556 1.80 26.79 31.33
CA SER B 556 2.25 27.84 30.44
C SER B 556 2.59 27.31 29.05
N ALA B 557 3.23 26.14 29.00
CA ALA B 557 3.63 25.57 27.72
C ALA B 557 2.42 25.14 26.90
N ILE B 558 1.48 24.42 27.52
CA ILE B 558 0.35 23.90 26.74
C ILE B 558 -0.65 25.01 26.41
N SER B 559 -0.73 26.06 27.23
CA SER B 559 -1.71 27.11 26.94
C SER B 559 -1.12 28.27 26.15
N GLY B 560 0.19 28.50 26.24
CA GLY B 560 0.81 29.64 25.59
C GLY B 560 0.71 30.94 26.33
N VAL B 561 0.10 30.96 27.52
CA VAL B 561 -0.02 32.17 28.32
C VAL B 561 1.22 32.32 29.20
N ALA B 562 1.66 33.56 29.39
CA ALA B 562 2.74 33.86 30.30
C ALA B 562 2.34 33.56 31.74
N GLY B 563 3.32 33.10 32.54
CA GLY B 563 3.04 32.64 33.88
C GLY B 563 2.52 33.72 34.81
N SER B 564 3.01 34.95 34.63
CA SER B 564 2.59 36.03 35.51
C SER B 564 1.12 36.39 35.30
N ALA B 565 0.61 36.20 34.07
CA ALA B 565 -0.81 36.41 33.83
C ALA B 565 -1.65 35.37 34.57
N ILE B 566 -1.20 34.12 34.60
CA ILE B 566 -1.90 33.06 35.32
C ILE B 566 -1.93 33.36 36.81
N LYS B 567 -0.78 33.79 37.35
CA LYS B 567 -0.71 34.11 38.77
C LYS B 567 -1.58 35.30 39.13
N SER B 568 -1.59 36.33 38.28
CA SER B 568 -2.42 37.50 38.55
C SER B 568 -3.91 37.17 38.44
N PHE B 569 -4.28 36.28 37.51
CA PHE B 569 -5.66 35.81 37.42
C PHE B 569 -6.08 35.09 38.70
N ALA B 570 -5.22 34.22 39.21
CA ALA B 570 -5.57 33.47 40.42
C ALA B 570 -5.59 34.37 41.64
N LEU B 571 -4.73 35.38 41.68
CA LEU B 571 -4.77 36.34 42.78
C LEU B 571 -6.01 37.23 42.71
N ASP B 572 -6.47 37.56 41.50
CA ASP B 572 -7.70 38.33 41.37
C ASP B 572 -8.92 37.53 41.79
N LEU B 573 -9.04 36.30 41.28
CA LEU B 573 -10.26 35.54 41.50
C LEU B 573 -10.41 35.11 42.96
N GLY B 574 -9.30 34.87 43.66
CA GLY B 574 -9.38 34.43 45.03
C GLY B 574 -9.73 32.95 45.14
N ARG B 575 -10.36 32.58 46.25
CA ARG B 575 -10.79 31.21 46.46
C ARG B 575 -11.86 30.83 45.44
N PRO B 576 -11.92 29.56 45.03
CA PRO B 576 -11.26 28.35 45.55
C PRO B 576 -9.81 28.12 45.12
N LEU B 577 -9.21 28.96 44.29
CA LEU B 577 -7.85 28.71 43.83
C LEU B 577 -6.82 29.14 44.87
N ILE B 578 -5.61 28.59 44.73
CA ILE B 578 -4.47 29.04 45.52
C ILE B 578 -3.20 28.83 44.70
N VAL B 579 -2.24 29.74 44.88
CA VAL B 579 -0.91 29.64 44.28
C VAL B 579 0.09 29.49 45.39
N SER B 580 0.96 28.48 45.30
CA SER B 580 2.06 28.38 46.24
C SER B 580 3.21 27.68 45.56
N GLY B 581 4.42 28.13 45.87
CA GLY B 581 5.59 27.69 45.11
C GLY B 581 5.43 28.03 43.65
N GLU B 582 5.53 27.02 42.79
CA GLU B 582 5.16 27.13 41.38
C GLU B 582 4.00 26.21 41.06
N THR B 583 3.04 26.08 41.97
CA THR B 583 1.92 25.16 41.81
C THR B 583 0.59 25.86 42.05
N ILE B 584 -0.41 25.44 41.27
CA ILE B 584 -1.80 25.87 41.38
C ILE B 584 -2.60 24.74 42.05
N GLN B 585 -3.57 25.11 42.90
CA GLN B 585 -4.46 24.11 43.48
C GLN B 585 -5.86 24.65 43.70
N PHE B 586 -6.82 23.73 43.73
CA PHE B 586 -8.14 23.96 44.33
C PHE B 586 -8.13 23.53 45.79
N PHE B 587 -8.84 24.29 46.63
CA PHE B 587 -9.01 23.98 48.05
C PHE B 587 -10.43 23.64 48.48
N ASP B 588 -11.35 23.35 47.56
CA ASP B 588 -12.67 22.96 48.02
C ASP B 588 -13.25 22.03 46.96
N GLU B 589 -13.99 20.99 47.39
CA GLU B 589 -14.34 19.89 46.48
C GLU B 589 -15.55 20.14 45.57
N PRO B 590 -16.76 20.49 46.06
CA PRO B 590 -17.85 20.75 45.11
C PRO B 590 -17.61 21.98 44.23
N ALA B 591 -16.85 22.97 44.69
CA ALA B 591 -16.45 24.07 43.81
C ALA B 591 -15.63 23.54 42.63
N GLU B 592 -14.67 22.67 42.92
CA GLU B 592 -13.88 22.03 41.88
C GLU B 592 -14.75 21.18 40.95
N THR B 593 -15.72 20.46 41.51
CA THR B 593 -16.59 19.62 40.71
C THR B 593 -17.44 20.46 39.76
N TRP B 594 -17.97 21.59 40.24
CA TRP B 594 -18.76 22.48 39.38
C TRP B 594 -17.88 23.10 38.30
N PHE B 595 -16.66 23.48 38.66
CA PHE B 595 -15.73 24.07 37.69
C PHE B 595 -15.40 23.08 36.59
N GLN B 596 -15.17 21.81 36.94
CA GLN B 596 -14.82 20.80 35.95
C GLN B 596 -16.01 20.37 35.08
N ARG B 597 -17.19 20.91 35.30
CA ARG B 597 -18.35 20.68 34.45
C ARG B 597 -18.73 21.91 33.64
N ARG B 598 -18.62 23.09 34.25
CA ARG B 598 -19.03 24.33 33.61
C ARG B 598 -18.11 24.72 32.44
N PHE B 599 -16.83 24.36 32.51
CA PHE B 599 -15.84 24.89 31.57
C PHE B 599 -15.08 23.80 30.83
N ARG B 600 -15.73 22.69 30.46
CA ARG B 600 -15.04 21.62 29.75
C ARG B 600 -14.60 22.09 28.38
N PRO B 601 -13.39 21.75 27.94
CA PRO B 601 -12.88 22.28 26.67
C PRO B 601 -13.57 21.69 25.44
N SER B 602 -13.31 22.33 24.31
CA SER B 602 -13.83 21.92 23.01
C SER B 602 -12.82 21.01 22.29
N ALA B 603 -13.22 20.55 21.10
CA ALA B 603 -12.36 19.67 20.30
C ALA B 603 -11.08 20.35 19.83
N ALA B 604 -11.17 21.62 19.40
CA ALA B 604 -9.98 22.31 18.93
C ALA B 604 -9.02 22.59 20.08
N ASP B 605 -9.56 22.93 21.25
CA ASP B 605 -8.74 23.11 22.45
C ASP B 605 -8.00 21.82 22.79
N LEU B 606 -8.72 20.69 22.76
CA LEU B 606 -8.10 19.40 23.07
C LEU B 606 -7.02 19.05 22.06
N HIS B 607 -7.26 19.32 20.77
CA HIS B 607 -6.25 19.06 19.76
C HIS B 607 -4.99 19.88 20.00
N GLN B 608 -5.16 21.16 20.35
CA GLN B 608 -4.01 22.01 20.65
C GLN B 608 -3.25 21.52 21.88
N PHE B 609 -3.98 21.13 22.94
CA PHE B 609 -3.31 20.66 24.15
C PHE B 609 -2.53 19.37 23.89
N ILE B 610 -3.11 18.43 23.13
CA ILE B 610 -2.41 17.19 22.83
C ILE B 610 -1.14 17.45 22.02
N THR B 611 -1.27 18.29 20.97
CA THR B 611 -0.13 18.58 20.11
C THR B 611 0.99 19.29 20.87
N LYS B 612 0.63 20.25 21.72
CA LYS B 612 1.63 20.93 22.54
C LYS B 612 2.23 20.00 23.59
N LEU B 613 1.43 19.08 24.13
CA LEU B 613 1.85 18.31 25.30
C LEU B 613 2.79 17.17 24.94
N ARG B 614 2.52 16.49 23.83
CA ARG B 614 3.24 15.26 23.48
C ARG B 614 4.78 15.37 23.42
N PRO B 615 5.41 16.43 22.87
CA PRO B 615 6.88 16.48 22.91
C PRO B 615 7.50 16.51 24.29
N LEU B 616 6.79 17.04 25.30
CA LEU B 616 7.39 17.17 26.63
C LEU B 616 7.54 15.84 27.36
N THR B 617 6.92 14.77 26.87
CA THR B 617 6.85 13.51 27.59
C THR B 617 8.18 12.79 27.73
N LYS B 618 9.23 13.24 27.04
CA LYS B 618 10.54 12.59 27.18
C LYS B 618 11.22 12.93 28.50
N ASP B 619 10.80 13.99 29.18
CA ASP B 619 11.50 14.47 30.37
C ASP B 619 10.66 14.51 31.63
N SER B 620 9.36 14.77 31.52
CA SER B 620 8.52 15.07 32.67
C SER B 620 7.69 13.86 33.06
N SER B 621 7.74 13.49 34.33
CA SER B 621 6.85 12.45 34.84
C SER B 621 5.40 12.89 34.77
N TYR B 622 5.15 14.19 34.99
CA TYR B 622 3.78 14.71 34.98
C TYR B 622 3.15 14.58 33.60
N ALA B 623 3.87 14.97 32.55
CA ALA B 623 3.31 14.92 31.20
C ALA B 623 3.01 13.49 30.78
N ALA B 624 3.94 12.57 31.09
CA ALA B 624 3.73 11.16 30.80
C ALA B 624 2.56 10.60 31.57
N SER B 625 2.32 11.09 32.78
CA SER B 625 1.16 10.62 33.54
C SER B 625 -0.15 11.21 33.03
N VAL B 626 -0.12 12.43 32.48
CA VAL B 626 -1.35 13.12 32.10
C VAL B 626 -1.85 12.69 30.72
N LEU B 627 -0.93 12.44 29.77
CA LEU B 627 -1.30 12.31 28.36
C LEU B 627 -2.43 11.33 28.00
N PRO B 628 -2.49 10.09 28.53
CA PRO B 628 -3.58 9.17 28.10
C PRO B 628 -4.98 9.66 28.35
N ALA B 629 -5.21 10.37 29.46
CA ALA B 629 -6.54 10.89 29.75
C ALA B 629 -6.97 11.95 28.76
N LEU B 630 -6.01 12.68 28.18
CA LEU B 630 -6.34 13.61 27.11
C LEU B 630 -6.57 12.89 25.80
N MET B 631 -5.80 11.84 25.51
CA MET B 631 -6.00 11.12 24.26
C MET B 631 -7.34 10.39 24.23
N LEU B 632 -7.84 9.94 25.37
CA LEU B 632 -9.16 9.32 25.37
C LEU B 632 -10.25 10.33 25.01
N GLU B 633 -10.13 11.56 25.53
CA GLU B 633 -11.05 12.64 25.18
C GLU B 633 -10.94 13.03 23.71
N GLY B 634 -9.72 13.05 23.18
CA GLY B 634 -9.52 13.47 21.80
C GLY B 634 -9.92 12.45 20.76
N ASN B 635 -10.29 11.23 21.18
CA ASN B 635 -10.64 10.10 20.30
C ASN B 635 -9.49 9.70 19.40
N GLN B 636 -8.26 9.86 19.89
CA GLN B 636 -7.08 9.22 19.30
C GLN B 636 -6.86 7.85 19.93
N LEU B 637 -7.79 6.94 19.62
CA LEU B 637 -7.92 5.69 20.38
C LEU B 637 -6.85 4.67 20.03
N SER B 638 -6.61 4.47 18.73
CA SER B 638 -5.70 3.41 18.29
C SER B 638 -4.27 3.68 18.74
N GLU B 639 -3.88 4.96 18.76
CA GLU B 639 -2.58 5.34 19.28
C GLU B 639 -2.46 5.01 20.76
N LEU B 640 -3.56 5.17 21.50
CA LEU B 640 -3.56 4.84 22.92
C LEU B 640 -3.41 3.33 23.13
N ILE B 641 -4.11 2.54 22.30
CA ILE B 641 -4.00 1.08 22.35
C ILE B 641 -2.55 0.65 22.12
N GLU B 642 -1.95 1.14 21.05
CA GLU B 642 -0.59 0.74 20.74
C GLU B 642 0.42 1.37 21.68
N LEU B 643 0.05 2.45 22.37
CA LEU B 643 0.92 3.00 23.41
C LEU B 643 0.97 2.08 24.61
N ALA B 644 -0.17 1.50 25.00
CA ALA B 644 -0.16 0.63 26.16
C ALA B 644 0.38 -0.76 25.85
N ILE B 645 0.10 -1.31 24.66
CA ILE B 645 0.52 -2.66 24.35
C ILE B 645 2.04 -2.74 24.18
N SER B 646 2.62 -1.81 23.43
CA SER B 646 4.04 -1.86 23.11
C SER B 646 4.89 -1.33 24.27
N SER B 647 6.19 -1.60 24.17
CA SER B 647 7.19 -1.19 25.17
C SER B 647 7.67 0.24 24.98
N GLN B 648 6.76 1.20 25.00
CA GLN B 648 7.14 2.60 24.84
C GLN B 648 7.87 3.12 26.08
N ALA B 649 8.82 4.03 25.84
CA ALA B 649 9.82 4.43 26.83
C ALA B 649 9.22 5.25 27.97
N LEU B 650 10.06 5.52 28.96
CA LEU B 650 9.71 6.25 30.18
C LEU B 650 10.85 7.15 30.61
N PRO B 651 10.55 8.25 31.29
CA PRO B 651 11.60 9.07 31.89
C PRO B 651 12.26 8.36 33.06
N GLU B 652 13.45 8.85 33.43
CA GLU B 652 14.19 8.28 34.55
C GLU B 652 13.61 8.74 35.87
N THR B 653 13.10 7.80 36.66
CA THR B 653 12.42 8.14 37.91
C THR B 653 12.41 6.93 38.82
N SER B 654 12.05 7.18 40.08
CA SER B 654 11.93 6.13 41.09
C SER B 654 10.68 5.27 40.81
N ALA B 655 10.60 4.15 41.53
CA ALA B 655 9.57 3.14 41.31
C ALA B 655 8.16 3.67 41.56
N VAL B 656 8.02 4.52 42.58
CA VAL B 656 6.71 5.01 43.02
C VAL B 656 6.02 5.80 41.91
N GLU B 657 6.81 6.48 41.07
CA GLU B 657 6.24 7.20 39.95
C GLU B 657 6.05 6.31 38.72
N ARG B 658 6.93 5.32 38.51
CA ARG B 658 6.86 4.48 37.33
C ARG B 658 5.64 3.57 37.33
N ARG B 659 5.27 3.06 38.52
CA ARG B 659 4.06 2.26 38.66
C ARG B 659 2.82 3.03 38.20
N ASP B 660 2.78 4.34 38.53
CA ASP B 660 1.63 5.18 38.20
C ASP B 660 1.42 5.28 36.70
N ILE B 661 2.48 5.52 35.95
CA ILE B 661 2.37 5.67 34.50
C ILE B 661 1.92 4.37 33.86
N GLU B 662 2.48 3.25 34.32
CA GLU B 662 2.09 1.95 33.79
C GLU B 662 0.59 1.69 33.99
N LEU B 663 0.12 1.94 35.23
CA LEU B 663 -1.29 1.70 35.55
C LEU B 663 -2.24 2.59 34.75
N GLN B 664 -1.90 3.88 34.60
CA GLN B 664 -2.77 4.79 33.88
C GLN B 664 -2.89 4.39 32.41
N ARG B 665 -1.78 4.00 31.79
CA ARG B 665 -1.81 3.56 30.40
C ARG B 665 -2.74 2.36 30.22
N LEU B 666 -2.62 1.35 31.11
CA LEU B 666 -3.47 0.18 30.99
C LEU B 666 -4.95 0.52 31.19
N GLN B 667 -5.24 1.35 32.20
CA GLN B 667 -6.62 1.67 32.55
C GLN B 667 -7.35 2.39 31.42
N PHE B 668 -6.67 3.29 30.70
CA PHE B 668 -7.41 3.96 29.63
C PHE B 668 -7.40 3.19 28.31
N ALA B 669 -6.37 2.38 28.05
CA ALA B 669 -6.41 1.56 26.84
C ALA B 669 -7.52 0.51 26.90
N LEU B 670 -7.89 0.06 28.11
CA LEU B 670 -9.02 -0.88 28.19
C LEU B 670 -10.32 -0.26 27.67
N LYS B 671 -10.58 1.00 28.06
CA LYS B 671 -11.76 1.72 27.56
C LYS B 671 -11.71 1.91 26.06
N ALA B 672 -10.54 2.29 25.52
CA ALA B 672 -10.44 2.48 24.08
C ALA B 672 -10.67 1.17 23.32
N ALA B 673 -10.14 0.07 23.82
CA ALA B 673 -10.30 -1.22 23.17
C ALA B 673 -11.76 -1.68 23.17
N LEU B 674 -12.47 -1.45 24.28
CA LEU B 674 -13.90 -1.76 24.25
C LEU B 674 -14.66 -0.84 23.32
N ARG B 675 -14.23 0.42 23.17
CA ARG B 675 -14.93 1.32 22.25
C ARG B 675 -14.65 1.01 20.78
N THR B 676 -13.58 0.29 20.45
CA THR B 676 -13.33 -0.01 19.05
C THR B 676 -13.39 -1.51 18.73
N GLY B 677 -14.07 -2.31 19.55
CA GLY B 677 -14.35 -3.69 19.20
C GLY B 677 -13.16 -4.63 19.19
N ARG B 678 -12.05 -4.25 19.82
CA ARG B 678 -10.82 -5.03 19.85
C ARG B 678 -10.84 -6.03 21.00
N TYR B 679 -11.81 -6.95 21.01
CA TYR B 679 -12.11 -7.75 22.20
C TYR B 679 -10.95 -8.63 22.65
N GLN B 680 -10.23 -9.24 21.70
CA GLN B 680 -9.14 -10.13 22.06
C GLN B 680 -8.03 -9.38 22.78
N ASP B 681 -7.79 -8.12 22.41
CA ASP B 681 -6.84 -7.31 23.15
C ASP B 681 -7.41 -6.87 24.49
N ALA B 682 -8.72 -6.64 24.54
CA ALA B 682 -9.36 -6.17 25.76
C ALA B 682 -9.25 -7.19 26.90
N ALA B 683 -9.47 -8.47 26.60
CA ALA B 683 -9.38 -9.50 27.64
C ALA B 683 -7.96 -9.60 28.21
N LYS B 684 -6.96 -9.54 27.34
CA LYS B 684 -5.57 -9.58 27.77
C LYS B 684 -5.21 -8.35 28.60
N LEU B 685 -5.73 -7.18 28.23
CA LEU B 685 -5.47 -5.98 29.03
C LEU B 685 -6.12 -6.07 30.41
N ALA B 686 -7.32 -6.64 30.49
CA ALA B 686 -7.96 -6.79 31.80
C ALA B 686 -7.17 -7.73 32.71
N LEU B 687 -6.73 -8.87 32.16
CA LEU B 687 -5.92 -9.81 32.95
C LEU B 687 -4.61 -9.17 33.39
N LYS B 688 -3.99 -8.39 32.52
CA LYS B 688 -2.74 -7.73 32.88
C LYS B 688 -2.96 -6.63 33.93
N ALA B 689 -4.12 -5.96 33.90
CA ALA B 689 -4.32 -4.78 34.74
C ALA B 689 -4.77 -5.13 36.14
N GLY B 690 -5.41 -6.29 36.34
CA GLY B 690 -5.88 -6.65 37.68
C GLY B 690 -4.78 -6.70 38.73
N GLY B 691 -3.64 -7.30 38.38
CA GLY B 691 -2.54 -7.40 39.32
C GLY B 691 -1.90 -6.07 39.65
N GLU B 692 -1.79 -5.19 38.66
CA GLU B 692 -1.25 -3.85 38.91
C GLU B 692 -2.17 -3.04 39.82
N CYS B 693 -3.48 -3.15 39.63
CA CYS B 693 -4.42 -2.44 40.50
C CYS B 693 -4.32 -2.93 41.94
N ALA B 694 -4.26 -4.26 42.12
CA ALA B 694 -4.10 -4.81 43.46
C ALA B 694 -2.77 -4.40 44.10
N GLY B 695 -1.70 -4.33 43.30
CA GLY B 695 -0.43 -3.88 43.84
C GLY B 695 -0.44 -2.44 44.26
N ASP B 696 -1.13 -1.57 43.53
CA ASP B 696 -1.25 -0.17 43.94
C ASP B 696 -2.01 -0.04 45.25
N ASN B 697 -3.12 -0.78 45.37
CA ASN B 697 -3.91 -0.74 46.59
C ASN B 697 -3.11 -1.26 47.78
N ARG B 698 -2.28 -2.28 47.56
CA ARG B 698 -1.46 -2.81 48.63
C ARG B 698 -0.27 -1.90 48.97
N GLN B 699 0.17 -1.08 48.01
CA GLN B 699 1.27 -0.16 48.24
C GLN B 699 0.87 1.04 49.10
N ARG B 700 -0.34 1.57 48.87
CA ARG B 700 -0.74 2.78 49.57
C ARG B 700 -0.91 2.58 51.08
N VAL B 701 -1.38 1.41 51.50
CA VAL B 701 -1.47 1.11 52.93
C VAL B 701 -0.08 1.00 53.55
N LEU B 702 0.87 0.43 52.82
CA LEU B 702 2.24 0.31 53.31
C LEU B 702 2.87 1.68 53.50
N LEU B 703 2.63 2.61 52.58
CA LEU B 703 3.12 3.97 52.81
C LEU B 703 2.41 4.63 53.99
N ARG B 704 1.09 4.40 54.13
CA ARG B 704 0.34 5.03 55.22
C ARG B 704 0.85 4.59 56.59
N ASP B 705 1.17 3.31 56.75
CA ASP B 705 1.49 2.78 58.07
C ASP B 705 2.94 3.03 58.50
N ASN B 706 3.76 3.64 57.66
CA ASN B 706 5.20 3.79 57.92
C ASN B 706 5.66 5.20 57.60
N ILE B 707 5.00 6.18 58.22
CA ILE B 707 5.25 7.61 58.00
C ILE B 707 6.70 8.00 58.24
N ASP B 708 7.32 7.40 59.26
CA ASP B 708 8.68 7.77 59.64
C ASP B 708 9.68 7.50 58.52
N LEU B 709 9.55 6.37 57.83
CA LEU B 709 10.42 6.09 56.69
C LEU B 709 9.94 6.78 55.42
N ALA B 710 8.61 6.85 55.23
CA ALA B 710 8.06 7.39 53.99
C ALA B 710 8.40 8.86 53.82
N ALA B 711 8.34 9.63 54.91
CA ALA B 711 8.69 11.04 54.84
C ALA B 711 10.17 11.26 54.54
N LYS B 712 11.01 10.29 54.82
CA LYS B 712 12.45 10.45 54.63
C LYS B 712 12.92 9.99 53.26
N PHE B 713 12.37 8.89 52.74
CA PHE B 713 12.82 8.39 51.45
C PHE B 713 12.01 8.90 50.27
N VAL B 714 10.99 9.72 50.50
CA VAL B 714 10.26 10.42 49.45
C VAL B 714 10.54 11.91 49.60
N GLY B 715 10.82 12.59 48.48
CA GLY B 715 11.09 14.00 48.53
C GLY B 715 9.85 14.82 48.86
N SER B 716 10.07 16.12 49.11
CA SER B 716 8.98 16.99 49.53
C SER B 716 7.93 17.18 48.45
N ASN B 717 8.36 17.15 47.18
CA ASN B 717 7.42 17.24 46.07
C ASN B 717 6.47 16.05 46.05
N GLY B 718 6.99 14.85 46.25
CA GLY B 718 6.14 13.68 46.34
C GLY B 718 5.23 13.70 47.55
N VAL B 719 5.71 14.25 48.67
CA VAL B 719 4.91 14.37 49.87
C VAL B 719 3.73 15.30 49.65
N GLN B 720 3.96 16.44 48.99
CA GLN B 720 2.86 17.34 48.66
C GLN B 720 1.90 16.71 47.67
N GLU B 721 2.43 15.95 46.70
CA GLU B 721 1.57 15.36 45.69
C GLU B 721 0.72 14.22 46.24
N LEU B 722 1.21 13.51 47.27
CA LEU B 722 0.40 12.49 47.93
C LEU B 722 -0.82 13.09 48.61
N VAL B 723 -0.63 14.22 49.30
CA VAL B 723 -1.74 14.90 49.95
C VAL B 723 -2.70 15.49 48.91
N SER B 724 -2.14 16.05 47.84
CA SER B 724 -2.96 16.70 46.82
C SER B 724 -3.87 15.71 46.11
N ARG B 725 -3.36 14.53 45.80
CA ARG B 725 -4.15 13.51 45.10
C ARG B 725 -5.05 12.71 46.03
N ASN B 726 -4.95 12.90 47.35
CA ASN B 726 -5.76 12.20 48.35
C ASN B 726 -5.56 10.69 48.27
N ALA B 727 -4.35 10.24 48.64
CA ALA B 727 -3.96 8.86 48.45
C ALA B 727 -4.31 7.95 49.63
N PHE B 728 -4.30 8.47 50.86
CA PHE B 728 -4.50 7.55 51.97
C PHE B 728 -5.98 7.27 52.19
N PRO B 729 -6.34 6.04 52.59
CA PRO B 729 -7.72 5.76 52.99
C PRO B 729 -7.96 5.85 54.50
N ASP B 730 -9.23 5.97 54.86
CA ASP B 730 -9.65 6.14 56.24
C ASP B 730 -9.44 4.85 57.06
N THR B 731 -9.49 5.01 58.39
CA THR B 731 -9.22 3.90 59.32
C THR B 731 -10.35 3.77 60.36
N GLY B 732 -11.60 3.82 59.90
CA GLY B 732 -12.71 3.45 60.77
C GLY B 732 -13.46 4.58 61.44
N TRP B 733 -13.06 5.84 61.25
CA TRP B 733 -13.87 6.97 61.67
C TRP B 733 -13.67 8.08 60.64
N PRO B 734 -14.73 8.86 60.33
CA PRO B 734 -14.84 9.47 58.99
C PRO B 734 -13.76 10.47 58.60
N GLY B 735 -13.10 11.12 59.56
CA GLY B 735 -12.07 12.10 59.25
C GLY B 735 -10.65 11.63 59.44
N SER B 736 -10.39 10.32 59.42
CA SER B 736 -9.13 9.76 59.88
C SER B 736 -7.93 10.21 59.04
N ARG B 737 -8.12 10.36 57.72
CA ARG B 737 -7.01 10.62 56.79
C ARG B 737 -6.17 11.82 57.22
N ASN B 738 -6.85 12.87 57.69
CA ASN B 738 -6.20 14.12 58.02
C ASN B 738 -5.24 13.98 59.20
N ALA B 739 -5.40 12.94 60.02
CA ALA B 739 -4.41 12.68 61.05
C ALA B 739 -3.06 12.31 60.46
N TYR B 740 -3.06 11.49 59.40
CA TYR B 740 -1.79 11.07 58.82
C TYR B 740 -1.19 12.16 57.93
N TYR B 741 -2.02 12.88 57.18
CA TYR B 741 -1.54 14.01 56.39
C TYR B 741 -0.87 15.07 57.26
N ALA B 742 -1.41 15.30 58.46
CA ALA B 742 -0.78 16.21 59.40
C ALA B 742 0.61 15.72 59.81
N ALA B 743 0.75 14.40 59.98
CA ALA B 743 2.02 13.85 60.46
C ALA B 743 3.11 13.99 59.40
N ILE B 744 2.84 13.52 58.18
CA ILE B 744 3.88 13.42 57.16
C ILE B 744 4.37 14.78 56.72
N LEU B 745 3.50 15.79 56.75
CA LEU B 745 3.93 17.15 56.42
C LEU B 745 4.81 17.73 57.52
N SER B 746 4.59 17.34 58.77
CA SER B 746 5.28 17.97 59.88
C SER B 746 6.77 17.64 59.94
N GLU B 747 7.23 16.67 59.16
CA GLU B 747 8.65 16.33 59.14
C GLU B 747 9.49 17.37 58.44
N TYR B 748 8.87 18.24 57.63
CA TYR B 748 9.59 19.24 56.85
C TYR B 748 9.32 20.60 57.46
N PRO B 749 10.35 21.42 57.72
CA PRO B 749 10.10 22.76 58.26
C PRO B 749 9.30 23.66 57.35
N GLU B 750 9.66 23.72 56.06
CA GLU B 750 9.05 24.69 55.15
C GLU B 750 7.59 24.41 54.83
N LEU B 751 7.10 23.22 55.14
CA LEU B 751 5.68 22.90 54.97
C LEU B 751 4.89 23.07 56.26
N SER B 752 5.53 23.56 57.33
CA SER B 752 4.93 23.57 58.67
C SER B 752 3.63 24.36 58.70
N GLY B 753 3.58 25.48 57.97
CA GLY B 753 2.37 26.29 57.95
C GLY B 753 1.16 25.56 57.41
N GLU B 754 1.37 24.66 56.44
CA GLU B 754 0.26 23.84 55.98
C GLU B 754 -0.11 22.78 57.01
N ALA B 755 0.88 22.21 57.69
CA ALA B 755 0.67 21.06 58.55
C ALA B 755 -0.31 21.38 59.68
N ARG B 756 -0.10 22.52 60.35
CA ARG B 756 -1.01 23.00 61.38
C ARG B 756 -2.43 23.12 60.85
N SER B 757 -2.59 23.67 59.64
CA SER B 757 -3.93 23.87 59.11
C SER B 757 -4.62 22.55 58.84
N ARG B 758 -3.85 21.50 58.56
CA ARG B 758 -4.48 20.19 58.44
C ARG B 758 -4.83 19.62 59.81
N LEU B 759 -3.97 19.85 60.80
CA LEU B 759 -4.23 19.34 62.15
C LEU B 759 -5.46 20.01 62.75
N ARG B 760 -5.58 21.32 62.53
CA ARG B 760 -6.79 22.07 62.90
C ARG B 760 -8.04 21.44 62.31
N LEU B 761 -7.94 20.93 61.08
CA LEU B 761 -9.13 20.35 60.46
C LEU B 761 -9.46 18.99 61.06
N THR B 762 -8.49 18.33 61.68
CA THR B 762 -8.75 17.00 62.23
C THR B 762 -9.62 17.07 63.48
N MET B 763 -9.35 18.05 64.35
CA MET B 763 -10.03 18.14 65.64
C MET B 763 -11.52 18.41 65.49
N GLU B 764 -11.97 18.89 64.33
CA GLU B 764 -13.41 18.97 64.08
C GLU B 764 -14.03 17.58 64.05
N TRP B 765 -13.47 16.67 63.24
CA TRP B 765 -14.10 15.36 63.04
C TRP B 765 -14.11 14.56 64.33
N LEU B 766 -12.99 14.58 65.05
CA LEU B 766 -12.90 13.90 66.34
C LEU B 766 -13.98 14.42 67.29
N THR B 767 -14.22 15.73 67.27
CA THR B 767 -15.23 16.32 68.13
C THR B 767 -16.60 15.74 67.83
N ASN B 768 -16.91 15.58 66.54
CA ASN B 768 -18.18 15.00 66.13
C ASN B 768 -18.32 13.58 66.67
N TRP B 769 -17.22 12.82 66.62
CA TRP B 769 -17.28 11.45 67.08
C TRP B 769 -17.54 11.40 68.58
N SER B 770 -17.09 12.41 69.32
CA SER B 770 -17.34 12.41 70.76
C SER B 770 -18.80 12.68 71.10
N GLN B 771 -19.58 13.18 70.15
CA GLN B 771 -20.96 13.58 70.44
C GLN B 771 -22.00 12.57 69.97
N LEU B 772 -21.58 11.44 69.42
CA LEU B 772 -22.51 10.40 69.01
C LEU B 772 -23.13 9.70 70.22
N PRO B 773 -24.28 9.04 70.04
CA PRO B 773 -24.79 8.16 71.09
C PRO B 773 -23.92 6.93 71.27
N ASP B 774 -24.06 6.29 72.43
CA ASP B 774 -23.12 5.24 72.85
C ASP B 774 -23.15 4.03 71.93
N ASP B 775 -24.32 3.64 71.45
CA ASP B 775 -24.41 2.46 70.59
C ASP B 775 -23.81 2.73 69.22
N GLU B 776 -24.02 3.92 68.67
CA GLU B 776 -23.36 4.31 67.43
C GLU B 776 -21.86 4.47 67.62
N ARG B 777 -21.45 5.09 68.73
CA ARG B 777 -20.04 5.28 69.00
C ARG B 777 -19.30 3.96 69.17
N SER B 778 -20.00 2.93 69.66
CA SER B 778 -19.39 1.61 69.80
C SER B 778 -19.08 0.93 68.47
N ARG B 779 -19.59 1.45 67.35
CA ARG B 779 -19.37 0.87 66.04
C ARG B 779 -18.27 1.57 65.23
N GLN B 780 -17.71 2.67 65.73
CA GLN B 780 -16.67 3.43 65.06
C GLN B 780 -15.42 3.38 65.95
N ASN B 781 -14.57 2.39 65.72
CA ASN B 781 -13.45 2.15 66.61
C ASN B 781 -12.31 3.13 66.37
N VAL B 782 -11.68 3.59 67.45
CA VAL B 782 -10.48 4.42 67.39
C VAL B 782 -9.35 3.65 68.06
N THR B 783 -8.28 3.39 67.31
CA THR B 783 -7.17 2.58 67.81
C THR B 783 -6.07 3.45 68.41
N ASP B 784 -5.18 2.78 69.13
CA ASP B 784 -4.04 3.44 69.78
C ASP B 784 -3.01 3.95 68.77
N GLN B 785 -2.97 3.37 67.57
CA GLN B 785 -2.07 3.85 66.53
C GLN B 785 -2.42 5.28 66.13
N ASP B 786 -3.72 5.58 66.08
CA ASP B 786 -4.19 6.94 65.79
C ASP B 786 -3.74 7.92 66.85
N ARG B 787 -3.84 7.52 68.12
CA ARG B 787 -3.37 8.36 69.21
C ARG B 787 -1.88 8.61 69.10
N ALA B 788 -1.11 7.59 68.69
CA ALA B 788 0.32 7.76 68.52
C ALA B 788 0.66 8.74 67.41
N VAL B 789 -0.02 8.66 66.26
CA VAL B 789 0.32 9.58 65.17
C VAL B 789 -0.12 11.00 65.51
N MET B 790 -1.27 11.16 66.19
CA MET B 790 -1.67 12.50 66.60
C MET B 790 -0.70 13.09 67.62
N LEU B 791 -0.20 12.26 68.54
CA LEU B 791 0.79 12.72 69.52
C LEU B 791 2.07 13.17 68.83
N ILE B 792 2.52 12.40 67.84
CA ILE B 792 3.74 12.76 67.11
C ILE B 792 3.55 14.07 66.35
N ALA B 793 2.39 14.24 65.71
CA ALA B 793 2.12 15.46 64.96
C ALA B 793 2.10 16.68 65.88
N CYS B 794 1.42 16.57 67.02
CA CYS B 794 1.34 17.71 67.93
C CYS B 794 2.70 18.00 68.56
N LEU B 795 3.53 16.98 68.80
CA LEU B 795 4.86 17.22 69.32
C LEU B 795 5.74 17.94 68.31
N ASN B 796 5.62 17.58 67.02
CA ASN B 796 6.40 18.27 66.00
C ASN B 796 5.96 19.71 65.82
N ILE B 797 4.66 19.98 65.82
CA ILE B 797 4.20 21.32 65.48
C ILE B 797 4.28 22.26 66.67
N HIS B 798 3.70 21.87 67.81
CA HIS B 798 3.58 22.79 68.94
C HIS B 798 4.71 22.64 69.96
N GLY B 799 4.91 21.44 70.49
CA GLY B 799 5.89 21.24 71.55
C GLY B 799 5.55 20.08 72.46
N ALA B 800 6.46 19.75 73.38
CA ALA B 800 6.28 18.57 74.21
C ALA B 800 5.13 18.71 75.18
N GLU B 801 4.96 19.91 75.76
CA GLU B 801 3.95 20.10 76.79
C GLU B 801 2.54 20.06 76.21
N ALA B 802 2.34 20.72 75.06
CA ALA B 802 1.04 20.71 74.42
C ALA B 802 0.71 19.32 73.88
N ALA B 803 1.73 18.56 73.47
CA ALA B 803 1.52 17.17 73.12
C ALA B 803 1.08 16.37 74.34
N ALA B 804 1.69 16.63 75.50
CA ALA B 804 1.41 15.84 76.69
C ALA B 804 0.01 16.12 77.25
N ARG B 805 -0.48 17.35 77.09
CA ARG B 805 -1.79 17.67 77.66
C ARG B 805 -2.92 16.90 76.99
N GLU B 806 -2.84 16.71 75.66
CA GLU B 806 -3.93 16.05 74.93
C GLU B 806 -4.10 14.59 75.33
N LEU B 807 -3.02 13.93 75.72
CA LEU B 807 -3.11 12.51 76.05
C LEU B 807 -3.87 12.28 77.35
N ARG B 808 -4.01 13.30 78.20
CA ARG B 808 -4.76 13.16 79.44
C ARG B 808 -6.26 13.28 79.26
N ARG B 809 -6.74 13.64 78.06
CA ARG B 809 -8.16 13.78 77.85
C ARG B 809 -8.87 12.44 77.61
N TRP B 810 -8.12 11.40 77.27
CA TRP B 810 -8.68 10.06 77.13
C TRP B 810 -8.78 9.42 78.50
N ARG B 811 -9.93 8.78 78.81
CA ARG B 811 -10.26 8.56 80.21
C ARG B 811 -9.52 7.38 80.85
N PRO B 812 -9.55 6.14 80.32
CA PRO B 812 -8.82 5.07 81.00
C PRO B 812 -7.32 5.24 80.81
N ARG B 813 -6.58 5.31 81.91
CA ARG B 813 -5.17 5.68 81.83
C ARG B 813 -4.27 4.54 81.32
N LYS B 814 -4.85 3.37 81.04
CA LYS B 814 -4.18 2.33 80.27
C LYS B 814 -3.73 2.82 78.90
N LEU B 815 -4.53 3.72 78.31
CA LEU B 815 -4.30 4.19 76.96
C LEU B 815 -3.00 4.99 76.83
N SER B 816 -2.63 5.70 77.89
CA SER B 816 -1.37 6.43 77.89
C SER B 816 -0.19 5.48 77.80
N PHE B 817 -0.26 4.34 78.49
CA PHE B 817 0.78 3.32 78.41
C PHE B 817 0.89 2.76 77.00
N ASP B 818 -0.27 2.47 76.40
CA ASP B 818 -0.30 1.93 75.03
C ASP B 818 0.32 2.89 74.03
N ALA B 819 -0.04 4.17 74.09
CA ALA B 819 0.53 5.14 73.17
C ALA B 819 2.01 5.38 73.44
N GLY B 820 2.39 5.38 74.73
CA GLY B 820 3.75 5.70 75.11
C GLY B 820 4.77 4.71 74.58
N LYS B 821 4.41 3.42 74.53
CA LYS B 821 5.37 2.46 73.98
C LYS B 821 5.65 2.72 72.49
N ILE B 822 4.62 3.01 71.69
CA ILE B 822 4.82 3.26 70.27
C ILE B 822 5.65 4.53 70.05
N VAL B 823 5.34 5.58 70.81
CA VAL B 823 6.07 6.84 70.66
C VAL B 823 7.54 6.66 71.05
N ALA B 824 7.79 5.91 72.13
CA ALA B 824 9.17 5.65 72.53
C ALA B 824 9.92 4.84 71.48
N MET B 825 9.28 3.84 70.88
CA MET B 825 9.93 3.05 69.84
C MET B 825 10.34 3.92 68.65
N GLN B 826 9.42 4.78 68.19
CA GLN B 826 9.73 5.61 67.02
C GLN B 826 10.84 6.61 67.34
N LEU B 827 10.82 7.20 68.52
CA LEU B 827 11.85 8.19 68.85
C LEU B 827 13.21 7.54 69.09
N LEU B 828 13.25 6.37 69.75
CA LEU B 828 14.52 5.71 69.99
C LEU B 828 15.13 5.17 68.71
N ALA B 829 14.30 4.88 67.71
CA ALA B 829 14.85 4.38 66.44
C ALA B 829 15.74 5.41 65.76
N HIS B 830 15.31 6.68 65.74
CA HIS B 830 16.04 7.74 65.06
C HIS B 830 16.97 8.54 65.97
N ALA B 831 17.24 8.04 67.18
CA ALA B 831 18.20 8.64 68.13
C ALA B 831 17.84 10.07 68.52
N ARG B 832 16.55 10.35 68.67
CA ARG B 832 16.07 11.64 69.12
C ARG B 832 15.93 11.68 70.64
N TYR B 833 17.07 11.60 71.34
CA TYR B 833 17.06 11.34 72.79
C TYR B 833 16.50 12.52 73.59
N ASP B 834 16.90 13.75 73.26
CA ASP B 834 16.51 14.89 74.07
C ASP B 834 15.03 15.22 73.94
N GLU B 835 14.43 14.96 72.78
CA GLU B 835 12.99 15.13 72.63
C GLU B 835 12.23 14.14 73.51
N LEU B 836 12.72 12.90 73.57
CA LEU B 836 12.12 11.89 74.44
C LEU B 836 12.30 12.26 75.91
N ASP B 837 13.44 12.86 76.25
CA ASP B 837 13.66 13.32 77.62
C ASP B 837 12.68 14.43 77.99
N GLN B 838 12.47 15.39 77.07
CA GLN B 838 11.51 16.46 77.34
C GLN B 838 10.09 15.93 77.48
N LEU B 839 9.71 14.97 76.64
CA LEU B 839 8.39 14.36 76.77
C LEU B 839 8.27 13.59 78.09
N ALA B 840 9.34 12.95 78.54
CA ALA B 840 9.31 12.25 79.81
C ALA B 840 9.15 13.21 80.99
N ILE B 841 9.83 14.34 80.95
CA ILE B 841 9.71 15.31 82.05
C ILE B 841 8.34 15.97 82.04
N ALA B 842 7.82 16.32 80.86
CA ALA B 842 6.57 17.04 80.75
C ALA B 842 5.34 16.21 81.13
N ALA B 843 5.49 14.89 81.34
CA ALA B 843 4.35 14.04 81.62
C ALA B 843 3.70 14.35 82.97
N GLY B 844 4.45 14.90 83.91
CA GLY B 844 3.89 15.23 85.22
C GLY B 844 3.51 13.99 86.01
N ASN B 845 2.26 13.94 86.46
CA ASN B 845 1.76 12.86 87.29
C ASN B 845 1.12 11.73 86.50
N ASP B 846 1.13 11.80 85.18
CA ASP B 846 0.59 10.74 84.33
C ASP B 846 1.63 9.63 84.16
N ILE B 847 1.80 8.84 85.23
CA ILE B 847 2.92 7.94 85.38
C ILE B 847 2.91 6.80 84.36
N SER B 848 1.75 6.49 83.76
CA SER B 848 1.67 5.41 82.78
C SER B 848 2.57 5.68 81.57
N LEU B 849 2.62 6.93 81.13
CA LEU B 849 3.49 7.31 80.02
C LEU B 849 4.96 7.08 80.35
N VAL B 850 5.37 7.45 81.57
CA VAL B 850 6.75 7.24 82.00
C VAL B 850 7.06 5.76 82.10
N MET B 851 6.12 4.97 82.59
CA MET B 851 6.34 3.53 82.74
C MET B 851 6.40 2.82 81.40
N GLY B 852 5.72 3.35 80.38
CA GLY B 852 5.91 2.85 79.03
C GLY B 852 7.26 3.25 78.45
N ILE B 853 7.66 4.50 78.66
CA ILE B 853 8.91 5.01 78.12
C ILE B 853 10.10 4.24 78.67
N VAL B 854 10.11 3.98 79.98
CA VAL B 854 11.25 3.26 80.56
C VAL B 854 11.26 1.80 80.12
N LEU B 855 10.08 1.21 79.91
CA LEU B 855 10.03 -0.18 79.45
C LEU B 855 10.60 -0.31 78.05
N GLU B 856 10.31 0.64 77.17
CA GLU B 856 10.93 0.57 75.85
C GLU B 856 12.40 1.00 75.86
N ALA B 857 12.78 1.90 76.76
CA ALA B 857 14.17 2.33 76.83
C ALA B 857 15.08 1.24 77.38
N ARG B 858 14.56 0.36 78.23
CA ARG B 858 15.38 -0.71 78.80
C ARG B 858 15.80 -1.72 77.74
N LYS B 859 14.94 -2.01 76.76
CA LYS B 859 15.25 -3.03 75.77
C LYS B 859 16.44 -2.65 74.90
N LEU B 860 16.65 -1.36 74.68
CA LEU B 860 17.73 -0.87 73.83
C LEU B 860 18.90 -0.32 74.63
N HIS B 861 18.87 -0.48 75.96
CA HIS B 861 19.97 -0.12 76.86
C HIS B 861 20.33 1.36 76.78
N ARG B 862 19.31 2.21 76.79
CA ARG B 862 19.43 3.67 76.82
C ARG B 862 19.05 4.22 78.19
N PRO B 863 19.75 5.23 78.68
CA PRO B 863 19.33 5.88 79.93
C PRO B 863 18.17 6.83 79.73
N VAL B 864 17.56 7.22 80.86
CA VAL B 864 16.40 8.11 80.89
C VAL B 864 16.71 9.22 81.90
N ALA B 865 16.18 10.42 81.64
CA ALA B 865 16.39 11.59 82.50
C ALA B 865 15.94 11.33 83.94
N GLU B 866 16.85 11.60 84.88
CA GLU B 866 16.68 11.18 86.27
C GLU B 866 15.65 12.02 87.04
N GLN B 867 15.35 13.23 86.56
CA GLN B 867 14.35 14.06 87.22
C GLN B 867 12.98 13.39 87.23
N ALA B 868 12.54 12.91 86.07
CA ALA B 868 11.23 12.28 85.97
C ALA B 868 11.20 10.96 86.74
N ILE B 869 12.32 10.23 86.75
CA ILE B 869 12.34 8.96 87.44
C ILE B 869 12.30 9.17 88.96
N ARG B 870 12.95 10.23 89.44
CA ARG B 870 12.87 10.55 90.87
C ARG B 870 11.45 10.91 91.26
N ARG B 871 10.78 11.73 90.44
CA ARG B 871 9.40 12.12 90.75
C ARG B 871 8.45 10.92 90.70
N THR B 872 8.58 10.07 89.68
CA THR B 872 7.65 8.95 89.57
C THR B 872 7.96 7.84 90.57
N TRP B 873 9.23 7.72 91.00
CA TRP B 873 9.55 6.83 92.11
C TRP B 873 8.90 7.31 93.39
N ARG B 874 8.93 8.64 93.61
CA ARG B 874 8.28 9.22 94.76
C ARG B 874 6.77 9.00 94.73
N LEU B 875 6.17 9.00 93.55
CA LEU B 875 4.74 8.72 93.46
C LEU B 875 4.41 7.23 93.60
N LEU B 876 5.25 6.35 93.06
CA LEU B 876 4.97 4.92 93.08
C LEU B 876 4.94 4.35 94.49
N LYS B 877 5.75 4.92 95.39
CA LYS B 877 5.97 4.35 96.71
C LYS B 877 4.73 4.36 97.59
N SER B 878 3.69 5.10 97.23
CA SER B 878 2.58 5.32 98.13
C SER B 878 1.20 5.01 97.58
N GLN B 879 1.06 4.66 96.29
CA GLN B 879 -0.26 4.55 95.68
C GLN B 879 -0.27 3.43 94.64
N ARG B 880 -1.44 2.81 94.47
CA ARG B 880 -1.58 1.58 93.69
C ARG B 880 -1.38 1.83 92.20
N VAL B 881 -0.83 0.82 91.51
CA VAL B 881 -0.81 0.83 90.06
C VAL B 881 -1.19 -0.57 89.56
N SER B 882 -1.95 -0.61 88.46
CA SER B 882 -2.31 -1.86 87.81
C SER B 882 -2.65 -1.54 86.36
N ILE B 883 -1.79 -1.96 85.44
CA ILE B 883 -2.04 -1.74 84.02
C ILE B 883 -2.90 -2.92 83.58
N LYS B 884 -4.20 -2.80 83.80
CA LYS B 884 -5.11 -3.94 83.73
C LYS B 884 -5.58 -4.17 82.31
N ASP B 885 -5.36 -5.37 81.80
CA ASP B 885 -5.93 -5.79 80.53
C ASP B 885 -7.34 -6.31 80.74
N ARG B 886 -8.19 -6.12 79.72
CA ARG B 886 -9.52 -6.71 79.74
C ARG B 886 -9.43 -8.24 79.76
N ASN B 887 -8.52 -8.78 78.96
CA ASN B 887 -8.17 -10.19 79.05
C ASN B 887 -7.55 -10.50 80.41
N HIS B 888 -7.88 -11.67 80.95
CA HIS B 888 -7.22 -12.16 82.16
C HIS B 888 -5.92 -12.87 81.81
N ALA B 889 -5.07 -12.19 81.04
CA ALA B 889 -3.71 -12.62 80.77
C ALA B 889 -2.91 -11.41 80.30
N ASN B 890 -1.59 -11.55 80.30
CA ASN B 890 -0.65 -10.53 79.84
C ASN B 890 -0.77 -9.23 80.62
N ASN B 891 -1.09 -9.34 81.91
CA ASN B 891 -1.09 -8.18 82.80
C ASN B 891 0.32 -7.62 82.91
N GLN B 892 0.53 -6.43 82.36
CA GLN B 892 1.86 -5.88 82.15
C GLN B 892 2.50 -5.27 83.40
N THR B 893 1.85 -5.40 84.57
CA THR B 893 2.30 -4.66 85.74
C THR B 893 3.69 -5.09 86.21
N ILE B 894 3.96 -6.40 86.16
CA ILE B 894 5.22 -6.92 86.67
C ILE B 894 6.40 -6.41 85.84
N ALA B 895 6.24 -6.35 84.52
CA ALA B 895 7.33 -5.91 83.65
C ALA B 895 7.63 -4.43 83.84
N ALA B 896 6.59 -3.60 83.95
CA ALA B 896 6.77 -2.18 84.17
C ALA B 896 7.44 -1.91 85.52
N ILE B 897 6.97 -2.59 86.57
CA ILE B 897 7.56 -2.40 87.90
C ILE B 897 9.02 -2.84 87.91
N THR B 898 9.32 -3.98 87.27
CA THR B 898 10.71 -4.44 87.20
C THR B 898 11.59 -3.47 86.44
N GLY B 899 11.09 -2.92 85.33
CA GLY B 899 11.86 -1.93 84.60
C GLY B 899 12.13 -0.67 85.39
N MET B 900 11.12 -0.21 86.15
CA MET B 900 11.30 0.93 87.02
C MET B 900 12.37 0.65 88.08
N VAL B 901 12.35 -0.54 88.65
CA VAL B 901 13.33 -0.90 89.68
C VAL B 901 14.73 -0.97 89.09
N GLU B 902 14.87 -1.58 87.90
CA GLU B 902 16.18 -1.65 87.25
C GLU B 902 16.73 -0.26 86.97
N MET B 903 15.88 0.63 86.44
CA MET B 903 16.29 2.00 86.16
C MET B 903 16.68 2.74 87.43
N ALA B 904 15.90 2.57 88.51
CA ALA B 904 16.23 3.25 89.76
C ALA B 904 17.55 2.75 90.34
N LEU B 905 17.80 1.44 90.24
CA LEU B 905 19.05 0.88 90.72
C LEU B 905 20.25 1.40 89.93
N ILE B 906 20.15 1.40 88.59
CA ILE B 906 21.30 1.71 87.76
C ILE B 906 21.69 3.18 87.88
N GLN B 907 20.75 4.05 88.27
CA GLN B 907 21.06 5.46 88.47
C GLN B 907 21.31 5.82 89.92
N SER B 908 21.25 4.84 90.84
CA SER B 908 21.43 5.04 92.28
C SER B 908 20.47 6.09 92.84
N VAL B 909 19.20 6.00 92.41
CA VAL B 909 18.17 6.90 92.91
C VAL B 909 17.58 6.41 94.23
N CYS B 910 17.55 5.10 94.47
CA CYS B 910 16.81 4.56 95.61
C CYS B 910 17.70 3.66 96.44
N THR B 911 17.21 3.33 97.63
CA THR B 911 17.84 2.35 98.52
C THR B 911 17.28 0.95 98.25
N GLU B 912 18.01 -0.05 98.74
CA GLU B 912 17.58 -1.43 98.52
C GLU B 912 16.38 -1.82 99.38
N SER B 913 16.21 -1.18 100.55
CA SER B 913 15.04 -1.45 101.38
C SER B 913 13.76 -1.03 100.67
N GLU B 914 13.79 0.13 100.00
CA GLU B 914 12.67 0.59 99.19
C GLU B 914 12.35 -0.41 98.09
N SER B 915 13.39 -0.94 97.43
CA SER B 915 13.20 -1.91 96.36
C SER B 915 12.58 -3.20 96.88
N ILE B 916 13.04 -3.68 98.03
CA ILE B 916 12.48 -4.90 98.60
C ILE B 916 11.01 -4.69 98.95
N GLN B 917 10.68 -3.54 99.53
CA GLN B 917 9.29 -3.26 99.88
C GLN B 917 8.41 -3.24 98.62
N LEU B 918 8.91 -2.61 97.55
CA LEU B 918 8.11 -2.47 96.35
C LEU B 918 7.90 -3.81 95.64
N LEU B 919 8.98 -4.61 95.49
CA LEU B 919 8.82 -5.95 94.90
C LEU B 919 7.96 -6.85 95.76
N ASP B 920 8.09 -6.75 97.10
CA ASP B 920 7.27 -7.56 97.98
C ASP B 920 5.79 -7.21 97.87
N ARG B 921 5.48 -5.96 97.56
CA ARG B 921 4.06 -5.60 97.38
C ARG B 921 3.45 -6.28 96.15
N TYR B 922 4.25 -6.68 95.16
CA TYR B 922 3.69 -7.07 93.87
C TYR B 922 3.89 -8.53 93.50
N LEU B 923 4.92 -9.20 94.00
CA LEU B 923 5.13 -10.59 93.62
C LEU B 923 4.16 -11.51 94.36
N PRO B 924 3.48 -12.42 93.66
CA PRO B 924 2.58 -13.35 94.35
C PRO B 924 3.36 -14.33 95.22
N LYS B 925 2.69 -14.82 96.26
CA LYS B 925 3.31 -15.69 97.24
C LYS B 925 3.20 -17.15 96.82
N VAL B 926 2.04 -17.56 96.33
CA VAL B 926 1.80 -18.83 95.66
C VAL B 926 2.33 -18.64 94.24
N PRO B 927 2.99 -19.61 93.62
CA PRO B 927 3.50 -19.38 92.26
C PRO B 927 2.38 -19.27 91.26
N PRO B 928 2.48 -18.34 90.32
CA PRO B 928 1.44 -18.18 89.31
C PRO B 928 1.51 -19.21 88.20
N TYR B 929 0.45 -19.24 87.40
CA TYR B 929 0.25 -20.33 86.44
C TYR B 929 1.32 -20.35 85.35
N ALA B 930 1.81 -19.18 84.93
CA ALA B 930 2.52 -19.08 83.66
C ALA B 930 3.85 -19.82 83.63
N LEU B 931 4.34 -20.28 84.79
CA LEU B 931 5.65 -20.93 84.85
C LEU B 931 5.69 -22.29 84.15
N THR B 932 4.54 -22.88 83.82
CA THR B 932 4.53 -24.20 83.19
C THR B 932 3.82 -24.19 81.83
N SER B 933 3.67 -23.03 81.20
CA SER B 933 3.15 -22.94 79.84
C SER B 933 4.16 -22.22 78.96
N GLU B 934 4.62 -22.88 77.90
CA GLU B 934 5.72 -22.33 77.10
C GLU B 934 5.27 -21.20 76.18
N TYR B 935 3.97 -21.04 75.94
CA TYR B 935 3.48 -19.94 75.13
C TYR B 935 2.74 -18.87 75.91
N SER B 936 2.79 -18.91 77.24
CA SER B 936 2.24 -17.82 78.03
C SER B 936 3.19 -16.62 77.98
N LYS B 937 2.64 -15.44 77.73
CA LYS B 937 3.45 -14.24 77.53
C LYS B 937 4.20 -13.82 78.78
N GLU B 938 3.72 -14.22 79.96
CA GLU B 938 4.16 -13.63 81.23
C GLU B 938 5.43 -14.25 81.80
N ARG B 939 5.85 -15.42 81.29
CA ARG B 939 6.74 -16.31 82.03
C ARG B 939 8.09 -15.68 82.33
N VAL B 940 8.69 -15.02 81.34
CA VAL B 940 10.04 -14.50 81.48
C VAL B 940 10.09 -13.37 82.50
N ALA B 941 9.03 -12.56 82.55
CA ALA B 941 8.95 -11.48 83.53
C ALA B 941 8.96 -12.02 84.96
N TYR B 942 8.18 -13.06 85.21
CA TYR B 942 8.18 -13.68 86.54
C TYR B 942 9.53 -14.28 86.88
N VAL B 943 10.18 -14.95 85.92
CA VAL B 943 11.48 -15.55 86.20
C VAL B 943 12.51 -14.46 86.57
N ARG B 944 12.53 -13.37 85.79
CA ARG B 944 13.43 -12.25 86.08
C ARG B 944 13.12 -11.63 87.44
N ALA B 945 11.85 -11.42 87.74
CA ALA B 945 11.46 -10.76 88.98
C ALA B 945 11.82 -11.59 90.20
N TYR B 946 11.52 -12.90 90.16
CA TYR B 946 11.88 -13.77 91.29
C TYR B 946 13.40 -13.87 91.46
N ALA B 947 14.15 -13.94 90.35
CA ALA B 947 15.61 -14.00 90.47
C ALA B 947 16.16 -12.72 91.08
N LEU B 948 15.61 -11.57 90.69
CA LEU B 948 16.09 -10.31 91.23
C LEU B 948 15.74 -10.16 92.71
N GLN B 949 14.53 -10.58 93.11
CA GLN B 949 14.16 -10.53 94.51
C GLN B 949 15.02 -11.46 95.35
N ALA B 950 15.32 -12.66 94.82
CA ALA B 950 16.17 -13.59 95.55
C ALA B 950 17.58 -13.05 95.72
N ASN B 951 18.16 -12.47 94.67
CA ASN B 951 19.53 -11.97 94.80
C ASN B 951 19.61 -10.68 95.59
N LEU B 952 18.52 -9.89 95.65
CA LEU B 952 18.52 -8.72 96.51
C LEU B 952 18.57 -9.10 97.99
N MET B 953 17.99 -10.25 98.35
CA MET B 953 18.04 -10.74 99.72
C MET B 953 19.29 -11.57 100.00
N GLY B 954 20.27 -11.58 99.11
CA GLY B 954 21.51 -12.29 99.34
C GLY B 954 21.45 -13.78 99.16
N SER B 955 20.38 -14.29 98.54
CA SER B 955 20.26 -15.71 98.23
C SER B 955 20.72 -15.98 96.80
N GLN B 956 20.45 -17.19 96.33
CA GLN B 956 20.40 -17.51 94.90
C GLN B 956 19.14 -18.32 94.65
N LEU B 957 18.47 -18.03 93.55
CA LEU B 957 17.20 -18.68 93.25
C LEU B 957 17.39 -20.15 92.92
N ALA B 958 16.45 -20.97 93.37
CA ALA B 958 16.48 -22.40 93.11
C ALA B 958 15.10 -22.87 92.65
N LEU B 959 15.07 -24.07 92.08
CA LEU B 959 13.84 -24.63 91.52
C LEU B 959 12.78 -24.80 92.59
N SER B 960 13.19 -25.12 93.82
CA SER B 960 12.25 -25.35 94.91
C SER B 960 11.54 -24.08 95.34
N ASP B 961 12.04 -22.91 94.95
CA ASP B 961 11.36 -21.65 95.27
C ASP B 961 10.13 -21.43 94.40
N LEU B 962 10.21 -21.79 93.13
CA LEU B 962 9.14 -21.58 92.16
C LEU B 962 8.10 -22.68 92.20
N ALA B 963 8.36 -23.76 92.93
CA ALA B 963 7.55 -24.96 92.84
C ALA B 963 6.29 -24.88 93.69
N SER B 964 5.21 -25.50 93.21
CA SER B 964 3.97 -25.59 93.96
C SER B 964 4.03 -26.74 94.97
N THR B 965 2.94 -26.89 95.74
CA THR B 965 2.95 -27.77 96.92
C THR B 965 3.23 -29.23 96.57
N GLU B 966 2.57 -29.75 95.53
CA GLU B 966 2.69 -31.16 95.17
C GLU B 966 4.11 -31.49 94.74
N VAL B 967 4.68 -30.65 93.89
CA VAL B 967 6.02 -30.92 93.39
C VAL B 967 7.09 -30.58 94.42
N LYS B 968 6.81 -29.69 95.37
CA LYS B 968 7.70 -29.52 96.51
C LYS B 968 7.75 -30.78 97.36
N LYS B 969 6.59 -31.37 97.65
CA LYS B 969 6.56 -32.63 98.39
C LYS B 969 7.23 -33.74 97.61
N GLU B 970 7.09 -33.73 96.28
CA GLU B 970 7.81 -34.69 95.44
C GLU B 970 9.32 -34.49 95.54
N LEU B 971 9.78 -33.23 95.55
CA LEU B 971 11.20 -32.94 95.71
C LEU B 971 11.70 -33.15 97.15
N MET B 972 10.81 -33.47 98.09
CA MET B 972 11.26 -33.97 99.38
C MET B 972 11.14 -35.48 99.55
N ALA B 973 10.87 -36.23 98.48
CA ALA B 973 10.91 -37.68 98.53
C ALA B 973 12.29 -38.20 98.10
N GLU B 974 12.57 -39.47 98.43
CA GLU B 974 13.87 -40.05 98.08
C GLU B 974 13.78 -41.29 97.19
N LYS B 975 12.94 -42.25 97.58
CA LYS B 975 12.91 -43.55 96.91
C LYS B 975 11.98 -43.55 95.70
N ARG B 976 12.23 -42.66 94.74
CA ARG B 976 11.36 -42.50 93.58
C ARG B 976 12.06 -42.94 92.31
N HIS B 977 11.43 -43.83 91.57
CA HIS B 977 11.81 -44.07 90.18
C HIS B 977 11.06 -43.13 89.24
N GLY B 978 9.89 -42.68 89.65
CA GLY B 978 9.04 -41.88 88.78
C GLY B 978 9.40 -40.40 88.77
N GLU B 979 8.78 -39.69 87.82
CA GLU B 979 8.92 -38.25 87.71
C GLU B 979 7.71 -37.71 86.99
N SER B 980 6.93 -36.88 87.68
CA SER B 980 5.64 -36.43 87.16
C SER B 980 5.81 -35.47 85.98
N ASP B 981 4.83 -35.50 85.08
CA ASP B 981 4.87 -34.66 83.88
C ASP B 981 4.80 -33.17 84.22
N ASP B 982 4.00 -32.81 85.22
CA ASP B 982 3.96 -31.41 85.64
C ASP B 982 5.20 -30.99 86.42
N LEU B 983 6.10 -31.92 86.73
CA LEU B 983 7.45 -31.56 87.14
C LEU B 983 8.37 -31.39 85.93
N ARG B 984 8.27 -32.28 84.94
CA ARG B 984 9.16 -32.17 83.79
C ARG B 984 8.86 -30.91 83.00
N GLN B 985 7.60 -30.45 83.02
CA GLN B 985 7.25 -29.20 82.35
C GLN B 985 7.96 -28.02 83.02
N LEU B 986 7.95 -27.99 84.35
CA LEU B 986 8.61 -26.91 85.07
C LEU B 986 10.11 -26.94 84.88
N LYS B 987 10.69 -28.14 84.78
CA LYS B 987 12.11 -28.24 84.45
C LYS B 987 12.39 -27.79 83.02
N GLN B 988 11.55 -28.18 82.06
CA GLN B 988 11.83 -27.93 80.66
C GLN B 988 11.63 -26.46 80.29
N TYR B 989 10.55 -25.84 80.77
CA TYR B 989 10.17 -24.50 80.33
C TYR B 989 10.67 -23.39 81.25
N SER B 990 11.06 -23.71 82.48
CA SER B 990 11.51 -22.69 83.41
C SER B 990 12.87 -23.02 84.00
N GLY B 991 13.13 -24.33 84.18
CA GLY B 991 14.30 -24.76 84.93
C GLY B 991 15.62 -24.38 84.28
N VAL B 992 15.68 -24.43 82.94
CA VAL B 992 16.92 -24.16 82.24
C VAL B 992 17.37 -22.71 82.34
N LEU B 993 16.46 -21.80 82.69
CA LEU B 993 16.79 -20.38 82.76
C LEU B 993 17.31 -19.94 84.12
N ILE B 994 17.12 -20.75 85.16
CA ILE B 994 17.57 -20.36 86.50
C ILE B 994 19.07 -20.12 86.61
N PRO B 995 19.97 -20.92 86.01
CA PRO B 995 21.40 -20.53 86.05
C PRO B 995 21.73 -19.21 85.39
N TRP B 996 21.01 -18.81 84.34
CA TRP B 996 21.36 -17.59 83.62
C TRP B 996 20.94 -16.32 84.36
N TYR B 997 19.71 -16.27 84.85
CA TYR B 997 19.23 -15.02 85.44
C TYR B 997 19.89 -14.74 86.79
N ASN B 998 20.41 -15.79 87.46
CA ASN B 998 21.20 -15.55 88.65
C ASN B 998 22.48 -14.79 88.32
N LEU B 999 23.16 -15.18 87.24
CA LEU B 999 24.35 -14.46 86.81
C LEU B 999 24.00 -13.04 86.35
N TRP B 1000 22.87 -12.90 85.63
CA TRP B 1000 22.41 -11.58 85.22
C TRP B 1000 22.19 -10.66 86.42
N ALA B 1001 21.48 -11.15 87.43
CA ALA B 1001 21.23 -10.34 88.62
C ALA B 1001 22.52 -10.04 89.36
N LYS B 1002 23.45 -10.99 89.41
CA LYS B 1002 24.73 -10.75 90.07
C LYS B 1002 25.53 -9.66 89.36
N VAL B 1003 25.45 -9.61 88.03
CA VAL B 1003 26.13 -8.55 87.30
C VAL B 1003 25.43 -7.20 87.50
N ILE B 1004 24.10 -7.20 87.56
CA ILE B 1004 23.35 -5.96 87.77
C ILE B 1004 23.72 -5.30 89.09
N LEU B 1005 23.76 -6.10 90.16
CA LEU B 1005 24.07 -5.57 91.49
C LEU B 1005 25.54 -5.25 91.69
N GLY B 1006 26.41 -5.52 90.71
CA GLY B 1006 27.82 -5.26 90.86
C GLY B 1006 28.57 -6.28 91.67
N LYS B 1007 27.99 -7.47 91.89
CA LYS B 1007 28.62 -8.52 92.68
C LYS B 1007 29.51 -9.43 91.85
N THR B 1008 29.48 -9.31 90.53
CA THR B 1008 30.31 -10.11 89.64
C THR B 1008 30.69 -9.21 88.48
N ARG B 1009 31.96 -9.22 88.09
CA ARG B 1009 32.48 -8.18 87.21
C ARG B 1009 33.26 -8.79 86.06
N LYS B 1010 33.73 -7.90 85.18
CA LYS B 1010 34.35 -8.28 83.91
C LYS B 1010 35.60 -9.15 84.10
N ALA B 1011 36.34 -8.95 85.19
CA ALA B 1011 37.63 -9.61 85.37
C ALA B 1011 37.53 -11.12 85.55
N ASP B 1012 36.34 -11.65 85.89
CA ASP B 1012 36.20 -13.09 86.07
C ASP B 1012 34.88 -13.58 85.48
N LEU B 1013 34.44 -12.95 84.38
CA LEU B 1013 33.14 -13.29 83.82
C LEU B 1013 33.15 -14.66 83.15
N GLU B 1014 34.21 -14.98 82.39
CA GLU B 1014 34.21 -16.15 81.52
C GLU B 1014 34.10 -17.45 82.30
N SER B 1015 34.79 -17.52 83.45
CA SER B 1015 34.72 -18.71 84.30
C SER B 1015 33.29 -18.97 84.75
N GLU B 1016 32.53 -17.89 85.02
CA GLU B 1016 31.11 -18.08 85.29
C GLU B 1016 30.39 -18.60 84.05
N LEU B 1017 30.61 -17.96 82.90
CA LEU B 1017 29.84 -18.23 81.69
C LEU B 1017 30.00 -19.68 81.26
N SER B 1018 31.26 -20.13 81.15
CA SER B 1018 31.55 -21.50 80.77
C SER B 1018 30.97 -22.48 81.76
N ASP B 1019 30.92 -22.11 83.04
CA ASP B 1019 30.24 -22.96 84.01
C ASP B 1019 28.74 -22.96 83.79
N THR B 1020 28.15 -21.77 83.59
CA THR B 1020 26.70 -21.64 83.49
C THR B 1020 26.17 -22.41 82.29
N GLN B 1021 26.88 -22.31 81.16
CA GLN B 1021 26.49 -23.06 79.96
C GLN B 1021 26.50 -24.56 80.21
N LYS B 1022 27.41 -25.04 81.06
CA LYS B 1022 27.33 -26.44 81.47
C LYS B 1022 26.12 -26.68 82.38
N GLU B 1023 25.94 -25.83 83.40
CA GLU B 1023 24.93 -26.09 84.43
C GLU B 1023 23.51 -26.09 83.86
N SER B 1024 23.27 -25.27 82.83
CA SER B 1024 21.99 -25.32 82.15
C SER B 1024 21.80 -26.62 81.40
N THR B 1025 22.84 -27.05 80.68
CA THR B 1025 22.71 -28.18 79.75
C THR B 1025 22.48 -29.49 80.50
N ALA B 1026 23.09 -29.63 81.69
CA ALA B 1026 22.82 -30.78 82.52
C ALA B 1026 21.36 -30.85 82.94
N ILE B 1027 20.69 -29.71 83.08
CA ILE B 1027 19.27 -29.74 83.40
C ILE B 1027 18.46 -30.00 82.13
N LYS B 1028 19.06 -29.75 80.95
CA LYS B 1028 18.28 -29.55 79.74
C LYS B 1028 17.65 -30.87 79.26
N GLY B 1029 18.45 -31.93 79.18
CA GLY B 1029 17.94 -33.21 78.71
C GLY B 1029 17.64 -33.24 77.23
N HIS B 1030 16.63 -34.03 76.85
CA HIS B 1030 16.28 -34.30 75.47
C HIS B 1030 15.35 -33.22 74.91
N SER B 1031 15.91 -32.34 74.07
CA SER B 1031 15.12 -31.48 73.19
C SER B 1031 14.88 -32.19 71.86
N TYR B 1032 13.95 -33.14 71.88
CA TYR B 1032 13.63 -33.87 70.67
C TYR B 1032 12.87 -33.01 69.66
N SER B 1033 12.24 -31.92 70.09
CA SER B 1033 11.55 -31.03 69.17
C SER B 1033 12.51 -29.99 68.61
N GLU B 1034 12.33 -29.66 67.33
CA GLU B 1034 13.04 -28.54 66.74
C GLU B 1034 12.35 -27.20 66.99
N HIS B 1035 11.15 -27.22 67.57
CA HIS B 1035 10.36 -26.02 67.79
C HIS B 1035 10.58 -25.40 69.18
N SER B 1036 11.70 -25.72 69.83
CA SER B 1036 11.99 -25.16 71.15
C SER B 1036 12.25 -23.65 71.08
N LEU B 1037 11.64 -22.93 72.02
CA LEU B 1037 11.84 -21.49 72.14
C LEU B 1037 13.08 -21.12 72.94
N SER B 1038 13.68 -22.08 73.66
CA SER B 1038 14.65 -21.75 74.70
C SER B 1038 15.95 -21.18 74.18
N SER B 1039 16.37 -21.59 72.97
CA SER B 1039 17.61 -21.05 72.40
C SER B 1039 17.50 -19.55 72.14
N ASN B 1040 16.34 -19.13 71.64
CA ASN B 1040 16.06 -17.73 71.36
C ASN B 1040 16.10 -16.91 72.65
N GLU B 1041 15.67 -17.50 73.76
CA GLU B 1041 15.67 -16.83 75.05
C GLU B 1041 17.08 -16.72 75.62
N ILE B 1042 17.85 -17.80 75.49
CA ILE B 1042 19.20 -17.85 76.04
C ILE B 1042 20.11 -16.87 75.32
N ALA B 1043 19.93 -16.72 74.01
CA ALA B 1043 20.71 -15.74 73.26
C ALA B 1043 20.47 -14.32 73.78
N ASN B 1044 19.22 -13.99 74.08
CA ASN B 1044 18.89 -12.65 74.56
C ASN B 1044 19.50 -12.39 75.92
N VAL B 1045 19.36 -13.34 76.86
CA VAL B 1045 19.91 -13.08 78.19
C VAL B 1045 21.45 -13.05 78.15
N TRP B 1046 22.06 -13.83 77.26
CA TRP B 1046 23.52 -13.81 77.11
C TRP B 1046 24.02 -12.47 76.58
N PHE B 1047 23.35 -11.94 75.55
CA PHE B 1047 23.73 -10.65 74.99
C PHE B 1047 23.53 -9.53 76.01
N ASP B 1048 22.45 -9.60 76.79
CA ASP B 1048 22.22 -8.60 77.82
C ASP B 1048 23.29 -8.64 78.89
N ILE B 1049 23.75 -9.84 79.27
CA ILE B 1049 24.83 -9.95 80.25
C ILE B 1049 26.11 -9.30 79.74
N LEU B 1050 26.45 -9.55 78.47
CA LEU B 1050 27.64 -8.92 77.89
C LEU B 1050 27.51 -7.40 77.88
N ILE B 1051 26.39 -6.88 77.37
CA ILE B 1051 26.24 -5.43 77.23
C ILE B 1051 26.24 -4.76 78.61
N GLU B 1052 25.63 -5.39 79.61
CA GLU B 1052 25.62 -4.77 80.93
C GLU B 1052 26.98 -4.85 81.61
N ALA B 1053 27.80 -5.84 81.27
CA ALA B 1053 29.10 -5.96 81.92
C ALA B 1053 30.04 -4.81 81.56
N GLY B 1054 30.04 -4.38 80.31
CA GLY B 1054 30.85 -3.25 79.89
C GLY B 1054 32.13 -3.68 79.17
N ASN B 1055 32.64 -2.76 78.33
CA ASN B 1055 33.86 -2.94 77.53
C ASN B 1055 33.82 -4.22 76.67
N VAL B 1056 32.74 -4.36 75.91
CA VAL B 1056 32.58 -5.53 75.04
C VAL B 1056 33.52 -5.44 73.85
N SER B 1057 33.67 -6.57 73.16
CA SER B 1057 34.51 -6.68 71.98
C SER B 1057 33.79 -7.49 70.91
N LYS B 1058 34.33 -7.43 69.69
CA LYS B 1058 33.74 -8.10 68.53
C LYS B 1058 33.74 -9.62 68.68
N ASP B 1059 34.83 -10.18 69.21
CA ASP B 1059 34.94 -11.63 69.34
C ASP B 1059 33.90 -12.20 70.30
N ASP B 1060 33.50 -11.41 71.29
CA ASP B 1060 32.50 -11.87 72.26
C ASP B 1060 31.16 -12.12 71.58
N VAL B 1061 30.73 -11.20 70.72
CA VAL B 1061 29.49 -11.37 69.98
C VAL B 1061 29.65 -12.46 68.92
N GLU B 1062 30.84 -12.57 68.33
CA GLU B 1062 31.10 -13.65 67.37
C GLU B 1062 31.00 -15.01 68.03
N ASN B 1063 31.26 -15.10 69.33
CA ASN B 1063 31.01 -16.36 70.04
C ASN B 1063 29.53 -16.73 70.02
N ILE B 1064 28.65 -15.75 70.21
CA ILE B 1064 27.21 -16.02 70.15
C ILE B 1064 26.80 -16.44 68.75
N ILE B 1065 27.37 -15.78 67.75
CA ILE B 1065 27.08 -16.13 66.35
C ILE B 1065 27.52 -17.55 66.05
N LYS B 1066 28.72 -17.92 66.51
CA LYS B 1066 29.22 -19.28 66.32
C LYS B 1066 28.37 -20.32 67.05
N TRP B 1067 27.93 -20.00 68.28
CA TRP B 1067 27.06 -20.92 69.01
C TRP B 1067 25.74 -21.13 68.27
N SER B 1068 25.27 -20.12 67.55
CA SER B 1068 24.00 -20.26 66.83
C SER B 1068 24.05 -21.26 65.68
N GLN B 1069 25.23 -21.67 65.21
CA GLN B 1069 25.31 -22.50 64.00
C GLN B 1069 24.97 -23.97 64.24
N HIS B 1070 25.03 -24.47 65.46
CA HIS B 1070 24.72 -25.87 65.70
C HIS B 1070 23.23 -26.14 65.58
N LYS B 1071 22.89 -27.42 65.41
CA LYS B 1071 21.49 -27.81 65.28
C LYS B 1071 20.72 -27.54 66.56
N GLY B 1072 19.51 -27.01 66.41
CA GLY B 1072 18.66 -26.70 67.54
C GLY B 1072 18.93 -25.36 68.19
N ASN B 1073 20.04 -24.70 67.87
CA ASN B 1073 20.34 -23.39 68.41
C ASN B 1073 19.68 -22.30 67.57
N ARG B 1074 18.36 -22.39 67.43
CA ARG B 1074 17.62 -21.46 66.57
C ARG B 1074 17.47 -20.10 67.21
N VAL B 1075 17.72 -19.05 66.42
CA VAL B 1075 17.50 -17.67 66.82
C VAL B 1075 16.61 -17.01 65.77
N PHE B 1076 15.54 -16.38 66.22
CA PHE B 1076 14.55 -15.80 65.32
C PHE B 1076 14.93 -14.39 64.90
N THR B 1077 14.29 -13.92 63.82
CA THR B 1077 14.66 -12.66 63.21
C THR B 1077 14.44 -11.39 64.05
N PRO B 1078 13.40 -11.24 64.90
CA PRO B 1078 13.35 -10.03 65.73
C PRO B 1078 14.53 -9.89 66.69
N THR B 1079 15.05 -10.99 67.20
CA THR B 1079 16.26 -10.94 68.02
C THR B 1079 17.44 -10.42 67.22
N LEU B 1080 17.56 -10.86 65.97
CA LEU B 1080 18.63 -10.37 65.09
C LEU B 1080 18.47 -8.89 64.79
N HIS B 1081 17.22 -8.42 64.61
CA HIS B 1081 17.01 -6.99 64.40
C HIS B 1081 17.41 -6.18 65.62
N ARG B 1082 17.09 -6.70 66.82
CA ARG B 1082 17.49 -6.02 68.05
C ARG B 1082 19.00 -5.93 68.16
N PHE B 1083 19.71 -7.01 67.85
CA PHE B 1083 21.18 -6.97 67.84
C PHE B 1083 21.71 -5.97 66.83
N SER B 1084 21.12 -5.95 65.63
CA SER B 1084 21.54 -5.01 64.60
C SER B 1084 21.36 -3.58 65.05
N SER B 1085 20.28 -3.30 65.77
CA SER B 1085 20.01 -1.95 66.24
C SER B 1085 20.98 -1.55 67.34
N VAL B 1086 21.19 -2.43 68.32
CA VAL B 1086 22.02 -2.09 69.48
C VAL B 1086 23.50 -1.94 69.08
N CYS B 1087 24.01 -2.83 68.21
CA CYS B 1087 25.41 -2.74 67.86
C CYS B 1087 25.77 -1.52 67.03
N ALA B 1088 24.79 -0.79 66.51
CA ALA B 1088 25.08 0.41 65.73
C ALA B 1088 25.51 1.57 66.61
N GLU B 1089 25.03 1.63 67.85
CA GLU B 1089 25.36 2.73 68.75
C GLU B 1089 26.67 2.51 69.48
N ILE B 1090 27.06 1.26 69.70
CA ILE B 1090 28.31 0.96 70.38
C ILE B 1090 29.48 1.24 69.44
N SER B 1091 30.51 1.92 69.94
CA SER B 1091 31.66 2.27 69.11
C SER B 1091 32.49 1.03 68.77
N GLY B 1092 32.81 0.89 67.49
CA GLY B 1092 33.69 -0.16 67.00
C GLY B 1092 33.05 -1.50 66.72
N LEU B 1093 31.73 -1.62 66.87
CA LEU B 1093 31.02 -2.86 66.55
C LEU B 1093 30.22 -2.77 65.26
N GLY B 1094 30.41 -1.72 64.47
CA GLY B 1094 29.47 -1.38 63.41
C GLY B 1094 29.31 -2.43 62.34
N GLU B 1095 30.39 -3.15 62.00
CA GLU B 1095 30.35 -4.10 60.88
C GLU B 1095 29.35 -5.21 61.12
N LEU B 1096 29.19 -5.63 62.38
CA LEU B 1096 28.22 -6.66 62.73
C LEU B 1096 26.80 -6.24 62.39
N SER B 1097 26.54 -4.93 62.36
CA SER B 1097 25.23 -4.43 61.98
C SER B 1097 24.86 -4.83 60.56
N TYR B 1098 25.85 -4.93 59.67
CA TYR B 1098 25.55 -5.52 58.38
C TYR B 1098 25.37 -7.02 58.49
N HIS B 1099 26.23 -7.68 59.26
CA HIS B 1099 26.25 -9.14 59.34
C HIS B 1099 24.92 -9.69 59.81
N PHE B 1100 24.45 -9.20 60.96
CA PHE B 1100 23.18 -9.63 61.53
C PHE B 1100 22.01 -9.33 60.60
N ALA B 1101 22.14 -8.31 59.75
CA ALA B 1101 21.10 -8.05 58.77
C ALA B 1101 21.03 -9.18 57.74
N GLU B 1102 22.17 -9.50 57.11
CA GLU B 1102 22.15 -10.41 55.96
C GLU B 1102 21.73 -11.82 56.39
N LEU B 1103 22.18 -12.26 57.56
CA LEU B 1103 21.75 -13.52 58.12
C LEU B 1103 20.23 -13.54 58.31
N ALA B 1104 19.67 -12.44 58.79
CA ALA B 1104 18.22 -12.37 58.98
C ALA B 1104 17.49 -12.42 57.65
N LEU B 1105 18.15 -11.98 56.57
CA LEU B 1105 17.52 -12.08 55.27
C LEU B 1105 17.51 -13.53 54.80
N SER B 1106 18.51 -14.32 55.19
CA SER B 1106 18.68 -15.66 54.62
C SER B 1106 17.58 -16.64 55.04
N LEU B 1107 16.85 -16.36 56.11
CA LEU B 1107 15.92 -17.34 56.66
C LEU B 1107 14.60 -17.43 55.91
N TRP B 1108 14.22 -16.39 55.18
CA TRP B 1108 12.92 -16.35 54.51
C TRP B 1108 12.95 -15.87 53.07
N ARG B 1109 14.10 -15.47 52.53
CA ARG B 1109 14.15 -14.91 51.18
C ARG B 1109 13.92 -15.96 50.10
N ASP B 1110 14.20 -17.22 50.39
CA ASP B 1110 14.17 -18.26 49.35
C ASP B 1110 12.80 -18.89 49.15
N GLU B 1111 11.94 -18.87 50.16
CA GLU B 1111 10.76 -19.72 50.21
C GLU B 1111 9.48 -18.96 49.88
N HIS B 1112 8.39 -19.72 49.68
CA HIS B 1112 7.10 -19.15 49.32
C HIS B 1112 6.41 -18.48 50.50
N SER B 1113 5.93 -17.26 50.28
CA SER B 1113 5.00 -16.58 51.17
C SER B 1113 4.34 -15.47 50.36
N ASP B 1114 3.26 -14.92 50.91
CA ASP B 1114 2.52 -13.91 50.17
C ASP B 1114 3.27 -12.59 50.17
N ALA B 1115 2.84 -11.70 49.26
CA ALA B 1115 3.59 -10.47 49.00
C ALA B 1115 3.56 -9.49 50.17
N GLN B 1116 2.52 -9.50 50.99
CA GLN B 1116 2.46 -8.55 52.10
C GLN B 1116 3.39 -8.96 53.25
N ILE B 1117 3.40 -10.26 53.59
CA ILE B 1117 4.32 -10.77 54.60
C ILE B 1117 5.76 -10.54 54.19
N LYS B 1118 6.05 -10.70 52.91
CA LYS B 1118 7.40 -10.46 52.40
C LYS B 1118 7.73 -8.98 52.42
N ALA B 1119 6.76 -8.14 52.06
CA ALA B 1119 6.97 -6.69 52.03
C ALA B 1119 7.22 -6.13 53.43
N ASP B 1120 6.64 -6.76 54.44
CA ASP B 1120 6.87 -6.29 55.80
C ASP B 1120 8.29 -6.55 56.31
N GLY B 1121 8.97 -7.58 55.81
CA GLY B 1121 10.30 -7.89 56.32
C GLY B 1121 11.35 -6.85 55.92
N TYR B 1122 11.29 -6.38 54.68
CA TYR B 1122 12.24 -5.37 54.22
C TYR B 1122 12.07 -4.05 54.96
N ILE B 1123 10.86 -3.74 55.42
CA ILE B 1123 10.63 -2.54 56.22
C ILE B 1123 11.39 -2.61 57.54
N ASP B 1124 11.37 -3.76 58.21
CA ASP B 1124 12.13 -3.90 59.45
C ASP B 1124 13.63 -3.91 59.19
N LEU B 1125 14.06 -4.54 58.09
CA LEU B 1125 15.48 -4.47 57.73
C LEU B 1125 15.92 -3.03 57.51
N SER B 1126 15.09 -2.24 56.82
CA SER B 1126 15.39 -0.83 56.59
C SER B 1126 15.42 -0.04 57.89
N ARG B 1127 14.43 -0.27 58.76
CA ARG B 1127 14.35 0.49 60.01
C ARG B 1127 15.49 0.14 60.96
N SER B 1128 16.07 -1.05 60.85
CA SER B 1128 17.13 -1.43 61.77
C SER B 1128 18.43 -0.66 61.53
N LEU B 1129 18.64 -0.11 60.34
CA LEU B 1129 19.92 0.46 59.95
C LEU B 1129 19.92 1.97 59.78
N ILE B 1130 18.85 2.66 60.18
CA ILE B 1130 18.72 4.10 59.92
C ILE B 1130 19.80 4.91 60.63
N SER B 1131 20.14 4.56 61.85
CA SER B 1131 21.11 5.35 62.62
C SER B 1131 22.54 5.18 62.14
N LEU B 1132 22.82 4.25 61.23
CA LEU B 1132 24.18 3.93 60.84
C LEU B 1132 24.53 4.33 59.41
N ASP B 1133 23.84 3.75 58.41
CA ASP B 1133 24.20 3.92 57.00
C ASP B 1133 22.91 4.10 56.21
N GLU B 1134 22.52 5.36 56.07
CA GLU B 1134 21.26 5.71 55.42
C GLU B 1134 21.18 5.35 53.93
N PRO B 1135 22.23 5.53 53.10
CA PRO B 1135 22.14 5.04 51.72
C PRO B 1135 21.98 3.53 51.61
N GLU B 1136 22.41 2.77 52.61
CA GLU B 1136 22.10 1.35 52.59
C GLU B 1136 20.66 1.10 53.02
N ALA B 1137 20.17 1.88 53.99
CA ALA B 1137 18.79 1.74 54.45
C ALA B 1137 17.79 2.06 53.37
N LYS B 1138 18.15 2.90 52.40
CA LYS B 1138 17.21 3.25 51.33
C LYS B 1138 16.91 2.07 50.41
N GLU B 1139 17.89 1.21 50.20
CA GLU B 1139 17.75 0.19 49.16
C GLU B 1139 16.79 -0.92 49.58
N TYR B 1140 16.75 -1.26 50.87
CA TYR B 1140 15.76 -2.23 51.33
C TYR B 1140 14.34 -1.65 51.26
N PHE B 1141 14.19 -0.34 51.44
CA PHE B 1141 12.91 0.30 51.20
C PHE B 1141 12.50 0.18 49.74
N ASN B 1142 13.46 0.33 48.82
CA ASN B 1142 13.14 0.12 47.41
C ASN B 1142 12.70 -1.31 47.13
N GLN B 1143 13.36 -2.30 47.74
CA GLN B 1143 12.92 -3.69 47.62
C GLN B 1143 11.51 -3.87 48.17
N ALA B 1144 11.21 -3.25 49.31
CA ALA B 1144 9.89 -3.35 49.92
C ALA B 1144 8.81 -2.78 49.01
N ILE B 1145 9.11 -1.67 48.35
CA ILE B 1145 8.15 -1.10 47.40
C ILE B 1145 7.98 -2.01 46.20
N GLU B 1146 9.09 -2.56 45.69
CA GLU B 1146 9.04 -3.36 44.47
C GLU B 1146 8.27 -4.66 44.64
N VAL B 1147 8.41 -5.34 45.78
CA VAL B 1147 7.91 -6.70 45.91
C VAL B 1147 6.38 -6.79 45.96
N THR B 1148 5.66 -5.67 46.09
CA THR B 1148 4.22 -5.68 46.30
C THR B 1148 3.41 -6.13 45.09
N ASN B 1149 4.03 -6.32 43.94
CA ASN B 1149 3.30 -6.73 42.74
C ASN B 1149 2.92 -8.22 42.74
N LYS B 1150 3.59 -9.04 43.53
CA LYS B 1150 3.55 -10.49 43.35
C LYS B 1150 2.24 -11.08 43.91
N LEU B 1151 2.21 -12.40 44.04
CA LEU B 1151 1.00 -13.12 44.43
C LEU B 1151 0.55 -12.77 45.84
N GLY B 1152 -0.75 -12.89 46.08
CA GLY B 1152 -1.35 -12.52 47.34
C GLY B 1152 -2.81 -12.91 47.43
N ASP B 1153 -3.63 -12.03 48.03
CA ASP B 1153 -5.05 -12.28 48.23
C ASP B 1153 -5.81 -12.30 46.90
N GLU B 1154 -5.27 -11.66 45.85
CA GLU B 1154 -5.99 -11.56 44.59
C GLU B 1154 -6.08 -12.88 43.84
N ASN B 1155 -5.36 -13.92 44.27
CA ASN B 1155 -5.65 -15.25 43.76
C ASN B 1155 -7.01 -15.73 44.27
N LEU B 1156 -7.51 -16.78 43.61
CA LEU B 1156 -8.87 -17.32 43.66
C LEU B 1156 -9.87 -16.39 42.94
N SER B 1157 -9.43 -15.19 42.58
CA SER B 1157 -10.18 -14.40 41.59
C SER B 1157 -9.62 -14.64 40.20
N ARG B 1158 -8.29 -14.65 40.09
CA ARG B 1158 -7.63 -14.96 38.83
C ARG B 1158 -7.95 -16.38 38.37
N TRP B 1159 -7.99 -17.32 39.32
CA TRP B 1159 -8.24 -18.72 39.00
C TRP B 1159 -9.64 -18.92 38.44
N GLU B 1160 -10.61 -18.15 38.92
CA GLU B 1160 -11.96 -18.22 38.35
C GLU B 1160 -12.00 -17.74 36.90
N ALA B 1161 -11.23 -16.71 36.56
CA ALA B 1161 -11.17 -16.28 35.17
C ALA B 1161 -10.51 -17.34 34.28
N ILE B 1162 -9.47 -17.99 34.82
CA ILE B 1162 -8.82 -19.07 34.07
C ILE B 1162 -9.79 -20.22 33.82
N LEU B 1163 -10.57 -20.60 34.84
CA LEU B 1163 -11.57 -21.65 34.65
C LEU B 1163 -12.66 -21.22 33.68
N ASP B 1164 -13.07 -19.96 33.72
CA ASP B 1164 -14.11 -19.47 32.79
C ASP B 1164 -13.64 -19.53 31.35
N LEU B 1165 -12.35 -19.25 31.11
CA LEU B 1165 -11.82 -19.43 29.75
C LEU B 1165 -11.76 -20.91 29.38
N ALA B 1166 -11.21 -21.73 30.27
CA ALA B 1166 -10.92 -23.12 29.95
C ALA B 1166 -12.18 -23.92 29.68
N GLU B 1167 -13.23 -23.70 30.46
CA GLU B 1167 -14.44 -24.48 30.22
C GLU B 1167 -15.25 -23.94 29.04
N TYR B 1168 -14.95 -22.74 28.54
CA TYR B 1168 -15.49 -22.33 27.26
C TYR B 1168 -14.80 -23.06 26.12
N VAL B 1169 -13.47 -23.14 26.15
CA VAL B 1169 -12.77 -23.67 24.98
C VAL B 1169 -12.83 -25.21 24.93
N ALA B 1170 -13.15 -25.86 26.06
CA ALA B 1170 -12.84 -27.28 26.25
C ALA B 1170 -13.51 -28.20 25.25
N GLY B 1171 -14.82 -28.02 25.00
CA GLY B 1171 -15.53 -29.00 24.20
C GLY B 1171 -15.34 -28.89 22.70
N LYS B 1172 -14.69 -27.82 22.22
CA LYS B 1172 -14.75 -27.48 20.80
C LYS B 1172 -13.55 -27.95 20.00
N THR B 1173 -12.33 -27.91 20.53
CA THR B 1173 -11.14 -28.17 19.74
C THR B 1173 -10.23 -29.16 20.42
N GLN B 1174 -9.32 -29.72 19.64
CA GLN B 1174 -8.16 -30.42 20.19
C GLN B 1174 -7.21 -29.44 20.87
N VAL B 1175 -6.59 -29.88 21.94
CA VAL B 1175 -5.69 -29.03 22.72
C VAL B 1175 -4.31 -29.68 22.80
N PRO B 1176 -3.24 -28.94 22.57
CA PRO B 1176 -1.89 -29.50 22.75
C PRO B 1176 -1.64 -29.95 24.18
N PRO B 1177 -0.87 -31.03 24.37
CA PRO B 1177 -0.65 -31.57 25.71
C PRO B 1177 0.00 -30.62 26.70
N GLU B 1178 0.90 -29.74 26.23
CA GLU B 1178 1.66 -28.89 27.15
C GLU B 1178 0.77 -27.86 27.84
N ILE B 1179 -0.30 -27.41 27.17
CA ILE B 1179 -1.26 -26.52 27.80
C ILE B 1179 -1.98 -27.23 28.94
N SER B 1180 -2.39 -28.47 28.69
CA SER B 1180 -3.07 -29.27 29.71
C SER B 1180 -2.17 -29.56 30.89
N TYR B 1181 -0.88 -29.79 30.64
CA TYR B 1181 0.06 -30.00 31.73
C TYR B 1181 0.24 -28.74 32.57
N LYS B 1182 0.38 -27.58 31.91
CA LYS B 1182 0.65 -26.35 32.65
C LYS B 1182 -0.54 -25.91 33.48
N LEU B 1183 -1.77 -26.22 33.04
CA LEU B 1183 -2.94 -25.92 33.85
C LEU B 1183 -2.89 -26.66 35.20
N ALA B 1184 -2.54 -27.94 35.18
CA ALA B 1184 -2.46 -28.71 36.43
C ALA B 1184 -1.27 -28.29 37.28
N ARG B 1185 -0.15 -27.91 36.65
CA ARG B 1185 0.97 -27.39 37.42
C ARG B 1185 0.60 -26.12 38.16
N CYS B 1186 -0.12 -25.22 37.51
CA CYS B 1186 -0.56 -24.00 38.18
C CYS B 1186 -1.63 -24.27 39.24
N ALA B 1187 -2.44 -25.33 39.07
CA ALA B 1187 -3.35 -25.70 40.16
C ALA B 1187 -2.59 -26.17 41.39
N GLU B 1188 -1.54 -26.98 41.20
CA GLU B 1188 -0.72 -27.38 42.34
C GLU B 1188 -0.04 -26.19 43.00
N LEU B 1189 0.38 -25.21 42.20
CA LEU B 1189 0.98 -24.01 42.76
C LEU B 1189 -0.03 -23.21 43.58
N THR B 1190 -1.23 -22.99 43.04
CA THR B 1190 -2.22 -22.15 43.71
C THR B 1190 -2.87 -22.83 44.91
N ARG B 1191 -2.77 -24.15 45.06
CA ARG B 1191 -3.23 -24.76 46.31
C ARG B 1191 -2.33 -24.40 47.50
N GLU B 1192 -1.07 -24.06 47.25
CA GLU B 1192 -0.13 -23.85 48.34
C GLU B 1192 -0.40 -22.57 49.12
N TYR B 1193 -0.90 -21.52 48.46
CA TYR B 1193 -1.03 -20.22 49.10
C TYR B 1193 -2.26 -20.07 49.99
N VAL B 1194 -3.32 -20.87 49.78
CA VAL B 1194 -4.52 -20.72 50.59
C VAL B 1194 -4.27 -21.27 51.99
N ASP B 1195 -5.07 -20.79 52.94
CA ASP B 1195 -4.94 -21.20 54.33
C ASP B 1195 -5.80 -22.40 54.67
N ARG B 1196 -7.10 -22.32 54.39
CA ARG B 1196 -8.05 -23.38 54.72
C ARG B 1196 -8.41 -24.13 53.44
N ASP B 1197 -8.48 -25.46 53.55
CA ASP B 1197 -8.70 -26.31 52.37
C ASP B 1197 -10.08 -26.08 51.76
N LYS B 1198 -11.05 -25.66 52.56
CA LYS B 1198 -12.41 -25.45 52.07
C LYS B 1198 -12.55 -24.26 51.15
N HIS B 1199 -11.53 -23.42 51.02
CA HIS B 1199 -11.59 -22.28 50.11
C HIS B 1199 -11.11 -22.60 48.70
N PHE B 1200 -10.62 -23.80 48.43
CA PHE B 1200 -10.07 -24.15 47.13
C PHE B 1200 -11.09 -24.99 46.37
N ALA B 1201 -11.23 -24.72 45.07
CA ALA B 1201 -12.25 -25.35 44.23
C ALA B 1201 -11.71 -26.66 43.64
N TRP B 1202 -11.95 -27.74 44.37
CA TRP B 1202 -11.49 -29.06 43.95
C TRP B 1202 -12.30 -29.60 42.77
N SER B 1203 -13.61 -29.73 42.96
CA SER B 1203 -14.45 -30.46 42.01
C SER B 1203 -14.51 -29.77 40.66
N ASP B 1204 -14.61 -28.44 40.65
CA ASP B 1204 -14.65 -27.69 39.39
C ASP B 1204 -13.36 -27.86 38.61
N THR B 1205 -12.21 -27.79 39.29
CA THR B 1205 -10.92 -27.97 38.64
C THR B 1205 -10.79 -29.38 38.04
N VAL B 1206 -11.18 -30.40 38.81
CA VAL B 1206 -11.06 -31.78 38.35
C VAL B 1206 -11.97 -32.02 37.15
N GLU B 1207 -13.21 -31.55 37.22
CA GLU B 1207 -14.14 -31.78 36.12
C GLU B 1207 -13.73 -31.06 34.84
N ILE B 1208 -13.26 -29.82 34.96
CA ILE B 1208 -12.87 -29.07 33.76
C ILE B 1208 -11.62 -29.67 33.14
N LEU B 1209 -10.65 -30.07 33.97
CA LEU B 1209 -9.44 -30.71 33.45
C LEU B 1209 -9.75 -32.03 32.75
N ALA B 1210 -10.62 -32.84 33.36
CA ALA B 1210 -11.03 -34.10 32.74
C ALA B 1210 -11.77 -33.86 31.42
N GLU B 1211 -12.64 -32.86 31.39
CA GLU B 1211 -13.42 -32.57 30.19
C GLU B 1211 -12.56 -32.03 29.05
N LEU B 1212 -11.47 -31.31 29.37
CA LEU B 1212 -10.70 -30.66 28.32
C LEU B 1212 -9.88 -31.65 27.49
N CYS B 1213 -9.26 -32.64 28.14
CA CYS B 1213 -8.48 -33.67 27.45
C CYS B 1213 -8.41 -34.94 28.30
N PRO B 1214 -9.16 -35.99 27.94
CA PRO B 1214 -9.24 -37.16 28.84
C PRO B 1214 -7.93 -37.91 29.07
N SER B 1215 -7.21 -38.21 27.98
CA SER B 1215 -6.01 -39.04 28.06
C SER B 1215 -4.91 -38.37 28.88
N SER B 1216 -4.86 -37.04 28.88
CA SER B 1216 -3.90 -36.35 29.71
C SER B 1216 -4.32 -36.36 31.18
N ALA B 1217 -5.62 -36.24 31.44
CA ALA B 1217 -6.12 -36.22 32.80
C ALA B 1217 -5.85 -37.52 33.53
N LEU B 1218 -6.02 -38.65 32.83
CA LEU B 1218 -5.79 -39.93 33.49
C LEU B 1218 -4.33 -40.15 33.86
N ALA B 1219 -3.39 -39.55 33.11
CA ALA B 1219 -1.99 -39.61 33.51
C ALA B 1219 -1.69 -38.67 34.68
N ILE B 1220 -2.26 -37.46 34.63
CA ILE B 1220 -1.95 -36.44 35.64
C ILE B 1220 -2.45 -36.87 37.01
N ILE B 1221 -3.70 -37.37 37.10
CA ILE B 1221 -4.21 -37.80 38.39
C ILE B 1221 -3.50 -39.06 38.89
N SER B 1222 -2.85 -39.82 37.98
CA SER B 1222 -2.06 -40.95 38.42
C SER B 1222 -0.74 -40.52 39.03
N ARG B 1223 -0.15 -39.45 38.52
CA ARG B 1223 1.08 -38.94 39.16
C ARG B 1223 0.79 -38.24 40.49
N TRP B 1224 -0.39 -37.60 40.60
CA TRP B 1224 -0.77 -36.98 41.87
C TRP B 1224 -0.82 -37.99 43.00
N ARG B 1225 -1.27 -39.22 42.74
CA ARG B 1225 -1.37 -40.21 43.80
C ARG B 1225 0.01 -40.70 44.26
N ASP B 1226 1.02 -40.65 43.40
CA ASP B 1226 2.38 -40.86 43.87
C ASP B 1226 2.82 -39.71 44.78
N ARG B 1227 2.50 -38.48 44.41
CA ARG B 1227 2.89 -37.37 45.27
C ARG B 1227 2.02 -37.21 46.51
N THR B 1228 0.94 -37.99 46.66
CA THR B 1228 -0.06 -37.89 47.73
C THR B 1228 -0.77 -36.54 47.75
N PHE B 1229 -0.81 -35.85 46.62
CA PHE B 1229 -1.55 -34.60 46.49
C PHE B 1229 -3.04 -34.90 46.34
N GLY B 1230 -3.83 -34.58 47.35
CA GLY B 1230 -5.26 -34.77 47.24
C GLY B 1230 -5.77 -36.15 47.58
N ASN B 1231 -5.04 -36.92 48.36
CA ASN B 1231 -5.47 -38.27 48.72
C ASN B 1231 -6.63 -38.31 49.69
N HIS B 1232 -7.04 -37.18 50.24
CA HIS B 1232 -8.22 -37.13 51.10
C HIS B 1232 -9.51 -36.88 50.34
N ARG B 1233 -9.45 -36.69 49.03
CA ARG B 1233 -10.65 -36.49 48.20
C ARG B 1233 -10.88 -37.70 47.29
N SER B 1234 -12.07 -37.73 46.69
CA SER B 1234 -12.49 -38.78 45.77
C SER B 1234 -12.32 -38.38 44.31
N ILE B 1235 -11.07 -38.16 43.86
CA ILE B 1235 -10.82 -37.59 42.53
C ILE B 1235 -11.24 -38.55 41.42
N LEU B 1236 -10.98 -39.85 41.59
CA LEU B 1236 -11.22 -40.82 40.52
C LEU B 1236 -12.70 -40.94 40.18
N ALA B 1237 -13.56 -40.94 41.19
CA ALA B 1237 -14.99 -41.02 40.97
C ALA B 1237 -15.50 -39.83 40.17
N TRP B 1238 -15.06 -38.62 40.54
CA TRP B 1238 -15.45 -37.41 39.84
C TRP B 1238 -15.04 -37.47 38.38
N THR B 1239 -13.77 -37.84 38.13
CA THR B 1239 -13.26 -37.89 36.77
C THR B 1239 -14.00 -38.89 35.91
N ILE B 1240 -14.18 -40.11 36.43
CA ILE B 1240 -14.80 -41.18 35.66
C ILE B 1240 -16.27 -40.87 35.37
N GLU B 1241 -17.01 -40.39 36.37
CA GLU B 1241 -18.42 -40.10 36.15
C GLU B 1241 -18.61 -38.92 35.20
N HIS B 1242 -17.75 -37.91 35.26
CA HIS B 1242 -17.89 -36.79 34.32
C HIS B 1242 -17.54 -37.22 32.90
N LEU B 1243 -16.54 -38.09 32.73
CA LEU B 1243 -16.24 -38.60 31.39
C LEU B 1243 -17.37 -39.49 30.87
N VAL B 1244 -18.04 -40.23 31.74
CA VAL B 1244 -19.18 -41.04 31.30
C VAL B 1244 -20.32 -40.15 30.84
N LYS B 1245 -20.61 -39.09 31.60
CA LYS B 1245 -21.76 -38.24 31.28
C LYS B 1245 -21.58 -37.53 29.93
N LYS B 1246 -20.39 -37.03 29.65
CA LYS B 1246 -20.12 -36.35 28.39
C LYS B 1246 -19.83 -37.29 27.23
N ASN B 1247 -20.10 -38.59 27.37
CA ASN B 1247 -20.03 -39.58 26.29
C ASN B 1247 -18.62 -39.72 25.69
N LYS B 1248 -17.59 -39.52 26.49
CA LYS B 1248 -16.23 -39.71 26.01
C LYS B 1248 -15.62 -41.04 26.42
N ILE B 1249 -16.27 -41.82 27.29
CA ILE B 1249 -15.82 -43.15 27.64
C ILE B 1249 -17.03 -44.05 27.78
N ASN B 1250 -16.87 -45.32 27.44
CA ASN B 1250 -17.98 -46.27 27.47
C ASN B 1250 -18.25 -46.69 28.91
N ALA B 1251 -19.54 -46.87 29.23
CA ALA B 1251 -19.93 -47.20 30.59
C ALA B 1251 -19.45 -48.58 31.01
N LEU B 1252 -19.41 -49.53 30.07
CA LEU B 1252 -18.95 -50.87 30.40
C LEU B 1252 -17.45 -50.91 30.67
N ASP B 1253 -16.69 -49.93 30.18
CA ASP B 1253 -15.29 -49.82 30.59
C ASP B 1253 -15.17 -49.25 32.00
N ALA B 1254 -16.10 -48.38 32.39
CA ALA B 1254 -16.00 -47.67 33.66
C ALA B 1254 -16.56 -48.47 34.82
N LEU B 1255 -17.47 -49.40 34.55
CA LEU B 1255 -18.11 -50.15 35.63
C LEU B 1255 -17.16 -51.00 36.50
N PRO B 1256 -16.17 -51.74 35.97
CA PRO B 1256 -15.33 -52.55 36.87
C PRO B 1256 -14.44 -51.75 37.83
N LEU B 1257 -14.34 -50.43 37.70
CA LEU B 1257 -13.48 -49.66 38.57
C LEU B 1257 -14.03 -49.49 39.98
N ILE B 1258 -15.26 -49.93 40.27
CA ILE B 1258 -15.83 -49.78 41.59
C ILE B 1258 -15.16 -50.64 42.65
N THR B 1259 -14.20 -51.48 42.27
CA THR B 1259 -13.42 -52.21 43.26
C THR B 1259 -12.42 -51.32 43.99
N PHE B 1260 -12.12 -50.14 43.44
CA PHE B 1260 -11.38 -49.11 44.14
C PHE B 1260 -12.36 -48.34 45.03
N GLU B 1261 -12.05 -48.26 46.32
CA GLU B 1261 -13.02 -47.77 47.30
C GLU B 1261 -13.09 -46.25 47.27
N ASN B 1262 -14.20 -45.72 46.79
CA ASN B 1262 -14.47 -44.28 46.72
C ASN B 1262 -15.96 -44.05 46.90
N ASP B 1263 -16.36 -42.78 46.88
CA ASP B 1263 -17.78 -42.41 46.97
C ASP B 1263 -18.44 -42.46 45.60
N TRP B 1264 -18.62 -43.68 45.11
CA TRP B 1264 -19.29 -43.92 43.84
C TRP B 1264 -20.80 -43.74 43.95
N HIS B 1265 -21.41 -43.33 42.84
CA HIS B 1265 -22.86 -43.43 42.63
C HIS B 1265 -23.10 -44.62 41.70
N LYS B 1266 -23.17 -45.81 42.30
CA LYS B 1266 -23.21 -47.06 41.54
C LYS B 1266 -24.51 -47.23 40.76
N CYS B 1267 -25.62 -46.74 41.29
CA CYS B 1267 -26.89 -46.88 40.58
C CYS B 1267 -26.93 -46.05 39.32
N ASP B 1268 -26.26 -44.90 39.31
CA ASP B 1268 -26.20 -44.09 38.09
C ASP B 1268 -25.38 -44.80 37.01
N LEU B 1269 -24.27 -45.42 37.39
CA LEU B 1269 -23.48 -46.20 36.44
C LEU B 1269 -24.28 -47.38 35.90
N LEU B 1270 -25.01 -48.06 36.77
CA LEU B 1270 -25.81 -49.20 36.32
C LEU B 1270 -26.94 -48.74 35.38
N ASP B 1271 -27.55 -47.59 35.67
CA ASP B 1271 -28.56 -47.04 34.78
C ASP B 1271 -27.97 -46.63 33.43
N SER B 1272 -26.75 -46.09 33.43
CA SER B 1272 -26.09 -45.78 32.17
C SER B 1272 -25.77 -47.04 31.38
N VAL B 1273 -25.50 -48.15 32.07
CA VAL B 1273 -25.28 -49.41 31.37
C VAL B 1273 -26.59 -49.96 30.80
N LEU B 1274 -27.66 -49.95 31.60
CA LEU B 1274 -28.95 -50.47 31.15
C LEU B 1274 -29.52 -49.68 29.98
N SER B 1275 -29.23 -48.40 29.90
CA SER B 1275 -29.79 -47.56 28.84
C SER B 1275 -28.97 -47.61 27.55
N SER B 1276 -27.82 -48.27 27.54
CA SER B 1276 -26.89 -48.15 26.42
C SER B 1276 -26.77 -49.42 25.59
N CYS B 1277 -26.65 -50.60 26.20
CA CYS B 1277 -26.33 -51.82 25.49
C CYS B 1277 -27.55 -52.74 25.42
N THR B 1278 -27.78 -53.34 24.25
CA THR B 1278 -28.96 -54.15 24.00
C THR B 1278 -28.78 -55.63 24.27
N ASP B 1279 -27.54 -56.11 24.42
CA ASP B 1279 -27.28 -57.54 24.61
C ASP B 1279 -27.80 -57.96 25.98
N ASP B 1280 -28.54 -59.08 26.01
CA ASP B 1280 -29.13 -59.56 27.25
C ASP B 1280 -28.07 -60.09 28.22
N LYS B 1281 -26.94 -60.54 27.70
CA LYS B 1281 -25.85 -61.04 28.55
C LYS B 1281 -25.24 -59.93 29.41
N ASP B 1282 -25.05 -58.76 28.80
CA ASP B 1282 -24.23 -57.72 29.40
C ASP B 1282 -24.88 -57.12 30.64
N LYS B 1283 -26.18 -56.85 30.57
CA LYS B 1283 -26.87 -56.28 31.73
C LYS B 1283 -26.96 -57.25 32.88
N ILE B 1284 -27.11 -58.55 32.58
CA ILE B 1284 -27.07 -59.58 33.62
C ILE B 1284 -25.73 -59.57 34.33
N MET B 1285 -24.64 -59.54 33.55
CA MET B 1285 -23.30 -59.51 34.15
C MET B 1285 -23.07 -58.24 34.96
N ALA B 1286 -23.54 -57.09 34.45
CA ALA B 1286 -23.38 -55.83 35.15
C ALA B 1286 -24.11 -55.84 36.50
N PHE B 1287 -25.33 -56.38 36.52
CA PHE B 1287 -26.07 -56.51 37.76
C PHE B 1287 -25.35 -57.41 38.75
N GLU B 1288 -24.77 -58.52 38.25
CA GLU B 1288 -24.02 -59.43 39.12
C GLU B 1288 -22.83 -58.73 39.76
N VAL B 1289 -22.07 -57.98 38.96
CA VAL B 1289 -20.87 -57.32 39.46
C VAL B 1289 -21.22 -56.25 40.50
N VAL B 1290 -22.22 -55.41 40.19
CA VAL B 1290 -22.60 -54.35 41.13
C VAL B 1290 -23.15 -54.94 42.42
N TYR B 1291 -24.00 -55.97 42.31
CA TYR B 1291 -24.57 -56.59 43.51
C TYR B 1291 -23.50 -57.24 44.38
N HIS B 1292 -22.53 -57.92 43.78
CA HIS B 1292 -21.48 -58.54 44.58
C HIS B 1292 -20.62 -57.49 45.28
N TYR B 1293 -20.15 -56.48 44.54
CA TYR B 1293 -19.32 -55.52 45.28
C TYR B 1293 -20.11 -54.46 46.02
N THR B 1294 -21.42 -54.60 46.17
CA THR B 1294 -22.19 -53.75 47.07
C THR B 1294 -22.62 -54.48 48.35
N LYS B 1295 -22.52 -55.81 48.34
CA LYS B 1295 -23.24 -56.68 49.27
C LYS B 1295 -22.88 -56.45 50.74
N PHE B 1296 -21.60 -56.22 51.03
CA PHE B 1296 -21.09 -56.44 52.38
C PHE B 1296 -21.19 -55.24 53.32
N ASN B 1297 -21.46 -54.04 52.83
CA ASN B 1297 -21.55 -52.87 53.70
C ASN B 1297 -22.94 -52.25 53.62
N VAL B 1298 -23.31 -51.54 54.69
CA VAL B 1298 -24.69 -51.14 54.93
C VAL B 1298 -25.23 -50.20 53.86
N GLN B 1299 -26.55 -50.30 53.61
CA GLN B 1299 -27.25 -49.44 52.68
C GLN B 1299 -28.63 -49.09 53.22
N ASN B 1300 -29.15 -47.98 52.69
CA ASN B 1300 -30.52 -47.56 52.91
C ASN B 1300 -31.48 -48.26 51.95
N ILE B 1301 -32.77 -48.25 52.31
CA ILE B 1301 -33.78 -49.03 51.61
C ILE B 1301 -34.02 -48.57 50.17
N GLN B 1302 -33.82 -47.28 49.91
CA GLN B 1302 -34.07 -46.73 48.57
C GLN B 1302 -33.13 -47.31 47.53
N ASN B 1303 -31.94 -47.77 47.94
CA ASN B 1303 -31.03 -48.43 47.02
C ASN B 1303 -31.48 -49.88 46.76
N LEU B 1304 -31.85 -50.57 47.84
CA LEU B 1304 -32.20 -51.99 47.76
C LEU B 1304 -33.45 -52.19 46.91
N LYS B 1305 -34.42 -51.29 47.04
CA LYS B 1305 -35.64 -51.40 46.25
C LYS B 1305 -35.40 -51.15 44.76
N LYS B 1306 -34.46 -50.25 44.42
CA LYS B 1306 -34.09 -50.05 43.02
C LYS B 1306 -33.42 -51.30 42.45
N LEU B 1307 -32.50 -51.90 43.22
CA LEU B 1307 -31.86 -53.13 42.77
C LEU B 1307 -32.88 -54.25 42.61
N ASP B 1308 -33.86 -54.32 43.51
CA ASP B 1308 -34.92 -55.32 43.39
C ASP B 1308 -35.71 -55.11 42.10
N ALA B 1309 -36.08 -53.87 41.80
CA ALA B 1309 -36.85 -53.59 40.58
C ALA B 1309 -36.07 -53.97 39.32
N ILE B 1310 -34.79 -53.62 39.29
CA ILE B 1310 -33.95 -53.99 38.14
C ILE B 1310 -33.82 -55.51 38.03
N SER B 1311 -33.76 -56.21 39.18
CA SER B 1311 -33.74 -57.66 39.17
C SER B 1311 -35.03 -58.26 38.62
N THR B 1312 -36.18 -57.65 38.96
CA THR B 1312 -37.44 -58.09 38.36
C THR B 1312 -37.46 -57.85 36.86
N SER B 1313 -36.87 -56.75 36.41
CA SER B 1313 -36.84 -56.51 34.97
C SER B 1313 -35.93 -57.51 34.26
N LEU B 1314 -34.82 -57.88 34.88
CA LEU B 1314 -33.91 -58.83 34.24
C LEU B 1314 -34.44 -60.25 34.26
N GLY B 1315 -35.26 -60.60 35.26
CA GLY B 1315 -35.73 -61.96 35.37
C GLY B 1315 -34.88 -62.81 36.29
N ILE B 1316 -34.71 -62.34 37.52
CA ILE B 1316 -34.09 -63.10 38.60
C ILE B 1316 -34.77 -62.68 39.90
N GLU B 1317 -34.87 -63.59 40.86
CA GLU B 1317 -35.62 -63.36 42.08
C GLU B 1317 -34.73 -63.68 43.28
N HIS B 1318 -33.95 -62.69 43.72
CA HIS B 1318 -33.09 -62.86 44.89
C HIS B 1318 -33.90 -62.82 46.19
N THR B 1319 -34.26 -64.00 46.70
CA THR B 1319 -34.84 -64.10 48.04
C THR B 1319 -33.93 -63.51 49.10
N GLU B 1320 -32.61 -63.58 48.88
CA GLU B 1320 -31.65 -62.94 49.77
C GLU B 1320 -31.91 -61.43 49.84
N LEU B 1321 -32.13 -60.81 48.69
CA LEU B 1321 -32.41 -59.38 48.65
C LEU B 1321 -33.76 -59.07 49.27
N LYS B 1322 -34.75 -59.95 49.06
CA LYS B 1322 -36.05 -59.79 49.71
C LYS B 1322 -35.92 -59.78 51.23
N GLU B 1323 -35.18 -60.76 51.78
CA GLU B 1323 -35.01 -60.85 53.22
C GLU B 1323 -34.24 -59.65 53.76
N ARG B 1324 -33.17 -59.26 53.06
CA ARG B 1324 -32.33 -58.19 53.56
C ARG B 1324 -33.02 -56.82 53.44
N ILE B 1325 -33.99 -56.68 52.53
CA ILE B 1325 -34.75 -55.44 52.51
C ILE B 1325 -35.90 -55.49 53.53
N SER B 1326 -36.48 -56.67 53.74
CA SER B 1326 -37.57 -56.80 54.70
C SER B 1326 -37.07 -56.60 56.13
N GLY B 1327 -35.83 -56.96 56.40
CA GLY B 1327 -35.26 -56.79 57.73
C GLY B 1327 -35.03 -55.35 58.15
N LEU B 1328 -35.22 -54.39 57.23
CA LEU B 1328 -35.00 -52.98 57.52
C LEU B 1328 -36.25 -52.14 57.31
N GLN B 1329 -37.41 -52.76 57.06
CA GLN B 1329 -38.64 -52.09 56.61
C GLN B 1329 -39.25 -51.14 57.62
N HIS B 1330 -38.67 -51.01 58.81
CA HIS B 1330 -39.29 -50.38 59.97
C HIS B 1330 -39.63 -48.90 59.78
N GLY B 1348 -54.03 -18.12 57.44
CA GLY B 1348 -54.86 -17.15 58.12
C GLY B 1348 -54.40 -15.72 57.92
N HIS B 1349 -54.64 -14.88 58.93
CA HIS B 1349 -54.25 -13.46 58.96
C HIS B 1349 -54.86 -12.66 57.81
N ASP B 1350 -56.03 -13.09 57.33
CA ASP B 1350 -56.60 -12.53 56.10
C ASP B 1350 -57.02 -11.07 56.26
N GLN B 1351 -57.59 -10.73 57.42
CA GLN B 1351 -58.10 -9.38 57.60
C GLN B 1351 -56.98 -8.34 57.68
N GLU B 1352 -55.74 -8.77 57.97
CA GLU B 1352 -54.59 -7.89 57.81
C GLU B 1352 -54.45 -7.47 56.34
N TRP B 1353 -54.58 -8.43 55.42
CA TRP B 1353 -54.56 -8.12 54.00
C TRP B 1353 -55.74 -7.25 53.60
N GLU B 1354 -56.93 -7.56 54.12
CA GLU B 1354 -58.11 -6.77 53.80
C GLU B 1354 -58.03 -5.36 54.38
N SER B 1355 -57.18 -5.12 55.37
CA SER B 1355 -56.90 -3.77 55.84
C SER B 1355 -55.82 -3.09 55.02
N ILE B 1356 -54.81 -3.86 54.56
CA ILE B 1356 -53.69 -3.26 53.83
C ILE B 1356 -54.13 -2.74 52.47
N PHE B 1357 -54.95 -3.51 51.75
CA PHE B 1357 -55.44 -3.11 50.43
C PHE B 1357 -56.75 -2.33 50.48
N LYS B 1358 -57.12 -1.78 51.64
CA LYS B 1358 -58.34 -1.00 51.77
C LYS B 1358 -58.29 0.25 50.90
N ASP B 1359 -59.09 0.25 49.82
CA ASP B 1359 -59.19 1.35 48.84
C ASP B 1359 -57.85 1.68 48.19
N CYS B 1360 -56.96 0.69 48.06
CA CYS B 1360 -55.66 0.89 47.42
C CYS B 1360 -55.76 0.55 45.95
N ASP B 1361 -55.68 1.57 45.09
CA ASP B 1361 -55.77 1.41 43.65
C ASP B 1361 -54.42 0.92 43.15
N LEU B 1362 -54.31 -0.38 42.91
CA LEU B 1362 -53.06 -0.95 42.39
C LEU B 1362 -52.80 -0.61 40.92
N SER B 1363 -53.81 -0.11 40.20
CA SER B 1363 -53.57 0.35 38.84
C SER B 1363 -52.93 1.73 38.81
N SER B 1364 -53.04 2.48 39.89
CA SER B 1364 -52.37 3.76 40.02
C SER B 1364 -51.00 3.58 40.68
N ILE B 1365 -50.16 4.60 40.55
CA ILE B 1365 -48.86 4.59 41.21
C ILE B 1365 -49.02 4.79 42.72
N ASP B 1366 -49.88 5.73 43.13
CA ASP B 1366 -49.97 6.11 44.54
C ASP B 1366 -50.57 5.01 45.40
N GLY B 1367 -51.49 4.23 44.84
CA GLY B 1367 -52.15 3.20 45.63
C GLY B 1367 -51.22 2.09 46.07
N ILE B 1368 -50.21 1.79 45.26
CA ILE B 1368 -49.19 0.81 45.64
C ILE B 1368 -48.41 1.30 46.85
N SER B 1369 -48.01 2.57 46.83
CA SER B 1369 -47.27 3.15 47.95
C SER B 1369 -48.13 3.19 49.21
N ALA B 1370 -49.41 3.55 49.07
CA ALA B 1370 -50.32 3.56 50.21
C ALA B 1370 -50.46 2.16 50.81
N ALA B 1371 -50.59 1.15 49.94
CA ALA B 1371 -50.68 -0.23 50.41
C ALA B 1371 -49.40 -0.68 51.11
N TYR B 1372 -48.24 -0.27 50.59
CA TYR B 1372 -46.98 -0.62 51.25
C TYR B 1372 -46.85 0.04 52.61
N GLU B 1373 -47.29 1.29 52.74
CA GLU B 1373 -47.27 1.93 54.05
C GLU B 1373 -48.25 1.27 55.02
N LYS B 1374 -49.42 0.83 54.53
CA LYS B 1374 -50.34 0.07 55.37
C LYS B 1374 -49.74 -1.29 55.77
N PHE B 1375 -48.93 -1.87 54.89
CA PHE B 1375 -48.20 -3.09 55.23
C PHE B 1375 -47.16 -2.81 56.31
N ARG B 1376 -46.53 -1.63 56.25
CA ARG B 1376 -45.50 -1.27 57.21
C ARG B 1376 -46.06 -0.89 58.57
N ASN B 1377 -47.36 -0.55 58.64
CA ASN B 1377 -47.91 0.08 59.85
C ASN B 1377 -47.84 -0.82 61.08
N VAL B 1378 -48.09 -2.12 60.91
CA VAL B 1378 -48.05 -3.06 62.02
C VAL B 1378 -46.91 -4.03 61.74
N PRO B 1379 -45.71 -3.79 62.30
CA PRO B 1379 -44.52 -4.51 61.84
C PRO B 1379 -44.52 -5.98 62.22
N GLU B 1380 -44.83 -6.82 61.23
CA GLU B 1380 -44.80 -8.27 61.34
C GLU B 1380 -44.44 -8.84 59.97
N PHE B 1381 -43.93 -10.07 59.99
CA PHE B 1381 -43.88 -11.01 58.84
C PHE B 1381 -43.38 -10.39 57.53
N TYR B 1382 -42.43 -9.46 57.59
CA TYR B 1382 -41.88 -8.80 56.40
C TYR B 1382 -41.31 -9.79 55.39
N SER B 1383 -41.95 -9.84 54.23
CA SER B 1383 -41.51 -10.67 53.11
C SER B 1383 -42.07 -10.02 51.86
N LYS B 1384 -41.20 -9.35 51.09
CA LYS B 1384 -41.64 -8.53 49.97
C LYS B 1384 -42.39 -9.34 48.93
N GLU B 1385 -41.93 -10.58 48.67
CA GLU B 1385 -42.52 -11.44 47.64
C GLU B 1385 -44.00 -11.70 47.93
N THR B 1386 -44.37 -11.80 49.21
CA THR B 1386 -45.77 -12.01 49.56
C THR B 1386 -46.64 -10.83 49.15
N PHE B 1387 -46.17 -9.61 49.43
CA PHE B 1387 -46.88 -8.42 49.00
C PHE B 1387 -46.99 -8.37 47.49
N ILE B 1388 -45.89 -8.68 46.79
CA ILE B 1388 -45.91 -8.71 45.33
C ILE B 1388 -47.00 -9.66 44.86
N LYS B 1389 -46.92 -10.93 45.28
CA LYS B 1389 -47.83 -11.98 44.84
C LYS B 1389 -49.29 -11.62 45.07
N LYS B 1390 -49.59 -11.02 46.22
CA LYS B 1390 -50.97 -10.66 46.50
C LYS B 1390 -51.45 -9.52 45.60
N ALA B 1391 -50.60 -8.51 45.40
CA ALA B 1391 -50.98 -7.39 44.55
C ALA B 1391 -51.18 -7.84 43.10
N ILE B 1392 -50.34 -8.75 42.62
CA ILE B 1392 -50.59 -9.43 41.35
C ILE B 1392 -51.91 -10.21 41.39
N SER B 1393 -52.25 -10.78 42.53
CA SER B 1393 -53.53 -11.48 42.61
C SER B 1393 -54.74 -10.55 42.58
N ARG B 1394 -54.53 -9.24 42.78
CA ARG B 1394 -55.66 -8.32 42.85
C ARG B 1394 -55.81 -7.38 41.65
N VAL B 1395 -54.88 -7.40 40.68
CA VAL B 1395 -54.97 -6.48 39.55
C VAL B 1395 -56.13 -6.88 38.62
N LYS B 1396 -56.82 -5.86 38.11
CA LYS B 1396 -57.95 -5.99 37.20
C LYS B 1396 -57.48 -6.43 35.80
N THR B 1397 -58.44 -6.86 34.99
CA THR B 1397 -58.13 -7.28 33.62
C THR B 1397 -57.82 -6.08 32.73
N GLY B 1398 -56.73 -6.17 31.98
CA GLY B 1398 -56.38 -5.17 31.00
C GLY B 1398 -55.59 -3.98 31.50
N LYS B 1399 -55.14 -4.00 32.75
CA LYS B 1399 -54.33 -2.91 33.30
C LYS B 1399 -53.06 -3.43 33.97
N GLU B 1400 -52.59 -4.61 33.58
CA GLU B 1400 -51.40 -5.21 34.18
C GLU B 1400 -50.15 -4.39 33.89
N CYS B 1401 -50.01 -3.90 32.65
CA CYS B 1401 -48.78 -3.21 32.25
C CYS B 1401 -48.59 -1.92 33.05
N SER B 1402 -49.68 -1.26 33.42
CA SER B 1402 -49.59 -0.13 34.34
C SER B 1402 -49.01 -0.56 35.67
N PHE B 1403 -49.43 -1.73 36.17
CA PHE B 1403 -48.92 -2.25 37.42
C PHE B 1403 -47.42 -2.53 37.31
N ILE B 1404 -46.99 -3.21 36.25
CA ILE B 1404 -45.57 -3.55 36.15
C ILE B 1404 -44.70 -2.31 36.06
N THR B 1405 -45.12 -1.33 35.23
CA THR B 1405 -44.35 -0.09 35.13
C THR B 1405 -44.31 0.67 36.46
N ALA B 1406 -45.45 0.74 37.15
CA ALA B 1406 -45.52 1.42 38.44
C ALA B 1406 -44.61 0.74 39.48
N ILE B 1407 -44.74 -0.58 39.62
CA ILE B 1407 -43.99 -1.29 40.67
C ILE B 1407 -42.51 -1.31 40.35
N GLY B 1408 -42.14 -1.27 39.06
CA GLY B 1408 -40.75 -1.09 38.71
C GLY B 1408 -40.24 0.30 39.02
N ALA B 1409 -41.10 1.31 38.97
CA ALA B 1409 -40.64 2.68 39.18
C ALA B 1409 -40.59 3.08 40.66
N ILE B 1410 -41.57 2.65 41.46
CA ILE B 1410 -41.85 3.27 42.76
C ILE B 1410 -40.71 3.09 43.74
N PHE B 1411 -40.18 1.87 43.86
CA PHE B 1411 -39.26 1.57 44.95
C PHE B 1411 -37.80 1.69 44.55
N HIS B 1412 -37.52 1.98 43.28
CA HIS B 1412 -36.17 2.29 42.78
C HIS B 1412 -35.18 1.20 43.19
N TRP B 1413 -35.48 -0.02 42.72
CA TRP B 1413 -34.99 -1.25 43.33
C TRP B 1413 -33.47 -1.35 43.34
N GLY B 1414 -32.94 -1.91 44.42
CA GLY B 1414 -31.53 -2.21 44.53
C GLY B 1414 -31.14 -3.40 43.67
N LEU B 1415 -29.89 -3.83 43.85
CA LEU B 1415 -29.35 -4.93 43.07
C LEU B 1415 -30.07 -6.24 43.34
N TYR B 1416 -30.23 -6.60 44.62
CA TYR B 1416 -30.72 -7.93 44.98
C TYR B 1416 -32.22 -8.08 44.77
N ASP B 1417 -32.99 -7.04 45.10
CA ASP B 1417 -34.43 -7.17 45.25
C ASP B 1417 -35.15 -7.45 43.93
N PHE B 1418 -34.56 -6.99 42.81
CA PHE B 1418 -35.21 -7.05 41.50
C PHE B 1418 -35.61 -8.47 41.11
N LYS B 1419 -34.80 -9.45 41.56
CA LYS B 1419 -35.03 -10.88 41.34
C LYS B 1419 -36.46 -11.30 41.68
N TYR B 1420 -37.07 -10.66 42.67
CA TYR B 1420 -38.39 -11.10 43.12
C TYR B 1420 -39.45 -10.88 42.04
N ILE B 1421 -39.41 -9.74 41.35
CA ILE B 1421 -40.51 -9.37 40.47
C ILE B 1421 -40.61 -10.35 39.30
N LEU B 1422 -39.47 -10.63 38.66
CA LEU B 1422 -39.41 -11.63 37.61
C LEU B 1422 -39.87 -12.98 38.10
N GLU B 1423 -39.59 -13.29 39.37
CA GLU B 1423 -39.96 -14.60 39.90
C GLU B 1423 -41.47 -14.68 40.16
N SER B 1424 -42.14 -13.54 40.35
CA SER B 1424 -43.51 -13.56 40.85
C SER B 1424 -44.58 -13.51 39.75
N ILE B 1425 -44.22 -13.17 38.53
CA ILE B 1425 -45.22 -12.94 37.47
C ILE B 1425 -45.91 -14.25 37.10
N PRO B 1426 -47.23 -14.29 37.00
CA PRO B 1426 -47.93 -15.52 36.61
C PRO B 1426 -47.65 -15.88 35.17
N ASP B 1427 -47.71 -17.19 34.88
CA ASP B 1427 -47.42 -17.70 33.54
C ASP B 1427 -48.42 -17.23 32.50
N GLU B 1428 -49.69 -17.06 32.88
CA GLU B 1428 -50.72 -16.60 31.97
C GLU B 1428 -50.36 -15.27 31.33
N TRP B 1429 -49.74 -14.37 32.10
CA TRP B 1429 -49.36 -13.06 31.61
C TRP B 1429 -48.34 -13.12 30.48
N THR B 1430 -47.67 -14.26 30.29
CA THR B 1430 -46.73 -14.37 29.18
C THR B 1430 -47.41 -14.43 27.82
N SER B 1431 -48.73 -14.66 27.77
CA SER B 1431 -49.39 -14.80 26.48
C SER B 1431 -49.61 -13.47 25.76
N ARG B 1432 -49.40 -12.34 26.42
CA ARG B 1432 -49.78 -11.04 25.89
C ARG B 1432 -48.52 -10.21 25.61
N LEU B 1433 -48.43 -9.66 24.40
CA LEU B 1433 -47.16 -9.17 23.86
C LEU B 1433 -46.74 -7.82 24.44
N SER B 1434 -47.71 -7.00 24.88
CA SER B 1434 -47.38 -5.74 25.56
C SER B 1434 -46.59 -6.00 26.83
N ILE B 1435 -46.93 -7.07 27.55
CA ILE B 1435 -46.20 -7.42 28.76
C ILE B 1435 -44.75 -7.78 28.43
N LYS B 1436 -44.54 -8.53 27.34
CA LYS B 1436 -43.18 -8.89 26.94
C LYS B 1436 -42.35 -7.66 26.60
N THR B 1437 -42.90 -6.70 25.84
CA THR B 1437 -42.07 -5.54 25.50
C THR B 1437 -41.81 -4.66 26.72
N THR B 1438 -42.77 -4.58 27.65
CA THR B 1438 -42.55 -3.81 28.88
C THR B 1438 -41.45 -4.45 29.73
N LEU B 1439 -41.45 -5.78 29.83
CA LEU B 1439 -40.41 -6.44 30.59
C LEU B 1439 -39.04 -6.31 29.93
N ALA B 1440 -39.00 -6.28 28.59
CA ALA B 1440 -37.73 -6.05 27.91
C ALA B 1440 -37.16 -4.68 28.26
N GLY B 1441 -38.01 -3.65 28.25
CA GLY B 1441 -37.56 -2.32 28.65
C GLY B 1441 -37.07 -2.27 30.08
N LEU B 1442 -37.79 -2.94 30.98
CA LEU B 1442 -37.42 -2.90 32.39
C LEU B 1442 -36.13 -3.68 32.66
N ILE B 1443 -35.88 -4.74 31.90
CA ILE B 1443 -34.60 -5.45 31.99
C ILE B 1443 -33.45 -4.57 31.52
N LYS B 1444 -33.64 -3.83 30.42
CA LYS B 1444 -32.57 -2.96 29.92
C LYS B 1444 -32.22 -1.86 30.92
N GLU B 1445 -33.24 -1.31 31.59
CA GLU B 1445 -33.00 -0.32 32.65
C GLU B 1445 -32.04 -0.85 33.73
N TYR B 1446 -32.29 -2.06 34.22
CA TYR B 1446 -31.44 -2.67 35.23
C TYR B 1446 -30.04 -2.94 34.70
N CYS B 1447 -29.92 -3.47 33.49
CA CYS B 1447 -28.61 -3.80 32.96
C CYS B 1447 -27.75 -2.56 32.75
N GLN B 1448 -28.36 -1.41 32.47
CA GLN B 1448 -27.54 -0.21 32.37
C GLN B 1448 -27.25 0.44 33.72
N ARG B 1449 -28.13 0.28 34.71
CA ARG B 1449 -27.91 1.00 35.97
C ARG B 1449 -26.78 0.40 36.81
N PHE B 1450 -26.52 -0.90 36.69
CA PHE B 1450 -25.57 -1.61 37.57
C PHE B 1450 -24.45 -2.28 36.80
N CYS B 1451 -23.91 -1.62 35.77
CA CYS B 1451 -22.92 -2.25 34.88
C CYS B 1451 -21.61 -2.60 35.58
N MET B 1452 -21.27 -1.94 36.69
CA MET B 1452 -20.01 -2.23 37.37
C MET B 1452 -20.11 -3.36 38.37
N ARG B 1453 -21.28 -3.97 38.53
CA ARG B 1453 -21.49 -4.97 39.58
C ARG B 1453 -22.10 -6.27 39.07
N ILE B 1454 -22.62 -6.32 37.85
CA ILE B 1454 -23.18 -7.54 37.29
C ILE B 1454 -22.05 -8.48 36.88
N ARG B 1455 -22.18 -9.75 37.24
CA ARG B 1455 -21.20 -10.77 36.88
C ARG B 1455 -21.88 -12.12 36.84
N LYS B 1456 -21.19 -13.10 36.27
CA LYS B 1456 -21.67 -14.47 36.18
C LYS B 1456 -20.85 -15.34 37.12
N SER B 1457 -21.53 -16.11 37.97
CA SER B 1457 -20.86 -16.77 39.09
C SER B 1457 -21.35 -18.20 39.24
N ARG B 1458 -20.49 -19.03 39.84
CA ARG B 1458 -20.83 -20.41 40.16
C ARG B 1458 -21.41 -20.55 41.56
N VAL B 1459 -21.11 -19.63 42.47
CA VAL B 1459 -21.53 -19.79 43.85
C VAL B 1459 -22.99 -19.42 44.03
N TYR B 1460 -23.39 -18.23 43.58
CA TYR B 1460 -24.73 -17.74 43.82
C TYR B 1460 -25.16 -16.90 42.64
N GLU B 1461 -26.45 -16.95 42.32
CA GLU B 1461 -27.02 -16.32 41.14
C GLU B 1461 -27.77 -15.08 41.58
N ILE B 1462 -27.10 -13.92 41.49
CA ILE B 1462 -27.74 -12.66 41.88
C ILE B 1462 -28.83 -12.29 40.89
N PHE B 1463 -28.60 -12.54 39.60
CA PHE B 1463 -29.54 -12.12 38.57
C PHE B 1463 -29.77 -13.26 37.58
N PRO B 1464 -30.98 -13.79 37.52
CA PRO B 1464 -31.25 -14.99 36.72
C PRO B 1464 -31.39 -14.72 35.22
N PHE B 1465 -30.26 -14.79 34.50
CA PHE B 1465 -30.21 -14.45 33.08
C PHE B 1465 -31.22 -15.24 32.24
N SER B 1466 -31.37 -16.53 32.54
CA SER B 1466 -32.24 -17.38 31.71
C SER B 1466 -33.71 -17.01 31.87
N LEU B 1467 -34.15 -16.77 33.10
CA LEU B 1467 -35.54 -16.40 33.35
C LEU B 1467 -35.89 -15.07 32.70
N ALA B 1468 -35.01 -14.07 32.85
CA ALA B 1468 -35.23 -12.78 32.22
C ALA B 1468 -35.23 -12.89 30.71
N SER B 1469 -34.34 -13.73 30.17
CA SER B 1469 -34.30 -13.95 28.72
C SER B 1469 -35.60 -14.56 28.21
N ARG B 1470 -36.12 -15.54 28.94
CA ARG B 1470 -37.37 -16.18 28.52
C ARG B 1470 -38.55 -15.22 28.63
N LEU B 1471 -38.61 -14.42 29.70
CA LEU B 1471 -39.74 -13.53 29.88
C LEU B 1471 -39.70 -12.37 28.89
N SER B 1472 -38.52 -11.83 28.60
CA SER B 1472 -38.42 -10.64 27.77
C SER B 1472 -38.30 -10.94 26.29
N GLY B 1473 -37.70 -12.07 25.92
CA GLY B 1473 -37.39 -12.34 24.54
C GLY B 1473 -36.05 -11.83 24.07
N ILE B 1474 -35.27 -11.20 24.94
CA ILE B 1474 -33.90 -10.81 24.62
C ILE B 1474 -32.98 -12.00 24.91
N SER B 1475 -32.18 -12.39 23.95
CA SER B 1475 -31.23 -13.47 24.14
C SER B 1475 -30.07 -13.01 25.02
N GLU B 1476 -29.41 -13.98 25.66
CA GLU B 1476 -28.36 -13.66 26.63
C GLU B 1476 -27.15 -13.00 25.98
N LYS B 1477 -26.85 -13.37 24.73
CA LYS B 1477 -25.77 -12.78 23.98
C LYS B 1477 -26.01 -11.29 23.70
N GLU B 1478 -27.27 -10.84 23.75
CA GLU B 1478 -27.53 -9.42 23.67
C GLU B 1478 -27.39 -8.74 25.03
N ILE B 1479 -27.71 -9.46 26.11
CA ILE B 1479 -27.63 -8.88 27.45
C ILE B 1479 -26.18 -8.56 27.81
N PHE B 1480 -25.27 -9.47 27.45
CA PHE B 1480 -23.85 -9.18 27.69
C PHE B 1480 -23.37 -7.98 26.86
N GLY B 1481 -23.91 -7.82 25.64
CA GLY B 1481 -23.57 -6.64 24.86
C GLY B 1481 -24.11 -5.35 25.45
N ILE B 1482 -25.32 -5.40 26.01
CA ILE B 1482 -25.90 -4.25 26.70
C ILE B 1482 -25.06 -3.86 27.92
N THR B 1483 -24.50 -4.85 28.61
CA THR B 1483 -23.62 -4.53 29.72
C THR B 1483 -22.28 -3.95 29.26
N LEU B 1484 -21.70 -4.52 28.20
CA LEU B 1484 -20.40 -4.05 27.74
C LEU B 1484 -20.46 -2.64 27.16
N GLU B 1485 -21.57 -2.27 26.51
CA GLU B 1485 -21.69 -0.91 25.98
C GLU B 1485 -21.76 0.11 27.12
N ALA B 1486 -22.34 -0.27 28.26
CA ALA B 1486 -22.40 0.62 29.39
C ALA B 1486 -21.05 0.69 30.11
N ILE B 1487 -20.29 -0.40 30.11
CA ILE B 1487 -18.93 -0.34 30.67
C ILE B 1487 -18.05 0.59 29.84
N ALA B 1488 -18.19 0.56 28.52
CA ALA B 1488 -17.32 1.36 27.66
C ALA B 1488 -17.58 2.86 27.80
N GLU B 1489 -18.79 3.25 28.21
CA GLU B 1489 -19.17 4.66 28.29
C GLU B 1489 -18.98 5.27 29.68
N SER B 1490 -18.64 4.49 30.68
CA SER B 1490 -18.73 4.94 32.06
C SER B 1490 -17.52 5.79 32.44
N PRO B 1491 -17.73 6.87 33.20
CA PRO B 1491 -16.60 7.73 33.61
C PRO B 1491 -15.76 7.17 34.76
N GLU B 1492 -16.28 6.25 35.56
CA GLU B 1492 -15.52 5.73 36.69
C GLU B 1492 -14.42 4.77 36.23
N PRO B 1493 -13.30 4.72 36.95
CA PRO B 1493 -12.34 3.65 36.74
C PRO B 1493 -12.79 2.35 37.38
N ALA B 1494 -12.23 1.24 36.90
CA ALA B 1494 -12.62 -0.08 37.38
C ALA B 1494 -11.79 -0.51 38.57
N ASN B 1495 -12.35 -1.40 39.37
CA ASN B 1495 -11.66 -2.04 40.48
C ASN B 1495 -11.23 -3.45 40.11
N SER B 1496 -10.49 -4.08 41.02
CA SER B 1496 -9.88 -5.38 40.74
C SER B 1496 -10.92 -6.46 40.49
N ASP B 1497 -12.03 -6.44 41.25
CA ASP B 1497 -13.05 -7.47 41.08
C ASP B 1497 -13.79 -7.31 39.77
N ARG B 1498 -13.98 -6.08 39.30
CA ARG B 1498 -14.54 -5.86 37.97
C ARG B 1498 -13.57 -6.34 36.90
N LEU B 1499 -12.27 -6.10 37.09
CA LEU B 1499 -11.29 -6.45 36.07
C LEU B 1499 -11.13 -7.97 35.93
N PHE B 1500 -11.09 -8.69 37.05
CA PHE B 1500 -11.02 -10.15 36.93
C PHE B 1500 -12.34 -10.80 36.59
N SER B 1501 -13.44 -10.15 36.20
CA SER B 1501 -14.62 -10.86 35.77
C SER B 1501 -15.09 -10.45 34.37
N LEU B 1502 -14.37 -9.57 33.70
CA LEU B 1502 -14.61 -9.22 32.30
C LEU B 1502 -14.42 -10.36 31.28
N PRO B 1503 -13.41 -11.24 31.40
CA PRO B 1503 -13.31 -12.33 30.41
C PRO B 1503 -14.53 -13.23 30.36
N GLY B 1504 -15.21 -13.45 31.49
CA GLY B 1504 -16.43 -14.21 31.51
C GLY B 1504 -17.57 -13.59 30.73
N LEU B 1505 -17.49 -12.30 30.41
CA LEU B 1505 -18.44 -11.62 29.54
C LEU B 1505 -17.94 -11.50 28.11
N LEU B 1506 -16.65 -11.19 27.94
CA LEU B 1506 -16.07 -11.05 26.60
C LEU B 1506 -15.99 -12.37 25.87
N VAL B 1507 -16.04 -13.50 26.59
CA VAL B 1507 -15.84 -14.80 25.98
C VAL B 1507 -16.98 -15.19 25.04
N SER B 1508 -18.12 -14.50 25.12
CA SER B 1508 -19.22 -14.75 24.20
C SER B 1508 -18.93 -14.27 22.78
N LYS B 1509 -17.96 -13.36 22.62
CA LYS B 1509 -17.64 -12.79 21.31
C LYS B 1509 -16.64 -13.61 20.53
N LEU B 1510 -15.71 -14.26 21.23
CA LEU B 1510 -14.54 -14.85 20.61
C LEU B 1510 -14.84 -16.17 19.91
N GLU B 1511 -14.15 -16.40 18.80
CA GLU B 1511 -14.01 -17.74 18.25
C GLU B 1511 -13.07 -18.54 19.14
N SER B 1512 -13.22 -19.87 19.12
CA SER B 1512 -12.47 -20.75 20.02
C SER B 1512 -10.96 -20.67 19.79
N ASN B 1513 -10.53 -20.44 18.55
CA ASN B 1513 -9.11 -20.31 18.23
C ASN B 1513 -8.53 -19.08 18.94
N GLU B 1514 -9.32 -18.01 19.07
CA GLU B 1514 -8.90 -16.82 19.78
C GLU B 1514 -8.87 -17.04 21.29
N ALA B 1515 -9.87 -17.75 21.81
CA ALA B 1515 -9.93 -18.05 23.24
C ALA B 1515 -8.77 -18.93 23.68
N LEU B 1516 -8.30 -19.83 22.81
CA LEU B 1516 -7.11 -20.59 23.14
C LEU B 1516 -5.88 -19.70 23.29
N ASP B 1517 -5.75 -18.69 22.44
CA ASP B 1517 -4.67 -17.72 22.58
C ASP B 1517 -4.78 -16.94 23.89
N VAL B 1518 -6.00 -16.55 24.26
CA VAL B 1518 -6.20 -15.84 25.53
C VAL B 1518 -5.82 -16.74 26.70
N LEU B 1519 -6.17 -18.02 26.65
CA LEU B 1519 -5.83 -18.95 27.71
C LEU B 1519 -4.32 -19.16 27.82
N SER B 1520 -3.66 -19.33 26.69
CA SER B 1520 -2.21 -19.50 26.69
C SER B 1520 -1.50 -18.26 27.20
N TYR B 1521 -2.06 -17.08 26.93
CA TYR B 1521 -1.52 -15.85 27.49
C TYR B 1521 -1.71 -15.80 29.00
N ALA B 1522 -2.90 -16.19 29.46
CA ALA B 1522 -3.22 -16.10 30.89
C ALA B 1522 -2.34 -17.04 31.72
N LEU B 1523 -2.06 -18.23 31.21
CA LEU B 1523 -1.25 -19.18 31.97
C LEU B 1523 0.21 -18.75 32.15
N ASP B 1524 0.70 -17.78 31.38
CA ASP B 1524 2.07 -17.34 31.53
C ASP B 1524 2.28 -16.29 32.60
N LEU B 1525 1.21 -15.84 33.27
CA LEU B 1525 1.35 -14.91 34.37
C LEU B 1525 2.11 -15.50 35.56
N PHE B 1526 2.20 -16.82 35.63
CA PHE B 1526 2.83 -17.52 36.75
C PHE B 1526 4.31 -17.79 36.56
N ASP B 1527 4.91 -17.39 35.42
CA ASP B 1527 6.29 -17.75 35.13
C ASP B 1527 7.30 -17.12 36.06
N GLU B 1528 6.94 -16.05 36.78
CA GLU B 1528 7.89 -15.43 37.69
C GLU B 1528 7.90 -16.06 39.07
N VAL B 1529 6.95 -16.93 39.39
CA VAL B 1529 6.92 -17.60 40.68
C VAL B 1529 7.07 -19.10 40.57
N LEU B 1530 6.84 -19.70 39.41
CA LEU B 1530 7.07 -21.13 39.25
C LEU B 1530 8.55 -21.44 39.32
N LYS B 1531 8.91 -22.30 40.26
CA LYS B 1531 10.27 -22.78 40.42
C LYS B 1531 10.42 -24.13 39.74
N ASP B 1532 11.61 -24.72 39.88
CA ASP B 1532 11.68 -26.15 39.76
C ASP B 1532 11.15 -26.78 41.05
N GLU B 1533 10.96 -28.10 41.03
CA GLU B 1533 10.27 -28.89 42.05
C GLU B 1533 8.90 -28.31 42.44
N ASP B 1534 8.27 -27.58 41.52
CA ASP B 1534 6.82 -27.38 41.50
C ASP B 1534 6.24 -28.33 40.47
N GLY B 1535 5.36 -29.22 40.92
CA GLY B 1535 4.86 -30.24 40.02
C GLY B 1535 5.98 -31.20 39.61
N ASP B 1536 5.86 -31.71 38.39
CA ASP B 1536 6.88 -32.61 37.84
C ASP B 1536 8.09 -31.87 37.30
N GLY B 1537 8.10 -30.55 37.30
CA GLY B 1537 9.17 -29.78 36.72
C GLY B 1537 8.81 -29.26 35.34
N PRO B 1538 9.80 -28.72 34.63
CA PRO B 1538 9.53 -28.17 33.29
C PRO B 1538 9.08 -29.23 32.31
N TRP B 1539 8.35 -28.79 31.29
CA TRP B 1539 7.85 -29.70 30.27
C TRP B 1539 8.97 -30.40 29.52
N ASN B 1540 8.79 -31.70 29.34
CA ASN B 1540 9.71 -32.56 28.63
C ASN B 1540 8.85 -33.58 27.90
N GLU B 1541 9.28 -33.97 26.69
CA GLU B 1541 8.41 -34.75 25.81
C GLU B 1541 8.14 -36.15 26.35
N LYS B 1542 8.94 -36.63 27.28
CA LYS B 1542 8.74 -37.94 27.88
C LYS B 1542 7.47 -38.02 28.74
N LEU B 1543 6.85 -36.89 29.04
CA LEU B 1543 5.58 -36.83 29.76
C LEU B 1543 4.35 -36.91 28.86
N SER B 1544 4.52 -37.16 27.55
CA SER B 1544 3.40 -37.17 26.63
C SER B 1544 2.47 -38.36 26.90
N PRO B 1545 1.16 -38.15 26.98
CA PRO B 1545 0.24 -39.26 27.22
C PRO B 1545 -0.01 -40.07 25.97
N PRO B 1546 -0.54 -41.29 26.09
CA PRO B 1546 -0.94 -42.05 24.92
C PRO B 1546 -2.14 -41.42 24.22
N THR B 1547 -2.37 -41.87 22.99
CA THR B 1547 -3.43 -41.32 22.15
C THR B 1547 -4.82 -41.77 22.60
N HIS B 1548 -5.07 -43.07 22.58
CA HIS B 1548 -6.39 -43.57 22.95
C HIS B 1548 -6.60 -43.55 24.47
N VAL B 1549 -7.86 -43.42 24.88
CA VAL B 1549 -8.19 -43.30 26.29
C VAL B 1549 -7.96 -44.61 27.03
N GLU B 1550 -8.28 -45.74 26.38
CA GLU B 1550 -8.21 -47.04 27.03
C GLU B 1550 -6.78 -47.40 27.43
N ASP B 1551 -5.80 -46.92 26.66
CA ASP B 1551 -4.41 -47.09 27.06
C ASP B 1551 -4.12 -46.36 28.36
N SER B 1552 -4.68 -45.16 28.53
CA SER B 1552 -4.48 -44.41 29.76
C SER B 1552 -5.15 -45.08 30.94
N LEU B 1553 -6.33 -45.65 30.74
CA LEU B 1553 -7.00 -46.37 31.81
C LEU B 1553 -6.21 -47.61 32.23
N ALA B 1554 -5.70 -48.35 31.23
CA ALA B 1554 -4.83 -49.49 31.50
C ALA B 1554 -3.55 -49.06 32.21
N GLY B 1555 -3.01 -47.89 31.85
CA GLY B 1555 -1.83 -47.40 32.54
C GLY B 1555 -2.08 -47.01 33.97
N TYR B 1556 -3.26 -46.47 34.28
CA TYR B 1556 -3.62 -46.20 35.67
C TYR B 1556 -3.66 -47.48 36.49
N ILE B 1557 -4.33 -48.52 35.95
CA ILE B 1557 -4.39 -49.79 36.67
C ILE B 1557 -3.00 -50.41 36.83
N TRP B 1558 -2.18 -50.34 35.77
CA TRP B 1558 -0.81 -50.84 35.82
C TRP B 1558 0.02 -50.12 36.88
N ALA B 1559 -0.15 -48.80 37.02
CA ALA B 1559 0.60 -48.09 38.04
C ALA B 1559 0.08 -48.40 39.44
N ARG B 1560 -1.20 -48.75 39.58
CA ARG B 1560 -1.69 -49.14 40.90
C ARG B 1560 -1.28 -50.54 41.31
N LEU B 1561 -1.00 -51.44 40.35
CA LEU B 1561 -0.49 -52.76 40.74
C LEU B 1561 0.87 -52.67 41.44
N GLY B 1562 1.68 -51.68 41.12
CA GLY B 1562 3.00 -51.52 41.70
C GLY B 1562 3.07 -50.70 42.96
N SER B 1563 1.94 -50.45 43.61
CA SER B 1563 1.90 -49.59 44.78
C SER B 1563 2.60 -50.24 45.97
N PRO B 1564 3.27 -49.46 46.82
CA PRO B 1564 3.92 -50.04 48.00
C PRO B 1564 2.97 -50.50 49.10
N GLU B 1565 1.68 -50.25 49.00
CA GLU B 1565 0.72 -50.67 50.02
C GLU B 1565 -0.11 -51.83 49.49
N ALA B 1566 -0.25 -52.88 50.30
CA ALA B 1566 -0.78 -54.17 49.85
C ALA B 1566 -2.24 -54.09 49.44
N GLU B 1567 -3.03 -53.32 50.19
CA GLU B 1567 -4.47 -53.24 49.95
C GLU B 1567 -4.78 -52.68 48.56
N MET B 1568 -3.99 -51.72 48.10
CA MET B 1568 -4.18 -51.17 46.76
C MET B 1568 -3.91 -52.23 45.69
N ARG B 1569 -2.87 -53.05 45.91
CA ARG B 1569 -2.55 -54.11 44.97
C ARG B 1569 -3.67 -55.14 44.88
N TRP B 1570 -4.27 -55.50 46.01
CA TRP B 1570 -5.41 -56.41 45.96
C TRP B 1570 -6.63 -55.79 45.30
N GLN B 1571 -6.85 -54.49 45.50
CA GLN B 1571 -7.96 -53.83 44.80
C GLN B 1571 -7.76 -53.83 43.29
N ALA B 1572 -6.52 -53.59 42.84
CA ALA B 1572 -6.25 -53.61 41.41
C ALA B 1572 -6.34 -55.02 40.83
N ALA B 1573 -5.94 -56.03 41.60
CA ALA B 1573 -6.13 -57.41 41.17
C ALA B 1573 -7.60 -57.76 40.98
N HIS B 1574 -8.46 -57.33 41.92
CA HIS B 1574 -9.89 -57.49 41.73
C HIS B 1574 -10.41 -56.74 40.52
N ALA B 1575 -9.85 -55.56 40.22
CA ALA B 1575 -10.27 -54.83 39.03
C ALA B 1575 -9.94 -55.59 37.75
N VAL B 1576 -8.75 -56.17 37.67
CA VAL B 1576 -8.38 -56.97 36.49
C VAL B 1576 -9.28 -58.19 36.38
N LEU B 1577 -9.55 -58.85 37.51
CA LEU B 1577 -10.45 -60.01 37.50
C LEU B 1577 -11.85 -59.63 37.03
N ALA B 1578 -12.33 -58.45 37.42
CA ALA B 1578 -13.64 -57.99 36.99
C ALA B 1578 -13.66 -57.68 35.49
N LEU B 1579 -12.57 -57.10 34.97
CA LEU B 1579 -12.50 -56.87 33.52
C LEU B 1579 -12.54 -58.17 32.73
N CYS B 1580 -11.77 -59.18 33.17
CA CYS B 1580 -11.70 -60.41 32.40
C CYS B 1580 -13.01 -61.21 32.38
N ARG B 1581 -13.93 -60.96 33.31
CA ARG B 1581 -15.24 -61.61 33.23
C ARG B 1581 -16.19 -60.93 32.28
N MET B 1582 -15.70 -59.98 31.49
CA MET B 1582 -16.45 -59.36 30.42
C MET B 1582 -15.60 -59.40 29.17
N SER B 1583 -16.16 -58.93 28.06
CA SER B 1583 -15.51 -59.01 26.76
C SER B 1583 -14.60 -57.82 26.48
N ARG B 1584 -14.04 -57.21 27.53
CA ARG B 1584 -13.38 -55.92 27.46
C ARG B 1584 -11.99 -56.04 26.85
N THR B 1585 -11.92 -56.39 25.56
CA THR B 1585 -10.66 -56.79 24.93
C THR B 1585 -9.60 -55.70 24.94
N CYS B 1586 -10.00 -54.45 24.65
CA CYS B 1586 -9.02 -53.39 24.39
C CYS B 1586 -8.22 -53.03 25.64
N VAL B 1587 -8.89 -52.92 26.80
CA VAL B 1587 -8.21 -52.55 28.03
C VAL B 1587 -7.26 -53.65 28.48
N ILE B 1588 -7.69 -54.91 28.35
CA ILE B 1588 -6.86 -56.05 28.73
C ILE B 1588 -5.61 -56.11 27.86
N GLN B 1589 -5.76 -55.91 26.55
CA GLN B 1589 -4.60 -55.93 25.67
C GLN B 1589 -3.67 -54.77 25.97
N GLY B 1590 -4.23 -53.61 26.37
CA GLY B 1590 -3.40 -52.50 26.82
C GLY B 1590 -2.58 -52.84 28.05
N ILE B 1591 -3.20 -53.53 29.01
CA ILE B 1591 -2.49 -53.91 30.24
C ILE B 1591 -1.33 -54.85 29.92
N PHE B 1592 -1.57 -55.85 29.07
CA PHE B 1592 -0.48 -56.75 28.73
C PHE B 1592 0.61 -56.07 27.91
N GLN B 1593 0.24 -55.07 27.10
CA GLN B 1593 1.26 -54.32 26.36
C GLN B 1593 2.14 -53.49 27.29
N HIS B 1594 1.54 -52.86 28.31
CA HIS B 1594 2.32 -52.16 29.33
C HIS B 1594 3.20 -53.13 30.10
N ALA B 1595 2.69 -54.33 30.39
CA ALA B 1595 3.47 -55.31 31.13
C ALA B 1595 4.68 -55.78 30.33
N ILE B 1596 4.50 -55.97 29.01
CA ILE B 1596 5.61 -56.37 28.17
C ILE B 1596 6.66 -55.28 28.09
N ASN B 1597 6.23 -54.04 27.82
CA ASN B 1597 7.22 -52.97 27.65
C ASN B 1597 7.83 -52.47 28.95
N ALA B 1598 7.24 -52.80 30.10
CA ALA B 1598 7.69 -52.35 31.42
C ALA B 1598 7.75 -50.82 31.51
N THR B 1599 6.66 -50.18 31.08
CA THR B 1599 6.60 -48.72 31.09
C THR B 1599 6.44 -48.20 32.51
N THR B 1600 7.14 -47.11 32.81
CA THR B 1600 7.04 -46.49 34.12
C THR B 1600 6.53 -45.06 34.08
N LEU B 1601 7.19 -44.19 33.32
CA LEU B 1601 7.25 -42.77 33.67
C LEU B 1601 5.96 -41.97 33.47
N PRO B 1602 5.23 -42.05 32.33
CA PRO B 1602 4.06 -41.15 32.18
C PRO B 1602 2.98 -41.34 33.23
N PHE B 1603 2.98 -42.47 33.92
CA PHE B 1603 2.03 -42.76 34.99
C PHE B 1603 2.70 -42.80 36.36
N CYS B 1604 3.94 -42.33 36.48
CA CYS B 1604 4.69 -42.41 37.73
C CYS B 1604 5.45 -41.12 37.95
N ASP B 1605 5.79 -40.84 39.22
CA ASP B 1605 6.59 -39.67 39.54
C ASP B 1605 8.04 -39.87 39.11
N ARG B 1606 8.65 -38.80 38.61
CA ARG B 1606 10.01 -38.83 38.11
C ARG B 1606 11.05 -39.05 39.20
N ASN B 1607 10.72 -38.74 40.46
CA ASN B 1607 11.71 -38.73 41.53
C ASN B 1607 11.64 -39.92 42.47
N LEU B 1608 10.58 -40.71 42.43
CA LEU B 1608 10.42 -41.81 43.35
C LEU B 1608 10.62 -43.15 42.63
N PRO B 1609 11.22 -44.14 43.29
CA PRO B 1609 11.44 -45.44 42.62
C PRO B 1609 10.14 -46.21 42.43
N PHE B 1610 10.08 -47.00 41.37
CA PHE B 1610 8.89 -47.75 41.00
C PHE B 1610 9.13 -49.25 41.16
N TYR B 1611 8.13 -49.97 41.66
CA TYR B 1611 8.23 -51.39 42.01
C TYR B 1611 7.68 -52.26 40.88
N THR B 1612 8.52 -52.50 39.87
CA THR B 1612 8.09 -53.24 38.69
C THR B 1612 7.75 -54.69 39.00
N LEU B 1613 8.61 -55.37 39.77
CA LEU B 1613 8.43 -56.81 39.97
C LEU B 1613 7.20 -57.11 40.81
N HIS B 1614 6.82 -56.21 41.71
CA HIS B 1614 5.55 -56.37 42.42
C HIS B 1614 4.37 -56.33 41.46
N ALA B 1615 4.42 -55.42 40.48
CA ALA B 1615 3.35 -55.32 39.50
C ALA B 1615 3.24 -56.59 38.67
N GLN B 1616 4.39 -57.13 38.25
CA GLN B 1616 4.35 -58.36 37.46
C GLN B 1616 3.87 -59.56 38.27
N LEU B 1617 4.30 -59.65 39.54
CA LEU B 1617 3.87 -60.75 40.39
C LEU B 1617 2.36 -60.72 40.66
N TRP B 1618 1.82 -59.53 40.96
CA TRP B 1618 0.38 -59.46 41.16
C TRP B 1618 -0.42 -59.61 39.87
N LEU B 1619 0.17 -59.28 38.71
CA LEU B 1619 -0.50 -59.59 37.44
C LEU B 1619 -0.59 -61.11 37.23
N MET B 1620 0.49 -61.85 37.55
CA MET B 1620 0.43 -63.31 37.50
C MET B 1620 -0.61 -63.87 38.47
N ILE B 1621 -0.67 -63.30 39.67
CA ILE B 1621 -1.64 -63.76 40.67
C ILE B 1621 -3.07 -63.56 40.17
N ALA B 1622 -3.34 -62.46 39.48
CA ALA B 1622 -4.67 -62.25 38.93
C ALA B 1622 -4.97 -63.22 37.79
N ALA B 1623 -4.00 -63.43 36.90
CA ALA B 1623 -4.23 -64.31 35.75
C ALA B 1623 -4.48 -65.76 36.17
N ALA B 1624 -3.76 -66.22 37.20
CA ALA B 1624 -3.92 -67.59 37.66
C ALA B 1624 -5.32 -67.87 38.19
N ARG B 1625 -5.98 -66.85 38.74
CA ARG B 1625 -7.37 -67.00 39.17
C ARG B 1625 -8.34 -66.84 38.01
N VAL B 1626 -8.04 -65.96 37.06
CA VAL B 1626 -8.89 -65.82 35.87
C VAL B 1626 -8.99 -67.14 35.12
N ALA B 1627 -7.89 -67.88 35.03
CA ALA B 1627 -7.86 -69.09 34.21
C ALA B 1627 -8.69 -70.25 34.76
N LEU B 1628 -9.14 -70.21 36.02
CA LEU B 1628 -9.85 -71.36 36.58
C LEU B 1628 -11.29 -71.48 36.08
N ASP B 1629 -12.03 -70.38 35.99
CA ASP B 1629 -13.44 -70.50 35.67
C ASP B 1629 -13.71 -70.44 34.16
N ASP B 1630 -13.34 -69.33 33.51
CA ASP B 1630 -13.52 -69.22 32.06
C ASP B 1630 -12.37 -68.34 31.54
N GLY B 1631 -11.32 -68.99 31.07
CA GLY B 1631 -10.05 -68.36 30.73
C GLY B 1631 -9.86 -67.87 29.31
N LYS B 1632 -10.91 -67.89 28.48
CA LYS B 1632 -10.76 -67.61 27.04
C LYS B 1632 -10.13 -66.25 26.75
N SER B 1633 -10.40 -65.25 27.61
CA SER B 1633 -9.88 -63.90 27.41
C SER B 1633 -8.36 -63.85 27.47
N LEU B 1634 -7.71 -64.87 28.02
CA LEU B 1634 -6.26 -64.88 28.11
C LEU B 1634 -5.59 -65.43 26.86
N ILE B 1635 -6.36 -66.00 25.92
CA ILE B 1635 -5.75 -66.67 24.76
C ILE B 1635 -4.92 -65.74 23.86
N PRO B 1636 -5.37 -64.54 23.45
CA PRO B 1636 -4.54 -63.76 22.52
C PRO B 1636 -3.20 -63.27 23.05
N ASN B 1637 -2.94 -63.39 24.36
CA ASN B 1637 -1.68 -62.94 24.94
C ASN B 1637 -0.86 -64.09 25.52
N ILE B 1638 -1.11 -65.32 25.03
CA ILE B 1638 -0.54 -66.54 25.60
C ILE B 1638 0.98 -66.52 25.59
N GLY B 1639 1.58 -65.85 24.60
CA GLY B 1639 3.02 -65.79 24.48
C GLY B 1639 3.69 -65.06 25.61
N TYR B 1640 2.93 -64.31 26.41
CA TYR B 1640 3.49 -63.73 27.62
C TYR B 1640 3.90 -64.82 28.62
N PHE B 1641 2.99 -65.76 28.90
CA PHE B 1641 3.24 -66.72 29.97
C PHE B 1641 4.36 -67.70 29.62
N TYR B 1642 4.45 -68.06 28.34
CA TYR B 1642 5.54 -68.92 27.88
C TYR B 1642 6.91 -68.30 28.10
N HIS B 1643 6.98 -66.98 28.24
CA HIS B 1643 8.29 -66.37 28.49
C HIS B 1643 8.79 -66.65 29.90
N TYR B 1644 7.89 -66.89 30.85
CA TYR B 1644 8.32 -67.03 32.23
C TYR B 1644 8.29 -68.47 32.75
N ALA B 1645 7.51 -69.35 32.15
CA ALA B 1645 7.43 -70.73 32.64
C ALA B 1645 8.54 -71.61 32.09
N THR B 1646 9.79 -71.19 32.25
CA THR B 1646 10.94 -72.00 31.89
C THR B 1646 11.99 -71.86 32.98
N THR B 1647 12.81 -72.91 33.14
CA THR B 1647 13.75 -72.98 34.25
C THR B 1647 14.97 -72.08 34.09
N ASP B 1648 15.16 -71.41 32.96
CA ASP B 1648 16.25 -70.45 32.86
C ASP B 1648 15.84 -69.06 33.37
N GLN B 1649 14.59 -68.90 33.81
CA GLN B 1649 14.17 -67.74 34.57
C GLN B 1649 14.37 -68.03 36.05
N PRO B 1650 15.26 -67.31 36.76
CA PRO B 1650 15.61 -67.72 38.12
C PRO B 1650 14.60 -67.39 39.21
N HIS B 1651 13.60 -66.55 38.95
CA HIS B 1651 12.68 -66.11 40.00
C HIS B 1651 11.62 -67.19 40.23
N VAL B 1652 11.58 -67.72 41.45
CA VAL B 1652 10.81 -68.93 41.74
C VAL B 1652 9.30 -68.69 41.61
N LEU B 1653 8.78 -67.65 42.27
CA LEU B 1653 7.33 -67.49 42.37
C LEU B 1653 6.70 -67.15 41.03
N ILE B 1654 7.39 -66.37 40.20
CA ILE B 1654 6.83 -65.99 38.91
C ILE B 1654 6.74 -67.20 37.99
N ARG B 1655 7.77 -68.07 38.03
CA ARG B 1655 7.70 -69.37 37.36
C ARG B 1655 6.50 -70.17 37.86
N HIS B 1656 6.33 -70.21 39.18
CA HIS B 1656 5.28 -71.00 39.81
C HIS B 1656 3.89 -70.58 39.32
N PHE B 1657 3.61 -69.28 39.35
CA PHE B 1657 2.28 -68.82 38.94
C PHE B 1657 2.08 -68.88 37.42
N ALA B 1658 3.14 -68.68 36.63
CA ALA B 1658 3.01 -68.85 35.18
C ALA B 1658 2.67 -70.28 34.80
N ALA B 1659 3.35 -71.24 35.44
CA ALA B 1659 3.05 -72.65 35.21
C ALA B 1659 1.64 -72.99 35.67
N ARG B 1660 1.22 -72.46 36.82
CA ARG B 1660 -0.14 -72.70 37.30
C ARG B 1660 -1.19 -72.14 36.35
N THR B 1661 -0.89 -71.04 35.66
CA THR B 1661 -1.82 -70.52 34.67
C THR B 1661 -1.90 -71.43 33.45
N LEU B 1662 -0.74 -71.84 32.91
CA LEU B 1662 -0.73 -72.66 31.70
C LEU B 1662 -1.39 -74.01 31.92
N LEU B 1663 -1.12 -74.66 33.06
CA LEU B 1663 -1.75 -75.95 33.33
C LEU B 1663 -3.25 -75.83 33.52
N ALA B 1664 -3.71 -74.70 34.07
CA ALA B 1664 -5.14 -74.49 34.24
C ALA B 1664 -5.83 -74.26 32.90
N LEU B 1665 -5.16 -73.59 31.96
CA LEU B 1665 -5.74 -73.52 30.61
C LEU B 1665 -5.70 -74.87 29.90
N HIS B 1666 -4.68 -75.68 30.17
CA HIS B 1666 -4.61 -76.99 29.53
C HIS B 1666 -5.72 -77.90 30.03
N ASP B 1667 -6.03 -77.85 31.34
CA ASP B 1667 -7.05 -78.71 31.91
C ASP B 1667 -8.46 -78.36 31.43
N SER B 1668 -8.68 -77.15 30.94
CA SER B 1668 -10.01 -76.70 30.52
C SER B 1668 -10.29 -76.96 29.05
N ASP B 1669 -9.36 -77.61 28.33
CA ASP B 1669 -9.45 -77.87 26.90
C ASP B 1669 -9.53 -76.61 26.06
N LEU B 1670 -8.96 -75.50 26.53
CA LEU B 1670 -8.84 -74.32 25.70
C LEU B 1670 -7.60 -74.34 24.83
N ILE B 1671 -6.56 -75.06 25.24
CA ILE B 1671 -5.35 -75.26 24.45
C ILE B 1671 -4.96 -76.73 24.56
N SER B 1672 -3.88 -77.09 23.86
CA SER B 1672 -3.31 -78.43 23.94
C SER B 1672 -1.81 -78.32 24.08
N ILE B 1673 -1.24 -79.02 25.05
CA ILE B 1673 0.19 -79.01 25.32
C ILE B 1673 0.75 -80.39 25.04
N PRO B 1674 1.88 -80.50 24.33
CA PRO B 1674 2.53 -81.80 24.14
C PRO B 1674 3.03 -82.39 25.45
N ALA B 1675 3.11 -83.72 25.48
CA ALA B 1675 3.20 -84.47 26.74
C ALA B 1675 4.51 -84.23 27.49
N GLN B 1676 5.62 -84.07 26.78
CA GLN B 1676 6.86 -83.83 27.51
C GLN B 1676 6.89 -82.41 28.05
N GLU B 1677 6.28 -81.46 27.34
CA GLU B 1677 6.17 -80.10 27.86
C GLU B 1677 5.29 -80.05 29.11
N GLU B 1678 4.19 -80.82 29.10
CA GLU B 1678 3.38 -80.95 30.30
C GLU B 1678 4.17 -81.54 31.45
N ASN B 1679 5.00 -82.56 31.16
CA ASN B 1679 5.81 -83.18 32.19
C ASN B 1679 6.87 -82.24 32.73
N LYS B 1680 7.39 -81.35 31.88
CA LYS B 1680 8.34 -80.34 32.35
C LYS B 1680 7.65 -79.29 33.22
N LEU B 1681 6.48 -78.81 32.79
CA LEU B 1681 5.76 -77.79 33.54
C LEU B 1681 5.34 -78.28 34.92
N ARG B 1682 4.88 -79.54 35.01
CA ARG B 1682 4.43 -80.07 36.29
C ARG B 1682 5.55 -80.33 37.28
N ASN B 1683 6.82 -80.21 36.88
CA ASN B 1683 7.95 -80.49 37.75
C ASN B 1683 8.93 -79.32 37.83
N ILE B 1684 8.43 -78.09 37.69
CA ILE B 1684 9.28 -76.94 37.37
C ILE B 1684 10.25 -76.60 38.48
N ASN B 1685 9.93 -76.91 39.73
CA ASN B 1685 10.82 -76.61 40.85
C ASN B 1685 11.38 -77.87 41.50
N GLN B 1686 11.53 -78.95 40.73
CA GLN B 1686 12.18 -80.15 41.25
C GLN B 1686 13.68 -79.94 41.37
N SER B 1687 14.27 -80.52 42.42
CA SER B 1687 15.72 -80.46 42.63
C SER B 1687 16.40 -81.45 41.69
N THR B 1688 16.51 -81.05 40.43
CA THR B 1688 16.98 -81.94 39.37
C THR B 1688 18.48 -82.22 39.48
N THR B 1689 19.26 -81.28 40.01
CA THR B 1689 20.71 -81.37 40.03
C THR B 1689 21.25 -82.17 41.22
N LEU B 1690 20.49 -83.16 41.69
CA LEU B 1690 20.90 -84.13 42.70
C LEU B 1690 22.23 -84.85 42.41
N PRO B 1691 22.53 -85.29 41.16
CA PRO B 1691 23.84 -85.94 40.94
C PRO B 1691 25.06 -85.04 41.13
N VAL B 1692 24.89 -83.72 41.17
CA VAL B 1692 26.02 -82.82 41.40
C VAL B 1692 26.55 -82.97 42.81
N GLU B 1702 35.30 -54.32 51.09
CA GLU B 1702 34.19 -55.12 50.61
C GLU B 1702 32.89 -54.44 51.07
N ASP B 1703 31.75 -54.86 50.53
CA ASP B 1703 30.51 -54.10 50.67
C ASP B 1703 30.01 -54.07 52.10
N SER B 1704 29.41 -52.93 52.47
CA SER B 1704 28.90 -52.69 53.82
C SER B 1704 27.44 -53.07 53.99
N TYR B 1705 26.76 -53.50 52.92
CA TYR B 1705 25.34 -53.80 53.01
C TYR B 1705 25.10 -54.99 53.92
N THR B 1706 24.15 -54.85 54.84
CA THR B 1706 23.87 -55.90 55.81
C THR B 1706 22.36 -56.09 55.94
N PHE B 1707 21.97 -57.29 56.34
CA PHE B 1707 20.58 -57.71 56.32
C PHE B 1707 19.91 -57.64 57.68
N GLY B 1708 20.43 -56.81 58.58
CA GLY B 1708 19.68 -56.40 59.74
C GLY B 1708 19.53 -57.45 60.82
N ILE B 1709 18.72 -57.08 61.81
CA ILE B 1709 18.51 -57.92 62.99
C ILE B 1709 17.28 -58.80 62.86
N ASP B 1710 16.42 -58.58 61.87
CA ASP B 1710 15.21 -59.39 61.68
C ASP B 1710 15.12 -60.10 60.35
N PHE B 1711 15.55 -59.48 59.24
CA PHE B 1711 15.42 -60.14 57.95
C PHE B 1711 16.33 -61.36 57.85
N GLY B 1712 17.58 -61.21 58.29
CA GLY B 1712 18.55 -62.28 58.26
C GLY B 1712 18.10 -63.52 59.02
N PRO B 1713 18.02 -63.42 60.36
CA PRO B 1713 17.74 -64.61 61.17
C PRO B 1713 16.39 -65.28 60.91
N TYR B 1714 15.37 -64.53 60.49
CA TYR B 1714 14.04 -65.11 60.33
C TYR B 1714 13.63 -65.34 58.88
N TRP B 1715 14.34 -64.80 57.91
CA TRP B 1715 14.03 -65.05 56.52
C TRP B 1715 15.10 -65.82 55.77
N LEU B 1716 16.39 -65.52 55.96
CA LEU B 1716 17.41 -66.22 55.17
C LEU B 1716 17.77 -67.56 55.77
N LYS B 1717 17.77 -67.67 57.09
CA LYS B 1717 18.17 -68.91 57.74
C LYS B 1717 17.27 -70.12 57.42
N PRO B 1718 15.92 -70.02 57.42
CA PRO B 1718 15.14 -71.21 57.03
C PRO B 1718 15.34 -71.65 55.59
N LEU B 1719 15.68 -70.74 54.68
CA LEU B 1719 16.02 -71.15 53.32
C LEU B 1719 17.32 -71.96 53.32
N GLY B 1720 18.37 -71.43 53.95
CA GLY B 1720 19.64 -72.13 53.99
C GLY B 1720 19.60 -73.44 54.74
N ARG B 1721 18.66 -73.57 55.68
CA ARG B 1721 18.51 -74.84 56.40
C ARG B 1721 18.05 -75.98 55.50
N CYS B 1722 17.45 -75.68 54.34
CA CYS B 1722 17.07 -76.72 53.39
C CYS B 1722 18.28 -77.36 52.73
N PHE B 1723 19.43 -76.69 52.71
CA PHE B 1723 20.62 -77.20 52.05
C PHE B 1723 21.80 -77.33 53.01
N GLY B 1724 21.61 -77.14 54.31
CA GLY B 1724 22.71 -77.21 55.25
C GLY B 1724 23.67 -76.05 55.17
N VAL B 1725 23.20 -74.89 54.74
CA VAL B 1725 24.04 -73.72 54.49
C VAL B 1725 23.62 -72.61 55.45
N SER B 1726 24.59 -72.00 56.11
CA SER B 1726 24.32 -70.84 56.95
C SER B 1726 24.25 -69.57 56.10
N GLN B 1727 23.55 -68.56 56.61
CA GLN B 1727 23.26 -67.36 55.82
C GLN B 1727 24.51 -66.58 55.47
N LYS B 1728 25.56 -66.66 56.30
CA LYS B 1728 26.82 -66.02 55.96
C LYS B 1728 27.42 -66.60 54.68
N GLN B 1729 27.18 -67.88 54.42
CA GLN B 1729 27.67 -68.50 53.19
C GLN B 1729 26.87 -68.08 51.97
N LEU B 1730 25.65 -67.58 52.13
CA LEU B 1730 24.82 -67.20 50.99
C LEU B 1730 24.64 -65.70 50.82
N GLU B 1731 25.17 -64.87 51.72
CA GLU B 1731 25.23 -63.43 51.46
C GLU B 1731 25.97 -63.00 50.18
N PRO B 1732 27.12 -63.59 49.79
CA PRO B 1732 27.80 -63.09 48.58
C PRO B 1732 27.03 -63.20 47.29
N GLU B 1733 26.08 -64.14 47.17
CA GLU B 1733 25.26 -64.18 45.97
C GLU B 1733 24.19 -63.07 46.00
N MET B 1734 23.66 -62.82 47.20
CA MET B 1734 22.67 -61.77 47.38
C MET B 1734 23.23 -60.39 47.05
N LEU B 1735 24.46 -60.13 47.47
CA LEU B 1735 25.06 -58.83 47.17
C LEU B 1735 25.30 -58.66 45.67
N ARG B 1736 25.69 -59.75 44.98
CA ARG B 1736 25.83 -59.69 43.53
C ARG B 1736 24.51 -59.38 42.86
N ILE B 1737 23.43 -60.05 43.29
CA ILE B 1737 22.11 -59.83 42.69
C ILE B 1737 21.63 -58.41 42.91
N ILE B 1738 21.85 -57.86 44.12
CA ILE B 1738 21.42 -56.49 44.38
C ILE B 1738 22.23 -55.50 43.55
N ARG B 1739 23.56 -55.64 43.53
CA ARG B 1739 24.39 -54.63 42.87
C ARG B 1739 24.30 -54.70 41.36
N ASP B 1740 24.07 -55.88 40.77
CA ASP B 1740 24.21 -56.04 39.33
C ASP B 1740 22.89 -56.20 38.59
N VAL B 1741 21.91 -56.91 39.15
CA VAL B 1741 20.65 -57.13 38.44
C VAL B 1741 19.62 -56.06 38.79
N LEU B 1742 19.35 -55.88 40.08
CA LEU B 1742 18.38 -54.87 40.49
C LEU B 1742 18.93 -53.45 40.35
N GLY B 1743 20.24 -53.28 40.48
CA GLY B 1743 20.90 -52.05 40.11
C GLY B 1743 21.06 -51.00 41.19
N PHE B 1744 20.83 -51.34 42.45
CA PHE B 1744 21.07 -50.38 43.52
C PHE B 1744 22.54 -50.41 43.93
N LYS B 1745 23.11 -49.21 44.14
CA LYS B 1745 24.54 -49.12 44.44
C LYS B 1745 24.86 -48.18 45.61
N GLY B 1746 23.91 -47.92 46.50
CA GLY B 1746 24.12 -47.06 47.65
C GLY B 1746 24.48 -47.81 48.91
N SER B 1747 24.09 -47.24 50.05
CA SER B 1747 24.35 -47.82 51.36
C SER B 1747 23.03 -48.26 52.01
N ARG B 1748 23.15 -48.77 53.24
CA ARG B 1748 22.04 -49.38 53.95
C ARG B 1748 21.20 -48.36 54.73
N ASN B 1749 21.60 -47.08 54.74
CA ASN B 1749 21.02 -46.08 55.61
C ASN B 1749 19.54 -45.85 55.37
N TRP B 1750 18.82 -45.52 56.45
CA TRP B 1750 17.38 -45.37 56.43
C TRP B 1750 16.91 -44.24 55.54
N ASP B 1751 17.78 -43.27 55.24
CA ASP B 1751 17.40 -42.14 54.40
C ASP B 1751 17.90 -42.27 52.97
N GLU B 1752 18.09 -43.50 52.48
CA GLU B 1752 18.24 -43.73 51.06
C GLU B 1752 16.91 -43.88 50.33
N ASP B 1753 15.80 -43.91 51.06
CA ASP B 1753 14.47 -44.05 50.48
C ASP B 1753 13.83 -42.67 50.49
N GLU B 1754 13.44 -42.19 49.31
CA GLU B 1754 12.84 -40.85 49.20
C GLU B 1754 11.52 -40.75 49.94
N ARG B 1755 10.67 -41.79 49.86
CA ARG B 1755 9.39 -41.75 50.55
C ARG B 1755 9.58 -41.72 52.06
N ASN B 1756 10.69 -42.25 52.56
CA ASN B 1756 10.99 -42.17 53.98
C ASN B 1756 11.55 -40.80 54.37
N LYS B 1757 12.36 -40.22 53.49
CA LYS B 1757 12.92 -38.90 53.75
C LYS B 1757 11.84 -37.83 53.80
N ARG B 1758 10.86 -37.91 52.91
CA ARG B 1758 9.75 -36.96 52.85
C ARG B 1758 8.62 -37.29 53.81
N ARG B 1759 8.76 -38.36 54.61
CA ARG B 1759 7.81 -38.72 55.67
C ARG B 1759 6.43 -39.09 55.14
N TYR B 1760 6.37 -39.90 54.09
CA TYR B 1760 5.09 -40.43 53.64
C TYR B 1760 4.61 -41.60 54.51
N TYR B 1761 5.51 -42.47 54.93
CA TYR B 1761 5.14 -43.53 55.87
C TYR B 1761 4.83 -42.92 57.23
N GLN B 1762 3.87 -43.52 57.94
CA GLN B 1762 3.43 -42.97 59.21
C GLN B 1762 2.98 -44.07 60.14
N ASP B 1763 3.22 -43.86 61.44
CA ASP B 1763 2.83 -44.76 62.54
C ASP B 1763 3.37 -46.17 62.36
N ARG B 1764 4.61 -46.27 61.88
CA ARG B 1764 5.35 -47.54 61.78
C ARG B 1764 4.63 -48.59 60.94
N ASP B 1765 4.03 -48.17 59.83
CA ASP B 1765 3.43 -49.14 58.91
C ASP B 1765 4.49 -50.03 58.28
N ASN B 1766 5.72 -49.57 58.18
CA ASN B 1766 6.78 -50.29 57.51
C ASN B 1766 7.66 -51.11 58.46
N HIS B 1767 7.25 -51.29 59.71
CA HIS B 1767 8.00 -52.11 60.65
C HIS B 1767 7.51 -53.55 60.64
N HIS B 1768 8.41 -54.48 60.94
CA HIS B 1768 8.09 -55.90 60.93
C HIS B 1768 9.06 -56.64 61.84
N SER B 1769 8.66 -57.83 62.29
CA SER B 1769 9.50 -58.62 63.19
C SER B 1769 9.04 -60.07 63.18
N HIS B 1770 10.00 -60.95 63.48
CA HIS B 1770 9.77 -62.39 63.70
C HIS B 1770 9.10 -63.08 62.52
N GLY B 1771 9.42 -62.65 61.30
CA GLY B 1771 8.87 -63.28 60.12
C GLY B 1771 7.52 -62.77 59.69
N SER B 1772 7.00 -61.72 60.34
CA SER B 1772 5.75 -61.12 59.92
C SER B 1772 5.95 -60.24 58.69
N TYR B 1773 4.91 -60.14 57.87
CA TYR B 1773 4.94 -59.22 56.75
C TYR B 1773 4.68 -57.78 57.22
N PRO B 1774 5.21 -56.79 56.52
CA PRO B 1774 4.84 -55.41 56.78
C PRO B 1774 3.50 -55.06 56.16
N ARG B 1775 2.95 -53.93 56.57
CA ARG B 1775 1.79 -53.39 55.89
C ARG B 1775 2.18 -52.54 54.69
N VAL B 1776 3.32 -51.86 54.77
CA VAL B 1776 3.84 -51.04 53.68
C VAL B 1776 5.27 -51.46 53.39
N ASP B 1777 5.60 -51.65 52.13
CA ASP B 1777 6.90 -52.17 51.71
C ASP B 1777 7.84 -51.00 51.43
N ASP B 1778 8.85 -50.82 52.28
CA ASP B 1778 9.90 -49.87 51.98
C ASP B 1778 10.98 -50.49 51.11
N TYR B 1779 11.90 -49.63 50.63
CA TYR B 1779 12.74 -49.96 49.47
C TYR B 1779 13.70 -51.10 49.76
N HIS B 1780 14.32 -51.11 50.95
CA HIS B 1780 15.25 -52.17 51.31
C HIS B 1780 14.54 -53.51 51.39
N PHE B 1781 13.30 -53.53 51.87
CA PHE B 1781 12.53 -54.76 51.95
C PHE B 1781 12.20 -55.29 50.57
N TYR B 1782 11.83 -54.39 49.65
CA TYR B 1782 11.61 -54.76 48.25
C TYR B 1782 12.83 -55.44 47.65
N LEU B 1783 14.00 -54.82 47.83
CA LEU B 1783 15.23 -55.36 47.26
C LEU B 1783 15.56 -56.74 47.84
N SER B 1784 15.51 -56.87 49.18
CA SER B 1784 15.84 -58.13 49.82
C SER B 1784 14.82 -59.22 49.48
N TYR B 1785 13.54 -58.84 49.40
CA TYR B 1785 12.47 -59.77 49.08
C TYR B 1785 12.66 -60.40 47.71
N HIS B 1786 12.94 -59.59 46.69
CA HIS B 1786 13.13 -60.19 45.37
C HIS B 1786 14.49 -60.87 45.23
N ALA B 1787 15.50 -60.37 45.94
CA ALA B 1787 16.81 -61.01 45.86
C ALA B 1787 16.80 -62.41 46.48
N MET B 1788 15.98 -62.63 47.51
CA MET B 1788 15.91 -63.96 48.12
C MET B 1788 15.33 -64.99 47.16
N PHE B 1789 14.27 -64.64 46.44
CA PHE B 1789 13.69 -65.57 45.49
C PHE B 1789 14.58 -65.76 44.25
N MET B 1790 15.37 -64.75 43.89
CA MET B 1790 16.33 -65.00 42.81
C MET B 1790 17.53 -65.81 43.29
N THR B 1791 17.86 -65.75 44.58
CA THR B 1791 18.93 -66.57 45.12
C THR B 1791 18.53 -68.04 45.18
N ALA B 1792 17.27 -68.30 45.58
CA ALA B 1792 16.80 -69.66 45.76
C ALA B 1792 16.84 -70.46 44.47
N GLY B 1793 16.65 -69.80 43.32
CA GLY B 1793 16.65 -70.51 42.04
C GLY B 1793 18.00 -71.06 41.66
N GLN B 1794 19.08 -70.47 42.16
CA GLN B 1794 20.42 -70.96 41.83
C GLN B 1794 20.77 -72.24 42.58
N LEU B 1795 20.23 -72.42 43.79
CA LEU B 1795 20.62 -73.57 44.60
C LEU B 1795 19.97 -74.86 44.10
N LEU B 1796 18.78 -74.77 43.51
CA LEU B 1796 18.23 -75.94 42.84
C LEU B 1796 19.07 -76.35 41.64
N ALA B 1797 19.78 -75.40 41.03
CA ALA B 1797 20.60 -75.71 39.87
C ALA B 1797 22.00 -76.18 40.22
N THR B 1798 22.42 -76.11 41.49
CA THR B 1798 23.81 -76.43 41.82
C THR B 1798 24.00 -77.36 43.02
N LYS B 1799 22.98 -77.55 43.85
CA LYS B 1799 23.25 -78.20 45.13
C LYS B 1799 22.12 -79.12 45.60
N PRO B 1800 22.45 -80.34 46.03
CA PRO B 1800 21.41 -81.25 46.53
C PRO B 1800 20.89 -80.82 47.90
N LEU B 1801 19.62 -81.12 48.14
CA LEU B 1801 18.94 -80.72 49.36
C LEU B 1801 19.00 -81.82 50.42
N VAL B 1802 18.73 -81.42 51.66
CA VAL B 1802 18.88 -82.28 52.83
C VAL B 1802 17.50 -82.55 53.41
N GLY B 1803 17.13 -83.82 53.50
CA GLY B 1803 15.87 -84.22 54.10
C GLY B 1803 15.83 -84.02 55.60
N GLU B 1810 8.50 -86.28 51.70
CA GLU B 1810 9.87 -86.60 51.33
C GLU B 1810 10.53 -85.44 50.59
N ASP B 1811 9.78 -84.34 50.43
CA ASP B 1811 10.29 -83.14 49.77
C ASP B 1811 10.14 -81.99 50.77
N VAL B 1812 11.25 -81.33 51.07
CA VAL B 1812 11.24 -80.24 52.05
C VAL B 1812 11.02 -78.89 51.40
N PHE B 1813 11.27 -78.77 50.09
CA PHE B 1813 11.26 -77.44 49.47
C PHE B 1813 9.86 -76.88 49.35
N GLN B 1814 8.86 -77.73 49.06
CA GLN B 1814 7.48 -77.26 48.96
C GLN B 1814 6.96 -76.75 50.29
N ASP B 1815 7.35 -77.40 51.38
CA ASP B 1815 6.92 -76.97 52.70
C ASP B 1815 7.58 -75.66 53.12
N TRP B 1816 8.68 -75.29 52.49
CA TRP B 1816 9.22 -73.95 52.67
C TRP B 1816 8.48 -72.95 51.79
N LEU B 1817 8.25 -73.32 50.53
CA LEU B 1817 7.72 -72.38 49.56
C LEU B 1817 6.28 -71.99 49.89
N ARG B 1818 5.49 -72.92 50.42
CA ARG B 1818 4.08 -72.60 50.68
C ARG B 1818 3.88 -71.64 51.84
N ARG B 1819 4.95 -71.31 52.58
CA ARG B 1819 4.90 -70.20 53.53
C ARG B 1819 4.63 -68.86 52.84
N HIS B 1820 4.98 -68.76 51.55
CA HIS B 1820 4.90 -67.52 50.79
C HIS B 1820 3.87 -67.60 49.67
N ASP B 1821 2.70 -68.15 49.95
CA ASP B 1821 1.71 -68.43 48.91
C ASP B 1821 0.33 -68.04 49.44
N ILE B 1822 -0.66 -68.05 48.54
CA ILE B 1822 -2.04 -67.82 48.95
C ILE B 1822 -2.54 -68.97 49.82
N SER B 1823 -3.63 -68.73 50.53
CA SER B 1823 -3.97 -69.55 51.68
C SER B 1823 -4.65 -70.87 51.36
N ARG B 1824 -5.18 -71.08 50.16
CA ARG B 1824 -6.04 -72.23 49.88
C ARG B 1824 -5.36 -73.22 48.94
N ASN B 1825 -5.57 -74.51 49.22
CA ASN B 1825 -5.00 -75.58 48.41
C ASN B 1825 -5.75 -75.81 47.10
N ASP B 1826 -6.99 -75.35 47.01
CA ASP B 1826 -7.79 -75.50 45.80
C ASP B 1826 -7.71 -74.29 44.87
N HIS B 1827 -6.74 -73.41 45.08
CA HIS B 1827 -6.41 -72.26 44.24
C HIS B 1827 -7.51 -71.20 44.18
N ARG B 1828 -8.52 -71.28 45.02
CA ARG B 1828 -9.49 -70.20 45.15
C ARG B 1828 -9.00 -69.19 46.20
N TRP B 1829 -9.69 -68.06 46.30
CA TRP B 1829 -9.31 -67.01 47.23
C TRP B 1829 -10.18 -67.03 48.48
N LEU B 1830 -9.70 -66.38 49.53
CA LEU B 1830 -10.46 -66.25 50.76
C LEU B 1830 -11.70 -65.38 50.58
N ALA B 1831 -11.70 -64.51 49.57
CA ALA B 1831 -12.83 -63.64 49.33
C ALA B 1831 -14.07 -64.41 48.90
N ASP B 1832 -13.92 -65.63 48.43
CA ASP B 1832 -15.06 -66.45 48.04
C ASP B 1832 -15.80 -67.04 49.23
N ARG B 1833 -15.15 -67.09 50.39
CA ARG B 1833 -15.72 -67.72 51.57
C ARG B 1833 -16.60 -66.78 52.41
N ARG B 1834 -16.49 -65.47 52.22
CA ARG B 1834 -17.18 -64.55 53.11
C ARG B 1834 -18.69 -64.54 52.83
N ASP B 1835 -19.48 -64.49 53.91
CA ASP B 1835 -20.93 -64.36 53.85
C ASP B 1835 -21.38 -63.08 54.55
N ILE B 1836 -22.60 -62.67 54.26
CA ILE B 1836 -23.24 -61.52 54.92
C ILE B 1836 -23.61 -61.91 56.35
N PRO B 1837 -23.73 -60.97 57.28
CA PRO B 1837 -24.07 -61.33 58.67
C PRO B 1837 -25.46 -61.94 58.78
N PRO B 1838 -25.64 -62.87 59.71
CA PRO B 1838 -26.97 -63.45 59.93
C PRO B 1838 -27.91 -62.49 60.64
N LYS B 1839 -29.20 -62.84 60.57
CA LYS B 1839 -30.26 -62.02 61.13
C LYS B 1839 -30.16 -62.00 62.66
N GLU B 1840 -30.50 -60.84 63.25
CA GLU B 1840 -30.18 -60.59 64.65
C GLU B 1840 -31.15 -61.29 65.60
N ARG B 1841 -30.65 -61.60 66.79
CA ARG B 1841 -31.45 -62.18 67.87
C ARG B 1841 -32.37 -61.14 68.48
N SER B 1842 -33.64 -61.52 68.71
CA SER B 1842 -34.66 -60.56 69.14
C SER B 1842 -34.36 -59.93 70.49
N SER B 1843 -33.77 -60.71 71.41
CA SER B 1843 -33.45 -60.20 72.73
C SER B 1843 -32.47 -59.04 72.66
N TRP B 1844 -31.57 -59.07 71.67
CA TRP B 1844 -30.61 -57.99 71.47
C TRP B 1844 -31.30 -56.69 71.09
N LEU B 1845 -32.18 -56.73 70.07
CA LEU B 1845 -32.90 -55.52 69.65
C LEU B 1845 -33.77 -54.96 70.78
N ASN B 1846 -34.52 -55.83 71.46
CA ASN B 1846 -35.42 -55.30 72.46
C ASN B 1846 -34.70 -54.90 73.75
N SER B 1847 -33.59 -55.55 74.08
CA SER B 1847 -32.82 -55.21 75.28
C SER B 1847 -31.85 -54.07 75.07
N SER B 1848 -31.69 -53.59 73.82
CA SER B 1848 -30.82 -52.44 73.57
C SER B 1848 -31.24 -51.20 74.37
N SER B 1849 -32.52 -51.07 74.71
CA SER B 1849 -33.01 -49.89 75.40
C SER B 1849 -32.81 -49.94 76.91
N ASP B 1850 -32.42 -51.08 77.47
CA ASP B 1850 -32.32 -51.23 78.92
C ASP B 1850 -31.15 -50.44 79.49
N ASN B 1851 -31.25 -50.10 80.78
CA ASN B 1851 -30.18 -49.40 81.48
C ASN B 1851 -29.01 -50.34 81.75
N ARG B 1852 -27.80 -49.78 81.75
CA ARG B 1852 -26.63 -50.58 81.43
C ARG B 1852 -26.13 -51.45 82.58
N ASP B 1853 -26.04 -50.91 83.80
CA ASP B 1853 -25.40 -51.62 84.91
C ASP B 1853 -26.13 -52.93 85.25
N GLU B 1854 -27.46 -52.88 85.28
CA GLU B 1854 -28.25 -54.09 85.49
C GLU B 1854 -28.11 -55.03 84.30
N TRP B 1855 -28.04 -54.48 83.08
CA TRP B 1855 -27.93 -55.32 81.89
C TRP B 1855 -26.62 -56.11 81.89
N LEU B 1856 -25.55 -55.55 82.46
CA LEU B 1856 -24.33 -56.33 82.57
C LEU B 1856 -24.42 -57.46 83.59
N ALA B 1857 -25.50 -57.52 84.39
CA ALA B 1857 -25.58 -58.48 85.49
C ALA B 1857 -26.83 -59.36 85.48
N SER B 1858 -27.76 -59.17 84.55
CA SER B 1858 -29.08 -59.78 84.63
C SER B 1858 -29.42 -60.54 83.35
N ILE B 1859 -28.57 -61.51 82.98
CA ILE B 1859 -28.84 -62.34 81.80
C ILE B 1859 -30.05 -63.22 82.05
N SER B 1860 -31.06 -63.09 81.20
CA SER B 1860 -32.24 -63.93 81.28
C SER B 1860 -31.97 -65.30 80.66
N GLU B 1861 -32.84 -66.25 80.99
CA GLU B 1861 -32.81 -67.57 80.35
C GLU B 1861 -33.18 -67.50 78.87
N ASN B 1862 -33.95 -66.47 78.49
CA ASN B 1862 -34.53 -66.35 77.15
C ASN B 1862 -33.46 -66.48 76.07
N VAL B 1863 -32.32 -65.82 76.29
CA VAL B 1863 -31.26 -65.74 75.28
C VAL B 1863 -30.76 -67.12 74.88
N PHE B 1864 -30.75 -68.08 75.82
CA PHE B 1864 -30.24 -69.41 75.49
C PHE B 1864 -31.16 -70.13 74.53
N ASN B 1865 -32.47 -69.90 74.64
CA ASN B 1865 -33.39 -70.48 73.67
C ASN B 1865 -33.17 -69.92 72.27
N GLU B 1866 -32.68 -68.69 72.17
CA GLU B 1866 -32.30 -68.21 70.85
C GLU B 1866 -30.99 -68.84 70.37
N THR B 1867 -30.05 -69.09 71.29
CA THR B 1867 -28.73 -69.55 70.85
C THR B 1867 -28.78 -70.98 70.29
N LEU B 1868 -29.56 -71.86 70.90
CA LEU B 1868 -29.65 -73.23 70.40
C LEU B 1868 -30.40 -73.29 69.07
N CYS B 1869 -31.43 -72.48 68.90
CA CYS B 1869 -32.33 -72.58 67.75
C CYS B 1869 -32.42 -71.26 67.00
N PRO B 1870 -31.63 -71.07 65.93
CA PRO B 1870 -31.74 -69.83 65.15
C PRO B 1870 -33.08 -69.67 64.47
N SER B 1871 -33.70 -70.77 64.08
CA SER B 1871 -34.89 -70.74 63.23
C SER B 1871 -35.56 -72.11 63.34
N PRO B 1872 -36.87 -72.20 63.11
CA PRO B 1872 -37.58 -73.47 63.30
C PRO B 1872 -37.06 -74.58 62.38
N GLY B 1873 -36.86 -75.76 62.95
CA GLY B 1873 -36.27 -76.87 62.24
C GLY B 1873 -34.75 -76.89 62.22
N LEU B 1874 -34.09 -75.88 62.80
CA LEU B 1874 -32.65 -75.75 62.73
C LEU B 1874 -32.06 -75.57 64.14
N LEU B 1875 -30.88 -76.15 64.35
CA LEU B 1875 -30.16 -76.08 65.61
C LEU B 1875 -28.71 -75.70 65.38
N THR B 1876 -28.15 -74.94 66.31
CA THR B 1876 -26.75 -74.54 66.26
C THR B 1876 -25.88 -75.66 66.82
N LEU B 1877 -24.98 -76.19 66.00
CA LEU B 1877 -24.15 -77.29 66.47
C LEU B 1877 -22.81 -76.82 67.01
N TRP B 1878 -22.24 -75.78 66.40
CA TRP B 1878 -20.95 -75.23 66.79
C TRP B 1878 -20.95 -73.76 66.47
N GLY B 1879 -20.20 -72.98 67.23
CA GLY B 1879 -20.14 -71.56 66.94
C GLY B 1879 -19.49 -70.77 68.05
N ARG B 1880 -19.02 -69.58 67.67
CA ARG B 1880 -18.36 -68.66 68.59
C ARG B 1880 -18.38 -67.28 67.95
N TRP B 1881 -19.11 -66.34 68.54
CA TRP B 1881 -19.21 -65.03 67.91
C TRP B 1881 -19.51 -63.93 68.92
N SER B 1882 -19.45 -62.69 68.43
CA SER B 1882 -19.64 -61.48 69.23
C SER B 1882 -20.53 -60.50 68.49
N ASP B 1883 -21.36 -59.79 69.23
CA ASP B 1883 -22.25 -58.78 68.67
C ASP B 1883 -22.02 -57.46 69.40
N VAL B 1884 -21.92 -56.37 68.63
CA VAL B 1884 -21.35 -55.11 69.10
C VAL B 1884 -22.33 -53.98 68.82
N CYS B 1885 -22.45 -53.06 69.79
CA CYS B 1885 -23.11 -51.77 69.57
C CYS B 1885 -22.21 -50.69 70.17
N SER B 1886 -22.75 -49.47 70.24
CA SER B 1886 -21.95 -48.32 70.67
C SER B 1886 -21.54 -48.37 72.13
N ASP B 1887 -22.27 -49.12 72.97
CA ASP B 1887 -22.03 -49.12 74.40
C ASP B 1887 -21.83 -50.51 75.01
N ARG B 1888 -22.11 -51.58 74.26
CA ARG B 1888 -22.22 -52.90 74.85
C ARG B 1888 -21.73 -53.92 73.83
N LYS B 1889 -21.36 -55.10 74.32
CA LYS B 1889 -21.06 -56.22 73.44
C LYS B 1889 -21.38 -57.53 74.14
N GLU B 1890 -21.84 -58.50 73.35
CA GLU B 1890 -22.17 -59.83 73.82
C GLU B 1890 -21.28 -60.87 73.13
N SER B 1891 -20.86 -61.88 73.87
CA SER B 1891 -20.08 -62.98 73.35
C SER B 1891 -20.80 -64.29 73.62
N ILE B 1892 -20.81 -65.19 72.62
CA ILE B 1892 -21.55 -66.44 72.67
C ILE B 1892 -20.65 -67.56 72.19
N ILE B 1893 -20.62 -68.68 72.94
CA ILE B 1893 -19.85 -69.87 72.58
C ILE B 1893 -20.74 -71.10 72.69
N VAL B 1894 -20.65 -72.01 71.72
CA VAL B 1894 -21.47 -73.23 71.68
C VAL B 1894 -20.57 -74.43 71.41
N HIS B 1895 -20.80 -75.54 72.12
CA HIS B 1895 -20.09 -76.80 71.92
C HIS B 1895 -21.07 -77.97 71.90
N SER B 1896 -20.70 -79.03 71.18
CA SER B 1896 -21.52 -80.25 71.12
C SER B 1896 -20.65 -81.49 71.07
N ALA B 1897 -21.16 -82.59 71.63
CA ALA B 1897 -20.44 -83.86 71.63
C ALA B 1897 -21.41 -85.02 71.84
N LEU B 1898 -20.93 -86.23 71.55
CA LEU B 1898 -21.72 -87.45 71.67
C LEU B 1898 -21.31 -88.24 72.91
N VAL B 1899 -22.30 -88.83 73.58
CA VAL B 1899 -22.08 -89.58 74.81
C VAL B 1899 -22.99 -90.81 74.83
N SER B 1900 -22.48 -91.91 75.41
CA SER B 1900 -23.18 -93.19 75.48
C SER B 1900 -24.55 -93.05 76.13
N PRO B 1901 -25.58 -93.73 75.61
CA PRO B 1901 -26.97 -93.41 76.00
C PRO B 1901 -27.30 -93.51 77.49
N GLU B 1902 -26.83 -94.56 78.17
CA GLU B 1902 -27.07 -94.66 79.60
C GLU B 1902 -26.19 -93.69 80.39
N ARG B 1903 -24.91 -93.58 79.99
CA ARG B 1903 -23.96 -92.75 80.71
C ARG B 1903 -24.29 -91.26 80.61
N SER B 1904 -25.09 -90.88 79.61
CA SER B 1904 -25.47 -89.48 79.41
C SER B 1904 -26.26 -88.94 80.60
N LEU B 1905 -27.11 -89.79 81.19
CA LEU B 1905 -27.91 -89.37 82.34
C LEU B 1905 -27.04 -89.06 83.55
N SER B 1906 -25.90 -89.75 83.67
CA SER B 1906 -24.95 -89.41 84.72
C SER B 1906 -24.13 -88.17 84.36
N LEU B 1907 -23.74 -88.05 83.08
CA LEU B 1907 -22.84 -86.98 82.69
C LEU B 1907 -23.53 -85.62 82.76
N LEU B 1908 -24.85 -85.59 82.52
CA LEU B 1908 -25.60 -84.35 82.62
C LEU B 1908 -25.54 -83.76 84.02
N ARG B 1909 -25.66 -84.61 85.05
CA ARG B 1909 -25.49 -84.14 86.42
C ARG B 1909 -24.02 -83.87 86.73
N ALA B 1910 -23.12 -84.70 86.18
CA ALA B 1910 -21.70 -84.59 86.51
C ALA B 1910 -21.10 -83.28 86.06
N LEU B 1911 -21.44 -82.83 84.84
CA LEU B 1911 -20.83 -81.62 84.30
C LEU B 1911 -21.29 -80.37 85.04
N GLN B 1912 -22.57 -80.31 85.42
CA GLN B 1912 -23.10 -79.12 86.06
C GLN B 1912 -22.65 -78.97 87.52
N THR B 1913 -22.36 -80.07 88.20
CA THR B 1913 -21.87 -80.03 89.58
C THR B 1913 -20.36 -79.83 89.56
N THR B 1914 -19.96 -78.56 89.56
CA THR B 1914 -18.55 -78.22 89.41
C THR B 1914 -18.22 -76.93 90.15
N LYS B 1915 -16.94 -76.77 90.49
CA LYS B 1915 -16.44 -75.49 91.01
C LYS B 1915 -16.21 -74.48 89.90
N ASN B 1916 -15.90 -74.95 88.68
CA ASN B 1916 -15.44 -74.08 87.61
C ASN B 1916 -15.75 -74.76 86.28
N VAL B 1917 -15.83 -73.93 85.22
CA VAL B 1917 -16.13 -74.41 83.88
C VAL B 1917 -15.02 -74.11 82.88
N TYR B 1918 -13.95 -73.44 83.29
CA TYR B 1918 -12.80 -73.25 82.43
C TYR B 1918 -11.71 -74.30 82.62
N ASP B 1919 -11.80 -75.10 83.68
CA ASP B 1919 -10.78 -76.12 83.94
C ASP B 1919 -11.07 -77.48 83.29
N TYR B 1920 -12.11 -77.58 82.47
CA TYR B 1920 -12.40 -78.80 81.73
C TYR B 1920 -13.04 -78.42 80.39
N LYS B 1921 -13.01 -79.37 79.45
CA LYS B 1921 -13.42 -79.09 78.08
C LYS B 1921 -14.24 -80.25 77.50
N ILE B 1922 -15.36 -79.91 76.88
CA ILE B 1922 -16.09 -80.88 76.04
C ILE B 1922 -15.31 -81.06 74.74
N PRO B 1923 -14.93 -82.28 74.36
CA PRO B 1923 -13.94 -82.44 73.32
C PRO B 1923 -14.39 -82.33 71.86
N ASP B 1924 -13.42 -82.56 70.99
CA ASP B 1924 -13.59 -82.39 69.56
C ASP B 1924 -12.67 -83.35 68.83
N ALA B 1925 -12.95 -83.56 67.55
CA ALA B 1925 -12.15 -84.49 66.73
C ALA B 1925 -10.76 -83.92 66.44
N GLN B 1937 -18.55 -93.47 77.44
CA GLN B 1937 -17.70 -92.80 76.46
C GLN B 1937 -18.23 -91.43 76.07
N LEU B 1938 -17.35 -90.43 76.15
CA LEU B 1938 -17.61 -89.11 75.63
C LEU B 1938 -16.67 -88.88 74.45
N LYS B 1939 -17.22 -88.52 73.29
CA LYS B 1939 -16.49 -88.63 72.04
C LYS B 1939 -16.68 -87.38 71.18
N GLY B 1940 -15.62 -86.95 70.51
CA GLY B 1940 -15.68 -85.77 69.68
C GLY B 1940 -16.40 -85.98 68.37
N TRP B 1941 -16.96 -84.89 67.85
CA TRP B 1941 -17.83 -85.01 66.68
C TRP B 1941 -17.45 -84.03 65.56
N ILE B 1942 -17.06 -82.80 65.93
CA ILE B 1942 -16.76 -81.73 64.97
C ILE B 1942 -15.29 -81.34 65.10
N LYS B 1943 -14.66 -80.97 63.97
CA LYS B 1943 -13.31 -80.40 63.97
C LYS B 1943 -13.38 -78.88 63.81
N ASP B 1944 -12.50 -78.17 64.53
CA ASP B 1944 -12.64 -76.74 64.73
C ASP B 1944 -11.82 -75.99 63.65
N ILE B 1945 -11.97 -74.65 63.63
CA ILE B 1945 -11.39 -73.81 62.59
C ILE B 1945 -9.86 -73.86 62.62
N ALA B 1946 -9.25 -73.74 61.45
CA ALA B 1946 -7.80 -73.74 61.31
C ALA B 1946 -7.20 -72.38 61.67
N GLU B 1947 -5.91 -72.40 62.00
CA GLU B 1947 -5.22 -71.22 62.52
C GLU B 1947 -4.32 -70.56 61.47
N TYR B 1948 -3.80 -71.34 60.52
CA TYR B 1948 -2.81 -70.87 59.57
C TYR B 1948 -3.42 -69.91 58.55
N CYS B 1949 -2.57 -69.06 57.96
CA CYS B 1949 -3.06 -68.08 57.00
C CYS B 1949 -1.99 -67.77 55.95
N GLY B 1950 -2.45 -67.30 54.79
CA GLY B 1950 -1.59 -66.98 53.68
C GLY B 1950 -1.50 -65.49 53.39
N ILE B 1951 -0.90 -65.17 52.24
CA ILE B 1951 -0.63 -63.77 51.91
C ILE B 1951 -1.88 -63.00 51.49
N ASP B 1952 -2.98 -63.67 51.20
CA ASP B 1952 -4.21 -62.93 50.90
C ASP B 1952 -4.96 -62.49 52.15
N GLU B 1953 -4.31 -62.53 53.31
CA GLU B 1953 -4.86 -62.00 54.54
C GLU B 1953 -5.02 -60.49 54.53
N PHE B 1954 -4.36 -59.78 53.60
CA PHE B 1954 -4.45 -58.34 53.50
C PHE B 1954 -5.42 -57.86 52.42
N ASP B 1955 -6.17 -58.75 51.81
CA ASP B 1955 -7.16 -58.34 50.81
C ASP B 1955 -8.30 -57.65 51.55
N PRO B 1956 -8.64 -56.40 51.21
CA PRO B 1956 -9.77 -55.73 51.88
C PRO B 1956 -11.10 -56.42 51.70
N TRP B 1957 -11.32 -57.08 50.55
CA TRP B 1957 -12.62 -57.65 50.27
C TRP B 1957 -12.83 -58.99 50.97
N ALA B 1958 -11.77 -59.62 51.46
CA ALA B 1958 -11.90 -60.78 52.34
C ALA B 1958 -11.84 -60.28 53.77
N GLY B 1959 -12.95 -60.38 54.48
CA GLY B 1959 -13.06 -59.77 55.80
C GLY B 1959 -12.33 -60.48 56.90
N ASN B 1960 -11.03 -60.75 56.70
CA ASN B 1960 -10.15 -61.41 57.67
C ASN B 1960 -10.69 -62.80 58.05
N VAL B 1961 -11.32 -63.46 57.09
CA VAL B 1961 -11.83 -64.81 57.25
C VAL B 1961 -10.69 -65.81 57.17
N ARG B 1962 -10.97 -67.06 57.53
CA ARG B 1962 -10.04 -68.18 57.45
C ARG B 1962 -10.79 -69.35 56.86
N PHE B 1963 -10.16 -70.11 55.95
CA PHE B 1963 -10.95 -70.99 55.08
C PHE B 1963 -11.50 -72.24 55.77
N PRO B 1964 -10.69 -73.11 56.43
CA PRO B 1964 -11.30 -74.32 56.99
C PRO B 1964 -12.15 -74.06 58.23
N ILE B 1965 -13.34 -73.50 58.02
CA ILE B 1965 -14.31 -73.25 59.09
C ILE B 1965 -14.90 -74.60 59.49
N PRO B 1966 -15.49 -74.75 60.69
CA PRO B 1966 -15.80 -76.09 61.22
C PRO B 1966 -16.75 -76.92 60.36
N GLU B 1967 -16.59 -78.23 60.48
CA GLU B 1967 -17.23 -79.24 59.65
C GLU B 1967 -17.23 -80.54 60.45
N PRO B 1968 -18.06 -81.52 60.08
CA PRO B 1968 -17.98 -82.82 60.78
C PRO B 1968 -16.69 -83.54 60.48
N ALA B 1969 -16.30 -84.41 61.42
CA ALA B 1969 -15.13 -85.27 61.22
C ALA B 1969 -15.40 -86.26 60.09
N SER B 1970 -14.31 -86.86 59.60
CA SER B 1970 -14.34 -87.62 58.35
C SER B 1970 -15.31 -88.80 58.39
N PHE B 1971 -15.39 -89.48 59.54
CA PHE B 1971 -16.23 -90.67 59.61
C PHE B 1971 -17.72 -90.34 59.57
N ILE B 1972 -18.11 -89.14 59.99
CA ILE B 1972 -19.51 -88.74 59.84
C ILE B 1972 -19.83 -88.49 58.38
N ILE B 1973 -18.94 -87.81 57.66
CA ILE B 1973 -19.15 -87.56 56.24
C ILE B 1973 -19.16 -88.86 55.46
N ASP B 1974 -18.32 -89.81 55.84
CA ASP B 1974 -18.27 -91.11 55.17
C ASP B 1974 -19.52 -91.93 55.45
N ALA B 1975 -19.89 -92.06 56.73
CA ALA B 1975 -20.98 -92.94 57.12
C ALA B 1975 -22.33 -92.42 56.64
N MET B 1976 -22.49 -91.10 56.54
CA MET B 1976 -23.75 -90.52 56.12
C MET B 1976 -23.77 -90.11 54.65
N LYS B 1977 -22.68 -90.33 53.92
CA LYS B 1977 -22.60 -90.16 52.45
C LYS B 1977 -22.94 -88.73 52.04
N LEU B 1978 -22.34 -87.76 52.73
CA LEU B 1978 -22.63 -86.36 52.45
C LEU B 1978 -21.85 -85.85 51.23
N THR B 1979 -22.41 -84.81 50.61
CA THR B 1979 -21.78 -84.13 49.48
C THR B 1979 -21.93 -82.63 49.66
N THR B 1980 -21.06 -81.87 49.00
CA THR B 1980 -21.00 -80.43 49.23
C THR B 1980 -20.46 -79.70 48.01
N ASP B 1981 -20.55 -78.38 48.07
CA ASP B 1981 -20.12 -77.47 47.02
C ASP B 1981 -18.62 -77.17 47.12
N LYS B 1982 -18.15 -76.27 46.26
CA LYS B 1982 -16.72 -75.96 46.16
C LYS B 1982 -16.19 -75.16 47.33
N ASP B 1983 -17.05 -74.52 48.13
CA ASP B 1983 -16.59 -73.75 49.29
C ASP B 1983 -17.10 -74.32 50.60
N HIS B 1984 -17.63 -75.55 50.59
CA HIS B 1984 -18.18 -76.23 51.77
C HIS B 1984 -19.27 -75.42 52.46
N ARG B 1985 -20.09 -74.72 51.68
CA ARG B 1985 -21.11 -73.88 52.28
C ARG B 1985 -22.32 -74.70 52.72
N VAL B 1986 -22.80 -75.59 51.86
CA VAL B 1986 -24.02 -76.36 52.11
C VAL B 1986 -23.71 -77.84 51.92
N TRP B 1987 -24.26 -78.69 52.80
CA TRP B 1987 -24.10 -80.13 52.74
C TRP B 1987 -25.44 -80.80 52.50
N TYR B 1988 -25.46 -81.82 51.64
CA TYR B 1988 -26.65 -82.60 51.35
C TYR B 1988 -26.51 -84.06 51.73
N SER B 1989 -27.63 -84.65 52.10
CA SER B 1989 -27.76 -86.07 52.33
C SER B 1989 -27.88 -86.79 50.98
N PRO B 1990 -27.69 -88.12 50.97
CA PRO B 1990 -28.05 -88.89 49.76
C PRO B 1990 -29.52 -89.23 49.66
N SER B 1991 -30.37 -88.75 50.57
CA SER B 1991 -31.75 -89.21 50.61
C SER B 1991 -32.80 -88.12 50.73
N ASP B 1992 -32.44 -86.86 50.97
CA ASP B 1992 -33.42 -85.82 51.25
C ASP B 1992 -33.11 -84.56 50.44
N VAL B 1993 -34.13 -83.73 50.27
CA VAL B 1993 -34.03 -82.51 49.48
C VAL B 1993 -33.49 -81.35 50.32
N GLU B 1994 -33.96 -81.22 51.56
CA GLU B 1994 -33.52 -80.14 52.42
C GLU B 1994 -32.06 -80.33 52.84
N PRO B 1995 -31.32 -79.24 53.04
CA PRO B 1995 -29.91 -79.36 53.41
C PRO B 1995 -29.73 -80.00 54.78
N ALA B 1996 -28.64 -80.75 54.92
CA ALA B 1996 -28.30 -81.29 56.23
C ALA B 1996 -27.76 -80.20 57.14
N MET B 1997 -26.77 -79.45 56.67
CA MET B 1997 -26.03 -78.50 57.49
C MET B 1997 -25.68 -77.28 56.65
N ILE B 1998 -25.51 -76.14 57.33
CA ILE B 1998 -25.10 -74.89 56.72
C ILE B 1998 -24.05 -74.23 57.61
N SER B 1999 -22.96 -73.75 56.99
CA SER B 1999 -21.89 -73.06 57.70
C SER B 1999 -21.70 -71.67 57.13
N SER B 2000 -21.32 -70.71 57.98
CA SER B 2000 -21.12 -69.33 57.53
C SER B 2000 -20.12 -68.61 58.42
N ILE B 2001 -19.51 -67.55 57.87
CA ILE B 2001 -18.52 -66.74 58.56
C ILE B 2001 -18.62 -65.29 58.07
N TRP B 2002 -18.40 -64.33 58.97
CA TRP B 2002 -18.56 -62.93 58.62
C TRP B 2002 -17.65 -62.03 59.46
N GLY B 2003 -17.34 -60.86 58.92
CA GLY B 2003 -16.51 -59.89 59.62
C GLY B 2003 -15.99 -58.83 58.67
N HIS B 2004 -15.15 -57.93 59.24
CA HIS B 2004 -14.48 -56.85 58.51
C HIS B 2004 -12.99 -56.80 58.83
N LEU B 2005 -12.22 -56.26 57.90
CA LEU B 2005 -10.80 -55.96 58.13
C LEU B 2005 -10.68 -54.56 58.74
N SER B 2006 -10.09 -54.47 59.93
CA SER B 2006 -10.07 -53.22 60.67
C SER B 2006 -8.97 -52.30 60.17
N GLY B 2007 -9.32 -51.03 59.93
CA GLY B 2007 -8.34 -49.99 59.67
C GLY B 2007 -7.77 -49.40 60.96
N LYS B 2008 -6.91 -48.41 60.78
CA LYS B 2008 -6.27 -47.73 61.91
C LYS B 2008 -7.21 -46.72 62.55
N ASN B 2009 -7.17 -46.66 63.89
CA ASN B 2009 -8.02 -45.76 64.71
C ASN B 2009 -9.51 -45.91 64.38
N ASP B 2010 -10.00 -47.15 64.46
CA ASP B 2010 -11.39 -47.40 64.09
C ASP B 2010 -12.00 -48.39 65.06
N GLU B 2011 -13.33 -48.37 65.12
CA GLU B 2011 -14.08 -49.22 66.04
C GLU B 2011 -14.11 -50.67 65.55
N GLU B 2012 -14.27 -51.58 66.49
CA GLU B 2012 -14.61 -52.96 66.17
C GLU B 2012 -16.08 -53.05 65.79
N LYS B 2013 -16.44 -54.16 65.15
CA LYS B 2013 -17.83 -54.43 64.81
C LYS B 2013 -18.02 -55.94 64.69
N SER B 2014 -19.29 -56.34 64.52
CA SER B 2014 -19.70 -57.73 64.70
C SER B 2014 -19.03 -58.67 63.71
N HIS B 2015 -18.68 -59.86 64.21
CA HIS B 2015 -17.97 -60.86 63.42
C HIS B 2015 -18.12 -62.22 64.09
N GLY B 2016 -17.82 -63.28 63.33
CA GLY B 2016 -17.79 -64.62 63.90
C GLY B 2016 -18.07 -65.67 62.84
N TYR B 2017 -18.34 -66.88 63.31
CA TYR B 2017 -18.60 -68.04 62.45
C TYR B 2017 -19.56 -68.99 63.13
N ARG B 2018 -20.27 -69.80 62.34
CA ARG B 2018 -21.31 -70.66 62.88
C ARG B 2018 -21.57 -71.85 61.97
N LEU B 2019 -21.98 -72.96 62.58
CA LEU B 2019 -22.42 -74.17 61.90
C LEU B 2019 -23.76 -74.63 62.47
N CYS B 2020 -24.71 -74.91 61.60
CA CYS B 2020 -26.07 -75.27 62.00
C CYS B 2020 -26.57 -76.45 61.19
N ALA B 2021 -27.52 -77.21 61.75
CA ALA B 2021 -28.06 -78.39 61.10
C ALA B 2021 -29.56 -78.54 61.31
N SER B 2022 -30.20 -79.29 60.41
CA SER B 2022 -31.61 -79.60 60.53
C SER B 2022 -31.85 -80.71 61.54
N ILE B 2023 -33.03 -80.71 62.16
CA ILE B 2023 -33.34 -81.65 63.23
C ILE B 2023 -33.48 -83.07 62.69
N HIS B 2024 -34.04 -83.21 61.48
CA HIS B 2024 -34.20 -84.53 60.87
C HIS B 2024 -32.86 -85.24 60.71
N PHE B 2025 -31.84 -84.51 60.26
CA PHE B 2025 -30.52 -85.09 60.07
C PHE B 2025 -29.93 -85.59 61.38
N ILE B 2026 -29.99 -84.77 62.44
CA ILE B 2026 -29.35 -85.18 63.68
C ILE B 2026 -30.12 -86.31 64.33
N LYS B 2027 -31.44 -86.37 64.14
CA LYS B 2027 -32.19 -87.54 64.60
C LYS B 2027 -31.72 -88.81 63.89
N SER B 2028 -31.60 -88.76 62.56
CA SER B 2028 -31.12 -89.94 61.82
C SER B 2028 -29.70 -90.33 62.24
N ALA B 2029 -28.86 -89.34 62.49
CA ALA B 2029 -27.50 -89.58 62.93
C ALA B 2029 -27.48 -90.25 64.30
N LEU B 2030 -28.35 -89.82 65.21
CA LEU B 2030 -28.40 -90.46 66.51
C LEU B 2030 -28.96 -91.87 66.43
N GLU B 2031 -29.92 -92.11 65.54
CA GLU B 2031 -30.44 -93.48 65.40
C GLU B 2031 -29.46 -94.43 64.71
N THR B 2032 -28.49 -93.92 63.96
CA THR B 2032 -27.55 -94.83 63.32
C THR B 2032 -26.16 -94.87 63.96
N PHE B 2033 -25.74 -93.83 64.69
CA PHE B 2033 -24.59 -94.00 65.57
C PHE B 2033 -24.96 -94.57 66.92
N ASN B 2034 -26.25 -94.55 67.29
CA ASN B 2034 -26.76 -95.07 68.56
C ASN B 2034 -26.08 -94.37 69.75
N MET B 2035 -26.38 -93.07 69.88
CA MET B 2035 -25.71 -92.22 70.86
C MET B 2035 -26.70 -91.16 71.32
N ASP B 2036 -26.35 -90.47 72.42
CA ASP B 2036 -27.12 -89.32 72.89
C ASP B 2036 -26.28 -88.05 72.84
N LEU B 2037 -26.92 -86.90 72.64
CA LEU B 2037 -26.22 -85.66 72.32
C LEU B 2037 -26.14 -84.77 73.56
N ILE B 2038 -24.94 -84.26 73.87
CA ILE B 2038 -24.75 -83.31 74.96
C ILE B 2038 -24.10 -82.04 74.43
N LEU B 2039 -24.66 -80.87 74.77
CA LEU B 2039 -24.20 -79.62 74.18
C LEU B 2039 -24.26 -78.51 75.22
N GLU B 2040 -23.46 -77.48 75.03
CA GLU B 2040 -23.20 -76.50 76.08
C GLU B 2040 -23.04 -75.10 75.48
N VAL B 2041 -23.57 -74.10 76.18
CA VAL B 2041 -23.59 -72.71 75.71
C VAL B 2041 -23.08 -71.78 76.81
N ASP B 2042 -22.20 -70.84 76.42
CA ASP B 2042 -21.78 -69.70 77.23
C ASP B 2042 -22.31 -68.39 76.63
N VAL B 2043 -22.77 -67.49 77.50
CA VAL B 2043 -23.11 -66.11 77.14
C VAL B 2043 -22.39 -65.18 78.10
N ASP B 2044 -21.78 -64.12 77.56
CA ASP B 2044 -21.01 -63.19 78.37
C ASP B 2044 -21.23 -61.78 77.82
N ARG B 2045 -21.01 -60.78 78.69
CA ARG B 2045 -21.37 -59.40 78.39
C ARG B 2045 -20.27 -58.45 78.81
N TYR B 2046 -20.03 -57.40 78.01
CA TYR B 2046 -19.02 -56.39 78.33
C TYR B 2046 -19.49 -55.00 77.92
N SER B 2047 -18.89 -53.99 78.56
CA SER B 2047 -19.20 -52.59 78.30
C SER B 2047 -18.23 -51.97 77.29
N ARG B 2048 -18.69 -50.92 76.63
CA ARG B 2048 -17.88 -50.13 75.71
C ARG B 2048 -18.10 -48.64 75.94
N ASN B 2049 -17.03 -47.86 75.90
CA ASN B 2049 -17.11 -46.41 76.01
C ASN B 2049 -16.25 -45.72 74.94
N SER B 2065 -20.23 -64.43 83.32
CA SER B 2065 -20.85 -65.19 82.23
C SER B 2065 -21.87 -66.20 82.76
N SER B 2066 -22.93 -66.42 81.98
CA SER B 2066 -23.94 -67.42 82.29
C SER B 2066 -23.74 -68.61 81.36
N THR B 2067 -23.64 -69.80 81.94
CA THR B 2067 -23.28 -71.01 81.21
C THR B 2067 -24.30 -72.09 81.50
N ARG B 2068 -24.81 -72.76 80.47
CA ARG B 2068 -25.75 -73.86 80.65
C ARG B 2068 -25.43 -74.97 79.67
N LEU B 2069 -26.03 -76.14 79.93
CA LEU B 2069 -25.88 -77.31 79.07
C LEU B 2069 -27.23 -78.00 78.89
N PHE B 2070 -27.39 -78.65 77.74
CA PHE B 2070 -28.63 -79.27 77.32
C PHE B 2070 -28.32 -80.63 76.70
N LEU B 2071 -29.16 -81.63 76.96
CA LEU B 2071 -28.96 -82.97 76.44
C LEU B 2071 -30.14 -83.34 75.53
N PHE B 2072 -29.84 -83.69 74.29
CA PHE B 2072 -30.85 -83.96 73.28
C PHE B 2072 -30.91 -85.48 73.06
N ARG B 2073 -32.16 -86.00 73.04
CA ARG B 2073 -32.41 -87.41 72.83
C ARG B 2073 -33.37 -87.65 71.67
N HIS B 2074 -33.13 -88.78 71.00
CA HIS B 2074 -33.64 -89.09 69.66
C HIS B 2074 -35.15 -89.20 69.59
N ASP B 2075 -35.83 -89.36 70.71
CA ASP B 2075 -37.29 -89.24 70.69
C ASP B 2075 -37.75 -87.79 70.62
N GLY B 2076 -36.82 -86.85 70.42
CA GLY B 2076 -37.16 -85.46 70.21
C GLY B 2076 -37.26 -84.64 71.45
N THR B 2077 -36.46 -84.94 72.48
CA THR B 2077 -36.62 -84.22 73.74
C THR B 2077 -35.29 -83.60 74.17
N ILE B 2078 -35.38 -82.47 74.86
CA ILE B 2078 -34.24 -81.76 75.41
C ILE B 2078 -34.36 -81.78 76.93
N HIS B 2079 -33.27 -82.11 77.61
CA HIS B 2079 -33.26 -82.27 79.05
C HIS B 2079 -32.18 -81.40 79.67
N THR B 2080 -32.49 -80.86 80.83
CA THR B 2080 -31.52 -80.13 81.65
C THR B 2080 -31.59 -80.69 83.07
N LEU B 2081 -30.69 -80.20 83.92
CA LEU B 2081 -30.75 -80.54 85.34
C LEU B 2081 -32.03 -80.01 85.98
N TYR B 2082 -32.58 -78.90 85.45
CA TYR B 2082 -33.70 -78.22 86.09
C TYR B 2082 -35.04 -78.48 85.41
N GLY B 2083 -35.06 -78.89 84.15
CA GLY B 2083 -36.32 -79.14 83.47
C GLY B 2083 -36.11 -79.68 82.08
N ASN B 2084 -37.22 -80.10 81.46
CA ASN B 2084 -37.23 -80.67 80.13
C ASN B 2084 -38.05 -79.80 79.19
N TYR B 2085 -37.67 -79.81 77.92
CA TYR B 2085 -38.29 -79.02 76.88
C TYR B 2085 -38.51 -79.87 75.64
N ARG B 2086 -39.51 -79.48 74.85
CA ARG B 2086 -39.90 -80.22 73.65
C ARG B 2086 -40.20 -79.23 72.53
N ASN B 2087 -40.28 -79.76 71.31
CA ASN B 2087 -40.65 -78.98 70.14
C ASN B 2087 -42.10 -78.51 70.22
N SER C 2 -4.05 117.74 30.83
CA SER C 2 -4.00 117.71 29.38
C SER C 2 -5.39 117.71 28.77
N ASP C 3 -5.46 117.97 27.47
CA ASP C 3 -6.73 117.96 26.75
C ASP C 3 -7.10 116.57 26.25
N SER C 4 -6.10 115.80 25.81
CA SER C 4 -6.35 114.49 25.21
C SER C 4 -6.94 113.50 26.22
N LEU C 5 -6.67 113.70 27.51
CA LEU C 5 -7.28 112.88 28.55
C LEU C 5 -8.80 112.97 28.51
N LEU C 6 -9.33 114.17 28.30
CA LEU C 6 -10.76 114.37 28.26
C LEU C 6 -11.40 113.84 26.98
N VAL C 7 -10.61 113.61 25.93
CA VAL C 7 -11.12 112.96 24.73
C VAL C 7 -11.10 111.45 24.90
N ARG C 8 -10.02 110.92 25.47
CA ARG C 8 -9.91 109.48 25.71
C ARG C 8 -10.98 108.99 26.68
N THR C 9 -11.28 109.77 27.71
CA THR C 9 -12.28 109.37 28.70
C THR C 9 -13.69 109.31 28.12
N SER C 10 -13.91 109.85 26.92
CA SER C 10 -15.21 109.75 26.28
C SER C 10 -15.44 108.36 25.69
N ARG C 11 -14.39 107.65 25.30
CA ARG C 11 -14.54 106.35 24.67
C ARG C 11 -14.89 105.25 25.67
N ASP C 12 -14.34 105.34 26.88
CA ASP C 12 -14.59 104.35 27.93
C ASP C 12 -16.06 104.27 28.29
N GLY C 13 -16.78 105.40 28.21
CA GLY C 13 -18.22 105.38 28.45
C GLY C 13 -18.99 104.56 27.43
N ASP C 14 -18.63 104.68 26.16
CA ASP C 14 -19.26 103.85 25.13
C ASP C 14 -18.90 102.38 25.30
N GLN C 15 -17.66 102.09 25.69
CA GLN C 15 -17.27 100.69 25.93
C GLN C 15 -18.09 100.08 27.07
N PHE C 16 -18.24 100.84 28.16
CA PHE C 16 -19.08 100.41 29.27
C PHE C 16 -20.53 100.19 28.83
N HIS C 17 -21.06 101.11 28.02
CA HIS C 17 -22.44 101.02 27.55
C HIS C 17 -22.65 99.75 26.73
N TYR C 18 -21.76 99.48 25.78
CA TYR C 18 -21.93 98.32 24.91
C TYR C 18 -21.77 97.01 25.67
N LEU C 19 -20.79 96.92 26.58
CA LEU C 19 -20.65 95.70 27.37
C LEU C 19 -21.88 95.46 28.26
N TRP C 20 -22.38 96.52 28.90
CA TRP C 20 -23.50 96.36 29.81
C TRP C 20 -24.78 96.01 29.05
N ALA C 21 -24.96 96.56 27.84
CA ALA C 21 -26.12 96.17 27.02
C ALA C 21 -25.99 94.75 26.50
N ALA C 22 -24.76 94.33 26.15
CA ALA C 22 -24.56 92.98 25.64
C ALA C 22 -24.86 91.94 26.70
N ARG C 23 -24.56 92.24 27.97
CA ARG C 23 -24.96 91.33 29.04
C ARG C 23 -26.47 91.22 29.16
N ARG C 24 -27.20 92.29 28.83
CA ARG C 24 -28.66 92.25 28.89
C ARG C 24 -29.26 91.48 27.71
N ALA C 25 -28.59 91.52 26.56
CA ALA C 25 -29.17 90.94 25.33
C ALA C 25 -29.31 89.42 25.40
N LEU C 26 -28.58 88.74 26.29
CA LEU C 26 -28.63 87.27 26.36
C LEU C 26 -30.00 86.74 26.77
N ARG C 27 -30.79 87.51 27.52
CA ARG C 27 -32.06 87.03 28.07
C ARG C 27 -33.09 86.71 27.00
N LEU C 28 -32.87 87.13 25.76
CA LEU C 28 -33.76 86.82 24.66
C LEU C 28 -33.75 85.33 24.31
N LEU C 29 -32.73 84.59 24.74
CA LEU C 29 -32.59 83.17 24.42
C LEU C 29 -33.37 82.27 25.37
N GLU C 30 -33.92 82.80 26.45
CA GLU C 30 -34.63 81.98 27.43
C GLU C 30 -35.93 81.46 26.83
N PRO C 31 -36.20 80.16 26.91
CA PRO C 31 -37.37 79.61 26.21
C PRO C 31 -38.68 79.83 26.95
N GLN C 32 -38.65 80.23 28.22
CA GLN C 32 -39.85 80.38 29.03
C GLN C 32 -39.79 81.72 29.77
N SER C 33 -39.46 82.78 29.03
CA SER C 33 -39.39 84.11 29.60
C SER C 33 -40.07 85.08 28.64
N THR C 34 -40.56 86.19 29.19
CA THR C 34 -41.52 87.04 28.50
C THR C 34 -40.91 88.24 27.80
N LEU C 35 -39.59 88.44 27.90
CA LEU C 35 -38.96 89.60 27.27
C LEU C 35 -39.04 89.45 25.75
N VAL C 36 -39.32 90.57 25.07
CA VAL C 36 -39.49 90.53 23.62
C VAL C 36 -38.57 91.49 22.88
N ALA C 37 -38.18 92.64 23.43
CA ALA C 37 -37.38 93.52 22.59
C ALA C 37 -36.44 94.39 23.40
N LEU C 38 -35.29 94.67 22.78
CA LEU C 38 -34.37 95.72 23.19
C LEU C 38 -34.20 96.72 22.06
N THR C 39 -34.20 98.01 22.40
CA THR C 39 -33.89 99.06 21.43
C THR C 39 -32.76 99.93 21.99
N ILE C 40 -31.78 100.20 21.15
CA ILE C 40 -30.53 100.85 21.56
C ILE C 40 -30.53 102.28 21.00
N GLU C 41 -30.36 103.26 21.89
CA GLU C 41 -30.37 104.70 21.58
C GLU C 41 -31.60 105.12 20.79
N GLY C 42 -32.77 104.89 21.38
CA GLY C 42 -34.02 105.34 20.80
C GLY C 42 -35.15 104.40 21.14
N ALA C 43 -36.35 104.92 21.35
CA ALA C 43 -37.48 104.06 21.64
C ALA C 43 -37.95 103.35 20.37
N SER C 44 -38.81 102.36 20.56
CA SER C 44 -39.32 101.58 19.44
C SER C 44 -40.17 102.44 18.51
N THR C 45 -39.96 102.28 17.21
CA THR C 45 -40.77 102.98 16.23
C THR C 45 -42.21 102.49 16.19
N THR C 46 -42.48 101.32 16.76
CA THR C 46 -43.83 100.78 16.86
C THR C 46 -44.45 101.00 18.23
N GLU C 47 -43.94 101.97 18.99
CA GLU C 47 -44.36 102.17 20.39
C GLU C 47 -45.84 102.53 20.48
N MET C 48 -46.32 103.40 19.60
CA MET C 48 -47.73 103.75 19.55
C MET C 48 -48.45 103.06 18.39
N GLY C 49 -47.98 101.89 18.00
CA GLY C 49 -48.55 101.15 16.89
C GLY C 49 -48.36 101.86 15.57
N SER C 50 -49.47 102.19 14.90
CA SER C 50 -49.42 102.93 13.65
C SER C 50 -49.33 104.44 13.86
N GLN C 51 -49.69 104.92 15.04
CA GLN C 51 -49.72 106.34 15.36
C GLN C 51 -48.30 106.87 15.54
N PRO C 52 -48.07 108.16 15.22
CA PRO C 52 -46.71 108.69 15.27
C PRO C 52 -46.13 108.76 16.68
N VAL C 53 -44.80 108.73 16.75
CA VAL C 53 -44.05 108.50 17.98
C VAL C 53 -43.95 109.79 18.79
N VAL C 54 -43.96 109.65 20.12
CA VAL C 54 -43.74 110.75 21.05
C VAL C 54 -42.26 111.04 21.15
N GLU C 55 -41.87 112.29 20.84
CA GLU C 55 -40.46 112.68 20.79
C GLU C 55 -39.96 113.34 22.07
N ASP C 56 -40.82 113.63 23.03
CA ASP C 56 -40.41 114.32 24.24
C ASP C 56 -39.53 113.44 25.11
N GLY C 57 -38.42 114.00 25.60
CA GLY C 57 -37.53 113.30 26.51
C GLY C 57 -36.83 112.09 25.92
N GLU C 58 -36.77 112.04 24.59
CA GLU C 58 -36.31 110.85 23.89
C GLU C 58 -34.80 110.65 24.03
N GLU C 59 -34.04 111.73 24.15
CA GLU C 59 -32.59 111.61 24.05
C GLU C 59 -31.90 111.17 25.33
N LEU C 60 -32.63 110.97 26.43
CA LEU C 60 -32.03 110.32 27.58
C LEU C 60 -32.05 108.80 27.47
N ILE C 61 -32.62 108.25 26.40
CA ILE C 61 -32.87 106.82 26.25
C ILE C 61 -31.57 106.19 25.78
N ASP C 62 -30.83 105.55 26.69
CA ASP C 62 -29.74 104.69 26.24
C ASP C 62 -30.27 103.35 25.76
N ILE C 63 -31.03 102.66 26.60
CA ILE C 63 -31.57 101.34 26.32
C ILE C 63 -33.06 101.35 26.69
N ALA C 64 -33.87 100.70 25.86
CA ALA C 64 -35.28 100.48 26.16
C ALA C 64 -35.58 98.99 26.07
N GLU C 65 -36.38 98.50 27.01
CA GLU C 65 -36.76 97.09 27.08
C GLU C 65 -38.27 96.95 27.06
N TYR C 66 -38.77 96.06 26.21
CA TYR C 66 -40.20 95.82 26.06
C TYR C 66 -40.51 94.36 26.33
N TYR C 67 -41.58 94.13 27.10
CA TYR C 67 -42.05 92.80 27.47
C TYR C 67 -43.42 92.54 26.86
N GLY C 68 -43.63 91.33 26.39
CA GLY C 68 -44.93 90.96 25.82
C GLY C 68 -45.23 91.44 24.43
N SER C 69 -45.15 92.75 24.20
CA SER C 69 -45.43 93.34 22.89
C SER C 69 -44.51 94.53 22.68
N ASN C 70 -44.12 94.74 21.42
CA ASN C 70 -43.31 95.90 21.06
C ASN C 70 -44.13 97.18 20.86
N GLU C 71 -44.96 97.50 21.85
CA GLU C 71 -46.00 98.52 21.71
C GLU C 71 -46.53 98.87 23.09
N LEU C 72 -46.44 100.15 23.45
CA LEU C 72 -46.79 100.58 24.81
C LEU C 72 -48.26 100.36 25.13
N ALA C 73 -49.13 100.43 24.12
CA ALA C 73 -50.57 100.30 24.37
C ALA C 73 -50.97 98.91 24.85
N THR C 74 -50.22 97.86 24.50
CA THR C 74 -50.54 96.51 24.94
C THR C 74 -49.39 95.75 25.61
N ALA C 75 -48.19 96.33 25.72
CA ALA C 75 -47.10 95.64 26.40
C ALA C 75 -47.41 95.45 27.86
N THR C 76 -46.84 94.39 28.45
CA THR C 76 -46.99 94.17 29.88
C THR C 76 -46.14 95.15 30.68
N THR C 77 -44.85 95.28 30.35
CA THR C 77 -43.97 96.20 31.03
C THR C 77 -42.98 96.80 30.04
N VAL C 78 -42.57 98.03 30.32
CA VAL C 78 -41.62 98.79 29.50
C VAL C 78 -40.63 99.48 30.44
N ARG C 79 -39.35 99.40 30.12
CA ARG C 79 -38.32 100.15 30.84
C ARG C 79 -37.57 101.09 29.90
N TYR C 80 -37.24 102.28 30.42
CA TYR C 80 -36.32 103.21 29.77
C TYR C 80 -35.16 103.45 30.72
N MET C 81 -33.92 103.41 30.21
CA MET C 81 -32.74 103.43 31.09
C MET C 81 -31.70 104.43 30.62
N GLN C 82 -31.00 105.04 31.59
CA GLN C 82 -29.94 106.02 31.36
C GLN C 82 -28.70 105.66 32.17
N LEU C 83 -27.54 105.69 31.54
CA LEU C 83 -26.29 105.22 32.12
C LEU C 83 -25.26 106.34 32.25
N LYS C 84 -24.39 106.22 33.25
CA LYS C 84 -23.27 107.15 33.46
C LYS C 84 -22.03 106.38 33.89
N HIS C 85 -20.90 106.65 33.25
CA HIS C 85 -19.60 106.06 33.61
C HIS C 85 -18.58 107.16 33.88
N SER C 86 -18.47 107.56 35.15
CA SER C 86 -17.36 108.41 35.56
C SER C 86 -16.13 107.53 35.83
N THR C 87 -14.99 107.92 35.27
CA THR C 87 -13.82 107.05 35.26
C THR C 87 -13.02 107.14 36.55
N MET C 88 -12.57 108.35 36.92
CA MET C 88 -11.53 108.52 37.92
C MET C 88 -12.04 108.82 39.33
N HIS C 89 -13.36 108.79 39.54
CA HIS C 89 -13.93 109.07 40.86
C HIS C 89 -14.89 107.98 41.32
N SER C 90 -14.52 106.71 41.11
CA SER C 90 -15.46 105.59 41.24
C SER C 90 -16.02 105.42 42.65
N ASP C 91 -15.34 105.93 43.67
CA ASP C 91 -15.79 105.78 45.05
C ASP C 91 -16.55 106.97 45.60
N THR C 92 -16.71 108.04 44.81
CA THR C 92 -17.20 109.31 45.34
C THR C 92 -18.68 109.47 45.03
N PRO C 93 -19.54 109.68 46.02
CA PRO C 93 -20.98 109.79 45.76
C PRO C 93 -21.35 111.03 44.94
N PHE C 94 -22.41 110.87 44.12
CA PHE C 94 -22.96 111.96 43.32
C PHE C 94 -23.83 112.88 44.18
N PRO C 95 -23.91 114.16 43.84
CA PRO C 95 -24.88 115.05 44.48
C PRO C 95 -26.18 115.08 43.69
N PRO C 96 -27.28 115.54 44.30
CA PRO C 96 -28.56 115.63 43.56
C PRO C 96 -28.55 116.61 42.40
N SER C 97 -27.60 117.55 42.38
CA SER C 97 -27.46 118.47 41.26
C SER C 97 -27.06 117.77 39.98
N GLY C 98 -26.50 116.56 40.07
CA GLY C 98 -26.25 115.75 38.90
C GLY C 98 -27.50 115.06 38.40
N LEU C 99 -28.22 114.39 39.31
CA LEU C 99 -29.44 113.67 38.93
C LEU C 99 -30.55 114.59 38.46
N GLN C 100 -30.48 115.89 38.78
CA GLN C 100 -31.37 116.91 38.24
C GLN C 100 -31.58 116.83 36.73
N LYS C 101 -30.47 116.77 36.00
CA LYS C 101 -30.49 116.83 34.54
C LYS C 101 -31.12 115.59 33.90
N THR C 102 -31.19 114.49 34.65
CA THR C 102 -31.85 113.28 34.17
C THR C 102 -33.33 113.28 34.58
N ILE C 103 -33.60 113.69 35.81
CA ILE C 103 -34.96 113.73 36.35
C ILE C 103 -35.84 114.68 35.53
N GLU C 104 -35.25 115.78 35.05
CA GLU C 104 -36.00 116.74 34.22
C GLU C 104 -36.56 116.06 32.97
N GLY C 105 -35.73 115.33 32.25
CA GLY C 105 -36.14 114.66 31.03
C GLY C 105 -37.08 113.51 31.28
N PHE C 106 -36.90 112.80 32.40
CA PHE C 106 -37.84 111.74 32.77
C PHE C 106 -39.24 112.31 33.01
N ALA C 107 -39.33 113.45 33.70
CA ALA C 107 -40.63 114.08 33.88
C ALA C 107 -41.20 114.58 32.56
N THR C 108 -40.34 115.07 31.66
CA THR C 108 -40.80 115.54 30.35
C THR C 108 -41.42 114.41 29.54
N ARG C 109 -40.81 113.22 29.56
CA ARG C 109 -41.42 112.07 28.88
C ARG C 109 -42.69 111.62 29.60
N TYR C 110 -42.68 111.64 30.93
CA TYR C 110 -43.82 111.22 31.74
C TYR C 110 -45.07 112.02 31.41
N LYS C 111 -44.93 113.34 31.24
CA LYS C 111 -46.08 114.19 30.97
C LYS C 111 -46.77 113.83 29.66
N ALA C 112 -45.97 113.68 28.59
CA ALA C 112 -46.53 113.35 27.28
C ALA C 112 -47.11 111.94 27.25
N LEU C 113 -46.54 111.00 28.01
CA LEU C 113 -47.16 109.69 28.09
C LEU C 113 -48.48 109.72 28.86
N ILE C 114 -48.52 110.47 29.96
CA ILE C 114 -49.74 110.58 30.76
C ILE C 114 -50.87 111.26 30.00
N GLN C 115 -50.54 112.19 29.09
CA GLN C 115 -51.59 112.85 28.31
C GLN C 115 -52.34 111.88 27.40
N LYS C 116 -51.65 110.90 26.81
CA LYS C 116 -52.30 110.02 25.84
C LYS C 116 -52.97 108.80 26.47
N ILE C 117 -52.38 108.24 27.52
CA ILE C 117 -52.89 107.02 28.15
C ILE C 117 -53.09 107.35 29.63
N PRO C 118 -54.19 106.92 30.26
CA PRO C 118 -54.44 107.33 31.65
C PRO C 118 -53.44 106.73 32.64
N VAL C 119 -53.32 107.43 33.78
CA VAL C 119 -52.34 107.12 34.82
C VAL C 119 -52.52 105.72 35.37
N GLU C 120 -53.78 105.29 35.56
CA GLU C 120 -54.07 104.01 36.20
C GLU C 120 -53.62 102.82 35.36
N THR C 121 -53.39 103.03 34.06
CA THR C 121 -52.77 102.02 33.22
C THR C 121 -51.25 102.11 33.31
N LEU C 122 -50.69 103.30 33.06
CA LEU C 122 -49.25 103.48 32.93
C LEU C 122 -48.51 103.21 34.22
N ARG C 123 -49.15 103.42 35.37
CA ARG C 123 -48.50 103.22 36.66
C ARG C 123 -48.15 101.74 36.91
N THR C 124 -48.81 100.82 36.21
CA THR C 124 -48.51 99.40 36.30
C THR C 124 -47.39 98.95 35.37
N LYS C 125 -47.04 99.75 34.35
CA LYS C 125 -46.15 99.32 33.28
C LYS C 125 -44.75 99.91 33.37
N LEU C 126 -44.64 101.16 33.80
CA LEU C 126 -43.54 102.02 33.40
C LEU C 126 -42.52 102.22 34.52
N GLU C 127 -41.23 102.16 34.16
CA GLU C 127 -40.13 102.39 35.08
C GLU C 127 -39.08 103.26 34.41
N PHE C 128 -38.45 104.13 35.20
CA PHE C 128 -37.25 104.85 34.78
C PHE C 128 -36.09 104.42 35.67
N TRP C 129 -34.97 104.04 35.04
CA TRP C 129 -33.77 103.60 35.75
C TRP C 129 -32.63 104.58 35.57
N PHE C 130 -31.82 104.72 36.61
CA PHE C 130 -30.55 105.43 36.55
C PHE C 130 -29.44 104.48 37.01
N VAL C 131 -28.49 104.19 36.13
CA VAL C 131 -27.46 103.18 36.37
C VAL C 131 -26.09 103.85 36.27
N THR C 132 -25.25 103.67 37.29
CA THR C 132 -23.97 104.36 37.31
C THR C 132 -22.94 103.56 38.10
N ASN C 133 -21.67 103.88 37.82
CA ASN C 133 -20.53 103.25 38.49
C ASN C 133 -20.43 103.64 39.96
N ARG C 134 -20.82 104.86 40.30
CA ARG C 134 -20.54 105.50 41.58
C ARG C 134 -21.73 105.35 42.52
N PRO C 135 -21.50 105.41 43.84
CA PRO C 135 -22.63 105.45 44.77
C PRO C 135 -23.37 106.77 44.69
N VAL C 136 -24.58 106.78 45.24
CA VAL C 136 -25.51 107.89 45.10
C VAL C 136 -25.93 108.31 46.50
N SER C 137 -26.24 109.61 46.66
CA SER C 137 -26.62 110.22 47.93
C SER C 137 -27.80 109.50 48.57
N SER C 138 -27.58 109.04 49.81
CA SER C 138 -28.58 108.23 50.52
C SER C 138 -29.78 109.07 50.93
N SER C 139 -29.54 110.29 51.44
CA SER C 139 -30.64 111.12 51.93
C SER C 139 -31.59 111.53 50.80
N PHE C 140 -31.03 111.76 49.61
CA PHE C 140 -31.86 112.06 48.44
C PHE C 140 -32.73 110.87 48.08
N SER C 141 -32.18 109.66 48.18
CA SER C 141 -32.96 108.45 47.97
C SER C 141 -34.07 108.30 49.01
N GLU C 142 -33.76 108.64 50.26
CA GLU C 142 -34.76 108.61 51.33
C GLU C 142 -35.90 109.60 51.06
N ALA C 143 -35.56 110.78 50.54
CA ALA C 143 -36.57 111.75 50.14
C ALA C 143 -37.42 111.22 49.00
N ILE C 144 -36.79 110.56 48.03
CA ILE C 144 -37.53 109.95 46.91
C ILE C 144 -38.51 108.90 47.44
N ASN C 145 -38.03 108.06 48.36
CA ASN C 145 -38.85 107.01 48.96
C ASN C 145 -40.03 107.58 49.72
N ASP C 146 -39.79 108.58 50.56
CA ASP C 146 -40.86 109.16 51.37
C ASP C 146 -41.86 109.92 50.52
N ALA C 147 -41.40 110.55 49.44
CA ALA C 147 -42.32 111.15 48.49
C ALA C 147 -43.19 110.07 47.83
N ALA C 148 -42.57 108.96 47.42
CA ALA C 148 -43.32 107.88 46.78
C ALA C 148 -44.26 107.16 47.74
N ASN C 149 -44.02 107.26 49.05
CA ASN C 149 -44.82 106.57 50.04
C ASN C 149 -45.69 107.49 50.89
N GLN C 150 -45.63 108.80 50.66
CA GLN C 150 -46.40 109.82 51.40
C GLN C 150 -46.11 109.78 52.90
N HIS C 151 -44.87 110.11 53.22
CA HIS C 151 -44.44 110.32 54.61
C HIS C 151 -43.61 111.58 54.69
N VAL C 152 -43.60 112.19 55.88
CA VAL C 152 -42.84 113.40 56.13
C VAL C 152 -41.36 113.02 56.20
N THR C 153 -40.58 113.45 55.22
CA THR C 153 -39.18 113.07 55.18
C THR C 153 -38.38 113.81 56.25
N ARG C 154 -37.25 113.20 56.62
CA ARG C 154 -36.34 113.76 57.60
C ARG C 154 -35.42 114.82 57.01
N HIS C 155 -35.39 114.97 55.69
CA HIS C 155 -34.44 115.85 55.00
C HIS C 155 -35.21 116.78 54.07
N PRO C 156 -35.81 117.85 54.60
CA PRO C 156 -36.65 118.73 53.78
C PRO C 156 -35.92 119.43 52.66
N HIS C 157 -34.61 119.69 52.82
CA HIS C 157 -33.86 120.35 51.76
C HIS C 157 -33.75 119.47 50.52
N ASP C 158 -33.53 118.17 50.72
CA ASP C 158 -33.46 117.26 49.57
C ASP C 158 -34.83 117.09 48.92
N LEU C 159 -35.91 117.10 49.70
CA LEU C 159 -37.24 117.06 49.12
C LEU C 159 -37.55 118.33 48.34
N ALA C 160 -37.11 119.49 48.85
CA ALA C 160 -37.28 120.74 48.12
C ALA C 160 -36.51 120.72 46.80
N LYS C 161 -35.29 120.17 46.82
CA LYS C 161 -34.52 120.01 45.60
C LYS C 161 -35.22 119.08 44.62
N LEU C 162 -35.77 117.97 45.13
CA LEU C 162 -36.52 117.04 44.29
C LEU C 162 -37.74 117.70 43.66
N GLU C 163 -38.43 118.54 44.43
CA GLU C 163 -39.57 119.30 43.91
C GLU C 163 -39.12 120.28 42.82
N LYS C 164 -37.98 120.94 43.04
CA LYS C 164 -37.44 121.85 42.03
C LYS C 164 -37.06 121.10 40.74
N PHE C 165 -36.49 119.90 40.88
CA PHE C 165 -36.09 119.13 39.70
C PHE C 165 -37.31 118.61 38.95
N THR C 166 -38.29 118.05 39.66
CA THR C 166 -39.46 117.48 39.01
C THR C 166 -40.43 118.55 38.54
N GLY C 167 -40.60 119.62 39.31
CA GLY C 167 -41.72 120.51 39.11
C GLY C 167 -43.06 119.90 39.44
N LEU C 168 -43.12 119.07 40.48
CA LEU C 168 -44.35 118.41 40.91
C LEU C 168 -44.40 118.42 42.43
N GLN C 169 -45.63 118.37 42.96
CA GLN C 169 -45.86 118.28 44.40
C GLN C 169 -47.11 117.46 44.65
N GLY C 170 -47.18 116.92 45.86
CA GLY C 170 -48.30 116.08 46.24
C GLY C 170 -48.22 114.70 45.60
N ALA C 171 -49.40 114.08 45.46
CA ALA C 171 -49.48 112.71 44.98
C ALA C 171 -49.00 112.57 43.54
N GLU C 172 -49.12 113.64 42.74
CA GLU C 172 -48.56 113.62 41.39
C GLU C 172 -47.04 113.49 41.42
N LEU C 173 -46.39 114.11 42.43
CA LEU C 173 -44.99 113.80 42.67
C LEU C 173 -44.82 112.35 43.08
N SER C 174 -45.70 111.86 43.98
CA SER C 174 -45.57 110.54 44.56
C SER C 174 -45.60 109.46 43.49
N ILE C 175 -46.59 109.53 42.59
CA ILE C 175 -46.71 108.60 41.47
C ILE C 175 -45.43 108.60 40.64
N PHE C 176 -44.90 109.80 40.36
CA PHE C 176 -43.66 109.88 39.58
C PHE C 176 -42.51 109.23 40.34
N CYS C 177 -42.43 109.47 41.65
CA CYS C 177 -41.37 108.84 42.43
C CYS C 177 -41.60 107.35 42.58
N GLN C 178 -42.82 106.88 42.35
CA GLN C 178 -43.07 105.45 42.31
C GLN C 178 -42.52 104.79 41.05
N LEU C 179 -42.11 105.58 40.06
CA LEU C 179 -41.53 105.03 38.84
C LEU C 179 -40.03 105.23 38.71
N LEU C 180 -39.34 105.65 39.77
CA LEU C 180 -37.94 106.05 39.68
C LEU C 180 -37.08 105.05 40.45
N HIS C 181 -36.11 104.44 39.76
CA HIS C 181 -35.25 103.40 40.31
C HIS C 181 -33.79 103.83 40.21
N ILE C 182 -33.04 103.68 41.29
CA ILE C 182 -31.63 104.07 41.35
C ILE C 182 -30.79 102.82 41.58
N GLU C 183 -29.76 102.63 40.75
CA GLU C 183 -28.87 101.45 40.79
C GLU C 183 -27.42 101.90 40.68
N GLY C 184 -26.76 102.09 41.82
CA GLY C 184 -25.37 102.46 41.87
C GLY C 184 -24.42 101.28 42.07
N GLN C 185 -23.14 101.61 42.22
CA GLN C 185 -22.06 100.70 42.62
C GLN C 185 -21.85 99.54 41.63
N GLN C 186 -22.06 99.77 40.34
CA GLN C 186 -21.83 98.74 39.34
C GLN C 186 -20.35 98.35 39.27
N ASP C 187 -20.10 97.14 38.77
CA ASP C 187 -18.74 96.70 38.52
C ASP C 187 -18.12 97.56 37.41
N ASP C 188 -16.83 97.86 37.55
CA ASP C 188 -16.20 98.74 36.60
C ASP C 188 -15.81 97.98 35.33
N LEU C 189 -15.24 98.74 34.37
CA LEU C 189 -15.03 98.25 33.01
C LEU C 189 -14.13 97.02 32.97
N TRP C 190 -13.05 97.04 33.78
CA TRP C 190 -12.12 95.93 33.85
C TRP C 190 -12.79 94.63 34.31
N SER C 191 -13.84 94.72 35.11
CA SER C 191 -14.59 93.53 35.53
C SER C 191 -15.67 93.18 34.52
N GLN C 192 -16.34 94.21 33.98
CA GLN C 192 -17.41 94.01 33.00
C GLN C 192 -16.90 93.27 31.77
N ARG C 193 -15.63 93.46 31.43
CA ARG C 193 -15.07 92.88 30.23
C ARG C 193 -14.98 91.35 30.31
N ASN C 194 -14.95 90.77 31.52
CA ASN C 194 -14.83 89.33 31.71
C ASN C 194 -16.07 88.66 32.32
N ILE C 195 -16.92 89.45 33.00
CA ILE C 195 -18.19 88.90 33.48
C ILE C 195 -19.03 88.41 32.30
N LEU C 196 -18.97 89.11 31.18
CA LEU C 196 -19.69 88.72 29.98
C LEU C 196 -19.25 87.35 29.48
N LEU C 197 -17.95 87.08 29.52
CA LEU C 197 -17.44 85.76 29.15
C LEU C 197 -18.00 84.68 30.06
N ARG C 198 -17.97 84.93 31.38
CA ARG C 198 -18.49 83.95 32.32
C ARG C 198 -19.99 83.68 32.15
N GLU C 199 -20.79 84.71 31.88
CA GLU C 199 -22.22 84.45 31.69
C GLU C 199 -22.51 83.79 30.35
N SER C 200 -21.78 84.16 29.30
CA SER C 200 -22.03 83.56 27.99
C SER C 200 -21.56 82.11 27.94
N ALA C 201 -20.64 81.71 28.82
CA ALA C 201 -20.19 80.33 28.83
C ALA C 201 -21.23 79.31 29.27
N GLY C 202 -22.38 79.76 29.81
CA GLY C 202 -23.37 78.82 30.29
C GLY C 202 -24.27 78.22 29.22
N TYR C 203 -24.51 78.97 28.14
CA TYR C 203 -25.35 78.48 27.05
C TYR C 203 -24.57 77.59 26.08
N LEU C 204 -23.27 77.74 26.01
CA LEU C 204 -22.39 76.97 25.14
C LEU C 204 -21.87 75.74 25.87
N PRO C 205 -21.49 74.68 25.15
CA PRO C 205 -20.94 73.48 25.82
C PRO C 205 -19.51 73.64 26.31
N ASP C 206 -18.84 74.75 26.03
CA ASP C 206 -17.44 74.92 26.39
C ASP C 206 -17.14 76.41 26.52
N LEU C 207 -15.99 76.70 27.11
CA LEU C 207 -15.52 78.08 27.19
C LEU C 207 -15.20 78.63 25.81
N ASP C 208 -15.53 79.90 25.59
CA ASP C 208 -15.36 80.53 24.29
C ASP C 208 -14.83 81.94 24.47
N THR C 209 -14.04 82.40 23.50
CA THR C 209 -13.43 83.72 23.54
C THR C 209 -13.75 84.59 22.33
N GLU C 210 -14.66 84.19 21.45
CA GLU C 210 -15.10 85.05 20.35
C GLU C 210 -16.51 85.59 20.53
N ALA C 211 -17.36 84.90 21.28
CA ALA C 211 -18.72 85.39 21.53
C ALA C 211 -18.79 86.75 22.24
N PRO C 212 -17.98 87.06 23.28
CA PRO C 212 -18.03 88.42 23.84
C PRO C 212 -17.65 89.51 22.86
N LEU C 213 -16.87 89.19 21.83
CA LEU C 213 -16.61 90.16 20.77
C LEU C 213 -17.82 90.34 19.87
N LYS C 214 -18.48 89.23 19.51
CA LYS C 214 -19.52 89.29 18.50
C LYS C 214 -20.78 89.96 19.02
N LEU C 215 -21.15 89.71 20.28
CA LEU C 215 -22.31 90.39 20.83
C LEU C 215 -22.07 91.89 20.95
N LYS C 216 -20.86 92.28 21.36
CA LYS C 216 -20.50 93.69 21.45
C LYS C 216 -20.52 94.35 20.08
N GLU C 217 -20.03 93.64 19.05
CA GLU C 217 -20.07 94.19 17.69
C GLU C 217 -21.50 94.38 17.20
N LEU C 218 -22.40 93.45 17.53
CA LEU C 218 -23.81 93.60 17.17
C LEU C 218 -24.40 94.86 17.81
N VAL C 219 -24.15 95.03 19.11
CA VAL C 219 -24.68 96.19 19.83
C VAL C 219 -24.09 97.49 19.26
N ASN C 220 -22.80 97.49 18.98
CA ASN C 220 -22.15 98.67 18.40
C ASN C 220 -22.71 99.02 17.03
N ARG C 221 -22.94 98.02 16.17
CA ARG C 221 -23.47 98.32 14.85
C ARG C 221 -24.95 98.67 14.86
N LYS C 222 -25.67 98.43 15.95
CA LYS C 222 -26.97 99.07 16.07
C LYS C 222 -26.89 100.56 16.39
N ALA C 223 -25.74 101.07 16.80
CA ALA C 223 -25.62 102.44 17.26
C ALA C 223 -25.08 103.40 16.20
N LEU C 224 -24.97 102.97 14.95
CA LEU C 224 -24.54 103.85 13.87
C LEU C 224 -25.74 104.47 13.16
N THR C 225 -25.45 105.36 12.20
CA THR C 225 -26.49 105.99 11.40
C THR C 225 -27.14 105.02 10.43
N GLU C 226 -26.40 104.00 9.98
CA GLU C 226 -26.90 103.12 8.93
C GLU C 226 -28.08 102.28 9.42
N SER C 227 -28.16 102.03 10.72
CA SER C 227 -29.24 101.26 11.31
C SER C 227 -30.32 102.12 11.95
N ALA C 228 -30.34 103.43 11.64
CA ALA C 228 -31.31 104.33 12.26
C ALA C 228 -32.75 104.01 11.88
N ALA C 229 -32.97 103.33 10.75
CA ALA C 229 -34.31 102.94 10.38
C ALA C 229 -34.89 101.89 11.32
N ASN C 230 -34.04 101.10 11.99
CA ASN C 230 -34.52 100.05 12.88
C ASN C 230 -33.44 99.79 13.92
N PRO C 231 -33.60 100.29 15.14
CA PRO C 231 -32.63 100.02 16.22
C PRO C 231 -32.91 98.77 17.04
N SER C 232 -33.75 97.85 16.59
CA SER C 232 -34.19 96.75 17.45
C SER C 232 -33.23 95.57 17.44
N ILE C 233 -33.28 94.78 18.52
CA ILE C 233 -32.57 93.52 18.63
C ILE C 233 -33.58 92.46 19.02
N THR C 234 -33.60 91.35 18.28
CA THR C 234 -34.52 90.23 18.54
C THR C 234 -33.71 88.94 18.64
N ARG C 235 -34.42 87.83 18.91
CA ARG C 235 -33.77 86.54 19.12
C ARG C 235 -33.04 86.05 17.87
N MET C 236 -33.64 86.25 16.69
CA MET C 236 -33.00 85.83 15.45
C MET C 236 -31.70 86.59 15.21
N ASP C 237 -31.65 87.86 15.61
CA ASP C 237 -30.41 88.64 15.49
C ASP C 237 -29.30 88.06 16.35
N VAL C 238 -29.62 87.69 17.59
CA VAL C 238 -28.63 87.09 18.48
C VAL C 238 -28.15 85.74 17.95
N LEU C 239 -29.09 84.92 17.44
CA LEU C 239 -28.70 83.61 16.94
C LEU C 239 -27.83 83.72 15.69
N ARG C 240 -28.16 84.62 14.77
CA ARG C 240 -27.30 84.79 13.61
C ARG C 240 -26.03 85.55 13.93
N ALA C 241 -25.97 86.23 15.08
CA ALA C 241 -24.68 86.74 15.55
C ALA C 241 -23.80 85.60 16.02
N LEU C 242 -24.37 84.64 16.76
CA LEU C 242 -23.59 83.46 17.14
C LEU C 242 -23.36 82.51 15.97
N GLY C 243 -24.24 82.51 14.98
CA GLY C 243 -24.03 81.76 13.76
C GLY C 243 -24.80 80.47 13.63
N VAL C 244 -25.94 80.33 14.32
CA VAL C 244 -26.79 79.15 14.20
C VAL C 244 -28.21 79.60 13.91
N ASP C 245 -29.06 78.64 13.58
CA ASP C 245 -30.47 78.90 13.38
C ASP C 245 -31.26 77.85 14.16
N GLU C 246 -32.59 77.94 14.07
CA GLU C 246 -33.45 77.17 14.96
C GLU C 246 -33.33 75.67 14.70
N THR C 247 -32.94 75.28 13.48
CA THR C 247 -32.76 73.87 13.16
C THR C 247 -31.62 73.26 13.96
N ASP C 248 -30.59 74.04 14.25
CA ASP C 248 -29.48 73.53 15.06
C ASP C 248 -29.88 73.26 16.50
N LEU C 249 -30.95 73.88 16.99
CA LEU C 249 -31.43 73.59 18.33
C LEU C 249 -32.37 72.39 18.36
N PHE C 250 -33.03 72.08 17.25
CA PHE C 250 -33.87 70.89 17.11
C PHE C 250 -33.50 70.13 15.84
N PRO C 251 -32.37 69.41 15.84
CA PRO C 251 -31.90 68.77 14.60
C PRO C 251 -32.62 67.49 14.23
N ALA C 252 -33.41 66.88 15.12
CA ALA C 252 -33.99 65.57 14.86
C ALA C 252 -35.28 65.40 15.64
N PRO C 253 -36.40 65.88 15.10
CA PRO C 253 -37.67 65.75 15.81
C PRO C 253 -38.20 64.32 15.83
N CYS C 254 -39.13 64.08 16.76
CA CYS C 254 -39.75 62.77 16.91
C CYS C 254 -40.72 62.50 15.76
N ARG C 255 -40.91 61.21 15.48
CA ARG C 255 -41.74 60.81 14.35
C ARG C 255 -42.59 59.57 14.62
N ILE C 256 -42.59 59.05 15.84
CA ILE C 256 -43.26 57.77 16.12
C ILE C 256 -44.76 57.93 16.04
N GLU C 257 -45.40 57.02 15.31
CA GLU C 257 -46.84 57.05 15.09
C GLU C 257 -47.62 56.68 16.35
N ARG C 258 -48.55 57.55 16.73
CA ARG C 258 -49.55 57.23 17.74
C ARG C 258 -50.75 56.57 17.09
N ILE C 259 -51.42 55.69 17.83
CA ILE C 259 -52.59 54.99 17.34
C ILE C 259 -53.72 55.09 18.35
N GLU C 260 -54.96 55.04 17.85
CA GLU C 260 -56.17 55.16 18.65
C GLU C 260 -56.63 53.83 19.22
N ASN C 261 -56.72 52.79 18.40
CA ASN C 261 -57.02 51.46 18.91
C ASN C 261 -55.86 50.97 19.76
N SER C 262 -56.18 50.37 20.90
CA SER C 262 -55.13 49.77 21.73
C SER C 262 -55.77 48.61 22.48
N VAL C 263 -55.47 47.39 22.04
CA VAL C 263 -56.08 46.21 22.65
C VAL C 263 -55.55 46.05 24.06
N SER C 264 -56.42 45.56 24.96
CA SER C 264 -56.05 45.41 26.36
C SER C 264 -54.94 44.37 26.49
N ARG C 265 -53.86 44.75 27.17
CA ARG C 265 -52.61 44.01 27.08
C ARG C 265 -51.92 44.17 28.43
N THR C 266 -52.00 43.13 29.26
CA THR C 266 -51.86 43.29 30.71
C THR C 266 -50.42 43.44 31.17
N GLN C 267 -49.44 43.03 30.37
CA GLN C 267 -48.07 42.93 30.88
C GLN C 267 -47.45 44.29 31.13
N GLU C 268 -47.85 45.31 30.35
CA GLU C 268 -47.13 46.58 30.31
C GLU C 268 -47.17 47.31 31.66
N ALA C 269 -48.28 47.20 32.39
CA ALA C 269 -48.37 47.86 33.70
C ALA C 269 -47.46 47.21 34.73
N THR C 270 -47.18 45.91 34.61
CA THR C 270 -46.18 45.29 35.48
C THR C 270 -44.77 45.63 35.02
N LEU C 271 -44.57 45.68 33.71
CA LEU C 271 -43.24 45.88 33.17
C LEU C 271 -42.74 47.30 33.43
N VAL C 272 -43.65 48.27 33.56
CA VAL C 272 -43.24 49.63 33.87
C VAL C 272 -42.87 49.78 35.35
N GLN C 273 -43.59 49.13 36.26
CA GLN C 273 -43.22 49.23 37.68
C GLN C 273 -41.98 48.43 37.99
N ARG C 274 -41.72 47.38 37.19
CA ARG C 274 -40.46 46.64 37.30
C ARG C 274 -39.26 47.52 37.01
N VAL C 275 -39.44 48.59 36.23
CA VAL C 275 -38.35 49.53 35.97
C VAL C 275 -38.07 50.38 37.21
N VAL C 276 -39.10 51.07 37.71
CA VAL C 276 -38.90 52.03 38.80
C VAL C 276 -38.47 51.33 40.08
N GLU C 277 -38.98 50.13 40.34
CA GLU C 277 -38.57 49.44 41.56
C GLU C 277 -37.22 48.75 41.44
N ALA C 278 -36.53 48.89 40.31
CA ALA C 278 -35.20 48.31 40.12
C ALA C 278 -34.24 49.39 39.63
N PHE C 279 -34.18 50.49 40.38
CA PHE C 279 -33.34 51.62 40.04
C PHE C 279 -31.85 51.30 40.18
N GLY C 280 -31.03 52.24 39.68
CA GLY C 280 -29.59 52.13 39.79
C GLY C 280 -28.91 51.32 38.70
N ALA C 281 -29.63 50.94 37.65
CA ALA C 281 -29.06 50.11 36.60
C ALA C 281 -29.80 50.40 35.30
N PRO C 282 -29.16 50.23 34.15
CA PRO C 282 -29.87 50.36 32.88
C PRO C 282 -30.74 49.16 32.59
N VAL C 283 -31.91 49.42 32.02
CA VAL C 283 -32.91 48.40 31.72
C VAL C 283 -33.09 48.30 30.21
N ILE C 284 -33.12 47.06 29.70
CA ILE C 284 -33.27 46.78 28.28
C ILE C 284 -34.46 45.85 28.08
N ILE C 285 -35.37 46.25 27.19
CA ILE C 285 -36.52 45.45 26.78
C ILE C 285 -36.25 44.92 25.38
N HIS C 286 -36.53 43.64 25.14
CA HIS C 286 -36.38 43.10 23.81
C HIS C 286 -37.55 42.21 23.39
N ALA C 287 -37.87 42.26 22.10
CA ALA C 287 -38.91 41.48 21.45
C ALA C 287 -38.72 41.59 19.94
N ASP C 288 -39.10 40.55 19.20
CA ASP C 288 -38.79 40.49 17.78
C ASP C 288 -39.79 41.29 16.95
N ALA C 289 -39.79 41.06 15.64
CA ALA C 289 -40.38 42.00 14.68
C ALA C 289 -41.89 42.08 14.81
N GLY C 290 -42.41 43.30 14.86
CA GLY C 290 -43.84 43.54 14.81
C GLY C 290 -44.61 43.08 16.02
N VAL C 291 -44.05 43.24 17.22
CA VAL C 291 -44.71 42.78 18.44
C VAL C 291 -45.22 43.95 19.28
N GLY C 292 -44.77 45.17 19.00
CA GLY C 292 -45.34 46.34 19.64
C GLY C 292 -44.42 47.15 20.52
N LYS C 293 -43.12 47.14 20.27
CA LYS C 293 -42.19 47.93 21.07
C LYS C 293 -42.44 49.42 20.92
N SER C 294 -42.62 49.89 19.67
CA SER C 294 -42.73 51.32 19.41
C SER C 294 -44.05 51.88 19.90
N ILE C 295 -45.11 51.08 19.87
CA ILE C 295 -46.39 51.51 20.46
C ILE C 295 -46.28 51.59 21.98
N PHE C 296 -45.62 50.59 22.59
CA PHE C 296 -45.47 50.55 24.05
C PHE C 296 -44.65 51.74 24.54
N SER C 297 -43.66 52.17 23.75
CA SER C 297 -42.87 53.34 24.11
C SER C 297 -43.70 54.60 24.22
N THR C 298 -44.84 54.67 23.52
CA THR C 298 -45.73 55.81 23.66
C THR C 298 -46.68 55.66 24.84
N HIS C 299 -46.95 54.42 25.27
CA HIS C 299 -47.88 54.18 26.37
C HIS C 299 -47.24 54.23 27.75
N ILE C 300 -45.93 53.98 27.84
CA ILE C 300 -45.26 53.79 29.15
C ILE C 300 -45.40 55.01 30.06
N GLU C 301 -45.49 56.20 29.48
CA GLU C 301 -45.40 57.44 30.26
C GLU C 301 -46.56 57.63 31.24
N GLU C 302 -47.71 57.02 30.99
CA GLU C 302 -48.90 57.28 31.80
C GLU C 302 -48.95 56.48 33.10
N HIS C 303 -48.05 55.52 33.31
CA HIS C 303 -48.08 54.69 34.51
C HIS C 303 -47.06 55.11 35.56
N LEU C 304 -46.28 56.16 35.31
CA LEU C 304 -45.30 56.64 36.27
C LEU C 304 -45.99 57.27 37.48
N PRO C 305 -45.30 57.39 38.61
CA PRO C 305 -45.85 58.15 39.74
C PRO C 305 -46.12 59.59 39.35
N THR C 306 -47.17 60.16 39.94
CA THR C 306 -47.59 61.52 39.62
C THR C 306 -46.48 62.53 39.90
N GLY C 307 -46.33 63.48 38.97
CA GLY C 307 -45.24 64.43 38.99
C GLY C 307 -44.10 64.11 38.04
N SER C 308 -44.09 62.91 37.45
CA SER C 308 -42.95 62.48 36.64
C SER C 308 -42.98 63.09 35.24
N VAL C 309 -41.81 63.07 34.60
CA VAL C 309 -41.59 63.57 33.25
C VAL C 309 -40.81 62.53 32.48
N SER C 310 -41.15 62.32 31.20
CA SER C 310 -40.46 61.38 30.34
C SER C 310 -40.04 62.03 29.03
N ILE C 311 -38.83 61.71 28.58
CA ILE C 311 -38.27 62.17 27.30
C ILE C 311 -38.14 60.97 26.39
N LEU C 312 -38.67 61.09 25.16
CA LEU C 312 -38.71 60.01 24.20
C LEU C 312 -37.90 60.40 22.97
N TYR C 313 -36.98 59.54 22.56
CA TYR C 313 -36.13 59.77 21.40
C TYR C 313 -36.31 58.66 20.39
N ASP C 314 -36.16 58.99 19.11
CA ASP C 314 -36.43 58.08 17.99
C ASP C 314 -35.13 58.00 17.20
N CYS C 315 -34.55 56.80 17.09
CA CYS C 315 -33.35 56.56 16.31
C CYS C 315 -33.63 56.06 14.91
N PHE C 316 -34.88 55.85 14.53
CA PHE C 316 -35.22 55.25 13.25
C PHE C 316 -35.81 56.23 12.24
N GLY C 317 -36.55 57.23 12.69
CA GLY C 317 -37.25 58.10 11.77
C GLY C 317 -38.34 57.31 11.04
N LEU C 318 -38.34 57.40 9.72
CA LEU C 318 -39.17 56.53 8.90
C LEU C 318 -38.32 55.85 7.83
N GLY C 319 -37.19 55.31 8.25
CA GLY C 319 -36.25 54.74 7.30
C GLY C 319 -35.36 55.73 6.60
N GLN C 320 -35.29 56.96 7.10
CA GLN C 320 -34.40 57.98 6.54
C GLN C 320 -33.08 58.09 7.29
N TYR C 321 -32.87 57.28 8.32
CA TYR C 321 -31.69 57.42 9.17
C TYR C 321 -30.39 57.06 8.48
N ARG C 322 -30.44 56.46 7.29
CA ARG C 322 -29.23 56.04 6.59
C ARG C 322 -28.76 57.04 5.55
N ASN C 323 -29.36 58.22 5.50
CA ASN C 323 -29.07 59.23 4.49
C ASN C 323 -28.28 60.36 5.13
N ALA C 324 -27.36 60.95 4.34
CA ALA C 324 -26.40 61.91 4.86
C ALA C 324 -27.07 63.14 5.45
N SER C 325 -28.16 63.61 4.85
CA SER C 325 -28.87 64.75 5.38
C SER C 325 -29.77 64.41 6.56
N SER C 326 -29.79 63.15 7.00
CA SER C 326 -30.73 62.73 8.03
C SER C 326 -30.13 61.77 9.06
N TYR C 327 -28.82 61.81 9.31
CA TYR C 327 -28.24 61.00 10.38
C TYR C 327 -28.80 61.38 11.74
N ARG C 328 -28.89 60.38 12.63
CA ARG C 328 -29.47 60.57 13.95
C ARG C 328 -28.62 59.99 15.08
N HIS C 329 -27.38 59.58 14.81
CA HIS C 329 -26.61 58.77 15.76
C HIS C 329 -25.47 59.49 16.45
N HIS C 330 -25.15 60.73 16.07
CA HIS C 330 -24.05 61.44 16.72
C HIS C 330 -24.47 61.97 18.09
N HIS C 331 -23.47 62.21 18.93
CA HIS C 331 -23.71 62.88 20.22
C HIS C 331 -24.31 64.26 20.02
N ARG C 332 -23.73 65.04 19.10
CA ARG C 332 -24.07 66.44 18.87
C ARG C 332 -25.45 66.64 18.28
N THR C 333 -26.20 65.58 18.02
CA THR C 333 -27.60 65.67 17.61
C THR C 333 -28.55 65.25 18.73
N ALA C 334 -28.37 64.05 19.27
CA ALA C 334 -29.28 63.52 20.26
C ALA C 334 -29.21 64.28 21.57
N LEU C 335 -27.99 64.60 22.04
CA LEU C 335 -27.87 65.28 23.32
C LEU C 335 -28.45 66.69 23.25
N VAL C 336 -28.20 67.39 22.14
CA VAL C 336 -28.78 68.72 21.93
C VAL C 336 -30.30 68.64 21.87
N GLN C 337 -30.84 67.64 21.15
CA GLN C 337 -32.28 67.41 21.12
C GLN C 337 -32.88 67.28 22.50
N MET C 338 -32.31 66.41 23.32
CA MET C 338 -32.92 66.12 24.61
C MET C 338 -32.77 67.29 25.57
N ALA C 339 -31.62 67.96 25.55
CA ALA C 339 -31.41 69.13 26.38
C ALA C 339 -32.40 70.24 26.05
N ASN C 340 -32.60 70.53 24.76
CA ASN C 340 -33.52 71.58 24.41
C ASN C 340 -34.98 71.17 24.58
N GLU C 341 -35.29 69.87 24.53
CA GLU C 341 -36.66 69.46 24.87
C GLU C 341 -36.94 69.63 26.36
N MET C 342 -35.96 69.34 27.23
CA MET C 342 -36.16 69.62 28.64
C MET C 342 -36.24 71.12 28.91
N ALA C 343 -35.40 71.90 28.24
CA ALA C 343 -35.41 73.35 28.42
C ALA C 343 -36.71 73.97 27.92
N SER C 344 -37.28 73.43 26.84
CA SER C 344 -38.55 73.93 26.33
C SER C 344 -39.68 73.74 27.34
N ARG C 345 -39.65 72.62 28.07
CA ARG C 345 -40.62 72.39 29.13
C ARG C 345 -40.34 73.24 30.38
N GLY C 346 -39.22 73.94 30.42
CA GLY C 346 -38.94 74.89 31.48
C GLY C 346 -38.13 74.38 32.65
N LEU C 347 -37.35 73.32 32.46
CA LEU C 347 -36.60 72.71 33.55
C LEU C 347 -35.16 73.20 33.66
N CYS C 348 -34.53 73.59 32.55
CA CYS C 348 -33.10 73.90 32.57
C CYS C 348 -32.76 74.87 31.44
N HIS C 349 -31.48 75.24 31.38
CA HIS C 349 -31.00 76.17 30.36
C HIS C 349 -30.93 75.51 28.99
N PRO C 350 -31.03 76.29 27.91
CA PRO C 350 -30.75 75.75 26.58
C PRO C 350 -29.29 75.35 26.42
N LEU C 351 -29.05 74.44 25.47
CA LEU C 351 -27.72 74.05 25.06
C LEU C 351 -27.63 74.20 23.55
N ILE C 352 -26.77 75.10 23.08
CA ILE C 352 -26.71 75.42 21.66
C ILE C 352 -25.33 75.11 21.12
N PRO C 353 -25.22 74.58 19.90
CA PRO C 353 -23.99 73.93 19.47
C PRO C 353 -22.88 74.89 19.08
N ASN C 354 -21.65 74.41 19.25
CA ASN C 354 -20.45 75.13 18.88
C ASN C 354 -19.53 74.18 18.13
N ALA C 355 -19.00 74.63 17.00
CA ALA C 355 -18.21 73.78 16.12
C ALA C 355 -16.90 73.35 16.80
N GLY C 356 -16.46 72.13 16.47
CA GLY C 356 -15.23 71.58 16.99
C GLY C 356 -15.31 70.98 18.39
N THR C 357 -16.48 70.96 19.00
CA THR C 357 -16.62 70.45 20.36
C THR C 357 -16.63 68.92 20.36
N GLY C 358 -15.87 68.31 21.30
CA GLY C 358 -15.74 66.87 21.34
C GLY C 358 -16.81 66.19 22.20
N ILE C 359 -16.72 64.85 22.25
CA ILE C 359 -17.79 64.05 22.85
C ILE C 359 -17.86 64.24 24.36
N SER C 360 -16.71 64.44 25.02
CA SER C 360 -16.70 64.52 26.47
C SER C 360 -17.36 65.79 26.97
N GLN C 361 -17.21 66.89 26.21
CA GLN C 361 -17.83 68.15 26.59
C GLN C 361 -19.35 68.06 26.51
N TYR C 362 -19.87 67.44 25.45
CA TYR C 362 -21.31 67.25 25.33
C TYR C 362 -21.85 66.33 26.42
N MET C 363 -21.11 65.26 26.75
CA MET C 363 -21.52 64.37 27.84
C MET C 363 -21.60 65.12 29.17
N ARG C 364 -20.60 65.93 29.47
CA ARG C 364 -20.60 66.68 30.72
C ARG C 364 -21.69 67.74 30.76
N ALA C 365 -21.93 68.43 29.64
CA ALA C 365 -22.98 69.43 29.58
C ALA C 365 -24.37 68.82 29.74
N PHE C 366 -24.56 67.60 29.23
CA PHE C 366 -25.85 66.93 29.38
C PHE C 366 -26.07 66.45 30.82
N LEU C 367 -25.05 65.81 31.39
CA LEU C 367 -25.15 65.28 32.74
C LEU C 367 -25.29 66.40 33.77
N HIS C 368 -24.75 67.58 33.48
CA HIS C 368 -24.93 68.71 34.38
C HIS C 368 -26.39 69.16 34.46
N ARG C 369 -27.12 69.13 33.34
CA ARG C 369 -28.48 69.65 33.31
C ARG C 369 -29.51 68.64 33.81
N LEU C 370 -29.16 67.35 33.79
CA LEU C 370 -30.04 66.35 34.40
C LEU C 370 -30.29 66.65 35.88
N SER C 371 -29.25 67.08 36.60
CA SER C 371 -29.39 67.36 38.03
C SER C 371 -30.34 68.53 38.29
N GLN C 372 -30.23 69.59 37.47
CA GLN C 372 -31.11 70.74 37.62
C GLN C 372 -32.57 70.34 37.40
N SER C 373 -32.82 69.55 36.35
CA SER C 373 -34.18 69.11 36.08
C SER C 373 -34.75 68.25 37.21
N ILE C 374 -33.94 67.33 37.76
CA ILE C 374 -34.45 66.47 38.81
C ILE C 374 -34.67 67.24 40.11
N SER C 375 -33.85 68.26 40.38
CA SER C 375 -34.12 69.11 41.54
C SER C 375 -35.45 69.84 41.40
N ILE C 376 -35.73 70.35 40.19
CA ILE C 376 -36.99 71.05 39.95
C ILE C 376 -38.17 70.10 40.13
N LEU C 377 -38.08 68.88 39.59
CA LEU C 377 -39.16 67.91 39.76
C LEU C 377 -39.38 67.52 41.22
N ARG C 378 -38.30 67.24 41.96
CA ARG C 378 -38.50 66.79 43.33
C ARG C 378 -38.57 67.92 44.33
N ALA C 379 -38.73 69.16 43.87
CA ALA C 379 -39.18 70.19 44.80
C ALA C 379 -40.69 70.06 45.07
N SER C 380 -41.50 70.03 44.02
CA SER C 380 -42.96 70.07 44.19
C SER C 380 -43.59 68.75 44.61
N GLU C 381 -42.96 67.61 44.31
CA GLU C 381 -43.45 66.32 44.77
C GLU C 381 -42.27 65.49 45.26
N PRO C 382 -42.48 64.60 46.25
CA PRO C 382 -41.35 63.87 46.81
C PRO C 382 -40.84 62.69 45.98
N LEU C 383 -41.65 62.14 45.06
CA LEU C 383 -41.30 60.87 44.44
C LEU C 383 -41.34 60.91 42.91
N ALA C 384 -41.26 62.09 42.30
CA ALA C 384 -41.23 62.17 40.86
C ALA C 384 -39.93 61.59 40.30
N VAL C 385 -40.01 61.06 39.07
CA VAL C 385 -38.86 60.54 38.37
C VAL C 385 -38.74 61.22 37.02
N LEU C 386 -37.52 61.23 36.48
CA LEU C 386 -37.24 61.71 35.14
C LEU C 386 -36.78 60.52 34.31
N CYS C 387 -37.48 60.22 33.23
CA CYS C 387 -37.30 58.98 32.49
C CYS C 387 -36.87 59.25 31.06
N ILE C 388 -35.82 58.57 30.61
CA ILE C 388 -35.28 58.70 29.26
C ILE C 388 -35.55 57.40 28.51
N ILE C 389 -36.24 57.51 27.37
CA ILE C 389 -36.57 56.36 26.54
C ILE C 389 -35.86 56.49 25.19
N ILE C 390 -35.03 55.51 24.87
CA ILE C 390 -34.31 55.45 23.60
C ILE C 390 -34.94 54.33 22.78
N ASP C 391 -35.83 54.68 21.87
CA ASP C 391 -36.39 53.69 20.97
C ASP C 391 -35.39 53.36 19.86
N ALA C 392 -35.46 52.11 19.38
CA ALA C 392 -34.69 51.62 18.24
C ALA C 392 -33.18 51.77 18.46
N ALA C 393 -32.70 51.36 19.63
CA ALA C 393 -31.30 51.57 20.00
C ALA C 393 -30.34 50.79 19.11
N ASP C 394 -30.78 49.72 18.46
CA ASP C 394 -29.87 48.92 17.65
C ASP C 394 -29.65 49.49 16.25
N ASN C 395 -30.49 50.43 15.78
CA ASN C 395 -30.27 51.00 14.46
C ASN C 395 -29.09 51.97 14.44
N ALA C 396 -28.88 52.66 15.56
CA ALA C 396 -27.82 53.67 15.64
C ALA C 396 -26.44 53.06 15.46
N GLN C 397 -26.20 51.89 16.06
CA GLN C 397 -24.89 51.28 15.95
C GLN C 397 -24.67 50.69 14.56
N MET C 398 -25.73 50.21 13.91
CA MET C 398 -25.62 49.79 12.52
C MET C 398 -25.27 50.95 11.61
N ALA C 399 -25.90 52.11 11.82
CA ALA C 399 -25.58 53.28 11.01
C ALA C 399 -24.19 53.80 11.29
N ALA C 400 -23.72 53.69 12.54
CA ALA C 400 -22.35 54.08 12.86
C ALA C 400 -21.35 53.17 12.17
N GLU C 401 -21.57 51.86 12.24
CA GLU C 401 -20.61 50.91 11.66
C GLU C 401 -20.64 50.92 10.14
N GLU C 402 -21.78 51.31 9.54
CA GLU C 402 -21.85 51.37 8.07
C GLU C 402 -20.90 52.42 7.50
N ILE C 403 -20.79 53.57 8.17
CA ILE C 403 -19.93 54.65 7.69
C ILE C 403 -18.53 54.59 8.28
N GLY C 404 -18.20 53.55 9.03
CA GLY C 404 -16.85 53.34 9.51
C GLY C 404 -16.59 53.71 10.95
N GLU C 405 -17.55 54.32 11.64
CA GLU C 405 -17.38 54.66 13.05
C GLU C 405 -17.62 53.42 13.91
N THR C 406 -17.35 53.53 15.22
CA THR C 406 -17.54 52.41 16.13
C THR C 406 -18.33 52.73 17.39
N ARG C 407 -18.54 54.01 17.75
CA ARG C 407 -19.14 54.36 19.03
C ARG C 407 -20.31 55.33 18.81
N SER C 408 -21.50 54.79 18.59
CA SER C 408 -22.71 55.59 18.64
C SER C 408 -22.99 56.02 20.08
N PHE C 409 -23.82 57.05 20.22
CA PHE C 409 -24.00 57.71 21.52
C PHE C 409 -24.57 56.79 22.59
N ILE C 410 -25.45 55.87 22.21
CA ILE C 410 -26.05 54.97 23.20
C ILE C 410 -25.04 53.93 23.68
N LYS C 411 -24.01 53.65 22.88
CA LYS C 411 -22.97 52.71 23.28
C LYS C 411 -22.08 53.29 24.37
N ASP C 412 -22.04 54.62 24.52
CA ASP C 412 -21.38 55.28 25.63
C ASP C 412 -22.34 55.57 26.78
N LEU C 413 -23.56 55.99 26.46
CA LEU C 413 -24.50 56.44 27.48
C LEU C 413 -24.94 55.31 28.40
N ILE C 414 -24.91 54.07 27.93
CA ILE C 414 -25.42 52.95 28.72
C ILE C 414 -24.48 52.61 29.88
N ARG C 415 -23.19 52.88 29.75
CA ARG C 415 -22.24 52.61 30.82
C ARG C 415 -21.96 53.81 31.70
N GLU C 416 -22.39 54.99 31.26
CA GLU C 416 -22.25 56.20 32.06
C GLU C 416 -23.17 56.12 33.27
N LYS C 417 -22.86 56.85 34.33
CA LYS C 417 -23.64 56.82 35.55
C LYS C 417 -24.41 58.13 35.73
N LEU C 418 -25.74 58.02 35.79
CA LEU C 418 -26.68 59.13 35.82
C LEU C 418 -27.00 59.55 37.26
N PRO C 419 -27.40 60.81 37.45
CA PRO C 419 -27.75 61.27 38.81
C PRO C 419 -28.97 60.55 39.37
N ASP C 420 -29.12 60.69 40.69
CA ASP C 420 -30.10 59.91 41.45
C ASP C 420 -31.52 60.40 41.15
N GLY C 421 -32.39 59.48 40.73
CA GLY C 421 -33.74 59.81 40.34
C GLY C 421 -33.99 59.77 38.85
N VAL C 422 -33.05 59.32 38.04
CA VAL C 422 -33.15 59.30 36.59
C VAL C 422 -33.21 57.85 36.13
N CYS C 423 -34.12 57.56 35.19
CA CYS C 423 -34.30 56.23 34.62
C CYS C 423 -33.89 56.21 33.16
N LEU C 424 -33.28 55.11 32.72
CA LEU C 424 -32.89 54.91 31.33
C LEU C 424 -33.37 53.55 30.86
N VAL C 425 -34.11 53.52 29.75
CA VAL C 425 -34.64 52.28 29.16
C VAL C 425 -34.29 52.24 27.68
N ALA C 426 -33.80 51.09 27.21
CA ALA C 426 -33.47 50.87 25.80
C ALA C 426 -34.23 49.65 25.29
N LEU C 427 -34.64 49.70 24.02
CA LEU C 427 -35.44 48.65 23.40
C LEU C 427 -34.78 48.16 22.12
N CYS C 428 -34.67 46.84 21.97
CA CYS C 428 -34.01 46.28 20.79
C CYS C 428 -34.63 44.95 20.39
N ARG C 429 -34.24 44.44 19.22
CA ARG C 429 -34.57 43.07 18.85
C ARG C 429 -33.62 42.09 19.52
N PRO C 430 -34.07 40.85 19.80
CA PRO C 430 -33.30 39.97 20.69
C PRO C 430 -31.94 39.51 20.16
N TYR C 431 -31.75 39.44 18.85
CA TYR C 431 -30.48 38.91 18.34
C TYR C 431 -29.47 39.99 18.00
N ARG C 432 -29.91 41.24 17.86
CA ARG C 432 -29.01 42.39 17.70
C ARG C 432 -28.56 42.98 19.03
N ARG C 433 -28.92 42.36 20.15
CA ARG C 433 -28.68 42.94 21.47
C ARG C 433 -27.20 43.09 21.79
N GLU C 434 -26.35 42.24 21.22
CA GLU C 434 -24.93 42.28 21.54
C GLU C 434 -24.19 43.44 20.90
N LEU C 435 -24.81 44.13 19.93
CA LEU C 435 -24.17 45.31 19.36
C LEU C 435 -24.04 46.42 20.39
N LEU C 436 -25.05 46.61 21.23
CA LEU C 436 -25.01 47.66 22.22
C LEU C 436 -24.36 47.23 23.53
N ASP C 437 -23.90 45.98 23.63
CA ASP C 437 -22.97 45.39 24.60
C ASP C 437 -23.23 45.84 26.05
N PRO C 438 -24.25 45.32 26.72
CA PRO C 438 -24.56 45.78 28.07
C PRO C 438 -23.49 45.38 29.05
N PRO C 439 -23.32 46.14 30.14
CA PRO C 439 -22.46 45.69 31.24
C PRO C 439 -23.11 44.55 31.99
N PRO C 440 -22.34 43.80 32.79
CA PRO C 440 -22.94 42.72 33.59
C PRO C 440 -24.05 43.16 34.54
N GLU C 441 -24.00 44.39 35.06
CA GLU C 441 -25.00 44.87 36.01
C GLU C 441 -26.35 45.19 35.38
N ALA C 442 -26.47 45.14 34.05
CA ALA C 442 -27.69 45.53 33.37
C ALA C 442 -28.84 44.57 33.67
N LEU C 443 -30.06 45.04 33.43
CA LEU C 443 -31.28 44.28 33.64
C LEU C 443 -31.96 44.06 32.28
N THR C 444 -32.36 42.82 32.01
CA THR C 444 -32.94 42.43 30.72
C THR C 444 -34.34 41.86 30.90
N LEU C 445 -35.29 42.39 30.11
CA LEU C 445 -36.69 41.96 30.15
C LEU C 445 -37.19 41.73 28.73
N SER C 446 -38.33 41.04 28.63
CA SER C 446 -38.88 40.64 27.34
C SER C 446 -40.37 40.93 27.32
N LEU C 447 -40.90 41.08 26.11
CA LEU C 447 -42.31 41.38 25.87
C LEU C 447 -42.84 40.35 24.88
N GLN C 448 -44.08 39.91 25.07
CA GLN C 448 -44.56 38.68 24.43
C GLN C 448 -45.79 38.92 23.57
N THR C 449 -45.94 38.05 22.56
CA THR C 449 -46.96 38.17 21.52
C THR C 449 -48.38 37.96 22.07
N PHE C 450 -49.35 38.21 21.20
CA PHE C 450 -50.76 38.03 21.51
C PHE C 450 -51.10 36.57 21.80
N ASN C 451 -51.97 36.36 22.78
CA ASN C 451 -52.57 35.05 23.01
C ASN C 451 -53.91 34.96 22.27
N ARG C 452 -54.75 33.98 22.64
CA ARG C 452 -56.04 33.84 21.98
C ARG C 452 -56.99 34.99 22.32
N ASP C 453 -56.95 35.46 23.57
CA ASP C 453 -57.85 36.53 23.99
C ASP C 453 -57.54 37.84 23.26
N GLU C 454 -56.25 38.16 23.12
CA GLU C 454 -55.84 39.36 22.40
C GLU C 454 -56.23 39.28 20.93
N THR C 455 -56.04 38.11 20.32
CA THR C 455 -56.44 37.92 18.92
C THR C 455 -57.94 38.10 18.75
N ALA C 456 -58.73 37.52 19.65
CA ALA C 456 -60.19 37.66 19.56
C ALA C 456 -60.65 39.09 19.75
N ALA C 457 -60.06 39.81 20.73
CA ALA C 457 -60.43 41.20 20.96
C ALA C 457 -59.98 42.09 19.82
N HIS C 458 -58.87 41.76 19.16
CA HIS C 458 -58.43 42.50 17.99
C HIS C 458 -59.37 42.25 16.80
N LEU C 459 -59.81 41.00 16.65
CA LEU C 459 -60.70 40.64 15.55
C LEU C 459 -62.08 41.29 15.71
N HIS C 460 -62.59 41.33 16.94
CA HIS C 460 -63.93 41.88 17.18
C HIS C 460 -64.01 43.40 17.07
N GLN C 461 -62.95 44.08 16.66
CA GLN C 461 -63.06 45.48 16.25
C GLN C 461 -63.54 45.62 14.82
N LYS C 462 -63.53 44.55 14.04
CA LYS C 462 -63.92 44.58 12.64
C LYS C 462 -65.06 43.62 12.33
N PHE C 463 -65.05 42.43 12.94
CA PHE C 463 -66.14 41.46 12.83
C PHE C 463 -66.54 41.08 14.24
N PRO C 464 -67.46 41.84 14.85
CA PRO C 464 -67.87 41.53 16.24
C PRO C 464 -68.55 40.18 16.43
N ASP C 465 -69.08 39.56 15.37
CA ASP C 465 -69.91 38.37 15.51
C ASP C 465 -69.29 37.13 14.89
N ALA C 466 -67.97 37.02 14.86
CA ALA C 466 -67.32 35.81 14.39
C ALA C 466 -67.44 34.70 15.42
N SER C 467 -67.35 33.46 14.94
CA SER C 467 -67.43 32.28 15.78
C SER C 467 -66.05 31.90 16.32
N GLU C 468 -66.04 30.93 17.23
CA GLU C 468 -64.79 30.51 17.86
C GLU C 468 -63.89 29.73 16.90
N SER C 469 -64.47 29.02 15.93
CA SER C 469 -63.63 28.32 14.96
C SER C 469 -62.92 29.29 14.04
N ASP C 470 -63.53 30.46 13.80
CA ASP C 470 -62.84 31.51 13.06
C ASP C 470 -61.63 32.01 13.83
N VAL C 471 -61.76 32.19 15.14
CA VAL C 471 -60.63 32.61 15.96
C VAL C 471 -59.55 31.54 16.00
N ASP C 472 -59.96 30.26 16.05
CA ASP C 472 -58.99 29.16 15.99
C ASP C 472 -58.17 29.20 14.70
N GLU C 473 -58.87 29.26 13.55
CA GLU C 473 -58.18 29.28 12.26
C GLU C 473 -57.33 30.53 12.10
N PHE C 474 -57.86 31.68 12.52
CA PHE C 474 -57.17 32.95 12.37
C PHE C 474 -55.93 33.02 13.26
N HIS C 475 -56.03 32.47 14.47
CA HIS C 475 -54.90 32.48 15.39
C HIS C 475 -53.82 31.51 14.93
N ARG C 476 -54.21 30.37 14.34
CA ARG C 476 -53.22 29.42 13.85
C ARG C 476 -52.49 29.96 12.62
N LEU C 477 -53.24 30.48 11.65
CA LEU C 477 -52.63 30.84 10.37
C LEU C 477 -51.88 32.18 10.38
N SER C 478 -52.02 32.98 11.45
CA SER C 478 -51.38 34.29 11.49
C SER C 478 -50.10 34.35 12.32
N SER C 479 -49.67 33.22 12.88
CA SER C 479 -48.47 33.14 13.72
C SER C 479 -48.49 34.10 14.91
N CYS C 480 -49.70 34.47 15.36
CA CYS C 480 -49.99 35.29 16.53
C CYS C 480 -49.40 36.69 16.49
N ASN C 481 -48.91 37.15 15.33
CA ASN C 481 -48.15 38.41 15.25
C ASN C 481 -49.08 39.59 15.00
N PRO C 482 -48.98 40.67 15.80
CA PRO C 482 -49.91 41.80 15.67
C PRO C 482 -49.86 42.52 14.32
N ARG C 483 -48.66 42.78 13.79
CA ARG C 483 -48.53 43.54 12.55
C ARG C 483 -49.16 42.82 11.39
N VAL C 484 -48.99 41.50 11.33
CA VAL C 484 -49.60 40.68 10.28
C VAL C 484 -51.11 40.77 10.34
N GLN C 485 -51.68 40.68 11.55
CA GLN C 485 -53.12 40.75 11.72
C GLN C 485 -53.68 42.09 11.24
N ALA C 486 -53.08 43.20 11.69
CA ALA C 486 -53.56 44.52 11.27
C ALA C 486 -53.36 44.74 9.77
N LEU C 487 -52.24 44.25 9.23
CA LEU C 487 -51.97 44.37 7.79
C LEU C 487 -53.01 43.60 6.98
N SER C 488 -53.40 42.42 7.44
CA SER C 488 -54.42 41.66 6.73
C SER C 488 -55.79 42.32 6.85
N LEU C 489 -56.09 42.90 8.01
CA LEU C 489 -57.40 43.53 8.18
C LEU C 489 -57.52 44.86 7.44
N SER C 490 -56.39 45.49 7.10
CA SER C 490 -56.45 46.80 6.45
C SER C 490 -57.06 46.76 5.05
N GLN C 491 -57.20 45.58 4.42
CA GLN C 491 -57.72 45.51 3.06
C GLN C 491 -59.24 45.71 2.98
N ASN C 492 -59.96 45.40 4.05
CA ASN C 492 -61.43 45.40 4.09
C ASN C 492 -62.05 44.48 3.04
N LEU C 493 -61.56 43.25 3.00
CA LEU C 493 -62.20 42.17 2.28
C LEU C 493 -63.30 41.54 3.14
N PRO C 494 -64.17 40.70 2.58
CA PRO C 494 -65.08 39.92 3.43
C PRO C 494 -64.32 38.91 4.28
N LEU C 495 -65.02 38.38 5.29
CA LEU C 495 -64.40 37.50 6.28
C LEU C 495 -63.85 36.23 5.63
N ASN C 496 -64.70 35.54 4.86
CA ASN C 496 -64.31 34.25 4.27
C ASN C 496 -63.17 34.40 3.28
N ASP C 497 -63.18 35.49 2.49
CA ASP C 497 -62.09 35.75 1.56
C ASP C 497 -60.79 36.00 2.29
N THR C 498 -60.86 36.74 3.41
CA THR C 498 -59.68 37.00 4.22
C THR C 498 -59.08 35.71 4.77
N LEU C 499 -59.94 34.79 5.23
CA LEU C 499 -59.42 33.50 5.70
C LEU C 499 -58.89 32.64 4.56
N ARG C 500 -59.52 32.71 3.37
CA ARG C 500 -59.08 31.88 2.26
C ARG C 500 -57.72 32.32 1.73
N LEU C 501 -57.42 33.63 1.78
CA LEU C 501 -56.10 34.08 1.32
C LEU C 501 -54.97 33.55 2.20
N LEU C 502 -55.21 33.48 3.52
CA LEU C 502 -54.21 32.97 4.44
C LEU C 502 -54.04 31.46 4.39
N GLY C 503 -54.92 30.74 3.69
CA GLY C 503 -54.89 29.29 3.70
C GLY C 503 -53.91 28.72 2.70
N PRO C 504 -53.87 27.38 2.63
CA PRO C 504 -52.98 26.72 1.67
C PRO C 504 -53.39 26.99 0.24
N ASN C 505 -52.37 27.10 -0.63
CA ASN C 505 -52.47 27.32 -2.07
C ASN C 505 -53.53 28.35 -2.47
N PRO C 506 -53.30 29.64 -2.22
CA PRO C 506 -54.24 30.65 -2.68
C PRO C 506 -54.18 30.82 -4.18
N LYS C 507 -55.07 31.68 -4.68
CA LYS C 507 -55.22 31.90 -6.12
C LYS C 507 -53.95 32.48 -6.72
N THR C 508 -53.47 31.86 -7.80
CA THR C 508 -52.24 32.27 -8.48
C THR C 508 -52.58 33.44 -9.38
N VAL C 509 -52.58 34.64 -8.80
CA VAL C 509 -52.87 35.85 -9.56
C VAL C 509 -51.68 36.28 -10.42
N GLU C 510 -50.49 35.80 -10.13
CA GLU C 510 -49.30 36.20 -10.86
C GLU C 510 -49.19 35.36 -12.14
N ASP C 511 -49.19 36.04 -13.29
CA ASP C 511 -49.11 35.34 -14.57
C ASP C 511 -47.69 34.85 -14.88
N THR C 512 -46.68 35.40 -14.19
CA THR C 512 -45.27 35.04 -14.40
C THR C 512 -44.67 34.89 -13.00
N ILE C 513 -44.68 33.64 -12.51
CA ILE C 513 -44.41 33.34 -11.12
C ILE C 513 -43.01 33.76 -10.69
N GLY C 514 -42.91 34.30 -9.47
CA GLY C 514 -41.64 34.54 -8.84
C GLY C 514 -41.04 35.92 -9.03
N GLU C 515 -41.67 36.80 -9.81
CA GLU C 515 -41.11 38.13 -10.04
C GLU C 515 -41.13 38.97 -8.76
N VAL C 516 -42.30 39.05 -8.11
CA VAL C 516 -42.45 39.89 -6.93
C VAL C 516 -41.62 39.36 -5.77
N LEU C 517 -41.40 38.04 -5.71
CA LEU C 517 -40.61 37.47 -4.63
C LEU C 517 -39.14 37.82 -4.79
N GLU C 518 -38.65 37.78 -6.04
CA GLU C 518 -37.30 38.24 -6.36
C GLU C 518 -37.11 39.70 -5.95
N LYS C 519 -38.08 40.54 -6.33
CA LYS C 519 -38.02 41.96 -5.98
C LYS C 519 -38.05 42.16 -4.46
N SER C 520 -38.80 41.33 -3.75
CA SER C 520 -38.89 41.48 -2.30
C SER C 520 -37.60 41.08 -1.61
N ILE C 521 -37.02 39.95 -2.01
CA ILE C 521 -35.80 39.46 -1.34
C ILE C 521 -34.62 40.39 -1.60
N ALA C 522 -34.54 40.96 -2.81
CA ALA C 522 -33.43 41.89 -3.09
C ALA C 522 -33.52 43.12 -2.19
N ARG C 523 -34.70 43.69 -2.05
CA ARG C 523 -34.90 44.83 -1.16
C ARG C 523 -34.62 44.47 0.28
N LEU C 524 -35.02 43.26 0.70
CA LEU C 524 -34.79 42.83 2.06
C LEU C 524 -33.30 42.59 2.34
N ARG C 525 -32.51 42.25 1.31
CA ARG C 525 -31.07 42.22 1.48
C ARG C 525 -30.47 43.61 1.60
N ASP C 526 -30.91 44.54 0.74
CA ASP C 526 -30.23 45.84 0.64
C ASP C 526 -30.29 46.65 1.92
N THR C 527 -31.33 46.46 2.74
CA THR C 527 -31.53 47.26 3.94
C THR C 527 -30.94 46.64 5.21
N ALA C 528 -30.34 45.47 5.12
CA ALA C 528 -29.84 44.80 6.32
C ALA C 528 -28.44 45.28 6.67
N GLY C 529 -27.98 44.88 7.85
CA GLY C 529 -26.61 45.15 8.23
C GLY C 529 -25.61 44.41 7.35
N ILE C 530 -24.38 44.93 7.29
CA ILE C 530 -23.38 44.37 6.40
C ILE C 530 -22.86 43.01 6.86
N SER C 531 -23.07 42.65 8.12
CA SER C 531 -22.76 41.30 8.58
C SER C 531 -23.81 40.28 8.17
N GLU C 532 -25.03 40.73 7.90
CA GLU C 532 -26.16 39.83 7.70
C GLU C 532 -26.18 39.22 6.32
N ARG C 533 -25.52 39.85 5.35
CA ARG C 533 -25.76 39.56 3.94
C ARG C 533 -25.15 38.24 3.50
N ALA C 534 -24.27 37.64 4.30
CA ALA C 534 -23.89 36.27 4.04
C ALA C 534 -24.90 35.29 4.63
N GLN C 535 -25.43 35.62 5.80
CA GLN C 535 -26.35 34.73 6.49
C GLN C 535 -27.69 34.61 5.75
N ILE C 536 -28.13 35.68 5.10
CA ILE C 536 -29.36 35.60 4.32
C ILE C 536 -29.22 34.61 3.16
N ASP C 537 -28.10 34.68 2.45
CA ASP C 537 -27.86 33.73 1.37
C ASP C 537 -27.66 32.32 1.90
N THR C 538 -27.08 32.18 3.10
CA THR C 538 -26.97 30.87 3.72
C THR C 538 -28.34 30.27 4.00
N ILE C 539 -29.27 31.07 4.53
CA ILE C 539 -30.61 30.57 4.79
C ILE C 539 -31.31 30.18 3.50
N CYS C 540 -31.14 30.98 2.44
CA CYS C 540 -31.78 30.64 1.17
C CYS C 540 -31.23 29.33 0.59
N SER C 541 -29.92 29.14 0.64
CA SER C 541 -29.32 27.91 0.15
C SER C 541 -29.74 26.71 0.99
N ALA C 542 -29.87 26.89 2.30
CA ALA C 542 -30.33 25.81 3.17
C ALA C 542 -31.77 25.43 2.86
N LEU C 543 -32.64 26.43 2.66
CA LEU C 543 -34.03 26.12 2.33
C LEU C 543 -34.21 25.57 0.93
N ALA C 544 -33.21 25.71 0.05
CA ALA C 544 -33.39 25.21 -1.30
C ALA C 544 -33.05 23.73 -1.47
N ILE C 545 -32.60 23.04 -0.43
CA ILE C 545 -32.05 21.69 -0.60
C ILE C 545 -32.69 20.66 0.34
N LEU C 546 -33.27 21.02 1.48
CA LEU C 546 -33.76 20.04 2.43
C LEU C 546 -35.14 19.50 2.01
N ARG C 547 -35.61 18.35 2.74
CA ARG C 547 -36.89 17.66 2.59
C ARG C 547 -37.98 18.37 3.39
N PRO C 548 -39.27 18.30 2.96
CA PRO C 548 -40.27 19.28 3.39
C PRO C 548 -41.00 19.00 4.71
N LEU C 549 -40.24 18.71 5.76
CA LEU C 549 -40.66 19.23 7.08
C LEU C 549 -39.40 19.56 7.88
N ILE C 550 -38.93 20.79 7.72
CA ILE C 550 -37.65 21.21 8.30
C ILE C 550 -37.84 21.67 9.73
N PRO C 551 -37.23 21.02 10.71
CA PRO C 551 -37.21 21.59 12.06
C PRO C 551 -36.13 22.67 12.17
N LEU C 552 -36.39 23.63 13.05
CA LEU C 552 -35.49 24.77 13.18
C LEU C 552 -34.13 24.39 13.76
N SER C 553 -34.06 23.31 14.54
CA SER C 553 -32.80 22.95 15.18
C SER C 553 -31.76 22.48 14.16
N VAL C 554 -32.16 21.62 13.23
CA VAL C 554 -31.24 21.12 12.21
C VAL C 554 -30.84 22.25 11.26
N LEU C 555 -31.79 23.12 10.91
CA LEU C 555 -31.50 24.27 10.07
C LEU C 555 -30.46 25.18 10.70
N SER C 556 -30.65 25.50 11.99
CA SER C 556 -29.69 26.33 12.71
C SER C 556 -28.34 25.64 12.83
N ALA C 557 -28.32 24.34 13.11
CA ALA C 557 -27.06 23.63 13.33
C ALA C 557 -26.25 23.53 12.04
N ILE C 558 -26.90 23.30 10.90
CA ILE C 558 -26.15 23.23 9.65
C ILE C 558 -25.94 24.58 8.99
N SER C 559 -26.57 25.65 9.51
CA SER C 559 -26.34 26.98 8.95
C SER C 559 -25.48 27.87 9.83
N GLY C 560 -25.47 27.66 11.15
CA GLY C 560 -24.80 28.55 12.06
C GLY C 560 -25.58 29.79 12.45
N VAL C 561 -26.77 29.98 11.90
CA VAL C 561 -27.59 31.15 12.19
C VAL C 561 -28.48 30.86 13.38
N ALA C 562 -28.74 31.89 14.19
CA ALA C 562 -29.63 31.75 15.35
C ALA C 562 -31.08 31.64 14.91
N GLY C 563 -31.89 31.05 15.79
CA GLY C 563 -33.29 30.81 15.45
C GLY C 563 -34.10 32.09 15.29
N SER C 564 -33.84 33.09 16.14
CA SER C 564 -34.60 34.33 16.10
C SER C 564 -34.36 35.09 14.81
N ALA C 565 -33.15 35.01 14.25
CA ALA C 565 -32.86 35.66 12.97
C ALA C 565 -33.68 35.05 11.85
N ILE C 566 -33.75 33.72 11.82
CA ILE C 566 -34.56 33.02 10.80
C ILE C 566 -36.03 33.39 10.95
N LYS C 567 -36.51 33.44 12.19
CA LYS C 567 -37.91 33.75 12.45
C LYS C 567 -38.26 35.18 12.03
N SER C 568 -37.39 36.15 12.34
CA SER C 568 -37.66 37.53 11.94
C SER C 568 -37.54 37.70 10.43
N PHE C 569 -36.62 36.98 9.79
CA PHE C 569 -36.54 36.99 8.33
C PHE C 569 -37.83 36.48 7.70
N ALA C 570 -38.38 35.41 8.24
CA ALA C 570 -39.60 34.85 7.67
C ALA C 570 -40.80 35.74 7.94
N LEU C 571 -40.84 36.40 9.09
CA LEU C 571 -41.90 37.38 9.35
C LEU C 571 -41.79 38.59 8.42
N ASP C 572 -40.56 38.97 8.05
CA ASP C 572 -40.39 40.07 7.11
C ASP C 572 -40.82 39.68 5.70
N LEU C 573 -40.42 38.48 5.25
CA LEU C 573 -40.63 38.12 3.85
C LEU C 573 -42.10 37.82 3.54
N GLY C 574 -42.81 37.19 4.47
CA GLY C 574 -44.20 36.85 4.20
C GLY C 574 -44.34 35.55 3.41
N ARG C 575 -45.52 35.38 2.81
CA ARG C 575 -45.81 34.19 2.04
C ARG C 575 -44.90 34.11 0.81
N PRO C 576 -44.52 32.90 0.35
CA PRO C 576 -45.00 31.55 0.72
C PRO C 576 -44.43 30.91 2.00
N LEU C 577 -43.49 31.51 2.72
CA LEU C 577 -42.97 30.88 3.91
C LEU C 577 -43.95 31.02 5.08
N ILE C 578 -44.09 29.96 5.88
CA ILE C 578 -44.76 30.07 7.17
C ILE C 578 -43.96 29.31 8.21
N VAL C 579 -43.89 29.88 9.42
CA VAL C 579 -43.24 29.26 10.57
C VAL C 579 -44.33 28.91 11.56
N SER C 580 -44.37 27.64 11.98
CA SER C 580 -45.36 27.24 12.97
C SER C 580 -44.75 26.17 13.86
N GLY C 581 -45.07 26.24 15.14
CA GLY C 581 -44.36 25.43 16.12
C GLY C 581 -42.88 25.80 16.08
N GLU C 582 -42.05 24.84 15.69
CA GLU C 582 -40.65 25.09 15.36
C GLU C 582 -40.33 24.48 14.01
N THR C 583 -41.20 24.69 13.02
CA THR C 583 -41.00 24.16 11.68
C THR C 583 -41.27 25.24 10.63
N ILE C 584 -40.65 25.03 9.46
CA ILE C 584 -40.75 25.93 8.30
C ILE C 584 -41.48 25.19 7.20
N GLN C 585 -42.43 25.87 6.53
CA GLN C 585 -43.12 25.26 5.41
C GLN C 585 -43.31 26.24 4.26
N PHE C 586 -43.44 25.67 3.06
CA PHE C 586 -43.93 26.36 1.87
C PHE C 586 -45.42 26.07 1.68
N PHE C 587 -46.21 27.12 1.56
CA PHE C 587 -47.65 27.04 1.30
C PHE C 587 -48.06 27.24 -0.14
N ASP C 588 -47.14 27.17 -1.11
CA ASP C 588 -47.55 27.17 -2.50
C ASP C 588 -46.53 26.41 -3.33
N GLU C 589 -47.02 25.74 -4.38
CA GLU C 589 -46.18 24.86 -5.20
C GLU C 589 -45.34 25.59 -6.26
N PRO C 590 -45.89 26.51 -7.09
CA PRO C 590 -45.01 27.19 -8.05
C PRO C 590 -43.95 28.07 -7.39
N ALA C 591 -44.28 28.69 -6.26
CA ALA C 591 -43.31 29.47 -5.51
C ALA C 591 -42.16 28.60 -5.03
N GLU C 592 -42.48 27.40 -4.53
CA GLU C 592 -41.44 26.48 -4.08
C GLU C 592 -40.59 25.98 -5.23
N THR C 593 -41.21 25.66 -6.37
CA THR C 593 -40.43 25.18 -7.52
C THR C 593 -39.51 26.26 -8.05
N TRP C 594 -40.01 27.50 -8.17
CA TRP C 594 -39.17 28.60 -8.63
C TRP C 594 -38.04 28.87 -7.64
N PHE C 595 -38.35 28.84 -6.34
CA PHE C 595 -37.33 29.08 -5.33
C PHE C 595 -36.25 28.02 -5.39
N GLN C 596 -36.63 26.76 -5.63
CA GLN C 596 -35.63 25.69 -5.72
C GLN C 596 -34.78 25.82 -6.98
N ARG C 597 -35.34 26.29 -8.09
CA ARG C 597 -34.49 26.47 -9.27
C ARG C 597 -33.57 27.68 -9.12
N ARG C 598 -34.05 28.72 -8.45
CA ARG C 598 -33.28 29.97 -8.32
C ARG C 598 -32.04 29.78 -7.45
N PHE C 599 -32.22 29.36 -6.21
CA PHE C 599 -31.20 29.47 -5.18
C PHE C 599 -30.51 28.16 -4.87
N ARG C 600 -30.18 27.36 -5.88
CA ARG C 600 -29.47 26.12 -5.61
C ARG C 600 -28.09 26.40 -5.01
N PRO C 601 -27.65 25.62 -4.03
CA PRO C 601 -26.35 25.87 -3.42
C PRO C 601 -25.21 25.53 -4.36
N SER C 602 -24.03 26.03 -4.02
CA SER C 602 -22.81 25.82 -4.79
C SER C 602 -22.04 24.62 -4.26
N ALA C 603 -20.99 24.25 -4.99
CA ALA C 603 -20.13 23.15 -4.58
C ALA C 603 -19.36 23.45 -3.31
N ALA C 604 -19.18 24.73 -2.96
CA ALA C 604 -18.54 25.06 -1.70
C ALA C 604 -19.50 24.90 -0.52
N ASP C 605 -20.79 25.19 -0.74
CA ASP C 605 -21.77 25.11 0.34
C ASP C 605 -22.08 23.66 0.70
N LEU C 606 -22.19 22.80 -0.32
CA LEU C 606 -22.59 21.40 -0.11
C LEU C 606 -21.60 20.65 0.77
N HIS C 607 -20.30 20.91 0.58
CA HIS C 607 -19.29 20.26 1.40
C HIS C 607 -19.46 20.59 2.87
N GLN C 608 -19.74 21.85 3.18
CA GLN C 608 -19.90 22.26 4.57
C GLN C 608 -21.22 21.73 5.15
N PHE C 609 -22.29 21.70 4.34
CA PHE C 609 -23.54 21.10 4.82
C PHE C 609 -23.38 19.62 5.14
N ILE C 610 -22.68 18.88 4.28
CA ILE C 610 -22.44 17.46 4.52
C ILE C 610 -21.63 17.27 5.79
N THR C 611 -20.55 18.05 5.95
CA THR C 611 -19.68 17.90 7.12
C THR C 611 -20.41 18.25 8.41
N LYS C 612 -21.23 19.30 8.39
CA LYS C 612 -22.00 19.66 9.58
C LYS C 612 -23.11 18.66 9.87
N LEU C 613 -23.67 18.03 8.83
CA LEU C 613 -24.84 17.19 9.02
C LEU C 613 -24.48 15.79 9.49
N ARG C 614 -23.39 15.23 8.95
CA ARG C 614 -23.06 13.82 9.18
C ARG C 614 -22.93 13.38 10.64
N PRO C 615 -22.33 14.12 11.57
CA PRO C 615 -22.33 13.67 12.98
C PRO C 615 -23.72 13.55 13.59
N LEU C 616 -24.70 14.32 13.13
CA LEU C 616 -26.03 14.30 13.73
C LEU C 616 -26.80 13.02 13.44
N THR C 617 -26.35 12.22 12.46
CA THR C 617 -27.11 11.07 11.98
C THR C 617 -27.17 9.92 12.97
N LYS C 618 -26.44 9.97 14.08
CA LYS C 618 -26.57 8.93 15.10
C LYS C 618 -27.82 9.08 15.94
N ASP C 619 -28.47 10.24 15.92
CA ASP C 619 -29.59 10.55 16.80
C ASP C 619 -30.88 10.91 16.08
N SER C 620 -30.78 11.59 14.94
CA SER C 620 -31.94 12.21 14.30
C SER C 620 -32.47 11.29 13.21
N SER C 621 -33.79 11.06 13.23
CA SER C 621 -34.44 10.41 12.11
C SER C 621 -34.31 11.24 10.83
N TYR C 622 -34.50 12.55 10.97
CA TYR C 622 -34.51 13.45 9.83
C TYR C 622 -33.17 13.49 9.13
N ALA C 623 -32.08 13.60 9.91
CA ALA C 623 -30.75 13.72 9.32
C ALA C 623 -30.36 12.47 8.56
N ALA C 624 -30.65 11.29 9.13
CA ALA C 624 -30.41 10.04 8.44
C ALA C 624 -31.26 9.91 7.19
N SER C 625 -32.48 10.46 7.22
CA SER C 625 -33.31 10.43 6.02
C SER C 625 -32.76 11.35 4.94
N VAL C 626 -32.20 12.49 5.33
CA VAL C 626 -31.88 13.54 4.37
C VAL C 626 -30.50 13.35 3.74
N LEU C 627 -29.53 12.82 4.49
CA LEU C 627 -28.13 12.77 4.03
C LEU C 627 -27.85 12.07 2.69
N PRO C 628 -28.45 10.92 2.33
CA PRO C 628 -28.15 10.33 1.02
C PRO C 628 -28.47 11.22 -0.17
N ALA C 629 -29.49 12.08 -0.06
CA ALA C 629 -29.81 12.98 -1.15
C ALA C 629 -28.73 14.05 -1.32
N LEU C 630 -28.08 14.47 -0.24
CA LEU C 630 -27.00 15.45 -0.37
C LEU C 630 -25.72 14.82 -0.87
N MET C 631 -25.45 13.55 -0.56
CA MET C 631 -24.21 12.96 -1.05
C MET C 631 -24.15 12.85 -2.57
N LEU C 632 -25.29 12.66 -3.24
CA LEU C 632 -25.26 12.55 -4.70
C LEU C 632 -24.96 13.90 -5.36
N GLU C 633 -25.41 15.00 -4.76
CA GLU C 633 -25.05 16.33 -5.26
C GLU C 633 -23.57 16.61 -5.05
N GLY C 634 -23.02 16.18 -3.92
CA GLY C 634 -21.63 16.42 -3.60
C GLY C 634 -20.64 15.50 -4.26
N ASN C 635 -21.13 14.55 -5.08
CA ASN C 635 -20.30 13.61 -5.84
C ASN C 635 -19.43 12.74 -4.94
N GLN C 636 -19.93 12.43 -3.74
CA GLN C 636 -19.33 11.42 -2.87
C GLN C 636 -19.95 10.06 -3.13
N LEU C 637 -19.71 9.56 -4.34
CA LEU C 637 -20.45 8.41 -4.87
C LEU C 637 -20.07 7.11 -4.17
N SER C 638 -18.77 6.87 -3.98
CA SER C 638 -18.31 5.60 -3.44
C SER C 638 -18.77 5.40 -1.99
N GLU C 639 -18.77 6.49 -1.22
CA GLU C 639 -19.30 6.42 0.14
C GLU C 639 -20.78 6.09 0.14
N LEU C 640 -21.52 6.56 -0.86
CA LEU C 640 -22.94 6.27 -0.94
C LEU C 640 -23.17 4.80 -1.29
N ILE C 641 -22.36 4.25 -2.20
CA ILE C 641 -22.42 2.83 -2.52
C ILE C 641 -22.16 1.99 -1.28
N GLU C 642 -21.08 2.32 -0.55
CA GLU C 642 -20.75 1.57 0.65
C GLU C 642 -21.78 1.75 1.75
N LEU C 643 -22.43 2.91 1.81
CA LEU C 643 -23.46 3.14 2.80
C LEU C 643 -24.69 2.28 2.53
N ALA C 644 -25.03 2.05 1.26
CA ALA C 644 -26.19 1.23 0.99
C ALA C 644 -25.89 -0.26 1.06
N ILE C 645 -24.72 -0.69 0.58
CA ILE C 645 -24.41 -2.12 0.54
C ILE C 645 -24.20 -2.68 1.94
N SER C 646 -23.44 -1.99 2.77
CA SER C 646 -23.05 -2.51 4.06
C SER C 646 -24.19 -2.42 5.08
N SER C 647 -24.06 -3.21 6.15
CA SER C 647 -25.03 -3.30 7.23
C SER C 647 -24.85 -2.18 8.25
N GLN C 648 -25.14 -0.96 7.82
CA GLN C 648 -24.89 0.21 8.65
C GLN C 648 -25.97 0.37 9.73
N ALA C 649 -25.68 1.24 10.70
CA ALA C 649 -26.52 1.44 11.87
C ALA C 649 -27.68 2.39 11.57
N LEU C 650 -28.63 2.46 12.51
CA LEU C 650 -29.83 3.29 12.39
C LEU C 650 -30.25 3.79 13.77
N PRO C 651 -30.85 4.98 13.85
CA PRO C 651 -31.41 5.44 15.12
C PRO C 651 -32.65 4.64 15.50
N GLU C 652 -32.92 4.60 16.81
CA GLU C 652 -34.04 3.81 17.33
C GLU C 652 -35.36 4.49 16.99
N THR C 653 -36.18 3.82 16.18
CA THR C 653 -37.41 4.38 15.61
C THR C 653 -38.42 3.25 15.41
N SER C 654 -39.65 3.65 15.10
CA SER C 654 -40.69 2.73 14.69
C SER C 654 -40.46 2.26 13.26
N ALA C 655 -41.29 1.29 12.85
CA ALA C 655 -41.16 0.66 11.53
C ALA C 655 -41.39 1.65 10.39
N VAL C 656 -42.30 2.62 10.59
CA VAL C 656 -42.71 3.52 9.51
C VAL C 656 -41.54 4.39 9.05
N GLU C 657 -40.61 4.71 9.95
CA GLU C 657 -39.45 5.53 9.63
C GLU C 657 -38.29 4.69 9.10
N ARG C 658 -38.12 3.51 9.69
CA ARG C 658 -37.06 2.59 9.28
C ARG C 658 -37.30 2.08 7.87
N ARG C 659 -38.56 2.02 7.44
CA ARG C 659 -38.85 1.72 6.04
C ARG C 659 -38.54 2.89 5.12
N ASP C 660 -38.55 4.12 5.61
CA ASP C 660 -38.22 5.26 4.76
C ASP C 660 -36.73 5.30 4.45
N ILE C 661 -35.92 5.12 5.49
CA ILE C 661 -34.47 5.36 5.38
C ILE C 661 -33.83 4.40 4.39
N GLU C 662 -34.17 3.11 4.49
CA GLU C 662 -33.55 2.07 3.67
C GLU C 662 -33.88 2.25 2.20
N LEU C 663 -35.13 2.58 1.90
CA LEU C 663 -35.54 2.85 0.53
C LEU C 663 -34.81 4.04 -0.06
N GLN C 664 -34.63 5.10 0.74
CA GLN C 664 -33.92 6.27 0.24
C GLN C 664 -32.47 5.94 -0.11
N ARG C 665 -31.81 5.17 0.77
CA ARG C 665 -30.42 4.76 0.52
C ARG C 665 -30.30 3.95 -0.76
N LEU C 666 -31.18 2.96 -0.95
CA LEU C 666 -31.10 2.12 -2.14
C LEU C 666 -31.36 2.91 -3.41
N GLN C 667 -32.35 3.81 -3.37
CA GLN C 667 -32.73 4.58 -4.55
C GLN C 667 -31.59 5.49 -5.02
N PHE C 668 -30.87 6.11 -4.10
CA PHE C 668 -29.78 6.97 -4.58
C PHE C 668 -28.49 6.21 -4.90
N ALA C 669 -28.23 5.09 -4.21
CA ALA C 669 -27.05 4.31 -4.55
C ALA C 669 -27.17 3.64 -5.91
N LEU C 670 -28.38 3.40 -6.39
CA LEU C 670 -28.51 2.87 -7.76
C LEU C 670 -27.99 3.87 -8.79
N LYS C 671 -28.32 5.16 -8.62
CA LYS C 671 -27.79 6.21 -9.50
C LYS C 671 -26.27 6.32 -9.40
N ALA C 672 -25.74 6.26 -8.16
CA ALA C 672 -24.29 6.34 -8.00
C ALA C 672 -23.59 5.14 -8.66
N ALA C 673 -24.19 3.96 -8.56
CA ALA C 673 -23.61 2.76 -9.18
C ALA C 673 -23.63 2.86 -10.71
N LEU C 674 -24.70 3.38 -11.30
CA LEU C 674 -24.68 3.56 -12.75
C LEU C 674 -23.71 4.63 -13.20
N ARG C 675 -23.50 5.68 -12.39
CA ARG C 675 -22.54 6.70 -12.80
C ARG C 675 -21.10 6.23 -12.67
N THR C 676 -20.81 5.36 -11.71
CA THR C 676 -19.44 4.90 -11.52
C THR C 676 -19.04 3.74 -12.44
N GLY C 677 -19.98 3.16 -13.19
CA GLY C 677 -19.65 2.03 -14.04
C GLY C 677 -19.60 0.69 -13.34
N ARG C 678 -20.25 0.57 -12.18
CA ARG C 678 -20.22 -0.62 -11.34
C ARG C 678 -21.44 -1.52 -11.61
N TYR C 679 -21.52 -2.11 -12.81
CA TYR C 679 -22.79 -2.65 -13.31
C TYR C 679 -23.32 -3.82 -12.49
N GLN C 680 -22.43 -4.70 -12.01
CA GLN C 680 -22.87 -5.87 -11.26
C GLN C 680 -23.58 -5.48 -9.97
N ASP C 681 -23.01 -4.50 -9.26
CA ASP C 681 -23.64 -3.99 -8.05
C ASP C 681 -24.94 -3.28 -8.38
N ALA C 682 -25.00 -2.62 -9.54
CA ALA C 682 -26.23 -1.95 -9.96
C ALA C 682 -27.37 -2.94 -10.16
N ALA C 683 -27.09 -4.06 -10.82
CA ALA C 683 -28.13 -5.08 -11.04
C ALA C 683 -28.61 -5.67 -9.71
N LYS C 684 -27.67 -5.95 -8.80
CA LYS C 684 -28.07 -6.50 -7.51
C LYS C 684 -28.91 -5.48 -6.72
N LEU C 685 -28.54 -4.20 -6.77
CA LEU C 685 -29.31 -3.18 -6.08
C LEU C 685 -30.71 -3.01 -6.66
N ALA C 686 -30.85 -3.10 -7.99
CA ALA C 686 -32.17 -2.99 -8.61
C ALA C 686 -33.09 -4.13 -8.17
N LEU C 687 -32.58 -5.36 -8.18
CA LEU C 687 -33.35 -6.49 -7.71
C LEU C 687 -33.74 -6.34 -6.25
N LYS C 688 -32.83 -5.80 -5.43
CA LYS C 688 -33.17 -5.60 -4.02
C LYS C 688 -34.19 -4.48 -3.83
N ALA C 689 -34.19 -3.46 -4.70
CA ALA C 689 -35.00 -2.27 -4.44
C ALA C 689 -36.44 -2.41 -4.91
N GLY C 690 -36.69 -3.26 -5.92
CA GLY C 690 -38.05 -3.38 -6.44
C GLY C 690 -39.09 -3.78 -5.39
N GLY C 691 -38.73 -4.73 -4.53
CA GLY C 691 -39.65 -5.18 -3.50
C GLY C 691 -39.95 -4.11 -2.47
N GLU C 692 -38.93 -3.34 -2.08
CA GLU C 692 -39.14 -2.25 -1.14
C GLU C 692 -40.05 -1.17 -1.71
N CYS C 693 -39.88 -0.85 -2.99
CA CYS C 693 -40.75 0.14 -3.61
C CYS C 693 -42.21 -0.33 -3.63
N ALA C 694 -42.42 -1.60 -4.01
CA ALA C 694 -43.78 -2.15 -4.01
C ALA C 694 -44.39 -2.17 -2.61
N GLY C 695 -43.59 -2.53 -1.60
CA GLY C 695 -44.07 -2.52 -0.23
C GLY C 695 -44.44 -1.14 0.27
N ASP C 696 -43.69 -0.12 -0.12
CA ASP C 696 -44.04 1.26 0.26
C ASP C 696 -45.37 1.69 -0.37
N ASN C 697 -45.54 1.39 -1.66
CA ASN C 697 -46.78 1.74 -2.32
C ASN C 697 -47.96 1.00 -1.72
N ARG C 698 -47.75 -0.24 -1.29
CA ARG C 698 -48.81 -1.00 -0.63
C ARG C 698 -49.07 -0.55 0.80
N GLN C 699 -48.08 0.08 1.45
CA GLN C 699 -48.24 0.59 2.81
C GLN C 699 -49.08 1.85 2.87
N ARG C 700 -48.86 2.76 1.91
CA ARG C 700 -49.51 4.06 1.98
C ARG C 700 -51.04 3.97 1.84
N VAL C 701 -51.52 3.05 0.99
CA VAL C 701 -52.95 2.82 0.85
C VAL C 701 -53.54 2.27 2.15
N LEU C 702 -52.79 1.40 2.83
CA LEU C 702 -53.25 0.83 4.10
C LEU C 702 -53.39 1.90 5.17
N LEU C 703 -52.45 2.86 5.22
CA LEU C 703 -52.63 3.98 6.13
C LEU C 703 -53.79 4.87 5.72
N ARG C 704 -53.99 5.06 4.40
CA ARG C 704 -55.07 5.93 3.94
C ARG C 704 -56.44 5.40 4.31
N ASP C 705 -56.63 4.09 4.21
CA ASP C 705 -57.96 3.52 4.39
C ASP C 705 -58.32 3.27 5.85
N ASN C 706 -57.44 3.56 6.80
CA ASN C 706 -57.65 3.24 8.21
C ASN C 706 -57.26 4.42 9.09
N ILE C 707 -57.84 5.59 8.78
CA ILE C 707 -57.57 6.85 9.47
C ILE C 707 -57.75 6.75 10.98
N ASP C 708 -58.76 6.02 11.42
CA ASP C 708 -59.09 5.92 12.85
C ASP C 708 -57.95 5.31 13.65
N LEU C 709 -57.29 4.28 13.13
CA LEU C 709 -56.16 3.69 13.82
C LEU C 709 -54.87 4.45 13.53
N ALA C 710 -54.71 4.93 12.28
CA ALA C 710 -53.49 5.61 11.89
C ALA C 710 -53.27 6.88 12.69
N ALA C 711 -54.33 7.65 12.93
CA ALA C 711 -54.21 8.86 13.74
C ALA C 711 -53.89 8.56 15.18
N LYS C 712 -54.19 7.36 15.66
CA LYS C 712 -54.00 7.03 17.06
C LYS C 712 -52.61 6.46 17.33
N PHE C 713 -52.10 5.60 16.45
CA PHE C 713 -50.79 5.01 16.69
C PHE C 713 -49.63 5.82 16.14
N VAL C 714 -49.83 6.58 15.06
CA VAL C 714 -48.83 7.54 14.61
C VAL C 714 -49.05 8.86 15.34
N GLY C 715 -47.98 9.43 15.90
CA GLY C 715 -48.07 10.65 16.67
C GLY C 715 -48.33 11.87 15.81
N SER C 716 -48.44 13.03 16.48
CA SER C 716 -48.79 14.27 15.80
C SER C 716 -47.70 14.72 14.84
N ASN C 717 -46.44 14.51 15.20
CA ASN C 717 -45.34 14.83 14.30
C ASN C 717 -45.41 14.00 13.02
N GLY C 718 -45.72 12.72 13.16
CA GLY C 718 -45.88 11.87 11.99
C GLY C 718 -47.07 12.26 11.13
N VAL C 719 -48.16 12.71 11.77
CA VAL C 719 -49.34 13.15 11.02
C VAL C 719 -49.01 14.40 10.21
N GLN C 720 -48.34 15.37 10.83
CA GLN C 720 -47.99 16.60 10.12
C GLN C 720 -46.98 16.33 9.01
N GLU C 721 -46.07 15.37 9.21
CA GLU C 721 -45.12 15.05 8.15
C GLU C 721 -45.75 14.25 7.03
N LEU C 722 -46.74 13.40 7.34
CA LEU C 722 -47.50 12.72 6.30
C LEU C 722 -48.26 13.71 5.44
N VAL C 723 -48.88 14.71 6.07
CA VAL C 723 -49.57 15.75 5.30
C VAL C 723 -48.59 16.56 4.47
N SER C 724 -47.45 16.92 5.07
CA SER C 724 -46.53 17.85 4.39
C SER C 724 -45.80 17.20 3.23
N ARG C 725 -45.45 15.92 3.33
CA ARG C 725 -44.80 15.22 2.22
C ARG C 725 -45.77 14.77 1.14
N ASN C 726 -47.08 14.92 1.38
CA ASN C 726 -48.14 14.61 0.41
C ASN C 726 -48.11 13.12 0.02
N ALA C 727 -48.47 12.28 1.01
CA ALA C 727 -48.32 10.82 0.86
C ALA C 727 -49.56 10.12 0.34
N PHE C 728 -50.76 10.69 0.49
CA PHE C 728 -51.88 9.87 0.04
C PHE C 728 -52.13 10.07 -1.45
N PRO C 729 -52.56 9.04 -2.17
CA PRO C 729 -53.01 9.23 -3.55
C PRO C 729 -54.52 9.45 -3.66
N ASP C 730 -54.92 9.96 -4.83
CA ASP C 730 -56.32 10.33 -5.07
C ASP C 730 -57.22 9.12 -5.31
N THR C 731 -58.48 9.25 -4.89
CA THR C 731 -59.50 8.22 -5.10
C THR C 731 -60.46 8.56 -6.24
N GLY C 732 -59.95 8.81 -7.44
CA GLY C 732 -60.79 8.85 -8.63
C GLY C 732 -61.47 10.17 -8.96
N TRP C 733 -61.21 11.23 -8.21
CA TRP C 733 -61.63 12.58 -8.60
C TRP C 733 -60.59 13.56 -8.07
N PRO C 734 -60.31 14.64 -8.81
CA PRO C 734 -58.96 15.27 -8.75
C PRO C 734 -58.54 15.83 -7.40
N GLY C 735 -59.46 16.28 -6.57
CA GLY C 735 -59.12 16.89 -5.29
C GLY C 735 -59.26 15.99 -4.08
N SER C 736 -59.29 14.67 -4.28
CA SER C 736 -59.74 13.73 -3.25
C SER C 736 -58.86 13.74 -2.00
N ARG C 737 -57.54 13.88 -2.18
CA ARG C 737 -56.58 13.74 -1.07
C ARG C 737 -56.95 14.61 0.12
N ASN C 738 -57.37 15.84 -0.16
CA ASN C 738 -57.64 16.83 0.87
C ASN C 738 -58.80 16.44 1.77
N ALA C 739 -59.63 15.49 1.37
CA ALA C 739 -60.62 14.95 2.32
C ALA C 739 -59.92 14.21 3.45
N TYR C 740 -59.03 13.29 3.11
CA TYR C 740 -58.42 12.45 4.13
C TYR C 740 -57.47 13.25 5.03
N TYR C 741 -56.75 14.20 4.44
CA TYR C 741 -55.96 15.15 5.23
C TYR C 741 -56.84 15.93 6.20
N ALA C 742 -58.06 16.28 5.78
CA ALA C 742 -58.99 16.95 6.67
C ALA C 742 -59.40 16.05 7.81
N ALA C 743 -59.51 14.74 7.56
CA ALA C 743 -60.01 13.83 8.58
C ALA C 743 -58.99 13.63 9.69
N ILE C 744 -57.78 13.19 9.33
CA ILE C 744 -56.78 12.75 10.29
C ILE C 744 -56.35 13.90 11.22
N LEU C 745 -56.16 15.10 10.65
CA LEU C 745 -55.77 16.26 11.45
C LEU C 745 -56.84 16.63 12.46
N SER C 746 -58.10 16.32 12.17
CA SER C 746 -59.16 16.64 13.10
C SER C 746 -59.14 15.76 14.35
N GLU C 747 -58.34 14.69 14.38
CA GLU C 747 -58.29 13.87 15.58
C GLU C 747 -57.50 14.52 16.71
N TYR C 748 -56.76 15.59 16.43
CA TYR C 748 -55.93 16.27 17.40
C TYR C 748 -56.49 17.66 17.65
N PRO C 749 -56.72 18.09 18.89
CA PRO C 749 -57.23 19.45 19.11
C PRO C 749 -56.29 20.54 18.64
N GLU C 750 -55.00 20.45 18.97
CA GLU C 750 -54.08 21.56 18.73
C GLU C 750 -53.77 21.77 17.25
N LEU C 751 -54.14 20.84 16.38
CA LEU C 751 -53.98 21.01 14.95
C LEU C 751 -55.25 21.51 14.27
N SER C 752 -56.31 21.78 15.05
CA SER C 752 -57.65 22.00 14.50
C SER C 752 -57.68 23.16 13.50
N GLY C 753 -56.94 24.23 13.78
CA GLY C 753 -56.93 25.38 12.89
C GLY C 753 -56.43 25.05 11.49
N GLU C 754 -55.47 24.14 11.37
CA GLU C 754 -55.05 23.70 10.05
C GLU C 754 -56.13 22.83 9.41
N ALA C 755 -56.77 21.96 10.20
CA ALA C 755 -57.72 20.99 9.67
C ALA C 755 -58.88 21.68 8.97
N ARG C 756 -59.43 22.71 9.61
CA ARG C 756 -60.48 23.51 9.00
C ARG C 756 -60.05 24.10 7.67
N SER C 757 -58.83 24.63 7.61
CA SER C 757 -58.35 25.23 6.36
C SER C 757 -58.16 24.17 5.30
N ARG C 758 -57.88 22.93 5.71
CA ARG C 758 -57.76 21.87 4.72
C ARG C 758 -59.13 21.40 4.27
N LEU C 759 -60.14 21.52 5.15
CA LEU C 759 -61.50 21.17 4.75
C LEU C 759 -62.09 22.20 3.79
N ARG C 760 -61.86 23.49 4.09
CA ARG C 760 -62.34 24.59 3.25
C ARG C 760 -61.83 24.47 1.82
N LEU C 761 -60.60 23.98 1.65
CA LEU C 761 -60.03 23.81 0.32
C LEU C 761 -60.66 22.65 -0.45
N THR C 762 -61.26 21.68 0.25
CA THR C 762 -61.83 20.53 -0.47
C THR C 762 -63.08 20.91 -1.25
N MET C 763 -63.92 21.79 -0.69
CA MET C 763 -65.21 22.11 -1.28
C MET C 763 -65.11 22.81 -2.63
N GLU C 764 -63.94 23.36 -2.96
CA GLU C 764 -63.73 23.85 -4.31
C GLU C 764 -63.80 22.71 -5.32
N TRP C 765 -63.00 21.66 -5.12
CA TRP C 765 -62.87 20.62 -6.13
C TRP C 765 -64.18 19.89 -6.35
N LEU C 766 -64.89 19.58 -5.26
CA LEU C 766 -66.20 18.96 -5.35
C LEU C 766 -67.15 19.83 -6.14
N THR C 767 -67.09 21.15 -5.92
CA THR C 767 -67.95 22.08 -6.66
C THR C 767 -67.69 21.97 -8.15
N ASN C 768 -66.40 21.90 -8.53
CA ASN C 768 -66.04 21.76 -9.93
C ASN C 768 -66.61 20.47 -10.50
N TRP C 769 -66.55 19.39 -9.73
CA TRP C 769 -67.07 18.11 -10.20
C TRP C 769 -68.58 18.19 -10.41
N SER C 770 -69.28 19.01 -9.62
CA SER C 770 -70.71 19.12 -9.81
C SER C 770 -71.08 19.88 -11.08
N GLN C 771 -70.13 20.61 -11.68
CA GLN C 771 -70.46 21.46 -12.81
C GLN C 771 -70.03 20.88 -14.15
N LEU C 772 -69.45 19.67 -14.17
CA LEU C 772 -69.10 19.03 -15.42
C LEU C 772 -70.35 18.54 -16.15
N PRO C 773 -70.26 18.32 -17.47
CA PRO C 773 -71.36 17.67 -18.18
C PRO C 773 -71.52 16.21 -17.78
N ASP C 774 -72.69 15.65 -18.11
CA ASP C 774 -73.12 14.37 -17.54
C ASP C 774 -72.25 13.21 -17.99
N ASP C 775 -71.83 13.21 -19.26
CA ASP C 775 -71.00 12.11 -19.76
C ASP C 775 -69.59 12.16 -19.17
N GLU C 776 -69.05 13.36 -18.98
CA GLU C 776 -67.77 13.50 -18.29
C GLU C 776 -67.91 13.16 -16.81
N ARG C 777 -68.99 13.61 -16.18
CA ARG C 777 -69.21 13.32 -14.76
C ARG C 777 -69.37 11.84 -14.49
N SER C 778 -69.94 11.09 -15.46
CA SER C 778 -70.12 9.66 -15.31
C SER C 778 -68.81 8.88 -15.29
N ARG C 779 -67.69 9.52 -15.65
CA ARG C 779 -66.40 8.86 -15.70
C ARG C 779 -65.54 9.14 -14.48
N GLN C 780 -66.01 9.97 -13.55
CA GLN C 780 -65.26 10.31 -12.33
C GLN C 780 -66.12 9.91 -11.14
N ASN C 781 -65.97 8.66 -10.71
CA ASN C 781 -66.85 8.07 -9.72
C ASN C 781 -66.53 8.57 -8.33
N VAL C 782 -67.56 8.88 -7.56
CA VAL C 782 -67.44 9.26 -6.14
C VAL C 782 -68.13 8.19 -5.32
N THR C 783 -67.40 7.60 -4.38
CA THR C 783 -67.91 6.49 -3.58
C THR C 783 -68.46 6.96 -2.24
N ASP C 784 -69.13 6.02 -1.56
CA ASP C 784 -69.72 6.30 -0.25
C ASP C 784 -68.66 6.47 0.83
N GLN C 785 -67.49 5.86 0.65
CA GLN C 785 -66.41 5.98 1.62
C GLN C 785 -65.95 7.43 1.74
N ASP C 786 -65.89 8.14 0.61
CA ASP C 786 -65.54 9.56 0.61
C ASP C 786 -66.56 10.37 1.36
N ARG C 787 -67.85 10.04 1.19
CA ARG C 787 -68.91 10.71 1.94
C ARG C 787 -68.74 10.48 3.44
N ALA C 788 -68.38 9.27 3.82
CA ALA C 788 -68.18 8.95 5.23
C ALA C 788 -67.03 9.75 5.83
N VAL C 789 -65.89 9.85 5.13
CA VAL C 789 -64.76 10.59 5.73
C VAL C 789 -65.07 12.08 5.80
N MET C 790 -65.77 12.62 4.80
CA MET C 790 -66.17 14.03 4.87
C MET C 790 -67.15 14.27 6.02
N LEU C 791 -68.06 13.33 6.25
CA LEU C 791 -69.01 13.43 7.34
C LEU C 791 -68.29 13.43 8.69
N ILE C 792 -67.31 12.54 8.83
CA ILE C 792 -66.55 12.45 10.08
C ILE C 792 -65.79 13.75 10.35
N ALA C 793 -65.14 14.29 9.31
CA ALA C 793 -64.38 15.51 9.46
C ALA C 793 -65.27 16.69 9.84
N CYS C 794 -66.40 16.85 9.15
CA CYS C 794 -67.30 17.96 9.44
C CYS C 794 -67.92 17.82 10.82
N LEU C 795 -68.20 16.59 11.26
CA LEU C 795 -68.70 16.38 12.61
C LEU C 795 -67.66 16.80 13.65
N ASN C 796 -66.41 16.36 13.47
CA ASN C 796 -65.38 16.69 14.46
C ASN C 796 -65.07 18.19 14.50
N ILE C 797 -65.21 18.89 13.40
CA ILE C 797 -64.91 20.33 13.41
C ILE C 797 -66.11 21.15 13.85
N HIS C 798 -67.29 20.94 13.26
CA HIS C 798 -68.42 21.84 13.48
C HIS C 798 -69.49 21.33 14.41
N GLY C 799 -69.53 20.03 14.69
CA GLY C 799 -70.62 19.45 15.45
C GLY C 799 -71.60 18.69 14.59
N ALA C 800 -72.57 18.07 15.27
CA ALA C 800 -73.44 17.09 14.63
C ALA C 800 -74.39 17.72 13.62
N GLU C 801 -74.88 18.92 13.90
CA GLU C 801 -75.92 19.53 13.05
C GLU C 801 -75.39 19.86 11.67
N ALA C 802 -74.22 20.49 11.61
CA ALA C 802 -73.64 20.85 10.31
C ALA C 802 -73.20 19.63 9.54
N ALA C 803 -72.80 18.57 10.25
CA ALA C 803 -72.53 17.29 9.61
C ALA C 803 -73.79 16.72 8.98
N ALA C 804 -74.92 16.79 9.71
CA ALA C 804 -76.16 16.19 9.24
C ALA C 804 -76.73 16.95 8.05
N ARG C 805 -76.58 18.28 8.04
CA ARG C 805 -77.17 19.06 6.95
C ARG C 805 -76.55 18.74 5.59
N GLU C 806 -75.23 18.55 5.55
CA GLU C 806 -74.54 18.36 4.27
C GLU C 806 -74.85 17.01 3.64
N LEU C 807 -75.25 16.03 4.44
CA LEU C 807 -75.59 14.73 3.87
C LEU C 807 -76.91 14.75 3.12
N ARG C 808 -77.78 15.73 3.39
CA ARG C 808 -79.06 15.83 2.71
C ARG C 808 -78.95 16.41 1.30
N ARG C 809 -77.75 16.81 0.88
CA ARG C 809 -77.59 17.44 -0.42
C ARG C 809 -77.39 16.43 -1.55
N TRP C 810 -77.12 15.18 -1.23
CA TRP C 810 -77.01 14.13 -2.25
C TRP C 810 -78.41 13.59 -2.54
N ARG C 811 -78.76 13.45 -3.83
CA ARG C 811 -80.17 13.41 -4.18
C ARG C 811 -80.86 12.08 -3.90
N PRO C 812 -80.36 10.91 -4.35
CA PRO C 812 -81.07 9.67 -3.98
C PRO C 812 -80.84 9.38 -2.51
N ARG C 813 -81.92 9.32 -1.74
CA ARG C 813 -81.80 9.17 -0.30
C ARG C 813 -81.36 7.77 0.13
N LYS C 814 -81.14 6.88 -0.83
CA LYS C 814 -80.45 5.62 -0.61
C LYS C 814 -79.06 5.84 0.00
N LEU C 815 -78.38 6.92 -0.38
CA LEU C 815 -76.97 7.12 -0.06
C LEU C 815 -76.74 7.35 1.43
N SER C 816 -77.70 7.99 2.10
CA SER C 816 -77.60 8.25 3.53
C SER C 816 -77.54 6.95 4.33
N PHE C 817 -78.18 5.88 3.83
CA PHE C 817 -78.15 4.59 4.51
C PHE C 817 -76.74 4.01 4.54
N ASP C 818 -76.02 4.10 3.40
CA ASP C 818 -74.65 3.63 3.31
C ASP C 818 -73.73 4.42 4.24
N ALA C 819 -73.80 5.76 4.14
CA ALA C 819 -72.95 6.59 4.97
C ALA C 819 -73.24 6.38 6.44
N GLY C 820 -74.51 6.19 6.79
CA GLY C 820 -74.89 5.96 8.17
C GLY C 820 -74.33 4.66 8.73
N LYS C 821 -74.36 3.58 7.93
CA LYS C 821 -73.77 2.33 8.41
C LYS C 821 -72.28 2.46 8.64
N ILE C 822 -71.56 3.12 7.72
CA ILE C 822 -70.12 3.26 7.90
C ILE C 822 -69.79 4.11 9.14
N VAL C 823 -70.50 5.23 9.31
CA VAL C 823 -70.24 6.11 10.45
C VAL C 823 -70.57 5.42 11.77
N ALA C 824 -71.68 4.67 11.80
CA ALA C 824 -72.03 3.92 13.01
C ALA C 824 -70.98 2.86 13.33
N MET C 825 -70.50 2.14 12.31
CA MET C 825 -69.46 1.14 12.54
C MET C 825 -68.18 1.75 13.09
N GLN C 826 -67.82 2.95 12.64
CA GLN C 826 -66.62 3.57 13.18
C GLN C 826 -66.84 4.04 14.61
N LEU C 827 -67.99 4.67 14.89
CA LEU C 827 -68.19 5.28 16.20
C LEU C 827 -68.44 4.25 17.29
N LEU C 828 -69.11 3.14 16.99
CA LEU C 828 -69.41 2.16 18.04
C LEU C 828 -68.15 1.43 18.51
N ALA C 829 -67.11 1.36 17.69
CA ALA C 829 -65.90 0.63 18.08
C ALA C 829 -65.14 1.37 19.17
N HIS C 830 -65.05 2.69 19.07
CA HIS C 830 -64.31 3.51 20.02
C HIS C 830 -65.17 3.99 21.18
N ALA C 831 -66.39 3.46 21.32
CA ALA C 831 -67.29 3.73 22.45
C ALA C 831 -67.65 5.22 22.56
N ARG C 832 -67.91 5.85 21.41
CA ARG C 832 -68.34 7.25 21.35
C ARG C 832 -69.86 7.34 21.28
N TYR C 833 -70.53 6.92 22.37
CA TYR C 833 -71.98 6.72 22.35
C TYR C 833 -72.75 8.04 22.25
N ASP C 834 -72.36 9.05 23.02
CA ASP C 834 -73.12 10.30 23.06
C ASP C 834 -73.04 11.07 21.75
N GLU C 835 -71.90 10.99 21.05
CA GLU C 835 -71.79 11.62 19.74
C GLU C 835 -72.71 10.95 18.74
N LEU C 836 -72.81 9.62 18.80
CA LEU C 836 -73.74 8.90 17.93
C LEU C 836 -75.19 9.22 18.26
N ASP C 837 -75.48 9.41 19.55
CA ASP C 837 -76.82 9.82 19.95
C ASP C 837 -77.18 11.20 19.40
N GLN C 838 -76.22 12.14 19.48
CA GLN C 838 -76.46 13.48 18.95
C GLN C 838 -76.66 13.45 17.43
N LEU C 839 -75.86 12.64 16.73
CA LEU C 839 -76.05 12.50 15.29
C LEU C 839 -77.40 11.86 14.96
N ALA C 840 -77.85 10.92 15.80
CA ALA C 840 -79.14 10.29 15.57
C ALA C 840 -80.29 11.28 15.75
N ILE C 841 -80.20 12.15 16.76
CA ILE C 841 -81.25 13.15 16.97
C ILE C 841 -81.22 14.20 15.88
N ALA C 842 -80.03 14.66 15.49
CA ALA C 842 -79.90 15.75 14.55
C ALA C 842 -80.35 15.40 13.13
N ALA C 843 -80.59 14.12 12.83
CA ALA C 843 -80.95 13.71 11.49
C ALA C 843 -82.32 14.24 11.06
N GLY C 844 -83.21 14.50 12.02
CA GLY C 844 -84.54 15.01 11.68
C GLY C 844 -85.38 13.99 10.93
N ASN C 845 -85.87 14.39 9.76
CA ASN C 845 -86.76 13.57 8.96
C ASN C 845 -86.03 12.69 7.94
N ASP C 846 -84.70 12.74 7.92
CA ASP C 846 -83.89 11.89 7.04
C ASP C 846 -83.78 10.50 7.67
N ILE C 847 -84.87 9.73 7.53
CA ILE C 847 -85.02 8.47 8.25
C ILE C 847 -84.04 7.41 7.78
N SER C 848 -83.48 7.56 6.57
CA SER C 848 -82.50 6.60 6.07
C SER C 848 -81.27 6.53 6.97
N LEU C 849 -80.84 7.69 7.49
CA LEU C 849 -79.71 7.73 8.40
C LEU C 849 -80.01 7.02 9.71
N VAL C 850 -81.20 7.22 10.27
CA VAL C 850 -81.58 6.58 11.53
C VAL C 850 -81.70 5.08 11.35
N MET C 851 -82.29 4.65 10.23
CA MET C 851 -82.44 3.22 9.96
C MET C 851 -81.10 2.57 9.65
N GLY C 852 -80.14 3.34 9.12
CA GLY C 852 -78.78 2.83 9.02
C GLY C 852 -78.12 2.67 10.38
N ILE C 853 -78.32 3.64 11.27
CA ILE C 853 -77.69 3.61 12.59
C ILE C 853 -78.20 2.43 13.42
N VAL C 854 -79.52 2.22 13.43
CA VAL C 854 -80.09 1.20 14.32
C VAL C 854 -79.71 -0.21 13.89
N LEU C 855 -79.51 -0.43 12.59
CA LEU C 855 -79.12 -1.75 12.11
C LEU C 855 -77.74 -2.14 12.61
N GLU C 856 -76.79 -1.22 12.58
CA GLU C 856 -75.46 -1.51 13.13
C GLU C 856 -75.47 -1.49 14.65
N ALA C 857 -76.40 -0.75 15.26
CA ALA C 857 -76.49 -0.77 16.72
C ALA C 857 -76.99 -2.12 17.23
N ARG C 858 -77.84 -2.81 16.46
CA ARG C 858 -78.32 -4.11 16.90
C ARG C 858 -77.22 -5.15 16.97
N LYS C 859 -76.30 -5.16 16.01
CA LYS C 859 -75.30 -6.24 15.93
C LYS C 859 -74.38 -6.27 17.14
N LEU C 860 -74.15 -5.11 17.77
CA LEU C 860 -73.28 -5.03 18.93
C LEU C 860 -74.06 -4.91 20.24
N HIS C 861 -75.39 -5.03 20.18
CA HIS C 861 -76.28 -5.03 21.36
C HIS C 861 -76.14 -3.74 22.17
N ARG C 862 -76.22 -2.60 21.50
CA ARG C 862 -76.18 -1.28 22.10
C ARG C 862 -77.55 -0.60 21.97
N PRO C 863 -77.97 0.15 22.98
CA PRO C 863 -79.21 0.92 22.86
C PRO C 863 -79.01 2.20 22.05
N VAL C 864 -80.13 2.80 21.67
CA VAL C 864 -80.17 4.02 20.87
C VAL C 864 -81.11 4.99 21.57
N ALA C 865 -80.84 6.30 21.42
CA ALA C 865 -81.65 7.36 22.01
C ALA C 865 -83.12 7.25 21.60
N GLU C 866 -83.99 7.20 22.60
CA GLU C 866 -85.41 6.90 22.38
C GLU C 866 -86.16 8.01 21.66
N GLN C 867 -85.66 9.24 21.73
CA GLN C 867 -86.34 10.37 21.08
C GLN C 867 -86.40 10.19 19.57
N ALA C 868 -85.26 9.86 18.96
CA ALA C 868 -85.22 9.67 17.50
C ALA C 868 -86.00 8.43 17.10
N ILE C 869 -85.97 7.39 17.94
CA ILE C 869 -86.73 6.17 17.66
C ILE C 869 -88.23 6.48 17.65
N ARG C 870 -88.70 7.25 18.64
CA ARG C 870 -90.11 7.62 18.69
C ARG C 870 -90.51 8.44 17.47
N ARG C 871 -89.67 9.42 17.09
CA ARG C 871 -90.00 10.27 15.94
C ARG C 871 -90.03 9.47 14.64
N THR C 872 -89.04 8.60 14.43
CA THR C 872 -89.01 7.85 13.19
C THR C 872 -90.05 6.74 13.16
N TRP C 873 -90.47 6.23 14.32
CA TRP C 873 -91.62 5.33 14.37
C TRP C 873 -92.88 6.06 13.97
N ARG C 874 -93.03 7.30 14.43
CA ARG C 874 -94.18 8.12 14.04
C ARG C 874 -94.18 8.39 12.54
N LEU C 875 -93.01 8.61 11.95
CA LEU C 875 -92.97 8.82 10.50
C LEU C 875 -93.18 7.52 9.72
N LEU C 876 -92.64 6.40 10.21
CA LEU C 876 -92.71 5.14 9.47
C LEU C 876 -94.14 4.63 9.35
N LYS C 877 -94.99 4.98 10.31
CA LYS C 877 -96.27 4.31 10.47
C LYS C 877 -97.25 4.61 9.36
N SER C 878 -97.00 5.65 8.56
CA SER C 878 -97.95 6.05 7.56
C SER C 878 -97.38 6.39 6.18
N GLN C 879 -96.06 6.56 6.04
CA GLN C 879 -95.51 6.79 4.71
C GLN C 879 -94.62 5.63 4.29
N ARG C 880 -94.37 5.62 2.98
CA ARG C 880 -93.65 4.55 2.32
C ARG C 880 -92.15 4.67 2.53
N VAL C 881 -91.48 3.53 2.65
CA VAL C 881 -90.02 3.45 2.58
C VAL C 881 -89.65 2.22 1.74
N SER C 882 -88.58 2.36 0.96
CA SER C 882 -88.00 1.23 0.24
C SER C 882 -86.54 1.55 -0.06
N ILE C 883 -85.61 0.78 0.51
CA ILE C 883 -84.19 1.02 0.29
C ILE C 883 -83.83 0.31 -1.01
N LYS C 884 -83.94 1.04 -2.11
CA LYS C 884 -83.81 0.44 -3.43
C LYS C 884 -82.36 0.11 -3.78
N ASP C 885 -82.15 -1.10 -4.29
CA ASP C 885 -80.94 -1.45 -5.02
C ASP C 885 -81.28 -1.58 -6.49
N ARG C 886 -80.48 -0.95 -7.36
CA ARG C 886 -80.70 -1.07 -8.80
C ARG C 886 -80.54 -2.52 -9.26
N ASN C 887 -79.55 -3.22 -8.74
CA ASN C 887 -79.52 -4.67 -8.83
C ASN C 887 -80.66 -5.25 -8.00
N HIS C 888 -81.54 -6.03 -8.63
CA HIS C 888 -82.64 -6.67 -7.92
C HIS C 888 -82.16 -7.90 -7.15
N ALA C 889 -81.32 -7.63 -6.15
CA ALA C 889 -80.99 -8.57 -5.10
C ALA C 889 -80.58 -7.78 -3.87
N ASN C 890 -80.76 -8.40 -2.70
CA ASN C 890 -80.33 -7.86 -1.41
C ASN C 890 -80.95 -6.51 -1.09
N ASN C 891 -82.23 -6.34 -1.42
CA ASN C 891 -82.97 -5.17 -0.97
C ASN C 891 -83.10 -5.18 0.54
N GLN C 892 -82.51 -4.16 1.18
CA GLN C 892 -82.26 -4.13 2.61
C GLN C 892 -83.50 -3.83 3.45
N THR C 893 -84.67 -3.69 2.83
CA THR C 893 -85.84 -3.15 3.53
C THR C 893 -86.28 -4.04 4.69
N ILE C 894 -86.23 -5.36 4.49
CA ILE C 894 -86.72 -6.29 5.50
C ILE C 894 -85.87 -6.20 6.77
N ALA C 895 -84.54 -6.16 6.61
CA ALA C 895 -83.65 -6.12 7.77
C ALA C 895 -83.79 -4.81 8.55
N ALA C 896 -83.87 -3.69 7.84
CA ALA C 896 -84.04 -2.40 8.49
C ALA C 896 -85.35 -2.31 9.25
N ILE C 897 -86.45 -2.76 8.61
CA ILE C 897 -87.75 -2.73 9.27
C ILE C 897 -87.77 -3.64 10.48
N THR C 898 -87.16 -4.83 10.37
CA THR C 898 -87.13 -5.76 11.49
C THR C 898 -86.33 -5.20 12.65
N GLY C 899 -85.20 -4.56 12.36
CA GLY C 899 -84.41 -3.93 13.41
C GLY C 899 -85.13 -2.78 14.07
N MET C 900 -85.87 -1.99 13.29
CA MET C 900 -86.68 -0.92 13.86
C MET C 900 -87.76 -1.47 14.78
N VAL C 901 -88.39 -2.57 14.37
CA VAL C 901 -89.39 -3.24 15.20
C VAL C 901 -88.78 -3.70 16.52
N GLU C 902 -87.59 -4.32 16.45
CA GLU C 902 -86.92 -4.78 17.67
C GLU C 902 -86.59 -3.61 18.59
N MET C 903 -86.08 -2.50 18.04
CA MET C 903 -85.80 -1.32 18.85
C MET C 903 -87.05 -0.75 19.49
N ALA C 904 -88.16 -0.72 18.76
CA ALA C 904 -89.41 -0.24 19.35
C ALA C 904 -89.88 -1.17 20.47
N LEU C 905 -89.67 -2.47 20.30
CA LEU C 905 -90.11 -3.43 21.31
C LEU C 905 -89.30 -3.35 22.59
N ILE C 906 -87.96 -3.30 22.49
CA ILE C 906 -87.11 -3.44 23.67
C ILE C 906 -87.27 -2.22 24.56
N GLN C 907 -87.52 -1.05 23.98
CA GLN C 907 -87.68 0.18 24.73
C GLN C 907 -89.12 0.46 25.12
N SER C 908 -90.05 -0.43 24.74
CA SER C 908 -91.48 -0.30 25.02
C SER C 908 -92.04 1.01 24.48
N VAL C 909 -91.66 1.35 23.24
CA VAL C 909 -92.16 2.55 22.60
C VAL C 909 -93.51 2.32 21.92
N CYS C 910 -93.78 1.12 21.41
CA CYS C 910 -94.95 0.89 20.58
C CYS C 910 -95.80 -0.23 21.16
N THR C 911 -97.01 -0.37 20.60
CA THR C 911 -97.91 -1.46 20.90
C THR C 911 -97.71 -2.61 19.91
N GLU C 912 -98.19 -3.79 20.29
CA GLU C 912 -98.05 -4.96 19.41
C GLU C 912 -98.95 -4.87 18.18
N SER C 913 -100.06 -4.13 18.27
CA SER C 913 -100.94 -3.95 17.11
C SER C 913 -100.21 -3.22 15.99
N GLU C 914 -99.52 -2.12 16.33
CA GLU C 914 -98.76 -1.37 15.34
C GLU C 914 -97.66 -2.22 14.72
N SER C 915 -96.99 -3.03 15.55
CA SER C 915 -95.92 -3.89 15.06
C SER C 915 -96.46 -4.91 14.07
N ILE C 916 -97.62 -5.50 14.37
CA ILE C 916 -98.22 -6.48 13.48
C ILE C 916 -98.64 -5.84 12.16
N GLN C 917 -99.23 -4.63 12.22
CA GLN C 917 -99.57 -3.93 10.97
C GLN C 917 -98.33 -3.62 10.13
N LEU C 918 -97.26 -3.16 10.78
CA LEU C 918 -96.06 -2.80 10.05
C LEU C 918 -95.40 -4.02 9.40
N LEU C 919 -95.31 -5.12 10.16
CA LEU C 919 -94.75 -6.36 9.59
C LEU C 919 -95.64 -6.92 8.50
N ASP C 920 -96.97 -6.81 8.66
CA ASP C 920 -97.89 -7.29 7.64
C ASP C 920 -97.78 -6.50 6.35
N ARG C 921 -97.44 -5.21 6.43
CA ARG C 921 -97.30 -4.42 5.22
C ARG C 921 -96.12 -4.87 4.37
N TYR C 922 -95.11 -5.52 4.97
CA TYR C 922 -93.85 -5.74 4.28
C TYR C 922 -93.51 -7.20 4.01
N LEU C 923 -94.08 -8.14 4.74
CA LEU C 923 -93.77 -9.54 4.46
C LEU C 923 -94.56 -10.03 3.25
N PRO C 924 -93.92 -10.67 2.27
CA PRO C 924 -94.66 -11.22 1.14
C PRO C 924 -95.56 -12.37 1.56
N LYS C 925 -96.64 -12.55 0.81
CA LYS C 925 -97.64 -13.55 1.14
C LYS C 925 -97.25 -14.93 0.62
N VAL C 926 -96.71 -14.98 -0.60
CA VAL C 926 -96.08 -16.18 -1.15
C VAL C 926 -94.65 -16.18 -0.64
N PRO C 927 -94.07 -17.33 -0.28
CA PRO C 927 -92.68 -17.34 0.21
C PRO C 927 -91.70 -16.90 -0.86
N PRO C 928 -90.80 -15.98 -0.51
CA PRO C 928 -89.85 -15.46 -1.51
C PRO C 928 -88.82 -16.50 -1.92
N TYR C 929 -88.10 -16.16 -3.00
CA TYR C 929 -87.21 -17.11 -3.65
C TYR C 929 -86.00 -17.49 -2.80
N ALA C 930 -85.53 -16.58 -1.95
CA ALA C 930 -84.22 -16.75 -1.30
C ALA C 930 -84.18 -17.90 -0.30
N LEU C 931 -85.34 -18.46 0.07
CA LEU C 931 -85.41 -19.47 1.12
C LEU C 931 -84.78 -20.80 0.75
N THR C 932 -84.44 -21.03 -0.53
CA THR C 932 -83.86 -22.30 -0.95
C THR C 932 -82.51 -22.13 -1.66
N SER C 933 -81.85 -20.98 -1.48
CA SER C 933 -80.50 -20.76 -2.00
C SER C 933 -79.57 -20.44 -0.85
N GLU C 934 -78.53 -21.26 -0.66
CA GLU C 934 -77.69 -21.13 0.52
C GLU C 934 -76.71 -19.95 0.45
N TYR C 935 -76.52 -19.36 -0.73
CA TYR C 935 -75.67 -18.18 -0.84
C TYR C 935 -76.44 -16.90 -1.16
N SER C 936 -77.77 -16.92 -1.09
CA SER C 936 -78.55 -15.68 -1.21
C SER C 936 -78.43 -14.89 0.09
N LYS C 937 -78.16 -13.59 -0.04
CA LYS C 937 -77.85 -12.75 1.12
C LYS C 937 -79.05 -12.59 2.06
N GLU C 938 -80.27 -12.75 1.55
CA GLU C 938 -81.47 -12.31 2.25
C GLU C 938 -82.09 -13.35 3.16
N ARG C 939 -81.58 -14.59 3.16
CA ARG C 939 -82.32 -15.72 3.73
C ARG C 939 -82.57 -15.57 5.22
N VAL C 940 -81.53 -15.21 5.98
CA VAL C 940 -81.63 -15.16 7.44
C VAL C 940 -82.58 -14.06 7.88
N ALA C 941 -82.64 -12.96 7.14
CA ALA C 941 -83.56 -11.88 7.45
C ALA C 941 -85.01 -12.33 7.32
N TYR C 942 -85.34 -13.07 6.25
CA TYR C 942 -86.69 -13.58 6.10
C TYR C 942 -87.03 -14.59 7.18
N VAL C 943 -86.09 -15.48 7.53
CA VAL C 943 -86.37 -16.46 8.57
C VAL C 943 -86.66 -15.76 9.90
N ARG C 944 -85.85 -14.76 10.26
CA ARG C 944 -86.08 -14.00 11.48
C ARG C 944 -87.42 -13.28 11.45
N ALA C 945 -87.75 -12.65 10.31
CA ALA C 945 -88.98 -11.88 10.20
C ALA C 945 -90.21 -12.76 10.32
N TYR C 946 -90.23 -13.90 9.62
CA TYR C 946 -91.37 -14.81 9.72
C TYR C 946 -91.50 -15.41 11.11
N ALA C 947 -90.37 -15.73 11.76
CA ALA C 947 -90.45 -16.26 13.12
C ALA C 947 -91.03 -15.22 14.08
N LEU C 948 -90.63 -13.97 13.93
CA LEU C 948 -91.13 -12.92 14.81
C LEU C 948 -92.61 -12.65 14.56
N GLN C 949 -93.04 -12.66 13.29
CA GLN C 949 -94.46 -12.46 12.98
C GLN C 949 -95.30 -13.61 13.53
N ALA C 950 -94.81 -14.85 13.40
CA ALA C 950 -95.53 -16.00 13.93
C ALA C 950 -95.65 -15.95 15.45
N ASN C 951 -94.57 -15.60 16.15
CA ASN C 951 -94.66 -15.56 17.60
C ASN C 951 -95.42 -14.34 18.11
N LEU C 952 -95.54 -13.29 17.29
CA LEU C 952 -96.39 -12.16 17.68
C LEU C 952 -97.86 -12.55 17.73
N MET C 953 -98.28 -13.45 16.84
CA MET C 953 -99.66 -13.89 16.79
C MET C 953 -99.94 -15.10 17.68
N GLY C 954 -99.02 -15.44 18.57
CA GLY C 954 -99.23 -16.53 19.51
C GLY C 954 -99.09 -17.92 18.93
N SER C 955 -98.51 -18.03 17.73
CA SER C 955 -98.22 -19.32 17.12
C SER C 955 -96.79 -19.75 17.44
N GLN C 956 -96.34 -20.81 16.77
CA GLN C 956 -94.92 -21.10 16.59
C GLN C 956 -94.71 -21.45 15.13
N LEU C 957 -93.60 -20.97 14.56
CA LEU C 957 -93.35 -21.16 13.14
C LEU C 957 -93.10 -22.62 12.82
N ALA C 958 -93.66 -23.06 11.69
CA ALA C 958 -93.49 -24.43 11.23
C ALA C 958 -93.07 -24.42 9.78
N LEU C 959 -92.58 -25.57 9.31
CA LEU C 959 -92.04 -25.71 7.97
C LEU C 959 -93.11 -25.43 6.91
N SER C 960 -94.36 -25.82 7.19
CA SER C 960 -95.44 -25.64 6.25
C SER C 960 -95.82 -24.18 6.03
N ASP C 961 -95.37 -23.26 6.89
CA ASP C 961 -95.59 -21.84 6.64
C ASP C 961 -94.69 -21.32 5.52
N LEU C 962 -93.46 -21.81 5.46
CA LEU C 962 -92.47 -21.34 4.51
C LEU C 962 -92.55 -22.05 3.17
N ALA C 963 -93.32 -23.13 3.09
CA ALA C 963 -93.32 -23.97 1.89
C ALA C 963 -94.20 -23.36 0.79
N SER C 964 -93.80 -23.57 -0.45
CA SER C 964 -94.62 -23.19 -1.60
C SER C 964 -95.67 -24.27 -1.87
N THR C 965 -96.47 -24.04 -2.92
CA THR C 965 -97.66 -24.88 -3.17
C THR C 965 -97.32 -26.35 -3.39
N GLU C 966 -96.28 -26.62 -4.20
CA GLU C 966 -95.95 -28.00 -4.56
C GLU C 966 -95.52 -28.79 -3.34
N VAL C 967 -94.63 -28.21 -2.52
CA VAL C 967 -94.15 -28.92 -1.35
C VAL C 967 -95.20 -28.99 -0.26
N LYS C 968 -96.13 -28.03 -0.21
CA LYS C 968 -97.27 -28.14 0.71
C LYS C 968 -98.16 -29.33 0.34
N LYS C 969 -98.48 -29.47 -0.96
CA LYS C 969 -99.23 -30.64 -1.40
C LYS C 969 -98.47 -31.93 -1.17
N GLU C 970 -97.15 -31.90 -1.34
CA GLU C 970 -96.33 -33.07 -1.02
C GLU C 970 -96.39 -33.42 0.45
N LEU C 971 -96.33 -32.41 1.33
CA LEU C 971 -96.47 -32.62 2.76
C LEU C 971 -97.89 -32.97 3.19
N MET C 972 -98.86 -32.92 2.28
CA MET C 972 -100.17 -33.48 2.58
C MET C 972 -100.37 -34.90 2.06
N ALA C 973 -99.35 -35.53 1.47
CA ALA C 973 -99.47 -36.91 1.03
C ALA C 973 -99.06 -37.88 2.13
N GLU C 974 -99.36 -39.17 1.94
CA GLU C 974 -99.03 -40.18 2.95
C GLU C 974 -98.23 -41.36 2.41
N LYS C 975 -98.59 -41.85 1.22
CA LYS C 975 -97.99 -43.07 0.66
C LYS C 975 -96.79 -42.74 -0.22
N ARG C 976 -95.81 -42.07 0.38
CA ARG C 976 -94.62 -41.62 -0.35
C ARG C 976 -93.37 -42.31 0.19
N HIS C 977 -92.65 -42.97 -0.71
CA HIS C 977 -91.25 -43.32 -0.45
C HIS C 977 -90.31 -42.21 -0.89
N GLY C 978 -90.73 -41.41 -1.87
CA GLY C 978 -89.85 -40.41 -2.43
C GLY C 978 -89.82 -39.12 -1.62
N GLU C 979 -88.88 -38.26 -2.00
CA GLU C 979 -88.74 -36.94 -1.39
C GLU C 979 -88.05 -36.03 -2.40
N SER C 980 -88.73 -34.97 -2.81
CA SER C 980 -88.24 -34.11 -3.88
C SER C 980 -87.00 -33.33 -3.44
N ASP C 981 -86.13 -33.04 -4.42
CA ASP C 981 -84.86 -32.40 -4.13
C ASP C 981 -85.02 -30.97 -3.63
N ASP C 982 -86.01 -30.23 -4.13
CA ASP C 982 -86.23 -28.87 -3.64
C ASP C 982 -86.77 -28.89 -2.22
N LEU C 983 -87.53 -29.92 -1.86
CA LEU C 983 -87.90 -30.11 -0.47
C LEU C 983 -86.68 -30.40 0.40
N ARG C 984 -85.73 -31.18 -0.14
CA ARG C 984 -84.50 -31.46 0.60
C ARG C 984 -83.71 -30.17 0.80
N GLN C 985 -83.69 -29.31 -0.24
CA GLN C 985 -83.01 -28.03 -0.14
C GLN C 985 -83.66 -27.15 0.93
N LEU C 986 -84.99 -27.10 0.94
CA LEU C 986 -85.70 -26.30 1.93
C LEU C 986 -85.44 -26.80 3.34
N LYS C 987 -85.36 -28.12 3.52
CA LYS C 987 -85.00 -28.67 4.82
C LYS C 987 -83.56 -28.34 5.20
N GLN C 988 -82.65 -28.46 4.23
CA GLN C 988 -81.22 -28.35 4.53
C GLN C 988 -80.79 -26.91 4.79
N TYR C 989 -81.33 -25.95 4.03
CA TYR C 989 -80.86 -24.58 4.09
C TYR C 989 -81.72 -23.68 4.96
N SER C 990 -82.95 -24.07 5.28
CA SER C 990 -83.84 -23.21 6.05
C SER C 990 -84.42 -23.95 7.25
N GLY C 991 -84.65 -25.24 7.10
CA GLY C 991 -85.38 -26.00 8.11
C GLY C 991 -84.68 -26.06 9.45
N VAL C 992 -83.37 -26.34 9.43
CA VAL C 992 -82.60 -26.56 10.65
C VAL C 992 -82.55 -25.32 11.55
N LEU C 993 -82.88 -24.15 11.02
CA LEU C 993 -82.90 -22.93 11.81
C LEU C 993 -84.24 -22.67 12.50
N ILE C 994 -85.30 -23.33 12.07
CA ILE C 994 -86.65 -23.12 12.63
C ILE C 994 -86.76 -23.42 14.13
N PRO C 995 -86.15 -24.48 14.69
CA PRO C 995 -86.17 -24.61 16.15
C PRO C 995 -85.47 -23.48 16.91
N TRP C 996 -84.44 -22.88 16.33
CA TRP C 996 -83.68 -21.84 17.04
C TRP C 996 -84.43 -20.52 17.08
N TYR C 997 -84.85 -20.00 15.92
CA TYR C 997 -85.40 -18.65 15.88
C TYR C 997 -86.74 -18.54 16.58
N ASN C 998 -87.43 -19.66 16.83
CA ASN C 998 -88.57 -19.61 17.73
C ASN C 998 -88.13 -19.25 19.14
N LEU C 999 -87.12 -19.96 19.66
CA LEU C 999 -86.67 -19.74 21.04
C LEU C 999 -86.16 -18.32 21.24
N TRP C 1000 -85.35 -17.82 20.29
CA TRP C 1000 -84.92 -16.42 20.30
C TRP C 1000 -86.11 -15.48 20.42
N ALA C 1001 -87.14 -15.71 19.59
CA ALA C 1001 -88.32 -14.86 19.65
C ALA C 1001 -88.98 -14.94 21.01
N LYS C 1002 -89.05 -16.15 21.58
CA LYS C 1002 -89.68 -16.33 22.88
C LYS C 1002 -88.93 -15.59 23.97
N VAL C 1003 -87.63 -15.34 23.78
CA VAL C 1003 -86.92 -14.54 24.76
C VAL C 1003 -87.18 -13.06 24.52
N ILE C 1004 -87.29 -12.65 23.25
CA ILE C 1004 -87.47 -11.24 22.92
C ILE C 1004 -88.79 -10.72 23.47
N LEU C 1005 -89.86 -11.49 23.28
CA LEU C 1005 -91.17 -11.09 23.78
C LEU C 1005 -91.34 -11.31 25.28
N GLY C 1006 -90.36 -11.89 25.97
CA GLY C 1006 -90.50 -12.11 27.40
C GLY C 1006 -91.35 -13.30 27.78
N LYS C 1007 -91.60 -14.21 26.85
CA LYS C 1007 -92.41 -15.40 27.09
C LYS C 1007 -91.59 -16.57 27.61
N THR C 1008 -90.30 -16.37 27.81
CA THR C 1008 -89.39 -17.39 28.30
C THR C 1008 -88.27 -16.65 29.02
N ARG C 1009 -87.79 -17.21 30.13
CA ARG C 1009 -86.83 -16.49 30.96
C ARG C 1009 -85.66 -17.41 31.32
N LYS C 1010 -84.71 -16.82 32.06
CA LYS C 1010 -83.44 -17.45 32.38
C LYS C 1010 -83.59 -18.76 33.14
N ALA C 1011 -84.54 -18.81 34.08
CA ALA C 1011 -84.62 -19.88 35.06
C ALA C 1011 -84.98 -21.24 34.47
N ASP C 1012 -85.35 -21.31 33.19
CA ASP C 1012 -85.60 -22.61 32.57
C ASP C 1012 -84.85 -22.73 31.24
N LEU C 1013 -83.92 -21.82 30.96
CA LEU C 1013 -83.33 -21.70 29.63
C LEU C 1013 -82.55 -22.95 29.24
N GLU C 1014 -81.89 -23.60 30.21
CA GLU C 1014 -81.12 -24.80 29.93
C GLU C 1014 -82.00 -25.92 29.39
N SER C 1015 -83.27 -25.97 29.81
CA SER C 1015 -84.18 -26.97 29.26
C SER C 1015 -84.46 -26.69 27.79
N GLU C 1016 -84.66 -25.42 27.44
CA GLU C 1016 -85.00 -25.09 26.06
C GLU C 1016 -83.82 -25.31 25.13
N LEU C 1017 -82.61 -24.97 25.57
CA LEU C 1017 -81.43 -25.12 24.72
C LEU C 1017 -81.17 -26.59 24.41
N SER C 1018 -81.08 -27.42 25.44
CA SER C 1018 -80.66 -28.80 25.29
C SER C 1018 -81.64 -29.58 24.43
N ASP C 1019 -82.93 -29.26 24.54
CA ASP C 1019 -83.91 -29.87 23.64
C ASP C 1019 -83.73 -29.37 22.21
N THR C 1020 -83.55 -28.05 22.04
CA THR C 1020 -83.49 -27.47 20.71
C THR C 1020 -82.30 -28.01 19.93
N GLN C 1021 -81.16 -28.17 20.61
CA GLN C 1021 -79.97 -28.74 19.98
C GLN C 1021 -80.23 -30.16 19.47
N LYS C 1022 -81.06 -30.92 20.19
CA LYS C 1022 -81.50 -32.20 19.65
C LYS C 1022 -82.45 -32.00 18.47
N GLU C 1023 -83.44 -31.11 18.61
CA GLU C 1023 -84.49 -30.96 17.62
C GLU C 1023 -83.95 -30.51 16.27
N SER C 1024 -82.94 -29.65 16.28
CA SER C 1024 -82.28 -29.26 15.04
C SER C 1024 -81.57 -30.45 14.41
N THR C 1025 -80.87 -31.24 15.22
CA THR C 1025 -79.99 -32.29 14.70
C THR C 1025 -80.79 -33.42 14.06
N ALA C 1026 -81.99 -33.69 14.58
CA ALA C 1026 -82.88 -34.66 13.96
C ALA C 1026 -83.29 -34.22 12.55
N ILE C 1027 -83.33 -32.92 12.30
CA ILE C 1027 -83.62 -32.46 10.95
C ILE C 1027 -82.35 -32.46 10.10
N LYS C 1028 -81.18 -32.43 10.76
CA LYS C 1028 -79.92 -32.15 10.06
C LYS C 1028 -79.55 -33.27 9.09
N GLY C 1029 -79.53 -34.52 9.57
CA GLY C 1029 -79.11 -35.63 8.75
C GLY C 1029 -77.64 -35.56 8.39
N HIS C 1030 -77.34 -35.93 7.13
CA HIS C 1030 -75.97 -35.97 6.62
C HIS C 1030 -75.51 -34.58 6.22
N SER C 1031 -74.58 -34.01 7.00
CA SER C 1031 -73.77 -32.88 6.53
C SER C 1031 -72.47 -33.44 5.93
N TYR C 1032 -72.62 -34.06 4.77
CA TYR C 1032 -71.48 -34.72 4.13
C TYR C 1032 -70.47 -33.72 3.58
N SER C 1033 -70.89 -32.49 3.30
CA SER C 1033 -69.96 -31.45 2.89
C SER C 1033 -69.35 -30.78 4.12
N GLU C 1034 -68.05 -30.50 4.05
CA GLU C 1034 -67.39 -29.71 5.08
C GLU C 1034 -67.53 -28.21 4.86
N HIS C 1035 -68.10 -27.79 3.74
CA HIS C 1035 -68.31 -26.38 3.43
C HIS C 1035 -69.67 -25.86 3.86
N SER C 1036 -70.32 -26.52 4.82
CA SER C 1036 -71.62 -26.07 5.32
C SER C 1036 -71.51 -24.74 6.05
N LEU C 1037 -72.44 -23.83 5.75
CA LEU C 1037 -72.51 -22.54 6.40
C LEU C 1037 -73.27 -22.57 7.73
N SER C 1038 -73.99 -23.67 8.02
CA SER C 1038 -75.00 -23.65 9.07
C SER C 1038 -74.41 -23.55 10.47
N SER C 1039 -73.21 -24.09 10.68
CA SER C 1039 -72.59 -24.00 12.00
C SER C 1039 -72.31 -22.55 12.37
N ASN C 1040 -71.86 -21.76 11.38
CA ASN C 1040 -71.55 -20.36 11.60
C ASN C 1040 -72.79 -19.57 11.97
N GLU C 1041 -73.94 -19.92 11.40
CA GLU C 1041 -75.20 -19.25 11.72
C GLU C 1041 -75.71 -19.66 13.09
N ILE C 1042 -75.60 -20.95 13.41
CA ILE C 1042 -76.10 -21.48 14.68
C ILE C 1042 -75.33 -20.87 15.85
N ALA C 1043 -74.00 -20.70 15.69
CA ALA C 1043 -73.21 -20.08 16.74
C ALA C 1043 -73.67 -18.65 17.02
N ASN C 1044 -74.00 -17.89 15.96
CA ASN C 1044 -74.46 -16.52 16.13
C ASN C 1044 -75.79 -16.46 16.85
N VAL C 1045 -76.76 -17.28 16.42
CA VAL C 1045 -78.07 -17.20 17.07
C VAL C 1045 -78.00 -17.69 18.53
N TRP C 1046 -77.13 -18.66 18.81
CA TRP C 1046 -76.93 -19.14 20.18
C TRP C 1046 -76.35 -18.04 21.07
N PHE C 1047 -75.32 -17.35 20.59
CA PHE C 1047 -74.70 -16.28 21.36
C PHE C 1047 -75.69 -15.13 21.58
N ASP C 1048 -76.49 -14.81 20.57
CA ASP C 1048 -77.50 -13.76 20.73
C ASP C 1048 -78.55 -14.13 21.77
N ILE C 1049 -78.97 -15.39 21.80
CA ILE C 1049 -79.93 -15.84 22.80
C ILE C 1049 -79.36 -15.69 24.21
N LEU C 1050 -78.09 -16.08 24.39
CA LEU C 1050 -77.46 -15.89 25.70
C LEU C 1050 -77.41 -14.43 26.11
N ILE C 1051 -76.96 -13.55 25.20
CA ILE C 1051 -76.80 -12.14 25.55
C ILE C 1051 -78.14 -11.49 25.85
N GLU C 1052 -79.19 -11.85 25.11
CA GLU C 1052 -80.50 -11.29 25.40
C GLU C 1052 -81.11 -11.84 26.68
N ALA C 1053 -80.73 -13.05 27.09
CA ALA C 1053 -81.31 -13.61 28.32
C ALA C 1053 -80.90 -12.83 29.57
N GLY C 1054 -79.65 -12.40 29.64
CA GLY C 1054 -79.17 -11.61 30.75
C GLY C 1054 -78.43 -12.43 31.80
N ASN C 1055 -77.55 -11.74 32.53
CA ASN C 1055 -76.70 -12.32 33.59
C ASN C 1055 -75.88 -13.52 33.10
N VAL C 1056 -75.17 -13.32 32.00
CA VAL C 1056 -74.34 -14.39 31.45
C VAL C 1056 -73.11 -14.63 32.33
N SER C 1057 -72.49 -15.78 32.10
CA SER C 1057 -71.28 -16.18 32.82
C SER C 1057 -70.28 -16.77 31.83
N LYS C 1058 -69.04 -16.89 32.30
CA LYS C 1058 -67.93 -17.34 31.45
C LYS C 1058 -68.12 -18.77 30.94
N ASP C 1059 -68.62 -19.66 31.80
CA ASP C 1059 -68.80 -21.06 31.42
C ASP C 1059 -69.80 -21.21 30.29
N ASP C 1060 -70.78 -20.31 30.19
CA ASP C 1060 -71.78 -20.38 29.14
C ASP C 1060 -71.15 -20.18 27.76
N VAL C 1061 -70.30 -19.16 27.64
CA VAL C 1061 -69.59 -18.92 26.38
C VAL C 1061 -68.57 -20.02 26.12
N GLU C 1062 -67.94 -20.53 27.20
CA GLU C 1062 -67.02 -21.65 27.04
C GLU C 1062 -67.72 -22.90 26.51
N ASN C 1063 -69.02 -23.05 26.77
CA ASN C 1063 -69.78 -24.13 26.13
C ASN C 1063 -69.82 -23.98 24.61
N ILE C 1064 -69.98 -22.75 24.12
CA ILE C 1064 -69.97 -22.53 22.67
C ILE C 1064 -68.59 -22.80 22.10
N ILE C 1065 -67.55 -22.40 22.83
CA ILE C 1065 -66.17 -22.64 22.40
C ILE C 1065 -65.91 -24.14 22.30
N LYS C 1066 -66.36 -24.89 23.32
CA LYS C 1066 -66.17 -26.35 23.32
C LYS C 1066 -66.96 -27.03 22.22
N TRP C 1067 -68.19 -26.54 21.95
CA TRP C 1067 -68.98 -27.10 20.85
C TRP C 1067 -68.30 -26.86 19.51
N SER C 1068 -67.55 -25.77 19.38
CA SER C 1068 -66.85 -25.51 18.12
C SER C 1068 -65.74 -26.50 17.82
N GLN C 1069 -65.25 -27.24 18.82
CA GLN C 1069 -64.11 -28.12 18.61
C GLN C 1069 -64.45 -29.43 17.88
N HIS C 1070 -65.70 -29.86 17.90
CA HIS C 1070 -66.07 -31.09 17.22
C HIS C 1070 -66.00 -30.90 15.70
N LYS C 1071 -65.87 -32.01 14.99
CA LYS C 1071 -65.68 -31.99 13.55
C LYS C 1071 -66.90 -31.43 12.83
N GLY C 1072 -66.66 -30.54 11.87
CA GLY C 1072 -67.72 -29.92 11.11
C GLY C 1072 -68.35 -28.70 11.75
N ASN C 1073 -68.01 -28.39 13.00
CA ASN C 1073 -68.55 -27.22 13.67
C ASN C 1073 -67.71 -25.99 13.38
N ARG C 1074 -67.56 -25.67 12.10
CA ARG C 1074 -66.69 -24.58 11.67
C ARG C 1074 -67.29 -23.22 11.98
N VAL C 1075 -66.49 -22.33 12.55
CA VAL C 1075 -66.87 -20.94 12.80
C VAL C 1075 -65.84 -20.04 12.14
N PHE C 1076 -66.31 -19.08 11.35
CA PHE C 1076 -65.43 -18.22 10.58
C PHE C 1076 -64.96 -17.02 11.40
N THR C 1077 -63.87 -16.41 10.96
CA THR C 1077 -63.21 -15.36 11.74
C THR C 1077 -64.01 -14.07 11.98
N PRO C 1078 -64.88 -13.57 11.08
CA PRO C 1078 -65.66 -12.38 11.47
C PRO C 1078 -66.57 -12.59 12.66
N THR C 1079 -67.13 -13.80 12.79
CA THR C 1079 -67.93 -14.14 13.97
C THR C 1079 -67.08 -14.06 15.24
N LEU C 1080 -65.85 -14.56 15.16
CA LEU C 1080 -64.93 -14.48 16.30
C LEU C 1080 -64.58 -13.04 16.64
N HIS C 1081 -64.39 -12.19 15.62
CA HIS C 1081 -64.14 -10.78 15.89
C HIS C 1081 -65.32 -10.13 16.59
N ARG C 1082 -66.54 -10.47 16.16
CA ARG C 1082 -67.74 -9.93 16.79
C ARG C 1082 -67.83 -10.35 18.25
N PHE C 1083 -67.53 -11.61 18.54
CA PHE C 1083 -67.49 -12.08 19.93
C PHE C 1083 -66.44 -11.34 20.75
N SER C 1084 -65.25 -11.15 20.17
CA SER C 1084 -64.18 -10.41 20.85
C SER C 1084 -64.61 -8.99 21.17
N SER C 1085 -65.34 -8.36 20.25
CA SER C 1085 -65.77 -6.99 20.46
C SER C 1085 -66.85 -6.90 21.54
N VAL C 1086 -67.85 -7.79 21.48
CA VAL C 1086 -68.96 -7.74 22.42
C VAL C 1086 -68.51 -8.08 23.84
N CYS C 1087 -67.66 -9.10 24.00
CA CYS C 1087 -67.24 -9.47 25.36
C CYS C 1087 -66.36 -8.42 26.03
N ALA C 1088 -65.85 -7.43 25.29
CA ALA C 1088 -65.04 -6.39 25.93
C ALA C 1088 -65.88 -5.42 26.73
N GLU C 1089 -67.12 -5.17 26.31
CA GLU C 1089 -67.99 -4.22 26.99
C GLU C 1089 -68.71 -4.84 28.17
N ILE C 1090 -69.00 -6.15 28.12
CA ILE C 1090 -69.64 -6.81 29.25
C ILE C 1090 -68.64 -6.97 30.38
N SER C 1091 -69.03 -6.53 31.58
CA SER C 1091 -68.13 -6.57 32.73
C SER C 1091 -67.93 -8.00 33.21
N GLY C 1092 -66.67 -8.39 33.39
CA GLY C 1092 -66.32 -9.70 33.91
C GLY C 1092 -66.02 -10.78 32.89
N LEU C 1093 -66.17 -10.49 31.60
CA LEU C 1093 -65.89 -11.46 30.54
C LEU C 1093 -64.60 -11.18 29.78
N GLY C 1094 -63.75 -10.28 30.29
CA GLY C 1094 -62.71 -9.69 29.47
C GLY C 1094 -61.67 -10.66 28.92
N GLU C 1095 -61.34 -11.71 29.68
CA GLU C 1095 -60.26 -12.61 29.29
C GLU C 1095 -60.56 -13.32 27.97
N LEU C 1096 -61.83 -13.62 27.73
CA LEU C 1096 -62.25 -14.25 26.48
C LEU C 1096 -61.91 -13.39 25.28
N SER C 1097 -61.84 -12.07 25.47
CA SER C 1097 -61.47 -11.16 24.40
C SER C 1097 -60.07 -11.45 23.87
N TYR C 1098 -59.18 -11.92 24.73
CA TYR C 1098 -57.90 -12.40 24.20
C TYR C 1098 -58.07 -13.76 23.53
N HIS C 1099 -58.85 -14.65 24.16
CA HIS C 1099 -58.95 -16.03 23.68
C HIS C 1099 -59.48 -16.09 22.26
N PHE C 1100 -60.62 -15.44 22.02
CA PHE C 1100 -61.23 -15.41 20.70
C PHE C 1100 -60.31 -14.77 19.66
N ALA C 1101 -59.42 -13.88 20.10
CA ALA C 1101 -58.47 -13.30 19.15
C ALA C 1101 -57.46 -14.35 18.70
N GLU C 1102 -56.84 -15.05 19.65
CA GLU C 1102 -55.72 -15.94 19.31
C GLU C 1102 -56.19 -17.11 18.46
N LEU C 1103 -57.37 -17.65 18.79
CA LEU C 1103 -57.97 -18.68 17.96
C LEU C 1103 -58.21 -18.17 16.55
N ALA C 1104 -58.69 -16.94 16.42
CA ALA C 1104 -58.92 -16.35 15.10
C ALA C 1104 -57.63 -16.14 14.35
N LEU C 1105 -56.51 -16.03 15.07
CA LEU C 1105 -55.24 -15.94 14.37
C LEU C 1105 -54.81 -17.29 13.82
N SER C 1106 -55.16 -18.37 14.52
CA SER C 1106 -54.61 -19.68 14.19
C SER C 1106 -55.10 -20.23 12.86
N LEU C 1107 -56.23 -19.74 12.34
CA LEU C 1107 -56.84 -20.35 11.17
C LEU C 1107 -56.12 -20.01 9.87
N TRP C 1108 -55.36 -18.92 9.82
CA TRP C 1108 -54.73 -18.47 8.59
C TRP C 1108 -53.28 -18.06 8.73
N ARG C 1109 -52.69 -18.06 9.92
CA ARG C 1109 -51.34 -17.55 10.11
C ARG C 1109 -50.29 -18.47 9.50
N ASP C 1110 -50.59 -19.76 9.34
CA ASP C 1110 -49.58 -20.73 8.92
C ASP C 1110 -49.44 -20.89 7.41
N GLU C 1111 -50.46 -20.52 6.64
CA GLU C 1111 -50.57 -20.95 5.25
C GLU C 1111 -50.27 -19.81 4.27
N HIS C 1112 -50.10 -20.18 3.00
CA HIS C 1112 -49.75 -19.22 1.95
C HIS C 1112 -50.92 -18.34 1.56
N SER C 1113 -50.67 -17.03 1.50
CA SER C 1113 -51.55 -16.06 0.86
C SER C 1113 -50.73 -14.81 0.60
N ASP C 1114 -51.27 -13.91 -0.22
CA ASP C 1114 -50.55 -12.70 -0.57
C ASP C 1114 -50.55 -11.73 0.60
N ALA C 1115 -49.68 -10.73 0.51
CA ALA C 1115 -49.37 -9.85 1.63
C ALA C 1115 -50.55 -8.97 2.03
N GLN C 1116 -51.36 -8.54 1.07
CA GLN C 1116 -52.41 -7.55 1.36
C GLN C 1116 -53.54 -8.16 2.20
N ILE C 1117 -53.91 -9.41 1.89
CA ILE C 1117 -54.91 -10.14 2.66
C ILE C 1117 -54.42 -10.34 4.10
N LYS C 1118 -53.16 -10.72 4.24
CA LYS C 1118 -52.58 -11.00 5.54
C LYS C 1118 -52.49 -9.73 6.37
N ALA C 1119 -52.23 -8.59 5.73
CA ALA C 1119 -52.23 -7.31 6.42
C ALA C 1119 -53.63 -6.92 6.90
N ASP C 1120 -54.63 -7.15 6.04
CA ASP C 1120 -56.01 -6.85 6.43
C ASP C 1120 -56.48 -7.68 7.62
N GLY C 1121 -55.97 -8.91 7.73
CA GLY C 1121 -56.29 -9.73 8.89
C GLY C 1121 -55.78 -9.14 10.19
N TYR C 1122 -54.54 -8.63 10.18
CA TYR C 1122 -54.02 -7.99 11.39
C TYR C 1122 -54.70 -6.66 11.68
N ILE C 1123 -55.12 -5.93 10.65
CA ILE C 1123 -55.90 -4.71 10.89
C ILE C 1123 -57.22 -5.03 11.60
N ASP C 1124 -57.89 -6.10 11.18
CA ASP C 1124 -59.12 -6.50 11.87
C ASP C 1124 -58.87 -6.95 13.31
N LEU C 1125 -57.79 -7.72 13.53
CA LEU C 1125 -57.44 -8.10 14.90
C LEU C 1125 -57.16 -6.89 15.78
N SER C 1126 -56.46 -5.90 15.23
CA SER C 1126 -56.16 -4.68 15.97
C SER C 1126 -57.42 -3.90 16.31
N ARG C 1127 -58.33 -3.77 15.35
CA ARG C 1127 -59.56 -3.01 15.59
C ARG C 1127 -60.48 -3.70 16.59
N SER C 1128 -60.38 -5.03 16.73
CA SER C 1128 -61.29 -5.71 17.64
C SER C 1128 -61.04 -5.39 19.12
N LEU C 1129 -59.86 -4.89 19.49
CA LEU C 1129 -59.44 -4.80 20.89
C LEU C 1129 -59.22 -3.38 21.40
N ILE C 1130 -59.64 -2.34 20.67
CA ILE C 1130 -59.29 -0.97 21.03
C ILE C 1130 -59.88 -0.56 22.37
N SER C 1131 -61.13 -0.95 22.65
CA SER C 1131 -61.80 -0.47 23.85
C SER C 1131 -61.22 -1.10 25.12
N LEU C 1132 -60.54 -2.23 25.01
CA LEU C 1132 -60.12 -3.00 26.17
C LEU C 1132 -58.67 -2.75 26.59
N ASP C 1133 -57.72 -3.00 25.70
CA ASP C 1133 -56.30 -3.03 26.04
C ASP C 1133 -55.52 -2.45 24.86
N GLU C 1134 -55.29 -1.15 24.92
CA GLU C 1134 -54.65 -0.43 23.81
C GLU C 1134 -53.17 -0.78 23.58
N PRO C 1135 -52.31 -0.99 24.60
CA PRO C 1135 -50.96 -1.47 24.29
C PRO C 1135 -50.92 -2.83 23.65
N GLU C 1136 -51.94 -3.66 23.83
CA GLU C 1136 -51.99 -4.90 23.06
C GLU C 1136 -52.45 -4.64 21.63
N ALA C 1137 -53.40 -3.71 21.46
CA ALA C 1137 -53.91 -3.38 20.13
C ALA C 1137 -52.82 -2.78 19.25
N LYS C 1138 -51.83 -2.10 19.83
CA LYS C 1138 -50.78 -1.49 19.03
C LYS C 1138 -49.90 -2.53 18.35
N GLU C 1139 -49.67 -3.66 19.01
CA GLU C 1139 -48.72 -4.65 18.52
C GLU C 1139 -49.19 -5.31 17.23
N TYR C 1140 -50.48 -5.61 17.12
CA TYR C 1140 -51.00 -6.18 15.87
C TYR C 1140 -50.94 -5.18 14.73
N PHE C 1141 -51.08 -3.89 15.04
CA PHE C 1141 -50.87 -2.86 14.02
C PHE C 1141 -49.43 -2.85 13.53
N ASN C 1142 -48.48 -3.05 14.44
CA ASN C 1142 -47.08 -3.15 14.01
C ASN C 1142 -46.85 -4.38 13.14
N GLN C 1143 -47.50 -5.51 13.46
CA GLN C 1143 -47.44 -6.67 12.58
C GLN C 1143 -48.03 -6.37 11.21
N ALA C 1144 -49.15 -5.65 11.18
CA ALA C 1144 -49.78 -5.28 9.91
C ALA C 1144 -48.88 -4.42 9.05
N ILE C 1145 -48.14 -3.50 9.69
CA ILE C 1145 -47.19 -2.68 8.94
C ILE C 1145 -46.02 -3.54 8.46
N GLU C 1146 -45.54 -4.44 9.32
CA GLU C 1146 -44.36 -5.24 8.99
C GLU C 1146 -44.58 -6.18 7.82
N VAL C 1147 -45.76 -6.80 7.73
CA VAL C 1147 -45.99 -7.88 6.78
C VAL C 1147 -46.00 -7.44 5.32
N THR C 1148 -46.07 -6.14 5.03
CA THR C 1148 -46.33 -5.65 3.68
C THR C 1148 -45.18 -5.86 2.70
N ASN C 1149 -44.00 -6.27 3.14
CA ASN C 1149 -42.86 -6.46 2.23
C ASN C 1149 -42.96 -7.72 1.37
N LYS C 1150 -43.73 -8.72 1.79
CA LYS C 1150 -43.61 -10.06 1.24
C LYS C 1150 -44.27 -10.13 -0.15
N LEU C 1151 -44.43 -11.37 -0.64
CA LEU C 1151 -44.86 -11.60 -2.00
C LEU C 1151 -46.27 -11.11 -2.26
N GLY C 1152 -46.54 -10.75 -3.52
CA GLY C 1152 -47.80 -10.18 -3.91
C GLY C 1152 -47.93 -10.07 -5.42
N ASP C 1153 -48.53 -8.98 -5.90
CA ASP C 1153 -48.70 -8.79 -7.33
C ASP C 1153 -47.41 -8.48 -8.08
N GLU C 1154 -46.33 -8.14 -7.38
CA GLU C 1154 -45.07 -7.85 -8.06
C GLU C 1154 -44.41 -9.09 -8.63
N ASN C 1155 -44.86 -10.28 -8.26
CA ASN C 1155 -44.41 -11.46 -8.97
C ASN C 1155 -44.99 -11.47 -10.38
N LEU C 1156 -44.37 -12.29 -11.23
CA LEU C 1156 -44.46 -12.33 -12.70
C LEU C 1156 -43.74 -11.15 -13.33
N SER C 1157 -43.33 -10.17 -12.52
CA SER C 1157 -42.37 -9.18 -12.97
C SER C 1157 -40.95 -9.55 -12.55
N ARG C 1158 -40.82 -10.11 -11.35
CA ARG C 1158 -39.54 -10.62 -10.89
C ARG C 1158 -39.12 -11.86 -11.68
N TRP C 1159 -40.09 -12.71 -12.02
CA TRP C 1159 -39.80 -13.95 -12.71
C TRP C 1159 -39.27 -13.69 -14.12
N GLU C 1160 -39.74 -12.63 -14.76
CA GLU C 1160 -39.20 -12.25 -16.06
C GLU C 1160 -37.75 -11.81 -15.98
N ALA C 1161 -37.36 -11.12 -14.92
CA ALA C 1161 -35.95 -10.76 -14.74
C ALA C 1161 -35.10 -12.01 -14.51
N ILE C 1162 -35.62 -12.96 -13.73
CA ILE C 1162 -34.90 -14.21 -13.50
C ILE C 1162 -34.70 -14.97 -14.82
N LEU C 1163 -35.74 -15.06 -15.65
CA LEU C 1163 -35.62 -15.71 -16.95
C LEU C 1163 -34.66 -14.98 -17.87
N ASP C 1164 -34.66 -13.64 -17.83
CA ASP C 1164 -33.75 -12.85 -18.68
C ASP C 1164 -32.30 -13.09 -18.29
N LEU C 1165 -32.02 -13.27 -17.00
CA LEU C 1165 -30.67 -13.64 -16.60
C LEU C 1165 -30.33 -15.06 -17.05
N ALA C 1166 -31.24 -15.99 -16.79
CA ALA C 1166 -30.96 -17.41 -17.00
C ALA C 1166 -30.73 -17.74 -18.47
N GLU C 1167 -31.55 -17.17 -19.35
CA GLU C 1167 -31.34 -17.50 -20.76
C GLU C 1167 -30.16 -16.75 -21.38
N TYR C 1168 -29.63 -15.73 -20.71
CA TYR C 1168 -28.33 -15.20 -21.11
C TYR C 1168 -27.21 -16.16 -20.73
N VAL C 1169 -27.24 -16.66 -19.50
CA VAL C 1169 -26.09 -17.44 -19.03
C VAL C 1169 -26.10 -18.88 -19.59
N ALA C 1170 -27.27 -19.36 -20.04
CA ALA C 1170 -27.53 -20.79 -20.22
C ALA C 1170 -26.55 -21.49 -21.15
N GLY C 1171 -26.40 -20.99 -22.37
CA GLY C 1171 -25.63 -21.73 -23.36
C GLY C 1171 -24.13 -21.59 -23.26
N LYS C 1172 -23.63 -20.73 -22.37
CA LYS C 1172 -22.22 -20.36 -22.41
C LYS C 1172 -21.32 -21.21 -21.51
N THR C 1173 -21.83 -21.74 -20.41
CA THR C 1173 -20.95 -22.42 -19.46
C THR C 1173 -21.67 -23.59 -18.79
N GLN C 1174 -20.85 -24.44 -18.16
CA GLN C 1174 -21.37 -25.47 -17.27
C GLN C 1174 -21.93 -24.84 -16.01
N VAL C 1175 -23.02 -25.43 -15.49
CA VAL C 1175 -23.73 -24.89 -14.34
C VAL C 1175 -23.80 -25.97 -13.27
N PRO C 1176 -23.56 -25.64 -12.00
CA PRO C 1176 -23.72 -26.63 -10.92
C PRO C 1176 -25.15 -27.12 -10.80
N PRO C 1177 -25.34 -28.38 -10.41
CA PRO C 1177 -26.69 -28.95 -10.32
C PRO C 1177 -27.64 -28.25 -9.37
N GLU C 1178 -27.13 -27.71 -8.25
CA GLU C 1178 -27.99 -27.12 -7.23
C GLU C 1178 -28.67 -25.86 -7.75
N ILE C 1179 -27.95 -25.08 -8.56
CA ILE C 1179 -28.51 -23.90 -9.20
C ILE C 1179 -29.64 -24.29 -10.14
N SER C 1180 -29.48 -25.41 -10.84
CA SER C 1180 -30.55 -25.91 -11.71
C SER C 1180 -31.76 -26.37 -10.91
N TYR C 1181 -31.54 -26.99 -9.75
CA TYR C 1181 -32.65 -27.49 -8.94
C TYR C 1181 -33.49 -26.36 -8.36
N LYS C 1182 -32.82 -25.32 -7.82
CA LYS C 1182 -33.54 -24.29 -7.09
C LYS C 1182 -34.47 -23.47 -7.99
N LEU C 1183 -34.10 -23.33 -9.27
CA LEU C 1183 -34.97 -22.64 -10.23
C LEU C 1183 -36.29 -23.36 -10.40
N ALA C 1184 -36.27 -24.68 -10.52
CA ALA C 1184 -37.50 -25.46 -10.65
C ALA C 1184 -38.32 -25.42 -9.36
N ARG C 1185 -37.63 -25.43 -8.22
CA ARG C 1185 -38.35 -25.31 -6.95
C ARG C 1185 -39.08 -23.97 -6.84
N CYS C 1186 -38.42 -22.89 -7.25
CA CYS C 1186 -39.06 -21.58 -7.21
C CYS C 1186 -40.15 -21.44 -8.26
N ALA C 1187 -40.06 -22.16 -9.38
CA ALA C 1187 -41.16 -22.18 -10.33
C ALA C 1187 -42.39 -22.85 -9.74
N GLU C 1188 -42.20 -23.96 -9.03
CA GLU C 1188 -43.33 -24.59 -8.35
C GLU C 1188 -43.92 -23.68 -7.28
N LEU C 1189 -43.07 -22.90 -6.61
CA LEU C 1189 -43.58 -21.95 -5.63
C LEU C 1189 -44.41 -20.85 -6.28
N THR C 1190 -43.87 -20.22 -7.33
CA THR C 1190 -44.53 -19.08 -7.97
C THR C 1190 -45.76 -19.47 -8.79
N ARG C 1191 -45.96 -20.74 -9.12
CA ARG C 1191 -47.23 -21.14 -9.71
C ARG C 1191 -48.37 -21.13 -8.69
N GLU C 1192 -48.07 -21.20 -7.40
CA GLU C 1192 -49.12 -21.28 -6.40
C GLU C 1192 -49.84 -19.95 -6.18
N TYR C 1193 -49.16 -18.82 -6.36
CA TYR C 1193 -49.75 -17.53 -6.04
C TYR C 1193 -50.65 -16.97 -7.14
N VAL C 1194 -50.48 -17.38 -8.38
CA VAL C 1194 -51.31 -16.86 -9.46
C VAL C 1194 -52.72 -17.44 -9.34
N ASP C 1195 -53.69 -16.73 -9.92
CA ASP C 1195 -55.09 -17.13 -9.87
C ASP C 1195 -55.52 -17.91 -11.10
N ARG C 1196 -55.27 -17.40 -12.30
CA ARG C 1196 -55.66 -18.05 -13.54
C ARG C 1196 -54.43 -18.67 -14.17
N ASP C 1197 -54.58 -19.89 -14.68
CA ASP C 1197 -53.44 -20.63 -15.21
C ASP C 1197 -52.85 -19.98 -16.46
N LYS C 1198 -53.66 -19.24 -17.21
CA LYS C 1198 -53.21 -18.61 -18.43
C LYS C 1198 -52.23 -17.47 -18.21
N HIS C 1199 -52.03 -17.01 -16.96
CA HIS C 1199 -51.09 -15.95 -16.67
C HIS C 1199 -49.67 -16.43 -16.41
N PHE C 1200 -49.44 -17.73 -16.32
CA PHE C 1200 -48.15 -18.28 -15.97
C PHE C 1200 -47.43 -18.75 -17.23
N ALA C 1201 -46.13 -18.47 -17.32
CA ALA C 1201 -45.32 -18.76 -18.51
C ALA C 1201 -44.77 -20.19 -18.44
N TRP C 1202 -45.54 -21.12 -19.01
CA TRP C 1202 -45.15 -22.52 -19.01
C TRP C 1202 -44.01 -22.80 -19.98
N SER C 1203 -44.23 -22.48 -21.26
CA SER C 1203 -43.32 -22.92 -22.32
C SER C 1203 -41.95 -22.28 -22.20
N ASP C 1204 -41.90 -20.98 -21.86
CA ASP C 1204 -40.62 -20.30 -21.68
C ASP C 1204 -39.81 -20.91 -20.54
N THR C 1205 -40.47 -21.21 -19.43
CA THR C 1205 -39.79 -21.83 -18.30
C THR C 1205 -39.24 -23.19 -18.66
N VAL C 1206 -40.05 -24.01 -19.34
CA VAL C 1206 -39.64 -25.36 -19.71
C VAL C 1206 -38.46 -25.32 -20.68
N GLU C 1207 -38.53 -24.45 -21.69
CA GLU C 1207 -37.48 -24.40 -22.69
C GLU C 1207 -36.17 -23.86 -22.10
N ILE C 1208 -36.22 -22.84 -21.25
CA ILE C 1208 -34.99 -22.30 -20.67
C ILE C 1208 -34.37 -23.30 -19.70
N LEU C 1209 -35.19 -23.98 -18.91
CA LEU C 1209 -34.65 -24.99 -17.99
C LEU C 1209 -34.02 -26.14 -18.76
N ALA C 1210 -34.66 -26.60 -19.83
CA ALA C 1210 -34.08 -27.66 -20.66
C ALA C 1210 -32.78 -27.21 -21.31
N GLU C 1211 -32.73 -25.97 -21.78
CA GLU C 1211 -31.54 -25.47 -22.46
C GLU C 1211 -30.37 -25.27 -21.50
N LEU C 1212 -30.64 -24.97 -20.23
CA LEU C 1212 -29.55 -24.66 -19.30
C LEU C 1212 -28.74 -25.89 -18.93
N CYS C 1213 -29.39 -27.02 -18.64
CA CYS C 1213 -28.70 -28.25 -18.29
C CYS C 1213 -29.59 -29.46 -18.63
N PRO C 1214 -29.29 -30.19 -19.71
CA PRO C 1214 -30.22 -31.24 -20.17
C PRO C 1214 -30.45 -32.38 -19.18
N SER C 1215 -29.37 -32.93 -18.62
CA SER C 1215 -29.46 -34.09 -17.74
C SER C 1215 -30.26 -33.80 -16.48
N SER C 1216 -30.20 -32.57 -15.99
CA SER C 1216 -30.98 -32.19 -14.83
C SER C 1216 -32.45 -32.02 -15.18
N ALA C 1217 -32.73 -31.50 -16.38
CA ALA C 1217 -34.11 -31.28 -16.81
C ALA C 1217 -34.86 -32.58 -16.96
N LEU C 1218 -34.22 -33.59 -17.57
CA LEU C 1218 -34.88 -34.88 -17.73
C LEU C 1218 -35.14 -35.56 -16.39
N ALA C 1219 -34.31 -35.29 -15.38
CA ALA C 1219 -34.57 -35.82 -14.06
C ALA C 1219 -35.72 -35.09 -13.37
N ILE C 1220 -35.78 -33.76 -13.51
CA ILE C 1220 -36.77 -32.96 -12.80
C ILE C 1220 -38.18 -33.22 -13.34
N ILE C 1221 -38.34 -33.23 -14.67
CA ILE C 1221 -39.68 -33.41 -15.22
C ILE C 1221 -40.23 -34.80 -14.96
N SER C 1222 -39.37 -35.76 -14.60
CA SER C 1222 -39.88 -37.08 -14.23
C SER C 1222 -40.49 -37.09 -12.84
N ARG C 1223 -39.96 -36.27 -11.92
CA ARG C 1223 -40.56 -36.17 -10.59
C ARG C 1223 -41.83 -35.34 -10.61
N TRP C 1224 -41.89 -34.34 -11.50
CA TRP C 1224 -43.13 -33.59 -11.65
C TRP C 1224 -44.31 -34.49 -12.01
N ARG C 1225 -44.08 -35.51 -12.82
CA ARG C 1225 -45.18 -36.39 -13.21
C ARG C 1225 -45.64 -37.30 -12.07
N ASP C 1226 -44.76 -37.61 -11.11
CA ASP C 1226 -45.22 -38.27 -9.89
C ASP C 1226 -46.08 -37.33 -9.06
N ARG C 1227 -45.66 -36.07 -8.94
CA ARG C 1227 -46.46 -35.12 -8.18
C ARG C 1227 -47.72 -34.67 -8.91
N THR C 1228 -47.88 -35.03 -10.19
CA THR C 1228 -48.96 -34.57 -11.07
C THR C 1228 -48.95 -33.06 -11.28
N PHE C 1229 -47.79 -32.43 -11.15
CA PHE C 1229 -47.64 -31.00 -11.43
C PHE C 1229 -47.52 -30.80 -12.93
N GLY C 1230 -48.55 -30.21 -13.55
CA GLY C 1230 -48.47 -29.92 -14.97
C GLY C 1230 -48.87 -31.03 -15.89
N ASN C 1231 -49.67 -31.99 -15.43
CA ASN C 1231 -50.08 -33.11 -16.28
C ASN C 1231 -51.09 -32.73 -17.36
N HIS C 1232 -51.60 -31.50 -17.35
CA HIS C 1232 -52.48 -31.05 -18.41
C HIS C 1232 -51.75 -30.39 -19.58
N ARG C 1233 -50.43 -30.27 -19.50
CA ARG C 1233 -49.61 -29.70 -20.57
C ARG C 1233 -48.75 -30.77 -21.23
N SER C 1234 -48.19 -30.41 -22.38
CA SER C 1234 -47.31 -31.29 -23.16
C SER C 1234 -45.84 -31.00 -22.91
N ILE C 1235 -45.36 -31.21 -21.67
CA ILE C 1235 -44.01 -30.79 -21.28
C ILE C 1235 -42.94 -31.57 -22.04
N LEU C 1236 -43.15 -32.87 -22.23
CA LEU C 1236 -42.13 -33.74 -22.82
C LEU C 1236 -41.82 -33.37 -24.26
N ALA C 1237 -42.85 -33.03 -25.04
CA ALA C 1237 -42.65 -32.62 -26.42
C ALA C 1237 -41.82 -31.35 -26.51
N TRP C 1238 -42.15 -30.36 -25.67
CA TRP C 1238 -41.40 -29.11 -25.65
C TRP C 1238 -39.94 -29.35 -25.32
N THR C 1239 -39.67 -30.15 -24.29
CA THR C 1239 -38.31 -30.40 -23.86
C THR C 1239 -37.50 -31.11 -24.93
N ILE C 1240 -38.07 -32.19 -25.49
CA ILE C 1240 -37.35 -33.00 -26.46
C ILE C 1240 -37.09 -32.23 -27.74
N GLU C 1241 -38.09 -31.50 -28.25
CA GLU C 1241 -37.90 -30.74 -29.48
C GLU C 1241 -36.91 -29.58 -29.29
N HIS C 1242 -36.92 -28.92 -28.14
CA HIS C 1242 -35.95 -27.85 -27.93
C HIS C 1242 -34.53 -28.41 -27.81
N LEU C 1243 -34.37 -29.57 -27.17
CA LEU C 1243 -33.04 -30.19 -27.12
C LEU C 1243 -32.57 -30.65 -28.50
N VAL C 1244 -33.50 -31.10 -29.35
CA VAL C 1244 -33.12 -31.49 -30.70
C VAL C 1244 -32.67 -30.28 -31.51
N LYS C 1245 -33.40 -29.17 -31.40
CA LYS C 1245 -33.08 -27.99 -32.21
C LYS C 1245 -31.72 -27.40 -31.86
N LYS C 1246 -31.35 -27.40 -30.58
CA LYS C 1246 -30.07 -26.86 -30.16
C LYS C 1246 -28.93 -27.87 -30.24
N ASN C 1247 -29.12 -28.99 -30.95
CA ASN C 1247 -28.07 -29.97 -31.25
C ASN C 1247 -27.44 -30.58 -30.00
N LYS C 1248 -28.20 -30.73 -28.92
CA LYS C 1248 -27.70 -31.39 -27.72
C LYS C 1248 -28.14 -32.83 -27.58
N ILE C 1249 -29.06 -33.32 -28.41
CA ILE C 1249 -29.46 -34.71 -28.40
C ILE C 1249 -29.69 -35.15 -29.85
N ASN C 1250 -29.38 -36.42 -30.12
CA ASN C 1250 -29.48 -36.95 -31.47
C ASN C 1250 -30.94 -37.21 -31.81
N ALA C 1251 -31.31 -36.97 -33.07
CA ALA C 1251 -32.69 -37.13 -33.50
C ALA C 1251 -33.14 -38.58 -33.48
N LEU C 1252 -32.23 -39.51 -33.80
CA LEU C 1252 -32.58 -40.92 -33.79
C LEU C 1252 -32.83 -41.45 -32.39
N ASP C 1253 -32.30 -40.79 -31.36
CA ASP C 1253 -32.67 -41.13 -29.99
C ASP C 1253 -34.05 -40.59 -29.64
N ALA C 1254 -34.42 -39.44 -30.21
CA ALA C 1254 -35.65 -38.76 -29.83
C ALA C 1254 -36.86 -39.32 -30.58
N LEU C 1255 -36.64 -39.88 -31.75
CA LEU C 1255 -37.76 -40.35 -32.58
C LEU C 1255 -38.62 -41.46 -31.96
N PRO C 1256 -38.09 -42.50 -31.30
CA PRO C 1256 -38.99 -43.53 -30.73
C PRO C 1256 -39.90 -43.05 -29.62
N LEU C 1257 -39.70 -41.85 -29.07
CA LEU C 1257 -40.54 -41.38 -27.97
C LEU C 1257 -41.94 -40.99 -28.39
N ILE C 1258 -42.27 -41.00 -29.69
CA ILE C 1258 -43.60 -40.63 -30.14
C ILE C 1258 -44.67 -41.64 -29.75
N THR C 1259 -44.30 -42.76 -29.14
CA THR C 1259 -45.30 -43.68 -28.60
C THR C 1259 -45.96 -43.14 -27.34
N PHE C 1260 -45.36 -42.16 -26.69
CA PHE C 1260 -46.01 -41.41 -25.62
C PHE C 1260 -46.89 -40.35 -26.24
N GLU C 1261 -48.17 -40.32 -25.86
CA GLU C 1261 -49.16 -39.51 -26.54
C GLU C 1261 -49.05 -38.04 -26.12
N ASN C 1262 -48.61 -37.19 -27.05
CA ASN C 1262 -48.47 -35.76 -26.83
C ASN C 1262 -48.70 -35.04 -28.16
N ASP C 1263 -48.65 -33.71 -28.11
CA ASP C 1263 -48.77 -32.87 -29.31
C ASP C 1263 -47.41 -32.74 -30.00
N TRP C 1264 -46.97 -33.84 -30.60
CA TRP C 1264 -45.73 -33.86 -31.35
C TRP C 1264 -45.87 -33.18 -32.70
N HIS C 1265 -44.75 -32.61 -33.17
CA HIS C 1265 -44.60 -32.22 -34.57
C HIS C 1265 -43.74 -33.27 -35.26
N LYS C 1266 -44.40 -34.34 -35.69
CA LYS C 1266 -43.71 -35.55 -36.14
C LYS C 1266 -42.94 -35.32 -37.44
N CYS C 1267 -43.50 -34.50 -38.34
CA CYS C 1267 -42.82 -34.26 -39.61
C CYS C 1267 -41.52 -33.48 -39.43
N ASP C 1268 -41.46 -32.61 -38.43
CA ASP C 1268 -40.21 -31.90 -38.14
C ASP C 1268 -39.13 -32.85 -37.65
N LEU C 1269 -39.50 -33.80 -36.78
CA LEU C 1269 -38.55 -34.81 -36.33
C LEU C 1269 -38.06 -35.66 -37.49
N LEU C 1270 -38.98 -36.08 -38.36
CA LEU C 1270 -38.58 -36.88 -39.51
C LEU C 1270 -37.67 -36.09 -40.46
N ASP C 1271 -37.95 -34.80 -40.65
CA ASP C 1271 -37.10 -33.95 -41.48
C ASP C 1271 -35.72 -33.79 -40.86
N SER C 1272 -35.65 -33.68 -39.53
CA SER C 1272 -34.35 -33.61 -38.87
C SER C 1272 -33.58 -34.92 -39.01
N VAL C 1273 -34.29 -36.05 -39.08
CA VAL C 1273 -33.62 -37.33 -39.30
C VAL C 1273 -33.11 -37.42 -40.74
N LEU C 1274 -33.93 -37.03 -41.71
CA LEU C 1274 -33.54 -37.12 -43.12
C LEU C 1274 -32.36 -36.21 -43.44
N SER C 1275 -32.26 -35.08 -42.76
CA SER C 1275 -31.20 -34.11 -43.04
C SER C 1275 -29.94 -34.33 -42.23
N SER C 1276 -29.85 -35.43 -41.47
CA SER C 1276 -28.68 -35.64 -40.63
C SER C 1276 -27.91 -36.90 -40.99
N CYS C 1277 -28.60 -38.02 -41.08
CA CYS C 1277 -27.94 -39.33 -41.14
C CYS C 1277 -27.65 -39.73 -42.59
N THR C 1278 -26.49 -40.35 -42.79
CA THR C 1278 -26.04 -40.71 -44.13
C THR C 1278 -26.52 -42.10 -44.55
N ASP C 1279 -26.76 -43.00 -43.59
CA ASP C 1279 -27.10 -44.39 -43.91
C ASP C 1279 -28.52 -44.47 -44.45
N ASP C 1280 -28.70 -45.21 -45.54
CA ASP C 1280 -30.02 -45.35 -46.18
C ASP C 1280 -30.97 -46.19 -45.33
N LYS C 1281 -30.43 -47.20 -44.64
CA LYS C 1281 -31.21 -48.08 -43.78
C LYS C 1281 -31.94 -47.30 -42.69
N ASP C 1282 -31.23 -46.34 -42.09
CA ASP C 1282 -31.77 -45.59 -40.97
C ASP C 1282 -32.98 -44.77 -41.39
N LYS C 1283 -32.90 -44.10 -42.54
CA LYS C 1283 -34.03 -43.30 -43.00
C LYS C 1283 -35.21 -44.16 -43.42
N ILE C 1284 -34.94 -45.33 -44.02
CA ILE C 1284 -36.02 -46.27 -44.33
C ILE C 1284 -36.76 -46.69 -43.06
N MET C 1285 -35.99 -47.05 -42.03
CA MET C 1285 -36.57 -47.49 -40.76
C MET C 1285 -37.35 -46.36 -40.09
N ALA C 1286 -36.80 -45.13 -40.13
CA ALA C 1286 -37.47 -43.99 -39.52
C ALA C 1286 -38.81 -43.71 -40.20
N PHE C 1287 -38.86 -43.82 -41.52
CA PHE C 1287 -40.14 -43.66 -42.22
C PHE C 1287 -41.13 -44.73 -41.79
N GLU C 1288 -40.67 -45.98 -41.64
CA GLU C 1288 -41.56 -47.05 -41.20
C GLU C 1288 -42.15 -46.76 -39.82
N VAL C 1289 -41.31 -46.33 -38.88
CA VAL C 1289 -41.76 -46.10 -37.51
C VAL C 1289 -42.76 -44.96 -37.45
N VAL C 1290 -42.47 -43.84 -38.13
CA VAL C 1290 -43.37 -42.69 -38.10
C VAL C 1290 -44.70 -43.04 -38.78
N TYR C 1291 -44.65 -43.73 -39.92
CA TYR C 1291 -45.87 -44.09 -40.61
C TYR C 1291 -46.75 -45.03 -39.80
N HIS C 1292 -46.14 -46.01 -39.11
CA HIS C 1292 -46.96 -46.91 -38.30
C HIS C 1292 -47.59 -46.18 -37.14
N TYR C 1293 -46.82 -45.38 -36.39
CA TYR C 1293 -47.51 -44.75 -35.27
C TYR C 1293 -48.25 -43.47 -35.64
N THR C 1294 -48.42 -43.13 -36.92
CA THR C 1294 -49.34 -42.08 -37.32
C THR C 1294 -50.66 -42.63 -37.88
N LYS C 1295 -50.68 -43.91 -38.24
CA LYS C 1295 -51.66 -44.48 -39.17
C LYS C 1295 -53.10 -44.36 -38.67
N PHE C 1296 -53.34 -44.59 -37.38
CA PHE C 1296 -54.68 -44.95 -36.92
C PHE C 1296 -55.57 -43.76 -36.56
N ASN C 1297 -55.03 -42.55 -36.41
CA ASN C 1297 -55.84 -41.40 -36.06
C ASN C 1297 -55.76 -40.34 -37.16
N VAL C 1298 -56.83 -39.54 -37.25
CA VAL C 1298 -57.07 -38.70 -38.42
C VAL C 1298 -55.98 -37.66 -38.62
N GLN C 1299 -55.75 -37.31 -39.88
CA GLN C 1299 -54.80 -36.27 -40.27
C GLN C 1299 -55.37 -35.47 -41.44
N ASN C 1300 -54.93 -34.23 -41.54
CA ASN C 1300 -55.20 -33.42 -42.72
C ASN C 1300 -54.28 -33.83 -43.87
N ILE C 1301 -54.71 -33.51 -45.09
CA ILE C 1301 -54.03 -34.01 -46.29
C ILE C 1301 -52.62 -33.41 -46.48
N GLN C 1302 -52.34 -32.25 -45.89
CA GLN C 1302 -51.02 -31.63 -46.01
C GLN C 1302 -49.93 -32.50 -45.39
N ASN C 1303 -50.26 -33.25 -44.34
CA ASN C 1303 -49.31 -34.21 -43.79
C ASN C 1303 -49.13 -35.40 -44.72
N LEU C 1304 -50.23 -35.88 -45.30
CA LEU C 1304 -50.20 -37.07 -46.13
C LEU C 1304 -49.38 -36.87 -47.39
N LYS C 1305 -49.50 -35.69 -48.03
CA LYS C 1305 -48.70 -35.49 -49.23
C LYS C 1305 -47.21 -35.34 -48.93
N LYS C 1306 -46.86 -34.78 -47.77
CA LYS C 1306 -45.47 -34.72 -47.35
C LYS C 1306 -44.90 -36.13 -47.15
N LEU C 1307 -45.67 -36.99 -46.45
CA LEU C 1307 -45.24 -38.37 -46.26
C LEU C 1307 -45.12 -39.10 -47.60
N ASP C 1308 -46.05 -38.83 -48.51
CA ASP C 1308 -45.98 -39.43 -49.85
C ASP C 1308 -44.72 -39.01 -50.58
N ALA C 1309 -44.38 -37.72 -50.53
CA ALA C 1309 -43.18 -37.22 -51.20
C ALA C 1309 -41.91 -37.85 -50.63
N ILE C 1310 -41.85 -37.97 -49.29
CA ILE C 1310 -40.71 -38.64 -48.67
C ILE C 1310 -40.64 -40.10 -49.09
N SER C 1311 -41.80 -40.76 -49.23
CA SER C 1311 -41.84 -42.14 -49.70
C SER C 1311 -41.34 -42.26 -51.14
N THR C 1312 -41.69 -41.29 -52.00
CA THR C 1312 -41.15 -41.29 -53.36
C THR C 1312 -39.64 -41.08 -53.36
N SER C 1313 -39.14 -40.27 -52.43
CA SER C 1313 -37.69 -40.08 -52.38
C SER C 1313 -36.97 -41.33 -51.90
N LEU C 1314 -37.57 -42.05 -50.94
CA LEU C 1314 -36.93 -43.26 -50.43
C LEU C 1314 -37.01 -44.42 -51.41
N GLY C 1315 -38.05 -44.46 -52.23
CA GLY C 1315 -38.23 -45.57 -53.15
C GLY C 1315 -39.14 -46.65 -52.61
N ILE C 1316 -40.32 -46.25 -52.18
CA ILE C 1316 -41.40 -47.15 -51.82
C ILE C 1316 -42.71 -46.47 -52.20
N GLU C 1317 -43.70 -47.26 -52.62
CA GLU C 1317 -44.92 -46.74 -53.23
C GLU C 1317 -46.12 -47.33 -52.48
N HIS C 1318 -46.52 -46.67 -51.40
CA HIS C 1318 -47.67 -47.10 -50.62
C HIS C 1318 -48.98 -46.76 -51.32
N THR C 1319 -49.53 -47.74 -52.05
CA THR C 1319 -50.88 -47.60 -52.60
C THR C 1319 -51.91 -47.33 -51.52
N GLU C 1320 -51.67 -47.84 -50.31
CA GLU C 1320 -52.53 -47.55 -49.16
C GLU C 1320 -52.59 -46.04 -48.90
N LEU C 1321 -51.42 -45.39 -48.91
CA LEU C 1321 -51.37 -43.95 -48.68
C LEU C 1321 -51.99 -43.19 -49.84
N LYS C 1322 -51.78 -43.68 -51.07
CA LYS C 1322 -52.41 -43.09 -52.26
C LYS C 1322 -53.92 -43.08 -52.12
N GLU C 1323 -54.51 -44.23 -51.80
CA GLU C 1323 -55.96 -44.32 -51.70
C GLU C 1323 -56.48 -43.51 -50.52
N ARG C 1324 -55.76 -43.52 -49.40
CA ARG C 1324 -56.24 -42.83 -48.21
C ARG C 1324 -56.15 -41.31 -48.38
N ILE C 1325 -55.21 -40.80 -49.17
CA ILE C 1325 -55.22 -39.37 -49.47
C ILE C 1325 -56.24 -39.05 -50.56
N SER C 1326 -56.43 -39.97 -51.52
CA SER C 1326 -57.40 -39.72 -52.60
C SER C 1326 -58.81 -39.68 -52.06
N GLY C 1327 -59.11 -40.45 -51.02
CA GLY C 1327 -60.42 -40.40 -50.40
C GLY C 1327 -60.73 -39.15 -49.61
N LEU C 1328 -59.76 -38.24 -49.46
CA LEU C 1328 -59.97 -37.00 -48.71
C LEU C 1328 -59.70 -35.76 -49.56
N GLN C 1329 -59.55 -35.91 -50.87
CA GLN C 1329 -59.15 -34.85 -51.80
C GLN C 1329 -60.19 -33.75 -51.98
N HIS C 1330 -61.34 -33.84 -51.33
CA HIS C 1330 -62.52 -33.03 -51.65
C HIS C 1330 -62.33 -31.54 -51.43
N GLY C 1348 -59.42 2.68 -55.15
CA GLY C 1348 -60.04 3.93 -55.55
C GLY C 1348 -59.70 5.08 -54.63
N HIS C 1349 -60.65 6.02 -54.49
CA HIS C 1349 -60.56 7.18 -53.61
C HIS C 1349 -59.38 8.09 -53.96
N ASP C 1350 -58.94 8.06 -55.23
CA ASP C 1350 -57.70 8.72 -55.62
C ASP C 1350 -57.80 10.24 -55.53
N GLN C 1351 -58.97 10.79 -55.86
CA GLN C 1351 -59.13 12.24 -55.85
C GLN C 1351 -59.06 12.82 -54.45
N GLU C 1352 -59.30 12.01 -53.42
CA GLU C 1352 -59.02 12.44 -52.05
C GLU C 1352 -57.53 12.73 -51.86
N TRP C 1353 -56.68 11.84 -52.37
CA TRP C 1353 -55.24 12.09 -52.32
C TRP C 1353 -54.85 13.28 -53.19
N GLU C 1354 -55.48 13.43 -54.35
CA GLU C 1354 -55.22 14.59 -55.19
C GLU C 1354 -55.63 15.91 -54.53
N SER C 1355 -56.63 15.87 -53.65
CA SER C 1355 -57.04 17.08 -52.93
C SER C 1355 -56.18 17.32 -51.69
N ILE C 1356 -55.74 16.24 -51.02
CA ILE C 1356 -54.97 16.39 -49.79
C ILE C 1356 -53.58 16.96 -50.07
N PHE C 1357 -52.94 16.49 -51.13
CA PHE C 1357 -51.60 16.95 -51.51
C PHE C 1357 -51.63 18.12 -52.48
N LYS C 1358 -52.77 18.78 -52.64
CA LYS C 1358 -52.89 19.93 -53.52
C LYS C 1358 -52.08 21.10 -52.98
N ASP C 1359 -51.00 21.46 -53.70
CA ASP C 1359 -50.09 22.56 -53.39
C ASP C 1359 -49.44 22.40 -52.01
N CYS C 1360 -49.26 21.16 -51.55
CA CYS C 1360 -48.58 20.88 -50.29
C CYS C 1360 -47.13 20.52 -50.57
N ASP C 1361 -46.20 21.39 -50.18
CA ASP C 1361 -44.78 21.19 -50.38
C ASP C 1361 -44.31 20.23 -49.29
N LEU C 1362 -44.16 18.95 -49.64
CA LEU C 1362 -43.71 17.96 -48.68
C LEU C 1362 -42.21 18.02 -48.42
N SER C 1363 -41.46 18.84 -49.16
CA SER C 1363 -40.06 19.10 -48.81
C SER C 1363 -39.92 20.17 -47.74
N SER C 1364 -40.98 20.94 -47.49
CA SER C 1364 -41.00 21.96 -46.45
C SER C 1364 -41.59 21.41 -45.16
N ILE C 1365 -41.42 22.18 -44.08
CA ILE C 1365 -42.04 21.84 -42.80
C ILE C 1365 -43.55 22.06 -42.87
N ASP C 1366 -43.97 23.20 -43.42
CA ASP C 1366 -45.36 23.62 -43.36
C ASP C 1366 -46.26 22.77 -44.24
N GLY C 1367 -45.76 22.36 -45.42
CA GLY C 1367 -46.59 21.65 -46.37
C GLY C 1367 -47.04 20.29 -45.87
N ILE C 1368 -46.19 19.61 -45.10
CA ILE C 1368 -46.57 18.33 -44.50
C ILE C 1368 -47.72 18.52 -43.52
N SER C 1369 -47.66 19.57 -42.70
CA SER C 1369 -48.74 19.86 -41.76
C SER C 1369 -50.02 20.23 -42.49
N ALA C 1370 -49.91 21.00 -43.58
CA ALA C 1370 -51.08 21.35 -44.38
C ALA C 1370 -51.73 20.10 -44.96
N ALA C 1371 -50.91 19.18 -45.49
CA ALA C 1371 -51.41 17.92 -46.01
C ALA C 1371 -52.06 17.08 -44.91
N TYR C 1372 -51.48 17.09 -43.71
CA TYR C 1372 -52.06 16.32 -42.61
C TYR C 1372 -53.42 16.88 -42.19
N GLU C 1373 -53.55 18.21 -42.15
CA GLU C 1373 -54.85 18.80 -41.85
C GLU C 1373 -55.88 18.48 -42.92
N LYS C 1374 -55.48 18.54 -44.20
CA LYS C 1374 -56.39 18.17 -45.28
C LYS C 1374 -56.76 16.69 -45.23
N PHE C 1375 -55.85 15.85 -44.74
CA PHE C 1375 -56.16 14.44 -44.52
C PHE C 1375 -57.15 14.28 -43.38
N ARG C 1376 -57.01 15.10 -42.33
CA ARG C 1376 -57.90 15.02 -41.19
C ARG C 1376 -59.32 15.47 -41.54
N ASN C 1377 -59.45 16.38 -42.51
CA ASN C 1377 -60.72 17.08 -42.75
C ASN C 1377 -61.87 16.17 -43.18
N VAL C 1378 -61.57 14.96 -43.64
CA VAL C 1378 -62.59 14.00 -44.03
C VAL C 1378 -62.71 12.96 -42.93
N PRO C 1379 -63.87 12.79 -42.31
CA PRO C 1379 -64.03 11.79 -41.25
C PRO C 1379 -64.10 10.36 -41.77
N GLU C 1380 -63.11 9.95 -42.57
CA GLU C 1380 -63.05 8.60 -43.13
C GLU C 1380 -61.60 8.13 -43.13
N PHE C 1381 -61.44 6.80 -43.16
CA PHE C 1381 -60.19 6.09 -43.49
C PHE C 1381 -58.95 6.57 -42.70
N TYR C 1382 -59.13 6.93 -41.43
CA TYR C 1382 -58.01 7.33 -40.59
C TYR C 1382 -56.99 6.20 -40.41
N SER C 1383 -55.81 6.39 -40.99
CA SER C 1383 -54.68 5.48 -40.85
C SER C 1383 -53.38 6.23 -41.14
N LYS C 1384 -52.55 6.43 -40.11
CA LYS C 1384 -51.36 7.26 -40.26
C LYS C 1384 -50.37 6.68 -41.28
N GLU C 1385 -50.23 5.36 -41.30
CA GLU C 1385 -49.25 4.71 -42.16
C GLU C 1385 -49.56 4.95 -43.63
N THR C 1386 -50.84 5.02 -43.99
CA THR C 1386 -51.23 5.31 -45.36
C THR C 1386 -50.77 6.70 -45.79
N PHE C 1387 -50.96 7.70 -44.92
CA PHE C 1387 -50.49 9.05 -45.20
C PHE C 1387 -48.97 9.05 -45.35
N ILE C 1388 -48.27 8.37 -44.46
CA ILE C 1388 -46.81 8.31 -44.52
C ILE C 1388 -46.36 7.69 -45.83
N LYS C 1389 -47.00 6.59 -46.23
CA LYS C 1389 -46.64 5.90 -47.47
C LYS C 1389 -46.84 6.79 -48.68
N LYS C 1390 -47.97 7.49 -48.74
CA LYS C 1390 -48.25 8.37 -49.87
C LYS C 1390 -47.24 9.53 -49.92
N ALA C 1391 -46.94 10.12 -48.76
CA ALA C 1391 -46.00 11.22 -48.69
C ALA C 1391 -44.61 10.79 -49.16
N ILE C 1392 -44.14 9.63 -48.70
CA ILE C 1392 -42.88 9.07 -49.17
C ILE C 1392 -42.91 8.85 -50.68
N SER C 1393 -44.03 8.33 -51.19
CA SER C 1393 -44.17 8.10 -52.62
C SER C 1393 -44.18 9.37 -53.44
N ARG C 1394 -44.37 10.54 -52.82
CA ARG C 1394 -44.42 11.79 -53.56
C ARG C 1394 -43.16 12.64 -53.44
N VAL C 1395 -42.14 12.21 -52.69
CA VAL C 1395 -40.92 12.99 -52.55
C VAL C 1395 -40.12 13.02 -53.85
N LYS C 1396 -39.60 14.20 -54.19
CA LYS C 1396 -38.71 14.42 -55.33
C LYS C 1396 -37.29 13.98 -55.00
N THR C 1397 -36.52 13.67 -56.05
CA THR C 1397 -35.13 13.26 -55.93
C THR C 1397 -34.27 14.38 -55.32
N GLY C 1398 -33.44 14.03 -54.35
CA GLY C 1398 -32.44 14.92 -53.80
C GLY C 1398 -32.90 15.78 -52.65
N LYS C 1399 -34.11 15.55 -52.14
CA LYS C 1399 -34.65 16.29 -51.02
C LYS C 1399 -35.27 15.39 -49.95
N GLU C 1400 -34.85 14.11 -49.93
CA GLU C 1400 -35.43 13.11 -49.03
C GLU C 1400 -35.10 13.40 -47.56
N CYS C 1401 -33.86 13.82 -47.28
CA CYS C 1401 -33.45 14.02 -45.89
C CYS C 1401 -34.22 15.16 -45.26
N SER C 1402 -34.59 16.15 -46.07
CA SER C 1402 -35.44 17.22 -45.60
C SER C 1402 -36.79 16.68 -45.16
N PHE C 1403 -37.34 15.75 -45.95
CA PHE C 1403 -38.61 15.10 -45.58
C PHE C 1403 -38.49 14.32 -44.29
N ILE C 1404 -37.41 13.54 -44.14
CA ILE C 1404 -37.24 12.73 -42.92
C ILE C 1404 -37.14 13.62 -41.69
N THR C 1405 -36.32 14.66 -41.77
CA THR C 1405 -36.16 15.57 -40.62
C THR C 1405 -37.46 16.30 -40.31
N ALA C 1406 -38.18 16.74 -41.35
CA ALA C 1406 -39.44 17.44 -41.14
C ALA C 1406 -40.48 16.54 -40.49
N ILE C 1407 -40.68 15.33 -41.02
CA ILE C 1407 -41.71 14.44 -40.50
C ILE C 1407 -41.34 13.95 -39.09
N GLY C 1408 -40.04 13.85 -38.79
CA GLY C 1408 -39.66 13.61 -37.41
C GLY C 1408 -39.96 14.78 -36.50
N ALA C 1409 -39.81 16.01 -37.01
CA ALA C 1409 -39.88 17.18 -36.14
C ALA C 1409 -41.31 17.64 -35.87
N ILE C 1410 -42.19 17.57 -36.88
CA ILE C 1410 -43.48 18.30 -36.84
C ILE C 1410 -44.37 17.78 -35.72
N PHE C 1411 -44.58 16.47 -35.66
CA PHE C 1411 -45.66 15.92 -34.88
C PHE C 1411 -45.28 15.53 -33.46
N HIS C 1412 -43.99 15.63 -33.11
CA HIS C 1412 -43.48 15.42 -31.74
C HIS C 1412 -43.95 14.07 -31.20
N TRP C 1413 -43.55 13.01 -31.91
CA TRP C 1413 -44.21 11.71 -31.83
C TRP C 1413 -44.17 11.09 -30.44
N GLY C 1414 -45.23 10.36 -30.12
CA GLY C 1414 -45.30 9.60 -28.90
C GLY C 1414 -44.48 8.33 -28.95
N LEU C 1415 -44.69 7.49 -27.95
CA LEU C 1415 -43.90 6.26 -27.81
C LEU C 1415 -44.21 5.28 -28.93
N TYR C 1416 -45.50 4.98 -29.16
CA TYR C 1416 -45.87 3.89 -30.05
C TYR C 1416 -45.69 4.25 -31.52
N ASP C 1417 -45.99 5.50 -31.88
CA ASP C 1417 -46.12 5.89 -33.28
C ASP C 1417 -44.80 5.87 -34.05
N PHE C 1418 -43.68 6.05 -33.35
CA PHE C 1418 -42.37 6.14 -33.99
C PHE C 1418 -42.07 4.91 -34.85
N LYS C 1419 -42.58 3.75 -34.40
CA LYS C 1419 -42.44 2.48 -35.10
C LYS C 1419 -42.80 2.55 -36.56
N TYR C 1420 -43.84 3.33 -36.91
CA TYR C 1420 -44.28 3.30 -38.31
C TYR C 1420 -43.27 3.94 -39.26
N ILE C 1421 -42.54 4.97 -38.81
CA ILE C 1421 -41.67 5.70 -39.74
C ILE C 1421 -40.57 4.81 -40.26
N LEU C 1422 -39.87 4.12 -39.34
CA LEU C 1422 -38.86 3.13 -39.73
C LEU C 1422 -39.46 2.04 -40.59
N GLU C 1423 -40.73 1.70 -40.34
CA GLU C 1423 -41.35 0.62 -41.11
C GLU C 1423 -41.67 1.05 -42.54
N SER C 1424 -41.81 2.35 -42.78
CA SER C 1424 -42.31 2.82 -44.07
C SER C 1424 -41.23 3.13 -45.09
N ILE C 1425 -39.98 3.28 -44.66
CA ILE C 1425 -38.92 3.78 -45.56
C ILE C 1425 -38.60 2.72 -46.61
N PRO C 1426 -38.57 3.07 -47.90
CA PRO C 1426 -38.23 2.10 -48.95
C PRO C 1426 -36.77 1.70 -48.91
N ASP C 1427 -36.47 0.55 -49.54
CA ASP C 1427 -35.13 -0.03 -49.50
C ASP C 1427 -34.11 0.79 -50.28
N GLU C 1428 -34.52 1.41 -51.39
CA GLU C 1428 -33.62 2.22 -52.21
C GLU C 1428 -32.98 3.35 -51.41
N TRP C 1429 -33.77 3.94 -50.51
CA TRP C 1429 -33.34 4.98 -49.56
C TRP C 1429 -32.15 4.55 -48.72
N THR C 1430 -31.88 3.24 -48.59
CA THR C 1430 -30.75 2.81 -47.78
C THR C 1430 -29.41 2.97 -48.50
N SER C 1431 -29.40 3.19 -49.81
CA SER C 1431 -28.13 3.20 -50.52
C SER C 1431 -27.33 4.50 -50.32
N ARG C 1432 -27.91 5.53 -49.72
CA ARG C 1432 -27.32 6.85 -49.68
C ARG C 1432 -26.94 7.20 -48.24
N LEU C 1433 -25.71 7.66 -48.04
CA LEU C 1433 -25.11 7.70 -46.71
C LEU C 1433 -25.70 8.82 -45.85
N SER C 1434 -26.16 9.91 -46.47
CA SER C 1434 -26.81 10.98 -45.73
C SER C 1434 -28.07 10.51 -45.04
N ILE C 1435 -28.82 9.61 -45.68
CA ILE C 1435 -30.04 9.07 -45.07
C ILE C 1435 -29.70 8.22 -43.87
N LYS C 1436 -28.63 7.41 -43.96
CA LYS C 1436 -28.20 6.62 -42.81
C LYS C 1436 -27.78 7.50 -41.64
N THR C 1437 -27.00 8.55 -41.89
CA THR C 1437 -26.60 9.39 -40.76
C THR C 1437 -27.77 10.17 -40.18
N THR C 1438 -28.76 10.53 -41.01
CA THR C 1438 -29.95 11.19 -40.50
C THR C 1438 -30.76 10.26 -39.59
N LEU C 1439 -30.94 9.01 -40.01
CA LEU C 1439 -31.68 8.06 -39.17
C LEU C 1439 -30.92 7.76 -37.89
N ALA C 1440 -29.58 7.65 -37.98
CA ALA C 1440 -28.77 7.45 -36.79
C ALA C 1440 -28.87 8.64 -35.84
N GLY C 1441 -29.06 9.85 -36.38
CA GLY C 1441 -29.32 10.98 -35.51
C GLY C 1441 -30.70 10.96 -34.90
N LEU C 1442 -31.68 10.43 -35.63
CA LEU C 1442 -33.06 10.48 -35.13
C LEU C 1442 -33.33 9.42 -34.06
N ILE C 1443 -32.65 8.27 -34.12
CA ILE C 1443 -32.88 7.21 -33.13
C ILE C 1443 -32.47 7.66 -31.73
N LYS C 1444 -31.36 8.41 -31.62
CA LYS C 1444 -30.80 8.79 -30.33
C LYS C 1444 -31.77 9.66 -29.53
N GLU C 1445 -32.46 10.59 -30.20
CA GLU C 1445 -33.41 11.46 -29.53
C GLU C 1445 -34.56 10.68 -28.92
N TYR C 1446 -35.07 9.68 -29.64
CA TYR C 1446 -36.09 8.80 -29.09
C TYR C 1446 -35.57 8.03 -27.88
N CYS C 1447 -34.36 7.49 -27.98
CA CYS C 1447 -33.82 6.71 -26.87
C CYS C 1447 -33.59 7.56 -25.63
N GLN C 1448 -33.28 8.85 -25.81
CA GLN C 1448 -33.09 9.71 -24.67
C GLN C 1448 -34.39 10.28 -24.11
N ARG C 1449 -35.41 10.48 -24.94
CA ARG C 1449 -36.64 11.10 -24.47
C ARG C 1449 -37.48 10.14 -23.64
N PHE C 1450 -37.38 8.83 -23.90
CA PHE C 1450 -38.25 7.83 -23.27
C PHE C 1450 -37.45 6.80 -22.47
N CYS C 1451 -36.40 7.24 -21.78
CA CYS C 1451 -35.53 6.30 -21.07
C CYS C 1451 -36.20 5.58 -19.91
N MET C 1452 -37.30 6.13 -19.37
CA MET C 1452 -38.00 5.48 -18.27
C MET C 1452 -39.06 4.50 -18.73
N ARG C 1453 -39.21 4.26 -20.03
CA ARG C 1453 -40.28 3.43 -20.54
C ARG C 1453 -39.84 2.39 -21.55
N ILE C 1454 -38.62 2.50 -22.10
CA ILE C 1454 -38.10 1.52 -23.04
C ILE C 1454 -37.70 0.24 -22.29
N ARG C 1455 -38.11 -0.91 -22.83
CA ARG C 1455 -37.76 -2.20 -22.24
C ARG C 1455 -37.75 -3.23 -23.35
N LYS C 1456 -37.21 -4.40 -23.02
CA LYS C 1456 -37.17 -5.54 -23.94
C LYS C 1456 -38.14 -6.61 -23.43
N SER C 1457 -38.99 -7.11 -24.31
CA SER C 1457 -40.12 -7.93 -23.90
C SER C 1457 -40.33 -9.11 -24.83
N ARG C 1458 -40.96 -10.15 -24.30
CA ARG C 1458 -41.33 -11.32 -25.08
C ARG C 1458 -42.74 -11.22 -25.64
N VAL C 1459 -43.61 -10.44 -25.02
CA VAL C 1459 -45.02 -10.41 -25.42
C VAL C 1459 -45.20 -9.58 -26.68
N TYR C 1460 -44.72 -8.35 -26.66
CA TYR C 1460 -44.97 -7.43 -27.76
C TYR C 1460 -43.78 -6.48 -27.88
N GLU C 1461 -43.45 -6.12 -29.12
CA GLU C 1461 -42.27 -5.32 -29.43
C GLU C 1461 -42.72 -3.90 -29.74
N ILE C 1462 -42.61 -3.02 -28.74
CA ILE C 1462 -42.99 -1.62 -28.95
C ILE C 1462 -42.00 -0.94 -29.87
N PHE C 1463 -40.72 -1.25 -29.74
CA PHE C 1463 -39.70 -0.59 -30.53
C PHE C 1463 -38.75 -1.63 -31.14
N PRO C 1464 -38.75 -1.76 -32.47
CA PRO C 1464 -37.98 -2.83 -33.12
C PRO C 1464 -36.48 -2.59 -33.20
N PHE C 1465 -35.75 -3.05 -32.18
CA PHE C 1465 -34.31 -2.81 -32.07
C PHE C 1465 -33.54 -3.27 -33.31
N SER C 1466 -33.92 -4.40 -33.89
CA SER C 1466 -33.17 -4.95 -35.02
C SER C 1466 -33.30 -4.06 -36.26
N LEU C 1467 -34.52 -3.60 -36.56
CA LEU C 1467 -34.74 -2.77 -37.73
C LEU C 1467 -34.03 -1.43 -37.61
N ALA C 1468 -34.15 -0.77 -36.45
CA ALA C 1468 -33.45 0.48 -36.21
C ALA C 1468 -31.95 0.29 -36.26
N SER C 1469 -31.46 -0.84 -35.72
CA SER C 1469 -30.04 -1.16 -35.75
C SER C 1469 -29.54 -1.30 -37.19
N ARG C 1470 -30.32 -1.97 -38.03
CA ARG C 1470 -29.90 -2.16 -39.42
C ARG C 1470 -29.94 -0.85 -40.20
N LEU C 1471 -31.00 -0.05 -40.01
CA LEU C 1471 -31.12 1.18 -40.79
C LEU C 1471 -30.10 2.23 -40.36
N SER C 1472 -29.90 2.39 -39.05
CA SER C 1472 -29.02 3.44 -38.57
C SER C 1472 -27.55 3.10 -38.75
N GLY C 1473 -27.20 1.83 -38.68
CA GLY C 1473 -25.81 1.44 -38.59
C GLY C 1473 -25.24 1.46 -37.18
N ILE C 1474 -26.10 1.38 -36.17
CA ILE C 1474 -25.69 1.33 -34.77
C ILE C 1474 -26.01 -0.06 -34.23
N SER C 1475 -25.04 -0.68 -33.57
CA SER C 1475 -25.28 -1.98 -32.96
C SER C 1475 -26.19 -1.82 -31.74
N GLU C 1476 -26.86 -2.91 -31.38
CA GLU C 1476 -27.80 -2.90 -30.26
C GLU C 1476 -27.11 -2.64 -28.93
N LYS C 1477 -25.88 -3.13 -28.79
CA LYS C 1477 -25.08 -2.96 -27.59
C LYS C 1477 -24.78 -1.49 -27.31
N GLU C 1478 -24.79 -0.64 -28.32
CA GLU C 1478 -24.64 0.80 -28.11
C GLU C 1478 -25.96 1.49 -27.83
N ILE C 1479 -27.07 0.98 -28.37
CA ILE C 1479 -28.38 1.54 -28.06
C ILE C 1479 -28.71 1.35 -26.58
N PHE C 1480 -28.35 0.19 -26.02
CA PHE C 1480 -28.54 0.00 -24.60
C PHE C 1480 -27.65 0.95 -23.77
N GLY C 1481 -26.46 1.27 -24.27
CA GLY C 1481 -25.63 2.26 -23.58
C GLY C 1481 -26.22 3.65 -23.62
N ILE C 1482 -26.80 4.04 -24.77
CA ILE C 1482 -27.49 5.32 -24.90
C ILE C 1482 -28.67 5.40 -23.94
N THR C 1483 -29.35 4.29 -23.71
CA THR C 1483 -30.44 4.30 -22.73
C THR C 1483 -29.91 4.40 -21.29
N LEU C 1484 -28.85 3.65 -20.97
CA LEU C 1484 -28.35 3.63 -19.60
C LEU C 1484 -27.73 4.96 -19.19
N GLU C 1485 -27.05 5.66 -20.11
CA GLU C 1485 -26.49 6.95 -19.77
C GLU C 1485 -27.58 7.98 -19.48
N ALA C 1486 -28.70 7.89 -20.21
CA ALA C 1486 -29.82 8.79 -19.94
C ALA C 1486 -30.51 8.44 -18.63
N ILE C 1487 -30.54 7.16 -18.26
CA ILE C 1487 -31.10 6.79 -16.95
C ILE C 1487 -30.23 7.34 -15.83
N ALA C 1488 -28.91 7.31 -15.99
CA ALA C 1488 -28.01 7.73 -14.91
C ALA C 1488 -28.09 9.23 -14.65
N GLU C 1489 -28.52 10.02 -15.63
CA GLU C 1489 -28.55 11.47 -15.48
C GLU C 1489 -29.92 12.02 -15.09
N SER C 1490 -30.94 11.20 -15.01
CA SER C 1490 -32.29 11.71 -14.87
C SER C 1490 -32.63 12.00 -13.40
N PRO C 1491 -33.33 13.10 -13.12
CA PRO C 1491 -33.63 13.46 -11.73
C PRO C 1491 -34.81 12.74 -11.11
N GLU C 1492 -35.69 12.10 -11.89
CA GLU C 1492 -36.86 11.45 -11.32
C GLU C 1492 -36.49 10.15 -10.61
N PRO C 1493 -37.22 9.79 -9.55
CA PRO C 1493 -37.09 8.44 -9.00
C PRO C 1493 -37.69 7.40 -9.94
N ALA C 1494 -37.18 6.19 -9.84
CA ALA C 1494 -37.68 5.08 -10.63
C ALA C 1494 -38.83 4.38 -9.93
N ASN C 1495 -39.72 3.78 -10.72
CA ASN C 1495 -40.82 2.98 -10.21
C ASN C 1495 -40.51 1.50 -10.41
N SER C 1496 -41.39 0.65 -9.86
CA SER C 1496 -41.11 -0.79 -9.75
C SER C 1496 -40.97 -1.46 -11.10
N ASP C 1497 -41.78 -1.06 -12.08
CA ASP C 1497 -41.70 -1.67 -13.40
C ASP C 1497 -40.40 -1.30 -14.11
N ARG C 1498 -39.86 -0.12 -13.84
CA ARG C 1498 -38.54 0.23 -14.35
C ARG C 1498 -37.46 -0.57 -13.64
N LEU C 1499 -37.60 -0.77 -12.33
CA LEU C 1499 -36.57 -1.46 -11.56
C LEU C 1499 -36.47 -2.93 -11.91
N PHE C 1500 -37.61 -3.61 -12.04
CA PHE C 1500 -37.53 -5.01 -12.47
C PHE C 1500 -37.25 -5.19 -13.95
N SER C 1501 -36.92 -4.20 -14.77
CA SER C 1501 -36.54 -4.45 -16.15
C SER C 1501 -35.13 -3.98 -16.48
N LEU C 1502 -34.42 -3.41 -15.51
CA LEU C 1502 -33.02 -3.04 -15.65
C LEU C 1502 -32.03 -4.18 -15.85
N PRO C 1503 -32.14 -5.35 -15.18
CA PRO C 1503 -31.16 -6.43 -15.46
C PRO C 1503 -31.13 -6.88 -16.90
N GLY C 1504 -32.28 -6.86 -17.60
CA GLY C 1504 -32.32 -7.22 -18.99
C GLY C 1504 -31.54 -6.29 -19.91
N LEU C 1505 -31.27 -5.07 -19.45
CA LEU C 1505 -30.41 -4.15 -20.19
C LEU C 1505 -28.96 -4.22 -19.73
N LEU C 1506 -28.74 -4.36 -18.42
CA LEU C 1506 -27.38 -4.44 -17.89
C LEU C 1506 -26.69 -5.74 -18.29
N VAL C 1507 -27.45 -6.76 -18.67
CA VAL C 1507 -26.89 -8.08 -18.95
C VAL C 1507 -25.98 -8.08 -20.19
N SER C 1508 -26.07 -7.05 -21.03
CA SER C 1508 -25.18 -6.94 -22.18
C SER C 1508 -23.75 -6.58 -21.79
N LYS C 1509 -23.54 -6.06 -20.58
CA LYS C 1509 -22.22 -5.64 -20.13
C LYS C 1509 -21.44 -6.76 -19.45
N LEU C 1510 -22.15 -7.68 -18.80
CA LEU C 1510 -21.52 -8.63 -17.89
C LEU C 1510 -20.86 -9.79 -18.63
N GLU C 1511 -19.75 -10.26 -18.06
CA GLU C 1511 -19.21 -11.57 -18.41
C GLU C 1511 -20.08 -12.65 -17.76
N SER C 1512 -20.07 -13.84 -18.37
CA SER C 1512 -20.96 -14.92 -17.93
C SER C 1512 -20.68 -15.37 -16.50
N ASN C 1513 -19.41 -15.34 -16.09
CA ASN C 1513 -19.06 -15.70 -14.71
C ASN C 1513 -19.60 -14.69 -13.70
N GLU C 1514 -19.86 -13.46 -14.13
CA GLU C 1514 -20.52 -12.47 -13.27
C GLU C 1514 -22.04 -12.64 -13.27
N ALA C 1515 -22.61 -12.94 -14.44
CA ALA C 1515 -24.04 -13.14 -14.56
C ALA C 1515 -24.51 -14.35 -13.76
N LEU C 1516 -23.66 -15.37 -13.65
CA LEU C 1516 -24.00 -16.51 -12.81
C LEU C 1516 -24.08 -16.10 -11.33
N ASP C 1517 -23.20 -15.19 -10.90
CA ASP C 1517 -23.27 -14.68 -9.54
C ASP C 1517 -24.53 -13.86 -9.32
N VAL C 1518 -24.91 -13.05 -10.31
CA VAL C 1518 -26.16 -12.29 -10.23
C VAL C 1518 -27.37 -13.22 -10.12
N LEU C 1519 -27.37 -14.31 -10.90
CA LEU C 1519 -28.47 -15.27 -10.85
C LEU C 1519 -28.55 -15.98 -9.50
N SER C 1520 -27.40 -16.40 -8.97
CA SER C 1520 -27.37 -17.03 -7.66
C SER C 1520 -27.82 -16.08 -6.56
N TYR C 1521 -27.51 -14.78 -6.71
CA TYR C 1521 -28.03 -13.80 -5.77
C TYR C 1521 -29.54 -13.65 -5.89
N ALA C 1522 -30.05 -13.61 -7.12
CA ALA C 1522 -31.47 -13.37 -7.34
C ALA C 1522 -32.32 -14.52 -6.81
N LEU C 1523 -31.84 -15.75 -6.94
CA LEU C 1523 -32.63 -16.89 -6.47
C LEU C 1523 -32.75 -16.96 -4.95
N ASP C 1524 -31.92 -16.24 -4.20
CA ASP C 1524 -32.02 -16.28 -2.74
C ASP C 1524 -33.06 -15.32 -2.18
N LEU C 1525 -33.74 -14.53 -3.01
CA LEU C 1525 -34.80 -13.67 -2.53
C LEU C 1525 -36.00 -14.46 -2.00
N PHE C 1526 -36.10 -15.74 -2.34
CA PHE C 1526 -37.22 -16.58 -1.95
C PHE C 1526 -37.01 -17.34 -0.64
N ASP C 1527 -35.84 -17.19 0.00
CA ASP C 1527 -35.51 -18.01 1.17
C ASP C 1527 -36.39 -17.73 2.38
N GLU C 1528 -37.07 -16.58 2.44
CA GLU C 1528 -37.92 -16.29 3.58
C GLU C 1528 -39.34 -16.81 3.43
N VAL C 1529 -39.71 -17.32 2.25
CA VAL C 1529 -41.03 -17.89 2.06
C VAL C 1529 -40.99 -19.35 1.66
N LEU C 1530 -39.86 -19.88 1.20
CA LEU C 1530 -39.75 -21.30 0.92
C LEU C 1530 -39.83 -22.10 2.20
N LYS C 1531 -40.77 -23.02 2.25
CA LYS C 1531 -40.93 -23.96 3.35
C LYS C 1531 -40.33 -25.31 2.97
N ASP C 1532 -40.33 -26.22 3.93
CA ASP C 1532 -40.30 -27.62 3.57
C ASP C 1532 -41.65 -28.01 2.97
N GLU C 1533 -41.67 -29.17 2.31
CA GLU C 1533 -42.77 -29.65 1.47
C GLU C 1533 -43.19 -28.65 0.38
N ASP C 1534 -42.28 -27.76 -0.02
CA ASP C 1534 -42.32 -27.10 -1.32
C ASP C 1534 -41.31 -27.79 -2.21
N GLY C 1535 -41.80 -28.39 -3.30
CA GLY C 1535 -40.90 -29.18 -4.13
C GLY C 1535 -40.47 -30.45 -3.42
N ASP C 1536 -39.28 -30.93 -3.77
CA ASP C 1536 -38.73 -32.11 -3.14
C ASP C 1536 -38.14 -31.85 -1.76
N GLY C 1537 -38.06 -30.60 -1.34
CA GLY C 1537 -37.42 -30.24 -0.10
C GLY C 1537 -36.05 -29.64 -0.31
N PRO C 1538 -35.27 -29.52 0.76
CA PRO C 1538 -33.93 -28.95 0.65
C PRO C 1538 -33.01 -29.82 -0.20
N TRP C 1539 -31.97 -29.19 -0.74
CA TRP C 1539 -31.00 -29.90 -1.55
C TRP C 1539 -30.27 -30.96 -0.73
N ASN C 1540 -30.05 -32.10 -1.38
CA ASN C 1540 -29.42 -33.26 -0.76
C ASN C 1540 -28.62 -33.95 -1.85
N GLU C 1541 -27.61 -34.74 -1.43
CA GLU C 1541 -26.68 -35.34 -2.38
C GLU C 1541 -27.38 -36.32 -3.33
N LYS C 1542 -28.42 -37.01 -2.84
CA LYS C 1542 -29.02 -38.10 -3.60
C LYS C 1542 -29.84 -37.63 -4.81
N LEU C 1543 -30.07 -36.33 -4.96
CA LEU C 1543 -30.81 -35.80 -6.10
C LEU C 1543 -29.93 -35.51 -7.31
N SER C 1544 -28.64 -35.84 -7.26
CA SER C 1544 -27.73 -35.51 -8.36
C SER C 1544 -28.06 -36.33 -9.61
N PRO C 1545 -28.20 -35.70 -10.77
CA PRO C 1545 -28.50 -36.43 -11.99
C PRO C 1545 -27.28 -37.16 -12.53
N PRO C 1546 -27.48 -38.13 -13.43
CA PRO C 1546 -26.34 -38.74 -14.11
C PRO C 1546 -25.64 -37.77 -15.06
N THR C 1547 -24.44 -38.14 -15.47
CA THR C 1547 -23.62 -37.27 -16.31
C THR C 1547 -24.12 -37.21 -17.75
N HIS C 1548 -24.15 -38.36 -18.44
CA HIS C 1548 -24.57 -38.37 -19.83
C HIS C 1548 -26.08 -38.24 -19.97
N VAL C 1549 -26.51 -37.66 -21.09
CA VAL C 1549 -27.93 -37.39 -21.33
C VAL C 1549 -28.71 -38.69 -21.53
N GLU C 1550 -28.10 -39.65 -22.22
CA GLU C 1550 -28.79 -40.89 -22.56
C GLU C 1550 -29.15 -41.70 -21.32
N ASP C 1551 -28.34 -41.61 -20.27
CA ASP C 1551 -28.70 -42.23 -19.00
C ASP C 1551 -29.95 -41.62 -18.41
N SER C 1552 -30.11 -40.30 -18.55
CA SER C 1552 -31.30 -39.63 -18.04
C SER C 1552 -32.54 -40.00 -18.86
N LEU C 1553 -32.38 -40.14 -20.18
CA LEU C 1553 -33.52 -40.58 -21.00
C LEU C 1553 -33.94 -42.00 -20.65
N ALA C 1554 -32.96 -42.89 -20.46
CA ALA C 1554 -33.23 -44.25 -20.02
C ALA C 1554 -33.89 -44.26 -18.65
N GLY C 1555 -33.48 -43.36 -17.76
CA GLY C 1555 -34.11 -43.28 -16.45
C GLY C 1555 -35.55 -42.81 -16.50
N TYR C 1556 -35.86 -41.89 -17.43
CA TYR C 1556 -37.25 -41.48 -17.61
C TYR C 1556 -38.11 -42.65 -18.06
N ILE C 1557 -37.64 -43.42 -19.05
CA ILE C 1557 -38.41 -44.58 -19.52
C ILE C 1557 -38.55 -45.63 -18.40
N TRP C 1558 -37.46 -45.86 -17.66
CA TRP C 1558 -37.50 -46.78 -16.53
C TRP C 1558 -38.51 -46.36 -15.46
N ALA C 1559 -38.60 -45.07 -15.18
CA ALA C 1559 -39.58 -44.61 -14.20
C ALA C 1559 -41.00 -44.71 -14.74
N ARG C 1560 -41.19 -44.61 -16.06
CA ARG C 1560 -42.53 -44.78 -16.61
C ARG C 1560 -42.98 -46.23 -16.69
N LEU C 1561 -42.05 -47.19 -16.73
CA LEU C 1561 -42.48 -48.60 -16.67
C LEU C 1561 -43.15 -48.95 -15.34
N GLY C 1562 -42.77 -48.29 -14.26
CA GLY C 1562 -43.31 -48.55 -12.93
C GLY C 1562 -44.56 -47.79 -12.57
N SER C 1563 -45.21 -47.14 -13.53
CA SER C 1563 -46.35 -46.29 -13.25
C SER C 1563 -47.55 -47.11 -12.77
N PRO C 1564 -48.35 -46.58 -11.84
CA PRO C 1564 -49.54 -47.32 -11.37
C PRO C 1564 -50.68 -47.40 -12.38
N GLU C 1565 -50.59 -46.75 -13.53
CA GLU C 1565 -51.64 -46.79 -14.55
C GLU C 1565 -51.18 -47.62 -15.74
N ALA C 1566 -52.04 -48.53 -16.19
CA ALA C 1566 -51.62 -49.59 -17.13
C ALA C 1566 -51.26 -49.04 -18.51
N GLU C 1567 -51.99 -48.04 -18.98
CA GLU C 1567 -51.77 -47.49 -20.31
C GLU C 1567 -50.37 -46.90 -20.46
N MET C 1568 -49.86 -46.29 -19.40
CA MET C 1568 -48.51 -45.75 -19.43
C MET C 1568 -47.47 -46.85 -19.56
N ARG C 1569 -47.69 -47.96 -18.85
CA ARG C 1569 -46.78 -49.10 -18.94
C ARG C 1569 -46.75 -49.68 -20.34
N TRP C 1570 -47.91 -49.80 -20.99
CA TRP C 1570 -47.92 -50.28 -22.36
C TRP C 1570 -47.25 -49.30 -23.33
N GLN C 1571 -47.42 -48.00 -23.11
CA GLN C 1571 -46.73 -47.02 -23.96
C GLN C 1571 -45.21 -47.12 -23.81
N ALA C 1572 -44.74 -47.33 -22.58
CA ALA C 1572 -43.29 -47.47 -22.39
C ALA C 1572 -42.76 -48.78 -22.96
N ALA C 1573 -43.56 -49.85 -22.91
CA ALA C 1573 -43.17 -51.09 -23.57
C ALA C 1573 -43.02 -50.92 -25.08
N HIS C 1574 -43.98 -50.21 -25.70
CA HIS C 1574 -43.83 -49.90 -27.12
C HIS C 1574 -42.61 -49.04 -27.41
N ALA C 1575 -42.26 -48.12 -26.50
CA ALA C 1575 -41.06 -47.32 -26.69
C ALA C 1575 -39.79 -48.17 -26.66
N VAL C 1576 -39.72 -49.13 -25.74
CA VAL C 1576 -38.56 -50.03 -25.68
C VAL C 1576 -38.47 -50.88 -26.93
N LEU C 1577 -39.61 -51.37 -27.42
CA LEU C 1577 -39.62 -52.16 -28.66
C LEU C 1577 -39.14 -51.33 -29.85
N ALA C 1578 -39.58 -50.07 -29.93
CA ALA C 1578 -39.17 -49.20 -31.03
C ALA C 1578 -37.68 -48.86 -30.96
N LEU C 1579 -37.13 -48.70 -29.76
CA LEU C 1579 -35.68 -48.54 -29.63
C LEU C 1579 -34.95 -49.78 -30.13
N CYS C 1580 -35.39 -50.96 -29.70
CA CYS C 1580 -34.69 -52.19 -30.08
C CYS C 1580 -34.80 -52.50 -31.57
N ARG C 1581 -35.83 -52.02 -32.27
CA ARG C 1581 -35.82 -52.22 -33.72
C ARG C 1581 -34.82 -51.32 -34.44
N MET C 1582 -34.20 -50.37 -33.75
CA MET C 1582 -33.05 -49.64 -34.27
C MET C 1582 -31.80 -50.10 -33.52
N SER C 1583 -30.66 -49.56 -33.94
CA SER C 1583 -29.37 -49.99 -33.40
C SER C 1583 -28.97 -49.19 -32.17
N ARG C 1584 -29.94 -48.65 -31.45
CA ARG C 1584 -29.72 -47.63 -30.43
C ARG C 1584 -29.08 -48.22 -29.18
N THR C 1585 -27.80 -48.56 -29.27
CA THR C 1585 -27.13 -49.38 -28.25
C THR C 1585 -27.08 -48.71 -26.87
N CYS C 1586 -26.75 -47.41 -26.84
CA CYS C 1586 -26.41 -46.76 -25.58
C CYS C 1586 -27.61 -46.64 -24.64
N VAL C 1587 -28.77 -46.28 -25.18
CA VAL C 1587 -29.96 -46.12 -24.36
C VAL C 1587 -30.42 -47.46 -23.81
N ILE C 1588 -30.35 -48.51 -24.63
CA ILE C 1588 -30.74 -49.85 -24.21
C ILE C 1588 -29.85 -50.35 -23.09
N GLN C 1589 -28.54 -50.12 -23.24
CA GLN C 1589 -27.62 -50.55 -22.19
C GLN C 1589 -27.83 -49.75 -20.90
N GLY C 1590 -28.21 -48.48 -21.03
CA GLY C 1590 -28.59 -47.70 -19.84
C GLY C 1590 -29.81 -48.26 -19.14
N ILE C 1591 -30.81 -48.68 -19.91
CA ILE C 1591 -32.02 -49.25 -19.33
C ILE C 1591 -31.72 -50.53 -18.56
N PHE C 1592 -30.91 -51.42 -19.16
CA PHE C 1592 -30.57 -52.65 -18.43
C PHE C 1592 -29.70 -52.38 -17.22
N GLN C 1593 -28.86 -51.34 -17.27
CA GLN C 1593 -28.07 -50.99 -16.08
C GLN C 1593 -28.96 -50.48 -14.94
N HIS C 1594 -29.97 -49.67 -15.26
CA HIS C 1594 -30.94 -49.24 -14.25
C HIS C 1594 -31.72 -50.43 -13.72
N ALA C 1595 -32.08 -51.37 -14.59
CA ALA C 1595 -32.84 -52.54 -14.16
C ALA C 1595 -32.03 -53.42 -13.21
N ILE C 1596 -30.73 -53.56 -13.48
CA ILE C 1596 -29.87 -54.33 -12.58
C ILE C 1596 -29.74 -53.63 -11.23
N ASN C 1597 -29.46 -52.34 -11.24
CA ASN C 1597 -29.21 -51.65 -9.96
C ASN C 1597 -30.47 -51.35 -9.17
N ALA C 1598 -31.65 -51.41 -9.81
CA ALA C 1598 -32.94 -51.11 -9.18
C ALA C 1598 -32.98 -49.69 -8.61
N THR C 1599 -32.58 -48.73 -9.44
CA THR C 1599 -32.51 -47.34 -9.00
C THR C 1599 -33.90 -46.73 -8.93
N THR C 1600 -34.16 -45.97 -7.87
CA THR C 1600 -35.43 -45.27 -7.70
C THR C 1600 -35.29 -43.76 -7.62
N LEU C 1601 -34.44 -43.28 -6.71
CA LEU C 1601 -34.65 -41.95 -6.14
C LEU C 1601 -34.45 -40.74 -7.06
N PRO C 1602 -33.42 -40.64 -7.92
CA PRO C 1602 -33.31 -39.42 -8.73
C PRO C 1602 -34.47 -39.21 -9.71
N PHE C 1603 -35.19 -40.27 -10.07
CA PHE C 1603 -36.27 -40.19 -11.04
C PHE C 1603 -37.63 -40.42 -10.41
N CYS C 1604 -37.73 -40.43 -9.08
CA CYS C 1604 -38.98 -40.70 -8.39
C CYS C 1604 -39.14 -39.74 -7.22
N ASP C 1605 -40.39 -39.52 -6.82
CA ASP C 1605 -40.67 -38.67 -5.68
C ASP C 1605 -40.27 -39.37 -4.38
N ARG C 1606 -39.66 -38.60 -3.47
CA ARG C 1606 -39.15 -39.11 -2.20
C ARG C 1606 -40.25 -39.61 -1.28
N ASN C 1607 -41.49 -39.15 -1.45
CA ASN C 1607 -42.55 -39.43 -0.49
C ASN C 1607 -43.52 -40.53 -0.92
N LEU C 1608 -43.50 -40.93 -2.18
CA LEU C 1608 -44.45 -41.90 -2.68
C LEU C 1608 -43.76 -43.24 -2.96
N PRO C 1609 -44.42 -44.36 -2.70
CA PRO C 1609 -43.80 -45.66 -2.96
C PRO C 1609 -43.66 -45.95 -4.45
N PHE C 1610 -42.64 -46.71 -4.81
CA PHE C 1610 -42.32 -47.03 -6.20
C PHE C 1610 -42.52 -48.52 -6.45
N TYR C 1611 -43.07 -48.84 -7.63
CA TYR C 1611 -43.47 -50.20 -7.98
C TYR C 1611 -42.38 -50.88 -8.83
N THR C 1612 -41.36 -51.41 -8.16
CA THR C 1612 -40.22 -52.00 -8.86
C THR C 1612 -40.59 -53.25 -9.65
N LEU C 1613 -41.36 -54.14 -9.04
CA LEU C 1613 -41.62 -55.43 -9.68
C LEU C 1613 -42.51 -55.29 -10.90
N HIS C 1614 -43.38 -54.28 -10.93
CA HIS C 1614 -44.13 -53.97 -12.14
C HIS C 1614 -43.19 -53.57 -13.28
N ALA C 1615 -42.19 -52.76 -12.98
CA ALA C 1615 -41.23 -52.34 -13.99
C ALA C 1615 -40.44 -53.53 -14.53
N GLN C 1616 -40.02 -54.43 -13.64
CA GLN C 1616 -39.26 -55.60 -14.11
C GLN C 1616 -40.15 -56.53 -14.94
N LEU C 1617 -41.40 -56.72 -14.54
CA LEU C 1617 -42.30 -57.59 -15.29
C LEU C 1617 -42.60 -57.04 -16.68
N TRP C 1618 -42.86 -55.74 -16.79
CA TRP C 1618 -43.10 -55.19 -18.12
C TRP C 1618 -41.82 -55.09 -18.96
N LEU C 1619 -40.64 -55.01 -18.33
CA LEU C 1619 -39.41 -55.11 -19.11
C LEU C 1619 -39.23 -56.51 -19.69
N MET C 1620 -39.56 -57.55 -18.92
CA MET C 1620 -39.55 -58.91 -19.47
C MET C 1620 -40.57 -59.07 -20.59
N ILE C 1621 -41.76 -58.49 -20.42
CA ILE C 1621 -42.79 -58.56 -21.46
C ILE C 1621 -42.31 -57.93 -22.76
N ALA C 1622 -41.60 -56.80 -22.67
CA ALA C 1622 -41.07 -56.17 -23.87
C ALA C 1622 -39.97 -57.01 -24.51
N ALA C 1623 -39.06 -57.55 -23.70
CA ALA C 1623 -37.95 -58.33 -24.23
C ALA C 1623 -38.42 -59.61 -24.93
N ALA C 1624 -39.46 -60.26 -24.38
CA ALA C 1624 -39.96 -61.49 -24.98
C ALA C 1624 -40.53 -61.27 -26.37
N ARG C 1625 -41.04 -60.07 -26.65
CA ARG C 1625 -41.51 -59.74 -27.99
C ARG C 1625 -40.35 -59.29 -28.89
N VAL C 1626 -39.36 -58.58 -28.34
CA VAL C 1626 -38.20 -58.20 -29.12
C VAL C 1626 -37.46 -59.43 -29.63
N ALA C 1627 -37.42 -60.51 -28.85
CA ALA C 1627 -36.65 -61.69 -29.25
C ALA C 1627 -37.25 -62.45 -30.43
N LEU C 1628 -38.50 -62.18 -30.83
CA LEU C 1628 -39.10 -62.98 -31.90
C LEU C 1628 -38.67 -62.52 -33.29
N ASP C 1629 -38.62 -61.22 -33.55
CA ASP C 1629 -38.36 -60.75 -34.91
C ASP C 1629 -36.87 -60.69 -35.24
N ASP C 1630 -36.10 -59.91 -34.48
CA ASP C 1630 -34.64 -59.85 -34.66
C ASP C 1630 -34.05 -59.47 -33.30
N GLY C 1631 -33.58 -60.48 -32.57
CA GLY C 1631 -33.17 -60.35 -31.19
C GLY C 1631 -31.74 -59.97 -30.91
N LYS C 1632 -30.95 -59.63 -31.94
CA LYS C 1632 -29.51 -59.45 -31.78
C LYS C 1632 -29.15 -58.37 -30.76
N SER C 1633 -29.99 -57.33 -30.64
CA SER C 1633 -29.74 -56.24 -29.70
C SER C 1633 -29.74 -56.70 -28.25
N LEU C 1634 -30.33 -57.86 -27.97
CA LEU C 1634 -30.38 -58.36 -26.60
C LEU C 1634 -29.14 -59.16 -26.21
N ILE C 1635 -28.24 -59.44 -27.16
CA ILE C 1635 -27.09 -60.30 -26.84
C ILE C 1635 -26.14 -59.75 -25.79
N PRO C 1636 -25.71 -58.47 -25.81
CA PRO C 1636 -24.72 -58.03 -24.80
C PRO C 1636 -25.22 -58.03 -23.36
N ASN C 1637 -26.52 -58.18 -23.12
CA ASN C 1637 -27.08 -58.16 -21.77
C ASN C 1637 -27.66 -59.50 -21.35
N ILE C 1638 -27.22 -60.58 -22.01
CA ILE C 1638 -27.82 -61.91 -21.86
C ILE C 1638 -27.77 -62.40 -20.42
N GLY C 1639 -26.74 -61.99 -19.67
CA GLY C 1639 -26.57 -62.41 -18.30
C GLY C 1639 -27.68 -61.93 -17.38
N TYR C 1640 -28.47 -60.96 -17.81
CA TYR C 1640 -29.64 -60.57 -17.06
C TYR C 1640 -30.66 -61.71 -17.01
N PHE C 1641 -30.99 -62.28 -18.16
CA PHE C 1641 -32.09 -63.24 -18.21
C PHE C 1641 -31.72 -64.54 -17.52
N TYR C 1642 -30.45 -64.96 -17.59
CA TYR C 1642 -29.99 -66.14 -16.88
C TYR C 1642 -30.15 -66.01 -15.37
N HIS C 1643 -30.24 -64.78 -14.85
CA HIS C 1643 -30.43 -64.64 -13.42
C HIS C 1643 -31.84 -65.03 -12.99
N TYR C 1644 -32.83 -64.91 -13.88
CA TYR C 1644 -34.21 -65.14 -13.47
C TYR C 1644 -34.79 -66.46 -13.95
N ALA C 1645 -34.23 -67.07 -15.00
CA ALA C 1645 -34.79 -68.32 -15.50
C ALA C 1645 -34.25 -69.53 -14.75
N THR C 1646 -34.37 -69.54 -13.42
CA THR C 1646 -34.00 -70.68 -12.60
C THR C 1646 -35.07 -70.90 -11.54
N THR C 1647 -35.21 -72.15 -11.09
CA THR C 1647 -36.28 -72.53 -10.18
C THR C 1647 -36.04 -72.11 -8.74
N ASP C 1648 -34.89 -71.55 -8.41
CA ASP C 1648 -34.70 -71.00 -7.07
C ASP C 1648 -35.16 -69.55 -6.97
N GLN C 1649 -35.72 -69.00 -8.04
CA GLN C 1649 -36.41 -67.71 -8.02
C GLN C 1649 -37.91 -68.00 -7.93
N PRO C 1650 -38.59 -67.62 -6.85
CA PRO C 1650 -39.96 -68.12 -6.63
C PRO C 1650 -41.06 -67.44 -7.43
N HIS C 1651 -40.79 -66.32 -8.10
CA HIS C 1651 -41.84 -65.57 -8.79
C HIS C 1651 -42.13 -66.23 -10.13
N VAL C 1652 -43.37 -66.69 -10.31
CA VAL C 1652 -43.70 -67.58 -11.43
C VAL C 1652 -43.61 -66.86 -12.77
N LEU C 1653 -44.27 -65.70 -12.90
CA LEU C 1653 -44.40 -65.06 -14.21
C LEU C 1653 -43.07 -64.56 -14.74
N ILE C 1654 -42.20 -64.06 -13.86
CA ILE C 1654 -40.91 -63.55 -14.31
C ILE C 1654 -40.04 -64.69 -14.83
N ARG C 1655 -40.08 -65.85 -14.16
CA ARG C 1655 -39.46 -67.07 -14.67
C ARG C 1655 -40.00 -67.41 -16.05
N HIS C 1656 -41.33 -67.36 -16.18
CA HIS C 1656 -42.01 -67.74 -17.42
C HIS C 1656 -41.53 -66.89 -18.60
N PHE C 1657 -41.53 -65.56 -18.43
CA PHE C 1657 -41.15 -64.69 -19.54
C PHE C 1657 -39.64 -64.72 -19.81
N ALA C 1658 -38.80 -64.90 -18.77
CA ALA C 1658 -37.37 -65.02 -19.00
C ALA C 1658 -37.05 -66.28 -19.80
N ALA C 1659 -37.70 -67.40 -19.46
CA ALA C 1659 -37.51 -68.64 -20.21
C ALA C 1659 -38.00 -68.49 -21.64
N ARG C 1660 -39.14 -67.82 -21.83
CA ARG C 1660 -39.65 -67.58 -23.18
C ARG C 1660 -38.70 -66.72 -24.00
N THR C 1661 -37.98 -65.80 -23.37
CA THR C 1661 -37.00 -65.01 -24.09
C THR C 1661 -35.81 -65.86 -24.52
N LEU C 1662 -35.26 -66.66 -23.59
CA LEU C 1662 -34.09 -67.46 -23.90
C LEU C 1662 -34.37 -68.51 -24.97
N LEU C 1663 -35.52 -69.18 -24.89
CA LEU C 1663 -35.84 -70.18 -25.91
C LEU C 1663 -36.08 -69.53 -27.27
N ALA C 1664 -36.61 -68.31 -27.30
CA ALA C 1664 -36.81 -67.62 -28.57
C ALA C 1664 -35.49 -67.20 -29.19
N LEU C 1665 -34.49 -66.83 -28.38
CA LEU C 1665 -33.16 -66.60 -28.94
C LEU C 1665 -32.50 -67.90 -29.38
N HIS C 1666 -32.77 -69.00 -28.68
CA HIS C 1666 -32.19 -70.28 -29.09
C HIS C 1666 -32.74 -70.76 -30.43
N ASP C 1667 -34.04 -70.57 -30.65
CA ASP C 1667 -34.66 -71.02 -31.90
C ASP C 1667 -34.19 -70.25 -33.12
N SER C 1668 -33.66 -69.04 -32.94
CA SER C 1668 -33.22 -68.21 -34.05
C SER C 1668 -31.76 -68.41 -34.42
N ASP C 1669 -31.07 -69.35 -33.75
CA ASP C 1669 -29.65 -69.64 -33.94
C ASP C 1669 -28.76 -68.42 -33.66
N LEU C 1670 -29.17 -67.58 -32.71
CA LEU C 1670 -28.30 -66.52 -32.23
C LEU C 1670 -27.41 -66.98 -31.07
N ILE C 1671 -27.82 -68.00 -30.33
CA ILE C 1671 -27.04 -68.59 -29.25
C ILE C 1671 -27.14 -70.11 -29.34
N SER C 1672 -26.39 -70.78 -28.48
CA SER C 1672 -26.40 -72.23 -28.38
C SER C 1672 -26.57 -72.64 -26.92
N ILE C 1673 -27.55 -73.49 -26.66
CA ILE C 1673 -27.86 -73.95 -25.31
C ILE C 1673 -27.58 -75.44 -25.23
N PRO C 1674 -26.89 -75.92 -24.19
CA PRO C 1674 -26.69 -77.36 -24.02
C PRO C 1674 -28.00 -78.12 -23.82
N ALA C 1675 -27.98 -79.40 -24.18
CA ALA C 1675 -29.20 -80.17 -24.38
C ALA C 1675 -29.97 -80.42 -23.08
N GLN C 1676 -29.29 -80.41 -21.93
CA GLN C 1676 -30.03 -80.56 -20.67
C GLN C 1676 -30.54 -79.23 -20.15
N GLU C 1677 -29.83 -78.13 -20.44
CA GLU C 1677 -30.30 -76.81 -20.03
C GLU C 1677 -31.59 -76.44 -20.77
N GLU C 1678 -31.68 -76.80 -22.05
CA GLU C 1678 -32.92 -76.62 -22.79
C GLU C 1678 -34.06 -77.42 -22.18
N ASN C 1679 -33.77 -78.65 -21.76
CA ASN C 1679 -34.79 -79.49 -21.16
C ASN C 1679 -35.24 -78.95 -19.81
N LYS C 1680 -34.34 -78.31 -19.07
CA LYS C 1680 -34.75 -77.65 -17.84
C LYS C 1680 -35.61 -76.42 -18.10
N LEU C 1681 -35.20 -75.60 -19.09
CA LEU C 1681 -35.94 -74.38 -19.41
C LEU C 1681 -37.36 -74.69 -19.90
N ARG C 1682 -37.51 -75.72 -20.74
CA ARG C 1682 -38.82 -76.04 -21.31
C ARG C 1682 -39.79 -76.63 -20.29
N ASN C 1683 -39.33 -76.96 -19.08
CA ASN C 1683 -40.18 -77.59 -18.08
C ASN C 1683 -40.20 -76.81 -16.77
N ILE C 1684 -40.03 -75.49 -16.83
CA ILE C 1684 -39.64 -74.69 -15.67
C ILE C 1684 -40.72 -74.67 -14.58
N ASN C 1685 -41.99 -74.83 -14.96
CA ASN C 1685 -43.08 -74.82 -13.99
C ASN C 1685 -43.77 -76.17 -13.87
N GLN C 1686 -43.03 -77.26 -14.09
CA GLN C 1686 -43.58 -78.59 -13.88
C GLN C 1686 -43.64 -78.91 -12.39
N SER C 1687 -44.74 -79.54 -11.98
CA SER C 1687 -44.96 -79.91 -10.58
C SER C 1687 -44.18 -81.18 -10.27
N THR C 1688 -42.89 -81.00 -9.96
CA THR C 1688 -41.94 -82.09 -9.80
C THR C 1688 -42.13 -82.86 -8.49
N THR C 1689 -42.66 -82.22 -7.45
CA THR C 1689 -42.64 -82.78 -6.10
C THR C 1689 -43.83 -83.71 -5.82
N LEU C 1690 -44.35 -84.34 -6.87
CA LEU C 1690 -45.43 -85.34 -6.86
C LEU C 1690 -45.33 -86.42 -5.77
N PRO C 1691 -44.15 -87.00 -5.44
CA PRO C 1691 -44.14 -88.03 -4.38
C PRO C 1691 -44.38 -87.50 -2.97
N VAL C 1692 -44.18 -86.22 -2.71
CA VAL C 1692 -44.21 -85.70 -1.34
C VAL C 1692 -45.58 -85.78 -0.69
N GLU C 1702 -52.06 -61.88 16.81
CA GLU C 1702 -51.60 -62.24 15.48
C GLU C 1702 -52.05 -61.13 14.52
N ASP C 1703 -51.58 -61.17 13.27
CA ASP C 1703 -51.71 -60.02 12.37
C ASP C 1703 -53.15 -59.74 12.00
N SER C 1704 -53.47 -58.46 11.84
CA SER C 1704 -54.81 -58.00 11.49
C SER C 1704 -55.04 -57.90 9.99
N TYR C 1705 -54.01 -58.13 9.17
CA TYR C 1705 -54.14 -57.95 7.73
C TYR C 1705 -55.11 -58.97 7.14
N THR C 1706 -56.03 -58.50 6.30
CA THR C 1706 -57.06 -59.36 5.74
C THR C 1706 -57.21 -59.05 4.25
N PHE C 1707 -57.66 -60.05 3.50
CA PHE C 1707 -57.70 -59.98 2.05
C PHE C 1707 -59.08 -59.68 1.49
N GLY C 1708 -59.93 -59.02 2.27
CA GLY C 1708 -61.08 -58.34 1.74
C GLY C 1708 -62.22 -59.21 1.24
N ILE C 1709 -63.16 -58.54 0.57
CA ILE C 1709 -64.39 -59.18 0.11
C ILE C 1709 -64.31 -59.62 -1.34
N ASP C 1710 -63.31 -59.18 -2.09
CA ASP C 1710 -63.19 -59.51 -3.51
C ASP C 1710 -61.90 -60.23 -3.87
N PHE C 1711 -60.77 -59.84 -3.28
CA PHE C 1711 -59.51 -60.47 -3.65
C PHE C 1711 -59.45 -61.92 -3.17
N GLY C 1712 -59.87 -62.17 -1.93
CA GLY C 1712 -59.87 -63.50 -1.37
C GLY C 1712 -60.66 -64.51 -2.18
N PRO C 1713 -61.99 -64.37 -2.19
CA PRO C 1713 -62.84 -65.39 -2.82
C PRO C 1713 -62.64 -65.57 -4.31
N TYR C 1714 -62.21 -64.54 -5.03
CA TYR C 1714 -62.10 -64.64 -6.49
C TYR C 1714 -60.67 -64.74 -7.00
N TRP C 1715 -59.66 -64.51 -6.17
CA TRP C 1715 -58.28 -64.67 -6.59
C TRP C 1715 -57.53 -65.77 -5.85
N LEU C 1716 -57.68 -65.90 -4.53
CA LEU C 1716 -56.89 -66.90 -3.83
C LEU C 1716 -57.53 -68.29 -3.91
N LYS C 1717 -58.85 -68.36 -3.91
CA LYS C 1717 -59.53 -69.66 -3.94
C LYS C 1717 -59.28 -70.49 -5.20
N PRO C 1718 -59.31 -69.95 -6.44
CA PRO C 1718 -58.97 -70.81 -7.59
C PRO C 1718 -57.55 -71.34 -7.59
N LEU C 1719 -56.60 -70.61 -7.00
CA LEU C 1719 -55.25 -71.15 -6.85
C LEU C 1719 -55.25 -72.35 -5.91
N GLY C 1720 -55.85 -72.19 -4.73
CA GLY C 1720 -55.90 -73.28 -3.76
C GLY C 1720 -56.69 -74.48 -4.23
N ARG C 1721 -57.65 -74.28 -5.13
CA ARG C 1721 -58.39 -75.39 -5.69
C ARG C 1721 -57.53 -76.33 -6.53
N CYS C 1722 -56.37 -75.87 -7.00
CA CYS C 1722 -55.46 -76.77 -7.72
C CYS C 1722 -54.78 -77.78 -6.81
N PHE C 1723 -54.75 -77.53 -5.50
CA PHE C 1723 -54.09 -78.41 -4.55
C PHE C 1723 -55.02 -78.92 -3.45
N GLY C 1724 -56.31 -78.63 -3.53
CA GLY C 1724 -57.23 -79.02 -2.47
C GLY C 1724 -57.09 -78.24 -1.19
N VAL C 1725 -56.62 -77.00 -1.27
CA VAL C 1725 -56.31 -76.17 -0.11
C VAL C 1725 -57.25 -74.97 -0.10
N SER C 1726 -57.88 -74.71 1.03
CA SER C 1726 -58.67 -73.50 1.20
C SER C 1726 -57.77 -72.32 1.54
N GLN C 1727 -58.26 -71.11 1.22
CA GLN C 1727 -57.44 -69.91 1.34
C GLN C 1727 -57.04 -69.60 2.78
N LYS C 1728 -57.86 -70.02 3.75
CA LYS C 1728 -57.49 -69.87 5.15
C LYS C 1728 -56.22 -70.64 5.48
N GLN C 1729 -56.00 -71.76 4.80
CA GLN C 1729 -54.78 -72.52 5.02
C GLN C 1729 -53.56 -71.87 4.38
N LEU C 1730 -53.73 -71.01 3.39
CA LEU C 1730 -52.60 -70.41 2.70
C LEU C 1730 -52.35 -68.94 3.04
N GLU C 1731 -53.21 -68.31 3.84
CA GLU C 1731 -52.89 -66.98 4.37
C GLU C 1731 -51.58 -66.86 5.16
N PRO C 1732 -51.17 -67.82 6.04
CA PRO C 1732 -49.93 -67.60 6.81
C PRO C 1732 -48.67 -67.46 5.98
N GLU C 1733 -48.61 -68.02 4.77
CA GLU C 1733 -47.44 -67.79 3.94
C GLU C 1733 -47.48 -66.40 3.31
N MET C 1734 -48.67 -65.96 2.92
CA MET C 1734 -48.85 -64.65 2.32
C MET C 1734 -48.47 -63.55 3.30
N LEU C 1735 -48.84 -63.70 4.57
CA LEU C 1735 -48.46 -62.70 5.56
C LEU C 1735 -46.95 -62.65 5.78
N ARG C 1736 -46.30 -63.82 5.77
CA ARG C 1736 -44.84 -63.85 5.87
C ARG C 1736 -44.19 -63.13 4.70
N ILE C 1737 -44.68 -63.39 3.48
CA ILE C 1737 -44.10 -62.77 2.29
C ILE C 1737 -44.26 -61.26 2.33
N ILE C 1738 -45.45 -60.78 2.74
CA ILE C 1738 -45.70 -59.34 2.81
C ILE C 1738 -44.81 -58.69 3.87
N ARG C 1739 -44.74 -59.29 5.07
CA ARG C 1739 -44.04 -58.63 6.17
C ARG C 1739 -42.52 -58.70 6.00
N ASP C 1740 -41.99 -59.74 5.36
CA ASP C 1740 -40.55 -59.97 5.40
C ASP C 1740 -39.83 -59.68 4.09
N VAL C 1741 -40.42 -59.96 2.94
CA VAL C 1741 -39.76 -59.74 1.66
C VAL C 1741 -40.15 -58.41 1.05
N LEU C 1742 -41.45 -58.14 0.91
CA LEU C 1742 -41.87 -56.86 0.34
C LEU C 1742 -41.69 -55.71 1.34
N GLY C 1743 -41.69 -56.01 2.64
CA GLY C 1743 -41.27 -55.06 3.64
C GLY C 1743 -42.32 -54.14 4.22
N PHE C 1744 -43.60 -54.35 3.92
CA PHE C 1744 -44.65 -53.53 4.50
C PHE C 1744 -45.01 -54.04 5.89
N LYS C 1745 -45.14 -53.11 6.85
CA LYS C 1745 -45.39 -53.47 8.24
C LYS C 1745 -46.51 -52.66 8.88
N GLY C 1746 -47.42 -52.10 8.10
CA GLY C 1746 -48.54 -51.32 8.61
C GLY C 1746 -49.81 -52.11 8.75
N SER C 1747 -50.94 -51.43 8.60
CA SER C 1747 -52.27 -52.02 8.69
C SER C 1747 -52.96 -51.99 7.34
N ARG C 1748 -54.21 -52.46 7.32
CA ARG C 1748 -54.99 -52.64 6.10
C ARG C 1748 -55.78 -51.39 5.72
N ASN C 1749 -55.72 -50.33 6.53
CA ASN C 1749 -56.59 -49.17 6.38
C ASN C 1749 -56.38 -48.45 5.05
N TRP C 1750 -57.48 -47.89 4.54
CA TRP C 1750 -57.50 -47.27 3.22
C TRP C 1750 -56.60 -46.05 3.12
N ASP C 1751 -56.23 -45.43 4.23
CA ASP C 1751 -55.37 -44.26 4.22
C ASP C 1751 -53.92 -44.58 4.57
N GLU C 1752 -53.46 -45.79 4.30
CA GLU C 1752 -52.04 -46.10 4.33
C GLU C 1752 -51.35 -45.81 3.00
N ASP C 1753 -52.11 -45.45 1.97
CA ASP C 1753 -51.56 -45.16 0.66
C ASP C 1753 -51.54 -43.64 0.50
N GLU C 1754 -50.34 -43.09 0.25
CA GLU C 1754 -50.20 -41.64 0.14
C GLU C 1754 -50.96 -41.07 -1.06
N ARG C 1755 -50.93 -41.78 -2.20
CA ARG C 1755 -51.65 -41.30 -3.37
C ARG C 1755 -53.15 -41.29 -3.13
N ASN C 1756 -53.64 -42.15 -2.25
CA ASN C 1756 -55.06 -42.14 -1.90
C ASN C 1756 -55.38 -41.03 -0.91
N LYS C 1757 -54.45 -40.77 0.02
CA LYS C 1757 -54.63 -39.70 0.99
C LYS C 1757 -54.64 -38.34 0.31
N ARG C 1758 -53.75 -38.12 -0.66
CA ARG C 1758 -53.67 -36.87 -1.42
C ARG C 1758 -54.68 -36.81 -2.57
N ARG C 1759 -55.59 -37.78 -2.67
CA ARG C 1759 -56.71 -37.80 -3.63
C ARG C 1759 -56.26 -37.70 -5.09
N TYR C 1760 -55.22 -38.46 -5.46
CA TYR C 1760 -54.85 -38.53 -6.88
C TYR C 1760 -55.77 -39.45 -7.68
N TYR C 1761 -56.19 -40.58 -7.11
CA TYR C 1761 -57.16 -41.42 -7.80
C TYR C 1761 -58.52 -40.72 -7.85
N GLN C 1762 -59.24 -40.94 -8.94
CA GLN C 1762 -60.49 -40.22 -9.16
C GLN C 1762 -61.49 -41.10 -9.89
N ASP C 1763 -62.77 -40.96 -9.51
CA ASP C 1763 -63.91 -41.65 -10.11
C ASP C 1763 -63.76 -43.17 -10.09
N ARG C 1764 -63.27 -43.71 -8.97
CA ARG C 1764 -63.20 -45.16 -8.72
C ARG C 1764 -62.42 -45.91 -9.78
N ASP C 1765 -61.31 -45.32 -10.25
CA ASP C 1765 -60.43 -46.04 -11.16
C ASP C 1765 -59.81 -47.27 -10.51
N ASN C 1766 -59.65 -47.25 -9.20
CA ASN C 1766 -58.98 -48.31 -8.47
C ASN C 1766 -59.91 -49.36 -7.89
N HIS C 1767 -61.19 -49.37 -8.28
CA HIS C 1767 -62.12 -50.37 -7.80
C HIS C 1767 -62.18 -51.57 -8.73
N HIS C 1768 -62.48 -52.74 -8.16
CA HIS C 1768 -62.56 -53.98 -8.90
C HIS C 1768 -63.42 -54.96 -8.15
N SER C 1769 -63.96 -55.95 -8.88
CA SER C 1769 -64.76 -57.02 -8.28
C SER C 1769 -64.87 -58.17 -9.26
N HIS C 1770 -65.19 -59.35 -8.71
CA HIS C 1770 -65.47 -60.57 -9.46
C HIS C 1770 -64.31 -60.99 -10.38
N GLY C 1771 -63.07 -60.73 -9.97
CA GLY C 1771 -61.94 -61.17 -10.75
C GLY C 1771 -61.52 -60.24 -11.87
N SER C 1772 -62.14 -59.07 -11.99
CA SER C 1772 -61.74 -58.09 -12.97
C SER C 1772 -60.48 -57.36 -12.53
N TYR C 1773 -59.66 -56.96 -13.50
CA TYR C 1773 -58.51 -56.11 -13.20
C TYR C 1773 -58.95 -54.67 -12.97
N PRO C 1774 -58.22 -53.93 -12.15
CA PRO C 1774 -58.46 -52.49 -12.04
C PRO C 1774 -57.84 -51.73 -13.20
N ARG C 1775 -58.23 -50.47 -13.32
CA ARG C 1775 -57.55 -49.59 -14.26
C ARG C 1775 -56.32 -48.94 -13.63
N VAL C 1776 -56.36 -48.68 -12.33
CA VAL C 1776 -55.25 -48.09 -11.59
C VAL C 1776 -54.95 -48.98 -10.39
N ASP C 1777 -53.68 -49.31 -10.19
CA ASP C 1777 -53.26 -50.24 -9.15
C ASP C 1777 -52.90 -49.47 -7.88
N ASP C 1778 -53.74 -49.59 -6.85
CA ASP C 1778 -53.38 -49.06 -5.55
C ASP C 1778 -52.49 -50.04 -4.79
N TYR C 1779 -51.96 -49.56 -3.65
CA TYR C 1779 -50.79 -50.17 -3.03
C TYR C 1779 -51.08 -51.58 -2.50
N HIS C 1780 -52.25 -51.75 -1.87
CA HIS C 1780 -52.61 -53.06 -1.33
C HIS C 1780 -52.76 -54.09 -2.44
N PHE C 1781 -53.26 -53.67 -3.60
CA PHE C 1781 -53.39 -54.57 -4.74
C PHE C 1781 -52.04 -54.98 -5.28
N TYR C 1782 -51.09 -54.05 -5.34
CA TYR C 1782 -49.72 -54.36 -5.74
C TYR C 1782 -49.11 -55.41 -4.83
N LEU C 1783 -49.27 -55.22 -3.51
CA LEU C 1783 -48.70 -56.17 -2.55
C LEU C 1783 -49.31 -57.55 -2.68
N SER C 1784 -50.64 -57.63 -2.73
CA SER C 1784 -51.31 -58.93 -2.83
C SER C 1784 -51.03 -59.61 -4.16
N TYR C 1785 -50.95 -58.81 -5.23
CA TYR C 1785 -50.68 -59.34 -6.57
C TYR C 1785 -49.34 -60.04 -6.64
N HIS C 1786 -48.28 -59.41 -6.11
CA HIS C 1786 -47.00 -60.09 -6.17
C HIS C 1786 -46.88 -61.20 -5.13
N ALA C 1787 -47.57 -61.06 -3.99
CA ALA C 1787 -47.50 -62.11 -2.97
C ALA C 1787 -48.13 -63.41 -3.45
N MET C 1788 -49.19 -63.34 -4.27
CA MET C 1788 -49.81 -64.56 -4.76
C MET C 1788 -48.88 -65.36 -5.68
N PHE C 1789 -48.20 -64.68 -6.60
CA PHE C 1789 -47.28 -65.36 -7.50
C PHE C 1789 -46.03 -65.84 -6.77
N MET C 1790 -45.63 -65.18 -5.68
CA MET C 1790 -44.55 -65.77 -4.89
C MET C 1790 -45.02 -66.92 -4.01
N THR C 1791 -46.32 -66.97 -3.68
CA THR C 1791 -46.85 -68.09 -2.91
C THR C 1791 -46.90 -69.37 -3.74
N ALA C 1792 -47.36 -69.27 -4.98
CA ALA C 1792 -47.57 -70.47 -5.81
C ALA C 1792 -46.28 -71.25 -6.06
N GLY C 1793 -45.17 -70.53 -6.19
CA GLY C 1793 -43.90 -71.18 -6.48
C GLY C 1793 -43.42 -72.11 -5.38
N GLN C 1794 -43.83 -71.86 -4.14
CA GLN C 1794 -43.53 -72.82 -3.08
C GLN C 1794 -44.39 -74.07 -3.19
N LEU C 1795 -45.67 -73.90 -3.56
CA LEU C 1795 -46.57 -75.05 -3.63
C LEU C 1795 -46.18 -76.01 -4.74
N LEU C 1796 -45.61 -75.49 -5.83
CA LEU C 1796 -44.98 -76.42 -6.78
C LEU C 1796 -43.82 -77.16 -6.16
N ALA C 1797 -43.11 -76.54 -5.23
CA ALA C 1797 -41.93 -77.16 -4.65
C ALA C 1797 -42.22 -78.04 -3.43
N THR C 1798 -43.47 -78.14 -2.98
CA THR C 1798 -43.75 -78.91 -1.77
C THR C 1798 -44.94 -79.86 -1.85
N LYS C 1799 -45.82 -79.71 -2.85
CA LYS C 1799 -47.10 -80.41 -2.75
C LYS C 1799 -47.65 -80.88 -4.10
N PRO C 1800 -48.11 -82.12 -4.19
CA PRO C 1800 -48.69 -82.61 -5.45
C PRO C 1800 -50.04 -81.98 -5.73
N LEU C 1801 -50.34 -81.84 -7.02
CA LEU C 1801 -51.58 -81.21 -7.45
C LEU C 1801 -52.68 -82.25 -7.70
N VAL C 1802 -53.91 -81.77 -7.76
CA VAL C 1802 -55.10 -82.60 -7.90
C VAL C 1802 -55.75 -82.29 -9.24
N GLY C 1803 -55.89 -83.32 -10.07
CA GLY C 1803 -56.55 -83.18 -11.35
C GLY C 1803 -58.05 -83.03 -11.24
N GLU C 1810 -54.37 -82.90 -19.00
CA GLU C 1810 -53.95 -83.67 -17.84
C GLU C 1810 -53.15 -82.81 -16.87
N ASP C 1811 -52.99 -81.54 -17.21
CA ASP C 1811 -52.27 -80.59 -16.37
C ASP C 1811 -53.21 -79.43 -16.09
N VAL C 1812 -53.45 -79.16 -14.80
CA VAL C 1812 -54.38 -78.11 -14.40
C VAL C 1812 -53.68 -76.78 -14.20
N PHE C 1813 -52.37 -76.77 -13.99
CA PHE C 1813 -51.69 -75.55 -13.57
C PHE C 1813 -51.58 -74.55 -14.71
N GLN C 1814 -51.36 -75.03 -15.95
CA GLN C 1814 -51.28 -74.14 -17.09
C GLN C 1814 -52.62 -73.47 -17.35
N ASP C 1815 -53.72 -74.19 -17.16
CA ASP C 1815 -55.04 -73.62 -17.37
C ASP C 1815 -55.39 -72.59 -16.31
N TRP C 1816 -54.71 -72.62 -15.16
CA TRP C 1816 -54.84 -71.52 -14.20
C TRP C 1816 -53.94 -70.36 -14.60
N LEU C 1817 -52.70 -70.65 -14.98
CA LEU C 1817 -51.72 -69.61 -15.21
C LEU C 1817 -52.06 -68.76 -16.42
N ARG C 1818 -52.65 -69.36 -17.46
CA ARG C 1818 -52.92 -68.58 -18.66
C ARG C 1818 -54.05 -67.57 -18.48
N ARG C 1819 -54.75 -67.60 -17.34
CA ARG C 1819 -55.67 -66.52 -16.98
C ARG C 1819 -54.94 -65.20 -16.80
N HIS C 1820 -53.65 -65.24 -16.49
CA HIS C 1820 -52.88 -64.05 -16.16
C HIS C 1820 -51.79 -63.80 -17.20
N ASP C 1821 -52.11 -63.95 -18.48
CA ASP C 1821 -51.12 -63.93 -19.54
C ASP C 1821 -51.66 -63.09 -20.71
N ILE C 1822 -50.78 -62.79 -21.66
CA ILE C 1822 -51.21 -62.10 -22.87
C ILE C 1822 -52.12 -62.99 -23.70
N SER C 1823 -52.83 -62.38 -24.64
CA SER C 1823 -54.02 -63.01 -25.22
C SER C 1823 -53.74 -64.06 -26.28
N ARG C 1824 -52.58 -64.03 -26.95
CA ARG C 1824 -52.36 -64.83 -28.14
C ARG C 1824 -51.44 -66.01 -27.88
N ASN C 1825 -51.79 -67.16 -28.46
CA ASN C 1825 -51.01 -68.37 -28.29
C ASN C 1825 -49.72 -68.40 -29.11
N ASP C 1826 -49.63 -67.58 -30.15
CA ASP C 1826 -48.44 -67.51 -30.99
C ASP C 1826 -47.49 -66.41 -30.56
N HIS C 1827 -47.66 -65.87 -29.35
CA HIS C 1827 -46.78 -64.91 -28.67
C HIS C 1827 -46.72 -63.55 -29.34
N ARG C 1828 -47.57 -63.28 -30.32
CA ARG C 1828 -47.67 -61.93 -30.86
C ARG C 1828 -48.67 -61.11 -30.03
N TRP C 1829 -48.73 -59.82 -30.31
CA TRP C 1829 -49.62 -58.93 -29.56
C TRP C 1829 -50.88 -58.62 -30.36
N LEU C 1830 -51.91 -58.15 -29.64
CA LEU C 1830 -53.15 -57.75 -30.29
C LEU C 1830 -52.98 -56.51 -31.15
N ALA C 1831 -51.94 -55.72 -30.90
CA ALA C 1831 -51.68 -54.52 -31.68
C ALA C 1831 -51.32 -54.82 -33.12
N ASP C 1832 -50.88 -56.05 -33.41
CA ASP C 1832 -50.54 -56.44 -34.76
C ASP C 1832 -51.78 -56.73 -35.61
N ARG C 1833 -52.93 -56.96 -34.98
CA ARG C 1833 -54.14 -57.33 -35.69
C ARG C 1833 -54.96 -56.15 -36.17
N ARG C 1834 -54.74 -54.95 -35.63
CA ARG C 1834 -55.63 -53.83 -35.93
C ARG C 1834 -55.40 -53.31 -37.35
N ASP C 1835 -56.50 -52.98 -38.03
CA ASP C 1835 -56.48 -52.39 -39.36
C ASP C 1835 -57.18 -51.03 -39.33
N ILE C 1836 -56.85 -50.19 -40.31
CA ILE C 1836 -57.49 -48.89 -40.50
C ILE C 1836 -58.93 -49.09 -40.98
N PRO C 1837 -59.84 -48.15 -40.75
CA PRO C 1837 -61.24 -48.34 -41.16
C PRO C 1837 -61.40 -48.44 -42.66
N PRO C 1838 -62.37 -49.23 -43.13
CA PRO C 1838 -62.63 -49.32 -44.56
C PRO C 1838 -63.30 -48.08 -45.12
N LYS C 1839 -63.28 -47.99 -46.45
CA LYS C 1839 -63.84 -46.85 -47.17
C LYS C 1839 -65.36 -46.80 -47.03
N GLU C 1840 -65.89 -45.59 -46.92
CA GLU C 1840 -67.27 -45.39 -46.50
C GLU C 1840 -68.28 -45.73 -47.61
N ARG C 1841 -69.48 -46.13 -47.18
CA ARG C 1841 -70.59 -46.40 -48.07
C ARG C 1841 -71.19 -45.09 -48.59
N SER C 1842 -71.46 -45.05 -49.91
CA SER C 1842 -71.90 -43.81 -50.56
C SER C 1842 -73.23 -43.30 -50.02
N SER C 1843 -74.15 -44.22 -49.71
CA SER C 1843 -75.45 -43.83 -49.18
C SER C 1843 -75.31 -43.09 -47.86
N TRP C 1844 -74.30 -43.47 -47.05
CA TRP C 1844 -74.03 -42.78 -45.80
C TRP C 1844 -73.62 -41.33 -46.03
N LEU C 1845 -72.64 -41.11 -46.92
CA LEU C 1845 -72.17 -39.74 -47.20
C LEU C 1845 -73.28 -38.87 -47.75
N ASN C 1846 -74.03 -39.37 -48.72
CA ASN C 1846 -75.05 -38.51 -49.32
C ASN C 1846 -76.27 -38.34 -48.43
N SER C 1847 -76.69 -39.40 -47.73
CA SER C 1847 -77.88 -39.33 -46.89
C SER C 1847 -77.63 -38.66 -45.55
N SER C 1848 -76.37 -38.34 -45.22
CA SER C 1848 -76.09 -37.57 -44.00
C SER C 1848 -76.80 -36.22 -43.98
N SER C 1849 -77.13 -35.66 -45.14
CA SER C 1849 -77.73 -34.33 -45.22
C SER C 1849 -79.22 -34.31 -44.91
N ASP C 1850 -79.89 -35.46 -44.91
CA ASP C 1850 -81.34 -35.49 -44.84
C ASP C 1850 -81.85 -35.22 -43.42
N ASN C 1851 -83.15 -34.93 -43.32
CA ASN C 1851 -83.78 -34.65 -42.04
C ASN C 1851 -83.94 -35.91 -41.20
N ARG C 1852 -83.75 -35.78 -39.88
CA ARG C 1852 -83.48 -36.96 -39.05
C ARG C 1852 -84.71 -37.80 -38.80
N ASP C 1853 -85.85 -37.17 -38.47
CA ASP C 1853 -87.06 -37.93 -38.14
C ASP C 1853 -87.56 -38.73 -39.33
N GLU C 1854 -87.44 -38.17 -40.53
CA GLU C 1854 -87.72 -38.93 -41.74
C GLU C 1854 -86.71 -40.05 -41.95
N TRP C 1855 -85.43 -39.75 -41.73
CA TRP C 1855 -84.36 -40.69 -42.03
C TRP C 1855 -84.41 -41.92 -41.11
N LEU C 1856 -84.90 -41.76 -39.88
CA LEU C 1856 -85.02 -42.88 -38.97
C LEU C 1856 -86.03 -43.93 -39.42
N ALA C 1857 -86.90 -43.61 -40.38
CA ALA C 1857 -87.98 -44.50 -40.76
C ALA C 1857 -88.02 -44.87 -42.24
N SER C 1858 -87.05 -44.41 -43.05
CA SER C 1858 -87.14 -44.47 -44.49
C SER C 1858 -85.93 -45.17 -45.11
N ILE C 1859 -85.66 -46.41 -44.68
CA ILE C 1859 -84.54 -47.17 -45.22
C ILE C 1859 -84.82 -47.56 -46.67
N SER C 1860 -83.91 -47.17 -47.56
CA SER C 1860 -84.04 -47.52 -48.97
C SER C 1860 -83.43 -48.89 -49.26
N GLU C 1861 -83.76 -49.41 -50.45
CA GLU C 1861 -83.23 -50.70 -50.88
C GLU C 1861 -81.75 -50.63 -51.26
N ASN C 1862 -81.21 -49.43 -51.48
CA ASN C 1862 -79.84 -49.27 -51.97
C ASN C 1862 -78.81 -49.84 -51.00
N VAL C 1863 -79.02 -49.61 -49.69
CA VAL C 1863 -78.02 -49.94 -48.68
C VAL C 1863 -77.76 -51.44 -48.60
N PHE C 1864 -78.73 -52.27 -48.97
CA PHE C 1864 -78.50 -53.71 -49.02
C PHE C 1864 -77.57 -54.09 -50.17
N ASN C 1865 -77.71 -53.42 -51.31
CA ASN C 1865 -76.79 -53.65 -52.42
C ASN C 1865 -75.38 -53.19 -52.07
N GLU C 1866 -75.26 -52.07 -51.34
CA GLU C 1866 -73.94 -51.68 -50.84
C GLU C 1866 -73.40 -52.67 -49.82
N THR C 1867 -74.25 -53.19 -48.95
CA THR C 1867 -73.79 -54.07 -47.87
C THR C 1867 -73.27 -55.39 -48.41
N LEU C 1868 -74.02 -56.02 -49.33
CA LEU C 1868 -73.60 -57.34 -49.80
C LEU C 1868 -72.34 -57.27 -50.67
N CYS C 1869 -72.10 -56.14 -51.33
CA CYS C 1869 -70.97 -55.99 -52.23
C CYS C 1869 -70.14 -54.76 -51.86
N PRO C 1870 -69.01 -54.95 -51.17
CA PRO C 1870 -68.16 -53.79 -50.84
C PRO C 1870 -67.52 -53.15 -52.05
N SER C 1871 -67.15 -53.95 -53.05
CA SER C 1871 -66.32 -53.52 -54.16
C SER C 1871 -66.53 -54.51 -55.31
N PRO C 1872 -66.30 -54.09 -56.56
CA PRO C 1872 -66.57 -54.98 -57.69
C PRO C 1872 -65.70 -56.22 -57.69
N GLY C 1873 -66.34 -57.38 -57.85
CA GLY C 1873 -65.68 -58.65 -57.74
C GLY C 1873 -65.61 -59.22 -56.34
N LEU C 1874 -66.15 -58.54 -55.34
CA LEU C 1874 -66.05 -58.97 -53.94
C LEU C 1874 -67.41 -59.00 -53.28
N LEU C 1875 -67.59 -59.95 -52.36
CA LEU C 1875 -68.84 -60.14 -51.62
C LEU C 1875 -68.53 -60.36 -50.13
N THR C 1876 -69.43 -59.84 -49.29
CA THR C 1876 -69.30 -60.01 -47.83
C THR C 1876 -69.95 -61.30 -47.40
N LEU C 1877 -69.20 -62.16 -46.69
CA LEU C 1877 -69.82 -63.38 -46.17
C LEU C 1877 -70.25 -63.24 -44.73
N TRP C 1878 -69.53 -62.45 -43.93
CA TRP C 1878 -69.82 -62.33 -42.51
C TRP C 1878 -69.40 -60.95 -42.07
N GLY C 1879 -70.09 -60.42 -41.07
CA GLY C 1879 -69.71 -59.12 -40.55
C GLY C 1879 -70.78 -58.52 -39.68
N ARG C 1880 -70.34 -57.56 -38.87
CA ARG C 1880 -71.22 -56.83 -37.96
C ARG C 1880 -70.51 -55.54 -37.57
N TRP C 1881 -71.11 -54.39 -37.89
CA TRP C 1881 -70.45 -53.13 -37.56
C TRP C 1881 -71.45 -52.00 -37.43
N SER C 1882 -70.95 -50.87 -36.91
CA SER C 1882 -71.73 -49.67 -36.69
C SER C 1882 -70.97 -48.46 -37.22
N ASP C 1883 -71.69 -47.54 -37.84
CA ASP C 1883 -71.11 -46.31 -38.38
C ASP C 1883 -71.77 -45.11 -37.74
N VAL C 1884 -70.96 -44.11 -37.37
CA VAL C 1884 -71.33 -43.12 -36.36
C VAL C 1884 -71.10 -41.72 -36.91
N CYS C 1885 -72.01 -40.80 -36.58
CA CYS C 1885 -71.76 -39.38 -36.75
C CYS C 1885 -72.29 -38.65 -35.51
N SER C 1886 -72.31 -37.32 -35.58
CA SER C 1886 -72.69 -36.49 -34.44
C SER C 1886 -74.15 -36.63 -34.03
N ASP C 1887 -75.01 -37.10 -34.93
CA ASP C 1887 -76.44 -37.16 -34.66
C ASP C 1887 -77.08 -38.52 -34.92
N ARG C 1888 -76.39 -39.43 -35.59
CA ARG C 1888 -77.02 -40.63 -36.11
C ARG C 1888 -76.03 -41.79 -36.02
N LYS C 1889 -76.58 -43.01 -36.01
CA LYS C 1889 -75.73 -44.18 -36.13
C LYS C 1889 -76.49 -45.29 -36.85
N GLU C 1890 -75.75 -46.10 -37.61
CA GLU C 1890 -76.30 -47.24 -38.32
C GLU C 1890 -75.62 -48.51 -37.86
N SER C 1891 -76.39 -49.60 -37.82
CA SER C 1891 -75.88 -50.93 -37.47
C SER C 1891 -76.20 -51.91 -38.57
N ILE C 1892 -75.23 -52.78 -38.90
CA ILE C 1892 -75.31 -53.70 -40.02
C ILE C 1892 -74.83 -55.07 -39.57
N ILE C 1893 -75.61 -56.12 -39.90
CA ILE C 1893 -75.27 -57.51 -39.58
C ILE C 1893 -75.44 -58.37 -40.83
N VAL C 1894 -74.51 -59.31 -41.06
CA VAL C 1894 -74.54 -60.20 -42.23
C VAL C 1894 -74.31 -61.64 -41.77
N HIS C 1895 -75.07 -62.59 -42.34
CA HIS C 1895 -74.87 -64.02 -42.09
C HIS C 1895 -74.94 -64.80 -43.39
N SER C 1896 -74.28 -65.96 -43.44
CA SER C 1896 -74.31 -66.83 -44.62
C SER C 1896 -74.23 -68.30 -44.22
N ALA C 1897 -74.89 -69.15 -45.01
CA ALA C 1897 -74.82 -70.60 -44.80
C ALA C 1897 -75.22 -71.37 -46.06
N LEU C 1898 -74.81 -72.63 -46.11
CA LEU C 1898 -75.05 -73.51 -47.24
C LEU C 1898 -76.32 -74.33 -47.05
N VAL C 1899 -77.07 -74.53 -48.15
CA VAL C 1899 -78.32 -75.27 -48.16
C VAL C 1899 -78.36 -76.15 -49.40
N SER C 1900 -78.99 -77.31 -49.28
CA SER C 1900 -79.12 -78.28 -50.37
C SER C 1900 -79.77 -77.63 -51.59
N PRO C 1901 -79.29 -77.94 -52.80
CA PRO C 1901 -79.70 -77.16 -54.00
C PRO C 1901 -81.19 -77.14 -54.29
N GLU C 1902 -81.88 -78.28 -54.17
CA GLU C 1902 -83.32 -78.31 -54.40
C GLU C 1902 -84.07 -77.68 -53.23
N ARG C 1903 -83.65 -77.99 -52.00
CA ARG C 1903 -84.35 -77.50 -50.81
C ARG C 1903 -84.22 -75.99 -50.64
N SER C 1904 -83.22 -75.38 -51.28
CA SER C 1904 -82.99 -73.94 -51.18
C SER C 1904 -84.18 -73.14 -51.69
N LEU C 1905 -84.83 -73.65 -52.75
CA LEU C 1905 -85.98 -72.97 -53.33
C LEU C 1905 -87.15 -72.93 -52.35
N SER C 1906 -87.24 -73.92 -51.47
CA SER C 1906 -88.24 -73.90 -50.41
C SER C 1906 -87.80 -73.01 -49.25
N LEU C 1907 -86.52 -73.06 -48.88
CA LEU C 1907 -86.04 -72.33 -47.70
C LEU C 1907 -86.10 -70.83 -47.90
N LEU C 1908 -85.91 -70.37 -49.15
CA LEU C 1908 -85.96 -68.94 -49.44
C LEU C 1908 -87.33 -68.36 -49.13
N ARG C 1909 -88.39 -69.10 -49.45
CA ARG C 1909 -89.73 -68.70 -49.05
C ARG C 1909 -89.97 -68.95 -47.57
N ALA C 1910 -89.39 -70.04 -47.03
CA ALA C 1910 -89.68 -70.46 -45.66
C ALA C 1910 -89.21 -69.42 -44.64
N LEU C 1911 -88.00 -68.89 -44.82
CA LEU C 1911 -87.47 -67.97 -43.81
C LEU C 1911 -88.16 -66.61 -43.85
N GLN C 1912 -88.54 -66.14 -45.05
CA GLN C 1912 -89.13 -64.81 -45.14
C GLN C 1912 -90.57 -64.77 -44.65
N THR C 1913 -91.28 -65.90 -44.72
CA THR C 1913 -92.67 -65.97 -44.23
C THR C 1913 -92.62 -66.30 -42.74
N THR C 1914 -92.52 -65.26 -41.92
CA THR C 1914 -92.34 -65.44 -40.48
C THR C 1914 -92.98 -64.30 -39.70
N LYS C 1915 -93.26 -64.58 -38.42
CA LYS C 1915 -93.68 -63.54 -37.47
C LYS C 1915 -92.51 -62.78 -36.88
N ASN C 1916 -91.33 -63.39 -36.81
CA ASN C 1916 -90.19 -62.83 -36.09
C ASN C 1916 -88.90 -63.33 -36.73
N VAL C 1917 -87.83 -62.56 -36.56
CA VAL C 1917 -86.54 -62.92 -37.14
C VAL C 1917 -85.47 -63.05 -36.07
N TYR C 1918 -85.77 -62.61 -34.84
CA TYR C 1918 -84.82 -62.73 -33.75
C TYR C 1918 -84.81 -64.11 -33.09
N ASP C 1919 -85.83 -64.94 -33.34
CA ASP C 1919 -85.92 -66.22 -32.65
C ASP C 1919 -85.25 -67.38 -33.36
N TYR C 1920 -84.74 -67.18 -34.58
CA TYR C 1920 -84.08 -68.26 -35.32
C TYR C 1920 -82.75 -67.77 -35.89
N LYS C 1921 -81.88 -68.73 -36.17
CA LYS C 1921 -80.47 -68.47 -36.43
C LYS C 1921 -80.02 -69.14 -37.73
N ILE C 1922 -79.31 -68.38 -38.56
CA ILE C 1922 -78.52 -68.95 -39.64
C ILE C 1922 -77.26 -69.55 -39.02
N PRO C 1923 -76.99 -70.85 -39.22
CA PRO C 1923 -76.03 -71.54 -38.37
C PRO C 1923 -74.59 -71.17 -38.66
N ASP C 1924 -73.74 -71.48 -37.68
CA ASP C 1924 -72.30 -71.36 -37.79
C ASP C 1924 -71.67 -72.63 -37.24
N ALA C 1925 -70.43 -72.89 -37.65
CA ALA C 1925 -69.73 -74.09 -37.20
C ALA C 1925 -69.36 -74.02 -35.72
N GLN C 1937 -80.94 -80.03 -46.02
CA GLN C 1937 -79.92 -79.71 -45.03
C GLN C 1937 -79.49 -78.26 -45.10
N LEU C 1938 -79.51 -77.58 -43.95
CA LEU C 1938 -78.92 -76.26 -43.79
C LEU C 1938 -77.72 -76.41 -42.84
N LYS C 1939 -76.55 -75.95 -43.29
CA LYS C 1939 -75.30 -76.35 -42.66
C LYS C 1939 -74.40 -75.15 -42.43
N GLY C 1940 -73.68 -75.15 -41.30
CA GLY C 1940 -72.81 -74.04 -40.97
C GLY C 1940 -71.54 -74.00 -41.81
N TRP C 1941 -71.02 -72.78 -41.99
CA TRP C 1941 -69.93 -72.58 -42.94
C TRP C 1941 -68.75 -71.81 -42.34
N ILE C 1942 -69.02 -70.79 -41.51
CA ILE C 1942 -68.00 -69.94 -40.90
C ILE C 1942 -68.03 -70.14 -39.38
N LYS C 1943 -66.88 -70.00 -38.73
CA LYS C 1943 -66.81 -70.02 -37.27
C LYS C 1943 -66.63 -68.60 -36.72
N ASP C 1944 -67.18 -68.38 -35.52
CA ASP C 1944 -67.45 -67.05 -34.99
C ASP C 1944 -66.22 -66.48 -34.25
N ILE C 1945 -66.33 -65.20 -33.88
CA ILE C 1945 -65.28 -64.50 -33.15
C ILE C 1945 -65.19 -65.02 -31.72
N ALA C 1946 -63.97 -65.03 -31.17
CA ALA C 1946 -63.75 -65.44 -29.79
C ALA C 1946 -64.14 -64.34 -28.81
N GLU C 1947 -64.31 -64.73 -27.55
CA GLU C 1947 -64.80 -63.83 -26.51
C GLU C 1947 -63.74 -63.47 -25.47
N TYR C 1948 -62.76 -64.33 -25.24
CA TYR C 1948 -61.75 -64.12 -24.21
C TYR C 1948 -60.77 -63.04 -24.64
N CYS C 1949 -60.32 -62.23 -23.67
CA CYS C 1949 -59.24 -61.27 -23.90
C CYS C 1949 -58.24 -61.33 -22.76
N GLY C 1950 -56.97 -61.14 -23.08
CA GLY C 1950 -55.89 -61.23 -22.11
C GLY C 1950 -55.56 -59.88 -21.50
N ILE C 1951 -54.40 -59.84 -20.82
CA ILE C 1951 -53.99 -58.63 -20.12
C ILE C 1951 -53.56 -57.50 -21.04
N ASP C 1952 -53.32 -57.77 -22.32
CA ASP C 1952 -53.04 -56.66 -23.24
C ASP C 1952 -54.30 -55.98 -23.75
N GLU C 1953 -55.45 -56.23 -23.12
CA GLU C 1953 -56.68 -55.52 -23.44
C GLU C 1953 -56.62 -54.03 -23.09
N PHE C 1954 -55.68 -53.62 -22.25
CA PHE C 1954 -55.53 -52.22 -21.86
C PHE C 1954 -54.48 -51.47 -22.66
N ASP C 1955 -53.88 -52.09 -23.67
CA ASP C 1955 -52.90 -51.41 -24.49
C ASP C 1955 -53.63 -50.35 -25.31
N PRO C 1956 -53.25 -49.07 -25.24
CA PRO C 1956 -53.91 -48.05 -26.05
C PRO C 1956 -53.79 -48.26 -27.54
N TRP C 1957 -52.69 -48.83 -28.01
CA TRP C 1957 -52.46 -48.95 -29.44
C TRP C 1957 -53.22 -50.11 -30.06
N ALA C 1958 -53.68 -51.06 -29.25
CA ALA C 1958 -54.60 -52.09 -29.71
C ALA C 1958 -56.02 -51.62 -29.41
N GLY C 1959 -56.77 -51.31 -30.46
CA GLY C 1959 -58.06 -50.68 -30.30
C GLY C 1959 -59.18 -51.58 -29.81
N ASN C 1960 -58.96 -52.25 -28.67
CA ASN C 1960 -59.93 -53.13 -28.03
C ASN C 1960 -60.38 -54.25 -28.98
N VAL C 1961 -59.43 -54.76 -29.75
CA VAL C 1961 -59.70 -55.84 -30.69
C VAL C 1961 -59.59 -57.20 -30.01
N ARG C 1962 -60.04 -58.25 -30.70
CA ARG C 1962 -59.94 -59.64 -30.29
C ARG C 1962 -59.30 -60.41 -31.44
N PHE C 1963 -58.44 -61.39 -31.13
CA PHE C 1963 -57.63 -61.96 -32.21
C PHE C 1963 -58.38 -62.93 -33.12
N PRO C 1964 -59.04 -64.03 -32.63
CA PRO C 1964 -59.68 -64.93 -33.60
C PRO C 1964 -60.93 -64.35 -34.22
N ILE C 1965 -60.75 -63.46 -35.20
CA ILE C 1965 -61.85 -62.86 -35.95
C ILE C 1965 -62.35 -63.90 -36.94
N PRO C 1966 -63.59 -63.80 -37.48
CA PRO C 1966 -64.19 -64.93 -38.20
C PRO C 1966 -63.42 -65.40 -39.43
N GLU C 1967 -63.56 -66.69 -39.70
CA GLU C 1967 -62.77 -67.41 -40.69
C GLU C 1967 -63.56 -68.65 -41.07
N PRO C 1968 -63.23 -69.30 -42.20
CA PRO C 1968 -63.93 -70.54 -42.54
C PRO C 1968 -63.63 -71.66 -41.56
N ALA C 1969 -64.58 -72.59 -41.43
CA ALA C 1969 -64.36 -73.79 -40.64
C ALA C 1969 -63.28 -74.66 -41.28
N SER C 1970 -62.80 -75.62 -40.48
CA SER C 1970 -61.59 -76.37 -40.84
C SER C 1970 -61.74 -77.14 -42.14
N PHE C 1971 -62.94 -77.68 -42.40
CA PHE C 1971 -63.11 -78.52 -43.57
C PHE C 1971 -63.05 -77.71 -44.86
N ILE C 1972 -63.40 -76.42 -44.83
CA ILE C 1972 -63.23 -75.59 -46.03
C ILE C 1972 -61.75 -75.33 -46.30
N ILE C 1973 -60.99 -75.01 -45.25
CA ILE C 1973 -59.56 -74.75 -45.40
C ILE C 1973 -58.84 -76.00 -45.88
N ASP C 1974 -59.23 -77.17 -45.37
CA ASP C 1974 -58.64 -78.42 -45.83
C ASP C 1974 -59.06 -78.73 -47.27
N ALA C 1975 -60.36 -78.67 -47.55
CA ALA C 1975 -60.88 -79.04 -48.86
C ALA C 1975 -60.44 -78.09 -49.97
N MET C 1976 -60.08 -76.85 -49.62
CA MET C 1976 -59.66 -75.91 -50.64
C MET C 1976 -58.15 -75.68 -50.65
N LYS C 1977 -57.41 -76.25 -49.69
CA LYS C 1977 -55.95 -76.12 -49.57
C LYS C 1977 -55.51 -74.67 -49.44
N LEU C 1978 -56.12 -73.93 -48.52
CA LEU C 1978 -55.78 -72.52 -48.37
C LEU C 1978 -54.50 -72.34 -47.55
N THR C 1979 -53.86 -71.19 -47.74
CA THR C 1979 -52.68 -70.80 -46.98
C THR C 1979 -52.83 -69.34 -46.59
N THR C 1980 -52.11 -68.94 -45.54
CA THR C 1980 -52.33 -67.61 -44.98
C THR C 1980 -51.08 -67.12 -44.26
N ASP C 1981 -51.12 -65.84 -43.89
CA ASP C 1981 -50.03 -65.14 -43.21
C ASP C 1981 -50.09 -65.38 -41.70
N LYS C 1982 -49.19 -64.71 -40.98
CA LYS C 1982 -49.05 -64.90 -39.55
C LYS C 1982 -50.19 -64.30 -38.72
N ASP C 1983 -50.98 -63.39 -39.29
CA ASP C 1983 -52.10 -62.79 -38.57
C ASP C 1983 -53.45 -63.12 -39.19
N HIS C 1984 -53.49 -64.10 -40.11
CA HIS C 1984 -54.69 -64.54 -40.82
C HIS C 1984 -55.38 -63.39 -41.55
N ARG C 1985 -54.59 -62.45 -42.10
CA ARG C 1985 -55.18 -61.31 -42.77
C ARG C 1985 -55.69 -61.67 -44.17
N VAL C 1986 -54.88 -62.38 -44.95
CA VAL C 1986 -55.18 -62.69 -46.34
C VAL C 1986 -55.03 -64.20 -46.54
N TRP C 1987 -55.95 -64.79 -47.32
CA TRP C 1987 -55.91 -66.20 -47.66
C TRP C 1987 -55.74 -66.38 -49.16
N TYR C 1988 -54.91 -67.35 -49.55
CA TYR C 1988 -54.68 -67.67 -50.95
C TYR C 1988 -55.09 -69.10 -51.28
N SER C 1989 -55.52 -69.27 -52.53
CA SER C 1989 -55.79 -70.57 -53.11
C SER C 1989 -54.47 -71.22 -53.54
N PRO C 1990 -54.46 -72.53 -53.78
CA PRO C 1990 -53.30 -73.15 -54.42
C PRO C 1990 -53.27 -72.99 -55.93
N SER C 1991 -54.20 -72.26 -56.54
CA SER C 1991 -54.31 -72.23 -57.99
C SER C 1991 -54.43 -70.85 -58.62
N ASP C 1992 -54.61 -69.78 -57.85
CA ASP C 1992 -54.88 -68.46 -58.42
C ASP C 1992 -54.01 -67.41 -57.76
N VAL C 1993 -53.83 -66.29 -58.46
CA VAL C 1993 -52.94 -65.23 -58.00
C VAL C 1993 -53.64 -64.30 -57.03
N GLU C 1994 -54.87 -63.87 -57.36
CA GLU C 1994 -55.59 -62.94 -56.53
C GLU C 1994 -56.13 -63.63 -55.27
N PRO C 1995 -56.28 -62.88 -54.17
CA PRO C 1995 -56.63 -63.50 -52.89
C PRO C 1995 -58.01 -64.12 -52.91
N ALA C 1996 -58.16 -65.20 -52.14
CA ALA C 1996 -59.47 -65.80 -51.95
C ALA C 1996 -60.34 -64.94 -51.04
N MET C 1997 -59.83 -64.58 -49.86
CA MET C 1997 -60.61 -63.93 -48.83
C MET C 1997 -59.74 -62.89 -48.11
N ILE C 1998 -60.40 -61.88 -47.54
CA ILE C 1998 -59.77 -60.84 -46.75
C ILE C 1998 -60.62 -60.57 -45.52
N SER C 1999 -59.97 -60.46 -44.35
CA SER C 1999 -60.64 -60.16 -43.09
C SER C 1999 -60.02 -58.92 -42.45
N SER C 2000 -60.84 -58.13 -41.75
CA SER C 2000 -60.32 -56.93 -41.11
C SER C 2000 -61.16 -56.55 -39.90
N ILE C 2001 -60.55 -55.77 -38.99
CA ILE C 2001 -61.19 -55.32 -37.74
C ILE C 2001 -60.65 -53.93 -37.38
N TRP C 2002 -61.50 -53.08 -36.82
CA TRP C 2002 -61.11 -51.71 -36.50
C TRP C 2002 -61.90 -51.15 -35.33
N GLY C 2003 -61.32 -50.17 -34.65
CA GLY C 2003 -61.95 -49.53 -33.52
C GLY C 2003 -60.97 -48.70 -32.70
N HIS C 2004 -61.48 -48.15 -31.59
CA HIS C 2004 -60.71 -47.37 -30.62
C HIS C 2004 -60.99 -47.80 -29.19
N LEU C 2005 -60.02 -47.55 -28.31
CA LEU C 2005 -60.21 -47.73 -26.87
C LEU C 2005 -60.74 -46.43 -26.26
N SER C 2006 -61.91 -46.50 -25.63
CA SER C 2006 -62.58 -45.30 -25.16
C SER C 2006 -62.02 -44.82 -23.82
N GLY C 2007 -61.78 -43.52 -23.71
CA GLY C 2007 -61.51 -42.89 -22.43
C GLY C 2007 -62.78 -42.51 -21.71
N LYS C 2008 -62.61 -41.84 -20.57
CA LYS C 2008 -63.75 -41.38 -19.80
C LYS C 2008 -64.36 -40.13 -20.40
N ASN C 2009 -65.68 -40.00 -20.27
CA ASN C 2009 -66.46 -38.83 -20.67
C ASN C 2009 -66.22 -38.48 -22.14
N ASP C 2010 -66.32 -39.50 -23.00
CA ASP C 2010 -65.84 -39.44 -24.37
C ASP C 2010 -66.86 -40.12 -25.27
N GLU C 2011 -66.97 -39.66 -26.52
CA GLU C 2011 -68.02 -40.22 -27.37
C GLU C 2011 -67.58 -41.50 -28.06
N GLU C 2012 -68.55 -42.35 -28.34
CA GLU C 2012 -68.38 -43.55 -29.15
C GLU C 2012 -68.11 -43.18 -30.59
N LYS C 2013 -67.36 -44.05 -31.29
CA LYS C 2013 -67.07 -43.85 -32.70
C LYS C 2013 -66.96 -45.19 -33.41
N SER C 2014 -66.83 -45.12 -34.74
CA SER C 2014 -67.04 -46.27 -35.62
C SER C 2014 -66.07 -47.41 -35.35
N HIS C 2015 -66.58 -48.63 -35.41
CA HIS C 2015 -65.83 -49.84 -35.11
C HIS C 2015 -66.54 -51.06 -35.70
N GLY C 2016 -65.82 -52.17 -35.81
CA GLY C 2016 -66.43 -53.42 -36.24
C GLY C 2016 -65.40 -54.34 -36.88
N TYR C 2017 -65.92 -55.36 -37.57
CA TYR C 2017 -65.10 -56.37 -38.24
C TYR C 2017 -65.86 -56.96 -39.42
N ARG C 2018 -65.11 -57.52 -40.37
CA ARG C 2018 -65.72 -57.98 -41.63
C ARG C 2018 -64.86 -59.06 -42.29
N LEU C 2019 -65.53 -59.95 -43.02
CA LEU C 2019 -64.91 -61.00 -43.84
C LEU C 2019 -65.51 -61.01 -45.24
N CYS C 2020 -64.65 -61.00 -46.25
CA CYS C 2020 -65.07 -60.85 -47.65
C CYS C 2020 -64.28 -61.80 -48.54
N ALA C 2021 -64.85 -62.11 -49.72
CA ALA C 2021 -64.19 -63.00 -50.68
C ALA C 2021 -64.49 -62.59 -52.12
N SER C 2022 -63.62 -63.07 -53.02
CA SER C 2022 -63.82 -62.88 -54.46
C SER C 2022 -64.87 -63.84 -55.00
N ILE C 2023 -65.52 -63.43 -56.09
CA ILE C 2023 -66.64 -64.19 -56.66
C ILE C 2023 -66.17 -65.51 -57.28
N HIS C 2024 -64.97 -65.52 -57.87
CA HIS C 2024 -64.45 -66.73 -58.49
C HIS C 2024 -64.27 -67.85 -57.46
N PHE C 2025 -63.76 -67.52 -56.28
CA PHE C 2025 -63.56 -68.50 -55.22
C PHE C 2025 -64.88 -69.13 -54.78
N ILE C 2026 -65.89 -68.30 -54.52
CA ILE C 2026 -67.15 -68.82 -54.00
C ILE C 2026 -67.87 -69.65 -55.06
N LYS C 2027 -67.74 -69.26 -56.35
CA LYS C 2027 -68.25 -70.13 -57.41
C LYS C 2027 -67.55 -71.48 -57.44
N SER C 2028 -66.22 -71.50 -57.32
CA SER C 2028 -65.50 -72.77 -57.32
C SER C 2028 -65.88 -73.63 -56.11
N ALA C 2029 -66.06 -72.99 -54.95
CA ALA C 2029 -66.48 -73.71 -53.75
C ALA C 2029 -67.86 -74.31 -53.91
N LEU C 2030 -68.80 -73.56 -54.50
CA LEU C 2030 -70.12 -74.13 -54.75
C LEU C 2030 -70.07 -75.24 -55.78
N GLU C 2031 -69.17 -75.14 -56.77
CA GLU C 2031 -69.06 -76.20 -57.77
C GLU C 2031 -68.40 -77.45 -57.22
N THR C 2032 -67.62 -77.35 -56.15
CA THR C 2032 -66.99 -78.54 -55.57
C THR C 2032 -67.77 -79.11 -54.40
N PHE C 2033 -68.26 -78.29 -53.47
CA PHE C 2033 -69.09 -78.80 -52.39
C PHE C 2033 -70.50 -79.14 -52.83
N ASN C 2034 -70.92 -78.67 -54.02
CA ASN C 2034 -72.22 -78.96 -54.63
C ASN C 2034 -73.36 -78.49 -53.72
N MET C 2035 -73.46 -77.16 -53.58
CA MET C 2035 -74.36 -76.58 -52.59
C MET C 2035 -74.88 -75.27 -53.14
N ASP C 2036 -75.99 -74.77 -52.56
CA ASP C 2036 -76.46 -73.42 -52.87
C ASP C 2036 -76.36 -72.53 -51.63
N LEU C 2037 -76.16 -71.22 -51.82
CA LEU C 2037 -75.78 -70.35 -50.71
C LEU C 2037 -76.92 -69.39 -50.34
N ILE C 2038 -77.25 -69.30 -49.05
CA ILE C 2038 -78.29 -68.38 -48.58
C ILE C 2038 -77.68 -67.46 -47.53
N LEU C 2039 -77.92 -66.16 -47.67
CA LEU C 2039 -77.30 -65.16 -46.80
C LEU C 2039 -78.33 -64.11 -46.43
N GLU C 2040 -78.11 -63.44 -45.30
CA GLU C 2040 -79.09 -62.51 -44.75
C GLU C 2040 -78.39 -61.23 -44.34
N VAL C 2041 -79.08 -60.10 -44.53
CA VAL C 2041 -78.58 -58.76 -44.28
C VAL C 2041 -79.58 -58.03 -43.40
N ASP C 2042 -79.09 -57.43 -42.32
CA ASP C 2042 -79.90 -56.67 -41.36
C ASP C 2042 -79.33 -55.26 -41.26
N VAL C 2043 -80.22 -54.26 -41.28
CA VAL C 2043 -79.86 -52.85 -41.13
C VAL C 2043 -80.77 -52.24 -40.07
N ASP C 2044 -80.18 -51.39 -39.22
CA ASP C 2044 -80.91 -50.72 -38.14
C ASP C 2044 -80.34 -49.32 -37.95
N ARG C 2045 -81.14 -48.42 -37.37
CA ARG C 2045 -80.80 -47.00 -37.29
C ARG C 2045 -81.16 -46.45 -35.92
N TYR C 2046 -80.33 -45.53 -35.40
CA TYR C 2046 -80.60 -44.89 -34.11
C TYR C 2046 -80.16 -43.43 -34.12
N SER C 2047 -80.77 -42.66 -33.22
CA SER C 2047 -80.46 -41.24 -33.03
C SER C 2047 -79.46 -41.04 -31.89
N ARG C 2048 -78.73 -39.93 -31.97
CA ARG C 2048 -77.77 -39.53 -30.95
C ARG C 2048 -77.95 -38.07 -30.59
N ASN C 2049 -77.93 -37.77 -29.30
CA ASN C 2049 -78.03 -36.40 -28.81
C ASN C 2049 -76.91 -36.08 -27.82
N SER C 2065 -85.90 -53.08 -37.01
CA SER C 2065 -84.85 -53.19 -38.03
C SER C 2065 -85.43 -53.69 -39.35
N SER C 2066 -84.70 -53.47 -40.44
CA SER C 2066 -85.09 -53.97 -41.74
C SER C 2066 -84.14 -55.06 -42.20
N THR C 2067 -84.70 -56.21 -42.58
CA THR C 2067 -83.93 -57.41 -42.88
C THR C 2067 -84.36 -57.99 -44.22
N ARG C 2068 -83.38 -58.43 -45.02
CA ARG C 2068 -83.65 -59.12 -46.27
C ARG C 2068 -82.67 -60.26 -46.46
N LEU C 2069 -83.09 -61.28 -47.21
CA LEU C 2069 -82.24 -62.44 -47.47
C LEU C 2069 -82.11 -62.68 -48.97
N PHE C 2070 -80.94 -63.17 -49.37
CA PHE C 2070 -80.57 -63.33 -50.77
C PHE C 2070 -80.00 -64.73 -50.95
N LEU C 2071 -80.28 -65.35 -52.10
CA LEU C 2071 -79.81 -66.71 -52.38
C LEU C 2071 -78.95 -66.67 -53.64
N PHE C 2072 -77.71 -67.16 -53.52
CA PHE C 2072 -76.72 -67.11 -54.59
C PHE C 2072 -76.54 -68.51 -55.15
N ARG C 2073 -76.56 -68.61 -56.48
CA ARG C 2073 -76.41 -69.85 -57.22
C ARG C 2073 -75.28 -69.77 -58.24
N HIS C 2074 -74.64 -70.92 -58.44
CA HIS C 2074 -73.33 -71.06 -59.08
C HIS C 2074 -73.31 -70.65 -60.55
N ASP C 2075 -74.46 -70.51 -61.19
CA ASP C 2075 -74.47 -69.90 -62.51
C ASP C 2075 -74.37 -68.37 -62.45
N GLY C 2076 -74.06 -67.82 -61.26
CA GLY C 2076 -73.73 -66.43 -61.09
C GLY C 2076 -74.95 -65.56 -60.86
N THR C 2077 -75.97 -66.11 -60.20
CA THR C 2077 -77.23 -65.38 -60.06
C THR C 2077 -77.61 -65.23 -58.60
N ILE C 2078 -78.35 -64.16 -58.30
CA ILE C 2078 -78.86 -63.87 -56.97
C ILE C 2078 -80.38 -63.79 -57.06
N HIS C 2079 -81.07 -64.45 -56.14
CA HIS C 2079 -82.52 -64.48 -56.11
C HIS C 2079 -83.03 -64.01 -54.76
N THR C 2080 -84.19 -63.36 -54.79
CA THR C 2080 -84.94 -63.00 -53.59
C THR C 2080 -86.38 -63.48 -53.77
N LEU C 2081 -87.18 -63.28 -52.74
CA LEU C 2081 -88.62 -63.54 -52.85
C LEU C 2081 -89.28 -62.62 -53.87
N TYR C 2082 -88.73 -61.43 -54.08
CA TYR C 2082 -89.38 -60.39 -54.87
C TYR C 2082 -88.76 -60.19 -56.25
N GLY C 2083 -87.50 -60.53 -56.45
CA GLY C 2083 -86.88 -60.35 -57.76
C GLY C 2083 -85.46 -60.88 -57.78
N ASN C 2084 -84.94 -60.99 -59.00
CA ASN C 2084 -83.58 -61.45 -59.24
C ASN C 2084 -82.61 -60.28 -59.32
N TYR C 2085 -81.33 -60.59 -59.13
CA TYR C 2085 -80.24 -59.65 -59.32
C TYR C 2085 -79.06 -60.39 -59.94
N ARG C 2086 -78.32 -59.67 -60.78
CA ARG C 2086 -77.18 -60.22 -61.50
C ARG C 2086 -76.09 -59.16 -61.56
N ASN C 2087 -74.87 -59.62 -61.86
CA ASN C 2087 -73.72 -58.73 -61.99
C ASN C 2087 -73.88 -57.77 -63.17
N GLN D 15 -39.67 98.64 -2.45
CA GLN D 15 -39.05 97.43 -1.92
C GLN D 15 -38.76 96.42 -3.04
N PHE D 16 -39.82 95.91 -3.67
CA PHE D 16 -39.68 94.88 -4.70
C PHE D 16 -39.00 95.41 -5.96
N HIS D 17 -39.03 96.71 -6.20
CA HIS D 17 -38.43 97.26 -7.41
C HIS D 17 -36.91 97.21 -7.36
N TYR D 18 -36.30 97.16 -6.17
CA TYR D 18 -34.89 96.85 -6.10
C TYR D 18 -34.59 95.37 -6.26
N LEU D 19 -35.47 94.49 -5.76
CA LEU D 19 -35.23 93.05 -5.88
C LEU D 19 -35.31 92.59 -7.34
N TRP D 20 -36.27 93.15 -8.09
CA TRP D 20 -36.42 92.80 -9.49
C TRP D 20 -35.17 93.17 -10.30
N ALA D 21 -34.60 94.35 -10.01
CA ALA D 21 -33.35 94.73 -10.65
C ALA D 21 -32.17 93.90 -10.14
N ALA D 22 -32.20 93.51 -8.86
CA ALA D 22 -31.09 92.77 -8.27
C ALA D 22 -30.95 91.38 -8.87
N ARG D 23 -32.09 90.75 -9.21
CA ARG D 23 -32.02 89.43 -9.86
C ARG D 23 -31.33 89.52 -11.21
N ARG D 24 -31.51 90.64 -11.92
CA ARG D 24 -30.90 90.83 -13.23
C ARG D 24 -29.38 90.83 -13.15
N ALA D 25 -28.80 91.23 -12.02
CA ALA D 25 -27.36 91.45 -11.93
C ALA D 25 -26.58 90.14 -11.83
N LEU D 26 -27.22 89.06 -11.38
CA LEU D 26 -26.53 87.78 -11.22
C LEU D 26 -26.01 87.25 -12.54
N ARG D 27 -26.66 87.62 -13.65
CA ARG D 27 -26.26 87.20 -14.99
C ARG D 27 -24.88 87.71 -15.38
N LEU D 28 -24.35 88.71 -14.69
CA LEU D 28 -22.99 89.19 -14.95
C LEU D 28 -21.93 88.17 -14.55
N LEU D 29 -22.27 87.23 -13.66
CA LEU D 29 -21.33 86.24 -13.16
C LEU D 29 -21.09 85.09 -14.12
N GLU D 30 -21.83 85.03 -15.23
CA GLU D 30 -21.70 83.95 -16.20
C GLU D 30 -20.29 83.88 -16.75
N PRO D 31 -19.67 82.69 -16.82
CA PRO D 31 -18.26 82.62 -17.23
C PRO D 31 -17.98 83.10 -18.66
N GLN D 32 -18.92 82.93 -19.58
CA GLN D 32 -18.64 83.20 -20.99
C GLN D 32 -19.68 84.09 -21.67
N SER D 33 -20.61 84.68 -20.92
CA SER D 33 -21.68 85.45 -21.54
C SER D 33 -21.18 86.78 -22.10
N THR D 34 -21.95 87.33 -23.04
CA THR D 34 -21.65 88.62 -23.64
C THR D 34 -22.21 89.80 -22.87
N LEU D 35 -22.93 89.57 -21.77
CA LEU D 35 -23.48 90.67 -20.98
C LEU D 35 -22.36 91.32 -20.18
N VAL D 36 -22.16 92.62 -20.36
CA VAL D 36 -21.02 93.31 -19.75
C VAL D 36 -21.41 94.42 -18.80
N ALA D 37 -22.57 95.05 -18.97
CA ALA D 37 -22.94 96.16 -18.10
C ALA D 37 -24.45 96.38 -18.12
N LEU D 38 -24.94 96.93 -17.02
CA LEU D 38 -26.31 97.43 -16.93
C LEU D 38 -26.29 98.72 -16.11
N THR D 39 -27.18 99.62 -16.48
CA THR D 39 -27.26 100.97 -15.93
C THR D 39 -28.62 101.20 -15.33
N ILE D 40 -28.65 101.87 -14.17
CA ILE D 40 -29.89 102.27 -13.51
C ILE D 40 -30.14 103.72 -13.84
N GLU D 41 -31.31 104.02 -14.39
CA GLU D 41 -31.60 105.35 -14.90
C GLU D 41 -32.54 106.16 -14.00
N GLY D 42 -33.27 105.51 -13.10
CA GLY D 42 -34.17 106.24 -12.23
C GLY D 42 -34.84 105.30 -11.26
N ALA D 43 -35.19 105.85 -10.10
CA ALA D 43 -35.77 105.04 -9.03
C ALA D 43 -36.91 105.73 -8.30
N SER D 44 -37.52 106.75 -8.89
CA SER D 44 -38.61 107.46 -8.23
C SER D 44 -39.88 106.62 -8.17
N ASP D 56 -48.84 103.88 -0.41
CA ASP D 56 -49.86 104.77 -0.94
C ASP D 56 -49.65 105.13 -2.42
N GLY D 57 -48.93 104.28 -3.14
CA GLY D 57 -48.71 104.52 -4.55
C GLY D 57 -47.80 103.47 -5.16
N GLU D 58 -47.48 103.69 -6.43
CA GLU D 58 -46.66 102.77 -7.20
C GLU D 58 -45.17 102.97 -6.90
N GLU D 59 -44.36 102.04 -7.40
CA GLU D 59 -42.91 102.09 -7.32
C GLU D 59 -42.36 101.89 -8.72
N LEU D 60 -41.21 102.52 -9.03
CA LEU D 60 -40.78 102.62 -10.42
C LEU D 60 -39.27 102.54 -10.54
N ILE D 61 -38.78 101.87 -11.59
CA ILE D 61 -37.35 101.80 -11.87
C ILE D 61 -37.11 101.61 -13.38
N ASP D 62 -36.12 102.32 -13.91
CA ASP D 62 -35.70 102.24 -15.31
C ASP D 62 -34.28 101.70 -15.39
N ILE D 63 -34.04 100.70 -16.26
CA ILE D 63 -32.68 100.19 -16.45
C ILE D 63 -32.39 99.96 -17.94
N ALA D 64 -31.10 99.86 -18.25
CA ALA D 64 -30.63 99.51 -19.59
C ALA D 64 -29.51 98.48 -19.49
N GLU D 65 -29.44 97.58 -20.47
CA GLU D 65 -28.43 96.52 -20.52
C GLU D 65 -27.68 96.56 -21.83
N TYR D 66 -26.39 96.21 -21.80
CA TYR D 66 -25.52 96.29 -22.97
C TYR D 66 -24.81 94.96 -23.19
N TYR D 67 -24.72 94.52 -24.44
CA TYR D 67 -24.17 93.21 -24.79
C TYR D 67 -22.91 93.36 -25.62
N GLY D 68 -21.86 92.64 -25.25
CA GLY D 68 -20.62 92.59 -26.00
C GLY D 68 -19.69 93.78 -25.81
N SER D 69 -20.30 94.93 -25.53
CA SER D 69 -19.59 96.15 -25.17
C SER D 69 -20.59 97.07 -24.49
N ASN D 70 -20.08 98.06 -23.77
CA ASN D 70 -20.97 99.03 -23.13
C ASN D 70 -21.35 100.18 -24.06
N GLU D 71 -20.61 100.38 -25.15
CA GLU D 71 -20.87 101.47 -26.08
C GLU D 71 -21.97 101.06 -27.06
N LEU D 72 -22.94 101.96 -27.28
CA LEU D 72 -23.92 101.73 -28.34
C LEU D 72 -23.25 101.65 -29.72
N ALA D 73 -22.13 102.35 -29.90
CA ALA D 73 -21.44 102.35 -31.18
C ALA D 73 -20.85 101.00 -31.55
N THR D 74 -20.56 100.15 -30.55
CA THR D 74 -19.92 98.86 -30.82
C THR D 74 -20.65 97.66 -30.22
N ALA D 75 -21.64 97.85 -29.35
CA ALA D 75 -22.35 96.72 -28.76
C ALA D 75 -23.17 95.98 -29.80
N THR D 76 -23.42 94.70 -29.55
CA THR D 76 -24.30 93.94 -30.43
C THR D 76 -25.78 94.15 -30.10
N THR D 77 -26.12 94.50 -28.86
CA THR D 77 -27.50 94.73 -28.49
C THR D 77 -27.56 95.61 -27.26
N VAL D 78 -28.48 96.59 -27.28
CA VAL D 78 -28.78 97.44 -26.13
C VAL D 78 -30.27 97.30 -25.86
N ARG D 79 -30.64 97.02 -24.61
CA ARG D 79 -32.03 96.77 -24.23
C ARG D 79 -32.45 97.72 -23.11
N TYR D 80 -33.60 98.37 -23.28
CA TYR D 80 -34.14 99.29 -22.28
C TYR D 80 -35.39 98.68 -21.65
N MET D 81 -35.51 98.77 -20.32
CA MET D 81 -36.67 98.28 -19.60
C MET D 81 -37.13 99.29 -18.55
N GLN D 82 -38.43 99.32 -18.31
CA GLN D 82 -39.03 100.12 -17.25
C GLN D 82 -40.07 99.30 -16.52
N LEU D 83 -39.94 99.21 -15.19
CA LEU D 83 -40.90 98.52 -14.35
C LEU D 83 -41.62 99.51 -13.45
N LYS D 84 -42.94 99.37 -13.36
CA LYS D 84 -43.72 100.01 -12.31
C LYS D 84 -44.62 98.96 -11.64
N HIS D 85 -44.67 99.03 -10.33
CA HIS D 85 -45.19 97.97 -9.45
C HIS D 85 -46.16 98.59 -8.47
N SER D 86 -47.22 97.87 -8.13
CA SER D 86 -48.27 98.40 -7.25
C SER D 86 -48.63 97.35 -6.21
N THR D 87 -48.24 97.62 -4.95
CA THR D 87 -48.51 96.68 -3.87
C THR D 87 -49.96 96.73 -3.38
N MET D 88 -50.74 97.71 -3.82
CA MET D 88 -52.16 97.76 -3.51
C MET D 88 -52.93 98.18 -4.76
N HIS D 89 -54.22 97.83 -4.77
CA HIS D 89 -55.18 98.19 -5.82
C HIS D 89 -54.84 97.63 -7.19
N SER D 90 -53.90 96.69 -7.27
CA SER D 90 -53.70 95.91 -8.48
C SER D 90 -54.76 94.81 -8.49
N ASP D 91 -55.98 95.20 -8.87
CA ASP D 91 -57.06 94.23 -9.03
C ASP D 91 -57.64 94.30 -10.44
N THR D 92 -57.92 95.52 -10.92
CA THR D 92 -58.23 95.87 -12.31
C THR D 92 -57.61 97.22 -12.67
N PRO D 93 -56.29 97.40 -12.49
CA PRO D 93 -55.78 98.76 -12.23
C PRO D 93 -55.59 99.64 -13.45
N PHE D 94 -55.42 99.09 -14.65
CA PHE D 94 -54.63 99.75 -15.68
C PHE D 94 -55.43 100.21 -16.91
N PRO D 95 -55.75 101.50 -17.03
CA PRO D 95 -56.13 102.06 -18.32
C PRO D 95 -54.88 102.37 -19.14
N PRO D 96 -55.01 102.58 -20.46
CA PRO D 96 -53.83 102.86 -21.29
C PRO D 96 -53.13 104.17 -20.97
N SER D 97 -53.72 105.07 -20.17
CA SER D 97 -53.06 106.32 -19.83
C SER D 97 -51.79 106.13 -19.02
N GLY D 98 -51.67 105.02 -18.29
CA GLY D 98 -50.41 104.69 -17.66
C GLY D 98 -49.35 104.22 -18.64
N LEU D 99 -49.77 103.72 -19.80
CA LEU D 99 -48.83 103.33 -20.84
C LEU D 99 -48.37 104.53 -21.66
N GLN D 100 -49.21 105.56 -21.73
CA GLN D 100 -49.01 106.72 -22.61
C GLN D 100 -47.63 107.34 -22.47
N LYS D 101 -47.29 107.79 -21.26
CA LYS D 101 -46.02 108.46 -21.05
C LYS D 101 -44.84 107.52 -21.24
N THR D 102 -45.07 106.20 -21.17
CA THR D 102 -44.03 105.24 -21.55
C THR D 102 -43.81 105.24 -23.05
N ILE D 103 -44.91 105.22 -23.84
CA ILE D 103 -44.79 105.24 -25.30
C ILE D 103 -44.18 106.55 -25.77
N GLU D 104 -44.52 107.65 -25.09
CA GLU D 104 -43.85 108.92 -25.32
C GLU D 104 -42.36 108.81 -25.03
N GLY D 105 -42.01 108.13 -23.92
CA GLY D 105 -40.62 108.11 -23.47
C GLY D 105 -39.69 107.41 -24.43
N PHE D 106 -40.12 106.27 -24.96
CA PHE D 106 -39.27 105.52 -25.88
C PHE D 106 -39.10 106.25 -27.21
N ALA D 107 -40.21 106.64 -27.85
CA ALA D 107 -40.16 107.18 -29.21
C ALA D 107 -39.38 108.48 -29.26
N THR D 108 -39.56 109.34 -28.25
CA THR D 108 -38.82 110.59 -28.20
C THR D 108 -37.32 110.34 -28.06
N ARG D 109 -36.92 109.26 -27.38
CA ARG D 109 -35.53 108.86 -27.43
C ARG D 109 -35.17 108.33 -28.82
N TYR D 110 -36.04 107.47 -29.36
CA TYR D 110 -35.80 106.82 -30.65
C TYR D 110 -35.61 107.86 -31.75
N LYS D 111 -36.49 108.85 -31.80
CA LYS D 111 -36.42 109.90 -32.82
C LYS D 111 -35.17 110.75 -32.70
N ALA D 112 -34.47 110.71 -31.57
CA ALA D 112 -33.16 111.34 -31.51
C ALA D 112 -32.09 110.40 -32.08
N LEU D 113 -32.14 109.12 -31.68
CA LEU D 113 -31.12 108.15 -32.07
C LEU D 113 -31.09 107.97 -33.59
N ILE D 114 -32.25 107.98 -34.24
CA ILE D 114 -32.32 107.85 -35.69
C ILE D 114 -31.69 109.04 -36.41
N GLN D 115 -31.55 110.18 -35.73
CA GLN D 115 -30.80 111.28 -36.34
C GLN D 115 -29.31 111.12 -36.07
N LYS D 116 -28.97 110.50 -34.93
CA LYS D 116 -27.58 110.28 -34.58
C LYS D 116 -27.00 109.09 -35.36
N ILE D 117 -27.81 108.08 -35.62
CA ILE D 117 -27.39 106.83 -36.25
C ILE D 117 -28.43 106.43 -37.29
N PRO D 118 -27.97 105.90 -38.43
CA PRO D 118 -28.93 105.38 -39.43
C PRO D 118 -29.76 104.23 -38.88
N VAL D 119 -31.03 104.21 -39.31
CA VAL D 119 -32.03 103.26 -38.80
C VAL D 119 -31.64 101.82 -39.13
N GLU D 120 -30.95 101.62 -40.26
CA GLU D 120 -30.54 100.28 -40.68
C GLU D 120 -29.63 99.61 -39.65
N THR D 121 -28.84 100.39 -38.91
CA THR D 121 -28.02 99.86 -37.82
C THR D 121 -28.85 99.65 -36.55
N LEU D 122 -29.67 100.64 -36.19
CA LEU D 122 -30.45 100.58 -34.95
C LEU D 122 -31.45 99.43 -34.96
N ARG D 123 -31.92 99.04 -36.15
CA ARG D 123 -32.91 97.97 -36.27
C ARG D 123 -32.34 96.60 -35.89
N THR D 124 -31.02 96.48 -35.80
CA THR D 124 -30.37 95.26 -35.38
C THR D 124 -29.93 95.26 -33.91
N LYS D 125 -30.13 96.38 -33.20
CA LYS D 125 -29.58 96.54 -31.86
C LYS D 125 -30.61 96.86 -30.79
N LEU D 126 -31.69 97.56 -31.13
CA LEU D 126 -32.46 98.34 -30.17
C LEU D 126 -33.76 97.66 -29.82
N GLU D 127 -34.07 97.60 -28.52
CA GLU D 127 -35.35 97.07 -28.05
C GLU D 127 -35.88 97.92 -26.90
N PHE D 128 -37.20 98.05 -26.84
CA PHE D 128 -37.90 98.74 -25.76
C PHE D 128 -38.94 97.80 -25.15
N TRP D 129 -39.00 97.78 -23.81
CA TRP D 129 -39.83 96.86 -23.05
C TRP D 129 -40.62 97.61 -21.99
N PHE D 130 -41.91 97.27 -21.84
CA PHE D 130 -42.71 97.72 -20.71
C PHE D 130 -43.16 96.51 -19.91
N VAL D 131 -42.95 96.55 -18.59
CA VAL D 131 -43.32 95.47 -17.69
C VAL D 131 -44.17 96.03 -16.56
N THR D 132 -45.24 95.34 -16.21
CA THR D 132 -46.04 95.72 -15.05
C THR D 132 -46.74 94.50 -14.46
N ASN D 133 -47.27 94.69 -13.26
CA ASN D 133 -47.79 93.59 -12.46
C ASN D 133 -49.10 93.06 -13.03
N ARG D 134 -50.02 93.94 -13.41
CA ARG D 134 -51.33 93.46 -13.87
C ARG D 134 -51.63 93.90 -15.31
N PRO D 135 -52.41 93.12 -16.07
CA PRO D 135 -52.24 93.11 -17.52
C PRO D 135 -52.72 94.37 -18.24
N VAL D 136 -52.15 94.57 -19.43
CA VAL D 136 -52.47 95.62 -20.37
C VAL D 136 -53.53 95.10 -21.33
N SER D 137 -54.30 96.00 -21.94
CA SER D 137 -55.40 95.61 -22.84
C SER D 137 -54.87 94.92 -24.09
N SER D 138 -55.58 93.87 -24.52
CA SER D 138 -55.19 93.12 -25.71
C SER D 138 -55.54 93.86 -27.00
N SER D 139 -56.55 94.74 -26.98
CA SER D 139 -56.95 95.46 -28.19
C SER D 139 -55.86 96.44 -28.63
N PHE D 140 -55.31 97.20 -27.67
CA PHE D 140 -54.20 98.09 -27.97
C PHE D 140 -52.96 97.29 -28.35
N SER D 141 -52.80 96.11 -27.78
CA SER D 141 -51.71 95.20 -28.17
C SER D 141 -51.83 94.81 -29.63
N GLU D 142 -53.04 94.45 -30.07
CA GLU D 142 -53.23 94.09 -31.46
C GLU D 142 -53.14 95.31 -32.38
N ALA D 143 -53.45 96.49 -31.87
CA ALA D 143 -53.20 97.71 -32.65
C ALA D 143 -51.70 97.89 -32.89
N ILE D 144 -50.89 97.71 -31.85
CA ILE D 144 -49.44 97.77 -31.99
C ILE D 144 -48.95 96.67 -32.91
N ASN D 145 -49.55 95.48 -32.83
CA ASN D 145 -49.21 94.38 -33.72
C ASN D 145 -49.53 94.72 -35.18
N ASP D 146 -50.69 95.33 -35.42
CA ASP D 146 -51.08 95.74 -36.77
C ASP D 146 -50.11 96.77 -37.32
N ALA D 147 -49.70 97.72 -36.47
CA ALA D 147 -48.69 98.68 -36.89
C ALA D 147 -47.37 97.97 -37.20
N ALA D 148 -46.99 96.98 -36.39
CA ALA D 148 -45.70 96.30 -36.57
C ALA D 148 -45.68 95.45 -37.83
N ASN D 149 -46.79 94.80 -38.16
CA ASN D 149 -46.84 93.87 -39.28
C ASN D 149 -47.44 94.47 -40.55
N GLN D 150 -47.91 95.72 -40.50
CA GLN D 150 -48.44 96.48 -41.64
C GLN D 150 -49.66 95.85 -42.30
N HIS D 151 -50.35 94.93 -41.63
CA HIS D 151 -51.66 94.51 -42.10
C HIS D 151 -52.65 95.65 -41.93
N VAL D 152 -53.71 95.63 -42.76
CA VAL D 152 -54.82 96.56 -42.58
C VAL D 152 -55.47 96.30 -41.23
N THR D 153 -55.75 97.37 -40.49
CA THR D 153 -56.01 97.25 -39.07
C THR D 153 -57.29 96.47 -38.77
N ARG D 154 -57.19 95.62 -37.74
CA ARG D 154 -58.29 94.84 -37.20
C ARG D 154 -58.87 95.45 -35.94
N HIS D 155 -58.23 96.47 -35.39
CA HIS D 155 -58.64 97.10 -34.12
C HIS D 155 -58.32 98.59 -34.19
N PRO D 156 -59.12 99.36 -34.96
CA PRO D 156 -58.64 100.67 -35.43
C PRO D 156 -58.42 101.73 -34.35
N HIS D 157 -59.34 101.81 -33.37
CA HIS D 157 -59.46 103.00 -32.52
C HIS D 157 -58.20 103.27 -31.70
N ASP D 158 -57.43 102.24 -31.38
CA ASP D 158 -56.25 102.43 -30.57
C ASP D 158 -55.05 102.96 -31.36
N LEU D 159 -55.01 102.79 -32.68
CA LEU D 159 -53.82 103.18 -33.44
C LEU D 159 -53.58 104.68 -33.43
N ALA D 160 -54.64 105.47 -33.29
CA ALA D 160 -54.48 106.92 -33.14
C ALA D 160 -53.61 107.26 -31.94
N LYS D 161 -53.69 106.45 -30.88
CA LYS D 161 -52.87 106.70 -29.72
C LYS D 161 -51.40 106.39 -29.99
N LEU D 162 -51.10 105.51 -30.94
CA LEU D 162 -49.74 105.49 -31.46
C LEU D 162 -49.44 106.79 -32.19
N GLU D 163 -50.33 107.17 -33.13
CA GLU D 163 -50.10 108.29 -34.02
C GLU D 163 -50.00 109.62 -33.28
N LYS D 164 -50.54 109.69 -32.06
CA LYS D 164 -50.29 110.83 -31.20
C LYS D 164 -49.00 110.67 -30.41
N PHE D 165 -48.84 109.54 -29.70
CA PHE D 165 -47.76 109.45 -28.71
C PHE D 165 -46.41 109.26 -29.38
N THR D 166 -46.39 108.67 -30.58
CA THR D 166 -45.17 108.56 -31.37
C THR D 166 -45.08 109.63 -32.44
N GLY D 167 -46.20 110.08 -32.98
CA GLY D 167 -46.23 110.97 -34.12
C GLY D 167 -46.05 110.30 -35.46
N LEU D 168 -45.44 109.11 -35.48
CA LEU D 168 -45.17 108.40 -36.73
C LEU D 168 -46.43 107.76 -37.29
N GLN D 169 -46.44 107.58 -38.61
CA GLN D 169 -47.58 106.98 -39.30
C GLN D 169 -47.08 106.00 -40.36
N GLY D 170 -47.90 105.00 -40.66
CA GLY D 170 -47.61 104.07 -41.74
C GLY D 170 -46.43 103.15 -41.48
N ALA D 171 -45.69 102.85 -42.56
CA ALA D 171 -44.49 102.01 -42.44
C ALA D 171 -43.40 102.70 -41.64
N GLU D 172 -43.37 104.03 -41.69
CA GLU D 172 -42.47 104.81 -40.83
C GLU D 172 -42.77 104.54 -39.37
N LEU D 173 -44.04 104.38 -39.03
CA LEU D 173 -44.42 103.93 -37.69
C LEU D 173 -44.05 102.47 -37.48
N SER D 174 -44.18 101.65 -38.54
CA SER D 174 -43.97 100.21 -38.43
C SER D 174 -42.53 99.86 -38.05
N ILE D 175 -41.57 100.58 -38.63
CA ILE D 175 -40.17 100.30 -38.35
C ILE D 175 -39.85 100.59 -36.89
N PHE D 176 -40.53 101.57 -36.29
CA PHE D 176 -40.45 101.74 -34.83
C PHE D 176 -41.16 100.61 -34.09
N CYS D 177 -42.39 100.29 -34.49
CA CYS D 177 -43.23 99.37 -33.71
C CYS D 177 -42.70 97.95 -33.71
N GLN D 178 -41.86 97.59 -34.67
CA GLN D 178 -41.21 96.28 -34.61
C GLN D 178 -40.20 96.17 -33.45
N LEU D 179 -39.81 97.29 -32.85
CA LEU D 179 -38.91 97.30 -31.71
C LEU D 179 -39.63 97.30 -30.37
N LEU D 180 -40.95 97.34 -30.34
CA LEU D 180 -41.71 97.58 -29.13
C LEU D 180 -42.36 96.30 -28.63
N HIS D 181 -42.16 96.00 -27.34
CA HIS D 181 -42.69 94.78 -26.71
C HIS D 181 -43.34 95.14 -25.39
N ILE D 182 -44.52 94.58 -25.14
CA ILE D 182 -45.28 94.80 -23.90
C ILE D 182 -45.71 93.44 -23.34
N GLU D 183 -45.44 93.22 -22.05
CA GLU D 183 -45.55 91.87 -21.52
C GLU D 183 -46.22 91.77 -20.14
N GLY D 184 -47.07 92.72 -19.77
CA GLY D 184 -47.74 92.66 -18.49
C GLY D 184 -48.74 91.53 -18.35
N GLN D 185 -48.47 90.59 -17.44
CA GLN D 185 -49.38 89.48 -17.18
C GLN D 185 -49.12 88.95 -15.78
N GLN D 186 -50.16 88.85 -14.97
CA GLN D 186 -50.00 88.42 -13.58
C GLN D 186 -50.04 86.91 -13.41
N ASP D 187 -50.99 86.24 -14.08
CA ASP D 187 -51.54 84.93 -13.67
C ASP D 187 -51.86 85.04 -12.19
N ASP D 188 -51.46 84.07 -11.36
CA ASP D 188 -51.26 84.28 -9.94
C ASP D 188 -49.77 84.26 -9.61
N LEU D 189 -48.94 84.22 -10.65
CA LEU D 189 -47.58 83.71 -10.56
C LEU D 189 -46.51 84.71 -10.97
N TRP D 190 -46.86 86.00 -11.11
CA TRP D 190 -45.87 86.99 -11.54
C TRP D 190 -44.74 87.11 -10.51
N SER D 191 -45.07 87.00 -9.23
CA SER D 191 -44.04 87.08 -8.19
C SER D 191 -43.10 85.88 -8.24
N GLN D 192 -43.66 84.68 -8.44
CA GLN D 192 -42.84 83.47 -8.53
C GLN D 192 -41.88 83.54 -9.71
N ARG D 193 -42.35 84.11 -10.82
CA ARG D 193 -41.55 84.18 -12.03
C ARG D 193 -40.41 85.18 -11.92
N ASN D 194 -40.47 86.11 -10.96
CA ASN D 194 -39.56 87.26 -10.96
C ASN D 194 -38.85 87.55 -9.64
N ILE D 195 -39.45 87.26 -8.48
CA ILE D 195 -38.95 87.75 -7.20
C ILE D 195 -38.42 86.57 -6.39
N LEU D 196 -37.22 86.73 -5.81
CA LEU D 196 -36.64 85.79 -4.87
C LEU D 196 -36.69 86.36 -3.45
N LEU D 197 -37.04 85.52 -2.48
CA LEU D 197 -37.13 85.93 -1.09
C LEU D 197 -36.42 84.94 -0.17
N ARG D 198 -35.84 85.46 0.91
CA ARG D 198 -35.20 84.62 1.91
C ARG D 198 -36.22 83.88 2.78
N GLU D 199 -35.99 82.59 2.96
CA GLU D 199 -36.56 81.88 4.10
C GLU D 199 -35.69 82.11 5.34
N SER D 200 -36.18 81.64 6.48
CA SER D 200 -35.42 81.68 7.71
C SER D 200 -34.53 80.46 7.91
N ALA D 201 -34.35 79.63 6.88
CA ALA D 201 -33.60 78.39 7.04
C ALA D 201 -32.89 78.05 5.74
N GLY D 202 -31.89 77.17 5.86
CA GLY D 202 -31.22 76.59 4.72
C GLY D 202 -29.89 77.21 4.36
N TYR D 203 -29.65 78.45 4.74
CA TYR D 203 -28.41 79.14 4.39
C TYR D 203 -27.25 78.71 5.27
N LEU D 204 -26.06 78.64 4.67
CA LEU D 204 -24.85 78.37 5.43
C LEU D 204 -24.53 79.57 6.32
N PRO D 205 -23.88 79.35 7.46
CA PRO D 205 -23.62 80.46 8.39
C PRO D 205 -22.58 81.42 7.86
N ASP D 206 -22.51 82.56 8.56
CA ASP D 206 -21.57 83.67 8.30
C ASP D 206 -21.79 84.20 6.88
N LEU D 207 -20.80 84.14 5.99
CA LEU D 207 -20.75 85.00 4.81
C LEU D 207 -21.86 84.71 3.82
N ASP D 208 -22.41 83.48 3.84
CA ASP D 208 -23.48 83.11 2.92
C ASP D 208 -24.80 83.78 3.29
N THR D 209 -24.98 84.21 4.53
CA THR D 209 -26.30 84.66 4.96
C THR D 209 -26.72 85.98 4.34
N GLU D 210 -25.77 86.87 4.03
CA GLU D 210 -26.12 88.26 3.73
C GLU D 210 -25.90 88.69 2.29
N ALA D 211 -25.51 87.79 1.39
CA ALA D 211 -25.50 88.11 -0.04
C ALA D 211 -26.83 88.62 -0.60
N PRO D 212 -28.02 88.06 -0.25
CA PRO D 212 -29.27 88.68 -0.71
C PRO D 212 -29.45 90.12 -0.28
N LEU D 213 -29.02 90.46 0.94
CA LEU D 213 -29.15 91.84 1.38
C LEU D 213 -28.15 92.75 0.66
N LYS D 214 -26.93 92.26 0.44
CA LYS D 214 -25.90 93.12 -0.13
C LYS D 214 -26.09 93.38 -1.61
N LEU D 215 -26.74 92.48 -2.36
CA LEU D 215 -27.07 92.83 -3.75
C LEU D 215 -28.07 93.99 -3.81
N LYS D 216 -29.12 93.92 -2.99
CA LYS D 216 -30.10 94.99 -2.89
C LYS D 216 -29.46 96.30 -2.43
N GLU D 217 -28.58 96.21 -1.43
CA GLU D 217 -27.83 97.37 -0.96
C GLU D 217 -26.98 97.99 -2.06
N LEU D 218 -26.30 97.16 -2.86
CA LEU D 218 -25.48 97.68 -3.95
C LEU D 218 -26.33 98.42 -4.98
N VAL D 219 -27.48 97.84 -5.35
CA VAL D 219 -28.33 98.48 -6.36
C VAL D 219 -28.88 99.81 -5.84
N ASN D 220 -29.36 99.80 -4.59
CA ASN D 220 -29.91 101.01 -3.98
C ASN D 220 -28.84 102.08 -3.85
N ARG D 221 -27.64 101.69 -3.45
CA ARG D 221 -26.52 102.61 -3.34
C ARG D 221 -26.14 103.21 -4.68
N LYS D 222 -26.14 102.40 -5.74
CA LYS D 222 -25.78 102.90 -7.06
C LYS D 222 -26.82 103.87 -7.60
N ALA D 223 -28.10 103.60 -7.36
CA ALA D 223 -29.16 104.46 -7.93
C ALA D 223 -29.08 105.88 -7.39
N LEU D 224 -28.81 106.04 -6.10
CA LEU D 224 -28.75 107.36 -5.46
C LEU D 224 -27.33 107.86 -5.28
N THR D 225 -26.35 107.29 -5.99
CA THR D 225 -25.00 107.86 -6.11
C THR D 225 -24.73 108.17 -7.57
N GLU D 226 -25.69 108.83 -8.21
CA GLU D 226 -25.57 109.28 -9.59
C GLU D 226 -24.49 110.35 -9.76
N SER D 227 -24.04 110.97 -8.67
CA SER D 227 -23.06 112.03 -8.73
C SER D 227 -21.65 111.53 -9.00
N ALA D 228 -21.43 110.22 -8.92
CA ALA D 228 -20.14 109.63 -9.27
C ALA D 228 -19.89 109.72 -10.78
N ALA D 229 -18.71 109.25 -11.18
CA ALA D 229 -18.33 109.29 -12.59
C ALA D 229 -19.26 108.46 -13.46
N ASN D 230 -19.82 107.37 -12.93
CA ASN D 230 -20.74 106.54 -13.67
C ASN D 230 -21.55 105.72 -12.69
N PRO D 231 -22.84 105.49 -12.94
CA PRO D 231 -23.68 104.70 -12.02
C PRO D 231 -23.87 103.23 -12.37
N SER D 232 -23.25 102.72 -13.44
CA SER D 232 -23.48 101.34 -13.87
C SER D 232 -22.92 100.32 -12.88
N ILE D 233 -23.35 99.08 -13.05
CA ILE D 233 -22.83 97.94 -12.30
C ILE D 233 -22.16 97.00 -13.30
N THR D 234 -20.95 96.55 -12.95
CA THR D 234 -20.24 95.54 -13.72
C THR D 234 -19.78 94.44 -12.76
N ARG D 235 -19.18 93.40 -13.34
CA ARG D 235 -18.90 92.15 -12.63
C ARG D 235 -17.94 92.35 -11.45
N MET D 236 -16.98 93.25 -11.59
CA MET D 236 -16.01 93.50 -10.54
C MET D 236 -16.67 94.03 -9.28
N ASP D 237 -17.65 94.92 -9.44
CA ASP D 237 -18.36 95.47 -8.29
C ASP D 237 -19.24 94.43 -7.63
N VAL D 238 -19.83 93.51 -8.40
CA VAL D 238 -20.62 92.44 -7.81
C VAL D 238 -19.74 91.51 -6.97
N LEU D 239 -18.58 91.12 -7.51
CA LEU D 239 -17.68 90.25 -6.76
C LEU D 239 -17.16 90.93 -5.51
N ARG D 240 -16.80 92.21 -5.60
CA ARG D 240 -16.33 92.90 -4.40
C ARG D 240 -17.45 93.13 -3.40
N ALA D 241 -18.69 93.28 -3.87
CA ALA D 241 -19.81 93.36 -2.94
C ALA D 241 -20.00 92.06 -2.19
N LEU D 242 -19.84 90.92 -2.87
CA LEU D 242 -20.04 89.64 -2.19
C LEU D 242 -18.87 89.25 -1.28
N GLY D 243 -17.70 89.82 -1.49
CA GLY D 243 -16.54 89.50 -0.68
C GLY D 243 -15.74 88.31 -1.13
N VAL D 244 -16.24 87.57 -2.13
CA VAL D 244 -15.60 86.37 -2.64
C VAL D 244 -14.70 86.71 -3.84
N ASP D 245 -13.89 85.73 -4.25
CA ASP D 245 -13.16 85.75 -5.50
C ASP D 245 -13.89 84.75 -6.42
N GLU D 246 -13.63 84.88 -7.73
CA GLU D 246 -14.24 83.99 -8.72
C GLU D 246 -13.93 82.52 -8.45
N THR D 247 -12.70 82.24 -8.01
CA THR D 247 -12.32 80.86 -7.70
C THR D 247 -12.97 80.35 -6.43
N ASP D 248 -13.54 81.22 -5.60
CA ASP D 248 -14.36 80.74 -4.50
C ASP D 248 -15.75 80.32 -4.97
N LEU D 249 -16.26 80.97 -6.02
CA LEU D 249 -17.53 80.53 -6.58
C LEU D 249 -17.37 79.30 -7.47
N PHE D 250 -16.28 79.23 -8.25
CA PHE D 250 -16.10 78.20 -9.27
C PHE D 250 -14.78 77.45 -9.05
N PRO D 251 -14.72 76.57 -8.04
CA PRO D 251 -13.44 75.92 -7.73
C PRO D 251 -13.03 74.83 -8.70
N ALA D 252 -13.88 74.43 -9.64
CA ALA D 252 -13.57 73.28 -10.50
C ALA D 252 -14.30 73.38 -11.84
N PRO D 253 -13.77 74.12 -12.80
CA PRO D 253 -14.47 74.30 -14.08
C PRO D 253 -14.52 73.04 -14.93
N CYS D 254 -15.52 73.00 -15.81
CA CYS D 254 -15.75 71.85 -16.67
C CYS D 254 -14.92 71.95 -17.95
N ARG D 255 -14.25 70.84 -18.29
CA ARG D 255 -13.28 70.82 -19.38
C ARG D 255 -13.58 69.72 -20.40
N ILE D 256 -14.85 69.37 -20.59
CA ILE D 256 -15.22 68.35 -21.57
C ILE D 256 -15.06 68.91 -22.99
N GLU D 257 -14.49 68.10 -23.88
CA GLU D 257 -14.30 68.48 -25.28
C GLU D 257 -15.62 68.71 -26.00
N ARG D 258 -15.69 69.82 -26.73
CA ARG D 258 -16.78 70.07 -27.68
C ARG D 258 -16.26 69.80 -29.09
N ILE D 259 -17.07 69.10 -29.89
CA ILE D 259 -16.72 68.85 -31.28
C ILE D 259 -17.80 69.44 -32.18
N GLU D 260 -17.39 69.83 -33.39
CA GLU D 260 -18.24 70.52 -34.35
C GLU D 260 -18.88 69.58 -35.36
N ASN D 261 -18.14 68.54 -35.75
CA ASN D 261 -18.46 67.71 -36.90
C ASN D 261 -19.27 66.46 -36.55
N SER D 262 -20.05 66.51 -35.46
CA SER D 262 -20.68 65.34 -34.86
C SER D 262 -21.55 64.55 -35.84
N VAL D 263 -21.35 63.23 -35.86
CA VAL D 263 -22.14 62.34 -36.69
C VAL D 263 -23.54 62.20 -36.10
N SER D 264 -24.56 62.28 -36.95
CA SER D 264 -25.93 62.09 -36.50
C SER D 264 -26.13 60.67 -35.98
N ARG D 265 -26.72 60.56 -34.79
CA ARG D 265 -26.71 59.31 -34.04
C ARG D 265 -28.11 59.10 -33.46
N THR D 266 -28.61 57.87 -33.53
CA THR D 266 -30.07 57.67 -33.45
C THR D 266 -30.57 57.19 -32.09
N GLN D 267 -29.75 56.50 -31.29
CA GLN D 267 -30.25 55.88 -30.06
C GLN D 267 -30.55 56.91 -28.98
N GLU D 268 -29.72 57.96 -28.92
CA GLU D 268 -29.74 58.91 -27.81
C GLU D 268 -31.06 59.68 -27.70
N ALA D 269 -31.70 59.95 -28.85
CA ALA D 269 -32.95 60.70 -28.87
C ALA D 269 -34.09 59.95 -28.19
N THR D 270 -34.04 58.62 -28.16
CA THR D 270 -35.00 57.83 -27.41
C THR D 270 -34.51 57.52 -26.00
N LEU D 271 -33.19 57.41 -25.86
CA LEU D 271 -32.59 57.11 -24.56
C LEU D 271 -32.89 58.20 -23.54
N VAL D 272 -32.91 59.46 -23.98
CA VAL D 272 -33.26 60.56 -23.07
C VAL D 272 -34.77 60.59 -22.77
N GLN D 273 -35.62 60.17 -23.70
CA GLN D 273 -37.05 60.06 -23.40
C GLN D 273 -37.30 59.00 -22.33
N ARG D 274 -36.50 57.94 -22.32
CA ARG D 274 -36.57 56.98 -21.22
C ARG D 274 -36.29 57.66 -19.87
N VAL D 275 -35.32 58.58 -19.83
CA VAL D 275 -34.96 59.25 -18.59
C VAL D 275 -36.08 60.17 -18.12
N VAL D 276 -36.62 60.99 -19.03
CA VAL D 276 -37.67 61.93 -18.61
C VAL D 276 -38.95 61.17 -18.24
N GLU D 277 -39.22 60.03 -18.89
CA GLU D 277 -40.36 59.21 -18.50
C GLU D 277 -40.11 58.41 -17.23
N ALA D 278 -38.87 58.35 -16.75
CA ALA D 278 -38.57 57.55 -15.57
C ALA D 278 -38.35 58.40 -14.32
N PHE D 279 -39.22 59.38 -14.09
CA PHE D 279 -39.05 60.36 -13.03
C PHE D 279 -39.02 59.71 -11.64
N GLY D 280 -38.26 60.33 -10.74
CA GLY D 280 -38.18 59.93 -9.36
C GLY D 280 -37.09 58.93 -9.02
N ALA D 281 -36.38 58.39 -10.02
CA ALA D 281 -35.37 57.39 -9.77
C ALA D 281 -34.09 57.73 -10.52
N PRO D 282 -32.93 57.42 -9.95
CA PRO D 282 -31.67 57.69 -10.65
C PRO D 282 -31.46 56.75 -11.82
N VAL D 283 -30.79 57.26 -12.86
CA VAL D 283 -30.54 56.53 -14.10
C VAL D 283 -29.03 56.39 -14.28
N ILE D 284 -28.58 55.18 -14.64
CA ILE D 284 -27.17 54.91 -14.88
C ILE D 284 -26.99 54.39 -16.31
N ILE D 285 -26.08 55.00 -17.05
CA ILE D 285 -25.74 54.60 -18.43
C ILE D 285 -24.34 54.03 -18.43
N HIS D 286 -24.14 52.92 -19.13
CA HIS D 286 -22.79 52.35 -19.22
C HIS D 286 -22.42 51.87 -20.62
N ALA D 287 -21.19 52.18 -21.02
CA ALA D 287 -20.53 51.71 -22.23
C ALA D 287 -19.03 51.86 -22.02
N ASP D 288 -18.23 51.09 -22.75
CA ASP D 288 -16.83 50.92 -22.41
C ASP D 288 -15.89 51.55 -23.43
N ALA D 289 -14.89 52.29 -22.93
CA ALA D 289 -13.67 52.66 -23.61
C ALA D 289 -13.81 53.30 -24.99
N GLY D 290 -14.44 54.46 -25.09
CA GLY D 290 -14.43 55.21 -26.32
C GLY D 290 -15.69 55.14 -27.14
N VAL D 291 -16.80 54.66 -26.59
CA VAL D 291 -18.05 54.64 -27.33
C VAL D 291 -18.59 56.05 -27.56
N GLY D 292 -18.45 56.93 -26.57
CA GLY D 292 -18.89 58.30 -26.75
C GLY D 292 -19.80 58.82 -25.67
N LYS D 293 -19.52 58.46 -24.41
CA LYS D 293 -20.34 58.92 -23.29
C LYS D 293 -20.27 60.45 -23.12
N SER D 294 -19.06 61.02 -23.22
CA SER D 294 -18.91 62.45 -22.95
C SER D 294 -19.57 63.31 -24.01
N ILE D 295 -19.48 62.92 -25.29
CA ILE D 295 -20.15 63.66 -26.35
C ILE D 295 -21.67 63.60 -26.18
N PHE D 296 -22.17 62.42 -25.80
CA PHE D 296 -23.60 62.24 -25.55
C PHE D 296 -24.08 63.13 -24.41
N SER D 297 -23.25 63.30 -23.38
CA SER D 297 -23.57 64.18 -22.27
C SER D 297 -23.76 65.63 -22.70
N THR D 298 -23.11 66.04 -23.79
CA THR D 298 -23.30 67.39 -24.32
C THR D 298 -24.44 67.47 -25.32
N HIS D 299 -24.75 66.38 -26.02
CA HIS D 299 -25.90 66.38 -26.92
C HIS D 299 -27.22 66.20 -26.21
N ILE D 300 -27.22 65.82 -24.93
CA ILE D 300 -28.46 65.50 -24.24
C ILE D 300 -29.37 66.71 -24.07
N GLU D 301 -28.82 67.92 -24.12
CA GLU D 301 -29.59 69.12 -23.78
C GLU D 301 -30.60 69.52 -24.86
N GLU D 302 -30.47 68.98 -26.06
CA GLU D 302 -31.29 69.40 -27.20
C GLU D 302 -32.59 68.62 -27.34
N HIS D 303 -32.92 67.74 -26.39
CA HIS D 303 -34.09 66.87 -26.52
C HIS D 303 -35.11 66.98 -25.39
N LEU D 304 -34.83 67.75 -24.34
CA LEU D 304 -35.77 67.88 -23.24
C LEU D 304 -37.01 68.67 -23.66
N PRO D 305 -38.12 68.55 -22.91
CA PRO D 305 -39.28 69.42 -23.18
C PRO D 305 -38.94 70.88 -22.97
N THR D 306 -39.74 71.76 -23.58
CA THR D 306 -39.43 73.17 -23.65
C THR D 306 -39.40 73.83 -22.26
N GLY D 307 -38.55 74.83 -22.13
CA GLY D 307 -38.31 75.48 -20.85
C GLY D 307 -37.35 74.77 -19.92
N SER D 308 -36.69 73.71 -20.36
CA SER D 308 -35.83 72.92 -19.48
C SER D 308 -34.40 73.45 -19.45
N VAL D 309 -33.69 73.07 -18.39
CA VAL D 309 -32.31 73.51 -18.13
C VAL D 309 -31.53 72.29 -17.66
N SER D 310 -30.27 72.17 -18.11
CA SER D 310 -29.41 71.04 -17.72
C SER D 310 -28.08 71.53 -17.16
N ILE D 311 -27.63 70.91 -16.07
CA ILE D 311 -26.37 71.24 -15.40
C ILE D 311 -25.44 70.04 -15.54
N LEU D 312 -24.21 70.30 -15.98
CA LEU D 312 -23.23 69.26 -16.29
C LEU D 312 -21.97 69.44 -15.45
N TYR D 313 -21.52 68.36 -14.82
CA TYR D 313 -20.32 68.33 -13.99
C TYR D 313 -19.34 67.27 -14.49
N ASP D 314 -18.05 67.56 -14.36
CA ASP D 314 -16.98 66.75 -14.95
C ASP D 314 -16.08 66.31 -13.80
N CYS D 315 -16.07 65.00 -13.52
CA CYS D 315 -15.22 64.45 -12.47
C CYS D 315 -13.81 64.09 -12.93
N PHE D 316 -13.52 64.13 -14.24
CA PHE D 316 -12.25 63.65 -14.74
C PHE D 316 -11.19 64.74 -14.83
N GLY D 317 -11.58 65.98 -15.11
CA GLY D 317 -10.60 66.99 -15.46
C GLY D 317 -9.93 66.60 -16.75
N LEU D 318 -8.61 66.61 -16.75
CA LEU D 318 -7.80 66.06 -17.85
C LEU D 318 -6.71 65.19 -17.22
N GLY D 319 -7.12 64.33 -16.29
CA GLY D 319 -6.18 63.51 -15.57
C GLY D 319 -5.52 64.17 -14.39
N GLN D 320 -6.07 65.29 -13.92
CA GLN D 320 -5.51 66.00 -12.77
C GLN D 320 -6.11 65.57 -11.45
N TYR D 321 -7.16 64.76 -11.47
CA TYR D 321 -7.98 64.51 -10.29
C TYR D 321 -7.29 63.65 -9.24
N ARG D 322 -6.04 63.24 -9.45
CA ARG D 322 -5.28 62.50 -8.46
C ARG D 322 -4.16 63.32 -7.84
N ASN D 323 -4.09 64.62 -8.15
CA ASN D 323 -3.09 65.53 -7.61
C ASN D 323 -3.73 66.37 -6.51
N ALA D 324 -2.97 66.63 -5.44
CA ALA D 324 -3.55 67.15 -4.21
C ALA D 324 -4.19 68.53 -4.38
N SER D 325 -3.69 69.35 -5.28
CA SER D 325 -4.26 70.67 -5.50
C SER D 325 -5.42 70.66 -6.47
N SER D 326 -5.84 69.49 -6.97
CA SER D 326 -6.82 69.43 -8.05
C SER D 326 -7.90 68.38 -7.80
N TYR D 327 -8.17 68.01 -6.55
CA TYR D 327 -9.22 67.05 -6.25
C TYR D 327 -10.59 67.57 -6.67
N ARG D 328 -11.50 66.64 -6.97
CA ARG D 328 -12.84 66.97 -7.45
C ARG D 328 -13.93 66.12 -6.81
N HIS D 329 -13.62 65.34 -5.77
CA HIS D 329 -14.52 64.34 -5.24
C HIS D 329 -15.13 64.66 -3.88
N HIS D 330 -14.82 65.82 -3.28
CA HIS D 330 -15.45 66.23 -2.02
C HIS D 330 -16.76 66.97 -2.27
N HIS D 331 -17.63 66.96 -1.26
CA HIS D 331 -18.93 67.62 -1.35
C HIS D 331 -18.77 69.12 -1.56
N ARG D 332 -17.87 69.74 -0.80
CA ARG D 332 -17.65 71.18 -0.80
C ARG D 332 -17.00 71.70 -2.07
N THR D 333 -16.72 70.84 -3.05
CA THR D 333 -16.32 71.27 -4.39
C THR D 333 -17.46 71.11 -5.37
N ALA D 334 -18.02 69.90 -5.46
CA ALA D 334 -19.03 69.56 -6.45
C ALA D 334 -20.33 70.34 -6.21
N LEU D 335 -20.83 70.32 -4.98
CA LEU D 335 -22.11 70.98 -4.71
C LEU D 335 -21.99 72.49 -4.85
N VAL D 336 -20.84 73.06 -4.48
CA VAL D 336 -20.63 74.49 -4.67
C VAL D 336 -20.58 74.84 -6.15
N GLN D 337 -19.92 74.01 -6.97
CA GLN D 337 -19.92 74.19 -8.43
C GLN D 337 -21.32 74.19 -9.01
N MET D 338 -22.10 73.16 -8.70
CA MET D 338 -23.42 73.03 -9.30
C MET D 338 -24.39 74.11 -8.81
N ALA D 339 -24.31 74.46 -7.53
CA ALA D 339 -25.17 75.52 -7.00
C ALA D 339 -24.86 76.86 -7.66
N ASN D 340 -23.57 77.20 -7.77
CA ASN D 340 -23.23 78.48 -8.39
C ASN D 340 -23.46 78.46 -9.90
N GLU D 341 -23.47 77.29 -10.54
CA GLU D 341 -23.82 77.25 -11.95
C GLU D 341 -25.32 77.46 -12.16
N MET D 342 -26.16 77.02 -11.22
CA MET D 342 -27.58 77.39 -11.34
C MET D 342 -27.80 78.85 -10.94
N ALA D 343 -27.06 79.33 -9.94
CA ALA D 343 -27.26 80.67 -9.40
C ALA D 343 -26.84 81.76 -10.37
N SER D 344 -25.76 81.52 -11.13
CA SER D 344 -25.30 82.50 -12.11
C SER D 344 -26.33 82.72 -13.22
N ARG D 345 -27.14 81.72 -13.50
CA ARG D 345 -28.19 81.80 -14.50
C ARG D 345 -29.43 82.50 -13.97
N GLY D 346 -29.48 82.85 -12.70
CA GLY D 346 -30.57 83.59 -12.12
C GLY D 346 -31.62 82.77 -11.40
N LEU D 347 -31.40 81.48 -11.21
CA LEU D 347 -32.42 80.59 -10.68
C LEU D 347 -32.37 80.43 -9.17
N CYS D 348 -31.26 80.76 -8.51
CA CYS D 348 -31.17 80.62 -7.07
C CYS D 348 -30.10 81.58 -6.54
N HIS D 349 -30.08 81.72 -5.21
CA HIS D 349 -29.04 82.52 -4.56
C HIS D 349 -27.69 81.80 -4.63
N PRO D 350 -26.58 82.55 -4.65
CA PRO D 350 -25.26 81.90 -4.70
C PRO D 350 -24.90 81.23 -3.39
N LEU D 351 -24.16 80.13 -3.48
CA LEU D 351 -23.72 79.35 -2.33
C LEU D 351 -22.21 79.46 -2.20
N ILE D 352 -21.74 79.99 -1.08
CA ILE D 352 -20.32 80.26 -0.85
C ILE D 352 -19.87 79.48 0.38
N PRO D 353 -18.67 78.90 0.37
CA PRO D 353 -18.31 77.93 1.40
C PRO D 353 -17.82 78.55 2.69
N ASN D 354 -17.69 77.69 3.71
CA ASN D 354 -17.23 78.06 5.04
C ASN D 354 -16.32 76.97 5.59
N ALA D 355 -15.27 77.36 6.29
CA ALA D 355 -14.33 76.41 6.88
C ALA D 355 -14.86 75.90 8.22
N GLY D 356 -14.88 74.57 8.38
CA GLY D 356 -15.41 73.94 9.58
C GLY D 356 -16.81 73.40 9.47
N THR D 357 -17.47 73.57 8.33
CA THR D 357 -18.82 73.08 8.15
C THR D 357 -18.81 71.61 7.75
N GLY D 358 -19.74 70.82 8.33
CA GLY D 358 -19.86 69.42 7.99
C GLY D 358 -20.69 69.17 6.74
N ILE D 359 -20.70 67.91 6.30
CA ILE D 359 -21.26 67.54 5.00
C ILE D 359 -22.79 67.61 4.99
N SER D 360 -23.44 67.39 6.15
CA SER D 360 -24.90 67.38 6.19
C SER D 360 -25.47 68.77 5.94
N GLN D 361 -24.78 69.80 6.40
CA GLN D 361 -25.17 71.18 6.13
C GLN D 361 -25.11 71.47 4.64
N TYR D 362 -24.07 70.98 3.96
CA TYR D 362 -23.95 71.15 2.51
C TYR D 362 -25.08 70.45 1.78
N MET D 363 -25.45 69.25 2.23
CA MET D 363 -26.55 68.53 1.58
C MET D 363 -27.87 69.29 1.69
N ARG D 364 -28.19 69.77 2.90
CA ARG D 364 -29.44 70.51 3.08
C ARG D 364 -29.45 71.82 2.29
N ALA D 365 -28.33 72.53 2.29
CA ALA D 365 -28.23 73.78 1.55
C ALA D 365 -28.30 73.57 0.04
N PHE D 366 -27.89 72.40 -0.44
CA PHE D 366 -28.03 72.09 -1.86
C PHE D 366 -29.47 71.80 -2.24
N LEU D 367 -30.16 71.01 -1.41
CA LEU D 367 -31.55 70.66 -1.70
C LEU D 367 -32.45 71.90 -1.68
N HIS D 368 -32.16 72.86 -0.81
CA HIS D 368 -32.91 74.11 -0.77
C HIS D 368 -32.87 74.84 -2.12
N ARG D 369 -31.70 74.88 -2.75
CA ARG D 369 -31.58 75.64 -3.97
C ARG D 369 -32.07 74.88 -5.20
N LEU D 370 -32.09 73.55 -5.14
CA LEU D 370 -32.87 72.79 -6.12
C LEU D 370 -34.35 73.17 -6.05
N SER D 371 -34.88 73.28 -4.82
CA SER D 371 -36.27 73.66 -4.62
C SER D 371 -36.54 75.07 -5.14
N GLN D 372 -35.59 75.98 -5.00
CA GLN D 372 -35.75 77.32 -5.58
C GLN D 372 -35.79 77.27 -7.11
N SER D 373 -34.80 76.59 -7.72
CA SER D 373 -34.64 76.63 -9.17
C SER D 373 -35.85 76.05 -9.89
N ILE D 374 -36.34 74.89 -9.43
CA ILE D 374 -37.46 74.29 -10.17
C ILE D 374 -38.73 75.11 -10.01
N SER D 375 -38.89 75.79 -8.88
CA SER D 375 -40.04 76.68 -8.70
C SER D 375 -39.93 77.91 -9.58
N ILE D 376 -38.72 78.39 -9.87
CA ILE D 376 -38.59 79.43 -10.87
C ILE D 376 -39.00 78.93 -12.24
N LEU D 377 -38.57 77.72 -12.61
CA LEU D 377 -38.80 77.24 -13.97
C LEU D 377 -40.26 76.87 -14.25
N ARG D 378 -40.91 76.14 -13.34
CA ARG D 378 -42.25 75.66 -13.69
C ARG D 378 -43.34 76.72 -13.56
N ALA D 379 -43.02 77.91 -13.06
CA ALA D 379 -44.02 78.98 -13.09
C ALA D 379 -44.23 79.55 -14.49
N SER D 380 -43.40 79.18 -15.46
CA SER D 380 -43.52 79.67 -16.82
C SER D 380 -43.75 78.57 -17.84
N GLU D 381 -43.30 77.34 -17.58
CA GLU D 381 -43.56 76.20 -18.44
C GLU D 381 -43.91 75.01 -17.55
N PRO D 382 -45.16 74.56 -17.55
CA PRO D 382 -45.62 73.60 -16.53
C PRO D 382 -45.09 72.18 -16.69
N LEU D 383 -44.42 71.84 -17.79
CA LEU D 383 -43.85 70.50 -17.97
C LEU D 383 -42.33 70.54 -18.16
N ALA D 384 -41.67 71.62 -17.73
CA ALA D 384 -40.23 71.70 -17.78
C ALA D 384 -39.58 70.80 -16.72
N VAL D 385 -38.32 70.43 -16.97
CA VAL D 385 -37.54 69.62 -16.04
C VAL D 385 -36.15 70.23 -15.86
N LEU D 386 -35.51 69.88 -14.76
CA LEU D 386 -34.12 70.22 -14.49
C LEU D 386 -33.29 68.95 -14.53
N CYS D 387 -32.23 68.96 -15.33
CA CYS D 387 -31.37 67.78 -15.49
C CYS D 387 -30.00 68.04 -14.85
N ILE D 388 -29.54 67.10 -14.03
CA ILE D 388 -28.20 67.14 -13.44
C ILE D 388 -27.42 65.91 -13.92
N ILE D 389 -26.23 66.13 -14.45
CA ILE D 389 -25.42 65.10 -15.10
C ILE D 389 -24.08 64.99 -14.39
N ILE D 390 -23.68 63.77 -14.04
CA ILE D 390 -22.37 63.49 -13.48
C ILE D 390 -21.62 62.60 -14.48
N ASP D 391 -20.65 63.18 -15.18
CA ASP D 391 -19.79 62.41 -16.05
C ASP D 391 -18.62 61.82 -15.25
N ALA D 392 -18.18 60.63 -15.67
CA ALA D 392 -17.05 59.90 -15.07
C ALA D 392 -17.25 59.65 -13.59
N ALA D 393 -18.41 59.08 -13.23
CA ALA D 393 -18.78 58.95 -11.82
C ALA D 393 -17.88 57.98 -11.05
N ASP D 394 -17.31 56.98 -11.73
CA ASP D 394 -16.50 55.99 -11.03
C ASP D 394 -15.15 56.53 -10.60
N ASN D 395 -14.62 57.51 -11.36
CA ASN D 395 -13.31 58.08 -11.04
C ASN D 395 -13.32 58.80 -9.70
N ALA D 396 -14.45 59.43 -9.36
CA ALA D 396 -14.56 60.12 -8.07
C ALA D 396 -14.47 59.14 -6.91
N GLN D 397 -14.99 57.92 -7.08
CA GLN D 397 -14.90 56.93 -6.01
C GLN D 397 -13.53 56.27 -5.98
N MET D 398 -12.92 56.06 -7.15
CA MET D 398 -11.57 55.53 -7.20
C MET D 398 -10.58 56.46 -6.50
N ALA D 399 -10.69 57.77 -6.75
CA ALA D 399 -9.80 58.74 -6.13
C ALA D 399 -10.02 58.79 -4.62
N ALA D 400 -11.26 58.63 -4.17
CA ALA D 400 -11.54 58.65 -2.73
C ALA D 400 -10.93 57.43 -2.04
N GLU D 401 -11.13 56.24 -2.61
CA GLU D 401 -10.59 55.05 -1.97
C GLU D 401 -9.07 54.97 -2.09
N GLU D 402 -8.46 55.65 -3.07
CA GLU D 402 -7.01 55.58 -3.18
C GLU D 402 -6.28 56.35 -2.10
N ILE D 403 -6.97 57.20 -1.33
CA ILE D 403 -6.34 57.96 -0.25
C ILE D 403 -6.96 57.68 1.11
N GLY D 404 -7.81 56.65 1.21
CA GLY D 404 -8.31 56.19 2.49
C GLY D 404 -9.68 56.67 2.91
N GLU D 405 -10.39 57.40 2.07
CA GLU D 405 -11.79 57.71 2.34
C GLU D 405 -12.68 56.60 1.79
N THR D 406 -13.98 56.68 2.06
CA THR D 406 -14.92 55.72 1.50
C THR D 406 -16.15 56.35 0.85
N ARG D 407 -16.47 57.60 1.12
CA ARG D 407 -17.73 58.20 0.67
C ARG D 407 -17.44 59.44 -0.16
N SER D 408 -17.30 59.26 -1.46
CA SER D 408 -17.36 60.38 -2.38
C SER D 408 -18.80 60.87 -2.49
N PHE D 409 -18.95 62.09 -3.02
CA PHE D 409 -20.22 62.80 -2.99
C PHE D 409 -21.33 62.06 -3.72
N ILE D 410 -21.02 61.42 -4.84
CA ILE D 410 -22.04 60.76 -5.65
C ILE D 410 -22.60 59.53 -4.94
N LYS D 411 -21.77 58.85 -4.14
CA LYS D 411 -22.20 57.65 -3.45
C LYS D 411 -23.25 57.95 -2.39
N ASP D 412 -23.28 59.17 -1.88
CA ASP D 412 -24.35 59.66 -1.02
C ASP D 412 -25.49 60.27 -1.82
N LEU D 413 -25.17 61.05 -2.86
CA LEU D 413 -26.18 61.77 -3.62
C LEU D 413 -27.11 60.84 -4.38
N ILE D 414 -26.64 59.64 -4.74
CA ILE D 414 -27.48 58.71 -5.50
C ILE D 414 -28.60 58.14 -4.65
N ARG D 415 -28.45 58.12 -3.32
CA ARG D 415 -29.47 57.60 -2.44
C ARG D 415 -30.31 58.68 -1.77
N GLU D 416 -30.09 59.94 -2.12
CA GLU D 416 -30.89 61.03 -1.57
C GLU D 416 -32.17 61.20 -2.39
N LYS D 417 -33.18 61.79 -1.76
CA LYS D 417 -34.47 62.02 -2.40
C LYS D 417 -34.58 63.48 -2.83
N LEU D 418 -34.75 63.70 -4.13
CA LEU D 418 -34.77 65.02 -4.72
C LEU D 418 -36.20 65.51 -4.88
N PRO D 419 -36.40 66.82 -5.10
CA PRO D 419 -37.75 67.33 -5.37
C PRO D 419 -38.32 66.79 -6.68
N ASP D 420 -39.59 67.12 -6.92
CA ASP D 420 -40.25 66.69 -8.14
C ASP D 420 -39.86 67.58 -9.31
N GLY D 421 -39.82 66.99 -10.50
CA GLY D 421 -39.40 67.70 -11.68
C GLY D 421 -37.91 67.78 -11.93
N VAL D 422 -37.09 67.01 -11.21
CA VAL D 422 -35.66 66.92 -11.48
C VAL D 422 -35.29 65.47 -11.74
N CYS D 423 -34.28 65.25 -12.59
CA CYS D 423 -33.81 63.93 -12.97
C CYS D 423 -32.30 63.85 -12.80
N LEU D 424 -31.80 62.64 -12.50
CA LEU D 424 -30.40 62.44 -12.19
C LEU D 424 -29.84 61.30 -13.02
N VAL D 425 -28.76 61.58 -13.75
CA VAL D 425 -28.14 60.64 -14.68
C VAL D 425 -26.65 60.52 -14.35
N ALA D 426 -26.14 59.31 -14.35
CA ALA D 426 -24.71 59.04 -14.20
C ALA D 426 -24.23 58.16 -15.32
N LEU D 427 -22.94 58.24 -15.62
CA LEU D 427 -22.31 57.46 -16.68
C LEU D 427 -21.06 56.78 -16.17
N CYS D 428 -20.85 55.52 -16.54
CA CYS D 428 -19.66 54.81 -16.07
C CYS D 428 -19.33 53.65 -17.01
N ARG D 429 -18.17 53.03 -16.78
CA ARG D 429 -17.79 51.83 -17.52
C ARG D 429 -18.45 50.59 -16.92
N PRO D 430 -18.74 49.57 -17.75
CA PRO D 430 -19.51 48.40 -17.27
C PRO D 430 -18.87 47.62 -16.14
N TYR D 431 -17.55 47.49 -16.13
CA TYR D 431 -16.87 46.69 -15.13
C TYR D 431 -16.59 47.46 -13.84
N ARG D 432 -16.92 48.76 -13.80
CA ARG D 432 -16.73 49.60 -12.63
C ARG D 432 -18.03 50.01 -11.96
N ARG D 433 -19.17 49.53 -12.46
CA ARG D 433 -20.47 50.04 -12.05
C ARG D 433 -20.74 49.86 -10.56
N GLU D 434 -20.28 48.75 -10.00
CA GLU D 434 -20.60 48.41 -8.61
C GLU D 434 -19.80 49.20 -7.59
N LEU D 435 -18.86 50.04 -8.02
CA LEU D 435 -18.19 50.94 -7.08
C LEU D 435 -19.17 51.92 -6.45
N LEU D 436 -20.16 52.38 -7.22
CA LEU D 436 -21.09 53.40 -6.75
C LEU D 436 -22.39 52.83 -6.19
N ASP D 437 -22.59 51.50 -6.25
CA ASP D 437 -23.55 50.69 -5.50
C ASP D 437 -24.99 51.21 -5.57
N PRO D 438 -25.71 50.97 -6.66
CA PRO D 438 -27.05 51.54 -6.81
C PRO D 438 -28.05 50.88 -5.89
N PRO D 439 -29.10 51.59 -5.50
CA PRO D 439 -30.21 50.97 -4.76
C PRO D 439 -31.13 50.21 -5.69
N PRO D 440 -32.03 49.38 -5.15
CA PRO D 440 -32.94 48.59 -6.01
C PRO D 440 -33.88 49.39 -6.91
N GLU D 441 -34.17 50.66 -6.59
CA GLU D 441 -35.05 51.44 -7.45
C GLU D 441 -34.38 51.91 -8.75
N ALA D 442 -33.06 51.81 -8.84
CA ALA D 442 -32.33 52.43 -9.95
C ALA D 442 -32.63 51.76 -11.28
N LEU D 443 -32.49 52.54 -12.35
CA LEU D 443 -32.72 52.11 -13.72
C LEU D 443 -31.40 52.13 -14.48
N THR D 444 -31.15 51.10 -15.28
CA THR D 444 -29.85 50.87 -15.93
C THR D 444 -30.03 50.75 -17.44
N LEU D 445 -29.18 51.46 -18.19
CA LEU D 445 -29.21 51.45 -19.64
C LEU D 445 -27.80 51.36 -20.20
N SER D 446 -27.72 50.93 -21.47
CA SER D 446 -26.45 50.76 -22.15
C SER D 446 -26.46 51.53 -23.47
N LEU D 447 -25.30 52.03 -23.86
CA LEU D 447 -25.13 52.79 -25.10
C LEU D 447 -24.31 51.96 -26.08
N GLN D 448 -24.69 52.00 -27.35
CA GLN D 448 -24.24 51.04 -28.35
C GLN D 448 -23.30 51.67 -29.36
N THR D 449 -22.34 50.87 -29.83
CA THR D 449 -21.33 51.30 -30.78
C THR D 449 -21.93 51.57 -32.17
N PHE D 450 -21.09 52.10 -33.06
CA PHE D 450 -21.49 52.40 -34.43
C PHE D 450 -21.95 51.17 -35.19
N ASN D 451 -22.99 51.37 -36.00
CA ASN D 451 -23.35 50.44 -37.06
C ASN D 451 -22.59 50.79 -38.34
N ARG D 452 -22.93 50.11 -39.44
CA ARG D 452 -22.24 50.34 -40.71
C ARG D 452 -22.49 51.74 -41.26
N ASP D 453 -23.73 52.23 -41.15
CA ASP D 453 -24.06 53.54 -41.72
C ASP D 453 -23.36 54.67 -40.98
N GLU D 454 -23.21 54.54 -39.66
CA GLU D 454 -22.50 55.53 -38.87
C GLU D 454 -21.03 55.59 -39.27
N THR D 455 -20.41 54.42 -39.47
CA THR D 455 -19.02 54.36 -39.90
C THR D 455 -18.86 54.95 -41.30
N ALA D 456 -19.82 54.68 -42.19
CA ALA D 456 -19.78 55.25 -43.54
C ALA D 456 -19.87 56.77 -43.51
N ALA D 457 -20.81 57.31 -42.72
CA ALA D 457 -20.96 58.75 -42.58
C ALA D 457 -19.74 59.37 -41.91
N HIS D 458 -19.05 58.63 -41.05
CA HIS D 458 -17.81 59.10 -40.48
C HIS D 458 -16.69 59.15 -41.53
N LEU D 459 -16.55 58.07 -42.31
CA LEU D 459 -15.44 57.97 -43.25
C LEU D 459 -15.57 58.96 -44.39
N HIS D 460 -16.80 59.18 -44.89
CA HIS D 460 -16.97 60.10 -46.01
C HIS D 460 -16.68 61.57 -45.67
N GLN D 461 -16.49 61.92 -44.41
CA GLN D 461 -16.12 63.29 -44.07
C GLN D 461 -14.72 63.63 -44.58
N LYS D 462 -13.77 62.70 -44.48
CA LYS D 462 -12.42 62.93 -44.93
C LYS D 462 -12.23 62.58 -46.41
N PHE D 463 -12.81 61.47 -46.85
CA PHE D 463 -12.65 60.96 -48.20
C PHE D 463 -14.04 60.77 -48.80
N PRO D 464 -14.65 61.83 -49.34
CA PRO D 464 -16.05 61.77 -49.76
C PRO D 464 -16.33 60.91 -50.97
N ASP D 465 -15.35 60.18 -51.51
CA ASP D 465 -15.58 59.33 -52.68
C ASP D 465 -15.09 57.89 -52.46
N ALA D 466 -14.95 57.47 -51.20
CA ALA D 466 -14.59 56.09 -50.93
C ALA D 466 -15.73 55.14 -51.28
N SER D 467 -15.37 53.96 -51.75
CA SER D 467 -16.32 52.96 -52.19
C SER D 467 -16.89 52.18 -51.00
N GLU D 468 -17.80 51.26 -51.31
CA GLU D 468 -18.40 50.42 -50.27
C GLU D 468 -17.38 49.50 -49.62
N SER D 469 -16.45 48.96 -50.40
CA SER D 469 -15.50 48.02 -49.85
C SER D 469 -14.48 48.71 -48.94
N ASP D 470 -14.20 50.00 -49.19
CA ASP D 470 -13.39 50.75 -48.24
C ASP D 470 -14.10 50.93 -46.92
N VAL D 471 -15.40 51.21 -46.96
CA VAL D 471 -16.21 51.29 -45.75
C VAL D 471 -16.20 49.96 -45.02
N ASP D 472 -16.29 48.85 -45.77
CA ASP D 472 -16.24 47.53 -45.17
C ASP D 472 -14.91 47.26 -44.46
N GLU D 473 -13.80 47.58 -45.13
CA GLU D 473 -12.49 47.34 -44.56
C GLU D 473 -12.23 48.23 -43.35
N PHE D 474 -12.69 49.48 -43.40
CA PHE D 474 -12.48 50.40 -42.29
C PHE D 474 -13.37 50.05 -41.11
N HIS D 475 -14.57 49.54 -41.37
CA HIS D 475 -15.48 49.13 -40.30
C HIS D 475 -15.01 47.86 -39.62
N ARG D 476 -14.44 46.91 -40.38
CA ARG D 476 -13.97 45.67 -39.76
C ARG D 476 -12.71 45.89 -38.93
N LEU D 477 -11.71 46.57 -39.49
CA LEU D 477 -10.41 46.65 -38.87
C LEU D 477 -10.32 47.67 -37.74
N SER D 478 -11.43 48.30 -37.35
CA SER D 478 -11.41 49.27 -36.27
C SER D 478 -12.31 48.89 -35.11
N SER D 479 -12.88 47.68 -35.12
CA SER D 479 -13.71 47.14 -34.06
C SER D 479 -14.92 48.03 -33.73
N CYS D 480 -15.37 48.80 -34.72
CA CYS D 480 -16.52 49.72 -34.62
C CYS D 480 -16.35 50.75 -33.51
N ASN D 481 -15.11 51.10 -33.14
CA ASN D 481 -14.84 51.95 -32.00
C ASN D 481 -14.52 53.37 -32.49
N PRO D 482 -15.33 54.37 -32.13
CA PRO D 482 -15.14 55.73 -32.69
C PRO D 482 -13.79 56.36 -32.37
N ARG D 483 -13.26 56.15 -31.16
CA ARG D 483 -11.98 56.74 -30.79
C ARG D 483 -10.85 56.21 -31.65
N VAL D 484 -10.87 54.91 -31.94
CA VAL D 484 -9.83 54.29 -32.77
C VAL D 484 -9.87 54.86 -34.19
N GLN D 485 -11.09 55.00 -34.75
CA GLN D 485 -11.25 55.56 -36.08
C GLN D 485 -10.75 56.98 -36.16
N ALA D 486 -11.12 57.81 -35.17
CA ALA D 486 -10.66 59.19 -35.14
C ALA D 486 -9.14 59.30 -34.99
N LEU D 487 -8.57 58.46 -34.12
CA LEU D 487 -7.13 58.46 -33.89
C LEU D 487 -6.38 58.08 -35.16
N SER D 488 -6.91 57.12 -35.91
CA SER D 488 -6.27 56.72 -37.16
C SER D 488 -6.41 57.77 -38.24
N LEU D 489 -7.60 58.39 -38.36
CA LEU D 489 -7.81 59.36 -39.43
C LEU D 489 -7.12 60.70 -39.15
N SER D 490 -6.72 60.96 -37.91
CA SER D 490 -6.12 62.25 -37.57
C SER D 490 -4.74 62.48 -38.21
N GLN D 491 -4.11 61.45 -38.78
CA GLN D 491 -2.75 61.58 -39.32
C GLN D 491 -2.67 62.27 -40.67
N ASN D 492 -3.80 62.41 -41.39
CA ASN D 492 -3.85 62.95 -42.75
C ASN D 492 -2.94 62.20 -43.73
N LEU D 493 -2.81 60.89 -43.54
CA LEU D 493 -2.14 60.05 -44.52
C LEU D 493 -3.05 59.86 -45.74
N PRO D 494 -2.48 59.41 -46.86
CA PRO D 494 -3.33 58.95 -47.97
C PRO D 494 -4.19 57.75 -47.56
N LEU D 495 -5.26 57.54 -48.33
CA LEU D 495 -6.29 56.57 -47.97
C LEU D 495 -5.72 55.16 -47.89
N ASN D 496 -4.95 54.77 -48.91
CA ASN D 496 -4.40 53.41 -48.97
C ASN D 496 -3.43 53.15 -47.84
N ASP D 497 -2.62 54.12 -47.47
CA ASP D 497 -1.72 53.96 -46.33
C ASP D 497 -2.50 53.87 -45.02
N THR D 498 -3.60 54.63 -44.92
CA THR D 498 -4.44 54.59 -43.72
C THR D 498 -5.04 53.21 -43.53
N LEU D 499 -5.48 52.56 -44.61
CA LEU D 499 -5.94 51.17 -44.48
C LEU D 499 -4.78 50.20 -44.25
N ARG D 500 -3.63 50.45 -44.90
CA ARG D 500 -2.52 49.50 -44.81
C ARG D 500 -1.95 49.40 -43.40
N LEU D 501 -1.92 50.52 -42.66
CA LEU D 501 -1.38 50.47 -41.31
C LEU D 501 -2.29 49.74 -40.32
N LEU D 502 -3.54 49.50 -40.70
CA LEU D 502 -4.45 48.69 -39.88
C LEU D 502 -4.42 47.21 -40.25
N GLY D 503 -3.67 46.83 -41.28
CA GLY D 503 -3.68 45.47 -41.77
C GLY D 503 -2.67 44.58 -41.07
N PRO D 504 -2.61 43.30 -41.47
CA PRO D 504 -1.67 42.37 -40.86
C PRO D 504 -0.23 42.74 -41.19
N ASN D 505 0.65 42.52 -40.21
CA ASN D 505 2.09 42.76 -40.28
C ASN D 505 2.47 44.09 -40.93
N PRO D 506 2.17 45.22 -40.29
CA PRO D 506 2.45 46.51 -40.91
C PRO D 506 3.95 46.83 -40.89
N LYS D 507 4.27 47.99 -41.44
CA LYS D 507 5.64 48.44 -41.63
C LYS D 507 6.34 48.54 -40.28
N THR D 508 7.40 47.74 -40.11
CA THR D 508 8.11 47.63 -38.84
C THR D 508 9.12 48.78 -38.78
N VAL D 509 8.63 49.96 -38.38
CA VAL D 509 9.48 51.13 -38.26
C VAL D 509 10.37 51.05 -37.02
N GLU D 510 10.03 50.21 -36.07
CA GLU D 510 10.78 50.11 -34.81
C GLU D 510 12.06 49.30 -35.02
N ASP D 511 13.22 49.95 -34.91
CA ASP D 511 14.48 49.26 -35.12
C ASP D 511 14.86 48.34 -33.95
N THR D 512 14.31 48.58 -32.77
CA THR D 512 14.61 47.79 -31.58
C THR D 512 13.27 47.43 -30.94
N ILE D 513 12.86 46.18 -31.16
CA ILE D 513 11.47 45.76 -30.97
C ILE D 513 11.05 45.83 -29.50
N GLY D 514 9.79 46.18 -29.28
CA GLY D 514 9.19 46.17 -27.97
C GLY D 514 9.44 47.40 -27.12
N GLU D 515 10.06 48.44 -27.66
CA GLU D 515 10.47 49.56 -26.82
C GLU D 515 9.29 50.40 -26.37
N VAL D 516 8.38 50.75 -27.29
CA VAL D 516 7.26 51.61 -26.93
C VAL D 516 6.19 50.83 -26.16
N LEU D 517 6.13 49.51 -26.39
CA LEU D 517 5.09 48.69 -25.77
C LEU D 517 5.32 48.57 -24.27
N GLU D 518 6.60 48.50 -23.85
CA GLU D 518 6.95 48.45 -22.44
C GLU D 518 6.48 49.71 -21.72
N LYS D 519 6.71 50.87 -22.33
CA LYS D 519 6.28 52.14 -21.78
C LYS D 519 4.75 52.20 -21.69
N SER D 520 4.07 51.74 -22.73
CA SER D 520 2.60 51.79 -22.75
C SER D 520 2.00 50.93 -21.65
N ILE D 521 2.52 49.72 -21.46
CA ILE D 521 1.99 48.84 -20.42
C ILE D 521 2.28 49.38 -19.03
N ALA D 522 3.48 49.98 -18.83
CA ALA D 522 3.79 50.58 -17.54
C ALA D 522 2.85 51.74 -17.23
N ARG D 523 2.61 52.61 -18.21
CA ARG D 523 1.72 53.75 -18.00
C ARG D 523 0.29 53.28 -17.75
N LEU D 524 -0.13 52.20 -18.41
CA LEU D 524 -1.45 51.63 -18.15
C LEU D 524 -1.55 51.08 -16.73
N ARG D 525 -0.47 50.50 -16.21
CA ARG D 525 -0.50 50.04 -14.81
C ARG D 525 -0.61 51.21 -13.84
N ASP D 526 0.15 52.28 -14.07
CA ASP D 526 0.25 53.35 -13.07
C ASP D 526 -1.07 54.09 -12.87
N THR D 527 -1.88 54.22 -13.92
CA THR D 527 -3.09 55.02 -13.83
C THR D 527 -4.33 54.23 -13.40
N ALA D 528 -4.21 52.92 -13.23
CA ALA D 528 -5.35 52.09 -12.88
C ALA D 528 -5.57 52.05 -11.38
N GLY D 529 -6.77 51.64 -10.99
CA GLY D 529 -7.09 51.53 -9.57
C GLY D 529 -6.31 50.43 -8.88
N ILE D 530 -6.30 50.49 -7.55
CA ILE D 530 -5.49 49.57 -6.76
C ILE D 530 -5.99 48.12 -6.87
N SER D 531 -7.25 47.94 -7.25
CA SER D 531 -7.78 46.60 -7.47
C SER D 531 -7.42 46.04 -8.84
N GLU D 532 -7.12 46.91 -9.80
CA GLU D 532 -7.02 46.48 -11.19
C GLU D 532 -5.66 45.89 -11.53
N ARG D 533 -4.62 46.24 -10.78
CA ARG D 533 -3.25 45.99 -11.22
C ARG D 533 -2.90 44.51 -11.21
N ALA D 534 -3.43 43.75 -10.24
CA ALA D 534 -3.27 42.31 -10.26
C ALA D 534 -3.98 41.69 -11.46
N GLN D 535 -5.14 42.23 -11.84
CA GLN D 535 -5.85 41.72 -13.00
C GLN D 535 -5.09 42.03 -14.29
N ILE D 536 -4.46 43.20 -14.38
CA ILE D 536 -3.64 43.53 -15.54
C ILE D 536 -2.46 42.56 -15.65
N ASP D 537 -1.79 42.29 -14.53
CA ASP D 537 -0.67 41.34 -14.56
C ASP D 537 -1.15 39.93 -14.91
N THR D 538 -2.33 39.54 -14.45
CA THR D 538 -2.86 38.22 -14.76
C THR D 538 -3.21 38.10 -16.24
N ILE D 539 -3.78 39.14 -16.85
CA ILE D 539 -4.07 39.11 -18.27
C ILE D 539 -2.78 39.03 -19.09
N CYS D 540 -1.75 39.78 -18.67
CA CYS D 540 -0.46 39.69 -19.34
C CYS D 540 0.12 38.28 -19.25
N SER D 541 0.00 37.63 -18.09
CA SER D 541 0.49 36.25 -17.97
C SER D 541 -0.34 35.30 -18.83
N ALA D 542 -1.65 35.49 -18.90
CA ALA D 542 -2.50 34.55 -19.62
C ALA D 542 -2.33 34.64 -21.13
N LEU D 543 -2.11 35.85 -21.67
CA LEU D 543 -1.91 35.97 -23.12
C LEU D 543 -0.60 35.36 -23.59
N ALA D 544 0.36 35.12 -22.70
CA ALA D 544 1.67 34.65 -23.11
C ALA D 544 1.73 33.14 -23.33
N ILE D 545 0.68 32.40 -23.01
CA ILE D 545 0.78 30.94 -22.96
C ILE D 545 -0.24 30.22 -23.83
N LEU D 546 -1.35 30.83 -24.24
CA LEU D 546 -2.38 30.11 -24.96
C LEU D 546 -2.10 30.07 -26.47
N ARG D 547 -2.82 29.16 -27.16
CA ARG D 547 -2.72 28.93 -28.60
C ARG D 547 -3.54 29.96 -29.38
N PRO D 548 -3.13 30.28 -30.62
CA PRO D 548 -3.60 31.53 -31.25
C PRO D 548 -4.93 31.43 -32.00
N LEU D 549 -5.99 31.06 -31.29
CA LEU D 549 -7.26 31.77 -31.47
C LEU D 549 -8.06 31.70 -30.19
N ILE D 550 -7.89 32.69 -29.32
CA ILE D 550 -8.42 32.60 -27.97
C ILE D 550 -9.85 33.13 -27.92
N PRO D 551 -10.82 32.32 -27.52
CA PRO D 551 -12.14 32.86 -27.22
C PRO D 551 -12.17 33.50 -25.85
N LEU D 552 -12.95 34.58 -25.72
CA LEU D 552 -12.94 35.37 -24.49
C LEU D 552 -13.51 34.62 -23.30
N SER D 553 -14.37 33.64 -23.53
CA SER D 553 -14.98 32.91 -22.43
C SER D 553 -13.96 32.07 -21.67
N VAL D 554 -13.08 31.37 -22.41
CA VAL D 554 -12.09 30.51 -21.77
C VAL D 554 -11.05 31.35 -21.04
N LEU D 555 -10.64 32.46 -21.65
CA LEU D 555 -9.71 33.39 -21.00
C LEU D 555 -10.30 33.95 -19.71
N SER D 556 -11.58 34.32 -19.75
CA SER D 556 -12.28 34.80 -18.56
C SER D 556 -12.36 33.73 -17.49
N ALA D 557 -12.63 32.49 -17.89
CA ALA D 557 -12.74 31.41 -16.92
C ALA D 557 -11.42 31.10 -16.24
N ILE D 558 -10.34 30.97 -17.02
CA ILE D 558 -9.07 30.57 -16.42
C ILE D 558 -8.43 31.74 -15.66
N SER D 559 -8.72 32.98 -16.04
CA SER D 559 -8.09 34.10 -15.33
C SER D 559 -8.96 34.67 -14.21
N GLY D 560 -10.27 34.50 -14.30
CA GLY D 560 -11.17 35.08 -13.33
C GLY D 560 -11.51 36.54 -13.55
N VAL D 561 -11.00 37.16 -14.60
CA VAL D 561 -11.31 38.55 -14.91
C VAL D 561 -12.58 38.63 -15.75
N ALA D 562 -13.37 39.67 -15.51
CA ALA D 562 -14.56 39.93 -16.31
C ALA D 562 -14.17 40.29 -17.74
N GLY D 563 -15.01 39.87 -18.70
CA GLY D 563 -14.67 40.03 -20.11
C GLY D 563 -14.56 41.47 -20.56
N SER D 564 -15.38 42.35 -19.97
CA SER D 564 -15.36 43.75 -20.38
C SER D 564 -14.07 44.43 -19.98
N ALA D 565 -13.45 43.98 -18.88
CA ALA D 565 -12.14 44.51 -18.50
C ALA D 565 -11.07 44.11 -19.51
N ILE D 566 -11.13 42.88 -20.00
CA ILE D 566 -10.18 42.42 -21.02
C ILE D 566 -10.34 43.22 -22.30
N LYS D 567 -11.58 43.44 -22.71
CA LYS D 567 -11.84 44.21 -23.93
C LYS D 567 -11.39 45.65 -23.78
N SER D 568 -11.64 46.27 -22.63
CA SER D 568 -11.21 47.65 -22.41
C SER D 568 -9.69 47.76 -22.35
N PHE D 569 -9.02 46.75 -21.77
CA PHE D 569 -7.56 46.73 -21.78
C PHE D 569 -7.01 46.67 -23.21
N ALA D 570 -7.60 45.82 -24.04
CA ALA D 570 -7.11 45.69 -25.42
C ALA D 570 -7.43 46.94 -26.23
N LEU D 571 -8.56 47.59 -25.95
CA LEU D 571 -8.87 48.84 -26.63
C LEU D 571 -7.95 49.98 -26.17
N ASP D 572 -7.55 49.97 -24.91
CA ASP D 572 -6.61 50.99 -24.43
C ASP D 572 -5.23 50.80 -25.05
N LEU D 573 -4.70 49.56 -25.01
CA LEU D 573 -3.33 49.33 -25.42
C LEU D 573 -3.14 49.52 -26.92
N GLY D 574 -4.16 49.23 -27.71
CA GLY D 574 -4.04 49.34 -29.16
C GLY D 574 -3.26 48.18 -29.75
N ARG D 575 -2.62 48.45 -30.89
CA ARG D 575 -1.81 47.44 -31.56
C ARG D 575 -0.61 47.06 -30.68
N PRO D 576 -0.15 45.81 -30.75
CA PRO D 576 -0.44 44.72 -31.70
C PRO D 576 -1.73 43.94 -31.46
N LEU D 577 -2.51 44.19 -30.42
CA LEU D 577 -3.70 43.40 -30.16
C LEU D 577 -4.87 43.84 -31.02
N ILE D 578 -5.85 42.94 -31.18
CA ILE D 578 -7.12 43.28 -31.82
C ILE D 578 -8.21 42.42 -31.20
N VAL D 579 -9.41 42.99 -31.10
CA VAL D 579 -10.61 42.29 -30.64
C VAL D 579 -11.58 42.25 -31.80
N SER D 580 -12.09 41.06 -32.12
CA SER D 580 -13.16 40.98 -33.11
C SER D 580 -14.02 39.77 -32.77
N GLY D 581 -15.32 39.91 -32.97
CA GLY D 581 -16.25 38.90 -32.49
C GLY D 581 -16.13 38.73 -30.99
N GLU D 582 -15.87 37.49 -30.56
CA GLU D 582 -15.47 37.20 -29.19
C GLU D 582 -14.06 36.62 -29.14
N THR D 583 -13.17 37.13 -29.99
CA THR D 583 -11.81 36.60 -30.11
C THR D 583 -10.77 37.70 -30.01
N ILE D 584 -9.65 37.36 -29.37
CA ILE D 584 -8.46 38.19 -29.24
C ILE D 584 -7.39 37.68 -30.21
N GLN D 585 -6.64 38.60 -30.82
CA GLN D 585 -5.52 38.19 -31.68
C GLN D 585 -4.36 39.16 -31.60
N PHE D 586 -3.17 38.65 -31.91
CA PHE D 586 -2.02 39.46 -32.30
C PHE D 586 -1.98 39.61 -33.82
N PHE D 587 -1.58 40.79 -34.30
CA PHE D 587 -1.41 41.08 -35.72
C PHE D 587 0.02 41.36 -36.15
N ASP D 588 1.04 41.04 -35.35
CA ASP D 588 2.39 41.25 -35.84
C ASP D 588 3.27 40.22 -35.13
N GLU D 589 4.27 39.68 -35.85
CA GLU D 589 4.98 38.49 -35.37
C GLU D 589 6.11 38.76 -34.36
N PRO D 590 7.14 39.59 -34.63
CA PRO D 590 8.15 39.80 -33.59
C PRO D 590 7.62 40.52 -32.36
N ALA D 591 6.58 41.33 -32.48
CA ALA D 591 5.91 41.86 -31.30
C ALA D 591 5.33 40.74 -30.45
N GLU D 592 4.70 39.76 -31.10
CA GLU D 592 4.17 38.60 -30.39
C GLU D 592 5.29 37.79 -29.73
N THR D 593 6.41 37.62 -30.44
CA THR D 593 7.53 36.87 -29.87
C THR D 593 8.11 37.57 -28.65
N TRP D 594 8.29 38.89 -28.73
CA TRP D 594 8.81 39.64 -27.59
C TRP D 594 7.85 39.58 -26.42
N PHE D 595 6.55 39.68 -26.69
CA PHE D 595 5.54 39.59 -25.63
C PHE D 595 5.59 38.21 -24.98
N GLN D 596 5.72 37.15 -25.76
CA GLN D 596 5.77 35.81 -25.19
C GLN D 596 7.07 35.53 -24.45
N ARG D 597 8.12 36.31 -24.72
CA ARG D 597 9.34 36.13 -23.93
C ARG D 597 9.34 37.00 -22.68
N ARG D 598 8.71 38.17 -22.74
CA ARG D 598 8.82 39.16 -21.69
C ARG D 598 7.94 38.83 -20.48
N PHE D 599 6.78 38.22 -20.70
CA PHE D 599 5.77 38.07 -19.65
C PHE D 599 5.43 36.62 -19.36
N ARG D 600 6.39 35.70 -19.51
CA ARG D 600 6.12 34.28 -19.34
C ARG D 600 5.75 33.98 -17.88
N PRO D 601 4.71 33.18 -17.64
CA PRO D 601 4.14 33.07 -16.28
C PRO D 601 5.05 32.35 -15.30
N SER D 602 4.66 32.42 -14.03
CA SER D 602 5.32 31.74 -12.92
C SER D 602 4.65 30.40 -12.61
N ALA D 603 5.21 29.70 -11.61
CA ALA D 603 4.69 28.39 -11.24
C ALA D 603 3.30 28.45 -10.63
N ALA D 604 3.03 29.44 -9.78
CA ALA D 604 1.71 29.53 -9.16
C ALA D 604 0.63 29.90 -10.18
N ASP D 605 0.98 30.77 -11.13
CA ASP D 605 0.08 31.10 -12.23
C ASP D 605 -0.26 29.86 -13.03
N LEU D 606 0.75 29.06 -13.37
CA LEU D 606 0.53 27.84 -14.13
C LEU D 606 -0.33 26.84 -13.37
N HIS D 607 -0.10 26.71 -12.07
CA HIS D 607 -0.92 25.81 -11.26
C HIS D 607 -2.39 26.24 -11.27
N GLN D 608 -2.62 27.55 -11.12
CA GLN D 608 -4.00 28.06 -11.16
C GLN D 608 -4.63 27.83 -12.53
N PHE D 609 -3.89 28.08 -13.61
CA PHE D 609 -4.46 27.89 -14.95
C PHE D 609 -4.79 26.43 -15.22
N ILE D 610 -3.92 25.50 -14.81
CA ILE D 610 -4.19 24.07 -15.02
C ILE D 610 -5.43 23.64 -14.22
N THR D 611 -5.49 24.04 -12.95
CA THR D 611 -6.63 23.66 -12.11
C THR D 611 -7.95 24.22 -12.63
N LYS D 612 -7.95 25.48 -13.05
CA LYS D 612 -9.14 26.06 -13.64
C LYS D 612 -9.49 25.43 -14.98
N LEU D 613 -8.49 25.05 -15.77
CA LEU D 613 -8.72 24.67 -17.16
C LEU D 613 -9.25 23.25 -17.28
N ARG D 614 -8.73 22.32 -16.47
CA ARG D 614 -9.04 20.90 -16.63
C ARG D 614 -10.52 20.51 -16.62
N PRO D 615 -11.40 21.06 -15.77
CA PRO D 615 -12.83 20.67 -15.87
C PRO D 615 -13.51 21.01 -17.19
N LEU D 616 -13.06 22.05 -17.89
CA LEU D 616 -13.73 22.47 -19.13
C LEU D 616 -13.53 21.51 -20.28
N THR D 617 -12.58 20.57 -20.17
CA THR D 617 -12.17 19.73 -21.29
C THR D 617 -13.23 18.74 -21.75
N LYS D 618 -14.33 18.57 -21.00
CA LYS D 618 -15.38 17.66 -21.44
C LYS D 618 -16.21 18.23 -22.58
N ASP D 619 -16.16 19.53 -22.83
CA ASP D 619 -17.05 20.16 -23.80
C ASP D 619 -16.33 20.91 -24.92
N SER D 620 -15.17 21.49 -24.65
CA SER D 620 -14.53 22.43 -25.56
C SER D 620 -13.39 21.74 -26.31
N SER D 621 -13.40 21.85 -27.64
CA SER D 621 -12.28 21.39 -28.43
C SER D 621 -11.02 22.19 -28.13
N TYR D 622 -11.17 23.48 -27.86
CA TYR D 622 -10.04 24.35 -27.57
C TYR D 622 -9.31 23.94 -26.30
N ALA D 623 -10.05 23.69 -25.22
CA ALA D 623 -9.44 23.33 -23.95
C ALA D 623 -8.70 22.01 -24.05
N ALA D 624 -9.32 21.02 -24.72
CA ALA D 624 -8.68 19.74 -24.94
C ALA D 624 -7.43 19.87 -25.80
N SER D 625 -7.43 20.81 -26.74
CA SER D 625 -6.23 21.01 -27.55
C SER D 625 -5.14 21.74 -26.78
N VAL D 626 -5.50 22.62 -25.83
CA VAL D 626 -4.51 23.46 -25.17
C VAL D 626 -3.83 22.74 -24.00
N LEU D 627 -4.57 21.91 -23.27
CA LEU D 627 -4.10 21.40 -21.97
C LEU D 627 -2.71 20.75 -21.93
N PRO D 628 -2.29 19.86 -22.86
CA PRO D 628 -0.97 19.22 -22.71
C PRO D 628 0.21 20.17 -22.69
N ALA D 629 0.15 21.26 -23.46
CA ALA D 629 1.24 22.23 -23.46
C ALA D 629 1.37 22.93 -22.12
N LEU D 630 0.28 23.08 -21.38
CA LEU D 630 0.38 23.63 -20.04
C LEU D 630 0.89 22.58 -19.05
N MET D 631 0.49 21.31 -19.22
CA MET D 631 0.97 20.29 -18.30
C MET D 631 2.46 20.04 -18.45
N LEU D 632 3.01 20.22 -19.65
CA LEU D 632 4.46 20.07 -19.79
C LEU D 632 5.19 21.17 -19.03
N GLU D 633 4.68 22.40 -19.06
CA GLU D 633 5.24 23.50 -18.29
C GLU D 633 5.12 23.26 -16.79
N GLY D 634 3.97 22.73 -16.36
CA GLY D 634 3.74 22.54 -14.94
C GLY D 634 4.51 21.39 -14.31
N ASN D 635 5.19 20.58 -15.13
CA ASN D 635 5.92 19.38 -14.70
C ASN D 635 5.00 18.34 -14.08
N GLN D 636 3.75 18.30 -14.54
CA GLN D 636 2.85 17.17 -14.29
C GLN D 636 3.02 16.12 -15.38
N LEU D 637 4.20 15.48 -15.37
CA LEU D 637 4.66 14.70 -16.52
C LEU D 637 3.97 13.34 -16.62
N SER D 638 3.88 12.63 -15.49
CA SER D 638 3.35 11.26 -15.52
C SER D 638 1.88 11.24 -15.92
N GLU D 639 1.13 12.25 -15.50
CA GLU D 639 -0.26 12.39 -15.91
C GLU D 639 -0.35 12.59 -17.42
N LEU D 640 0.59 13.32 -18.00
CA LEU D 640 0.62 13.53 -19.43
C LEU D 640 0.93 12.23 -20.17
N ILE D 641 1.87 11.45 -19.64
CA ILE D 641 2.20 10.15 -20.22
C ILE D 641 0.98 9.24 -20.25
N GLU D 642 0.31 9.11 -19.09
CA GLU D 642 -0.85 8.24 -19.04
C GLU D 642 -2.05 8.83 -19.75
N LEU D 643 -2.07 10.14 -19.99
CA LEU D 643 -3.11 10.73 -20.81
C LEU D 643 -2.96 10.33 -22.26
N ALA D 644 -1.72 10.31 -22.76
CA ALA D 644 -1.53 9.94 -24.16
C ALA D 644 -1.61 8.44 -24.40
N ILE D 645 -1.11 7.63 -23.47
CA ILE D 645 -1.09 6.18 -23.68
C ILE D 645 -2.50 5.61 -23.64
N SER D 646 -3.28 5.97 -22.64
CA SER D 646 -4.60 5.38 -22.45
C SER D 646 -5.64 6.01 -23.37
N SER D 647 -6.79 5.35 -23.46
CA SER D 647 -7.91 5.76 -24.30
C SER D 647 -8.81 6.82 -23.65
N GLN D 648 -8.23 7.95 -23.27
CA GLN D 648 -9.01 9.01 -22.64
C GLN D 648 -9.93 9.70 -23.65
N ALA D 649 -11.09 10.13 -23.16
CA ALA D 649 -12.22 10.52 -23.99
C ALA D 649 -11.96 11.84 -24.73
N LEU D 650 -12.90 12.19 -25.60
CA LEU D 650 -12.84 13.37 -26.46
C LEU D 650 -14.23 13.98 -26.60
N PRO D 651 -14.32 15.28 -26.83
CA PRO D 651 -15.60 15.90 -27.15
C PRO D 651 -16.09 15.50 -28.54
N GLU D 652 -17.38 15.70 -28.78
CA GLU D 652 -17.98 15.37 -30.06
C GLU D 652 -17.63 16.43 -31.10
N THR D 653 -16.91 16.03 -32.15
CA THR D 653 -16.45 16.99 -33.15
C THR D 653 -16.13 16.24 -34.43
N SER D 654 -15.93 17.02 -35.50
CA SER D 654 -15.54 16.49 -36.80
C SER D 654 -14.09 16.02 -36.78
N ALA D 655 -13.72 15.29 -37.84
CA ALA D 655 -12.42 14.63 -37.93
C ALA D 655 -11.25 15.63 -37.89
N VAL D 656 -11.43 16.78 -38.55
CA VAL D 656 -10.37 17.77 -38.71
C VAL D 656 -9.88 18.28 -37.35
N GLU D 657 -10.79 18.33 -36.37
CA GLU D 657 -10.40 18.74 -35.02
C GLU D 657 -9.87 17.57 -34.20
N ARG D 658 -10.41 16.37 -34.40
CA ARG D 658 -10.01 15.22 -33.59
C ARG D 658 -8.58 14.78 -33.85
N ARG D 659 -8.14 14.87 -35.12
CA ARG D 659 -6.75 14.58 -35.46
C ARG D 659 -5.79 15.47 -34.70
N ASP D 660 -6.16 16.75 -34.53
CA ASP D 660 -5.30 17.73 -33.86
C ASP D 660 -5.04 17.34 -32.41
N ILE D 661 -6.09 16.97 -31.69
CA ILE D 661 -5.95 16.62 -30.28
C ILE D 661 -5.09 15.38 -30.12
N GLU D 662 -5.31 14.38 -30.98
CA GLU D 662 -4.51 13.16 -30.91
C GLU D 662 -3.01 13.46 -31.12
N LEU D 663 -2.71 14.26 -32.15
CA LEU D 663 -1.32 14.58 -32.46
C LEU D 663 -0.64 15.37 -31.35
N GLN D 664 -1.35 16.36 -30.77
CA GLN D 664 -0.75 17.17 -29.72
C GLN D 664 -0.42 16.33 -28.49
N ARG D 665 -1.34 15.42 -28.11
CA ARG D 665 -1.09 14.55 -26.97
C ARG D 665 0.16 13.70 -27.18
N LEU D 666 0.30 13.10 -28.37
CA LEU D 666 1.48 12.26 -28.63
C LEU D 666 2.77 13.09 -28.61
N GLN D 667 2.73 14.27 -29.24
CA GLN D 667 3.94 15.09 -29.38
C GLN D 667 4.48 15.56 -28.04
N PHE D 668 3.60 15.88 -27.08
CA PHE D 668 4.16 16.31 -25.79
C PHE D 668 4.46 15.16 -24.84
N ALA D 669 3.74 14.04 -24.93
CA ALA D 669 4.10 12.90 -24.11
C ALA D 669 5.46 12.33 -24.47
N LEU D 670 5.89 12.47 -25.72
CA LEU D 670 7.23 12.01 -26.08
C LEU D 670 8.31 12.77 -25.30
N LYS D 671 8.17 14.09 -25.19
CA LYS D 671 9.10 14.91 -24.41
C LYS D 671 9.08 14.52 -22.94
N ALA D 672 7.88 14.32 -22.38
CA ALA D 672 7.81 13.95 -20.97
C ALA D 672 8.47 12.59 -20.71
N ALA D 673 8.26 11.63 -21.61
CA ALA D 673 8.85 10.30 -21.45
C ALA D 673 10.37 10.35 -21.52
N LEU D 674 10.92 11.15 -22.43
CA LEU D 674 12.38 11.30 -22.44
C LEU D 674 12.87 12.02 -21.19
N ARG D 675 12.09 12.94 -20.64
CA ARG D 675 12.53 13.62 -19.42
C ARG D 675 12.44 12.75 -18.17
N THR D 676 11.67 11.67 -18.19
CA THR D 676 11.58 10.82 -17.00
C THR D 676 12.13 9.41 -17.22
N GLY D 677 12.95 9.20 -18.25
CA GLY D 677 13.67 7.94 -18.41
C GLY D 677 12.84 6.73 -18.78
N ARG D 678 11.64 6.95 -19.31
CA ARG D 678 10.70 5.89 -19.69
C ARG D 678 10.95 5.42 -21.12
N TYR D 679 12.15 4.91 -21.41
CA TYR D 679 12.64 4.77 -22.79
C TYR D 679 11.79 3.84 -23.65
N GLN D 680 11.30 2.74 -23.09
CA GLN D 680 10.49 1.81 -23.87
C GLN D 680 9.20 2.46 -24.35
N ASP D 681 8.54 3.21 -23.46
CA ASP D 681 7.36 3.95 -23.86
C ASP D 681 7.70 5.04 -24.86
N ALA D 682 8.89 5.64 -24.74
CA ALA D 682 9.31 6.67 -25.68
C ALA D 682 9.46 6.11 -27.09
N ALA D 683 10.06 4.92 -27.23
CA ALA D 683 10.21 4.32 -28.55
C ALA D 683 8.87 3.96 -29.15
N LYS D 684 7.96 3.42 -28.34
CA LYS D 684 6.64 3.08 -28.84
C LYS D 684 5.87 4.34 -29.28
N LEU D 685 6.00 5.43 -28.51
CA LEU D 685 5.35 6.69 -28.87
C LEU D 685 5.92 7.29 -30.16
N ALA D 686 7.24 7.19 -30.36
CA ALA D 686 7.83 7.72 -31.59
C ALA D 686 7.32 6.96 -32.82
N LEU D 687 7.27 5.63 -32.73
CA LEU D 687 6.73 4.84 -33.84
C LEU D 687 5.27 5.17 -34.09
N LYS D 688 4.49 5.37 -33.03
CA LYS D 688 3.10 5.71 -33.20
C LYS D 688 2.91 7.11 -33.79
N ALA D 689 3.81 8.05 -33.47
CA ALA D 689 3.59 9.45 -33.83
C ALA D 689 4.02 9.78 -35.24
N GLY D 690 4.98 9.03 -35.80
CA GLY D 690 5.46 9.34 -37.15
C GLY D 690 4.36 9.35 -38.21
N GLY D 691 3.48 8.34 -38.16
CA GLY D 691 2.41 8.25 -39.15
C GLY D 691 1.38 9.36 -39.02
N GLU D 692 1.06 9.76 -37.78
CA GLU D 692 0.13 10.87 -37.58
C GLU D 692 0.71 12.18 -38.08
N CYS D 693 2.01 12.41 -37.86
CA CYS D 693 2.63 13.63 -38.37
C CYS D 693 2.60 13.68 -39.89
N ALA D 694 2.93 12.56 -40.54
CA ALA D 694 2.87 12.51 -42.00
C ALA D 694 1.44 12.70 -42.52
N GLY D 695 0.46 12.15 -41.83
CA GLY D 695 -0.92 12.35 -42.22
C GLY D 695 -1.38 13.78 -42.11
N ASP D 696 -0.94 14.50 -41.07
CA ASP D 696 -1.27 15.92 -40.95
C ASP D 696 -0.66 16.73 -42.08
N ASN D 697 0.61 16.45 -42.39
CA ASN D 697 1.28 17.17 -43.47
C ASN D 697 0.61 16.89 -44.81
N ARG D 698 0.13 15.66 -45.01
CA ARG D 698 -0.54 15.32 -46.26
C ARG D 698 -1.97 15.89 -46.31
N GLN D 699 -2.58 16.14 -45.16
CA GLN D 699 -3.93 16.70 -45.10
C GLN D 699 -3.94 18.19 -45.45
N ARG D 700 -2.94 18.94 -44.98
CA ARG D 700 -2.97 20.38 -45.18
C ARG D 700 -2.83 20.80 -46.64
N VAL D 701 -2.06 20.05 -47.44
CA VAL D 701 -1.97 20.33 -48.87
C VAL D 701 -3.30 20.03 -49.57
N LEU D 702 -3.98 18.98 -49.14
CA LEU D 702 -5.27 18.63 -49.72
C LEU D 702 -6.30 19.72 -49.44
N LEU D 703 -6.30 20.29 -48.24
CA LEU D 703 -7.19 21.43 -47.99
C LEU D 703 -6.78 22.65 -48.81
N ARG D 704 -5.46 22.89 -48.96
CA ARG D 704 -5.00 24.06 -49.70
C ARG D 704 -5.43 24.01 -51.17
N ASP D 705 -5.35 22.84 -51.79
CA ASP D 705 -5.58 22.75 -53.23
C ASP D 705 -7.05 22.69 -53.63
N ASN D 706 -7.98 22.67 -52.67
CA ASN D 706 -9.40 22.46 -52.94
C ASN D 706 -10.26 23.46 -52.17
N ILE D 707 -9.95 24.75 -52.36
CA ILE D 707 -10.60 25.86 -51.65
C ILE D 707 -12.11 25.85 -51.82
N ASP D 708 -12.59 25.50 -53.02
CA ASP D 708 -14.02 25.55 -53.32
C ASP D 708 -14.82 24.61 -52.43
N LEU D 709 -14.31 23.40 -52.18
CA LEU D 709 -15.00 22.49 -51.27
C LEU D 709 -14.67 22.79 -49.82
N ALA D 710 -13.42 23.17 -49.54
CA ALA D 710 -12.98 23.39 -48.16
C ALA D 710 -13.75 24.52 -47.50
N ALA D 711 -13.98 25.61 -48.22
CA ALA D 711 -14.74 26.72 -47.67
C ALA D 711 -16.19 26.37 -47.40
N LYS D 712 -16.72 25.34 -48.06
CA LYS D 712 -18.13 24.99 -47.92
C LYS D 712 -18.35 23.95 -46.82
N PHE D 713 -17.48 22.96 -46.70
CA PHE D 713 -17.68 21.92 -45.70
C PHE D 713 -16.99 22.19 -44.38
N VAL D 714 -16.28 23.31 -44.25
CA VAL D 714 -15.74 23.77 -42.97
C VAL D 714 -16.46 25.06 -42.59
N GLY D 715 -16.87 25.18 -41.32
CA GLY D 715 -17.55 26.36 -40.87
C GLY D 715 -16.64 27.58 -40.81
N SER D 716 -17.25 28.75 -40.61
CA SER D 716 -16.49 30.00 -40.63
C SER D 716 -15.51 30.09 -39.49
N ASN D 717 -15.83 29.49 -38.34
CA ASN D 717 -14.90 29.45 -37.22
C ASN D 717 -13.63 28.68 -37.57
N GLY D 718 -13.78 27.52 -38.22
CA GLY D 718 -12.63 26.78 -38.67
C GLY D 718 -11.83 27.52 -39.74
N VAL D 719 -12.52 28.25 -40.61
CA VAL D 719 -11.86 29.03 -41.65
C VAL D 719 -11.01 30.13 -41.04
N GLN D 720 -11.54 30.82 -40.03
CA GLN D 720 -10.74 31.84 -39.34
C GLN D 720 -9.58 31.22 -38.58
N GLU D 721 -9.79 30.04 -37.98
CA GLU D 721 -8.74 29.42 -37.19
C GLU D 721 -7.62 28.86 -38.08
N LEU D 722 -7.93 28.46 -39.32
CA LEU D 722 -6.90 28.03 -40.25
C LEU D 722 -5.95 29.18 -40.60
N VAL D 723 -6.51 30.36 -40.85
CA VAL D 723 -5.70 31.54 -41.15
C VAL D 723 -4.91 31.98 -39.92
N SER D 724 -5.55 31.92 -38.75
CA SER D 724 -4.90 32.38 -37.52
C SER D 724 -3.70 31.52 -37.16
N ARG D 725 -3.80 30.21 -37.31
CA ARG D 725 -2.71 29.30 -36.98
C ARG D 725 -1.66 29.19 -38.09
N ASN D 726 -1.89 29.80 -39.26
CA ASN D 726 -0.97 29.79 -40.39
C ASN D 726 -0.69 28.36 -40.87
N ALA D 727 -1.73 27.74 -41.44
CA ALA D 727 -1.68 26.32 -41.78
C ALA D 727 -1.15 26.05 -43.19
N PHE D 728 -1.36 26.96 -44.14
CA PHE D 728 -0.97 26.59 -45.51
C PHE D 728 0.52 26.87 -45.72
N PRO D 729 1.20 26.03 -46.51
CA PRO D 729 2.59 26.34 -46.90
C PRO D 729 2.69 27.04 -48.25
N ASP D 730 3.84 27.66 -48.48
CA ASP D 730 4.11 28.42 -49.70
C ASP D 730 4.26 27.51 -50.92
N THR D 731 4.17 28.14 -52.11
CA THR D 731 4.21 27.42 -53.39
C THR D 731 5.25 28.02 -54.33
N GLY D 732 6.46 28.27 -53.82
CA GLY D 732 7.57 28.60 -54.70
C GLY D 732 7.91 30.06 -54.88
N TRP D 733 7.16 30.97 -54.27
CA TRP D 733 7.57 32.37 -54.20
C TRP D 733 7.10 32.92 -52.86
N PRO D 734 7.89 33.83 -52.24
CA PRO D 734 7.89 33.92 -50.76
C PRO D 734 6.58 34.34 -50.11
N GLY D 735 5.70 35.05 -50.81
CA GLY D 735 4.45 35.49 -50.23
C GLY D 735 3.22 34.72 -50.66
N SER D 736 3.37 33.48 -51.12
CA SER D 736 2.31 32.76 -51.83
C SER D 736 1.09 32.50 -50.95
N ARG D 737 1.29 32.21 -49.65
CA ARG D 737 0.21 31.78 -48.76
C ARG D 737 -0.96 32.74 -48.78
N ASN D 738 -0.66 34.04 -48.79
CA ASN D 738 -1.68 35.07 -48.69
C ASN D 738 -2.62 35.08 -49.90
N ALA D 739 -2.20 34.49 -51.02
CA ALA D 739 -3.11 34.34 -52.14
C ALA D 739 -4.26 33.39 -51.80
N TYR D 740 -3.95 32.29 -51.11
CA TYR D 740 -5.01 31.33 -50.78
C TYR D 740 -5.86 31.80 -49.60
N TYR D 741 -5.23 32.43 -48.60
CA TYR D 741 -5.99 32.99 -47.48
C TYR D 741 -7.00 34.03 -47.95
N ALA D 742 -6.62 34.84 -48.95
CA ALA D 742 -7.55 35.79 -49.54
C ALA D 742 -8.73 35.07 -50.18
N ALA D 743 -8.49 33.94 -50.83
CA ALA D 743 -9.55 33.23 -51.53
C ALA D 743 -10.57 32.64 -50.57
N ILE D 744 -10.11 31.87 -49.58
CA ILE D 744 -11.01 31.10 -48.72
C ILE D 744 -11.87 32.00 -47.85
N LEU D 745 -11.35 33.17 -47.47
CA LEU D 745 -12.14 34.12 -46.71
C LEU D 745 -13.22 34.76 -47.57
N SER D 746 -12.95 34.93 -48.87
CA SER D 746 -13.87 35.69 -49.72
C SER D 746 -15.18 34.96 -49.98
N GLU D 747 -15.30 33.68 -49.61
CA GLU D 747 -16.54 32.95 -49.81
C GLU D 747 -17.62 33.37 -48.82
N TYR D 748 -17.25 34.03 -47.73
CA TYR D 748 -18.18 34.41 -46.68
C TYR D 748 -18.37 35.92 -46.74
N PRO D 749 -19.62 36.42 -46.76
CA PRO D 749 -19.82 37.88 -46.78
C PRO D 749 -19.27 38.58 -45.55
N GLU D 750 -19.55 38.07 -44.35
CA GLU D 750 -19.22 38.78 -43.12
C GLU D 750 -17.73 38.86 -42.84
N LEU D 751 -16.91 38.08 -43.53
CA LEU D 751 -15.46 38.16 -43.40
C LEU D 751 -14.83 39.01 -44.49
N SER D 752 -15.66 39.63 -45.35
CA SER D 752 -15.16 40.30 -46.55
C SER D 752 -14.16 41.40 -46.24
N GLY D 753 -14.40 42.15 -45.16
CA GLY D 753 -13.50 43.22 -44.78
C GLY D 753 -12.10 42.74 -44.47
N GLU D 754 -11.98 41.54 -43.90
CA GLU D 754 -10.63 40.99 -43.69
C GLU D 754 -10.03 40.53 -45.01
N ALA D 755 -10.85 39.97 -45.91
CA ALA D 755 -10.33 39.33 -47.11
C ALA D 755 -9.56 40.31 -47.99
N ARG D 756 -10.16 41.49 -48.22
CA ARG D 756 -9.49 42.56 -48.96
C ARG D 756 -8.15 42.90 -48.34
N SER D 757 -8.09 43.01 -47.01
CA SER D 757 -6.84 43.40 -46.36
C SER D 757 -5.77 42.34 -46.54
N ARG D 758 -6.17 41.08 -46.71
CA ARG D 758 -5.17 40.07 -47.01
C ARG D 758 -4.74 40.16 -48.48
N LEU D 759 -5.69 40.44 -49.37
CA LEU D 759 -5.37 40.57 -50.79
C LEU D 759 -4.44 41.74 -51.04
N ARG D 760 -4.69 42.86 -50.37
CA ARG D 760 -3.80 44.02 -50.38
C ARG D 760 -2.38 43.63 -49.98
N LEU D 761 -2.25 42.71 -49.02
CA LEU D 761 -0.92 42.34 -48.58
C LEU D 761 -0.22 41.45 -49.60
N THR D 762 -0.98 40.79 -50.48
CA THR D 762 -0.36 39.89 -51.45
C THR D 762 0.37 40.66 -52.54
N MET D 763 -0.23 41.76 -53.01
CA MET D 763 0.32 42.51 -54.14
C MET D 763 1.66 43.14 -53.82
N GLU D 764 2.02 43.28 -52.54
CA GLU D 764 3.37 43.70 -52.20
C GLU D 764 4.38 42.64 -52.64
N TRP D 765 4.17 41.38 -52.23
CA TRP D 765 5.18 40.34 -52.48
C TRP D 765 5.35 40.09 -53.97
N LEU D 766 4.24 40.03 -54.70
CA LEU D 766 4.29 39.87 -56.15
C LEU D 766 5.10 40.99 -56.79
N THR D 767 4.93 42.22 -56.28
CA THR D 767 5.67 43.35 -56.82
C THR D 767 7.17 43.14 -56.66
N ASN D 768 7.59 42.64 -55.50
CA ASN D 768 8.99 42.36 -55.26
C ASN D 768 9.52 41.34 -56.25
N TRP D 769 8.71 40.32 -56.54
CA TRP D 769 9.15 39.27 -57.46
C TRP D 769 9.34 39.85 -58.86
N SER D 770 8.56 40.87 -59.22
CA SER D 770 8.71 41.46 -60.55
C SER D 770 10.00 42.26 -60.68
N GLN D 771 10.65 42.62 -59.58
CA GLN D 771 11.83 43.48 -59.63
C GLN D 771 13.14 42.74 -59.48
N LEU D 772 13.11 41.41 -59.41
CA LEU D 772 14.34 40.62 -59.33
C LEU D 772 15.07 40.62 -60.67
N PRO D 773 16.37 40.33 -60.68
CA PRO D 773 17.07 40.09 -61.95
C PRO D 773 16.59 38.79 -62.60
N ASP D 774 16.86 38.68 -63.90
CA ASP D 774 16.26 37.63 -64.73
C ASP D 774 16.70 36.23 -64.31
N ASP D 775 17.97 36.07 -63.93
CA ASP D 775 18.46 34.75 -63.54
C ASP D 775 17.87 34.31 -62.20
N GLU D 776 17.74 35.24 -61.25
CA GLU D 776 17.08 34.92 -59.98
C GLU D 776 15.59 34.69 -60.19
N ARG D 777 14.95 35.51 -61.04
CA ARG D 777 13.53 35.36 -61.30
C ARG D 777 13.22 34.02 -61.97
N SER D 778 14.16 33.49 -62.76
CA SER D 778 13.98 32.19 -63.39
C SER D 778 13.95 31.03 -62.41
N ARG D 779 14.35 31.25 -61.15
CA ARG D 779 14.39 30.20 -60.15
C ARG D 779 13.19 30.20 -59.22
N GLN D 780 12.30 31.19 -59.31
CA GLN D 780 11.11 31.29 -58.48
C GLN D 780 9.89 31.21 -59.39
N ASN D 781 9.39 29.99 -59.59
CA ASN D 781 8.35 29.75 -60.57
C ASN D 781 6.98 30.18 -60.04
N VAL D 782 6.19 30.77 -60.93
CA VAL D 782 4.79 31.13 -60.65
C VAL D 782 3.91 30.35 -61.60
N THR D 783 3.01 29.53 -61.06
CA THR D 783 2.18 28.67 -61.88
C THR D 783 0.83 29.31 -62.20
N ASP D 784 0.13 28.71 -63.17
CA ASP D 784 -1.17 29.18 -63.59
C ASP D 784 -2.26 28.96 -62.54
N GLN D 785 -2.05 28.01 -61.63
CA GLN D 785 -2.99 27.79 -60.54
C GLN D 785 -3.07 29.01 -59.62
N ASP D 786 -1.92 29.66 -59.40
CA ASP D 786 -1.87 30.89 -58.61
C ASP D 786 -2.65 32.00 -59.29
N ARG D 787 -2.50 32.13 -60.60
CA ARG D 787 -3.27 33.13 -61.34
C ARG D 787 -4.76 32.86 -61.24
N ALA D 788 -5.15 31.58 -61.27
CA ALA D 788 -6.57 31.24 -61.13
C ALA D 788 -7.12 31.60 -59.76
N VAL D 789 -6.37 31.32 -58.68
CA VAL D 789 -6.91 31.64 -57.36
C VAL D 789 -6.95 33.15 -57.13
N MET D 790 -5.95 33.88 -57.65
CA MET D 790 -5.99 35.34 -57.54
C MET D 790 -7.15 35.93 -58.33
N LEU D 791 -7.43 35.37 -59.52
CA LEU D 791 -8.56 35.84 -60.32
C LEU D 791 -9.87 35.60 -59.59
N ILE D 792 -10.03 34.43 -58.96
CA ILE D 792 -11.24 34.11 -58.22
C ILE D 792 -11.41 35.07 -57.04
N ALA D 793 -10.33 35.33 -56.32
CA ALA D 793 -10.39 36.22 -55.16
C ALA D 793 -10.80 37.64 -55.58
N CYS D 794 -10.19 38.15 -56.64
CA CYS D 794 -10.51 39.51 -57.09
C CYS D 794 -11.93 39.58 -57.65
N LEU D 795 -12.41 38.51 -58.28
CA LEU D 795 -13.79 38.52 -58.76
C LEU D 795 -14.78 38.52 -57.60
N ASN D 796 -14.48 37.78 -56.53
CA ASN D 796 -15.38 37.78 -55.38
C ASN D 796 -15.39 39.13 -54.66
N ILE D 797 -14.23 39.76 -54.50
CA ILE D 797 -14.18 40.96 -53.66
C ILE D 797 -14.60 42.19 -54.45
N HIS D 798 -14.01 42.44 -55.62
CA HIS D 798 -14.23 43.68 -56.34
C HIS D 798 -15.31 43.58 -57.41
N GLY D 799 -15.17 42.66 -58.35
CA GLY D 799 -16.10 42.55 -59.46
C GLY D 799 -15.48 41.95 -60.70
N ALA D 800 -16.30 41.73 -61.73
CA ALA D 800 -15.83 41.03 -62.93
C ALA D 800 -14.81 41.85 -63.71
N GLU D 801 -15.05 43.17 -63.81
CA GLU D 801 -14.20 44.01 -64.63
C GLU D 801 -12.81 44.18 -64.02
N ALA D 802 -12.75 44.42 -62.71
CA ALA D 802 -11.48 44.55 -62.02
C ALA D 802 -10.72 43.24 -62.01
N ALA D 803 -11.44 42.13 -61.97
CA ALA D 803 -10.80 40.82 -62.13
C ALA D 803 -10.20 40.68 -63.53
N ALA D 804 -10.94 41.14 -64.55
CA ALA D 804 -10.50 40.96 -65.93
C ALA D 804 -9.30 41.82 -66.26
N ARG D 805 -9.19 43.01 -65.66
CA ARG D 805 -8.08 43.89 -66.00
C ARG D 805 -6.73 43.31 -65.61
N GLU D 806 -6.64 42.67 -64.44
CA GLU D 806 -5.35 42.17 -63.95
C GLU D 806 -4.80 41.04 -64.80
N LEU D 807 -5.67 40.26 -65.46
CA LEU D 807 -5.19 39.15 -66.26
C LEU D 807 -4.47 39.63 -67.53
N ARG D 808 -4.72 40.87 -67.96
CA ARG D 808 -4.05 41.41 -69.13
C ARG D 808 -2.65 41.90 -68.86
N ARG D 809 -2.22 41.92 -67.60
CA ARG D 809 -0.89 42.41 -67.26
C ARG D 809 0.20 41.36 -67.45
N TRP D 810 -0.15 40.09 -67.57
CA TRP D 810 0.81 39.03 -67.85
C TRP D 810 1.03 38.97 -69.37
N ARG D 811 2.31 38.89 -69.79
CA ARG D 811 2.63 39.28 -71.17
C ARG D 811 2.25 38.25 -72.23
N PRO D 812 2.68 36.98 -72.16
CA PRO D 812 2.26 36.05 -73.22
C PRO D 812 0.79 35.69 -73.05
N ARG D 813 -0.01 35.94 -74.09
CA ARG D 813 -1.46 35.81 -73.98
C ARG D 813 -1.95 34.36 -73.95
N LYS D 814 -1.03 33.39 -74.06
CA LYS D 814 -1.31 31.98 -73.77
C LYS D 814 -1.82 31.81 -72.34
N LEU D 815 -1.29 32.62 -71.42
CA LEU D 815 -1.57 32.47 -70.00
C LEU D 815 -3.04 32.75 -69.68
N SER D 816 -3.67 33.65 -70.44
CA SER D 816 -5.09 33.92 -70.25
C SER D 816 -5.93 32.68 -70.57
N PHE D 817 -5.55 31.94 -71.61
CA PHE D 817 -6.23 30.70 -71.97
C PHE D 817 -6.08 29.67 -70.85
N ASP D 818 -4.86 29.55 -70.33
CA ASP D 818 -4.59 28.59 -69.25
C ASP D 818 -5.41 28.89 -68.00
N ALA D 819 -5.46 30.16 -67.59
CA ALA D 819 -6.24 30.51 -66.40
C ALA D 819 -7.73 30.38 -66.67
N GLY D 820 -8.17 30.72 -67.88
CA GLY D 820 -9.59 30.73 -68.20
C GLY D 820 -10.23 29.36 -68.13
N LYS D 821 -9.48 28.32 -68.51
CA LYS D 821 -10.07 26.98 -68.39
C LYS D 821 -10.35 26.58 -66.94
N ILE D 822 -9.41 26.87 -66.03
CA ILE D 822 -9.60 26.52 -64.62
C ILE D 822 -10.75 27.32 -64.02
N VAL D 823 -10.81 28.61 -64.33
CA VAL D 823 -11.88 29.45 -63.78
C VAL D 823 -13.25 28.99 -64.29
N ALA D 824 -13.32 28.63 -65.57
CA ALA D 824 -14.58 28.13 -66.13
C ALA D 824 -14.99 26.81 -65.48
N MET D 825 -14.03 25.91 -65.24
CA MET D 825 -14.37 24.64 -64.59
C MET D 825 -14.95 24.86 -63.20
N GLN D 826 -14.31 25.73 -62.41
CA GLN D 826 -14.79 25.96 -61.04
C GLN D 826 -16.16 26.61 -61.04
N LEU D 827 -16.38 27.57 -61.94
CA LEU D 827 -17.68 28.26 -61.95
C LEU D 827 -18.79 27.35 -62.48
N LEU D 828 -18.51 26.55 -63.51
CA LEU D 828 -19.55 25.66 -64.05
C LEU D 828 -19.89 24.54 -63.08
N ALA D 829 -18.95 24.17 -62.20
CA ALA D 829 -19.25 23.12 -61.23
C ALA D 829 -20.37 23.52 -60.28
N HIS D 830 -20.35 24.76 -59.79
CA HIS D 830 -21.32 25.24 -58.81
C HIS D 830 -22.49 26.00 -59.43
N ALA D 831 -22.67 25.91 -60.75
CA ALA D 831 -23.82 26.48 -61.48
C ALA D 831 -23.93 27.99 -61.32
N ARG D 832 -22.79 28.68 -61.29
CA ARG D 832 -22.74 30.14 -61.21
C ARG D 832 -22.69 30.75 -62.62
N TYR D 833 -23.79 30.58 -63.35
CA TYR D 833 -23.81 30.87 -64.79
C TYR D 833 -23.69 32.37 -65.08
N ASP D 834 -24.43 33.20 -64.36
CA ASP D 834 -24.44 34.63 -64.68
C ASP D 834 -23.12 35.32 -64.37
N GLU D 835 -22.42 34.86 -63.34
CA GLU D 835 -21.08 35.39 -63.05
C GLU D 835 -20.11 35.06 -64.18
N LEU D 836 -20.21 33.83 -64.71
CA LEU D 836 -19.39 33.44 -65.85
C LEU D 836 -19.75 34.24 -67.10
N ASP D 837 -21.04 34.54 -67.27
CA ASP D 837 -21.46 35.38 -68.39
C ASP D 837 -20.89 36.78 -68.29
N GLN D 838 -20.92 37.36 -67.08
CA GLN D 838 -20.35 38.69 -66.89
C GLN D 838 -18.85 38.70 -67.12
N LEU D 839 -18.14 37.67 -66.66
CA LEU D 839 -16.71 37.58 -66.93
C LEU D 839 -16.44 37.41 -68.42
N ALA D 840 -17.30 36.68 -69.13
CA ALA D 840 -17.13 36.52 -70.57
C ALA D 840 -17.32 37.84 -71.32
N ILE D 841 -18.31 38.62 -70.91
CA ILE D 841 -18.56 39.90 -71.58
C ILE D 841 -17.45 40.90 -71.26
N ALA D 842 -16.99 40.94 -70.01
CA ALA D 842 -16.02 41.92 -69.59
C ALA D 842 -14.62 41.69 -70.16
N ALA D 843 -14.38 40.55 -70.83
CA ALA D 843 -13.04 40.25 -71.33
C ALA D 843 -12.59 41.20 -72.44
N GLY D 844 -13.53 41.79 -73.17
CA GLY D 844 -13.17 42.71 -74.23
C GLY D 844 -12.48 42.02 -75.40
N ASN D 845 -11.30 42.52 -75.76
CA ASN D 845 -10.54 42.01 -76.90
C ASN D 845 -9.55 40.92 -76.52
N ASP D 846 -9.50 40.50 -75.26
CA ASP D 846 -8.62 39.43 -74.82
C ASP D 846 -9.27 38.06 -75.11
N ILE D 847 -9.24 37.71 -76.40
CA ILE D 847 -10.06 36.61 -76.94
C ILE D 847 -9.64 35.26 -76.39
N SER D 848 -8.41 35.12 -75.87
CA SER D 848 -7.96 33.84 -75.33
C SER D 848 -8.83 33.37 -74.17
N LEU D 849 -9.22 34.31 -73.30
CA LEU D 849 -10.10 33.98 -72.18
C LEU D 849 -11.45 33.46 -72.66
N VAL D 850 -12.02 34.10 -73.69
CA VAL D 850 -13.30 33.65 -74.25
C VAL D 850 -13.16 32.28 -74.89
N MET D 851 -12.05 32.04 -75.58
CA MET D 851 -11.84 30.76 -76.25
C MET D 851 -11.60 29.63 -75.24
N GLY D 852 -11.05 29.95 -74.07
CA GLY D 852 -11.01 28.95 -73.00
C GLY D 852 -12.38 28.68 -72.40
N ILE D 853 -13.15 29.75 -72.17
CA ILE D 853 -14.46 29.63 -71.54
C ILE D 853 -15.39 28.78 -72.41
N VAL D 854 -15.39 29.02 -73.73
CA VAL D 854 -16.30 28.25 -74.59
C VAL D 854 -15.84 26.80 -74.70
N LEU D 855 -14.53 26.55 -74.65
CA LEU D 855 -14.03 25.19 -74.71
C LEU D 855 -14.46 24.39 -73.49
N GLU D 856 -14.43 25.01 -72.30
CA GLU D 856 -14.92 24.29 -71.13
C GLU D 856 -16.44 24.23 -71.08
N ALA D 857 -17.13 25.23 -71.62
CA ALA D 857 -18.58 25.21 -71.61
C ALA D 857 -19.15 24.18 -72.56
N ARG D 858 -18.44 23.86 -73.64
CA ARG D 858 -18.93 22.87 -74.59
C ARG D 858 -18.97 21.47 -74.00
N LYS D 859 -18.00 21.13 -73.16
CA LYS D 859 -17.94 19.77 -72.60
C LYS D 859 -19.14 19.45 -71.72
N LEU D 860 -19.71 20.45 -71.06
CA LEU D 860 -20.84 20.25 -70.16
C LEU D 860 -22.16 20.67 -70.78
N HIS D 861 -22.16 21.01 -72.07
CA HIS D 861 -23.37 21.31 -72.84
C HIS D 861 -24.15 22.49 -72.26
N ARG D 862 -23.43 23.56 -71.91
CA ARG D 862 -23.99 24.82 -71.42
C ARG D 862 -23.87 25.90 -72.48
N PRO D 863 -24.87 26.78 -72.61
CA PRO D 863 -24.74 27.91 -73.53
C PRO D 863 -23.90 29.03 -72.93
N VAL D 864 -23.51 29.96 -73.80
CA VAL D 864 -22.68 31.11 -73.45
C VAL D 864 -23.36 32.35 -74.02
N ALA D 865 -23.21 33.48 -73.32
CA ALA D 865 -23.80 34.76 -73.72
C ALA D 865 -23.39 35.17 -75.12
N GLU D 866 -24.39 35.48 -75.95
CA GLU D 866 -24.18 35.65 -77.39
C GLU D 866 -23.50 36.97 -77.75
N GLN D 867 -23.55 37.96 -76.85
CA GLN D 867 -22.89 39.24 -77.12
C GLN D 867 -21.38 39.07 -77.29
N ALA D 868 -20.75 38.36 -76.35
CA ALA D 868 -19.31 38.16 -76.41
C ALA D 868 -18.93 37.28 -77.59
N ILE D 869 -19.77 36.31 -77.92
CA ILE D 869 -19.44 35.43 -79.03
C ILE D 869 -19.56 36.16 -80.36
N ARG D 870 -20.53 37.08 -80.48
CA ARG D 870 -20.62 37.89 -81.68
C ARG D 870 -19.40 38.78 -81.84
N ARG D 871 -18.97 39.41 -80.75
CA ARG D 871 -17.79 40.28 -80.81
C ARG D 871 -16.53 39.49 -81.15
N THR D 872 -16.33 38.34 -80.51
CA THR D 872 -15.10 37.59 -80.75
C THR D 872 -15.13 36.87 -82.10
N TRP D 873 -16.32 36.53 -82.61
CA TRP D 873 -16.42 36.04 -83.98
C TRP D 873 -16.02 37.13 -84.97
N ARG D 874 -16.46 38.36 -84.70
CA ARG D 874 -16.08 39.49 -85.54
C ARG D 874 -14.58 39.74 -85.49
N LEU D 875 -13.94 39.50 -84.36
CA LEU D 875 -12.48 39.66 -84.30
C LEU D 875 -11.74 38.49 -84.94
N LEU D 876 -12.24 37.26 -84.79
CA LEU D 876 -11.54 36.09 -85.31
C LEU D 876 -11.44 36.10 -86.83
N LYS D 877 -12.45 36.67 -87.50
CA LYS D 877 -12.57 36.56 -88.95
C LYS D 877 -11.45 37.29 -89.71
N SER D 878 -10.68 38.15 -89.04
CA SER D 878 -9.76 39.01 -89.75
C SER D 878 -8.31 38.94 -89.28
N GLN D 879 -8.00 38.25 -88.19
CA GLN D 879 -6.64 38.29 -87.66
C GLN D 879 -6.23 36.93 -87.09
N ARG D 880 -4.93 36.70 -87.07
CA ARG D 880 -4.35 35.41 -86.68
C ARG D 880 -4.58 35.09 -85.21
N VAL D 881 -4.81 33.82 -84.92
CA VAL D 881 -4.73 33.28 -83.57
C VAL D 881 -3.93 31.99 -83.61
N SER D 882 -3.10 31.78 -82.59
CA SER D 882 -2.35 30.53 -82.44
C SER D 882 -2.03 30.34 -80.97
N ILE D 883 -2.65 29.35 -80.35
CA ILE D 883 -2.36 29.05 -78.94
C ILE D 883 -1.17 28.11 -78.97
N LYS D 884 0.02 28.69 -79.03
CA LYS D 884 1.24 27.95 -79.31
C LYS D 884 1.83 27.41 -78.02
N ASP D 885 1.96 26.09 -77.93
CA ASP D 885 2.72 25.50 -76.85
C ASP D 885 4.21 25.59 -77.14
N ARG D 886 4.99 25.74 -76.07
CA ARG D 886 6.44 25.71 -76.23
C ARG D 886 6.89 24.32 -76.71
N ASN D 887 6.25 23.28 -76.19
CA ASN D 887 6.35 21.95 -76.76
C ASN D 887 5.77 21.94 -78.18
N HIS D 888 6.42 21.20 -79.07
CA HIS D 888 5.88 20.98 -80.41
C HIS D 888 4.89 19.81 -80.43
N ALA D 889 3.92 19.85 -79.52
CA ALA D 889 2.79 18.93 -79.52
C ALA D 889 1.67 19.57 -78.70
N ASN D 890 0.45 19.04 -78.89
CA ASN D 890 -0.75 19.45 -78.15
C ASN D 890 -1.08 20.92 -78.36
N ASN D 891 -0.80 21.44 -79.56
CA ASN D 891 -1.24 22.78 -79.93
C ASN D 891 -2.77 22.83 -79.96
N GLN D 892 -3.33 23.62 -79.06
CA GLN D 892 -4.76 23.59 -78.76
C GLN D 892 -5.61 24.36 -79.76
N THR D 893 -5.01 24.86 -80.85
CA THR D 893 -5.70 25.80 -81.73
C THR D 893 -6.91 25.17 -82.41
N ILE D 894 -6.77 23.92 -82.84
CA ILE D 894 -7.85 23.26 -83.58
C ILE D 894 -9.07 23.05 -82.69
N ALA D 895 -8.86 22.68 -81.43
CA ALA D 895 -9.97 22.43 -80.52
C ALA D 895 -10.72 23.72 -80.18
N ALA D 896 -9.98 24.80 -79.94
CA ALA D 896 -10.61 26.09 -79.64
C ALA D 896 -11.39 26.61 -80.84
N ILE D 897 -10.81 26.52 -82.03
CA ILE D 897 -11.50 26.98 -83.23
C ILE D 897 -12.75 26.16 -83.48
N THR D 898 -12.66 24.83 -83.31
CA THR D 898 -13.84 23.98 -83.50
C THR D 898 -14.93 24.29 -82.49
N GLY D 899 -14.55 24.54 -81.23
CA GLY D 899 -15.55 24.92 -80.23
C GLY D 899 -16.23 26.23 -80.55
N MET D 900 -15.44 27.21 -81.02
CA MET D 900 -16.01 28.49 -81.45
C MET D 900 -17.01 28.30 -82.58
N VAL D 901 -16.66 27.45 -83.55
CA VAL D 901 -17.55 27.21 -84.69
C VAL D 901 -18.83 26.51 -84.25
N GLU D 902 -18.70 25.51 -83.37
CA GLU D 902 -19.89 24.81 -82.85
C GLU D 902 -20.82 25.78 -82.12
N MET D 903 -20.25 26.63 -81.27
CA MET D 903 -21.04 27.61 -80.54
C MET D 903 -21.70 28.62 -81.48
N ALA D 904 -20.98 29.08 -82.51
CA ALA D 904 -21.55 30.03 -83.45
C ALA D 904 -22.69 29.40 -84.25
N LEU D 905 -22.54 28.14 -84.63
CA LEU D 905 -23.59 27.43 -85.36
C LEU D 905 -24.84 27.24 -84.50
N ILE D 906 -24.66 26.80 -83.25
CA ILE D 906 -25.81 26.43 -82.42
C ILE D 906 -26.62 27.66 -82.04
N GLN D 907 -26.03 28.84 -82.04
CA GLN D 907 -26.74 30.07 -81.74
C GLN D 907 -27.18 30.83 -82.98
N SER D 908 -26.87 30.32 -84.18
CA SER D 908 -27.19 30.94 -85.47
C SER D 908 -26.62 32.36 -85.55
N VAL D 909 -25.37 32.51 -85.12
CA VAL D 909 -24.69 33.79 -85.20
C VAL D 909 -24.05 34.02 -86.56
N CYS D 910 -23.64 32.95 -87.26
CA CYS D 910 -22.84 33.10 -88.46
C CYS D 910 -23.47 32.33 -89.61
N THR D 911 -22.98 32.61 -90.82
CA THR D 911 -23.32 31.88 -92.02
C THR D 911 -22.36 30.72 -92.25
N GLU D 912 -22.77 29.78 -93.10
CA GLU D 912 -21.94 28.61 -93.37
C GLU D 912 -20.73 28.95 -94.24
N SER D 913 -20.82 29.98 -95.08
CA SER D 913 -19.67 30.39 -95.89
C SER D 913 -18.53 30.89 -95.01
N GLU D 914 -18.88 31.67 -93.98
CA GLU D 914 -17.88 32.12 -93.00
C GLU D 914 -17.23 30.94 -92.30
N SER D 915 -18.02 29.94 -91.93
CA SER D 915 -17.50 28.75 -91.27
C SER D 915 -16.55 27.98 -92.17
N ILE D 916 -16.91 27.82 -93.45
CA ILE D 916 -16.03 27.10 -94.39
C ILE D 916 -14.73 27.85 -94.56
N GLN D 917 -14.79 29.18 -94.67
CA GLN D 917 -13.57 29.97 -94.82
C GLN D 917 -12.67 29.81 -93.59
N LEU D 918 -13.27 29.84 -92.40
CA LEU D 918 -12.48 29.76 -91.17
C LEU D 918 -11.84 28.39 -90.98
N LEU D 919 -12.62 27.31 -91.19
CA LEU D 919 -12.03 25.97 -91.11
C LEU D 919 -10.98 25.74 -92.19
N ASP D 920 -11.21 26.27 -93.40
CA ASP D 920 -10.24 26.11 -94.47
C ASP D 920 -8.94 26.82 -94.15
N ARG D 921 -8.98 27.92 -93.39
CA ARG D 921 -7.75 28.58 -93.02
C ARG D 921 -6.88 27.73 -92.09
N TYR D 922 -7.47 26.79 -91.35
CA TYR D 922 -6.75 26.15 -90.25
C TYR D 922 -6.49 24.66 -90.43
N LEU D 923 -7.28 23.95 -91.21
CA LEU D 923 -7.04 22.51 -91.37
C LEU D 923 -5.86 22.27 -92.31
N PRO D 924 -4.90 21.44 -91.93
CA PRO D 924 -3.78 21.13 -92.84
C PRO D 924 -4.26 20.34 -94.05
N LYS D 925 -3.53 20.52 -95.16
CA LYS D 925 -3.93 19.91 -96.42
C LYS D 925 -3.42 18.48 -96.56
N VAL D 926 -2.20 18.23 -96.09
CA VAL D 926 -1.70 16.86 -95.95
C VAL D 926 -2.11 16.36 -94.56
N PRO D 927 -2.29 15.06 -94.36
CA PRO D 927 -2.63 14.56 -93.02
C PRO D 927 -1.51 14.82 -92.03
N PRO D 928 -1.84 15.21 -90.80
CA PRO D 928 -0.84 15.24 -89.74
C PRO D 928 -0.60 13.89 -89.09
N TYR D 929 0.46 13.84 -88.28
CA TYR D 929 0.95 12.57 -87.74
C TYR D 929 -0.04 11.92 -86.79
N ALA D 930 -0.77 12.71 -86.00
CA ALA D 930 -1.48 12.20 -84.83
C ALA D 930 -2.56 11.20 -85.17
N LEU D 931 -2.97 11.11 -86.44
CA LEU D 931 -3.96 10.13 -86.87
C LEU D 931 -3.46 8.69 -86.73
N THR D 932 -2.15 8.46 -86.57
CA THR D 932 -1.66 7.09 -86.47
C THR D 932 -0.92 6.81 -85.16
N SER D 933 -1.13 7.62 -84.12
CA SER D 933 -0.61 7.34 -82.79
C SER D 933 -1.76 7.33 -81.79
N GLU D 934 -1.94 6.21 -81.08
CA GLU D 934 -3.10 6.09 -80.20
C GLU D 934 -2.96 6.87 -78.90
N TYR D 935 -1.77 7.33 -78.54
CA TYR D 935 -1.59 8.15 -77.36
C TYR D 935 -1.25 9.60 -77.66
N SER D 936 -1.35 10.03 -78.92
CA SER D 936 -1.21 11.44 -79.23
C SER D 936 -2.47 12.19 -78.80
N LYS D 937 -2.29 13.31 -78.11
CA LYS D 937 -3.41 14.05 -77.54
C LYS D 937 -4.32 14.66 -78.61
N GLU D 938 -3.80 14.87 -79.83
CA GLU D 938 -4.46 15.70 -80.82
C GLU D 938 -5.51 14.97 -81.66
N ARG D 939 -5.54 13.64 -81.62
CA ARG D 939 -6.17 12.84 -82.68
C ARG D 939 -7.67 13.13 -82.82
N VAL D 940 -8.37 13.17 -81.69
CA VAL D 940 -9.83 13.26 -81.72
C VAL D 940 -10.28 14.60 -82.26
N ALA D 941 -9.52 15.66 -81.96
CA ALA D 941 -9.84 16.99 -82.48
C ALA D 941 -9.75 17.02 -84.00
N TYR D 942 -8.71 16.42 -84.57
CA TYR D 942 -8.60 16.35 -86.02
C TYR D 942 -9.73 15.53 -86.64
N VAL D 943 -10.08 14.40 -86.02
CA VAL D 943 -11.16 13.58 -86.57
C VAL D 943 -12.48 14.36 -86.58
N ARG D 944 -12.78 15.03 -85.47
CA ARG D 944 -14.00 15.86 -85.40
C ARG D 944 -13.98 16.98 -86.43
N ALA D 945 -12.84 17.66 -86.56
CA ALA D 945 -12.74 18.81 -87.46
C ALA D 945 -12.90 18.39 -88.92
N TYR D 946 -12.21 17.32 -89.33
CA TYR D 946 -12.37 16.84 -90.70
C TYR D 946 -13.78 16.36 -90.98
N ALA D 947 -14.42 15.67 -90.02
CA ALA D 947 -15.79 15.22 -90.23
C ALA D 947 -16.75 16.40 -90.38
N LEU D 948 -16.55 17.44 -89.58
CA LEU D 948 -17.42 18.61 -89.66
C LEU D 948 -17.22 19.36 -90.97
N GLN D 949 -15.96 19.50 -91.41
CA GLN D 949 -15.71 20.17 -92.69
C GLN D 949 -16.29 19.38 -93.85
N ALA D 950 -16.17 18.05 -93.81
CA ALA D 950 -16.73 17.21 -94.87
C ALA D 950 -18.26 17.32 -94.92
N ASN D 951 -18.92 17.29 -93.75
CA ASN D 951 -20.38 17.35 -93.78
C ASN D 951 -20.90 18.74 -94.07
N LEU D 952 -20.12 19.79 -93.78
CA LEU D 952 -20.54 21.14 -94.17
C LEU D 952 -20.55 21.32 -95.67
N MET D 953 -19.66 20.63 -96.39
CA MET D 953 -19.64 20.67 -97.84
C MET D 953 -20.59 19.65 -98.48
N GLY D 954 -21.48 19.04 -97.71
CA GLY D 954 -22.45 18.12 -98.25
C GLY D 954 -21.93 16.75 -98.60
N SER D 955 -20.73 16.40 -98.15
CA SER D 955 -20.16 15.08 -98.35
C SER D 955 -20.44 14.19 -97.14
N GLN D 956 -19.77 13.03 -97.11
CA GLN D 956 -19.56 12.26 -95.90
C GLN D 956 -18.10 11.83 -95.89
N LEU D 957 -17.48 11.89 -94.70
CA LEU D 957 -16.07 11.60 -94.59
C LEU D 957 -15.79 10.12 -94.82
N ALA D 958 -14.66 9.84 -95.48
CA ALA D 958 -14.24 8.48 -95.75
C ALA D 958 -12.77 8.32 -95.41
N LEU D 959 -12.35 7.05 -95.30
CA LEU D 959 -10.98 6.73 -94.91
C LEU D 959 -9.97 7.28 -95.91
N SER D 960 -10.34 7.31 -97.19
CA SER D 960 -9.44 7.79 -98.23
C SER D 960 -9.16 9.28 -98.14
N ASP D 961 -9.96 10.03 -97.39
CA ASP D 961 -9.71 11.45 -97.20
C ASP D 961 -8.57 11.70 -96.23
N LEU D 962 -8.46 10.90 -95.17
CA LEU D 962 -7.46 11.06 -94.13
C LEU D 962 -6.13 10.41 -94.51
N ALA D 963 -6.10 9.66 -95.60
CA ALA D 963 -4.97 8.79 -95.90
C ALA D 963 -3.84 9.57 -96.58
N SER D 964 -2.60 9.17 -96.29
CA SER D 964 -1.43 9.74 -96.96
C SER D 964 -1.19 9.06 -98.31
N THR D 965 -0.16 9.54 -99.03
CA THR D 965 0.03 9.18 -100.44
C THR D 965 0.22 7.67 -100.65
N GLU D 966 1.07 7.04 -99.83
CA GLU D 966 1.41 5.64 -100.01
C GLU D 966 0.18 4.76 -99.81
N VAL D 967 -0.58 5.03 -98.75
CA VAL D 967 -1.74 4.20 -98.45
C VAL D 967 -2.92 4.54 -99.36
N LYS D 968 -2.98 5.77 -99.90
CA LYS D 968 -3.94 6.05 -100.96
C LYS D 968 -3.66 5.22 -102.20
N LYS D 969 -2.39 5.17 -102.63
CA LYS D 969 -2.02 4.33 -103.76
C LYS D 969 -2.28 2.85 -103.47
N GLU D 970 -2.07 2.43 -102.21
CA GLU D 970 -2.42 1.07 -101.82
C GLU D 970 -3.92 0.82 -101.93
N LEU D 971 -4.74 1.79 -101.51
CA LEU D 971 -6.19 1.68 -101.65
C LEU D 971 -6.68 1.86 -103.08
N MET D 972 -5.79 2.17 -104.04
CA MET D 972 -6.14 2.06 -105.45
C MET D 972 -5.59 0.80 -106.13
N ALA D 973 -5.05 -0.16 -105.38
CA ALA D 973 -4.67 -1.44 -105.96
C ALA D 973 -5.81 -2.46 -105.83
N GLU D 974 -5.69 -3.58 -106.56
CA GLU D 974 -6.73 -4.60 -106.52
C GLU D 974 -6.23 -6.00 -106.18
N LYS D 975 -5.11 -6.42 -106.77
CA LYS D 975 -4.65 -7.80 -106.65
C LYS D 975 -3.69 -7.96 -105.47
N ARG D 976 -4.18 -7.61 -104.28
CA ARG D 976 -3.37 -7.61 -103.08
C ARG D 976 -3.81 -8.69 -102.10
N HIS D 977 -2.86 -9.53 -101.70
CA HIS D 977 -3.06 -10.37 -100.53
C HIS D 977 -2.62 -9.67 -99.26
N GLY D 978 -1.68 -8.72 -99.37
CA GLY D 978 -1.09 -8.10 -98.21
C GLY D 978 -1.85 -6.89 -97.71
N GLU D 979 -1.43 -6.41 -96.54
CA GLU D 979 -1.99 -5.20 -95.94
C GLU D 979 -0.93 -4.61 -95.01
N SER D 980 -0.50 -3.39 -95.31
CA SER D 980 0.63 -2.79 -94.60
C SER D 980 0.24 -2.41 -93.17
N ASP D 981 1.24 -2.46 -92.27
CA ASP D 981 1.01 -2.15 -90.87
C ASP D 981 0.62 -0.69 -90.65
N ASP D 982 1.22 0.23 -91.40
CA ASP D 982 0.82 1.63 -91.30
C ASP D 982 -0.54 1.90 -91.94
N LEU D 983 -1.13 0.91 -92.62
CA LEU D 983 -2.55 0.97 -92.93
C LEU D 983 -3.41 0.42 -91.80
N ARG D 984 -2.99 -0.69 -91.19
CA ARG D 984 -3.80 -1.27 -90.13
C ARG D 984 -3.85 -0.36 -88.91
N GLN D 985 -2.78 0.43 -88.71
CA GLN D 985 -2.80 1.42 -87.62
C GLN D 985 -3.86 2.48 -87.87
N LEU D 986 -3.94 2.98 -89.10
CA LEU D 986 -4.94 4.00 -89.42
C LEU D 986 -6.34 3.45 -89.34
N LYS D 987 -6.53 2.18 -89.70
CA LYS D 987 -7.84 1.55 -89.51
C LYS D 987 -8.16 1.35 -88.03
N GLN D 988 -7.18 0.92 -87.23
CA GLN D 988 -7.43 0.56 -85.85
C GLN D 988 -7.66 1.78 -84.96
N TYR D 989 -6.85 2.83 -85.14
CA TYR D 989 -6.87 3.96 -84.22
C TYR D 989 -7.72 5.12 -84.72
N SER D 990 -8.07 5.16 -85.98
CA SER D 990 -8.88 6.25 -86.53
C SER D 990 -10.09 5.74 -87.29
N GLY D 991 -9.98 4.59 -87.96
CA GLY D 991 -11.03 4.15 -88.88
C GLY D 991 -12.34 3.85 -88.20
N VAL D 992 -12.29 3.30 -86.98
CA VAL D 992 -13.50 2.89 -86.29
C VAL D 992 -14.38 4.08 -85.88
N LEU D 993 -13.82 5.29 -85.83
CA LEU D 993 -14.58 6.46 -85.38
C LEU D 993 -15.32 7.19 -86.49
N ILE D 994 -14.94 6.98 -87.74
CA ILE D 994 -15.54 7.64 -88.91
C ILE D 994 -17.05 7.41 -89.05
N PRO D 995 -17.61 6.21 -88.81
CA PRO D 995 -19.09 6.11 -88.80
C PRO D 995 -19.77 6.95 -87.72
N TRP D 996 -19.14 7.15 -86.56
CA TRP D 996 -19.80 7.86 -85.47
C TRP D 996 -19.82 9.37 -85.69
N TYR D 997 -18.69 9.97 -86.04
CA TYR D 997 -18.66 11.43 -86.13
C TYR D 997 -19.44 11.96 -87.31
N ASN D 998 -19.66 11.13 -88.34
CA ASN D 998 -20.56 11.52 -89.42
C ASN D 998 -21.99 11.68 -88.90
N LEU D 999 -22.45 10.74 -88.07
CA LEU D 999 -23.77 10.87 -87.47
C LEU D 999 -23.84 12.05 -86.51
N TRP D 1000 -22.77 12.25 -85.73
CA TRP D 1000 -22.70 13.41 -84.83
C TRP D 1000 -22.85 14.71 -85.60
N ALA D 1001 -22.10 14.87 -86.69
CA ALA D 1001 -22.21 16.07 -87.50
C ALA D 1001 -23.59 16.21 -88.13
N LYS D 1002 -24.16 15.11 -88.62
CA LYS D 1002 -25.48 15.16 -89.23
C LYS D 1002 -26.54 15.59 -88.23
N VAL D 1003 -26.38 15.22 -86.96
CA VAL D 1003 -27.28 15.73 -85.94
C VAL D 1003 -27.01 17.21 -85.66
N ILE D 1004 -25.73 17.62 -85.67
CA ILE D 1004 -25.40 19.01 -85.38
C ILE D 1004 -26.01 19.97 -86.40
N LEU D 1005 -25.82 19.70 -87.70
CA LEU D 1005 -26.42 20.59 -88.68
C LEU D 1005 -27.92 20.40 -88.86
N GLY D 1006 -28.57 19.54 -88.08
CA GLY D 1006 -30.00 19.38 -88.17
C GLY D 1006 -30.48 18.55 -89.34
N LYS D 1007 -29.60 17.74 -89.94
CA LYS D 1007 -29.95 16.92 -91.10
C LYS D 1007 -30.48 15.55 -90.70
N THR D 1008 -30.42 15.19 -89.41
CA THR D 1008 -30.93 13.93 -88.93
C THR D 1008 -31.48 14.18 -87.53
N ARG D 1009 -32.68 13.66 -87.26
CA ARG D 1009 -33.43 14.11 -86.09
C ARG D 1009 -33.93 12.92 -85.28
N LYS D 1010 -34.58 13.25 -84.16
CA LYS D 1010 -35.00 12.27 -83.16
C LYS D 1010 -35.93 11.20 -83.70
N ALA D 1011 -36.75 11.54 -84.69
CA ALA D 1011 -37.79 10.63 -85.17
C ALA D 1011 -37.25 9.40 -85.87
N ASP D 1012 -35.99 9.41 -86.31
CA ASP D 1012 -35.42 8.24 -86.98
C ASP D 1012 -33.99 8.00 -86.52
N LEU D 1013 -33.69 8.30 -85.26
CA LEU D 1013 -32.32 8.18 -84.79
C LEU D 1013 -31.88 6.73 -84.66
N GLU D 1014 -32.75 5.86 -84.13
CA GLU D 1014 -32.34 4.51 -83.73
C GLU D 1014 -31.89 3.68 -84.92
N SER D 1015 -32.58 3.82 -86.06
CA SER D 1015 -32.21 3.09 -87.26
C SER D 1015 -30.80 3.45 -87.70
N GLU D 1016 -30.42 4.73 -87.52
CA GLU D 1016 -29.02 5.08 -87.76
C GLU D 1016 -28.11 4.40 -86.75
N LEU D 1017 -28.45 4.50 -85.45
CA LEU D 1017 -27.56 4.04 -84.38
C LEU D 1017 -27.26 2.56 -84.50
N SER D 1018 -28.31 1.75 -84.63
CA SER D 1018 -28.16 0.31 -84.78
C SER D 1018 -27.35 -0.02 -86.03
N ASP D 1019 -27.50 0.78 -87.09
CA ASP D 1019 -26.64 0.57 -88.25
C ASP D 1019 -25.20 0.95 -87.95
N THR D 1020 -25.00 2.11 -87.31
CA THR D 1020 -23.64 2.62 -87.09
C THR D 1020 -22.85 1.67 -86.21
N GLN D 1021 -23.48 1.14 -85.17
CA GLN D 1021 -22.83 0.17 -84.29
C GLN D 1021 -22.39 -1.08 -85.06
N LYS D 1022 -23.15 -1.47 -86.09
CA LYS D 1022 -22.69 -2.54 -86.97
C LYS D 1022 -21.52 -2.06 -87.83
N GLU D 1023 -21.65 -0.88 -88.45
CA GLU D 1023 -20.68 -0.45 -89.45
C GLU D 1023 -19.30 -0.23 -88.84
N SER D 1024 -19.26 0.21 -87.58
CA SER D 1024 -17.97 0.30 -86.89
C SER D 1024 -17.37 -1.06 -86.62
N THR D 1025 -18.20 -2.01 -86.16
CA THR D 1025 -17.68 -3.29 -85.68
C THR D 1025 -17.12 -4.13 -86.82
N ALA D 1026 -17.73 -4.01 -88.01
CA ALA D 1026 -17.16 -4.65 -89.20
C ALA D 1026 -15.78 -4.13 -89.51
N ILE D 1027 -15.51 -2.85 -89.25
CA ILE D 1027 -14.16 -2.34 -89.43
C ILE D 1027 -13.28 -2.79 -88.27
N LYS D 1028 -13.87 -3.04 -87.10
CA LYS D 1028 -13.08 -3.21 -85.88
C LYS D 1028 -12.36 -4.56 -85.89
N GLY D 1029 -13.12 -5.65 -85.98
CA GLY D 1029 -12.52 -6.98 -85.98
C GLY D 1029 -12.03 -7.41 -84.61
N HIS D 1030 -10.97 -8.22 -84.61
CA HIS D 1030 -10.40 -8.79 -83.39
C HIS D 1030 -9.57 -7.76 -82.63
N SER D 1031 -10.10 -7.29 -81.49
CA SER D 1031 -9.32 -6.54 -80.51
C SER D 1031 -8.73 -7.52 -79.52
N TYR D 1032 -7.46 -7.87 -79.71
CA TYR D 1032 -6.82 -8.83 -78.83
C TYR D 1032 -6.27 -8.22 -77.55
N SER D 1033 -6.28 -6.89 -77.42
CA SER D 1033 -5.75 -6.22 -76.24
C SER D 1033 -6.88 -5.68 -75.38
N GLU D 1034 -6.76 -5.88 -74.06
CA GLU D 1034 -7.70 -5.27 -73.13
C GLU D 1034 -7.40 -3.80 -72.88
N HIS D 1035 -6.26 -3.30 -73.35
CA HIS D 1035 -5.84 -1.93 -73.11
C HIS D 1035 -6.33 -0.94 -74.16
N SER D 1036 -7.33 -1.32 -74.96
CA SER D 1036 -7.85 -0.45 -76.00
C SER D 1036 -8.55 0.77 -75.41
N LEU D 1037 -8.27 1.94 -76.00
CA LEU D 1037 -8.90 3.18 -75.61
C LEU D 1037 -10.24 3.42 -76.28
N SER D 1038 -10.57 2.66 -77.33
CA SER D 1038 -11.64 3.04 -78.25
C SER D 1038 -13.03 2.96 -77.62
N SER D 1039 -13.24 2.03 -76.68
CA SER D 1039 -14.54 1.93 -76.03
C SER D 1039 -14.87 3.20 -75.25
N ASN D 1040 -13.87 3.73 -74.56
CA ASN D 1040 -14.02 4.97 -73.78
C ASN D 1040 -14.38 6.14 -74.69
N GLU D 1041 -13.85 6.14 -75.91
CA GLU D 1041 -14.13 7.20 -76.87
C GLU D 1041 -15.53 7.06 -77.44
N ILE D 1042 -15.93 5.83 -77.75
CA ILE D 1042 -17.22 5.58 -78.37
C ILE D 1042 -18.35 5.92 -77.40
N ALA D 1043 -18.15 5.63 -76.10
CA ALA D 1043 -19.16 6.00 -75.11
C ALA D 1043 -19.38 7.50 -75.07
N ASN D 1044 -18.30 8.29 -75.15
CA ASN D 1044 -18.42 9.75 -75.11
C ASN D 1044 -19.17 10.28 -76.32
N VAL D 1045 -18.80 9.81 -77.53
CA VAL D 1045 -19.48 10.35 -78.71
C VAL D 1045 -20.95 9.90 -78.74
N TRP D 1046 -21.25 8.71 -78.23
CA TRP D 1046 -22.63 8.22 -78.17
C TRP D 1046 -23.47 9.08 -77.23
N PHE D 1047 -22.95 9.37 -76.04
CA PHE D 1047 -23.66 10.20 -75.08
C PHE D 1047 -23.86 11.61 -75.60
N ASP D 1048 -22.85 12.16 -76.30
CA ASP D 1048 -23.00 13.48 -76.90
C ASP D 1048 -24.08 13.50 -77.97
N ILE D 1049 -24.17 12.44 -78.78
CA ILE D 1049 -25.21 12.37 -79.80
C ILE D 1049 -26.60 12.38 -79.15
N LEU D 1050 -26.77 11.60 -78.09
CA LEU D 1050 -28.07 11.59 -77.39
C LEU D 1050 -28.41 12.96 -76.83
N ILE D 1051 -27.47 13.58 -76.10
CA ILE D 1051 -27.76 14.86 -75.45
C ILE D 1051 -28.03 15.96 -76.48
N GLU D 1052 -27.32 15.93 -77.60
CA GLU D 1052 -27.57 16.95 -78.62
C GLU D 1052 -28.87 16.72 -79.36
N ALA D 1053 -29.34 15.47 -79.43
CA ALA D 1053 -30.58 15.21 -80.17
C ALA D 1053 -31.80 15.81 -79.48
N GLY D 1054 -31.87 15.75 -78.15
CA GLY D 1054 -32.95 16.34 -77.41
C GLY D 1054 -34.00 15.33 -76.97
N ASN D 1055 -34.70 15.68 -75.88
CA ASN D 1055 -35.76 14.87 -75.27
C ASN D 1055 -35.30 13.46 -74.92
N VAL D 1056 -34.18 13.38 -74.20
CA VAL D 1056 -33.63 12.08 -73.81
C VAL D 1056 -34.49 11.45 -72.71
N SER D 1057 -34.24 10.16 -72.48
CA SER D 1057 -34.94 9.39 -71.47
C SER D 1057 -33.94 8.51 -70.72
N LYS D 1058 -34.42 7.96 -69.59
CA LYS D 1058 -33.59 7.13 -68.71
C LYS D 1058 -33.13 5.84 -69.40
N ASP D 1059 -34.02 5.20 -70.15
CA ASP D 1059 -33.70 3.94 -70.80
C ASP D 1059 -32.61 4.09 -71.84
N ASP D 1060 -32.51 5.27 -72.46
CA ASP D 1060 -31.48 5.51 -73.46
C ASP D 1060 -30.09 5.45 -72.85
N VAL D 1061 -29.92 6.08 -71.69
CA VAL D 1061 -28.64 6.04 -70.99
C VAL D 1061 -28.40 4.65 -70.40
N GLU D 1062 -29.47 3.98 -69.95
CA GLU D 1062 -29.33 2.61 -69.46
C GLU D 1062 -28.86 1.67 -70.56
N ASN D 1063 -29.15 1.97 -71.82
CA ASN D 1063 -28.58 1.19 -72.92
C ASN D 1063 -27.06 1.31 -72.95
N ILE D 1064 -26.53 2.50 -72.71
CA ILE D 1064 -25.07 2.68 -72.68
C ILE D 1064 -24.47 1.93 -71.50
N ILE D 1065 -25.16 1.99 -70.36
CA ILE D 1065 -24.71 1.27 -69.17
C ILE D 1065 -24.67 -0.24 -69.42
N LYS D 1066 -25.72 -0.76 -70.05
CA LYS D 1066 -25.79 -2.18 -70.39
C LYS D 1066 -24.71 -2.58 -71.39
N TRP D 1067 -24.45 -1.73 -72.40
CA TRP D 1067 -23.39 -2.02 -73.35
C TRP D 1067 -22.02 -2.05 -72.67
N SER D 1068 -21.83 -1.28 -71.61
CA SER D 1068 -20.55 -1.28 -70.91
C SER D 1068 -20.22 -2.59 -70.19
N GLN D 1069 -21.20 -3.48 -69.98
CA GLN D 1069 -20.95 -4.67 -69.16
C GLN D 1069 -20.19 -5.78 -69.88
N HIS D 1070 -20.18 -5.80 -71.21
CA HIS D 1070 -19.48 -6.87 -71.92
C HIS D 1070 -17.96 -6.69 -71.81
N LYS D 1071 -17.25 -7.78 -72.10
CA LYS D 1071 -15.79 -7.76 -72.04
C LYS D 1071 -15.22 -6.83 -73.09
N GLY D 1072 -14.22 -6.05 -72.69
CA GLY D 1072 -13.57 -5.11 -73.57
C GLY D 1072 -14.26 -3.78 -73.72
N ASN D 1073 -15.50 -3.65 -73.24
CA ASN D 1073 -16.20 -2.38 -73.29
C ASN D 1073 -15.85 -1.52 -72.09
N ARG D 1074 -14.57 -1.25 -71.90
CA ARG D 1074 -14.10 -0.52 -70.74
C ARG D 1074 -14.41 0.96 -70.83
N VAL D 1075 -14.92 1.53 -69.73
CA VAL D 1075 -15.15 2.96 -69.61
C VAL D 1075 -14.44 3.43 -68.35
N PHE D 1076 -13.62 4.48 -68.47
CA PHE D 1076 -12.81 4.96 -67.37
C PHE D 1076 -13.58 5.95 -66.50
N THR D 1077 -13.04 6.17 -65.29
CA THR D 1077 -13.75 6.96 -64.29
C THR D 1077 -13.97 8.45 -64.60
N PRO D 1078 -13.08 9.19 -65.29
CA PRO D 1078 -13.44 10.57 -65.63
C PRO D 1078 -14.66 10.69 -66.53
N THR D 1079 -14.86 9.74 -67.44
CA THR D 1079 -16.06 9.71 -68.26
C THR D 1079 -17.30 9.53 -67.39
N LEU D 1080 -17.21 8.66 -66.38
CA LEU D 1080 -18.31 8.46 -65.46
C LEU D 1080 -18.59 9.71 -64.64
N HIS D 1081 -17.55 10.43 -64.23
CA HIS D 1081 -17.75 11.68 -63.51
C HIS D 1081 -18.45 12.70 -64.39
N ARG D 1082 -18.06 12.78 -65.66
CA ARG D 1082 -18.72 13.70 -66.59
C ARG D 1082 -20.20 13.37 -66.75
N PHE D 1083 -20.53 12.08 -66.89
CA PHE D 1083 -21.93 11.68 -66.95
C PHE D 1083 -22.68 12.04 -65.68
N SER D 1084 -22.06 11.80 -64.52
CA SER D 1084 -22.68 12.14 -63.25
C SER D 1084 -22.98 13.62 -63.15
N SER D 1085 -22.06 14.45 -63.66
CA SER D 1085 -22.25 15.89 -63.60
C SER D 1085 -23.35 16.35 -64.53
N VAL D 1086 -23.34 15.85 -65.77
CA VAL D 1086 -24.30 16.31 -66.78
C VAL D 1086 -25.72 15.87 -66.45
N CYS D 1087 -25.89 14.63 -65.98
CA CYS D 1087 -27.24 14.14 -65.70
C CYS D 1087 -27.90 14.83 -64.51
N ALA D 1088 -27.15 15.58 -63.70
CA ALA D 1088 -27.75 16.27 -62.57
C ALA D 1088 -28.57 17.48 -63.00
N GLU D 1089 -28.19 18.12 -64.11
CA GLU D 1089 -28.90 19.31 -64.57
C GLU D 1089 -30.11 18.99 -65.41
N ILE D 1090 -30.12 17.83 -66.08
CA ILE D 1090 -31.26 17.44 -66.89
C ILE D 1090 -32.40 17.00 -65.97
N SER D 1091 -33.62 17.46 -66.27
CA SER D 1091 -34.77 17.13 -65.44
C SER D 1091 -35.15 15.67 -65.60
N GLY D 1092 -35.35 14.99 -64.47
CA GLY D 1092 -35.85 13.62 -64.45
C GLY D 1092 -34.81 12.53 -64.62
N LEU D 1093 -33.53 12.87 -64.74
CA LEU D 1093 -32.47 11.89 -64.84
C LEU D 1093 -31.66 11.73 -63.57
N GLY D 1094 -32.11 12.33 -62.46
CA GLY D 1094 -31.26 12.53 -61.30
C GLY D 1094 -30.72 11.26 -60.65
N GLU D 1095 -31.51 10.18 -60.66
CA GLU D 1095 -31.13 8.96 -59.96
C GLU D 1095 -29.84 8.36 -60.52
N LEU D 1096 -29.65 8.49 -61.84
CA LEU D 1096 -28.44 8.00 -62.48
C LEU D 1096 -27.19 8.68 -61.93
N SER D 1097 -27.34 9.90 -61.41
CA SER D 1097 -26.22 10.61 -60.80
C SER D 1097 -25.67 9.85 -59.61
N TYR D 1098 -26.53 9.15 -58.87
CA TYR D 1098 -25.99 8.26 -57.85
C TYR D 1098 -25.37 7.02 -58.49
N HIS D 1099 -26.04 6.45 -59.50
CA HIS D 1099 -25.62 5.19 -60.08
C HIS D 1099 -24.21 5.27 -60.65
N PHE D 1100 -23.99 6.26 -61.52
CA PHE D 1100 -22.68 6.47 -62.13
C PHE D 1100 -21.60 6.75 -61.08
N ALA D 1101 -21.98 7.31 -59.93
CA ALA D 1101 -21.01 7.50 -58.86
C ALA D 1101 -20.55 6.16 -58.31
N GLU D 1102 -21.50 5.30 -57.90
CA GLU D 1102 -21.14 4.10 -57.16
C GLU D 1102 -20.34 3.13 -58.03
N LEU D 1103 -20.71 3.04 -59.31
CA LEU D 1103 -19.94 2.24 -60.25
C LEU D 1103 -18.51 2.74 -60.35
N ALA D 1104 -18.32 4.07 -60.38
CA ALA D 1104 -16.98 4.63 -60.44
C ALA D 1104 -16.20 4.33 -59.18
N LEU D 1105 -16.90 4.13 -58.06
CA LEU D 1105 -16.19 3.77 -56.85
C LEU D 1105 -15.71 2.32 -56.91
N SER D 1106 -16.45 1.46 -57.63
CA SER D 1106 -16.18 0.03 -57.58
C SER D 1106 -14.86 -0.36 -58.25
N LEU D 1107 -14.31 0.49 -59.13
CA LEU D 1107 -13.17 0.09 -59.93
C LEU D 1107 -11.84 0.15 -59.19
N TRP D 1108 -11.75 0.92 -58.10
CA TRP D 1108 -10.49 1.12 -57.40
C TRP D 1108 -10.57 1.01 -55.88
N ARG D 1109 -11.75 0.83 -55.30
CA ARG D 1109 -11.90 0.83 -53.85
C ARG D 1109 -11.30 -0.42 -53.20
N ASP D 1110 -11.20 -1.52 -53.94
CA ASP D 1110 -10.79 -2.79 -53.33
C ASP D 1110 -9.29 -3.01 -53.30
N GLU D 1111 -8.53 -2.37 -54.19
CA GLU D 1111 -7.16 -2.76 -54.48
C GLU D 1111 -6.14 -1.81 -53.81
N HIS D 1112 -4.88 -2.23 -53.84
CA HIS D 1112 -3.80 -1.46 -53.23
C HIS D 1112 -3.42 -0.24 -54.05
N SER D 1113 -3.31 0.90 -53.37
CA SER D 1113 -2.68 2.11 -53.91
C SER D 1113 -2.33 2.99 -52.73
N ASP D 1114 -1.49 4.00 -52.97
CA ASP D 1114 -1.06 4.86 -51.89
C ASP D 1114 -2.18 5.80 -51.45
N ALA D 1115 -2.00 6.39 -50.27
CA ALA D 1115 -3.05 7.16 -49.62
C ALA D 1115 -3.40 8.45 -50.36
N GLN D 1116 -2.44 9.05 -51.08
CA GLN D 1116 -2.74 10.31 -51.77
C GLN D 1116 -3.57 10.07 -53.03
N ILE D 1117 -3.21 9.04 -53.82
CA ILE D 1117 -3.98 8.68 -55.00
C ILE D 1117 -5.40 8.30 -54.62
N LYS D 1118 -5.55 7.61 -53.50
CA LYS D 1118 -6.88 7.23 -53.02
C LYS D 1118 -7.64 8.45 -52.52
N ALA D 1119 -6.96 9.35 -51.82
CA ALA D 1119 -7.60 10.56 -51.29
C ALA D 1119 -8.07 11.47 -52.41
N ASP D 1120 -7.39 11.46 -53.55
CA ASP D 1120 -7.83 12.29 -54.66
C ASP D 1120 -9.12 11.82 -55.30
N GLY D 1121 -9.44 10.52 -55.25
CA GLY D 1121 -10.65 10.03 -55.90
C GLY D 1121 -11.94 10.49 -55.23
N TYR D 1122 -11.95 10.48 -53.90
CA TYR D 1122 -13.13 10.93 -53.17
C TYR D 1122 -13.41 12.41 -53.38
N ILE D 1123 -12.37 13.21 -53.63
CA ILE D 1123 -12.57 14.62 -53.93
C ILE D 1123 -13.35 14.81 -55.23
N ASP D 1124 -13.01 14.04 -56.27
CA ASP D 1124 -13.77 14.12 -57.52
C ASP D 1124 -15.17 13.57 -57.37
N LEU D 1125 -15.34 12.49 -56.59
CA LEU D 1125 -16.69 11.99 -56.30
C LEU D 1125 -17.53 13.05 -55.61
N SER D 1126 -16.94 13.76 -54.64
CA SER D 1126 -17.64 14.83 -53.94
C SER D 1126 -17.96 15.99 -54.86
N ARG D 1127 -17.02 16.39 -55.71
CA ARG D 1127 -17.23 17.53 -56.60
C ARG D 1127 -18.27 17.22 -57.67
N SER D 1128 -18.45 15.95 -58.02
CA SER D 1128 -19.41 15.63 -59.08
C SER D 1128 -20.87 15.83 -58.66
N LEU D 1129 -21.16 15.82 -57.36
CA LEU D 1129 -22.53 15.80 -56.87
C LEU D 1129 -22.98 17.08 -56.17
N ILE D 1130 -22.18 18.16 -56.24
CA ILE D 1130 -22.48 19.38 -55.47
C ILE D 1130 -23.79 20.02 -55.89
N SER D 1131 -24.08 20.04 -57.19
CA SER D 1131 -25.27 20.73 -57.67
C SER D 1131 -26.57 19.98 -57.36
N LEU D 1132 -26.49 18.74 -56.87
CA LEU D 1132 -27.67 17.90 -56.70
C LEU D 1132 -28.03 17.64 -55.24
N ASP D 1133 -27.16 16.98 -54.48
CA ASP D 1133 -27.47 16.52 -53.13
C ASP D 1133 -26.26 16.78 -52.26
N GLU D 1134 -26.25 17.98 -51.65
CA GLU D 1134 -25.13 18.43 -50.85
C GLU D 1134 -24.86 17.60 -49.58
N PRO D 1135 -25.86 17.15 -48.80
CA PRO D 1135 -25.54 16.25 -47.69
C PRO D 1135 -24.94 14.92 -48.11
N GLU D 1136 -25.18 14.47 -49.34
CA GLU D 1136 -24.45 13.30 -49.82
C GLU D 1136 -23.03 13.67 -50.23
N ALA D 1137 -22.85 14.86 -50.81
CA ALA D 1137 -21.52 15.30 -51.22
C ALA D 1137 -20.59 15.52 -50.04
N LYS D 1138 -21.15 15.79 -48.85
CA LYS D 1138 -20.29 16.01 -47.69
C LYS D 1138 -19.60 14.73 -47.23
N GLU D 1139 -20.26 13.59 -47.38
CA GLU D 1139 -19.77 12.35 -46.78
C GLU D 1139 -18.53 11.82 -47.52
N TYR D 1140 -18.47 12.00 -48.83
CA TYR D 1140 -17.26 11.61 -49.56
C TYR D 1140 -16.08 12.51 -49.20
N PHE D 1141 -16.35 13.78 -48.89
CA PHE D 1141 -15.31 14.65 -48.37
C PHE D 1141 -14.79 14.15 -47.02
N ASN D 1142 -15.70 13.66 -46.17
CA ASN D 1142 -15.25 13.07 -44.91
C ASN D 1142 -14.39 11.84 -45.13
N GLN D 1143 -14.75 10.99 -46.10
CA GLN D 1143 -13.90 9.85 -46.45
C GLN D 1143 -12.54 10.31 -46.95
N ALA D 1144 -12.50 11.36 -47.78
CA ALA D 1144 -11.26 11.88 -48.31
C ALA D 1144 -10.35 12.38 -47.19
N ILE D 1145 -10.93 13.04 -46.19
CA ILE D 1145 -10.13 13.50 -45.06
C ILE D 1145 -9.63 12.31 -44.25
N GLU D 1146 -10.49 11.30 -44.04
CA GLU D 1146 -10.14 10.18 -43.17
C GLU D 1146 -9.02 9.32 -43.74
N VAL D 1147 -9.02 9.09 -45.07
CA VAL D 1147 -8.13 8.09 -45.65
C VAL D 1147 -6.65 8.48 -45.63
N THR D 1148 -6.32 9.74 -45.32
CA THR D 1148 -4.96 10.24 -45.44
C THR D 1148 -3.98 9.65 -44.42
N ASN D 1149 -4.44 8.89 -43.44
CA ASN D 1149 -3.55 8.32 -42.44
C ASN D 1149 -2.74 7.12 -42.95
N LYS D 1150 -3.18 6.47 -44.02
CA LYS D 1150 -2.68 5.13 -44.37
C LYS D 1150 -1.30 5.21 -45.01
N LEU D 1151 -0.88 4.10 -45.62
CA LEU D 1151 0.47 3.97 -46.17
C LEU D 1151 0.70 4.92 -47.33
N GLY D 1152 1.97 5.29 -47.52
CA GLY D 1152 2.35 6.24 -48.54
C GLY D 1152 3.86 6.38 -48.67
N ASP D 1153 4.33 7.61 -48.87
CA ASP D 1153 5.75 7.91 -49.05
C ASP D 1153 6.55 7.64 -47.79
N GLU D 1154 5.91 7.65 -46.61
CA GLU D 1154 6.63 7.50 -45.35
C GLU D 1154 7.16 6.10 -45.13
N ASN D 1155 6.77 5.12 -45.94
CA ASN D 1155 7.47 3.85 -45.92
C ASN D 1155 8.88 4.02 -46.49
N LEU D 1156 9.72 3.01 -46.23
CA LEU D 1156 11.18 2.96 -46.38
C LEU D 1156 11.88 3.82 -45.33
N SER D 1157 11.12 4.62 -44.58
CA SER D 1157 11.65 5.19 -43.34
C SER D 1157 11.28 4.33 -42.16
N ARG D 1158 10.02 3.87 -42.14
CA ARG D 1158 9.55 2.94 -41.11
C ARG D 1158 10.32 1.62 -41.17
N TRP D 1159 10.60 1.14 -42.38
CA TRP D 1159 11.25 -0.14 -42.57
C TRP D 1159 12.69 -0.09 -42.04
N GLU D 1160 13.35 1.06 -42.16
CA GLU D 1160 14.68 1.21 -41.58
C GLU D 1160 14.66 1.12 -40.05
N ALA D 1161 13.64 1.69 -39.41
CA ALA D 1161 13.52 1.55 -37.96
C ALA D 1161 13.28 0.09 -37.56
N ILE D 1162 12.45 -0.61 -38.34
CA ILE D 1162 12.20 -2.02 -38.08
C ILE D 1162 13.48 -2.85 -38.20
N LEU D 1163 14.28 -2.58 -39.23
CA LEU D 1163 15.57 -3.27 -39.38
C LEU D 1163 16.53 -2.92 -38.26
N ASP D 1164 16.53 -1.66 -37.82
CA ASP D 1164 17.42 -1.25 -36.73
C ASP D 1164 17.08 -1.95 -35.42
N LEU D 1165 15.80 -2.18 -35.17
CA LEU D 1165 15.42 -2.98 -34.00
C LEU D 1165 15.82 -4.44 -34.17
N ALA D 1166 15.49 -5.01 -35.34
CA ALA D 1166 15.65 -6.45 -35.56
C ALA D 1166 17.11 -6.86 -35.52
N GLU D 1167 18.01 -6.08 -36.11
CA GLU D 1167 19.40 -6.48 -36.09
C GLU D 1167 20.07 -6.19 -34.76
N TYR D 1168 19.45 -5.40 -33.88
CA TYR D 1168 19.92 -5.33 -32.50
C TYR D 1168 19.56 -6.59 -31.74
N VAL D 1169 18.32 -7.05 -31.88
CA VAL D 1169 17.87 -8.15 -31.03
C VAL D 1169 18.39 -9.51 -31.52
N ALA D 1170 18.82 -9.59 -32.79
CA ALA D 1170 18.95 -10.87 -33.50
C ALA D 1170 19.92 -11.83 -32.86
N GLY D 1171 21.12 -11.38 -32.52
CA GLY D 1171 22.13 -12.32 -32.07
C GLY D 1171 22.01 -12.79 -30.64
N LYS D 1172 21.12 -12.22 -29.84
CA LYS D 1172 21.17 -12.42 -28.40
C LYS D 1172 20.22 -13.48 -27.87
N THR D 1173 19.01 -13.61 -28.41
CA THR D 1173 18.01 -14.50 -27.82
C THR D 1173 17.39 -15.39 -28.87
N GLN D 1174 16.73 -16.45 -28.39
CA GLN D 1174 15.80 -17.22 -29.22
C GLN D 1174 14.57 -16.39 -29.55
N VAL D 1175 14.04 -16.60 -30.75
CA VAL D 1175 12.89 -15.82 -31.22
C VAL D 1175 11.78 -16.79 -31.61
N PRO D 1176 10.53 -16.55 -31.20
CA PRO D 1176 9.41 -17.38 -31.64
C PRO D 1176 9.22 -17.34 -33.15
N PRO D 1177 8.79 -18.46 -33.74
CA PRO D 1177 8.67 -18.53 -35.21
C PRO D 1177 7.71 -17.52 -35.82
N GLU D 1178 6.62 -17.19 -35.13
CA GLU D 1178 5.60 -16.34 -35.72
C GLU D 1178 6.08 -14.92 -35.95
N ILE D 1179 7.01 -14.43 -35.11
CA ILE D 1179 7.61 -13.13 -35.32
C ILE D 1179 8.44 -13.14 -36.60
N SER D 1180 9.24 -14.20 -36.79
CA SER D 1180 10.06 -14.34 -37.97
C SER D 1180 9.21 -14.44 -39.23
N TYR D 1181 8.07 -15.12 -39.15
CA TYR D 1181 7.18 -15.20 -40.30
C TYR D 1181 6.59 -13.84 -40.64
N LYS D 1182 6.14 -13.10 -39.62
CA LYS D 1182 5.46 -11.83 -39.88
C LYS D 1182 6.43 -10.78 -40.44
N LEU D 1183 7.70 -10.85 -40.06
CA LEU D 1183 8.69 -9.94 -40.65
C LEU D 1183 8.79 -10.12 -42.17
N ALA D 1184 8.84 -11.37 -42.63
CA ALA D 1184 8.92 -11.63 -44.07
C ALA D 1184 7.61 -11.32 -44.79
N ARG D 1185 6.48 -11.54 -44.12
CA ARG D 1185 5.20 -11.15 -44.72
C ARG D 1185 5.14 -9.64 -44.94
N CYS D 1186 5.58 -8.86 -43.96
CA CYS D 1186 5.59 -7.41 -44.14
C CYS D 1186 6.63 -6.95 -45.16
N ALA D 1187 7.73 -7.70 -45.34
CA ALA D 1187 8.65 -7.37 -46.42
C ALA D 1187 7.99 -7.57 -47.79
N GLU D 1188 7.25 -8.67 -47.96
CA GLU D 1188 6.53 -8.87 -49.21
C GLU D 1188 5.48 -7.79 -49.44
N LEU D 1189 4.83 -7.33 -48.37
CA LEU D 1189 3.87 -6.25 -48.50
C LEU D 1189 4.54 -4.95 -48.92
N THR D 1190 5.64 -4.58 -48.26
CA THR D 1190 6.30 -3.31 -48.53
C THR D 1190 7.05 -3.27 -49.86
N ARG D 1191 7.34 -4.42 -50.48
CA ARG D 1191 7.88 -4.36 -51.83
C ARG D 1191 6.86 -3.90 -52.86
N GLU D 1192 5.57 -4.07 -52.58
CA GLU D 1192 4.54 -3.77 -53.58
C GLU D 1192 4.38 -2.28 -53.83
N TYR D 1193 4.59 -1.45 -52.81
CA TYR D 1193 4.28 -0.03 -52.94
C TYR D 1193 5.35 0.79 -53.63
N VAL D 1194 6.61 0.32 -53.68
CA VAL D 1194 7.66 1.11 -54.31
C VAL D 1194 7.52 1.04 -55.83
N ASP D 1195 8.07 2.05 -56.49
CA ASP D 1195 7.98 2.15 -57.94
C ASP D 1195 9.17 1.46 -58.63
N ARG D 1196 10.39 1.83 -58.27
CA ARG D 1196 11.59 1.30 -58.91
C ARG D 1196 12.23 0.29 -57.97
N ASP D 1197 12.69 -0.83 -58.53
CA ASP D 1197 13.22 -1.93 -57.72
C ASP D 1197 14.50 -1.53 -56.99
N LYS D 1198 15.26 -0.59 -57.53
CA LYS D 1198 16.52 -0.16 -56.93
C LYS D 1198 16.34 0.60 -55.62
N HIS D 1199 15.12 0.99 -55.26
CA HIS D 1199 14.88 1.69 -54.01
C HIS D 1199 14.62 0.77 -52.83
N PHE D 1200 14.51 -0.54 -53.05
CA PHE D 1200 14.18 -1.48 -51.98
C PHE D 1200 15.45 -2.18 -51.51
N ALA D 1201 15.57 -2.37 -50.20
CA ALA D 1201 16.78 -2.92 -49.58
C ALA D 1201 16.69 -4.45 -49.54
N TRP D 1202 17.21 -5.07 -50.58
CA TRP D 1202 17.18 -6.53 -50.70
C TRP D 1202 18.19 -7.18 -49.74
N SER D 1203 19.47 -6.83 -49.88
CA SER D 1203 20.54 -7.55 -49.21
C SER D 1203 20.47 -7.42 -47.70
N ASP D 1204 20.16 -6.21 -47.21
CA ASP D 1204 20.04 -6.00 -45.78
C ASP D 1204 18.91 -6.82 -45.17
N THR D 1205 17.76 -6.85 -45.85
CA THR D 1205 16.63 -7.65 -45.38
C THR D 1205 16.96 -9.13 -45.34
N VAL D 1206 17.59 -9.64 -46.40
CA VAL D 1206 17.92 -11.06 -46.47
C VAL D 1206 18.93 -11.43 -45.38
N GLU D 1207 19.97 -10.62 -45.21
CA GLU D 1207 20.99 -10.93 -44.22
C GLU D 1207 20.45 -10.86 -42.80
N ILE D 1208 19.62 -9.87 -42.47
CA ILE D 1208 19.10 -9.76 -41.12
C ILE D 1208 18.11 -10.89 -40.83
N LEU D 1209 17.26 -11.24 -41.80
CA LEU D 1209 16.34 -12.36 -41.61
C LEU D 1209 17.08 -13.66 -41.42
N ALA D 1210 18.12 -13.90 -42.22
CA ALA D 1210 18.92 -15.12 -42.07
C ALA D 1210 19.62 -15.16 -40.71
N GLU D 1211 20.15 -14.02 -40.26
CA GLU D 1211 20.87 -13.97 -39.00
C GLU D 1211 19.95 -14.15 -37.80
N LEU D 1212 18.68 -13.74 -37.90
CA LEU D 1212 17.80 -13.76 -36.74
C LEU D 1212 17.37 -15.18 -36.37
N CYS D 1213 17.04 -16.01 -37.36
CA CYS D 1213 16.65 -17.41 -37.13
C CYS D 1213 16.92 -18.24 -38.37
N PRO D 1214 17.98 -19.07 -38.38
CA PRO D 1214 18.36 -19.76 -39.63
C PRO D 1214 17.32 -20.74 -40.19
N SER D 1215 16.79 -21.61 -39.32
CA SER D 1215 15.89 -22.67 -39.75
C SER D 1215 14.60 -22.13 -40.33
N SER D 1216 14.16 -20.96 -39.88
CA SER D 1216 12.98 -20.34 -40.46
C SER D 1216 13.29 -19.71 -41.81
N ALA D 1217 14.48 -19.11 -41.93
CA ALA D 1217 14.87 -18.45 -43.17
C ALA D 1217 14.97 -19.44 -44.32
N LEU D 1218 15.51 -20.62 -44.07
CA LEU D 1218 15.65 -21.60 -45.15
C LEU D 1218 14.29 -22.09 -45.66
N ALA D 1219 13.27 -22.11 -44.81
CA ALA D 1219 11.93 -22.44 -45.27
C ALA D 1219 11.30 -21.28 -46.05
N ILE D 1220 11.47 -20.06 -45.54
CA ILE D 1220 10.81 -18.89 -46.13
C ILE D 1220 11.35 -18.62 -47.54
N ILE D 1221 12.67 -18.67 -47.71
CA ILE D 1221 13.21 -18.44 -49.05
C ILE D 1221 12.89 -19.59 -50.00
N SER D 1222 12.55 -20.77 -49.47
CA SER D 1222 12.13 -21.85 -50.33
C SER D 1222 10.70 -21.66 -50.82
N ARG D 1223 9.84 -21.07 -49.99
CA ARG D 1223 8.49 -20.76 -50.47
C ARG D 1223 8.48 -19.58 -51.45
N TRP D 1224 9.39 -18.62 -51.25
CA TRP D 1224 9.50 -17.51 -52.20
C TRP D 1224 9.79 -17.98 -53.62
N ARG D 1225 10.60 -19.02 -53.78
CA ARG D 1225 10.93 -19.49 -55.12
C ARG D 1225 9.74 -20.18 -55.80
N ASP D 1226 8.81 -20.75 -55.04
CA ASP D 1226 7.54 -21.17 -55.63
C ASP D 1226 6.74 -19.96 -56.10
N ARG D 1227 6.69 -18.91 -55.29
CA ARG D 1227 5.94 -17.73 -55.72
C ARG D 1227 6.66 -16.89 -56.77
N THR D 1228 7.90 -17.22 -57.12
CA THR D 1228 8.76 -16.43 -58.03
C THR D 1228 9.03 -15.02 -57.52
N PHE D 1229 8.93 -14.80 -56.21
CA PHE D 1229 9.26 -13.51 -55.61
C PHE D 1229 10.77 -13.40 -55.49
N GLY D 1230 11.38 -12.50 -56.27
CA GLY D 1230 12.80 -12.28 -56.14
C GLY D 1230 13.68 -13.22 -56.93
N ASN D 1231 13.17 -13.85 -57.99
CA ASN D 1231 13.97 -14.79 -58.77
C ASN D 1231 15.03 -14.11 -59.63
N HIS D 1232 15.05 -12.80 -59.71
CA HIS D 1232 16.10 -12.09 -60.43
C HIS D 1232 17.31 -11.76 -59.55
N ARG D 1233 17.27 -12.08 -58.26
CA ARG D 1233 18.38 -11.84 -57.35
C ARG D 1233 19.03 -13.15 -56.92
N SER D 1234 20.20 -13.04 -56.31
CA SER D 1234 20.97 -14.18 -55.80
C SER D 1234 20.77 -14.39 -54.30
N ILE D 1235 19.55 -14.73 -53.89
CA ILE D 1235 19.20 -14.77 -52.46
C ILE D 1235 19.96 -15.89 -51.74
N LEU D 1236 20.10 -17.06 -52.38
CA LEU D 1236 20.67 -18.22 -51.72
C LEU D 1236 22.14 -18.01 -51.35
N ALA D 1237 22.90 -17.38 -52.25
CA ALA D 1237 24.31 -17.11 -51.98
C ALA D 1237 24.47 -16.18 -50.79
N TRP D 1238 23.67 -15.12 -50.74
CA TRP D 1238 23.71 -14.18 -49.62
C TRP D 1238 23.42 -14.88 -48.30
N THR D 1239 22.35 -15.68 -48.28
CA THR D 1239 21.94 -16.36 -47.06
C THR D 1239 23.01 -17.33 -46.58
N ILE D 1240 23.52 -18.17 -47.48
CA ILE D 1240 24.47 -19.20 -47.10
C ILE D 1240 25.79 -18.59 -46.64
N GLU D 1241 26.30 -17.58 -47.36
CA GLU D 1241 27.56 -16.98 -46.97
C GLU D 1241 27.45 -16.22 -45.64
N HIS D 1242 26.31 -15.55 -45.39
CA HIS D 1242 26.16 -14.87 -44.12
C HIS D 1242 26.04 -15.86 -42.96
N LEU D 1243 25.36 -16.98 -43.17
CA LEU D 1243 25.31 -18.00 -42.13
C LEU D 1243 26.68 -18.64 -41.88
N VAL D 1244 27.49 -18.79 -42.92
CA VAL D 1244 28.84 -19.32 -42.75
C VAL D 1244 29.69 -18.35 -41.93
N LYS D 1245 29.60 -17.04 -42.24
CA LYS D 1245 30.46 -16.06 -41.58
C LYS D 1245 30.16 -15.96 -40.08
N LYS D 1246 28.88 -15.99 -39.70
CA LYS D 1246 28.50 -15.92 -38.30
C LYS D 1246 28.56 -17.26 -37.57
N ASN D 1247 29.22 -18.27 -38.14
CA ASN D 1247 29.51 -19.56 -37.50
C ASN D 1247 28.25 -20.31 -37.08
N LYS D 1248 27.14 -20.16 -37.80
CA LYS D 1248 25.93 -20.91 -37.50
C LYS D 1248 25.74 -22.12 -38.39
N ILE D 1249 26.54 -22.30 -39.44
CA ILE D 1249 26.49 -23.49 -40.26
C ILE D 1249 27.92 -23.87 -40.65
N ASN D 1250 28.17 -25.16 -40.79
CA ASN D 1250 29.51 -25.65 -41.10
C ASN D 1250 29.80 -25.43 -42.57
N ALA D 1251 31.06 -25.09 -42.87
CA ALA D 1251 31.46 -24.77 -44.24
C ALA D 1251 31.40 -25.99 -45.15
N LEU D 1252 31.70 -27.18 -44.62
CA LEU D 1252 31.65 -28.39 -45.43
C LEU D 1252 30.22 -28.79 -45.79
N ASP D 1253 29.23 -28.33 -45.03
CA ASP D 1253 27.84 -28.50 -45.45
C ASP D 1253 27.46 -27.53 -46.55
N ALA D 1254 28.07 -26.34 -46.56
CA ALA D 1254 27.69 -25.29 -47.48
C ALA D 1254 28.39 -25.41 -48.82
N LEU D 1255 29.56 -26.05 -48.85
CA LEU D 1255 30.32 -26.15 -50.09
C LEU D 1255 29.62 -26.86 -51.26
N PRO D 1256 28.93 -28.00 -51.09
CA PRO D 1256 28.31 -28.65 -52.26
C PRO D 1256 27.20 -27.87 -52.92
N LEU D 1257 26.71 -26.78 -52.34
CA LEU D 1257 25.61 -26.04 -52.93
C LEU D 1257 26.00 -25.22 -54.15
N ILE D 1258 27.28 -25.16 -54.50
CA ILE D 1258 27.72 -24.37 -55.65
C ILE D 1258 27.26 -24.96 -56.98
N THR D 1259 26.63 -26.13 -56.98
CA THR D 1259 26.04 -26.65 -58.21
C THR D 1259 24.79 -25.91 -58.63
N PHE D 1260 24.18 -25.16 -57.72
CA PHE D 1260 23.12 -24.21 -58.05
C PHE D 1260 23.77 -22.92 -58.54
N GLU D 1261 23.38 -22.48 -59.73
CA GLU D 1261 24.10 -21.40 -60.41
C GLU D 1261 23.70 -20.05 -59.84
N ASN D 1262 24.63 -19.41 -59.13
CA ASN D 1262 24.46 -18.09 -58.54
C ASN D 1262 25.81 -17.38 -58.54
N ASP D 1263 25.81 -16.14 -58.04
CA ASP D 1263 27.03 -15.35 -57.92
C ASP D 1263 27.76 -15.69 -56.61
N TRP D 1264 28.32 -16.89 -56.59
CA TRP D 1264 29.10 -17.35 -55.45
C TRP D 1264 30.48 -16.69 -55.41
N HIS D 1265 31.00 -16.55 -54.19
CA HIS D 1265 32.42 -16.28 -53.95
C HIS D 1265 33.07 -17.59 -53.50
N LYS D 1266 33.46 -18.40 -54.47
CA LYS D 1266 33.91 -19.76 -54.21
C LYS D 1266 35.24 -19.80 -53.47
N CYS D 1267 36.13 -18.84 -53.72
CA CYS D 1267 37.43 -18.84 -53.05
C CYS D 1267 37.28 -18.54 -51.56
N ASP D 1268 36.30 -17.73 -51.18
CA ASP D 1268 36.06 -17.47 -49.76
C ASP D 1268 35.55 -18.73 -49.05
N LEU D 1269 34.66 -19.48 -49.69
CA LEU D 1269 34.20 -20.74 -49.13
C LEU D 1269 35.35 -21.74 -48.99
N LEU D 1270 36.20 -21.82 -50.02
CA LEU D 1270 37.33 -22.73 -49.95
C LEU D 1270 38.32 -22.33 -48.85
N ASP D 1271 38.54 -21.02 -48.67
CA ASP D 1271 39.39 -20.55 -47.59
C ASP D 1271 38.78 -20.84 -46.22
N SER D 1272 37.46 -20.73 -46.10
CA SER D 1272 36.80 -21.11 -44.85
C SER D 1272 36.92 -22.60 -44.58
N VAL D 1273 36.95 -23.42 -45.63
CA VAL D 1273 37.17 -24.85 -45.44
C VAL D 1273 38.61 -25.14 -45.03
N LEU D 1274 39.58 -24.52 -45.71
CA LEU D 1274 40.99 -24.75 -45.40
C LEU D 1274 41.37 -24.30 -44.00
N SER D 1275 40.70 -23.27 -43.48
CA SER D 1275 41.04 -22.75 -42.16
C SER D 1275 40.36 -23.49 -41.03
N SER D 1276 39.46 -24.43 -41.32
CA SER D 1276 38.61 -25.02 -40.30
C SER D 1276 38.92 -26.47 -39.97
N CYS D 1277 39.14 -27.32 -40.98
CA CYS D 1277 39.24 -28.76 -40.78
C CYS D 1277 40.69 -29.21 -40.97
N THR D 1278 41.16 -30.09 -40.08
CA THR D 1278 42.54 -30.54 -40.07
C THR D 1278 42.79 -31.82 -40.86
N ASP D 1279 41.75 -32.56 -41.24
CA ASP D 1279 41.93 -33.83 -41.93
C ASP D 1279 42.47 -33.57 -43.34
N ASP D 1280 43.50 -34.32 -43.72
CA ASP D 1280 44.14 -34.13 -45.02
C ASP D 1280 43.24 -34.57 -46.17
N LYS D 1281 42.32 -35.50 -45.91
CA LYS D 1281 41.39 -35.96 -46.94
C LYS D 1281 40.43 -34.86 -47.37
N ASP D 1282 39.92 -34.10 -46.40
CA ASP D 1282 38.78 -33.22 -46.63
C ASP D 1282 39.15 -32.06 -47.54
N LYS D 1283 40.32 -31.45 -47.31
CA LYS D 1283 40.74 -30.32 -48.12
C LYS D 1283 41.05 -30.74 -49.56
N ILE D 1284 41.60 -31.95 -49.74
CA ILE D 1284 41.82 -32.50 -51.07
C ILE D 1284 40.49 -32.64 -51.80
N MET D 1285 39.49 -33.22 -51.13
CA MET D 1285 38.18 -33.38 -51.75
C MET D 1285 37.53 -32.04 -52.06
N ALA D 1286 37.65 -31.07 -51.16
CA ALA D 1286 37.08 -29.73 -51.37
C ALA D 1286 37.71 -29.06 -52.58
N PHE D 1287 39.04 -29.16 -52.72
CA PHE D 1287 39.70 -28.60 -53.90
C PHE D 1287 39.22 -29.27 -55.17
N GLU D 1288 39.04 -30.60 -55.13
CA GLU D 1288 38.55 -31.32 -56.31
C GLU D 1288 37.16 -30.83 -56.72
N VAL D 1289 36.26 -30.68 -55.75
CA VAL D 1289 34.88 -30.27 -56.06
C VAL D 1289 34.85 -28.86 -56.62
N VAL D 1290 35.56 -27.93 -55.98
CA VAL D 1290 35.56 -26.54 -56.45
C VAL D 1290 36.19 -26.44 -57.84
N TYR D 1291 37.31 -27.13 -58.06
CA TYR D 1291 37.96 -27.09 -59.37
C TYR D 1291 37.09 -27.66 -60.46
N HIS D 1292 36.40 -28.78 -60.21
CA HIS D 1292 35.55 -29.36 -61.24
C HIS D 1292 34.38 -28.44 -61.57
N TYR D 1293 33.67 -27.95 -60.55
CA TYR D 1293 32.54 -27.10 -60.93
C TYR D 1293 32.93 -25.64 -61.20
N THR D 1294 34.22 -25.31 -61.32
CA THR D 1294 34.64 -24.01 -61.81
C THR D 1294 35.21 -24.07 -63.23
N LYS D 1295 35.50 -25.28 -63.72
CA LYS D 1295 36.41 -25.49 -64.85
C LYS D 1295 35.91 -24.87 -66.16
N PHE D 1296 34.60 -24.95 -66.41
CA PHE D 1296 34.11 -24.82 -67.78
C PHE D 1296 33.78 -23.40 -68.23
N ASN D 1297 33.72 -22.43 -67.32
CA ASN D 1297 33.40 -21.06 -67.71
C ASN D 1297 34.54 -20.12 -67.34
N VAL D 1298 34.62 -18.99 -68.07
CA VAL D 1298 35.80 -18.14 -68.06
C VAL D 1298 36.09 -17.53 -66.69
N GLN D 1299 37.38 -17.31 -66.42
CA GLN D 1299 37.85 -16.68 -65.21
C GLN D 1299 39.03 -15.76 -65.50
N ASN D 1300 39.23 -14.81 -64.60
CA ASN D 1300 40.39 -13.95 -64.57
C ASN D 1300 41.57 -14.62 -63.86
N ILE D 1301 42.77 -14.10 -64.13
CA ILE D 1301 44.01 -14.74 -63.68
C ILE D 1301 44.17 -14.76 -62.17
N GLN D 1302 43.61 -13.77 -61.48
CA GLN D 1302 43.75 -13.69 -60.02
C GLN D 1302 43.07 -14.85 -59.30
N ASN D 1303 42.07 -15.47 -59.92
CA ASN D 1303 41.46 -16.66 -59.36
C ASN D 1303 42.33 -17.89 -59.61
N LEU D 1304 42.84 -18.01 -60.83
CA LEU D 1304 43.59 -19.19 -61.24
C LEU D 1304 44.88 -19.29 -60.46
N LYS D 1305 45.53 -18.16 -60.20
CA LYS D 1305 46.78 -18.17 -59.43
C LYS D 1305 46.55 -18.56 -57.97
N LYS D 1306 45.42 -18.16 -57.38
CA LYS D 1306 45.07 -18.60 -56.03
C LYS D 1306 44.85 -20.10 -55.98
N LEU D 1307 44.12 -20.63 -56.97
CA LEU D 1307 43.90 -22.07 -57.02
C LEU D 1307 45.21 -22.82 -57.21
N ASP D 1308 46.11 -22.27 -58.02
CA ASP D 1308 47.42 -22.88 -58.21
C ASP D 1308 48.21 -22.92 -56.90
N ALA D 1309 48.21 -21.81 -56.15
CA ALA D 1309 48.93 -21.76 -54.88
C ALA D 1309 48.37 -22.77 -53.88
N ILE D 1310 47.05 -22.88 -53.79
CA ILE D 1310 46.42 -23.86 -52.90
C ILE D 1310 46.77 -25.28 -53.36
N SER D 1311 46.85 -25.51 -54.67
CA SER D 1311 47.26 -26.81 -55.19
C SER D 1311 48.71 -27.14 -54.81
N THR D 1312 49.59 -26.14 -54.85
CA THR D 1312 50.97 -26.36 -54.39
C THR D 1312 51.01 -26.67 -52.90
N SER D 1313 50.13 -26.05 -52.11
CA SER D 1313 50.11 -26.35 -50.68
C SER D 1313 49.59 -27.76 -50.42
N LEU D 1314 48.60 -28.20 -51.20
CA LEU D 1314 48.06 -29.54 -50.99
C LEU D 1314 49.00 -30.63 -51.49
N GLY D 1315 49.82 -30.34 -52.50
CA GLY D 1315 50.68 -31.36 -53.06
C GLY D 1315 50.08 -32.04 -54.27
N ILE D 1316 49.69 -31.23 -55.26
CA ILE D 1316 49.28 -31.71 -56.58
C ILE D 1316 49.72 -30.65 -57.59
N GLU D 1317 50.03 -31.10 -58.81
CA GLU D 1317 50.60 -30.22 -59.82
C GLU D 1317 49.79 -30.36 -61.11
N HIS D 1318 48.72 -29.56 -61.20
CA HIS D 1318 47.89 -29.54 -62.41
C HIS D 1318 48.58 -28.80 -63.54
N THR D 1319 49.25 -29.55 -64.43
CA THR D 1319 49.76 -28.97 -65.67
C THR D 1319 48.65 -28.35 -66.52
N GLU D 1320 47.42 -28.89 -66.41
CA GLU D 1320 46.26 -28.29 -67.07
C GLU D 1320 46.05 -26.86 -66.58
N LEU D 1321 46.14 -26.66 -65.27
CA LEU D 1321 45.98 -25.33 -64.70
C LEU D 1321 47.13 -24.41 -65.10
N LYS D 1322 48.34 -24.96 -65.16
CA LYS D 1322 49.51 -24.20 -65.62
C LYS D 1322 49.29 -23.69 -67.05
N GLU D 1323 48.86 -24.57 -67.95
CA GLU D 1323 48.64 -24.20 -69.34
C GLU D 1323 47.51 -23.18 -69.46
N ARG D 1324 46.42 -23.40 -68.73
CA ARG D 1324 45.26 -22.54 -68.87
C ARG D 1324 45.50 -21.17 -68.24
N ILE D 1325 46.41 -21.06 -67.27
CA ILE D 1325 46.77 -19.73 -66.78
C ILE D 1325 47.83 -19.08 -67.68
N SER D 1326 48.73 -19.88 -68.26
CA SER D 1326 49.75 -19.33 -69.14
C SER D 1326 49.14 -18.79 -70.44
N GLY D 1327 48.04 -19.39 -70.88
CA GLY D 1327 47.37 -18.94 -72.09
C GLY D 1327 46.69 -17.58 -71.97
N LEU D 1328 46.64 -17.01 -70.77
CA LEU D 1328 46.00 -15.71 -70.55
C LEU D 1328 46.96 -14.66 -69.99
N GLN D 1329 48.26 -14.96 -69.90
CA GLN D 1329 49.25 -14.17 -69.17
C GLN D 1329 49.49 -12.78 -69.75
N HIS D 1330 48.83 -12.42 -70.83
CA HIS D 1330 49.16 -11.26 -71.66
C HIS D 1330 49.06 -9.92 -70.93
N GLY D 1348 53.60 20.79 -56.93
CA GLY D 1348 54.06 22.15 -57.17
C GLY D 1348 53.20 23.20 -56.51
N HIS D 1349 53.13 24.38 -57.12
CA HIS D 1349 52.32 25.53 -56.67
C HIS D 1349 52.72 26.01 -55.28
N ASP D 1350 53.99 25.81 -54.91
CA ASP D 1350 54.45 26.03 -53.55
C ASP D 1350 54.39 27.50 -53.15
N GLN D 1351 54.77 28.39 -54.07
CA GLN D 1351 54.83 29.81 -53.72
C GLN D 1351 53.45 30.41 -53.49
N GLU D 1352 52.39 29.77 -53.99
CA GLU D 1352 51.04 30.13 -53.59
C GLU D 1352 50.85 29.94 -52.08
N TRP D 1353 51.32 28.81 -51.57
CA TRP D 1353 51.29 28.56 -50.13
C TRP D 1353 52.18 29.54 -49.37
N GLU D 1354 53.37 29.81 -49.90
CA GLU D 1354 54.28 30.76 -49.25
C GLU D 1354 53.75 32.18 -49.29
N SER D 1355 52.81 32.49 -50.18
CA SER D 1355 52.11 33.77 -50.15
C SER D 1355 50.91 33.76 -49.20
N ILE D 1356 50.21 32.62 -49.11
CA ILE D 1356 49.01 32.54 -48.28
C ILE D 1356 49.36 32.65 -46.80
N PHE D 1357 50.40 31.95 -46.36
CA PHE D 1357 50.83 31.98 -44.97
C PHE D 1357 51.84 33.08 -44.66
N LYS D 1358 51.95 34.10 -45.51
CA LYS D 1358 52.88 35.19 -45.28
C LYS D 1358 52.50 35.97 -44.03
N ASP D 1359 53.32 35.83 -42.97
CA ASP D 1359 53.15 36.49 -41.66
C ASP D 1359 51.80 36.14 -41.02
N CYS D 1360 51.26 34.95 -41.30
CA CYS D 1360 50.00 34.51 -40.72
C CYS D 1360 50.28 33.71 -39.45
N ASP D 1361 49.96 34.30 -38.29
CA ASP D 1361 50.17 33.65 -37.00
C ASP D 1361 49.04 32.65 -36.78
N LEU D 1362 49.34 31.37 -37.03
CA LEU D 1362 48.35 30.32 -36.82
C LEU D 1362 48.09 30.01 -35.36
N SER D 1363 48.93 30.50 -34.45
CA SER D 1363 48.64 30.33 -33.02
C SER D 1363 47.62 31.35 -32.53
N SER D 1364 47.43 32.44 -33.26
CA SER D 1364 46.40 33.42 -32.97
C SER D 1364 45.13 33.08 -33.73
N ILE D 1365 44.02 33.68 -33.29
CA ILE D 1365 42.75 33.52 -33.98
C ILE D 1365 42.76 34.29 -35.31
N ASP D 1366 43.28 35.51 -35.30
CA ASP D 1366 43.17 36.38 -36.46
C ASP D 1366 44.01 35.90 -37.63
N GLY D 1367 45.17 35.29 -37.34
CA GLY D 1367 46.06 34.86 -38.40
C GLY D 1367 45.48 33.76 -39.26
N ILE D 1368 44.66 32.89 -38.67
CA ILE D 1368 43.96 31.86 -39.43
C ILE D 1368 43.00 32.49 -40.43
N SER D 1369 42.25 33.49 -39.99
CA SER D 1369 41.30 34.18 -40.87
C SER D 1369 42.03 34.93 -41.98
N ALA D 1370 43.16 35.58 -41.64
CA ALA D 1370 43.96 36.26 -42.65
C ALA D 1370 44.48 35.29 -43.70
N ALA D 1371 44.96 34.12 -43.24
CA ALA D 1371 45.43 33.10 -44.17
C ALA D 1371 44.30 32.57 -45.05
N TYR D 1372 43.10 32.39 -44.49
CA TYR D 1372 41.98 31.93 -45.30
C TYR D 1372 41.57 32.97 -46.35
N GLU D 1373 41.61 34.25 -45.99
CA GLU D 1373 41.33 35.28 -46.98
C GLU D 1373 42.40 35.34 -48.07
N LYS D 1374 43.67 35.13 -47.70
CA LYS D 1374 44.72 35.02 -48.71
C LYS D 1374 44.54 33.80 -49.59
N PHE D 1375 44.00 32.71 -49.04
CA PHE D 1375 43.64 31.53 -49.82
C PHE D 1375 42.50 31.86 -50.79
N ARG D 1376 41.57 32.70 -50.35
CA ARG D 1376 40.42 33.05 -51.17
C ARG D 1376 40.76 34.04 -52.27
N ASN D 1377 41.89 34.75 -52.16
CA ASN D 1377 42.15 35.90 -53.02
C ASN D 1377 42.28 35.52 -54.48
N VAL D 1378 42.92 34.40 -54.78
CA VAL D 1378 43.10 33.95 -56.16
C VAL D 1378 42.32 32.64 -56.31
N PRO D 1379 41.08 32.70 -56.82
CA PRO D 1379 40.19 31.54 -56.72
C PRO D 1379 40.62 30.37 -57.60
N GLU D 1380 41.21 29.37 -56.96
CA GLU D 1380 41.62 28.13 -57.59
C GLU D 1380 41.53 27.03 -56.54
N PHE D 1381 41.42 25.78 -57.01
CA PHE D 1381 41.72 24.54 -56.29
C PHE D 1381 41.14 24.45 -54.87
N TYR D 1382 39.93 25.01 -54.66
CA TYR D 1382 39.28 25.01 -53.34
C TYR D 1382 39.09 23.61 -52.77
N SER D 1383 39.79 23.34 -51.67
CA SER D 1383 39.69 22.08 -50.96
C SER D 1383 40.10 22.38 -49.51
N LYS D 1384 39.10 22.44 -48.61
CA LYS D 1384 39.33 22.88 -47.24
C LYS D 1384 40.35 22.02 -46.52
N GLU D 1385 40.31 20.70 -46.75
CA GLU D 1385 41.18 19.76 -46.08
C GLU D 1385 42.65 20.06 -46.35
N THR D 1386 42.97 20.55 -47.55
CA THR D 1386 44.34 20.90 -47.88
C THR D 1386 44.83 22.06 -47.02
N PHE D 1387 43.99 23.10 -46.88
CA PHE D 1387 44.35 24.23 -46.01
C PHE D 1387 44.52 23.76 -44.57
N ILE D 1388 43.61 22.90 -44.10
CA ILE D 1388 43.73 22.36 -42.75
C ILE D 1388 45.07 21.67 -42.58
N LYS D 1389 45.35 20.67 -43.43
CA LYS D 1389 46.56 19.85 -43.35
C LYS D 1389 47.82 20.69 -43.36
N LYS D 1390 47.88 21.72 -44.20
CA LYS D 1390 49.06 22.57 -44.24
C LYS D 1390 49.21 23.39 -42.97
N ALA D 1391 48.11 23.93 -42.47
CA ALA D 1391 48.17 24.73 -41.25
C ALA D 1391 48.60 23.88 -40.05
N ILE D 1392 48.10 22.64 -39.98
CA ILE D 1392 48.65 21.66 -39.02
C ILE D 1392 50.13 21.40 -39.26
N SER D 1393 50.56 21.42 -40.52
CA SER D 1393 51.98 21.22 -40.78
C SER D 1393 52.85 22.40 -40.34
N ARG D 1394 52.25 23.56 -40.07
CA ARG D 1394 53.02 24.76 -39.75
C ARG D 1394 52.96 25.19 -38.28
N VAL D 1395 52.14 24.55 -37.44
CA VAL D 1395 52.01 24.98 -36.05
C VAL D 1395 53.28 24.65 -35.26
N LYS D 1396 53.67 25.58 -34.38
CA LYS D 1396 54.82 25.48 -33.51
C LYS D 1396 54.59 24.47 -32.39
N THR D 1397 55.68 24.06 -31.73
CA THR D 1397 55.59 23.11 -30.63
C THR D 1397 54.98 23.76 -29.39
N GLY D 1398 54.01 23.09 -28.78
CA GLY D 1398 53.44 23.52 -27.52
C GLY D 1398 52.31 24.52 -27.61
N LYS D 1399 51.81 24.82 -28.80
CA LYS D 1399 50.68 25.72 -28.98
C LYS D 1399 49.60 25.12 -29.86
N GLU D 1400 49.53 23.79 -29.93
CA GLU D 1400 48.54 23.12 -30.78
C GLU D 1400 47.12 23.36 -30.29
N CYS D 1401 46.91 23.30 -28.96
CA CYS D 1401 45.56 23.40 -28.42
C CYS D 1401 44.93 24.76 -28.72
N SER D 1402 45.74 25.82 -28.77
CA SER D 1402 45.27 27.12 -29.22
C SER D 1402 44.76 27.03 -30.65
N PHE D 1403 45.50 26.31 -31.50
CA PHE D 1403 45.09 26.13 -32.89
C PHE D 1403 43.76 25.40 -32.97
N ILE D 1404 43.62 24.29 -32.26
CA ILE D 1404 42.38 23.51 -32.37
C ILE D 1404 41.18 24.33 -31.88
N THR D 1405 41.34 25.02 -30.75
CA THR D 1405 40.23 25.85 -30.25
C THR D 1405 39.89 26.97 -31.22
N ALA D 1406 40.92 27.63 -31.77
CA ALA D 1406 40.69 28.72 -32.73
C ALA D 1406 39.98 28.21 -33.98
N ILE D 1407 40.49 27.14 -34.59
CA ILE D 1407 39.94 26.66 -35.86
C ILE D 1407 38.55 26.07 -35.65
N GLY D 1408 38.27 25.54 -34.46
CA GLY D 1408 36.90 25.15 -34.15
C GLY D 1408 35.97 26.33 -33.98
N ALA D 1409 36.50 27.46 -33.52
CA ALA D 1409 35.63 28.61 -33.25
C ALA D 1409 35.37 29.48 -34.49
N ILE D 1410 36.39 29.69 -35.32
CA ILE D 1410 36.40 30.79 -36.30
C ILE D 1410 35.31 30.63 -37.34
N PHE D 1411 35.18 29.45 -37.92
CA PHE D 1411 34.33 29.27 -39.10
C PHE D 1411 32.92 28.81 -38.77
N HIS D 1412 32.63 28.52 -37.49
CA HIS D 1412 31.28 28.20 -37.00
C HIS D 1412 30.65 27.08 -37.82
N TRP D 1413 31.34 25.94 -37.82
CA TRP D 1413 31.19 24.92 -38.85
C TRP D 1413 29.78 24.37 -38.97
N GLY D 1414 29.38 24.11 -40.21
CA GLY D 1414 28.13 23.46 -40.49
C GLY D 1414 28.16 21.98 -40.14
N LEU D 1415 27.10 21.29 -40.55
CA LEU D 1415 26.96 19.87 -40.22
C LEU D 1415 28.02 19.03 -40.92
N TYR D 1416 28.21 19.22 -42.23
CA TYR D 1416 29.05 18.32 -43.01
C TYR D 1416 30.54 18.57 -42.78
N ASP D 1417 30.93 19.84 -42.68
CA ASP D 1417 32.34 20.21 -42.78
C ASP D 1417 33.18 19.71 -41.61
N PHE D 1418 32.56 19.54 -40.44
CA PHE D 1418 33.27 19.21 -39.20
C PHE D 1418 34.09 17.95 -39.32
N LYS D 1419 33.60 16.99 -40.13
CA LYS D 1419 34.27 15.72 -40.42
C LYS D 1419 35.72 15.89 -40.81
N TYR D 1420 36.06 17.00 -41.47
CA TYR D 1420 37.43 17.17 -41.97
C TYR D 1420 38.43 17.30 -40.83
N ILE D 1421 38.08 18.04 -39.78
CA ILE D 1421 39.07 18.39 -38.76
C ILE D 1421 39.52 17.15 -38.01
N LEU D 1422 38.55 16.32 -37.59
CA LEU D 1422 38.86 15.04 -36.96
C LEU D 1422 39.68 14.16 -37.88
N GLU D 1423 39.44 14.24 -39.19
CA GLU D 1423 40.15 13.40 -40.13
C GLU D 1423 41.59 13.87 -40.31
N SER D 1424 41.88 15.15 -40.04
CA SER D 1424 43.16 15.73 -40.44
C SER D 1424 44.22 15.72 -39.35
N ILE D 1425 43.85 15.45 -38.10
CA ILE D 1425 44.78 15.60 -36.98
C ILE D 1425 45.87 14.52 -37.07
N PRO D 1426 47.15 14.86 -36.90
CA PRO D 1426 48.20 13.84 -36.93
C PRO D 1426 48.13 12.91 -35.73
N ASP D 1427 48.60 11.68 -35.93
CA ASP D 1427 48.55 10.65 -34.89
C ASP D 1427 49.42 10.99 -33.69
N GLU D 1428 50.56 11.66 -33.91
CA GLU D 1428 51.46 12.06 -32.83
C GLU D 1428 50.74 12.90 -31.78
N TRP D 1429 49.83 13.77 -32.22
CA TRP D 1429 49.10 14.64 -31.31
C TRP D 1429 48.22 13.87 -30.33
N THR D 1430 47.94 12.59 -30.60
CA THR D 1430 47.13 11.82 -29.67
C THR D 1430 47.87 11.49 -28.38
N SER D 1431 49.21 11.65 -28.34
CA SER D 1431 49.94 11.26 -27.15
C SER D 1431 49.80 12.25 -25.99
N ARG D 1432 49.23 13.42 -26.21
CA ARG D 1432 49.22 14.50 -25.23
C ARG D 1432 47.79 14.76 -24.74
N LEU D 1433 47.61 14.79 -23.42
CA LEU D 1433 46.28 14.66 -22.82
C LEU D 1433 45.44 15.93 -22.90
N SER D 1434 46.09 17.10 -22.96
CA SER D 1434 45.36 18.35 -23.17
C SER D 1434 44.61 18.33 -24.49
N ILE D 1435 45.21 17.75 -25.53
CA ILE D 1435 44.56 17.66 -26.82
C ILE D 1435 43.32 16.78 -26.73
N LYS D 1436 43.40 15.66 -25.99
CA LYS D 1436 42.24 14.80 -25.82
C LYS D 1436 41.08 15.51 -25.12
N THR D 1437 41.37 16.25 -24.03
CA THR D 1437 40.26 16.91 -23.35
C THR D 1437 39.68 18.04 -24.19
N THR D 1438 40.51 18.74 -24.97
CA THR D 1438 40.00 19.78 -25.86
C THR D 1438 39.09 19.19 -26.93
N LEU D 1439 39.49 18.05 -27.50
CA LEU D 1439 38.66 17.41 -28.52
C LEU D 1439 37.34 16.89 -27.92
N ALA D 1440 37.37 16.43 -26.68
CA ALA D 1440 36.13 16.01 -26.03
C ALA D 1440 35.16 17.17 -25.89
N GLY D 1441 35.67 18.34 -25.48
CA GLY D 1441 34.80 19.51 -25.39
C GLY D 1441 34.24 19.92 -26.74
N LEU D 1442 35.08 19.87 -27.78
CA LEU D 1442 34.64 20.30 -29.10
C LEU D 1442 33.63 19.33 -29.70
N ILE D 1443 33.75 18.03 -29.38
CA ILE D 1443 32.74 17.05 -29.80
C ILE D 1443 31.40 17.32 -29.12
N LYS D 1444 31.43 17.64 -27.81
CA LYS D 1444 30.18 17.91 -27.09
C LYS D 1444 29.45 19.12 -27.66
N GLU D 1445 30.21 20.16 -28.03
CA GLU D 1445 29.64 21.34 -28.69
C GLU D 1445 28.82 20.98 -29.93
N TYR D 1446 29.40 20.14 -30.79
CA TYR D 1446 28.71 19.71 -32.01
C TYR D 1446 27.48 18.87 -31.69
N CYS D 1447 27.60 17.94 -30.75
CA CYS D 1447 26.47 17.06 -30.44
C CYS D 1447 25.30 17.83 -29.85
N GLN D 1448 25.55 18.94 -29.16
CA GLN D 1448 24.41 19.73 -28.69
C GLN D 1448 23.86 20.68 -29.76
N ARG D 1449 24.71 21.16 -30.68
CA ARG D 1449 24.21 22.18 -31.62
C ARG D 1449 23.27 21.60 -32.68
N PHE D 1450 23.42 20.32 -33.03
CA PHE D 1450 22.67 19.72 -34.14
C PHE D 1450 21.84 18.51 -33.72
N CYS D 1451 21.19 18.56 -32.56
CA CYS D 1451 20.51 17.39 -32.02
C CYS D 1451 19.32 16.92 -32.86
N MET D 1452 18.73 17.80 -33.67
CA MET D 1452 17.58 17.41 -34.48
C MET D 1452 17.96 16.80 -35.82
N ARG D 1453 19.25 16.67 -36.13
CA ARG D 1453 19.69 16.23 -37.44
C ARG D 1453 20.69 15.08 -37.41
N ILE D 1454 21.27 14.75 -36.25
CA ILE D 1454 22.20 13.64 -36.13
C ILE D 1454 21.43 12.33 -36.15
N ARG D 1455 21.92 11.37 -36.94
CA ARG D 1455 21.31 10.04 -37.02
C ARG D 1455 22.37 9.04 -37.42
N LYS D 1456 22.04 7.77 -37.28
CA LYS D 1456 22.91 6.67 -37.67
C LYS D 1456 22.34 5.99 -38.89
N SER D 1457 23.18 5.81 -39.93
CA SER D 1457 22.69 5.44 -41.24
C SER D 1457 23.57 4.37 -41.88
N ARG D 1458 22.96 3.59 -42.77
CA ARG D 1458 23.68 2.58 -43.54
C ARG D 1458 24.20 3.13 -44.86
N VAL D 1459 23.58 4.18 -45.39
CA VAL D 1459 23.95 4.66 -46.71
C VAL D 1459 25.22 5.49 -46.66
N TYR D 1460 25.27 6.50 -45.79
CA TYR D 1460 26.39 7.43 -45.77
C TYR D 1460 26.60 7.88 -44.34
N GLU D 1461 27.86 8.12 -43.99
CA GLU D 1461 28.29 8.42 -42.62
C GLU D 1461 28.61 9.91 -42.54
N ILE D 1462 27.63 10.69 -42.08
CA ILE D 1462 27.83 12.13 -41.96
C ILE D 1462 28.82 12.43 -40.84
N PHE D 1463 28.68 11.75 -39.72
CA PHE D 1463 29.51 12.02 -38.54
C PHE D 1463 30.16 10.72 -38.09
N PRO D 1464 31.48 10.61 -38.15
CA PRO D 1464 32.16 9.36 -37.80
C PRO D 1464 32.29 9.08 -36.31
N PHE D 1465 31.28 8.39 -35.75
CA PHE D 1465 31.21 8.15 -34.31
C PHE D 1465 32.46 7.47 -33.75
N SER D 1466 32.99 6.48 -34.47
CA SER D 1466 34.11 5.69 -33.95
C SER D 1466 35.39 6.52 -33.88
N LEU D 1467 35.66 7.31 -34.92
CA LEU D 1467 36.86 8.14 -34.93
C LEU D 1467 36.83 9.19 -33.83
N ALA D 1468 35.68 9.87 -33.67
CA ALA D 1468 35.54 10.85 -32.60
C ALA D 1468 35.65 10.20 -31.23
N SER D 1469 35.09 9.00 -31.08
CA SER D 1469 35.18 8.27 -29.82
C SER D 1469 36.64 7.95 -29.48
N ARG D 1470 37.40 7.50 -30.48
CA ARG D 1470 38.80 7.16 -30.23
C ARG D 1470 39.63 8.40 -29.93
N LEU D 1471 39.38 9.50 -30.64
CA LEU D 1471 40.18 10.70 -30.41
C LEU D 1471 39.85 11.36 -29.08
N SER D 1472 38.58 11.37 -28.69
CA SER D 1472 38.17 12.10 -27.50
C SER D 1472 38.24 11.28 -26.23
N GLY D 1473 38.04 9.96 -26.33
CA GLY D 1473 37.90 9.13 -25.16
C GLY D 1473 36.49 9.00 -24.61
N ILE D 1474 35.52 9.64 -25.25
CA ILE D 1474 34.11 9.45 -24.90
C ILE D 1474 33.57 8.23 -25.65
N SER D 1475 32.99 7.29 -24.91
CA SER D 1475 32.40 6.12 -25.54
C SER D 1475 31.11 6.50 -26.26
N GLU D 1476 30.74 5.68 -27.25
CA GLU D 1476 29.59 5.98 -28.10
C GLU D 1476 28.28 5.96 -27.33
N LYS D 1477 28.19 5.11 -26.31
CA LYS D 1477 27.02 5.04 -25.45
C LYS D 1477 26.82 6.31 -24.65
N GLU D 1478 27.87 7.12 -24.46
CA GLU D 1478 27.70 8.43 -23.86
C GLU D 1478 27.28 9.46 -24.89
N ILE D 1479 27.75 9.32 -26.14
CA ILE D 1479 27.41 10.29 -27.19
C ILE D 1479 25.91 10.24 -27.49
N PHE D 1480 25.34 9.04 -27.54
CA PHE D 1480 23.90 8.96 -27.74
C PHE D 1480 23.12 9.55 -26.56
N GLY D 1481 23.63 9.43 -25.34
CA GLY D 1481 22.99 10.07 -24.20
C GLY D 1481 23.07 11.59 -24.27
N ILE D 1482 24.21 12.12 -24.70
CA ILE D 1482 24.38 13.56 -24.88
C ILE D 1482 23.39 14.08 -25.92
N THR D 1483 23.16 13.31 -26.99
CA THR D 1483 22.17 13.72 -27.98
C THR D 1483 20.75 13.65 -27.43
N LEU D 1484 20.42 12.57 -26.70
CA LEU D 1484 19.05 12.39 -26.22
C LEU D 1484 18.66 13.43 -25.18
N GLU D 1485 19.55 13.78 -24.26
CA GLU D 1485 19.17 14.78 -23.27
C GLU D 1485 19.04 16.17 -23.87
N ALA D 1486 19.75 16.44 -24.96
CA ALA D 1486 19.54 17.69 -25.69
C ALA D 1486 18.25 17.68 -26.48
N ILE D 1487 17.80 16.51 -26.94
CA ILE D 1487 16.48 16.42 -27.57
C ILE D 1487 15.39 16.70 -26.56
N ALA D 1488 15.53 16.19 -25.33
CA ALA D 1488 14.47 16.32 -24.33
C ALA D 1488 14.27 17.76 -23.87
N GLU D 1489 15.28 18.62 -24.02
CA GLU D 1489 15.22 20.01 -23.57
C GLU D 1489 14.69 20.97 -24.64
N SER D 1490 14.74 20.60 -25.91
CA SER D 1490 14.59 21.52 -27.03
C SER D 1490 13.14 22.00 -27.18
N PRO D 1491 12.94 23.27 -27.50
CA PRO D 1491 11.57 23.79 -27.61
C PRO D 1491 10.86 23.47 -28.92
N GLU D 1492 11.58 23.11 -29.98
CA GLU D 1492 10.93 22.85 -31.27
C GLU D 1492 10.21 21.50 -31.25
N PRO D 1493 9.12 21.38 -32.02
CA PRO D 1493 8.54 20.06 -32.25
C PRO D 1493 9.33 19.29 -33.29
N ALA D 1494 9.15 17.97 -33.27
CA ALA D 1494 9.90 17.09 -34.16
C ALA D 1494 9.16 16.88 -35.47
N ASN D 1495 9.93 16.54 -36.51
CA ASN D 1495 9.39 16.17 -37.81
C ASN D 1495 9.43 14.66 -37.99
N SER D 1496 8.87 14.20 -39.12
CA SER D 1496 8.70 12.76 -39.36
C SER D 1496 10.04 12.04 -39.44
N ASP D 1497 11.03 12.66 -40.07
CA ASP D 1497 12.32 12.01 -40.23
C ASP D 1497 13.07 11.90 -38.90
N ARG D 1498 12.89 12.88 -38.02
CA ARG D 1498 13.43 12.76 -36.66
C ARG D 1498 12.72 11.67 -35.89
N LEU D 1499 11.40 11.55 -36.06
CA LEU D 1499 10.63 10.57 -35.29
C LEU D 1499 10.94 9.14 -35.71
N PHE D 1500 11.05 8.89 -37.01
CA PHE D 1500 11.44 7.54 -37.42
C PHE D 1500 12.92 7.24 -37.26
N SER D 1501 13.78 8.01 -36.60
CA SER D 1501 15.15 7.58 -36.37
C SER D 1501 15.56 7.59 -34.91
N LEU D 1502 14.64 7.91 -34.00
CA LEU D 1502 14.85 7.79 -32.56
C LEU D 1502 15.06 6.37 -32.03
N PRO D 1503 14.35 5.33 -32.52
CA PRO D 1503 14.65 3.98 -32.00
C PRO D 1503 16.09 3.52 -32.19
N GLY D 1504 16.73 3.94 -33.29
CA GLY D 1504 18.12 3.64 -33.51
C GLY D 1504 19.08 4.27 -32.50
N LEU D 1505 18.62 5.26 -31.75
CA LEU D 1505 19.37 5.84 -30.64
C LEU D 1505 18.93 5.28 -29.29
N LEU D 1506 17.62 5.10 -29.10
CA LEU D 1506 17.11 4.58 -27.84
C LEU D 1506 17.47 3.12 -27.62
N VAL D 1507 17.81 2.40 -28.69
CA VAL D 1507 18.05 0.97 -28.60
C VAL D 1507 19.31 0.64 -27.80
N SER D 1508 20.19 1.62 -27.57
CA SER D 1508 21.36 1.39 -26.73
C SER D 1508 21.01 1.23 -25.26
N LYS D 1509 19.83 1.69 -24.84
CA LYS D 1509 19.43 1.63 -23.43
C LYS D 1509 18.75 0.32 -23.05
N LEU D 1510 18.03 -0.28 -23.98
CA LEU D 1510 17.13 -1.38 -23.68
C LEU D 1510 17.85 -2.70 -23.48
N GLU D 1511 17.34 -3.50 -22.56
CA GLU D 1511 17.64 -4.92 -22.52
C GLU D 1511 16.92 -5.61 -23.70
N SER D 1512 17.49 -6.73 -24.16
CA SER D 1512 16.98 -7.41 -25.35
C SER D 1512 15.54 -7.90 -25.19
N ASN D 1513 15.15 -8.27 -23.97
CA ASN D 1513 13.78 -8.72 -23.72
C ASN D 1513 12.80 -7.57 -23.93
N GLU D 1514 13.22 -6.33 -23.66
CA GLU D 1514 12.39 -5.17 -23.94
C GLU D 1514 12.36 -4.84 -25.42
N ALA D 1515 13.50 -4.96 -26.10
CA ALA D 1515 13.57 -4.67 -27.53
C ALA D 1515 12.72 -5.64 -28.35
N LEU D 1516 12.60 -6.89 -27.89
CA LEU D 1516 11.71 -7.82 -28.57
C LEU D 1516 10.26 -7.37 -28.46
N ASP D 1517 9.86 -6.83 -27.30
CA ASP D 1517 8.52 -6.28 -27.15
C ASP D 1517 8.30 -5.07 -28.06
N VAL D 1518 9.30 -4.21 -28.18
CA VAL D 1518 9.21 -3.07 -29.07
C VAL D 1518 9.04 -3.53 -30.52
N LEU D 1519 9.79 -4.56 -30.92
CA LEU D 1519 9.68 -5.09 -32.28
C LEU D 1519 8.30 -5.70 -32.54
N SER D 1520 7.79 -6.47 -31.58
CA SER D 1520 6.46 -7.05 -31.73
C SER D 1520 5.38 -5.99 -31.79
N TYR D 1521 5.57 -4.88 -31.07
CA TYR D 1521 4.65 -3.75 -31.19
C TYR D 1521 4.73 -3.11 -32.57
N ALA D 1522 5.96 -2.93 -33.08
CA ALA D 1522 6.14 -2.25 -34.35
C ALA D 1522 5.55 -3.03 -35.51
N LEU D 1523 5.66 -4.36 -35.48
CA LEU D 1523 5.14 -5.16 -36.59
C LEU D 1523 3.62 -5.15 -36.69
N ASP D 1524 2.90 -4.73 -35.65
CA ASP D 1524 1.45 -4.70 -35.70
C ASP D 1524 0.88 -3.44 -36.34
N LEU D 1525 1.73 -2.49 -36.74
CA LEU D 1525 1.25 -1.31 -37.44
C LEU D 1525 0.64 -1.64 -38.81
N PHE D 1526 0.95 -2.81 -39.36
CA PHE D 1526 0.50 -3.22 -40.68
C PHE D 1526 -0.83 -3.98 -40.68
N ASP D 1527 -1.45 -4.19 -39.51
CA ASP D 1527 -2.63 -5.05 -39.45
C ASP D 1527 -3.85 -4.46 -40.15
N GLU D 1528 -3.87 -3.15 -40.42
CA GLU D 1528 -5.01 -2.57 -41.11
C GLU D 1528 -4.91 -2.64 -42.62
N VAL D 1529 -3.76 -3.00 -43.17
CA VAL D 1529 -3.61 -3.11 -44.61
C VAL D 1529 -3.29 -4.53 -45.05
N LEU D 1530 -2.83 -5.41 -44.17
CA LEU D 1530 -2.59 -6.79 -44.55
C LEU D 1530 -3.91 -7.49 -44.82
N LYS D 1531 -4.05 -8.03 -46.01
CA LYS D 1531 -5.21 -8.79 -46.42
C LYS D 1531 -4.92 -10.28 -46.26
N ASP D 1532 -5.86 -11.11 -46.68
CA ASP D 1532 -5.49 -12.45 -47.09
C ASP D 1532 -4.87 -12.38 -48.48
N GLU D 1533 -4.30 -13.49 -48.92
CA GLU D 1533 -3.45 -13.61 -50.12
C GLU D 1533 -2.34 -12.56 -50.18
N ASP D 1534 -1.91 -12.05 -49.03
CA ASP D 1534 -0.60 -11.44 -48.86
C ASP D 1534 0.31 -12.47 -48.20
N GLY D 1535 1.38 -12.83 -48.89
CA GLY D 1535 2.21 -13.91 -48.39
C GLY D 1535 1.47 -15.23 -48.41
N ASP D 1536 1.79 -16.09 -47.45
CA ASP D 1536 1.14 -17.38 -47.33
C ASP D 1536 -0.22 -17.29 -46.62
N GLY D 1537 -0.62 -16.13 -46.15
CA GLY D 1537 -1.84 -15.98 -45.40
C GLY D 1537 -1.58 -15.90 -43.91
N PRO D 1538 -2.63 -15.98 -43.10
CA PRO D 1538 -2.46 -15.88 -41.64
C PRO D 1538 -1.66 -17.04 -41.09
N TRP D 1539 -1.05 -16.80 -39.93
CA TRP D 1539 -0.23 -17.81 -39.28
C TRP D 1539 -1.05 -19.03 -38.89
N ASN D 1540 -0.48 -20.20 -39.18
CA ASN D 1540 -1.05 -21.49 -38.87
C ASN D 1540 0.12 -22.39 -38.51
N GLU D 1541 -0.10 -23.30 -37.55
CA GLU D 1541 1.01 -24.04 -36.96
C GLU D 1541 1.67 -25.00 -37.93
N LYS D 1542 0.98 -25.34 -39.03
CA LYS D 1542 1.54 -26.22 -40.05
C LYS D 1542 2.72 -25.60 -40.81
N LEU D 1543 2.96 -24.30 -40.64
CA LEU D 1543 4.11 -23.61 -41.22
C LEU D 1543 5.35 -23.64 -40.34
N SER D 1544 5.33 -24.37 -39.22
CA SER D 1544 6.47 -24.37 -38.29
C SER D 1544 7.69 -25.05 -38.91
N PRO D 1545 8.87 -24.44 -38.85
CA PRO D 1545 10.07 -25.05 -39.41
C PRO D 1545 10.61 -26.15 -38.51
N PRO D 1546 11.49 -27.01 -39.04
CA PRO D 1546 12.16 -27.99 -38.19
C PRO D 1546 13.15 -27.33 -37.24
N THR D 1547 13.57 -28.12 -36.24
CA THR D 1547 14.45 -27.58 -35.20
C THR D 1547 15.88 -27.39 -35.71
N HIS D 1548 16.52 -28.47 -36.16
CA HIS D 1548 17.91 -28.39 -36.60
C HIS D 1548 18.01 -27.77 -37.99
N VAL D 1549 19.15 -27.13 -38.25
CA VAL D 1549 19.36 -26.41 -39.51
C VAL D 1549 19.50 -27.38 -40.68
N GLU D 1550 20.17 -28.52 -40.45
CA GLU D 1550 20.46 -29.45 -41.53
C GLU D 1550 19.19 -30.06 -42.11
N ASP D 1551 18.16 -30.21 -41.28
CA ASP D 1551 16.86 -30.64 -41.79
C ASP D 1551 16.28 -29.61 -42.76
N SER D 1552 16.45 -28.32 -42.45
CA SER D 1552 15.96 -27.28 -43.35
C SER D 1552 16.74 -27.24 -44.65
N LEU D 1553 18.04 -27.47 -44.59
CA LEU D 1553 18.84 -27.52 -45.82
C LEU D 1553 18.43 -28.71 -46.69
N ALA D 1554 18.23 -29.87 -46.05
CA ALA D 1554 17.73 -31.04 -46.76
C ALA D 1554 16.35 -30.80 -47.35
N GLY D 1555 15.51 -30.06 -46.64
CA GLY D 1555 14.18 -29.73 -47.16
C GLY D 1555 14.23 -28.80 -48.35
N TYR D 1556 15.17 -27.86 -48.37
CA TYR D 1556 15.34 -27.01 -49.54
C TYR D 1556 15.73 -27.84 -50.76
N ILE D 1557 16.70 -28.75 -50.60
CA ILE D 1557 17.10 -29.59 -51.72
C ILE D 1557 15.96 -30.51 -52.17
N TRP D 1558 15.22 -31.06 -51.20
CA TRP D 1558 14.06 -31.90 -51.51
C TRP D 1558 12.99 -31.14 -52.29
N ALA D 1559 12.76 -29.88 -51.93
CA ALA D 1559 11.77 -29.10 -52.68
C ALA D 1559 12.27 -28.73 -54.06
N ARG D 1560 13.58 -28.60 -54.24
CA ARG D 1560 14.09 -28.32 -55.58
C ARG D 1560 14.11 -29.54 -56.49
N LEU D 1561 14.17 -30.76 -55.94
CA LEU D 1561 14.05 -31.94 -56.80
C LEU D 1561 12.70 -32.02 -57.50
N GLY D 1562 11.64 -31.51 -56.88
CA GLY D 1562 10.31 -31.55 -57.44
C GLY D 1562 9.92 -30.41 -58.34
N SER D 1563 10.88 -29.61 -58.78
CA SER D 1563 10.60 -28.42 -59.57
C SER D 1563 10.05 -28.78 -60.95
N PRO D 1564 9.14 -27.99 -61.50
CA PRO D 1564 8.62 -28.28 -62.85
C PRO D 1564 9.60 -28.01 -63.99
N GLU D 1565 10.76 -27.43 -63.73
CA GLU D 1565 11.74 -27.14 -64.77
C GLU D 1565 12.92 -28.11 -64.65
N ALA D 1566 13.32 -28.71 -65.77
CA ALA D 1566 14.23 -29.85 -65.77
C ALA D 1566 15.63 -29.49 -65.28
N GLU D 1567 16.10 -28.29 -65.65
CA GLU D 1567 17.46 -27.88 -65.31
C GLU D 1567 17.68 -27.79 -63.81
N MET D 1568 16.65 -27.34 -63.08
CA MET D 1568 16.75 -27.28 -61.62
C MET D 1568 16.86 -28.67 -61.03
N ARG D 1569 16.12 -29.63 -61.58
CA ARG D 1569 16.18 -31.00 -61.10
C ARG D 1569 17.57 -31.60 -61.32
N TRP D 1570 18.18 -31.34 -62.48
CA TRP D 1570 19.54 -31.82 -62.69
C TRP D 1570 20.55 -31.14 -61.78
N GLN D 1571 20.36 -29.86 -61.48
CA GLN D 1571 21.26 -29.18 -60.54
C GLN D 1571 21.15 -29.78 -59.14
N ALA D 1572 19.93 -30.10 -58.71
CA ALA D 1572 19.75 -30.72 -57.39
C ALA D 1572 20.30 -32.15 -57.35
N ALA D 1573 20.18 -32.88 -58.46
CA ALA D 1573 20.80 -34.20 -58.54
C ALA D 1573 22.32 -34.13 -58.40
N HIS D 1574 22.95 -33.16 -59.07
CA HIS D 1574 24.38 -32.93 -58.88
C HIS D 1574 24.71 -32.54 -57.45
N ALA D 1575 23.84 -31.78 -56.78
CA ALA D 1575 24.09 -31.43 -55.38
C ALA D 1575 24.07 -32.66 -54.47
N VAL D 1576 23.12 -33.56 -54.68
CA VAL D 1576 23.07 -34.80 -53.89
C VAL D 1576 24.30 -35.65 -54.17
N LEU D 1577 24.71 -35.75 -55.43
CA LEU D 1577 25.91 -36.51 -55.79
C LEU D 1577 27.15 -35.91 -55.14
N ALA D 1578 27.23 -34.58 -55.06
CA ALA D 1578 28.36 -33.94 -54.40
C ALA D 1578 28.36 -34.18 -52.90
N LEU D 1579 27.19 -34.20 -52.27
CA LEU D 1579 27.14 -34.52 -50.84
C LEU D 1579 27.61 -35.94 -50.57
N CYS D 1580 27.17 -36.91 -51.38
CA CYS D 1580 27.52 -38.31 -51.09
C CYS D 1580 29.01 -38.61 -51.27
N ARG D 1581 29.76 -37.79 -51.99
CA ARG D 1581 31.20 -38.01 -52.06
C ARG D 1581 31.96 -37.46 -50.87
N MET D 1582 31.25 -37.03 -49.83
CA MET D 1582 31.85 -36.60 -48.58
C MET D 1582 31.09 -37.28 -47.45
N SER D 1583 31.66 -37.26 -46.26
CA SER D 1583 31.01 -37.91 -45.11
C SER D 1583 29.95 -37.03 -44.46
N ARG D 1584 29.00 -36.54 -45.26
CA ARG D 1584 27.98 -35.60 -44.80
C ARG D 1584 26.74 -36.33 -44.33
N THR D 1585 26.87 -37.14 -43.27
CA THR D 1585 25.83 -38.10 -42.88
C THR D 1585 24.49 -37.44 -42.55
N CYS D 1586 24.52 -36.33 -41.82
CA CYS D 1586 23.29 -35.75 -41.27
C CYS D 1586 22.35 -35.25 -42.36
N VAL D 1587 22.89 -34.55 -43.35
CA VAL D 1587 22.07 -33.98 -44.41
C VAL D 1587 21.48 -35.08 -45.29
N ILE D 1588 22.28 -36.10 -45.58
CA ILE D 1588 21.81 -37.22 -46.40
C ILE D 1588 20.67 -37.96 -45.70
N GLN D 1589 20.84 -38.20 -44.39
CA GLN D 1589 19.79 -38.89 -43.65
C GLN D 1589 18.53 -38.03 -43.56
N GLY D 1590 18.70 -36.71 -43.49
CA GLY D 1590 17.55 -35.82 -43.56
C GLY D 1590 16.80 -35.91 -44.88
N ILE D 1591 17.54 -35.99 -46.00
CA ILE D 1591 16.91 -36.11 -47.31
C ILE D 1591 16.11 -37.40 -47.42
N PHE D 1592 16.69 -38.51 -46.97
CA PHE D 1592 15.93 -39.77 -47.02
C PHE D 1592 14.74 -39.77 -46.07
N GLN D 1593 14.84 -39.07 -44.93
CA GLN D 1593 13.68 -38.98 -44.04
C GLN D 1593 12.54 -38.18 -44.67
N HIS D 1594 12.87 -37.08 -45.36
CA HIS D 1594 11.86 -36.34 -46.10
C HIS D 1594 11.26 -37.18 -47.22
N ALA D 1595 12.09 -37.98 -47.89
CA ALA D 1595 11.61 -38.83 -48.96
C ALA D 1595 10.66 -39.89 -48.46
N ILE D 1596 10.95 -40.47 -47.29
CA ILE D 1596 10.05 -41.47 -46.72
C ILE D 1596 8.73 -40.84 -46.31
N ASN D 1597 8.78 -39.71 -45.60
CA ASN D 1597 7.54 -39.14 -45.10
C ASN D 1597 6.72 -38.41 -46.17
N ALA D 1598 7.32 -38.11 -47.32
CA ALA D 1598 6.68 -37.38 -48.43
C ALA D 1598 6.16 -36.01 -47.97
N THR D 1599 7.02 -35.27 -47.28
CA THR D 1599 6.64 -33.96 -46.76
C THR D 1599 6.56 -32.95 -47.89
N THR D 1600 5.54 -32.08 -47.81
CA THR D 1600 5.38 -31.03 -48.82
C THR D 1600 5.43 -29.63 -48.25
N LEU D 1601 4.59 -29.34 -47.26
CA LEU D 1601 4.09 -27.97 -47.08
C LEU D 1601 5.08 -26.95 -46.53
N PRO D 1602 5.86 -27.20 -45.46
CA PRO D 1602 6.71 -26.10 -44.93
C PRO D 1602 7.74 -25.58 -45.91
N PHE D 1603 8.04 -26.33 -46.97
CA PHE D 1603 8.97 -25.91 -48.01
C PHE D 1603 8.27 -25.67 -49.34
N CYS D 1604 6.94 -25.58 -49.36
CA CYS D 1604 6.17 -25.43 -50.59
C CYS D 1604 5.04 -24.44 -50.38
N ASP D 1605 4.57 -23.85 -51.48
CA ASP D 1605 3.44 -22.94 -51.40
C ASP D 1605 2.14 -23.71 -51.16
N ARG D 1606 1.28 -23.12 -50.35
CA ARG D 1606 0.01 -23.73 -49.97
C ARG D 1606 -0.98 -23.85 -51.12
N ASN D 1607 -0.83 -23.04 -52.18
CA ASN D 1607 -1.83 -22.94 -53.23
C ASN D 1607 -1.46 -23.64 -54.52
N LEU D 1608 -0.21 -24.02 -54.70
CA LEU D 1608 0.23 -24.62 -55.95
C LEU D 1608 0.48 -26.12 -55.77
N PRO D 1609 0.16 -26.95 -56.76
CA PRO D 1609 0.39 -28.40 -56.61
C PRO D 1609 1.87 -28.75 -56.64
N PHE D 1610 2.23 -29.82 -55.94
CA PHE D 1610 3.61 -30.25 -55.78
C PHE D 1610 3.81 -31.59 -56.49
N TYR D 1611 4.97 -31.74 -57.15
CA TYR D 1611 5.27 -32.91 -57.99
C TYR D 1611 6.13 -33.92 -57.20
N THR D 1612 5.45 -34.74 -56.40
CA THR D 1612 6.15 -35.69 -55.54
C THR D 1612 6.89 -36.76 -56.33
N LEU D 1613 6.24 -37.35 -57.33
CA LEU D 1613 6.83 -38.49 -58.04
C LEU D 1613 8.04 -38.09 -58.86
N HIS D 1614 8.09 -36.85 -59.35
CA HIS D 1614 9.30 -36.35 -60.00
C HIS D 1614 10.46 -36.31 -59.02
N ALA D 1615 10.20 -35.86 -57.79
CA ALA D 1615 11.25 -35.81 -56.78
C ALA D 1615 11.78 -37.20 -56.45
N GLN D 1616 10.87 -38.17 -56.31
CA GLN D 1616 11.33 -39.52 -56.01
C GLN D 1616 12.09 -40.15 -57.17
N LEU D 1617 11.66 -39.90 -58.41
CA LEU D 1617 12.34 -40.45 -59.57
C LEU D 1617 13.75 -39.87 -59.72
N TRP D 1618 13.89 -38.55 -59.55
CA TRP D 1618 15.23 -37.98 -59.63
C TRP D 1618 16.11 -38.33 -58.43
N LEU D 1619 15.51 -38.64 -57.27
CA LEU D 1619 16.32 -39.17 -56.17
C LEU D 1619 16.87 -40.55 -56.49
N MET D 1620 16.05 -41.41 -57.13
CA MET D 1620 16.55 -42.70 -57.59
C MET D 1620 17.65 -42.54 -58.64
N ILE D 1621 17.47 -41.59 -59.56
CA ILE D 1621 18.48 -41.34 -60.60
C ILE D 1621 19.80 -40.92 -59.97
N ALA D 1622 19.76 -40.10 -58.92
CA ALA D 1622 21.00 -39.71 -58.25
C ALA D 1622 21.65 -40.89 -57.52
N ALA D 1623 20.84 -41.69 -56.82
CA ALA D 1623 21.38 -42.81 -56.05
C ALA D 1623 22.03 -43.86 -56.95
N ALA D 1624 21.43 -44.12 -58.12
CA ALA D 1624 21.97 -45.13 -59.03
C ALA D 1624 23.35 -44.75 -59.55
N ARG D 1625 23.65 -43.46 -59.64
CA ARG D 1625 24.99 -43.02 -60.02
C ARG D 1625 25.93 -43.00 -58.83
N VAL D 1626 25.44 -42.64 -57.64
CA VAL D 1626 26.27 -42.69 -56.44
C VAL D 1626 26.81 -44.10 -56.19
N ALA D 1627 25.99 -45.12 -56.44
CA ALA D 1627 26.37 -46.49 -56.12
C ALA D 1627 27.48 -47.06 -56.99
N LEU D 1628 27.82 -46.44 -58.13
CA LEU D 1628 28.81 -47.04 -59.03
C LEU D 1628 30.25 -46.90 -58.52
N ASP D 1629 30.62 -45.73 -58.00
CA ASP D 1629 32.02 -45.53 -57.65
C ASP D 1629 32.33 -45.94 -56.22
N ASP D 1630 31.70 -45.30 -55.24
CA ASP D 1630 31.92 -45.66 -53.84
C ASP D 1630 30.59 -45.42 -53.10
N GLY D 1631 29.80 -46.48 -52.95
CA GLY D 1631 28.44 -46.42 -52.48
C GLY D 1631 28.18 -46.55 -51.00
N LYS D 1632 29.24 -46.55 -50.16
CA LYS D 1632 29.09 -46.87 -48.74
C LYS D 1632 28.11 -45.95 -48.02
N SER D 1633 28.01 -44.69 -48.44
CA SER D 1633 27.12 -43.72 -47.81
C SER D 1633 25.65 -44.11 -47.93
N LEU D 1634 25.31 -45.01 -48.85
CA LEU D 1634 23.93 -45.41 -49.02
C LEU D 1634 23.53 -46.56 -48.09
N ILE D 1635 24.48 -47.16 -47.37
CA ILE D 1635 24.17 -48.35 -46.57
C ILE D 1635 23.15 -48.11 -45.44
N PRO D 1636 23.24 -47.06 -44.61
CA PRO D 1636 22.27 -46.95 -43.51
C PRO D 1636 20.82 -46.74 -43.91
N ASN D 1637 20.53 -46.45 -45.18
CA ASN D 1637 19.16 -46.23 -45.63
C ASN D 1637 18.70 -47.28 -46.63
N ILE D 1638 19.33 -48.46 -46.60
CA ILE D 1638 19.13 -49.51 -47.59
C ILE D 1638 17.67 -49.96 -47.67
N GLY D 1639 16.96 -49.91 -46.54
CA GLY D 1639 15.58 -50.32 -46.49
C GLY D 1639 14.65 -49.48 -47.32
N TYR D 1640 15.11 -48.30 -47.76
CA TYR D 1640 14.33 -47.53 -48.71
C TYR D 1640 14.22 -48.26 -50.05
N PHE D 1641 15.34 -48.73 -50.60
CA PHE D 1641 15.33 -49.25 -51.96
C PHE D 1641 14.60 -50.58 -52.04
N TYR D 1642 14.68 -51.39 -50.98
CA TYR D 1642 13.94 -52.65 -50.93
C TYR D 1642 12.44 -52.44 -50.98
N HIS D 1643 11.95 -51.24 -50.64
CA HIS D 1643 10.52 -51.01 -50.73
C HIS D 1643 10.05 -50.89 -52.17
N TYR D 1644 10.92 -50.50 -53.10
CA TYR D 1644 10.47 -50.26 -54.47
C TYR D 1644 10.90 -51.33 -55.46
N ALA D 1645 11.95 -52.09 -55.16
CA ALA D 1645 12.41 -53.11 -56.12
C ALA D 1645 11.64 -54.42 -55.98
N THR D 1646 10.32 -54.37 -56.05
CA THR D 1646 9.48 -55.56 -56.07
C THR D 1646 8.38 -55.37 -57.10
N THR D 1647 7.92 -56.48 -57.67
CA THR D 1647 6.97 -56.43 -58.78
C THR D 1647 5.56 -56.06 -58.38
N ASP D 1648 5.24 -55.93 -57.10
CA ASP D 1648 3.92 -55.44 -56.73
C ASP D 1648 3.86 -53.92 -56.68
N GLN D 1649 4.97 -53.24 -56.96
CA GLN D 1649 4.97 -51.81 -57.23
C GLN D 1649 4.79 -51.60 -58.73
N PRO D 1650 3.70 -50.97 -59.18
CA PRO D 1650 3.40 -50.96 -60.62
C PRO D 1650 4.21 -49.98 -61.46
N HIS D 1651 4.92 -49.02 -60.85
CA HIS D 1651 5.60 -47.98 -61.62
C HIS D 1651 6.92 -48.53 -62.16
N VAL D 1652 7.04 -48.56 -63.49
CA VAL D 1652 8.14 -49.29 -64.15
C VAL D 1652 9.50 -48.66 -63.85
N LEU D 1653 9.64 -47.35 -64.07
CA LEU D 1653 10.96 -46.74 -64.02
C LEU D 1653 11.54 -46.73 -62.62
N ILE D 1654 10.70 -46.54 -61.60
CA ILE D 1654 11.19 -46.50 -60.23
C ILE D 1654 11.69 -47.88 -59.80
N ARG D 1655 10.97 -48.94 -60.21
CA ARG D 1655 11.47 -50.31 -60.05
C ARG D 1655 12.82 -50.48 -60.73
N HIS D 1656 12.92 -49.98 -61.95
CA HIS D 1656 14.13 -50.14 -62.77
C HIS D 1656 15.34 -49.53 -62.09
N PHE D 1657 15.22 -48.28 -61.63
CA PHE D 1657 16.37 -47.62 -61.00
C PHE D 1657 16.66 -48.16 -59.61
N ALA D 1658 15.64 -48.58 -58.84
CA ALA D 1658 15.91 -49.20 -57.55
C ALA D 1658 16.68 -50.51 -57.70
N ALA D 1659 16.29 -51.34 -58.68
CA ALA D 1659 17.02 -52.57 -58.95
C ALA D 1659 18.44 -52.28 -59.41
N ARG D 1660 18.60 -51.27 -60.27
CA ARG D 1660 19.94 -50.90 -60.73
C ARG D 1660 20.82 -50.43 -59.59
N THR D 1661 20.24 -49.80 -58.57
CA THR D 1661 21.03 -49.41 -57.40
C THR D 1661 21.45 -50.62 -56.58
N LEU D 1662 20.50 -51.53 -56.30
CA LEU D 1662 20.81 -52.68 -55.45
C LEU D 1662 21.83 -53.61 -56.11
N LEU D 1663 21.70 -53.85 -57.42
CA LEU D 1663 22.68 -54.71 -58.09
C LEU D 1663 24.05 -54.07 -58.14
N ALA D 1664 24.12 -52.75 -58.22
CA ALA D 1664 25.41 -52.07 -58.23
C ALA D 1664 26.08 -52.14 -56.86
N LEU D 1665 25.30 -52.09 -55.78
CA LEU D 1665 25.89 -52.33 -54.47
C LEU D 1665 26.31 -53.78 -54.28
N HIS D 1666 25.56 -54.73 -54.88
CA HIS D 1666 25.93 -56.13 -54.77
C HIS D 1666 27.24 -56.41 -55.50
N ASP D 1667 27.43 -55.81 -56.67
CA ASP D 1667 28.64 -56.05 -57.46
C ASP D 1667 29.89 -55.50 -56.81
N SER D 1668 29.77 -54.53 -55.90
CA SER D 1668 30.91 -53.89 -55.28
C SER D 1668 31.35 -54.56 -53.98
N ASP D 1669 30.70 -55.66 -53.59
CA ASP D 1669 30.94 -56.40 -52.34
C ASP D 1669 30.70 -55.54 -51.09
N LEU D 1670 29.79 -54.56 -51.19
CA LEU D 1670 29.37 -53.85 -49.99
C LEU D 1670 28.24 -54.57 -49.26
N ILE D 1671 27.44 -55.37 -49.96
CA ILE D 1671 26.39 -56.19 -49.37
C ILE D 1671 26.45 -57.57 -50.02
N SER D 1672 25.58 -58.46 -49.56
CA SER D 1672 25.44 -59.79 -50.14
C SER D 1672 23.96 -60.10 -50.31
N ILE D 1673 23.58 -60.55 -51.51
CA ILE D 1673 22.20 -60.85 -51.84
C ILE D 1673 22.08 -62.35 -52.10
N PRO D 1674 21.09 -63.03 -51.53
CA PRO D 1674 20.90 -64.46 -51.80
C PRO D 1674 20.55 -64.74 -53.26
N ALA D 1675 20.86 -65.97 -53.69
CA ALA D 1675 20.99 -66.28 -55.10
C ALA D 1675 19.66 -66.20 -55.86
N GLN D 1676 18.53 -66.48 -55.20
CA GLN D 1676 17.26 -66.37 -55.91
C GLN D 1676 16.78 -64.93 -55.97
N GLU D 1677 17.11 -64.12 -54.95
CA GLU D 1677 16.73 -62.72 -54.95
C GLU D 1677 17.47 -61.96 -56.04
N GLU D 1678 18.74 -62.30 -56.27
CA GLU D 1678 19.48 -61.72 -57.38
C GLU D 1678 18.83 -62.06 -58.72
N ASN D 1679 18.38 -63.30 -58.87
CA ASN D 1679 17.73 -63.73 -60.10
C ASN D 1679 16.38 -63.04 -60.30
N LYS D 1680 15.68 -62.74 -59.20
CA LYS D 1680 14.45 -61.97 -59.30
C LYS D 1680 14.74 -60.53 -59.72
N LEU D 1681 15.74 -59.90 -59.09
CA LEU D 1681 16.06 -58.51 -59.39
C LEU D 1681 16.52 -58.33 -60.83
N ARG D 1682 17.34 -59.25 -61.33
CA ARG D 1682 17.86 -59.14 -62.69
C ARG D 1682 16.80 -59.35 -63.77
N ASN D 1683 15.60 -59.79 -63.43
CA ASN D 1683 14.56 -60.07 -64.40
C ASN D 1683 13.27 -59.30 -64.11
N ILE D 1684 13.39 -58.11 -63.51
CA ILE D 1684 12.25 -57.46 -62.84
C ILE D 1684 11.15 -57.05 -63.82
N ASN D 1685 11.49 -56.78 -65.07
CA ASN D 1685 10.48 -56.39 -66.06
C ASN D 1685 10.30 -57.44 -67.15
N GLN D 1686 10.52 -58.71 -66.84
CA GLN D 1686 10.24 -59.78 -67.78
C GLN D 1686 8.74 -60.00 -67.91
N SER D 1687 8.30 -60.32 -69.13
CA SER D 1687 6.90 -60.65 -69.37
C SER D 1687 6.57 -62.04 -68.87
N THR D 1688 6.43 -62.19 -67.55
CA THR D 1688 6.32 -63.50 -66.93
C THR D 1688 4.96 -64.16 -67.21
N THR D 1689 3.90 -63.37 -67.42
CA THR D 1689 2.55 -63.89 -67.55
C THR D 1689 2.22 -64.32 -68.98
N LEU D 1690 3.20 -64.79 -69.74
CA LEU D 1690 3.05 -65.42 -71.05
C LEU D 1690 2.03 -66.57 -71.10
N PRO D 1691 1.95 -67.49 -70.12
CA PRO D 1691 0.91 -68.54 -70.22
C PRO D 1691 -0.53 -68.05 -70.15
N VAL D 1692 -0.77 -66.82 -69.70
CA VAL D 1692 -2.14 -66.29 -69.65
C VAL D 1692 -2.68 -66.06 -71.07
N GLU D 1702 -20.12 -40.43 -69.06
CA GLU D 1702 -18.79 -40.97 -68.83
C GLU D 1702 -17.79 -39.80 -68.94
N ASP D 1703 -16.55 -40.02 -68.51
CA ASP D 1703 -15.61 -38.93 -68.30
C ASP D 1703 -15.22 -38.23 -69.60
N SER D 1704 -15.03 -36.92 -69.51
CA SER D 1704 -14.69 -36.07 -70.65
C SER D 1704 -13.18 -35.92 -70.85
N TYR D 1705 -12.35 -36.47 -69.97
CA TYR D 1705 -10.92 -36.28 -70.08
C TYR D 1705 -10.38 -36.94 -71.34
N THR D 1706 -9.56 -36.21 -72.09
CA THR D 1706 -9.04 -36.68 -73.36
C THR D 1706 -7.56 -36.36 -73.46
N PHE D 1707 -6.85 -37.16 -74.24
CA PHE D 1707 -5.39 -37.11 -74.30
C PHE D 1707 -4.86 -36.36 -75.50
N GLY D 1708 -5.65 -35.46 -76.07
CA GLY D 1708 -5.13 -34.46 -76.97
C GLY D 1708 -4.73 -34.96 -78.34
N ILE D 1709 -4.13 -34.03 -79.08
CA ILE D 1709 -3.75 -34.28 -80.47
C ILE D 1709 -2.30 -34.75 -80.59
N ASP D 1710 -1.49 -34.63 -79.54
CA ASP D 1710 -0.09 -35.05 -79.58
C ASP D 1710 0.29 -36.14 -78.59
N PHE D 1711 -0.24 -36.11 -77.36
CA PHE D 1711 0.16 -37.12 -76.38
C PHE D 1711 -0.34 -38.51 -76.78
N GLY D 1712 -1.59 -38.60 -77.21
CA GLY D 1712 -2.18 -39.85 -77.63
C GLY D 1712 -1.43 -40.53 -78.75
N PRO D 1713 -1.46 -39.95 -79.95
CA PRO D 1713 -0.87 -40.62 -81.13
C PRO D 1713 0.62 -40.89 -81.04
N TYR D 1714 1.39 -40.07 -80.32
CA TYR D 1714 2.83 -40.25 -80.30
C TYR D 1714 3.39 -40.84 -79.01
N TRP D 1715 2.60 -40.92 -77.96
CA TRP D 1715 3.04 -41.56 -76.72
C TRP D 1715 2.30 -42.83 -76.37
N LEU D 1716 0.97 -42.88 -76.50
CA LEU D 1716 0.27 -44.09 -76.08
C LEU D 1716 0.28 -45.17 -77.14
N LYS D 1717 0.24 -44.79 -78.41
CA LYS D 1717 0.21 -45.79 -79.49
C LYS D 1717 1.44 -46.69 -79.56
N PRO D 1718 2.70 -46.20 -79.44
CA PRO D 1718 3.83 -47.15 -79.46
C PRO D 1718 3.84 -48.11 -78.28
N LEU D 1719 3.29 -47.74 -77.13
CA LEU D 1719 3.17 -48.70 -76.04
C LEU D 1719 2.19 -49.80 -76.39
N GLY D 1720 0.99 -49.43 -76.86
CA GLY D 1720 -0.01 -50.42 -77.21
C GLY D 1720 0.39 -51.30 -78.38
N ARG D 1721 1.26 -50.79 -79.26
CA ARG D 1721 1.74 -51.61 -80.37
C ARG D 1721 2.59 -52.80 -79.91
N CYS D 1722 3.13 -52.76 -78.68
CA CYS D 1722 3.85 -53.91 -78.15
C CYS D 1722 2.94 -55.08 -77.83
N PHE D 1723 1.65 -54.83 -77.64
CA PHE D 1723 0.70 -55.87 -77.28
C PHE D 1723 -0.45 -56.01 -78.28
N GLY D 1724 -0.39 -55.32 -79.40
CA GLY D 1724 -1.47 -55.38 -80.38
C GLY D 1724 -2.73 -54.67 -79.94
N VAL D 1725 -2.62 -53.65 -79.10
CA VAL D 1725 -3.75 -52.97 -78.50
C VAL D 1725 -3.74 -51.52 -78.97
N SER D 1726 -4.89 -51.02 -79.44
CA SER D 1726 -5.02 -49.62 -79.77
C SER D 1726 -5.30 -48.79 -78.53
N GLN D 1727 -4.97 -47.49 -78.61
CA GLN D 1727 -5.01 -46.63 -77.43
C GLN D 1727 -6.41 -46.43 -76.89
N LYS D 1728 -7.43 -46.54 -77.75
CA LYS D 1728 -8.80 -46.48 -77.27
C LYS D 1728 -9.12 -47.62 -76.32
N GLN D 1729 -8.50 -48.77 -76.52
CA GLN D 1729 -8.71 -49.89 -75.64
C GLN D 1729 -8.01 -49.73 -74.29
N LEU D 1730 -7.00 -48.86 -74.20
CA LEU D 1730 -6.26 -48.69 -72.95
C LEU D 1730 -6.54 -47.37 -72.24
N GLU D 1731 -7.34 -46.48 -72.82
CA GLU D 1731 -7.81 -45.31 -72.07
C GLU D 1731 -8.57 -45.61 -70.76
N PRO D 1732 -9.48 -46.62 -70.68
CA PRO D 1732 -10.21 -46.81 -69.41
C PRO D 1732 -9.36 -47.14 -68.20
N GLU D 1733 -8.16 -47.72 -68.37
CA GLU D 1733 -7.30 -47.94 -67.21
C GLU D 1733 -6.62 -46.64 -66.80
N MET D 1734 -6.26 -45.82 -67.79
CA MET D 1734 -5.64 -44.52 -67.53
C MET D 1734 -6.56 -43.60 -66.76
N LEU D 1735 -7.86 -43.58 -67.13
CA LEU D 1735 -8.80 -42.72 -66.42
C LEU D 1735 -8.99 -43.18 -64.98
N ARG D 1736 -9.00 -44.49 -64.74
CA ARG D 1736 -9.05 -45.02 -63.38
C ARG D 1736 -7.85 -44.58 -62.56
N ILE D 1737 -6.65 -44.70 -63.15
CA ILE D 1737 -5.43 -44.32 -62.44
C ILE D 1737 -5.42 -42.83 -62.10
N ILE D 1738 -5.85 -41.98 -63.04
CA ILE D 1738 -5.88 -40.56 -62.77
C ILE D 1738 -6.90 -40.21 -61.69
N ARG D 1739 -8.12 -40.75 -61.80
CA ARG D 1739 -9.18 -40.34 -60.88
C ARG D 1739 -8.99 -40.91 -59.48
N ASP D 1740 -8.38 -42.10 -59.35
CA ASP D 1740 -8.37 -42.79 -58.06
C ASP D 1740 -7.02 -42.81 -57.36
N VAL D 1741 -5.91 -42.93 -58.08
CA VAL D 1741 -4.61 -43.01 -57.42
C VAL D 1741 -3.97 -41.63 -57.32
N LEU D 1742 -3.86 -40.91 -58.43
CA LEU D 1742 -3.25 -39.58 -58.39
C LEU D 1742 -4.19 -38.55 -57.79
N GLY D 1743 -5.50 -38.75 -57.91
CA GLY D 1743 -6.48 -37.98 -57.16
C GLY D 1743 -7.01 -36.73 -57.82
N PHE D 1744 -6.77 -36.51 -59.10
CA PHE D 1744 -7.33 -35.35 -59.77
C PHE D 1744 -8.75 -35.67 -60.25
N LYS D 1745 -9.67 -34.72 -60.04
CA LYS D 1745 -11.08 -34.96 -60.38
C LYS D 1745 -11.72 -33.81 -61.15
N GLY D 1746 -10.96 -32.97 -61.83
CA GLY D 1746 -11.48 -31.87 -62.61
C GLY D 1746 -11.67 -32.19 -64.07
N SER D 1747 -11.54 -31.16 -64.91
CA SER D 1747 -11.69 -31.28 -66.35
C SER D 1747 -10.34 -31.04 -67.04
N ARG D 1748 -10.36 -31.08 -68.38
CA ARG D 1748 -9.16 -31.03 -69.19
C ARG D 1748 -8.72 -29.59 -69.51
N ASN D 1749 -9.49 -28.60 -69.07
CA ASN D 1749 -9.29 -27.22 -69.49
C ASN D 1749 -7.92 -26.66 -69.10
N TRP D 1750 -7.42 -25.77 -69.96
CA TRP D 1750 -6.08 -25.21 -69.81
C TRP D 1750 -5.91 -24.37 -68.55
N ASP D 1751 -7.01 -23.89 -67.96
CA ASP D 1751 -6.95 -23.07 -66.76
C ASP D 1751 -7.29 -23.85 -65.50
N GLU D 1752 -7.08 -25.17 -65.49
CA GLU D 1752 -7.07 -25.94 -64.26
C GLU D 1752 -5.73 -25.92 -63.56
N ASP D 1753 -4.70 -25.35 -64.19
CA ASP D 1753 -3.36 -25.28 -63.62
C ASP D 1753 -3.16 -23.86 -63.11
N GLU D 1754 -2.88 -23.74 -61.81
CA GLU D 1754 -2.71 -22.42 -61.20
C GLU D 1754 -1.51 -21.66 -61.76
N ARG D 1755 -0.40 -22.36 -62.02
CA ARG D 1755 0.77 -21.69 -62.58
C ARG D 1755 0.49 -21.17 -63.98
N ASN D 1756 -0.44 -21.79 -64.70
CA ASN D 1756 -0.82 -21.30 -66.02
C ASN D 1756 -1.79 -20.14 -65.92
N LYS D 1757 -2.69 -20.17 -64.94
CA LYS D 1757 -3.65 -19.09 -64.74
C LYS D 1757 -2.94 -17.80 -64.34
N ARG D 1758 -1.92 -17.89 -63.49
CA ARG D 1758 -1.15 -16.73 -63.02
C ARG D 1758 -0.04 -16.34 -63.98
N ARG D 1759 0.11 -17.04 -65.12
CA ARG D 1759 1.05 -16.69 -66.18
C ARG D 1759 2.51 -16.79 -65.75
N TYR D 1760 2.86 -17.88 -65.05
CA TYR D 1760 4.27 -18.12 -64.77
C TYR D 1760 5.03 -18.70 -65.96
N TYR D 1761 4.39 -19.57 -66.75
CA TYR D 1761 5.04 -20.05 -67.97
C TYR D 1761 5.07 -18.94 -69.02
N GLN D 1762 6.07 -18.97 -69.88
CA GLN D 1762 6.23 -17.93 -70.88
C GLN D 1762 6.90 -18.50 -72.12
N ASP D 1763 6.55 -17.88 -73.26
CA ASP D 1763 7.14 -18.16 -74.58
C ASP D 1763 7.02 -19.62 -75.00
N ARG D 1764 5.91 -20.26 -74.63
CA ARG D 1764 5.60 -21.65 -74.99
C ARG D 1764 6.68 -22.63 -74.53
N ASP D 1765 7.22 -22.43 -73.33
CA ASP D 1765 8.14 -23.41 -72.76
C ASP D 1765 7.46 -24.75 -72.52
N ASN D 1766 6.15 -24.76 -72.30
CA ASN D 1766 5.42 -25.97 -71.97
C ASN D 1766 4.77 -26.63 -73.19
N HIS D 1767 5.13 -26.22 -74.40
CA HIS D 1767 4.61 -26.85 -75.61
C HIS D 1767 5.53 -27.97 -76.09
N HIS D 1768 4.93 -28.95 -76.76
CA HIS D 1768 5.67 -30.11 -77.25
C HIS D 1768 4.92 -30.73 -78.41
N SER D 1769 5.64 -31.50 -79.22
CA SER D 1769 5.04 -32.13 -80.39
C SER D 1769 5.91 -33.28 -80.88
N HIS D 1770 5.25 -34.24 -81.54
CA HIS D 1770 5.89 -35.36 -82.24
C HIS D 1770 6.80 -36.18 -81.33
N GLY D 1771 6.43 -36.35 -80.07
CA GLY D 1771 7.22 -37.15 -79.16
C GLY D 1771 8.37 -36.44 -78.49
N SER D 1772 8.51 -35.13 -78.70
CA SER D 1772 9.54 -34.37 -78.03
C SER D 1772 9.15 -34.09 -76.57
N TYR D 1773 10.16 -33.99 -75.71
CA TYR D 1773 9.92 -33.58 -74.34
C TYR D 1773 9.72 -32.07 -74.25
N PRO D 1774 8.95 -31.61 -73.27
CA PRO D 1774 8.87 -30.16 -73.01
C PRO D 1774 10.08 -29.69 -72.22
N ARG D 1775 10.23 -28.36 -72.18
CA ARG D 1775 11.22 -27.78 -71.28
C ARG D 1775 10.64 -27.57 -69.89
N VAL D 1776 9.35 -27.30 -69.78
CA VAL D 1776 8.67 -27.10 -68.51
C VAL D 1776 7.46 -28.02 -68.48
N ASP D 1777 7.28 -28.74 -67.37
CA ASP D 1777 6.21 -29.73 -67.24
C ASP D 1777 4.98 -29.08 -66.61
N ASP D 1778 3.93 -28.92 -67.40
CA ASP D 1778 2.66 -28.50 -66.84
C ASP D 1778 1.86 -29.69 -66.31
N TYR D 1779 0.75 -29.38 -65.61
CA TYR D 1779 0.13 -30.34 -64.70
C TYR D 1779 -0.47 -31.54 -65.42
N HIS D 1780 -1.12 -31.29 -66.57
CA HIS D 1780 -1.71 -32.40 -67.34
C HIS D 1780 -0.63 -33.34 -67.85
N PHE D 1781 0.53 -32.80 -68.24
CA PHE D 1781 1.63 -33.64 -68.71
C PHE D 1781 2.19 -34.50 -67.59
N TYR D 1782 2.31 -33.92 -66.39
CA TYR D 1782 2.72 -34.68 -65.21
C TYR D 1782 1.79 -35.86 -64.95
N LEU D 1783 0.48 -35.61 -64.97
CA LEU D 1783 -0.50 -36.66 -64.70
C LEU D 1783 -0.42 -37.77 -65.76
N SER D 1784 -0.41 -37.39 -67.04
CA SER D 1784 -0.38 -38.38 -68.10
C SER D 1784 0.94 -39.15 -68.12
N TYR D 1785 2.04 -38.46 -67.83
CA TYR D 1785 3.36 -39.08 -67.81
C TYR D 1785 3.44 -40.18 -66.77
N HIS D 1786 2.99 -39.91 -65.54
CA HIS D 1786 3.07 -40.97 -64.55
C HIS D 1786 1.99 -42.03 -64.72
N ALA D 1787 0.84 -41.64 -65.27
CA ALA D 1787 -0.21 -42.63 -65.50
C ALA D 1787 0.19 -43.64 -66.58
N MET D 1788 0.98 -43.22 -67.57
CA MET D 1788 1.40 -44.16 -68.61
C MET D 1788 2.32 -45.24 -68.05
N PHE D 1789 3.28 -44.87 -67.19
CA PHE D 1789 4.16 -45.87 -66.60
C PHE D 1789 3.43 -46.72 -65.57
N MET D 1790 2.40 -46.20 -64.92
CA MET D 1790 1.62 -47.10 -64.06
C MET D 1790 0.70 -48.01 -64.86
N THR D 1791 0.29 -47.59 -66.06
CA THR D 1791 -0.51 -48.45 -66.92
C THR D 1791 0.32 -49.60 -67.47
N ALA D 1792 1.56 -49.31 -67.88
CA ALA D 1792 2.42 -50.31 -68.49
C ALA D 1792 2.69 -51.49 -67.57
N GLY D 1793 2.74 -51.26 -66.27
CA GLY D 1793 3.02 -52.34 -65.33
C GLY D 1793 1.93 -53.38 -65.25
N GLN D 1794 0.70 -53.00 -65.56
CA GLN D 1794 -0.41 -53.95 -65.51
C GLN D 1794 -0.41 -54.92 -66.68
N LEU D 1795 0.09 -54.49 -67.84
CA LEU D 1795 0.03 -55.33 -69.04
C LEU D 1795 1.06 -56.45 -68.99
N LEU D 1796 2.20 -56.23 -68.34
CA LEU D 1796 3.12 -57.33 -68.10
C LEU D 1796 2.51 -58.37 -67.18
N ALA D 1797 1.58 -57.97 -66.31
CA ALA D 1797 0.96 -58.90 -65.38
C ALA D 1797 -0.25 -59.62 -65.96
N THR D 1798 -0.74 -59.23 -67.14
CA THR D 1798 -1.99 -59.82 -67.64
C THR D 1798 -1.96 -60.26 -69.10
N LYS D 1799 -0.97 -59.83 -69.89
CA LYS D 1799 -1.10 -60.03 -71.33
C LYS D 1799 0.21 -60.34 -72.04
N PRO D 1800 0.24 -61.35 -72.89
CA PRO D 1800 1.48 -61.67 -73.62
C PRO D 1800 1.77 -60.64 -74.71
N LEU D 1801 3.05 -60.44 -74.97
CA LEU D 1801 3.51 -59.44 -75.92
C LEU D 1801 3.73 -60.05 -77.30
N VAL D 1802 3.78 -59.18 -78.31
CA VAL D 1802 3.85 -59.58 -79.71
C VAL D 1802 5.21 -59.18 -80.27
N GLY D 1803 5.93 -60.17 -80.79
CA GLY D 1803 7.22 -59.92 -81.42
C GLY D 1803 7.11 -59.20 -82.75
N GLU D 1810 14.98 -60.38 -79.49
CA GLU D 1810 13.78 -61.21 -79.33
C GLU D 1810 12.85 -60.64 -78.28
N ASP D 1811 13.25 -59.52 -77.68
CA ASP D 1811 12.44 -58.83 -76.68
C ASP D 1811 12.18 -57.41 -77.18
N VAL D 1812 10.91 -57.05 -77.29
CA VAL D 1812 10.54 -55.74 -77.82
C VAL D 1812 10.37 -54.71 -76.72
N PHE D 1813 10.18 -55.14 -75.48
CA PHE D 1813 9.82 -54.19 -74.41
C PHE D 1813 11.01 -53.31 -74.02
N GLN D 1814 12.22 -53.87 -74.01
CA GLN D 1814 13.39 -53.07 -73.66
C GLN D 1814 13.66 -51.99 -74.69
N ASP D 1815 13.42 -52.29 -75.98
CA ASP D 1815 13.63 -51.31 -77.02
C ASP D 1815 12.58 -50.20 -76.97
N TRP D 1816 11.45 -50.43 -76.32
CA TRP D 1816 10.53 -49.33 -76.04
C TRP D 1816 10.97 -48.55 -74.81
N LEU D 1817 11.38 -49.26 -73.77
CA LEU D 1817 11.67 -48.61 -72.49
C LEU D 1817 12.90 -47.71 -72.58
N ARG D 1818 13.90 -48.10 -73.37
CA ARG D 1818 15.12 -47.31 -73.41
C ARG D 1818 14.95 -45.99 -74.13
N ARG D 1819 13.80 -45.74 -74.76
CA ARG D 1819 13.47 -44.42 -75.25
C ARG D 1819 13.35 -43.40 -74.12
N HIS D 1820 13.06 -43.87 -72.91
CA HIS D 1820 12.80 -43.02 -71.75
C HIS D 1820 13.87 -43.19 -70.67
N ASP D 1821 15.14 -43.22 -71.06
CA ASP D 1821 16.23 -43.54 -70.13
C ASP D 1821 17.39 -42.59 -70.41
N ILE D 1822 18.39 -42.62 -69.53
CA ILE D 1822 19.61 -41.86 -69.74
C ILE D 1822 20.37 -42.41 -70.94
N SER D 1823 21.32 -41.61 -71.44
CA SER D 1823 21.82 -41.80 -72.78
C SER D 1823 22.91 -42.86 -72.93
N ARG D 1824 23.48 -43.38 -71.84
CA ARG D 1824 24.67 -44.23 -71.95
C ARG D 1824 24.39 -45.64 -71.47
N ASN D 1825 24.97 -46.62 -72.17
CA ASN D 1825 24.80 -48.02 -71.83
C ASN D 1825 25.66 -48.46 -70.65
N ASP D 1826 26.72 -47.72 -70.32
CA ASP D 1826 27.58 -48.04 -69.21
C ASP D 1826 27.20 -47.33 -67.91
N HIS D 1827 26.00 -46.76 -67.86
CA HIS D 1827 25.37 -46.14 -66.68
C HIS D 1827 26.10 -44.88 -66.19
N ARG D 1828 27.04 -44.36 -66.94
CA ARG D 1828 27.63 -43.06 -66.61
C ARG D 1828 26.80 -41.95 -67.25
N TRP D 1829 27.11 -40.71 -66.92
CA TRP D 1829 26.38 -39.56 -67.44
C TRP D 1829 27.14 -38.88 -68.55
N LEU D 1830 26.42 -38.06 -69.34
CA LEU D 1830 27.04 -37.28 -70.39
C LEU D 1830 27.97 -36.21 -69.84
N ALA D 1831 27.76 -35.80 -68.59
CA ALA D 1831 28.59 -34.77 -67.97
C ALA D 1831 30.03 -35.22 -67.78
N ASP D 1832 30.29 -36.52 -67.80
CA ASP D 1832 31.64 -37.04 -67.66
C ASP D 1832 32.45 -36.92 -68.94
N ARG D 1833 31.78 -36.74 -70.07
CA ARG D 1833 32.44 -36.70 -71.37
C ARG D 1833 32.95 -35.31 -71.76
N ARG D 1834 32.47 -34.25 -71.13
CA ARG D 1834 32.80 -32.91 -71.59
C ARG D 1834 34.24 -32.55 -71.24
N ASP D 1835 34.91 -31.87 -72.17
CA ASP D 1835 36.26 -31.35 -71.99
C ASP D 1835 36.25 -29.83 -72.16
N ILE D 1836 37.32 -29.20 -71.67
CA ILE D 1836 37.53 -27.76 -71.84
C ILE D 1836 37.93 -27.48 -73.30
N PRO D 1837 37.71 -26.28 -73.82
CA PRO D 1837 38.06 -25.99 -75.22
C PRO D 1837 39.55 -26.08 -75.47
N PRO D 1838 39.95 -26.51 -76.66
CA PRO D 1838 41.38 -26.55 -77.00
C PRO D 1838 41.95 -25.16 -77.25
N LYS D 1839 43.28 -25.11 -77.24
CA LYS D 1839 44.01 -23.86 -77.41
C LYS D 1839 43.84 -23.32 -78.84
N GLU D 1840 43.77 -22.00 -78.95
CA GLU D 1840 43.31 -21.37 -80.19
C GLU D 1840 44.39 -21.35 -81.26
N ARG D 1841 43.94 -21.35 -82.51
CA ARG D 1841 44.82 -21.24 -83.67
C ARG D 1841 45.34 -19.81 -83.83
N SER D 1842 46.64 -19.68 -84.10
CA SER D 1842 47.30 -18.38 -84.09
C SER D 1842 46.76 -17.43 -85.16
N SER D 1843 46.37 -17.97 -86.33
CA SER D 1843 45.84 -17.15 -87.40
C SER D 1843 44.55 -16.44 -86.97
N TRP D 1844 43.77 -17.09 -86.10
CA TRP D 1844 42.54 -16.50 -85.59
C TRP D 1844 42.82 -15.28 -84.73
N LEU D 1845 43.73 -15.41 -83.75
CA LEU D 1845 44.08 -14.28 -82.89
C LEU D 1845 44.68 -13.12 -83.68
N ASN D 1846 45.60 -13.42 -84.58
CA ASN D 1846 46.24 -12.32 -85.28
C ASN D 1846 45.36 -11.72 -86.37
N SER D 1847 44.50 -12.51 -87.00
CA SER D 1847 43.60 -12.02 -88.04
C SER D 1847 42.34 -11.38 -87.48
N SER D 1848 42.11 -11.45 -86.16
CA SER D 1848 40.96 -10.78 -85.56
C SER D 1848 40.94 -9.27 -85.84
N SER D 1849 42.10 -8.66 -86.02
CA SER D 1849 42.17 -7.21 -86.23
C SER D 1849 41.90 -6.78 -87.67
N ASP D 1850 41.83 -7.71 -88.61
CA ASP D 1850 41.71 -7.35 -90.03
C ASP D 1850 40.31 -6.80 -90.34
N ASN D 1851 40.24 -6.01 -91.41
CA ASN D 1851 38.97 -5.47 -91.87
C ASN D 1851 38.13 -6.55 -92.54
N ARG D 1852 36.80 -6.42 -92.40
CA ARG D 1852 35.95 -7.60 -92.46
C ARG D 1852 35.68 -8.11 -93.87
N ASP D 1853 35.35 -7.22 -94.82
CA ASP D 1853 34.90 -7.65 -96.15
C ASP D 1853 35.96 -8.46 -96.87
N GLU D 1854 37.21 -8.00 -96.82
CA GLU D 1854 38.32 -8.76 -97.40
C GLU D 1854 38.54 -10.06 -96.64
N TRP D 1855 38.38 -10.03 -95.31
CA TRP D 1855 38.59 -11.23 -94.51
C TRP D 1855 37.59 -12.32 -94.86
N LEU D 1856 36.37 -11.95 -95.26
CA LEU D 1856 35.43 -12.97 -95.71
C LEU D 1856 35.81 -13.57 -97.05
N ALA D 1857 36.79 -13.02 -97.77
CA ALA D 1857 37.11 -13.46 -99.12
C ALA D 1857 38.55 -13.85 -99.36
N SER D 1858 39.44 -13.73 -98.37
CA SER D 1858 40.88 -13.85 -98.59
C SER D 1858 41.50 -14.88 -97.65
N ILE D 1859 41.02 -16.12 -97.69
CA ILE D 1859 41.58 -17.19 -96.88
C ILE D 1859 43.00 -17.51 -97.35
N SER D 1860 43.96 -17.39 -96.45
CA SER D 1860 45.33 -17.75 -96.76
C SER D 1860 45.53 -19.27 -96.69
N GLU D 1861 46.62 -19.73 -97.29
CA GLU D 1861 47.02 -21.13 -97.16
C GLU D 1861 47.45 -21.49 -95.74
N ASN D 1862 47.90 -20.49 -94.98
CA ASN D 1862 48.48 -20.69 -93.64
C ASN D 1862 47.56 -21.50 -92.75
N VAL D 1863 46.25 -21.19 -92.80
CA VAL D 1863 45.29 -21.79 -91.90
C VAL D 1863 45.24 -23.30 -92.06
N PHE D 1864 45.45 -23.83 -93.27
CA PHE D 1864 45.39 -25.27 -93.44
C PHE D 1864 46.55 -25.98 -92.76
N ASN D 1865 47.72 -25.33 -92.70
CA ASN D 1865 48.83 -25.91 -91.96
C ASN D 1865 48.53 -25.99 -90.46
N GLU D 1866 47.70 -25.08 -89.95
CA GLU D 1866 47.26 -25.24 -88.57
C GLU D 1866 46.24 -26.36 -88.42
N THR D 1867 45.38 -26.55 -89.42
CA THR D 1867 44.29 -27.51 -89.26
C THR D 1867 44.78 -28.95 -89.23
N LEU D 1868 45.75 -29.28 -90.08
CA LEU D 1868 46.29 -30.64 -90.08
C LEU D 1868 47.10 -30.96 -88.82
N CYS D 1869 47.84 -29.98 -88.32
CA CYS D 1869 48.80 -30.21 -87.24
C CYS D 1869 48.53 -29.28 -86.06
N PRO D 1870 47.79 -29.74 -85.05
CA PRO D 1870 47.57 -28.88 -83.86
C PRO D 1870 48.82 -28.58 -83.08
N SER D 1871 49.78 -29.50 -83.08
CA SER D 1871 50.96 -29.43 -82.23
C SER D 1871 52.00 -30.40 -82.79
N PRO D 1872 53.29 -30.16 -82.54
CA PRO D 1872 54.33 -31.02 -83.13
C PRO D 1872 54.22 -32.46 -82.67
N GLY D 1873 54.35 -33.37 -83.64
CA GLY D 1873 54.15 -34.79 -83.40
C GLY D 1873 52.72 -35.26 -83.47
N LEU D 1874 51.76 -34.36 -83.71
CA LEU D 1874 50.35 -34.70 -83.67
C LEU D 1874 49.66 -34.23 -84.95
N LEU D 1875 48.70 -35.02 -85.41
CA LEU D 1875 47.92 -34.72 -86.61
C LEU D 1875 46.44 -34.91 -86.34
N THR D 1876 45.61 -34.07 -86.97
CA THR D 1876 44.17 -34.16 -86.85
C THR D 1876 43.65 -35.21 -87.83
N LEU D 1877 42.98 -36.24 -87.31
CA LEU D 1877 42.50 -37.30 -88.19
C LEU D 1877 41.05 -37.09 -88.60
N TRP D 1878 40.23 -36.56 -87.69
CA TRP D 1878 38.81 -36.33 -87.94
C TRP D 1878 38.38 -35.15 -87.11
N GLY D 1879 37.40 -34.41 -87.59
CA GLY D 1879 36.93 -33.27 -86.81
C GLY D 1879 36.01 -32.38 -87.59
N ARG D 1880 35.22 -31.60 -86.85
CA ARG D 1880 34.27 -30.66 -87.41
C ARG D 1880 33.91 -29.67 -86.33
N TRP D 1881 34.28 -28.40 -86.50
CA TRP D 1881 34.01 -27.44 -85.43
C TRP D 1881 33.92 -26.01 -85.96
N SER D 1882 33.52 -25.11 -85.06
CA SER D 1882 33.29 -23.70 -85.37
C SER D 1882 33.88 -22.83 -84.27
N ASP D 1883 34.41 -21.69 -84.67
CA ASP D 1883 34.98 -20.72 -83.74
C ASP D 1883 34.33 -19.36 -83.96
N VAL D 1884 33.95 -18.70 -82.86
CA VAL D 1884 33.00 -17.59 -82.89
C VAL D 1884 33.60 -16.40 -82.17
N CYS D 1885 33.40 -15.20 -82.72
CA CYS D 1885 33.64 -13.95 -82.03
C CYS D 1885 32.42 -13.05 -82.25
N SER D 1886 32.55 -11.78 -81.85
CA SER D 1886 31.42 -10.86 -81.88
C SER D 1886 30.97 -10.51 -83.29
N ASP D 1887 31.84 -10.63 -84.29
CA ASP D 1887 31.54 -10.21 -85.65
C ASP D 1887 31.73 -11.27 -86.71
N ARG D 1888 32.36 -12.40 -86.38
CA ARG D 1888 32.82 -13.34 -87.40
C ARG D 1888 32.73 -14.75 -86.84
N LYS D 1889 32.70 -15.72 -87.74
CA LYS D 1889 32.81 -17.11 -87.34
C LYS D 1889 33.48 -17.93 -88.45
N GLU D 1890 34.24 -18.93 -88.02
CA GLU D 1890 34.93 -19.84 -88.92
C GLU D 1890 34.44 -21.27 -88.70
N SER D 1891 34.30 -22.02 -89.78
CA SER D 1891 33.93 -23.43 -89.72
C SER D 1891 34.98 -24.27 -90.41
N ILE D 1892 35.32 -25.41 -89.79
CA ILE D 1892 36.41 -26.28 -90.25
C ILE D 1892 35.91 -27.72 -90.24
N ILE D 1893 36.17 -28.43 -91.35
CA ILE D 1893 35.82 -29.86 -91.48
C ILE D 1893 37.04 -30.63 -91.98
N VAL D 1894 37.29 -31.81 -91.40
CA VAL D 1894 38.44 -32.65 -91.74
C VAL D 1894 37.96 -34.09 -91.97
N HIS D 1895 38.47 -34.73 -93.03
CA HIS D 1895 38.19 -36.14 -93.33
C HIS D 1895 39.47 -36.88 -93.67
N SER D 1896 39.48 -38.20 -93.40
CA SER D 1896 40.63 -39.04 -93.72
C SER D 1896 40.18 -40.42 -94.18
N ALA D 1897 40.96 -41.04 -95.07
CA ALA D 1897 40.67 -42.38 -95.57
C ALA D 1897 41.93 -43.03 -96.12
N LEU D 1898 41.86 -44.35 -96.30
CA LEU D 1898 42.96 -45.16 -96.80
C LEU D 1898 42.74 -45.52 -98.27
N VAL D 1899 43.82 -45.51 -99.05
CA VAL D 1899 43.78 -45.79 -100.48
C VAL D 1899 45.01 -46.60 -100.87
N SER D 1900 44.83 -47.52 -101.84
CA SER D 1900 45.87 -48.43 -102.31
C SER D 1900 47.09 -47.65 -102.80
N PRO D 1901 48.31 -48.12 -102.50
CA PRO D 1901 49.52 -47.28 -102.67
C PRO D 1901 49.77 -46.75 -104.07
N GLU D 1902 49.60 -47.57 -105.10
CA GLU D 1902 49.77 -47.09 -106.47
C GLU D 1902 48.60 -46.22 -106.90
N ARG D 1903 47.37 -46.64 -106.56
CA ARG D 1903 46.17 -45.94 -107.00
C ARG D 1903 46.04 -44.56 -106.34
N SER D 1904 46.76 -44.33 -105.23
CA SER D 1904 46.71 -43.04 -104.54
C SER D 1904 47.22 -41.91 -105.41
N LEU D 1905 48.25 -42.19 -106.21
CA LEU D 1905 48.82 -41.17 -107.09
C LEU D 1905 47.83 -40.73 -108.16
N SER D 1906 46.94 -41.63 -108.57
CA SER D 1906 45.87 -41.26 -109.50
C SER D 1906 44.74 -40.54 -108.76
N LEU D 1907 44.40 -41.00 -107.56
CA LEU D 1907 43.24 -40.47 -106.83
C LEU D 1907 43.50 -39.03 -106.39
N LEU D 1908 44.75 -38.69 -106.08
CA LEU D 1908 45.09 -37.33 -105.69
C LEU D 1908 44.77 -36.33 -106.80
N ARG D 1909 45.07 -36.67 -108.03
CA ARG D 1909 44.69 -35.83 -109.16
C ARG D 1909 43.20 -35.93 -109.43
N ALA D 1910 42.62 -37.12 -109.27
CA ALA D 1910 41.23 -37.34 -109.63
C ALA D 1910 40.27 -36.52 -108.76
N LEU D 1911 40.54 -36.46 -107.46
CA LEU D 1911 39.63 -35.77 -106.55
C LEU D 1911 39.65 -34.26 -106.77
N GLN D 1912 40.82 -33.68 -107.03
CA GLN D 1912 40.93 -32.24 -107.17
C GLN D 1912 40.38 -31.72 -108.50
N THR D 1913 40.38 -32.54 -109.54
CA THR D 1913 39.83 -32.15 -110.84
C THR D 1913 38.33 -32.44 -110.85
N THR D 1914 37.56 -31.44 -110.42
CA THR D 1914 36.13 -31.62 -110.24
C THR D 1914 35.38 -30.31 -110.47
N LYS D 1915 34.09 -30.45 -110.81
CA LYS D 1915 33.19 -29.28 -110.87
C LYS D 1915 32.73 -28.86 -109.48
N ASN D 1916 32.65 -29.79 -108.54
CA ASN D 1916 32.00 -29.56 -107.26
C ASN D 1916 32.58 -30.54 -106.24
N VAL D 1917 32.46 -30.17 -104.96
CA VAL D 1917 32.96 -30.99 -103.86
C VAL D 1917 31.86 -31.41 -102.90
N TYR D 1918 30.62 -30.96 -103.09
CA TYR D 1918 29.51 -31.46 -102.29
C TYR D 1918 28.79 -32.65 -102.91
N ASP D 1919 29.07 -32.96 -104.18
CA ASP D 1919 28.41 -34.09 -104.83
C ASP D 1919 29.14 -35.42 -104.69
N TYR D 1920 30.20 -35.48 -103.89
CA TYR D 1920 30.90 -36.73 -103.62
C TYR D 1920 31.45 -36.68 -102.21
N LYS D 1921 31.77 -37.86 -101.67
CA LYS D 1921 32.16 -37.98 -100.27
C LYS D 1921 33.31 -38.96 -100.10
N ILE D 1922 34.32 -38.55 -99.33
CA ILE D 1922 35.36 -39.49 -98.85
C ILE D 1922 34.75 -40.35 -97.75
N PRO D 1923 34.78 -41.67 -97.86
CA PRO D 1923 33.94 -42.49 -96.99
C PRO D 1923 34.43 -42.77 -95.57
N ASP D 1924 33.63 -43.59 -94.91
CA ASP D 1924 33.82 -43.90 -93.50
C ASP D 1924 33.26 -45.29 -93.21
N ALA D 1925 33.67 -45.85 -92.08
CA ALA D 1925 33.24 -47.19 -91.69
C ALA D 1925 31.76 -47.21 -91.30
N GLN D 1937 41.46 -49.37 -104.52
CA GLN D 1937 40.51 -49.40 -103.41
C GLN D 1937 40.61 -48.16 -102.53
N LEU D 1938 39.47 -47.52 -102.29
CA LEU D 1938 39.33 -46.45 -101.32
C LEU D 1938 38.43 -46.95 -100.20
N LYS D 1939 38.92 -46.89 -98.95
CA LYS D 1939 38.32 -47.65 -97.86
C LYS D 1939 38.18 -46.79 -96.62
N GLY D 1940 37.08 -46.98 -95.90
CA GLY D 1940 36.82 -46.20 -94.70
C GLY D 1940 37.64 -46.64 -93.51
N TRP D 1941 37.88 -45.71 -92.60
CA TRP D 1941 38.81 -45.95 -91.50
C TRP D 1941 38.22 -45.61 -90.13
N ILE D 1942 37.46 -44.51 -90.05
CA ILE D 1942 36.90 -43.99 -88.80
C ILE D 1942 35.37 -44.04 -88.87
N LYS D 1943 34.73 -44.30 -87.72
CA LYS D 1943 33.27 -44.21 -87.60
C LYS D 1943 32.89 -42.91 -86.90
N ASP D 1944 31.80 -42.28 -87.36
CA ASP D 1944 31.48 -40.91 -87.03
C ASP D 1944 30.55 -40.87 -85.81
N ILE D 1945 30.27 -39.65 -85.31
CA ILE D 1945 29.53 -39.46 -84.06
C ILE D 1945 28.08 -39.96 -84.20
N ALA D 1946 27.53 -40.45 -83.10
CA ALA D 1946 26.17 -40.94 -83.04
C ALA D 1946 25.17 -39.80 -82.93
N GLU D 1947 23.93 -40.07 -83.33
CA GLU D 1947 22.89 -39.06 -83.42
C GLU D 1947 21.88 -39.12 -82.27
N TYR D 1948 21.68 -40.30 -81.69
CA TYR D 1948 20.65 -40.53 -80.69
C TYR D 1948 21.00 -39.86 -79.37
N CYS D 1949 19.98 -39.57 -78.55
CA CYS D 1949 20.20 -38.90 -77.28
C CYS D 1949 19.14 -39.33 -76.26
N GLY D 1950 19.50 -39.20 -74.98
CA GLY D 1950 18.64 -39.57 -73.88
C GLY D 1950 18.14 -38.38 -73.09
N ILE D 1951 17.53 -38.68 -71.94
CA ILE D 1951 16.88 -37.65 -71.14
C ILE D 1951 17.85 -36.75 -70.40
N ASP D 1952 19.13 -37.10 -70.29
CA ASP D 1952 20.08 -36.18 -69.67
C ASP D 1952 20.59 -35.12 -70.64
N GLU D 1953 19.91 -34.94 -71.78
CA GLU D 1953 20.22 -33.86 -72.71
C GLU D 1953 19.91 -32.48 -72.14
N PHE D 1954 19.12 -32.39 -71.08
CA PHE D 1954 18.78 -31.12 -70.46
C PHE D 1954 19.62 -30.79 -69.23
N ASP D 1955 20.64 -31.58 -68.92
CA ASP D 1955 21.51 -31.27 -67.80
C ASP D 1955 22.34 -30.05 -68.17
N PRO D 1956 22.31 -28.96 -67.39
CA PRO D 1956 23.13 -27.79 -67.71
C PRO D 1956 24.63 -28.08 -67.71
N TRP D 1957 25.10 -28.99 -66.87
CA TRP D 1957 26.53 -29.20 -66.74
C TRP D 1957 27.10 -30.08 -67.84
N ALA D 1958 26.25 -30.78 -68.59
CA ALA D 1958 26.67 -31.45 -69.82
C ALA D 1958 26.38 -30.52 -70.98
N GLY D 1959 27.43 -30.01 -71.61
CA GLY D 1959 27.27 -28.97 -72.61
C GLY D 1959 26.73 -29.42 -73.95
N ASN D 1960 25.59 -30.12 -73.93
CA ASN D 1960 24.90 -30.63 -75.11
C ASN D 1960 25.80 -31.55 -75.93
N VAL D 1961 26.66 -32.29 -75.23
CA VAL D 1961 27.54 -33.28 -75.85
C VAL D 1961 26.76 -34.54 -76.19
N ARG D 1962 27.38 -35.42 -76.96
CA ARG D 1962 26.84 -36.73 -77.34
C ARG D 1962 27.94 -37.75 -77.16
N PHE D 1963 27.62 -38.93 -76.62
CA PHE D 1963 28.69 -39.78 -76.08
C PHE D 1963 29.55 -40.47 -77.14
N PRO D 1964 29.01 -41.25 -78.11
CA PRO D 1964 29.93 -41.94 -79.03
C PRO D 1964 30.58 -41.00 -80.04
N ILE D 1965 31.56 -40.22 -79.58
CA ILE D 1965 32.35 -39.33 -80.43
C ILE D 1965 33.28 -40.21 -81.26
N PRO D 1966 33.83 -39.73 -82.39
CA PRO D 1966 34.49 -40.64 -83.34
C PRO D 1966 35.70 -41.38 -82.78
N GLU D 1967 35.93 -42.55 -83.38
CA GLU D 1967 36.89 -43.55 -82.93
C GLU D 1967 37.24 -44.42 -84.13
N PRO D 1968 38.34 -45.16 -84.09
CA PRO D 1968 38.64 -46.08 -85.20
C PRO D 1968 37.63 -47.22 -85.27
N ALA D 1969 37.47 -47.77 -86.47
CA ALA D 1969 36.64 -48.94 -86.66
C ALA D 1969 37.25 -50.15 -85.95
N SER D 1970 36.43 -51.18 -85.77
CA SER D 1970 36.75 -52.29 -84.87
C SER D 1970 38.02 -53.03 -85.28
N PHE D 1971 38.25 -53.20 -86.58
CA PHE D 1971 39.40 -53.97 -87.02
C PHE D 1971 40.71 -53.24 -86.79
N ILE D 1972 40.70 -51.90 -86.73
CA ILE D 1972 41.92 -51.19 -86.37
C ILE D 1972 42.24 -51.39 -84.89
N ILE D 1973 41.23 -51.32 -84.03
CA ILE D 1973 41.43 -51.54 -82.60
C ILE D 1973 41.88 -52.97 -82.33
N ASP D 1974 41.33 -53.92 -83.09
CA ASP D 1974 41.72 -55.32 -82.93
C ASP D 1974 43.15 -55.57 -83.41
N ALA D 1975 43.46 -55.12 -84.63
CA ALA D 1975 44.75 -55.43 -85.24
C ALA D 1975 45.90 -54.73 -84.53
N MET D 1976 45.66 -53.56 -83.96
CA MET D 1976 46.70 -52.81 -83.29
C MET D 1976 46.70 -52.96 -81.77
N LYS D 1977 45.76 -53.75 -81.23
CA LYS D 1977 45.73 -54.15 -79.81
C LYS D 1977 45.64 -52.91 -78.90
N LEU D 1978 44.73 -52.01 -79.22
CA LEU D 1978 44.60 -50.77 -78.45
C LEU D 1978 43.78 -50.99 -77.19
N THR D 1979 44.01 -50.13 -76.20
CA THR D 1979 43.28 -50.13 -74.93
C THR D 1979 42.96 -48.68 -74.55
N THR D 1980 41.93 -48.52 -73.72
CA THR D 1980 41.43 -47.18 -73.43
C THR D 1980 40.77 -47.14 -72.06
N ASP D 1981 40.46 -45.92 -71.64
CA ASP D 1981 39.83 -45.62 -70.35
C ASP D 1981 38.31 -45.77 -70.43
N LYS D 1982 37.64 -45.43 -69.33
CA LYS D 1982 36.20 -45.62 -69.21
C LYS D 1982 35.37 -44.65 -70.05
N ASP D 1983 35.96 -43.55 -70.51
CA ASP D 1983 35.22 -42.60 -71.34
C ASP D 1983 35.81 -42.47 -72.74
N HIS D 1984 36.68 -43.40 -73.14
CA HIS D 1984 37.34 -43.41 -74.45
C HIS D 1984 38.09 -42.12 -74.73
N ARG D 1985 38.70 -41.53 -73.71
CA ARG D 1985 39.40 -40.27 -73.90
C ARG D 1985 40.77 -40.47 -74.55
N VAL D 1986 41.54 -41.43 -74.04
CA VAL D 1986 42.92 -41.65 -74.48
C VAL D 1986 43.08 -43.12 -74.85
N TRP D 1987 43.81 -43.37 -75.94
CA TRP D 1987 44.09 -44.72 -76.40
C TRP D 1987 45.59 -45.00 -76.34
N TYR D 1988 45.96 -46.21 -75.91
CA TYR D 1988 47.34 -46.63 -75.85
C TYR D 1988 47.63 -47.83 -76.74
N SER D 1989 48.86 -47.88 -77.24
CA SER D 1989 49.40 -49.02 -77.94
C SER D 1989 49.81 -50.10 -76.95
N PRO D 1990 50.02 -51.34 -77.40
CA PRO D 1990 50.66 -52.33 -76.53
C PRO D 1990 52.18 -52.22 -76.47
N SER D 1991 52.79 -51.22 -77.10
CA SER D 1991 54.25 -51.19 -77.21
C SER D 1991 54.92 -49.87 -76.88
N ASP D 1992 54.17 -48.78 -76.68
CA ASP D 1992 54.77 -47.46 -76.51
C ASP D 1992 54.14 -46.74 -75.34
N VAL D 1993 54.87 -45.76 -74.82
CA VAL D 1993 54.44 -44.99 -73.65
C VAL D 1993 53.54 -43.82 -74.05
N GLU D 1994 53.88 -43.13 -75.13
CA GLU D 1994 53.08 -42.00 -75.57
C GLU D 1994 51.73 -42.46 -76.12
N PRO D 1995 50.69 -41.65 -75.96
CA PRO D 1995 49.35 -42.04 -76.42
C PRO D 1995 49.29 -42.18 -77.94
N ALA D 1996 48.48 -43.13 -78.40
CA ALA D 1996 48.24 -43.24 -79.83
C ALA D 1996 47.35 -42.12 -80.33
N MET D 1997 46.21 -41.91 -79.67
CA MET D 1997 45.17 -41.01 -80.14
C MET D 1997 44.51 -40.33 -78.94
N ILE D 1998 43.97 -39.14 -79.18
CA ILE D 1998 43.24 -38.36 -78.18
C ILE D 1998 41.99 -37.79 -78.84
N SER D 1999 40.85 -37.91 -78.16
CA SER D 1999 39.57 -37.38 -78.63
C SER D 1999 39.01 -36.41 -77.61
N SER D 2000 38.31 -35.37 -78.09
CA SER D 2000 37.73 -34.37 -77.19
C SER D 2000 36.50 -33.72 -77.81
N ILE D 2001 35.64 -33.15 -76.96
CA ILE D 2001 34.41 -32.49 -77.37
C ILE D 2001 34.10 -31.36 -76.39
N TRP D 2002 33.55 -30.25 -76.90
CA TRP D 2002 33.29 -29.09 -76.06
C TRP D 2002 32.11 -28.28 -76.58
N GLY D 2003 31.49 -27.53 -75.69
CA GLY D 2003 30.36 -26.67 -76.02
C GLY D 2003 29.61 -26.21 -74.79
N HIS D 2004 28.50 -25.50 -75.05
CA HIS D 2004 27.58 -24.99 -74.04
C HIS D 2004 26.12 -25.27 -74.41
N LEU D 2005 25.28 -25.34 -73.39
CA LEU D 2005 23.83 -25.41 -73.58
C LEU D 2005 23.25 -24.01 -73.66
N SER D 2006 22.61 -23.69 -74.78
CA SER D 2006 22.15 -22.33 -75.03
C SER D 2006 20.88 -22.02 -74.25
N GLY D 2007 20.86 -20.84 -73.61
CA GLY D 2007 19.68 -20.34 -72.95
C GLY D 2007 18.80 -19.54 -73.89
N LYS D 2008 17.84 -18.83 -73.29
CA LYS D 2008 16.91 -18.02 -74.05
C LYS D 2008 17.55 -16.72 -74.49
N ASN D 2009 17.35 -16.37 -75.77
CA ASN D 2009 17.72 -15.08 -76.35
C ASN D 2009 19.19 -14.74 -76.12
N ASP D 2010 20.06 -15.68 -76.46
CA ASP D 2010 21.47 -15.59 -76.10
C ASP D 2010 22.34 -15.93 -77.31
N GLU D 2011 23.59 -15.47 -77.25
CA GLU D 2011 24.53 -15.68 -78.35
C GLU D 2011 25.02 -17.13 -78.41
N GLU D 2012 25.35 -17.55 -79.61
CA GLU D 2012 26.12 -18.78 -79.80
C GLU D 2012 27.57 -18.56 -79.38
N LYS D 2013 28.27 -19.66 -79.14
CA LYS D 2013 29.70 -19.60 -78.84
C LYS D 2013 30.34 -20.91 -79.25
N SER D 2014 31.68 -20.94 -79.17
CA SER D 2014 32.49 -21.98 -79.81
C SER D 2014 32.20 -23.38 -79.26
N HIS D 2015 32.18 -24.35 -80.17
CA HIS D 2015 31.84 -25.73 -79.84
C HIS D 2015 32.35 -26.65 -80.94
N GLY D 2016 32.42 -27.95 -80.62
CA GLY D 2016 32.78 -28.93 -81.63
C GLY D 2016 33.42 -30.16 -81.00
N TYR D 2017 34.02 -30.99 -81.86
CA TYR D 2017 34.66 -32.23 -81.46
C TYR D 2017 35.82 -32.54 -82.38
N ARG D 2018 36.78 -33.32 -81.89
CA ARG D 2018 38.02 -33.57 -82.64
C ARG D 2018 38.67 -34.88 -82.19
N LEU D 2019 39.36 -35.52 -83.14
CA LEU D 2019 40.18 -36.70 -82.90
C LEU D 2019 41.56 -36.49 -83.53
N CYS D 2020 42.61 -36.77 -82.76
CA CYS D 2020 43.97 -36.53 -83.20
C CYS D 2020 44.86 -37.71 -82.82
N ALA D 2021 45.96 -37.89 -83.57
CA ALA D 2021 46.87 -39.01 -83.36
C ALA D 2021 48.33 -38.62 -83.52
N SER D 2022 49.21 -39.40 -82.91
CA SER D 2022 50.64 -39.21 -83.04
C SER D 2022 51.14 -39.76 -84.38
N ILE D 2023 52.23 -39.18 -84.88
CA ILE D 2023 52.75 -39.54 -86.20
C ILE D 2023 53.34 -40.94 -86.20
N HIS D 2024 53.98 -41.34 -85.09
CA HIS D 2024 54.57 -42.66 -84.99
C HIS D 2024 53.52 -43.77 -85.16
N PHE D 2025 52.35 -43.58 -84.54
CA PHE D 2025 51.27 -44.55 -84.65
C PHE D 2025 50.79 -44.71 -86.09
N ILE D 2026 50.54 -43.59 -86.78
CA ILE D 2026 49.99 -43.70 -88.12
C ILE D 2026 51.04 -44.25 -89.09
N LYS D 2027 52.32 -43.95 -88.85
CA LYS D 2027 53.36 -44.60 -89.64
C LYS D 2027 53.34 -46.12 -89.46
N SER D 2028 53.26 -46.60 -88.21
CA SER D 2028 53.21 -48.04 -87.98
C SER D 2028 51.95 -48.66 -88.59
N ALA D 2029 50.83 -47.94 -88.50
CA ALA D 2029 49.58 -48.41 -89.09
C ALA D 2029 49.70 -48.53 -90.60
N LEU D 2030 50.35 -47.56 -91.24
CA LEU D 2030 50.50 -47.63 -92.69
C LEU D 2030 51.47 -48.74 -93.10
N GLU D 2031 52.51 -49.00 -92.28
CA GLU D 2031 53.41 -50.10 -92.62
C GLU D 2031 52.82 -51.47 -92.35
N THR D 2032 51.78 -51.60 -91.52
CA THR D 2032 51.20 -52.91 -91.32
C THR D 2032 49.86 -53.13 -92.01
N PHE D 2033 49.10 -52.09 -92.34
CA PHE D 2033 48.01 -52.26 -93.30
C PHE D 2033 48.46 -52.18 -94.74
N ASN D 2034 49.67 -51.64 -95.00
CA ASN D 2034 50.23 -51.48 -96.34
C ASN D 2034 49.32 -50.64 -97.23
N MET D 2035 49.19 -49.36 -96.87
CA MET D 2035 48.25 -48.46 -97.52
C MET D 2035 48.85 -47.06 -97.52
N ASP D 2036 48.25 -46.16 -98.31
CA ASP D 2036 48.60 -44.74 -98.31
C ASP D 2036 47.41 -43.90 -97.85
N LEU D 2037 47.70 -42.75 -97.22
CA LEU D 2037 46.68 -41.98 -96.51
C LEU D 2037 46.26 -40.77 -97.35
N ILE D 2038 44.95 -40.57 -97.54
CA ILE D 2038 44.42 -39.40 -98.23
C ILE D 2038 43.44 -38.66 -97.31
N LEU D 2039 43.61 -37.35 -97.19
CA LEU D 2039 42.83 -36.57 -96.22
C LEU D 2039 42.49 -35.21 -96.80
N GLU D 2040 41.42 -34.60 -96.27
CA GLU D 2040 40.80 -33.46 -96.92
C GLU D 2040 40.28 -32.48 -95.87
N VAL D 2041 40.44 -31.18 -96.13
CA VAL D 2041 40.06 -30.11 -95.20
C VAL D 2041 39.22 -29.06 -95.94
N ASP D 2042 38.13 -28.63 -95.29
CA ASP D 2042 37.35 -27.45 -95.66
C ASP D 2042 37.49 -26.36 -94.61
N VAL D 2043 37.61 -25.11 -95.07
CA VAL D 2043 37.54 -23.92 -94.22
C VAL D 2043 36.51 -22.97 -94.81
N ASP D 2044 35.65 -22.41 -93.96
CA ASP D 2044 34.58 -21.53 -94.42
C ASP D 2044 34.40 -20.42 -93.40
N ARG D 2045 33.83 -19.29 -93.85
CA ARG D 2045 33.78 -18.07 -93.06
C ARG D 2045 32.41 -17.40 -93.19
N TYR D 2046 31.92 -16.84 -92.08
CA TYR D 2046 30.63 -16.14 -92.08
C TYR D 2046 30.68 -14.91 -91.18
N SER D 2047 29.77 -13.98 -91.43
CA SER D 2047 29.66 -12.74 -90.68
C SER D 2047 28.60 -12.84 -89.58
N ARG D 2048 28.77 -12.01 -88.55
CA ARG D 2048 27.81 -11.88 -87.46
C ARG D 2048 27.57 -10.42 -87.14
N ASN D 2049 26.31 -10.07 -86.88
CA ASN D 2049 25.95 -8.72 -86.46
C ASN D 2049 24.99 -8.75 -85.27
N SER D 2065 33.92 -21.12 -99.53
CA SER D 2065 34.80 -21.98 -98.75
C SER D 2065 36.04 -22.38 -99.54
N SER D 2066 37.16 -22.54 -98.84
CA SER D 2066 38.41 -22.99 -99.43
C SER D 2066 38.64 -24.43 -99.01
N THR D 2067 38.87 -25.31 -99.99
CA THR D 2067 38.94 -26.75 -99.75
C THR D 2067 40.23 -27.28 -100.35
N ARG D 2068 40.96 -28.10 -99.58
CA ARG D 2068 42.18 -28.70 -100.07
C ARG D 2068 42.28 -30.15 -99.59
N LEU D 2069 43.18 -30.90 -100.22
CA LEU D 2069 43.44 -32.28 -99.84
C LEU D 2069 44.95 -32.56 -99.85
N PHE D 2070 45.36 -33.50 -99.00
CA PHE D 2070 46.76 -33.82 -98.76
C PHE D 2070 46.90 -35.34 -98.68
N LEU D 2071 48.00 -35.87 -99.22
CA LEU D 2071 48.25 -37.30 -99.25
C LEU D 2071 49.53 -37.58 -98.45
N PHE D 2072 49.41 -38.42 -97.43
CA PHE D 2072 50.52 -38.73 -96.52
C PHE D 2072 51.02 -40.13 -96.85
N ARG D 2073 52.36 -40.26 -96.93
CA ARG D 2073 52.98 -41.54 -97.22
C ARG D 2073 53.96 -41.93 -96.12
N HIS D 2074 54.20 -43.25 -96.03
CA HIS D 2074 54.89 -43.84 -94.88
C HIS D 2074 56.35 -43.41 -94.75
N ASP D 2075 56.95 -42.86 -95.79
CA ASP D 2075 58.30 -42.34 -95.64
C ASP D 2075 58.34 -40.95 -95.01
N GLY D 2076 57.21 -40.44 -94.53
CA GLY D 2076 57.19 -39.22 -93.77
C GLY D 2076 57.04 -37.95 -94.59
N THR D 2077 56.32 -38.01 -95.71
CA THR D 2077 56.12 -36.85 -96.56
C THR D 2077 54.64 -36.68 -96.87
N ILE D 2078 54.28 -35.43 -97.15
CA ILE D 2078 52.91 -35.03 -97.50
C ILE D 2078 52.97 -34.45 -98.91
N HIS D 2079 52.00 -34.82 -99.74
CA HIS D 2079 52.00 -34.44 -101.14
C HIS D 2079 50.66 -33.81 -101.51
N THR D 2080 50.72 -32.81 -102.37
CA THR D 2080 49.53 -32.19 -102.94
C THR D 2080 49.70 -32.14 -104.45
N LEU D 2081 48.64 -31.69 -105.13
CA LEU D 2081 48.72 -31.44 -106.56
C LEU D 2081 49.74 -30.35 -106.89
N TYR D 2082 49.94 -29.40 -105.98
CA TYR D 2082 50.77 -28.24 -106.25
C TYR D 2082 52.16 -28.30 -105.66
N GLY D 2083 52.38 -29.08 -104.60
CA GLY D 2083 53.71 -29.17 -104.02
C GLY D 2083 53.76 -30.15 -102.87
N ASN D 2084 54.98 -30.48 -102.49
CA ASN D 2084 55.26 -31.38 -101.37
C ASN D 2084 55.53 -30.59 -100.10
N TYR D 2085 55.36 -31.26 -98.96
CA TYR D 2085 55.66 -30.73 -97.65
C TYR D 2085 56.25 -31.85 -96.80
N ARG D 2086 57.13 -31.48 -95.86
CA ARG D 2086 57.86 -32.44 -95.06
C ARG D 2086 57.93 -31.97 -93.62
N ASN D 2087 58.27 -32.90 -92.73
CA ASN D 2087 58.47 -32.62 -91.32
C ASN D 2087 59.69 -31.72 -91.11
N SER E 2 117.29 -60.84 -36.23
CA SER E 2 117.23 -60.95 -34.77
C SER E 2 117.91 -59.78 -34.08
N GLN E 3 119.13 -59.47 -34.53
CA GLN E 3 119.94 -58.42 -33.90
C GLN E 3 119.29 -57.05 -34.03
N SER E 4 118.69 -56.75 -35.19
CA SER E 4 118.08 -55.44 -35.39
C SER E 4 116.90 -55.21 -34.44
N GLN E 5 116.08 -56.25 -34.22
CA GLN E 5 114.99 -56.13 -33.27
C GLN E 5 115.50 -56.03 -31.83
N GLU E 6 116.59 -56.72 -31.51
CA GLU E 6 117.17 -56.59 -30.17
C GLU E 6 117.70 -55.17 -29.94
N ALA E 7 118.32 -54.58 -30.96
CA ALA E 7 118.76 -53.19 -30.86
C ALA E 7 117.57 -52.24 -30.72
N LYS E 8 116.49 -52.51 -31.47
CA LYS E 8 115.26 -51.73 -31.32
C LYS E 8 114.70 -51.84 -29.91
N ASN E 9 114.70 -53.05 -29.34
CA ASN E 9 114.21 -53.24 -27.98
C ASN E 9 115.08 -52.49 -26.97
N ALA E 10 116.40 -52.55 -27.15
CA ALA E 10 117.32 -51.84 -26.26
C ALA E 10 117.12 -50.33 -26.35
N LEU E 11 116.78 -49.83 -27.53
CA LEU E 11 116.40 -48.44 -27.66
C LEU E 11 115.09 -48.16 -26.94
N ILE E 12 114.01 -48.84 -27.33
CA ILE E 12 112.66 -48.52 -26.92
C ILE E 12 112.51 -48.59 -25.39
N ILE E 13 113.10 -49.63 -24.77
CA ILE E 13 112.99 -49.76 -23.31
C ILE E 13 113.71 -48.60 -22.59
N ALA E 14 114.67 -47.95 -23.24
CA ALA E 14 115.33 -46.78 -22.66
C ALA E 14 114.61 -45.47 -22.96
N GLN E 15 114.18 -45.25 -24.20
CA GLN E 15 113.56 -43.97 -24.54
C GLN E 15 112.18 -43.84 -23.89
N LEU E 16 111.44 -44.95 -23.74
CA LEU E 16 110.19 -44.87 -22.98
C LEU E 16 110.43 -44.54 -21.51
N LYS E 17 111.58 -44.94 -20.96
CA LYS E 17 111.94 -44.46 -19.63
C LYS E 17 112.60 -43.09 -19.66
N GLY E 18 112.86 -42.54 -20.84
CA GLY E 18 113.47 -41.23 -20.94
C GLY E 18 112.49 -40.10 -21.21
N ASP E 19 111.42 -40.37 -21.95
CA ASP E 19 110.44 -39.35 -22.34
C ASP E 19 109.06 -39.77 -21.87
N PHE E 20 108.41 -38.89 -21.09
CA PHE E 20 107.05 -39.13 -20.63
C PHE E 20 106.06 -39.10 -21.79
N VAL E 21 106.28 -38.21 -22.75
CA VAL E 21 105.32 -37.98 -23.82
C VAL E 21 105.20 -39.21 -24.72
N ALA E 22 106.33 -39.86 -25.03
CA ALA E 22 106.30 -41.09 -25.80
C ALA E 22 105.56 -42.20 -25.05
N PHE E 23 105.73 -42.26 -23.73
CA PHE E 23 105.02 -43.23 -22.92
C PHE E 23 103.51 -42.97 -22.98
N LEU E 24 103.10 -41.70 -22.96
CA LEU E 24 101.69 -41.37 -23.15
C LEU E 24 101.19 -41.80 -24.52
N PHE E 25 102.00 -41.58 -25.56
CA PHE E 25 101.59 -41.98 -26.90
C PHE E 25 101.40 -43.48 -27.02
N VAL E 26 102.34 -44.28 -26.49
CA VAL E 26 102.21 -45.73 -26.61
C VAL E 26 101.06 -46.24 -25.76
N LEU E 27 100.86 -45.67 -24.57
CA LEU E 27 99.74 -46.08 -23.72
C LEU E 27 98.40 -45.73 -24.35
N TRP E 28 98.28 -44.54 -24.94
CA TRP E 28 97.01 -44.13 -25.52
C TRP E 28 96.76 -44.83 -26.84
N LYS E 29 97.81 -45.22 -27.55
CA LYS E 29 97.66 -46.13 -28.68
C LYS E 29 97.12 -47.48 -28.24
N ALA E 30 97.62 -47.99 -27.10
CA ALA E 30 97.14 -49.27 -26.58
C ALA E 30 95.69 -49.20 -26.14
N LEU E 31 95.23 -48.05 -25.64
CA LEU E 31 93.87 -47.87 -25.16
C LEU E 31 92.87 -47.59 -26.27
N ASN E 32 93.31 -47.52 -27.54
CA ASN E 32 92.49 -47.16 -28.71
C ASN E 32 91.96 -45.73 -28.63
N LEU E 33 92.70 -44.82 -27.97
CA LEU E 33 92.43 -43.39 -27.91
C LEU E 33 93.24 -42.62 -28.94
N PRO E 34 92.72 -41.51 -29.46
CA PRO E 34 93.50 -40.68 -30.38
C PRO E 34 94.63 -39.93 -29.68
N LYS E 35 95.38 -39.20 -30.49
CA LYS E 35 96.63 -38.60 -30.05
C LYS E 35 96.39 -37.52 -28.98
N PRO E 36 97.26 -37.42 -27.98
CA PRO E 36 97.12 -36.38 -26.96
C PRO E 36 97.17 -34.98 -27.57
N THR E 37 96.32 -34.10 -27.04
CA THR E 37 96.28 -32.72 -27.50
C THR E 37 97.38 -31.90 -26.83
N LYS E 38 97.50 -30.65 -27.30
CA LYS E 38 98.58 -29.76 -26.88
C LYS E 38 98.55 -29.46 -25.39
N CYS E 39 97.36 -29.16 -24.85
CA CYS E 39 97.24 -28.86 -23.43
C CYS E 39 97.58 -30.07 -22.57
N GLN E 40 97.16 -31.26 -23.01
CA GLN E 40 97.50 -32.48 -22.29
C GLN E 40 98.99 -32.72 -22.26
N ILE E 41 99.67 -32.49 -23.39
CA ILE E 41 101.12 -32.62 -23.45
C ILE E 41 101.79 -31.64 -22.50
N ASP E 42 101.30 -30.40 -22.48
CA ASP E 42 101.90 -29.40 -21.60
C ASP E 42 101.67 -29.74 -20.12
N MET E 43 100.48 -30.23 -19.79
CA MET E 43 100.20 -30.61 -18.40
C MET E 43 101.09 -31.75 -17.95
N ALA E 44 101.23 -32.78 -18.80
CA ALA E 44 102.09 -33.91 -18.46
C ALA E 44 103.55 -33.49 -18.35
N ARG E 45 104.02 -32.65 -19.27
CA ARG E 45 105.40 -32.19 -19.25
C ARG E 45 105.68 -31.36 -18.01
N THR E 46 104.76 -30.49 -17.62
CA THR E 46 104.92 -29.70 -16.41
C THR E 46 104.91 -30.59 -15.17
N LEU E 47 104.04 -31.61 -15.17
CA LEU E 47 103.97 -32.53 -14.05
C LEU E 47 105.26 -33.32 -13.88
N ALA E 48 105.88 -33.74 -15.00
CA ALA E 48 107.02 -34.64 -14.94
C ALA E 48 108.29 -33.98 -14.41
N ASN E 49 108.35 -32.66 -14.36
CA ASN E 49 109.58 -31.97 -13.98
C ASN E 49 109.74 -32.02 -12.46
N GLY E 50 110.87 -32.54 -12.00
CA GLY E 50 111.09 -32.79 -10.59
C GLY E 50 111.36 -31.57 -9.74
N ASP E 51 111.59 -30.40 -10.33
CA ASP E 51 111.95 -29.24 -9.52
C ASP E 51 110.75 -28.56 -8.87
N HIS E 52 109.53 -28.93 -9.25
CA HIS E 52 108.34 -28.44 -8.55
C HIS E 52 108.08 -29.33 -7.35
N LYS E 53 108.24 -28.76 -6.15
CA LYS E 53 108.10 -29.52 -4.91
C LYS E 53 106.75 -29.29 -4.23
N LYS E 54 106.27 -28.04 -4.19
CA LYS E 54 104.99 -27.69 -3.58
C LYS E 54 104.14 -27.03 -4.66
N PHE E 55 103.35 -27.85 -5.34
CA PHE E 55 102.86 -27.50 -6.67
C PHE E 55 101.38 -27.79 -6.82
N ILE E 56 100.66 -26.87 -7.46
CA ILE E 56 99.23 -26.99 -7.75
C ILE E 56 99.00 -26.72 -9.24
N LEU E 57 98.26 -27.61 -9.89
CA LEU E 57 97.81 -27.43 -11.26
C LEU E 57 96.31 -27.26 -11.27
N GLN E 58 95.82 -26.24 -11.98
CA GLN E 58 94.39 -25.98 -12.09
C GLN E 58 93.98 -26.04 -13.56
N ALA E 59 92.91 -26.76 -13.86
CA ALA E 59 92.46 -26.93 -15.24
C ALA E 59 90.95 -27.09 -15.27
N PHE E 60 90.36 -26.80 -16.43
CA PHE E 60 88.91 -26.87 -16.57
C PHE E 60 88.43 -28.30 -16.62
N ARG E 61 87.12 -28.47 -16.43
CA ARG E 61 86.50 -29.79 -16.30
C ARG E 61 86.67 -30.64 -17.54
N GLY E 62 86.97 -31.92 -17.34
CA GLY E 62 86.97 -32.90 -18.40
C GLY E 62 88.22 -32.97 -19.23
N ILE E 63 89.32 -32.33 -18.81
CA ILE E 63 90.46 -32.26 -19.70
C ILE E 63 91.30 -33.53 -19.68
N GLY E 64 91.26 -34.32 -18.60
CA GLY E 64 92.09 -35.51 -18.60
C GLY E 64 92.94 -35.79 -17.37
N LYS E 65 92.66 -35.14 -16.25
CA LYS E 65 93.54 -35.15 -15.08
C LYS E 65 93.78 -36.56 -14.54
N SER E 66 92.73 -37.39 -14.47
CA SER E 66 92.85 -38.70 -13.82
C SER E 66 93.72 -39.65 -14.62
N PHE E 67 93.54 -39.68 -15.94
CA PHE E 67 94.33 -40.55 -16.81
C PHE E 67 95.81 -40.19 -16.73
N ILE E 68 96.10 -38.89 -16.75
CA ILE E 68 97.47 -38.40 -16.63
C ILE E 68 98.07 -38.81 -15.29
N THR E 69 97.28 -38.70 -14.21
CA THR E 69 97.76 -39.09 -12.89
C THR E 69 98.12 -40.58 -12.83
N CYS E 70 97.25 -41.43 -13.38
CA CYS E 70 97.52 -42.86 -13.36
C CYS E 70 98.73 -43.23 -14.21
N ALA E 71 98.85 -42.63 -15.39
CA ALA E 71 100.03 -42.88 -16.23
C ALA E 71 101.30 -42.42 -15.54
N PHE E 72 101.22 -41.29 -14.83
CA PHE E 72 102.36 -40.77 -14.09
C PHE E 72 102.81 -41.76 -13.02
N VAL E 73 101.89 -42.24 -12.19
CA VAL E 73 102.30 -43.09 -11.08
C VAL E 73 102.84 -44.43 -11.58
N VAL E 74 102.24 -44.98 -12.65
CA VAL E 74 102.74 -46.25 -13.17
C VAL E 74 104.11 -46.05 -13.83
N TRP E 75 104.34 -44.91 -14.48
CA TRP E 75 105.64 -44.63 -15.08
C TRP E 75 106.72 -44.42 -14.02
N VAL E 76 106.35 -43.74 -12.92
CA VAL E 76 107.30 -43.49 -11.82
C VAL E 76 107.74 -44.81 -11.19
N LEU E 77 106.79 -45.71 -10.93
CA LEU E 77 107.21 -46.99 -10.35
C LEU E 77 107.88 -47.89 -11.38
N TRP E 78 107.60 -47.69 -12.67
CA TRP E 78 108.36 -48.41 -13.70
C TRP E 78 109.82 -47.97 -13.71
N ARG E 79 110.08 -46.70 -13.39
CA ARG E 79 111.46 -46.23 -13.35
C ARG E 79 112.15 -46.48 -12.01
N ASP E 80 111.39 -46.51 -10.91
CA ASP E 80 111.98 -46.75 -9.58
C ASP E 80 110.92 -47.47 -8.76
N PRO E 81 111.06 -48.78 -8.56
CA PRO E 81 110.02 -49.55 -7.85
C PRO E 81 110.04 -49.41 -6.34
N GLN E 82 110.94 -48.62 -5.76
CA GLN E 82 111.07 -48.58 -4.30
C GLN E 82 110.31 -47.43 -3.64
N LEU E 83 109.74 -46.50 -4.41
CA LEU E 83 109.11 -45.32 -3.84
C LEU E 83 107.79 -45.66 -3.15
N LYS E 84 107.41 -44.82 -2.19
CA LYS E 84 106.13 -44.91 -1.52
C LYS E 84 105.22 -43.81 -2.04
N VAL E 85 104.09 -44.20 -2.64
CA VAL E 85 103.18 -43.26 -3.29
C VAL E 85 101.82 -43.30 -2.58
N LEU E 86 101.29 -42.12 -2.27
CA LEU E 86 99.99 -41.98 -1.63
C LEU E 86 99.06 -41.19 -2.56
N ILE E 87 97.85 -41.71 -2.76
CA ILE E 87 96.83 -41.11 -3.61
C ILE E 87 95.62 -40.81 -2.73
N VAL E 88 95.21 -39.55 -2.67
CA VAL E 88 94.09 -39.13 -1.85
C VAL E 88 93.00 -38.56 -2.75
N SER E 89 91.80 -39.13 -2.67
CA SER E 89 90.68 -38.73 -3.49
C SER E 89 89.50 -38.33 -2.62
N ALA E 90 88.41 -37.93 -3.28
CA ALA E 90 87.28 -37.37 -2.57
C ALA E 90 86.45 -38.42 -1.84
N SER E 91 86.34 -39.62 -2.38
CA SER E 91 85.39 -40.59 -1.84
C SER E 91 85.86 -42.00 -2.13
N LYS E 92 85.18 -42.96 -1.50
CA LYS E 92 85.53 -44.38 -1.63
C LYS E 92 85.40 -44.86 -3.06
N GLU E 93 84.32 -44.46 -3.75
CA GLU E 93 84.06 -44.90 -5.11
C GLU E 93 85.17 -44.45 -6.05
N ARG E 94 85.59 -43.19 -5.91
CA ARG E 94 86.66 -42.65 -6.74
C ARG E 94 87.98 -43.34 -6.44
N ALA E 95 88.25 -43.61 -5.16
CA ALA E 95 89.46 -44.31 -4.78
C ALA E 95 89.52 -45.71 -5.37
N ASP E 96 88.38 -46.40 -5.39
CA ASP E 96 88.31 -47.73 -6.00
C ASP E 96 88.59 -47.68 -7.49
N ALA E 97 87.98 -46.72 -8.20
CA ALA E 97 88.25 -46.58 -9.63
C ALA E 97 89.72 -46.27 -9.90
N ASN E 98 90.30 -45.37 -9.11
CA ASN E 98 91.70 -45.00 -9.27
C ASN E 98 92.63 -46.19 -9.01
N SER E 99 92.28 -47.02 -8.02
CA SER E 99 93.08 -48.21 -7.75
C SER E 99 92.98 -49.23 -8.89
N ILE E 100 91.77 -49.43 -9.42
CA ILE E 100 91.55 -50.44 -10.46
C ILE E 100 92.28 -50.07 -11.75
N PHE E 101 92.29 -48.79 -12.10
CA PHE E 101 92.84 -48.42 -13.41
C PHE E 101 94.35 -48.66 -13.48
N ILE E 102 95.05 -48.57 -12.35
CA ILE E 102 96.48 -48.86 -12.30
C ILE E 102 96.76 -50.32 -12.65
N LYS E 103 95.97 -51.23 -12.07
CA LYS E 103 96.09 -52.66 -12.41
C LYS E 103 95.80 -52.90 -13.88
N ASN E 104 94.80 -52.18 -14.42
CA ASN E 104 94.49 -52.34 -15.84
C ASN E 104 95.66 -51.90 -16.73
N ILE E 105 96.32 -50.79 -16.39
CA ILE E 105 97.50 -50.35 -17.14
C ILE E 105 98.62 -51.37 -17.04
N ILE E 106 98.85 -51.90 -15.84
CA ILE E 106 99.92 -52.89 -15.67
C ILE E 106 99.66 -54.13 -16.51
N ASP E 107 98.42 -54.60 -16.53
CA ASP E 107 98.10 -55.78 -17.34
C ASP E 107 98.13 -55.49 -18.83
N LEU E 108 97.83 -54.25 -19.25
CA LEU E 108 97.65 -53.97 -20.67
C LEU E 108 98.97 -54.02 -21.44
N LEU E 109 100.00 -53.34 -20.94
CA LEU E 109 101.25 -53.24 -21.68
C LEU E 109 102.15 -54.46 -21.41
N PRO E 110 103.00 -54.85 -22.40
CA PRO E 110 103.82 -56.06 -22.25
C PRO E 110 104.85 -56.04 -21.13
N PHE E 111 105.74 -55.04 -21.14
CA PHE E 111 106.87 -55.03 -20.21
C PHE E 111 106.44 -54.71 -18.79
N LEU E 112 105.37 -53.94 -18.63
CA LEU E 112 104.86 -53.60 -17.30
C LEU E 112 104.37 -54.81 -16.52
N SER E 113 104.18 -55.95 -17.18
CA SER E 113 103.89 -57.20 -16.51
C SER E 113 104.96 -57.61 -15.51
N GLU E 114 106.19 -57.08 -15.63
CA GLU E 114 107.21 -57.38 -14.62
C GLU E 114 106.84 -56.77 -13.27
N LEU E 115 106.02 -55.71 -13.24
CA LEU E 115 105.68 -55.07 -11.97
C LEU E 115 104.68 -55.89 -11.14
N LYS E 116 104.20 -57.02 -11.64
CA LYS E 116 103.21 -57.82 -10.92
C LYS E 116 103.78 -58.37 -9.62
N PRO E 117 102.97 -58.47 -8.55
CA PRO E 117 103.49 -58.86 -7.24
C PRO E 117 103.69 -60.36 -7.09
N ARG E 118 104.68 -60.72 -6.23
CA ARG E 118 105.13 -62.05 -5.83
C ARG E 118 104.36 -62.55 -4.60
N PRO E 119 104.38 -63.87 -4.33
CA PRO E 119 103.68 -64.42 -3.16
C PRO E 119 104.07 -63.73 -1.85
N GLY E 120 103.07 -63.58 -0.97
CA GLY E 120 103.08 -62.52 0.01
C GLY E 120 102.58 -61.23 -0.57
N GLN E 121 101.55 -61.30 -1.43
CA GLN E 121 101.26 -60.22 -2.37
C GLN E 121 100.79 -58.95 -1.68
N ARG E 122 99.93 -59.09 -0.66
CA ARG E 122 99.01 -58.07 -0.14
C ARG E 122 98.39 -57.24 -1.27
N ASP E 123 97.98 -57.94 -2.35
CA ASP E 123 97.37 -57.33 -3.53
C ASP E 123 95.91 -57.03 -3.18
N SER E 124 95.76 -55.96 -2.41
CA SER E 124 94.44 -55.50 -1.99
C SER E 124 93.99 -54.32 -2.85
N VAL E 125 92.72 -53.96 -2.68
CA VAL E 125 92.17 -52.84 -3.44
C VAL E 125 92.58 -51.50 -2.82
N ILE E 126 92.84 -51.47 -1.51
CA ILE E 126 93.23 -50.22 -0.87
C ILE E 126 94.74 -49.97 -1.02
N SER E 127 95.55 -51.02 -0.90
CA SER E 127 97.00 -50.85 -1.01
C SER E 127 97.60 -52.15 -1.52
N PHE E 128 98.77 -52.02 -2.14
CA PHE E 128 99.43 -53.15 -2.77
C PHE E 128 100.90 -52.80 -2.98
N ASP E 129 101.71 -53.82 -3.19
CA ASP E 129 103.13 -53.66 -3.44
C ASP E 129 103.48 -54.10 -4.85
N VAL E 130 104.49 -53.45 -5.41
CA VAL E 130 105.17 -53.97 -6.58
C VAL E 130 105.99 -55.20 -6.19
N GLY E 131 106.06 -56.18 -7.10
CA GLY E 131 106.84 -57.37 -6.85
C GLY E 131 108.33 -57.10 -6.75
N LEU E 132 108.81 -56.02 -7.36
CA LEU E 132 110.23 -55.70 -7.39
C LEU E 132 110.70 -54.97 -6.13
N ALA E 133 109.89 -54.94 -5.08
CA ALA E 133 110.27 -54.31 -3.83
C ALA E 133 110.15 -55.31 -2.68
N LYS E 134 110.96 -55.09 -1.65
CA LYS E 134 110.96 -55.97 -0.49
C LYS E 134 109.68 -55.82 0.32
N PRO E 135 109.29 -56.84 1.09
CA PRO E 135 108.29 -56.63 2.14
C PRO E 135 108.80 -55.61 3.14
N ASP E 136 107.94 -54.66 3.50
CA ASP E 136 108.43 -53.44 4.11
C ASP E 136 107.34 -52.83 5.00
N HIS E 137 107.74 -51.82 5.77
CA HIS E 137 106.86 -51.12 6.69
C HIS E 137 105.65 -50.52 5.96
N SER E 138 105.86 -49.95 4.78
CA SER E 138 104.80 -49.25 4.07
C SER E 138 104.66 -49.83 2.66
N PRO E 139 103.44 -49.84 2.12
CA PRO E 139 103.24 -50.38 0.77
C PRO E 139 103.69 -49.42 -0.32
N SER E 140 103.81 -49.97 -1.53
CA SER E 140 104.25 -49.17 -2.67
C SER E 140 103.22 -48.12 -3.04
N VAL E 141 101.96 -48.51 -3.18
CA VAL E 141 100.87 -47.61 -3.53
C VAL E 141 99.78 -47.72 -2.49
N LYS E 142 99.29 -46.57 -2.01
CA LYS E 142 98.12 -46.56 -1.16
C LYS E 142 97.12 -45.58 -1.75
N SER E 143 95.87 -46.01 -1.88
CA SER E 143 94.79 -45.20 -2.41
C SER E 143 93.70 -45.08 -1.35
N VAL E 144 93.29 -43.84 -1.04
CA VAL E 144 92.35 -43.64 0.06
C VAL E 144 91.49 -42.42 -0.21
N GLY E 145 90.26 -42.46 0.29
CA GLY E 145 89.45 -41.27 0.35
C GLY E 145 89.85 -40.37 1.49
N ILE E 146 89.41 -39.11 1.43
CA ILE E 146 89.85 -38.10 2.38
C ILE E 146 89.36 -38.40 3.79
N THR E 147 88.21 -39.07 3.91
CA THR E 147 87.69 -39.39 5.25
C THR E 147 88.25 -40.68 5.82
N GLY E 148 88.98 -41.46 5.02
CA GLY E 148 89.42 -42.77 5.43
C GLY E 148 90.66 -42.76 6.30
N GLN E 149 91.26 -43.95 6.40
CA GLN E 149 92.40 -44.19 7.27
C GLN E 149 93.70 -43.62 6.71
N LEU E 150 94.01 -42.37 7.07
CA LEU E 150 95.24 -41.73 6.59
C LEU E 150 96.47 -42.15 7.37
N THR E 151 96.35 -42.43 8.66
CA THR E 151 97.50 -42.66 9.51
C THR E 151 98.12 -44.03 9.26
N GLY E 152 99.34 -44.21 9.76
CA GLY E 152 100.00 -45.50 9.74
C GLY E 152 101.04 -45.72 8.67
N SER E 153 101.48 -44.66 7.99
CA SER E 153 102.50 -44.81 6.96
C SER E 153 103.17 -43.46 6.72
N ARG E 154 104.31 -43.51 6.04
CA ARG E 154 105.01 -42.33 5.57
C ARG E 154 105.15 -42.43 4.06
N ALA E 155 105.14 -41.28 3.39
CA ALA E 155 105.07 -41.24 1.94
C ALA E 155 106.24 -40.47 1.36
N ASP E 156 106.64 -40.87 0.15
CA ASP E 156 107.62 -40.12 -0.63
C ASP E 156 106.94 -39.16 -1.59
N ILE E 157 105.87 -39.61 -2.23
CA ILE E 157 105.13 -38.83 -3.22
C ILE E 157 103.68 -38.75 -2.75
N ILE E 158 103.13 -37.55 -2.70
CA ILE E 158 101.73 -37.38 -2.32
C ILE E 158 100.98 -36.74 -3.48
N ILE E 159 99.88 -37.36 -3.91
CA ILE E 159 99.04 -36.85 -4.99
C ILE E 159 97.64 -36.62 -4.46
N ALA E 160 97.12 -35.41 -4.63
CA ALA E 160 95.76 -35.05 -4.25
C ALA E 160 94.90 -34.90 -5.50
N ASP E 161 93.83 -35.68 -5.57
CA ASP E 161 92.94 -35.74 -6.74
C ASP E 161 91.61 -35.05 -6.41
N ASP E 162 91.62 -33.71 -6.56
CA ASP E 162 90.45 -32.82 -6.51
C ASP E 162 89.52 -33.06 -5.31
N VAL E 163 90.14 -32.92 -4.13
CA VAL E 163 89.50 -33.32 -2.88
C VAL E 163 88.31 -32.44 -2.52
N GLU E 164 88.30 -31.17 -2.94
CA GLU E 164 87.16 -30.33 -2.62
C GLU E 164 86.03 -30.54 -3.63
N VAL E 165 84.85 -30.84 -3.11
CA VAL E 165 83.66 -31.27 -3.85
C VAL E 165 82.50 -30.53 -3.18
N PRO E 166 81.39 -30.24 -3.89
CA PRO E 166 80.20 -29.74 -3.17
C PRO E 166 79.68 -30.69 -2.10
N GLY E 167 79.87 -31.99 -2.26
CA GLY E 167 79.42 -32.93 -1.25
C GLY E 167 80.20 -32.92 0.05
N ASN E 168 81.32 -32.19 0.14
CA ASN E 168 82.11 -32.14 1.36
C ASN E 168 82.55 -30.72 1.73
N SER E 169 81.92 -29.70 1.17
CA SER E 169 82.32 -28.32 1.47
C SER E 169 81.14 -27.38 1.64
N SER E 170 79.93 -27.89 1.85
CA SER E 170 78.73 -27.05 1.85
C SER E 170 78.44 -26.40 3.20
N THR E 171 79.10 -26.83 4.27
CA THR E 171 78.83 -26.27 5.60
C THR E 171 80.13 -25.79 6.20
N SER E 172 79.99 -24.97 7.25
CA SER E 172 81.16 -24.46 7.97
C SER E 172 81.97 -25.59 8.60
N SER E 173 81.28 -26.55 9.20
CA SER E 173 81.96 -27.69 9.83
C SER E 173 82.73 -28.50 8.80
N ALA E 174 82.15 -28.72 7.63
CA ALA E 174 82.81 -29.49 6.59
C ALA E 174 84.08 -28.79 6.10
N ARG E 175 84.01 -27.48 5.89
CA ARG E 175 85.18 -26.73 5.47
C ARG E 175 86.26 -26.72 6.53
N GLU E 176 85.88 -26.60 7.81
CA GLU E 176 86.87 -26.64 8.89
C GLU E 176 87.55 -28.00 8.96
N LYS E 177 86.77 -29.07 8.85
CA LYS E 177 87.33 -30.43 8.86
C LYS E 177 88.28 -30.64 7.70
N LEU E 178 87.88 -30.19 6.51
CA LEU E 178 88.71 -30.36 5.33
C LEU E 178 90.01 -29.55 5.46
N TRP E 179 89.92 -28.34 6.02
CA TRP E 179 91.11 -27.54 6.23
C TRP E 179 92.08 -28.20 7.19
N THR E 180 91.57 -28.77 8.29
CA THR E 180 92.43 -29.49 9.23
C THR E 180 93.08 -30.70 8.57
N LEU E 181 92.29 -31.48 7.82
CA LEU E 181 92.83 -32.67 7.15
C LEU E 181 93.89 -32.31 6.11
N VAL E 182 93.65 -31.22 5.36
CA VAL E 182 94.61 -30.78 4.36
C VAL E 182 95.89 -30.28 5.02
N THR E 183 95.78 -29.53 6.12
CA THR E 183 96.98 -29.07 6.80
C THR E 183 97.70 -30.17 7.57
N GLU E 184 97.11 -31.36 7.70
CA GLU E 184 97.79 -32.44 8.41
C GLU E 184 98.71 -33.28 7.51
N PHE E 185 98.57 -33.20 6.18
CA PHE E 185 99.32 -34.09 5.28
C PHE E 185 100.83 -33.96 5.43
N ALA E 186 101.33 -32.75 5.69
CA ALA E 186 102.77 -32.49 5.65
C ALA E 186 103.57 -33.31 6.66
N ALA E 187 102.94 -33.77 7.74
CA ALA E 187 103.63 -34.63 8.70
C ALA E 187 103.89 -36.03 8.15
N LEU E 188 103.15 -36.44 7.11
CA LEU E 188 103.34 -37.77 6.56
C LEU E 188 104.55 -37.87 5.65
N LEU E 189 104.96 -36.75 5.05
CA LEU E 189 106.03 -36.77 4.07
C LEU E 189 107.38 -37.02 4.73
N LYS E 190 108.20 -37.87 4.10
CA LYS E 190 109.54 -38.15 4.59
C LYS E 190 110.47 -36.97 4.31
N PRO E 191 111.46 -36.73 5.17
CA PRO E 191 112.27 -35.52 5.06
C PRO E 191 113.50 -35.58 4.15
N LEU E 192 113.59 -36.53 3.21
CA LEU E 192 114.64 -36.52 2.21
C LEU E 192 114.39 -35.41 1.18
N PRO E 193 115.44 -34.90 0.54
CA PRO E 193 115.25 -33.81 -0.45
C PRO E 193 114.44 -34.18 -1.67
N THR E 194 114.27 -35.47 -1.98
CA THR E 194 113.59 -35.88 -3.20
C THR E 194 112.07 -35.94 -3.08
N SER E 195 111.52 -35.72 -1.89
CA SER E 195 110.08 -35.88 -1.68
C SER E 195 109.30 -34.73 -2.30
N ARG E 196 108.07 -35.01 -2.75
CA ARG E 196 107.23 -33.97 -3.33
C ARG E 196 105.74 -34.28 -3.21
N VAL E 197 104.95 -33.21 -3.24
CA VAL E 197 103.49 -33.26 -3.13
C VAL E 197 102.88 -32.49 -4.30
N ILE E 198 101.75 -32.97 -4.80
CA ILE E 198 101.08 -32.40 -5.97
C ILE E 198 99.59 -32.35 -5.69
N TYR E 199 98.95 -31.24 -6.06
CA TYR E 199 97.49 -31.12 -6.10
C TYR E 199 97.03 -30.96 -7.54
N LEU E 200 95.96 -31.66 -7.90
CA LEU E 200 95.22 -31.38 -9.13
C LEU E 200 93.76 -31.17 -8.78
N GLY E 201 93.12 -30.19 -9.40
CA GLY E 201 91.73 -29.94 -9.08
C GLY E 201 91.17 -28.74 -9.82
N THR E 202 89.95 -28.36 -9.43
CA THR E 202 89.21 -27.22 -9.97
C THR E 202 88.49 -26.59 -8.79
N PRO E 203 88.56 -25.26 -8.64
CA PRO E 203 87.85 -24.58 -7.56
C PRO E 203 86.34 -24.74 -7.69
N GLN E 204 85.67 -24.98 -6.57
CA GLN E 204 84.22 -25.19 -6.57
C GLN E 204 83.44 -24.03 -5.95
N THR E 205 84.06 -23.20 -5.12
CA THR E 205 83.35 -22.18 -4.37
C THR E 205 84.16 -20.90 -4.34
N GLU E 206 83.60 -19.87 -3.72
CA GLU E 206 84.33 -18.62 -3.50
C GLU E 206 85.56 -18.87 -2.63
N MET E 207 85.39 -19.59 -1.54
CA MET E 207 86.53 -20.05 -0.76
C MET E 207 87.07 -21.30 -1.43
N THR E 208 88.38 -21.34 -1.64
CA THR E 208 89.03 -22.56 -2.12
C THR E 208 90.34 -22.73 -1.37
N LEU E 209 90.67 -23.98 -1.05
CA LEU E 209 91.94 -24.26 -0.40
C LEU E 209 93.12 -24.09 -1.35
N TYR E 210 92.85 -24.15 -2.66
CA TYR E 210 93.90 -23.97 -3.65
C TYR E 210 94.44 -22.54 -3.67
N LYS E 211 93.69 -21.58 -3.12
CA LYS E 211 94.17 -20.23 -2.91
C LYS E 211 94.81 -20.04 -1.53
N GLU E 212 94.22 -20.68 -0.52
CA GLU E 212 94.70 -20.51 0.84
C GLU E 212 96.07 -21.14 1.03
N LEU E 213 96.33 -22.27 0.35
CA LEU E 213 97.68 -22.84 0.37
C LEU E 213 98.69 -21.91 -0.27
N GLU E 214 98.29 -21.16 -1.30
CA GLU E 214 99.23 -20.27 -1.96
C GLU E 214 99.51 -19.02 -1.14
N ASP E 215 98.46 -18.41 -0.58
CA ASP E 215 98.60 -17.11 0.04
C ASP E 215 99.32 -17.17 1.39
N ASN E 216 99.28 -18.30 2.09
CA ASN E 216 99.94 -18.42 3.38
C ASN E 216 101.05 -19.48 3.37
N LYS E 217 100.75 -20.70 2.92
CA LYS E 217 101.67 -21.80 3.10
C LYS E 217 102.83 -21.79 2.10
N GLY E 218 102.77 -20.93 1.08
CA GLY E 218 103.90 -20.78 0.17
C GLY E 218 103.96 -21.71 -1.01
N TYR E 219 102.83 -22.26 -1.45
CA TYR E 219 102.82 -23.16 -2.59
C TYR E 219 102.93 -22.37 -3.90
N SER E 220 103.14 -23.08 -5.01
CA SER E 220 103.20 -22.48 -6.33
C SER E 220 102.20 -23.14 -7.27
N THR E 221 101.52 -22.33 -8.09
CA THR E 221 100.37 -22.79 -8.87
C THR E 221 100.48 -22.35 -10.33
N VAL E 222 99.90 -23.18 -11.21
CA VAL E 222 99.82 -22.92 -12.66
C VAL E 222 98.40 -23.23 -13.13
N ILE E 223 97.89 -22.42 -14.07
CA ILE E 223 96.48 -22.42 -14.46
C ILE E 223 96.35 -22.62 -15.96
N TRP E 224 95.38 -23.45 -16.37
CA TRP E 224 94.96 -23.59 -17.77
C TRP E 224 93.48 -23.28 -17.90
N PRO E 225 93.11 -22.10 -18.39
CA PRO E 225 91.69 -21.82 -18.67
C PRO E 225 91.23 -22.47 -19.96
N ALA E 226 89.91 -22.51 -20.14
CA ALA E 226 89.33 -23.17 -21.29
C ALA E 226 89.59 -22.40 -22.58
N GLN E 227 89.43 -21.08 -22.55
CA GLN E 227 89.63 -20.26 -23.73
C GLN E 227 90.51 -19.06 -23.37
N TYR E 228 91.13 -18.47 -24.39
CA TYR E 228 91.95 -17.28 -24.21
C TYR E 228 91.10 -16.14 -23.65
N PRO E 229 91.71 -15.19 -22.92
CA PRO E 229 90.93 -14.22 -22.13
C PRO E 229 89.90 -13.43 -22.93
N ARG E 230 88.76 -13.21 -22.30
CA ARG E 230 87.52 -12.80 -22.93
C ARG E 230 87.36 -11.28 -22.95
N ASN E 231 88.01 -10.60 -22.01
CA ASN E 231 88.13 -9.14 -22.02
C ASN E 231 89.43 -8.77 -21.31
N ASP E 232 89.83 -7.51 -21.49
CA ASP E 232 91.14 -7.06 -21.02
C ASP E 232 91.25 -7.11 -19.50
N ALA E 233 90.20 -6.69 -18.79
CA ALA E 233 90.23 -6.75 -17.33
C ALA E 233 90.23 -8.18 -16.82
N GLU E 234 89.64 -9.11 -17.57
CA GLU E 234 89.75 -10.52 -17.23
C GLU E 234 91.17 -11.02 -17.47
N ALA E 235 91.82 -10.53 -18.54
CA ALA E 235 93.22 -10.88 -18.80
C ALA E 235 94.13 -10.38 -17.70
N LEU E 236 93.81 -9.21 -17.11
CA LEU E 236 94.63 -8.65 -16.05
C LEU E 236 94.55 -9.42 -14.73
N TYR E 237 93.72 -10.46 -14.65
CA TYR E 237 93.63 -11.24 -13.42
C TYR E 237 94.86 -12.09 -13.18
N TYR E 238 95.50 -12.59 -14.24
CA TYR E 238 96.65 -13.46 -14.09
C TYR E 238 97.73 -13.15 -15.11
N GLY E 239 98.94 -12.87 -14.62
CA GLY E 239 100.10 -12.81 -15.49
C GLY E 239 101.19 -13.79 -15.10
N ASP E 240 101.34 -14.04 -13.80
CA ASP E 240 102.28 -15.04 -13.32
C ASP E 240 101.66 -16.43 -13.30
N ARG E 241 100.34 -16.50 -13.34
CA ARG E 241 99.61 -17.73 -13.10
C ARG E 241 99.32 -18.51 -14.37
N LEU E 242 99.19 -17.80 -15.49
CA LEU E 242 98.85 -18.44 -16.76
C LEU E 242 100.00 -19.29 -17.25
N ALA E 243 99.66 -20.43 -17.85
CA ALA E 243 100.66 -21.35 -18.37
C ALA E 243 101.49 -20.66 -19.45
N PRO E 244 102.81 -20.93 -19.51
CA PRO E 244 103.72 -20.17 -20.40
C PRO E 244 103.34 -20.16 -21.87
N MET E 245 102.84 -21.28 -22.41
CA MET E 245 102.43 -21.32 -23.81
C MET E 245 101.32 -20.31 -24.09
N LEU E 246 100.31 -20.29 -23.23
CA LEU E 246 99.15 -19.42 -23.43
C LEU E 246 99.53 -17.95 -23.35
N LYS E 247 100.35 -17.58 -22.37
CA LYS E 247 100.79 -16.19 -22.24
C LYS E 247 101.72 -15.81 -23.38
N ALA E 248 102.60 -16.73 -23.80
CA ALA E 248 103.51 -16.47 -24.89
C ALA E 248 102.76 -16.21 -26.19
N GLU E 249 101.65 -16.91 -26.41
CA GLU E 249 100.83 -16.60 -27.58
C GLU E 249 100.05 -15.29 -27.39
N TYR E 250 99.43 -15.09 -26.23
CA TYR E 250 98.51 -13.96 -26.09
C TYR E 250 99.20 -12.62 -25.93
N ASP E 251 100.50 -12.59 -25.62
CA ASP E 251 101.22 -11.32 -25.62
C ASP E 251 101.38 -10.75 -27.02
N GLU E 252 101.22 -11.57 -28.06
CA GLU E 252 101.58 -11.21 -29.42
C GLU E 252 100.37 -11.05 -30.34
N GLY E 253 99.55 -12.09 -30.46
CA GLY E 253 98.35 -12.03 -31.28
C GLY E 253 97.12 -11.61 -30.48
N PHE E 254 97.30 -10.64 -29.58
CA PHE E 254 96.30 -10.35 -28.55
C PHE E 254 94.96 -9.88 -29.14
N GLU E 255 94.96 -9.36 -30.36
CA GLU E 255 93.68 -8.96 -30.94
C GLU E 255 92.94 -10.14 -31.58
N LEU E 256 93.65 -11.05 -32.22
CA LEU E 256 93.00 -12.17 -32.90
C LEU E 256 92.73 -13.34 -31.96
N LEU E 257 93.53 -13.52 -30.92
CA LEU E 257 93.34 -14.62 -29.99
C LEU E 257 92.21 -14.36 -29.00
N ARG E 258 91.64 -13.15 -28.99
CA ARG E 258 90.60 -12.74 -28.05
C ARG E 258 89.44 -13.71 -27.99
N GLY E 259 89.30 -14.40 -26.85
CA GLY E 259 88.19 -15.31 -26.63
C GLY E 259 88.26 -16.63 -27.38
N GLN E 260 89.37 -16.92 -28.04
CA GLN E 260 89.45 -18.15 -28.83
C GLN E 260 89.63 -19.36 -27.93
N PRO E 261 89.01 -20.50 -28.27
CA PRO E 261 89.19 -21.72 -27.47
C PRO E 261 90.60 -22.27 -27.57
N THR E 262 91.14 -22.69 -26.43
CA THR E 262 92.53 -23.15 -26.38
C THR E 262 92.74 -24.54 -26.94
N ASP E 263 91.71 -25.38 -27.01
CA ASP E 263 91.86 -26.76 -27.47
C ASP E 263 90.72 -27.10 -28.42
N PRO E 264 90.76 -26.60 -29.66
CA PRO E 264 89.66 -26.85 -30.60
C PRO E 264 89.57 -28.28 -31.11
N VAL E 265 90.58 -29.13 -30.85
CA VAL E 265 90.54 -30.51 -31.32
C VAL E 265 89.45 -31.28 -30.58
N ARG E 266 89.19 -30.96 -29.32
CA ARG E 266 88.14 -31.60 -28.55
C ARG E 266 86.93 -30.71 -28.29
N PHE E 267 87.11 -29.39 -28.19
CA PHE E 267 86.05 -28.48 -27.75
C PHE E 267 85.93 -27.32 -28.74
N ASP E 268 85.05 -27.48 -29.74
CA ASP E 268 84.66 -26.38 -30.57
C ASP E 268 83.79 -25.40 -29.79
N MET E 269 83.53 -24.23 -30.41
CA MET E 269 82.87 -23.12 -29.73
C MET E 269 81.44 -23.47 -29.30
N ASP E 270 80.72 -24.20 -30.14
CA ASP E 270 79.33 -24.56 -29.81
C ASP E 270 79.26 -25.49 -28.61
N ASP E 271 80.28 -26.33 -28.43
CA ASP E 271 80.34 -27.19 -27.26
C ASP E 271 80.50 -26.38 -25.99
N LEU E 272 81.18 -25.22 -26.06
CA LEU E 272 81.25 -24.31 -24.94
C LEU E 272 79.95 -23.52 -24.75
N ARG E 273 79.29 -23.18 -25.87
CA ARG E 273 78.04 -22.43 -25.80
C ARG E 273 76.95 -23.23 -25.10
N GLU E 274 76.86 -24.53 -25.39
CA GLU E 274 75.85 -25.33 -24.69
C GLU E 274 76.17 -25.47 -23.21
N ARG E 275 77.45 -25.45 -22.83
CA ARG E 275 77.78 -25.37 -21.41
C ARG E 275 77.35 -24.04 -20.81
N GLU E 276 77.47 -22.96 -21.58
CA GLU E 276 76.97 -21.68 -21.07
C GLU E 276 75.44 -21.59 -21.08
N LEU E 277 74.77 -22.55 -21.73
CA LEU E 277 73.32 -22.67 -21.58
C LEU E 277 72.91 -23.55 -20.41
N GLU E 278 73.69 -24.60 -20.11
CA GLU E 278 73.37 -25.45 -18.97
C GLU E 278 73.51 -24.71 -17.65
N TYR E 279 74.51 -23.84 -17.54
CA TYR E 279 74.81 -23.13 -16.31
C TYR E 279 74.80 -21.63 -16.59
N GLY E 280 74.58 -20.86 -15.53
CA GLY E 280 74.67 -19.42 -15.65
C GLY E 280 76.09 -18.97 -15.91
N LYS E 281 76.21 -17.69 -16.28
CA LYS E 281 77.52 -17.13 -16.62
C LYS E 281 78.46 -17.14 -15.42
N ALA E 282 77.92 -17.03 -14.21
CA ALA E 282 78.73 -17.18 -13.01
C ALA E 282 79.32 -18.58 -12.90
N GLY E 283 78.49 -19.60 -13.15
CA GLY E 283 78.99 -20.97 -13.10
C GLY E 283 80.02 -21.28 -14.16
N TYR E 284 79.80 -20.78 -15.38
CA TYR E 284 80.75 -20.98 -16.46
C TYR E 284 82.08 -20.30 -16.15
N THR E 285 82.03 -19.07 -15.64
CA THR E 285 83.26 -18.38 -15.30
C THR E 285 83.98 -19.05 -14.13
N LEU E 286 83.21 -19.61 -13.19
CA LEU E 286 83.80 -20.30 -12.05
C LEU E 286 84.51 -21.58 -12.48
N GLN E 287 83.89 -22.38 -13.33
CA GLN E 287 84.43 -23.70 -13.62
C GLN E 287 85.33 -23.76 -14.85
N PHE E 288 85.09 -22.95 -15.88
CA PHE E 288 85.89 -23.04 -17.10
C PHE E 288 86.92 -21.94 -17.24
N MET E 289 86.67 -20.75 -16.72
CA MET E 289 87.66 -19.69 -16.75
C MET E 289 88.47 -19.60 -15.46
N LEU E 290 88.02 -20.28 -14.40
CA LEU E 290 88.70 -20.33 -13.10
C LEU E 290 88.89 -18.96 -12.48
N ASN E 291 87.94 -18.06 -12.73
CA ASN E 291 87.97 -16.71 -12.18
C ASN E 291 86.76 -16.49 -11.29
N PRO E 292 86.84 -16.87 -10.02
CA PRO E 292 85.69 -16.67 -9.11
C PRO E 292 85.45 -15.19 -8.84
N ASN E 293 84.20 -14.76 -9.03
CA ASN E 293 83.83 -13.36 -8.91
C ASN E 293 83.40 -13.05 -7.49
N LEU E 294 84.40 -12.90 -6.63
CA LEU E 294 84.14 -12.56 -5.23
C LEU E 294 83.65 -11.13 -5.10
N SER E 295 82.57 -10.94 -4.35
CA SER E 295 81.97 -9.63 -4.13
C SER E 295 82.40 -8.98 -2.82
N ASP E 296 83.51 -9.43 -2.22
CA ASP E 296 83.85 -9.18 -0.83
C ASP E 296 84.04 -7.70 -0.47
N ALA E 297 84.30 -6.82 -1.42
CA ALA E 297 84.52 -5.41 -1.10
C ALA E 297 83.24 -4.58 -1.03
N GLU E 298 82.12 -5.10 -1.54
CA GLU E 298 80.89 -4.31 -1.50
C GLU E 298 79.70 -5.14 -1.02
N LYS E 299 79.88 -6.45 -0.89
CA LYS E 299 78.80 -7.32 -0.41
C LYS E 299 78.36 -6.91 1.00
N TYR E 300 79.32 -6.63 1.88
CA TYR E 300 78.99 -6.17 3.22
C TYR E 300 79.62 -4.81 3.47
N PRO E 301 78.81 -3.75 3.62
CA PRO E 301 79.37 -2.42 3.87
C PRO E 301 80.09 -2.29 5.19
N LEU E 302 79.64 -3.00 6.22
CA LEU E 302 80.08 -2.74 7.60
C LEU E 302 81.08 -3.80 8.04
N ARG E 303 82.24 -3.35 8.53
CA ARG E 303 83.31 -4.22 9.00
C ARG E 303 83.68 -3.80 10.41
N LEU E 304 83.99 -4.78 11.27
CA LEU E 304 84.43 -4.47 12.62
C LEU E 304 85.82 -3.87 12.68
N ARG E 305 86.56 -3.89 11.57
CA ARG E 305 87.92 -3.36 11.56
C ARG E 305 87.94 -1.85 11.74
N ASP E 306 86.83 -1.17 11.41
CA ASP E 306 86.80 0.28 11.29
C ASP E 306 86.25 0.98 12.53
N ALA E 307 86.43 0.41 13.72
CA ALA E 307 85.96 1.06 14.93
C ALA E 307 86.96 0.82 16.05
N ILE E 308 86.96 1.71 17.04
CA ILE E 308 87.91 1.66 18.13
C ILE E 308 87.24 1.00 19.33
N VAL E 309 87.92 0.03 19.95
CA VAL E 309 87.40 -0.66 21.13
C VAL E 309 88.29 -0.31 22.33
N CYS E 310 87.66 0.14 23.42
CA CYS E 310 88.41 0.55 24.59
C CYS E 310 87.57 0.37 25.86
N ALA E 311 88.27 0.23 26.99
CA ALA E 311 87.62 0.16 28.30
C ALA E 311 87.50 1.57 28.91
N VAL E 312 86.58 2.35 28.34
CA VAL E 312 86.42 3.76 28.71
C VAL E 312 85.97 3.91 30.16
N ASP E 313 86.17 5.11 30.70
CA ASP E 313 85.91 5.59 32.05
C ASP E 313 84.58 6.33 32.09
N PRO E 314 83.78 6.07 33.14
CA PRO E 314 82.42 6.64 33.19
C PRO E 314 82.36 8.14 33.39
N GLU E 315 83.47 8.82 33.68
CA GLU E 315 83.38 10.23 34.08
C GLU E 315 84.20 11.14 33.17
N ARG E 316 85.34 10.65 32.67
CA ARG E 316 86.18 11.42 31.77
C ARG E 316 86.71 10.52 30.67
N ALA E 317 87.02 11.14 29.54
CA ALA E 317 87.53 10.43 28.37
C ALA E 317 88.51 11.31 27.63
N PRO E 318 89.49 10.72 26.94
CA PRO E 318 90.42 11.50 26.12
C PRO E 318 89.73 12.22 24.98
N LEU E 319 90.29 13.35 24.57
CA LEU E 319 89.64 14.25 23.62
C LEU E 319 89.91 13.94 22.15
N SER E 320 90.82 13.02 21.84
CA SER E 320 91.03 12.63 20.45
C SER E 320 91.72 11.27 20.40
N TYR E 321 91.65 10.64 19.22
CA TYR E 321 92.23 9.32 19.01
C TYR E 321 92.78 9.21 17.60
N GLN E 322 93.60 8.20 17.38
CA GLN E 322 94.21 7.92 16.08
C GLN E 322 94.16 6.41 15.83
N TRP E 323 93.85 6.04 14.58
CA TRP E 323 93.47 4.68 14.22
C TRP E 323 94.53 4.02 13.33
N LEU E 324 95.03 2.85 13.76
CA LEU E 324 95.89 2.01 12.93
C LEU E 324 95.75 0.58 13.46
N PRO E 325 95.15 -0.32 12.67
CA PRO E 325 95.07 -1.74 13.08
C PRO E 325 96.43 -2.41 12.97
N ASN E 326 96.87 -3.03 14.06
CA ASN E 326 98.21 -3.61 14.11
C ASN E 326 98.21 -4.75 15.13
N ARG E 327 99.19 -5.67 14.98
CA ARG E 327 99.33 -6.80 15.90
C ARG E 327 99.55 -6.38 17.33
N GLN E 328 100.16 -5.21 17.55
CA GLN E 328 100.29 -4.69 18.92
C GLN E 328 98.92 -4.33 19.48
N ASN E 329 98.04 -3.77 18.64
CA ASN E 329 96.76 -3.27 19.10
C ASN E 329 95.63 -4.30 19.03
N ARG E 330 95.85 -5.44 18.38
CA ARG E 330 94.75 -6.39 18.18
C ARG E 330 94.39 -7.11 19.47
N ASN E 331 93.07 -7.29 19.66
CA ASN E 331 92.55 -8.17 20.70
C ASN E 331 92.48 -9.59 20.19
N GLU E 332 92.56 -10.54 21.12
CA GLU E 332 92.52 -11.96 20.79
C GLU E 332 91.61 -12.79 21.69
N GLU E 333 91.07 -12.23 22.78
CA GLU E 333 90.31 -13.00 23.74
C GLU E 333 88.80 -12.78 23.63
N LEU E 334 88.36 -11.63 23.14
CA LEU E 334 86.93 -11.36 23.05
C LEU E 334 86.29 -12.26 21.99
N PRO E 335 85.08 -12.76 22.24
CA PRO E 335 84.39 -13.54 21.21
C PRO E 335 84.06 -12.68 20.00
N ASN E 336 84.13 -13.28 18.82
CA ASN E 336 84.08 -12.53 17.56
C ASN E 336 83.19 -13.30 16.61
N VAL E 337 82.00 -12.75 16.34
CA VAL E 337 81.06 -13.36 15.38
C VAL E 337 81.26 -12.86 13.96
N GLY E 338 82.14 -11.89 13.75
CA GLY E 338 82.29 -11.30 12.43
C GLY E 338 82.87 -12.27 11.41
N LEU E 339 82.68 -11.92 10.15
CA LEU E 339 83.20 -12.73 9.05
C LEU E 339 84.73 -12.71 9.05
N LYS E 340 85.31 -13.67 8.32
CA LYS E 340 86.73 -13.98 8.41
C LYS E 340 87.60 -12.80 8.01
N GLY E 341 88.53 -12.43 8.90
CA GLY E 341 89.38 -11.28 8.72
C GLY E 341 88.98 -10.06 9.52
N ASP E 342 87.80 -10.05 10.12
CA ASP E 342 87.37 -8.95 10.98
C ASP E 342 88.05 -9.10 12.34
N ASP E 343 89.03 -8.26 12.61
CA ASP E 343 89.85 -8.35 13.80
C ASP E 343 89.63 -7.13 14.69
N ILE E 344 89.33 -7.38 15.97
CA ILE E 344 89.07 -6.30 16.90
C ILE E 344 90.39 -5.63 17.29
N HIS E 345 90.43 -4.31 17.16
CA HIS E 345 91.65 -3.54 17.44
C HIS E 345 91.35 -2.39 18.37
N ALA E 346 92.30 -2.10 19.27
CA ALA E 346 92.27 -0.90 20.06
C ALA E 346 92.82 0.28 19.25
N PHE E 347 92.82 1.45 19.87
CA PHE E 347 93.44 2.61 19.26
C PHE E 347 94.96 2.45 19.27
N HIS E 348 95.63 3.29 18.47
CA HIS E 348 97.09 3.27 18.47
C HIS E 348 97.66 4.34 19.39
N THR E 349 97.33 5.61 19.16
CA THR E 349 97.75 6.70 20.04
C THR E 349 96.56 7.62 20.29
N CYS E 350 96.63 8.35 21.41
CA CYS E 350 95.55 9.26 21.78
C CYS E 350 96.11 10.40 22.62
N SER E 351 95.27 11.41 22.84
CA SER E 351 95.66 12.55 23.66
C SER E 351 95.77 12.18 25.14
N SER E 352 96.50 12.99 25.88
CA SER E 352 96.62 12.87 27.33
C SER E 352 95.65 13.76 28.09
N ARG E 353 94.77 14.47 27.39
CA ARG E 353 93.87 15.45 27.99
C ARG E 353 92.45 14.90 28.02
N THR E 354 91.83 14.91 29.21
CA THR E 354 90.53 14.27 29.43
C THR E 354 89.52 15.25 29.99
N ALA E 355 88.25 15.03 29.65
CA ALA E 355 87.17 15.87 30.14
C ALA E 355 85.87 15.06 30.14
N GLU E 356 84.86 15.62 30.81
CA GLU E 356 83.55 14.98 30.87
C GLU E 356 82.80 15.11 29.56
N TYR E 357 81.91 14.16 29.30
CA TYR E 357 81.18 14.06 28.04
C TYR E 357 80.18 15.19 27.87
N GLN E 358 79.74 15.40 26.62
CA GLN E 358 78.84 16.50 26.31
C GLN E 358 77.38 16.12 26.50
N SER E 359 76.94 14.96 26.01
CA SER E 359 75.52 14.61 26.07
C SER E 359 75.37 13.10 26.17
N LYS E 360 74.24 12.68 26.77
CA LYS E 360 74.00 11.30 27.18
C LYS E 360 72.56 10.91 26.85
N ILE E 361 72.36 9.85 26.04
CA ILE E 361 71.05 9.48 25.51
C ILE E 361 70.81 7.99 25.72
N LEU E 362 69.56 7.65 26.10
CA LEU E 362 69.02 6.29 26.08
C LEU E 362 67.98 6.20 24.96
N VAL E 363 68.03 5.12 24.18
CA VAL E 363 67.14 4.93 23.03
C VAL E 363 66.41 3.60 23.19
N ILE E 364 65.11 3.60 22.86
CA ILE E 364 64.22 2.44 23.02
C ILE E 364 63.51 2.16 21.70
N ASP E 365 63.37 0.88 21.37
CA ASP E 365 62.51 0.41 20.27
C ASP E 365 61.53 -0.56 20.93
N PRO E 366 60.29 -0.13 21.18
CA PRO E 366 59.33 -0.99 21.87
C PRO E 366 58.83 -2.14 21.01
N SER E 367 58.42 -3.23 21.67
CA SER E 367 57.95 -4.40 20.96
C SER E 367 56.61 -4.15 20.28
N GLY E 368 56.45 -4.72 19.09
CA GLY E 368 55.23 -4.57 18.33
C GLY E 368 54.21 -5.66 18.59
N ARG E 369 53.60 -6.17 17.53
CA ARG E 369 52.63 -7.25 17.67
C ARG E 369 53.34 -8.58 17.81
N GLY E 370 52.75 -9.47 18.59
CA GLY E 370 53.37 -10.75 18.83
C GLY E 370 54.52 -10.63 19.81
N LYS E 371 55.37 -11.64 19.81
CA LYS E 371 56.48 -11.75 20.75
C LYS E 371 57.79 -11.44 20.05
N ASP E 372 58.52 -10.45 20.58
CA ASP E 372 59.84 -10.05 20.14
C ASP E 372 60.47 -9.28 21.29
N GLU E 373 61.79 -9.08 21.22
CA GLU E 373 62.47 -8.34 22.26
C GLU E 373 62.40 -6.84 22.02
N THR E 374 62.21 -6.10 23.11
CA THR E 374 62.29 -4.64 23.06
C THR E 374 63.75 -4.20 23.08
N GLY E 375 64.17 -3.42 22.08
CA GLY E 375 65.57 -3.04 21.96
C GLY E 375 65.89 -1.73 22.67
N TYR E 376 67.14 -1.59 23.09
CA TYR E 376 67.59 -0.34 23.71
C TYR E 376 69.09 -0.16 23.53
N ALA E 377 69.53 1.10 23.69
CA ALA E 377 70.94 1.44 23.54
C ALA E 377 71.28 2.68 24.36
N VAL E 378 72.55 2.78 24.76
CA VAL E 378 73.06 3.88 25.57
C VAL E 378 74.28 4.50 24.88
N LEU E 379 74.21 5.81 24.62
CA LEU E 379 75.23 6.51 23.85
C LEU E 379 75.56 7.86 24.49
N TYR E 380 76.84 8.24 24.47
CA TYR E 380 77.21 9.63 24.75
C TYR E 380 77.94 10.21 23.56
N SER E 381 78.21 11.51 23.62
CA SER E 381 78.98 12.16 22.55
C SER E 381 80.01 13.12 23.14
N LEU E 382 81.09 13.34 22.36
CA LEU E 382 82.05 14.40 22.66
C LEU E 382 82.80 14.75 21.39
N ASN E 383 82.74 16.03 21.00
CA ASN E 383 83.29 16.58 19.74
C ASN E 383 82.73 15.73 18.60
N GLY E 384 83.56 15.26 17.67
CA GLY E 384 83.09 14.40 16.61
C GLY E 384 82.87 12.95 16.99
N TYR E 385 83.25 12.54 18.19
CA TYR E 385 83.17 11.13 18.56
C TYR E 385 81.86 10.79 19.24
N ILE E 386 81.39 9.56 18.97
CA ILE E 386 80.19 8.98 19.56
C ILE E 386 80.60 7.72 20.31
N TYR E 387 80.19 7.62 21.57
CA TYR E 387 80.57 6.50 22.41
C TYR E 387 79.36 5.60 22.68
N LEU E 388 79.55 4.29 22.48
CA LEU E 388 78.53 3.28 22.68
C LEU E 388 78.88 2.41 23.89
N MET E 389 77.99 2.38 24.90
CA MET E 389 78.30 1.67 26.16
C MET E 389 77.35 0.58 26.60
N GLU E 390 76.12 0.53 26.08
CA GLU E 390 75.30 -0.65 26.36
C GLU E 390 74.30 -0.85 25.23
N VAL E 391 74.10 -2.13 24.88
CA VAL E 391 73.04 -2.52 23.96
C VAL E 391 72.51 -3.87 24.43
N GLY E 392 71.21 -4.09 24.23
CA GLY E 392 70.61 -5.34 24.64
C GLY E 392 69.11 -5.30 24.44
N GLY E 393 68.43 -6.24 25.07
CA GLY E 393 66.99 -6.33 24.89
C GLY E 393 66.32 -7.11 26.00
N PHE E 394 65.03 -6.81 26.17
CA PHE E 394 64.14 -7.49 27.10
C PHE E 394 62.93 -8.03 26.35
N ARG E 395 62.44 -9.18 26.76
CA ARG E 395 61.34 -9.85 26.07
C ARG E 395 60.06 -9.71 26.89
N GLY E 396 58.99 -9.31 26.24
CA GLY E 396 57.72 -9.10 26.90
C GLY E 396 56.90 -8.03 26.19
N GLY E 397 55.87 -7.57 26.88
CA GLY E 397 55.03 -6.51 26.35
C GLY E 397 55.10 -5.26 27.21
N TYR E 398 53.99 -4.53 27.32
CA TYR E 398 53.92 -3.43 28.28
C TYR E 398 53.57 -3.89 29.69
N ASP E 399 54.32 -4.85 30.22
CA ASP E 399 54.16 -5.30 31.59
C ASP E 399 55.07 -4.52 32.52
N ASP E 400 54.78 -4.61 33.83
CA ASP E 400 55.48 -3.80 34.81
C ASP E 400 56.94 -4.20 34.97
N ALA E 401 57.26 -5.47 34.72
CA ALA E 401 58.65 -5.93 34.88
C ALA E 401 59.57 -5.27 33.87
N THR E 402 59.16 -5.26 32.59
CA THR E 402 59.98 -4.66 31.54
C THR E 402 60.15 -3.16 31.75
N LEU E 403 59.07 -2.47 32.09
CA LEU E 403 59.15 -1.02 32.29
C LEU E 403 59.94 -0.68 33.55
N GLU E 404 59.84 -1.51 34.59
CA GLU E 404 60.67 -1.35 35.78
C GLU E 404 62.16 -1.49 35.45
N LYS E 405 62.50 -2.52 34.68
CA LYS E 405 63.89 -2.73 34.28
C LYS E 405 64.41 -1.57 33.45
N LEU E 406 63.59 -1.06 32.52
CA LEU E 406 64.01 0.07 31.71
C LEU E 406 64.18 1.33 32.54
N ALA E 407 63.30 1.56 33.52
CA ALA E 407 63.45 2.72 34.39
C ALA E 407 64.71 2.62 35.24
N LYS E 408 65.00 1.41 35.75
CA LYS E 408 66.23 1.20 36.51
C LYS E 408 67.46 1.40 35.62
N LYS E 409 67.39 0.97 34.36
CA LYS E 409 68.50 1.20 33.44
C LYS E 409 68.68 2.68 33.14
N ALA E 410 67.57 3.43 33.07
CA ALA E 410 67.67 4.87 32.91
C ALA E 410 68.30 5.53 34.13
N LYS E 411 68.05 4.94 35.31
CA LYS E 411 68.69 5.44 36.53
C LYS E 411 70.19 5.12 36.56
N GLN E 412 70.55 3.89 36.17
CA GLN E 412 71.88 3.33 36.44
C GLN E 412 73.00 4.11 35.75
N TRP E 413 72.80 4.52 34.51
CA TRP E 413 73.82 5.25 33.75
C TRP E 413 73.73 6.75 33.89
N LYS E 414 72.78 7.26 34.68
CA LYS E 414 72.55 8.70 34.87
C LYS E 414 72.33 9.41 33.53
N VAL E 415 71.37 8.90 32.76
CA VAL E 415 71.09 9.45 31.44
C VAL E 415 70.37 10.79 31.56
N GLN E 416 70.30 11.49 30.43
CA GLN E 416 69.78 12.85 30.39
C GLN E 416 68.48 12.98 29.58
N THR E 417 68.25 12.12 28.58
CA THR E 417 67.05 12.20 27.77
C THR E 417 66.68 10.81 27.28
N VAL E 418 65.37 10.52 27.21
CA VAL E 418 64.84 9.27 26.67
C VAL E 418 64.16 9.56 25.34
N VAL E 419 64.46 8.73 24.34
CA VAL E 419 64.00 8.90 22.96
C VAL E 419 63.36 7.60 22.50
N HIS E 420 62.23 7.69 21.80
CA HIS E 420 61.67 6.48 21.20
C HIS E 420 60.98 6.80 19.88
N GLU E 421 60.84 5.77 19.06
CA GLU E 421 60.18 5.88 17.76
C GLU E 421 58.67 5.78 17.91
N SER E 422 57.95 6.47 17.03
CA SER E 422 56.49 6.49 17.06
C SER E 422 55.92 6.26 15.67
N ASN E 423 54.81 5.52 15.60
CA ASN E 423 54.18 5.20 14.32
C ASN E 423 52.66 5.11 14.48
N PHE E 424 51.98 5.32 13.35
CA PHE E 424 50.56 5.04 13.11
C PHE E 424 49.62 5.83 14.00
N GLY E 425 50.10 6.89 14.68
CA GLY E 425 49.27 7.57 15.65
C GLY E 425 48.89 6.73 16.83
N ASP E 426 49.76 5.79 17.23
CA ASP E 426 49.49 4.89 18.34
C ASP E 426 49.27 5.66 19.64
N GLY E 427 50.22 6.54 19.99
CA GLY E 427 50.04 7.45 21.09
C GLY E 427 50.05 6.85 22.49
N MET E 428 50.30 5.55 22.62
CA MET E 428 50.17 4.92 23.93
C MET E 428 51.44 5.00 24.76
N PHE E 429 52.58 4.62 24.17
CA PHE E 429 53.74 4.17 24.95
C PHE E 429 54.30 5.25 25.88
N GLY E 430 54.35 6.50 25.42
CA GLY E 430 54.84 7.57 26.28
C GLY E 430 53.93 7.79 27.49
N LYS E 431 52.62 7.83 27.25
CA LYS E 431 51.66 8.03 28.32
C LYS E 431 51.63 6.87 29.29
N ILE E 432 51.89 5.65 28.80
CA ILE E 432 51.98 4.50 29.68
C ILE E 432 53.26 4.55 30.51
N PHE E 433 54.38 4.89 29.87
CA PHE E 433 55.69 4.68 30.47
C PHE E 433 56.04 5.78 31.47
N SER E 434 55.66 7.03 31.18
CA SER E 434 56.10 8.17 31.97
C SER E 434 55.76 8.11 33.47
N PRO E 435 54.53 7.75 33.91
CA PRO E 435 54.29 7.67 35.37
C PRO E 435 55.09 6.59 36.09
N ILE E 436 55.61 5.60 35.37
CA ILE E 436 56.44 4.57 35.99
C ILE E 436 57.89 5.04 36.10
N LEU E 437 58.35 5.81 35.12
CA LEU E 437 59.73 6.29 35.11
C LEU E 437 60.02 7.24 36.27
N LEU E 438 59.06 8.11 36.59
CA LEU E 438 59.33 9.30 37.40
C LEU E 438 59.78 8.98 38.82
N LYS E 439 59.38 7.84 39.37
CA LYS E 439 59.77 7.51 40.73
C LYS E 439 61.23 7.08 40.83
N HIS E 440 61.86 6.75 39.70
CA HIS E 440 63.26 6.37 39.69
C HIS E 440 64.17 7.51 39.27
N HIS E 441 63.81 8.20 38.19
CA HIS E 441 64.61 9.26 37.61
C HIS E 441 63.68 10.17 36.84
N LYS E 442 64.11 11.41 36.61
CA LYS E 442 63.29 12.39 35.91
C LYS E 442 64.08 13.08 34.80
N CYS E 443 63.51 13.05 33.59
CA CYS E 443 64.07 13.67 32.40
C CYS E 443 62.99 13.68 31.33
N ALA E 444 63.24 14.42 30.25
CA ALA E 444 62.26 14.58 29.19
C ALA E 444 62.19 13.35 28.29
N LEU E 445 61.04 13.18 27.64
CA LEU E 445 60.80 12.09 26.70
C LEU E 445 60.49 12.67 25.32
N GLU E 446 61.14 12.14 24.28
CA GLU E 446 60.98 12.69 22.94
C GLU E 446 60.72 11.58 21.93
N GLU E 447 59.78 11.83 21.03
CA GLU E 447 59.41 10.90 19.96
C GLU E 447 60.09 11.27 18.65
N ILE E 448 60.37 10.25 17.84
CA ILE E 448 60.87 10.42 16.48
C ILE E 448 59.99 9.56 15.56
N ARG E 449 59.87 9.98 14.30
CA ARG E 449 59.20 9.19 13.26
C ARG E 449 60.06 9.23 11.99
N ALA E 450 60.92 8.22 11.84
CA ALA E 450 61.76 8.12 10.67
C ALA E 450 60.99 7.52 9.49
N LYS E 451 61.52 7.70 8.29
CA LYS E 451 60.86 7.26 7.08
C LYS E 451 61.85 6.54 6.17
N GLY E 452 61.31 5.87 5.17
CA GLY E 452 62.11 5.23 4.15
C GLY E 452 62.44 3.79 4.44
N MET E 453 63.29 3.24 3.57
CA MET E 453 63.76 1.86 3.68
C MET E 453 64.68 1.73 4.89
N LYS E 454 64.25 0.94 5.87
CA LYS E 454 65.04 0.76 7.09
C LYS E 454 66.40 0.15 6.81
N GLU E 455 66.43 -0.86 5.94
CA GLU E 455 67.67 -1.53 5.59
C GLU E 455 68.64 -0.57 4.89
N MET E 456 68.13 0.37 4.12
CA MET E 456 68.99 1.36 3.49
C MET E 456 69.36 2.47 4.46
N ARG E 457 68.42 2.88 5.32
CA ARG E 457 68.68 3.97 6.26
C ARG E 457 69.75 3.61 7.28
N ILE E 458 69.76 2.35 7.74
CA ILE E 458 70.79 1.92 8.68
C ILE E 458 72.17 2.03 8.05
N CYS E 459 72.30 1.57 6.80
CA CYS E 459 73.57 1.66 6.09
C CYS E 459 73.99 3.11 5.86
N ASP E 460 73.08 3.95 5.35
CA ASP E 460 73.46 5.32 5.06
C ASP E 460 73.62 6.16 6.32
N THR E 461 73.19 5.67 7.48
CA THR E 461 73.50 6.34 8.74
C THR E 461 74.86 5.90 9.27
N ILE E 462 75.13 4.59 9.29
CA ILE E 462 76.33 4.11 9.96
C ILE E 462 77.58 4.31 9.09
N GLU E 463 77.49 4.03 7.79
CA GLU E 463 78.68 4.05 6.93
C GLU E 463 79.41 5.40 6.87
N PRO E 464 78.75 6.57 6.77
CA PRO E 464 79.53 7.82 6.90
C PRO E 464 80.18 7.99 8.26
N LEU E 465 79.53 7.56 9.34
CA LEU E 465 80.14 7.68 10.66
C LEU E 465 81.31 6.72 10.81
N MET E 466 81.14 5.48 10.36
CA MET E 466 82.19 4.47 10.53
C MET E 466 83.36 4.73 9.60
N GLY E 467 83.11 5.25 8.39
CA GLY E 467 84.19 5.61 7.50
C GLY E 467 85.05 6.75 8.01
N ALA E 468 84.45 7.66 8.78
CA ALA E 468 85.21 8.71 9.44
C ALA E 468 85.90 8.22 10.70
N HIS E 469 85.68 6.97 11.10
CA HIS E 469 86.31 6.32 12.25
C HIS E 469 86.02 7.06 13.55
N LYS E 470 84.81 7.58 13.68
CA LYS E 470 84.39 8.32 14.87
C LYS E 470 83.72 7.45 15.92
N LEU E 471 83.73 6.12 15.75
CA LEU E 471 82.94 5.24 16.59
C LEU E 471 83.83 4.49 17.59
N VAL E 472 83.56 4.71 18.87
CA VAL E 472 84.30 4.12 19.98
C VAL E 472 83.34 3.25 20.78
N ILE E 473 83.75 2.02 21.07
CA ILE E 473 82.90 1.01 21.70
C ILE E 473 83.54 0.61 23.04
N ARG E 474 82.74 0.63 24.10
CA ARG E 474 83.18 0.12 25.40
C ARG E 474 83.44 -1.39 25.29
N ASP E 475 84.56 -1.83 25.85
CA ASP E 475 85.07 -3.20 25.74
C ASP E 475 84.01 -4.28 26.01
N GLU E 476 83.48 -4.29 27.25
CA GLU E 476 82.67 -5.41 27.72
C GLU E 476 81.36 -5.57 26.95
N VAL E 477 80.97 -4.53 26.19
CA VAL E 477 79.80 -4.59 25.32
C VAL E 477 79.91 -5.75 24.35
N ILE E 478 81.13 -6.05 23.90
CA ILE E 478 81.34 -7.17 22.98
C ILE E 478 80.99 -8.48 23.67
N ARG E 479 81.41 -8.63 24.93
CA ARG E 479 81.16 -9.89 25.63
C ARG E 479 79.70 -10.02 26.02
N GLU E 480 79.14 -8.96 26.62
CA GLU E 480 77.80 -9.00 27.18
C GLU E 480 76.76 -9.32 26.11
N ASP E 481 76.83 -8.62 24.98
CA ASP E 481 75.93 -8.89 23.86
C ASP E 481 76.09 -10.32 23.35
N TYR E 482 77.31 -10.86 23.41
CA TYR E 482 77.48 -12.26 23.02
C TYR E 482 76.85 -13.19 24.05
N GLN E 483 76.94 -12.84 25.33
CA GLN E 483 76.45 -13.74 26.36
C GLN E 483 74.94 -13.73 26.44
N THR E 484 74.32 -12.57 26.26
CA THR E 484 72.87 -12.43 26.41
C THR E 484 72.10 -12.84 25.15
N ALA E 485 72.78 -13.25 24.08
CA ALA E 485 72.11 -13.56 22.82
C ALA E 485 71.35 -14.88 22.92
N ARG E 486 70.28 -14.90 23.71
CA ARG E 486 69.55 -16.13 24.01
C ARG E 486 68.22 -16.14 23.28
N ASP E 487 67.85 -17.32 22.80
CA ASP E 487 66.51 -17.54 22.25
C ASP E 487 65.48 -17.53 23.39
N LEU E 488 64.20 -17.69 23.02
CA LEU E 488 63.13 -17.75 24.00
C LEU E 488 63.34 -18.91 24.98
N ASP E 489 63.80 -20.06 24.47
CA ASP E 489 64.08 -21.21 25.31
C ASP E 489 65.30 -21.02 26.22
N GLY E 490 66.07 -19.95 26.02
CA GLY E 490 67.31 -19.75 26.73
C GLY E 490 68.53 -20.31 26.03
N LYS E 491 68.35 -20.99 24.90
CA LYS E 491 69.48 -21.50 24.14
C LYS E 491 70.25 -20.35 23.49
N HIS E 492 71.55 -20.56 23.33
CA HIS E 492 72.40 -19.60 22.62
C HIS E 492 72.01 -19.55 21.15
N ASP E 493 71.88 -18.33 20.62
CA ASP E 493 71.56 -18.15 19.21
C ASP E 493 72.14 -16.80 18.82
N VAL E 494 73.10 -16.82 17.89
CA VAL E 494 73.82 -15.61 17.50
C VAL E 494 72.96 -14.63 16.70
N ARG E 495 71.80 -15.05 16.23
CA ARG E 495 70.92 -14.14 15.48
C ARG E 495 70.37 -13.01 16.33
N TYR E 496 70.42 -13.12 17.65
CA TYR E 496 70.01 -12.03 18.52
C TYR E 496 71.18 -11.16 18.96
N SER E 497 72.40 -11.43 18.51
CA SER E 497 73.52 -10.56 18.80
C SER E 497 73.49 -9.33 17.91
N ALA E 498 73.79 -8.18 18.51
CA ALA E 498 73.77 -6.93 17.76
C ALA E 498 74.83 -6.92 16.66
N PHE E 499 76.03 -7.40 16.97
CA PHE E 499 77.13 -7.32 16.02
C PHE E 499 77.01 -8.33 14.89
N TYR E 500 76.38 -9.48 15.16
CA TYR E 500 75.99 -10.38 14.08
C TYR E 500 75.03 -9.69 13.11
N GLN E 501 74.03 -9.00 13.66
CA GLN E 501 73.09 -8.26 12.82
C GLN E 501 73.80 -7.16 12.04
N MET E 502 74.81 -6.55 12.65
CA MET E 502 75.56 -5.49 11.98
C MET E 502 76.38 -6.02 10.83
N THR E 503 77.10 -7.13 11.03
CA THR E 503 78.06 -7.60 10.03
C THR E 503 77.38 -8.23 8.81
N ARG E 504 76.11 -8.60 8.90
CA ARG E 504 75.38 -9.14 7.77
C ARG E 504 74.45 -8.13 7.12
N MET E 505 74.48 -6.88 7.56
CA MET E 505 73.59 -5.85 7.04
C MET E 505 73.96 -5.48 5.61
N THR E 506 72.98 -5.47 4.71
CA THR E 506 73.17 -5.05 3.32
C THR E 506 72.06 -4.09 2.92
N ARG E 507 72.27 -3.39 1.80
CA ARG E 507 71.25 -2.49 1.28
C ARG E 507 70.22 -3.22 0.43
N GLU E 508 69.56 -4.22 1.02
CA GLU E 508 68.56 -5.03 0.34
C GLU E 508 67.32 -5.14 1.21
N ARG E 509 66.16 -5.27 0.56
CA ARG E 509 64.92 -5.44 1.32
C ARG E 509 64.80 -6.82 1.95
N GLY E 510 65.58 -7.78 1.50
CA GLY E 510 65.65 -9.11 2.09
C GLY E 510 66.87 -9.38 2.94
N ALA E 511 67.50 -8.34 3.49
CA ALA E 511 68.85 -8.45 4.04
C ALA E 511 68.90 -9.32 5.29
N VAL E 512 68.01 -9.08 6.25
CA VAL E 512 68.11 -9.73 7.55
C VAL E 512 66.71 -9.90 8.11
N ALA E 513 66.52 -10.97 8.88
CA ALA E 513 65.23 -11.24 9.50
C ALA E 513 65.04 -10.54 10.84
N HIS E 514 66.13 -10.16 11.51
CA HIS E 514 66.05 -9.57 12.84
C HIS E 514 66.89 -8.30 12.91
N ASP E 515 66.34 -7.27 13.55
CA ASP E 515 66.97 -5.95 13.53
C ASP E 515 66.88 -5.16 14.83
N ASP E 516 66.40 -5.75 15.93
CA ASP E 516 65.89 -4.98 17.07
C ASP E 516 66.97 -4.17 17.78
N ARG E 517 68.23 -4.60 17.72
CA ARG E 517 69.28 -3.89 18.45
C ARG E 517 69.98 -2.86 17.56
N ILE E 518 70.28 -3.25 16.32
CA ILE E 518 70.95 -2.35 15.39
C ILE E 518 70.04 -1.17 15.02
N ASP E 519 68.72 -1.37 15.10
CA ASP E 519 67.77 -0.28 14.86
C ASP E 519 67.89 0.80 15.93
N ALA E 520 67.95 0.39 17.20
CA ALA E 520 68.14 1.33 18.29
C ALA E 520 69.48 2.04 18.18
N ILE E 521 70.52 1.31 17.75
CA ILE E 521 71.82 1.94 17.51
C ILE E 521 71.70 3.03 16.44
N ALA E 522 71.01 2.72 15.34
CA ALA E 522 70.86 3.68 14.25
C ALA E 522 70.10 4.93 14.69
N LEU E 523 69.02 4.75 15.46
CA LEU E 523 68.26 5.91 15.91
C LEU E 523 69.06 6.76 16.91
N GLY E 524 69.85 6.12 17.76
CA GLY E 524 70.73 6.88 18.65
C GLY E 524 71.75 7.70 17.90
N ILE E 525 72.37 7.10 16.85
CA ILE E 525 73.35 7.83 16.04
C ILE E 525 72.70 9.01 15.34
N GLU E 526 71.53 8.79 14.74
CA GLU E 526 70.87 9.87 14.02
C GLU E 526 70.43 11.01 14.96
N TYR E 527 69.94 10.66 16.14
CA TYR E 527 69.55 11.71 17.09
C TYR E 527 70.76 12.50 17.59
N LEU E 528 71.87 11.83 17.89
CA LEU E 528 73.07 12.57 18.28
C LEU E 528 73.65 13.39 17.13
N ARG E 529 73.38 12.99 15.89
CA ARG E 529 73.82 13.77 14.73
C ARG E 529 72.97 15.03 14.55
N GLU E 530 71.65 14.92 14.67
CA GLU E 530 70.77 16.02 14.28
C GLU E 530 70.39 16.97 15.41
N GLY E 531 70.35 16.50 16.65
CA GLY E 531 69.70 17.25 17.72
C GLY E 531 70.48 18.38 18.33
N MET E 532 71.71 18.62 17.89
CA MET E 532 72.58 19.59 18.57
C MET E 532 72.31 21.03 18.17
N LEU E 533 71.55 21.28 17.10
CA LEU E 533 71.45 22.63 16.53
C LEU E 533 70.37 23.47 17.20
N VAL E 534 70.72 24.73 17.50
CA VAL E 534 69.79 25.75 18.00
C VAL E 534 70.06 27.04 17.24
N ASP E 535 69.00 27.68 16.74
CA ASP E 535 69.09 28.94 16.02
C ASP E 535 68.66 30.10 16.91
N SER E 536 68.84 31.32 16.40
CA SER E 536 68.39 32.52 17.10
C SER E 536 68.14 33.63 16.08
N ARG E 537 67.38 34.63 16.51
CA ARG E 537 67.00 35.74 15.65
C ARG E 537 67.24 37.05 16.38
N VAL E 538 67.97 37.97 15.76
CA VAL E 538 68.45 39.18 16.40
C VAL E 538 68.22 40.36 15.47
N GLY E 539 67.76 41.48 16.03
CA GLY E 539 67.61 42.71 15.28
C GLY E 539 66.29 43.43 15.46
N SER F 2 37.84 -96.91 89.76
CA SER F 2 36.45 -97.36 89.70
C SER F 2 35.54 -96.47 90.55
N GLN F 3 35.80 -96.47 91.87
CA GLN F 3 34.95 -95.74 92.80
C GLN F 3 35.06 -94.23 92.62
N SER F 4 36.24 -93.74 92.20
CA SER F 4 36.45 -92.31 92.04
C SER F 4 35.54 -91.74 90.94
N GLN F 5 35.37 -92.48 89.84
CA GLN F 5 34.49 -92.00 88.78
C GLN F 5 33.03 -92.04 89.20
N GLU F 6 32.64 -93.05 89.99
CA GLU F 6 31.27 -93.09 90.50
C GLU F 6 30.99 -91.94 91.44
N ALA F 7 31.96 -91.60 92.31
CA ALA F 7 31.82 -90.44 93.19
C ALA F 7 31.74 -89.16 92.37
N LYS F 8 32.56 -89.05 91.33
CA LYS F 8 32.49 -87.91 90.40
C LYS F 8 31.11 -87.79 89.77
N ASN F 9 30.56 -88.91 89.28
CA ASN F 9 29.26 -88.90 88.65
C ASN F 9 28.16 -88.47 89.62
N ALA F 10 28.19 -89.01 90.84
CA ALA F 10 27.19 -88.63 91.84
C ALA F 10 27.28 -87.16 92.20
N LEU F 11 28.50 -86.66 92.42
CA LEU F 11 28.67 -85.25 92.79
C LEU F 11 28.24 -84.33 91.65
N ILE F 12 28.61 -84.67 90.41
CA ILE F 12 28.26 -83.83 89.27
C ILE F 12 26.75 -83.82 89.05
N ILE F 13 26.11 -84.98 89.16
CA ILE F 13 24.67 -85.03 88.91
C ILE F 13 23.89 -84.38 90.06
N ALA F 14 24.46 -84.30 91.26
CA ALA F 14 23.84 -83.47 92.29
C ALA F 14 24.10 -81.98 92.03
N GLN F 15 25.31 -81.65 91.59
CA GLN F 15 25.73 -80.26 91.47
C GLN F 15 24.94 -79.55 90.37
N LEU F 16 24.78 -80.24 89.22
CA LEU F 16 24.01 -79.68 88.12
C LEU F 16 22.54 -79.46 88.51
N LYS F 17 21.99 -80.31 89.36
CA LYS F 17 20.68 -80.01 89.90
C LYS F 17 20.73 -78.94 90.99
N GLY F 18 21.91 -78.58 91.47
CA GLY F 18 22.00 -77.50 92.46
C GLY F 18 22.45 -76.15 91.93
N ASP F 19 22.87 -76.06 90.66
CA ASP F 19 23.45 -74.82 90.13
C ASP F 19 22.98 -74.66 88.69
N PHE F 20 22.24 -73.57 88.43
CA PHE F 20 21.78 -73.27 87.08
C PHE F 20 22.93 -72.91 86.14
N VAL F 21 23.91 -72.16 86.63
CA VAL F 21 24.96 -71.63 85.76
C VAL F 21 25.86 -72.75 85.25
N ALA F 22 26.15 -73.73 86.11
CA ALA F 22 26.89 -74.91 85.68
C ALA F 22 26.11 -75.69 84.62
N PHE F 23 24.79 -75.78 84.79
CA PHE F 23 23.95 -76.45 83.80
C PHE F 23 24.01 -75.72 82.46
N LEU F 24 24.02 -74.38 82.48
CA LEU F 24 24.17 -73.62 81.24
C LEU F 24 25.52 -73.87 80.59
N PHE F 25 26.59 -73.91 81.40
CA PHE F 25 27.91 -74.19 80.84
C PHE F 25 27.96 -75.58 80.20
N VAL F 26 27.38 -76.59 80.86
CA VAL F 26 27.36 -77.94 80.31
C VAL F 26 26.58 -77.98 79.00
N LEU F 27 25.40 -77.36 78.98
CA LEU F 27 24.56 -77.37 77.78
C LEU F 27 25.21 -76.63 76.62
N TRP F 28 25.87 -75.49 76.91
CA TRP F 28 26.47 -74.71 75.84
C TRP F 28 27.77 -75.32 75.35
N LYS F 29 28.48 -76.08 76.19
CA LYS F 29 29.54 -76.94 75.66
C LYS F 29 28.97 -78.01 74.74
N ALA F 30 27.83 -78.59 75.13
CA ALA F 30 27.22 -79.64 74.32
C ALA F 30 26.74 -79.11 72.98
N LEU F 31 26.26 -77.86 72.94
CA LEU F 31 25.83 -77.24 71.70
C LEU F 31 26.99 -76.73 70.85
N ASN F 32 28.23 -76.80 71.37
CA ASN F 32 29.42 -76.21 70.75
C ASN F 32 29.24 -74.71 70.51
N LEU F 33 28.91 -74.00 71.59
CA LEU F 33 28.81 -72.55 71.65
C LEU F 33 29.82 -72.01 72.65
N PRO F 34 30.33 -70.79 72.44
CA PRO F 34 31.28 -70.21 73.40
C PRO F 34 30.62 -69.89 74.73
N LYS F 35 31.47 -69.52 75.69
CA LYS F 35 31.06 -69.41 77.08
C LYS F 35 30.04 -68.29 77.27
N PRO F 36 29.05 -68.48 78.15
CA PRO F 36 28.06 -67.43 78.40
C PRO F 36 28.69 -66.15 78.91
N THR F 37 28.19 -65.02 78.42
CA THR F 37 28.67 -63.72 78.82
C THR F 37 28.09 -63.30 80.16
N LYS F 38 28.60 -62.18 80.66
CA LYS F 38 28.27 -61.69 81.99
C LYS F 38 26.78 -61.36 82.14
N CYS F 39 26.21 -60.66 81.14
CA CYS F 39 24.80 -60.30 81.18
C CYS F 39 23.92 -61.53 81.14
N GLN F 40 24.30 -62.54 80.34
CA GLN F 40 23.54 -63.78 80.26
C GLN F 40 23.55 -64.50 81.60
N ILE F 41 24.70 -64.54 82.26
CA ILE F 41 24.81 -65.15 83.59
C ILE F 41 23.91 -64.43 84.58
N ASP F 42 23.93 -63.10 84.56
CA ASP F 42 23.09 -62.34 85.49
C ASP F 42 21.61 -62.54 85.22
N MET F 43 21.22 -62.60 83.94
CA MET F 43 19.81 -62.80 83.59
C MET F 43 19.34 -64.17 84.05
N ALA F 44 20.14 -65.21 83.81
CA ALA F 44 19.78 -66.56 84.25
C ALA F 44 19.71 -66.65 85.77
N ARG F 45 20.68 -66.03 86.46
CA ARG F 45 20.71 -66.05 87.91
C ARG F 45 19.51 -65.34 88.50
N THR F 46 19.13 -64.21 87.92
CA THR F 46 17.95 -63.48 88.38
C THR F 46 16.69 -64.28 88.12
N LEU F 47 16.62 -64.96 86.97
CA LEU F 47 15.46 -65.78 86.64
C LEU F 47 15.31 -66.95 87.60
N ALA F 48 16.43 -67.56 88.01
CA ALA F 48 16.39 -68.78 88.81
C ALA F 48 15.89 -68.56 90.23
N ASN F 49 15.89 -67.34 90.73
CA ASN F 49 15.52 -67.07 92.13
C ASN F 49 14.01 -67.15 92.27
N GLY F 50 13.54 -68.03 93.15
CA GLY F 50 12.12 -68.29 93.32
C GLY F 50 11.34 -67.20 94.03
N ASP F 51 12.02 -66.18 94.57
CA ASP F 51 11.31 -65.15 95.33
C ASP F 51 10.59 -64.13 94.46
N HIS F 52 10.90 -64.08 93.16
CA HIS F 52 10.17 -63.19 92.25
C HIS F 52 8.93 -63.92 91.76
N LYS F 53 7.77 -63.44 92.18
CA LYS F 53 6.51 -64.08 91.83
C LYS F 53 5.81 -63.41 90.65
N LYS F 54 5.82 -62.08 90.59
CA LYS F 54 5.19 -61.31 89.52
C LYS F 54 6.28 -60.45 88.91
N PHE F 55 6.89 -60.95 87.84
CA PHE F 55 8.21 -60.50 87.44
C PHE F 55 8.28 -60.26 85.93
N ILE F 56 8.97 -59.18 85.55
CA ILE F 56 9.21 -58.82 84.15
C ILE F 56 10.69 -58.51 83.97
N LEU F 57 11.29 -59.09 82.93
CA LEU F 57 12.67 -58.80 82.54
C LEU F 57 12.66 -58.14 81.17
N GLN F 58 13.38 -57.03 81.04
CA GLN F 58 13.49 -56.31 79.78
C GLN F 58 14.93 -56.27 79.33
N ALA F 59 15.18 -56.64 78.07
CA ALA F 59 16.54 -56.70 77.54
C ALA F 59 16.52 -56.34 76.06
N PHE F 60 17.69 -55.93 75.56
CA PHE F 60 17.79 -55.51 74.18
C PHE F 60 17.80 -56.70 73.23
N ARG F 61 17.58 -56.41 71.94
CA ARG F 61 17.39 -57.43 70.93
C ARG F 61 18.62 -58.31 70.75
N GLY F 62 18.39 -59.61 70.62
CA GLY F 62 19.43 -60.56 70.28
C GLY F 62 20.27 -61.06 71.42
N ILE F 63 19.89 -60.79 72.67
CA ILE F 63 20.78 -61.12 73.78
C ILE F 63 20.75 -62.61 74.12
N GLY F 64 19.66 -63.32 73.84
CA GLY F 64 19.64 -64.73 74.20
C GLY F 64 18.45 -65.23 74.98
N LYS F 65 17.34 -64.50 74.96
CA LYS F 65 16.20 -64.78 75.85
C LYS F 65 15.61 -66.17 75.63
N SER F 66 15.47 -66.59 74.38
CA SER F 66 14.78 -67.85 74.08
C SER F 66 15.57 -69.06 74.56
N PHE F 67 16.89 -69.07 74.33
CA PHE F 67 17.74 -70.18 74.75
C PHE F 67 17.73 -70.32 76.27
N ILE F 68 17.80 -69.19 76.96
CA ILE F 68 17.74 -69.17 78.42
C ILE F 68 16.40 -69.73 78.91
N THR F 69 15.31 -69.34 78.25
CA THR F 69 13.98 -69.83 78.63
C THR F 69 13.88 -71.34 78.47
N CYS F 70 14.37 -71.87 77.35
CA CYS F 70 14.32 -73.31 77.10
C CYS F 70 15.16 -74.08 78.12
N ALA F 71 16.37 -73.60 78.40
CA ALA F 71 17.22 -74.26 79.38
C ALA F 71 16.59 -74.21 80.77
N PHE F 72 15.92 -73.09 81.09
CA PHE F 72 15.24 -72.97 82.37
C PHE F 72 14.16 -74.03 82.53
N VAL F 73 13.25 -74.13 81.55
CA VAL F 73 12.12 -75.04 81.73
C VAL F 73 12.59 -76.50 81.71
N VAL F 74 13.60 -76.83 80.90
CA VAL F 74 14.08 -78.21 80.91
C VAL F 74 14.78 -78.54 82.23
N TRP F 75 15.50 -77.57 82.81
CA TRP F 75 16.13 -77.77 84.12
C TRP F 75 15.08 -77.91 85.22
N VAL F 76 14.00 -77.12 85.13
CA VAL F 76 12.93 -77.15 86.13
C VAL F 76 12.24 -78.52 86.13
N LEU F 77 11.91 -79.04 84.95
CA LEU F 77 11.32 -80.38 84.94
C LEU F 77 12.33 -81.48 85.23
N TRP F 78 13.62 -81.21 84.99
CA TRP F 78 14.65 -82.15 85.41
C TRP F 78 14.71 -82.25 86.94
N ARG F 79 14.40 -81.17 87.64
CA ARG F 79 14.38 -81.20 89.10
C ARG F 79 13.03 -81.62 89.69
N ASP F 80 11.93 -81.44 88.98
CA ASP F 80 10.61 -81.85 89.48
C ASP F 80 9.74 -82.15 88.26
N PRO F 81 9.51 -83.43 87.96
CA PRO F 81 8.77 -83.79 86.74
C PRO F 81 7.26 -83.64 86.83
N GLN F 82 6.70 -83.28 87.98
CA GLN F 82 5.26 -83.22 88.14
C GLN F 82 4.67 -81.85 87.85
N LEU F 83 5.51 -80.88 87.50
CA LEU F 83 5.09 -79.49 87.39
C LEU F 83 4.30 -79.26 86.10
N LYS F 84 3.39 -78.28 86.16
CA LYS F 84 2.60 -77.87 84.99
C LYS F 84 3.16 -76.54 84.48
N VAL F 85 3.67 -76.54 83.24
CA VAL F 85 4.32 -75.38 82.65
C VAL F 85 3.56 -74.95 81.39
N LEU F 86 3.27 -73.66 81.29
CA LEU F 86 2.63 -73.07 80.12
C LEU F 86 3.57 -72.05 79.47
N ILE F 87 3.74 -72.18 78.15
CA ILE F 87 4.60 -71.30 77.36
C ILE F 87 3.71 -70.58 76.35
N VAL F 88 3.73 -69.25 76.38
CA VAL F 88 2.92 -68.44 75.48
C VAL F 88 3.85 -67.64 74.59
N SER F 89 3.59 -67.64 73.29
CA SER F 89 4.41 -66.91 72.33
C SER F 89 3.52 -66.11 71.39
N ALA F 90 4.17 -65.39 70.46
CA ALA F 90 3.45 -64.48 69.59
C ALA F 90 2.67 -65.19 68.49
N SER F 91 3.19 -66.29 67.96
CA SER F 91 2.59 -66.90 66.78
C SER F 91 2.90 -68.39 66.75
N LYS F 92 2.21 -69.09 65.82
CA LYS F 92 2.32 -70.52 65.69
C LYS F 92 3.74 -70.97 65.36
N GLU F 93 4.40 -70.24 64.45
CA GLU F 93 5.75 -70.57 64.03
C GLU F 93 6.72 -70.58 65.21
N ARG F 94 6.62 -69.56 66.07
CA ARG F 94 7.49 -69.44 67.21
C ARG F 94 7.23 -70.54 68.24
N ALA F 95 5.96 -70.87 68.47
CA ALA F 95 5.61 -71.93 69.40
C ALA F 95 6.15 -73.28 68.94
N ASP F 96 6.04 -73.56 67.64
CA ASP F 96 6.60 -74.80 67.10
C ASP F 96 8.11 -74.83 67.23
N ALA F 97 8.78 -73.70 66.95
CA ALA F 97 10.23 -73.64 67.11
C ALA F 97 10.65 -73.89 68.55
N ASN F 98 9.92 -73.30 69.51
CA ASN F 98 10.23 -73.49 70.92
C ASN F 98 10.09 -74.96 71.33
N SER F 99 8.98 -75.59 70.96
CA SER F 99 8.75 -76.98 71.35
C SER F 99 9.79 -77.92 70.74
N ILE F 100 10.11 -77.70 69.46
CA ILE F 100 11.14 -78.51 68.80
C ILE F 100 12.48 -78.35 69.49
N PHE F 101 12.82 -77.12 69.89
CA PHE F 101 14.11 -76.92 70.54
C PHE F 101 14.14 -77.60 71.91
N ILE F 102 13.00 -77.62 72.62
CA ILE F 102 12.93 -78.34 73.91
C ILE F 102 13.20 -79.83 73.72
N LYS F 103 12.56 -80.43 72.71
CA LYS F 103 12.82 -81.85 72.43
C LYS F 103 14.28 -82.08 72.08
N ASN F 104 14.89 -81.15 71.34
CA ASN F 104 16.30 -81.31 70.98
C ASN F 104 17.21 -81.28 72.21
N ILE F 105 16.93 -80.38 73.16
CA ILE F 105 17.72 -80.35 74.41
C ILE F 105 17.53 -81.64 75.21
N ILE F 106 16.29 -82.14 75.26
CA ILE F 106 16.04 -83.38 76.00
C ILE F 106 16.84 -84.54 75.39
N ASP F 107 16.88 -84.62 74.06
CA ASP F 107 17.63 -85.72 73.45
C ASP F 107 19.13 -85.49 73.45
N LEU F 108 19.60 -84.24 73.57
CA LEU F 108 21.02 -83.98 73.38
C LEU F 108 21.86 -84.49 74.56
N LEU F 109 21.47 -84.15 75.79
CA LEU F 109 22.26 -84.51 76.96
C LEU F 109 21.97 -85.95 77.40
N PRO F 110 22.97 -86.63 78.03
CA PRO F 110 22.79 -88.06 78.39
C PRO F 110 21.68 -88.37 79.39
N PHE F 111 21.72 -87.73 80.56
CA PHE F 111 20.83 -88.12 81.65
C PHE F 111 19.39 -87.69 81.42
N LEU F 112 19.18 -86.56 80.74
CA LEU F 112 17.82 -86.05 80.48
C LEU F 112 17.00 -86.99 79.61
N SER F 113 17.65 -87.98 78.98
CA SER F 113 16.96 -89.04 78.26
C SER F 113 15.98 -89.82 79.12
N GLU F 114 16.11 -89.78 80.46
CA GLU F 114 15.11 -90.44 81.29
C GLU F 114 13.75 -89.75 81.17
N LEU F 115 13.73 -88.45 80.86
CA LEU F 115 12.46 -87.72 80.73
C LEU F 115 11.66 -88.08 79.47
N LYS F 116 12.13 -89.01 78.64
CA LYS F 116 11.38 -89.43 77.48
C LYS F 116 10.07 -90.10 77.89
N PRO F 117 8.97 -89.83 77.19
CA PRO F 117 7.65 -90.28 77.67
C PRO F 117 7.37 -91.76 77.43
N ARG F 118 6.52 -92.32 78.34
CA ARG F 118 6.04 -93.69 78.41
C ARG F 118 4.86 -93.90 77.46
N PRO F 119 4.58 -95.16 77.08
CA PRO F 119 3.44 -95.46 76.19
C PRO F 119 2.13 -94.90 76.72
N GLY F 120 1.29 -94.44 75.80
CA GLY F 120 0.30 -93.43 76.13
C GLY F 120 0.89 -92.05 76.10
N GLN F 121 1.75 -91.78 75.11
CA GLN F 121 2.74 -90.70 75.19
C GLN F 121 2.10 -89.32 75.19
N ARG F 122 1.05 -89.12 74.38
CA ARG F 122 0.61 -87.83 73.84
C ARG F 122 1.78 -86.91 73.49
N ASP F 123 2.79 -87.48 72.83
CA ASP F 123 4.01 -86.78 72.43
C ASP F 123 3.67 -85.99 71.17
N SER F 124 2.95 -84.91 71.39
CA SER F 124 2.56 -84.00 70.32
C SER F 124 3.45 -82.76 70.35
N VAL F 125 3.36 -81.97 69.28
CA VAL F 125 4.16 -80.75 69.19
C VAL F 125 3.51 -79.62 69.98
N ILE F 126 2.21 -79.68 70.21
CA ILE F 126 1.52 -78.64 70.97
C ILE F 126 1.65 -78.87 72.46
N SER F 127 1.55 -80.13 72.91
CA SER F 127 1.66 -80.44 74.33
C SER F 127 2.15 -81.86 74.49
N PHE F 128 2.79 -82.13 75.62
CA PHE F 128 3.40 -83.44 75.86
C PHE F 128 3.66 -83.60 77.35
N ASP F 129 3.91 -84.84 77.76
CA ASP F 129 4.26 -85.19 79.13
C ASP F 129 5.68 -85.74 79.17
N VAL F 130 6.38 -85.47 80.28
CA VAL F 130 7.60 -86.19 80.58
C VAL F 130 7.24 -87.57 81.12
N GLY F 131 8.15 -88.53 80.95
CA GLY F 131 7.86 -89.92 81.26
C GLY F 131 7.62 -90.19 82.74
N LEU F 132 8.25 -89.40 83.61
CA LEU F 132 8.10 -89.61 85.04
C LEU F 132 6.81 -89.05 85.60
N ALA F 133 6.04 -88.31 84.79
CA ALA F 133 4.75 -87.81 85.23
C ALA F 133 3.70 -88.91 85.17
N LYS F 134 2.74 -88.84 86.09
CA LYS F 134 1.62 -89.76 86.13
C LYS F 134 0.62 -89.43 85.02
N PRO F 135 -0.21 -90.39 84.61
CA PRO F 135 -1.32 -90.06 83.71
C PRO F 135 -2.31 -89.11 84.40
N ASP F 136 -2.51 -87.96 83.79
CA ASP F 136 -3.20 -86.85 84.44
C ASP F 136 -3.88 -86.01 83.36
N HIS F 137 -4.83 -85.18 83.81
CA HIS F 137 -5.63 -84.35 82.92
C HIS F 137 -4.77 -83.35 82.15
N SER F 138 -4.10 -82.44 82.85
CA SER F 138 -3.31 -81.41 82.20
C SER F 138 -1.91 -81.95 81.84
N PRO F 139 -1.33 -81.50 80.74
CA PRO F 139 0.00 -81.98 80.35
C PRO F 139 1.11 -81.27 81.13
N SER F 140 2.31 -81.87 81.04
CA SER F 140 3.47 -81.29 81.70
C SER F 140 3.86 -79.95 81.06
N VAL F 141 3.96 -79.92 79.73
CA VAL F 141 4.33 -78.72 78.99
C VAL F 141 3.25 -78.43 77.98
N LYS F 142 2.81 -77.17 77.92
CA LYS F 142 1.93 -76.75 76.84
C LYS F 142 2.53 -75.51 76.20
N SER F 143 2.57 -75.49 74.86
CA SER F 143 3.10 -74.37 74.10
C SER F 143 2.02 -73.84 73.16
N VAL F 144 1.77 -72.54 73.20
CA VAL F 144 0.66 -71.99 72.43
C VAL F 144 0.99 -70.56 72.01
N GLY F 145 0.44 -70.16 70.86
CA GLY F 145 0.43 -68.76 70.49
C GLY F 145 -0.66 -68.00 71.22
N ILE F 146 -0.55 -66.67 71.17
CA ILE F 146 -1.46 -65.81 71.92
C ILE F 146 -2.91 -65.92 71.42
N THR F 147 -3.09 -66.15 70.12
CA THR F 147 -4.45 -66.29 69.59
C THR F 147 -5.01 -67.70 69.75
N GLY F 148 -4.21 -68.65 70.22
CA GLY F 148 -4.59 -70.05 70.25
C GLY F 148 -5.46 -70.42 71.44
N GLN F 149 -5.48 -71.72 71.71
CA GLN F 149 -6.38 -72.33 72.69
C GLN F 149 -5.79 -72.20 74.09
N LEU F 150 -6.10 -71.08 74.74
CA LEU F 150 -5.65 -70.87 76.11
C LEU F 150 -6.51 -71.65 77.11
N THR F 151 -7.78 -71.87 76.81
CA THR F 151 -8.73 -72.41 77.77
C THR F 151 -8.53 -73.93 77.94
N GLY F 152 -8.85 -74.42 79.13
CA GLY F 152 -8.95 -75.85 79.37
C GLY F 152 -7.88 -76.47 80.24
N SER F 153 -7.12 -75.68 81.00
CA SER F 153 -6.12 -76.24 81.89
C SER F 153 -5.78 -75.21 82.96
N ARG F 154 -5.11 -75.68 84.01
CA ARG F 154 -4.55 -74.83 85.03
C ARG F 154 -3.04 -75.01 85.05
N ALA F 155 -2.33 -73.93 85.35
CA ALA F 155 -0.89 -73.91 85.23
C ALA F 155 -0.26 -73.51 86.56
N ASP F 156 0.95 -74.01 86.78
CA ASP F 156 1.75 -73.63 87.94
C ASP F 156 2.80 -72.59 87.59
N ILE F 157 3.40 -72.71 86.41
CA ILE F 157 4.42 -71.79 85.93
C ILE F 157 3.94 -71.24 84.60
N ILE F 158 3.93 -69.92 84.46
CA ILE F 158 3.54 -69.30 83.19
C ILE F 158 4.72 -68.47 82.66
N ILE F 159 5.10 -68.72 81.41
CA ILE F 159 6.19 -67.99 80.75
C ILE F 159 5.63 -67.30 79.52
N ALA F 160 5.88 -65.99 79.40
CA ALA F 160 5.49 -65.20 78.23
C ALA F 160 6.73 -64.79 77.45
N ASP F 161 6.76 -65.15 76.16
CA ASP F 161 7.93 -64.95 75.31
C ASP F 161 7.65 -63.85 74.29
N ASP F 162 7.73 -62.60 74.76
CA ASP F 162 7.62 -61.37 73.96
C ASP F 162 6.35 -61.35 73.11
N VAL F 163 5.21 -61.27 73.80
CA VAL F 163 3.93 -61.35 73.12
C VAL F 163 3.64 -60.11 72.28
N GLU F 164 4.09 -58.93 72.70
CA GLU F 164 3.73 -57.73 71.95
C GLU F 164 4.66 -57.54 70.75
N VAL F 165 4.03 -57.41 69.58
CA VAL F 165 4.71 -57.44 68.27
C VAL F 165 4.05 -56.42 67.37
N PRO F 166 4.82 -55.80 66.46
CA PRO F 166 4.18 -54.92 65.46
C PRO F 166 3.11 -55.61 64.63
N GLY F 167 3.22 -56.92 64.40
CA GLY F 167 2.18 -57.64 63.69
C GLY F 167 0.90 -57.86 64.47
N ASN F 168 0.85 -57.55 65.77
CA ASN F 168 -0.37 -57.75 66.55
C ASN F 168 -0.72 -56.56 67.45
N SER F 169 -0.13 -55.39 67.24
CA SER F 169 -0.46 -54.24 68.08
C SER F 169 -0.59 -52.94 67.30
N SER F 170 -0.86 -53.00 65.99
CA SER F 170 -0.84 -51.81 65.15
C SER F 170 -2.16 -51.04 65.15
N THR F 171 -3.26 -51.62 65.61
CA THR F 171 -4.55 -50.97 65.58
C THR F 171 -5.14 -50.96 66.99
N SER F 172 -6.12 -50.08 67.18
CA SER F 172 -6.80 -49.95 68.47
C SER F 172 -7.47 -51.25 68.88
N SER F 173 -8.14 -51.90 67.93
CA SER F 173 -8.78 -53.18 68.20
C SER F 173 -7.77 -54.24 68.63
N ALA F 174 -6.61 -54.26 67.97
CA ALA F 174 -5.57 -55.23 68.30
C ALA F 174 -5.04 -55.02 69.71
N ARG F 175 -4.77 -53.76 70.08
CA ARG F 175 -4.29 -53.48 71.42
C ARG F 175 -5.33 -53.80 72.48
N GLU F 176 -6.60 -53.49 72.22
CA GLU F 176 -7.66 -53.80 73.18
C GLU F 176 -7.81 -55.32 73.37
N LYS F 177 -7.79 -56.07 72.26
CA LYS F 177 -7.87 -57.52 72.34
C LYS F 177 -6.69 -58.09 73.14
N LEU F 178 -5.48 -57.65 72.80
CA LEU F 178 -4.28 -58.14 73.48
C LEU F 178 -4.31 -57.80 74.96
N TRP F 179 -4.79 -56.61 75.30
CA TRP F 179 -4.91 -56.20 76.70
C TRP F 179 -5.87 -57.10 77.47
N THR F 180 -7.00 -57.46 76.84
CA THR F 180 -7.91 -58.40 77.48
C THR F 180 -7.25 -59.76 77.71
N LEU F 181 -6.54 -60.27 76.70
CA LEU F 181 -5.88 -61.57 76.86
C LEU F 181 -4.81 -61.55 77.94
N VAL F 182 -3.99 -60.50 78.01
CA VAL F 182 -2.95 -60.48 79.03
C VAL F 182 -3.57 -60.36 80.42
N THR F 183 -4.60 -59.51 80.55
CA THR F 183 -5.24 -59.37 81.85
C THR F 183 -6.22 -60.50 82.17
N GLU F 184 -6.27 -61.55 81.35
CA GLU F 184 -7.09 -62.70 81.70
C GLU F 184 -6.28 -63.92 82.17
N PHE F 185 -4.94 -63.95 81.98
CA PHE F 185 -4.15 -65.13 82.33
C PHE F 185 -4.23 -65.53 83.80
N ALA F 186 -4.41 -64.55 84.70
CA ALA F 186 -4.22 -64.81 86.14
C ALA F 186 -5.20 -65.85 86.69
N ALA F 187 -6.34 -66.04 86.04
CA ALA F 187 -7.29 -67.06 86.48
C ALA F 187 -6.81 -68.47 86.18
N LEU F 188 -5.84 -68.63 85.27
CA LEU F 188 -5.34 -69.96 84.96
C LEU F 188 -4.41 -70.49 86.05
N LEU F 189 -3.76 -69.59 86.78
CA LEU F 189 -2.76 -70.01 87.75
C LEU F 189 -3.39 -70.69 88.96
N LYS F 190 -2.79 -71.80 89.40
CA LYS F 190 -3.24 -72.50 90.58
C LYS F 190 -2.90 -71.70 91.85
N PRO F 191 -3.73 -71.79 92.89
CA PRO F 191 -3.54 -70.93 94.05
C PRO F 191 -2.61 -71.44 95.15
N LEU F 192 -1.67 -72.34 94.85
CA LEU F 192 -0.65 -72.71 95.80
C LEU F 192 0.39 -71.59 95.95
N PRO F 193 1.07 -71.51 97.09
CA PRO F 193 2.05 -70.42 97.30
C PRO F 193 3.25 -70.46 96.36
N THR F 194 3.56 -71.60 95.75
CA THR F 194 4.77 -71.74 94.94
C THR F 194 4.59 -71.34 93.48
N SER F 195 3.40 -70.96 93.06
CA SER F 195 3.14 -70.64 91.65
C SER F 195 3.78 -69.31 91.26
N ARG F 196 4.18 -69.19 89.99
CA ARG F 196 4.77 -67.93 89.52
C ARG F 196 4.61 -67.74 88.01
N VAL F 197 4.65 -66.47 87.62
CA VAL F 197 4.50 -66.03 86.23
C VAL F 197 5.67 -65.13 85.87
N ILE F 198 6.13 -65.22 84.62
CA ILE F 198 7.30 -64.49 84.13
C ILE F 198 6.98 -63.94 82.74
N TYR F 199 7.35 -62.69 82.50
CA TYR F 199 7.36 -62.09 81.17
C TYR F 199 8.80 -61.81 80.76
N LEU F 200 9.13 -62.09 79.50
CA LEU F 200 10.36 -61.61 78.89
C LEU F 200 10.01 -60.91 77.58
N GLY F 201 10.67 -59.81 77.29
CA GLY F 201 10.35 -59.11 76.05
C GLY F 201 11.10 -57.80 75.92
N THR F 202 10.68 -57.02 74.90
CA THR F 202 11.22 -55.72 74.57
C THR F 202 10.04 -54.85 74.14
N PRO F 203 9.93 -53.63 74.67
CA PRO F 203 8.85 -52.73 74.26
C PRO F 203 8.91 -52.38 72.78
N GLN F 204 7.75 -52.31 72.14
CA GLN F 204 7.66 -52.00 70.72
C GLN F 204 7.08 -50.63 70.40
N THR F 205 6.31 -50.04 71.31
CA THR F 205 5.58 -48.81 71.01
C THR F 205 5.64 -47.89 72.23
N GLU F 206 5.03 -46.71 72.08
CA GLU F 206 4.89 -45.79 73.21
C GLU F 206 4.06 -46.41 74.32
N MET F 207 2.93 -47.01 73.98
CA MET F 207 2.19 -47.83 74.93
C MET F 207 2.78 -49.23 74.92
N THR F 208 3.10 -49.74 76.10
CA THR F 208 3.53 -51.12 76.21
C THR F 208 2.86 -51.73 77.44
N LEU F 209 2.39 -52.97 77.29
CA LEU F 209 1.73 -53.66 78.39
C LEU F 209 2.68 -53.98 79.53
N TYR F 210 3.98 -54.01 79.24
CA TYR F 210 5.00 -54.21 80.27
C TYR F 210 5.06 -53.04 81.25
N LYS F 211 4.54 -51.87 80.87
CA LYS F 211 4.39 -50.74 81.77
C LYS F 211 3.03 -50.72 82.45
N GLU F 212 1.99 -51.13 81.73
CA GLU F 212 0.65 -51.18 82.30
C GLU F 212 0.57 -52.17 83.45
N LEU F 213 1.22 -53.34 83.31
CA LEU F 213 1.23 -54.30 84.40
C LEU F 213 1.95 -53.76 85.63
N GLU F 214 2.94 -52.90 85.44
CA GLU F 214 3.67 -52.38 86.59
C GLU F 214 2.92 -51.23 87.27
N ASP F 215 2.34 -50.32 86.49
CA ASP F 215 1.76 -49.12 87.07
C ASP F 215 0.45 -49.38 87.81
N ASN F 216 -0.28 -50.43 87.43
CA ASN F 216 -1.55 -50.73 88.09
C ASN F 216 -1.55 -52.09 88.76
N LYS F 217 -1.18 -53.15 88.04
CA LYS F 217 -1.38 -54.50 88.56
C LYS F 217 -0.35 -54.90 89.62
N GLY F 218 0.70 -54.11 89.82
CA GLY F 218 1.64 -54.36 90.90
C GLY F 218 2.79 -55.30 90.60
N TYR F 219 3.19 -55.44 89.34
CA TYR F 219 4.29 -56.32 89.00
C TYR F 219 5.63 -55.64 89.32
N SER F 220 6.71 -56.41 89.24
CA SER F 220 8.06 -55.90 89.46
C SER F 220 8.95 -56.21 88.28
N THR F 221 9.79 -55.24 87.87
CA THR F 221 10.53 -55.32 86.62
C THR F 221 11.99 -54.98 86.81
N VAL F 222 12.84 -55.56 85.94
CA VAL F 222 14.29 -55.31 85.91
C VAL F 222 14.70 -55.10 84.44
N ILE F 223 15.66 -54.20 84.21
CA ILE F 223 16.03 -53.73 82.87
C ILE F 223 17.53 -53.91 82.64
N TRP F 224 17.89 -54.41 81.45
CA TRP F 224 19.26 -54.44 80.96
C TRP F 224 19.39 -53.64 79.66
N PRO F 225 19.91 -52.42 79.71
CA PRO F 225 20.16 -51.68 78.47
C PRO F 225 21.41 -52.18 77.77
N ALA F 226 21.55 -51.77 76.49
CA ALA F 226 22.67 -52.23 75.69
C ALA F 226 23.99 -51.62 76.13
N GLN F 227 23.99 -50.33 76.46
CA GLN F 227 25.20 -49.64 76.89
C GLN F 227 24.90 -48.78 78.10
N TYR F 228 25.95 -48.45 78.84
CA TYR F 228 25.83 -47.62 80.04
C TYR F 228 25.28 -46.24 79.66
N PRO F 229 24.59 -45.56 80.59
CA PRO F 229 23.84 -44.35 80.24
C PRO F 229 24.68 -43.26 79.58
N ARG F 230 24.05 -42.60 78.62
CA ARG F 230 24.71 -41.78 77.61
C ARG F 230 24.80 -40.32 78.01
N ASN F 231 23.95 -39.88 78.93
CA ASN F 231 24.05 -38.55 79.54
C ASN F 231 23.36 -38.61 80.90
N ASP F 232 23.44 -37.50 81.63
CA ASP F 232 22.93 -37.46 83.00
C ASP F 232 21.41 -37.64 83.04
N ALA F 233 20.69 -36.92 82.17
CA ALA F 233 19.24 -36.99 82.17
C ALA F 233 18.73 -38.35 81.72
N GLU F 234 19.48 -39.03 80.85
CA GLU F 234 19.13 -40.41 80.48
C GLU F 234 19.36 -41.34 81.65
N ALA F 235 20.43 -41.12 82.43
CA ALA F 235 20.69 -41.92 83.62
C ALA F 235 19.60 -41.72 84.66
N LEU F 236 19.04 -40.52 84.75
CA LEU F 236 18.01 -40.22 85.72
C LEU F 236 16.68 -40.90 85.42
N TYR F 237 16.55 -41.59 84.29
CA TYR F 237 15.31 -42.28 83.96
C TYR F 237 15.08 -43.53 84.81
N TYR F 238 16.14 -44.21 85.21
CA TYR F 238 16.00 -45.44 86.00
C TYR F 238 17.03 -45.49 87.12
N GLY F 239 16.55 -45.63 88.35
CA GLY F 239 17.42 -45.95 89.46
C GLY F 239 17.05 -47.23 90.18
N ASP F 240 15.74 -47.49 90.27
CA ASP F 240 15.27 -48.75 90.84
C ASP F 240 15.23 -49.85 89.80
N ARG F 241 15.26 -49.49 88.51
CA ARG F 241 14.95 -50.40 87.43
C ARG F 241 16.20 -51.06 86.85
N LEU F 242 17.34 -50.36 86.92
CA LEU F 242 18.57 -50.87 86.33
C LEU F 242 19.07 -52.09 87.10
N ALA F 243 19.66 -53.03 86.37
CA ALA F 243 20.18 -54.24 86.99
C ALA F 243 21.28 -53.89 87.99
N PRO F 244 21.34 -54.60 89.13
CA PRO F 244 22.26 -54.23 90.21
C PRO F 244 23.74 -54.14 89.83
N MET F 245 24.22 -55.04 88.96
CA MET F 245 25.61 -54.98 88.51
C MET F 245 25.90 -53.66 87.79
N LEU F 246 25.01 -53.27 86.88
CA LEU F 246 25.22 -52.07 86.07
C LEU F 246 25.19 -50.81 86.92
N LYS F 247 24.22 -50.71 87.84
CA LYS F 247 24.16 -49.56 88.75
C LYS F 247 25.34 -49.55 89.71
N ALA F 248 25.75 -50.73 90.19
CA ALA F 248 26.88 -50.83 91.12
C ALA F 248 28.16 -50.34 90.47
N GLU F 249 28.34 -50.65 89.18
CA GLU F 249 29.50 -50.10 88.48
C GLU F 249 29.35 -48.61 88.21
N TYR F 250 28.17 -48.18 87.73
CA TYR F 250 28.04 -46.81 87.25
C TYR F 250 27.99 -45.77 88.37
N ASP F 251 27.78 -46.18 89.63
CA ASP F 251 27.87 -45.22 90.73
C ASP F 251 29.31 -44.76 90.94
N GLU F 252 30.29 -45.54 90.51
CA GLU F 252 31.69 -45.31 90.86
C GLU F 252 32.49 -44.69 89.71
N GLY F 253 32.54 -45.38 88.57
CA GLY F 253 33.28 -44.88 87.42
C GLY F 253 32.41 -44.07 86.47
N PHE F 254 31.54 -43.22 87.02
CA PHE F 254 30.44 -42.62 86.28
C PHE F 254 30.90 -41.72 85.13
N GLU F 255 32.15 -41.25 85.14
CA GLU F 255 32.63 -40.49 84.00
C GLU F 255 33.30 -41.35 82.94
N LEU F 256 34.04 -42.39 83.34
CA LEU F 256 34.69 -43.24 82.35
C LEU F 256 33.74 -44.26 81.74
N LEU F 257 32.72 -44.68 82.47
CA LEU F 257 31.78 -45.67 81.99
C LEU F 257 30.72 -45.10 81.06
N ARG F 258 30.67 -43.78 80.89
CA ARG F 258 29.64 -43.11 80.10
C ARG F 258 29.59 -43.62 78.66
N GLY F 259 28.44 -44.19 78.29
CA GLY F 259 28.22 -44.68 76.96
C GLY F 259 28.95 -45.96 76.59
N GLN F 260 29.64 -46.58 77.54
CA GLN F 260 30.42 -47.77 77.22
C GLN F 260 29.51 -48.98 77.03
N PRO F 261 29.86 -49.90 76.12
CA PRO F 261 29.00 -51.07 75.89
C PRO F 261 29.04 -52.03 77.07
N THR F 262 27.86 -52.55 77.43
CA THR F 262 27.76 -53.45 78.57
C THR F 262 28.27 -54.85 78.29
N ASP F 263 28.37 -55.26 77.03
CA ASP F 263 28.79 -56.63 76.69
C ASP F 263 29.70 -56.58 75.47
N PRO F 264 30.95 -56.14 75.63
CA PRO F 264 31.84 -56.00 74.47
C PRO F 264 32.32 -57.32 73.88
N VAL F 265 32.05 -58.45 74.52
CA VAL F 265 32.47 -59.74 73.97
C VAL F 265 31.68 -60.07 72.71
N ARG F 266 30.43 -59.59 72.62
CA ARG F 266 29.60 -59.81 71.44
C ARG F 266 29.31 -58.55 70.65
N PHE F 267 29.23 -57.39 71.29
CA PHE F 267 28.73 -56.16 70.66
C PHE F 267 29.70 -55.01 70.93
N ASP F 268 30.64 -54.81 70.01
CA ASP F 268 31.53 -53.66 70.04
C ASP F 268 30.78 -52.40 69.61
N MET F 269 31.45 -51.25 69.77
CA MET F 269 30.88 -49.96 69.39
C MET F 269 30.58 -49.88 67.90
N ASP F 270 31.48 -50.39 67.06
CA ASP F 270 31.27 -50.31 65.62
C ASP F 270 30.15 -51.21 65.15
N ASP F 271 29.84 -52.26 65.92
CA ASP F 271 28.69 -53.09 65.60
C ASP F 271 27.39 -52.46 66.10
N LEU F 272 27.45 -51.56 67.07
CA LEU F 272 26.26 -50.85 67.49
C LEU F 272 25.97 -49.65 66.60
N ARG F 273 27.02 -49.07 66.00
CA ARG F 273 26.87 -47.89 65.15
C ARG F 273 26.04 -48.21 63.90
N GLU F 274 26.29 -49.38 63.29
CA GLU F 274 25.55 -49.72 62.08
C GLU F 274 24.08 -49.98 62.38
N ARG F 275 23.74 -50.34 63.62
CA ARG F 275 22.33 -50.37 64.01
C ARG F 275 21.74 -48.97 64.01
N GLU F 276 22.51 -47.97 64.45
CA GLU F 276 22.04 -46.59 64.39
C GLU F 276 22.08 -46.02 62.99
N LEU F 277 22.66 -46.75 62.04
CA LEU F 277 22.48 -46.42 60.63
C LEU F 277 21.29 -47.14 60.00
N GLU F 278 20.99 -48.36 60.44
CA GLU F 278 19.79 -49.05 59.95
C GLU F 278 18.52 -48.34 60.37
N TYR F 279 18.49 -47.80 61.58
CA TYR F 279 17.31 -47.18 62.14
C TYR F 279 17.65 -45.78 62.63
N GLY F 280 16.63 -44.93 62.72
CA GLY F 280 16.83 -43.62 63.28
C GLY F 280 17.15 -43.68 64.76
N LYS F 281 17.55 -42.52 65.29
CA LYS F 281 17.94 -42.43 66.69
C LYS F 281 16.78 -42.75 67.63
N ALA F 282 15.55 -42.45 67.19
CA ALA F 282 14.37 -42.84 67.97
C ALA F 282 14.24 -44.35 68.05
N GLY F 283 14.42 -45.04 66.93
CA GLY F 283 14.33 -46.49 66.93
C GLY F 283 15.40 -47.15 67.76
N TYR F 284 16.64 -46.67 67.65
CA TYR F 284 17.73 -47.20 68.46
C TYR F 284 17.47 -46.98 69.94
N THR F 285 17.02 -45.78 70.31
CA THR F 285 16.72 -45.52 71.72
C THR F 285 15.57 -46.38 72.22
N LEU F 286 14.59 -46.65 71.35
CA LEU F 286 13.45 -47.47 71.77
C LEU F 286 13.87 -48.93 71.98
N GLN F 287 14.62 -49.50 71.04
CA GLN F 287 14.88 -50.94 71.09
C GLN F 287 16.14 -51.32 71.87
N PHE F 288 17.15 -50.46 71.94
CA PHE F 288 18.40 -50.83 72.60
C PHE F 288 18.62 -50.13 73.93
N MET F 289 18.15 -48.89 74.09
CA MET F 289 18.23 -48.23 75.39
C MET F 289 16.96 -48.37 76.21
N LEU F 290 15.88 -48.86 75.60
CA LEU F 290 14.59 -49.10 76.25
C LEU F 290 14.02 -47.84 76.90
N ASN F 291 14.23 -46.70 76.27
CA ASN F 291 13.73 -45.42 76.76
C ASN F 291 12.75 -44.83 75.76
N PRO F 292 11.47 -45.16 75.85
CA PRO F 292 10.49 -44.60 74.90
C PRO F 292 10.29 -43.11 75.15
N ASN F 293 10.39 -42.34 74.06
CA ASN F 293 10.36 -40.88 74.12
C ASN F 293 8.93 -40.38 73.94
N LEU F 294 8.15 -40.50 75.00
CA LEU F 294 6.75 -40.08 74.98
C LEU F 294 6.65 -38.56 74.92
N SER F 295 5.91 -38.06 73.94
CA SER F 295 5.67 -36.63 73.76
C SER F 295 4.36 -36.16 74.37
N ASP F 296 3.87 -36.83 75.42
CA ASP F 296 2.50 -36.66 75.90
C ASP F 296 2.20 -35.29 76.50
N ALA F 297 3.20 -34.46 76.80
CA ALA F 297 2.92 -33.15 77.39
C ALA F 297 2.77 -32.06 76.34
N GLU F 298 3.39 -32.24 75.17
CA GLU F 298 3.36 -31.17 74.17
C GLU F 298 2.98 -31.64 72.79
N LYS F 299 2.64 -32.92 72.60
CA LYS F 299 2.00 -33.33 71.36
C LYS F 299 0.63 -32.68 71.22
N TYR F 300 -0.19 -32.75 72.27
CA TYR F 300 -1.54 -32.19 72.23
C TYR F 300 -1.68 -31.13 73.31
N PRO F 301 -1.84 -29.85 72.96
CA PRO F 301 -2.00 -28.81 73.98
C PRO F 301 -3.30 -28.90 74.76
N LEU F 302 -4.39 -29.35 74.14
CA LEU F 302 -5.72 -29.21 74.71
C LEU F 302 -6.18 -30.51 75.36
N ARG F 303 -6.64 -30.42 76.60
CA ARG F 303 -7.08 -31.57 77.38
C ARG F 303 -8.48 -31.30 77.93
N LEU F 304 -9.34 -32.32 77.92
CA LEU F 304 -10.69 -32.17 78.45
C LEU F 304 -10.73 -32.06 79.96
N ARG F 305 -9.62 -32.37 80.64
CA ARG F 305 -9.58 -32.33 82.10
C ARG F 305 -9.72 -30.92 82.64
N ASP F 306 -9.40 -29.90 81.85
CA ASP F 306 -9.22 -28.55 82.34
C ASP F 306 -10.44 -27.65 82.11
N ALA F 307 -11.65 -28.21 82.02
CA ALA F 307 -12.84 -27.41 81.82
C ALA F 307 -13.98 -27.94 82.69
N ILE F 308 -14.85 -27.04 83.12
CA ILE F 308 -15.97 -27.42 83.99
C ILE F 308 -17.14 -27.83 83.12
N VAL F 309 -17.81 -28.92 83.48
CA VAL F 309 -19.01 -29.40 82.79
C VAL F 309 -20.18 -29.35 83.77
N CYS F 310 -21.26 -28.65 83.38
CA CYS F 310 -22.40 -28.50 84.26
C CYS F 310 -23.67 -28.25 83.46
N ALA F 311 -24.81 -28.68 84.02
CA ALA F 311 -26.13 -28.47 83.42
C ALA F 311 -26.70 -27.13 83.86
N VAL F 312 -26.14 -26.06 83.29
CA VAL F 312 -26.45 -24.71 83.74
C VAL F 312 -27.90 -24.32 83.44
N ASP F 313 -28.39 -23.34 84.21
CA ASP F 313 -29.73 -22.79 84.08
C ASP F 313 -29.75 -21.70 83.00
N PRO F 314 -30.84 -21.62 82.22
CA PRO F 314 -30.87 -20.66 81.10
C PRO F 314 -30.95 -19.20 81.51
N GLU F 315 -31.21 -18.87 82.78
CA GLU F 315 -31.50 -17.49 83.12
C GLU F 315 -30.58 -16.93 84.20
N ARG F 316 -30.10 -17.78 85.10
CA ARG F 316 -29.15 -17.36 86.13
C ARG F 316 -28.07 -18.43 86.29
N ALA F 317 -26.89 -17.98 86.72
CA ALA F 317 -25.76 -18.86 86.95
C ALA F 317 -24.97 -18.35 88.14
N PRO F 318 -24.29 -19.25 88.86
CA PRO F 318 -23.42 -18.82 89.97
C PRO F 318 -22.28 -17.93 89.51
N LEU F 319 -21.87 -17.01 90.37
CA LEU F 319 -20.92 -15.98 90.01
C LEU F 319 -19.46 -16.38 90.13
N SER F 320 -19.16 -17.57 90.64
CA SER F 320 -17.78 -18.06 90.67
C SER F 320 -17.78 -19.58 90.84
N TYR F 321 -16.63 -20.18 90.49
CA TYR F 321 -16.45 -21.62 90.60
C TYR F 321 -15.03 -21.92 91.05
N GLN F 322 -14.82 -23.16 91.49
CA GLN F 322 -13.52 -23.66 91.91
C GLN F 322 -13.32 -25.07 91.36
N TRP F 323 -12.10 -25.35 90.91
CA TRP F 323 -11.79 -26.52 90.09
C TRP F 323 -10.92 -27.53 90.84
N LEU F 324 -11.40 -28.77 90.93
CA LEU F 324 -10.60 -29.88 91.47
C LEU F 324 -11.16 -31.17 90.87
N PRO F 325 -10.40 -31.82 89.98
CA PRO F 325 -10.82 -33.14 89.45
C PRO F 325 -10.68 -34.22 90.51
N ASN F 326 -11.77 -34.95 90.76
CA ASN F 326 -11.80 -35.92 91.84
C ASN F 326 -12.82 -37.00 91.48
N ARG F 327 -12.69 -38.17 92.12
CA ARG F 327 -13.58 -39.30 91.89
C ARG F 327 -15.04 -38.92 92.16
N GLN F 328 -15.28 -38.09 93.18
CA GLN F 328 -16.62 -37.64 93.51
C GLN F 328 -17.21 -36.81 92.37
N ASN F 329 -16.38 -36.04 91.69
CA ASN F 329 -16.83 -35.15 90.63
C ASN F 329 -16.80 -35.78 89.24
N ARG F 330 -16.12 -36.91 89.08
CA ARG F 330 -15.94 -37.46 87.73
C ARG F 330 -17.25 -38.00 87.17
N ASN F 331 -17.50 -37.71 85.90
CA ASN F 331 -18.59 -38.32 85.16
C ASN F 331 -18.15 -39.67 84.60
N GLU F 332 -19.13 -40.53 84.35
CA GLU F 332 -18.88 -41.85 83.77
C GLU F 332 -19.84 -42.25 82.66
N GLU F 333 -20.92 -41.50 82.42
CA GLU F 333 -21.96 -41.91 81.49
C GLU F 333 -21.87 -41.22 80.14
N LEU F 334 -21.30 -40.02 80.08
CA LEU F 334 -21.23 -39.30 78.81
C LEU F 334 -20.25 -39.98 77.87
N PRO F 335 -20.57 -40.07 76.57
CA PRO F 335 -19.58 -40.57 75.61
C PRO F 335 -18.39 -39.66 75.53
N ASN F 336 -17.20 -40.25 75.41
CA ASN F 336 -15.95 -39.50 75.54
C ASN F 336 -14.99 -40.04 74.49
N VAL F 337 -14.68 -39.21 73.49
CA VAL F 337 -13.71 -39.57 72.46
C VAL F 337 -12.29 -39.17 72.81
N GLY F 338 -12.08 -38.57 73.97
CA GLY F 338 -10.76 -38.07 74.32
C GLY F 338 -9.76 -39.19 74.54
N LEU F 339 -8.48 -38.84 74.42
CA LEU F 339 -7.40 -39.79 74.65
C LEU F 339 -7.37 -40.21 76.11
N LYS F 340 -6.68 -41.33 76.36
CA LYS F 340 -6.79 -42.04 77.63
C LYS F 340 -6.32 -41.20 78.80
N GLY F 341 -7.17 -41.07 79.82
CA GLY F 341 -6.92 -40.25 80.97
C GLY F 341 -7.67 -38.95 81.00
N ASP F 342 -8.26 -38.52 79.89
CA ASP F 342 -9.09 -37.31 79.88
C ASP F 342 -10.49 -37.68 80.35
N ASP F 343 -10.77 -37.38 81.62
CA ASP F 343 -12.03 -37.72 82.24
C ASP F 343 -12.82 -36.46 82.53
N ILE F 344 -14.12 -36.48 82.19
CA ILE F 344 -14.99 -35.35 82.41
C ILE F 344 -15.26 -35.19 83.91
N HIS F 345 -15.09 -33.98 84.41
CA HIS F 345 -15.30 -33.68 85.83
C HIS F 345 -16.20 -32.47 86.00
N ALA F 346 -17.08 -32.55 86.98
CA ALA F 346 -17.86 -31.39 87.39
C ALA F 346 -17.01 -30.46 88.25
N PHE F 347 -17.59 -29.31 88.60
CA PHE F 347 -16.94 -28.42 89.54
C PHE F 347 -16.95 -29.02 90.94
N HIS F 348 -16.10 -28.49 91.80
CA HIS F 348 -16.07 -28.98 93.17
C HIS F 348 -16.94 -28.12 94.10
N THR F 349 -16.69 -26.81 94.15
CA THR F 349 -17.50 -25.88 94.93
C THR F 349 -17.80 -24.64 94.10
N CYS F 350 -18.89 -23.96 94.45
CA CYS F 350 -19.29 -22.75 93.75
C CYS F 350 -20.07 -21.85 94.71
N SER F 351 -20.25 -20.60 94.30
CA SER F 351 -20.99 -19.63 95.11
C SER F 351 -22.47 -19.96 95.14
N SER F 352 -23.14 -19.46 96.18
CA SER F 352 -24.59 -19.54 96.30
C SER F 352 -25.31 -18.33 95.71
N ARG F 353 -24.57 -17.40 95.12
CA ARG F 353 -25.12 -16.15 94.60
C ARG F 353 -25.17 -16.21 93.07
N THR F 354 -26.36 -16.00 92.50
CA THR F 354 -26.60 -16.21 91.08
C THR F 354 -27.17 -14.95 90.45
N ALA F 355 -26.81 -14.72 89.19
CA ALA F 355 -27.26 -13.53 88.46
C ALA F 355 -27.35 -13.86 86.98
N GLU F 356 -27.99 -12.95 86.24
CA GLU F 356 -28.16 -13.12 84.80
C GLU F 356 -26.85 -12.90 84.05
N TYR F 357 -26.75 -13.51 82.86
CA TYR F 357 -25.55 -13.43 82.05
C TYR F 357 -25.39 -12.03 81.45
N GLN F 358 -24.14 -11.67 81.14
CA GLN F 358 -23.84 -10.32 80.68
C GLN F 358 -24.06 -10.14 79.18
N SER F 359 -23.62 -11.09 78.35
CA SER F 359 -23.73 -10.93 76.90
C SER F 359 -23.88 -12.30 76.25
N LYS F 360 -24.53 -12.30 75.07
CA LYS F 360 -25.00 -13.52 74.39
C LYS F 360 -24.73 -13.40 72.89
N ILE F 361 -23.89 -14.30 72.34
CA ILE F 361 -23.46 -14.25 70.94
C ILE F 361 -23.78 -15.57 70.25
N LEU F 362 -24.15 -15.47 68.97
CA LEU F 362 -24.18 -16.57 68.01
C LEU F 362 -23.09 -16.34 66.96
N VAL F 363 -22.34 -17.40 66.62
CA VAL F 363 -21.24 -17.32 65.66
C VAL F 363 -21.48 -18.32 64.54
N ILE F 364 -21.21 -17.88 63.29
CA ILE F 364 -21.43 -18.67 62.09
C ILE F 364 -20.14 -18.73 61.28
N ASP F 365 -19.82 -19.91 60.74
CA ASP F 365 -18.77 -20.12 59.75
C ASP F 365 -19.40 -20.71 58.49
N PRO F 366 -19.67 -19.88 57.47
CA PRO F 366 -20.42 -20.36 56.31
C PRO F 366 -19.60 -21.28 55.41
N SER F 367 -20.32 -22.16 54.72
CA SER F 367 -19.68 -23.15 53.85
C SER F 367 -19.04 -22.48 52.65
N GLY F 368 -17.87 -22.97 52.27
CA GLY F 368 -17.14 -22.44 51.14
C GLY F 368 -17.47 -23.11 49.82
N ARG F 369 -16.45 -23.38 49.01
CA ARG F 369 -16.66 -24.02 47.73
C ARG F 369 -16.88 -25.52 47.92
N GLY F 370 -17.75 -26.08 47.09
CA GLY F 370 -18.09 -27.48 47.24
C GLY F 370 -19.01 -27.70 48.43
N LYS F 371 -19.10 -28.95 48.85
CA LYS F 371 -20.01 -29.36 49.91
C LYS F 371 -19.25 -29.65 51.20
N ASP F 372 -19.54 -28.86 52.22
CA ASP F 372 -19.05 -29.05 53.58
C ASP F 372 -20.14 -28.51 54.50
N GLU F 373 -20.01 -28.80 55.80
CA GLU F 373 -21.00 -28.30 56.74
C GLU F 373 -20.70 -26.87 57.18
N THR F 374 -21.76 -26.08 57.32
CA THR F 374 -21.65 -24.74 57.90
C THR F 374 -21.61 -24.84 59.43
N GLY F 375 -20.60 -24.24 60.05
CA GLY F 375 -20.45 -24.33 61.49
C GLY F 375 -21.13 -23.20 62.26
N TYR F 376 -21.52 -23.46 63.50
CA TYR F 376 -22.08 -22.42 64.36
C TYR F 376 -21.85 -22.74 65.82
N ALA F 377 -21.97 -21.71 66.66
CA ALA F 377 -21.77 -21.85 68.10
C ALA F 377 -22.53 -20.78 68.87
N VAL F 378 -22.91 -21.09 70.10
CA VAL F 378 -23.66 -20.20 70.99
C VAL F 378 -22.92 -20.05 72.31
N LEU F 379 -22.62 -18.79 72.67
CA LEU F 379 -21.80 -18.49 73.84
C LEU F 379 -22.38 -17.33 74.63
N TYR F 380 -22.31 -17.40 75.96
CA TYR F 380 -22.55 -16.21 76.79
C TYR F 380 -21.33 -15.96 77.65
N SER F 381 -21.34 -14.83 78.36
CA SER F 381 -20.23 -14.49 79.24
C SER F 381 -20.74 -13.98 80.59
N LEU F 382 -19.90 -14.14 81.62
CA LEU F 382 -20.14 -13.53 82.93
C LEU F 382 -18.82 -13.43 83.67
N ASN F 383 -18.40 -12.19 83.98
CA ASN F 383 -17.09 -11.85 84.57
C ASN F 383 -16.01 -12.51 83.72
N GLY F 384 -15.09 -13.27 84.31
CA GLY F 384 -14.07 -13.94 83.52
C GLY F 384 -14.54 -15.20 82.84
N TYR F 385 -15.73 -15.70 83.17
CA TYR F 385 -16.17 -16.99 82.65
C TYR F 385 -16.88 -16.85 81.31
N ILE F 386 -16.66 -17.85 80.46
CA ILE F 386 -17.29 -17.98 79.15
C ILE F 386 -18.08 -19.28 79.14
N TYR F 387 -19.35 -19.22 78.77
CA TYR F 387 -20.23 -20.38 78.76
C TYR F 387 -20.53 -20.81 77.34
N LEU F 388 -20.38 -22.10 77.06
CA LEU F 388 -20.63 -22.72 75.75
C LEU F 388 -21.84 -23.63 75.83
N MET F 389 -22.89 -23.33 75.04
CA MET F 389 -24.16 -24.06 75.17
C MET F 389 -24.67 -24.76 73.93
N GLU F 390 -24.22 -24.40 72.73
CA GLU F 390 -24.53 -25.25 71.59
C GLU F 390 -23.44 -25.13 70.54
N VAL F 391 -23.16 -26.24 69.88
CA VAL F 391 -22.27 -26.30 68.74
C VAL F 391 -22.79 -27.38 67.82
N GLY F 392 -22.64 -27.17 66.51
CA GLY F 392 -23.13 -28.14 65.56
C GLY F 392 -22.99 -27.61 64.15
N GLY F 393 -23.64 -28.28 63.22
CA GLY F 393 -23.52 -27.88 61.83
C GLY F 393 -24.65 -28.34 60.95
N PHE F 394 -24.87 -27.57 59.88
CA PHE F 394 -25.83 -27.87 58.84
C PHE F 394 -25.09 -27.99 57.51
N ARG F 395 -25.57 -28.88 56.66
CA ARG F 395 -24.91 -29.15 55.40
C ARG F 395 -25.77 -28.59 54.25
N GLY F 396 -25.12 -27.89 53.33
CA GLY F 396 -25.82 -27.25 52.24
C GLY F 396 -25.10 -25.99 51.82
N GLY F 397 -25.83 -25.11 51.14
CA GLY F 397 -25.29 -23.83 50.70
C GLY F 397 -26.08 -22.66 51.20
N TYR F 398 -26.33 -21.68 50.34
CA TYR F 398 -27.20 -20.55 50.66
C TYR F 398 -28.66 -20.81 50.30
N ASP F 399 -29.07 -22.07 50.28
CA ASP F 399 -30.47 -22.42 50.10
C ASP F 399 -31.31 -21.93 51.28
N ASP F 400 -32.63 -21.87 51.07
CA ASP F 400 -33.51 -21.26 52.08
C ASP F 400 -33.62 -22.11 53.34
N ALA F 401 -33.47 -23.44 53.21
CA ALA F 401 -33.65 -24.32 54.36
C ALA F 401 -32.59 -24.08 55.42
N THR F 402 -31.31 -24.03 55.02
CA THR F 402 -30.22 -23.83 55.96
C THR F 402 -30.33 -22.47 56.65
N LEU F 403 -30.59 -21.42 55.87
CA LEU F 403 -30.64 -20.08 56.42
C LEU F 403 -31.84 -19.90 57.32
N GLU F 404 -32.97 -20.53 56.98
CA GLU F 404 -34.15 -20.46 57.82
C GLU F 404 -33.94 -21.22 59.13
N LYS F 405 -33.26 -22.37 59.07
CA LYS F 405 -32.90 -23.09 60.30
C LYS F 405 -31.99 -22.26 61.18
N LEU F 406 -31.02 -21.57 60.59
CA LEU F 406 -30.14 -20.69 61.37
C LEU F 406 -30.92 -19.54 61.99
N ALA F 407 -31.88 -18.97 61.26
CA ALA F 407 -32.71 -17.90 61.81
C ALA F 407 -33.55 -18.40 62.99
N LYS F 408 -34.13 -19.59 62.85
CA LYS F 408 -34.89 -20.17 63.95
C LYS F 408 -34.01 -20.49 65.15
N LYS F 409 -32.76 -20.91 64.90
CA LYS F 409 -31.82 -21.13 65.99
C LYS F 409 -31.46 -19.83 66.69
N ALA F 410 -31.32 -18.74 65.92
CA ALA F 410 -31.10 -17.43 66.54
C ALA F 410 -32.31 -17.00 67.35
N LYS F 411 -33.50 -17.40 66.94
CA LYS F 411 -34.70 -17.12 67.72
C LYS F 411 -34.74 -17.93 69.01
N GLN F 412 -34.37 -19.22 68.94
CA GLN F 412 -34.62 -20.17 70.02
C GLN F 412 -33.88 -19.82 71.31
N TRP F 413 -32.63 -19.37 71.20
CA TRP F 413 -31.83 -19.04 72.37
C TRP F 413 -31.90 -17.57 72.78
N LYS F 414 -32.71 -16.76 72.10
CA LYS F 414 -32.87 -15.32 72.37
C LYS F 414 -31.52 -14.61 72.35
N VAL F 415 -30.79 -14.79 71.24
CA VAL F 415 -29.45 -14.21 71.11
C VAL F 415 -29.54 -12.72 70.90
N GLN F 416 -28.40 -12.05 71.07
CA GLN F 416 -28.33 -10.60 71.04
C GLN F 416 -27.52 -10.05 69.85
N THR F 417 -26.57 -10.80 69.31
CA THR F 417 -25.79 -10.35 68.16
C THR F 417 -25.38 -11.56 67.33
N VAL F 418 -25.36 -11.38 66.00
CA VAL F 418 -24.94 -12.41 65.06
C VAL F 418 -23.62 -11.97 64.43
N VAL F 419 -22.63 -12.87 64.44
CA VAL F 419 -21.26 -12.59 64.02
C VAL F 419 -20.84 -13.65 63.01
N HIS F 420 -20.13 -13.25 61.95
CA HIS F 420 -19.64 -14.23 60.99
C HIS F 420 -18.29 -13.80 60.41
N GLU F 421 -17.55 -14.78 59.92
CA GLU F 421 -16.25 -14.57 59.30
C GLU F 421 -16.41 -14.04 57.88
N SER F 422 -15.46 -13.22 57.45
CA SER F 422 -15.49 -12.65 56.10
C SER F 422 -14.12 -12.79 55.44
N ASN F 423 -14.13 -13.10 54.14
CA ASN F 423 -12.89 -13.28 53.39
C ASN F 423 -13.05 -12.87 51.94
N PHE F 424 -11.93 -12.49 51.33
CA PHE F 424 -11.70 -12.33 49.90
C PHE F 424 -12.57 -11.25 49.26
N GLY F 425 -13.19 -10.38 50.04
CA GLY F 425 -14.09 -9.40 49.45
C GLY F 425 -15.35 -9.99 48.88
N ASP F 426 -15.81 -11.12 49.44
CA ASP F 426 -17.00 -11.80 48.93
C ASP F 426 -18.24 -10.90 49.02
N GLY F 427 -18.52 -10.36 50.19
CA GLY F 427 -19.57 -9.36 50.35
C GLY F 427 -20.99 -9.86 50.21
N MET F 428 -21.21 -11.16 50.03
CA MET F 428 -22.55 -11.64 49.71
C MET F 428 -23.37 -11.99 50.96
N PHE F 429 -22.75 -12.70 51.92
CA PHE F 429 -23.51 -13.49 52.89
C PHE F 429 -24.42 -12.64 53.78
N GLY F 430 -23.93 -11.50 54.26
CA GLY F 430 -24.77 -10.65 55.09
C GLY F 430 -25.97 -10.09 54.35
N LYS F 431 -25.74 -9.60 53.13
CA LYS F 431 -26.80 -9.05 52.30
C LYS F 431 -27.84 -10.10 51.93
N ILE F 432 -27.40 -11.35 51.76
CA ILE F 432 -28.34 -12.44 51.49
C ILE F 432 -29.11 -12.79 52.75
N PHE F 433 -28.41 -12.87 53.89
CA PHE F 433 -28.97 -13.52 55.07
C PHE F 433 -29.95 -12.62 55.82
N SER F 434 -29.67 -11.32 55.90
CA SER F 434 -30.44 -10.43 56.77
C SER F 434 -31.95 -10.38 56.49
N PRO F 435 -32.44 -10.24 55.24
CA PRO F 435 -33.90 -10.26 55.04
C PRO F 435 -34.56 -11.59 55.38
N ILE F 436 -33.82 -12.68 55.42
CA ILE F 436 -34.38 -13.94 55.89
C ILE F 436 -34.43 -13.96 57.42
N LEU F 437 -33.40 -13.41 58.06
CA LEU F 437 -33.35 -13.38 59.52
C LEU F 437 -34.47 -12.52 60.10
N LEU F 438 -34.73 -11.36 59.48
CA LEU F 438 -35.59 -10.36 60.10
C LEU F 438 -37.04 -10.79 60.28
N LYS F 439 -37.50 -11.82 59.56
CA LYS F 439 -38.87 -12.26 59.76
C LYS F 439 -39.03 -13.13 61.01
N HIS F 440 -37.93 -13.56 61.63
CA HIS F 440 -37.95 -14.33 62.86
C HIS F 440 -37.50 -13.52 64.07
N HIS F 441 -36.38 -12.81 63.94
CA HIS F 441 -35.77 -12.11 65.05
C HIS F 441 -34.98 -10.94 64.48
N LYS F 442 -34.74 -9.92 65.32
CA LYS F 442 -34.03 -8.74 64.88
C LYS F 442 -32.91 -8.39 65.85
N CYS F 443 -31.70 -8.22 65.31
CA CYS F 443 -30.50 -7.86 66.05
C CYS F 443 -29.42 -7.47 65.04
N ALA F 444 -28.32 -6.93 65.54
CA ALA F 444 -27.25 -6.44 64.68
C ALA F 444 -26.45 -7.59 64.07
N LEU F 445 -25.85 -7.31 62.92
CA LEU F 445 -24.96 -8.24 62.22
C LEU F 445 -23.60 -7.60 62.04
N GLU F 446 -22.54 -8.34 62.35
CA GLU F 446 -21.20 -7.79 62.40
C GLU F 446 -20.19 -8.77 61.79
N GLU F 447 -19.25 -8.24 61.01
CA GLU F 447 -18.22 -9.04 60.36
C GLU F 447 -16.88 -8.91 61.08
N ILE F 448 -16.03 -9.94 60.92
CA ILE F 448 -14.64 -9.90 61.33
C ILE F 448 -13.81 -10.43 60.17
N ARG F 449 -12.52 -10.13 60.19
CA ARG F 449 -11.55 -10.96 59.47
C ARG F 449 -10.33 -11.18 60.34
N ALA F 450 -9.90 -12.44 60.42
CA ALA F 450 -8.68 -12.81 61.12
C ALA F 450 -7.58 -13.13 60.12
N LYS F 451 -6.34 -13.21 60.62
CA LYS F 451 -5.19 -13.44 59.78
C LYS F 451 -4.24 -14.42 60.46
N GLY F 452 -3.34 -14.97 59.65
CA GLY F 452 -2.31 -15.85 60.16
C GLY F 452 -2.67 -17.32 60.09
N MET F 453 -1.80 -18.12 60.70
CA MET F 453 -1.97 -19.56 60.79
C MET F 453 -3.19 -19.88 61.65
N LYS F 454 -4.22 -20.47 61.03
CA LYS F 454 -5.45 -20.80 61.73
C LYS F 454 -5.21 -21.77 62.87
N GLU F 455 -4.32 -22.75 62.67
CA GLU F 455 -4.03 -23.72 63.72
C GLU F 455 -3.37 -23.07 64.93
N MET F 456 -2.36 -22.23 64.71
CA MET F 456 -1.71 -21.57 65.83
C MET F 456 -2.64 -20.54 66.46
N ARG F 457 -3.51 -19.92 65.67
CA ARG F 457 -4.48 -18.99 66.23
C ARG F 457 -5.48 -19.71 67.13
N ILE F 458 -5.94 -20.89 66.74
CA ILE F 458 -6.84 -21.67 67.58
C ILE F 458 -6.14 -22.08 68.88
N CYS F 459 -4.92 -22.62 68.77
CA CYS F 459 -4.18 -23.04 69.95
C CYS F 459 -3.89 -21.88 70.89
N ASP F 460 -3.37 -20.77 70.35
CA ASP F 460 -3.04 -19.59 71.14
C ASP F 460 -4.25 -18.81 71.61
N THR F 461 -5.44 -19.09 71.07
CA THR F 461 -6.64 -18.50 71.63
C THR F 461 -7.19 -19.35 72.78
N ILE F 462 -7.27 -20.67 72.58
CA ILE F 462 -7.93 -21.50 73.58
C ILE F 462 -7.03 -21.77 74.79
N GLU F 463 -5.74 -22.01 74.58
CA GLU F 463 -4.86 -22.40 75.68
C GLU F 463 -4.75 -21.37 76.82
N PRO F 464 -4.60 -20.06 76.59
CA PRO F 464 -4.65 -19.14 77.74
C PRO F 464 -5.99 -19.13 78.47
N LEU F 465 -7.09 -19.31 77.75
CA LEU F 465 -8.40 -19.36 78.40
C LEU F 465 -8.55 -20.63 79.21
N MET F 466 -8.17 -21.77 78.63
CA MET F 466 -8.36 -23.05 79.31
C MET F 466 -7.38 -23.22 80.47
N GLY F 467 -6.18 -22.66 80.36
CA GLY F 467 -5.24 -22.71 81.47
C GLY F 467 -5.69 -21.89 82.67
N ALA F 468 -6.44 -20.83 82.44
CA ALA F 468 -7.04 -20.09 83.53
C ALA F 468 -8.31 -20.74 84.04
N HIS F 469 -8.74 -21.84 83.42
CA HIS F 469 -9.90 -22.65 83.82
C HIS F 469 -11.19 -21.84 83.82
N LYS F 470 -11.33 -20.94 82.85
CA LYS F 470 -12.47 -20.06 82.75
C LYS F 470 -13.59 -20.63 81.88
N LEU F 471 -13.49 -21.88 81.45
CA LEU F 471 -14.39 -22.42 80.44
C LEU F 471 -15.38 -23.40 81.07
N VAL F 472 -16.67 -23.08 80.92
CA VAL F 472 -17.77 -23.88 81.44
C VAL F 472 -18.62 -24.36 80.27
N ILE F 473 -18.90 -25.66 80.23
CA ILE F 473 -19.61 -26.30 79.13
C ILE F 473 -20.93 -26.85 79.64
N ARG F 474 -22.01 -26.55 78.92
CA ARG F 474 -23.32 -27.14 79.21
C ARG F 474 -23.27 -28.64 78.96
N ASP F 475 -23.80 -29.42 79.91
CA ASP F 475 -23.72 -30.88 79.94
C ASP F 475 -24.08 -31.55 78.62
N GLU F 476 -25.33 -31.38 78.17
CA GLU F 476 -25.88 -32.19 77.09
C GLU F 476 -25.18 -31.98 75.76
N VAL F 477 -24.42 -30.88 75.64
CA VAL F 477 -23.60 -30.63 74.45
C VAL F 477 -22.71 -31.83 74.16
N ILE F 478 -22.11 -32.39 75.22
CA ILE F 478 -21.18 -33.51 75.08
C ILE F 478 -21.87 -34.69 74.42
N ARG F 479 -23.14 -34.90 74.75
CA ARG F 479 -23.90 -35.95 74.09
C ARG F 479 -24.29 -35.52 72.68
N GLU F 480 -24.82 -34.29 72.54
CA GLU F 480 -25.52 -33.89 71.31
C GLU F 480 -24.58 -33.90 70.12
N ASP F 481 -23.40 -33.28 70.27
CA ASP F 481 -22.37 -33.32 69.24
C ASP F 481 -22.01 -34.75 68.88
N TYR F 482 -21.81 -35.60 69.89
CA TYR F 482 -21.47 -36.99 69.63
C TYR F 482 -22.60 -37.72 68.91
N GLN F 483 -23.84 -37.31 69.16
CA GLN F 483 -24.93 -37.92 68.41
C GLN F 483 -25.00 -37.37 66.98
N THR F 484 -24.70 -36.09 66.79
CA THR F 484 -24.93 -35.48 65.49
C THR F 484 -23.73 -35.62 64.54
N ALA F 485 -22.67 -36.29 64.94
CA ALA F 485 -21.47 -36.39 64.10
C ALA F 485 -21.68 -37.34 62.93
N ARG F 486 -22.54 -36.96 61.99
CA ARG F 486 -22.96 -37.83 60.91
C ARG F 486 -22.30 -37.43 59.59
N ASP F 487 -21.92 -38.42 58.80
CA ASP F 487 -21.40 -38.24 57.45
C ASP F 487 -22.55 -37.83 56.51
N LEU F 488 -22.19 -37.64 55.23
CA LEU F 488 -23.17 -37.42 54.17
C LEU F 488 -24.25 -38.50 54.15
N ASP F 489 -23.86 -39.76 54.24
CA ASP F 489 -24.80 -40.88 54.16
C ASP F 489 -25.59 -41.08 55.44
N GLY F 490 -25.34 -40.30 56.49
CA GLY F 490 -25.97 -40.52 57.78
C GLY F 490 -25.18 -41.44 58.70
N LYS F 491 -24.08 -42.00 58.24
CA LYS F 491 -23.25 -42.88 59.06
C LYS F 491 -22.54 -42.08 60.15
N HIS F 492 -22.37 -42.74 61.30
CA HIS F 492 -21.60 -42.15 62.39
C HIS F 492 -20.14 -42.04 61.99
N ASP F 493 -19.52 -40.89 62.29
CA ASP F 493 -18.11 -40.67 61.99
C ASP F 493 -17.63 -39.63 62.99
N VAL F 494 -16.65 -40.01 63.81
CA VAL F 494 -16.15 -39.14 64.87
C VAL F 494 -15.39 -37.92 64.35
N ARG F 495 -14.97 -37.93 63.08
CA ARG F 495 -14.21 -36.81 62.54
C ARG F 495 -15.04 -35.54 62.41
N TYR F 496 -16.36 -35.62 62.50
CA TYR F 496 -17.19 -34.44 62.51
C TYR F 496 -17.55 -33.97 63.92
N SER F 497 -17.09 -34.68 64.94
CA SER F 497 -17.34 -34.25 66.31
C SER F 497 -16.40 -33.09 66.67
N ALA F 498 -16.95 -32.09 67.36
CA ALA F 498 -16.15 -30.93 67.73
C ALA F 498 -15.04 -31.29 68.69
N PHE F 499 -15.32 -32.16 69.66
CA PHE F 499 -14.35 -32.47 70.70
C PHE F 499 -13.26 -33.40 70.20
N TYR F 500 -13.57 -34.25 69.22
CA TYR F 500 -12.51 -34.96 68.51
C TYR F 500 -11.56 -34.00 67.82
N GLN F 501 -12.12 -32.99 67.15
CA GLN F 501 -11.30 -31.97 66.49
C GLN F 501 -10.46 -31.21 67.51
N MET F 502 -11.03 -30.97 68.70
CA MET F 502 -10.32 -30.25 69.74
C MET F 502 -9.15 -31.05 70.30
N THR F 503 -9.39 -32.33 70.62
CA THR F 503 -8.38 -33.12 71.32
C THR F 503 -7.21 -33.52 70.45
N ARG F 504 -7.36 -33.50 69.13
CA ARG F 504 -6.26 -33.80 68.22
C ARG F 504 -5.59 -32.56 67.65
N MET F 505 -5.94 -31.38 68.15
CA MET F 505 -5.38 -30.13 67.64
C MET F 505 -3.90 -30.02 67.99
N THR F 506 -3.09 -29.60 67.01
CA THR F 506 -1.66 -29.35 67.22
C THR F 506 -1.27 -28.07 66.52
N ARG F 507 -0.13 -27.50 66.94
CA ARG F 507 0.42 -26.29 66.30
C ARG F 507 1.23 -26.66 65.05
N GLU F 508 0.56 -27.29 64.11
CA GLU F 508 1.16 -27.70 62.85
C GLU F 508 0.27 -27.29 61.70
N ARG F 509 0.87 -27.18 60.51
CA ARG F 509 0.10 -26.89 59.31
C ARG F 509 -0.57 -28.14 58.73
N GLY F 510 -0.18 -29.33 59.17
CA GLY F 510 -0.84 -30.56 58.77
C GLY F 510 -1.71 -31.15 59.87
N ALA F 511 -2.20 -30.30 60.76
CA ALA F 511 -2.72 -30.75 62.05
C ALA F 511 -4.00 -31.58 61.90
N VAL F 512 -4.99 -31.08 61.16
CA VAL F 512 -6.28 -31.73 61.09
C VAL F 512 -6.94 -31.40 59.75
N ALA F 513 -7.68 -32.37 59.21
CA ALA F 513 -8.34 -32.20 57.93
C ALA F 513 -9.66 -31.43 58.05
N HIS F 514 -10.28 -31.41 59.21
CA HIS F 514 -11.59 -30.80 59.39
C HIS F 514 -11.59 -29.90 60.61
N ASP F 515 -12.21 -28.72 60.47
CA ASP F 515 -12.17 -27.71 61.51
C ASP F 515 -13.44 -26.90 61.72
N ASP F 516 -14.57 -27.34 61.17
CA ASP F 516 -15.72 -26.45 60.96
C ASP F 516 -16.33 -25.97 62.28
N ARG F 517 -16.27 -26.78 63.33
CA ARG F 517 -16.93 -26.44 64.58
C ARG F 517 -15.99 -25.71 65.54
N ILE F 518 -14.76 -26.22 65.66
CA ILE F 518 -13.78 -25.64 66.57
C ILE F 518 -13.39 -24.23 66.12
N ASP F 519 -13.48 -23.95 64.82
CA ASP F 519 -13.19 -22.61 64.32
C ASP F 519 -14.23 -21.60 64.78
N ALA F 520 -15.51 -21.98 64.73
CA ALA F 520 -16.56 -21.13 65.27
C ALA F 520 -16.41 -20.92 66.76
N ILE F 521 -15.99 -21.96 67.48
CA ILE F 521 -15.69 -21.81 68.91
C ILE F 521 -14.59 -20.78 69.12
N ALA F 522 -13.52 -20.86 68.32
CA ALA F 522 -12.40 -19.93 68.47
C ALA F 522 -12.82 -18.49 68.19
N LEU F 523 -13.61 -18.28 67.14
CA LEU F 523 -14.04 -16.91 66.83
C LEU F 523 -15.00 -16.37 67.88
N GLY F 524 -15.87 -17.21 68.45
CA GLY F 524 -16.71 -16.77 69.56
C GLY F 524 -15.90 -16.36 70.77
N ILE F 525 -14.86 -17.14 71.10
CA ILE F 525 -14.01 -16.81 72.23
C ILE F 525 -13.28 -15.49 71.99
N GLU F 526 -12.72 -15.31 70.79
CA GLU F 526 -11.98 -14.09 70.49
C GLU F 526 -12.88 -12.86 70.51
N TYR F 527 -14.09 -12.97 69.97
CA TYR F 527 -15.02 -11.83 69.99
C TYR F 527 -15.48 -11.48 71.40
N LEU F 528 -15.81 -12.49 72.22
CA LEU F 528 -16.10 -12.18 73.62
C LEU F 528 -14.90 -11.67 74.38
N ARG F 529 -13.69 -11.96 73.91
CA ARG F 529 -12.50 -11.47 74.58
C ARG F 529 -12.26 -9.99 74.29
N GLU F 530 -12.38 -9.59 73.01
CA GLU F 530 -11.94 -8.25 72.62
C GLU F 530 -13.05 -7.21 72.57
N GLY F 531 -14.32 -7.61 72.42
CA GLY F 531 -15.36 -6.68 72.06
C GLY F 531 -15.93 -5.80 73.17
N MET F 532 -15.48 -6.00 74.42
CA MET F 532 -16.14 -5.35 75.55
C MET F 532 -15.73 -3.89 75.76
N LEU F 533 -14.69 -3.41 75.09
CA LEU F 533 -14.10 -2.11 75.41
C LEU F 533 -14.81 -0.96 74.69
N VAL F 534 -15.08 0.11 75.44
CA VAL F 534 -15.56 1.39 74.92
C VAL F 534 -14.74 2.50 75.58
N ASP F 535 -14.19 3.41 74.77
CA ASP F 535 -13.43 4.55 75.26
C ASP F 535 -14.26 5.84 75.19
N SER F 536 -13.72 6.89 75.82
CA SER F 536 -14.37 8.19 75.79
C SER F 536 -13.30 9.28 75.91
N ARG F 537 -13.66 10.49 75.47
CA ARG F 537 -12.77 11.63 75.48
C ARG F 537 -13.46 12.78 76.18
N VAL F 538 -12.82 13.32 77.23
CA VAL F 538 -13.44 14.29 78.11
C VAL F 538 -12.48 15.45 78.34
N GLY F 539 -13.01 16.67 78.30
CA GLY F 539 -12.21 17.84 78.63
C GLY F 539 -12.30 19.00 77.65
N SER G 2 -91.23 -102.11 5.38
CA SER G 2 -91.20 -101.64 4.00
C SER G 2 -92.25 -100.56 3.75
N GLN G 3 -93.48 -100.83 4.20
CA GLN G 3 -94.61 -99.93 3.93
C GLN G 3 -94.41 -98.55 4.57
N SER G 4 -93.90 -98.51 5.81
CA SER G 4 -93.70 -97.24 6.50
C SER G 4 -92.69 -96.36 5.76
N GLN G 5 -91.63 -96.98 5.24
CA GLN G 5 -90.66 -96.21 4.46
C GLN G 5 -91.24 -95.76 3.12
N GLU G 6 -92.09 -96.59 2.49
CA GLU G 6 -92.72 -96.17 1.24
C GLU G 6 -93.66 -94.98 1.46
N ALA G 7 -94.39 -95.00 2.57
CA ALA G 7 -95.19 -93.83 2.94
C ALA G 7 -94.30 -92.63 3.25
N LYS G 8 -93.13 -92.88 3.86
CA LYS G 8 -92.19 -91.80 4.17
C LYS G 8 -91.71 -91.12 2.89
N ASN G 9 -91.32 -91.90 1.89
CA ASN G 9 -90.94 -91.37 0.58
C ASN G 9 -92.10 -90.67 -0.11
N ALA G 10 -93.31 -91.25 -0.03
CA ALA G 10 -94.48 -90.64 -0.64
C ALA G 10 -94.77 -89.27 -0.04
N LEU G 11 -94.48 -89.11 1.25
CA LEU G 11 -94.52 -87.79 1.86
C LEU G 11 -93.40 -86.90 1.31
N ILE G 12 -92.14 -87.34 1.45
CA ILE G 12 -90.98 -86.50 1.21
C ILE G 12 -90.95 -85.97 -0.22
N ILE G 13 -91.24 -86.83 -1.20
CA ILE G 13 -91.22 -86.40 -2.59
C ILE G 13 -92.30 -85.35 -2.89
N ALA G 14 -93.35 -85.29 -2.06
CA ALA G 14 -94.38 -84.27 -2.22
C ALA G 14 -94.05 -82.99 -1.45
N GLN G 15 -93.66 -83.11 -0.18
CA GLN G 15 -93.43 -81.91 0.63
C GLN G 15 -92.19 -81.13 0.16
N LEU G 16 -91.16 -81.84 -0.31
CA LEU G 16 -90.04 -81.11 -0.91
C LEU G 16 -90.44 -80.37 -2.18
N LYS G 17 -91.43 -80.87 -2.91
CA LYS G 17 -91.99 -80.08 -4.00
C LYS G 17 -93.04 -79.08 -3.52
N GLY G 18 -93.39 -79.10 -2.24
CA GLY G 18 -94.36 -78.16 -1.70
C GLY G 18 -93.75 -76.96 -0.99
N ASP G 19 -92.60 -77.15 -0.34
CA ASP G 19 -91.95 -76.09 0.46
C ASP G 19 -90.54 -75.87 -0.06
N PHE G 20 -90.24 -74.62 -0.43
CA PHE G 20 -88.89 -74.26 -0.86
C PHE G 20 -87.89 -74.35 0.29
N VAL G 21 -88.32 -73.98 1.49
CA VAL G 21 -87.41 -73.87 2.63
C VAL G 21 -86.87 -75.24 3.03
N ALA G 22 -87.74 -76.26 3.02
CA ALA G 22 -87.29 -77.63 3.29
C ALA G 22 -86.29 -78.10 2.25
N PHE G 23 -86.52 -77.73 0.99
CA PHE G 23 -85.59 -78.08 -0.08
C PHE G 23 -84.22 -77.43 0.15
N LEU G 24 -84.23 -76.17 0.62
CA LEU G 24 -82.97 -75.52 1.00
C LEU G 24 -82.29 -76.25 2.14
N PHE G 25 -83.06 -76.66 3.15
CA PHE G 25 -82.47 -77.37 4.28
C PHE G 25 -81.83 -78.68 3.87
N VAL G 26 -82.51 -79.48 3.04
CA VAL G 26 -81.96 -80.77 2.63
C VAL G 26 -80.74 -80.56 1.72
N LEU G 27 -80.80 -79.57 0.83
CA LEU G 27 -79.66 -79.30 -0.04
C LEU G 27 -78.46 -78.81 0.74
N TRP G 28 -78.67 -77.93 1.72
CA TRP G 28 -77.55 -77.39 2.49
C TRP G 28 -77.02 -78.41 3.49
N LYS G 29 -77.86 -79.33 3.94
CA LYS G 29 -77.38 -80.49 4.68
C LYS G 29 -76.48 -81.35 3.81
N ALA G 30 -76.87 -81.55 2.55
CA ALA G 30 -76.06 -82.35 1.63
C ALA G 30 -74.72 -81.70 1.32
N LEU G 31 -74.67 -80.37 1.30
CA LEU G 31 -73.44 -79.63 1.00
C LEU G 31 -72.51 -79.46 2.20
N ASN G 32 -72.88 -79.99 3.37
CA ASN G 32 -72.15 -79.83 4.63
C ASN G 32 -72.09 -78.39 5.11
N LEU G 33 -73.11 -77.57 4.76
CA LEU G 33 -73.26 -76.20 5.23
C LEU G 33 -74.23 -76.14 6.42
N PRO G 34 -74.03 -75.19 7.34
CA PRO G 34 -74.98 -75.02 8.45
C PRO G 34 -76.31 -74.45 7.99
N LYS G 35 -77.21 -74.32 8.96
CA LYS G 35 -78.61 -74.00 8.69
C LYS G 35 -78.75 -72.60 8.10
N PRO G 36 -79.67 -72.42 7.15
CA PRO G 36 -79.91 -71.09 6.58
C PRO G 36 -80.35 -70.08 7.64
N THR G 37 -79.85 -68.87 7.52
CA THR G 37 -80.20 -67.80 8.44
C THR G 37 -81.53 -67.17 8.05
N LYS G 38 -81.99 -66.26 8.92
CA LYS G 38 -83.30 -65.65 8.80
C LYS G 38 -83.46 -64.84 7.52
N CYS G 39 -82.45 -64.03 7.19
CA CYS G 39 -82.50 -63.21 5.98
C CYS G 39 -82.51 -64.08 4.73
N GLN G 40 -81.74 -65.17 4.74
CA GLN G 40 -81.72 -66.09 3.61
C GLN G 40 -83.08 -66.75 3.41
N ILE G 41 -83.72 -67.15 4.51
CA ILE G 41 -85.06 -67.72 4.44
C ILE G 41 -86.04 -66.72 3.86
N ASP G 42 -85.97 -65.46 4.31
CA ASP G 42 -86.87 -64.44 3.80
C ASP G 42 -86.64 -64.15 2.33
N MET G 43 -85.38 -64.09 1.90
CA MET G 43 -85.08 -63.86 0.49
C MET G 43 -85.61 -64.99 -0.38
N ALA G 44 -85.39 -66.23 0.03
CA ALA G 44 -85.88 -67.37 -0.74
C ALA G 44 -87.39 -67.40 -0.78
N ARG G 45 -88.04 -67.12 0.36
CA ARG G 45 -89.50 -67.13 0.43
C ARG G 45 -90.10 -66.04 -0.46
N THR G 46 -89.49 -64.85 -0.45
CA THR G 46 -89.95 -63.77 -1.31
C THR G 46 -89.74 -64.11 -2.78
N LEU G 47 -88.61 -64.76 -3.10
CA LEU G 47 -88.33 -65.15 -4.47
C LEU G 47 -89.33 -66.18 -4.98
N ALA G 48 -89.71 -67.14 -4.12
CA ALA G 48 -90.54 -68.26 -4.55
C ALA G 48 -91.97 -67.87 -4.89
N ASN G 49 -92.44 -66.70 -4.47
CA ASN G 49 -93.84 -66.32 -4.64
C ASN G 49 -94.06 -65.88 -6.08
N GLY G 50 -95.01 -66.52 -6.76
CA GLY G 50 -95.22 -66.30 -8.19
C GLY G 50 -95.90 -64.99 -8.57
N ASP G 51 -96.43 -64.24 -7.60
CA ASP G 51 -97.16 -63.03 -7.96
C ASP G 51 -96.27 -61.83 -8.27
N HIS G 52 -94.98 -61.92 -7.96
CA HIS G 52 -94.04 -60.87 -8.38
C HIS G 52 -93.59 -61.16 -9.81
N LYS G 53 -93.98 -60.29 -10.73
CA LYS G 53 -93.68 -60.46 -12.15
C LYS G 53 -92.51 -59.61 -12.62
N LYS G 54 -92.43 -58.36 -12.19
CA LYS G 54 -91.35 -57.44 -12.56
C LYS G 54 -90.68 -57.00 -11.26
N PHE G 55 -89.64 -57.71 -10.87
CA PHE G 55 -89.21 -57.73 -9.48
C PHE G 55 -87.69 -57.59 -9.36
N ILE G 56 -87.26 -56.79 -8.40
CA ILE G 56 -85.85 -56.57 -8.09
C ILE G 56 -85.63 -56.80 -6.60
N LEU G 57 -84.61 -57.59 -6.26
CA LEU G 57 -84.17 -57.78 -4.89
C LEU G 57 -82.77 -57.18 -4.73
N GLN G 58 -82.59 -56.38 -3.68
CA GLN G 58 -81.29 -55.76 -3.39
C GLN G 58 -80.82 -56.22 -2.03
N ALA G 59 -79.55 -56.65 -1.95
CA ALA G 59 -79.00 -57.17 -0.71
C ALA G 59 -77.51 -56.84 -0.64
N PHE G 60 -76.97 -56.84 0.58
CA PHE G 60 -75.56 -56.50 0.76
C PHE G 60 -74.67 -57.65 0.33
N ARG G 61 -73.38 -57.32 0.17
CA ARG G 61 -72.40 -58.24 -0.39
C ARG G 61 -72.23 -59.49 0.47
N GLY G 62 -72.14 -60.64 -0.20
CA GLY G 62 -71.78 -61.88 0.45
C GLY G 62 -72.91 -62.62 1.13
N ILE G 63 -74.16 -62.22 0.91
CA ILE G 63 -75.23 -62.82 1.70
C ILE G 63 -75.64 -64.19 1.16
N GLY G 64 -75.40 -64.48 -0.12
CA GLY G 64 -75.75 -65.81 -0.60
C GLY G 64 -76.53 -65.90 -1.90
N LYS G 65 -76.57 -64.82 -2.69
CA LYS G 65 -77.51 -64.70 -3.81
C LYS G 65 -77.37 -65.81 -4.84
N SER G 66 -76.14 -66.19 -5.17
CA SER G 66 -75.90 -67.15 -6.24
C SER G 66 -76.40 -68.55 -5.88
N PHE G 67 -76.14 -68.98 -4.64
CA PHE G 67 -76.57 -70.30 -4.18
C PHE G 67 -78.09 -70.42 -4.19
N ILE G 68 -78.77 -69.37 -3.72
CA ILE G 68 -80.23 -69.32 -3.74
C ILE G 68 -80.74 -69.38 -5.17
N THR G 69 -80.08 -68.65 -6.10
CA THR G 69 -80.50 -68.66 -7.49
C THR G 69 -80.40 -70.05 -8.10
N CYS G 70 -79.29 -70.75 -7.85
CA CYS G 70 -79.10 -72.09 -8.41
C CYS G 70 -80.10 -73.09 -7.82
N ALA G 71 -80.32 -73.03 -6.50
CA ALA G 71 -81.30 -73.90 -5.88
C ALA G 71 -82.70 -73.61 -6.43
N PHE G 72 -83.01 -72.34 -6.68
CA PHE G 72 -84.30 -71.97 -7.26
C PHE G 72 -84.49 -72.59 -8.64
N VAL G 73 -83.50 -72.44 -9.52
CA VAL G 73 -83.71 -72.91 -10.89
C VAL G 73 -83.79 -74.44 -10.93
N VAL G 74 -82.99 -75.13 -10.10
CA VAL G 74 -83.07 -76.59 -10.11
C VAL G 74 -84.38 -77.07 -9.50
N TRP G 75 -84.91 -76.36 -8.49
CA TRP G 75 -86.20 -76.72 -7.91
C TRP G 75 -87.34 -76.48 -8.89
N VAL G 76 -87.27 -75.38 -9.65
CA VAL G 76 -88.30 -75.04 -10.63
C VAL G 76 -88.36 -76.12 -11.71
N LEU G 77 -87.20 -76.53 -12.24
CA LEU G 77 -87.25 -77.60 -13.25
C LEU G 77 -87.56 -78.95 -12.65
N TRP G 78 -87.27 -79.16 -11.36
CA TRP G 78 -87.73 -80.38 -10.70
C TRP G 78 -89.24 -80.44 -10.63
N ARG G 79 -89.90 -79.29 -10.48
CA ARG G 79 -91.35 -79.28 -10.43
C ARG G 79 -92.01 -79.22 -11.81
N ASP G 80 -91.35 -78.62 -12.81
CA ASP G 80 -91.91 -78.53 -14.15
C ASP G 80 -90.74 -78.56 -15.12
N PRO G 81 -90.49 -79.69 -15.78
CA PRO G 81 -89.31 -79.80 -16.65
C PRO G 81 -89.46 -79.15 -18.02
N GLN G 82 -90.58 -78.51 -18.33
CA GLN G 82 -90.80 -78.00 -19.68
C GLN G 82 -90.47 -76.52 -19.85
N LEU G 83 -90.15 -75.81 -18.77
CA LEU G 83 -89.93 -74.37 -18.85
C LEU G 83 -88.62 -74.02 -19.55
N LYS G 84 -88.57 -72.82 -20.11
CA LYS G 84 -87.36 -72.26 -20.71
C LYS G 84 -86.80 -71.21 -19.76
N VAL G 85 -85.57 -71.41 -19.28
CA VAL G 85 -84.95 -70.54 -18.29
C VAL G 85 -83.69 -69.92 -18.88
N LEU G 86 -83.55 -68.60 -18.72
CA LEU G 86 -82.40 -67.85 -19.18
C LEU G 86 -81.70 -67.20 -18.00
N ILE G 87 -80.37 -67.38 -17.92
CA ILE G 87 -79.53 -66.85 -16.86
C ILE G 87 -78.52 -65.90 -17.50
N VAL G 88 -78.52 -64.63 -17.07
CA VAL G 88 -77.62 -63.64 -17.63
C VAL G 88 -76.70 -63.13 -16.52
N SER G 89 -75.40 -63.26 -16.72
CA SER G 89 -74.41 -62.86 -15.73
C SER G 89 -73.46 -61.83 -16.35
N ALA G 90 -72.49 -61.38 -15.54
CA ALA G 90 -71.63 -60.28 -15.94
C ALA G 90 -70.57 -60.70 -16.96
N SER G 91 -70.06 -61.93 -16.87
CA SER G 91 -68.91 -62.30 -17.67
C SER G 91 -68.91 -63.80 -17.93
N LYS G 92 -68.02 -64.22 -18.82
CA LYS G 92 -67.92 -65.62 -19.22
C LYS G 92 -67.56 -66.52 -18.05
N GLU G 93 -66.61 -66.08 -17.21
CA GLU G 93 -66.15 -66.89 -16.09
C GLU G 93 -67.29 -67.15 -15.11
N ARG G 94 -68.07 -66.12 -14.81
CA ARG G 94 -69.21 -66.26 -13.90
C ARG G 94 -70.28 -67.16 -14.50
N ALA G 95 -70.53 -67.02 -15.81
CA ALA G 95 -71.50 -67.86 -16.48
C ALA G 95 -71.09 -69.33 -16.44
N ASP G 96 -69.80 -69.61 -16.60
CA ASP G 96 -69.30 -70.98 -16.50
C ASP G 96 -69.49 -71.55 -15.11
N ALA G 97 -69.17 -70.77 -14.08
CA ALA G 97 -69.38 -71.24 -12.70
C ALA G 97 -70.86 -71.51 -12.42
N ASN G 98 -71.73 -70.61 -12.88
CA ASN G 98 -73.16 -70.76 -12.68
C ASN G 98 -73.69 -72.00 -13.40
N SER G 99 -73.17 -72.27 -14.59
CA SER G 99 -73.59 -73.47 -15.32
C SER G 99 -73.12 -74.73 -14.61
N ILE G 100 -71.88 -74.74 -14.12
CA ILE G 100 -71.32 -75.94 -13.51
C ILE G 100 -72.05 -76.30 -12.22
N PHE G 101 -72.42 -75.30 -11.42
CA PHE G 101 -72.97 -75.61 -10.11
C PHE G 101 -74.32 -76.30 -10.21
N ILE G 102 -75.09 -76.02 -11.27
CA ILE G 102 -76.37 -76.69 -11.50
C ILE G 102 -76.17 -78.19 -11.71
N LYS G 103 -75.19 -78.56 -12.54
CA LYS G 103 -74.85 -79.97 -12.74
C LYS G 103 -74.42 -80.62 -11.44
N ASN G 104 -73.66 -79.88 -10.62
CA ASN G 104 -73.23 -80.43 -9.33
C ASN G 104 -74.42 -80.71 -8.41
N ILE G 105 -75.40 -79.81 -8.37
CA ILE G 105 -76.61 -80.04 -7.58
C ILE G 105 -77.38 -81.25 -8.10
N ILE G 106 -77.51 -81.37 -9.42
CA ILE G 106 -78.24 -82.50 -10.00
C ILE G 106 -77.57 -83.82 -9.64
N ASP G 107 -76.24 -83.87 -9.72
CA ASP G 107 -75.53 -85.10 -9.37
C ASP G 107 -75.57 -85.38 -7.86
N LEU G 108 -75.63 -84.34 -7.03
CA LEU G 108 -75.47 -84.55 -5.58
C LEU G 108 -76.67 -85.27 -4.96
N LEU G 109 -77.88 -84.80 -5.25
CA LEU G 109 -79.05 -85.36 -4.58
C LEU G 109 -79.56 -86.60 -5.31
N PRO G 110 -80.18 -87.56 -4.59
CA PRO G 110 -80.60 -88.83 -5.22
C PRO G 110 -81.67 -88.71 -6.30
N PHE G 111 -82.81 -88.11 -5.99
CA PHE G 111 -83.94 -88.11 -6.92
C PHE G 111 -83.71 -87.19 -8.11
N LEU G 112 -82.93 -86.12 -7.93
CA LEU G 112 -82.63 -85.20 -9.01
C LEU G 112 -81.84 -85.84 -10.14
N SER G 113 -81.28 -87.04 -9.92
CA SER G 113 -80.67 -87.82 -10.99
C SER G 113 -81.63 -88.14 -12.12
N GLU G 114 -82.95 -88.09 -11.90
CA GLU G 114 -83.88 -88.28 -12.99
C GLU G 114 -83.80 -87.15 -14.02
N LEU G 115 -83.33 -85.96 -13.62
CA LEU G 115 -83.27 -84.84 -14.55
C LEU G 115 -82.13 -84.96 -15.57
N LYS G 116 -81.30 -86.00 -15.47
CA LYS G 116 -80.15 -86.16 -16.36
C LYS G 116 -80.60 -86.34 -17.82
N PRO G 117 -79.85 -85.80 -18.78
CA PRO G 117 -80.30 -85.82 -20.18
C PRO G 117 -80.05 -87.15 -20.88
N ARG G 118 -80.92 -87.46 -21.87
CA ARG G 118 -80.99 -88.61 -22.74
C ARG G 118 -80.18 -88.39 -24.02
N PRO G 119 -79.82 -89.48 -24.74
CA PRO G 119 -79.06 -89.33 -26.00
C PRO G 119 -79.70 -88.37 -26.99
N GLY G 120 -78.85 -87.63 -27.69
CA GLY G 120 -79.23 -86.34 -28.23
C GLY G 120 -79.12 -85.25 -27.20
N GLN G 121 -78.05 -85.29 -26.38
CA GLN G 121 -78.04 -84.59 -25.10
C GLN G 121 -78.03 -83.07 -25.26
N ARG G 122 -77.25 -82.56 -26.22
CA ARG G 122 -76.72 -81.19 -26.28
C ARG G 122 -76.31 -80.66 -24.90
N ASP G 123 -75.61 -81.53 -24.14
CA ASP G 123 -75.18 -81.25 -22.77
C ASP G 123 -73.93 -80.36 -22.73
N SER G 124 -74.06 -79.21 -23.38
CA SER G 124 -72.98 -78.24 -23.48
C SER G 124 -72.90 -77.38 -22.23
N VAL G 125 -71.80 -76.62 -22.14
CA VAL G 125 -71.61 -75.76 -20.97
C VAL G 125 -72.44 -74.49 -21.08
N ILE G 126 -72.75 -74.05 -22.30
CA ILE G 126 -73.54 -72.83 -22.47
C ILE G 126 -75.03 -73.11 -22.33
N SER G 127 -75.50 -74.24 -22.86
CA SER G 127 -76.92 -74.58 -22.78
C SER G 127 -77.07 -76.09 -22.80
N PHE G 128 -78.17 -76.55 -22.24
CA PHE G 128 -78.42 -77.98 -22.09
C PHE G 128 -79.92 -78.18 -21.84
N ASP G 129 -80.37 -79.41 -22.06
CA ASP G 129 -81.76 -79.79 -21.85
C ASP G 129 -81.88 -80.79 -20.71
N VAL G 130 -83.02 -80.72 -20.03
CA VAL G 130 -83.43 -81.82 -19.15
C VAL G 130 -83.86 -83.00 -20.00
N GLY G 131 -83.56 -84.21 -19.51
CA GLY G 131 -83.96 -85.41 -20.21
C GLY G 131 -85.45 -85.61 -20.30
N LEU G 132 -86.21 -85.00 -19.39
CA LEU G 132 -87.66 -85.16 -19.34
C LEU G 132 -88.40 -84.20 -20.26
N ALA G 133 -87.70 -83.55 -21.19
CA ALA G 133 -88.32 -82.66 -22.14
C ALA G 133 -87.96 -83.08 -23.56
N LYS G 134 -88.87 -82.77 -24.49
CA LYS G 134 -88.69 -83.13 -25.89
C LYS G 134 -87.55 -82.31 -26.51
N PRO G 135 -86.92 -82.83 -27.57
CA PRO G 135 -86.09 -81.96 -28.41
C PRO G 135 -86.93 -80.85 -29.01
N ASP G 136 -86.41 -79.63 -28.97
CA ASP G 136 -87.28 -78.48 -29.13
C ASP G 136 -86.47 -77.31 -29.68
N HIS G 137 -87.20 -76.26 -30.08
CA HIS G 137 -86.60 -75.05 -30.63
C HIS G 137 -85.62 -74.41 -29.66
N SER G 138 -85.94 -74.39 -28.38
CA SER G 138 -85.11 -73.72 -27.39
C SER G 138 -84.71 -74.68 -26.27
N PRO G 139 -83.52 -74.52 -25.69
CA PRO G 139 -83.10 -75.41 -24.62
C PRO G 139 -83.76 -75.09 -23.29
N SER G 140 -83.63 -76.04 -22.36
CA SER G 140 -84.22 -75.88 -21.04
C SER G 140 -83.54 -74.77 -20.25
N VAL G 141 -82.22 -74.78 -20.20
CA VAL G 141 -81.43 -73.78 -19.48
C VAL G 141 -80.42 -73.18 -20.44
N LYS G 142 -80.33 -71.85 -20.43
CA LYS G 142 -79.26 -71.18 -21.16
C LYS G 142 -78.57 -70.22 -20.20
N SER G 143 -77.23 -70.27 -20.17
CA SER G 143 -76.43 -69.40 -19.32
C SER G 143 -75.49 -68.59 -20.20
N VAL G 144 -75.49 -67.28 -20.02
CA VAL G 144 -74.71 -66.43 -20.92
C VAL G 144 -74.25 -65.18 -20.17
N GLY G 145 -73.09 -64.65 -20.58
CA GLY G 145 -72.68 -63.34 -20.16
C GLY G 145 -73.41 -62.26 -20.94
N ILE G 146 -73.37 -61.04 -20.39
CA ILE G 146 -74.14 -59.93 -20.96
C ILE G 146 -73.66 -59.56 -22.35
N THR G 147 -72.37 -59.75 -22.65
CA THR G 147 -71.87 -59.41 -23.98
C THR G 147 -72.04 -60.52 -24.99
N GLY G 148 -72.46 -61.71 -24.57
CA GLY G 148 -72.51 -62.86 -25.44
C GLY G 148 -73.74 -62.91 -26.32
N GLN G 149 -73.96 -64.09 -26.88
CA GLN G 149 -75.02 -64.35 -27.86
C GLN G 149 -76.39 -64.43 -27.21
N LEU G 150 -77.09 -63.31 -27.10
CA LEU G 150 -78.41 -63.28 -26.49
C LEU G 150 -79.51 -63.75 -27.44
N THR G 151 -79.38 -63.48 -28.74
CA THR G 151 -80.46 -63.74 -29.67
C THR G 151 -80.62 -65.23 -29.97
N GLY G 152 -81.75 -65.57 -30.57
CA GLY G 152 -81.99 -66.92 -31.06
C GLY G 152 -82.84 -67.81 -30.19
N SER G 153 -83.56 -67.25 -29.21
CA SER G 153 -84.43 -68.06 -28.35
C SER G 153 -85.45 -67.15 -27.69
N ARG G 154 -86.48 -67.78 -27.14
CA ARG G 154 -87.48 -67.11 -26.31
C ARG G 154 -87.50 -67.79 -24.95
N ALA G 155 -87.79 -67.00 -23.92
CA ALA G 155 -87.66 -67.47 -22.54
C ALA G 155 -88.97 -67.35 -21.79
N ASP G 156 -89.17 -68.26 -20.84
CA ASP G 156 -90.27 -68.18 -19.89
C ASP G 156 -89.86 -67.47 -18.61
N ILE G 157 -88.66 -67.76 -18.12
CA ILE G 157 -88.14 -67.20 -16.88
C ILE G 157 -86.82 -66.52 -17.21
N ILE G 158 -86.65 -65.28 -16.79
CA ILE G 158 -85.39 -64.56 -17.01
C ILE G 158 -84.81 -64.19 -15.65
N ILE G 159 -83.55 -64.56 -15.41
CA ILE G 159 -82.85 -64.24 -14.17
C ILE G 159 -81.61 -63.42 -14.52
N ALA G 160 -81.48 -62.26 -13.88
CA ALA G 160 -80.31 -61.40 -14.03
C ALA G 160 -79.46 -61.45 -12.77
N ASP G 161 -78.20 -61.84 -12.92
CA ASP G 161 -77.27 -62.03 -11.80
C ASP G 161 -76.24 -60.90 -11.78
N ASP G 162 -76.65 -59.79 -11.17
CA ASP G 162 -75.80 -58.63 -10.81
C ASP G 162 -74.92 -58.12 -11.97
N VAL G 163 -75.61 -57.78 -13.06
CA VAL G 163 -74.95 -57.48 -14.33
C VAL G 163 -74.10 -56.21 -14.27
N GLU G 164 -74.45 -55.24 -13.45
CA GLU G 164 -73.64 -54.04 -13.36
C GLU G 164 -72.44 -54.25 -12.43
N VAL G 165 -71.26 -53.97 -12.97
CA VAL G 165 -69.96 -54.26 -12.37
C VAL G 165 -69.11 -53.02 -12.65
N PRO G 166 -68.11 -52.68 -11.83
CA PRO G 166 -67.17 -51.62 -12.25
C PRO G 166 -66.45 -51.91 -13.56
N GLY G 167 -66.22 -53.18 -13.89
CA GLY G 167 -65.58 -53.52 -15.15
C GLY G 167 -66.39 -53.28 -16.39
N ASN G 168 -67.68 -52.93 -16.28
CA ASN G 168 -68.52 -52.69 -17.44
C ASN G 168 -69.39 -51.44 -17.32
N SER G 169 -69.07 -50.55 -16.38
CA SER G 169 -69.88 -49.35 -16.20
C SER G 169 -69.05 -48.09 -15.95
N SER G 170 -67.76 -48.10 -16.25
CA SER G 170 -66.87 -47.00 -15.89
C SER G 170 -66.87 -45.86 -16.91
N THR G 171 -67.43 -46.05 -18.10
CA THR G 171 -67.42 -45.02 -19.12
C THR G 171 -68.84 -44.76 -19.58
N SER G 172 -69.01 -43.62 -20.25
CA SER G 172 -70.32 -43.26 -20.81
C SER G 172 -70.78 -44.28 -21.84
N SER G 173 -69.86 -44.71 -22.71
CA SER G 173 -70.20 -45.70 -23.74
C SER G 173 -70.64 -47.02 -23.13
N ALA G 174 -69.94 -47.45 -22.07
CA ALA G 174 -70.29 -48.71 -21.41
C ALA G 174 -71.68 -48.64 -20.79
N ARG G 175 -71.99 -47.53 -20.10
CA ARG G 175 -73.32 -47.38 -19.52
C ARG G 175 -74.41 -47.32 -20.58
N GLU G 176 -74.16 -46.63 -21.70
CA GLU G 176 -75.14 -46.59 -22.77
C GLU G 176 -75.39 -47.97 -23.37
N LYS G 177 -74.31 -48.72 -23.61
CA LYS G 177 -74.44 -50.08 -24.14
C LYS G 177 -75.21 -50.97 -23.17
N LEU G 178 -74.89 -50.88 -21.88
CA LEU G 178 -75.57 -51.69 -20.88
C LEU G 178 -77.05 -51.33 -20.79
N TRP G 179 -77.37 -50.03 -20.89
CA TRP G 179 -78.76 -49.61 -20.86
C TRP G 179 -79.53 -50.15 -22.05
N THR G 180 -78.93 -50.10 -23.25
CA THR G 180 -79.59 -50.67 -24.43
C THR G 180 -79.81 -52.17 -24.28
N LEU G 181 -78.78 -52.89 -23.81
CA LEU G 181 -78.88 -54.34 -23.65
C LEU G 181 -79.94 -54.70 -22.61
N VAL G 182 -80.01 -53.95 -21.51
CA VAL G 182 -80.99 -54.20 -20.46
C VAL G 182 -82.41 -53.91 -20.98
N THR G 183 -82.59 -52.82 -21.72
CA THR G 183 -83.91 -52.54 -22.27
C THR G 183 -84.31 -53.45 -23.42
N GLU G 184 -83.40 -54.28 -23.92
CA GLU G 184 -83.77 -55.18 -25.02
C GLU G 184 -84.33 -56.51 -24.54
N PHE G 185 -84.15 -56.88 -23.25
CA PHE G 185 -84.54 -58.22 -22.78
C PHE G 185 -86.03 -58.51 -22.96
N ALA G 186 -86.88 -57.49 -22.80
CA ALA G 186 -88.33 -57.70 -22.74
C ALA G 186 -88.90 -58.31 -24.03
N ALA G 187 -88.22 -58.14 -25.16
CA ALA G 187 -88.68 -58.76 -26.40
C ALA G 187 -88.47 -60.28 -26.40
N LEU G 188 -87.59 -60.78 -25.53
CA LEU G 188 -87.32 -62.22 -25.51
C LEU G 188 -88.39 -63.00 -24.76
N LEU G 189 -89.09 -62.35 -23.83
CA LEU G 189 -90.04 -63.05 -22.99
C LEU G 189 -91.29 -63.44 -23.77
N LYS G 190 -91.77 -64.66 -23.54
CA LYS G 190 -93.00 -65.14 -24.17
C LYS G 190 -94.22 -64.48 -23.53
N PRO G 191 -95.29 -64.26 -24.31
CA PRO G 191 -96.42 -63.47 -23.81
C PRO G 191 -97.51 -64.23 -23.07
N LEU G 192 -97.25 -65.43 -22.53
CA LEU G 192 -98.20 -66.09 -21.65
C LEU G 192 -98.24 -65.40 -20.28
N PRO G 193 -99.36 -65.49 -19.57
CA PRO G 193 -99.45 -64.82 -18.25
C PRO G 193 -98.50 -65.35 -17.19
N THR G 194 -97.94 -66.55 -17.36
CA THR G 194 -97.10 -67.14 -16.32
C THR G 194 -95.64 -66.69 -16.38
N SER G 195 -95.24 -65.90 -17.36
CA SER G 195 -93.85 -65.54 -17.53
C SER G 195 -93.41 -64.50 -16.50
N ARG G 196 -92.12 -64.54 -16.12
CA ARG G 196 -91.61 -63.57 -15.15
C ARG G 196 -90.10 -63.36 -15.30
N VAL G 197 -89.66 -62.18 -14.84
CA VAL G 197 -88.26 -61.75 -14.87
C VAL G 197 -87.86 -61.30 -13.47
N ILE G 198 -86.61 -61.58 -13.11
CA ILE G 198 -86.08 -61.28 -11.78
C ILE G 198 -84.68 -60.69 -11.94
N TYR G 199 -84.39 -59.63 -11.17
CA TYR G 199 -83.04 -59.11 -11.01
C TYR G 199 -82.57 -59.34 -9.58
N LEU G 200 -81.31 -59.76 -9.43
CA LEU G 200 -80.63 -59.73 -8.14
C LEU G 200 -79.32 -58.97 -8.31
N GLY G 201 -78.97 -58.14 -7.34
CA GLY G 201 -77.74 -57.38 -7.47
C GLY G 201 -77.53 -56.43 -6.31
N THR G 202 -76.50 -55.58 -6.49
CA THR G 202 -76.11 -54.54 -5.54
C THR G 202 -75.69 -53.33 -6.36
N PRO G 203 -76.17 -52.14 -6.03
CA PRO G 203 -75.74 -50.94 -6.76
C PRO G 203 -74.26 -50.67 -6.59
N GLN G 204 -73.61 -50.27 -7.69
CA GLN G 204 -72.18 -50.01 -7.67
C GLN G 204 -71.81 -48.53 -7.79
N THR G 205 -72.65 -47.70 -8.42
CA THR G 205 -72.31 -46.31 -8.68
C THR G 205 -73.47 -45.45 -8.26
N GLU G 206 -73.30 -44.13 -8.43
CA GLU G 206 -74.40 -43.19 -8.21
C GLU G 206 -75.56 -43.48 -9.16
N MET G 207 -75.26 -43.66 -10.44
CA MET G 207 -76.26 -44.12 -11.39
C MET G 207 -76.37 -45.63 -11.25
N THR G 208 -77.59 -46.13 -11.13
CA THR G 208 -77.82 -47.57 -11.17
C THR G 208 -79.06 -47.85 -12.00
N LEU G 209 -79.00 -48.93 -12.76
CA LEU G 209 -80.17 -49.34 -13.54
C LEU G 209 -81.28 -49.88 -12.66
N TYR G 210 -80.94 -50.32 -11.45
CA TYR G 210 -81.93 -50.83 -10.51
C TYR G 210 -82.87 -49.74 -10.02
N LYS G 211 -82.48 -48.47 -10.14
CA LYS G 211 -83.36 -47.34 -9.89
C LYS G 211 -84.09 -46.89 -11.15
N GLU G 212 -83.40 -46.90 -12.28
CA GLU G 212 -83.98 -46.41 -13.52
C GLU G 212 -85.12 -47.31 -14.00
N LEU G 213 -84.97 -48.63 -13.79
CA LEU G 213 -86.09 -49.53 -14.09
C LEU G 213 -87.30 -49.24 -13.21
N GLU G 214 -87.08 -48.84 -11.96
CA GLU G 214 -88.21 -48.57 -11.07
C GLU G 214 -88.89 -47.25 -11.41
N ASP G 215 -88.11 -46.20 -11.66
CA ASP G 215 -88.69 -44.86 -11.79
C ASP G 215 -89.42 -44.65 -13.11
N ASN G 216 -89.08 -45.39 -14.16
CA ASN G 216 -89.76 -45.25 -15.45
C ASN G 216 -90.48 -46.52 -15.88
N LYS G 217 -89.81 -47.67 -15.88
CA LYS G 217 -90.36 -48.86 -16.49
C LYS G 217 -91.41 -49.55 -15.62
N GLY G 218 -91.56 -49.14 -14.36
CA GLY G 218 -92.63 -49.66 -13.52
C GLY G 218 -92.34 -50.92 -12.75
N TYR G 219 -91.07 -51.22 -12.48
CA TYR G 219 -90.73 -52.43 -11.74
C TYR G 219 -90.99 -52.23 -10.24
N SER G 220 -90.90 -53.32 -9.48
CA SER G 220 -91.07 -53.27 -8.03
C SER G 220 -89.87 -53.89 -7.34
N THR G 221 -89.41 -53.27 -6.25
CA THR G 221 -88.13 -53.61 -5.62
C THR G 221 -88.28 -53.77 -4.11
N VAL G 222 -87.44 -54.64 -3.54
CA VAL G 222 -87.36 -54.90 -2.09
C VAL G 222 -85.89 -54.90 -1.68
N ILE G 223 -85.59 -54.37 -0.49
CA ILE G 223 -84.23 -54.08 -0.04
C ILE G 223 -83.95 -54.77 1.30
N TRP G 224 -82.76 -55.36 1.43
CA TRP G 224 -82.23 -55.86 2.71
C TRP G 224 -80.90 -55.17 3.02
N PRO G 225 -80.89 -54.21 3.94
CA PRO G 225 -79.61 -53.62 4.37
C PRO G 225 -78.90 -54.52 5.37
N ALA G 226 -77.62 -54.21 5.59
CA ALA G 226 -76.80 -55.05 6.46
C ALA G 226 -77.20 -54.90 7.93
N GLN G 227 -77.46 -53.68 8.38
CA GLN G 227 -77.83 -53.43 9.76
C GLN G 227 -79.04 -52.50 9.80
N TYR G 228 -79.75 -52.53 10.93
CA TYR G 228 -80.91 -51.66 11.14
C TYR G 228 -80.47 -50.20 11.07
N PRO G 229 -81.38 -49.28 10.70
CA PRO G 229 -80.97 -47.91 10.35
C PRO G 229 -80.20 -47.19 11.44
N ARG G 230 -79.20 -46.44 10.99
CA ARG G 230 -78.12 -45.91 11.80
C ARG G 230 -78.42 -44.53 12.37
N ASN G 231 -79.30 -43.79 11.70
CA ASN G 231 -79.85 -42.55 12.23
C ASN G 231 -81.24 -42.35 11.63
N ASP G 232 -81.99 -41.42 12.21
CA ASP G 232 -83.40 -41.25 11.86
C ASP G 232 -83.58 -40.79 10.42
N ALA G 233 -82.75 -39.85 9.97
CA ALA G 233 -82.84 -39.38 8.59
C ALA G 233 -82.44 -40.47 7.60
N GLU G 234 -81.55 -41.37 8.01
CA GLU G 234 -81.25 -42.54 7.18
C GLU G 234 -82.44 -43.50 7.14
N ALA G 235 -83.15 -43.64 8.27
CA ALA G 235 -84.35 -44.45 8.31
C ALA G 235 -85.43 -43.89 7.40
N LEU G 236 -85.52 -42.57 7.30
CA LEU G 236 -86.53 -41.93 6.46
C LEU G 236 -86.29 -42.12 4.96
N TYR G 237 -85.19 -42.75 4.56
CA TYR G 237 -84.93 -42.98 3.14
C TYR G 237 -85.85 -44.04 2.54
N TYR G 238 -86.26 -45.03 3.33
CA TYR G 238 -87.10 -46.10 2.80
C TYR G 238 -88.17 -46.51 3.81
N GLY G 239 -89.43 -46.46 3.38
CA GLY G 239 -90.50 -47.07 4.14
C GLY G 239 -91.26 -48.13 3.37
N ASP G 240 -91.42 -47.91 2.06
CA ASP G 240 -92.04 -48.91 1.20
C ASP G 240 -91.03 -49.94 0.72
N ARG G 241 -89.74 -49.63 0.82
CA ARG G 241 -88.70 -50.41 0.18
C ARG G 241 -88.11 -51.46 1.11
N LEU G 242 -88.14 -51.20 2.42
CA LEU G 242 -87.54 -52.11 3.38
C LEU G 242 -88.36 -53.39 3.47
N ALA G 243 -87.65 -54.51 3.65
CA ALA G 243 -88.31 -55.81 3.75
C ALA G 243 -89.24 -55.83 4.96
N PRO G 244 -90.40 -56.49 4.84
CA PRO G 244 -91.44 -56.40 5.89
C PRO G 244 -91.01 -56.82 7.28
N MET G 245 -90.17 -57.84 7.41
CA MET G 245 -89.69 -58.26 8.73
C MET G 245 -88.92 -57.12 9.42
N LEU G 246 -88.01 -56.49 8.69
CA LEU G 246 -87.16 -55.45 9.25
C LEU G 246 -87.97 -54.24 9.68
N LYS G 247 -88.90 -53.80 8.84
CA LYS G 247 -89.76 -52.67 9.20
C LYS G 247 -90.70 -53.02 10.34
N ALA G 248 -91.22 -54.25 10.35
CA ALA G 248 -92.11 -54.68 11.42
C ALA G 248 -91.41 -54.69 12.76
N GLU G 249 -90.13 -55.05 12.78
CA GLU G 249 -89.37 -54.94 14.03
C GLU G 249 -89.04 -53.48 14.37
N TYR G 250 -88.57 -52.70 13.39
CA TYR G 250 -88.04 -51.38 13.72
C TYR G 250 -89.11 -50.34 14.02
N ASP G 251 -90.37 -50.60 13.67
CA ASP G 251 -91.43 -49.69 14.09
C ASP G 251 -91.68 -49.74 15.59
N GLU G 252 -91.21 -50.78 16.27
CA GLU G 252 -91.58 -51.06 17.65
C GLU G 252 -90.43 -50.90 18.63
N GLY G 253 -89.32 -51.61 18.42
CA GLY G 253 -88.16 -51.47 19.28
C GLY G 253 -87.16 -50.46 18.75
N PHE G 254 -87.67 -49.32 18.26
CA PHE G 254 -86.87 -48.40 17.45
C PHE G 254 -85.69 -47.81 18.20
N GLU G 255 -85.73 -47.78 19.53
CA GLU G 255 -84.58 -47.26 20.27
C GLU G 255 -83.51 -48.33 20.47
N LEU G 256 -83.89 -49.56 20.76
CA LEU G 256 -82.91 -50.62 21.01
C LEU G 256 -82.36 -51.23 19.74
N LEU G 257 -83.14 -51.25 18.67
CA LEU G 257 -82.69 -51.82 17.40
C LEU G 257 -81.76 -50.89 16.64
N ARG G 258 -81.57 -49.65 17.10
CA ARG G 258 -80.78 -48.62 16.42
C ARG G 258 -79.37 -49.12 16.09
N GLY G 259 -79.10 -49.27 14.79
CA GLY G 259 -77.79 -49.66 14.32
C GLY G 259 -77.41 -51.12 14.53
N GLN G 260 -78.34 -51.96 14.98
CA GLN G 260 -78.00 -53.34 15.28
C GLN G 260 -77.85 -54.14 13.99
N PRO G 261 -76.90 -55.08 13.93
CA PRO G 261 -76.75 -55.93 12.74
C PRO G 261 -77.93 -56.88 12.57
N THR G 262 -78.38 -57.01 11.32
CA THR G 262 -79.56 -57.80 11.03
C THR G 262 -79.31 -59.31 11.03
N ASP G 263 -78.07 -59.76 10.86
CA ASP G 263 -77.77 -61.19 10.80
C ASP G 263 -76.52 -61.49 11.62
N PRO G 264 -76.65 -61.49 12.95
CA PRO G 264 -75.47 -61.72 13.81
C PRO G 264 -74.93 -63.14 13.76
N VAL G 265 -75.65 -64.09 13.17
CA VAL G 265 -75.17 -65.47 13.12
C VAL G 265 -73.93 -65.58 12.22
N ARG G 266 -73.87 -64.75 11.17
CA ARG G 266 -72.71 -64.73 10.28
C ARG G 266 -71.85 -63.49 10.43
N PHE G 267 -72.42 -62.35 10.80
CA PHE G 267 -71.71 -61.06 10.79
C PHE G 267 -71.89 -60.36 12.12
N ASP G 268 -70.95 -60.59 13.04
CA ASP G 268 -70.86 -59.78 14.24
C ASP G 268 -70.37 -58.37 13.91
N MET G 269 -70.45 -57.49 14.92
CA MET G 269 -70.18 -56.06 14.71
C MET G 269 -68.75 -55.78 14.28
N ASP G 270 -67.79 -56.52 14.84
CA ASP G 270 -66.38 -56.30 14.48
C ASP G 270 -66.10 -56.67 13.04
N ASP G 271 -66.84 -57.65 12.51
CA ASP G 271 -66.69 -58.01 11.10
C ASP G 271 -67.17 -56.89 10.20
N LEU G 272 -68.15 -56.11 10.65
CA LEU G 272 -68.56 -54.91 9.92
C LEU G 272 -67.56 -53.77 10.11
N ARG G 273 -66.99 -53.66 11.30
CA ARG G 273 -66.02 -52.60 11.59
C ARG G 273 -64.79 -52.72 10.70
N GLU G 274 -64.29 -53.95 10.52
CA GLU G 274 -63.13 -54.10 9.64
C GLU G 274 -63.48 -53.79 8.18
N ARG G 275 -64.72 -54.01 7.76
CA ARG G 275 -65.14 -53.54 6.45
C ARG G 275 -65.17 -52.02 6.40
N GLU G 276 -65.56 -51.38 7.48
CA GLU G 276 -65.50 -49.92 7.50
C GLU G 276 -64.07 -49.38 7.64
N LEU G 277 -63.10 -50.25 7.92
CA LEU G 277 -61.70 -49.87 7.84
C LEU G 277 -61.11 -50.12 6.45
N GLU G 278 -61.54 -51.17 5.75
CA GLU G 278 -61.07 -51.41 4.40
C GLU G 278 -61.49 -50.32 3.43
N TYR G 279 -62.71 -49.83 3.58
CA TYR G 279 -63.28 -48.85 2.67
C TYR G 279 -63.71 -47.63 3.46
N GLY G 280 -63.78 -46.50 2.77
CA GLY G 280 -64.29 -45.30 3.39
C GLY G 280 -65.77 -45.42 3.71
N LYS G 281 -66.25 -44.45 4.50
CA LYS G 281 -67.64 -44.47 4.94
C LYS G 281 -68.60 -44.33 3.77
N ALA G 282 -68.19 -43.64 2.70
CA ALA G 282 -68.99 -43.59 1.49
C ALA G 282 -69.14 -44.97 0.87
N GLY G 283 -68.04 -45.71 0.77
CA GLY G 283 -68.09 -47.05 0.20
C GLY G 283 -68.93 -48.01 1.03
N TYR G 284 -68.78 -47.95 2.36
CA TYR G 284 -69.57 -48.79 3.23
C TYR G 284 -71.06 -48.48 3.11
N THR G 285 -71.41 -47.19 3.08
CA THR G 285 -72.82 -46.83 2.94
C THR G 285 -73.36 -47.23 1.58
N LEU G 286 -72.51 -47.16 0.54
CA LEU G 286 -72.94 -47.53 -0.79
C LEU G 286 -73.21 -49.03 -0.91
N GLN G 287 -72.31 -49.86 -0.37
CA GLN G 287 -72.42 -51.29 -0.59
C GLN G 287 -73.19 -52.05 0.48
N PHE G 288 -73.14 -51.62 1.74
CA PHE G 288 -73.80 -52.38 2.80
C PHE G 288 -75.11 -51.78 3.28
N MET G 289 -75.24 -50.45 3.23
CA MET G 289 -76.52 -49.82 3.56
C MET G 289 -77.37 -49.52 2.34
N LEU G 290 -76.79 -49.61 1.14
CA LEU G 290 -77.48 -49.42 -0.14
C LEU G 290 -78.11 -48.04 -0.25
N ASN G 291 -77.48 -47.03 0.34
CA ASN G 291 -78.01 -45.68 0.33
C ASN G 291 -76.92 -44.86 -0.37
N PRO G 292 -76.99 -44.73 -1.70
CA PRO G 292 -76.01 -43.87 -2.39
C PRO G 292 -76.24 -42.40 -2.07
N ASN G 293 -75.16 -41.72 -1.69
CA ASN G 293 -75.23 -40.32 -1.26
C ASN G 293 -74.99 -39.41 -2.46
N LEU G 294 -76.05 -39.25 -3.26
CA LEU G 294 -75.98 -38.37 -4.42
C LEU G 294 -75.96 -36.91 -4.00
N SER G 295 -75.03 -36.14 -4.56
CA SER G 295 -74.88 -34.72 -4.26
C SER G 295 -75.55 -33.81 -5.29
N ASP G 296 -76.51 -34.33 -6.06
CA ASP G 296 -76.98 -33.71 -7.29
C ASP G 296 -77.64 -32.34 -7.11
N ALA G 297 -78.10 -31.98 -5.92
CA ALA G 297 -78.74 -30.68 -5.74
C ALA G 297 -77.78 -29.54 -5.43
N GLU G 298 -76.53 -29.84 -5.07
CA GLU G 298 -75.60 -28.76 -4.75
C GLU G 298 -74.25 -28.95 -5.44
N LYS G 299 -74.02 -30.13 -6.04
CA LYS G 299 -72.76 -30.38 -6.73
C LYS G 299 -72.56 -29.40 -7.88
N TYR G 300 -73.60 -29.13 -8.66
CA TYR G 300 -73.50 -28.14 -9.72
C TYR G 300 -74.52 -27.04 -9.50
N PRO G 301 -74.08 -25.82 -9.21
CA PRO G 301 -75.03 -24.71 -9.01
C PRO G 301 -75.83 -24.33 -10.24
N LEU G 302 -75.25 -24.46 -11.43
CA LEU G 302 -75.81 -23.88 -12.64
C LEU G 302 -76.47 -24.96 -13.49
N ARG G 303 -77.73 -24.73 -13.86
CA ARG G 303 -78.52 -25.65 -14.65
C ARG G 303 -79.09 -24.90 -15.85
N LEU G 304 -79.13 -25.55 -17.02
CA LEU G 304 -79.72 -24.92 -18.20
C LEU G 304 -81.22 -24.80 -18.12
N ARG G 305 -81.86 -25.43 -17.14
CA ARG G 305 -83.31 -25.37 -17.01
C ARG G 305 -83.80 -23.98 -16.64
N ASP G 306 -82.93 -23.16 -16.04
CA ASP G 306 -83.34 -21.91 -15.40
C ASP G 306 -83.10 -20.69 -16.27
N ALA G 307 -83.17 -20.82 -17.60
CA ALA G 307 -82.98 -19.66 -18.47
C ALA G 307 -83.93 -19.78 -19.65
N ILE G 308 -84.25 -18.64 -20.25
CA ILE G 308 -85.21 -18.58 -21.34
C ILE G 308 -84.43 -18.53 -22.65
N VAL G 309 -84.83 -19.36 -23.62
CA VAL G 309 -84.20 -19.39 -24.94
C VAL G 309 -85.21 -18.92 -25.97
N CYS G 310 -84.81 -17.95 -26.80
CA CYS G 310 -85.71 -17.39 -27.81
C CYS G 310 -84.93 -16.84 -28.98
N ALA G 311 -85.59 -16.77 -30.14
CA ALA G 311 -85.02 -16.16 -31.34
C ALA G 311 -85.37 -14.67 -31.41
N VAL G 312 -84.72 -13.90 -30.53
CA VAL G 312 -85.05 -12.48 -30.36
C VAL G 312 -84.73 -11.68 -31.62
N ASP G 313 -85.36 -10.51 -31.72
CA ASP G 313 -85.32 -9.53 -32.81
C ASP G 313 -84.25 -8.47 -32.51
N PRO G 314 -83.48 -8.08 -33.53
CA PRO G 314 -82.36 -7.16 -33.31
C PRO G 314 -82.76 -5.74 -32.93
N GLU G 315 -84.02 -5.36 -33.03
CA GLU G 315 -84.38 -3.94 -32.87
C GLU G 315 -85.39 -3.72 -31.76
N ARG G 316 -86.29 -4.67 -31.53
CA ARG G 316 -87.28 -4.56 -30.46
C ARG G 316 -87.44 -5.91 -29.79
N ALA G 317 -87.87 -5.87 -28.53
CA ALA G 317 -88.07 -7.07 -27.74
C ALA G 317 -89.24 -6.85 -26.77
N PRO G 318 -89.95 -7.92 -26.40
CA PRO G 318 -91.03 -7.80 -25.41
C PRO G 318 -90.50 -7.36 -24.05
N LEU G 319 -91.37 -6.68 -23.30
CA LEU G 319 -90.97 -6.02 -22.06
C LEU G 319 -91.04 -6.90 -20.82
N SER G 320 -91.61 -8.11 -20.90
CA SER G 320 -91.61 -9.02 -19.76
C SER G 320 -91.86 -10.44 -20.24
N TYR G 321 -91.53 -11.40 -19.37
CA TYR G 321 -91.68 -12.81 -19.68
C TYR G 321 -92.08 -13.57 -18.41
N GLN G 322 -92.55 -14.80 -18.63
CA GLN G 322 -92.96 -15.70 -17.55
C GLN G 322 -92.44 -17.11 -17.85
N TRP G 323 -91.97 -17.78 -16.81
CA TRP G 323 -91.18 -19.00 -16.93
C TRP G 323 -91.93 -20.22 -16.40
N LEU G 324 -92.08 -21.25 -17.24
CA LEU G 324 -92.61 -22.55 -16.82
C LEU G 324 -92.07 -23.59 -17.81
N PRO G 325 -91.17 -24.48 -17.38
CA PRO G 325 -90.70 -25.56 -18.25
C PRO G 325 -91.79 -26.61 -18.48
N ASN G 326 -92.08 -26.90 -19.74
CA ASN G 326 -93.19 -27.80 -20.07
C ASN G 326 -92.90 -28.44 -21.43
N ARG G 327 -93.54 -29.59 -21.66
CA ARG G 327 -93.38 -30.32 -22.93
C ARG G 327 -93.81 -29.49 -24.13
N GLN G 328 -94.77 -28.57 -23.95
CA GLN G 328 -95.11 -27.67 -25.04
C GLN G 328 -93.95 -26.73 -25.37
N ASN G 329 -93.23 -26.26 -24.34
CA ASN G 329 -92.18 -25.27 -24.50
C ASN G 329 -90.80 -25.86 -24.75
N ARG G 330 -90.63 -27.16 -24.56
CA ARG G 330 -89.29 -27.75 -24.65
C ARG G 330 -88.79 -27.82 -26.09
N ASN G 331 -87.50 -27.51 -26.25
CA ASN G 331 -86.80 -27.75 -27.50
C ASN G 331 -86.28 -29.18 -27.55
N GLU G 332 -86.11 -29.71 -28.75
CA GLU G 332 -85.62 -31.05 -28.95
C GLU G 332 -84.56 -31.19 -30.03
N GLU G 333 -84.29 -30.15 -30.82
CA GLU G 333 -83.37 -30.25 -31.95
C GLU G 333 -82.01 -29.66 -31.68
N LEU G 334 -81.90 -28.68 -30.78
CA LEU G 334 -80.62 -28.04 -30.52
C LEU G 334 -79.69 -29.02 -29.82
N PRO G 335 -78.40 -29.01 -30.16
CA PRO G 335 -77.43 -29.86 -29.44
C PRO G 335 -77.32 -29.43 -27.98
N ASN G 336 -77.14 -30.41 -27.10
CA ASN G 336 -77.24 -30.19 -25.66
C ASN G 336 -76.09 -30.93 -25.00
N VAL G 337 -75.12 -30.18 -24.48
CA VAL G 337 -73.99 -30.76 -23.76
C VAL G 337 -74.24 -30.90 -22.26
N GLY G 338 -75.36 -30.39 -21.77
CA GLY G 338 -75.60 -30.38 -20.33
C GLY G 338 -75.80 -31.78 -19.77
N LEU G 339 -75.66 -31.86 -18.44
CA LEU G 339 -75.85 -33.13 -17.74
C LEU G 339 -77.31 -33.57 -17.83
N LYS G 340 -77.52 -34.85 -17.51
CA LYS G 340 -78.79 -35.53 -17.79
C LYS G 340 -79.96 -34.88 -17.05
N GLY G 341 -81.00 -34.52 -17.80
CA GLY G 341 -82.15 -33.82 -17.27
C GLY G 341 -82.19 -32.34 -17.56
N ASP G 342 -81.09 -31.77 -18.05
CA ASP G 342 -81.07 -30.35 -18.44
C ASP G 342 -81.74 -30.21 -19.79
N ASP G 343 -82.96 -29.66 -19.79
CA ASP G 343 -83.77 -29.58 -20.99
C ASP G 343 -83.99 -28.12 -21.37
N ILE G 344 -83.71 -27.78 -22.63
CA ILE G 344 -83.84 -26.41 -23.11
C ILE G 344 -85.31 -26.08 -23.30
N HIS G 345 -85.75 -24.96 -22.72
CA HIS G 345 -87.14 -24.56 -22.77
C HIS G 345 -87.27 -23.10 -23.22
N ALA G 346 -88.30 -22.83 -24.01
CA ALA G 346 -88.69 -21.46 -24.31
C ALA G 346 -89.52 -20.89 -23.16
N PHE G 347 -89.91 -19.63 -23.32
CA PHE G 347 -90.82 -19.01 -22.36
C PHE G 347 -92.22 -19.61 -22.52
N HIS G 348 -93.06 -19.36 -21.51
CA HIS G 348 -94.44 -19.83 -21.60
C HIS G 348 -95.37 -18.72 -22.11
N THR G 349 -95.42 -17.58 -21.43
CA THR G 349 -96.20 -16.43 -21.88
C THR G 349 -95.35 -15.17 -21.73
N CYS G 350 -95.71 -14.14 -22.50
CA CYS G 350 -94.98 -12.88 -22.46
C CYS G 350 -95.90 -11.74 -22.88
N SER G 351 -95.42 -10.52 -22.68
CA SER G 351 -96.17 -9.33 -23.06
C SER G 351 -96.24 -9.17 -24.57
N SER G 352 -97.23 -8.41 -25.01
CA SER G 352 -97.40 -8.03 -26.41
C SER G 352 -96.79 -6.67 -26.75
N ARG G 353 -96.12 -6.03 -25.79
CA ARG G 353 -95.59 -4.68 -25.96
C ARG G 353 -94.08 -4.72 -26.10
N THR G 354 -93.55 -4.10 -27.16
CA THR G 354 -92.15 -4.20 -27.52
C THR G 354 -91.52 -2.82 -27.64
N ALA G 355 -90.22 -2.75 -27.32
CA ALA G 355 -89.47 -1.52 -27.41
C ALA G 355 -87.99 -1.83 -27.63
N GLU G 356 -87.23 -0.81 -28.01
CA GLU G 356 -85.79 -0.96 -28.22
C GLU G 356 -85.04 -1.08 -26.89
N TYR G 357 -83.89 -1.74 -26.95
CA TYR G 357 -83.11 -2.07 -25.76
C TYR G 357 -82.47 -0.82 -25.16
N GLN G 358 -82.06 -0.95 -23.90
CA GLN G 358 -81.52 0.19 -23.16
C GLN G 358 -80.02 0.37 -23.37
N SER G 359 -79.22 -0.70 -23.31
CA SER G 359 -77.77 -0.57 -23.40
C SER G 359 -77.17 -1.83 -24.03
N LYS G 360 -76.01 -1.64 -24.67
CA LYS G 360 -75.37 -2.63 -25.54
C LYS G 360 -73.87 -2.66 -25.29
N ILE G 361 -73.33 -3.83 -24.90
CA ILE G 361 -71.94 -3.96 -24.46
C ILE G 361 -71.26 -5.12 -25.18
N LEU G 362 -70.00 -4.92 -25.58
CA LEU G 362 -69.07 -5.95 -26.00
C LEU G 362 -67.99 -6.13 -24.94
N VAL G 363 -67.67 -7.37 -24.60
CA VAL G 363 -66.70 -7.68 -23.55
C VAL G 363 -65.60 -8.58 -24.13
N ILE G 364 -64.36 -8.30 -23.76
CA ILE G 364 -63.17 -9.00 -24.27
C ILE G 364 -62.33 -9.51 -23.10
N ASP G 365 -61.78 -10.71 -23.24
CA ASP G 365 -60.77 -11.28 -22.34
C ASP G 365 -59.59 -11.59 -23.24
N PRO G 366 -58.55 -10.75 -23.25
CA PRO G 366 -57.40 -10.97 -24.14
C PRO G 366 -56.54 -12.14 -23.71
N SER G 367 -55.86 -12.73 -24.69
CA SER G 367 -55.01 -13.89 -24.44
C SER G 367 -53.78 -13.51 -23.63
N GLY G 368 -53.38 -14.39 -22.72
CA GLY G 368 -52.22 -14.15 -21.89
C GLY G 368 -50.95 -14.73 -22.46
N ARG G 369 -50.15 -15.37 -21.62
CA ARG G 369 -48.91 -15.98 -22.07
C ARG G 369 -49.20 -17.33 -22.71
N GLY G 370 -48.40 -17.65 -23.73
CA GLY G 370 -48.64 -18.88 -24.45
C GLY G 370 -49.82 -18.77 -25.38
N LYS G 371 -50.32 -19.93 -25.79
CA LYS G 371 -51.41 -20.02 -26.77
C LYS G 371 -52.71 -20.39 -26.08
N ASP G 372 -53.71 -19.55 -26.27
CA ASP G 372 -55.08 -19.75 -25.79
C ASP G 372 -55.97 -18.86 -26.61
N GLU G 373 -57.28 -19.11 -26.56
CA GLU G 373 -58.22 -18.29 -27.30
C GLU G 373 -58.58 -17.01 -26.54
N THR G 374 -58.68 -15.91 -27.28
CA THR G 374 -59.20 -14.66 -26.72
C THR G 374 -60.71 -14.72 -26.66
N GLY G 375 -61.29 -14.51 -25.48
CA GLY G 375 -62.73 -14.63 -25.31
C GLY G 375 -63.48 -13.33 -25.53
N TYR G 376 -64.74 -13.42 -25.94
CA TYR G 376 -65.58 -12.23 -26.09
C TYR G 376 -67.05 -12.59 -25.95
N ALA G 377 -67.86 -11.55 -25.67
CA ALA G 377 -69.29 -11.72 -25.48
C ALA G 377 -70.04 -10.45 -25.83
N VAL G 378 -71.30 -10.59 -26.25
CA VAL G 378 -72.17 -9.48 -26.64
C VAL G 378 -73.47 -9.55 -25.84
N LEU G 379 -73.79 -8.47 -25.13
CA LEU G 379 -74.92 -8.42 -24.21
C LEU G 379 -75.67 -7.11 -24.35
N TYR G 380 -77.01 -7.17 -24.27
CA TYR G 380 -77.80 -5.95 -24.06
C TYR G 380 -78.60 -6.08 -22.77
N SER G 381 -79.27 -5.00 -22.39
CA SER G 381 -80.13 -5.04 -21.21
C SER G 381 -81.43 -4.28 -21.46
N LEU G 382 -82.47 -4.69 -20.73
CA LEU G 382 -83.72 -3.94 -20.68
C LEU G 382 -84.47 -4.30 -19.41
N ASN G 383 -84.78 -3.29 -18.59
CA ASN G 383 -85.40 -3.43 -17.25
C ASN G 383 -84.54 -4.42 -16.45
N GLY G 384 -85.14 -5.41 -15.80
CA GLY G 384 -84.37 -6.41 -15.09
C GLY G 384 -83.75 -7.49 -15.96
N TYR G 385 -84.05 -7.54 -17.25
CA TYR G 385 -83.57 -8.63 -18.09
C TYR G 385 -82.25 -8.29 -18.77
N ILE G 386 -81.42 -9.32 -18.93
CA ILE G 386 -80.13 -9.28 -19.61
C ILE G 386 -80.20 -10.24 -20.79
N TYR G 387 -79.84 -9.76 -21.97
CA TYR G 387 -79.91 -10.56 -23.19
C TYR G 387 -78.52 -10.89 -23.69
N LEU G 388 -78.28 -12.18 -23.97
CA LEU G 388 -77.01 -12.70 -24.47
C LEU G 388 -77.16 -13.14 -25.93
N MET G 389 -76.36 -12.55 -26.84
CA MET G 389 -76.52 -12.82 -28.26
C MET G 389 -75.30 -13.34 -29.01
N GLU G 390 -74.10 -13.20 -28.48
CA GLU G 390 -72.97 -13.88 -29.11
C GLU G 390 -71.89 -14.17 -28.08
N VAL G 391 -71.29 -15.35 -28.20
CA VAL G 391 -70.12 -15.71 -27.42
C VAL G 391 -69.23 -16.58 -28.31
N GLY G 392 -67.92 -16.45 -28.12
CA GLY G 392 -66.99 -17.22 -28.93
C GLY G 392 -65.57 -16.82 -28.64
N GLY G 393 -64.66 -17.21 -29.52
CA GLY G 393 -63.27 -16.92 -29.30
C GLY G 393 -62.46 -17.01 -30.57
N PHE G 394 -61.32 -16.30 -30.55
CA PHE G 394 -60.33 -16.30 -31.61
C PHE G 394 -58.98 -16.68 -31.03
N ARG G 395 -58.18 -17.40 -31.81
CA ARG G 395 -56.90 -17.90 -31.34
C ARG G 395 -55.76 -17.10 -31.98
N GLY G 396 -54.83 -16.66 -31.16
CA GLY G 396 -53.72 -15.86 -31.62
C GLY G 396 -53.23 -14.92 -30.54
N GLY G 397 -52.42 -13.95 -30.95
CA GLY G 397 -51.91 -12.95 -30.03
C GLY G 397 -52.41 -11.56 -30.39
N TYR G 398 -51.58 -10.54 -30.18
CA TYR G 398 -51.89 -9.20 -30.67
C TYR G 398 -51.51 -9.01 -32.13
N ASP G 399 -51.96 -9.89 -33.00
CA ASP G 399 -51.75 -9.75 -34.44
C ASP G 399 -52.91 -9.00 -35.08
N ASP G 400 -52.67 -8.52 -36.31
CA ASP G 400 -53.65 -7.67 -36.98
C ASP G 400 -54.92 -8.41 -37.36
N ALA G 401 -54.83 -9.72 -37.60
CA ALA G 401 -56.02 -10.47 -37.99
C ALA G 401 -57.04 -10.53 -36.86
N THR G 402 -56.59 -10.85 -35.65
CA THR G 402 -57.48 -10.95 -34.49
C THR G 402 -58.11 -9.60 -34.17
N LEU G 403 -57.31 -8.54 -34.17
CA LEU G 403 -57.82 -7.22 -33.86
C LEU G 403 -58.75 -6.71 -34.94
N GLU G 404 -58.47 -7.04 -36.21
CA GLU G 404 -59.38 -6.72 -37.31
C GLU G 404 -60.72 -7.41 -37.13
N LYS G 405 -60.70 -8.70 -36.80
CA LYS G 405 -61.94 -9.44 -36.59
C LYS G 405 -62.73 -8.87 -35.42
N LEU G 406 -62.06 -8.51 -34.34
CA LEU G 406 -62.75 -7.93 -33.19
C LEU G 406 -63.34 -6.56 -33.53
N ALA G 407 -62.63 -5.75 -34.31
CA ALA G 407 -63.18 -4.45 -34.72
C ALA G 407 -64.38 -4.63 -35.62
N LYS G 408 -64.33 -5.59 -36.55
CA LYS G 408 -65.48 -5.88 -37.38
C LYS G 408 -66.66 -6.39 -36.57
N LYS G 409 -66.40 -7.20 -35.55
CA LYS G 409 -67.47 -7.66 -34.67
C LYS G 409 -68.06 -6.52 -33.85
N ALA G 410 -67.23 -5.55 -33.46
CA ALA G 410 -67.75 -4.35 -32.81
C ALA G 410 -68.62 -3.54 -33.76
N LYS G 411 -68.28 -3.56 -35.05
CA LYS G 411 -69.10 -2.87 -36.04
C LYS G 411 -70.44 -3.60 -36.26
N GLN G 412 -70.39 -4.93 -36.36
CA GLN G 412 -71.50 -5.72 -36.89
C GLN G 412 -72.76 -5.62 -36.03
N TRP G 413 -72.62 -5.65 -34.71
CA TRP G 413 -73.76 -5.59 -33.81
C TRP G 413 -74.14 -4.17 -33.39
N LYS G 414 -73.44 -3.16 -33.90
CA LYS G 414 -73.65 -1.75 -33.55
C LYS G 414 -73.59 -1.54 -32.03
N VAL G 415 -72.47 -1.97 -31.44
CA VAL G 415 -72.29 -1.87 -30.00
C VAL G 415 -72.03 -0.42 -29.59
N GLN G 416 -72.11 -0.19 -28.29
CA GLN G 416 -72.01 1.16 -27.73
C GLN G 416 -70.78 1.36 -26.85
N THR G 417 -70.24 0.31 -26.23
CA THR G 417 -69.06 0.45 -25.37
C THR G 417 -68.28 -0.85 -25.38
N VAL G 418 -66.94 -0.75 -25.35
CA VAL G 418 -66.03 -1.89 -25.29
C VAL G 418 -65.39 -1.94 -23.92
N VAL G 419 -65.37 -3.12 -23.30
CA VAL G 419 -64.88 -3.34 -21.94
C VAL G 419 -63.88 -4.49 -21.96
N HIS G 420 -62.78 -4.34 -21.21
CA HIS G 420 -61.82 -5.43 -21.06
C HIS G 420 -61.20 -5.39 -19.67
N GLU G 421 -60.71 -6.55 -19.22
CA GLU G 421 -60.06 -6.68 -17.92
C GLU G 421 -58.61 -6.23 -18.01
N SER G 422 -58.08 -5.72 -16.89
CA SER G 422 -56.71 -5.24 -16.83
C SER G 422 -56.02 -5.77 -15.58
N ASN G 423 -54.73 -6.10 -15.71
CA ASN G 423 -53.96 -6.64 -14.60
C ASN G 423 -52.50 -6.21 -14.68
N PHE G 424 -51.85 -6.21 -13.52
CA PHE G 424 -50.40 -6.12 -13.32
C PHE G 424 -49.79 -4.82 -13.81
N GLY G 425 -50.60 -3.79 -14.09
CA GLY G 425 -50.07 -2.59 -14.70
C GLY G 425 -49.52 -2.80 -16.09
N ASP G 426 -50.09 -3.74 -16.85
CA ASP G 426 -49.62 -4.06 -18.19
C ASP G 426 -49.73 -2.85 -19.11
N GLY G 427 -50.91 -2.24 -19.18
CA GLY G 427 -51.08 -0.98 -19.87
C GLY G 427 -50.98 -1.02 -21.37
N MET G 428 -50.83 -2.20 -21.99
CA MET G 428 -50.59 -2.25 -23.43
C MET G 428 -51.88 -2.26 -24.23
N PHE G 429 -52.81 -3.15 -23.89
CA PHE G 429 -53.83 -3.62 -24.84
C PHE G 429 -54.73 -2.50 -25.35
N GLY G 430 -55.14 -1.58 -24.48
CA GLY G 430 -55.97 -0.47 -24.93
C GLY G 430 -55.25 0.43 -25.92
N LYS G 431 -53.99 0.78 -25.61
CA LYS G 431 -53.19 1.63 -26.49
C LYS G 431 -52.89 0.95 -27.81
N ILE G 432 -52.74 -0.38 -27.80
CA ILE G 432 -52.53 -1.12 -29.04
C ILE G 432 -53.80 -1.16 -29.87
N PHE G 433 -54.93 -1.43 -29.21
CA PHE G 433 -56.15 -1.78 -29.92
C PHE G 433 -56.88 -0.56 -30.47
N SER G 434 -56.87 0.56 -29.74
CA SER G 434 -57.67 1.73 -30.10
C SER G 434 -57.42 2.30 -31.49
N PRO G 435 -56.17 2.50 -31.96
CA PRO G 435 -56.00 3.02 -33.34
C PRO G 435 -56.47 2.09 -34.43
N ILE G 436 -56.63 0.80 -34.16
CA ILE G 436 -57.15 -0.14 -35.15
C ILE G 436 -58.68 -0.12 -35.17
N LEU G 437 -59.29 0.08 -34.01
CA LEU G 437 -60.75 0.08 -33.90
C LEU G 437 -61.37 1.25 -34.66
N LEU G 438 -60.75 2.43 -34.60
CA LEU G 438 -61.40 3.68 -34.94
C LEU G 438 -61.82 3.76 -36.41
N LYS G 439 -61.12 3.07 -37.29
CA LYS G 439 -61.47 3.14 -38.71
C LYS G 439 -62.73 2.36 -39.04
N HIS G 440 -63.16 1.46 -38.16
CA HIS G 440 -64.38 0.69 -38.36
C HIS G 440 -65.57 1.29 -37.60
N HIS G 441 -65.36 1.63 -36.33
CA HIS G 441 -66.42 2.11 -35.46
C HIS G 441 -65.76 2.94 -34.37
N LYS G 442 -66.54 3.82 -33.74
CA LYS G 442 -66.03 4.67 -32.68
C LYS G 442 -66.94 4.65 -31.47
N CYS G 443 -66.34 4.36 -30.30
CA CYS G 443 -67.04 4.28 -29.02
C CYS G 443 -66.00 4.26 -27.91
N ALA G 444 -66.48 4.41 -26.67
CA ALA G 444 -65.59 4.51 -25.52
C ALA G 444 -64.99 3.14 -25.16
N LEU G 445 -63.82 3.20 -24.51
CA LEU G 445 -63.14 2.01 -24.00
C LEU G 445 -62.93 2.16 -22.49
N GLU G 446 -63.27 1.12 -21.73
CA GLU G 446 -63.20 1.16 -20.28
C GLU G 446 -62.55 -0.12 -19.75
N GLU G 447 -61.66 0.04 -18.76
CA GLU G 447 -61.00 -1.08 -18.13
C GLU G 447 -61.68 -1.46 -16.82
N ILE G 448 -61.61 -2.75 -16.48
CA ILE G 448 -62.05 -3.25 -15.18
C ILE G 448 -60.91 -4.10 -14.61
N ARG G 449 -60.85 -4.14 -13.29
CA ARG G 449 -59.93 -5.01 -12.54
C ARG G 449 -60.74 -5.64 -11.39
N ALA G 450 -61.16 -6.89 -11.57
CA ALA G 450 -61.83 -7.64 -10.51
C ALA G 450 -60.83 -8.40 -9.66
N LYS G 451 -61.19 -8.63 -8.40
CA LYS G 451 -60.42 -9.45 -7.48
C LYS G 451 -61.23 -10.65 -7.02
N GLY G 452 -60.59 -11.46 -6.23
CA GLY G 452 -61.20 -12.61 -5.60
C GLY G 452 -60.95 -13.90 -6.34
N MET G 453 -61.51 -14.96 -5.79
CA MET G 453 -61.50 -16.29 -6.41
C MET G 453 -62.39 -16.28 -7.64
N LYS G 454 -61.79 -16.47 -8.82
CA LYS G 454 -62.54 -16.43 -10.07
C LYS G 454 -63.63 -17.49 -10.12
N GLU G 455 -63.30 -18.70 -9.65
CA GLU G 455 -64.27 -19.79 -9.63
C GLU G 455 -65.43 -19.48 -8.69
N MET G 456 -65.18 -18.76 -7.61
CA MET G 456 -66.27 -18.37 -6.71
C MET G 456 -67.01 -17.15 -7.24
N ARG G 457 -66.28 -16.20 -7.85
CA ARG G 457 -66.91 -14.98 -8.34
C ARG G 457 -67.88 -15.25 -9.48
N ILE G 458 -67.54 -16.21 -10.36
CA ILE G 458 -68.44 -16.56 -11.46
C ILE G 458 -69.76 -17.10 -10.91
N CYS G 459 -69.67 -17.99 -9.92
CA CYS G 459 -70.87 -18.55 -9.30
C CYS G 459 -71.68 -17.48 -8.59
N ASP G 460 -71.05 -16.65 -7.76
CA ASP G 460 -71.80 -15.66 -7.02
C ASP G 460 -72.29 -14.51 -7.90
N THR G 461 -71.79 -14.40 -9.13
CA THR G 461 -72.36 -13.46 -10.08
C THR G 461 -73.56 -14.06 -10.82
N ILE G 462 -73.41 -15.29 -11.32
CA ILE G 462 -74.46 -15.84 -12.18
C ILE G 462 -75.65 -16.35 -11.37
N GLU G 463 -75.40 -17.04 -10.25
CA GLU G 463 -76.49 -17.69 -9.52
C GLU G 463 -77.60 -16.73 -9.02
N PRO G 464 -77.32 -15.54 -8.47
CA PRO G 464 -78.44 -14.62 -8.19
C PRO G 464 -79.19 -14.17 -9.42
N LEU G 465 -78.50 -13.98 -10.55
CA LEU G 465 -79.19 -13.59 -11.77
C LEU G 465 -80.03 -14.73 -12.33
N MET G 466 -79.47 -15.94 -12.35
CA MET G 466 -80.16 -17.08 -12.92
C MET G 466 -81.31 -17.55 -12.03
N GLY G 467 -81.16 -17.44 -10.71
CA GLY G 467 -82.25 -17.77 -9.81
C GLY G 467 -83.43 -16.83 -9.93
N ALA G 468 -83.18 -15.57 -10.28
CA ALA G 468 -84.26 -14.64 -10.57
C ALA G 468 -84.84 -14.83 -11.97
N HIS G 469 -84.28 -15.73 -12.76
CA HIS G 469 -84.75 -16.08 -14.11
C HIS G 469 -84.77 -14.88 -15.04
N LYS G 470 -83.79 -14.00 -14.90
CA LYS G 470 -83.67 -12.80 -15.72
C LYS G 470 -82.83 -12.99 -16.97
N LEU G 471 -82.43 -14.23 -17.29
CA LEU G 471 -81.45 -14.47 -18.34
C LEU G 471 -82.14 -15.04 -19.59
N VAL G 472 -82.02 -14.30 -20.69
CA VAL G 472 -82.60 -14.66 -21.98
C VAL G 472 -81.48 -14.85 -22.98
N ILE G 473 -81.51 -15.96 -23.71
CA ILE G 473 -80.44 -16.37 -24.62
C ILE G 473 -81.00 -16.44 -26.03
N ARG G 474 -80.30 -15.80 -26.97
CA ARG G 474 -80.63 -15.92 -28.39
C ARG G 474 -80.41 -17.37 -28.84
N ASP G 475 -81.39 -17.90 -29.58
CA ASP G 475 -81.45 -19.31 -29.99
C ASP G 475 -80.15 -19.84 -30.61
N GLU G 476 -79.74 -19.26 -31.73
CA GLU G 476 -78.68 -19.84 -32.57
C GLU G 476 -77.34 -19.88 -31.86
N VAL G 477 -77.17 -19.11 -30.77
CA VAL G 477 -75.98 -19.15 -29.95
C VAL G 477 -75.68 -20.57 -29.53
N ILE G 478 -76.72 -21.31 -29.13
CA ILE G 478 -76.58 -22.68 -28.64
C ILE G 478 -75.96 -23.55 -29.72
N ARG G 479 -76.35 -23.33 -30.97
CA ARG G 479 -75.74 -24.08 -32.06
C ARG G 479 -74.32 -23.58 -32.34
N GLU G 480 -74.14 -22.26 -32.39
CA GLU G 480 -72.89 -21.67 -32.89
C GLU G 480 -71.73 -22.04 -31.97
N ASP G 481 -71.92 -21.86 -30.66
CA ASP G 481 -70.91 -22.25 -29.68
C ASP G 481 -70.61 -23.74 -29.76
N TYR G 482 -71.62 -24.55 -30.10
CA TYR G 482 -71.35 -25.98 -30.25
C TYR G 482 -70.53 -26.25 -31.50
N GLN G 483 -70.79 -25.51 -32.58
CA GLN G 483 -70.12 -25.79 -33.85
C GLN G 483 -68.67 -25.30 -33.84
N THR G 484 -68.43 -24.14 -33.22
CA THR G 484 -67.11 -23.54 -33.21
C THR G 484 -66.18 -24.13 -32.16
N ALA G 485 -66.63 -25.08 -31.34
CA ALA G 485 -65.83 -25.60 -30.25
C ALA G 485 -64.72 -26.50 -30.77
N ARG G 486 -63.73 -25.92 -31.44
CA ARG G 486 -62.69 -26.68 -32.11
C ARG G 486 -61.38 -26.55 -31.37
N ASP G 487 -60.63 -27.64 -31.32
CA ASP G 487 -59.27 -27.64 -30.81
C ASP G 487 -58.36 -26.91 -31.81
N LEU G 488 -57.08 -26.80 -31.45
CA LEU G 488 -56.08 -26.18 -32.32
C LEU G 488 -56.00 -26.91 -33.67
N ASP G 489 -56.06 -28.25 -33.63
CA ASP G 489 -56.03 -29.06 -34.84
C ASP G 489 -57.29 -28.92 -35.68
N GLY G 490 -58.34 -28.28 -35.16
CA GLY G 490 -59.62 -28.23 -35.83
C GLY G 490 -60.57 -29.34 -35.45
N LYS G 491 -60.13 -30.29 -34.63
CA LYS G 491 -61.00 -31.36 -34.15
C LYS G 491 -62.06 -30.81 -33.19
N HIS G 492 -63.23 -31.44 -33.19
CA HIS G 492 -64.27 -31.10 -32.24
C HIS G 492 -63.83 -31.45 -30.82
N ASP G 493 -64.05 -30.53 -29.88
CA ASP G 493 -63.72 -30.78 -28.49
C ASP G 493 -64.66 -29.90 -27.68
N VAL G 494 -65.51 -30.54 -26.87
CA VAL G 494 -66.55 -29.82 -26.11
C VAL G 494 -65.98 -28.98 -24.98
N ARG G 495 -64.71 -29.18 -24.61
CA ARG G 495 -64.12 -28.38 -23.54
C ARG G 495 -63.98 -26.91 -23.90
N TYR G 496 -64.06 -26.55 -25.17
CA TYR G 496 -64.06 -25.15 -25.57
C TYR G 496 -65.45 -24.57 -25.73
N SER G 497 -66.51 -25.34 -25.48
CA SER G 497 -67.86 -24.82 -25.51
C SER G 497 -68.15 -24.03 -24.24
N ALA G 498 -68.82 -22.89 -24.40
CA ALA G 498 -69.14 -22.04 -23.25
C ALA G 498 -70.08 -22.75 -22.28
N PHE G 499 -71.09 -23.43 -22.82
CA PHE G 499 -72.11 -24.02 -21.95
C PHE G 499 -71.63 -25.29 -21.27
N TYR G 500 -70.70 -26.02 -21.88
CA TYR G 500 -70.00 -27.08 -21.18
C TYR G 500 -69.23 -26.52 -19.97
N GLN G 501 -68.52 -25.42 -20.18
CA GLN G 501 -67.80 -24.78 -19.08
C GLN G 501 -68.75 -24.30 -18.01
N MET G 502 -69.94 -23.84 -18.41
CA MET G 502 -70.94 -23.37 -17.45
C MET G 502 -71.49 -24.50 -16.60
N THR G 503 -71.86 -25.63 -17.24
CA THR G 503 -72.56 -26.69 -16.53
C THR G 503 -71.67 -27.48 -15.58
N ARG G 504 -70.35 -27.39 -15.73
CA ARG G 504 -69.42 -28.06 -14.82
C ARG G 504 -68.81 -27.11 -13.80
N MET G 505 -69.24 -25.85 -13.76
CA MET G 505 -68.67 -24.86 -12.86
C MET G 505 -69.06 -25.16 -11.42
N THR G 506 -68.07 -25.16 -10.52
CA THR G 506 -68.31 -25.35 -9.09
C THR G 506 -67.51 -24.32 -8.31
N ARG G 507 -67.86 -24.15 -7.02
CA ARG G 507 -67.13 -23.24 -6.16
C ARG G 507 -65.88 -23.88 -5.58
N GLU G 508 -64.99 -24.36 -6.44
CA GLU G 508 -63.75 -25.01 -6.04
C GLU G 508 -62.59 -24.44 -6.82
N ARG G 509 -61.41 -24.42 -6.20
CA ARG G 509 -60.22 -23.92 -6.88
C ARG G 509 -59.72 -24.89 -7.96
N GLY G 510 -60.15 -26.15 -7.94
CA GLY G 510 -59.85 -27.12 -8.97
C GLY G 510 -60.98 -27.42 -9.91
N ALA G 511 -61.92 -26.49 -10.10
CA ALA G 511 -63.21 -26.81 -10.72
C ALA G 511 -63.06 -27.14 -12.20
N VAL G 512 -62.35 -26.32 -12.96
CA VAL G 512 -62.32 -26.46 -14.41
C VAL G 512 -60.96 -25.98 -14.92
N ALA G 513 -60.50 -26.60 -16.00
CA ALA G 513 -59.22 -26.24 -16.60
C ALA G 513 -59.34 -25.07 -17.59
N HIS G 514 -60.52 -24.83 -18.14
CA HIS G 514 -60.71 -23.81 -19.16
C HIS G 514 -61.88 -22.92 -18.82
N ASP G 515 -61.72 -21.61 -19.01
CA ASP G 515 -62.70 -20.65 -18.56
C ASP G 515 -62.93 -19.46 -19.49
N ASP G 516 -62.34 -19.44 -20.69
CA ASP G 516 -62.17 -18.20 -21.46
C ASP G 516 -63.49 -17.57 -21.90
N ARG G 517 -64.54 -18.38 -22.07
CA ARG G 517 -65.80 -17.83 -22.56
C ARG G 517 -66.72 -17.44 -21.40
N ILE G 518 -66.80 -18.29 -20.37
CA ILE G 518 -67.67 -18.03 -19.24
C ILE G 518 -67.17 -16.82 -18.44
N ASP G 519 -65.85 -16.57 -18.46
CA ASP G 519 -65.29 -15.39 -17.82
C ASP G 519 -65.77 -14.11 -18.51
N ALA G 520 -65.75 -14.11 -19.85
CA ALA G 520 -66.25 -12.96 -20.61
C ALA G 520 -67.74 -12.77 -20.40
N ILE G 521 -68.48 -13.85 -20.21
CA ILE G 521 -69.89 -13.72 -19.83
C ILE G 521 -70.02 -13.04 -18.47
N ALA G 522 -69.23 -13.49 -17.49
CA ALA G 522 -69.36 -13.01 -16.12
C ALA G 522 -69.04 -11.51 -16.00
N LEU G 523 -67.99 -11.06 -16.68
CA LEU G 523 -67.64 -9.64 -16.60
C LEU G 523 -68.70 -8.76 -17.25
N GLY G 524 -69.33 -9.22 -18.33
CA GLY G 524 -70.43 -8.48 -18.91
C GLY G 524 -71.63 -8.39 -18.00
N ILE G 525 -71.95 -9.50 -17.31
CA ILE G 525 -73.06 -9.47 -16.36
C ILE G 525 -72.79 -8.49 -15.22
N GLU G 526 -71.58 -8.54 -14.67
CA GLU G 526 -71.23 -7.64 -13.56
C GLU G 526 -71.24 -6.18 -14.00
N TYR G 527 -70.73 -5.89 -15.21
CA TYR G 527 -70.74 -4.52 -15.70
C TYR G 527 -72.16 -4.00 -15.94
N LEU G 528 -73.03 -4.83 -16.53
CA LEU G 528 -74.41 -4.39 -16.71
C LEU G 528 -75.14 -4.25 -15.39
N ARG G 529 -74.70 -4.97 -14.36
CA ARG G 529 -75.27 -4.82 -13.02
C ARG G 529 -74.84 -3.52 -12.36
N GLU G 530 -73.55 -3.17 -12.44
CA GLU G 530 -73.02 -2.08 -11.63
C GLU G 530 -72.99 -0.73 -12.32
N GLY G 531 -72.88 -0.68 -13.65
CA GLY G 531 -72.53 0.55 -14.34
C GLY G 531 -73.64 1.55 -14.55
N MET G 532 -74.87 1.24 -14.13
CA MET G 532 -76.02 2.08 -14.46
C MET G 532 -76.20 3.29 -13.54
N LEU G 533 -75.48 3.37 -12.43
CA LEU G 533 -75.77 4.37 -11.41
C LEU G 533 -75.03 5.69 -11.66
N VAL G 534 -75.76 6.81 -11.52
CA VAL G 534 -75.22 8.17 -11.56
C VAL G 534 -75.83 8.97 -10.41
N ASP G 535 -74.99 9.67 -9.66
CA ASP G 535 -75.40 10.51 -8.54
C ASP G 535 -75.39 11.99 -8.93
N SER G 536 -75.90 12.82 -8.03
CA SER G 536 -75.88 14.27 -8.21
C SER G 536 -75.92 14.96 -6.86
N ARG G 537 -75.53 16.23 -6.85
CA ARG G 537 -75.45 17.02 -5.63
C ARG G 537 -76.10 18.38 -5.85
N VAL G 538 -76.99 18.77 -4.93
CA VAL G 538 -77.84 19.95 -5.09
C VAL G 538 -77.83 20.74 -3.78
N GLY G 539 -77.79 22.07 -3.92
CA GLY G 539 -77.96 22.94 -2.76
C GLY G 539 -77.00 24.11 -2.65
N SER H 2 -11.93 -65.01 -120.48
CA SER H 2 -10.48 -65.00 -120.48
C SER H 2 -9.91 -63.65 -120.91
N GLN H 3 -10.23 -63.26 -122.15
CA GLN H 3 -9.69 -62.02 -122.70
C GLN H 3 -10.23 -60.78 -122.00
N SER H 4 -11.48 -60.86 -121.52
CA SER H 4 -12.09 -59.70 -120.85
C SER H 4 -11.34 -59.32 -119.58
N GLN H 5 -10.90 -60.32 -118.81
CA GLN H 5 -10.15 -60.02 -117.59
C GLN H 5 -8.76 -59.45 -117.92
N GLU H 6 -8.14 -59.94 -118.99
CA GLU H 6 -6.84 -59.40 -119.40
C GLU H 6 -6.98 -57.95 -119.85
N ALA H 7 -8.04 -57.64 -120.59
CA ALA H 7 -8.32 -56.26 -120.98
C ALA H 7 -8.59 -55.39 -119.76
N LYS H 8 -9.34 -55.93 -118.79
CA LYS H 8 -9.58 -55.23 -117.53
C LYS H 8 -8.27 -54.92 -116.81
N ASN H 9 -7.39 -55.91 -116.72
CA ASN H 9 -6.10 -55.73 -116.05
C ASN H 9 -5.25 -54.67 -116.74
N ALA H 10 -5.17 -54.73 -118.08
CA ALA H 10 -4.37 -53.76 -118.82
C ALA H 10 -4.93 -52.35 -118.65
N LEU H 11 -6.25 -52.19 -118.75
CA LEU H 11 -6.86 -50.86 -118.59
C LEU H 11 -6.65 -50.34 -117.17
N ILE H 12 -6.81 -51.19 -116.16
CA ILE H 12 -6.65 -50.74 -114.78
C ILE H 12 -5.21 -50.35 -114.49
N ILE H 13 -4.26 -51.15 -114.98
CA ILE H 13 -2.86 -50.85 -114.69
C ILE H 13 -2.38 -49.63 -115.48
N ALA H 14 -3.02 -49.31 -116.60
CA ALA H 14 -2.77 -48.01 -117.22
C ALA H 14 -3.44 -46.88 -116.46
N GLN H 15 -4.67 -47.10 -115.99
CA GLN H 15 -5.47 -46.03 -115.41
C GLN H 15 -4.88 -45.58 -114.08
N LEU H 16 -4.46 -46.53 -113.25
CA LEU H 16 -3.83 -46.20 -111.97
C LEU H 16 -2.54 -45.43 -112.16
N LYS H 17 -1.79 -45.71 -113.24
CA LYS H 17 -0.66 -44.85 -113.55
C LYS H 17 -1.10 -43.53 -114.19
N GLY H 18 -2.35 -43.40 -114.59
CA GLY H 18 -2.83 -42.14 -115.13
C GLY H 18 -3.63 -41.25 -114.18
N ASP H 19 -3.99 -41.75 -113.00
CA ASP H 19 -4.89 -41.02 -112.09
C ASP H 19 -4.41 -41.25 -110.66
N PHE H 20 -4.03 -40.16 -109.98
CA PHE H 20 -3.60 -40.24 -108.59
C PHE H 20 -4.75 -40.61 -107.66
N VAL H 21 -5.94 -40.07 -107.90
CA VAL H 21 -7.06 -40.23 -106.97
C VAL H 21 -7.55 -41.67 -106.94
N ALA H 22 -7.57 -42.33 -108.11
CA ALA H 22 -7.90 -43.74 -108.16
C ALA H 22 -6.86 -44.57 -107.42
N PHE H 23 -5.59 -44.19 -107.52
CA PHE H 23 -4.53 -44.88 -106.79
C PHE H 23 -4.72 -44.74 -105.29
N LEU H 24 -5.14 -43.55 -104.83
CA LEU H 24 -5.44 -43.36 -103.42
C LEU H 24 -6.60 -44.22 -102.97
N PHE H 25 -7.66 -44.30 -103.79
CA PHE H 25 -8.79 -45.14 -103.45
C PHE H 25 -8.39 -46.61 -103.34
N VAL H 26 -7.58 -47.08 -104.29
CA VAL H 26 -7.12 -48.48 -104.26
C VAL H 26 -6.28 -48.75 -103.01
N LEU H 27 -5.34 -47.85 -102.72
CA LEU H 27 -4.47 -48.03 -101.55
C LEU H 27 -5.26 -47.98 -100.25
N TRP H 28 -6.24 -47.09 -100.16
CA TRP H 28 -6.98 -46.94 -98.92
C TRP H 28 -8.00 -48.06 -98.73
N LYS H 29 -8.50 -48.66 -99.82
CA LYS H 29 -9.22 -49.91 -99.68
C LYS H 29 -8.29 -51.01 -99.18
N ALA H 30 -7.06 -51.06 -99.69
CA ALA H 30 -6.11 -52.08 -99.28
C ALA H 30 -5.74 -51.94 -97.81
N LEU H 31 -5.65 -50.72 -97.31
CA LEU H 31 -5.36 -50.48 -95.90
C LEU H 31 -6.57 -50.69 -95.00
N ASN H 32 -7.76 -50.94 -95.58
CA ASN H 32 -9.03 -51.00 -94.85
C ASN H 32 -9.30 -49.71 -94.09
N LEU H 33 -9.31 -48.60 -94.82
CA LEU H 33 -9.64 -47.27 -94.36
C LEU H 33 -10.83 -46.73 -95.14
N PRO H 34 -11.65 -45.87 -94.54
CA PRO H 34 -12.78 -45.29 -95.28
C PRO H 34 -12.33 -44.34 -96.37
N LYS H 35 -13.30 -43.94 -97.19
CA LYS H 35 -13.04 -43.21 -98.42
C LYS H 35 -12.40 -41.85 -98.14
N PRO H 36 -11.48 -41.40 -98.98
CA PRO H 36 -10.85 -40.08 -98.79
C PRO H 36 -11.88 -38.96 -98.83
N THR H 37 -11.70 -38.00 -97.93
CA THR H 37 -12.58 -36.84 -97.86
C THR H 37 -12.21 -35.82 -98.92
N LYS H 38 -13.08 -34.80 -99.03
CA LYS H 38 -12.97 -33.79 -100.08
C LYS H 38 -11.66 -33.01 -100.01
N CYS H 39 -11.29 -32.57 -98.80
CA CYS H 39 -10.05 -31.82 -98.64
C CYS H 39 -8.83 -32.66 -98.96
N GLN H 40 -8.85 -33.94 -98.58
CA GLN H 40 -7.75 -34.85 -98.91
C GLN H 40 -7.63 -35.03 -100.41
N ILE H 41 -8.76 -35.18 -101.11
CA ILE H 41 -8.74 -35.30 -102.57
C ILE H 41 -8.16 -34.06 -103.21
N ASP H 42 -8.58 -32.89 -102.74
CA ASP H 42 -8.07 -31.65 -103.33
C ASP H 42 -6.60 -31.42 -103.03
N MET H 43 -6.13 -31.80 -101.83
CA MET H 43 -4.72 -31.66 -101.50
C MET H 43 -3.86 -32.57 -102.37
N ALA H 44 -4.29 -33.82 -102.54
CA ALA H 44 -3.56 -34.74 -103.41
C ALA H 44 -3.58 -34.27 -104.86
N ARG H 45 -4.73 -33.76 -105.31
CA ARG H 45 -4.86 -33.27 -106.67
C ARG H 45 -3.95 -32.07 -106.92
N THR H 46 -3.88 -31.15 -105.97
CA THR H 46 -3.00 -30.00 -106.09
C THR H 46 -1.54 -30.41 -106.08
N LEU H 47 -1.20 -31.40 -105.25
CA LEU H 47 0.19 -31.87 -105.16
C LEU H 47 0.65 -32.49 -106.46
N ALA H 48 -0.22 -33.24 -107.15
CA ALA H 48 0.17 -34.01 -108.32
C ALA H 48 0.48 -33.15 -109.54
N ASN H 49 0.04 -31.90 -109.57
CA ASN H 49 0.23 -31.07 -110.76
C ASN H 49 1.68 -30.61 -110.84
N GLY H 50 2.34 -30.95 -111.94
CA GLY H 50 3.76 -30.69 -112.12
C GLY H 50 4.14 -29.23 -112.32
N ASP H 51 3.16 -28.34 -112.50
CA ASP H 51 3.46 -26.95 -112.80
C ASP H 51 3.89 -26.14 -111.58
N HIS H 52 3.63 -26.66 -110.37
CA HIS H 52 4.11 -25.99 -109.15
C HIS H 52 5.53 -26.44 -108.88
N LYS H 53 6.48 -25.51 -109.04
CA LYS H 53 7.89 -25.82 -108.87
C LYS H 53 8.42 -25.44 -107.49
N LYS H 54 8.01 -24.29 -106.96
CA LYS H 54 8.44 -23.80 -105.65
C LYS H 54 7.17 -23.58 -104.83
N PHE H 55 6.80 -24.59 -104.05
CA PHE H 55 5.43 -24.73 -103.59
C PHE H 55 5.37 -25.08 -102.11
N ILE H 56 4.43 -24.46 -101.40
CA ILE H 56 4.17 -24.72 -99.99
C ILE H 56 2.68 -24.97 -99.79
N LEU H 57 2.34 -26.02 -99.06
CA LEU H 57 0.96 -26.33 -98.68
C LEU H 57 0.85 -26.23 -97.17
N GLN H 58 -0.17 -25.52 -96.69
CA GLN H 58 -0.41 -25.36 -95.26
C GLN H 58 -1.77 -25.92 -94.91
N ALA H 59 -1.82 -26.78 -93.88
CA ALA H 59 -3.07 -27.43 -93.49
C ALA H 59 -3.07 -27.63 -91.98
N PHE H 60 -4.28 -27.80 -91.44
CA PHE H 60 -4.43 -27.95 -90.00
C PHE H 60 -4.02 -29.35 -89.54
N ARG H 61 -3.83 -29.49 -88.23
CA ARG H 61 -3.28 -30.69 -87.63
C ARG H 61 -4.17 -31.90 -87.86
N GLY H 62 -3.55 -33.04 -88.19
CA GLY H 62 -4.23 -34.31 -88.26
C GLY H 62 -4.94 -34.60 -89.56
N ILE H 63 -4.72 -33.81 -90.61
CA ILE H 63 -5.54 -33.97 -91.80
C ILE H 63 -5.09 -35.15 -92.66
N GLY H 64 -3.81 -35.53 -92.60
CA GLY H 64 -3.39 -36.63 -93.45
C GLY H 64 -2.13 -36.46 -94.27
N LYS H 65 -1.31 -35.46 -93.94
CA LYS H 65 -0.18 -35.06 -94.78
C LYS H 65 0.82 -36.19 -95.04
N SER H 66 1.13 -36.98 -94.01
CA SER H 66 2.17 -38.00 -94.13
C SER H 66 1.75 -39.12 -95.07
N PHE H 67 0.51 -39.60 -94.94
CA PHE H 67 0.01 -40.68 -95.79
C PHE H 67 0.00 -40.26 -97.25
N ILE H 68 -0.44 -39.02 -97.51
CA ILE H 68 -0.45 -38.47 -98.86
C ILE H 68 0.96 -38.39 -99.42
N THR H 69 1.92 -37.96 -98.59
CA THR H 69 3.31 -37.86 -99.05
C THR H 69 3.86 -39.23 -99.42
N CYS H 70 3.61 -40.24 -98.59
CA CYS H 70 4.10 -41.59 -98.88
C CYS H 70 3.48 -42.16 -100.15
N ALA H 71 2.16 -41.99 -100.32
CA ALA H 71 1.49 -42.48 -101.51
C ALA H 71 2.00 -41.75 -102.76
N PHE H 72 2.29 -40.45 -102.62
CA PHE H 72 2.84 -39.68 -103.73
C PHE H 72 4.18 -40.23 -104.18
N VAL H 73 5.12 -40.40 -103.25
CA VAL H 73 6.46 -40.82 -103.68
C VAL H 73 6.45 -42.25 -104.22
N VAL H 74 5.62 -43.13 -103.64
CA VAL H 74 5.58 -44.49 -104.17
C VAL H 74 4.94 -44.52 -105.56
N TRP H 75 3.93 -43.68 -105.80
CA TRP H 75 3.32 -43.57 -107.13
C TRP H 75 4.30 -42.99 -108.14
N VAL H 76 5.09 -41.99 -107.72
CA VAL H 76 6.06 -41.35 -108.60
C VAL H 76 7.13 -42.34 -109.04
N LEU H 77 7.67 -43.13 -108.11
CA LEU H 77 8.64 -44.15 -108.54
C LEU H 77 7.98 -45.31 -109.27
N TRP H 78 6.69 -45.55 -109.02
CA TRP H 78 5.97 -46.55 -109.81
C TRP H 78 5.86 -46.11 -111.26
N ARG H 79 5.79 -44.81 -111.51
CA ARG H 79 5.74 -44.31 -112.88
C ARG H 79 7.11 -44.06 -113.51
N ASP H 80 8.14 -43.82 -112.72
CA ASP H 80 9.49 -43.61 -113.26
C ASP H 80 10.47 -44.05 -112.19
N PRO H 81 11.11 -45.21 -112.34
CA PRO H 81 11.98 -45.74 -111.28
C PRO H 81 13.38 -45.12 -111.23
N GLN H 82 13.73 -44.23 -112.15
CA GLN H 82 15.08 -43.69 -112.19
C GLN H 82 15.23 -42.39 -111.39
N LEU H 83 14.15 -41.92 -110.78
CA LEU H 83 14.15 -40.60 -110.16
C LEU H 83 14.90 -40.61 -108.83
N LYS H 84 15.47 -39.46 -108.47
CA LYS H 84 16.16 -39.27 -107.19
C LYS H 84 15.25 -38.45 -106.27
N VAL H 85 14.84 -39.04 -105.15
CA VAL H 85 13.91 -38.42 -104.21
C VAL H 85 14.57 -38.27 -102.85
N LEU H 86 14.46 -37.07 -102.28
CA LEU H 86 14.96 -36.77 -100.94
C LEU H 86 13.79 -36.39 -100.03
N ILE H 87 13.75 -37.02 -98.85
CA ILE H 87 12.71 -36.79 -97.85
C ILE H 87 13.40 -36.25 -96.59
N VAL H 88 12.98 -35.07 -96.14
CA VAL H 88 13.56 -34.43 -94.98
C VAL H 88 12.47 -34.32 -93.91
N SER H 89 12.80 -34.71 -92.69
CA SER H 89 11.85 -34.64 -91.58
C SER H 89 12.51 -34.01 -90.36
N ALA H 90 11.73 -33.91 -89.28
CA ALA H 90 12.19 -33.19 -88.10
C ALA H 90 13.21 -33.97 -87.28
N SER H 91 13.08 -35.30 -87.21
CA SER H 91 13.90 -36.06 -86.29
C SER H 91 14.07 -37.48 -86.80
N LYS H 92 14.98 -38.21 -86.15
CA LYS H 92 15.33 -39.58 -86.54
C LYS H 92 14.13 -40.52 -86.46
N GLU H 93 13.32 -40.37 -85.40
CA GLU H 93 12.16 -41.22 -85.20
C GLU H 93 11.18 -41.10 -86.35
N ARG H 94 10.92 -39.87 -86.78
CA ARG H 94 9.98 -39.62 -87.87
C ARG H 94 10.52 -40.13 -89.20
N ALA H 95 11.82 -39.95 -89.44
CA ALA H 95 12.44 -40.44 -90.67
C ALA H 95 12.34 -41.97 -90.75
N ASP H 96 12.58 -42.66 -89.63
CA ASP H 96 12.44 -44.10 -89.61
C ASP H 96 11.00 -44.54 -89.84
N ALA H 97 10.05 -43.84 -89.22
CA ALA H 97 8.63 -44.17 -89.43
C ALA H 97 8.22 -44.02 -90.89
N ASN H 98 8.66 -42.93 -91.53
CA ASN H 98 8.35 -42.71 -92.95
C ASN H 98 8.97 -43.81 -93.82
N SER H 99 10.24 -44.13 -93.57
CA SER H 99 10.95 -45.11 -94.39
C SER H 99 10.33 -46.49 -94.24
N ILE H 100 9.91 -46.86 -93.03
CA ILE H 100 9.23 -48.14 -92.83
C ILE H 100 7.89 -48.17 -93.55
N PHE H 101 7.14 -47.06 -93.49
CA PHE H 101 5.81 -47.07 -94.08
C PHE H 101 5.88 -47.20 -95.60
N ILE H 102 6.92 -46.65 -96.22
CA ILE H 102 7.11 -46.79 -97.67
C ILE H 102 7.27 -48.26 -98.07
N LYS H 103 8.11 -48.99 -97.33
CA LYS H 103 8.28 -50.42 -97.59
C LYS H 103 6.99 -51.18 -97.39
N ASN H 104 6.20 -50.80 -96.38
CA ASN H 104 4.93 -51.46 -96.15
C ASN H 104 3.97 -51.27 -97.33
N ILE H 105 3.91 -50.05 -97.89
CA ILE H 105 3.09 -49.84 -99.08
C ILE H 105 3.60 -50.64 -100.27
N ILE H 106 4.92 -50.69 -100.45
CA ILE H 106 5.48 -51.44 -101.58
C ILE H 106 5.11 -52.92 -101.49
N ASP H 107 5.20 -53.49 -100.28
CA ASP H 107 4.84 -54.90 -100.13
C ASP H 107 3.34 -55.15 -100.11
N LEU H 108 2.52 -54.15 -99.78
CA LEU H 108 1.09 -54.40 -99.61
C LEU H 108 0.39 -54.68 -100.94
N LEU H 109 0.60 -53.81 -101.94
CA LEU H 109 -0.10 -53.94 -103.21
C LEU H 109 0.57 -54.98 -104.12
N PRO H 110 -0.20 -55.66 -105.01
CA PRO H 110 0.39 -56.72 -105.83
C PRO H 110 1.47 -56.30 -106.82
N PHE H 111 1.18 -55.33 -107.68
CA PHE H 111 2.08 -55.02 -108.79
C PHE H 111 3.34 -54.29 -108.33
N LEU H 112 3.24 -53.47 -107.28
CA LEU H 112 4.39 -52.71 -106.78
C LEU H 112 5.50 -53.60 -106.25
N SER H 113 5.21 -54.89 -106.06
CA SER H 113 6.23 -55.88 -105.72
C SER H 113 7.35 -55.97 -106.75
N GLU H 114 7.13 -55.51 -107.99
CA GLU H 114 8.24 -55.50 -108.95
C GLU H 114 9.33 -54.53 -108.51
N LEU H 115 8.99 -53.47 -107.75
CA LEU H 115 9.98 -52.50 -107.31
C LEU H 115 10.91 -53.01 -106.20
N LYS H 116 10.79 -54.28 -105.80
CA LYS H 116 11.70 -54.85 -104.82
C LYS H 116 13.13 -54.90 -105.37
N PRO H 117 14.13 -54.57 -104.56
CA PRO H 117 15.50 -54.41 -105.08
C PRO H 117 16.23 -55.71 -105.37
N ARG H 118 17.15 -55.62 -106.37
CA ARG H 118 18.03 -56.66 -106.90
C ARG H 118 19.26 -56.83 -106.02
N PRO H 119 19.93 -58.00 -106.09
CA PRO H 119 21.15 -58.23 -105.30
C PRO H 119 22.20 -57.15 -105.53
N GLY H 120 22.93 -56.82 -104.46
CA GLY H 120 23.54 -55.51 -104.35
C GLY H 120 22.56 -54.47 -103.87
N GLN H 121 21.72 -54.84 -102.90
CA GLN H 121 20.45 -54.16 -102.65
C GLN H 121 20.65 -52.74 -102.12
N ARG H 122 21.62 -52.55 -101.23
CA ARG H 122 21.70 -51.45 -100.24
C ARG H 122 20.33 -51.13 -99.66
N ASP H 123 19.57 -52.17 -99.30
CA ASP H 123 18.22 -52.06 -98.75
C ASP H 123 18.38 -51.71 -97.27
N SER H 124 18.73 -50.46 -97.04
CA SER H 124 18.87 -49.91 -95.70
C SER H 124 17.66 -49.08 -95.34
N VAL H 125 17.56 -48.74 -94.05
CA VAL H 125 16.43 -47.93 -93.58
C VAL H 125 16.68 -46.44 -93.87
N ILE H 126 17.93 -46.03 -94.04
CA ILE H 126 18.22 -44.63 -94.33
C ILE H 126 18.09 -44.35 -95.82
N SER H 127 18.53 -45.26 -96.68
CA SER H 127 18.44 -45.06 -98.13
C SER H 127 18.40 -46.43 -98.80
N PHE H 128 17.80 -46.45 -99.99
CA PHE H 128 17.59 -47.70 -100.72
C PHE H 128 17.31 -47.39 -102.18
N ASP H 129 17.43 -48.42 -103.01
CA ASP H 129 17.11 -48.35 -104.44
C ASP H 129 15.93 -49.24 -104.76
N VAL H 130 15.12 -48.81 -105.73
CA VAL H 130 14.16 -49.72 -106.33
C VAL H 130 14.88 -50.64 -107.31
N GLY H 131 14.30 -51.82 -107.54
CA GLY H 131 14.97 -52.85 -108.32
C GLY H 131 15.21 -52.48 -109.76
N LEU H 132 14.33 -51.67 -110.34
CA LEU H 132 14.45 -51.31 -111.74
C LEU H 132 15.47 -50.22 -111.99
N ALA H 133 16.03 -49.63 -110.93
CA ALA H 133 17.07 -48.63 -111.08
C ALA H 133 18.42 -49.30 -111.36
N LYS H 134 19.25 -48.62 -112.14
CA LYS H 134 20.59 -49.08 -112.44
C LYS H 134 21.51 -48.89 -111.23
N PRO H 135 22.61 -49.63 -111.15
CA PRO H 135 23.63 -49.32 -110.12
C PRO H 135 24.24 -47.94 -110.37
N ASP H 136 24.12 -47.08 -109.38
CA ASP H 136 24.41 -45.67 -109.55
C ASP H 136 24.87 -45.10 -108.21
N HIS H 137 25.49 -43.93 -108.28
CA HIS H 137 26.06 -43.26 -107.10
C HIS H 137 24.99 -42.91 -106.07
N SER H 138 24.04 -42.05 -106.45
CA SER H 138 23.00 -41.62 -105.52
C SER H 138 21.87 -42.64 -105.46
N PRO H 139 21.24 -42.83 -104.30
CA PRO H 139 20.13 -43.78 -104.19
C PRO H 139 18.83 -43.21 -104.73
N SER H 140 17.86 -44.13 -104.92
CA SER H 140 16.54 -43.73 -105.39
C SER H 140 15.80 -42.90 -104.35
N VAL H 141 15.78 -43.37 -103.11
CA VAL H 141 15.10 -42.69 -102.00
C VAL H 141 16.12 -42.47 -100.90
N LYS H 142 16.14 -41.25 -100.36
CA LYS H 142 16.93 -40.99 -99.15
C LYS H 142 16.02 -40.31 -98.15
N SER H 143 16.05 -40.77 -96.90
CA SER H 143 15.24 -40.21 -95.81
C SER H 143 16.18 -39.76 -94.70
N VAL H 144 16.02 -38.52 -94.25
CA VAL H 144 16.95 -37.97 -93.27
C VAL H 144 16.23 -36.95 -92.39
N GLY H 145 16.70 -36.85 -91.14
CA GLY H 145 16.31 -35.74 -90.29
C GLY H 145 17.08 -34.48 -90.63
N ILE H 146 16.56 -33.35 -90.13
CA ILE H 146 17.14 -32.05 -90.47
C ILE H 146 18.57 -31.89 -89.96
N THR H 147 18.90 -32.50 -88.82
CA THR H 147 20.26 -32.41 -88.30
C THR H 147 21.20 -33.42 -88.92
N GLY H 148 20.70 -34.34 -89.74
CA GLY H 148 21.49 -35.45 -90.25
C GLY H 148 22.35 -35.09 -91.44
N GLN H 149 22.76 -36.14 -92.15
CA GLN H 149 23.74 -36.05 -93.23
C GLN H 149 23.06 -35.62 -94.52
N LEU H 150 22.97 -34.30 -94.71
CA LEU H 150 22.40 -33.77 -95.94
C LEU H 150 23.39 -33.84 -97.11
N THR H 151 24.69 -33.74 -96.82
CA THR H 151 25.70 -33.60 -97.86
C THR H 151 25.97 -34.93 -98.56
N GLY H 152 26.34 -34.86 -99.84
CA GLY H 152 26.86 -36.00 -100.56
C GLY H 152 25.98 -36.57 -101.65
N SER H 153 24.98 -35.83 -102.13
CA SER H 153 24.14 -36.30 -103.22
C SER H 153 23.46 -35.11 -103.87
N ARG H 154 22.91 -35.37 -105.05
CA ARG H 154 22.05 -34.41 -105.74
C ARG H 154 20.66 -35.02 -105.91
N ALA H 155 19.65 -34.18 -105.84
CA ALA H 155 18.27 -34.63 -105.80
C ALA H 155 17.48 -34.00 -106.93
N ASP H 156 16.46 -34.72 -107.39
CA ASP H 156 15.54 -34.21 -108.38
C ASP H 156 14.24 -33.73 -107.74
N ILE H 157 13.78 -34.45 -106.71
CA ILE H 157 12.55 -34.11 -106.00
C ILE H 157 12.92 -33.96 -104.53
N ILE H 158 12.53 -32.84 -103.93
CA ILE H 158 12.78 -32.62 -102.51
C ILE H 158 11.46 -32.43 -101.79
N ILE H 159 11.24 -33.22 -100.73
CA ILE H 159 10.01 -33.13 -99.93
C ILE H 159 10.41 -32.78 -98.49
N ALA H 160 9.78 -31.74 -97.93
CA ALA H 160 9.99 -31.36 -96.54
C ALA H 160 8.72 -31.64 -95.73
N ASP H 161 8.88 -32.43 -94.66
CA ASP H 161 7.74 -32.90 -93.86
C ASP H 161 7.75 -32.21 -92.49
N ASP H 162 7.26 -30.97 -92.50
CA ASP H 162 7.03 -30.14 -91.30
C ASP H 162 8.29 -30.04 -90.42
N VAL H 163 9.30 -29.37 -90.98
CA VAL H 163 10.59 -29.30 -90.31
C VAL H 163 10.54 -28.42 -89.06
N GLU H 164 9.73 -27.36 -89.05
CA GLU H 164 9.75 -26.45 -87.91
C GLU H 164 8.88 -27.00 -86.77
N VAL H 165 9.50 -27.12 -85.60
CA VAL H 165 8.94 -27.82 -84.44
C VAL H 165 9.31 -27.03 -83.18
N PRO H 166 8.45 -27.04 -82.16
CA PRO H 166 8.85 -26.44 -80.87
C PRO H 166 10.14 -27.02 -80.28
N GLY H 167 10.43 -28.28 -80.55
CA GLY H 167 11.67 -28.87 -80.09
C GLY H 167 12.92 -28.40 -80.82
N ASN H 168 12.79 -27.63 -81.91
CA ASN H 168 13.97 -27.17 -82.65
C ASN H 168 13.90 -25.69 -83.05
N SER H 169 12.99 -24.91 -82.47
CA SER H 169 12.91 -23.50 -82.83
C SER H 169 12.68 -22.59 -81.62
N SER H 170 13.06 -23.01 -80.42
CA SER H 170 12.72 -22.27 -79.20
C SER H 170 13.74 -21.19 -78.85
N THR H 171 14.94 -21.21 -79.43
CA THR H 171 15.97 -20.24 -79.09
C THR H 171 16.45 -19.56 -80.36
N SER H 172 17.13 -18.42 -80.17
CA SER H 172 17.65 -17.65 -81.29
C SER H 172 18.65 -18.45 -82.10
N SER H 173 19.53 -19.19 -81.41
CA SER H 173 20.52 -20.04 -82.08
C SER H 173 19.83 -21.11 -82.91
N ALA H 174 18.77 -21.71 -82.37
CA ALA H 174 18.05 -22.76 -83.09
C ALA H 174 17.40 -22.22 -84.36
N ARG H 175 16.75 -21.07 -84.27
CA ARG H 175 16.12 -20.47 -85.45
C ARG H 175 17.16 -20.08 -86.50
N GLU H 176 18.29 -19.51 -86.06
CA GLU H 176 19.34 -19.13 -87.01
C GLU H 176 19.94 -20.34 -87.72
N LYS H 177 20.21 -21.42 -86.96
CA LYS H 177 20.70 -22.65 -87.55
C LYS H 177 19.71 -23.22 -88.55
N LEU H 178 18.44 -23.32 -88.16
CA LEU H 178 17.41 -23.87 -89.03
C LEU H 178 17.25 -23.03 -90.28
N TRP H 179 17.33 -21.71 -90.14
CA TRP H 179 17.24 -20.81 -91.30
C TRP H 179 18.38 -21.05 -92.28
N THR H 180 19.61 -21.24 -91.76
CA THR H 180 20.73 -21.58 -92.64
C THR H 180 20.49 -22.90 -93.37
N LEU H 181 20.02 -23.92 -92.66
CA LEU H 181 19.79 -25.21 -93.31
C LEU H 181 18.70 -25.14 -94.37
N VAL H 182 17.60 -24.42 -94.11
CA VAL H 182 16.54 -24.36 -95.13
C VAL H 182 17.02 -23.56 -96.33
N THR H 183 17.73 -22.45 -96.09
CA THR H 183 18.22 -21.67 -97.21
C THR H 183 19.47 -22.26 -97.85
N GLU H 184 19.89 -23.47 -97.47
CA GLU H 184 20.99 -24.12 -98.15
C GLU H 184 20.56 -25.27 -99.09
N PHE H 185 19.31 -25.77 -98.99
CA PHE H 185 18.88 -26.94 -99.77
C PHE H 185 19.01 -26.73 -101.28
N ALA H 186 18.81 -25.51 -101.78
CA ALA H 186 18.65 -25.27 -103.22
C ALA H 186 19.86 -25.68 -104.05
N ALA H 187 21.05 -25.74 -103.44
CA ALA H 187 22.24 -26.21 -104.17
C ALA H 187 22.22 -27.71 -104.42
N LEU H 188 21.41 -28.46 -103.67
CA LEU H 188 21.34 -29.90 -103.89
C LEU H 188 20.56 -30.26 -105.15
N LEU H 189 19.62 -29.41 -105.54
CA LEU H 189 18.74 -29.73 -106.65
C LEU H 189 19.47 -29.70 -107.98
N LYS H 190 19.20 -30.71 -108.82
CA LYS H 190 19.78 -30.76 -110.15
C LYS H 190 19.14 -29.71 -111.07
N PRO H 191 19.90 -29.16 -112.02
CA PRO H 191 19.39 -28.04 -112.81
C PRO H 191 18.59 -28.39 -114.06
N LEU H 192 17.99 -29.58 -114.16
CA LEU H 192 17.08 -29.88 -115.25
C LEU H 192 15.74 -29.15 -115.05
N PRO H 193 15.01 -28.88 -116.12
CA PRO H 193 13.73 -28.14 -115.98
C PRO H 193 12.65 -28.88 -115.19
N THR H 194 12.75 -30.19 -115.03
CA THR H 194 11.68 -30.97 -114.40
C THR H 194 11.81 -31.08 -112.88
N SER H 195 12.86 -30.53 -112.28
CA SER H 195 13.08 -30.67 -110.86
C SER H 195 12.10 -29.82 -110.05
N ARG H 196 11.75 -30.29 -108.84
CA ARG H 196 10.83 -29.53 -108.00
C ARG H 196 11.03 -29.85 -106.51
N VAL H 197 10.62 -28.87 -105.69
CA VAL H 197 10.72 -28.94 -104.22
C VAL H 197 9.34 -28.62 -103.64
N ILE H 198 9.00 -29.28 -102.54
CA ILE H 198 7.71 -29.16 -101.88
C ILE H 198 7.93 -29.07 -100.38
N TYR H 199 7.20 -28.17 -99.73
CA TYR H 199 7.09 -28.12 -98.27
C TYR H 199 5.66 -28.45 -97.86
N LEU H 200 5.50 -29.25 -96.81
CA LEU H 200 4.22 -29.41 -96.14
C LEU H 200 4.42 -29.16 -94.66
N GLY H 201 3.48 -28.49 -94.02
CA GLY H 201 3.63 -28.21 -92.61
C GLY H 201 2.54 -27.33 -92.06
N THR H 202 2.77 -26.88 -90.81
CA THR H 202 1.87 -26.01 -90.06
C THR H 202 2.76 -25.04 -89.28
N PRO H 203 2.46 -23.74 -89.32
CA PRO H 203 3.26 -22.77 -88.55
C PRO H 203 3.17 -23.01 -87.05
N GLN H 204 4.30 -22.82 -86.37
CA GLN H 204 4.37 -23.03 -84.92
C GLN H 204 4.54 -21.75 -84.11
N THR H 205 5.03 -20.67 -84.71
CA THR H 205 5.38 -19.47 -83.96
C THR H 205 4.97 -18.25 -84.75
N GLU H 206 5.20 -17.08 -84.16
CA GLU H 206 4.99 -15.81 -84.87
C GLU H 206 5.90 -15.71 -86.10
N MET H 207 7.18 -16.03 -85.93
CA MET H 207 8.07 -16.18 -87.07
C MET H 207 7.92 -17.60 -87.59
N THR H 208 7.70 -17.73 -88.89
CA THR H 208 7.71 -19.04 -89.51
C THR H 208 8.44 -18.94 -90.83
N LEU H 209 9.28 -19.95 -91.12
CA LEU H 209 10.05 -19.97 -92.34
C LEU H 209 9.18 -20.13 -93.58
N TYR H 210 7.96 -20.65 -93.40
CA TYR H 210 7.00 -20.76 -94.48
C TYR H 210 6.52 -19.40 -94.98
N LYS H 211 6.69 -18.35 -94.17
CA LYS H 211 6.43 -16.97 -94.60
C LYS H 211 7.68 -16.31 -95.15
N GLU H 212 8.84 -16.61 -94.57
CA GLU H 212 10.10 -16.05 -95.05
C GLU H 212 10.40 -16.50 -96.47
N LEU H 213 10.14 -17.76 -96.79
CA LEU H 213 10.35 -18.21 -98.16
C LEU H 213 9.43 -17.52 -99.15
N GLU H 214 8.23 -17.15 -98.71
CA GLU H 214 7.31 -16.49 -99.63
C GLU H 214 7.65 -15.02 -99.81
N ASP H 215 7.99 -14.31 -98.73
CA ASP H 215 8.13 -12.86 -98.81
C ASP H 215 9.40 -12.44 -99.52
N ASN H 216 10.45 -13.26 -99.50
CA ASN H 216 11.70 -12.91 -100.14
C ASN H 216 12.09 -13.87 -101.26
N LYS H 217 12.10 -15.17 -100.99
CA LYS H 217 12.67 -16.13 -101.93
C LYS H 217 11.76 -16.41 -103.12
N GLY H 218 10.50 -15.96 -103.09
CA GLY H 218 9.64 -16.08 -104.24
C GLY H 218 8.84 -17.36 -104.36
N TYR H 219 8.59 -18.06 -103.27
CA TYR H 219 7.81 -19.29 -103.32
C TYR H 219 6.32 -18.98 -103.45
N SER H 220 5.52 -20.02 -103.72
CA SER H 220 4.07 -19.89 -103.83
C SER H 220 3.39 -20.87 -102.87
N THR H 221 2.32 -20.40 -102.21
CA THR H 221 1.72 -21.14 -101.09
C THR H 221 0.20 -21.21 -101.24
N VAL H 222 -0.38 -22.29 -100.69
CA VAL H 222 -1.83 -22.52 -100.65
C VAL H 222 -2.19 -22.98 -99.23
N ILE H 223 -3.37 -22.57 -98.75
CA ILE H 223 -3.79 -22.74 -97.36
C ILE H 223 -5.14 -23.44 -97.30
N TRP H 224 -5.28 -24.41 -96.39
CA TRP H 224 -6.55 -25.03 -96.01
C TRP H 224 -6.83 -24.83 -94.53
N PRO H 225 -7.69 -23.88 -94.17
CA PRO H 225 -8.08 -23.74 -92.77
C PRO H 225 -9.08 -24.81 -92.36
N ALA H 226 -9.26 -24.95 -91.04
CA ALA H 226 -10.14 -25.99 -90.51
C ALA H 226 -11.61 -25.68 -90.79
N GLN H 227 -12.01 -24.43 -90.63
CA GLN H 227 -13.40 -24.03 -90.84
C GLN H 227 -13.44 -22.75 -91.67
N TYR H 228 -14.59 -22.51 -92.29
CA TYR H 228 -14.79 -21.31 -93.10
C TYR H 228 -14.66 -20.06 -92.22
N PRO H 229 -14.27 -18.91 -92.82
CA PRO H 229 -13.89 -17.75 -92.00
C PRO H 229 -14.98 -17.28 -91.05
N ARG H 230 -14.53 -16.85 -89.88
CA ARG H 230 -15.34 -16.70 -88.68
C ARG H 230 -15.94 -15.30 -88.56
N ASN H 231 -15.34 -14.30 -89.21
CA ASN H 231 -15.92 -12.98 -89.38
C ASN H 231 -15.29 -12.33 -90.60
N ASP H 232 -15.75 -11.10 -90.89
CA ASP H 232 -15.31 -10.40 -92.09
C ASP H 232 -13.83 -10.08 -92.05
N ALA H 233 -13.34 -9.57 -90.91
CA ALA H 233 -11.95 -9.17 -90.81
C ALA H 233 -11.00 -10.36 -90.87
N GLU H 234 -11.43 -11.52 -90.37
CA GLU H 234 -10.65 -12.74 -90.54
C GLU H 234 -10.66 -13.20 -91.98
N ALA H 235 -11.80 -13.05 -92.66
CA ALA H 235 -11.90 -13.41 -94.07
C ALA H 235 -11.00 -12.55 -94.93
N LEU H 236 -10.83 -11.27 -94.57
CA LEU H 236 -9.99 -10.36 -95.34
C LEU H 236 -8.51 -10.70 -95.26
N TYR H 237 -8.11 -11.63 -94.39
CA TYR H 237 -6.72 -12.06 -94.35
C TYR H 237 -6.37 -12.96 -95.51
N TYR H 238 -7.32 -13.71 -96.06
CA TYR H 238 -7.07 -14.58 -97.19
C TYR H 238 -7.54 -13.93 -98.48
N GLY H 239 -6.60 -13.72 -99.40
CA GLY H 239 -6.87 -13.30 -100.75
C GLY H 239 -6.51 -14.41 -101.71
N ASP H 240 -5.30 -14.32 -102.26
CA ASP H 240 -4.74 -15.30 -103.17
C ASP H 240 -4.46 -16.64 -102.50
N ARG H 241 -4.55 -16.70 -101.17
CA ARG H 241 -4.00 -17.78 -100.36
C ARG H 241 -4.96 -18.94 -100.16
N LEU H 242 -6.25 -18.65 -100.06
CA LEU H 242 -7.24 -19.68 -99.76
C LEU H 242 -7.39 -20.63 -100.94
N ALA H 243 -7.63 -21.91 -100.61
CA ALA H 243 -7.78 -22.93 -101.63
C ALA H 243 -8.99 -22.61 -102.51
N PRO H 244 -8.91 -22.86 -103.83
CA PRO H 244 -9.96 -22.43 -104.76
C PRO H 244 -11.35 -22.95 -104.46
N MET H 245 -11.49 -24.19 -103.99
CA MET H 245 -12.81 -24.72 -103.64
C MET H 245 -13.45 -23.90 -102.51
N LEU H 246 -12.67 -23.60 -101.47
CA LEU H 246 -13.20 -22.91 -100.30
C LEU H 246 -13.60 -21.48 -100.63
N LYS H 247 -12.75 -20.76 -101.39
CA LYS H 247 -13.07 -19.41 -101.82
C LYS H 247 -14.24 -19.39 -102.78
N ALA H 248 -14.31 -20.38 -103.68
CA ALA H 248 -15.40 -20.46 -104.65
C ALA H 248 -16.74 -20.65 -103.95
N GLU H 249 -16.75 -21.46 -102.88
CA GLU H 249 -17.99 -21.58 -102.10
C GLU H 249 -18.28 -20.33 -101.30
N TYR H 250 -17.27 -19.76 -100.63
CA TYR H 250 -17.53 -18.68 -99.68
C TYR H 250 -17.87 -17.35 -100.34
N ASP H 251 -17.60 -17.20 -101.65
CA ASP H 251 -18.04 -15.98 -102.33
C ASP H 251 -19.56 -15.93 -102.46
N GLU H 252 -20.23 -17.07 -102.39
CA GLU H 252 -21.65 -17.16 -102.72
C GLU H 252 -22.54 -17.28 -101.48
N GLY H 253 -22.32 -18.30 -100.65
CA GLY H 253 -23.12 -18.50 -99.46
C GLY H 253 -22.48 -17.86 -98.23
N PHE H 254 -21.94 -16.65 -98.40
CA PHE H 254 -21.04 -16.06 -97.41
C PHE H 254 -21.69 -15.82 -96.05
N GLU H 255 -23.01 -15.77 -95.96
CA GLU H 255 -23.64 -15.66 -94.65
C GLU H 255 -23.96 -17.00 -94.01
N LEU H 256 -24.38 -17.99 -94.80
CA LEU H 256 -24.68 -19.31 -94.23
C LEU H 256 -23.44 -20.13 -93.97
N LEU H 257 -22.37 -19.92 -94.74
CA LEU H 257 -21.14 -20.69 -94.59
C LEU H 257 -20.27 -20.21 -93.45
N ARG H 258 -20.60 -19.08 -92.82
CA ARG H 258 -19.78 -18.46 -91.78
C ARG H 258 -19.50 -19.41 -90.62
N GLY H 259 -18.21 -19.68 -90.40
CA GLY H 259 -17.79 -20.53 -89.31
C GLY H 259 -18.07 -22.01 -89.47
N GLN H 260 -18.58 -22.43 -90.61
CA GLN H 260 -18.95 -23.83 -90.79
C GLN H 260 -17.70 -24.70 -91.00
N PRO H 261 -17.71 -25.93 -90.49
CA PRO H 261 -16.53 -26.80 -90.64
C PRO H 261 -16.35 -27.25 -92.08
N THR H 262 -15.09 -27.23 -92.54
CA THR H 262 -14.79 -27.58 -93.91
C THR H 262 -14.84 -29.07 -94.19
N ASP H 263 -14.72 -29.91 -93.18
CA ASP H 263 -14.69 -31.36 -93.37
C ASP H 263 -15.50 -32.03 -92.27
N PRO H 264 -16.83 -31.96 -92.34
CA PRO H 264 -17.67 -32.54 -91.27
C PRO H 264 -17.66 -34.06 -91.22
N VAL H 265 -17.11 -34.75 -92.22
CA VAL H 265 -17.09 -36.21 -92.20
C VAL H 265 -16.18 -36.71 -91.09
N ARG H 266 -15.13 -35.96 -90.76
CA ARG H 266 -14.21 -36.32 -89.69
C ARG H 266 -14.29 -35.42 -88.46
N PHE H 267 -14.65 -34.14 -88.64
CA PHE H 267 -14.53 -33.13 -87.57
C PHE H 267 -15.84 -32.35 -87.47
N ASP H 268 -16.73 -32.80 -86.59
CA ASP H 268 -17.92 -32.04 -86.25
C ASP H 268 -17.56 -30.85 -85.36
N MET H 269 -18.55 -29.97 -85.16
CA MET H 269 -18.36 -28.78 -84.34
C MET H 269 -18.00 -29.11 -82.89
N ASP H 270 -18.64 -30.13 -82.31
CA ASP H 270 -18.35 -30.48 -80.93
C ASP H 270 -16.96 -31.09 -80.77
N ASP H 271 -16.44 -31.72 -81.82
CA ASP H 271 -15.07 -32.20 -81.77
C ASP H 271 -14.05 -31.10 -81.99
N LEU H 272 -14.44 -29.99 -82.60
CA LEU H 272 -13.54 -28.84 -82.67
C LEU H 272 -13.61 -27.99 -81.41
N ARG H 273 -14.75 -27.99 -80.73
CA ARG H 273 -14.91 -27.20 -79.51
C ARG H 273 -13.96 -27.65 -78.41
N GLU H 274 -13.81 -28.96 -78.24
CA GLU H 274 -12.97 -29.46 -77.14
C GLU H 274 -11.49 -29.15 -77.39
N ARG H 275 -11.08 -28.93 -78.63
CA ARG H 275 -9.75 -28.41 -78.89
C ARG H 275 -9.59 -27.00 -78.33
N GLU H 276 -10.67 -26.22 -78.36
CA GLU H 276 -10.63 -24.88 -77.80
C GLU H 276 -10.70 -24.86 -76.28
N LEU H 277 -10.84 -26.02 -75.65
CA LEU H 277 -10.66 -26.15 -74.20
C LEU H 277 -9.28 -26.66 -73.83
N GLU H 278 -8.69 -27.51 -74.67
CA GLU H 278 -7.31 -27.93 -74.47
C GLU H 278 -6.35 -26.75 -74.57
N TYR H 279 -6.62 -25.85 -75.50
CA TYR H 279 -5.75 -24.71 -75.78
C TYR H 279 -6.55 -23.43 -75.73
N GLY H 280 -5.87 -22.33 -75.48
CA GLY H 280 -6.51 -21.04 -75.54
C GLY H 280 -6.87 -20.66 -76.96
N LYS H 281 -7.63 -19.56 -77.06
CA LYS H 281 -8.09 -19.10 -78.37
C LYS H 281 -6.94 -18.70 -79.27
N ALA H 282 -5.83 -18.23 -78.69
CA ALA H 282 -4.64 -17.93 -79.48
C ALA H 282 -4.06 -19.20 -80.09
N GLY H 283 -3.94 -20.27 -79.29
CA GLY H 283 -3.41 -21.52 -79.81
C GLY H 283 -4.29 -22.13 -80.89
N TYR H 284 -5.60 -22.10 -80.68
CA TYR H 284 -6.53 -22.62 -81.68
C TYR H 284 -6.43 -21.82 -82.97
N THR H 285 -6.38 -20.49 -82.88
CA THR H 285 -6.26 -19.67 -84.08
C THR H 285 -4.93 -19.90 -84.78
N LEU H 286 -3.87 -20.15 -84.02
CA LEU H 286 -2.56 -20.40 -84.62
C LEU H 286 -2.53 -21.73 -85.36
N GLN H 287 -3.04 -22.80 -84.75
CA GLN H 287 -2.86 -24.12 -85.32
C GLN H 287 -3.98 -24.57 -86.25
N PHE H 288 -5.21 -24.11 -86.06
CA PHE H 288 -6.31 -24.56 -86.90
C PHE H 288 -6.81 -23.55 -87.90
N MET H 289 -6.71 -22.25 -87.61
CA MET H 289 -7.05 -21.22 -88.59
C MET H 289 -5.84 -20.67 -89.31
N LEU H 290 -4.63 -21.00 -88.85
CA LEU H 290 -3.36 -20.60 -89.47
C LEU H 290 -3.22 -19.08 -89.60
N ASN H 291 -3.75 -18.35 -88.62
CA ASN H 291 -3.66 -16.90 -88.60
C ASN H 291 -2.88 -16.45 -87.39
N PRO H 292 -1.56 -16.33 -87.48
CA PRO H 292 -0.77 -15.86 -86.34
C PRO H 292 -1.06 -14.40 -86.03
N ASN H 293 -1.31 -14.12 -84.75
CA ASN H 293 -1.75 -12.81 -84.30
C ASN H 293 -0.54 -11.97 -83.85
N LEU H 294 0.18 -11.47 -84.85
CA LEU H 294 1.38 -10.67 -84.59
C LEU H 294 1.01 -9.32 -84.00
N SER H 295 1.61 -9.00 -82.86
CA SER H 295 1.42 -7.71 -82.18
C SER H 295 2.50 -6.69 -82.51
N ASP H 296 3.08 -6.78 -83.70
CA ASP H 296 4.32 -6.06 -84.02
C ASP H 296 4.17 -4.53 -84.06
N ALA H 297 2.96 -3.98 -84.11
CA ALA H 297 2.82 -2.52 -84.15
C ALA H 297 2.66 -1.90 -82.78
N GLU H 298 2.20 -2.67 -81.78
CA GLU H 298 1.96 -2.07 -80.47
C GLU H 298 2.54 -2.88 -79.32
N LYS H 299 3.26 -3.97 -79.60
CA LYS H 299 4.07 -4.58 -78.56
C LYS H 299 5.19 -3.65 -78.11
N TYR H 300 5.93 -3.09 -79.06
CA TYR H 300 7.04 -2.20 -78.75
C TYR H 300 6.80 -0.83 -79.38
N PRO H 301 6.59 0.22 -78.58
CA PRO H 301 6.37 1.55 -79.15
C PRO H 301 7.59 2.14 -79.83
N LEU H 302 8.79 1.86 -79.36
CA LEU H 302 9.99 2.59 -79.76
C LEU H 302 10.79 1.81 -80.80
N ARG H 303 11.12 2.46 -81.90
CA ARG H 303 11.85 1.86 -83.02
C ARG H 303 13.06 2.72 -83.35
N LEU H 304 14.19 2.07 -83.66
CA LEU H 304 15.39 2.80 -84.01
C LEU H 304 15.31 3.44 -85.39
N ARG H 305 14.31 3.09 -86.20
CA ARG H 305 14.17 3.63 -87.54
C ARG H 305 13.85 5.11 -87.54
N ASP H 306 13.29 5.63 -86.45
CA ASP H 306 12.68 6.95 -86.43
C ASP H 306 13.58 8.03 -85.82
N ALA H 307 14.90 7.86 -85.88
CA ALA H 307 15.81 8.86 -85.33
C ALA H 307 17.00 9.04 -86.27
N ILE H 308 17.54 10.26 -86.30
CA ILE H 308 18.67 10.57 -87.17
C ILE H 308 19.97 10.25 -86.45
N VAL H 309 20.90 9.62 -87.14
CA VAL H 309 22.23 9.33 -86.60
C VAL H 309 23.27 10.06 -87.42
N CYS H 310 24.10 10.87 -86.76
CA CYS H 310 25.11 11.66 -87.46
C CYS H 310 26.29 11.97 -86.54
N ALA H 311 27.46 12.13 -87.16
CA ALA H 311 28.69 12.50 -86.44
C ALA H 311 28.81 14.02 -86.34
N VAL H 312 27.98 14.60 -85.46
CA VAL H 312 27.84 16.04 -85.37
C VAL H 312 29.12 16.72 -84.89
N ASP H 313 29.26 18.00 -85.22
CA ASP H 313 30.38 18.85 -84.84
C ASP H 313 30.14 19.42 -83.43
N PRO H 314 31.18 19.52 -82.61
CA PRO H 314 31.00 19.96 -81.22
C PRO H 314 30.62 21.43 -81.06
N GLU H 315 30.70 22.26 -82.10
CA GLU H 315 30.52 23.69 -81.95
C GLU H 315 29.43 24.30 -82.82
N ARG H 316 29.15 23.74 -84.00
CA ARG H 316 28.06 24.21 -84.84
C ARG H 316 27.33 23.02 -85.43
N ALA H 317 26.05 23.20 -85.73
CA ALA H 317 25.22 22.17 -86.31
C ALA H 317 24.24 22.79 -87.30
N PRO H 318 23.84 22.06 -88.33
CA PRO H 318 22.82 22.56 -89.26
C PRO H 318 21.50 22.82 -88.58
N LEU H 319 20.78 23.83 -89.08
CA LEU H 319 19.57 24.33 -88.42
C LEU H 319 18.30 23.56 -88.77
N SER H 320 18.35 22.60 -89.70
CA SER H 320 17.18 21.77 -89.96
C SER H 320 17.62 20.49 -90.66
N TYR H 321 16.74 19.49 -90.63
CA TYR H 321 17.00 18.20 -91.25
C TYR H 321 15.71 17.67 -91.86
N GLN H 322 15.86 16.66 -92.73
CA GLN H 322 14.76 15.98 -93.37
C GLN H 322 15.02 14.47 -93.37
N TRP H 323 13.97 13.70 -93.12
CA TRP H 323 14.08 12.28 -92.79
C TRP H 323 13.50 11.40 -93.89
N LEU H 324 14.32 10.46 -94.39
CA LEU H 324 13.87 9.44 -95.33
C LEU H 324 14.82 8.25 -95.20
N PRO H 325 14.36 7.13 -94.65
CA PRO H 325 15.18 5.90 -94.61
C PRO H 325 15.32 5.28 -95.98
N ASN H 326 16.56 5.06 -96.42
CA ASN H 326 16.81 4.59 -97.78
C ASN H 326 18.13 3.82 -97.77
N ARG H 327 18.32 2.98 -98.79
CA ARG H 327 19.53 2.17 -98.92
C ARG H 327 20.79 3.04 -98.97
N GLN H 328 20.70 4.21 -99.61
CA GLN H 328 21.83 5.13 -99.67
C GLN H 328 22.20 5.63 -98.28
N ASN H 329 21.21 5.83 -97.42
CA ASN H 329 21.45 6.37 -96.09
C ASN H 329 21.68 5.31 -95.02
N ARG H 330 21.39 4.03 -95.30
CA ARG H 330 21.47 3.02 -94.25
C ARG H 330 22.91 2.73 -93.86
N ASN H 331 23.12 2.62 -92.55
CA ASN H 331 24.38 2.15 -92.02
C ASN H 331 24.41 0.62 -92.01
N GLU H 332 25.63 0.06 -92.01
CA GLU H 332 25.82 -1.38 -91.97
C GLU H 332 26.91 -1.85 -91.01
N GLU H 333 27.73 -0.95 -90.48
CA GLU H 333 28.88 -1.33 -89.68
C GLU H 333 28.67 -1.22 -88.18
N LEU H 334 27.77 -0.36 -87.72
CA LEU H 334 27.55 -0.19 -86.29
C LEU H 334 26.89 -1.44 -85.72
N PRO H 335 27.29 -1.87 -84.52
CA PRO H 335 26.56 -2.96 -83.85
C PRO H 335 25.14 -2.52 -83.53
N ASN H 336 24.20 -3.46 -83.69
CA ASN H 336 22.78 -3.12 -83.61
C ASN H 336 22.08 -4.27 -82.89
N VAL H 337 21.59 -3.99 -81.68
CA VAL H 337 20.83 -4.98 -80.90
C VAL H 337 19.35 -4.92 -81.18
N GLY H 338 18.90 -4.02 -82.05
CA GLY H 338 17.47 -3.86 -82.29
C GLY H 338 16.84 -5.08 -82.94
N LEU H 339 15.52 -5.19 -82.78
CA LEU H 339 14.78 -6.27 -83.39
C LEU H 339 14.78 -6.14 -84.92
N LYS H 340 14.46 -7.24 -85.59
CA LYS H 340 14.70 -7.39 -87.02
C LYS H 340 13.93 -6.36 -87.83
N GLY H 341 14.65 -5.64 -88.68
CA GLY H 341 14.09 -4.57 -89.48
C GLY H 341 14.42 -3.17 -89.00
N ASP H 342 14.92 -3.02 -87.77
CA ASP H 342 15.35 -1.71 -87.27
C ASP H 342 16.76 -1.45 -87.77
N ASP H 343 16.87 -0.65 -88.82
CA ASP H 343 18.14 -0.34 -89.46
C ASP H 343 18.50 1.12 -89.23
N ILE H 344 19.75 1.36 -88.86
CA ILE H 344 20.23 2.71 -88.60
C ILE H 344 20.35 3.46 -89.92
N HIS H 345 19.79 4.66 -89.98
CA HIS H 345 19.82 5.49 -91.17
C HIS H 345 20.30 6.90 -90.85
N ALA H 346 21.11 7.44 -91.75
CA ALA H 346 21.48 8.85 -91.67
C ALA H 346 20.34 9.72 -92.19
N PHE H 347 20.52 11.04 -92.06
CA PHE H 347 19.57 11.97 -92.66
C PHE H 347 19.69 11.93 -94.18
N HIS H 348 18.66 12.45 -94.85
CA HIS H 348 18.70 12.50 -96.30
C HIS H 348 19.22 13.85 -96.80
N THR H 349 18.58 14.96 -96.39
CA THR H 349 19.04 16.29 -96.75
C THR H 349 18.99 17.18 -95.51
N CYS H 350 19.81 18.24 -95.53
CA CYS H 350 19.86 19.19 -94.43
C CYS H 350 20.27 20.56 -94.96
N SER H 351 20.09 21.56 -94.10
CA SER H 351 20.45 22.94 -94.46
C SER H 351 21.96 23.11 -94.54
N SER H 352 22.38 24.13 -95.29
CA SER H 352 23.78 24.54 -95.35
C SER H 352 24.13 25.60 -94.34
N ARG H 353 23.19 26.00 -93.49
CA ARG H 353 23.37 27.09 -92.53
C ARG H 353 23.52 26.50 -91.13
N THR H 354 24.63 26.84 -90.45
CA THR H 354 25.00 26.22 -89.19
C THR H 354 25.19 27.28 -88.11
N ALA H 355 24.85 26.92 -86.88
CA ALA H 355 24.96 27.85 -85.75
C ALA H 355 25.23 27.06 -84.47
N GLU H 356 25.63 27.79 -83.43
CA GLU H 356 25.92 27.17 -82.14
C GLU H 356 24.65 26.71 -81.43
N TYR H 357 24.80 25.72 -80.56
CA TYR H 357 23.67 25.15 -79.82
C TYR H 357 23.13 26.12 -78.78
N GLN H 358 21.86 25.95 -78.44
CA GLN H 358 21.20 26.89 -77.53
C GLN H 358 21.43 26.56 -76.06
N SER H 359 21.34 25.29 -75.66
CA SER H 359 21.49 24.93 -74.26
C SER H 359 22.08 23.54 -74.13
N LYS H 360 22.76 23.30 -73.00
CA LYS H 360 23.62 22.14 -72.77
C LYS H 360 23.42 21.62 -71.35
N ILE H 361 22.92 20.38 -71.20
CA ILE H 361 22.58 19.80 -69.90
C ILE H 361 23.32 18.47 -69.69
N LEU H 362 23.71 18.23 -68.44
CA LEU H 362 24.12 16.92 -67.93
C LEU H 362 23.08 16.42 -66.93
N VAL H 363 22.71 15.14 -67.03
CA VAL H 363 21.69 14.55 -66.18
C VAL H 363 22.28 13.34 -65.47
N ILE H 364 21.97 13.19 -64.18
CA ILE H 364 22.48 12.12 -63.31
C ILE H 364 21.31 11.40 -62.66
N ASP H 365 21.41 10.07 -62.59
CA ASP H 365 20.52 9.20 -61.80
C ASP H 365 21.36 8.42 -60.81
N PRO H 366 21.43 8.85 -59.55
CA PRO H 366 22.35 8.24 -58.59
C PRO H 366 21.90 6.86 -58.13
N SER H 367 22.86 6.06 -57.72
CA SER H 367 22.59 4.68 -57.29
C SER H 367 21.83 4.67 -55.97
N GLY H 368 20.92 3.71 -55.85
CA GLY H 368 20.09 3.60 -54.66
C GLY H 368 20.68 2.70 -53.59
N ARG H 369 19.91 1.68 -53.19
CA ARG H 369 20.32 0.76 -52.15
C ARG H 369 20.92 -0.49 -52.80
N GLY H 370 22.05 -0.94 -52.28
CA GLY H 370 22.77 -2.01 -52.92
C GLY H 370 23.65 -1.49 -54.04
N LYS H 371 24.12 -2.42 -54.88
CA LYS H 371 25.06 -2.11 -55.94
C LYS H 371 24.37 -2.13 -57.30
N ASP H 372 24.37 -0.97 -57.96
CA ASP H 372 23.87 -0.78 -59.32
C ASP H 372 24.70 0.34 -59.93
N GLU H 373 24.56 0.51 -61.23
CA GLU H 373 25.30 1.59 -61.89
C GLU H 373 24.56 2.92 -61.80
N THR H 374 25.31 3.99 -61.56
CA THR H 374 24.76 5.34 -61.59
C THR H 374 24.67 5.81 -63.04
N GLY H 375 23.48 6.23 -63.47
CA GLY H 375 23.27 6.62 -64.85
C GLY H 375 23.54 8.09 -65.11
N TYR H 376 23.93 8.43 -66.34
CA TYR H 376 24.10 9.82 -66.74
C TYR H 376 23.89 9.99 -68.23
N ALA H 377 23.64 11.24 -68.63
CA ALA H 377 23.41 11.57 -70.03
C ALA H 377 23.78 13.02 -70.32
N VAL H 378 24.17 13.29 -71.57
CA VAL H 378 24.55 14.63 -72.02
C VAL H 378 23.71 15.01 -73.24
N LEU H 379 23.02 16.15 -73.15
CA LEU H 379 22.08 16.57 -74.18
C LEU H 379 22.23 18.06 -74.48
N TYR H 380 22.13 18.43 -75.77
CA TYR H 380 21.98 19.84 -76.11
C TYR H 380 20.69 20.03 -76.90
N SER H 381 20.34 21.29 -77.15
CA SER H 381 19.12 21.58 -77.91
C SER H 381 19.36 22.67 -78.95
N LEU H 382 18.54 22.64 -80.01
CA LEU H 382 18.52 23.72 -80.99
C LEU H 382 17.18 23.69 -81.73
N ASN H 383 16.41 24.77 -81.61
CA ASN H 383 15.03 24.90 -82.11
C ASN H 383 14.23 23.69 -81.61
N GLY H 384 13.54 22.95 -82.49
CA GLY H 384 12.81 21.77 -82.05
C GLY H 384 13.66 20.54 -81.85
N TYR H 385 14.93 20.58 -82.25
CA TYR H 385 15.76 19.39 -82.20
C TYR H 385 16.46 19.24 -80.86
N ILE H 386 16.59 17.98 -80.43
CA ILE H 386 17.30 17.59 -79.22
C ILE H 386 18.44 16.66 -79.63
N TYR H 387 19.65 16.98 -79.21
CA TYR H 387 20.83 16.22 -79.56
C TYR H 387 21.33 15.43 -78.36
N LEU H 388 21.63 14.15 -78.57
CA LEU H 388 22.15 13.25 -77.56
C LEU H 388 23.59 12.89 -77.88
N MET H 389 24.53 13.17 -76.96
CA MET H 389 25.93 12.91 -77.27
C MET H 389 26.69 12.00 -76.31
N GLU H 390 26.22 11.74 -75.10
CA GLU H 390 26.82 10.66 -74.34
C GLU H 390 25.83 10.06 -73.37
N VAL H 391 25.96 8.76 -73.16
CA VAL H 391 25.20 8.01 -72.16
C VAL H 391 26.08 6.89 -71.66
N GLY H 392 25.96 6.56 -70.39
CA GLY H 392 26.76 5.50 -69.81
C GLY H 392 26.54 5.42 -68.32
N GLY H 393 27.43 4.70 -67.64
CA GLY H 393 27.27 4.53 -66.21
C GLY H 393 28.54 4.13 -65.50
N PHE H 394 28.56 4.45 -64.20
CA PHE H 394 29.63 4.08 -63.29
C PHE H 394 29.07 3.27 -62.14
N ARG H 395 29.84 2.30 -61.68
CA ARG H 395 29.38 1.41 -60.62
C ARG H 395 30.06 1.76 -59.32
N GLY H 396 29.27 1.90 -58.26
CA GLY H 396 29.80 2.32 -56.97
C GLY H 396 28.75 3.08 -56.19
N GLY H 397 29.22 3.86 -55.22
CA GLY H 397 28.34 4.66 -54.39
C GLY H 397 28.73 6.12 -54.38
N TYR H 398 28.73 6.74 -53.20
CA TYR H 398 29.21 8.11 -53.04
C TYR H 398 30.70 8.17 -52.70
N ASP H 399 31.47 7.18 -53.14
CA ASP H 399 32.92 7.23 -53.02
C ASP H 399 33.50 8.34 -53.89
N ASP H 400 34.75 8.70 -53.59
CA ASP H 400 35.36 9.85 -54.25
C ASP H 400 35.65 9.59 -55.73
N ALA H 401 35.89 8.33 -56.10
CA ALA H 401 36.25 8.03 -57.49
C ALA H 401 35.11 8.33 -58.45
N THR H 402 33.90 7.87 -58.12
CA THR H 402 32.74 8.08 -58.98
C THR H 402 32.43 9.57 -59.13
N LEU H 403 32.48 10.31 -58.02
CA LEU H 403 32.14 11.72 -58.07
C LEU H 403 33.23 12.53 -58.77
N GLU H 404 34.49 12.13 -58.63
CA GLU H 404 35.58 12.74 -59.39
C GLU H 404 35.40 12.51 -60.89
N LYS H 405 35.04 11.28 -61.28
CA LYS H 405 34.79 10.99 -62.69
C LYS H 405 33.62 11.81 -63.23
N LEU H 406 32.56 11.95 -62.44
CA LEU H 406 31.41 12.74 -62.88
C LEU H 406 31.78 14.22 -63.02
N ALA H 407 32.58 14.74 -62.08
CA ALA H 407 33.02 16.13 -62.19
C ALA H 407 33.89 16.35 -63.42
N LYS H 408 34.80 15.42 -63.69
CA LYS H 408 35.63 15.53 -64.89
C LYS H 408 34.81 15.41 -66.16
N LYS H 409 33.76 14.58 -66.14
CA LYS H 409 32.86 14.51 -67.28
C LYS H 409 32.08 15.80 -67.48
N ALA H 410 31.69 16.45 -66.38
CA ALA H 410 31.04 17.75 -66.49
C ALA H 410 32.01 18.80 -67.03
N LYS H 411 33.31 18.65 -66.73
CA LYS H 411 34.31 19.54 -67.29
C LYS H 411 34.51 19.30 -68.78
N GLN H 412 34.56 18.03 -69.19
CA GLN H 412 35.02 17.63 -70.53
C GLN H 412 34.13 18.18 -71.64
N TRP H 413 32.82 18.16 -71.45
CA TRP H 413 31.88 18.63 -72.46
C TRP H 413 31.49 20.09 -72.31
N LYS H 414 32.05 20.81 -71.34
CA LYS H 414 31.75 22.22 -71.07
C LYS H 414 30.25 22.45 -70.87
N VAL H 415 29.68 21.66 -69.95
CA VAL H 415 28.25 21.73 -69.70
C VAL H 415 27.88 23.00 -68.95
N GLN H 416 26.58 23.29 -68.92
CA GLN H 416 26.08 24.55 -68.39
C GLN H 416 25.23 24.38 -67.14
N THR H 417 24.57 23.23 -66.95
CA THR H 417 23.75 23.00 -65.76
C THR H 417 23.78 21.52 -65.42
N VAL H 418 23.79 21.20 -64.12
CA VAL H 418 23.73 19.84 -63.62
C VAL H 418 22.38 19.62 -62.96
N VAL H 419 21.70 18.54 -63.33
CA VAL H 419 20.33 18.26 -62.93
C VAL H 419 20.26 16.85 -62.38
N HIS H 420 19.51 16.64 -61.30
CA HIS H 420 19.35 15.27 -60.81
C HIS H 420 17.97 15.03 -60.20
N GLU H 421 17.62 13.74 -60.14
CA GLU H 421 16.39 13.26 -59.54
C GLU H 421 16.50 13.24 -58.02
N SER H 422 15.38 13.53 -57.36
CA SER H 422 15.33 13.53 -55.90
C SER H 422 14.11 12.77 -55.41
N ASN H 423 14.29 12.01 -54.32
CA ASN H 423 13.22 11.20 -53.77
C ASN H 423 13.33 11.09 -52.26
N PHE H 424 12.17 10.87 -51.63
CA PHE H 424 12.00 10.44 -50.25
C PHE H 424 12.53 11.42 -49.21
N GLY H 425 12.82 12.66 -49.59
CA GLY H 425 13.40 13.58 -48.63
C GLY H 425 14.83 13.26 -48.25
N ASP H 426 15.57 12.59 -49.15
CA ASP H 426 16.94 12.18 -48.86
C ASP H 426 17.84 13.37 -48.55
N GLY H 427 17.87 14.35 -49.45
CA GLY H 427 18.56 15.61 -49.18
C GLY H 427 20.07 15.54 -49.13
N MET H 428 20.69 14.40 -49.43
CA MET H 428 22.12 14.28 -49.22
C MET H 428 22.92 14.66 -50.46
N PHE H 429 22.51 14.18 -51.64
CA PHE H 429 23.42 14.06 -52.78
C PHE H 429 23.97 15.40 -53.25
N GLY H 430 23.14 16.44 -53.32
CA GLY H 430 23.64 17.74 -53.75
C GLY H 430 24.65 18.33 -52.79
N LYS H 431 24.35 18.25 -51.49
CA LYS H 431 25.25 18.76 -50.45
C LYS H 431 26.56 18.01 -50.43
N ILE H 432 26.54 16.72 -50.74
CA ILE H 432 27.76 15.94 -50.84
C ILE H 432 28.54 16.32 -52.10
N PHE H 433 27.84 16.45 -53.22
CA PHE H 433 28.50 16.47 -54.52
C PHE H 433 29.11 17.83 -54.84
N SER H 434 28.44 18.93 -54.46
CA SER H 434 28.86 20.27 -54.91
C SER H 434 30.29 20.66 -54.53
N PRO H 435 30.78 20.48 -53.28
CA PRO H 435 32.17 20.85 -53.00
C PRO H 435 33.20 20.01 -53.75
N ILE H 436 32.82 18.83 -54.23
CA ILE H 436 33.73 18.06 -55.09
C ILE H 436 33.69 18.60 -56.51
N LEU H 437 32.50 19.00 -56.98
CA LEU H 437 32.36 19.51 -58.34
C LEU H 437 33.11 20.83 -58.51
N LEU H 438 33.03 21.72 -57.53
CA LEU H 438 33.45 23.11 -57.71
C LEU H 438 34.94 23.28 -57.99
N LYS H 439 35.77 22.30 -57.63
CA LYS H 439 37.20 22.44 -57.92
C LYS H 439 37.54 22.12 -59.37
N HIS H 440 36.61 21.57 -60.14
CA HIS H 440 36.82 21.30 -61.56
C HIS H 440 36.06 22.26 -62.45
N HIS H 441 34.79 22.50 -62.15
CA HIS H 441 33.93 23.34 -62.98
C HIS H 441 32.86 23.93 -62.07
N LYS H 442 32.29 25.06 -62.48
CA LYS H 442 31.29 25.73 -61.67
C LYS H 442 30.04 26.05 -62.51
N CYS H 443 28.89 25.62 -61.99
CA CYS H 443 27.58 25.86 -62.58
C CYS H 443 26.52 25.48 -61.55
N ALA H 444 25.27 25.83 -61.85
CA ALA H 444 24.18 25.59 -60.91
C ALA H 444 23.79 24.12 -60.86
N LEU H 445 23.23 23.71 -59.73
CA LEU H 445 22.73 22.36 -59.52
C LEU H 445 21.24 22.42 -59.21
N GLU H 446 20.45 21.56 -59.87
CA GLU H 446 19.01 21.66 -59.78
C GLU H 446 18.36 20.28 -59.64
N GLU H 447 17.39 20.19 -58.75
CA GLU H 447 16.67 18.95 -58.48
C GLU H 447 15.32 18.92 -59.19
N ILE H 448 14.85 17.71 -59.48
CA ILE H 448 13.47 17.49 -59.91
C ILE H 448 12.89 16.36 -59.05
N ARG H 449 11.56 16.27 -59.03
CA ARG H 449 10.91 15.00 -58.71
C ARG H 449 9.76 14.77 -59.68
N ALA H 450 9.71 13.55 -60.21
CA ALA H 450 8.61 13.12 -61.07
C ALA H 450 7.72 12.14 -60.32
N LYS H 451 6.55 11.88 -60.87
CA LYS H 451 5.57 11.03 -60.23
C LYS H 451 4.91 10.11 -61.27
N GLY H 452 4.26 9.07 -60.76
CA GLY H 452 3.52 8.16 -61.61
C GLY H 452 4.32 6.96 -62.05
N MET H 453 3.71 6.21 -62.96
CA MET H 453 4.30 5.01 -63.54
C MET H 453 5.51 5.41 -64.38
N LYS H 454 6.69 4.97 -63.95
CA LYS H 454 7.93 5.29 -64.66
C LYS H 454 7.92 4.78 -66.10
N GLU H 455 7.38 3.57 -66.30
CA GLU H 455 7.35 2.99 -67.64
C GLU H 455 6.46 3.81 -68.57
N MET H 456 5.26 4.17 -68.12
CA MET H 456 4.38 4.95 -68.98
C MET H 456 4.91 6.37 -69.15
N ARG H 457 5.59 6.90 -68.13
CA ARG H 457 6.21 8.21 -68.27
C ARG H 457 7.32 8.21 -69.31
N ILE H 458 8.14 7.16 -69.34
CA ILE H 458 9.19 7.04 -70.36
C ILE H 458 8.57 6.92 -71.75
N CYS H 459 7.58 6.05 -71.90
CA CYS H 459 6.94 5.87 -73.20
C CYS H 459 6.26 7.15 -73.68
N ASP H 460 5.45 7.77 -72.81
CA ASP H 460 4.73 8.99 -73.16
C ASP H 460 5.62 10.22 -73.23
N THR H 461 6.87 10.14 -72.76
CA THR H 461 7.81 11.22 -73.00
C THR H 461 8.52 11.05 -74.34
N ILE H 462 9.00 9.84 -74.64
CA ILE H 462 9.83 9.65 -75.82
C ILE H 462 8.98 9.59 -77.09
N GLU H 463 7.83 8.90 -77.05
CA GLU H 463 7.05 8.69 -78.27
C GLU H 463 6.58 9.97 -78.97
N PRO H 464 6.06 11.01 -78.30
CA PRO H 464 5.75 12.24 -79.04
C PRO H 464 6.98 12.91 -79.64
N LEU H 465 8.13 12.83 -78.97
CA LEU H 465 9.35 13.41 -79.52
C LEU H 465 9.85 12.63 -80.72
N MET H 466 9.86 11.30 -80.61
CA MET H 466 10.38 10.46 -81.69
C MET H 466 9.42 10.43 -82.88
N GLY H 467 8.11 10.55 -82.64
CA GLY H 467 7.16 10.64 -83.73
C GLY H 467 7.30 11.90 -84.55
N ALA H 468 7.71 13.00 -83.91
CA ALA H 468 8.00 14.22 -84.64
C ALA H 468 9.38 14.20 -85.28
N HIS H 469 10.15 13.12 -85.07
CA HIS H 469 11.47 12.91 -85.66
C HIS H 469 12.45 14.01 -85.31
N LYS H 470 12.37 14.49 -84.08
CA LYS H 470 13.20 15.58 -83.59
C LYS H 470 14.49 15.11 -82.93
N LEU H 471 14.79 13.81 -82.97
CA LEU H 471 15.87 13.25 -82.17
C LEU H 471 17.07 12.91 -83.05
N VAL H 472 18.20 13.51 -82.74
CA VAL H 472 19.47 13.33 -83.45
C VAL H 472 20.49 12.75 -82.47
N ILE H 473 21.15 11.67 -82.88
CA ILE H 473 22.07 10.92 -82.04
C ILE H 473 23.48 11.01 -82.63
N ARG H 474 24.46 11.36 -81.80
CA ARG H 474 25.85 11.33 -82.21
C ARG H 474 26.27 9.90 -82.50
N ASP H 475 26.95 9.71 -83.65
CA ASP H 475 27.32 8.41 -84.20
C ASP H 475 27.94 7.44 -83.19
N GLU H 476 29.11 7.82 -82.63
CA GLU H 476 29.94 6.89 -81.88
C GLU H 476 29.27 6.38 -80.62
N VAL H 477 28.23 7.08 -80.15
CA VAL H 477 27.45 6.63 -78.99
C VAL H 477 26.97 5.20 -79.21
N ILE H 478 26.51 4.90 -80.43
CA ILE H 478 25.97 3.57 -80.74
C ILE H 478 27.03 2.50 -80.51
N ARG H 479 28.28 2.82 -80.83
CA ARG H 479 29.36 1.89 -80.53
C ARG H 479 29.68 1.88 -79.04
N GLU H 480 29.82 3.08 -78.45
CA GLU H 480 30.42 3.22 -77.12
C GLU H 480 29.60 2.49 -76.07
N ASP H 481 28.28 2.75 -76.06
CA ASP H 481 27.37 2.03 -75.17
C ASP H 481 27.49 0.52 -75.37
N TYR H 482 27.50 0.07 -76.63
CA TYR H 482 27.60 -1.36 -76.90
C TYR H 482 28.93 -1.91 -76.42
N GLN H 483 29.98 -1.10 -76.43
CA GLN H 483 31.25 -1.57 -75.87
C GLN H 483 31.23 -1.58 -74.36
N THR H 484 30.58 -0.59 -73.73
CA THR H 484 30.67 -0.45 -72.28
C THR H 484 29.63 -1.28 -71.53
N ALA H 485 28.79 -2.06 -72.21
CA ALA H 485 27.73 -2.80 -71.54
C ALA H 485 28.28 -4.00 -70.80
N ARG H 486 29.04 -3.75 -69.74
CA ARG H 486 29.74 -4.80 -69.01
C ARG H 486 29.04 -5.14 -67.71
N ASP H 487 29.00 -6.42 -67.38
CA ASP H 487 28.56 -6.89 -66.08
C ASP H 487 29.59 -6.50 -65.01
N LEU H 488 29.27 -6.84 -63.76
CA LEU H 488 30.17 -6.57 -62.63
C LEU H 488 31.53 -7.23 -62.83
N ASP H 489 31.53 -8.47 -63.33
CA ASP H 489 32.77 -9.20 -63.58
C ASP H 489 33.52 -8.71 -64.82
N GLY H 490 32.96 -7.77 -65.57
CA GLY H 490 33.55 -7.31 -66.81
C GLY H 490 33.08 -8.05 -68.05
N LYS H 491 32.24 -9.06 -67.88
CA LYS H 491 31.68 -9.79 -69.01
C LYS H 491 30.71 -8.93 -69.80
N HIS H 492 30.68 -9.14 -71.11
CA HIS H 492 29.70 -8.48 -71.97
C HIS H 492 28.30 -8.96 -71.64
N ASP H 493 27.35 -8.02 -71.55
CA ASP H 493 25.96 -8.35 -71.27
C ASP H 493 25.13 -7.22 -71.86
N VAL H 494 24.26 -7.56 -72.82
CA VAL H 494 23.47 -6.57 -73.53
C VAL H 494 22.42 -5.91 -72.65
N ARG H 495 22.09 -6.49 -71.50
CA ARG H 495 21.06 -5.92 -70.64
C ARG H 495 21.46 -4.58 -70.02
N TYR H 496 22.74 -4.24 -70.05
CA TYR H 496 23.17 -2.93 -69.60
C TYR H 496 23.30 -1.91 -70.72
N SER H 497 23.02 -2.31 -71.96
CA SER H 497 23.04 -1.36 -73.06
C SER H 497 21.79 -0.50 -73.05
N ALA H 498 21.96 0.80 -73.29
CA ALA H 498 20.83 1.72 -73.27
C ALA H 498 19.82 1.40 -74.36
N PHE H 499 20.30 1.06 -75.57
CA PHE H 499 19.39 0.87 -76.69
C PHE H 499 18.68 -0.47 -76.62
N TYR H 500 19.28 -1.47 -75.99
CA TYR H 500 18.54 -2.68 -75.64
C TYR H 500 17.39 -2.35 -74.70
N GLN H 501 17.65 -1.53 -73.68
CA GLN H 501 16.59 -1.12 -72.76
C GLN H 501 15.51 -0.32 -73.49
N MET H 502 15.91 0.48 -74.48
CA MET H 502 14.95 1.28 -75.23
C MET H 502 14.06 0.40 -76.10
N THR H 503 14.65 -0.54 -76.85
CA THR H 503 13.88 -1.28 -77.84
C THR H 503 12.94 -2.30 -77.24
N ARG H 504 13.15 -2.71 -75.99
CA ARG H 504 12.25 -3.63 -75.31
C ARG H 504 11.27 -2.94 -74.38
N MET H 505 11.22 -1.61 -74.40
CA MET H 505 10.34 -0.85 -73.52
C MET H 505 8.88 -1.08 -73.88
N THR H 506 8.04 -1.31 -72.87
CA THR H 506 6.59 -1.44 -73.06
C THR H 506 5.87 -0.67 -71.97
N ARG H 507 4.59 -0.36 -72.22
CA ARG H 507 3.74 0.31 -71.23
C ARG H 507 3.15 -0.70 -70.24
N GLU H 508 4.04 -1.41 -69.54
CA GLU H 508 3.66 -2.40 -68.55
C GLU H 508 4.45 -2.18 -67.28
N ARG H 509 3.90 -2.69 -66.17
CA ARG H 509 4.62 -2.63 -64.89
C ARG H 509 5.66 -3.73 -64.76
N GLY H 510 5.63 -4.75 -65.62
CA GLY H 510 6.65 -5.78 -65.64
C GLY H 510 7.60 -5.66 -66.83
N ALA H 511 7.76 -4.42 -67.33
CA ALA H 511 8.32 -4.21 -68.66
C ALA H 511 9.79 -4.62 -68.74
N VAL H 512 10.62 -4.13 -67.81
CA VAL H 512 12.06 -4.36 -67.91
C VAL H 512 12.66 -4.33 -66.51
N ALA H 513 13.69 -5.15 -66.30
CA ALA H 513 14.35 -5.25 -65.01
C ALA H 513 15.37 -4.14 -64.77
N HIS H 514 15.88 -3.52 -65.83
CA HIS H 514 16.94 -2.53 -65.72
C HIS H 514 16.60 -1.28 -66.52
N ASP H 515 16.86 -0.12 -65.95
CA ASP H 515 16.42 1.13 -66.55
C ASP H 515 17.37 2.31 -66.41
N ASP H 516 18.60 2.11 -65.92
CA ASP H 516 19.40 3.20 -65.37
C ASP H 516 19.81 4.24 -66.41
N ARG H 517 19.94 3.85 -67.68
CA ARG H 517 20.41 4.79 -68.69
C ARG H 517 19.24 5.49 -69.38
N ILE H 518 18.22 4.73 -69.75
CA ILE H 518 17.07 5.27 -70.45
C ILE H 518 16.29 6.23 -69.55
N ASP H 519 16.35 6.04 -68.23
CA ASP H 519 15.70 6.95 -67.30
C ASP H 519 16.37 8.33 -67.30
N ALA H 520 17.71 8.36 -67.32
CA ALA H 520 18.42 9.62 -67.44
C ALA H 520 18.12 10.29 -68.78
N ILE H 521 17.99 9.50 -69.85
CA ILE H 521 17.59 10.05 -71.14
C ILE H 521 16.21 10.72 -71.03
N ALA H 522 15.27 10.04 -70.38
CA ALA H 522 13.92 10.57 -70.25
C ALA H 522 13.89 11.87 -69.45
N LEU H 523 14.64 11.92 -68.34
CA LEU H 523 14.66 13.15 -67.54
C LEU H 523 15.34 14.29 -68.27
N GLY H 524 16.39 14.01 -69.05
CA GLY H 524 16.99 15.04 -69.88
C GLY H 524 16.03 15.61 -70.90
N ILE H 525 15.26 14.72 -71.56
CA ILE H 525 14.27 15.16 -72.54
C ILE H 525 13.21 16.02 -71.88
N GLU H 526 12.69 15.59 -70.72
CA GLU H 526 11.63 16.34 -70.06
C GLU H 526 12.12 17.71 -69.59
N TYR H 527 13.35 17.78 -69.06
CA TYR H 527 13.88 19.06 -68.61
C TYR H 527 14.13 20.01 -69.78
N LEU H 528 14.70 19.53 -70.89
CA LEU H 528 14.81 20.37 -72.06
C LEU H 528 13.46 20.74 -72.65
N ARG H 529 12.43 19.95 -72.39
CA ARG H 529 11.11 20.29 -72.90
C ARG H 529 10.47 21.43 -72.09
N GLU H 530 10.54 21.35 -70.76
CA GLU H 530 9.75 22.26 -69.93
C GLU H 530 10.50 23.51 -69.47
N GLY H 531 11.83 23.48 -69.43
CA GLY H 531 12.58 24.49 -68.71
C GLY H 531 12.76 25.83 -69.40
N MET H 532 12.30 25.97 -70.64
CA MET H 532 12.63 27.15 -71.45
C MET H 532 11.77 28.37 -71.12
N LEU H 533 10.71 28.22 -70.34
CA LEU H 533 9.73 29.30 -70.18
C LEU H 533 10.11 30.29 -69.08
N VAL H 534 9.99 31.59 -69.41
CA VAL H 534 10.09 32.69 -68.44
C VAL H 534 8.95 33.66 -68.71
N ASP H 535 8.22 34.03 -67.66
CA ASP H 535 7.11 34.98 -67.76
C ASP H 535 7.51 36.34 -67.20
N SER H 536 6.64 37.33 -67.43
CA SER H 536 6.85 38.68 -66.93
C SER H 536 5.52 39.37 -66.72
N ARG H 537 5.54 40.43 -65.92
CA ARG H 537 4.34 41.17 -65.56
C ARG H 537 4.61 42.67 -65.67
N VAL H 538 3.68 43.39 -66.30
CA VAL H 538 3.88 44.80 -66.65
C VAL H 538 2.72 45.62 -66.08
N GLY H 539 3.04 46.76 -65.50
CA GLY H 539 2.04 47.68 -65.00
C GLY H 539 2.57 48.72 -64.02
#